data_6QC4
#
_entry.id   6QC4
#
_cell.length_a   1.00
_cell.length_b   1.00
_cell.length_c   1.00
_cell.angle_alpha   90.000
_cell.angle_beta   90.000
_cell.angle_gamma   90.000
#
_symmetry.space_group_name_H-M   'P 1'
#
loop_
_entity.id
_entity.type
_entity.pdbx_description
1 polymer UQCRC1
2 polymer 'Ubiquinol-cytochrome c reductase core protein 2'
3 polymer 'Cytochrome b'
4 polymer 'Cytochrome c1'
5 polymer 'Cytochrome b-c1 complex subunit Rieske, mitochondrial'
6 polymer UQCRB
7 polymer 'Ubiquinol-cytochrome c reductase complex III subunit VII'
8 polymer 'Cytochrome b-c1 complex subunit 6'
9 polymer UQCRFS1N
10 polymer 'Ubiquinol-cytochrome c reductase, complex III subunit X'
11 polymer 'NADH-ubiquinone oxidoreductase chain 3'
12 polymer 'NADH-ubiquinone oxidoreductase chain 1'
13 polymer 'NADH-ubiquinone oxidoreductase chain 6'
14 polymer 'NADH-ubiquinone oxidoreductase chain 4L'
15 polymer 'NADH-ubiquinone oxidoreductase chain 5'
16 polymer 'NADH-ubiquinone oxidoreductase chain 4'
17 polymer 'NADH-ubiquinone oxidoreductase chain 2'
18 polymer NDUFA11
19 polymer 'NADH:ubiquinone oxidoreductase subunit B5'
20 polymer 'Acyl carrier protein'
21 polymer 'NADH dehydrogenase [ubiquinone] 1 alpha subcomplex subunit 8'
22 polymer NDUFB10
23 polymer 'NADH dehydrogenase [ubiquinone] 1 alpha subcomplex subunit 10, mitochondrial'
24 polymer 'NADH:ubiquinone oxidoreductase subunit S5'
25 polymer 'NADH:ubiquinone oxidoreductase subunit A3'
26 polymer 'NADH:ubiquinone oxidoreductase subunit B3'
27 polymer 'NADH dehydrogenase [ubiquinone] 1 subunit C2'
28 polymer 'NADH:ubiquinone oxidoreductase subunit B4'
29 polymer NDUFA13
30 polymer NDUFB6
31 polymer 'NADH:ubiquinone oxidoreductase subunit B7'
32 polymer 'NADH:ubiquinone oxidoreductase subunit B9'
33 polymer 'NADH:ubiquinone oxidoreductase subunit B2'
34 polymer 'NADH dehydrogenase [ubiquinone] 1 beta subcomplex subunit 8, mitochondrial'
35 polymer NDUFB11
36 polymer NDUFC1
37 polymer NDUFB1
38 polymer NDUFA1
39 polymer 'NADH dehydrogenase [ubiquinone] flavoprotein 1, mitochondrial'
40 polymer NDUFV2
41 polymer 'NADH:ubiquinone oxidoreductase core subunit S1'
42 polymer NDUFS2
43 polymer 'NADH:ubiquinone oxidoreductase core subunit S3'
44 polymer NDUFS7
45 polymer NDUFS8
46 polymer NDUFV3
47 polymer NDUFS6
48 polymer 'NADH:ubiquinone oxidoreductase subunit S4'
49 polymer 'NADH:ubiquinone oxidoreductase subunit A9'
50 polymer 'NADH dehydrogenase [ubiquinone] 1 alpha subcomplex subunit 2'
51 polymer NDUFA5
52 polymer 'NADH:ubiquinone oxidoreductase subunit A6'
53 polymer NDUFA7
54 polymer 'NADH dehydrogenase [ubiquinone] 1 alpha subcomplex subunit 12'
55 non-polymer 'PROTOPORPHYRIN IX CONTAINING FE'
56 non-polymer 'HEME C'
57 non-polymer 'FE2/S2 (INORGANIC) CLUSTER'
58 non-polymer 1,2-DIACYL-SN-GLYCERO-3-PHOSPHOCHOLINE
59 non-polymer 'S-[2-({N-[(2S)-2-hydroxy-3,3-dimethyl-4-(phosphonooxy)butanoyl]-beta-alanyl}amino)ethyl] tetradecanethioate'
60 non-polymer 'IRON/SULFUR CLUSTER'
61 non-polymer 'FLAVIN MONONUCLEOTIDE'
62 non-polymer 'ZINC ION'
63 non-polymer 'NADPH DIHYDRO-NICOTINAMIDE-ADENINE-DINUCLEOTIDE PHOSPHATE'
#
loop_
_entity_poly.entity_id
_entity_poly.type
_entity_poly.pdbx_seq_one_letter_code
_entity_poly.pdbx_strand_id
1 'polypeptide(L)'
;TATYAQALQSVPETQVSQLDNGLRVASEQSSQPTCTVGVWIDAGSRYETEKNNGAGYFVEHLAFKGTKNRPGNALEKEVE
SMGAHLNAYSTREHTAYYIKALSKDLPKAVELLADIVQNCSLEDSQIEKERDVILQELQENDTSMRDVVFNYLHATAFQG
TPLAQSVEGPSENVRKLSRADLTEYLSRHYKAPRMVLAAAGGLEHRQLLDLAQKHFSGLSGTYDEDAVPTLTPCRFTGSE
IRHREDGLPLAHVAIAVEGPGWANPDNVALQVANAIIGHYDCTYGGGMHLSSPLASVAVTNKLCQSFQTFNICYADTGLL
GAHFVCDHMSIDDMMFVLQGQWMRLCTSATESEVVRGKNLLRNALVSHLDGTTPVCEDIGRSLLTYGRRIPLAEWESRIA
EVDARVVREVCSKYFYDQCPAVAGFGPIEQLPDYNRIRSGMFWLRF
;
a1,a3
2 'polypeptide(L)'
;SLKVAPKAKATAAPAGVPQHPQDLEFTRLPNGLVIASLENYAPASRIGLFIKAGSRYENFNNLGTSHLLRLASSLTTKGA
SSFKITRGIEAVGGKLSVTSTRENMAYTVECLRDDVDILMEFLLNVTTAPEFRRWEVAALQSQLRIDKAVAFQNPQAHVI
ENLHAAAYRNALANSLYCPDYRIGKVTPDELHDYVQNHFTSARMALIGLGVSHPVLKQVAEQFLNIRGGLGLSGAKAKYR
GGEIREQNGDSLVHAALVAESAAIGSAEANAFSVLQHVLGAGPHVKRGSNATSSLYQAVAKGVHQPFDVSAFNASYSDSG
LFGFYTISQAASAGDVIKAAYNQVKTIAQGNLSNPDVQAAKNKLKAGYLMSVESSEGFLDEVGCQALAAGSYTPPSTVLQ
QIDAVADADVINAAKKFVSGRKSMAASGNLGHTPFIDEL
;
a2,a4
3 'polypeptide(L)'
;MINIRKTHPLMKIVNNAFIDLPAPSNISSWWNFGSLLGICLILQILTGLFLAMHYTPDTTTAFSSVTHICRDVNYGWIIR
YMHANGASMFFICLFMHVGRGLYYGSYTFLETWNIGVILLFATMATAFMGYVLPWGQMSFWGATVITNLLSAIPYIGTNL
VEWIWGGFSVDKATLTRFFAFHFIFPFIIAALAMVHLLFLHETGSNNPTGIPSDTDKIPFHPYYTIKDILGAILLILILM
LLVLFTPDLLGDPDNYTPANPLNTPPHIKPEWYFLFAYAILRSIPNKLGGVLALVLSILVLVIMPLLHTSKQRSMMFRPI
SQCMFWILVADLLTLTWIGGQPVEHPYIIIGQLASIMYFLIILVMMPVASIIENNLLKW
;
b1,b2
4 'polypeptide(L)'
;SDLELHPPSYPWSHRGLLSSLDHTSIRRGFQVYKQVCSSCHSMDYVAYRHLVGVCYTEDEAKALAEEVEVQDGPNEDGEM
FMRPGKLSDYFPKPYPNPEAARAANNGALPPDLSYIVRARHGGEDYVFSLLTGYCEPPRVSLREGLYFNPYFPGQAIGMA
PPIYNEVLEFDDGTPATMSQVAKDVCTFLRWAAEPEHDHRKRMGLKMLLMMGLLLPLVYAMKRHKWSVLKSRKLAYRPPK
;
c1,c2
5 'polypeptide(L)'
;SHTDIKVPDFSDYRRPEVLDSTKSSKESSEARKGFSYLITATTTVGVAYAAKNVVSQFVSSMSASADVLAMSKIEIKLSD
IPEGKNMAFKWRGKPLFVRHRTKKEIDQEAAVEVSQLRDPQHDLERVKKPEWVILIGVCTHLGCVPIANAGDFGGYYCPC
HGSHYDASGRIRKGPAPLNLEVPSYEFTSDDMVIVG
;
f1,f2
6 'polypeptide(L)'
;AGRPAVSASSKWLEGIRKWYYNAAGFNKLGLMRDDTIHENDDVKEAIRRLPENLYNDRVFRIKRALDLSMRQQILPKEQW
TKYEEDKFYLEPYLKEVIRERKEREEWTKK
;
d1,d2
7 'polypeptide(L)'
;GRQFGHLTRVRHVITYSLSPFEQRAFPHYFSKGIPNVLRRTRACILRVAPPFVVFYLVYTWGTQEFEKSKRKNPAAYEND
K
;
q1,q2
8 'polypeptide(L)' GDPKEEEEEEEELVDPLTTVREQCEQLEKCVKARERLELCDERVSSRSQTEEDCTEELFDFLHARDHCVAHKLFNSLK h1,h2
9 'polypeptide(L)'
;(UNK)(UNK)(UNK)(UNK)(UNK)(UNK)(UNK)(UNK)(UNK)(UNK)(UNK)(UNK)(UNK)(UNK)(UNK)(UNK)
(UNK)(UNK)(UNK)(UNK)(UNK)(UNK)(UNK)(UNK)(UNK)(UNK)(UNK)(UNK)(UNK)(UNK)(UNK)(UNK)
(UNK)(UNK)(UNK)(UNK)(UNK)(UNK)(UNK)(UNK)(UNK)(UNK)(UNK)(UNK)(UNK)(UNK)(UNK)(UNK)
(UNK)(UNK)(UNK)(UNK)(UNK)(UNK)(UNK)(UNK)(UNK)(UNK)(UNK)(UNK)(UNK)(UNK)(UNK)(UNK)
(UNK)(UNK)(UNK)(UNK)(UNK)(UNK)(UNK)(UNK)(UNK)(UNK)(UNK)(UNK)(UNK)(UNK)
;
x1,x2
10 'polypeptide(L)' AAPTLTARLYSLLFRRTSTFALTIVVGALFFERAFDQGADAIYEHINEGKLWKHIKHKYENKE i1,i2
11 'polypeptide(L)'
;MNLMITLLTNFTLATLLVTIAFWLPQLNVYSEKTSPYECGFDPMGSARLPFSMKFFLVAITFLLFDLEIALLLPLPWASQ
TTNLNTMLTMALLLIFLLAVSLAYEWTQKGLEWTE
;
D3
12 'polypeptide(L)'
;MFMINVLTLIIPILLAVAFLTLVERKVLGYMQFRKGPNVVGPYGLLQPIADAIKLFIKEPLRPATSSISMFILAPILALT
LALTMWIPLPMPYPLINMNLGVLFMLAMSSLAVYSILWSGWASNSKYALIGALRAVAQTISYEVTLAIILLSVLLMNGSF
TLSTLIITQEQVWLIFPAWPLAMMWFISTLAETNRAPFDLTEGESELVSGFNVEYAAGPFALFFMAEYANIIMMNIFTTT
LFLGAFHNPYMPELYTINFTIKSLLLSITFLWIRASYPRFRYDQLMHLLWKNFLPLTLALCMWHVSLPILLSSIPPQT
;
D1
13 'polypeptide(L)'
;MMTYIVFILSIIFVMGFVGFSSKPSPIYGGLGLIVSGGVGCGIVLNFGGSFLGLMVFLIYLGGMMVVFGYTTAMATEQYP
EVWVSNKVVLGTFITGLLMEFLMVYYVLKDKEVEIVFKFNGMGDWVIYDTGDSGFFSEEAMGIAALYSYGTWLVIVTGWS
LLIGVVVIMEITRGN
;
D6
14 'polypeptide(L)'
;MSLVYMNIMMAFTVSLTGLLMYRSHLMSSLLCLEGMMLSLFILATLMILNSHFTLASMMPIILLVFAACEAALGLSLLVM
VSNTYGTDYVQNLNLLQC
;
4L
15 'polypeptide(L)'
;MNLFSSLTLVTLILLTMPIAAINFNTHKFTNYPLYVKTTISCAFITSMIPTMMFIHTGQEMIISNWHWLTIQTLKLSLSF
KMDFFSMMFVPVALFVTWSIMEFSMWYMHSDPNINQFFKYLLLFLITMLILVTANNLFQLFIGWEGVGIMSFLLIGWWYG
RTDANTAALQAILYNRIGDIGFILAMAWFLINLNTWDLQQIFMLNPNDSNLPLMGLILAATGKSAQFGLHPWLPSAMEGP
TPVSALLHSSTMVVAGIFLLIRFYPLTENNKFGQSIMLCLGAMTTLFTAMCALTQNDIKKIIAFSTSSQLGLMMVTIGIN
QPHLAFLHICTHAFFKAMLFMCSGSIIHSLNDEQDIRKMGGLFKAMPFTTTALIIGSLALTGMPFLTGFYSKDLIIESAN
TSYTNAWALLMTLVATSFTAIYSTRIIFFALLGQPRFPTLININENNPFLINSIKRLLIGSLFAGFIISNNIPPMTIPQM
TMPHYLKMTALTVTILGFILALEISNTTHYLKFNYPSNTFKFSNLLGYYPTIMHRLTPYMNLTMSQKSASSLLDLIWLET
ILPKTISLAQMKMSTTITSQKGLIKLYFLSFLITILISTTLLNFHE
;
D5
16 'polypeptide(L)'
;MLKYIIPTMMLMPLTWLSKNSMIWINTTLHSLLISLTSLLLLNQFGDNSLNFSLTFFSDSLSTPLLILTMWLLPLMLMAS
QHHLSKENLARKKLFISMLILLQLFLIMTFTATELIFFYIMFEATLVPTLIIITRWGNQTERLNAGLYFLFYTLAGSLPL
LVALIYIQNTMGSLNFLILQYWVQPMPNSWSNTFMWLACMMAFMVKMPLYGLHLWLPKAHVEAPIAGSMVLAAILLKLGG
YGMMRITLLLNPITDFMAYPFIMLSLWGMIMTSSICLRQTDLKSLIAYSSVSHMALVIVAILIQTPWSYMGATALMIAHG
LTSSMLFCLANSNYERVHSRTMILARGLQTLLPLMAAWWLLASLTNLALPPSINLIGELFVVMSTFSWSNITIILMGLNM
VITALYSLYMLITTQRGKHTHHINNILPSFTRENALMSLHMLPLLLLSLNPKIILGPLY
;
D4
17 'polypeptide(L)'
;MNPIILIIILMTVMLGTIIVMISTHWLLIWIGFEMNMLAIIPIMMKKHNPRATEASTKYFLTQSTASMLLMMAIIINLMF
SGQWTVMKLFNPMASMLMTMALAMKLGMAPFHFWVPEVTQGIPLSSGLILLTWQKLAPMSVLYQILPSINLDLILTLSIL
SITIGGWGGLNQTQLRKIMAYSSIAHMGWMTAVLLYNPTMTLLNLIIYIIMTSTMFTLFMANSTTTTLSLSHTWNKAPIM
TILVLITLLSMGGLPPLSGFMPKWMIIQEMTKNDSIILPTLMAITALLNLYFYMRLTYSTALTMFPSTNNMKMKWQFPTT
KRMTLLPTMTVLSTMLLPLTPILSILE
;
D2
18 'polypeptide(L)'
;AKTLLHQYWDIPEGTECHRKTYAATSIGGASGLVVSAYSVALKTPTSFLEGVARTGRYTFTAAAIGAIFGLTSCISAQVR
EKPDDPLNYLIGGCAGGLTLGARTRSYGIGAAACAYMGLTAALVKMGQLEGWKVFAEPKV
;
AK
19 'polypeptide(L)'
;SGDHGKRLFIIKPSGFYDKRFLKLLRFYILLTGIPVVIGITLINVFIGEAELAEIPEGYVPEHWEYFKHPISRWIARTFF
DAPEKNYERTMAILQIESEKAELRLKELEVRRLMRAKGDGPWFQYPTIDKALIDHSPKATPDN
;
B5
20 'polypeptide(L)'
;SDAPPLTLEGIKDRVLYVLKLYDKIDPEKLSVNSHFMKDLGLDSLDQVEIIMAMEDEFGFEIPDIDAEKLMCPQEIVDYI
ADKKDVYE
;
AB,AA
21 'polypeptide(L)'
;PGIVELPSLEDLKVQEVKVSSSVLKAAAHHYGAQCDKPNKEFMLCRWEEKDPRRCLEEGKLVNQCALEFFRQIKRHCAEP
FTEYWTCIDYSGLQLFRRCRKEQAQFDKCVLDKLGWVRPDLGELSKVTKVKTDRPLPENPYHSRARPEPNPEVEGDLKPA
RHGSRLFFWTM
;
A8
22 'polypeptide(L)'
;PDSWDKDVYPEPPRRTPAPSPQTSLPNPITYLTKAFDLLVDRPVTLVREFIERQHAKNKYYYYHREFRRVPDITECHEKD
VLCMFEAEMQWKRDYKVDQEIVNIIQERLKACQQREGESHRQNCAKELQQFTQVVKAYQDRYHDLGAHYSARKCLAKQKQ
RMLAERKATKEAAAA
;
BJ
23 'polypeptide(L)'
;LQYGPLAYILGEKTTKKMTENSKLITVDGNICSGKSKLAKEVAEKLGLKHFPEAGIHYADSTTGDGKPLPVRFSGNCSLE
KFYDDPKSNDGNSYRLQAWLYASRLLQYADALEHLLSTGQGVVLERSIYSDFVFLEAMYRQGFIRKQCVDHYNQVKKVTV
CEYLPPHVVIYVDVPVSEVQSRIQKKGNPHEMKITSAYLQDIENVYKGTFLPEMSEKCEVLQYSAWEAEDAEKVVEDIQY
LKYDKGPWLDQDDRKLHNLRMLVQDKLEVLNYTSIPVFLPEVTIGAHQSDRVFQEFTELPGRKYRAGYNEDVGDKWIWLK
;
AJ
24 'polypeptide(L)'
;PFFDVQKKLGVDLDHWMTIQSAEQPHRIPARCHAFEKEWIECAHGIGSIRAEKECKIEFEDFRECLLRQKTMKRLNAIKR
QRDKLIKEGKYTPPPHHSGQEDLRP
;
S5
25 'polypeptide(L)'
;APRVAAFLKNVWAKEPVLVASFAIAGLAVILPTLSPYTKYSLMINRATPYNYPVPLRDDGNMPDVPSHPQDPQGPSLEWL
KRL
;
A3
26 'polypeptide(L)'
;AHGHGHEHGPSKMELPDYKQWKIEGTPLETVQEKLAARGLRDPWGRNEAWRYMGGFANNVSFVGALLKGFKWGFAAFVVA
VGAEYYLESQKKDKKHH
;
B3
27 'polypeptide(L)'
;MMTGRQARAPLQFLPDEARSLPPPKLTDPRLAYIGFLGYCSGLIDNAIRRRPVLSAGLHRQFLYITSFVFVGYYLLKRQD
YMYAVRDHDMFSYIKSHPEDFPEKDKKTYREVFEEFHPVR
;
C2
28 'polypeptide(L)'
;SFPKYEPSRLASLPTTLDPAEYDISSETRKAQAERLAIRSRLKREYQLQYNDPSRRGVVEDPALIRWTCARSANVYPNFR
PNTKTSLLGALFGIGPLIFWYYVFKTDRDRKEKLIQEGKLDRTFNISY
;
B4
29 'polypeptide(L)'
;AASKVKQDMPPVGGYGPIDYKRNLPRRGLSGYSMFAVGIGALLFGYWSMMRWNRERRRLQIEDFEARIALMPLLQAEKDR
RVLQMLRENLEEEATIMKDVPGWKVGESVFHTTRWVTPMMGELYGLRTGEEILSSTYGFIWYT
;
AM
30 'polypeptide(L)'
;SGYTPDEKLRLQQLRELRRRWLKDQELSPREPVLPPRRVSPVERFWNKFLQDGALWKNVIYKTYRHSIFAFTHVLIPVWI
IHYYLKYHVTTKPYTIVEKKPRIFPGDTILETGEVIPPMKEFPDQHH
;
B6
31 'polypeptide(L)'
;GAHLARRYLGDASVEPEPLRMPTFPPDYGFPERKEREMVATQQEMNDAQLVLQQRDYCAHYLIRFLKCKRDSFPNFLACK
HEQHDWDYCEHLDYVKRMKEFERERRLLQRKKRREQREA
;
B7
32 'polypeptide(L)'
;AFLPSAAYLTHQQKVLQLYKRALRHLESRCVHRDKYRYFACLLRARFDEHKNEKDMVKATQLLREAEKEFWHGQHPQPYI
FPESPGGTSYERYECYKVPEWCLDDWHPSEKAMYPDYFAKREQWKKLRRESWEREVKQLQEETPVGGPRTEALPPARKQG
DLPPLWWHIVTRPRERPM
;
B9
33 'polypeptide(L)' AGGGAHIEPRYRQFPQLTRSQVIQAEFFSATMWFWILWRFWHDSDAVLGHFPYPDPSQWTDEELGIPPDDED B2
34 'polypeptide(L)'
;ASHITKDMLPGPYPKTPEERAAAAKKYNMRVEDYEPYPDDGMGYGDYPKLPDRSQQERDPWYDWDHPDLRLNWGEPMHWD
LDMYIRNRVDTSPTPVNWNLMCKHLFGFVAFMLFMFWVGETYPTYQPVGPKQYPYNNLYLERGGDPNKEPEPVVHYEI
;
B8
35 'polypeptide(L)'
;ESSSSRAVIAPSTLAGKRPSEPTLRWQEDPEPEDENLYEKNPDSHGYDKDPAVDVWNMRVVFFFGFSIVLVLGSTFVAYL
PDYRMQEWARREAERLVKYREAHGLPLMESNCFDPSKIQLPEDED
;
BK
36 'polypeptide(L)' KFYIQEPPHGSPNWLKVGLTLGTSAFLWIYLIKQHNEDVLEYKRRNGLE C1
37 'polypeptide(L)' MNLLQVVRDHWIHVLVPVGFVFGYYLDRKNDEKLAAFRNKSLLYKRELKPNEEVTWK B1
38 'polypeptide(L)' MWFEVLPGIAVMGVCLFIPGMATARIHRFSNGGREKRVAHYSYQWYLMERDRRVSGVNRYYVSKGLENID A1
39 'polypeptide(L)'
;FSGDTTAPKKTSFGSLKDEDRIFTNLYGRHDWRLKGAQSRGDWYKTKEILLKGPDWILGEVKTSGLRGRGGAGFPTGLKW
SFMNKPSDGRPKYLVVNADEGEPGTCKDREIIRHDPHKLVEGCLVGGRAMGARAAYIYIRGEFYNEASNLQVAIREAYEA
GLIGKNACGSGYDFDVFVVRGAGAYICGEETALIESIEGKQGKPRLKPPFPADVGVFGCPTTVANVETVAVSPTICRRGG
AWFASFGRERNSGTKLFNISGHVNNPCTVEEEMSVPLKELIEKHAGGVTGGWDNLLAVIPGGSSTPLIPKSVCETVLMDF
DALIQAQTGLGTAAVIVMDRSTDIVKAIARLIEFYKHESCGQCTPCREGVDWMNKVMARFVRGDARPAEIDSLWEISKQI
EGHTICALGDGAAWPVQGLIRHFRPELEERMQRFAQQHQARQAAS
;
V1
40 'polypeptide(L)'
;GAGGALFVHRDTPKNNPETPFDFTPENYKRIEAIVKNYPEGHKAAAVLPVLDLAQRQNGWLPISAMNKVAEILQVPPMRV
YEVATFYTMYNRKPVGKYHIQVCTTTPCMLRNSDSILEAIQKKLGIKVGETTPDKLFTLIEVECLGACVNAPMVQINDNY
YEDLTPKDIEEIIDELKAGKIPKPGPRSGRFSCEPAGGLTSLTEPPKGPGFGVQAGL
;
V2
41 'polypeptide(L)'
;TATAASNLIEVFVDGQSVMVEPGTTVLQACEKVGMQIPRFCYHERLSVAGNCRMCLVEIEKAPKVVAACAMPVMKGWNIL
TNSEKTKKAREGVMEFLLANHPLDCPICDQGGECDLQDQSMMFGSDRSRFLEGKRAVEDKNIGPLVKTIMTRCIQCTRCI
RFASEIAGVDDLGTTGRGNDMQVGTYIEKMFMSELSGNIIDICPVGALTSKPYAFTARPWETRKTESIDVMDAVGSNIVV
STRTGEVMRILPRMHEDINEEWISDKTRFAYDGLKRQRLTEPMVRNEKGLLTHTTWEDALSRVAGMLQSCQGNDVAAIAG
GLVDAEALIALKDLLNRVDSDTLCTEEVFPTAGAGTDLRSNYLLNTTIAGVEEADVVLLVGTNPRFEAPLFNARIRKSWL
HNDLKVALIGSPVDLTYRYDHLGDSPKILQDIASGSHPFSQVLQEAKKPMVVLGSSALQRNDGAAILAAVSNIAQKIRTS
SGVTGDWKVMNILHRIASQVAALDLGYKPGVEAIRKNPPKMLFLLGADGGCVTRQDLPKDCFIVYQGHHGDVGAPIADVI
LPGAAYTEKSATYVNTEGRAQQTKVAVMPPGLAREDWKIIRALSEIAGMTLPYDTLDQVRNRLEEVSPNLVRYDDVEGAN
YFQQASELSKLVNQQLLADPLVPPQLTIKDFYMTDSISRASQTMAKCVKAVTEGAHAVEEPSIC
;
S1
42 'polypeptide(L)'
;ARQWQPDVEWAEQYGGAVMYPTKETAHWKPPPWNDVDPPKDTLVSNLTLNFGPQHPAAHGVLRLVMELSGEMVRKCDPHI
GLLHRGTEKLIEYKTYLQALPYFDRLDYVSMMCNEQAYSLAVEKLLNIQPPPRAQWIRVLFGEITRLLNHIMAVTTHALD
IGAMTPFFWMFEEREKMFEFYERVSGARMHAAYVRPGGVHQDLPLGLMDDIYEFSKNFSLRIDELEEMLTNNRIWRNRTV
DIGVVTAEDALNYGFSGVMLRGSGIQWDLRKTQPYDVYDQVEFDVPIGSRGDCYDRYLCRVEEMRQSIRIISQCLNKMPP
GEIKVDDAKVSPPKRAEMKTSMESLIHHFKLYTEGYQVPPGATYTAIEAPKGEFGVYLVSDGSSRPYRCKIKAPGFAHLA
GLDKMSKGHMLADVVAIIGTQDIVFGEVDR
;
S2
43 'polypeptide(L)'
;ESASADTRPTVRPRNDVAHKQLSAFGEYVAEILPKYVQQVQVSCFSELEICIHPDGVIPVLTFLRDHSNAQFKSLADLTA
VDIPTRQNRFEIVYNLLSLRFNSRIRVKTYTDELTPVESSVSVYKAANWYEREIWDMFGVFFANHPDLRRILTDYGFEGH
PFRKDFPLSGYVELRYDDEVKRVVAEPVELAQEFRKFDLNSPWEAFPAYRQPPESLKLEAGDKKPEAK
;
S3
44 'polypeptide(L)'
;PSSTQPAVSQARAVVPKPAALPSSRGEYVVAKLDDLINWARRSSLWPMTFGLACCAVEMMHMAAPRYDMDRFGVVFRASP
RQSDVMIVAGTLTNKMAPALRKVYDQMPEPRYVVSMGSCANGGGYYHYSYSVVRGCDRIVPVDIYVPGCPPTAEALLYGI
LQLQKKIKREKRLRIWYRR
;
S7
45 'polypeptide(L)'
;TYKYVNLREPSMDMKSVTDRAAQTLLWTELIRGLGMTLSYLFREPATINYPFEKGPLSPRFRGEHALRRYPSGEERCIAC
KLCEAVCPAQAITIEAEPRADGSRRTTRYDIDMTKCIYCGFCQEACPVDAIVEGPNFEFSTETHEELLYNKEKLLNNGDK
WEAEIAANIQADYLYR
;
S8
46 'polypeptide(L)' SAESGKNEKGLPPNPKKQSPPKKPASAAPTEPFDNTTYKNLQHHDYSTYTFLDLNLDLSKFRMPQPSSGRESPRH V3
47 'polypeptide(L)'
;GVRTSPTGEKVTHTGQVYDDEDYRRVRFVGRQKEVNENFAIDLIAEQPVSQVGSRVISCDGGGGALGHPRVYINLDKETK
TGTCGYCGLQFRQQHH
;
S6
48 'polypeptide(L)'
;AQDQTRDTQLITVDEKLDITTLTGVPEEHIKTRKARIFVPARNNMQSGVNNTKKWKMEFDTRERWENPLMGWASTADPLS
NLVLTFSTKEDAIAFAEKNGWSYDVEERKVPKPKSKSYGANFSWNKRTRVSTK
;
S4
49 'polypeptide(L)'
;LHHAVIPHGKGGRSSVSGIVATVFGATGFLGRYLVNHLGRMGSQVIVPYRCEPYDTMHLRPMGDLGQIIFMDWNGRDKDS
IRRAVEHSNVVINLVGREWETKNFDFEDVFVKIPQAIAQVSKEAGVEKFIHISHLNADIKSSSKYLRNKAVGEKEVRETF
PEATIIKPADIFGREDRFLNYFANIRWFGGVPLISLGKKTVKQPVYIVDVTKGIINAIKDPDARGKTFAFVGPNRYLLFD
LVQYVFAVAHRPFLPYPMPHFAYRWIGRLFEISPFEPWTTRDKVERIHTTDRTLPHLPGLEDLGVQATPLELKAIEVLRR
HRTYRWLSSEIEDVQPAK
;
A9
50 'polypeptide(L)'
;AAAAAIRGVRGKLGLREIRIHLCQRSPGSQGVRDFIEKRYVELKKANPDLPILIRECSDVQPKLWARYAFGQEKNVSLNN
FSADQVTRALENVLSSKA
;
A2
51 'polypeptide(L)'
;AGLLKKTTGLVGLAVCETPHERLKILYTKILDVLGHIPKNAAYRKYTEQITNEKLSIVKAEPDVKKLEEQLQGGQIEEVI
LQAENELSLARKMIQWKPWEPLVEEPPASQWKWPI
;
A5
52 'polypeptide(L)'
;AASGLRQAAVAASTSVKPIFSRDMNEAKRRVRELYRAWYREVPNTVHLFQLDISVKQGRDKVREMFKKNAHVTDPRVVDL
LVIKGKMELEETINVWKQRTHVMRFFHETEAPRPKDFLSKFYVGHDP
;
A6
53 'polypeptide(L)'
;ASATRLIQGLRNWASGRDLQAKLQLRYQEISKRTQPPPKLPVGPSHRLSNNYYCARDGRREAMPPSIVMSSQKVLVAGKP
AESSAVAASEKKAVSPAPPIKRWELSQDEPYL
;
A7
54 'polypeptide(L)'
;MELLQVLKRGLQQVSGHGGLRGYLRVLFRANDVRVGTLVGEDKYGNKYYEDNKQFFGRHRWVIYTTEMNGKNTFWDVDGS
MVPPEWHRWLHCMTDDPPTVKPPTARKFIWTNHKFNLSGTPQQYVPYSTTRKKIQEWVPPSTPYK
;
AL
#
# COMPACT_ATOMS: atom_id res chain seq x y z
N ALA A 2 -23.20 64.49 -3.87
CA ALA A 2 -22.42 65.04 -2.77
C ALA A 2 -20.93 64.89 -3.05
N THR A 3 -20.29 65.96 -3.50
CA THR A 3 -18.87 65.99 -3.80
C THR A 3 -18.19 67.09 -2.99
N TYR A 4 -16.89 67.26 -3.24
CA TYR A 4 -16.10 68.16 -2.42
C TYR A 4 -16.31 69.61 -2.81
N ALA A 5 -16.35 69.91 -4.11
CA ALA A 5 -16.58 71.28 -4.55
C ALA A 5 -17.99 71.73 -4.25
N GLN A 6 -18.95 70.80 -4.28
CA GLN A 6 -20.32 71.13 -3.86
C GLN A 6 -20.41 71.35 -2.36
N ALA A 7 -19.59 70.62 -1.58
CA ALA A 7 -19.56 70.84 -0.15
C ALA A 7 -18.94 72.18 0.20
N LEU A 8 -17.85 72.54 -0.48
CA LEU A 8 -17.23 73.85 -0.29
C LEU A 8 -18.12 74.96 -0.82
N GLN A 9 -18.98 74.65 -1.80
CA GLN A 9 -20.02 75.59 -2.20
C GLN A 9 -21.05 75.76 -1.08
N SER A 10 -21.26 74.72 -0.29
CA SER A 10 -22.29 74.73 0.76
C SER A 10 -21.67 75.20 2.06
N VAL A 11 -21.66 76.52 2.26
CA VAL A 11 -21.07 77.15 3.44
C VAL A 11 -21.72 78.52 3.61
N PRO A 12 -22.01 78.96 4.83
CA PRO A 12 -22.46 80.35 5.04
C PRO A 12 -21.32 81.34 4.81
N GLU A 13 -21.70 82.61 4.71
CA GLU A 13 -20.90 83.57 3.96
C GLU A 13 -20.22 84.64 4.80
N THR A 14 -20.53 84.72 6.10
CA THR A 14 -19.91 85.64 7.07
C THR A 14 -20.08 87.10 6.63
N GLN A 15 -21.32 87.54 6.69
CA GLN A 15 -21.67 88.90 6.31
C GLN A 15 -21.06 89.91 7.28
N VAL A 16 -20.51 90.98 6.75
CA VAL A 16 -19.74 91.95 7.52
C VAL A 16 -20.44 93.30 7.49
N SER A 17 -20.01 94.17 8.39
CA SER A 17 -20.41 95.57 8.41
C SER A 17 -19.36 96.35 9.19
N GLN A 18 -19.45 97.67 9.12
CA GLN A 18 -18.51 98.54 9.81
C GLN A 18 -19.29 99.68 10.46
N LEU A 19 -19.15 99.78 11.78
CA LEU A 19 -19.61 100.97 12.48
C LEU A 19 -18.57 102.07 12.33
N ASP A 20 -19.05 103.29 12.06
CA ASP A 20 -18.17 104.38 11.66
C ASP A 20 -17.50 105.07 12.84
N ASN A 21 -16.93 104.24 13.71
CA ASN A 21 -15.88 104.62 14.64
C ASN A 21 -14.57 103.95 14.23
N GLY A 22 -14.61 103.14 13.17
CA GLY A 22 -13.58 102.18 12.90
C GLY A 22 -13.91 100.79 13.38
N LEU A 23 -15.10 100.59 13.94
CA LEU A 23 -15.46 99.28 14.46
C LEU A 23 -15.78 98.34 13.32
N ARG A 24 -15.22 97.13 13.36
CA ARG A 24 -15.57 96.11 12.38
C ARG A 24 -16.44 95.06 13.04
N VAL A 25 -17.41 94.54 12.29
CA VAL A 25 -18.31 93.54 12.83
C VAL A 25 -18.61 92.52 11.74
N ALA A 26 -18.73 91.25 12.13
CA ALA A 26 -18.89 90.17 11.18
C ALA A 26 -19.69 89.05 11.82
N SER A 27 -20.44 88.32 10.99
CA SER A 27 -21.30 87.28 11.48
C SER A 27 -21.35 86.13 10.48
N GLU A 28 -21.66 84.95 11.00
CA GLU A 28 -21.86 83.77 10.19
C GLU A 28 -22.87 82.88 10.89
N GLN A 29 -23.88 82.44 10.16
CA GLN A 29 -25.03 81.79 10.73
C GLN A 29 -24.91 80.27 10.66
N SER A 30 -25.71 79.60 11.50
CA SER A 30 -25.81 78.15 11.48
C SER A 30 -27.19 77.76 12.03
N SER A 31 -27.59 76.52 11.77
CA SER A 31 -28.94 76.08 12.06
C SER A 31 -29.06 75.31 13.36
N GLN A 32 -28.09 75.43 14.27
CA GLN A 32 -28.30 74.82 15.57
C GLN A 32 -28.53 75.89 16.63
N PRO A 33 -29.37 75.62 17.65
CA PRO A 33 -29.75 76.68 18.59
C PRO A 33 -28.65 77.11 19.54
N THR A 34 -27.70 77.88 19.04
CA THR A 34 -26.61 78.43 19.84
C THR A 34 -25.99 79.60 19.11
N CYS A 35 -25.10 80.31 19.81
CA CYS A 35 -24.32 81.37 19.19
C CYS A 35 -23.03 81.57 19.97
N THR A 36 -22.09 82.28 19.34
CA THR A 36 -20.83 82.63 19.98
C THR A 36 -20.51 84.06 19.57
N VAL A 37 -20.47 84.95 20.56
CA VAL A 37 -20.34 86.38 20.32
C VAL A 37 -19.11 86.87 21.06
N GLY A 38 -18.17 87.48 20.33
CA GLY A 38 -16.91 87.86 20.93
C GLY A 38 -16.37 89.16 20.37
N VAL A 39 -15.46 89.75 21.13
CA VAL A 39 -14.75 90.96 20.74
C VAL A 39 -13.25 90.65 20.70
N TRP A 40 -12.64 90.93 19.56
CA TRP A 40 -11.20 90.82 19.37
C TRP A 40 -10.61 92.21 19.21
N ILE A 41 -9.66 92.54 20.08
CA ILE A 41 -8.92 93.79 20.03
C ILE A 41 -7.45 93.46 19.95
N ASP A 42 -6.76 94.06 18.98
CA ASP A 42 -5.35 93.78 18.76
C ASP A 42 -4.52 94.45 19.85
N ALA A 43 -4.32 93.78 20.98
CA ALA A 43 -3.56 94.38 22.08
C ALA A 43 -2.79 93.27 22.78
N GLY A 44 -1.51 93.13 22.44
CA GLY A 44 -0.68 92.14 23.08
C GLY A 44 0.57 92.73 23.71
N SER A 45 1.61 91.92 23.84
CA SER A 45 2.87 92.42 24.40
C SER A 45 3.68 93.23 23.40
N ARG A 46 3.31 93.21 22.12
CA ARG A 46 4.03 93.98 21.12
C ARG A 46 3.76 95.47 21.27
N TYR A 47 2.54 95.82 21.67
CA TYR A 47 2.14 97.21 21.80
C TYR A 47 2.44 97.78 23.19
N GLU A 48 2.71 96.91 24.17
CA GLU A 48 3.08 97.35 25.49
C GLU A 48 4.56 97.73 25.50
N THR A 49 4.96 98.42 26.56
CA THR A 49 6.35 98.77 26.74
C THR A 49 6.99 97.84 27.78
N GLU A 50 8.22 98.16 28.17
CA GLU A 50 8.94 97.33 29.14
C GLU A 50 8.35 97.47 30.53
N LYS A 51 8.22 98.70 31.01
CA LYS A 51 7.68 98.96 32.33
C LYS A 51 6.16 98.81 32.38
N ASN A 52 5.49 98.63 31.25
CA ASN A 52 4.06 98.40 31.21
C ASN A 52 3.73 97.02 30.64
N ASN A 53 4.50 96.02 31.03
CA ASN A 53 4.33 94.69 30.47
C ASN A 53 3.18 93.97 31.16
N GLY A 54 2.39 93.24 30.38
CA GLY A 54 1.29 92.49 30.93
C GLY A 54 0.12 93.36 31.33
N ALA A 55 -0.09 94.48 30.64
CA ALA A 55 -1.14 95.41 31.03
C ALA A 55 -2.52 94.87 30.69
N GLY A 56 -2.74 94.49 29.43
CA GLY A 56 -4.04 94.01 29.02
C GLY A 56 -4.41 92.68 29.64
N TYR A 57 -3.41 91.85 29.92
CA TYR A 57 -3.62 90.64 30.71
C TYR A 57 -4.16 90.97 32.10
N PHE A 58 -3.62 92.01 32.71
CA PHE A 58 -4.13 92.48 33.99
C PHE A 58 -5.51 93.10 33.86
N VAL A 59 -5.80 93.71 32.71
CA VAL A 59 -7.13 94.29 32.48
C VAL A 59 -8.17 93.19 32.37
N GLU A 60 -7.88 92.14 31.62
CA GLU A 60 -8.83 91.04 31.52
C GLU A 60 -8.89 90.22 32.80
N HIS A 61 -7.89 90.34 33.66
CA HIS A 61 -8.10 89.95 35.06
C HIS A 61 -9.11 90.86 35.75
N LEU A 62 -9.01 92.16 35.52
CA LEU A 62 -9.92 93.07 36.21
C LEU A 62 -11.25 93.24 35.50
N ALA A 63 -11.50 92.47 34.43
CA ALA A 63 -12.62 92.74 33.55
C ALA A 63 -13.98 92.43 34.17
N PHE A 64 -14.03 91.71 35.29
CA PHE A 64 -15.30 91.22 35.82
C PHE A 64 -15.36 91.43 37.32
N LYS A 65 -14.81 92.55 37.79
CA LYS A 65 -14.72 92.84 39.21
C LYS A 65 -15.38 94.18 39.56
N GLY A 66 -16.42 94.55 38.84
CA GLY A 66 -17.10 95.79 39.13
C GLY A 66 -17.00 96.78 37.99
N THR A 67 -18.14 97.17 37.44
CA THR A 67 -18.22 98.10 36.33
C THR A 67 -18.90 99.39 36.77
N LYS A 68 -19.16 100.27 35.81
CA LYS A 68 -19.86 101.51 36.09
C LYS A 68 -21.37 101.35 36.13
N ASN A 69 -21.89 100.14 35.88
CA ASN A 69 -23.30 99.84 36.11
C ASN A 69 -23.48 98.78 37.19
N ARG A 70 -22.86 97.64 37.04
CA ARG A 70 -23.01 96.55 38.00
C ARG A 70 -21.80 96.46 38.91
N PRO A 71 -21.98 95.97 40.14
CA PRO A 71 -20.84 95.64 40.99
C PRO A 71 -20.11 94.36 40.57
N GLY A 72 -19.15 93.93 41.37
CA GLY A 72 -18.29 92.81 40.98
C GLY A 72 -19.00 91.47 40.94
N ASN A 73 -20.07 91.32 41.72
CA ASN A 73 -20.79 90.07 41.78
C ASN A 73 -22.11 90.09 41.01
N ALA A 74 -22.68 91.28 40.75
CA ALA A 74 -23.93 91.35 40.01
C ALA A 74 -23.74 90.97 38.55
N LEU A 75 -22.55 91.21 38.00
CA LEU A 75 -22.25 90.78 36.63
C LEU A 75 -22.23 89.26 36.53
N GLU A 76 -21.56 88.61 37.48
CA GLU A 76 -21.58 87.14 37.56
C GLU A 76 -22.99 86.63 37.80
N LYS A 77 -23.76 87.36 38.60
CA LYS A 77 -25.14 86.99 38.90
C LYS A 77 -25.99 86.99 37.63
N GLU A 78 -25.87 88.04 36.81
CA GLU A 78 -26.67 88.12 35.59
C GLU A 78 -26.22 87.10 34.56
N VAL A 79 -24.90 86.91 34.43
CA VAL A 79 -24.36 85.96 33.45
C VAL A 79 -24.77 84.53 33.79
N GLU A 80 -24.66 84.16 35.07
CA GLU A 80 -25.02 82.81 35.47
C GLU A 80 -26.52 82.63 35.66
N SER A 81 -27.28 83.72 35.85
CA SER A 81 -28.72 83.59 35.94
C SER A 81 -29.33 83.38 34.55
N MET A 82 -28.77 84.05 33.54
CA MET A 82 -29.17 83.69 32.19
C MET A 82 -28.43 82.46 31.68
N GLY A 83 -27.37 82.04 32.38
CA GLY A 83 -26.66 80.83 32.02
C GLY A 83 -25.86 80.95 30.75
N ALA A 84 -24.79 81.75 30.80
CA ALA A 84 -23.90 81.92 29.66
C ALA A 84 -22.57 81.22 29.92
N HIS A 85 -21.72 81.21 28.90
CA HIS A 85 -20.39 80.66 29.01
C HIS A 85 -19.39 81.73 28.59
N LEU A 86 -18.56 82.15 29.53
CA LEU A 86 -17.62 83.25 29.32
C LEU A 86 -16.21 82.71 29.14
N ASN A 87 -15.43 83.38 28.28
CA ASN A 87 -14.00 83.10 28.20
C ASN A 87 -13.29 84.35 27.70
N ALA A 88 -12.03 84.48 28.11
CA ALA A 88 -11.21 85.62 27.73
C ALA A 88 -9.75 85.17 27.71
N TYR A 89 -9.00 85.67 26.74
CA TYR A 89 -7.58 85.32 26.65
C TYR A 89 -6.84 86.40 25.88
N SER A 90 -5.53 86.23 25.77
CA SER A 90 -4.69 87.17 25.05
C SER A 90 -3.40 86.48 24.62
N THR A 91 -2.98 86.74 23.40
CA THR A 91 -1.68 86.30 22.92
C THR A 91 -0.65 87.38 23.18
N ARG A 92 0.52 87.26 22.56
CA ARG A 92 1.45 88.37 22.49
C ARG A 92 1.01 89.41 21.47
N GLU A 93 0.01 89.10 20.65
CA GLU A 93 -0.53 90.02 19.68
C GLU A 93 -1.96 90.43 20.01
N HIS A 94 -2.85 89.46 20.18
CA HIS A 94 -4.27 89.76 20.22
C HIS A 94 -4.82 89.72 21.64
N THR A 95 -6.10 90.07 21.74
CA THR A 95 -6.86 90.04 22.99
C THR A 95 -8.30 89.69 22.62
N ALA A 96 -8.88 88.74 23.33
CA ALA A 96 -10.18 88.20 22.95
C ALA A 96 -11.08 88.03 24.15
N TYR A 97 -12.35 88.31 23.95
CA TYR A 97 -13.39 88.14 24.97
C TYR A 97 -14.57 87.51 24.25
N TYR A 98 -14.77 86.20 24.39
CA TYR A 98 -15.87 85.56 23.69
C TYR A 98 -16.80 84.88 24.68
N ILE A 99 -18.10 85.05 24.46
CA ILE A 99 -19.13 84.36 25.20
C ILE A 99 -19.80 83.37 24.27
N LYS A 100 -19.66 82.09 24.60
CA LYS A 100 -20.58 81.08 24.11
C LYS A 100 -21.94 81.34 24.72
N ALA A 101 -22.90 81.76 23.90
CA ALA A 101 -24.16 82.28 24.37
C ALA A 101 -25.33 81.55 23.73
N LEU A 102 -26.49 81.73 24.34
CA LEU A 102 -27.71 81.03 23.99
C LEU A 102 -28.48 81.85 22.94
N SER A 103 -29.44 81.20 22.30
CA SER A 103 -30.18 81.82 21.21
C SER A 103 -31.33 82.71 21.68
N LYS A 104 -31.42 83.04 22.97
CA LYS A 104 -32.49 83.93 23.44
C LYS A 104 -32.04 85.02 24.41
N ASP A 105 -30.92 84.86 25.13
CA ASP A 105 -30.45 85.85 26.07
C ASP A 105 -29.49 86.85 25.44
N LEU A 106 -29.63 87.08 24.14
CA LEU A 106 -28.61 87.75 23.36
C LEU A 106 -28.45 89.26 23.56
N PRO A 107 -29.50 90.12 23.47
CA PRO A 107 -29.23 91.57 23.43
C PRO A 107 -28.74 92.15 24.75
N LYS A 108 -29.25 91.64 25.88
CA LYS A 108 -28.74 92.07 27.16
C LYS A 108 -27.29 91.66 27.34
N ALA A 109 -26.93 90.47 26.86
CA ALA A 109 -25.54 90.02 26.92
C ALA A 109 -24.63 90.83 26.02
N VAL A 110 -25.15 91.30 24.88
CA VAL A 110 -24.38 92.19 24.02
C VAL A 110 -24.16 93.54 24.72
N GLU A 111 -25.18 94.03 25.43
CA GLU A 111 -25.01 95.23 26.25
C GLU A 111 -23.98 94.99 27.36
N LEU A 112 -24.02 93.79 27.96
CA LEU A 112 -23.02 93.40 28.95
C LEU A 112 -21.62 93.43 28.37
N LEU A 113 -21.46 92.92 27.15
CA LEU A 113 -20.16 92.90 26.50
C LEU A 113 -19.68 94.29 26.14
N ALA A 114 -20.60 95.18 25.78
CA ALA A 114 -20.23 96.59 25.57
C ALA A 114 -19.77 97.23 26.87
N ASP A 115 -20.44 96.91 27.97
CA ASP A 115 -20.05 97.44 29.28
C ASP A 115 -18.71 96.84 29.73
N ILE A 116 -18.41 95.61 29.30
CA ILE A 116 -17.07 95.05 29.48
C ILE A 116 -16.05 95.86 28.71
N VAL A 117 -16.41 96.27 27.49
CA VAL A 117 -15.47 97.03 26.65
C VAL A 117 -15.15 98.40 27.27
N GLN A 118 -16.18 99.17 27.61
CA GLN A 118 -15.97 100.59 27.79
C GLN A 118 -15.92 101.09 29.22
N ASN A 119 -16.44 100.35 30.20
CA ASN A 119 -16.54 100.89 31.57
C ASN A 119 -16.04 99.89 32.60
N CYS A 120 -14.85 99.34 32.39
CA CYS A 120 -14.21 98.47 33.38
C CYS A 120 -13.69 99.33 34.52
N SER A 121 -14.41 99.34 35.65
CA SER A 121 -14.01 100.12 36.80
C SER A 121 -12.86 99.43 37.54
N LEU A 122 -12.11 100.23 38.29
CA LEU A 122 -10.88 99.77 38.95
C LEU A 122 -11.03 99.94 40.46
N GLU A 123 -11.59 98.92 41.11
CA GLU A 123 -11.71 98.92 42.55
C GLU A 123 -10.38 98.54 43.17
N ASP A 124 -9.96 99.31 44.19
CA ASP A 124 -8.62 99.17 44.73
C ASP A 124 -8.47 97.88 45.54
N SER A 125 -9.56 97.44 46.17
CA SER A 125 -9.61 96.10 46.74
C SER A 125 -9.31 95.06 45.68
N GLN A 126 -9.91 95.22 44.49
CA GLN A 126 -9.68 94.24 43.44
C GLN A 126 -8.33 94.40 42.75
N ILE A 127 -7.73 95.60 42.75
CA ILE A 127 -6.37 95.69 42.23
C ILE A 127 -5.41 94.98 43.17
N GLU A 128 -5.67 95.02 44.49
CA GLU A 128 -4.82 94.28 45.42
C GLU A 128 -5.02 92.77 45.28
N LYS A 129 -6.29 92.34 45.21
CA LYS A 129 -6.59 90.92 45.08
C LYS A 129 -6.04 90.34 43.79
N GLU A 130 -6.17 91.07 42.67
CA GLU A 130 -5.67 90.54 41.41
C GLU A 130 -4.15 90.61 41.31
N ARG A 131 -3.51 91.54 42.02
CA ARG A 131 -2.05 91.48 42.13
C ARG A 131 -1.60 90.20 42.83
N ASP A 132 -2.28 89.85 43.93
CA ASP A 132 -1.92 88.60 44.60
C ASP A 132 -2.33 87.37 43.81
N VAL A 133 -3.38 87.47 43.00
CA VAL A 133 -3.79 86.35 42.15
C VAL A 133 -2.77 86.12 41.04
N ILE A 134 -2.21 87.19 40.47
CA ILE A 134 -1.16 87.01 39.46
C ILE A 134 0.12 86.49 40.10
N LEU A 135 0.39 86.85 41.36
CA LEU A 135 1.47 86.21 42.10
C LEU A 135 1.24 84.71 42.25
N GLN A 136 0.01 84.31 42.58
CA GLN A 136 -0.34 82.89 42.66
C GLN A 136 -0.25 82.20 41.31
N GLU A 137 -0.60 82.91 40.24
CA GLU A 137 -0.56 82.32 38.91
C GLU A 137 0.87 82.11 38.44
N LEU A 138 1.77 83.04 38.78
CA LEU A 138 3.19 82.82 38.52
C LEU A 138 3.72 81.64 39.31
N GLN A 139 3.32 81.56 40.59
CA GLN A 139 3.75 80.47 41.45
C GLN A 139 3.27 79.10 40.95
N GLU A 140 2.06 79.06 40.39
CA GLU A 140 1.55 77.81 39.85
C GLU A 140 2.17 77.49 38.49
N ASN A 141 2.25 78.47 37.60
CA ASN A 141 2.67 78.25 36.23
C ASN A 141 4.18 78.38 36.04
N ASP A 142 4.95 78.36 37.13
CA ASP A 142 6.38 78.09 37.03
C ASP A 142 6.69 76.59 37.00
N THR A 143 5.73 75.74 36.65
CA THR A 143 5.93 74.31 36.59
C THR A 143 5.61 73.70 35.23
N SER A 144 4.61 74.24 34.54
CA SER A 144 4.22 73.72 33.23
C SER A 144 5.32 74.04 32.23
N MET A 145 6.03 73.00 31.79
CA MET A 145 7.31 73.21 31.13
C MET A 145 7.16 73.73 29.71
N ARG A 146 6.05 73.42 29.05
CA ARG A 146 5.86 73.75 27.64
C ARG A 146 5.76 75.26 27.43
N ASP A 147 5.01 75.95 28.29
CA ASP A 147 4.88 77.39 28.14
C ASP A 147 6.17 78.11 28.48
N VAL A 148 6.93 77.56 29.44
CA VAL A 148 8.26 78.08 29.74
C VAL A 148 9.19 77.92 28.55
N VAL A 149 9.06 76.79 27.84
CA VAL A 149 9.84 76.54 26.63
C VAL A 149 9.51 77.56 25.56
N PHE A 150 8.22 77.79 25.32
CA PHE A 150 7.84 78.72 24.25
C PHE A 150 8.15 80.16 24.61
N ASN A 151 8.10 80.51 25.91
CA ASN A 151 8.49 81.84 26.31
C ASN A 151 10.00 82.04 26.18
N TYR A 152 10.79 80.99 26.49
CA TYR A 152 12.21 81.05 26.22
C TYR A 152 12.52 81.14 24.74
N LEU A 153 11.70 80.48 23.91
CA LEU A 153 11.89 80.53 22.47
C LEU A 153 11.65 81.92 21.93
N HIS A 154 10.56 82.56 22.35
CA HIS A 154 10.31 83.93 21.94
C HIS A 154 11.35 84.90 22.50
N ALA A 155 11.80 84.65 23.73
CA ALA A 155 12.77 85.51 24.38
C ALA A 155 14.11 85.47 23.66
N THR A 156 14.54 84.28 23.23
CA THR A 156 15.76 84.21 22.45
C THR A 156 15.55 84.51 20.98
N ALA A 157 14.29 84.58 20.53
CA ALA A 157 14.02 84.85 19.13
C ALA A 157 13.94 86.32 18.81
N PHE A 158 13.47 87.14 19.74
CA PHE A 158 13.22 88.55 19.42
C PHE A 158 13.95 89.46 20.38
N GLN A 159 15.24 89.17 20.58
CA GLN A 159 16.04 89.73 21.66
C GLN A 159 16.20 91.24 21.54
N GLY A 160 15.88 91.94 22.61
CA GLY A 160 15.87 93.40 22.63
C GLY A 160 14.54 94.00 22.22
N THR A 161 13.95 93.48 21.14
CA THR A 161 12.66 93.96 20.69
C THR A 161 11.57 93.52 21.65
N PRO A 162 10.48 94.31 21.77
CA PRO A 162 9.44 93.97 22.76
C PRO A 162 8.61 92.73 22.44
N LEU A 163 8.78 92.11 21.27
CA LEU A 163 8.04 90.87 20.98
C LEU A 163 8.54 89.72 21.85
N ALA A 164 9.82 89.74 22.23
CA ALA A 164 10.38 88.72 23.11
C ALA A 164 9.79 88.74 24.50
N GLN A 165 9.14 89.83 24.89
CA GLN A 165 8.50 89.91 26.19
C GLN A 165 7.32 88.96 26.27
N SER A 166 7.16 88.33 27.42
CA SER A 166 6.04 87.42 27.63
C SER A 166 4.76 88.20 27.86
N VAL A 167 3.64 87.49 27.85
CA VAL A 167 2.38 88.09 28.24
C VAL A 167 2.38 88.35 29.74
N GLU A 168 3.08 87.51 30.50
CA GLU A 168 3.16 87.69 31.95
C GLU A 168 4.06 88.86 32.31
N GLY A 169 5.26 88.91 31.73
CA GLY A 169 6.18 89.97 32.00
C GLY A 169 6.81 89.86 33.38
N PRO A 170 7.47 90.93 33.83
CA PRO A 170 8.20 90.87 35.09
C PRO A 170 7.29 91.00 36.30
N SER A 171 7.71 90.33 37.38
CA SER A 171 7.04 90.49 38.66
C SER A 171 7.29 91.86 39.28
N GLU A 172 8.38 92.51 38.88
CA GLU A 172 8.66 93.87 39.32
C GLU A 172 7.60 94.83 38.80
N ASN A 173 7.09 94.59 37.59
CA ASN A 173 5.94 95.35 37.11
C ASN A 173 4.70 95.06 37.95
N VAL A 174 4.54 93.79 38.38
CA VAL A 174 3.36 93.38 39.11
C VAL A 174 3.30 94.05 40.47
N ARG A 175 4.44 94.18 41.13
CA ARG A 175 4.46 94.85 42.42
C ARG A 175 4.47 96.37 42.34
N LYS A 176 4.20 96.97 41.16
CA LYS A 176 4.07 98.43 41.09
C LYS A 176 2.92 98.86 40.19
N LEU A 177 1.91 98.01 40.01
CA LEU A 177 0.81 98.28 39.06
C LEU A 177 -0.03 99.44 39.56
N SER A 178 0.26 100.63 39.02
CA SER A 178 -0.49 101.81 39.35
C SER A 178 -1.79 101.85 38.56
N ARG A 179 -2.80 102.49 39.14
CA ARG A 179 -4.08 102.62 38.47
C ARG A 179 -4.00 103.61 37.32
N ALA A 180 -3.09 104.59 37.43
CA ALA A 180 -3.03 105.67 36.43
C ALA A 180 -2.55 105.17 35.08
N ASP A 181 -1.46 104.39 35.07
CA ASP A 181 -0.97 103.80 33.83
C ASP A 181 -1.97 102.80 33.26
N LEU A 182 -2.74 102.15 34.13
CA LEU A 182 -3.73 101.18 33.69
C LEU A 182 -4.87 101.90 32.97
N THR A 183 -5.34 103.01 33.55
CA THR A 183 -6.34 103.84 32.88
C THR A 183 -5.83 104.40 31.57
N GLU A 184 -4.55 104.80 31.54
CA GLU A 184 -3.97 105.34 30.31
C GLU A 184 -3.88 104.28 29.23
N TYR A 185 -3.51 103.06 29.62
CA TYR A 185 -3.43 101.94 28.70
C TYR A 185 -4.81 101.59 28.14
N LEU A 186 -5.81 101.53 29.02
CA LEU A 186 -7.16 101.20 28.59
C LEU A 186 -7.75 102.29 27.72
N SER A 187 -7.37 103.55 27.96
CA SER A 187 -7.87 104.65 27.16
C SER A 187 -7.19 104.73 25.80
N ARG A 188 -5.94 104.28 25.69
CA ARG A 188 -5.25 104.44 24.43
C ARG A 188 -5.35 103.22 23.51
N HIS A 189 -5.04 102.03 24.02
CA HIS A 189 -4.70 100.91 23.15
C HIS A 189 -5.91 100.10 22.70
N TYR A 190 -7.10 100.69 22.64
CA TYR A 190 -8.30 99.91 22.38
C TYR A 190 -9.28 100.50 21.37
N LYS A 191 -9.30 101.81 21.17
CA LYS A 191 -10.60 102.43 20.91
C LYS A 191 -11.09 102.33 19.47
N ALA A 192 -10.49 103.12 18.56
CA ALA A 192 -11.30 103.40 17.38
C ALA A 192 -11.20 102.37 16.24
N PRO A 193 -10.00 102.06 15.64
CA PRO A 193 -10.06 101.24 14.43
C PRO A 193 -9.97 99.75 14.70
N ARG A 194 -9.49 99.40 15.89
CA ARG A 194 -8.77 98.15 16.11
C ARG A 194 -9.59 97.15 16.89
N MET A 195 -10.90 97.11 16.66
CA MET A 195 -11.76 96.21 17.39
C MET A 195 -12.81 95.61 16.48
N VAL A 196 -13.05 94.31 16.68
CA VAL A 196 -13.92 93.49 15.84
C VAL A 196 -14.92 92.76 16.73
N LEU A 197 -16.20 92.97 16.48
CA LEU A 197 -17.25 92.12 17.02
C LEU A 197 -17.55 91.01 16.03
N ALA A 198 -17.67 89.78 16.53
CA ALA A 198 -17.93 88.66 15.65
C ALA A 198 -18.94 87.72 16.31
N ALA A 199 -19.87 87.22 15.50
CA ALA A 199 -20.95 86.38 15.99
C ALA A 199 -21.15 85.21 15.04
N ALA A 200 -21.02 84.00 15.56
CA ALA A 200 -21.20 82.79 14.76
C ALA A 200 -22.18 81.87 15.44
N GLY A 201 -23.25 81.49 14.73
CA GLY A 201 -24.23 80.58 15.28
C GLY A 201 -25.63 80.97 14.88
N GLY A 202 -26.61 80.46 15.62
CA GLY A 202 -28.00 80.61 15.23
C GLY A 202 -28.61 81.95 15.58
N LEU A 203 -28.31 82.98 14.79
CA LEU A 203 -28.90 84.30 14.99
C LEU A 203 -29.15 84.94 13.62
N GLU A 204 -29.50 86.22 13.64
CA GLU A 204 -29.77 86.98 12.44
C GLU A 204 -28.78 88.14 12.35
N HIS A 205 -28.16 88.29 11.17
CA HIS A 205 -27.16 89.33 10.97
C HIS A 205 -27.76 90.72 10.98
N ARG A 206 -29.01 90.85 10.51
CA ARG A 206 -29.68 92.15 10.51
C ARG A 206 -29.93 92.63 11.93
N GLN A 207 -30.49 91.75 12.77
CA GLN A 207 -30.67 92.09 14.18
C GLN A 207 -29.34 92.21 14.90
N LEU A 208 -28.30 91.54 14.42
CA LEU A 208 -26.97 91.67 15.01
C LEU A 208 -26.43 93.09 14.80
N LEU A 209 -26.54 93.61 13.57
CA LEU A 209 -26.12 94.97 13.32
C LEU A 209 -27.05 95.97 14.00
N ASP A 210 -28.34 95.60 14.18
CA ASP A 210 -29.25 96.46 14.92
C ASP A 210 -28.86 96.56 16.40
N LEU A 211 -28.42 95.45 17.00
CA LEU A 211 -27.97 95.51 18.38
C LEU A 211 -26.62 96.21 18.50
N ALA A 212 -25.78 96.10 17.46
CA ALA A 212 -24.56 96.91 17.39
C ALA A 212 -24.88 98.38 17.34
N GLN A 213 -25.90 98.74 16.56
CA GLN A 213 -26.42 100.12 16.53
C GLN A 213 -26.97 100.52 17.88
N LYS A 214 -27.61 99.59 18.58
CA LYS A 214 -28.25 99.88 19.85
C LYS A 214 -27.24 100.14 20.96
N HIS A 215 -26.12 99.42 20.96
CA HIS A 215 -25.21 99.53 22.08
C HIS A 215 -23.81 100.02 21.71
N PHE A 216 -23.19 99.43 20.69
CA PHE A 216 -21.81 99.79 20.37
C PHE A 216 -21.68 101.10 19.62
N SER A 217 -22.78 101.63 19.08
CA SER A 217 -22.72 102.95 18.48
C SER A 217 -22.56 104.02 19.54
N GLY A 218 -21.94 105.12 19.15
CA GLY A 218 -21.62 106.17 20.08
C GLY A 218 -20.39 105.94 20.92
N LEU A 219 -19.53 104.99 20.53
CA LEU A 219 -18.28 104.78 21.27
C LEU A 219 -17.34 105.96 21.07
N SER A 220 -17.25 106.45 19.82
CA SER A 220 -16.66 107.75 19.46
C SER A 220 -15.19 107.85 19.87
N GLY A 221 -14.37 107.01 19.24
CA GLY A 221 -12.94 107.03 19.45
C GLY A 221 -12.20 107.81 18.37
N THR A 222 -10.99 108.25 18.71
CA THR A 222 -10.19 109.02 17.78
C THR A 222 -8.70 108.90 18.06
N PRO A 229 -0.24 103.82 15.63
CA PRO A 229 1.12 104.37 15.50
C PRO A 229 2.20 103.38 15.95
N THR A 230 2.14 102.17 15.44
CA THR A 230 2.98 101.05 15.89
C THR A 230 3.25 100.18 14.65
N LEU A 231 3.58 98.91 14.87
CA LEU A 231 3.83 97.88 13.84
C LEU A 231 5.05 98.26 12.98
N THR A 232 6.16 98.25 13.64
CA THR A 232 7.50 98.32 13.06
C THR A 232 8.02 96.91 12.78
N PRO A 233 8.91 96.74 11.80
CA PRO A 233 9.54 95.43 11.60
C PRO A 233 10.47 95.07 12.76
N CYS A 234 10.26 93.89 13.33
CA CYS A 234 11.00 93.43 14.49
C CYS A 234 12.16 92.55 14.06
N ARG A 235 13.34 92.85 14.56
CA ARG A 235 14.55 92.14 14.16
C ARG A 235 14.60 90.77 14.82
N PHE A 236 14.55 89.72 14.01
CA PHE A 236 14.76 88.36 14.51
C PHE A 236 16.24 88.15 14.79
N THR A 237 16.56 87.73 16.01
CA THR A 237 17.97 87.55 16.35
C THR A 237 18.49 86.20 15.87
N GLY A 238 17.98 85.12 16.45
CA GLY A 238 18.49 83.80 16.13
C GLY A 238 19.66 83.49 17.04
N SER A 239 19.50 82.57 17.97
CA SER A 239 20.45 82.36 19.07
C SER A 239 20.07 81.06 19.77
N GLU A 240 20.67 80.82 20.94
CA GLU A 240 20.30 79.66 21.75
C GLU A 240 20.32 80.01 23.23
N ILE A 241 19.21 79.76 23.89
CA ILE A 241 19.13 79.83 25.34
C ILE A 241 19.00 78.41 25.88
N ARG A 242 19.69 78.13 26.99
CA ARG A 242 19.62 76.79 27.56
C ARG A 242 19.55 76.87 29.08
N HIS A 243 18.64 76.10 29.67
CA HIS A 243 18.50 76.02 31.11
C HIS A 243 18.96 74.64 31.53
N ARG A 244 20.20 74.58 32.00
CA ARG A 244 20.67 73.40 32.71
C ARG A 244 20.02 73.41 34.08
N GLU A 245 19.09 72.48 34.27
CA GLU A 245 18.30 72.32 35.49
C GLU A 245 17.99 70.82 35.59
N ASP A 246 18.84 70.10 36.31
CA ASP A 246 18.85 68.65 36.27
C ASP A 246 17.90 68.01 37.27
N GLY A 247 17.10 68.79 37.98
CA GLY A 247 16.19 68.22 38.96
C GLY A 247 14.99 67.52 38.36
N LEU A 248 14.63 67.84 37.17
CA LEU A 248 13.46 67.32 36.51
C LEU A 248 13.84 66.13 35.63
N PRO A 249 12.97 65.12 35.52
CA PRO A 249 13.36 63.90 34.81
C PRO A 249 13.44 64.03 33.29
N LEU A 250 12.44 64.62 32.66
CA LEU A 250 12.40 64.65 31.21
C LEU A 250 13.20 65.82 30.67
N ALA A 251 13.17 65.99 29.35
CA ALA A 251 13.92 67.04 28.68
C ALA A 251 13.06 67.68 27.61
N HIS A 252 13.17 69.01 27.48
CA HIS A 252 12.31 69.78 26.58
C HIS A 252 13.18 70.64 25.68
N VAL A 253 13.19 70.33 24.37
CA VAL A 253 14.05 71.03 23.42
C VAL A 253 13.20 71.52 22.27
N ALA A 254 13.24 72.84 22.02
CA ALA A 254 12.56 73.40 20.87
C ALA A 254 13.57 74.13 19.98
N ILE A 255 13.25 74.18 18.69
CA ILE A 255 14.08 74.86 17.72
C ILE A 255 13.18 75.46 16.65
N ALA A 256 13.46 76.71 16.27
CA ALA A 256 12.60 77.43 15.35
C ALA A 256 13.44 78.32 14.45
N VAL A 257 12.81 78.79 13.38
CA VAL A 257 13.34 79.86 12.55
C VAL A 257 12.27 80.93 12.38
N GLU A 258 12.64 82.01 11.70
CA GLU A 258 11.73 83.14 11.50
C GLU A 258 10.64 82.78 10.50
N GLY A 259 9.39 82.84 10.94
CA GLY A 259 8.26 82.50 10.10
C GLY A 259 7.89 83.62 9.15
N PRO A 260 7.34 83.26 7.99
CA PRO A 260 7.09 84.28 6.96
C PRO A 260 5.92 85.20 7.28
N GLY A 261 4.80 84.66 7.77
CA GLY A 261 3.70 85.53 8.12
C GLY A 261 2.35 85.13 7.56
N TRP A 262 1.67 86.07 6.91
CA TRP A 262 0.26 85.90 6.59
C TRP A 262 -0.06 86.14 5.14
N ALA A 263 0.68 87.03 4.48
CA ALA A 263 0.35 87.47 3.13
C ALA A 263 1.02 86.62 2.05
N ASN A 264 1.27 85.34 2.34
CA ASN A 264 1.97 84.48 1.42
C ASN A 264 1.27 83.13 1.32
N PRO A 265 1.03 82.61 0.11
CA PRO A 265 0.63 81.20 -0.02
C PRO A 265 1.76 80.23 0.29
N ASP A 266 2.99 80.73 0.39
CA ASP A 266 4.09 79.92 0.88
C ASP A 266 3.87 79.49 2.33
N ASN A 267 3.08 80.24 3.09
CA ASN A 267 2.63 79.78 4.41
C ASN A 267 1.78 78.52 4.27
N VAL A 268 0.94 78.45 3.23
CA VAL A 268 0.15 77.25 2.99
C VAL A 268 1.06 76.09 2.60
N ALA A 269 2.11 76.39 1.83
CA ALA A 269 3.09 75.35 1.48
C ALA A 269 3.83 74.85 2.72
N LEU A 270 4.17 75.76 3.65
CA LEU A 270 4.80 75.34 4.88
C LEU A 270 3.86 74.56 5.77
N GLN A 271 2.56 74.85 5.70
CA GLN A 271 1.59 74.03 6.40
C GLN A 271 1.47 72.64 5.78
N VAL A 272 1.68 72.54 4.46
CA VAL A 272 1.77 71.21 3.85
C VAL A 272 3.03 70.48 4.35
N ALA A 273 4.12 71.22 4.53
CA ALA A 273 5.36 70.63 5.07
C ALA A 273 5.17 70.14 6.50
N ASN A 274 4.47 70.92 7.33
CA ASN A 274 4.20 70.45 8.68
C ASN A 274 3.15 69.35 8.68
N ALA A 275 2.27 69.32 7.68
CA ALA A 275 1.36 68.19 7.54
C ALA A 275 2.14 66.93 7.18
N ILE A 276 3.26 67.09 6.50
CA ILE A 276 4.16 65.96 6.31
C ILE A 276 4.79 65.56 7.63
N ILE A 277 5.22 66.53 8.46
CA ILE A 277 5.83 66.07 9.71
C ILE A 277 4.96 66.31 10.94
N GLY A 278 4.78 67.57 11.40
CA GLY A 278 3.95 67.87 12.56
C GLY A 278 4.12 67.07 13.85
N HIS A 279 3.04 66.43 14.27
CA HIS A 279 2.92 65.94 15.63
C HIS A 279 3.21 64.45 15.75
N TYR A 280 3.63 64.05 16.94
CA TYR A 280 3.62 62.68 17.39
C TYR A 280 3.54 62.68 18.92
N ASP A 281 2.72 61.79 19.44
CA ASP A 281 2.68 61.45 20.86
C ASP A 281 2.88 59.95 21.01
N CYS A 282 3.55 59.54 22.09
CA CYS A 282 3.92 58.14 22.31
C CYS A 282 2.73 57.22 22.60
N THR A 283 1.51 57.74 22.69
CA THR A 283 0.35 56.90 22.98
C THR A 283 -0.48 56.62 21.75
N TYR A 284 0.07 56.80 20.56
CA TYR A 284 -0.70 56.57 19.34
C TYR A 284 -0.87 55.08 19.10
N GLY A 285 -2.05 54.71 18.60
CA GLY A 285 -2.30 53.34 18.23
C GLY A 285 -1.62 52.99 16.92
N GLY A 286 -0.52 52.25 17.00
CA GLY A 286 0.25 51.92 15.82
C GLY A 286 1.46 52.82 15.68
N GLY A 287 2.64 52.30 16.01
CA GLY A 287 3.85 53.09 15.96
C GLY A 287 4.82 52.63 14.89
N MET A 288 4.85 51.33 14.62
CA MET A 288 5.77 50.78 13.63
C MET A 288 5.26 50.93 12.21
N HIS A 289 4.11 51.58 12.00
CA HIS A 289 3.44 51.61 10.71
C HIS A 289 3.08 53.04 10.28
N LEU A 290 3.71 54.05 10.86
CA LEU A 290 3.31 55.43 10.60
C LEU A 290 3.95 55.95 9.33
N SER A 291 3.24 56.89 8.69
CA SER A 291 3.64 57.39 7.38
C SER A 291 4.85 58.29 7.46
N SER A 292 4.85 59.24 8.38
CA SER A 292 5.96 60.18 8.53
C SER A 292 7.17 59.43 9.06
N PRO A 293 8.32 59.46 8.37
CA PRO A 293 9.45 58.60 8.76
C PRO A 293 10.11 58.99 10.06
N LEU A 294 9.98 60.24 10.49
CA LEU A 294 10.60 60.71 11.73
C LEU A 294 10.06 59.95 12.94
N ALA A 295 8.74 60.00 13.12
CA ALA A 295 8.13 59.27 14.22
C ALA A 295 8.25 57.76 14.04
N SER A 296 8.32 57.29 12.80
CA SER A 296 8.46 55.85 12.54
C SER A 296 9.79 55.32 13.06
N VAL A 297 10.89 55.97 12.68
CA VAL A 297 12.20 55.56 13.16
C VAL A 297 12.36 55.89 14.65
N ALA A 298 11.64 56.91 15.15
CA ALA A 298 11.68 57.20 16.59
C ALA A 298 11.00 56.10 17.40
N VAL A 299 9.91 55.52 16.87
CA VAL A 299 9.30 54.35 17.50
C VAL A 299 10.23 53.15 17.38
N THR A 300 10.91 53.03 16.23
CA THR A 300 11.84 51.93 15.99
C THR A 300 13.01 51.96 16.98
N ASN A 301 13.44 53.14 17.40
CA ASN A 301 14.57 53.27 18.29
C ASN A 301 14.20 53.68 19.71
N LYS A 302 12.90 53.85 19.99
CA LYS A 302 12.37 54.21 21.32
C LYS A 302 12.95 55.51 21.85
N LEU A 303 13.25 56.46 20.97
CA LEU A 303 13.95 57.66 21.39
C LEU A 303 13.02 58.66 22.08
N CYS A 304 12.04 59.16 21.34
CA CYS A 304 11.31 60.33 21.81
C CYS A 304 10.12 59.93 22.67
N GLN A 305 9.46 60.95 23.21
CA GLN A 305 8.15 60.83 23.79
C GLN A 305 7.10 61.60 22.99
N SER A 306 7.39 62.86 22.66
CA SER A 306 6.45 63.61 21.82
C SER A 306 7.20 64.68 21.05
N PHE A 307 6.64 65.05 19.91
CA PHE A 307 7.09 66.27 19.24
C PHE A 307 5.95 66.88 18.46
N GLN A 308 6.19 68.12 18.03
CA GLN A 308 5.38 68.76 17.01
C GLN A 308 6.27 69.71 16.22
N THR A 309 6.19 69.60 14.90
CA THR A 309 6.80 70.52 13.96
C THR A 309 5.65 71.18 13.23
N PHE A 310 5.63 72.51 13.27
CA PHE A 310 4.44 73.34 13.24
C PHE A 310 4.86 74.77 12.89
N ASN A 311 3.88 75.66 12.84
CA ASN A 311 4.13 77.08 12.63
C ASN A 311 3.30 77.89 13.61
N ILE A 312 3.85 79.02 14.03
CA ILE A 312 3.11 80.08 14.71
C ILE A 312 3.37 81.36 13.94
N CYS A 313 2.31 82.04 13.53
CA CYS A 313 2.44 83.24 12.71
C CYS A 313 2.03 84.45 13.53
N TYR A 314 3.00 85.32 13.82
CA TYR A 314 2.70 86.65 14.32
C TYR A 314 2.44 87.56 13.12
N ALA A 315 2.28 88.85 13.39
CA ALA A 315 1.75 89.81 12.41
C ALA A 315 2.74 89.99 11.28
N ASP A 316 2.49 89.25 10.19
CA ASP A 316 3.37 89.13 9.01
C ASP A 316 4.79 88.68 9.39
N THR A 317 4.88 87.84 10.41
CA THR A 317 6.16 87.29 10.87
C THR A 317 5.85 86.02 11.65
N GLY A 318 6.80 85.52 12.42
CA GLY A 318 6.48 84.48 13.36
C GLY A 318 7.62 83.48 13.50
N LEU A 319 7.28 82.32 14.05
CA LEU A 319 8.26 81.28 14.33
C LEU A 319 7.79 79.97 13.70
N LEU A 320 8.56 79.48 12.73
CA LEU A 320 8.40 78.14 12.21
C LEU A 320 9.15 77.19 13.14
N GLY A 321 8.39 76.40 13.92
CA GLY A 321 8.94 75.81 15.12
C GLY A 321 8.81 74.29 15.13
N ALA A 322 9.57 73.68 16.03
CA ALA A 322 9.59 72.24 16.20
C ALA A 322 10.09 71.96 17.60
N HIS A 323 9.22 71.38 18.44
CA HIS A 323 9.55 71.09 19.82
C HIS A 323 9.37 69.61 20.10
N PHE A 324 10.33 69.02 20.79
CA PHE A 324 10.22 67.64 21.24
C PHE A 324 10.52 67.52 22.72
N VAL A 325 9.73 66.68 23.37
CA VAL A 325 9.95 66.21 24.72
C VAL A 325 10.49 64.80 24.64
N CYS A 326 11.63 64.56 25.27
CA CYS A 326 12.27 63.25 25.22
C CYS A 326 13.17 63.09 26.45
N ASP A 327 14.00 62.06 26.41
CA ASP A 327 14.92 61.74 27.49
C ASP A 327 16.32 62.24 27.15
N HIS A 328 17.12 62.46 28.20
CA HIS A 328 18.50 62.93 28.10
C HIS A 328 19.47 61.87 27.59
N MET A 329 19.00 60.70 27.19
CA MET A 329 19.79 59.75 26.42
C MET A 329 19.27 59.61 25.00
N SER A 330 18.36 60.49 24.59
CA SER A 330 17.71 60.39 23.28
C SER A 330 17.54 61.76 22.63
N ILE A 331 18.58 62.58 22.65
CA ILE A 331 18.52 63.91 22.06
C ILE A 331 19.28 63.97 20.74
N ASP A 332 20.44 63.30 20.69
CA ASP A 332 21.36 63.45 19.56
C ASP A 332 20.77 62.88 18.27
N ASP A 333 20.39 61.59 18.31
CA ASP A 333 19.80 60.96 17.13
C ASP A 333 18.43 61.54 16.80
N MET A 334 17.72 62.01 17.82
CA MET A 334 16.48 62.75 17.63
C MET A 334 16.70 63.97 16.74
N MET A 335 17.68 64.80 17.10
CA MET A 335 18.00 65.99 16.32
C MET A 335 18.55 65.63 14.96
N PHE A 336 19.30 64.53 14.87
CA PHE A 336 19.88 64.09 13.61
C PHE A 336 18.82 63.70 12.60
N VAL A 337 17.88 62.84 13.00
CA VAL A 337 16.82 62.43 12.08
C VAL A 337 15.84 63.57 11.85
N LEU A 338 15.72 64.49 12.81
CA LEU A 338 14.89 65.68 12.62
C LEU A 338 15.42 66.56 11.51
N GLN A 339 16.72 66.88 11.55
CA GLN A 339 17.34 67.64 10.47
C GLN A 339 17.37 66.85 9.16
N GLY A 340 17.42 65.52 9.25
CA GLY A 340 17.34 64.71 8.04
C GLY A 340 16.00 64.84 7.35
N GLN A 341 14.92 64.85 8.12
CA GLN A 341 13.59 65.04 7.52
C GLN A 341 13.42 66.47 7.02
N TRP A 342 14.01 67.45 7.73
CA TRP A 342 14.04 68.82 7.26
C TRP A 342 14.66 68.94 5.88
N MET A 343 15.88 68.43 5.72
CA MET A 343 16.54 68.55 4.43
C MET A 343 15.95 67.62 3.39
N ARG A 344 15.27 66.55 3.81
CA ARG A 344 14.52 65.74 2.87
C ARG A 344 13.36 66.52 2.27
N LEU A 345 12.67 67.32 3.08
CA LEU A 345 11.65 68.18 2.51
C LEU A 345 12.25 69.35 1.75
N CYS A 346 13.47 69.76 2.10
CA CYS A 346 14.08 70.90 1.41
C CYS A 346 14.57 70.54 0.02
N THR A 347 15.08 69.33 -0.18
CA THR A 347 15.61 68.99 -1.49
C THR A 347 14.99 67.75 -2.13
N SER A 348 14.74 66.70 -1.37
CA SER A 348 14.48 65.37 -1.92
C SER A 348 13.08 64.87 -1.59
N ALA A 349 12.07 65.73 -1.69
CA ALA A 349 10.71 65.33 -1.40
C ALA A 349 10.10 64.64 -2.61
N THR A 350 9.28 63.62 -2.35
CA THR A 350 8.56 62.94 -3.41
C THR A 350 7.18 63.61 -3.58
N GLU A 351 6.28 62.95 -4.31
CA GLU A 351 5.00 63.54 -4.66
C GLU A 351 3.83 62.98 -3.85
N SER A 352 3.80 61.65 -3.65
CA SER A 352 2.68 61.03 -2.95
C SER A 352 2.60 61.47 -1.50
N GLU A 353 3.75 61.73 -0.87
CA GLU A 353 3.74 62.28 0.48
C GLU A 353 3.18 63.69 0.50
N VAL A 354 3.37 64.46 -0.58
CA VAL A 354 2.80 65.80 -0.65
C VAL A 354 1.28 65.71 -0.85
N VAL A 355 0.83 64.73 -1.64
CA VAL A 355 -0.61 64.53 -1.83
C VAL A 355 -1.27 64.12 -0.52
N ARG A 356 -0.62 63.20 0.20
CA ARG A 356 -1.11 62.76 1.50
C ARG A 356 -1.12 63.92 2.50
N GLY A 357 -0.09 64.77 2.47
CA GLY A 357 -0.06 65.93 3.34
C GLY A 357 -1.11 66.97 3.00
N LYS A 358 -1.46 67.08 1.72
CA LYS A 358 -2.54 67.97 1.33
C LYS A 358 -3.89 67.46 1.83
N ASN A 359 -4.11 66.15 1.76
CA ASN A 359 -5.33 65.59 2.33
C ASN A 359 -5.36 65.72 3.85
N LEU A 360 -4.21 65.57 4.49
CA LEU A 360 -4.12 65.79 5.94
C LEU A 360 -4.42 67.24 6.30
N LEU A 361 -3.95 68.18 5.49
CA LEU A 361 -4.20 69.59 5.77
C LEU A 361 -5.66 69.94 5.56
N ARG A 362 -6.29 69.36 4.52
CA ARG A 362 -7.74 69.50 4.31
C ARG A 362 -8.52 69.01 5.51
N ASN A 363 -8.27 67.77 5.92
CA ASN A 363 -9.01 67.17 7.04
C ASN A 363 -8.73 67.88 8.35
N ALA A 364 -7.50 68.37 8.53
CA ALA A 364 -7.13 69.08 9.74
C ALA A 364 -7.84 70.43 9.82
N LEU A 365 -7.93 71.14 8.69
CA LEU A 365 -8.64 72.42 8.70
C LEU A 365 -10.14 72.23 8.89
N VAL A 366 -10.70 71.18 8.29
CA VAL A 366 -12.14 70.94 8.42
C VAL A 366 -12.50 70.56 9.85
N SER A 367 -11.75 69.61 10.44
CA SER A 367 -12.00 69.27 11.84
C SER A 367 -11.55 70.35 12.81
N HIS A 368 -10.70 71.27 12.36
CA HIS A 368 -10.36 72.42 13.17
C HIS A 368 -11.53 73.38 13.27
N LEU A 369 -12.19 73.65 12.15
CA LEU A 369 -13.32 74.56 12.13
C LEU A 369 -14.62 73.78 12.23
N ASP A 370 -14.85 73.22 13.42
CA ASP A 370 -16.11 72.61 13.76
C ASP A 370 -16.60 73.21 15.09
N GLY A 371 -17.91 73.36 15.20
CA GLY A 371 -18.49 74.06 16.33
C GLY A 371 -18.79 75.50 15.98
N THR A 372 -18.81 76.36 16.99
CA THR A 372 -19.02 77.79 16.80
C THR A 372 -17.86 78.63 17.31
N THR A 373 -17.26 78.21 18.43
CA THR A 373 -16.08 78.90 18.95
C THR A 373 -14.90 78.92 17.99
N PRO A 374 -14.47 77.81 17.35
CA PRO A 374 -13.35 77.96 16.39
C PRO A 374 -13.74 78.74 15.15
N VAL A 375 -15.01 78.69 14.75
CA VAL A 375 -15.46 79.45 13.58
C VAL A 375 -15.39 80.94 13.85
N CYS A 376 -15.90 81.36 15.01
CA CYS A 376 -15.90 82.78 15.35
C CYS A 376 -14.49 83.28 15.64
N GLU A 377 -13.65 82.41 16.23
CA GLU A 377 -12.23 82.72 16.40
C GLU A 377 -11.55 82.90 15.05
N ASP A 378 -11.88 82.04 14.08
CA ASP A 378 -11.32 82.12 12.75
C ASP A 378 -11.74 83.41 12.06
N ILE A 379 -12.99 83.82 12.24
CA ILE A 379 -13.48 85.07 11.67
C ILE A 379 -12.74 86.26 12.27
N GLY A 380 -12.56 86.26 13.59
CA GLY A 380 -11.84 87.35 14.24
C GLY A 380 -10.39 87.42 13.79
N ARG A 381 -9.71 86.28 13.75
CA ARG A 381 -8.30 86.28 13.38
C ARG A 381 -8.09 86.56 11.89
N SER A 382 -9.04 86.16 11.04
CA SER A 382 -8.93 86.50 9.63
C SER A 382 -9.14 87.99 9.41
N LEU A 383 -10.13 88.57 10.08
CA LEU A 383 -10.34 90.00 9.89
C LEU A 383 -9.36 90.85 10.67
N LEU A 384 -8.54 90.26 11.55
CA LEU A 384 -7.45 91.04 12.13
C LEU A 384 -6.19 91.02 11.26
N THR A 385 -5.81 89.84 10.77
CA THR A 385 -4.61 89.76 9.95
C THR A 385 -4.82 90.37 8.57
N TYR A 386 -6.04 90.28 8.04
CA TYR A 386 -6.32 90.61 6.66
C TYR A 386 -7.34 91.73 6.48
N GLY A 387 -8.19 91.98 7.48
CA GLY A 387 -9.35 92.81 7.30
C GLY A 387 -10.53 92.10 6.67
N ARG A 388 -10.39 90.82 6.33
CA ARG A 388 -11.40 90.09 5.58
C ARG A 388 -11.23 88.60 5.87
N ARG A 389 -12.23 87.83 5.47
CA ARG A 389 -12.24 86.38 5.67
C ARG A 389 -12.06 85.67 4.34
N ILE A 390 -11.14 84.72 4.30
CA ILE A 390 -10.94 83.86 3.14
C ILE A 390 -11.66 82.55 3.41
N PRO A 391 -12.72 82.21 2.68
CA PRO A 391 -13.39 80.92 2.87
C PRO A 391 -12.52 79.77 2.39
N LEU A 392 -12.91 78.57 2.81
CA LEU A 392 -12.07 77.39 2.66
C LEU A 392 -11.99 76.88 1.23
N ALA A 393 -12.84 77.35 0.32
CA ALA A 393 -12.73 76.92 -1.08
C ALA A 393 -11.51 77.53 -1.74
N GLU A 394 -11.19 78.78 -1.39
CA GLU A 394 -9.96 79.39 -1.87
C GLU A 394 -8.74 78.70 -1.29
N TRP A 395 -8.85 78.25 -0.03
CA TRP A 395 -7.79 77.44 0.55
C TRP A 395 -7.65 76.11 -0.17
N GLU A 396 -8.76 75.53 -0.63
CA GLU A 396 -8.71 74.29 -1.39
C GLU A 396 -8.07 74.51 -2.75
N SER A 397 -8.37 75.64 -3.40
CA SER A 397 -7.75 75.97 -4.67
C SER A 397 -6.25 76.18 -4.51
N ARG A 398 -5.85 76.83 -3.41
CA ARG A 398 -4.42 77.02 -3.18
C ARG A 398 -3.72 75.75 -2.70
N ILE A 399 -4.47 74.81 -2.12
CA ILE A 399 -3.95 73.45 -1.93
C ILE A 399 -3.71 72.78 -3.27
N ALA A 400 -4.65 72.94 -4.20
CA ALA A 400 -4.45 72.44 -5.56
C ALA A 400 -3.34 73.17 -6.31
N GLU A 401 -2.95 74.35 -5.84
CA GLU A 401 -1.80 75.11 -6.35
C GLU A 401 -0.46 74.60 -5.81
N VAL A 402 -0.38 73.42 -5.22
CA VAL A 402 0.83 72.97 -4.53
C VAL A 402 1.33 71.67 -5.16
N ASP A 403 2.58 71.70 -5.61
CA ASP A 403 3.32 70.50 -5.97
C ASP A 403 4.62 70.49 -5.18
N ALA A 404 5.38 69.39 -5.32
CA ALA A 404 6.57 69.19 -4.51
C ALA A 404 7.71 70.15 -4.88
N ARG A 405 7.70 70.65 -6.11
CA ARG A 405 8.78 71.55 -6.55
C ARG A 405 8.67 72.90 -5.86
N VAL A 406 7.45 73.46 -5.79
CA VAL A 406 7.23 74.71 -5.09
C VAL A 406 7.49 74.53 -3.59
N VAL A 407 7.16 73.35 -3.06
CA VAL A 407 7.40 73.06 -1.65
C VAL A 407 8.89 73.07 -1.32
N ARG A 408 9.68 72.40 -2.16
CA ARG A 408 11.11 72.39 -1.88
C ARG A 408 11.77 73.72 -2.20
N GLU A 409 11.18 74.54 -3.09
CA GLU A 409 11.63 75.92 -3.24
C GLU A 409 11.42 76.72 -1.95
N VAL A 410 10.23 76.64 -1.38
CA VAL A 410 9.92 77.42 -0.17
C VAL A 410 10.72 76.90 1.02
N CYS A 411 10.91 75.59 1.11
CA CYS A 411 11.72 75.04 2.18
C CYS A 411 13.20 75.36 1.98
N SER A 412 13.64 75.53 0.73
CA SER A 412 14.97 76.06 0.48
C SER A 412 15.06 77.52 0.88
N LYS A 413 13.95 78.24 0.81
CA LYS A 413 13.96 79.64 1.23
C LYS A 413 14.04 79.77 2.75
N TYR A 414 13.29 78.95 3.48
CA TYR A 414 13.09 79.19 4.91
C TYR A 414 13.83 78.20 5.81
N PHE A 415 14.65 77.34 5.26
CA PHE A 415 15.45 76.47 6.13
C PHE A 415 16.93 76.51 5.81
N TYR A 416 17.29 76.63 4.53
CA TYR A 416 18.61 76.24 4.04
C TYR A 416 19.65 77.22 4.54
N ASP A 417 20.36 76.79 5.58
CA ASP A 417 21.37 77.57 6.30
C ASP A 417 20.77 78.88 6.85
N GLN A 418 19.83 78.71 7.77
CA GLN A 418 19.32 79.81 8.56
C GLN A 418 20.19 79.99 9.80
N CYS A 419 19.82 80.94 10.65
CA CYS A 419 20.42 81.12 11.97
C CYS A 419 19.31 80.91 12.99
N PRO A 420 19.06 79.67 13.40
CA PRO A 420 17.84 79.36 14.16
C PRO A 420 17.92 79.83 15.61
N ALA A 421 16.81 79.62 16.30
CA ALA A 421 16.69 79.88 17.73
C ALA A 421 16.42 78.56 18.42
N VAL A 422 17.29 78.20 19.36
CA VAL A 422 17.21 76.92 20.06
C VAL A 422 17.01 77.20 21.53
N ALA A 423 16.02 76.55 22.13
CA ALA A 423 15.74 76.68 23.56
C ALA A 423 15.76 75.30 24.18
N GLY A 424 16.62 75.12 25.18
CA GLY A 424 16.74 73.85 25.88
C GLY A 424 16.34 74.00 27.34
N PHE A 425 15.71 72.96 27.88
CA PHE A 425 15.16 73.07 29.23
C PHE A 425 15.25 71.72 29.91
N GLY A 426 16.05 71.65 30.99
CA GLY A 426 16.14 70.46 31.80
C GLY A 426 17.54 69.89 31.92
N PRO A 427 17.62 68.56 31.95
CA PRO A 427 18.91 67.88 31.76
C PRO A 427 19.27 67.80 30.29
N ILE A 428 19.90 68.85 29.78
CA ILE A 428 20.12 69.02 28.36
C ILE A 428 21.60 68.92 28.06
N GLU A 429 22.29 68.07 28.82
CA GLU A 429 23.70 67.81 28.59
C GLU A 429 23.95 67.17 27.23
N GLN A 430 23.04 66.29 26.79
CA GLN A 430 23.24 65.60 25.51
C GLN A 430 23.05 66.55 24.33
N LEU A 431 22.30 67.63 24.51
CA LEU A 431 22.03 68.63 23.49
C LEU A 431 23.33 69.22 22.95
N PRO A 432 23.57 69.13 21.65
CA PRO A 432 24.85 69.56 21.09
C PRO A 432 25.00 71.07 21.12
N ASP A 433 26.21 71.52 20.81
CA ASP A 433 26.49 72.94 20.71
C ASP A 433 25.83 73.49 19.45
N TYR A 434 25.70 74.81 19.41
CA TYR A 434 24.94 75.50 18.36
C TYR A 434 25.57 75.29 16.98
N ASN A 435 26.90 75.22 16.93
CA ASN A 435 27.58 74.97 15.67
C ASN A 435 27.33 73.56 15.13
N ARG A 436 27.00 72.60 15.99
CA ARG A 436 26.59 71.30 15.48
C ARG A 436 25.26 71.39 14.74
N ILE A 437 24.33 72.18 15.28
CA ILE A 437 23.08 72.46 14.59
C ILE A 437 23.36 73.20 13.28
N ARG A 438 24.32 74.10 13.28
CA ARG A 438 24.65 74.84 12.07
C ARG A 438 25.29 73.94 11.01
N SER A 439 26.11 72.99 11.43
CA SER A 439 26.73 72.07 10.48
C SER A 439 25.70 71.09 9.93
N GLY A 440 24.88 70.52 10.80
CA GLY A 440 23.85 69.60 10.33
C GLY A 440 22.66 70.27 9.70
N MET A 441 22.61 71.60 9.71
CA MET A 441 21.52 72.31 9.06
C MET A 441 21.57 72.14 7.55
N PHE A 442 22.66 72.58 6.93
CA PHE A 442 22.79 72.46 5.49
C PHE A 442 23.43 71.13 5.14
N TRP A 443 22.86 70.45 4.15
CA TRP A 443 23.52 69.30 3.58
C TRP A 443 24.73 69.70 2.76
N LEU A 444 25.80 68.94 2.91
CA LEU A 444 26.81 68.80 1.90
C LEU A 444 26.55 67.58 1.02
N ARG A 445 25.27 67.17 0.95
CA ARG A 445 24.76 65.91 0.37
C ARG A 445 25.35 64.68 1.06
N PHE A 446 25.81 64.85 2.30
CA PHE A 446 26.52 63.86 3.10
C PHE A 446 27.64 63.12 2.35
N HIS B 20 -30.92 73.75 4.63
CA HIS B 20 -30.83 72.39 5.15
C HIS B 20 -32.18 71.89 5.65
N PRO B 21 -32.98 71.32 4.75
CA PRO B 21 -34.26 70.73 5.17
C PRO B 21 -34.20 69.26 5.54
N GLN B 22 -33.08 68.58 5.28
CA GLN B 22 -33.01 67.14 5.47
C GLN B 22 -32.89 66.78 6.94
N ASP B 23 -33.12 65.50 7.24
CA ASP B 23 -33.15 65.00 8.61
C ASP B 23 -32.45 63.64 8.68
N LEU B 24 -32.33 63.14 9.90
CA LEU B 24 -31.79 61.81 10.12
C LEU B 24 -32.81 60.75 9.74
N GLU B 25 -32.32 59.54 9.48
CA GLU B 25 -33.18 58.40 9.23
C GLU B 25 -32.82 57.28 10.18
N PHE B 26 -33.85 56.63 10.70
CA PHE B 26 -33.73 55.52 11.64
C PHE B 26 -34.06 54.22 10.94
N THR B 27 -33.34 53.16 11.29
CA THR B 27 -33.61 51.83 10.75
C THR B 27 -33.15 50.78 11.76
N ARG B 28 -34.05 49.92 12.18
CA ARG B 28 -33.71 48.81 13.08
C ARG B 28 -33.66 47.54 12.24
N LEU B 29 -32.45 47.10 11.90
CA LEU B 29 -32.36 45.89 11.09
C LEU B 29 -32.48 44.64 11.98
N PRO B 30 -33.23 43.62 11.51
CA PRO B 30 -33.91 42.71 12.44
C PRO B 30 -33.03 41.70 13.15
N ASN B 31 -31.82 41.44 12.66
CA ASN B 31 -30.88 40.69 13.49
C ASN B 31 -30.41 41.49 14.69
N GLY B 32 -30.63 42.80 14.71
CA GLY B 32 -30.63 43.53 15.95
C GLY B 32 -30.01 44.90 15.93
N LEU B 33 -29.51 45.37 14.79
CA LEU B 33 -28.66 46.56 14.85
C LEU B 33 -29.44 47.83 14.54
N VAL B 34 -28.87 48.95 14.98
CA VAL B 34 -29.50 50.26 14.86
C VAL B 34 -28.72 51.08 13.84
N ILE B 35 -29.43 51.82 12.99
CA ILE B 35 -28.82 52.64 11.95
C ILE B 35 -29.47 54.02 11.97
N ALA B 36 -28.65 55.06 12.06
CA ALA B 36 -29.12 56.43 11.89
C ALA B 36 -28.23 57.14 10.89
N SER B 37 -28.85 57.86 9.95
CA SER B 37 -28.12 58.53 8.89
C SER B 37 -28.47 60.01 8.84
N LEU B 38 -27.49 60.84 8.49
CA LEU B 38 -27.70 62.27 8.41
C LEU B 38 -26.87 62.81 7.25
N GLU B 39 -27.49 63.65 6.43
CA GLU B 39 -26.81 64.35 5.35
C GLU B 39 -26.92 65.85 5.62
N ASN B 40 -25.91 66.38 6.30
CA ASN B 40 -25.70 67.82 6.31
C ASN B 40 -24.69 68.19 5.24
N TYR B 41 -24.84 69.38 4.70
CA TYR B 41 -23.94 69.82 3.64
C TYR B 41 -22.75 70.59 4.19
N ALA B 42 -22.08 69.95 5.14
CA ALA B 42 -20.83 70.05 5.86
C ALA B 42 -19.86 69.00 5.33
N PRO B 43 -18.58 69.36 5.14
CA PRO B 43 -17.66 68.44 4.46
C PRO B 43 -17.30 67.22 5.29
N ALA B 44 -17.39 67.31 6.61
CA ALA B 44 -16.93 66.23 7.48
C ALA B 44 -17.92 65.08 7.46
N SER B 45 -17.44 63.90 7.11
CA SER B 45 -18.21 62.67 7.20
C SER B 45 -17.66 61.83 8.34
N ARG B 46 -18.52 61.53 9.29
CA ARG B 46 -18.15 60.79 10.49
C ARG B 46 -19.01 59.55 10.60
N ILE B 47 -18.38 58.43 10.93
CA ILE B 47 -19.07 57.19 11.22
C ILE B 47 -18.73 56.81 12.65
N GLY B 48 -19.76 56.73 13.49
CA GLY B 48 -19.62 56.32 14.87
C GLY B 48 -20.30 55.00 15.13
N LEU B 49 -19.52 54.01 15.51
CA LEU B 49 -20.02 52.66 15.77
C LEU B 49 -19.94 52.41 17.26
N PHE B 50 -21.09 52.27 17.91
CA PHE B 50 -21.17 52.11 19.35
C PHE B 50 -21.57 50.69 19.68
N ILE B 51 -20.92 50.13 20.70
CA ILE B 51 -21.14 48.75 21.13
C ILE B 51 -21.35 48.76 22.64
N LYS B 52 -22.32 47.98 23.12
CA LYS B 52 -22.51 47.74 24.55
C LYS B 52 -21.50 46.71 25.03
N ALA B 53 -20.26 47.14 25.19
CA ALA B 53 -19.18 46.25 25.60
C ALA B 53 -18.28 46.93 26.62
N GLY B 54 -18.89 47.56 27.62
CA GLY B 54 -18.13 48.31 28.60
C GLY B 54 -17.44 47.44 29.64
N SER B 55 -17.05 48.08 30.73
CA SER B 55 -16.31 47.38 31.78
C SER B 55 -17.21 46.46 32.57
N ARG B 56 -18.51 46.76 32.65
CA ARG B 56 -19.43 45.90 33.38
C ARG B 56 -19.70 44.60 32.65
N TYR B 57 -19.39 44.51 31.36
CA TYR B 57 -19.52 43.27 30.64
C TYR B 57 -18.21 42.49 30.59
N GLU B 58 -17.28 42.83 31.47
CA GLU B 58 -16.09 42.05 31.74
C GLU B 58 -16.05 41.71 33.23
N ASN B 59 -15.31 40.65 33.57
CA ASN B 59 -15.37 40.10 34.92
C ASN B 59 -13.96 39.72 35.36
N PHE B 60 -13.90 38.87 36.40
CA PHE B 60 -12.64 38.52 37.05
C PHE B 60 -11.70 37.74 36.15
N ASN B 61 -12.21 37.07 35.13
CA ASN B 61 -11.39 36.29 34.23
C ASN B 61 -10.87 37.10 33.06
N ASN B 62 -11.32 38.33 32.90
CA ASN B 62 -10.83 39.23 31.88
C ASN B 62 -10.63 40.63 32.46
N LEU B 63 -9.92 40.69 33.60
CA LEU B 63 -9.65 41.97 34.24
C LEU B 63 -8.76 42.85 33.37
N GLY B 64 -9.19 44.10 33.17
CA GLY B 64 -8.43 45.04 32.39
C GLY B 64 -8.43 44.80 30.90
N THR B 65 -9.38 44.01 30.40
CA THR B 65 -9.39 43.61 29.00
C THR B 65 -9.93 44.70 28.10
N SER B 66 -10.88 45.51 28.60
CA SER B 66 -11.43 46.61 27.81
C SER B 66 -10.38 47.66 27.52
N HIS B 67 -9.45 47.88 28.46
CA HIS B 67 -8.27 48.70 28.22
C HIS B 67 -7.45 48.16 27.05
N LEU B 68 -7.24 46.84 27.02
CA LEU B 68 -6.45 46.21 25.97
C LEU B 68 -7.14 46.32 24.62
N LEU B 69 -8.46 46.10 24.59
CA LEU B 69 -9.20 46.17 23.34
C LEU B 69 -9.31 47.61 22.85
N ARG B 70 -9.38 48.55 23.78
CA ARG B 70 -9.30 49.97 23.44
C ARG B 70 -7.94 50.31 22.85
N LEU B 71 -6.89 49.65 23.30
CA LEU B 71 -5.60 49.81 22.64
C LEU B 71 -5.41 48.84 21.48
N ALA B 72 -6.40 48.01 21.15
CA ALA B 72 -6.25 47.03 20.08
C ALA B 72 -6.70 47.56 18.73
N SER B 73 -6.57 48.88 18.51
CA SER B 73 -7.04 49.46 17.26
C SER B 73 -6.15 49.09 16.09
N SER B 74 -4.86 48.83 16.32
CA SER B 74 -3.90 48.63 15.23
C SER B 74 -3.57 47.17 15.01
N LEU B 75 -4.56 46.28 15.14
CA LEU B 75 -4.32 44.88 14.86
C LEU B 75 -4.43 44.60 13.36
N THR B 76 -3.86 43.49 12.95
CA THR B 76 -4.03 43.03 11.58
C THR B 76 -5.39 42.36 11.42
N THR B 77 -5.98 42.52 10.24
CA THR B 77 -7.28 41.96 9.94
C THR B 77 -7.16 40.94 8.81
N LYS B 78 -8.02 39.93 8.87
CA LYS B 78 -8.13 39.01 7.74
C LYS B 78 -8.81 39.75 6.61
N GLY B 79 -8.01 40.34 5.73
CA GLY B 79 -8.52 41.19 4.68
C GLY B 79 -7.65 42.41 4.47
N ALA B 80 -6.99 42.87 5.54
CA ALA B 80 -6.06 43.99 5.46
C ALA B 80 -5.10 43.91 6.63
N SER B 81 -3.80 43.86 6.33
CA SER B 81 -2.80 43.92 7.38
C SER B 81 -2.73 45.33 7.95
N SER B 82 -2.33 45.41 9.24
CA SER B 82 -2.37 46.66 9.98
C SER B 82 -1.43 47.72 9.42
N PHE B 83 -0.36 47.31 8.73
CA PHE B 83 0.46 48.25 7.99
C PHE B 83 -0.36 48.94 6.91
N LYS B 84 -1.03 48.17 6.07
CA LYS B 84 -1.86 48.73 5.02
C LYS B 84 -3.05 49.48 5.60
N ILE B 85 -3.54 49.05 6.76
CA ILE B 85 -4.60 49.76 7.47
C ILE B 85 -4.14 51.17 7.84
N THR B 86 -2.99 51.27 8.51
CA THR B 86 -2.49 52.55 8.99
C THR B 86 -2.13 53.47 7.83
N ARG B 87 -1.46 52.91 6.82
CA ARG B 87 -1.05 53.74 5.69
C ARG B 87 -2.23 54.17 4.83
N GLY B 88 -3.26 53.33 4.70
CA GLY B 88 -4.42 53.75 3.94
C GLY B 88 -5.26 54.80 4.65
N ILE B 89 -5.47 54.62 5.96
CA ILE B 89 -6.28 55.56 6.72
C ILE B 89 -5.58 56.91 6.81
N GLU B 90 -4.27 56.91 6.99
CA GLU B 90 -3.59 58.20 6.98
C GLU B 90 -3.26 58.69 5.57
N ALA B 91 -3.41 57.84 4.55
CA ALA B 91 -3.21 58.29 3.17
C ALA B 91 -4.43 59.04 2.66
N VAL B 92 -5.63 58.57 2.99
CA VAL B 92 -6.81 59.39 2.76
C VAL B 92 -6.95 60.48 3.81
N GLY B 93 -6.16 60.41 4.88
CA GLY B 93 -6.12 61.47 5.88
C GLY B 93 -7.18 61.39 6.94
N GLY B 94 -8.07 60.41 6.89
CA GLY B 94 -9.11 60.30 7.90
C GLY B 94 -8.55 59.92 9.25
N LYS B 95 -9.28 60.32 10.29
CA LYS B 95 -8.86 60.09 11.67
C LYS B 95 -9.73 59.02 12.30
N LEU B 96 -9.08 58.03 12.92
CA LEU B 96 -9.75 56.93 13.58
C LEU B 96 -9.41 56.96 15.06
N SER B 97 -10.44 56.87 15.91
CA SER B 97 -10.24 56.93 17.34
C SER B 97 -11.14 55.94 18.04
N VAL B 98 -10.67 55.47 19.19
CA VAL B 98 -11.37 54.50 20.03
C VAL B 98 -11.60 55.17 21.37
N THR B 99 -12.86 55.42 21.70
CA THR B 99 -13.20 55.99 23.00
C THR B 99 -14.29 55.15 23.64
N SER B 100 -14.29 55.13 24.97
CA SER B 100 -15.15 54.21 25.69
C SER B 100 -15.51 54.75 27.06
N THR B 101 -16.70 54.37 27.51
CA THR B 101 -17.16 54.44 28.88
C THR B 101 -17.53 53.03 29.33
N ARG B 102 -17.91 52.91 30.61
CA ARG B 102 -18.17 51.64 31.28
C ARG B 102 -19.34 50.86 30.70
N GLU B 103 -20.08 51.41 29.75
CA GLU B 103 -21.08 50.66 29.01
C GLU B 103 -20.93 50.79 27.50
N ASN B 104 -20.01 51.61 27.01
CA ASN B 104 -20.02 51.97 25.59
C ASN B 104 -18.60 51.94 25.03
N MET B 105 -18.32 50.99 24.16
CA MET B 105 -17.18 51.13 23.25
C MET B 105 -17.61 51.93 22.03
N ALA B 106 -16.68 52.67 21.46
CA ALA B 106 -17.01 53.67 20.47
C ALA B 106 -15.87 53.80 19.47
N TYR B 107 -16.17 53.57 18.20
CA TYR B 107 -15.21 53.72 17.11
C TYR B 107 -15.66 54.88 16.23
N THR B 108 -14.83 55.92 16.14
CA THR B 108 -15.16 57.07 15.32
C THR B 108 -14.15 57.18 14.19
N VAL B 109 -14.65 57.24 12.96
CA VAL B 109 -13.81 57.47 11.79
C VAL B 109 -14.33 58.67 11.02
N GLU B 110 -13.45 59.65 10.79
CA GLU B 110 -13.84 60.89 10.14
C GLU B 110 -12.96 61.15 8.93
N CYS B 111 -13.57 61.76 7.91
CA CYS B 111 -12.87 62.11 6.67
C CYS B 111 -13.71 63.13 5.92
N LEU B 112 -13.38 63.36 4.65
CA LEU B 112 -14.23 64.12 3.76
C LEU B 112 -15.10 63.18 2.94
N ARG B 113 -16.20 63.73 2.42
CA ARG B 113 -17.38 62.96 2.01
C ARG B 113 -17.19 62.02 0.81
N ASP B 114 -16.05 61.77 0.19
CA ASP B 114 -16.01 60.87 -0.97
C ASP B 114 -15.34 59.53 -0.71
N ASP B 115 -14.45 59.44 0.29
CA ASP B 115 -13.63 58.26 0.48
C ASP B 115 -14.09 57.41 1.66
N VAL B 116 -15.39 57.43 1.97
CA VAL B 116 -15.89 56.75 3.15
C VAL B 116 -15.97 55.24 2.98
N ASP B 117 -15.86 54.74 1.74
CA ASP B 117 -16.12 53.32 1.49
C ASP B 117 -14.96 52.46 1.99
N ILE B 118 -13.73 52.85 1.66
CA ILE B 118 -12.58 52.06 2.09
C ILE B 118 -12.38 52.18 3.59
N LEU B 119 -12.71 53.33 4.18
CA LEU B 119 -12.61 53.48 5.63
C LEU B 119 -13.69 52.66 6.33
N MET B 120 -14.86 52.56 5.70
CA MET B 120 -15.91 51.67 6.20
C MET B 120 -15.45 50.22 6.14
N GLU B 121 -14.75 49.85 5.06
CA GLU B 121 -14.26 48.48 4.93
C GLU B 121 -13.21 48.18 6.00
N PHE B 122 -12.31 49.13 6.29
CA PHE B 122 -11.35 48.94 7.36
C PHE B 122 -12.02 48.82 8.73
N LEU B 123 -13.05 49.66 8.98
CA LEU B 123 -13.76 49.59 10.25
C LEU B 123 -14.48 48.27 10.42
N LEU B 124 -15.14 47.79 9.37
CA LEU B 124 -15.84 46.52 9.45
C LEU B 124 -14.87 45.36 9.58
N ASN B 125 -13.69 45.46 8.96
CA ASN B 125 -12.68 44.42 9.12
C ASN B 125 -12.16 44.37 10.55
N VAL B 126 -11.95 45.54 11.17
CA VAL B 126 -11.46 45.58 12.54
C VAL B 126 -12.53 45.05 13.51
N THR B 127 -13.79 45.41 13.29
CA THR B 127 -14.85 44.96 14.20
C THR B 127 -15.15 43.48 14.03
N THR B 128 -15.35 43.02 12.80
CA THR B 128 -15.75 41.64 12.59
C THR B 128 -14.59 40.67 12.74
N ALA B 129 -13.43 40.97 12.15
CA ALA B 129 -12.32 40.02 12.09
C ALA B 129 -11.05 40.60 12.70
N PRO B 130 -10.90 40.54 14.02
CA PRO B 130 -9.58 40.68 14.60
C PRO B 130 -8.85 39.34 14.56
N GLU B 131 -7.52 39.41 14.41
CA GLU B 131 -6.70 38.22 14.33
C GLU B 131 -6.05 37.85 15.64
N PHE B 132 -5.64 38.85 16.43
CA PHE B 132 -4.95 38.70 17.72
C PHE B 132 -3.68 37.86 17.58
N ARG B 133 -2.76 38.35 16.77
CA ARG B 133 -1.46 37.71 16.65
C ARG B 133 -0.58 38.11 17.82
N ARG B 134 0.20 37.15 18.32
CA ARG B 134 0.69 37.17 19.69
C ARG B 134 1.76 38.23 19.93
N TRP B 135 2.58 38.51 18.92
CA TRP B 135 3.65 39.50 19.09
C TRP B 135 3.10 40.91 19.23
N GLU B 136 2.02 41.20 18.50
CA GLU B 136 1.32 42.46 18.68
C GLU B 136 0.68 42.53 20.06
N VAL B 137 0.26 41.40 20.61
CA VAL B 137 -0.29 41.38 21.96
C VAL B 137 0.78 41.69 23.00
N ALA B 138 2.01 41.19 22.80
CA ALA B 138 3.08 41.48 23.75
C ALA B 138 3.53 42.94 23.69
N ALA B 139 3.70 43.46 22.47
CA ALA B 139 3.98 44.88 22.30
C ALA B 139 2.86 45.75 22.86
N LEU B 140 1.63 45.27 22.77
CA LEU B 140 0.52 46.02 23.33
C LEU B 140 0.43 45.85 24.85
N GLN B 141 1.05 44.82 25.42
CA GLN B 141 1.22 44.78 26.87
C GLN B 141 2.15 45.89 27.35
N SER B 142 3.26 46.07 26.62
CA SER B 142 4.15 47.20 26.91
C SER B 142 3.41 48.53 26.74
N GLN B 143 2.57 48.62 25.70
CA GLN B 143 1.75 49.80 25.50
C GLN B 143 0.70 49.97 26.61
N LEU B 144 0.21 48.86 27.19
CA LEU B 144 -0.70 48.96 28.32
C LEU B 144 0.00 49.56 29.52
N ARG B 145 1.26 49.18 29.75
CA ARG B 145 2.05 49.76 30.83
C ARG B 145 2.22 51.27 30.64
N ILE B 146 2.59 51.66 29.42
CA ILE B 146 2.78 53.08 29.11
C ILE B 146 1.47 53.85 29.24
N ASP B 147 0.38 53.26 28.76
CA ASP B 147 -0.91 53.93 28.80
C ASP B 147 -1.48 54.03 30.21
N LYS B 148 -1.21 53.03 31.05
CA LYS B 148 -1.62 53.11 32.44
C LYS B 148 -0.86 54.22 33.17
N ALA B 149 0.42 54.38 32.83
CA ALA B 149 1.19 55.50 33.38
C ALA B 149 0.62 56.85 32.93
N VAL B 150 0.28 56.97 31.65
CA VAL B 150 -0.27 58.22 31.11
C VAL B 150 -1.66 58.50 31.69
N ALA B 151 -2.43 57.46 31.96
CA ALA B 151 -3.76 57.65 32.54
C ALA B 151 -3.65 58.09 34.00
N PHE B 152 -2.97 57.30 34.83
CA PHE B 152 -2.99 57.58 36.26
C PHE B 152 -1.95 58.59 36.70
N GLN B 153 -1.17 59.17 35.77
CA GLN B 153 -0.37 60.33 36.17
C GLN B 153 -1.26 61.55 36.39
N ASN B 154 -2.47 61.55 35.86
CA ASN B 154 -3.50 62.44 36.38
C ASN B 154 -4.14 61.80 37.60
N PRO B 155 -4.29 62.55 38.69
CA PRO B 155 -4.80 61.94 39.93
C PRO B 155 -6.30 61.78 39.96
N GLN B 156 -6.98 62.66 39.22
CA GLN B 156 -8.42 62.84 39.39
C GLN B 156 -9.19 61.64 38.85
N ALA B 157 -8.78 61.13 37.69
CA ALA B 157 -9.39 59.91 37.16
C ALA B 157 -9.09 58.71 38.04
N HIS B 158 -7.95 58.70 38.73
CA HIS B 158 -7.67 57.63 39.69
C HIS B 158 -8.62 57.70 40.87
N VAL B 159 -8.94 58.91 41.34
CA VAL B 159 -9.93 59.08 42.40
C VAL B 159 -11.30 58.61 41.92
N ILE B 160 -11.63 58.89 40.65
CA ILE B 160 -12.91 58.44 40.07
C ILE B 160 -12.97 56.92 40.02
N GLU B 161 -11.87 56.27 39.62
CA GLU B 161 -11.88 54.82 39.52
C GLU B 161 -11.92 54.16 40.88
N ASN B 162 -11.26 54.75 41.88
CA ASN B 162 -11.40 54.21 43.23
C ASN B 162 -12.79 54.48 43.80
N LEU B 163 -13.45 55.55 43.34
CA LEU B 163 -14.83 55.80 43.76
C LEU B 163 -15.77 54.74 43.21
N HIS B 164 -15.60 54.40 41.91
CA HIS B 164 -16.40 53.32 41.34
C HIS B 164 -16.01 51.97 41.92
N ALA B 165 -14.78 51.82 42.39
CA ALA B 165 -14.42 50.62 43.15
C ALA B 165 -15.15 50.58 44.48
N ALA B 166 -15.31 51.74 45.11
CA ALA B 166 -16.07 51.82 46.34
C ALA B 166 -17.58 51.86 46.11
N ALA B 167 -18.01 51.97 44.86
CA ALA B 167 -19.43 52.17 44.59
C ALA B 167 -20.22 50.87 44.58
N TYR B 168 -19.67 49.80 43.99
CA TYR B 168 -20.44 48.58 43.84
C TYR B 168 -19.56 47.36 44.10
N ARG B 169 -20.24 46.25 44.41
CA ARG B 169 -19.61 44.99 44.78
C ARG B 169 -19.36 44.09 43.59
N ASN B 170 -19.51 44.60 42.39
CA ASN B 170 -19.68 43.76 41.22
C ASN B 170 -19.03 44.47 40.04
N ALA B 171 -19.42 44.08 38.82
CA ALA B 171 -18.71 44.40 37.58
C ALA B 171 -18.66 45.88 37.24
N LEU B 172 -19.46 46.74 37.88
CA LEU B 172 -19.29 48.17 37.66
C LEU B 172 -18.03 48.71 38.29
N ALA B 173 -17.44 47.98 39.23
CA ALA B 173 -16.18 48.38 39.83
C ALA B 173 -14.96 47.99 39.00
N ASN B 174 -15.15 47.30 37.88
CA ASN B 174 -14.04 47.02 36.98
C ASN B 174 -13.54 48.32 36.37
N SER B 175 -12.25 48.59 36.52
CA SER B 175 -11.68 49.84 36.08
C SER B 175 -11.63 49.93 34.56
N LEU B 176 -11.42 51.14 34.07
CA LEU B 176 -11.16 51.36 32.66
C LEU B 176 -9.77 50.90 32.25
N TYR B 177 -8.90 50.60 33.21
CA TYR B 177 -7.51 50.32 32.93
C TYR B 177 -7.10 49.04 33.64
N CYS B 178 -6.03 48.45 33.12
CA CYS B 178 -5.58 47.15 33.60
C CYS B 178 -4.99 47.27 34.99
N PRO B 179 -5.24 46.29 35.88
CA PRO B 179 -4.56 46.28 37.18
C PRO B 179 -3.10 45.91 37.08
N ASP B 180 -2.42 45.80 38.24
CA ASP B 180 -0.97 45.68 38.25
C ASP B 180 -0.52 44.31 37.79
N TYR B 181 -0.94 43.26 38.51
CA TYR B 181 -0.46 41.92 38.21
C TYR B 181 -1.05 41.37 36.92
N ARG B 182 -2.17 41.93 36.46
CA ARG B 182 -2.84 41.45 35.26
C ARG B 182 -2.11 41.81 33.98
N ILE B 183 -1.07 42.65 34.05
CA ILE B 183 -0.35 43.06 32.86
C ILE B 183 0.48 41.88 32.37
N GLY B 184 0.29 41.50 31.11
CA GLY B 184 1.09 40.47 30.47
C GLY B 184 0.46 39.09 30.47
N LYS B 185 -0.43 38.80 31.41
CA LYS B 185 -0.99 37.45 31.56
C LYS B 185 -2.40 37.37 31.01
N VAL B 186 -2.70 38.05 29.93
CA VAL B 186 -3.98 37.92 29.24
C VAL B 186 -3.72 37.35 27.84
N THR B 187 -4.40 36.27 27.53
CA THR B 187 -4.29 35.44 26.35
C THR B 187 -5.14 35.99 25.20
N PRO B 188 -4.71 35.80 23.96
CA PRO B 188 -5.56 36.19 22.83
C PRO B 188 -6.79 35.30 22.65
N ASP B 189 -6.81 34.12 23.25
CA ASP B 189 -7.94 33.23 23.10
C ASP B 189 -9.15 33.74 23.87
N GLU B 190 -8.91 34.31 25.06
CA GLU B 190 -9.97 35.01 25.77
C GLU B 190 -10.45 36.22 25.00
N LEU B 191 -9.56 36.85 24.23
CA LEU B 191 -9.97 37.97 23.39
C LEU B 191 -10.89 37.52 22.27
N HIS B 192 -10.56 36.41 21.60
CA HIS B 192 -11.45 35.84 20.59
C HIS B 192 -12.78 35.42 21.17
N ASP B 193 -12.77 34.84 22.39
CA ASP B 193 -14.01 34.43 23.03
C ASP B 193 -14.86 35.62 23.42
N TYR B 194 -14.24 36.68 23.95
CA TYR B 194 -14.96 37.88 24.34
C TYR B 194 -15.54 38.60 23.13
N VAL B 195 -14.82 38.58 22.01
CA VAL B 195 -15.37 39.11 20.76
C VAL B 195 -16.56 38.28 20.31
N GLN B 196 -16.43 36.96 20.29
CA GLN B 196 -17.48 36.12 19.73
C GLN B 196 -18.71 36.01 20.64
N ASN B 197 -18.64 36.38 21.91
CA ASN B 197 -19.85 36.41 22.71
C ASN B 197 -20.26 37.79 23.21
N HIS B 198 -19.54 38.85 22.85
CA HIS B 198 -19.95 40.19 23.23
C HIS B 198 -20.05 41.16 22.07
N PHE B 199 -19.73 40.75 20.85
CA PHE B 199 -19.92 41.60 19.68
C PHE B 199 -21.00 40.95 18.82
N THR B 200 -22.25 41.24 19.18
CA THR B 200 -23.41 40.69 18.50
C THR B 200 -24.06 41.75 17.64
N SER B 201 -25.07 41.34 16.87
CA SER B 201 -25.80 42.29 16.05
C SER B 201 -26.74 43.16 16.87
N ALA B 202 -27.30 42.62 17.94
CA ALA B 202 -28.27 43.33 18.76
C ALA B 202 -27.64 44.26 19.78
N ARG B 203 -26.33 44.49 19.71
CA ARG B 203 -25.63 45.38 20.63
C ARG B 203 -24.79 46.39 19.86
N MET B 204 -25.26 46.81 18.69
CA MET B 204 -24.48 47.68 17.81
C MET B 204 -25.34 48.80 17.23
N ALA B 205 -24.82 50.01 17.33
CA ALA B 205 -25.46 51.21 16.78
C ALA B 205 -24.51 51.86 15.79
N LEU B 206 -25.02 52.16 14.60
CA LEU B 206 -24.24 52.71 13.49
C LEU B 206 -24.78 54.10 13.17
N ILE B 207 -24.00 55.12 13.47
CA ILE B 207 -24.40 56.51 13.27
C ILE B 207 -23.56 57.09 12.15
N GLY B 208 -24.21 57.78 11.22
CA GLY B 208 -23.50 58.41 10.13
C GLY B 208 -23.86 59.87 9.96
N LEU B 209 -22.86 60.73 9.89
CA LEU B 209 -23.04 62.16 9.66
C LEU B 209 -22.33 62.52 8.36
N GLY B 210 -23.08 63.10 7.43
CA GLY B 210 -22.52 63.58 6.19
C GLY B 210 -22.59 62.61 5.03
N VAL B 211 -23.10 61.40 5.24
CA VAL B 211 -23.13 60.38 4.21
C VAL B 211 -24.57 59.95 3.96
N SER B 212 -24.79 59.31 2.82
CA SER B 212 -26.13 58.88 2.42
C SER B 212 -26.54 57.62 3.16
N HIS B 213 -27.84 57.52 3.45
CA HIS B 213 -28.41 56.34 4.08
C HIS B 213 -28.22 55.03 3.33
N PRO B 214 -28.54 54.88 2.02
CA PRO B 214 -28.59 53.52 1.46
C PRO B 214 -27.23 52.86 1.29
N VAL B 215 -26.16 53.63 1.13
CA VAL B 215 -24.82 53.05 1.10
C VAL B 215 -24.48 52.45 2.45
N LEU B 216 -24.78 53.18 3.54
CA LEU B 216 -24.58 52.67 4.89
C LEU B 216 -25.41 51.42 5.13
N LYS B 217 -26.66 51.43 4.69
CA LYS B 217 -27.55 50.30 4.92
C LYS B 217 -27.09 49.06 4.16
N GLN B 218 -26.68 49.23 2.90
CA GLN B 218 -26.24 48.09 2.10
C GLN B 218 -24.91 47.52 2.60
N VAL B 219 -23.96 48.38 2.98
CA VAL B 219 -22.67 47.87 3.41
C VAL B 219 -22.77 47.24 4.80
N ALA B 220 -23.62 47.79 5.67
CA ALA B 220 -23.87 47.17 6.96
C ALA B 220 -24.64 45.86 6.82
N GLU B 221 -25.52 45.78 5.82
CA GLU B 221 -26.15 44.51 5.48
C GLU B 221 -25.13 43.50 4.97
N GLN B 222 -24.10 43.99 4.29
CA GLN B 222 -23.07 43.11 3.76
C GLN B 222 -22.19 42.53 4.86
N PHE B 223 -21.48 43.38 5.60
CA PHE B 223 -20.28 42.92 6.29
C PHE B 223 -20.39 43.02 7.80
N LEU B 224 -21.54 42.69 8.37
CA LEU B 224 -21.57 42.41 9.81
C LEU B 224 -21.98 40.98 10.11
N ASN B 225 -23.23 40.61 9.79
CA ASN B 225 -23.73 39.23 9.67
C ASN B 225 -23.40 38.35 10.89
N ILE B 226 -23.45 38.95 12.07
CA ILE B 226 -23.05 38.21 13.27
C ILE B 226 -24.14 37.25 13.70
N ARG B 227 -25.31 37.78 14.02
CA ARG B 227 -26.39 36.98 14.58
C ARG B 227 -27.73 37.69 14.38
N GLY B 234 -24.67 39.88 32.58
CA GLY B 234 -25.78 38.95 32.74
C GLY B 234 -26.95 39.55 33.48
N ALA B 235 -26.67 40.22 34.60
CA ALA B 235 -27.68 40.90 35.40
C ALA B 235 -27.12 42.26 35.79
N LYS B 236 -27.81 42.94 36.71
CA LYS B 236 -27.37 44.25 37.15
C LYS B 236 -26.55 44.13 38.44
N ALA B 237 -25.72 45.14 38.66
CA ALA B 237 -24.80 45.16 39.80
C ALA B 237 -25.52 45.63 41.05
N LYS B 238 -24.90 45.36 42.20
CA LYS B 238 -25.53 45.53 43.50
C LYS B 238 -24.72 46.51 44.33
N TYR B 239 -25.41 47.22 45.22
CA TYR B 239 -24.76 48.27 46.00
C TYR B 239 -23.87 47.68 47.08
N ARG B 240 -22.70 48.28 47.25
CA ARG B 240 -21.72 47.83 48.21
C ARG B 240 -21.51 48.84 49.33
N GLY B 241 -21.14 50.07 49.00
CA GLY B 241 -20.98 51.10 50.01
C GLY B 241 -19.72 50.98 50.84
N GLY B 242 -19.27 52.08 51.41
CA GLY B 242 -18.07 52.09 52.20
C GLY B 242 -17.07 53.07 51.64
N GLU B 243 -15.84 52.96 52.13
CA GLU B 243 -14.82 53.95 51.83
C GLU B 243 -13.57 53.29 51.27
N ILE B 244 -12.82 54.07 50.50
CA ILE B 244 -11.49 53.71 50.04
C ILE B 244 -10.57 54.89 50.29
N ARG B 245 -9.52 54.68 51.07
CA ARG B 245 -8.57 55.72 51.42
C ARG B 245 -7.22 55.42 50.78
N GLU B 246 -6.76 56.33 49.92
CA GLU B 246 -5.45 56.26 49.31
C GLU B 246 -4.59 57.35 49.94
N GLN B 247 -3.82 56.97 50.96
CA GLN B 247 -2.92 57.90 51.62
C GLN B 247 -1.76 58.19 50.68
N ASN B 248 -1.72 59.39 50.12
CA ASN B 248 -0.70 59.69 49.13
C ASN B 248 0.01 61.00 49.42
N GLY B 249 -0.69 61.96 50.02
CA GLY B 249 -0.09 63.20 50.48
C GLY B 249 0.50 64.11 49.42
N ASP B 250 -0.35 64.69 48.57
CA ASP B 250 0.09 65.62 47.54
C ASP B 250 -0.41 67.04 47.81
N SER B 251 -0.58 67.39 49.09
CA SER B 251 -1.00 68.69 49.60
C SER B 251 -2.38 69.12 49.15
N LEU B 252 -3.16 68.23 48.53
CA LEU B 252 -4.51 68.54 48.08
C LEU B 252 -5.35 67.30 48.30
N VAL B 253 -6.20 67.34 49.32
CA VAL B 253 -7.07 66.21 49.60
C VAL B 253 -8.19 66.17 48.56
N HIS B 254 -8.31 65.03 47.88
CA HIS B 254 -9.45 64.76 47.02
C HIS B 254 -10.45 63.95 47.82
N ALA B 255 -11.69 64.41 47.89
CA ALA B 255 -12.73 63.73 48.65
C ALA B 255 -13.98 63.64 47.80
N ALA B 256 -14.47 62.43 47.59
CA ALA B 256 -15.68 62.18 46.81
C ALA B 256 -16.69 61.49 47.70
N LEU B 257 -17.85 62.11 47.88
CA LEU B 257 -18.93 61.55 48.68
C LEU B 257 -20.13 61.36 47.76
N VAL B 258 -20.52 60.11 47.56
CA VAL B 258 -21.49 59.73 46.53
C VAL B 258 -22.44 58.68 47.12
N ALA B 259 -23.74 58.86 46.92
CA ALA B 259 -24.75 57.84 47.14
C ALA B 259 -25.29 57.36 45.80
N GLU B 260 -26.12 56.32 45.86
CA GLU B 260 -26.72 55.75 44.66
C GLU B 260 -28.04 56.45 44.37
N SER B 261 -28.29 56.77 43.10
CA SER B 261 -29.36 57.69 42.76
C SER B 261 -30.51 57.04 42.00
N ALA B 262 -30.30 56.58 40.78
CA ALA B 262 -31.38 56.23 39.86
C ALA B 262 -30.78 55.68 38.57
N ALA B 263 -31.61 54.96 37.82
CA ALA B 263 -31.18 54.39 36.56
C ALA B 263 -31.10 55.47 35.48
N ILE B 264 -30.81 55.04 34.24
CA ILE B 264 -30.62 55.98 33.15
C ILE B 264 -31.97 56.53 32.70
N GLY B 265 -31.98 57.82 32.34
CA GLY B 265 -33.11 58.45 31.69
C GLY B 265 -34.36 58.60 32.54
N SER B 266 -34.32 58.26 33.83
CA SER B 266 -35.50 58.35 34.65
C SER B 266 -35.76 59.80 35.03
N ALA B 267 -37.02 60.08 35.39
CA ALA B 267 -37.38 61.39 35.92
C ALA B 267 -36.68 61.65 37.25
N GLU B 268 -36.40 60.59 38.01
CA GLU B 268 -35.61 60.70 39.22
C GLU B 268 -34.19 61.16 38.91
N ALA B 269 -33.58 60.59 37.87
CA ALA B 269 -32.24 61.01 37.47
C ALA B 269 -32.22 62.42 36.90
N ASN B 270 -33.28 62.81 36.19
CA ASN B 270 -33.39 64.20 35.75
C ASN B 270 -33.55 65.15 36.93
N ALA B 271 -34.23 64.69 37.99
CA ALA B 271 -34.33 65.48 39.22
C ALA B 271 -32.97 65.63 39.89
N PHE B 272 -32.17 64.56 39.90
CA PHE B 272 -30.81 64.68 40.40
C PHE B 272 -29.95 65.58 39.52
N SER B 273 -30.23 65.63 38.22
CA SER B 273 -29.50 66.54 37.34
C SER B 273 -29.87 67.99 37.62
N VAL B 274 -31.14 68.25 37.89
CA VAL B 274 -31.57 69.57 38.33
C VAL B 274 -30.91 69.91 39.67
N LEU B 275 -30.76 68.91 40.54
CA LEU B 275 -30.15 69.13 41.84
C LEU B 275 -28.67 69.44 41.73
N GLN B 276 -27.96 68.79 40.80
CA GLN B 276 -26.54 69.11 40.66
C GLN B 276 -26.35 70.43 39.93
N HIS B 277 -27.29 70.84 39.08
CA HIS B 277 -27.22 72.21 38.57
C HIS B 277 -27.54 73.24 39.63
N VAL B 278 -28.34 72.87 40.64
CA VAL B 278 -28.54 73.75 41.80
C VAL B 278 -27.25 73.86 42.60
N LEU B 279 -26.62 72.72 42.86
CA LEU B 279 -25.46 72.68 43.74
C LEU B 279 -24.24 73.33 43.10
N GLY B 280 -23.81 72.82 41.95
CA GLY B 280 -22.66 73.38 41.26
C GLY B 280 -22.38 72.74 39.93
N ALA B 281 -22.08 73.55 38.93
CA ALA B 281 -21.81 73.09 37.57
C ALA B 281 -20.38 73.50 37.18
N GLY B 282 -20.07 73.33 35.90
CA GLY B 282 -18.80 73.74 35.35
C GLY B 282 -18.59 75.23 35.44
N PRO B 283 -17.32 75.67 35.43
CA PRO B 283 -17.02 77.09 35.64
C PRO B 283 -17.42 77.94 34.45
N HIS B 284 -18.53 78.66 34.60
CA HIS B 284 -19.03 79.52 33.54
C HIS B 284 -18.24 80.82 33.42
N VAL B 285 -17.59 81.24 34.50
CA VAL B 285 -16.81 82.47 34.52
C VAL B 285 -15.39 82.08 34.89
N LYS B 286 -14.53 81.95 33.88
CA LYS B 286 -13.12 81.72 34.13
C LYS B 286 -12.49 82.97 34.71
N ARG B 287 -11.57 82.78 35.67
CA ARG B 287 -11.00 83.84 36.51
C ARG B 287 -12.09 84.63 37.22
N GLY B 288 -13.12 83.93 37.67
CA GLY B 288 -14.21 84.54 38.40
C GLY B 288 -14.41 83.90 39.76
N SER B 289 -15.65 83.88 40.24
CA SER B 289 -15.95 83.30 41.53
C SER B 289 -17.16 82.38 41.55
N ASN B 290 -18.03 82.43 40.53
CA ASN B 290 -19.30 81.69 40.47
C ASN B 290 -20.20 82.01 41.67
N ALA B 291 -20.63 83.27 41.70
CA ALA B 291 -21.40 83.81 42.82
C ALA B 291 -22.81 83.23 42.94
N THR B 292 -23.29 82.48 41.95
CA THR B 292 -24.64 81.92 42.02
C THR B 292 -24.65 80.55 42.70
N SER B 293 -23.65 79.72 42.43
CA SER B 293 -23.58 78.37 43.01
C SER B 293 -23.36 78.47 44.52
N SER B 294 -24.37 78.05 45.28
CA SER B 294 -24.40 78.30 46.71
C SER B 294 -23.41 77.43 47.48
N LEU B 295 -22.90 76.35 46.88
CA LEU B 295 -21.87 75.55 47.55
C LEU B 295 -20.59 76.34 47.73
N TYR B 296 -20.19 77.09 46.69
CA TYR B 296 -18.94 77.84 46.75
C TYR B 296 -19.02 78.94 47.78
N GLN B 297 -20.12 79.69 47.82
CA GLN B 297 -20.26 80.76 48.79
C GLN B 297 -20.49 80.20 50.20
N ALA B 298 -21.13 79.04 50.31
CA ALA B 298 -21.34 78.42 51.62
C ALA B 298 -20.02 77.94 52.21
N VAL B 299 -19.19 77.30 51.40
CA VAL B 299 -17.91 76.81 51.93
C VAL B 299 -16.92 77.96 52.09
N ALA B 300 -17.00 78.98 51.23
CA ALA B 300 -16.18 80.18 51.43
C ALA B 300 -16.59 80.94 52.68
N LYS B 301 -17.86 80.88 53.06
CA LYS B 301 -18.25 81.30 54.41
C LYS B 301 -17.65 80.37 55.45
N GLY B 302 -17.66 79.06 55.18
CA GLY B 302 -17.15 78.11 56.16
C GLY B 302 -15.64 78.15 56.28
N VAL B 303 -14.93 78.07 55.15
CA VAL B 303 -13.48 78.05 55.13
C VAL B 303 -13.00 79.22 54.29
N HIS B 304 -12.14 80.06 54.86
CA HIS B 304 -11.60 81.21 54.17
C HIS B 304 -10.23 80.88 53.56
N GLN B 305 -10.21 79.83 52.75
CA GLN B 305 -9.04 79.35 52.05
C GLN B 305 -9.45 78.86 50.67
N PRO B 306 -8.56 78.99 49.66
CA PRO B 306 -8.93 78.60 48.29
C PRO B 306 -9.14 77.10 48.11
N PHE B 307 -10.39 76.74 47.88
CA PHE B 307 -10.85 75.35 47.79
C PHE B 307 -11.41 75.11 46.40
N ASP B 308 -11.99 73.91 46.21
CA ASP B 308 -12.79 73.65 45.02
C ASP B 308 -13.83 72.59 45.35
N VAL B 309 -15.08 72.87 44.99
CA VAL B 309 -16.20 71.94 45.18
C VAL B 309 -16.93 71.84 43.85
N SER B 310 -17.20 70.62 43.39
CA SER B 310 -18.02 70.42 42.22
C SER B 310 -19.01 69.29 42.47
N ALA B 311 -20.15 69.34 41.79
CA ALA B 311 -21.14 68.28 41.89
C ALA B 311 -20.86 67.21 40.86
N PHE B 312 -21.48 66.04 41.06
CA PHE B 312 -21.19 64.88 40.23
C PHE B 312 -22.41 63.99 40.15
N ASN B 313 -22.66 63.47 38.96
CA ASN B 313 -23.68 62.44 38.77
C ASN B 313 -23.30 61.62 37.55
N ALA B 314 -23.05 60.34 37.76
CA ALA B 314 -22.85 59.40 36.67
C ALA B 314 -24.12 58.58 36.49
N SER B 315 -24.47 58.31 35.23
CA SER B 315 -25.65 57.53 34.92
C SER B 315 -25.25 56.27 34.18
N TYR B 316 -25.96 55.18 34.47
CA TYR B 316 -25.69 53.88 33.88
C TYR B 316 -27.00 53.19 33.61
N SER B 317 -26.94 52.12 32.81
CA SER B 317 -28.14 51.47 32.29
C SER B 317 -28.97 50.82 33.38
N ASP B 318 -28.35 50.47 34.50
CA ASP B 318 -29.09 49.95 35.64
C ASP B 318 -29.17 50.90 36.81
N SER B 319 -28.13 51.69 37.04
CA SER B 319 -28.01 52.45 38.28
C SER B 319 -27.40 53.81 37.98
N GLY B 320 -27.08 54.53 39.05
CA GLY B 320 -26.51 55.85 38.92
C GLY B 320 -25.95 56.31 40.25
N LEU B 321 -25.00 57.24 40.16
CA LEU B 321 -24.16 57.63 41.28
C LEU B 321 -24.15 59.13 41.39
N PHE B 322 -24.76 59.67 42.45
CA PHE B 322 -24.88 61.09 42.65
C PHE B 322 -24.12 61.51 43.90
N GLY B 323 -23.39 62.61 43.80
CA GLY B 323 -22.61 63.07 44.94
C GLY B 323 -21.81 64.30 44.57
N PHE B 324 -20.69 64.49 45.25
CA PHE B 324 -19.85 65.63 44.94
C PHE B 324 -18.39 65.29 45.20
N TYR B 325 -17.53 66.16 44.64
CA TYR B 325 -16.09 65.98 44.59
C TYR B 325 -15.43 67.28 45.01
N THR B 326 -14.57 67.20 46.03
CA THR B 326 -13.91 68.37 46.59
C THR B 326 -12.40 68.19 46.52
N ILE B 327 -11.72 69.28 46.18
CA ILE B 327 -10.27 69.38 46.26
C ILE B 327 -9.96 70.47 47.26
N SER B 328 -9.26 70.12 48.34
CA SER B 328 -9.02 71.06 49.41
C SER B 328 -7.59 70.88 49.90
N GLN B 329 -7.29 71.54 51.02
CA GLN B 329 -5.97 71.45 51.63
C GLN B 329 -5.88 70.20 52.51
N ALA B 330 -4.70 69.97 53.08
CA ALA B 330 -4.48 68.79 53.89
C ALA B 330 -5.23 68.87 55.21
N ALA B 331 -4.98 69.91 56.00
CA ALA B 331 -5.65 70.10 57.27
C ALA B 331 -6.94 70.90 57.13
N SER B 332 -7.47 71.04 55.93
CA SER B 332 -8.66 71.84 55.67
C SER B 332 -9.61 71.09 54.75
N ALA B 333 -9.89 69.84 55.08
CA ALA B 333 -10.77 69.00 54.27
C ALA B 333 -12.09 68.69 54.94
N GLY B 334 -12.05 68.25 56.20
CA GLY B 334 -13.27 67.83 56.88
C GLY B 334 -14.23 68.97 57.14
N ASP B 335 -13.72 70.17 57.34
CA ASP B 335 -14.59 71.33 57.52
C ASP B 335 -15.30 71.68 56.22
N VAL B 336 -14.61 71.53 55.09
CA VAL B 336 -15.21 71.72 53.78
C VAL B 336 -16.29 70.68 53.54
N ILE B 337 -16.01 69.42 53.90
CA ILE B 337 -16.97 68.34 53.72
C ILE B 337 -18.21 68.56 54.60
N LYS B 338 -18.00 68.99 55.84
CA LYS B 338 -19.13 69.29 56.72
C LYS B 338 -19.94 70.47 56.22
N ALA B 339 -19.27 71.50 55.69
CA ALA B 339 -19.96 72.66 55.16
C ALA B 339 -20.82 72.28 53.95
N ALA B 340 -20.27 71.47 53.05
CA ALA B 340 -21.01 71.02 51.88
C ALA B 340 -22.18 70.12 52.27
N TYR B 341 -21.96 69.22 53.22
CA TYR B 341 -23.01 68.28 53.59
C TYR B 341 -24.14 68.98 54.34
N ASN B 342 -23.80 69.93 55.21
CA ASN B 342 -24.86 70.66 55.88
C ASN B 342 -25.56 71.66 54.95
N GLN B 343 -24.87 72.13 53.91
CA GLN B 343 -25.54 72.91 52.89
C GLN B 343 -26.55 72.07 52.11
N VAL B 344 -26.17 70.84 51.78
CA VAL B 344 -27.09 69.94 51.09
C VAL B 344 -28.26 69.57 52.00
N LYS B 345 -28.00 69.40 53.31
CA LYS B 345 -29.07 69.12 54.27
C LYS B 345 -30.06 70.28 54.36
N THR B 346 -29.56 71.51 54.48
CA THR B 346 -30.47 72.64 54.62
C THR B 346 -31.15 73.01 53.31
N ILE B 347 -30.61 72.59 52.17
CA ILE B 347 -31.38 72.66 50.93
C ILE B 347 -32.47 71.60 50.93
N ALA B 348 -32.14 70.39 51.43
CA ALA B 348 -33.11 69.29 51.48
C ALA B 348 -34.26 69.57 52.43
N GLN B 349 -34.02 70.38 53.46
CA GLN B 349 -35.05 70.69 54.46
C GLN B 349 -35.83 71.96 54.13
N GLY B 350 -35.98 72.28 52.86
CA GLY B 350 -36.90 73.31 52.45
C GLY B 350 -36.36 74.72 52.47
N ASN B 351 -35.16 74.92 51.93
CA ASN B 351 -34.61 76.25 51.75
C ASN B 351 -34.03 76.29 50.33
N LEU B 352 -34.88 76.61 49.37
CA LEU B 352 -34.52 76.58 47.96
C LEU B 352 -35.52 77.44 47.20
N SER B 353 -35.02 78.22 46.25
CA SER B 353 -35.88 79.17 45.55
C SER B 353 -36.30 78.61 44.21
N ASN B 354 -37.49 79.03 43.77
CA ASN B 354 -38.05 78.55 42.51
C ASN B 354 -37.42 79.23 41.28
N PRO B 355 -37.07 80.53 41.31
CA PRO B 355 -36.14 81.01 40.27
C PRO B 355 -34.79 80.34 40.28
N ASP B 356 -34.32 79.82 41.43
CA ASP B 356 -33.10 79.01 41.41
C ASP B 356 -33.33 77.68 40.72
N VAL B 357 -34.53 77.11 40.87
CA VAL B 357 -34.91 75.91 40.13
C VAL B 357 -34.91 76.19 38.63
N GLN B 358 -35.48 77.33 38.23
CA GLN B 358 -35.49 77.69 36.82
C GLN B 358 -34.10 78.00 36.29
N ALA B 359 -33.23 78.54 37.15
CA ALA B 359 -31.85 78.78 36.74
C ALA B 359 -31.09 77.48 36.57
N ALA B 360 -31.42 76.48 37.40
CA ALA B 360 -30.87 75.14 37.20
C ALA B 360 -31.37 74.54 35.90
N LYS B 361 -32.63 74.82 35.56
CA LYS B 361 -33.18 74.40 34.27
C LYS B 361 -32.46 75.06 33.12
N ASN B 362 -32.14 76.35 33.26
CA ASN B 362 -31.40 77.06 32.22
C ASN B 362 -29.98 76.54 32.08
N LYS B 363 -29.34 76.21 33.21
CA LYS B 363 -28.00 75.63 33.15
C LYS B 363 -28.02 74.23 32.54
N LEU B 364 -29.07 73.44 32.81
CA LEU B 364 -29.18 72.12 32.20
C LEU B 364 -29.43 72.22 30.71
N LYS B 365 -30.32 73.13 30.29
CA LYS B 365 -30.56 73.36 28.88
C LYS B 365 -29.31 73.88 28.18
N ALA B 366 -28.55 74.75 28.85
CA ALA B 366 -27.32 75.29 28.29
C ALA B 366 -26.27 74.21 28.11
N GLY B 367 -26.10 73.35 29.12
CA GLY B 367 -25.15 72.26 28.99
C GLY B 367 -25.54 71.26 27.92
N TYR B 368 -26.82 70.88 27.87
CA TYR B 368 -27.24 69.87 26.91
C TYR B 368 -27.27 70.40 25.48
N LEU B 369 -27.57 71.67 25.29
CA LEU B 369 -27.47 72.24 23.94
C LEU B 369 -26.03 72.43 23.53
N MET B 370 -25.22 73.05 24.39
CA MET B 370 -23.90 73.49 24.04
C MET B 370 -22.84 72.45 24.32
N SER B 371 -23.25 71.20 24.56
CA SER B 371 -22.33 70.07 24.52
C SER B 371 -22.44 69.26 23.24
N VAL B 372 -23.45 69.52 22.40
CA VAL B 372 -23.71 68.73 21.20
C VAL B 372 -23.71 69.59 19.94
N GLU B 373 -23.10 70.78 19.99
CA GLU B 373 -23.15 71.72 18.86
C GLU B 373 -22.42 71.18 17.65
N SER B 374 -21.18 70.75 17.85
CA SER B 374 -20.38 70.21 16.75
C SER B 374 -20.82 68.78 16.45
N SER B 375 -20.19 68.19 15.42
CA SER B 375 -20.52 66.83 15.02
C SER B 375 -20.11 65.80 16.06
N GLU B 376 -19.13 66.13 16.90
CA GLU B 376 -18.63 65.17 17.88
C GLU B 376 -19.63 64.95 19.01
N GLY B 377 -20.11 66.04 19.63
CA GLY B 377 -21.07 65.90 20.71
C GLY B 377 -22.43 65.45 20.22
N PHE B 378 -22.83 65.90 19.03
CA PHE B 378 -24.05 65.40 18.40
C PHE B 378 -23.95 63.91 18.10
N LEU B 379 -22.79 63.48 17.61
CA LEU B 379 -22.53 62.05 17.37
C LEU B 379 -22.66 61.24 18.65
N ASP B 380 -22.01 61.71 19.72
CA ASP B 380 -22.04 60.99 20.99
C ASP B 380 -23.46 60.91 21.56
N GLU B 381 -24.21 62.01 21.51
CA GLU B 381 -25.53 62.01 22.10
C GLU B 381 -26.51 61.19 21.29
N VAL B 382 -26.48 61.32 19.95
CA VAL B 382 -27.39 60.55 19.11
C VAL B 382 -27.08 59.06 19.19
N GLY B 383 -25.79 58.71 19.25
CA GLY B 383 -25.43 57.31 19.34
C GLY B 383 -25.79 56.67 20.67
N CYS B 384 -25.53 57.39 21.78
CA CYS B 384 -25.91 56.86 23.09
C CYS B 384 -27.43 56.82 23.26
N GLN B 385 -28.13 57.78 22.66
CA GLN B 385 -29.59 57.81 22.72
C GLN B 385 -30.19 56.67 21.91
N ALA B 386 -29.60 56.37 20.76
CA ALA B 386 -30.13 55.30 19.91
C ALA B 386 -29.76 53.92 20.46
N LEU B 387 -28.55 53.77 20.99
CA LEU B 387 -28.16 52.49 21.53
C LEU B 387 -28.85 52.20 22.85
N ALA B 388 -29.06 53.24 23.67
CA ALA B 388 -29.72 53.05 24.96
C ALA B 388 -31.20 52.77 24.78
N ALA B 389 -31.94 53.71 24.20
CA ALA B 389 -33.39 53.61 24.16
C ALA B 389 -33.86 52.65 23.06
N GLY B 390 -33.08 52.47 22.01
CA GLY B 390 -33.53 51.70 20.87
C GLY B 390 -34.24 52.51 19.80
N SER B 391 -34.30 53.82 19.94
CA SER B 391 -34.88 54.70 18.94
C SER B 391 -34.31 56.10 19.15
N TYR B 392 -34.72 57.02 18.28
CA TYR B 392 -34.31 58.41 18.38
C TYR B 392 -35.42 59.25 18.98
N THR B 393 -35.04 60.31 19.69
CA THR B 393 -35.97 61.30 20.19
C THR B 393 -35.29 62.66 20.02
N PRO B 394 -35.95 63.63 19.40
CA PRO B 394 -35.31 64.91 19.08
C PRO B 394 -35.03 65.72 20.33
N PRO B 395 -34.03 66.61 20.29
CA PRO B 395 -33.64 67.33 21.51
C PRO B 395 -34.64 68.37 21.97
N SER B 396 -35.55 68.82 21.11
CA SER B 396 -36.49 69.86 21.49
C SER B 396 -37.48 69.35 22.54
N THR B 397 -38.05 68.16 22.32
CA THR B 397 -38.91 67.60 23.35
C THR B 397 -38.11 67.07 24.53
N VAL B 398 -36.81 66.82 24.38
CA VAL B 398 -35.96 66.54 25.53
C VAL B 398 -35.85 67.79 26.41
N LEU B 399 -35.70 68.96 25.79
CA LEU B 399 -35.73 70.23 26.53
C LEU B 399 -37.10 70.48 27.14
N GLN B 400 -38.15 70.03 26.47
CA GLN B 400 -39.49 70.12 27.04
C GLN B 400 -39.66 69.21 28.26
N GLN B 401 -39.03 68.03 28.22
CA GLN B 401 -39.01 67.16 29.40
C GLN B 401 -38.21 67.76 30.53
N ILE B 402 -37.13 68.48 30.19
CA ILE B 402 -36.40 69.27 31.18
C ILE B 402 -37.29 70.34 31.79
N ASP B 403 -38.10 71.00 30.95
CA ASP B 403 -39.03 72.02 31.39
C ASP B 403 -40.23 71.44 32.13
N ALA B 404 -40.43 70.13 32.09
CA ALA B 404 -41.51 69.48 32.82
C ALA B 404 -41.07 68.90 34.16
N VAL B 405 -40.13 69.55 34.85
CA VAL B 405 -39.58 69.07 36.11
C VAL B 405 -40.01 70.00 37.22
N ALA B 406 -40.54 69.43 38.31
CA ALA B 406 -41.09 70.18 39.43
C ALA B 406 -40.11 70.22 40.61
N ASP B 407 -40.59 70.75 41.74
CA ASP B 407 -39.76 71.08 42.90
C ASP B 407 -39.70 69.94 43.91
N ALA B 408 -40.80 69.21 44.08
CA ALA B 408 -40.83 68.07 45.00
C ALA B 408 -39.91 66.96 44.53
N ASP B 409 -39.68 66.88 43.21
CA ASP B 409 -38.62 66.05 42.66
C ASP B 409 -37.26 66.42 43.26
N VAL B 410 -36.97 67.72 43.32
CA VAL B 410 -35.69 68.19 43.84
C VAL B 410 -35.58 67.90 45.33
N ILE B 411 -36.68 68.11 46.08
CA ILE B 411 -36.65 67.88 47.51
C ILE B 411 -36.49 66.39 47.82
N ASN B 412 -37.17 65.53 47.07
CA ASN B 412 -37.04 64.09 47.30
C ASN B 412 -35.67 63.58 46.85
N ALA B 413 -35.09 64.17 45.82
CA ALA B 413 -33.76 63.78 45.40
C ALA B 413 -32.72 64.13 46.45
N ALA B 414 -32.83 65.33 47.03
CA ALA B 414 -31.90 65.71 48.08
C ALA B 414 -32.13 64.90 49.35
N LYS B 415 -33.37 64.57 49.66
CA LYS B 415 -33.67 63.72 50.80
C LYS B 415 -33.12 62.30 50.61
N LYS B 416 -33.18 61.79 49.38
CA LYS B 416 -32.62 60.48 49.09
C LYS B 416 -31.11 60.50 49.16
N PHE B 417 -30.49 61.61 48.76
CA PHE B 417 -29.05 61.75 48.89
C PHE B 417 -28.61 61.80 50.34
N VAL B 418 -29.38 62.46 51.20
CA VAL B 418 -29.04 62.52 52.61
C VAL B 418 -29.28 61.17 53.29
N SER B 419 -30.36 60.49 52.89
CA SER B 419 -30.90 59.38 53.67
C SER B 419 -30.06 58.12 53.56
N GLY B 420 -29.79 57.66 52.34
CA GLY B 420 -29.29 56.32 52.10
C GLY B 420 -27.85 56.11 52.55
N ARG B 421 -27.36 54.90 52.26
CA ARG B 421 -26.00 54.54 52.62
C ARG B 421 -24.99 55.33 51.80
N LYS B 422 -23.91 55.74 52.45
CA LYS B 422 -22.92 56.61 51.84
C LYS B 422 -21.79 55.81 51.21
N SER B 423 -21.10 56.44 50.28
CA SER B 423 -19.91 55.88 49.67
C SER B 423 -18.86 56.98 49.58
N MET B 424 -17.64 56.68 50.00
CA MET B 424 -16.63 57.72 50.15
C MET B 424 -15.29 57.26 49.60
N ALA B 425 -14.71 58.09 48.73
CA ALA B 425 -13.38 57.86 48.20
C ALA B 425 -12.50 59.05 48.61
N ALA B 426 -11.53 58.80 49.47
CA ALA B 426 -10.64 59.83 49.97
C ALA B 426 -9.21 59.54 49.52
N SER B 427 -8.48 60.59 49.17
CA SER B 427 -7.10 60.41 48.75
C SER B 427 -6.29 61.65 49.09
N GLY B 428 -5.03 61.41 49.44
CA GLY B 428 -4.10 62.48 49.76
C GLY B 428 -3.64 62.37 51.21
N ASN B 429 -3.30 63.53 51.77
CA ASN B 429 -2.87 63.60 53.17
C ASN B 429 -4.11 63.58 54.03
N LEU B 430 -4.51 62.39 54.47
CA LEU B 430 -5.83 62.16 55.05
C LEU B 430 -5.82 62.23 56.57
N GLY B 431 -5.01 63.11 57.14
CA GLY B 431 -4.99 63.25 58.58
C GLY B 431 -6.16 64.02 59.17
N HIS B 432 -7.00 64.62 58.33
CA HIS B 432 -8.08 65.49 58.79
C HIS B 432 -9.36 65.17 58.04
N THR B 433 -9.70 63.89 57.96
CA THR B 433 -10.84 63.46 57.17
C THR B 433 -11.80 62.66 58.04
N PRO B 434 -13.09 62.97 58.01
CA PRO B 434 -14.06 62.14 58.73
C PRO B 434 -14.20 60.76 58.11
N PHE B 435 -14.36 59.75 58.95
CA PHE B 435 -14.41 58.36 58.47
C PHE B 435 -15.85 57.91 58.22
N ILE B 436 -16.59 57.70 59.31
CA ILE B 436 -18.00 57.30 59.25
C ILE B 436 -18.79 58.17 60.21
N ASP B 437 -18.39 58.15 61.47
CA ASP B 437 -19.16 58.77 62.55
C ASP B 437 -18.97 60.28 62.59
N GLU B 438 -17.90 60.80 62.01
CA GLU B 438 -17.56 62.20 62.12
C GLU B 438 -18.17 63.05 61.01
N LEU B 439 -19.27 62.61 60.41
CA LEU B 439 -19.96 63.36 59.36
C LEU B 439 -20.55 64.66 59.87
N ILE C 2 19.65 54.86 11.74
CA ILE C 2 19.69 55.75 12.89
C ILE C 2 20.63 56.90 12.57
N ASN C 3 21.92 56.59 12.66
CA ASN C 3 22.98 57.52 12.33
C ASN C 3 24.18 56.68 11.94
N ILE C 4 24.74 56.96 10.76
CA ILE C 4 25.79 56.14 10.17
C ILE C 4 27.04 56.20 11.02
N ARG C 5 27.28 57.32 11.68
CA ARG C 5 28.43 57.48 12.57
C ARG C 5 28.32 56.58 13.80
N LYS C 6 27.10 56.30 14.27
CA LYS C 6 26.90 55.48 15.45
C LYS C 6 26.61 54.02 15.14
N THR C 7 26.82 53.56 13.91
CA THR C 7 26.55 52.18 13.57
C THR C 7 27.76 51.43 13.05
N HIS C 8 28.55 52.03 12.19
CA HIS C 8 29.70 51.36 11.63
C HIS C 8 30.82 51.29 12.67
N PRO C 9 31.46 50.13 12.83
CA PRO C 9 32.41 49.96 13.96
C PRO C 9 33.64 50.82 13.86
N LEU C 10 34.16 51.04 12.65
CA LEU C 10 35.22 52.01 12.49
C LEU C 10 34.72 53.42 12.77
N MET C 11 33.50 53.72 12.33
CA MET C 11 32.94 55.04 12.57
C MET C 11 32.58 55.24 14.03
N LYS C 12 32.35 54.17 14.79
CA LYS C 12 32.20 54.30 16.24
C LYS C 12 33.52 54.72 16.88
N ILE C 13 34.64 54.19 16.39
CA ILE C 13 35.96 54.59 16.86
C ILE C 13 36.25 56.04 16.48
N VAL C 14 35.85 56.43 15.27
CA VAL C 14 36.02 57.82 14.82
C VAL C 14 35.17 58.76 15.66
N ASN C 15 33.96 58.33 16.01
CA ASN C 15 33.06 59.16 16.81
C ASN C 15 33.58 59.32 18.23
N ASN C 16 34.07 58.24 18.83
CA ASN C 16 34.63 58.33 20.18
C ASN C 16 35.97 59.04 20.21
N ALA C 17 36.69 59.07 19.08
CA ALA C 17 37.99 59.72 19.07
C ALA C 17 37.86 61.21 18.81
N PHE C 18 37.19 61.59 17.73
CA PHE C 18 37.31 62.94 17.17
C PHE C 18 36.02 63.72 17.14
N ILE C 19 34.89 63.17 17.58
CA ILE C 19 33.63 63.90 17.50
C ILE C 19 33.02 64.07 18.88
N ASP C 20 32.74 62.96 19.55
CA ASP C 20 32.08 62.98 20.85
C ASP C 20 33.07 62.94 22.00
N LEU C 21 34.22 63.58 21.86
CA LEU C 21 35.17 63.71 22.94
C LEU C 21 34.86 64.98 23.73
N PRO C 22 34.42 64.88 24.99
CA PRO C 22 34.13 66.08 25.77
C PRO C 22 35.43 66.73 26.22
N ALA C 23 35.74 67.87 25.63
CA ALA C 23 37.03 68.51 25.84
C ALA C 23 36.90 69.69 26.78
N PRO C 24 37.96 70.04 27.50
CA PRO C 24 37.93 71.25 28.33
C PRO C 24 37.95 72.50 27.48
N SER C 25 37.10 73.46 27.81
CA SER C 25 36.98 74.70 27.06
C SER C 25 37.99 75.74 27.49
N ASN C 26 38.94 75.38 28.33
CA ASN C 26 39.85 76.35 28.93
C ASN C 26 41.23 76.34 28.29
N ILE C 27 41.46 75.50 27.30
CA ILE C 27 42.81 75.25 26.85
C ILE C 27 43.17 76.17 25.69
N SER C 28 44.31 76.83 25.81
CA SER C 28 44.82 77.78 24.84
C SER C 28 45.72 77.02 23.85
N SER C 29 46.56 77.75 23.11
CA SER C 29 47.42 77.17 22.09
C SER C 29 48.47 76.21 22.65
N TRP C 30 48.67 76.17 23.97
CA TRP C 30 49.59 75.21 24.58
C TRP C 30 49.04 73.80 24.62
N TRP C 31 47.85 73.55 24.10
CA TRP C 31 47.29 72.21 24.02
C TRP C 31 47.15 71.74 22.59
N ASN C 32 47.63 72.50 21.63
CA ASN C 32 47.60 72.06 20.24
C ASN C 32 48.70 71.07 19.92
N PHE C 33 49.60 70.81 20.87
CA PHE C 33 50.83 70.06 20.60
C PHE C 33 50.59 68.61 20.22
N GLY C 34 49.44 68.04 20.56
CA GLY C 34 49.16 66.68 20.15
C GLY C 34 49.01 66.56 18.64
N SER C 35 48.21 67.44 18.05
CA SER C 35 48.07 67.47 16.59
C SER C 35 49.37 67.88 15.92
N LEU C 36 50.13 68.77 16.56
CA LEU C 36 51.41 69.20 16.00
C LEU C 36 52.40 68.04 15.93
N LEU C 37 52.51 67.29 17.01
CA LEU C 37 53.40 66.13 17.03
C LEU C 37 52.94 65.05 16.08
N GLY C 38 51.62 64.86 15.94
CA GLY C 38 51.12 63.86 15.01
C GLY C 38 51.38 64.20 13.56
N ILE C 39 51.19 65.47 13.19
CA ILE C 39 51.45 65.87 11.81
C ILE C 39 52.94 65.90 11.53
N CYS C 40 53.75 66.29 12.53
CA CYS C 40 55.20 66.14 12.40
C CYS C 40 55.61 64.70 12.20
N LEU C 41 54.94 63.78 12.90
CA LEU C 41 55.28 62.36 12.80
C LEU C 41 54.96 61.83 11.42
N ILE C 42 53.79 62.16 10.87
CA ILE C 42 53.45 61.62 9.55
C ILE C 42 54.28 62.29 8.45
N LEU C 43 54.68 63.55 8.65
CA LEU C 43 55.56 64.17 7.66
C LEU C 43 56.96 63.58 7.74
N GLN C 44 57.43 63.25 8.95
CA GLN C 44 58.68 62.52 9.09
C GLN C 44 58.63 61.16 8.43
N ILE C 45 57.48 60.48 8.57
CA ILE C 45 57.24 59.20 7.88
C ILE C 45 57.41 59.35 6.38
N LEU C 46 56.78 60.38 5.82
CA LEU C 46 56.81 60.57 4.38
C LEU C 46 58.21 60.94 3.88
N THR C 47 58.88 61.87 4.57
CA THR C 47 60.20 62.33 4.14
C THR C 47 61.23 61.22 4.26
N GLY C 48 61.23 60.50 5.39
CA GLY C 48 62.12 59.37 5.52
C GLY C 48 61.81 58.25 4.56
N LEU C 49 60.54 58.09 4.19
CA LEU C 49 60.18 57.08 3.21
C LEU C 49 60.75 57.40 1.84
N PHE C 50 60.69 58.67 1.44
CA PHE C 50 61.22 59.01 0.12
C PHE C 50 62.74 58.98 0.11
N LEU C 51 63.35 59.41 1.23
CA LEU C 51 64.79 59.24 1.42
C LEU C 51 65.19 57.77 1.31
N ALA C 52 64.44 56.89 1.96
CA ALA C 52 64.71 55.46 1.86
C ALA C 52 64.46 54.94 0.45
N MET C 53 63.59 55.61 -0.31
CA MET C 53 63.53 55.25 -1.72
C MET C 53 64.74 55.74 -2.50
N HIS C 54 65.58 56.61 -1.94
CA HIS C 54 66.82 56.91 -2.65
C HIS C 54 68.08 56.79 -1.79
N TYR C 55 68.04 56.12 -0.64
CA TYR C 55 69.21 55.99 0.22
C TYR C 55 69.86 54.63 0.04
N THR C 56 71.19 54.60 0.16
CA THR C 56 71.96 53.38 0.11
C THR C 56 72.62 53.14 1.46
N PRO C 57 72.19 52.14 2.23
CA PRO C 57 72.83 51.86 3.53
C PRO C 57 74.15 51.10 3.42
N ASP C 58 75.21 51.84 3.14
CA ASP C 58 76.57 51.31 3.17
C ASP C 58 77.52 52.45 3.47
N THR C 59 78.64 52.12 4.11
CA THR C 59 79.61 53.14 4.51
C THR C 59 80.25 53.83 3.31
N THR C 60 80.46 53.07 2.23
CA THR C 60 81.08 53.66 1.05
C THR C 60 80.10 54.54 0.29
N THR C 61 78.83 54.17 0.25
CA THR C 61 77.90 54.72 -0.71
C THR C 61 76.90 55.72 -0.13
N ALA C 62 76.86 55.89 1.19
CA ALA C 62 75.81 56.73 1.79
C ALA C 62 76.02 58.20 1.50
N PHE C 63 77.27 58.68 1.67
CA PHE C 63 77.57 60.09 1.48
C PHE C 63 77.37 60.49 0.03
N SER C 64 77.88 59.68 -0.89
CA SER C 64 77.70 59.92 -2.32
C SER C 64 76.25 59.79 -2.74
N SER C 65 75.50 58.88 -2.12
CA SER C 65 74.10 58.69 -2.53
C SER C 65 73.22 59.84 -2.05
N VAL C 66 73.46 60.34 -0.84
CA VAL C 66 72.70 61.49 -0.37
C VAL C 66 73.12 62.74 -1.13
N THR C 67 74.38 62.81 -1.56
CA THR C 67 74.81 63.86 -2.48
C THR C 67 74.06 63.77 -3.81
N HIS C 68 73.90 62.55 -4.33
CA HIS C 68 73.12 62.30 -5.52
C HIS C 68 71.66 62.71 -5.33
N ILE C 69 71.13 62.54 -4.12
CA ILE C 69 69.76 62.96 -3.84
C ILE C 69 69.65 64.48 -3.89
N CYS C 70 70.54 65.16 -3.18
CA CYS C 70 70.42 66.62 -3.07
C CYS C 70 70.84 67.33 -4.34
N ARG C 71 71.56 66.67 -5.26
CA ARG C 71 71.97 67.31 -6.49
C ARG C 71 71.25 66.82 -7.73
N ASP C 72 70.71 65.60 -7.72
CA ASP C 72 70.24 64.96 -8.94
C ASP C 72 68.77 64.58 -8.88
N VAL C 73 68.34 63.93 -7.81
CA VAL C 73 66.93 63.58 -7.65
C VAL C 73 66.14 64.86 -7.40
N ASN C 74 65.03 65.01 -8.13
CA ASN C 74 64.26 66.25 -8.09
C ASN C 74 63.62 66.44 -6.72
N TYR C 75 63.80 67.64 -6.16
CA TYR C 75 63.31 68.08 -4.85
C TYR C 75 63.86 67.27 -3.68
N GLY C 76 64.87 66.41 -3.90
CA GLY C 76 65.41 65.63 -2.81
C GLY C 76 66.14 66.47 -1.79
N TRP C 77 66.70 67.60 -2.23
CA TRP C 77 67.32 68.56 -1.35
C TRP C 77 66.29 69.14 -0.35
N ILE C 78 65.11 69.52 -0.85
CA ILE C 78 64.12 70.03 0.11
C ILE C 78 63.50 68.91 0.91
N ILE C 79 63.44 67.68 0.39
CA ILE C 79 62.87 66.61 1.20
C ILE C 79 63.82 66.23 2.34
N ARG C 80 65.13 66.27 2.08
CA ARG C 80 66.11 66.03 3.13
C ARG C 80 66.07 67.14 4.17
N TYR C 81 65.93 68.39 3.70
CA TYR C 81 65.83 69.52 4.62
C TYR C 81 64.55 69.44 5.45
N MET C 82 63.46 68.99 4.82
CA MET C 82 62.21 68.76 5.55
C MET C 82 62.38 67.70 6.62
N HIS C 83 63.11 66.62 6.32
CA HIS C 83 63.26 65.54 7.30
C HIS C 83 64.07 66.01 8.50
N ALA C 84 65.20 66.68 8.25
CA ALA C 84 66.06 67.11 9.36
C ALA C 84 65.41 68.24 10.17
N ASN C 85 64.93 69.28 9.49
CA ASN C 85 64.33 70.39 10.23
C ASN C 85 62.97 70.04 10.81
N GLY C 86 62.28 69.04 10.24
CA GLY C 86 61.06 68.56 10.86
C GLY C 86 61.36 67.74 12.09
N ALA C 87 62.52 67.07 12.13
CA ALA C 87 62.96 66.48 13.39
C ALA C 87 63.21 67.56 14.45
N SER C 88 63.81 68.69 14.03
CA SER C 88 64.06 69.77 14.99
C SER C 88 62.75 70.41 15.47
N MET C 89 61.79 70.62 14.57
CA MET C 89 60.49 71.17 14.95
C MET C 89 59.71 70.20 15.82
N PHE C 90 59.83 68.90 15.52
CA PHE C 90 59.25 67.86 16.36
C PHE C 90 59.84 67.89 17.76
N PHE C 91 61.13 68.22 17.86
CA PHE C 91 61.76 68.31 19.17
C PHE C 91 61.27 69.51 19.95
N ILE C 92 61.13 70.66 19.27
CA ILE C 92 60.58 71.87 19.90
C ILE C 92 59.19 71.60 20.45
N CYS C 93 58.33 71.00 19.62
CA CYS C 93 56.97 70.68 20.07
C CYS C 93 56.97 69.61 21.16
N LEU C 94 57.94 68.70 21.15
CA LEU C 94 58.01 67.66 22.17
C LEU C 94 58.40 68.25 23.52
N PHE C 95 59.41 69.13 23.53
CA PHE C 95 59.80 69.80 24.77
C PHE C 95 58.68 70.67 25.30
N MET C 96 57.94 71.36 24.43
CA MET C 96 56.89 72.21 24.98
C MET C 96 55.66 71.41 25.40
N HIS C 97 55.41 70.26 24.77
CA HIS C 97 54.40 69.32 25.26
C HIS C 97 54.75 68.83 26.65
N VAL C 98 56.03 68.48 26.87
CA VAL C 98 56.49 68.08 28.20
C VAL C 98 56.41 69.23 29.19
N GLY C 99 56.69 70.46 28.73
CA GLY C 99 56.63 71.60 29.62
C GLY C 99 55.22 71.94 30.04
N ARG C 100 54.25 71.78 29.14
CA ARG C 100 52.85 71.90 29.48
C ARG C 100 52.45 70.84 30.49
N GLY C 101 52.85 69.59 30.24
CA GLY C 101 52.52 68.49 31.13
C GLY C 101 53.15 68.60 32.50
N LEU C 102 54.25 69.35 32.63
CA LEU C 102 54.80 69.56 33.95
C LEU C 102 54.24 70.82 34.61
N TYR C 103 53.96 71.87 33.83
CA TYR C 103 53.51 73.14 34.40
C TYR C 103 52.06 73.08 34.85
N TYR C 104 51.18 72.50 34.05
CA TYR C 104 49.77 72.51 34.38
C TYR C 104 49.32 71.35 35.24
N GLY C 105 50.25 70.64 35.87
CA GLY C 105 49.88 69.61 36.81
C GLY C 105 49.23 68.38 36.23
N SER C 106 49.27 68.21 34.91
CA SER C 106 48.68 67.07 34.26
C SER C 106 49.49 65.80 34.43
N TYR C 107 50.67 65.89 35.05
CA TYR C 107 51.53 64.76 35.34
C TYR C 107 50.98 63.88 36.45
N THR C 108 49.86 64.24 37.08
CA THR C 108 49.19 63.33 38.01
C THR C 108 48.63 62.11 37.29
N PHE C 109 48.40 62.20 35.99
CA PHE C 109 48.07 61.04 35.17
C PHE C 109 49.30 60.14 35.10
N LEU C 110 49.25 59.03 35.83
CA LEU C 110 50.47 58.28 36.13
C LEU C 110 50.93 57.43 34.94
N GLU C 111 50.09 56.47 34.53
CA GLU C 111 50.48 55.54 33.49
C GLU C 111 50.59 56.23 32.13
N THR C 112 49.84 57.31 31.93
CA THR C 112 50.01 58.12 30.72
C THR C 112 51.39 58.76 30.71
N TRP C 113 51.85 59.21 31.88
CA TRP C 113 53.20 59.75 32.00
C TRP C 113 54.25 58.67 31.73
N ASN C 114 53.99 57.44 32.19
CA ASN C 114 54.93 56.35 31.94
C ASN C 114 55.03 56.02 30.45
N ILE C 115 53.89 56.00 29.76
CA ILE C 115 53.86 55.79 28.31
C ILE C 115 54.62 56.91 27.61
N GLY C 116 54.47 58.15 28.09
CA GLY C 116 55.23 59.25 27.51
C GLY C 116 56.72 59.13 27.74
N VAL C 117 57.13 58.59 28.89
CA VAL C 117 58.56 58.37 29.15
C VAL C 117 59.14 57.35 28.17
N ILE C 118 58.39 56.26 27.93
CA ILE C 118 58.85 55.25 26.99
C ILE C 118 58.88 55.81 25.56
N LEU C 119 57.92 56.67 25.23
CA LEU C 119 57.95 57.38 23.95
C LEU C 119 59.17 58.29 23.83
N LEU C 120 59.57 58.90 24.95
CA LEU C 120 60.75 59.76 24.95
C LEU C 120 62.02 58.96 24.69
N PHE C 121 62.14 57.78 25.33
CA PHE C 121 63.21 56.83 25.03
C PHE C 121 63.27 56.51 23.54
N ALA C 122 62.11 56.17 22.95
CA ALA C 122 62.07 55.72 21.58
C ALA C 122 62.42 56.84 20.60
N THR C 123 61.96 58.06 20.89
CA THR C 123 62.29 59.18 20.02
C THR C 123 63.76 59.56 20.13
N MET C 124 64.36 59.44 21.32
CA MET C 124 65.80 59.66 21.45
C MET C 124 66.60 58.65 20.63
N ALA C 125 66.21 57.38 20.70
CA ALA C 125 66.95 56.34 19.97
C ALA C 125 66.80 56.51 18.46
N THR C 126 65.58 56.79 18.01
CA THR C 126 65.32 57.02 16.59
C THR C 126 66.08 58.23 16.08
N ALA C 127 66.13 59.29 16.89
CA ALA C 127 66.83 60.50 16.53
C ALA C 127 68.32 60.26 16.39
N PHE C 128 68.90 59.54 17.34
CA PHE C 128 70.34 59.30 17.31
C PHE C 128 70.73 58.42 16.13
N MET C 129 69.96 57.38 15.85
CA MET C 129 70.36 56.50 14.76
C MET C 129 70.12 57.13 13.40
N GLY C 130 69.07 57.95 13.27
CA GLY C 130 68.91 58.73 12.07
C GLY C 130 70.02 59.73 11.86
N TYR C 131 70.53 60.31 12.96
CA TYR C 131 71.67 61.22 12.85
C TYR C 131 72.96 60.46 12.52
N VAL C 132 73.03 59.18 12.89
CA VAL C 132 74.17 58.37 12.51
C VAL C 132 74.16 58.10 11.01
N LEU C 133 72.97 57.86 10.45
CA LEU C 133 72.81 57.46 9.04
C LEU C 133 73.52 58.26 7.93
N PRO C 134 73.67 59.59 7.96
CA PRO C 134 74.33 60.26 6.81
C PRO C 134 75.81 59.99 6.66
N TRP C 135 76.42 59.25 7.59
CA TRP C 135 77.84 58.84 7.55
C TRP C 135 78.75 60.07 7.53
N GLY C 136 78.51 60.95 8.49
CA GLY C 136 79.35 62.12 8.65
C GLY C 136 80.44 61.90 9.67
N GLN C 137 81.35 62.86 9.73
CA GLN C 137 82.44 62.82 10.70
C GLN C 137 81.89 62.93 12.11
N MET C 138 80.96 63.89 12.30
CA MET C 138 80.32 64.10 13.59
C MET C 138 79.53 62.88 14.03
N SER C 139 78.80 62.28 13.09
CA SER C 139 78.01 61.09 13.39
C SER C 139 78.89 59.91 13.74
N PHE C 140 80.00 59.74 13.02
CA PHE C 140 80.93 58.64 13.30
C PHE C 140 81.52 58.76 14.70
N TRP C 141 82.03 59.94 15.04
CA TRP C 141 82.69 60.08 16.33
C TRP C 141 81.68 60.06 17.48
N GLY C 142 80.50 60.66 17.31
CA GLY C 142 79.49 60.61 18.34
C GLY C 142 78.93 59.22 18.56
N ALA C 143 78.81 58.44 17.48
CA ALA C 143 78.41 57.04 17.62
C ALA C 143 79.46 56.24 18.35
N THR C 144 80.75 56.50 18.08
CA THR C 144 81.82 55.83 18.80
C THR C 144 81.78 56.17 20.29
N VAL C 145 81.56 57.45 20.61
CA VAL C 145 81.54 57.90 22.00
C VAL C 145 80.36 57.28 22.75
N ILE C 146 79.17 57.29 22.16
CA ILE C 146 78.01 56.77 22.86
C ILE C 146 78.00 55.24 22.87
N THR C 147 78.66 54.60 21.90
CA THR C 147 78.85 53.15 21.98
C THR C 147 79.78 52.79 23.14
N ASN C 148 80.81 53.61 23.37
CA ASN C 148 81.64 53.36 24.54
C ASN C 148 80.93 53.69 25.84
N LEU C 149 80.01 54.66 25.81
CA LEU C 149 79.11 54.91 26.94
C LEU C 149 78.26 53.70 27.25
N LEU C 150 77.83 52.97 26.23
CA LEU C 150 77.16 51.70 26.49
C LEU C 150 78.13 50.61 26.91
N SER C 151 79.42 50.74 26.58
CA SER C 151 80.40 49.79 27.09
C SER C 151 80.87 50.11 28.51
N ALA C 152 80.36 51.18 29.10
CA ALA C 152 80.69 51.50 30.49
C ALA C 152 80.17 50.47 31.50
N ILE C 153 79.16 49.68 31.14
CA ILE C 153 78.57 48.70 32.04
C ILE C 153 79.55 47.57 32.32
N PRO C 154 79.88 47.30 33.58
CA PRO C 154 80.80 46.20 33.89
C PRO C 154 80.15 44.84 33.64
N TYR C 155 80.88 43.99 32.91
CA TYR C 155 80.65 42.56 32.71
C TYR C 155 79.45 42.25 31.81
N ILE C 156 78.64 43.25 31.48
CA ILE C 156 77.49 43.05 30.61
C ILE C 156 77.66 43.96 29.39
N GLY C 157 78.31 45.11 29.62
CA GLY C 157 78.40 46.11 28.57
C GLY C 157 79.38 45.77 27.47
N THR C 158 80.45 45.04 27.80
CA THR C 158 81.45 44.68 26.80
C THR C 158 80.88 43.72 25.77
N ASN C 159 80.20 42.67 26.24
CA ASN C 159 79.52 41.74 25.35
C ASN C 159 78.39 42.41 24.60
N LEU C 160 77.70 43.35 25.22
CA LEU C 160 76.57 44.02 24.57
C LEU C 160 77.07 44.94 23.45
N VAL C 161 78.19 45.60 23.67
CA VAL C 161 78.75 46.49 22.66
C VAL C 161 79.41 45.70 21.53
N GLU C 162 80.09 44.60 21.85
CA GLU C 162 80.57 43.72 20.79
C GLU C 162 79.43 43.01 20.07
N TRP C 163 78.27 42.92 20.71
CA TRP C 163 77.08 42.37 20.08
C TRP C 163 76.44 43.37 19.13
N ILE C 164 76.45 44.66 19.47
CA ILE C 164 75.87 45.66 18.58
C ILE C 164 76.84 46.19 17.53
N TRP C 165 78.14 45.89 17.67
CA TRP C 165 79.12 46.32 16.66
C TRP C 165 78.90 45.62 15.33
N GLY C 166 79.07 44.30 15.30
CA GLY C 166 79.31 43.64 14.05
C GLY C 166 80.72 43.81 13.54
N GLY C 167 81.68 44.07 14.44
CA GLY C 167 83.06 44.26 14.08
C GLY C 167 83.89 44.68 15.27
N PHE C 168 84.84 45.58 15.06
CA PHE C 168 85.57 46.20 16.16
C PHE C 168 85.11 47.61 16.44
N SER C 169 84.50 48.27 15.45
CA SER C 169 84.15 49.68 15.55
C SER C 169 82.92 49.90 14.68
N VAL C 170 82.64 51.15 14.36
CA VAL C 170 81.50 51.48 13.52
C VAL C 170 81.85 51.15 12.08
N ASP C 171 81.50 49.95 11.66
CA ASP C 171 81.72 49.44 10.32
C ASP C 171 80.36 49.21 9.66
N LYS C 172 80.38 48.55 8.49
CA LYS C 172 79.20 48.40 7.64
C LYS C 172 78.07 47.67 8.33
N ALA C 173 78.39 46.71 9.21
CA ALA C 173 77.36 46.01 9.97
C ALA C 173 76.64 46.96 10.92
N THR C 174 77.40 47.80 11.63
CA THR C 174 76.81 48.79 12.53
C THR C 174 75.96 49.79 11.77
N LEU C 175 76.42 50.19 10.58
CA LEU C 175 75.70 51.14 9.75
C LEU C 175 74.36 50.57 9.30
N THR C 176 74.37 49.33 8.80
CA THR C 176 73.13 48.73 8.33
C THR C 176 72.17 48.39 9.48
N ARG C 177 72.69 47.97 10.63
CA ARG C 177 71.83 47.71 11.78
C ARG C 177 71.15 48.99 12.28
N PHE C 178 71.91 50.09 12.36
CA PHE C 178 71.32 51.36 12.74
C PHE C 178 70.33 51.84 11.71
N PHE C 179 70.57 51.56 10.42
CA PHE C 179 69.59 51.85 9.41
C PHE C 179 68.29 51.09 9.64
N ALA C 180 68.40 49.82 10.02
CA ALA C 180 67.22 49.01 10.27
C ALA C 180 66.42 49.55 11.45
N PHE C 181 67.09 49.93 12.53
CA PHE C 181 66.36 50.37 13.71
C PHE C 181 65.74 51.76 13.51
N HIS C 182 66.46 52.71 12.90
CA HIS C 182 65.84 54.00 12.57
C HIS C 182 64.76 53.83 11.50
N PHE C 183 64.87 52.79 10.69
CA PHE C 183 63.93 52.54 9.62
C PHE C 183 62.65 51.89 10.12
N ILE C 184 62.69 51.24 11.28
CA ILE C 184 61.51 50.54 11.78
C ILE C 184 60.84 51.27 12.96
N PHE C 185 61.58 52.03 13.78
CA PHE C 185 61.03 52.52 15.05
C PHE C 185 59.83 53.47 15.10
N PRO C 186 59.63 54.40 14.15
CA PRO C 186 58.44 55.27 14.26
C PRO C 186 57.09 54.58 14.16
N PHE C 187 57.02 53.36 13.60
CA PHE C 187 55.77 52.62 13.68
C PHE C 187 55.47 52.21 15.12
N ILE C 188 56.48 51.77 15.86
CA ILE C 188 56.32 51.43 17.27
C ILE C 188 56.01 52.69 18.08
N ILE C 189 56.60 53.81 17.68
CA ILE C 189 56.29 55.11 18.30
C ILE C 189 54.83 55.47 18.09
N ALA C 190 54.30 55.21 16.89
CA ALA C 190 52.90 55.48 16.61
C ALA C 190 51.97 54.55 17.39
N ALA C 191 52.38 53.29 17.57
CA ALA C 191 51.58 52.34 18.33
C ALA C 191 51.50 52.75 19.80
N LEU C 192 52.65 53.09 20.40
CA LEU C 192 52.61 53.56 21.78
C LEU C 192 51.96 54.94 21.90
N ALA C 193 51.92 55.71 20.82
CA ALA C 193 51.15 56.95 20.82
C ALA C 193 49.65 56.66 20.86
N MET C 194 49.22 55.61 20.17
CA MET C 194 47.84 55.18 20.28
C MET C 194 47.51 54.70 21.69
N VAL C 195 48.48 54.05 22.34
CA VAL C 195 48.30 53.63 23.74
C VAL C 195 48.21 54.85 24.67
N HIS C 196 49.06 55.84 24.43
CA HIS C 196 49.04 57.14 25.11
C HIS C 196 47.68 57.80 25.00
N LEU C 197 47.15 57.84 23.77
CA LEU C 197 45.82 58.39 23.53
C LEU C 197 44.73 57.56 24.22
N LEU C 198 44.93 56.24 24.30
CA LEU C 198 43.95 55.37 24.94
C LEU C 198 43.85 55.66 26.44
N PHE C 199 44.98 55.77 27.11
CA PHE C 199 44.93 56.09 28.53
C PHE C 199 44.43 57.51 28.79
N LEU C 200 44.70 58.45 27.87
CA LEU C 200 44.16 59.78 28.10
C LEU C 200 42.65 59.81 27.92
N HIS C 201 42.13 59.13 26.89
CA HIS C 201 40.68 59.06 26.71
C HIS C 201 40.03 58.17 27.75
N GLU C 202 40.80 57.32 28.43
CA GLU C 202 40.31 56.76 29.69
C GLU C 202 40.13 57.86 30.72
N THR C 203 41.15 58.67 30.94
CA THR C 203 41.08 59.68 31.99
C THR C 203 40.23 60.88 31.58
N GLY C 204 40.62 61.54 30.49
CA GLY C 204 40.04 62.81 30.10
C GLY C 204 41.05 63.93 30.23
N SER C 205 40.93 64.92 29.34
CA SER C 205 41.96 65.94 29.20
C SER C 205 41.90 66.94 30.35
N ASN C 206 42.86 67.86 30.38
CA ASN C 206 43.09 68.74 31.51
C ASN C 206 43.07 70.20 31.09
N ASN C 207 42.52 71.04 31.95
CA ASN C 207 42.39 72.47 31.79
C ASN C 207 43.49 73.19 32.59
N PRO C 208 43.71 74.49 32.34
CA PRO C 208 44.70 75.23 33.16
C PRO C 208 44.39 75.31 34.65
N THR C 209 43.13 75.21 35.06
CA THR C 209 42.80 75.42 36.46
C THR C 209 43.20 74.22 37.32
N GLY C 210 43.07 73.02 36.78
CA GLY C 210 43.19 71.81 37.56
C GLY C 210 41.86 71.28 38.06
N ILE C 211 40.88 72.15 38.22
CA ILE C 211 39.50 71.73 38.51
C ILE C 211 38.96 71.03 37.27
N PRO C 212 38.35 69.84 37.40
CA PRO C 212 37.82 69.15 36.22
C PRO C 212 36.64 69.90 35.61
N SER C 213 36.68 70.06 34.30
CA SER C 213 35.75 70.92 33.56
C SER C 213 34.54 70.15 33.05
N ASP C 214 34.08 69.15 33.81
CA ASP C 214 32.99 68.29 33.38
C ASP C 214 31.66 69.03 33.27
N THR C 215 31.53 70.18 33.91
CA THR C 215 30.36 71.01 33.75
C THR C 215 30.44 71.91 32.53
N ASP C 216 31.60 72.00 31.89
CA ASP C 216 31.85 72.96 30.81
C ASP C 216 32.57 72.27 29.64
N LYS C 217 32.06 71.11 29.25
CA LYS C 217 32.68 70.35 28.17
C LYS C 217 32.14 70.80 26.82
N ILE C 218 33.04 71.34 25.99
CA ILE C 218 32.73 71.65 24.60
C ILE C 218 33.29 70.49 23.77
N PRO C 219 32.74 70.19 22.60
CA PRO C 219 33.22 69.03 21.85
C PRO C 219 34.55 69.28 21.18
N PHE C 220 35.13 68.19 20.67
CA PHE C 220 36.42 68.21 19.99
C PHE C 220 36.30 68.72 18.56
N HIS C 221 35.08 68.77 18.03
CA HIS C 221 34.79 69.09 16.64
C HIS C 221 33.59 70.03 16.60
N PRO C 222 33.62 71.05 15.73
CA PRO C 222 34.69 71.44 14.82
C PRO C 222 35.63 72.50 15.38
N TYR C 223 35.53 72.76 16.69
CA TYR C 223 36.30 73.83 17.31
C TYR C 223 37.79 73.50 17.32
N TYR C 224 38.15 72.42 18.01
CA TYR C 224 39.55 72.05 18.14
C TYR C 224 40.14 71.56 16.84
N THR C 225 39.31 71.07 15.91
CA THR C 225 39.83 70.66 14.62
C THR C 225 40.36 71.85 13.84
N ILE C 226 39.59 72.94 13.76
CA ILE C 226 40.07 74.10 13.02
C ILE C 226 41.15 74.84 13.81
N LYS C 227 41.12 74.74 15.15
CA LYS C 227 42.21 75.36 15.93
C LYS C 227 43.53 74.61 15.73
N ASP C 228 43.46 73.27 15.64
CA ASP C 228 44.64 72.49 15.34
C ASP C 228 45.10 72.70 13.91
N ILE C 229 44.18 72.95 12.98
CA ILE C 229 44.57 73.32 11.62
C ILE C 229 45.34 74.63 11.63
N LEU C 230 44.87 75.60 12.44
CA LEU C 230 45.58 76.88 12.57
C LEU C 230 47.00 76.68 13.11
N GLY C 231 47.13 75.91 14.19
CA GLY C 231 48.45 75.64 14.75
C GLY C 231 49.33 74.84 13.80
N ALA C 232 48.72 73.92 13.04
CA ALA C 232 49.47 73.07 12.13
C ALA C 232 50.01 73.87 10.96
N ILE C 233 49.21 74.78 10.41
CA ILE C 233 49.71 75.60 9.32
C ILE C 233 50.69 76.67 9.82
N LEU C 234 50.59 77.07 11.10
CA LEU C 234 51.67 77.84 11.69
C LEU C 234 52.97 77.04 11.73
N LEU C 235 52.88 75.76 12.09
CA LEU C 235 54.05 74.89 12.07
C LEU C 235 54.57 74.72 10.65
N ILE C 236 53.65 74.64 9.68
CA ILE C 236 54.02 74.52 8.27
C ILE C 236 54.82 75.72 7.82
N LEU C 237 54.35 76.92 8.15
CA LEU C 237 55.04 78.12 7.67
C LEU C 237 56.38 78.30 8.35
N ILE C 238 56.47 78.02 9.65
CA ILE C 238 57.74 78.14 10.35
C ILE C 238 58.75 77.11 9.84
N LEU C 239 58.31 75.85 9.70
CA LEU C 239 59.18 74.77 9.25
C LEU C 239 59.64 74.99 7.81
N MET C 240 58.72 75.36 6.92
CA MET C 240 59.08 75.54 5.52
C MET C 240 59.92 76.79 5.31
N LEU C 241 59.70 77.85 6.08
CA LEU C 241 60.60 78.99 6.01
C LEU C 241 61.97 78.68 6.57
N LEU C 242 62.04 77.76 7.54
CA LEU C 242 63.34 77.30 7.99
C LEU C 242 64.06 76.50 6.91
N VAL C 243 63.34 75.61 6.22
CA VAL C 243 64.01 74.80 5.20
C VAL C 243 64.28 75.56 3.92
N LEU C 244 63.66 76.73 3.73
CA LEU C 244 63.87 77.46 2.48
C LEU C 244 64.59 78.79 2.64
N PHE C 245 64.87 79.25 3.86
CA PHE C 245 65.62 80.48 4.01
C PHE C 245 66.97 80.28 4.69
N THR C 246 67.00 79.70 5.88
CA THR C 246 68.24 79.44 6.60
C THR C 246 68.32 77.95 6.91
N PRO C 247 68.80 77.13 5.98
CA PRO C 247 68.98 75.71 6.30
C PRO C 247 70.15 75.43 7.22
N ASP C 248 71.04 76.41 7.41
CA ASP C 248 72.30 76.18 8.08
C ASP C 248 72.35 76.73 9.50
N LEU C 249 71.24 77.25 10.01
CA LEU C 249 71.20 77.72 11.39
C LEU C 249 71.23 76.56 12.38
N LEU C 250 70.85 75.36 11.94
CA LEU C 250 70.83 74.20 12.81
C LEU C 250 71.89 73.16 12.46
N GLY C 251 72.09 72.90 11.17
CA GLY C 251 72.97 71.81 10.78
C GLY C 251 74.44 72.16 11.01
N ASP C 252 75.19 71.16 11.46
CA ASP C 252 76.62 71.35 11.69
C ASP C 252 77.35 71.49 10.36
N PRO C 253 78.40 72.31 10.31
CA PRO C 253 79.21 72.37 9.09
C PRO C 253 79.94 71.06 8.80
N ASP C 254 80.49 70.43 9.85
CA ASP C 254 81.26 69.20 9.71
C ASP C 254 80.39 68.01 9.31
N ASN C 255 79.06 68.15 9.36
CA ASN C 255 78.14 67.12 8.90
C ASN C 255 78.22 66.87 7.41
N TYR C 256 78.82 67.78 6.63
CA TYR C 256 78.93 67.63 5.20
C TYR C 256 80.30 67.09 4.79
N THR C 257 80.97 66.36 5.67
CA THR C 257 82.27 65.84 5.35
C THR C 257 82.25 64.32 5.30
N PRO C 258 83.03 63.71 4.40
CA PRO C 258 83.21 62.26 4.45
C PRO C 258 83.91 61.84 5.73
N ALA C 259 83.56 60.65 6.19
CA ALA C 259 84.05 60.18 7.48
C ALA C 259 85.52 59.79 7.38
N ASN C 260 86.35 60.46 8.17
CA ASN C 260 87.76 60.15 8.30
C ASN C 260 87.95 59.34 9.58
N PRO C 261 88.50 58.13 9.51
CA PRO C 261 88.63 57.31 10.73
C PRO C 261 89.82 57.68 11.61
N LEU C 262 90.39 58.86 11.44
CA LEU C 262 91.57 59.26 12.20
C LEU C 262 91.50 60.67 12.78
N ASN C 263 90.54 61.50 12.37
CA ASN C 263 90.66 62.94 12.57
C ASN C 263 90.36 63.36 13.99
N THR C 264 89.11 63.11 14.45
CA THR C 264 88.48 63.68 15.65
C THR C 264 88.59 65.21 15.61
N PRO C 265 87.74 65.87 14.84
CA PRO C 265 87.77 67.33 14.80
C PRO C 265 87.45 67.92 16.16
N PRO C 266 88.02 69.07 16.50
CA PRO C 266 88.04 69.50 17.90
C PRO C 266 86.70 69.98 18.42
N HIS C 267 85.85 70.55 17.58
CA HIS C 267 84.49 70.89 18.00
C HIS C 267 83.53 69.72 17.77
N ILE C 268 83.93 68.54 18.23
CA ILE C 268 83.03 67.39 18.16
C ILE C 268 81.96 67.52 19.23
N LYS C 269 80.71 67.39 18.82
CA LYS C 269 79.57 67.51 19.71
C LYS C 269 78.42 66.74 19.11
N PRO C 270 77.47 66.30 19.92
CA PRO C 270 76.18 65.89 19.38
C PRO C 270 75.35 67.10 18.99
N GLU C 271 74.19 66.84 18.41
CA GLU C 271 73.30 67.93 18.05
C GLU C 271 72.67 68.49 19.33
N TRP C 272 72.11 69.72 19.20
CA TRP C 272 71.68 70.54 20.33
C TRP C 272 70.62 69.85 21.20
N TYR C 273 69.84 68.94 20.62
CA TYR C 273 68.87 68.20 21.42
C TYR C 273 69.49 67.06 22.20
N PHE C 274 70.81 66.86 22.09
CA PHE C 274 71.55 65.92 22.93
C PHE C 274 72.60 66.60 23.79
N LEU C 275 72.80 67.91 23.64
CA LEU C 275 73.90 68.56 24.34
C LEU C 275 73.62 68.69 25.82
N PHE C 276 72.35 68.89 26.20
CA PHE C 276 72.01 68.86 27.61
C PHE C 276 72.13 67.45 28.18
N ALA C 277 71.90 66.44 27.35
CA ALA C 277 72.26 65.08 27.74
C ALA C 277 73.77 64.91 27.82
N TYR C 278 74.51 65.67 27.02
CA TYR C 278 75.96 65.54 26.97
C TYR C 278 76.68 66.45 27.95
N ALA C 279 76.06 67.58 28.32
CA ALA C 279 76.69 68.48 29.28
C ALA C 279 76.69 67.89 30.69
N ILE C 280 75.73 67.02 30.98
CA ILE C 280 75.76 66.30 32.25
C ILE C 280 76.90 65.30 32.25
N LEU C 281 77.23 64.74 31.09
CA LEU C 281 78.29 63.75 30.99
C LEU C 281 79.66 64.35 31.24
N ARG C 282 80.06 65.33 30.42
CA ARG C 282 81.42 65.84 30.46
C ARG C 282 81.71 66.72 31.68
N SER C 283 80.69 67.17 32.40
CA SER C 283 80.90 67.91 33.64
C SER C 283 80.87 67.01 34.86
N ILE C 284 80.92 65.70 34.68
CA ILE C 284 81.06 64.76 35.78
C ILE C 284 82.22 63.83 35.43
N PRO C 285 83.31 63.82 36.21
CA PRO C 285 84.48 62.97 35.88
C PRO C 285 84.27 61.50 36.23
N ASN C 286 83.22 60.91 35.66
CA ASN C 286 82.95 59.49 35.84
C ASN C 286 82.16 59.02 34.63
N LYS C 287 82.72 58.03 33.92
CA LYS C 287 82.09 57.46 32.74
C LYS C 287 80.76 56.83 33.07
N LEU C 288 80.79 55.78 33.89
CA LEU C 288 79.57 55.13 34.35
C LEU C 288 78.75 56.08 35.21
N GLY C 289 79.42 56.94 35.97
CA GLY C 289 78.72 57.94 36.76
C GLY C 289 77.98 58.95 35.90
N GLY C 290 78.58 59.35 34.79
CA GLY C 290 77.91 60.30 33.90
C GLY C 290 76.74 59.70 33.15
N VAL C 291 76.91 58.47 32.65
CA VAL C 291 75.79 57.85 31.95
C VAL C 291 74.69 57.46 32.92
N LEU C 292 75.06 57.11 34.16
CA LEU C 292 74.06 56.87 35.20
C LEU C 292 73.37 58.17 35.59
N ALA C 293 74.07 59.30 35.50
CA ALA C 293 73.45 60.58 35.76
C ALA C 293 72.42 60.93 34.70
N LEU C 294 72.71 60.62 33.43
CA LEU C 294 71.72 60.84 32.37
C LEU C 294 70.50 59.95 32.55
N VAL C 295 70.74 58.65 32.80
CA VAL C 295 69.64 57.71 33.01
C VAL C 295 68.84 58.10 34.24
N LEU C 296 69.50 58.62 35.27
CA LEU C 296 68.77 59.12 36.42
C LEU C 296 68.09 60.45 36.15
N SER C 297 68.50 61.23 35.15
CA SER C 297 67.72 62.41 34.79
C SER C 297 66.38 62.01 34.18
N ILE C 298 66.42 61.01 33.28
CA ILE C 298 65.16 60.49 32.74
C ILE C 298 64.33 59.79 33.83
N LEU C 299 65.00 59.13 34.78
CA LEU C 299 64.27 58.57 35.90
C LEU C 299 63.73 59.61 36.86
N VAL C 300 64.35 60.80 36.93
CA VAL C 300 63.75 61.91 37.66
C VAL C 300 62.47 62.36 36.97
N LEU C 301 62.48 62.37 35.64
CA LEU C 301 61.26 62.64 34.89
C LEU C 301 60.20 61.56 35.13
N VAL C 302 60.62 60.35 35.47
CA VAL C 302 59.68 59.33 35.93
C VAL C 302 59.19 59.66 37.34
N ILE C 303 60.09 60.14 38.20
CA ILE C 303 59.83 60.29 39.63
C ILE C 303 58.81 61.38 39.89
N MET C 304 58.94 62.53 39.22
CA MET C 304 58.15 63.74 39.49
C MET C 304 56.63 63.64 39.59
N PRO C 305 55.95 62.66 38.97
CA PRO C 305 54.57 62.37 39.39
C PRO C 305 54.43 61.81 40.81
N LEU C 306 55.47 61.22 41.38
CA LEU C 306 55.37 60.63 42.71
C LEU C 306 55.83 61.56 43.81
N LEU C 307 56.01 62.85 43.52
CA LEU C 307 56.38 63.81 44.55
C LEU C 307 55.46 65.02 44.56
N HIS C 308 54.28 64.93 43.93
CA HIS C 308 53.33 66.02 43.95
C HIS C 308 52.65 66.04 45.31
N THR C 309 53.33 66.67 46.26
CA THR C 309 52.82 66.82 47.62
C THR C 309 52.07 68.13 47.82
N SER C 310 51.56 68.72 46.74
CA SER C 310 50.75 69.92 46.83
C SER C 310 49.30 69.57 47.13
N LYS C 311 48.46 70.60 47.22
CA LYS C 311 47.03 70.40 47.32
C LYS C 311 46.26 71.01 46.17
N GLN C 312 46.89 71.86 45.36
CA GLN C 312 46.37 72.15 44.04
C GLN C 312 46.89 71.10 43.06
N ARG C 313 46.51 71.26 41.80
CA ARG C 313 47.01 70.40 40.73
C ARG C 313 48.14 71.09 39.98
N SER C 314 47.89 72.28 39.48
CA SER C 314 48.87 73.04 38.72
C SER C 314 49.62 74.02 39.63
N MET C 315 50.70 74.57 39.09
CA MET C 315 51.43 75.67 39.70
C MET C 315 50.89 77.03 39.25
N MET C 316 49.69 77.05 38.67
CA MET C 316 49.08 78.30 38.20
C MET C 316 48.81 79.25 39.36
N PHE C 317 48.44 78.72 40.52
CA PHE C 317 48.20 79.55 41.68
C PHE C 317 49.25 79.34 42.77
N ARG C 318 50.35 78.66 42.45
CA ARG C 318 51.50 78.55 43.33
C ARG C 318 52.66 79.30 42.68
N PRO C 319 52.81 80.60 42.92
CA PRO C 319 53.81 81.38 42.19
C PRO C 319 55.25 81.08 42.57
N ILE C 320 55.50 80.58 43.78
CA ILE C 320 56.88 80.26 44.18
C ILE C 320 57.40 79.09 43.37
N SER C 321 56.61 78.03 43.29
CA SER C 321 56.96 76.89 42.47
C SER C 321 56.99 77.26 40.99
N GLN C 322 56.17 78.24 40.59
CA GLN C 322 56.23 78.74 39.22
C GLN C 322 57.56 79.44 38.93
N CYS C 323 58.03 80.25 39.87
CA CYS C 323 59.32 80.92 39.68
C CYS C 323 60.46 79.92 39.67
N MET C 324 60.37 78.87 40.51
CA MET C 324 61.35 77.80 40.46
C MET C 324 61.31 77.07 39.14
N PHE C 325 60.11 76.93 38.56
CA PHE C 325 59.96 76.32 37.24
C PHE C 325 60.62 77.17 36.16
N TRP C 326 60.47 78.49 36.24
CA TRP C 326 61.12 79.34 35.25
C TRP C 326 62.64 79.36 35.41
N ILE C 327 63.13 79.26 36.65
CA ILE C 327 64.56 79.08 36.88
C ILE C 327 65.03 77.77 36.29
N LEU C 328 64.17 76.73 36.34
CA LEU C 328 64.53 75.47 35.70
C LEU C 328 64.54 75.59 34.18
N VAL C 329 63.66 76.43 33.62
CA VAL C 329 63.66 76.64 32.18
C VAL C 329 64.96 77.31 31.74
N ALA C 330 65.35 78.37 32.47
CA ALA C 330 66.62 79.04 32.21
C ALA C 330 67.80 78.11 32.44
N ASP C 331 67.68 77.19 33.40
CA ASP C 331 68.76 76.24 33.67
C ASP C 331 68.86 75.19 32.56
N LEU C 332 67.73 74.78 31.98
CA LEU C 332 67.76 73.89 30.82
C LEU C 332 68.43 74.55 29.63
N LEU C 333 68.09 75.80 29.35
CA LEU C 333 68.74 76.48 28.23
C LEU C 333 70.21 76.75 28.53
N THR C 334 70.53 76.95 29.81
CA THR C 334 71.91 77.08 30.25
C THR C 334 72.72 75.82 29.98
N LEU C 335 72.17 74.66 30.36
CA LEU C 335 72.84 73.40 30.11
C LEU C 335 72.97 73.11 28.61
N THR C 336 71.98 73.51 27.82
CA THR C 336 72.08 73.32 26.38
C THR C 336 73.18 74.19 25.77
N TRP C 337 73.28 75.45 26.22
CA TRP C 337 74.34 76.31 25.70
C TRP C 337 75.72 75.87 26.18
N ILE C 338 75.83 75.36 27.41
CA ILE C 338 77.11 74.85 27.87
C ILE C 338 77.48 73.56 27.15
N GLY C 339 76.49 72.76 26.77
CA GLY C 339 76.74 71.68 25.83
C GLY C 339 77.20 72.19 24.47
N GLY C 340 76.78 73.39 24.09
CA GLY C 340 77.24 73.99 22.85
C GLY C 340 78.51 74.81 22.94
N GLN C 341 79.33 74.58 23.95
CA GLN C 341 80.60 75.27 24.09
C GLN C 341 81.75 74.28 24.11
N PRO C 342 82.96 74.72 23.75
CA PRO C 342 84.14 73.87 23.97
C PRO C 342 84.44 73.74 25.45
N VAL C 343 85.22 72.71 25.77
CA VAL C 343 85.56 72.38 27.16
C VAL C 343 86.52 73.44 27.67
N GLU C 344 86.03 74.33 28.54
CA GLU C 344 86.81 75.41 29.11
C GLU C 344 86.57 75.50 30.60
N HIS C 345 87.58 75.97 31.33
CA HIS C 345 87.58 75.91 32.80
C HIS C 345 86.46 76.72 33.46
N PRO C 346 86.19 77.99 33.10
CA PRO C 346 84.98 78.62 33.66
C PRO C 346 83.70 77.98 33.16
N TYR C 347 83.69 77.51 31.90
CA TYR C 347 82.56 76.76 31.39
C TYR C 347 82.38 75.45 32.15
N ILE C 348 83.49 74.81 32.55
CA ILE C 348 83.42 73.61 33.38
C ILE C 348 82.77 73.91 34.72
N ILE C 349 83.19 75.02 35.36
CA ILE C 349 82.66 75.39 36.67
C ILE C 349 81.16 75.67 36.60
N ILE C 350 80.74 76.48 35.63
CA ILE C 350 79.34 76.84 35.56
C ILE C 350 78.49 75.69 35.02
N GLY C 351 79.07 74.75 34.28
CA GLY C 351 78.32 73.58 33.86
C GLY C 351 78.06 72.62 35.00
N GLN C 352 79.08 72.41 35.85
CA GLN C 352 78.88 71.58 37.03
C GLN C 352 77.88 72.20 37.99
N LEU C 353 77.98 73.52 38.19
CA LEU C 353 77.03 74.22 39.05
C LEU C 353 75.62 74.18 38.47
N ALA C 354 75.48 74.24 37.15
CA ALA C 354 74.16 74.20 36.53
C ALA C 354 73.55 72.81 36.60
N SER C 355 74.36 71.76 36.46
CA SER C 355 73.82 70.40 36.55
C SER C 355 73.40 70.05 37.97
N ILE C 356 74.22 70.43 38.95
CA ILE C 356 73.84 70.19 40.34
C ILE C 356 72.66 71.08 40.73
N MET C 357 72.56 72.26 40.12
CA MET C 357 71.39 73.12 40.32
C MET C 357 70.13 72.49 39.72
N TYR C 358 70.26 71.83 38.57
CA TYR C 358 69.16 71.09 37.95
C TYR C 358 68.61 70.02 38.89
N PHE C 359 69.53 69.18 39.41
CA PHE C 359 69.14 68.13 40.33
C PHE C 359 68.53 68.68 41.62
N LEU C 360 69.09 69.76 42.15
CA LEU C 360 68.61 70.30 43.42
C LEU C 360 67.26 71.01 43.25
N ILE C 361 67.00 71.61 42.10
CA ILE C 361 65.71 72.24 41.88
C ILE C 361 64.62 71.20 41.70
N ILE C 362 64.82 70.25 40.78
CA ILE C 362 63.72 69.34 40.48
C ILE C 362 63.54 68.31 41.59
N LEU C 363 64.64 67.81 42.15
CA LEU C 363 64.53 66.82 43.21
C LEU C 363 64.12 67.46 44.53
N VAL C 364 64.93 68.37 45.04
CA VAL C 364 64.80 68.82 46.41
C VAL C 364 63.84 70.00 46.52
N MET C 365 63.98 70.98 45.63
CA MET C 365 63.24 72.23 45.80
C MET C 365 61.76 72.11 45.50
N MET C 366 61.33 71.05 44.80
CA MET C 366 59.90 70.93 44.49
C MET C 366 59.06 70.56 45.71
N PRO C 367 59.39 69.55 46.52
CA PRO C 367 58.58 69.34 47.75
C PRO C 367 58.79 70.44 48.78
N VAL C 368 59.95 71.10 48.79
CA VAL C 368 60.15 72.21 49.72
C VAL C 368 59.26 73.39 49.37
N ALA C 369 59.23 73.75 48.08
CA ALA C 369 58.35 74.82 47.62
C ALA C 369 56.89 74.43 47.79
N SER C 370 56.57 73.16 47.54
CA SER C 370 55.22 72.66 47.71
C SER C 370 54.78 72.71 49.17
N ILE C 371 55.70 72.45 50.10
CA ILE C 371 55.28 72.41 51.49
C ILE C 371 55.26 73.81 52.09
N ILE C 372 56.04 74.75 51.54
CA ILE C 372 55.89 76.15 51.94
C ILE C 372 54.56 76.69 51.45
N GLU C 373 54.22 76.40 50.19
CA GLU C 373 52.90 76.73 49.65
C GLU C 373 51.79 76.03 50.40
N ASN C 374 52.06 74.84 50.93
CA ASN C 374 51.05 74.05 51.64
C ASN C 374 50.77 74.65 53.01
N ASN C 375 51.81 74.73 53.85
CA ASN C 375 51.64 75.22 55.22
C ASN C 375 51.36 76.72 55.25
N LEU C 376 51.64 77.45 54.17
CA LEU C 376 51.32 78.87 54.13
C LEU C 376 49.82 79.11 54.08
N LEU C 377 49.06 78.17 53.51
CA LEU C 377 47.65 78.37 53.22
C LEU C 377 46.73 77.71 54.24
N LYS C 378 47.15 77.71 55.51
CA LYS C 378 46.37 77.19 56.65
C LYS C 378 45.96 75.74 56.42
N TRP C 379 46.98 74.92 56.17
CA TRP C 379 46.80 73.51 55.83
C TRP C 379 47.71 72.63 56.66
N SER D 1 97.37 78.89 17.21
CA SER D 1 97.70 79.30 18.56
C SER D 1 96.43 79.52 19.39
N ASP D 2 95.40 78.73 19.06
CA ASP D 2 94.13 78.64 19.79
C ASP D 2 93.37 79.95 19.86
N LEU D 3 93.65 80.90 18.96
CA LEU D 3 92.88 82.14 18.85
C LEU D 3 92.52 82.29 17.37
N GLU D 4 91.38 81.72 16.99
CA GLU D 4 90.88 81.84 15.64
C GLU D 4 90.39 83.27 15.38
N LEU D 5 90.36 83.64 14.11
CA LEU D 5 89.89 84.94 13.67
C LEU D 5 88.62 84.74 12.87
N HIS D 6 87.50 85.16 13.43
CA HIS D 6 86.23 84.85 12.80
C HIS D 6 85.98 85.79 11.61
N PRO D 7 85.54 85.26 10.48
CA PRO D 7 85.30 86.10 9.31
C PRO D 7 84.04 86.92 9.51
N PRO D 8 84.07 88.20 9.14
CA PRO D 8 82.86 89.00 9.16
C PRO D 8 81.94 88.61 8.00
N SER D 9 80.67 88.98 8.14
CA SER D 9 79.71 88.75 7.09
C SER D 9 79.83 89.85 6.05
N TYR D 10 79.95 89.45 4.78
CA TYR D 10 80.35 90.43 3.80
C TYR D 10 79.17 90.82 2.91
N PRO D 11 79.19 92.04 2.36
CA PRO D 11 78.09 92.45 1.46
C PRO D 11 78.13 91.83 0.08
N TRP D 12 77.66 90.60 -0.04
CA TRP D 12 77.64 89.92 -1.32
C TRP D 12 76.38 90.27 -2.10
N SER D 13 76.33 89.78 -3.34
CA SER D 13 75.09 89.85 -4.12
C SER D 13 74.12 88.74 -3.75
N HIS D 14 74.57 87.76 -2.97
CA HIS D 14 73.70 86.72 -2.41
C HIS D 14 73.52 86.91 -0.91
N ARG D 15 73.56 88.16 -0.45
CA ARG D 15 73.51 88.43 0.99
C ARG D 15 72.12 88.20 1.56
N GLY D 16 71.14 88.96 1.06
CA GLY D 16 69.83 88.99 1.68
C GLY D 16 68.96 87.79 1.36
N LEU D 17 67.75 87.82 1.90
CA LEU D 17 66.80 86.73 1.72
C LEU D 17 66.17 86.73 0.34
N LEU D 18 66.21 87.85 -0.37
CA LEU D 18 65.72 87.94 -1.74
C LEU D 18 66.86 87.90 -2.76
N SER D 19 68.08 87.72 -2.30
CA SER D 19 69.28 87.91 -3.11
C SER D 19 69.58 86.67 -3.94
N SER D 20 70.43 86.85 -4.95
CA SER D 20 70.66 85.83 -5.97
C SER D 20 72.15 85.66 -6.24
N LEU D 21 72.47 84.75 -7.16
CA LEU D 21 73.83 84.44 -7.55
C LEU D 21 74.09 84.87 -8.99
N ASP D 22 75.32 85.32 -9.23
CA ASP D 22 75.76 85.71 -10.57
C ASP D 22 76.24 84.47 -11.30
N HIS D 23 75.46 84.03 -12.28
CA HIS D 23 75.85 82.87 -13.07
C HIS D 23 77.03 83.18 -13.99
N THR D 24 77.20 84.45 -14.39
CA THR D 24 78.38 84.83 -15.14
C THR D 24 79.63 84.73 -14.28
N SER D 25 79.51 85.09 -13.00
CA SER D 25 80.60 84.87 -12.06
C SER D 25 80.83 83.39 -11.80
N ILE D 26 79.77 82.58 -11.84
CA ILE D 26 79.93 81.13 -11.75
C ILE D 26 80.71 80.60 -12.94
N ARG D 27 80.44 81.15 -14.13
CA ARG D 27 81.17 80.80 -15.34
C ARG D 27 82.64 81.15 -15.22
N ARG D 28 82.92 82.36 -14.74
CA ARG D 28 84.30 82.80 -14.52
C ARG D 28 85.01 81.92 -13.50
N GLY D 29 84.33 81.61 -12.39
CA GLY D 29 84.94 80.79 -11.36
C GLY D 29 85.17 79.36 -11.78
N PHE D 30 84.30 78.81 -12.62
CA PHE D 30 84.57 77.47 -13.12
C PHE D 30 85.69 77.46 -14.14
N GLN D 31 85.82 78.53 -14.92
CA GLN D 31 87.01 78.66 -15.76
C GLN D 31 88.27 78.78 -14.93
N VAL D 32 88.17 79.44 -13.78
CA VAL D 32 89.30 79.53 -12.85
C VAL D 32 89.67 78.16 -12.30
N TYR D 33 88.67 77.41 -11.83
CA TYR D 33 88.91 76.10 -11.25
C TYR D 33 89.46 75.12 -12.28
N LYS D 34 88.80 75.03 -13.43
CA LYS D 34 89.21 74.12 -14.49
C LYS D 34 90.58 74.51 -15.05
N GLN D 35 90.91 75.80 -15.06
CA GLN D 35 92.17 76.23 -15.63
C GLN D 35 93.27 76.43 -14.60
N VAL D 36 92.94 76.53 -13.31
CA VAL D 36 93.98 76.56 -12.28
C VAL D 36 93.80 75.44 -11.28
N CYS D 37 92.68 75.46 -10.57
CA CYS D 37 92.61 74.79 -9.29
C CYS D 37 92.14 73.34 -9.37
N SER D 38 91.78 72.85 -10.56
CA SER D 38 91.39 71.45 -10.68
C SER D 38 92.59 70.52 -10.61
N SER D 39 93.80 71.02 -10.80
CA SER D 39 94.98 70.17 -10.77
C SER D 39 95.36 69.76 -9.36
N CYS D 40 94.91 70.50 -8.34
CA CYS D 40 95.24 70.16 -6.98
C CYS D 40 94.05 69.81 -6.11
N HIS D 41 92.82 70.15 -6.52
CA HIS D 41 91.64 69.96 -5.69
C HIS D 41 90.60 69.16 -6.47
N SER D 42 90.08 68.12 -5.83
CA SER D 42 89.03 67.31 -6.43
C SER D 42 87.68 67.98 -6.24
N MET D 43 86.81 67.87 -7.24
CA MET D 43 85.43 68.33 -7.13
C MET D 43 84.53 67.29 -7.79
N ASP D 44 84.71 66.03 -7.36
CA ASP D 44 84.23 64.86 -8.09
C ASP D 44 82.71 64.76 -8.18
N TYR D 45 81.98 65.46 -7.32
CA TYR D 45 80.54 65.38 -7.31
C TYR D 45 79.88 66.43 -8.18
N VAL D 46 80.63 67.05 -9.07
CA VAL D 46 80.10 68.00 -10.04
C VAL D 46 80.37 67.45 -11.42
N ALA D 47 79.33 67.37 -12.24
CA ALA D 47 79.43 66.86 -13.60
C ALA D 47 79.20 68.00 -14.59
N TYR D 48 79.49 67.71 -15.86
CA TYR D 48 79.21 68.69 -16.90
C TYR D 48 77.73 68.88 -17.16
N ARG D 49 76.90 67.88 -16.84
CA ARG D 49 75.46 68.03 -16.98
C ARG D 49 74.87 68.93 -15.91
N HIS D 50 75.64 69.27 -14.87
CA HIS D 50 75.27 70.37 -13.98
C HIS D 50 75.56 71.73 -14.58
N LEU D 51 76.21 71.78 -15.74
CA LEU D 51 76.66 73.02 -16.34
C LEU D 51 75.98 73.26 -17.68
N VAL D 52 74.70 72.93 -17.77
CA VAL D 52 73.98 73.03 -19.03
C VAL D 52 73.21 74.34 -19.10
N GLY D 53 72.24 74.51 -18.20
CA GLY D 53 71.38 75.67 -18.25
C GLY D 53 71.64 76.62 -17.10
N VAL D 54 72.75 76.43 -16.42
CA VAL D 54 73.10 77.27 -15.29
C VAL D 54 73.80 78.52 -15.79
N CYS D 55 74.92 78.35 -16.49
CA CYS D 55 75.52 79.48 -17.17
C CYS D 55 75.93 79.17 -18.62
N TYR D 56 76.37 77.94 -18.90
CA TYR D 56 76.94 77.64 -20.20
C TYR D 56 75.85 77.36 -21.24
N THR D 57 76.27 76.86 -22.39
CA THR D 57 75.38 76.47 -23.48
C THR D 57 75.47 74.97 -23.70
N GLU D 58 74.77 74.49 -24.73
CA GLU D 58 74.69 73.06 -24.96
C GLU D 58 75.92 72.53 -25.67
N ASP D 59 76.30 73.15 -26.80
CA ASP D 59 77.38 72.62 -27.62
C ASP D 59 78.74 72.86 -26.96
N GLU D 60 78.87 73.96 -26.24
CA GLU D 60 80.10 74.23 -25.52
C GLU D 60 80.24 73.33 -24.31
N ALA D 61 79.13 72.76 -23.81
CA ALA D 61 79.24 71.68 -22.83
C ALA D 61 79.87 70.44 -23.43
N LYS D 62 79.55 70.14 -24.70
CA LYS D 62 80.23 69.05 -25.39
C LYS D 62 81.70 69.39 -25.63
N ALA D 63 81.98 70.67 -25.89
CA ALA D 63 83.37 71.10 -26.06
C ALA D 63 84.18 70.92 -24.77
N LEU D 64 83.61 71.33 -23.64
CA LEU D 64 84.26 71.14 -22.35
C LEU D 64 84.38 69.67 -22.00
N ALA D 65 83.38 68.86 -22.35
CA ALA D 65 83.42 67.44 -22.02
C ALA D 65 84.43 66.70 -22.90
N GLU D 66 84.68 67.20 -24.11
CA GLU D 66 85.74 66.64 -24.92
C GLU D 66 87.10 67.25 -24.63
N GLU D 67 87.16 68.34 -23.86
CA GLU D 67 88.46 68.82 -23.40
C GLU D 67 89.08 67.90 -22.37
N VAL D 68 88.29 67.11 -21.65
CA VAL D 68 88.78 66.23 -20.61
C VAL D 68 88.39 64.80 -20.98
N GLU D 69 89.39 63.97 -21.26
CA GLU D 69 89.17 62.54 -21.50
C GLU D 69 89.54 61.77 -20.24
N VAL D 70 88.71 60.79 -19.89
CA VAL D 70 89.03 59.97 -18.72
C VAL D 70 89.24 58.52 -19.14
N GLN D 71 88.17 57.85 -19.58
CA GLN D 71 88.21 56.40 -19.70
C GLN D 71 86.94 55.92 -20.37
N ASP D 72 87.08 54.85 -21.15
CA ASP D 72 85.97 54.01 -21.57
C ASP D 72 86.14 52.63 -20.92
N GLY D 73 85.05 51.86 -20.89
CA GLY D 73 85.06 50.55 -20.28
C GLY D 73 85.76 49.48 -21.11
N PRO D 74 85.34 48.23 -20.93
CA PRO D 74 86.01 47.13 -21.63
C PRO D 74 85.63 47.11 -23.10
N ASN D 75 86.63 47.11 -23.97
CA ASN D 75 86.43 46.96 -25.42
C ASN D 75 86.56 45.51 -25.82
N GLU D 76 85.77 44.65 -25.15
CA GLU D 76 85.80 43.19 -25.18
C GLU D 76 87.12 42.59 -24.71
N ASP D 77 88.05 43.41 -24.24
CA ASP D 77 89.36 43.01 -23.77
C ASP D 77 89.73 43.73 -22.49
N GLY D 78 88.95 44.71 -22.04
CA GLY D 78 89.28 45.48 -20.87
C GLY D 78 90.45 46.42 -21.09
N GLU D 79 90.57 46.99 -22.29
CA GLU D 79 91.74 47.80 -22.60
C GLU D 79 91.70 49.16 -21.92
N MET D 80 90.50 49.66 -21.59
CA MET D 80 90.29 50.86 -20.76
C MET D 80 90.96 52.10 -21.37
N PHE D 81 90.60 52.38 -22.61
CA PHE D 81 91.29 53.42 -23.39
C PHE D 81 90.74 54.79 -23.01
N MET D 82 91.18 55.82 -23.74
CA MET D 82 90.80 57.20 -23.47
C MET D 82 89.59 57.58 -24.31
N ARG D 83 88.54 58.04 -23.64
CA ARG D 83 87.30 58.41 -24.29
C ARG D 83 86.96 59.86 -24.01
N PRO D 84 86.50 60.63 -25.03
CA PRO D 84 86.10 62.02 -24.78
C PRO D 84 84.91 62.13 -23.84
N GLY D 85 83.81 61.47 -24.17
CA GLY D 85 82.61 61.58 -23.37
C GLY D 85 81.82 62.84 -23.71
N LYS D 86 80.52 62.71 -23.90
CA LYS D 86 79.73 63.80 -24.45
C LYS D 86 79.00 64.61 -23.38
N LEU D 87 78.20 63.95 -22.53
CA LEU D 87 77.52 64.67 -21.46
C LEU D 87 77.55 63.99 -20.11
N SER D 88 77.86 62.70 -20.02
CA SER D 88 77.81 61.97 -18.76
C SER D 88 79.07 62.09 -17.95
N ASP D 89 80.00 62.96 -18.35
CA ASP D 89 81.32 62.98 -17.76
C ASP D 89 81.29 63.63 -16.38
N TYR D 90 82.15 63.14 -15.51
CA TYR D 90 82.36 63.72 -14.20
C TYR D 90 83.72 64.41 -14.17
N PHE D 91 84.10 64.90 -13.00
CA PHE D 91 85.39 65.59 -13.08
C PHE D 91 86.49 64.70 -12.54
N PRO D 92 87.61 64.62 -13.23
CA PRO D 92 88.61 63.59 -12.90
C PRO D 92 89.39 63.89 -11.64
N LYS D 93 89.80 62.83 -10.97
CA LYS D 93 90.64 62.95 -9.79
C LYS D 93 92.06 63.31 -10.22
N PRO D 94 92.68 64.30 -9.58
CA PRO D 94 94.11 64.55 -9.86
C PRO D 94 94.99 63.41 -9.39
N TYR D 95 94.58 62.70 -8.36
CA TYR D 95 95.34 61.60 -7.79
C TYR D 95 94.46 60.37 -7.74
N PRO D 96 94.97 59.21 -8.16
CA PRO D 96 94.16 57.99 -8.05
C PRO D 96 93.96 57.52 -6.62
N ASN D 97 94.86 57.88 -5.72
CA ASN D 97 94.87 57.40 -4.36
C ASN D 97 95.10 58.57 -3.42
N PRO D 98 94.70 58.46 -2.16
CA PRO D 98 95.03 59.53 -1.19
C PRO D 98 96.51 59.66 -0.93
N GLU D 99 97.23 58.53 -0.82
CA GLU D 99 98.66 58.60 -0.55
C GLU D 99 99.45 59.08 -1.76
N ALA D 100 98.85 59.06 -2.96
CA ALA D 100 99.45 59.73 -4.10
C ALA D 100 99.53 61.24 -3.87
N ALA D 101 98.47 61.82 -3.28
CA ALA D 101 98.51 63.23 -2.92
C ALA D 101 99.35 63.47 -1.68
N ARG D 102 99.37 62.50 -0.77
CA ARG D 102 100.19 62.63 0.44
C ARG D 102 101.67 62.67 0.10
N ALA D 103 102.11 61.80 -0.81
CA ALA D 103 103.51 61.82 -1.25
C ALA D 103 103.81 63.01 -2.15
N ALA D 104 102.79 63.62 -2.74
CA ALA D 104 102.98 64.83 -3.53
C ALA D 104 103.00 66.09 -2.67
N ASN D 105 102.86 65.96 -1.36
CA ASN D 105 102.82 67.06 -0.42
C ASN D 105 103.47 66.60 0.88
N ASN D 106 103.22 67.31 1.97
CA ASN D 106 103.57 66.83 3.30
C ASN D 106 102.33 66.22 3.97
N GLY D 107 101.79 65.19 3.31
CA GLY D 107 100.46 64.72 3.69
C GLY D 107 99.46 65.78 3.29
N ALA D 108 98.55 66.12 4.23
CA ALA D 108 97.69 67.32 4.19
C ALA D 108 96.82 67.34 2.93
N LEU D 109 95.89 66.39 2.90
CA LEU D 109 95.10 66.14 1.71
C LEU D 109 94.21 67.33 1.35
N PRO D 110 94.22 67.78 0.09
CA PRO D 110 93.27 68.79 -0.34
C PRO D 110 91.87 68.21 -0.39
N PRO D 111 90.93 68.79 0.34
CA PRO D 111 89.58 68.21 0.40
C PRO D 111 88.82 68.41 -0.90
N ASP D 112 87.70 67.70 -1.01
CA ASP D 112 86.80 67.88 -2.12
C ASP D 112 86.01 69.18 -1.95
N LEU D 113 85.91 69.94 -3.03
CA LEU D 113 85.32 71.27 -2.97
C LEU D 113 83.82 71.28 -3.23
N SER D 114 83.13 70.19 -2.88
CA SER D 114 81.68 70.16 -3.04
C SER D 114 81.01 70.99 -1.97
N TYR D 115 81.47 70.91 -0.73
CA TYR D 115 80.71 71.34 0.43
C TYR D 115 81.49 72.29 1.34
N ILE D 116 82.53 72.95 0.84
CA ILE D 116 83.47 73.63 1.74
C ILE D 116 82.87 74.91 2.32
N VAL D 117 81.99 75.58 1.58
CA VAL D 117 81.30 76.75 2.12
C VAL D 117 80.39 76.34 3.27
N ARG D 118 79.64 75.26 3.10
CA ARG D 118 78.76 74.76 4.13
C ARG D 118 79.46 73.77 5.06
N ALA D 119 80.79 73.72 5.04
CA ALA D 119 81.52 72.67 5.75
C ALA D 119 82.51 73.16 6.78
N ARG D 120 82.71 74.47 6.91
CA ARG D 120 83.57 74.99 7.97
C ARG D 120 82.83 76.09 8.70
N HIS D 121 83.30 76.39 9.91
CA HIS D 121 82.74 77.46 10.73
C HIS D 121 83.07 78.78 10.06
N GLY D 122 82.08 79.37 9.41
CA GLY D 122 82.32 80.46 8.49
C GLY D 122 82.21 79.95 7.07
N GLY D 123 81.38 80.60 6.26
CA GLY D 123 81.07 80.08 4.95
C GLY D 123 81.97 80.59 3.85
N GLU D 124 81.36 81.26 2.88
CA GLU D 124 82.11 81.78 1.74
C GLU D 124 83.02 82.94 2.13
N ASP D 125 82.70 83.64 3.21
CA ASP D 125 83.59 84.70 3.68
C ASP D 125 84.83 84.13 4.34
N TYR D 126 84.72 82.94 4.93
CA TYR D 126 85.90 82.23 5.39
C TYR D 126 86.81 81.85 4.23
N VAL D 127 86.21 81.45 3.11
CA VAL D 127 86.98 81.11 1.92
C VAL D 127 87.65 82.36 1.35
N PHE D 128 86.93 83.47 1.33
CA PHE D 128 87.45 84.73 0.80
C PHE D 128 88.61 85.23 1.65
N SER D 129 88.43 85.24 2.99
CA SER D 129 89.50 85.66 3.88
C SER D 129 90.67 84.69 3.86
N LEU D 130 90.39 83.40 3.63
CA LEU D 130 91.46 82.41 3.52
C LEU D 130 92.33 82.67 2.31
N LEU D 131 91.70 82.89 1.15
CA LEU D 131 92.44 83.16 -0.08
C LEU D 131 93.06 84.55 -0.06
N THR D 132 92.55 85.46 0.77
CA THR D 132 93.03 86.83 0.77
C THR D 132 94.18 87.06 1.74
N GLY D 133 93.98 86.75 3.02
CA GLY D 133 94.86 87.23 4.07
C GLY D 133 96.19 86.54 4.20
N TYR D 134 97.11 86.81 3.29
CA TYR D 134 98.47 86.28 3.36
C TYR D 134 99.44 87.41 3.70
N CYS D 135 100.27 87.17 4.70
CA CYS D 135 101.27 88.14 5.12
C CYS D 135 102.47 87.35 5.63
N GLU D 136 103.32 88.01 6.41
CA GLU D 136 104.56 87.37 6.83
C GLU D 136 104.52 87.06 8.32
N PRO D 137 105.17 85.99 8.75
CA PRO D 137 105.29 85.71 10.19
C PRO D 137 106.22 86.70 10.85
N PRO D 138 105.78 87.36 11.92
CA PRO D 138 106.67 88.27 12.65
C PRO D 138 107.81 87.52 13.33
N ARG D 139 107.45 86.52 14.14
CA ARG D 139 108.44 85.77 14.93
C ARG D 139 108.27 84.27 14.86
N VAL D 140 107.13 83.76 14.38
CA VAL D 140 106.74 82.38 14.61
C VAL D 140 106.74 81.67 13.26
N SER D 141 107.80 80.90 13.01
CA SER D 141 107.82 79.86 11.99
C SER D 141 108.20 78.56 12.69
N LEU D 142 107.73 77.43 12.18
CA LEU D 142 107.78 76.20 12.96
C LEU D 142 108.79 75.19 12.44
N ARG D 143 108.72 74.75 11.18
CA ARG D 143 109.75 73.84 10.69
C ARG D 143 110.17 74.06 9.26
N GLU D 144 109.63 75.07 8.56
CA GLU D 144 109.87 75.36 7.15
C GLU D 144 109.60 74.13 6.28
N GLY D 145 108.37 73.64 6.40
CA GLY D 145 107.84 72.63 5.50
C GLY D 145 106.46 73.06 5.10
N LEU D 146 105.98 74.09 5.77
CA LEU D 146 104.67 74.68 5.57
C LEU D 146 104.85 76.17 5.28
N TYR D 147 103.74 76.87 5.15
CA TYR D 147 103.74 78.29 4.84
C TYR D 147 103.10 79.04 6.00
N PHE D 148 102.88 80.35 5.81
CA PHE D 148 102.28 81.19 6.82
C PHE D 148 100.93 81.69 6.33
N ASN D 149 99.91 81.53 7.18
CA ASN D 149 98.58 82.04 6.89
C ASN D 149 97.85 82.26 8.21
N PRO D 150 97.47 83.50 8.53
CA PRO D 150 96.75 83.74 9.79
C PRO D 150 95.35 83.16 9.82
N TYR D 151 94.63 83.11 8.69
CA TYR D 151 93.26 82.61 8.66
C TYR D 151 93.22 81.08 8.62
N PHE D 152 93.73 80.46 9.69
CA PHE D 152 93.74 79.01 9.73
C PHE D 152 93.82 78.54 11.16
N PRO D 153 93.04 77.54 11.55
CA PRO D 153 93.22 76.94 12.88
C PRO D 153 94.49 76.12 12.94
N GLY D 154 95.50 76.65 13.63
CA GLY D 154 96.85 76.15 13.56
C GLY D 154 97.79 77.09 12.84
N GLN D 155 97.23 78.04 12.08
CA GLN D 155 97.92 79.23 11.57
C GLN D 155 99.03 78.92 10.59
N ALA D 156 99.01 77.74 9.97
CA ALA D 156 100.02 77.36 9.00
C ALA D 156 99.40 76.39 8.01
N ILE D 157 99.64 76.63 6.72
CA ILE D 157 99.06 75.83 5.65
C ILE D 157 100.19 75.38 4.73
N GLY D 158 99.99 74.24 4.09
CA GLY D 158 100.88 73.78 3.04
C GLY D 158 100.49 74.21 1.64
N MET D 159 99.48 75.08 1.50
CA MET D 159 99.00 75.53 0.20
C MET D 159 99.60 76.89 -0.11
N ALA D 160 100.29 76.99 -1.25
CA ALA D 160 100.80 78.28 -1.69
C ALA D 160 99.65 79.16 -2.17
N PRO D 161 99.69 80.46 -1.86
CA PRO D 161 98.60 81.37 -2.28
C PRO D 161 98.60 81.58 -3.78
N PRO D 162 97.62 80.99 -4.49
CA PRO D 162 97.70 80.86 -5.96
C PRO D 162 97.08 82.04 -6.69
N ILE D 163 97.43 83.25 -6.30
CA ILE D 163 96.77 84.41 -6.90
C ILE D 163 97.73 85.29 -7.68
N TYR D 164 98.71 85.91 -7.00
CA TYR D 164 99.92 86.56 -7.49
C TYR D 164 99.84 87.27 -8.85
N ASN D 165 98.90 88.21 -8.98
CA ASN D 165 98.79 89.14 -10.11
C ASN D 165 98.58 88.45 -11.46
N GLU D 166 97.32 88.07 -11.73
CA GLU D 166 96.83 87.54 -13.01
C GLU D 166 97.38 86.17 -13.38
N VAL D 167 97.01 85.15 -12.60
CA VAL D 167 97.29 83.77 -12.99
C VAL D 167 96.61 83.36 -14.29
N LEU D 168 95.53 84.00 -14.68
CA LEU D 168 94.85 83.61 -15.91
C LEU D 168 94.74 84.71 -16.93
N GLU D 169 94.49 85.95 -16.49
CA GLU D 169 94.09 87.12 -17.31
C GLU D 169 93.09 86.71 -18.40
N PHE D 170 91.95 86.23 -17.92
CA PHE D 170 91.02 85.42 -18.71
C PHE D 170 90.15 86.23 -19.65
N ASP D 171 89.08 85.60 -20.13
CA ASP D 171 88.37 85.89 -21.38
C ASP D 171 87.89 87.33 -21.56
N ASP D 172 86.99 87.79 -20.70
CA ASP D 172 86.48 89.15 -20.82
C ASP D 172 87.45 90.13 -20.14
N GLY D 173 87.00 91.37 -19.94
CA GLY D 173 87.88 92.45 -19.51
C GLY D 173 88.50 92.26 -18.14
N THR D 174 87.69 92.46 -17.08
CA THR D 174 87.75 91.84 -15.75
C THR D 174 89.15 91.60 -15.21
N PRO D 175 89.87 92.65 -14.79
CA PRO D 175 91.30 92.51 -14.46
C PRO D 175 91.55 91.56 -13.29
N ALA D 176 92.37 90.54 -13.57
CA ALA D 176 92.55 89.41 -12.65
C ALA D 176 93.41 89.86 -11.47
N THR D 177 92.78 90.54 -10.53
CA THR D 177 93.39 90.83 -9.25
C THR D 177 93.18 89.66 -8.32
N MET D 178 93.57 89.84 -7.05
CA MET D 178 93.15 88.92 -6.01
C MET D 178 91.64 88.94 -5.82
N SER D 179 91.06 90.14 -5.91
CA SER D 179 89.68 90.35 -5.50
C SER D 179 88.68 89.78 -6.51
N GLN D 180 88.96 89.96 -7.81
CA GLN D 180 88.05 89.45 -8.84
C GLN D 180 88.02 87.94 -8.86
N VAL D 181 89.20 87.31 -8.82
CA VAL D 181 89.25 85.85 -8.84
C VAL D 181 88.73 85.29 -7.53
N ALA D 182 88.88 86.03 -6.42
CA ALA D 182 88.37 85.54 -5.14
C ALA D 182 86.86 85.62 -5.08
N LYS D 183 86.27 86.70 -5.62
CA LYS D 183 84.82 86.82 -5.69
C LYS D 183 84.23 85.76 -6.61
N ASP D 184 84.89 85.49 -7.75
CA ASP D 184 84.38 84.49 -8.67
C ASP D 184 84.47 83.08 -8.08
N VAL D 185 85.56 82.77 -7.38
CA VAL D 185 85.67 81.44 -6.81
C VAL D 185 84.75 81.28 -5.60
N CYS D 186 84.45 82.37 -4.88
CA CYS D 186 83.49 82.27 -3.78
C CYS D 186 82.08 82.07 -4.29
N THR D 187 81.71 82.76 -5.37
CA THR D 187 80.40 82.55 -6.00
C THR D 187 80.28 81.12 -6.53
N PHE D 188 81.36 80.61 -7.13
CA PHE D 188 81.31 79.28 -7.69
C PHE D 188 81.27 78.21 -6.61
N LEU D 189 81.98 78.42 -5.50
CA LEU D 189 81.91 77.47 -4.40
C LEU D 189 80.57 77.52 -3.68
N ARG D 190 79.93 78.70 -3.65
CA ARG D 190 78.59 78.77 -3.11
C ARG D 190 77.60 77.99 -3.98
N TRP D 191 77.74 78.10 -5.31
CA TRP D 191 76.88 77.31 -6.18
C TRP D 191 77.21 75.82 -6.10
N ALA D 192 78.47 75.46 -5.88
CA ALA D 192 78.83 74.06 -5.71
C ALA D 192 78.29 73.52 -4.39
N ALA D 193 78.16 74.38 -3.38
CA ALA D 193 77.58 73.94 -2.12
C ALA D 193 76.08 73.77 -2.23
N GLU D 194 75.41 74.64 -2.97
CA GLU D 194 73.97 74.52 -3.21
C GLU D 194 73.65 74.62 -4.69
N PRO D 195 73.26 73.52 -5.34
CA PRO D 195 72.85 73.60 -6.75
C PRO D 195 71.47 74.19 -6.98
N GLU D 196 70.76 74.61 -5.94
CA GLU D 196 69.34 74.92 -6.03
C GLU D 196 69.02 76.23 -5.31
N HIS D 197 69.82 77.27 -5.55
CA HIS D 197 69.77 78.46 -4.72
C HIS D 197 68.63 79.39 -5.13
N ASP D 198 68.64 79.83 -6.38
CA ASP D 198 67.65 80.81 -6.82
C ASP D 198 66.28 80.18 -6.96
N HIS D 199 66.23 78.87 -7.22
CA HIS D 199 64.97 78.14 -7.17
C HIS D 199 64.41 78.15 -5.75
N ARG D 200 65.28 78.03 -4.75
CA ARG D 200 64.85 78.10 -3.36
C ARG D 200 64.35 79.49 -3.02
N LYS D 201 64.98 80.53 -3.55
CA LYS D 201 64.50 81.89 -3.30
C LYS D 201 63.17 82.15 -3.98
N ARG D 202 62.96 81.57 -5.18
CA ARG D 202 61.69 81.72 -5.88
C ARG D 202 60.55 81.04 -5.11
N MET D 203 60.82 79.82 -4.61
CA MET D 203 59.82 79.16 -3.77
C MET D 203 59.61 79.90 -2.46
N GLY D 204 60.65 80.55 -1.94
CA GLY D 204 60.49 81.35 -0.74
C GLY D 204 59.60 82.56 -0.96
N LEU D 205 59.72 83.20 -2.12
CA LEU D 205 58.84 84.32 -2.45
C LEU D 205 57.40 83.86 -2.59
N LYS D 206 57.19 82.74 -3.32
CA LYS D 206 55.87 82.11 -3.43
C LYS D 206 55.27 81.81 -2.07
N MET D 207 56.09 81.29 -1.17
CA MET D 207 55.60 80.86 0.13
C MET D 207 55.31 82.03 1.04
N LEU D 208 56.10 83.10 0.95
CA LEU D 208 55.80 84.30 1.73
C LEU D 208 54.50 84.93 1.26
N LEU D 209 54.24 84.93 -0.04
CA LEU D 209 52.95 85.44 -0.51
C LEU D 209 51.80 84.54 -0.09
N MET D 210 52.00 83.22 -0.11
CA MET D 210 50.91 82.33 0.29
C MET D 210 50.65 82.35 1.79
N MET D 211 51.68 82.57 2.60
CA MET D 211 51.45 82.65 4.03
C MET D 211 50.94 84.02 4.43
N GLY D 212 51.24 85.07 3.66
CA GLY D 212 50.53 86.32 3.81
C GLY D 212 49.09 86.23 3.37
N LEU D 213 48.77 85.27 2.51
CA LEU D 213 47.38 85.03 2.13
C LEU D 213 46.61 84.24 3.19
N LEU D 214 47.21 83.16 3.69
CA LEU D 214 46.44 82.20 4.50
C LEU D 214 46.19 82.72 5.90
N LEU D 215 47.18 83.36 6.50
CA LEU D 215 47.11 83.78 7.91
C LEU D 215 46.02 84.78 8.26
N PRO D 216 45.57 85.69 7.37
CA PRO D 216 44.28 86.33 7.67
C PRO D 216 43.11 85.38 7.57
N LEU D 217 43.13 84.47 6.60
CA LEU D 217 41.96 83.64 6.32
C LEU D 217 41.74 82.59 7.40
N VAL D 218 42.79 81.85 7.75
CA VAL D 218 42.62 80.74 8.68
C VAL D 218 42.39 81.25 10.09
N TYR D 219 43.02 82.36 10.44
CA TYR D 219 42.77 83.00 11.73
C TYR D 219 41.38 83.59 11.78
N ALA D 220 40.90 84.11 10.65
CA ALA D 220 39.53 84.60 10.59
C ALA D 220 38.53 83.46 10.76
N MET D 221 38.81 82.31 10.15
CA MET D 221 37.90 81.18 10.31
C MET D 221 37.95 80.58 11.71
N LYS D 222 39.12 80.58 12.35
CA LYS D 222 39.21 80.08 13.71
C LYS D 222 38.49 81.02 14.67
N ARG D 223 38.68 82.34 14.49
CA ARG D 223 37.93 83.33 15.25
C ARG D 223 36.44 83.22 14.99
N HIS D 224 36.07 82.85 13.77
CA HIS D 224 34.67 82.73 13.40
C HIS D 224 34.01 81.53 14.05
N LYS D 225 34.69 80.38 14.06
CA LYS D 225 34.08 79.20 14.69
C LYS D 225 34.15 79.29 16.20
N TRP D 226 35.23 79.82 16.77
CA TRP D 226 35.29 80.03 18.21
C TRP D 226 34.49 81.23 18.67
N SER D 227 33.89 81.98 17.75
CA SER D 227 33.16 83.19 18.09
C SER D 227 31.91 82.92 18.92
N VAL D 228 31.38 81.70 18.88
CA VAL D 228 30.19 81.38 19.67
C VAL D 228 30.52 81.34 21.15
N LEU D 229 31.59 80.62 21.52
CA LEU D 229 31.95 80.52 22.92
C LEU D 229 32.56 81.81 23.44
N LYS D 230 33.08 82.66 22.56
CA LYS D 230 33.51 83.99 23.00
C LYS D 230 32.34 84.90 23.33
N SER D 231 31.13 84.54 22.94
CA SER D 231 29.96 85.41 23.11
C SER D 231 28.98 84.92 24.16
N ARG D 232 29.17 83.73 24.72
CA ARG D 232 28.19 83.17 25.63
C ARG D 232 28.25 83.86 26.98
N LYS D 233 27.10 83.89 27.66
CA LYS D 233 27.02 84.50 28.98
C LYS D 233 26.19 83.61 29.89
N LEU D 234 26.35 83.84 31.20
CA LEU D 234 25.78 82.97 32.22
C LEU D 234 24.77 83.72 33.07
N ALA D 235 23.84 82.96 33.66
CA ALA D 235 22.84 83.52 34.53
C ALA D 235 22.40 82.46 35.53
N TYR D 236 22.05 82.91 36.74
CA TYR D 236 21.76 82.01 37.84
C TYR D 236 20.26 81.94 38.07
N ARG D 237 19.72 80.71 38.03
CA ARG D 237 18.32 80.44 38.32
C ARG D 237 18.21 79.32 39.35
N PRO D 238 17.82 79.65 40.61
CA PRO D 238 17.63 78.77 41.77
C PRO D 238 16.26 78.12 41.84
N SER E 1 8.14 83.35 37.57
CA SER E 1 9.50 83.84 37.74
C SER E 1 10.36 83.46 36.54
N HIS E 2 9.88 82.50 35.75
CA HIS E 2 10.56 82.15 34.52
C HIS E 2 10.42 83.23 33.46
N THR E 3 9.37 84.05 33.55
CA THR E 3 9.24 85.20 32.66
C THR E 3 10.04 86.40 33.13
N ASP E 4 10.71 86.30 34.28
CA ASP E 4 11.55 87.37 34.79
C ASP E 4 12.99 87.25 34.29
N ILE E 5 13.20 86.61 33.15
CA ILE E 5 14.52 86.25 32.66
C ILE E 5 14.69 86.92 31.31
N LYS E 6 15.58 87.89 31.23
CA LYS E 6 15.72 88.73 30.05
C LYS E 6 17.10 88.55 29.43
N VAL E 7 17.16 88.64 28.10
CA VAL E 7 18.39 88.53 27.35
C VAL E 7 19.27 89.75 27.57
N PRO E 8 20.51 89.58 28.01
CA PRO E 8 21.45 90.70 27.99
C PRO E 8 21.85 91.03 26.57
N ASP E 9 21.88 92.31 26.25
CA ASP E 9 22.14 92.71 24.88
C ASP E 9 23.64 92.67 24.58
N PHE E 10 23.96 92.54 23.30
CA PHE E 10 25.34 92.42 22.85
C PHE E 10 25.70 93.57 21.92
N SER E 11 25.35 94.80 22.34
CA SER E 11 25.59 95.99 21.53
C SER E 11 27.07 96.25 21.26
N ASP E 12 27.95 95.77 22.12
CA ASP E 12 29.38 95.84 21.86
C ASP E 12 29.83 94.83 20.80
N TYR E 13 28.98 93.86 20.47
CA TYR E 13 29.41 92.67 19.75
C TYR E 13 28.84 92.54 18.35
N ARG E 14 27.59 92.96 18.12
CA ARG E 14 26.93 92.66 16.86
C ARG E 14 27.52 93.45 15.69
N ARG E 15 27.20 92.99 14.49
CA ARG E 15 27.71 93.59 13.28
C ARG E 15 27.06 94.96 13.04
N PRO E 16 27.72 95.85 12.28
CA PRO E 16 27.12 97.17 12.03
C PRO E 16 25.80 97.14 11.28
N GLU E 17 25.48 96.04 10.59
CA GLU E 17 24.15 95.88 10.05
C GLU E 17 23.14 95.53 11.13
N VAL E 18 23.59 95.13 12.32
CA VAL E 18 22.70 94.57 13.31
C VAL E 18 22.67 95.54 14.48
N LEU E 19 22.80 96.83 14.18
CA LEU E 19 22.75 97.87 15.20
C LEU E 19 21.39 98.58 15.24
N ASP E 20 20.33 97.91 14.79
CA ASP E 20 19.01 98.53 14.75
C ASP E 20 17.95 97.45 14.89
N SER E 21 16.97 97.69 15.77
CA SER E 21 15.82 96.81 15.91
C SER E 21 14.80 96.99 14.79
N THR E 22 14.96 98.04 13.97
CA THR E 22 14.06 98.26 12.86
C THR E 22 14.29 97.25 11.75
N LYS E 23 15.54 96.84 11.54
CA LYS E 23 15.91 96.12 10.33
C LYS E 23 15.40 94.68 10.33
N SER E 24 14.85 94.27 9.20
CA SER E 24 14.43 92.89 9.04
C SER E 24 15.66 92.00 8.86
N SER E 25 15.68 90.88 9.59
CA SER E 25 16.80 89.95 9.52
C SER E 25 16.83 89.18 8.21
N LYS E 26 15.70 89.11 7.51
CA LYS E 26 15.63 88.46 6.21
C LYS E 26 16.08 89.37 5.08
N GLU E 27 16.58 90.57 5.39
CA GLU E 27 16.99 91.53 4.39
C GLU E 27 18.46 91.92 4.50
N SER E 28 19.18 91.41 5.50
CA SER E 28 20.58 91.73 5.69
C SER E 28 21.43 90.47 5.88
N SER E 29 20.86 89.30 5.64
CA SER E 29 21.56 88.05 5.96
C SER E 29 22.66 87.76 4.95
N GLU E 30 22.38 87.99 3.66
CA GLU E 30 23.28 87.55 2.60
C GLU E 30 24.58 88.34 2.55
N ALA E 31 24.61 89.56 3.09
CA ALA E 31 25.87 90.29 3.18
C ALA E 31 26.83 89.60 4.13
N ARG E 32 26.36 89.29 5.34
CA ARG E 32 27.14 88.59 6.35
C ARG E 32 27.56 87.21 5.86
N LYS E 33 26.60 86.48 5.27
CA LYS E 33 26.85 85.11 4.81
C LYS E 33 27.82 85.08 3.64
N GLY E 34 27.66 86.00 2.68
CA GLY E 34 28.56 86.03 1.54
C GLY E 34 29.95 86.46 1.91
N PHE E 35 30.08 87.39 2.87
CA PHE E 35 31.40 87.79 3.35
C PHE E 35 32.13 86.64 4.01
N SER E 36 31.47 85.97 4.97
CA SER E 36 32.11 84.89 5.71
C SER E 36 32.41 83.69 4.81
N TYR E 37 31.46 83.32 3.94
CA TYR E 37 31.67 82.18 3.09
C TYR E 37 32.62 82.48 1.94
N LEU E 38 32.76 83.75 1.55
CA LEU E 38 33.81 84.12 0.61
C LEU E 38 35.19 83.97 1.25
N ILE E 39 35.30 84.31 2.54
CA ILE E 39 36.54 84.10 3.27
C ILE E 39 36.89 82.60 3.31
N THR E 40 35.89 81.76 3.63
CA THR E 40 36.15 80.33 3.67
C THR E 40 36.43 79.75 2.28
N ALA E 41 35.84 80.34 1.24
CA ALA E 41 36.09 79.86 -0.12
C ALA E 41 37.51 80.18 -0.57
N THR E 42 37.98 81.40 -0.27
CA THR E 42 39.35 81.76 -0.62
C THR E 42 40.35 80.95 0.21
N THR E 43 39.98 80.61 1.45
CA THR E 43 40.76 79.67 2.24
C THR E 43 40.87 78.32 1.56
N THR E 44 39.74 77.82 1.04
CA THR E 44 39.71 76.53 0.36
C THR E 44 40.57 76.56 -0.91
N VAL E 45 40.55 77.68 -1.62
CA VAL E 45 41.35 77.82 -2.84
C VAL E 45 42.84 77.81 -2.51
N GLY E 46 43.24 78.51 -1.45
CA GLY E 46 44.64 78.49 -1.05
C GLY E 46 45.11 77.12 -0.59
N VAL E 47 44.26 76.41 0.15
CA VAL E 47 44.58 75.06 0.61
C VAL E 47 44.71 74.10 -0.57
N ALA E 48 43.82 74.23 -1.56
CA ALA E 48 43.88 73.34 -2.72
C ALA E 48 45.08 73.65 -3.62
N TYR E 49 45.46 74.93 -3.71
CA TYR E 49 46.72 75.31 -4.35
C TYR E 49 47.91 74.63 -3.68
N ALA E 50 47.97 74.72 -2.35
CA ALA E 50 49.06 74.10 -1.61
C ALA E 50 49.08 72.59 -1.80
N ALA E 51 47.90 71.96 -1.84
CA ALA E 51 47.83 70.52 -2.00
C ALA E 51 48.28 70.07 -3.39
N LYS E 52 47.86 70.79 -4.44
CA LYS E 52 48.26 70.38 -5.78
C LYS E 52 49.73 70.66 -6.03
N ASN E 53 50.31 71.69 -5.38
CA ASN E 53 51.76 71.86 -5.47
C ASN E 53 52.52 70.77 -4.71
N VAL E 54 51.96 70.33 -3.58
CA VAL E 54 52.53 69.19 -2.85
C VAL E 54 52.54 67.94 -3.71
N VAL E 55 51.42 67.68 -4.40
CA VAL E 55 51.31 66.53 -5.30
C VAL E 55 52.31 66.66 -6.45
N SER E 56 52.45 67.87 -7.00
CA SER E 56 53.38 68.08 -8.11
C SER E 56 54.83 67.85 -7.69
N GLN E 57 55.21 68.35 -6.52
CA GLN E 57 56.58 68.17 -6.05
C GLN E 57 56.87 66.71 -5.69
N PHE E 58 55.90 65.99 -5.14
CA PHE E 58 56.19 64.61 -4.76
C PHE E 58 56.17 63.67 -5.95
N VAL E 59 55.32 63.92 -6.95
CA VAL E 59 55.40 63.18 -8.19
C VAL E 59 56.71 63.48 -8.91
N SER E 60 57.17 64.73 -8.88
CA SER E 60 58.47 65.07 -9.45
C SER E 60 59.61 64.40 -8.71
N SER E 61 59.46 64.19 -7.40
CA SER E 61 60.45 63.44 -6.64
C SER E 61 60.45 61.98 -7.04
N MET E 62 59.27 61.41 -7.29
CA MET E 62 59.23 60.04 -7.78
C MET E 62 59.42 59.93 -9.28
N SER E 63 59.65 61.05 -9.98
CA SER E 63 59.57 61.05 -11.44
C SER E 63 60.76 60.34 -12.07
N ALA E 64 61.97 60.87 -11.87
CA ALA E 64 63.15 60.36 -12.53
C ALA E 64 64.36 60.79 -11.73
N SER E 65 65.54 60.66 -12.34
CA SER E 65 66.78 61.20 -11.81
C SER E 65 67.50 61.93 -12.93
N ALA E 66 68.35 62.89 -12.53
CA ALA E 66 69.02 63.75 -13.50
C ALA E 66 70.04 63.00 -14.33
N ASP E 67 70.72 62.02 -13.74
CA ASP E 67 71.73 61.25 -14.46
C ASP E 67 71.12 60.22 -15.40
N VAL E 68 69.87 59.84 -15.17
CA VAL E 68 69.23 58.84 -16.03
C VAL E 68 68.92 59.46 -17.39
N LEU E 69 68.60 60.76 -17.42
CA LEU E 69 68.30 61.48 -18.65
C LEU E 69 69.50 61.59 -19.59
N ALA E 70 70.71 61.33 -19.11
CA ALA E 70 71.88 61.24 -19.97
C ALA E 70 71.90 59.87 -20.66
N MET E 71 71.69 59.87 -21.97
CA MET E 71 71.77 58.67 -22.79
C MET E 71 72.49 58.99 -24.09
N SER E 72 73.25 58.02 -24.60
CA SER E 72 74.29 58.27 -25.58
C SER E 72 73.87 57.82 -26.99
N LYS E 73 74.64 58.30 -27.97
CA LYS E 73 74.49 57.94 -29.37
C LYS E 73 75.73 57.13 -29.76
N ILE E 74 75.55 55.83 -29.93
CA ILE E 74 76.67 54.90 -30.02
C ILE E 74 77.08 54.73 -31.48
N GLU E 75 78.31 54.27 -31.69
CA GLU E 75 78.80 53.88 -33.01
C GLU E 75 79.04 52.38 -33.03
N ILE E 76 78.46 51.69 -34.02
CA ILE E 76 78.47 50.23 -34.08
C ILE E 76 79.10 49.80 -35.40
N LYS E 77 79.99 48.81 -35.33
CA LYS E 77 80.54 48.15 -36.51
C LYS E 77 79.68 46.94 -36.89
N LEU E 78 79.51 46.72 -38.19
CA LEU E 78 78.51 45.78 -38.69
C LEU E 78 79.05 44.37 -38.94
N SER E 79 80.05 44.25 -39.82
CA SER E 79 80.38 42.98 -40.46
C SER E 79 81.32 42.09 -39.65
N ASP E 80 81.43 42.31 -38.33
CA ASP E 80 82.03 41.31 -37.45
C ASP E 80 81.00 40.28 -36.98
N ILE E 81 79.76 40.43 -37.40
CA ILE E 81 78.69 39.49 -37.07
C ILE E 81 78.42 38.66 -38.32
N PRO E 82 78.41 37.32 -38.22
CA PRO E 82 78.27 36.48 -39.42
C PRO E 82 76.87 36.56 -40.01
N GLU E 83 76.76 36.06 -41.23
CA GLU E 83 75.52 36.09 -42.01
C GLU E 83 74.50 35.14 -41.40
N GLY E 84 73.56 35.70 -40.64
CA GLY E 84 72.55 34.90 -39.95
C GLY E 84 72.69 34.89 -38.45
N LYS E 85 73.09 36.02 -37.87
CA LYS E 85 73.31 36.08 -36.43
C LYS E 85 72.91 37.45 -35.90
N ASN E 86 72.33 37.47 -34.70
CA ASN E 86 71.93 38.68 -34.01
C ASN E 86 72.88 38.92 -32.84
N MET E 87 73.03 40.19 -32.45
CA MET E 87 73.84 40.55 -31.29
C MET E 87 73.32 41.86 -30.71
N ALA E 88 73.31 41.94 -29.38
CA ALA E 88 72.77 43.11 -28.68
C ALA E 88 73.87 44.06 -28.25
N PHE E 89 73.54 45.36 -28.29
CA PHE E 89 74.41 46.42 -27.82
C PHE E 89 73.63 47.29 -26.86
N LYS E 90 74.30 47.82 -25.84
CA LYS E 90 73.62 48.53 -24.76
C LYS E 90 73.18 49.91 -25.23
N TRP E 91 71.87 50.12 -25.29
CA TRP E 91 71.30 51.46 -25.38
C TRP E 91 70.19 51.55 -24.36
N ARG E 92 70.31 52.50 -23.43
CA ARG E 92 69.41 52.70 -22.29
C ARG E 92 69.32 51.47 -21.39
N GLY E 93 70.32 50.59 -21.41
CA GLY E 93 70.26 49.34 -20.70
C GLY E 93 69.62 48.22 -21.49
N LYS E 94 68.69 48.58 -22.38
CA LYS E 94 67.95 47.63 -23.17
C LYS E 94 68.84 47.05 -24.28
N PRO E 95 68.50 45.87 -24.80
CA PRO E 95 69.25 45.32 -25.93
C PRO E 95 69.05 46.13 -27.20
N LEU E 96 70.10 46.16 -28.00
CA LEU E 96 70.13 46.84 -29.30
C LEU E 96 70.47 45.77 -30.33
N PHE E 97 69.46 45.29 -31.05
CA PHE E 97 69.67 44.21 -32.00
C PHE E 97 70.35 44.73 -33.25
N VAL E 98 71.56 44.23 -33.51
CA VAL E 98 72.20 44.30 -34.80
C VAL E 98 72.28 42.86 -35.30
N ARG E 99 71.48 42.54 -36.31
CA ARG E 99 71.42 41.19 -36.85
C ARG E 99 71.76 41.21 -38.32
N HIS E 100 72.75 40.40 -38.70
CA HIS E 100 73.09 40.14 -40.09
C HIS E 100 72.26 38.94 -40.54
N ARG E 101 71.24 39.22 -41.34
CA ARG E 101 70.31 38.19 -41.80
C ARG E 101 70.76 37.65 -43.15
N THR E 102 70.44 36.38 -43.38
CA THR E 102 70.87 35.71 -44.60
C THR E 102 70.06 36.18 -45.80
N LYS E 103 70.50 35.76 -46.99
CA LYS E 103 69.76 36.02 -48.21
C LYS E 103 68.45 35.24 -48.24
N LYS E 104 68.41 34.10 -47.52
CA LYS E 104 67.18 33.34 -47.36
C LYS E 104 66.09 34.18 -46.70
N GLU E 105 66.44 34.87 -45.61
CA GLU E 105 65.47 35.76 -44.97
C GLU E 105 65.24 37.04 -45.75
N ILE E 106 66.16 37.44 -46.63
CA ILE E 106 65.86 38.54 -47.56
C ILE E 106 64.74 38.13 -48.51
N ASP E 107 64.82 36.92 -49.06
CA ASP E 107 63.74 36.41 -49.90
C ASP E 107 62.47 36.14 -49.10
N GLN E 108 62.61 35.74 -47.84
CA GLN E 108 61.43 35.55 -46.97
C GLN E 108 60.71 36.86 -46.73
N GLU E 109 61.45 37.91 -46.33
CA GLU E 109 60.88 39.24 -46.15
C GLU E 109 60.34 39.81 -47.46
N ALA E 110 60.95 39.45 -48.58
CA ALA E 110 60.39 39.82 -49.88
C ALA E 110 59.10 39.07 -50.17
N ALA E 111 58.91 37.90 -49.57
CA ALA E 111 57.70 37.12 -49.73
C ALA E 111 56.78 37.17 -48.51
N VAL E 112 57.11 38.00 -47.51
CA VAL E 112 56.19 38.21 -46.39
C VAL E 112 54.94 38.93 -46.89
N GLU E 113 53.78 38.36 -46.59
CA GLU E 113 52.50 38.99 -46.90
C GLU E 113 52.36 40.29 -46.11
N VAL E 114 51.96 41.36 -46.80
CA VAL E 114 51.97 42.70 -46.24
C VAL E 114 50.57 43.18 -45.90
N SER E 115 49.58 42.84 -46.75
CA SER E 115 48.27 43.50 -46.69
C SER E 115 47.44 43.06 -45.48
N GLN E 116 47.50 41.78 -45.12
CA GLN E 116 46.74 41.28 -43.98
C GLN E 116 47.50 41.39 -42.66
N LEU E 117 48.59 42.14 -42.62
CA LEU E 117 49.25 42.46 -41.36
C LEU E 117 48.38 43.41 -40.55
N ARG E 118 48.56 43.37 -39.23
CA ARG E 118 47.94 44.37 -38.38
C ARG E 118 48.65 45.71 -38.48
N ASP E 119 49.89 45.72 -38.98
CA ASP E 119 50.61 46.95 -39.33
C ASP E 119 51.34 46.64 -40.62
N PRO E 120 50.79 47.06 -41.78
CA PRO E 120 51.46 46.74 -43.05
C PRO E 120 52.73 47.56 -43.26
N GLN E 121 53.89 46.93 -43.01
CA GLN E 121 55.17 47.61 -43.07
C GLN E 121 56.20 46.66 -43.66
N HIS E 122 56.63 46.96 -44.88
CA HIS E 122 57.70 46.20 -45.53
C HIS E 122 59.05 46.68 -45.01
N ASP E 123 60.05 45.79 -45.06
CA ASP E 123 61.33 46.08 -44.43
C ASP E 123 62.13 47.13 -45.19
N LEU E 124 61.90 47.26 -46.50
CA LEU E 124 62.58 48.29 -47.26
C LEU E 124 62.05 49.69 -46.94
N GLU E 125 60.85 49.79 -46.36
CA GLU E 125 60.36 51.04 -45.81
C GLU E 125 61.04 51.40 -44.49
N ARG E 126 61.85 50.51 -43.94
CA ARG E 126 62.34 50.64 -42.59
C ARG E 126 63.86 50.72 -42.49
N VAL E 127 64.59 50.04 -43.37
CA VAL E 127 66.05 50.03 -43.34
C VAL E 127 66.57 50.70 -44.60
N LYS E 128 67.88 50.96 -44.61
CA LYS E 128 68.57 51.41 -45.81
C LYS E 128 69.53 50.38 -46.38
N LYS E 129 70.12 49.54 -45.53
CA LYS E 129 70.89 48.40 -46.01
C LYS E 129 70.04 47.16 -45.88
N PRO E 130 69.61 46.55 -46.99
CA PRO E 130 68.59 45.49 -46.92
C PRO E 130 69.10 44.18 -46.32
N GLU E 131 70.40 43.90 -46.42
CA GLU E 131 70.99 42.69 -45.87
C GLU E 131 71.41 42.85 -44.41
N TRP E 132 70.81 43.80 -43.69
CA TRP E 132 71.08 44.05 -42.29
C TRP E 132 69.76 44.39 -41.60
N VAL E 133 69.74 44.30 -40.29
CA VAL E 133 68.67 44.93 -39.51
C VAL E 133 69.25 45.41 -38.18
N ILE E 134 68.85 46.62 -37.79
CA ILE E 134 69.25 47.21 -36.51
C ILE E 134 67.98 47.74 -35.87
N LEU E 135 67.49 47.03 -34.87
CA LEU E 135 66.29 47.45 -34.14
C LEU E 135 66.58 47.43 -32.64
N ILE E 136 65.55 47.65 -31.83
CA ILE E 136 65.69 47.62 -30.38
C ILE E 136 65.35 46.22 -29.91
N GLY E 137 66.20 45.65 -29.06
CA GLY E 137 65.98 44.30 -28.59
C GLY E 137 64.94 44.16 -27.50
N VAL E 138 63.70 44.54 -27.81
CA VAL E 138 62.59 44.55 -26.88
C VAL E 138 61.39 43.92 -27.58
N CYS E 139 60.80 42.89 -26.97
CA CYS E 139 59.56 42.35 -27.51
C CYS E 139 58.43 43.34 -27.28
N THR E 140 57.59 43.54 -28.30
CA THR E 140 56.59 44.59 -28.27
C THR E 140 55.41 44.29 -27.35
N HIS E 141 55.27 43.06 -26.88
CA HIS E 141 54.24 42.79 -25.88
C HIS E 141 54.68 43.27 -24.51
N LEU E 142 55.70 42.62 -23.94
CA LEU E 142 56.02 42.89 -22.54
C LEU E 142 57.52 42.98 -22.28
N GLY E 143 58.30 43.31 -23.30
CA GLY E 143 59.70 43.62 -23.08
C GLY E 143 60.59 42.44 -22.72
N CYS E 144 60.81 41.55 -23.67
CA CYS E 144 61.70 40.42 -23.49
C CYS E 144 62.80 40.49 -24.56
N VAL E 145 63.61 39.45 -24.64
CA VAL E 145 64.63 39.31 -25.66
C VAL E 145 64.20 38.15 -26.57
N PRO E 146 63.81 38.42 -27.81
CA PRO E 146 63.40 37.33 -28.71
C PRO E 146 64.56 36.45 -29.14
N ILE E 147 64.26 35.17 -29.31
CA ILE E 147 65.28 34.17 -29.59
C ILE E 147 65.67 34.28 -31.06
N ALA E 148 66.97 34.37 -31.32
CA ALA E 148 67.46 34.46 -32.69
C ALA E 148 67.37 33.11 -33.39
N ASN E 149 66.88 33.13 -34.63
CA ASN E 149 66.66 31.95 -35.49
C ASN E 149 65.77 30.93 -34.80
N ALA E 150 64.57 31.38 -34.44
CA ALA E 150 63.59 30.54 -33.78
C ALA E 150 62.20 30.92 -34.27
N GLY E 151 61.19 30.30 -33.67
CA GLY E 151 59.82 30.54 -34.08
C GLY E 151 59.49 29.87 -35.40
N ASP E 152 58.27 30.16 -35.85
CA ASP E 152 57.76 29.50 -37.05
C ASP E 152 58.40 30.07 -38.31
N PHE E 153 58.51 31.39 -38.40
CA PHE E 153 58.95 32.07 -39.61
C PHE E 153 60.47 32.18 -39.72
N GLY E 154 61.20 31.57 -38.78
CA GLY E 154 62.64 31.57 -38.81
C GLY E 154 63.31 32.79 -38.23
N GLY E 155 62.59 33.90 -38.10
CA GLY E 155 63.20 35.12 -37.58
C GLY E 155 63.17 35.19 -36.07
N TYR E 156 62.66 36.31 -35.54
CA TYR E 156 62.61 36.52 -34.11
C TYR E 156 61.52 35.66 -33.47
N TYR E 157 61.70 35.37 -32.19
CA TYR E 157 60.74 34.56 -31.45
C TYR E 157 60.87 34.86 -29.96
N CYS E 158 59.87 35.46 -29.39
CA CYS E 158 59.88 35.70 -27.95
C CYS E 158 59.49 34.44 -27.20
N PRO E 159 60.23 34.06 -26.16
CA PRO E 159 59.84 32.92 -25.33
C PRO E 159 58.91 33.25 -24.17
N CYS E 160 58.58 34.53 -23.96
CA CYS E 160 57.75 34.88 -22.81
C CYS E 160 56.30 34.49 -23.02
N HIS E 161 55.79 34.62 -24.26
CA HIS E 161 54.46 34.12 -24.57
C HIS E 161 54.38 33.45 -25.94
N GLY E 162 55.52 33.17 -26.57
CA GLY E 162 55.52 32.46 -27.83
C GLY E 162 55.08 33.28 -29.02
N SER E 163 55.43 34.56 -29.05
CA SER E 163 55.06 35.41 -30.18
C SER E 163 55.90 35.05 -31.39
N HIS E 164 55.22 34.78 -32.51
CA HIS E 164 55.86 34.30 -33.73
C HIS E 164 56.10 35.47 -34.66
N TYR E 165 57.35 35.90 -34.74
CA TYR E 165 57.76 37.02 -35.58
C TYR E 165 58.40 36.49 -36.86
N ASP E 166 58.54 37.39 -37.83
CA ASP E 166 59.30 37.09 -39.05
C ASP E 166 60.75 37.53 -38.85
N ALA E 167 61.50 37.61 -39.95
CA ALA E 167 62.90 38.04 -39.87
C ALA E 167 63.03 39.49 -39.44
N SER E 168 62.08 40.34 -39.84
CA SER E 168 62.08 41.73 -39.42
C SER E 168 61.23 41.97 -38.18
N GLY E 169 60.75 40.91 -37.54
CA GLY E 169 60.00 41.05 -36.31
C GLY E 169 58.59 41.58 -36.50
N ARG E 170 57.76 40.83 -37.22
CA ARG E 170 56.35 41.18 -37.40
C ARG E 170 55.48 40.03 -36.96
N ILE E 171 54.52 40.32 -36.07
CA ILE E 171 53.74 39.27 -35.40
C ILE E 171 52.65 38.75 -36.32
N ARG E 172 52.48 37.42 -36.32
CA ARG E 172 51.37 36.76 -37.01
C ARG E 172 50.70 35.67 -36.18
N LYS E 173 51.30 35.22 -35.07
CA LYS E 173 50.64 34.27 -34.17
C LYS E 173 51.04 34.61 -32.74
N GLY E 174 50.07 35.03 -31.94
CA GLY E 174 50.31 35.40 -30.56
C GLY E 174 49.55 36.65 -30.16
N PRO E 175 49.55 36.97 -28.86
CA PRO E 175 48.85 38.17 -28.39
C PRO E 175 49.69 39.43 -28.44
N ALA E 176 50.80 39.41 -29.18
CA ALA E 176 51.69 40.57 -29.27
C ALA E 176 51.04 41.69 -30.06
N PRO E 177 50.91 42.90 -29.51
CA PRO E 177 50.06 43.91 -30.15
C PRO E 177 50.68 44.64 -31.33
N LEU E 178 51.99 44.89 -31.28
CA LEU E 178 52.64 45.75 -32.26
C LEU E 178 53.90 45.09 -32.78
N ASN E 179 54.60 45.80 -33.66
CA ASN E 179 55.84 45.35 -34.26
C ASN E 179 56.96 46.31 -33.90
N LEU E 180 58.18 45.93 -34.28
CA LEU E 180 59.39 46.54 -33.72
C LEU E 180 59.58 47.96 -34.23
N GLU E 181 60.30 48.75 -33.44
CA GLU E 181 60.48 50.17 -33.72
C GLU E 181 61.88 50.43 -34.28
N VAL E 182 61.94 51.14 -35.40
CA VAL E 182 63.19 51.53 -36.03
C VAL E 182 63.81 52.67 -35.22
N PRO E 183 65.02 52.50 -34.70
CA PRO E 183 65.70 53.60 -34.01
C PRO E 183 66.28 54.62 -34.99
N SER E 184 66.74 55.73 -34.44
CA SER E 184 67.37 56.80 -35.22
C SER E 184 68.81 56.41 -35.51
N TYR E 185 68.98 55.54 -36.51
CA TYR E 185 70.31 55.09 -36.90
C TYR E 185 70.54 55.43 -38.37
N GLU E 186 71.80 55.66 -38.70
CA GLU E 186 72.20 55.96 -40.08
C GLU E 186 73.55 55.33 -40.36
N PHE E 187 73.64 54.63 -41.48
CA PHE E 187 74.83 53.88 -41.85
C PHE E 187 75.89 54.79 -42.47
N THR E 188 77.13 54.34 -42.37
CA THR E 188 78.25 54.84 -43.17
C THR E 188 78.97 53.62 -43.73
N SER E 189 79.39 53.75 -45.00
CA SER E 189 79.91 52.65 -45.81
C SER E 189 81.33 52.25 -45.46
N ASP E 190 81.85 52.70 -44.33
CA ASP E 190 83.01 52.10 -43.70
C ASP E 190 82.62 50.95 -42.78
N ASP E 191 81.47 50.33 -43.05
CA ASP E 191 80.85 49.27 -42.26
C ASP E 191 80.60 49.75 -40.82
N MET E 192 80.03 50.95 -40.72
CA MET E 192 79.72 51.54 -39.42
C MET E 192 78.30 52.08 -39.46
N VAL E 193 77.79 52.41 -38.28
CA VAL E 193 76.47 53.01 -38.15
C VAL E 193 76.43 53.86 -36.88
N ILE E 194 75.84 55.05 -36.98
CA ILE E 194 75.57 55.88 -35.82
C ILE E 194 74.15 55.60 -35.36
N VAL E 195 73.99 55.21 -34.09
CA VAL E 195 72.74 54.70 -33.56
C VAL E 195 72.31 55.58 -32.40
N GLY E 196 71.04 55.98 -32.40
CA GLY E 196 70.45 56.70 -31.28
C GLY E 196 69.02 57.11 -31.55
N LYS F 11 50.58 88.97 63.82
CA LYS F 11 51.92 88.64 63.33
C LYS F 11 52.00 89.00 61.84
N TRP F 12 53.21 89.36 61.39
CA TRP F 12 53.46 89.76 60.02
C TRP F 12 53.29 88.62 59.01
N LEU F 13 53.22 87.37 59.47
CA LEU F 13 52.90 86.25 58.58
C LEU F 13 51.50 86.37 58.02
N GLU F 14 50.59 87.03 58.74
CA GLU F 14 49.29 87.34 58.17
C GLU F 14 49.42 88.31 57.00
N GLY F 15 50.33 89.28 57.11
CA GLY F 15 50.60 90.16 55.99
C GLY F 15 51.27 89.44 54.83
N ILE F 16 52.07 88.42 55.13
CA ILE F 16 52.67 87.59 54.08
C ILE F 16 51.58 86.79 53.38
N ARG F 17 50.62 86.26 54.14
CA ARG F 17 49.46 85.59 53.54
C ARG F 17 48.62 86.56 52.73
N LYS F 18 48.53 87.81 53.16
CA LYS F 18 47.80 88.82 52.41
C LYS F 18 48.50 89.11 51.08
N TRP F 19 49.82 89.23 51.11
CA TRP F 19 50.60 89.41 49.89
C TRP F 19 50.46 88.21 48.97
N TYR F 20 50.44 87.00 49.55
CA TYR F 20 50.27 85.79 48.75
C TYR F 20 48.88 85.72 48.14
N TYR F 21 47.86 86.08 48.91
CA TYR F 21 46.49 86.01 48.41
C TYR F 21 46.23 87.09 47.38
N ASN F 22 46.95 88.20 47.47
CA ASN F 22 46.98 89.15 46.37
C ASN F 22 47.60 88.53 45.13
N ALA F 23 48.78 87.94 45.27
CA ALA F 23 49.52 87.45 44.12
C ALA F 23 49.01 86.10 43.60
N ALA F 24 47.99 85.52 44.20
CA ALA F 24 47.50 84.22 43.76
C ALA F 24 46.74 84.34 42.45
N GLY F 25 45.65 85.10 42.44
CA GLY F 25 44.90 85.39 41.24
C GLY F 25 43.49 84.82 41.22
N PHE F 26 43.21 83.79 42.02
CA PHE F 26 41.86 83.25 42.03
C PHE F 26 40.89 84.17 42.76
N ASN F 27 41.40 85.01 43.65
CA ASN F 27 40.60 86.12 44.14
C ASN F 27 40.26 87.08 43.02
N LYS F 28 41.21 87.33 42.12
CA LYS F 28 40.95 88.16 40.95
C LYS F 28 40.00 87.45 40.00
N LEU F 29 40.07 86.12 39.97
CA LEU F 29 39.05 85.33 39.31
C LEU F 29 37.79 85.16 40.15
N GLY F 30 37.81 85.60 41.40
CA GLY F 30 36.65 85.49 42.27
C GLY F 30 36.40 84.06 42.70
N LEU F 31 37.37 83.48 43.39
CA LEU F 31 37.28 82.09 43.81
C LEU F 31 37.61 81.99 45.29
N MET F 32 37.16 80.90 45.90
CA MET F 32 37.46 80.62 47.29
C MET F 32 38.54 79.54 47.38
N ARG F 33 38.92 79.23 48.62
CA ARG F 33 39.94 78.22 48.84
C ARG F 33 39.41 76.82 48.57
N ASP F 34 38.10 76.62 48.70
CA ASP F 34 37.48 75.32 48.49
C ASP F 34 37.22 75.01 47.02
N ASP F 35 37.90 75.68 46.12
CA ASP F 35 37.69 75.52 44.70
C ASP F 35 38.79 74.69 44.04
N THR F 36 40.04 75.10 44.20
CA THR F 36 41.15 74.51 43.45
C THR F 36 41.85 73.40 44.21
N ILE F 37 41.14 72.63 45.03
CA ILE F 37 41.73 71.46 45.64
C ILE F 37 41.95 70.39 44.56
N HIS F 38 43.13 69.79 44.57
CA HIS F 38 43.38 68.64 43.72
C HIS F 38 42.52 67.47 44.18
N GLU F 39 42.06 66.68 43.23
CA GLU F 39 41.05 65.66 43.51
C GLU F 39 41.70 64.28 43.63
N ASN F 40 41.65 63.71 44.82
CA ASN F 40 41.68 62.28 44.98
C ASN F 40 40.23 61.82 45.18
N ASP F 41 40.05 60.56 45.56
CA ASP F 41 38.71 60.07 45.86
C ASP F 41 38.19 60.63 47.19
N ASP F 42 39.09 60.98 48.10
CA ASP F 42 38.67 61.58 49.36
C ASP F 42 38.07 62.97 49.14
N VAL F 43 38.64 63.73 48.21
CA VAL F 43 38.08 65.02 47.82
C VAL F 43 36.71 64.81 47.15
N LYS F 44 36.58 63.72 46.38
CA LYS F 44 35.28 63.40 45.75
C LYS F 44 34.21 63.10 46.80
N GLU F 45 34.58 62.32 47.81
CA GLU F 45 33.67 62.05 48.92
C GLU F 45 33.32 63.32 49.69
N ALA F 46 34.30 64.20 49.87
CA ALA F 46 34.06 65.42 50.62
C ALA F 46 33.14 66.37 49.86
N ILE F 47 33.29 66.44 48.53
CA ILE F 47 32.37 67.22 47.72
C ILE F 47 30.98 66.60 47.73
N ARG F 48 30.92 65.26 47.74
CA ARG F 48 29.62 64.59 47.82
C ARG F 48 28.96 64.80 49.18
N ARG F 49 29.73 65.08 50.22
CA ARG F 49 29.20 65.36 51.55
C ARG F 49 29.00 66.87 51.76
N LEU F 50 28.12 67.44 50.94
CA LEU F 50 27.83 68.87 51.01
C LEU F 50 26.35 69.08 50.76
N PRO F 51 25.79 70.18 51.27
CA PRO F 51 24.40 70.53 50.93
C PRO F 51 24.28 70.93 49.46
N GLU F 52 23.03 70.97 49.00
CA GLU F 52 22.75 71.20 47.60
C GLU F 52 23.02 72.65 47.18
N ASN F 53 22.74 73.60 48.07
CA ASN F 53 22.89 75.02 47.74
C ASN F 53 24.35 75.40 47.53
N LEU F 54 25.23 74.97 48.43
CA LEU F 54 26.64 75.29 48.31
C LEU F 54 27.28 74.54 47.15
N TYR F 55 26.78 73.34 46.85
CA TYR F 55 27.27 72.58 45.71
C TYR F 55 26.94 73.28 44.40
N ASN F 56 25.70 73.76 44.27
CA ASN F 56 25.30 74.44 43.06
C ASN F 56 25.98 75.80 42.93
N ASP F 57 26.20 76.49 44.05
CA ASP F 57 26.94 77.74 44.01
C ASP F 57 28.39 77.50 43.64
N ARG F 58 28.96 76.39 44.10
CA ARG F 58 30.34 76.05 43.78
C ARG F 58 30.50 75.74 42.30
N VAL F 59 29.58 74.97 41.72
CA VAL F 59 29.73 74.67 40.29
C VAL F 59 29.39 75.88 39.43
N PHE F 60 28.55 76.80 39.93
CA PHE F 60 28.32 78.06 39.25
C PHE F 60 29.58 78.91 39.22
N ARG F 61 30.29 78.96 40.35
CA ARG F 61 31.58 79.65 40.43
C ARG F 61 32.61 79.01 39.51
N ILE F 62 32.63 77.67 39.46
CA ILE F 62 33.59 76.96 38.61
C ILE F 62 33.32 77.26 37.14
N LYS F 63 32.06 77.26 36.73
CA LYS F 63 31.79 77.48 35.31
C LYS F 63 32.01 78.95 34.92
N ARG F 64 31.70 79.90 35.80
CA ARG F 64 32.05 81.29 35.53
C ARG F 64 33.55 81.47 35.45
N ALA F 65 34.29 80.77 36.31
CA ALA F 65 35.74 80.86 36.29
C ALA F 65 36.33 80.23 35.03
N LEU F 66 35.72 79.16 34.53
CA LEU F 66 36.21 78.54 33.31
C LEU F 66 35.93 79.42 32.10
N ASP F 67 34.78 80.11 32.08
CA ASP F 67 34.52 81.06 30.99
C ASP F 67 35.48 82.24 31.04
N LEU F 68 35.67 82.82 32.22
CA LEU F 68 36.56 83.97 32.35
C LEU F 68 38.03 83.58 32.30
N SER F 69 38.34 82.29 32.36
CA SER F 69 39.68 81.82 32.11
C SER F 69 39.93 81.50 30.65
N MET F 70 38.90 81.04 29.93
CA MET F 70 39.02 80.89 28.49
C MET F 70 39.16 82.24 27.80
N ARG F 71 38.18 83.12 27.99
CA ARG F 71 38.23 84.40 27.31
C ARG F 71 39.24 85.35 27.93
N GLN F 72 39.72 85.05 29.13
CA GLN F 72 40.79 85.73 29.87
C GLN F 72 40.45 87.16 30.27
N GLN F 73 39.24 87.64 29.96
CA GLN F 73 38.77 88.95 30.39
C GLN F 73 38.35 88.80 31.85
N ILE F 74 39.30 89.00 32.72
CA ILE F 74 39.10 88.75 34.15
C ILE F 74 38.37 89.94 34.77
N LEU F 75 37.50 89.64 35.76
CA LEU F 75 36.55 90.50 36.46
C LEU F 75 37.12 91.84 36.92
N PRO F 76 36.27 92.84 37.11
CA PRO F 76 36.71 94.08 37.77
C PRO F 76 37.09 93.85 39.23
N LYS F 77 37.68 94.90 39.81
CA LYS F 77 38.21 94.87 41.17
C LYS F 77 37.13 94.60 42.21
N GLU F 78 35.90 95.07 41.95
CA GLU F 78 34.87 95.13 42.97
C GLU F 78 34.30 93.76 43.33
N GLN F 79 34.25 92.83 42.39
CA GLN F 79 33.65 91.53 42.67
C GLN F 79 34.67 90.51 43.17
N TRP F 80 35.88 90.94 43.48
CA TRP F 80 36.92 90.02 43.90
C TRP F 80 36.75 89.67 45.37
N THR F 81 36.79 88.37 45.66
CA THR F 81 36.72 87.93 47.05
C THR F 81 37.97 88.32 47.80
N LYS F 82 37.86 88.36 49.13
CA LYS F 82 38.93 88.89 49.96
C LYS F 82 39.42 87.84 50.94
N TYR F 83 40.47 88.20 51.67
CA TYR F 83 41.07 87.29 52.64
C TYR F 83 40.15 87.05 53.82
N GLU F 84 39.34 88.04 54.18
CA GLU F 84 38.48 87.92 55.35
C GLU F 84 37.22 87.12 55.04
N GLU F 85 36.58 87.42 53.92
CA GLU F 85 35.29 86.84 53.55
C GLU F 85 35.41 85.50 52.87
N ASP F 86 36.56 84.84 52.92
CA ASP F 86 36.73 83.54 52.31
C ASP F 86 35.94 82.52 53.10
N LYS F 87 34.75 82.17 52.58
CA LYS F 87 33.87 81.23 53.25
C LYS F 87 34.37 79.81 52.96
N PHE F 88 35.45 79.44 53.64
CA PHE F 88 35.97 78.09 53.50
C PHE F 88 35.10 77.14 54.31
N TYR F 89 34.66 76.06 53.68
CA TYR F 89 33.73 75.13 54.30
C TYR F 89 34.07 73.67 54.07
N LEU F 90 34.85 73.32 53.04
CA LEU F 90 35.16 71.94 52.75
C LEU F 90 36.10 71.34 53.77
N GLU F 91 36.80 72.18 54.53
CA GLU F 91 37.88 71.72 55.40
C GLU F 91 37.44 70.80 56.54
N PRO F 92 36.36 71.06 57.31
CA PRO F 92 35.98 70.04 58.32
C PRO F 92 35.46 68.75 57.71
N TYR F 93 34.79 68.82 56.55
CA TYR F 93 34.40 67.60 55.85
C TYR F 93 35.62 66.82 55.38
N LEU F 94 36.62 67.53 54.88
CA LEU F 94 37.88 66.91 54.49
C LEU F 94 38.58 66.29 55.69
N LYS F 95 38.50 66.96 56.85
CA LYS F 95 39.03 66.42 58.10
C LYS F 95 38.34 65.11 58.47
N GLU F 96 37.01 65.08 58.39
CA GLU F 96 36.27 63.87 58.74
C GLU F 96 36.53 62.73 57.76
N VAL F 97 36.71 63.04 56.47
CA VAL F 97 36.98 62.00 55.49
C VAL F 97 38.37 61.41 55.70
N ILE F 98 39.38 62.26 55.91
CA ILE F 98 40.73 61.75 56.14
C ILE F 98 40.82 61.04 57.49
N ARG F 99 40.05 61.46 58.49
CA ARG F 99 40.07 60.74 59.76
C ARG F 99 39.36 59.40 59.66
N GLU F 100 38.31 59.28 58.84
CA GLU F 100 37.74 57.95 58.59
C GLU F 100 38.71 57.07 57.81
N ARG F 101 39.48 57.66 56.90
CA ARG F 101 40.46 56.90 56.14
C ARG F 101 41.59 56.43 57.04
N LYS F 102 42.03 57.27 57.97
CA LYS F 102 43.03 56.86 58.94
C LYS F 102 42.47 55.87 59.95
N GLU F 103 41.18 55.98 60.26
CA GLU F 103 40.48 54.98 61.05
C GLU F 103 40.55 53.61 60.39
N ARG F 104 40.27 53.56 59.09
CA ARG F 104 40.30 52.30 58.34
C ARG F 104 41.72 51.76 58.23
N GLU F 105 42.70 52.64 57.98
CA GLU F 105 44.08 52.20 57.89
C GLU F 105 44.60 51.68 59.22
N GLU F 106 44.24 52.36 60.32
CA GLU F 106 44.66 51.90 61.64
C GLU F 106 43.96 50.59 62.01
N TRP F 107 42.72 50.42 61.60
CA TRP F 107 42.01 49.18 61.90
C TRP F 107 42.56 48.02 61.08
N THR F 108 43.04 48.28 59.87
CA THR F 108 43.66 47.21 59.09
C THR F 108 45.06 46.88 59.60
N LYS F 109 45.84 47.89 60.01
CA LYS F 109 47.19 47.63 60.48
C LYS F 109 47.23 47.19 61.94
N LYS F 110 46.12 47.30 62.67
CA LYS F 110 46.07 46.75 64.02
C LYS F 110 45.97 45.23 63.87
N GLY G 1 35.38 61.43 32.06
CA GLY G 1 36.16 60.54 31.22
C GLY G 1 35.33 59.89 30.13
N ARG G 2 34.03 59.80 30.37
CA ARG G 2 33.11 59.17 29.43
C ARG G 2 32.53 60.22 28.48
N GLN G 3 31.52 59.83 27.73
CA GLN G 3 30.80 60.72 26.83
C GLN G 3 29.82 61.58 27.61
N PHE G 4 29.00 62.34 26.90
CA PHE G 4 28.02 63.21 27.54
C PHE G 4 26.86 62.41 28.09
N GLY G 5 26.10 63.06 28.98
CA GLY G 5 24.89 62.50 29.55
C GLY G 5 24.99 62.18 31.04
N HIS G 6 26.18 61.81 31.51
CA HIS G 6 26.33 61.29 32.86
C HIS G 6 27.37 62.05 33.68
N LEU G 7 27.90 63.16 33.17
CA LEU G 7 29.10 63.74 33.78
C LEU G 7 28.78 64.49 35.06
N THR G 8 27.92 65.52 34.98
CA THR G 8 27.65 66.35 36.14
C THR G 8 26.16 66.50 36.34
N ARG G 9 25.80 67.01 37.52
CA ARG G 9 24.40 67.30 37.86
C ARG G 9 24.34 68.73 38.38
N VAL G 10 23.94 69.66 37.52
CA VAL G 10 23.95 71.09 37.83
C VAL G 10 22.57 71.65 37.53
N ARG G 11 21.96 72.30 38.50
CA ARG G 11 20.71 73.01 38.31
C ARG G 11 21.04 74.51 38.20
N HIS G 12 19.99 75.35 38.17
CA HIS G 12 20.10 76.77 38.45
C HIS G 12 20.98 77.51 37.45
N VAL G 13 21.19 77.00 36.23
CA VAL G 13 22.08 77.67 35.29
C VAL G 13 21.35 77.90 33.99
N ILE G 14 21.35 79.14 33.52
CA ILE G 14 20.90 79.45 32.15
C ILE G 14 22.07 80.07 31.40
N THR G 15 22.42 79.46 30.28
CA THR G 15 23.46 79.97 29.40
C THR G 15 22.81 80.61 28.19
N TYR G 16 23.12 81.89 27.95
CA TYR G 16 22.82 82.56 26.71
C TYR G 16 23.96 82.32 25.73
N SER G 17 23.61 82.08 24.47
CA SER G 17 24.61 81.82 23.45
C SER G 17 24.19 82.50 22.15
N LEU G 18 25.13 83.24 21.58
CA LEU G 18 24.86 84.11 20.44
C LEU G 18 25.24 83.40 19.15
N SER G 19 24.50 83.72 18.09
CA SER G 19 24.81 83.19 16.76
C SER G 19 26.17 83.73 16.28
N PRO G 20 26.91 82.92 15.53
CA PRO G 20 28.18 83.41 14.99
C PRO G 20 28.00 84.47 13.92
N PHE G 21 26.97 84.34 13.09
CA PHE G 21 26.69 85.38 12.11
C PHE G 21 26.09 86.63 12.73
N GLU G 22 25.66 86.56 13.99
CA GLU G 22 25.04 87.70 14.64
C GLU G 22 26.06 88.78 14.96
N GLN G 23 27.25 88.38 15.42
CA GLN G 23 28.24 89.32 15.92
C GLN G 23 29.38 89.46 14.92
N ARG G 24 30.28 90.41 15.23
CA ARG G 24 31.36 90.73 14.33
C ARG G 24 32.43 89.64 14.31
N ALA G 25 33.28 89.69 13.29
CA ALA G 25 34.44 88.84 13.24
C ALA G 25 35.42 89.21 14.34
N PHE G 26 35.73 90.49 14.47
CA PHE G 26 36.72 90.98 15.44
C PHE G 26 36.05 92.02 16.33
N PRO G 27 35.36 91.60 17.39
CA PRO G 27 34.71 92.57 18.27
C PRO G 27 35.68 93.32 19.17
N HIS G 28 35.99 94.57 18.80
CA HIS G 28 36.85 95.49 19.55
C HIS G 28 38.22 94.89 19.84
N TYR G 29 38.96 94.63 18.76
CA TYR G 29 40.26 93.98 18.89
C TYR G 29 41.27 94.91 19.54
N PHE G 30 41.46 96.10 18.97
CA PHE G 30 42.54 96.98 19.41
C PHE G 30 42.24 97.65 20.74
N SER G 31 40.96 97.91 21.02
CA SER G 31 40.63 98.58 22.28
C SER G 31 40.62 97.64 23.46
N LYS G 32 40.72 96.33 23.24
CA LYS G 32 40.72 95.35 24.31
C LYS G 32 41.96 94.48 24.36
N GLY G 33 42.46 94.06 23.20
CA GLY G 33 43.57 93.13 23.16
C GLY G 33 44.84 93.72 23.71
N ILE G 34 45.09 95.00 23.45
CA ILE G 34 46.29 95.67 23.94
C ILE G 34 46.25 95.85 25.46
N PRO G 35 45.18 96.34 26.11
CA PRO G 35 45.22 96.36 27.59
C PRO G 35 45.18 94.98 28.22
N ASN G 36 44.54 93.99 27.58
CA ASN G 36 44.55 92.65 28.12
C ASN G 36 45.94 92.02 28.05
N VAL G 37 46.67 92.26 26.96
CA VAL G 37 48.00 91.69 26.88
C VAL G 37 48.98 92.49 27.75
N LEU G 38 48.70 93.77 28.01
CA LEU G 38 49.49 94.50 28.99
C LEU G 38 49.26 93.95 30.39
N ARG G 39 48.03 93.58 30.70
CA ARG G 39 47.74 93.01 32.01
C ARG G 39 48.36 91.63 32.16
N ARG G 40 48.31 90.81 31.11
CA ARG G 40 48.94 89.50 31.15
C ARG G 40 50.46 89.61 31.14
N THR G 41 51.02 90.69 30.61
CA THR G 41 52.46 90.88 30.67
C THR G 41 52.89 91.32 32.06
N ARG G 42 52.16 92.25 32.67
CA ARG G 42 52.48 92.70 34.02
C ARG G 42 52.22 91.60 35.05
N ALA G 43 51.34 90.64 34.75
CA ALA G 43 51.10 89.53 35.64
C ALA G 43 52.21 88.48 35.63
N CYS G 44 53.25 88.65 34.81
CA CYS G 44 54.31 87.65 34.76
C CYS G 44 55.71 88.25 34.66
N ILE G 45 55.89 89.54 34.92
CA ILE G 45 57.19 90.18 34.73
C ILE G 45 58.20 89.68 35.76
N LEU G 46 57.91 89.84 37.05
CA LEU G 46 58.82 89.45 38.12
C LEU G 46 58.85 87.95 38.37
N ARG G 47 58.04 87.17 37.66
CA ARG G 47 58.09 85.72 37.74
C ARG G 47 58.80 85.09 36.57
N VAL G 48 58.70 85.68 35.37
CA VAL G 48 59.32 85.10 34.19
C VAL G 48 60.67 85.74 33.90
N ALA G 49 60.73 87.07 33.91
CA ALA G 49 61.97 87.76 33.53
C ALA G 49 63.19 87.58 34.44
N PRO G 50 63.12 87.56 35.78
CA PRO G 50 64.37 87.48 36.59
C PRO G 50 65.19 86.21 36.44
N PRO G 51 64.61 85.06 36.02
CA PRO G 51 65.53 83.99 35.55
C PRO G 51 66.34 84.35 34.32
N PHE G 52 65.75 85.04 33.34
CA PHE G 52 66.47 85.28 32.09
C PHE G 52 67.54 86.35 32.23
N VAL G 53 67.35 87.33 33.12
CA VAL G 53 68.41 88.31 33.31
C VAL G 53 69.55 87.69 34.12
N VAL G 54 69.25 86.70 34.95
CA VAL G 54 70.30 85.90 35.57
C VAL G 54 71.04 85.09 34.52
N PHE G 55 70.30 84.56 33.52
CA PHE G 55 70.93 83.85 32.42
C PHE G 55 71.87 84.75 31.63
N TYR G 56 71.42 85.97 31.34
CA TYR G 56 72.26 86.88 30.56
C TYR G 56 73.43 87.40 31.39
N LEU G 57 73.26 87.58 32.69
CA LEU G 57 74.38 88.05 33.52
C LEU G 57 75.43 86.96 33.69
N VAL G 58 75.01 85.72 33.91
CA VAL G 58 75.97 84.61 33.98
C VAL G 58 76.60 84.37 32.62
N TYR G 59 75.84 84.59 31.54
CA TYR G 59 76.36 84.52 30.18
C TYR G 59 77.50 85.51 29.96
N THR G 60 77.25 86.79 30.26
CA THR G 60 78.29 87.81 30.09
C THR G 60 79.44 87.62 31.07
N TRP G 61 79.16 87.15 32.30
CA TRP G 61 80.22 86.97 33.28
C TRP G 61 81.18 85.85 32.87
N GLY G 62 80.63 84.67 32.54
CA GLY G 62 81.46 83.58 32.07
C GLY G 62 82.13 83.88 30.75
N THR G 63 81.47 84.64 29.87
CA THR G 63 82.05 85.02 28.60
C THR G 63 83.25 85.93 28.80
N GLN G 64 83.09 86.98 29.61
CA GLN G 64 84.20 87.90 29.84
C GLN G 64 85.29 87.28 30.69
N GLU G 65 84.95 86.29 31.52
CA GLU G 65 85.98 85.54 32.23
C GLU G 65 86.80 84.71 31.25
N PHE G 66 86.14 84.08 30.28
CA PHE G 66 86.85 83.37 29.22
C PHE G 66 87.71 84.31 28.37
N GLU G 67 87.18 85.49 28.06
CA GLU G 67 87.92 86.47 27.26
C GLU G 67 89.14 86.97 28.02
N LYS G 68 88.98 87.25 29.32
CA LYS G 68 90.07 87.74 30.13
C LYS G 68 91.14 86.67 30.32
N SER G 69 90.72 85.41 30.42
CA SER G 69 91.70 84.32 30.49
C SER G 69 92.42 84.14 29.16
N LYS G 70 91.75 84.41 28.05
CA LYS G 70 92.33 84.20 26.73
C LYS G 70 92.85 85.47 26.08
N ARG G 71 93.04 86.54 26.86
CA ARG G 71 93.62 87.77 26.31
C ARG G 71 94.76 88.32 27.17
N LYS G 72 95.36 87.51 28.05
CA LYS G 72 96.61 87.87 28.69
C LYS G 72 97.72 86.91 28.31
N ASN G 73 97.52 85.61 28.56
CA ASN G 73 98.38 84.51 28.12
C ASN G 73 99.82 84.63 28.62
N LEU H 13 100.51 95.34 -12.07
CA LEU H 13 99.08 95.65 -12.08
C LEU H 13 98.72 96.30 -10.75
N VAL H 14 97.94 97.39 -10.83
CA VAL H 14 97.49 98.08 -9.63
C VAL H 14 96.39 97.24 -8.98
N ASP H 15 96.71 96.59 -7.86
CA ASP H 15 95.72 95.82 -7.13
C ASP H 15 94.98 96.74 -6.16
N PRO H 16 93.65 96.84 -6.22
CA PRO H 16 92.95 97.80 -5.37
C PRO H 16 92.77 97.34 -3.94
N LEU H 17 92.93 96.05 -3.66
CA LEU H 17 92.68 95.54 -2.31
C LEU H 17 93.77 95.97 -1.35
N THR H 18 95.03 96.01 -1.83
CA THR H 18 96.11 96.58 -1.04
C THR H 18 95.88 98.07 -0.79
N THR H 19 95.32 98.76 -1.78
CA THR H 19 95.01 100.18 -1.63
C THR H 19 93.94 100.42 -0.58
N VAL H 20 92.89 99.60 -0.59
CA VAL H 20 91.80 99.72 0.39
C VAL H 20 92.29 99.35 1.78
N ARG H 21 93.14 98.32 1.88
CA ARG H 21 93.67 97.90 3.17
C ARG H 21 94.61 98.96 3.75
N GLU H 22 95.42 99.60 2.90
CA GLU H 22 96.31 100.64 3.39
C GLU H 22 95.57 101.93 3.71
N GLN H 23 94.49 102.24 3.00
CA GLN H 23 93.76 103.46 3.34
C GLN H 23 92.81 103.25 4.51
N CYS H 24 92.52 102.01 4.88
CA CYS H 24 91.64 101.77 6.02
C CYS H 24 92.40 101.50 7.30
N GLU H 25 93.66 101.07 7.21
CA GLU H 25 94.44 100.71 8.39
C GLU H 25 94.95 101.91 9.17
N GLN H 26 94.63 103.14 8.76
CA GLN H 26 94.93 104.31 9.56
C GLN H 26 93.74 104.73 10.42
N LEU H 27 92.82 103.80 10.70
CA LEU H 27 91.83 103.99 11.73
C LEU H 27 92.54 104.03 13.08
N GLU H 28 91.93 104.76 14.02
CA GLU H 28 92.60 105.05 15.30
C GLU H 28 92.88 103.78 16.10
N LYS H 29 91.90 102.86 16.14
CA LYS H 29 92.13 101.56 16.76
C LYS H 29 93.17 100.76 16.00
N CYS H 30 93.22 100.90 14.67
CA CYS H 30 94.21 100.19 13.88
C CYS H 30 95.61 100.76 14.12
N VAL H 31 95.72 102.07 14.33
CA VAL H 31 97.01 102.66 14.66
C VAL H 31 97.46 102.22 16.06
N LYS H 32 96.52 102.17 17.01
CA LYS H 32 96.86 101.72 18.35
C LYS H 32 97.29 100.25 18.36
N ALA H 33 96.65 99.44 17.52
CA ALA H 33 97.07 98.04 17.41
C ALA H 33 98.41 97.91 16.71
N ARG H 34 98.71 98.82 15.76
CA ARG H 34 100.03 98.88 15.15
C ARG H 34 101.11 99.13 16.20
N GLU H 35 100.89 100.10 17.09
CA GLU H 35 101.88 100.31 18.14
C GLU H 35 101.86 99.23 19.21
N ARG H 36 100.75 98.52 19.40
CA ARG H 36 100.75 97.35 20.29
C ARG H 36 101.64 96.25 19.73
N LEU H 37 101.56 96.03 18.42
CA LEU H 37 102.44 95.05 17.79
C LEU H 37 103.89 95.51 17.84
N GLU H 38 104.12 96.82 17.71
CA GLU H 38 105.47 97.34 17.80
C GLU H 38 106.04 97.23 19.22
N LEU H 39 105.21 97.41 20.24
CA LEU H 39 105.72 97.23 21.60
C LEU H 39 105.90 95.75 21.93
N CYS H 40 105.12 94.88 21.30
CA CYS H 40 105.43 93.46 21.37
C CYS H 40 106.78 93.15 20.74
N ASP H 41 107.07 93.81 19.61
CA ASP H 41 108.38 93.67 18.98
C ASP H 41 109.48 94.22 19.88
N GLU H 42 109.19 95.30 20.62
CA GLU H 42 110.13 95.82 21.60
C GLU H 42 110.42 94.78 22.69
N ARG H 43 109.39 94.09 23.17
CA ARG H 43 109.60 93.07 24.21
C ARG H 43 110.37 91.88 23.66
N VAL H 44 110.03 91.40 22.46
CA VAL H 44 110.66 90.19 21.94
C VAL H 44 112.09 90.47 21.48
N SER H 45 112.34 91.62 20.84
CA SER H 45 113.70 92.02 20.53
C SER H 45 114.49 92.34 21.79
N SER H 46 113.81 92.76 22.86
CA SER H 46 114.45 92.93 24.16
C SER H 46 114.69 91.57 24.80
N ARG H 47 113.62 90.84 25.10
CA ARG H 47 113.72 89.52 25.70
C ARG H 47 113.70 88.49 24.58
N SER H 48 114.89 88.12 24.12
CA SER H 48 115.04 86.99 23.22
C SER H 48 115.04 85.69 24.02
N GLN H 49 115.23 84.58 23.30
CA GLN H 49 115.29 83.22 23.85
C GLN H 49 113.99 82.90 24.60
N THR H 50 112.89 82.90 23.85
CA THR H 50 111.56 82.76 24.41
C THR H 50 110.62 82.20 23.36
N GLU H 51 109.43 81.78 23.81
CA GLU H 51 108.39 81.21 22.96
C GLU H 51 107.07 81.93 23.19
N GLU H 52 107.15 83.21 23.52
CA GLU H 52 106.00 84.10 23.65
C GLU H 52 106.30 85.23 22.66
N ASP H 53 105.86 85.05 21.42
CA ASP H 53 106.51 85.65 20.25
C ASP H 53 105.52 86.32 19.32
N CYS H 54 104.70 87.23 19.88
CA CYS H 54 103.86 88.19 19.16
C CYS H 54 102.82 87.50 18.27
N THR H 55 101.88 86.85 18.95
CA THR H 55 100.70 86.32 18.28
C THR H 55 99.47 87.18 18.50
N GLU H 56 99.22 87.57 19.76
CA GLU H 56 97.95 88.18 20.14
C GLU H 56 97.79 89.57 19.55
N GLU H 57 98.85 90.41 19.63
CA GLU H 57 98.79 91.74 19.06
C GLU H 57 98.68 91.70 17.54
N LEU H 58 99.30 90.70 16.91
CA LEU H 58 99.19 90.53 15.46
C LEU H 58 97.76 90.22 15.05
N PHE H 59 97.16 89.23 15.71
CA PHE H 59 95.78 88.89 15.37
C PHE H 59 94.79 89.97 15.79
N ASP H 60 95.11 90.76 16.80
CA ASP H 60 94.26 91.89 17.17
C ASP H 60 94.34 93.00 16.13
N PHE H 61 95.55 93.24 15.60
CA PHE H 61 95.71 94.23 14.54
C PHE H 61 94.98 93.82 13.27
N LEU H 62 95.17 92.57 12.84
CA LEU H 62 94.47 92.11 11.66
C LEU H 62 92.97 91.96 11.90
N HIS H 63 92.58 91.73 13.15
CA HIS H 63 91.19 91.73 13.56
C HIS H 63 90.53 93.09 13.31
N ALA H 64 91.12 94.15 13.86
CA ALA H 64 90.56 95.49 13.69
C ALA H 64 90.65 95.97 12.24
N ARG H 65 91.78 95.70 11.58
CA ARG H 65 91.97 96.17 10.21
C ARG H 65 91.03 95.46 9.25
N ASP H 66 90.89 94.14 9.38
CA ASP H 66 90.01 93.43 8.48
C ASP H 66 88.55 93.65 8.82
N HIS H 67 88.24 94.06 10.06
CA HIS H 67 86.87 94.50 10.32
C HIS H 67 86.56 95.83 9.65
N CYS H 68 87.52 96.77 9.64
CA CYS H 68 87.22 98.03 8.97
C CYS H 68 87.17 97.87 7.46
N VAL H 69 88.00 96.96 6.91
CA VAL H 69 87.93 96.69 5.48
C VAL H 69 86.66 95.91 5.16
N ALA H 70 86.21 95.06 6.09
CA ALA H 70 84.94 94.36 5.95
C ALA H 70 83.76 95.34 5.95
N HIS H 71 83.91 96.47 6.63
CA HIS H 71 82.89 97.49 6.58
C HIS H 71 82.83 98.16 5.21
N LYS H 72 83.95 98.24 4.50
CA LYS H 72 84.09 99.10 3.32
C LYS H 72 84.79 98.33 2.19
N LEU H 73 84.30 97.13 1.87
CA LEU H 73 84.96 96.26 0.91
C LEU H 73 84.44 96.43 -0.50
N PHE H 74 83.14 96.16 -0.72
CA PHE H 74 82.56 95.94 -2.04
C PHE H 74 82.23 97.21 -2.80
N ASN H 75 82.83 98.35 -2.45
CA ASN H 75 82.61 99.55 -3.25
C ASN H 75 83.36 99.45 -4.58
N SER H 76 84.64 99.09 -4.51
CA SER H 76 85.41 98.77 -5.71
C SER H 76 85.31 97.30 -6.09
N LEU H 77 84.53 96.52 -5.34
CA LEU H 77 84.48 95.08 -5.56
C LEU H 77 83.08 94.56 -5.26
N UNK I 1 -21.70 60.40 28.59
CA UNK I 1 -22.09 61.42 27.62
C UNK I 1 -22.07 62.80 28.28
N UNK I 2 -23.25 63.37 28.51
CA UNK I 2 -23.39 64.66 29.16
C UNK I 2 -23.57 64.55 30.67
N UNK I 3 -23.02 63.50 31.28
CA UNK I 3 -23.08 63.34 32.72
C UNK I 3 -22.14 64.27 33.47
N UNK I 4 -21.18 64.89 32.76
CA UNK I 4 -20.21 65.86 33.28
C UNK I 4 -19.39 65.26 34.43
N UNK I 5 -18.60 64.25 34.07
CA UNK I 5 -17.72 63.64 35.04
C UNK I 5 -17.53 62.14 34.89
N UNK I 6 -18.30 61.52 34.01
CA UNK I 6 -18.16 60.08 33.78
C UNK I 6 -16.85 59.79 33.07
N UNK I 7 -16.30 58.60 33.35
CA UNK I 7 -15.00 58.21 32.79
C UNK I 7 -15.15 57.89 31.31
N UNK I 8 -14.72 58.80 30.45
CA UNK I 8 -14.77 58.62 29.00
C UNK I 8 -13.33 58.60 28.50
N UNK I 9 -12.72 57.42 28.52
CA UNK I 9 -11.35 57.29 28.03
C UNK I 9 -11.33 57.33 26.51
N UNK I 10 -10.18 57.75 25.96
CA UNK I 10 -10.08 57.94 24.52
C UNK I 10 -8.63 57.80 24.08
N UNK I 11 -8.37 56.87 23.17
CA UNK I 11 -7.12 56.78 22.43
C UNK I 11 -7.45 56.84 20.94
N UNK I 12 -6.41 56.80 20.10
CA UNK I 12 -6.64 56.89 18.67
C UNK I 12 -5.51 56.22 17.91
N UNK I 13 -5.72 56.03 16.61
CA UNK I 13 -4.67 55.55 15.73
C UNK I 13 -3.83 56.68 15.14
N UNK I 14 -4.34 57.89 15.16
CA UNK I 14 -3.57 59.04 14.71
C UNK I 14 -3.55 60.17 15.73
N UNK I 15 -4.66 60.37 16.45
CA UNK I 15 -4.77 61.47 17.39
C UNK I 15 -4.30 61.04 18.78
N UNK I 16 -4.28 62.00 19.70
CA UNK I 16 -3.67 61.80 21.00
C UNK I 16 -4.59 60.99 21.92
N UNK I 17 -4.11 60.77 23.15
CA UNK I 17 -4.87 60.08 24.18
C UNK I 17 -5.67 61.10 24.99
N UNK I 18 -6.85 60.70 25.43
CA UNK I 18 -7.74 61.63 26.10
C UNK I 18 -8.59 60.92 27.15
N UNK I 19 -9.11 61.71 28.09
CA UNK I 19 -10.03 61.22 29.11
C UNK I 19 -10.97 62.35 29.45
N UNK I 20 -12.26 62.19 29.11
CA UNK I 20 -13.25 63.25 29.25
C UNK I 20 -14.12 62.95 30.47
N UNK I 21 -13.64 63.38 31.64
CA UNK I 21 -14.37 63.25 32.91
C UNK I 21 -14.36 64.61 33.61
N UNK I 22 -15.32 65.46 33.25
CA UNK I 22 -15.36 66.84 33.75
C UNK I 22 -16.31 66.95 34.93
N UNK I 23 -15.89 66.35 36.04
CA UNK I 23 -16.67 66.37 37.27
C UNK I 23 -16.67 67.75 37.91
N UNK I 24 -12.27 69.66 40.43
CA UNK I 24 -11.47 69.22 39.30
C UNK I 24 -11.50 70.23 38.16
N UNK I 25 -12.19 71.34 38.37
CA UNK I 25 -12.38 72.32 37.30
C UNK I 25 -12.11 73.76 37.69
N UNK I 26 -12.19 74.15 38.96
CA UNK I 26 -11.91 75.50 39.40
C UNK I 26 -10.61 75.56 40.21
N UNK I 27 -9.62 74.78 39.77
CA UNK I 27 -8.33 74.76 40.47
C UNK I 27 -7.55 76.05 40.26
N UNK I 28 -7.66 76.67 39.08
CA UNK I 28 -7.04 77.95 38.84
C UNK I 28 -7.66 79.07 39.65
N UNK I 29 -8.94 78.94 40.00
CA UNK I 29 -9.54 79.84 40.97
C UNK I 29 -8.94 79.64 42.35
N UNK I 30 -8.62 78.39 42.67
CA UNK I 30 -7.99 78.07 43.94
C UNK I 30 -6.48 78.29 43.86
N UNK I 31 -5.79 77.91 44.93
CA UNK I 31 -4.33 77.94 44.96
C UNK I 31 -3.78 76.53 44.73
N UNK I 32 -2.55 76.49 44.19
CA UNK I 32 -1.81 75.27 43.86
C UNK I 32 -2.61 74.36 42.91
N UNK I 33 -2.81 74.89 41.71
CA UNK I 33 -3.56 74.18 40.67
C UNK I 33 -2.75 73.01 40.12
N LEU J 5 27.36 91.39 -5.87
CA LEU J 5 28.67 91.65 -5.30
C LEU J 5 28.89 90.68 -4.14
N THR J 6 28.10 90.86 -3.09
CA THR J 6 28.07 89.93 -1.98
C THR J 6 26.77 89.14 -1.93
N ALA J 7 25.63 89.83 -2.08
CA ALA J 7 24.34 89.14 -2.12
C ALA J 7 24.21 88.29 -3.37
N ARG J 8 24.66 88.82 -4.52
CA ARG J 8 24.66 88.06 -5.77
C ARG J 8 25.56 86.84 -5.65
N LEU J 9 26.74 87.02 -5.06
CA LEU J 9 27.73 85.96 -4.94
C LEU J 9 27.25 84.85 -4.03
N TYR J 10 26.65 85.22 -2.89
CA TYR J 10 26.13 84.21 -1.98
C TYR J 10 24.91 83.51 -2.58
N SER J 11 24.06 84.24 -3.31
CA SER J 11 22.87 83.62 -3.86
C SER J 11 23.21 82.73 -5.05
N LEU J 12 24.36 82.92 -5.68
CA LEU J 12 24.73 82.03 -6.77
C LEU J 12 25.63 80.88 -6.30
N LEU J 13 26.81 81.20 -5.76
CA LEU J 13 27.88 80.22 -5.63
C LEU J 13 28.04 79.69 -4.22
N PHE J 14 26.97 79.73 -3.41
CA PHE J 14 27.10 79.21 -2.05
C PHE J 14 25.87 78.46 -1.57
N ARG J 15 25.10 77.85 -2.46
CA ARG J 15 23.95 77.07 -2.05
C ARG J 15 23.95 75.65 -2.60
N ARG J 16 24.79 75.33 -3.57
CA ARG J 16 25.01 73.95 -4.00
C ARG J 16 26.48 73.62 -3.79
N THR J 17 26.74 72.46 -3.20
CA THR J 17 28.09 72.12 -2.77
C THR J 17 28.97 71.78 -3.98
N SER J 18 28.46 71.00 -4.93
CA SER J 18 29.27 70.53 -6.04
C SER J 18 29.60 71.66 -7.01
N THR J 19 28.65 72.57 -7.24
CA THR J 19 28.93 73.74 -8.06
C THR J 19 29.93 74.65 -7.38
N PHE J 20 29.85 74.75 -6.05
CA PHE J 20 30.84 75.50 -5.27
C PHE J 20 32.24 74.91 -5.43
N ALA J 21 32.36 73.60 -5.31
CA ALA J 21 33.66 72.95 -5.45
C ALA J 21 34.20 73.10 -6.87
N LEU J 22 33.32 73.01 -7.87
CA LEU J 22 33.76 73.15 -9.26
C LEU J 22 34.24 74.57 -9.56
N THR J 23 33.51 75.58 -9.08
CA THR J 23 33.93 76.94 -9.37
C THR J 23 35.16 77.33 -8.54
N ILE J 24 35.39 76.70 -7.39
CA ILE J 24 36.63 77.05 -6.70
C ILE J 24 37.81 76.31 -7.31
N VAL J 25 37.58 75.15 -7.95
CA VAL J 25 38.68 74.51 -8.68
C VAL J 25 39.03 75.33 -9.93
N VAL J 26 38.02 75.83 -10.64
CA VAL J 26 38.27 76.65 -11.84
C VAL J 26 38.97 77.96 -11.46
N GLY J 27 38.48 78.64 -10.43
CA GLY J 27 39.16 79.81 -9.92
C GLY J 27 40.52 79.51 -9.33
N ALA J 28 40.73 78.29 -8.83
CA ALA J 28 42.03 77.91 -8.32
C ALA J 28 43.04 77.76 -9.44
N LEU J 29 42.62 77.20 -10.57
CA LEU J 29 43.50 77.15 -11.74
C LEU J 29 43.80 78.55 -12.28
N PHE J 30 42.79 79.42 -12.31
CA PHE J 30 43.02 80.78 -12.80
C PHE J 30 43.93 81.57 -11.86
N PHE J 31 43.74 81.42 -10.55
CA PHE J 31 44.58 82.05 -9.56
C PHE J 31 45.99 81.47 -9.56
N GLU J 32 46.12 80.18 -9.86
CA GLU J 32 47.43 79.56 -9.99
C GLU J 32 48.19 80.15 -11.17
N ARG J 33 47.49 80.38 -12.28
CA ARG J 33 48.11 81.02 -13.45
C ARG J 33 48.53 82.45 -13.14
N ALA J 34 47.63 83.22 -12.51
CA ALA J 34 47.92 84.62 -12.18
C ALA J 34 49.04 84.73 -11.16
N PHE J 35 49.09 83.79 -10.21
CA PHE J 35 50.15 83.81 -9.21
C PHE J 35 51.48 83.39 -9.81
N ASP J 36 51.46 82.47 -10.79
CA ASP J 36 52.67 82.15 -11.54
C ASP J 36 53.25 83.40 -12.20
N GLN J 37 52.41 84.13 -12.93
CA GLN J 37 52.89 85.33 -13.62
C GLN J 37 53.36 86.40 -12.64
N GLY J 38 52.62 86.61 -11.56
CA GLY J 38 53.00 87.63 -10.60
C GLY J 38 54.29 87.30 -9.85
N ALA J 39 54.40 86.07 -9.35
CA ALA J 39 55.57 85.69 -8.57
C ALA J 39 56.82 85.61 -9.42
N ASP J 40 56.69 85.09 -10.66
CA ASP J 40 57.83 85.03 -11.56
C ASP J 40 58.27 86.43 -11.97
N ALA J 41 57.30 87.34 -12.19
CA ALA J 41 57.64 88.70 -12.56
C ALA J 41 58.36 89.43 -11.42
N ILE J 42 57.88 89.24 -10.19
CA ILE J 42 58.51 89.89 -9.04
C ILE J 42 59.92 89.35 -8.80
N TYR J 43 60.08 88.02 -8.82
CA TYR J 43 61.39 87.45 -8.51
C TYR J 43 62.40 87.71 -9.62
N GLU J 44 61.96 87.76 -10.89
CA GLU J 44 62.87 88.21 -11.92
C GLU J 44 63.09 89.71 -11.87
N HIS J 45 62.17 90.47 -11.28
CA HIS J 45 62.28 91.92 -11.25
C HIS J 45 63.24 92.42 -10.19
N ILE J 46 63.29 91.77 -9.02
CA ILE J 46 64.18 92.23 -7.96
C ILE J 46 65.56 91.62 -8.05
N ASN J 47 65.81 90.74 -9.02
CA ASN J 47 67.14 90.20 -9.29
C ASN J 47 67.41 90.24 -10.78
N GLU J 48 67.17 91.39 -11.40
CA GLU J 48 67.55 91.62 -12.78
C GLU J 48 69.07 91.64 -12.92
N GLY J 49 69.54 91.48 -14.14
CA GLY J 49 70.98 91.39 -14.30
C GLY J 49 71.45 89.96 -14.31
N LYS J 50 71.82 89.45 -13.14
CA LYS J 50 72.56 88.20 -13.01
C LYS J 50 71.70 86.93 -13.16
N LEU J 51 70.85 86.91 -14.17
CA LEU J 51 69.92 85.83 -14.41
C LEU J 51 70.27 85.18 -15.75
N TRP J 52 70.01 83.87 -15.86
CA TRP J 52 70.54 83.10 -16.99
C TRP J 52 69.86 83.44 -18.31
N LYS J 53 68.65 84.01 -18.29
CA LYS J 53 67.91 84.27 -19.53
C LYS J 53 68.61 85.32 -20.38
N HIS J 54 69.19 86.35 -19.76
CA HIS J 54 69.87 87.38 -20.52
C HIS J 54 71.23 86.93 -21.01
N ILE J 55 71.91 86.07 -20.25
CA ILE J 55 73.20 85.55 -20.65
C ILE J 55 73.02 84.56 -21.80
N LYS J 56 71.89 83.85 -21.82
CA LYS J 56 71.55 83.03 -22.98
C LYS J 56 71.10 83.91 -24.15
N HIS J 57 70.48 85.07 -23.84
CA HIS J 57 70.09 86.04 -24.86
C HIS J 57 71.29 86.68 -25.54
N LYS J 58 72.47 86.65 -24.89
CA LYS J 58 73.71 87.01 -25.57
C LYS J 58 73.95 86.16 -26.81
N TYR J 59 73.65 84.88 -26.73
CA TYR J 59 74.18 83.90 -27.66
C TYR J 59 73.14 83.41 -28.65
N ALA K 2 31.78 37.63 85.00
CA ALA K 2 33.07 36.98 84.79
C ALA K 2 32.97 35.49 85.09
N THR K 3 34.13 34.88 85.39
CA THR K 3 34.31 33.43 85.58
C THR K 3 33.76 32.65 84.38
N TYR K 4 34.09 33.14 83.18
CA TYR K 4 33.60 32.54 81.95
C TYR K 4 34.22 31.17 81.70
N ALA K 5 35.48 31.00 82.05
CA ALA K 5 36.09 29.67 82.01
C ALA K 5 35.43 28.77 83.05
N GLN K 6 35.11 29.31 84.21
CA GLN K 6 34.34 28.58 85.19
C GLN K 6 32.90 28.37 84.73
N ALA K 7 32.39 29.29 83.89
CA ALA K 7 31.05 29.10 83.33
C ALA K 7 31.04 27.95 82.33
N LEU K 8 32.11 27.78 81.57
CA LEU K 8 32.24 26.60 80.73
C LEU K 8 32.49 25.35 81.58
N GLN K 9 33.11 25.53 82.76
CA GLN K 9 33.16 24.42 83.71
C GLN K 9 31.82 24.16 84.37
N SER K 10 30.93 25.16 84.41
CA SER K 10 29.61 25.01 85.03
C SER K 10 28.54 24.55 84.06
N VAL K 11 28.94 24.11 82.87
CA VAL K 11 27.98 23.55 81.90
C VAL K 11 27.51 22.19 82.41
N PRO K 12 26.20 21.92 82.43
CA PRO K 12 25.73 20.61 82.86
C PRO K 12 26.12 19.50 81.89
N GLU K 13 26.16 18.28 82.41
CA GLU K 13 26.70 17.13 81.72
C GLU K 13 25.58 16.19 81.32
N THR K 14 25.75 15.56 80.16
CA THR K 14 24.74 14.65 79.61
C THR K 14 25.00 13.25 80.13
N GLN K 15 24.15 12.76 81.02
CA GLN K 15 24.29 11.40 81.53
C GLN K 15 23.89 10.42 80.44
N VAL K 16 24.83 9.58 80.02
CA VAL K 16 24.65 8.66 78.91
C VAL K 16 24.77 7.24 79.45
N SER K 17 23.82 6.39 79.09
CA SER K 17 23.87 4.98 79.46
C SER K 17 23.32 4.15 78.31
N GLN K 18 23.27 2.85 78.53
CA GLN K 18 22.86 1.91 77.49
C GLN K 18 21.88 0.91 78.08
N LEU K 19 20.69 0.85 77.51
CA LEU K 19 19.72 -0.17 77.88
C LEU K 19 19.99 -1.46 77.13
N ASP K 20 19.45 -2.54 77.71
CA ASP K 20 19.88 -3.91 77.48
C ASP K 20 19.65 -4.38 76.06
N ASN K 21 18.74 -3.76 75.33
CA ASN K 21 18.48 -4.12 73.94
C ASN K 21 19.39 -3.38 72.96
N GLY K 22 20.54 -2.90 73.43
CA GLY K 22 21.38 -2.07 72.60
C GLY K 22 20.92 -0.64 72.49
N LEU K 23 20.03 -0.21 73.37
CA LEU K 23 19.45 1.13 73.26
C LEU K 23 20.41 2.15 73.83
N ARG K 24 20.61 3.27 73.13
CA ARG K 24 21.52 4.29 73.63
C ARG K 24 20.69 5.43 74.23
N VAL K 25 20.76 5.60 75.55
CA VAL K 25 19.94 6.60 76.23
C VAL K 25 20.85 7.71 76.73
N ALA K 26 20.34 8.94 76.68
CA ALA K 26 21.10 10.10 77.09
C ALA K 26 20.16 11.18 77.62
N SER K 27 20.62 11.90 78.64
CA SER K 27 19.74 12.83 79.35
C SER K 27 20.49 14.07 79.77
N GLU K 28 19.80 15.20 79.70
CA GLU K 28 20.20 16.43 80.39
C GLU K 28 19.11 16.82 81.36
N GLN K 29 19.44 16.75 82.65
CA GLN K 29 18.50 17.08 83.72
C GLN K 29 18.72 18.54 84.09
N SER K 30 17.81 19.40 83.63
CA SER K 30 17.95 20.84 83.80
C SER K 30 16.82 21.37 84.66
N SER K 31 16.75 22.69 84.78
CA SER K 31 15.76 23.36 85.62
C SER K 31 14.57 23.86 84.83
N GLN K 32 14.33 23.32 83.65
CA GLN K 32 13.17 23.79 82.90
C GLN K 32 12.04 22.79 82.99
N PRO K 33 10.86 23.21 83.40
CA PRO K 33 9.70 22.29 83.39
C PRO K 33 9.29 21.91 81.98
N THR K 34 9.44 22.81 81.02
CA THR K 34 9.31 22.44 79.62
C THR K 34 10.46 21.53 79.23
N CYS K 35 10.16 20.44 78.55
CA CYS K 35 11.16 19.43 78.22
C CYS K 35 11.01 19.03 76.76
N THR K 36 12.01 18.29 76.28
CA THR K 36 12.01 17.78 74.92
C THR K 36 12.61 16.38 74.89
N VAL K 37 11.85 15.43 74.35
CA VAL K 37 12.22 14.02 74.32
C VAL K 37 12.24 13.56 72.88
N GLY K 38 13.32 12.92 72.46
CA GLY K 38 13.46 12.55 71.06
C GLY K 38 14.09 11.19 70.88
N VAL K 39 13.84 10.64 69.71
CA VAL K 39 14.42 9.39 69.23
C VAL K 39 15.14 9.67 67.93
N TRP K 40 16.41 9.28 67.87
CA TRP K 40 17.24 9.40 66.70
C TRP K 40 17.56 8.02 66.14
N ILE K 41 17.47 7.92 64.81
CA ILE K 41 17.56 6.67 64.08
C ILE K 41 18.56 6.84 62.96
N ASP K 42 19.52 5.92 62.87
CA ASP K 42 20.46 5.87 61.76
C ASP K 42 19.83 5.05 60.64
N ALA K 43 18.88 5.65 59.94
CA ALA K 43 18.31 5.03 58.74
C ALA K 43 17.84 6.16 57.83
N GLY K 44 18.69 6.55 56.89
CA GLY K 44 18.35 7.54 55.91
C GLY K 44 18.17 6.96 54.54
N SER K 45 18.25 7.84 53.53
CA SER K 45 18.17 7.38 52.15
C SER K 45 19.48 6.75 51.68
N ARG K 46 20.56 6.86 52.46
CA ARG K 46 21.83 6.27 52.09
C ARG K 46 21.77 4.75 52.17
N TYR K 47 20.93 4.21 53.03
CA TYR K 47 20.72 2.77 53.06
C TYR K 47 19.67 2.31 52.08
N GLU K 48 18.90 3.23 51.51
CA GLU K 48 17.91 2.89 50.51
C GLU K 48 18.58 2.61 49.18
N THR K 49 17.91 1.82 48.35
CA THR K 49 18.37 1.59 46.98
C THR K 49 17.51 2.42 46.04
N GLU K 50 17.70 2.21 44.74
CA GLU K 50 16.91 2.97 43.76
C GLU K 50 15.46 2.50 43.74
N LYS K 51 15.22 1.22 43.94
CA LYS K 51 13.86 0.72 44.12
C LYS K 51 13.39 0.82 45.56
N ASN K 52 14.23 1.28 46.47
CA ASN K 52 13.83 1.55 47.84
C ASN K 52 13.90 3.04 48.18
N ASN K 53 14.07 3.90 47.19
CA ASN K 53 14.29 5.31 47.47
C ASN K 53 12.98 5.96 47.90
N GLY K 54 13.08 6.89 48.83
CA GLY K 54 11.91 7.53 49.37
C GLY K 54 11.16 6.71 50.37
N ALA K 55 11.78 5.66 50.92
CA ALA K 55 11.10 4.82 51.89
C ALA K 55 10.91 5.54 53.22
N GLY K 56 12.00 6.05 53.80
CA GLY K 56 11.94 6.65 55.12
C GLY K 56 11.10 7.91 55.18
N TYR K 57 11.03 8.65 54.07
CA TYR K 57 10.17 9.83 53.98
C TYR K 57 8.70 9.43 54.06
N PHE K 58 8.33 8.38 53.34
CA PHE K 58 6.95 7.92 53.34
C PHE K 58 6.60 7.27 54.68
N VAL K 59 7.58 6.64 55.31
CA VAL K 59 7.38 6.09 56.65
C VAL K 59 7.17 7.20 57.66
N GLU K 60 7.92 8.31 57.52
CA GLU K 60 7.71 9.48 58.36
C GLU K 60 6.32 10.07 58.17
N HIS K 61 5.86 10.13 56.92
CA HIS K 61 4.50 10.61 56.68
C HIS K 61 3.42 9.64 57.13
N LEU K 62 3.73 8.36 57.30
CA LEU K 62 2.76 7.44 57.90
C LEU K 62 3.15 6.94 59.27
N ALA K 63 4.13 7.57 59.93
CA ALA K 63 4.38 7.25 61.33
C ALA K 63 3.38 7.90 62.27
N PHE K 64 2.67 8.93 61.81
CA PHE K 64 1.80 9.71 62.66
C PHE K 64 0.32 9.47 62.37
N LYS K 65 0.01 8.72 61.33
CA LYS K 65 -1.34 8.63 60.80
C LYS K 65 -2.05 7.37 61.24
N GLY K 66 -1.82 6.96 62.48
CA GLY K 66 -2.55 5.85 63.07
C GLY K 66 -1.63 4.70 63.44
N THR K 67 -2.19 3.79 64.24
CA THR K 67 -1.48 2.63 64.73
C THR K 67 -2.51 1.58 65.13
N LYS K 68 -2.00 0.43 65.57
CA LYS K 68 -2.88 -0.67 66.00
C LYS K 68 -3.50 -0.43 67.36
N ASN K 69 -2.98 0.52 68.13
CA ASN K 69 -3.47 0.78 69.47
C ASN K 69 -4.53 1.89 69.45
N ARG K 70 -4.15 3.08 68.98
CA ARG K 70 -5.03 4.25 68.96
C ARG K 70 -5.11 4.75 67.52
N PRO K 71 -6.04 4.21 66.72
CA PRO K 71 -5.98 4.43 65.28
C PRO K 71 -6.41 5.83 64.86
N GLY K 72 -5.84 6.27 63.74
CA GLY K 72 -6.36 7.38 62.97
C GLY K 72 -6.19 8.76 63.56
N ASN K 73 -6.92 9.04 64.63
CA ASN K 73 -6.99 10.39 65.18
C ASN K 73 -6.94 10.45 66.68
N ALA K 74 -6.93 9.31 67.38
CA ALA K 74 -6.84 9.32 68.83
C ALA K 74 -5.47 9.80 69.30
N LEU K 75 -4.42 9.50 68.53
CA LEU K 75 -3.07 9.97 68.84
C LEU K 75 -2.99 11.48 68.84
N GLU K 76 -3.41 12.10 67.73
CA GLU K 76 -3.42 13.55 67.62
C GLU K 76 -4.36 14.18 68.64
N LYS K 77 -5.50 13.53 68.90
CA LYS K 77 -6.46 14.08 69.85
C LYS K 77 -5.88 14.08 71.26
N GLU K 78 -5.16 13.03 71.65
CA GLU K 78 -4.57 12.98 72.99
C GLU K 78 -3.39 13.93 73.12
N VAL K 79 -2.55 14.03 72.08
CA VAL K 79 -1.38 14.91 72.16
C VAL K 79 -1.81 16.37 72.18
N GLU K 80 -2.76 16.75 71.31
CA GLU K 80 -3.30 18.10 71.35
C GLU K 80 -4.17 18.34 72.58
N SER K 81 -4.67 17.26 73.21
CA SER K 81 -5.33 17.39 74.50
C SER K 81 -4.33 17.61 75.62
N MET K 82 -3.07 17.23 75.41
CA MET K 82 -2.03 17.47 76.40
C MET K 82 -1.09 18.61 76.00
N GLY K 83 -1.33 19.28 74.87
CA GLY K 83 -0.62 20.50 74.55
C GLY K 83 0.81 20.35 74.08
N ALA K 84 1.28 19.13 73.88
CA ALA K 84 2.64 18.91 73.41
C ALA K 84 2.72 19.15 71.91
N HIS K 85 3.92 19.52 71.46
CA HIS K 85 4.18 19.75 70.04
C HIS K 85 5.08 18.65 69.51
N LEU K 86 4.61 17.96 68.48
CA LEU K 86 5.32 16.84 67.86
C LEU K 86 6.03 17.32 66.60
N ASN K 87 7.27 16.84 66.41
CA ASN K 87 8.04 17.26 65.25
C ASN K 87 8.89 16.08 64.80
N ALA K 88 9.23 16.09 63.51
CA ALA K 88 9.96 14.99 62.90
C ALA K 88 10.70 15.50 61.68
N TYR K 89 11.89 14.93 61.45
CA TYR K 89 12.56 15.13 60.18
C TYR K 89 13.34 13.88 59.83
N SER K 90 13.63 13.73 58.54
CA SER K 90 14.46 12.63 58.07
C SER K 90 15.43 13.18 57.03
N THR K 91 16.67 12.73 57.12
CA THR K 91 17.72 13.16 56.21
C THR K 91 18.24 11.95 55.44
N ARG K 92 19.34 12.16 54.70
CA ARG K 92 19.98 11.05 54.01
C ARG K 92 20.67 10.09 54.96
N GLU K 93 20.89 10.50 56.21
CA GLU K 93 21.71 9.72 57.13
C GLU K 93 20.98 9.47 58.44
N HIS K 94 20.18 10.44 58.88
CA HIS K 94 19.57 10.40 60.21
C HIS K 94 18.09 10.72 60.12
N THR K 95 17.35 10.30 61.14
CA THR K 95 15.93 10.57 61.22
C THR K 95 15.54 10.76 62.68
N ALA K 96 14.91 11.88 62.99
CA ALA K 96 14.59 12.26 64.35
C ALA K 96 13.10 12.46 64.53
N TYR K 97 12.59 11.99 65.66
CA TYR K 97 11.21 12.17 66.09
C TYR K 97 11.22 12.71 67.50
N TYR K 98 10.74 13.93 67.72
CA TYR K 98 10.77 14.46 69.08
C TYR K 98 9.46 15.14 69.46
N ILE K 99 9.31 15.30 70.77
CA ILE K 99 8.14 15.87 71.40
C ILE K 99 8.60 16.97 72.34
N LYS K 100 8.02 18.17 72.19
CA LYS K 100 8.27 19.31 73.06
C LYS K 100 7.06 19.46 73.97
N ALA K 101 7.26 19.19 75.26
CA ALA K 101 6.13 19.03 76.18
C ALA K 101 6.51 19.64 77.51
N LEU K 102 5.74 19.29 78.55
CA LEU K 102 5.94 19.73 79.91
C LEU K 102 6.26 18.52 80.78
N SER K 103 6.84 18.77 81.95
CA SER K 103 7.31 17.71 82.84
C SER K 103 6.20 16.82 83.40
N LYS K 104 4.94 17.28 83.35
CA LYS K 104 3.83 16.49 83.85
C LYS K 104 2.98 15.90 82.72
N ASP K 105 3.54 15.82 81.51
CA ASP K 105 2.94 15.07 80.40
C ASP K 105 3.87 13.98 79.90
N LEU K 106 4.95 13.73 80.63
CA LEU K 106 6.10 12.94 80.19
C LEU K 106 5.85 11.45 79.96
N PRO K 107 5.21 10.68 80.85
CA PRO K 107 5.10 9.24 80.59
C PRO K 107 4.15 8.90 79.46
N LYS K 108 3.05 9.65 79.32
CA LYS K 108 2.18 9.49 78.17
C LYS K 108 2.91 9.84 76.88
N ALA K 109 3.80 10.84 76.94
CA ALA K 109 4.59 11.21 75.78
C ALA K 109 5.54 10.10 75.36
N VAL K 110 6.21 9.46 76.33
CA VAL K 110 7.14 8.37 76.01
C VAL K 110 6.38 7.15 75.50
N GLU K 111 5.22 6.86 76.09
CA GLU K 111 4.41 5.71 75.67
C GLU K 111 3.87 5.90 74.26
N LEU K 112 3.33 7.08 73.97
CA LEU K 112 2.86 7.35 72.61
C LEU K 112 4.02 7.47 71.63
N LEU K 113 5.21 7.83 72.11
CA LEU K 113 6.39 7.82 71.24
C LEU K 113 6.74 6.40 70.83
N ALA K 114 6.67 5.46 71.78
CA ALA K 114 6.86 4.05 71.46
C ALA K 114 5.79 3.56 70.49
N ASP K 115 4.54 3.97 70.71
CA ASP K 115 3.43 3.56 69.85
C ASP K 115 3.59 4.13 68.44
N ILE K 116 4.18 5.31 68.31
CA ILE K 116 4.46 5.88 67.00
C ILE K 116 5.57 5.10 66.30
N VAL K 117 6.64 4.79 67.04
CA VAL K 117 7.82 4.19 66.41
C VAL K 117 7.54 2.76 65.98
N GLN K 118 7.14 1.89 66.92
CA GLN K 118 7.20 0.48 66.57
C GLN K 118 5.88 -0.08 66.04
N ASN K 119 4.73 0.46 66.42
CA ASN K 119 3.46 -0.21 66.17
C ASN K 119 2.73 0.34 64.96
N CYS K 120 3.46 0.69 63.91
CA CYS K 120 2.87 1.35 62.75
C CYS K 120 2.09 0.34 61.92
N SER K 121 0.77 0.38 62.02
CA SER K 121 -0.08 -0.35 61.09
C SER K 121 -0.27 0.45 59.82
N LEU K 122 -0.46 -0.25 58.70
CA LEU K 122 -0.47 0.37 57.39
C LEU K 122 -1.67 -0.11 56.59
N GLU K 123 -2.64 0.78 56.39
CA GLU K 123 -3.79 0.50 55.56
C GLU K 123 -3.46 0.81 54.11
N ASP K 124 -4.47 0.86 53.24
CA ASP K 124 -4.27 1.15 51.83
C ASP K 124 -4.88 2.46 51.38
N SER K 125 -5.96 2.91 52.02
CA SER K 125 -6.41 4.28 51.84
C SER K 125 -5.34 5.26 52.29
N GLN K 126 -4.58 4.91 53.33
CA GLN K 126 -3.50 5.75 53.80
C GLN K 126 -2.37 5.84 52.79
N ILE K 127 -1.98 4.71 52.17
CA ILE K 127 -0.89 4.76 51.21
C ILE K 127 -1.33 5.47 49.93
N GLU K 128 -2.61 5.33 49.54
CA GLU K 128 -3.12 6.06 48.38
C GLU K 128 -3.15 7.57 48.63
N LYS K 129 -3.70 7.96 49.78
CA LYS K 129 -3.85 9.36 50.14
C LYS K 129 -2.50 10.04 50.30
N GLU K 130 -1.58 9.40 51.03
CA GLU K 130 -0.27 9.98 51.24
C GLU K 130 0.57 9.95 49.98
N ARG K 131 0.35 8.97 49.09
CA ARG K 131 1.00 8.98 47.79
C ARG K 131 0.60 10.22 47.00
N ASP K 132 -0.70 10.51 46.95
CA ASP K 132 -1.19 11.68 46.22
C ASP K 132 -0.67 12.97 46.82
N VAL K 133 -0.72 13.08 48.15
CA VAL K 133 -0.32 14.35 48.79
C VAL K 133 1.19 14.54 48.73
N ILE K 134 1.99 13.46 48.82
CA ILE K 134 3.44 13.63 48.72
C ILE K 134 3.86 13.91 47.29
N LEU K 135 3.13 13.39 46.30
CA LEU K 135 3.41 13.84 44.92
C LEU K 135 3.05 15.30 44.72
N GLN K 136 1.99 15.78 45.39
CA GLN K 136 1.72 17.22 45.41
C GLN K 136 2.84 17.99 46.11
N GLU K 137 3.41 17.40 47.16
CA GLU K 137 4.52 18.03 47.87
C GLU K 137 5.75 18.14 46.99
N LEU K 138 6.02 17.12 46.19
CA LEU K 138 7.14 17.17 45.25
C LEU K 138 6.89 18.20 44.16
N GLN K 139 5.65 18.29 43.70
CA GLN K 139 5.27 19.29 42.71
C GLN K 139 5.44 20.71 43.24
N GLU K 140 5.09 20.93 44.52
CA GLU K 140 5.23 22.26 45.09
C GLU K 140 6.68 22.58 45.44
N ASN K 141 7.45 21.59 45.88
CA ASN K 141 8.85 21.78 46.22
C ASN K 141 9.78 21.59 45.03
N ASP K 142 9.23 21.52 43.82
CA ASP K 142 10.01 21.82 42.62
C ASP K 142 10.21 23.31 42.40
N THR K 143 9.74 24.16 43.32
CA THR K 143 9.84 25.61 43.22
C THR K 143 10.83 26.22 44.22
N SER K 144 10.96 25.64 45.41
CA SER K 144 11.93 26.13 46.38
C SER K 144 13.33 25.78 45.90
N MET K 145 14.10 26.82 45.55
CA MET K 145 15.24 26.64 44.66
C MET K 145 16.43 26.01 45.36
N ARG K 146 16.60 26.34 46.65
CA ARG K 146 17.81 25.98 47.39
C ARG K 146 17.91 24.47 47.61
N ASP K 147 16.79 23.81 47.91
CA ASP K 147 16.81 22.36 48.09
C ASP K 147 17.02 21.64 46.76
N VAL K 148 16.52 22.21 45.66
CA VAL K 148 16.78 21.67 44.33
C VAL K 148 18.26 21.77 44.00
N VAL K 149 18.89 22.88 44.43
CA VAL K 149 20.32 23.05 44.21
C VAL K 149 21.11 22.03 45.00
N PHE K 150 20.73 21.78 46.25
CA PHE K 150 21.42 20.75 47.04
C PHE K 150 21.19 19.35 46.46
N ASN K 151 20.01 19.09 45.91
CA ASN K 151 19.76 17.78 45.33
C ASN K 151 20.57 17.56 44.06
N TYR K 152 20.65 18.60 43.20
CA TYR K 152 21.51 18.54 42.03
C TYR K 152 22.97 18.35 42.43
N LEU K 153 23.40 19.04 43.50
CA LEU K 153 24.80 18.98 43.90
C LEU K 153 25.16 17.60 44.44
N HIS K 154 24.29 17.01 45.26
CA HIS K 154 24.57 15.67 45.76
C HIS K 154 24.50 14.64 44.65
N ALA K 155 23.54 14.80 43.73
CA ALA K 155 23.39 13.87 42.62
C ALA K 155 24.57 13.91 41.67
N THR K 156 25.19 15.07 41.49
CA THR K 156 26.38 15.12 40.67
C THR K 156 27.65 14.86 41.46
N ALA K 157 27.57 14.83 42.80
CA ALA K 157 28.76 14.65 43.61
C ALA K 157 29.02 13.20 44.00
N PHE K 158 27.99 12.39 44.21
CA PHE K 158 28.21 11.06 44.75
C PHE K 158 27.61 10.00 43.84
N GLN K 159 27.92 10.11 42.55
CA GLN K 159 27.31 9.36 41.47
C GLN K 159 27.52 7.86 41.59
N GLY K 160 26.44 7.14 41.90
CA GLY K 160 26.50 5.71 42.06
C GLY K 160 26.14 5.26 43.47
N THR K 161 26.67 5.98 44.46
CA THR K 161 26.31 5.69 45.84
C THR K 161 24.94 6.30 46.15
N PRO K 162 24.20 5.72 47.10
CA PRO K 162 22.89 6.29 47.47
C PRO K 162 22.98 7.60 48.24
N LEU K 163 24.18 8.10 48.52
CA LEU K 163 24.33 9.45 49.07
C LEU K 163 23.91 10.50 48.04
N ALA K 164 24.04 10.19 46.74
CA ALA K 164 23.57 11.10 45.70
C ALA K 164 22.05 11.19 45.64
N GLN K 165 21.34 10.22 46.20
CA GLN K 165 19.89 10.24 46.21
C GLN K 165 19.39 11.31 47.15
N SER K 166 18.16 11.76 46.91
CA SER K 166 17.52 12.68 47.82
C SER K 166 16.79 11.88 48.91
N VAL K 167 16.20 12.60 49.86
CA VAL K 167 15.41 11.95 50.89
C VAL K 167 14.12 11.43 50.31
N GLU K 168 13.45 12.26 49.52
CA GLU K 168 12.18 11.87 48.93
C GLU K 168 12.37 10.92 47.76
N GLY K 169 13.55 10.90 47.16
CA GLY K 169 13.83 10.04 46.04
C GLY K 169 13.13 10.51 44.77
N PRO K 170 13.18 9.70 43.73
CA PRO K 170 12.41 10.01 42.54
C PRO K 170 10.93 9.71 42.77
N SER K 171 10.09 10.49 42.08
CA SER K 171 8.65 10.37 42.28
C SER K 171 8.10 9.07 41.73
N GLU K 172 8.75 8.50 40.72
CA GLU K 172 8.21 7.34 40.03
C GLU K 172 8.28 6.08 40.90
N ASN K 173 9.37 5.92 41.65
CA ASN K 173 9.42 4.81 42.60
C ASN K 173 8.44 5.00 43.74
N VAL K 174 8.19 6.25 44.14
CA VAL K 174 7.26 6.52 45.23
C VAL K 174 5.84 6.18 44.80
N ARG K 175 5.47 6.50 43.57
CA ARG K 175 4.10 6.31 43.13
C ARG K 175 3.77 4.87 42.75
N LYS K 176 4.62 3.88 43.05
CA LYS K 176 4.37 2.52 42.62
C LYS K 176 4.60 1.45 43.67
N LEU K 177 4.92 1.81 44.91
CA LEU K 177 5.26 0.81 45.92
C LEU K 177 4.02 0.13 46.47
N SER K 178 4.21 -0.67 47.51
CA SER K 178 3.13 -1.38 48.17
C SER K 178 3.38 -1.33 49.67
N ARG K 179 2.68 -2.16 50.43
CA ARG K 179 2.93 -2.24 51.85
C ARG K 179 4.20 -3.04 52.15
N ALA K 180 4.59 -3.95 51.26
CA ALA K 180 5.60 -4.96 51.58
C ALA K 180 6.99 -4.35 51.71
N ASP K 181 7.34 -3.43 50.82
CA ASP K 181 8.66 -2.81 50.89
C ASP K 181 8.78 -1.88 52.08
N LEU K 182 7.69 -1.21 52.44
CA LEU K 182 7.68 -0.39 53.65
C LEU K 182 7.78 -1.27 54.89
N THR K 183 7.16 -2.45 54.84
CA THR K 183 7.25 -3.41 55.94
C THR K 183 8.68 -3.93 56.08
N GLU K 184 9.34 -4.16 54.95
CA GLU K 184 10.75 -4.56 54.97
C GLU K 184 11.63 -3.46 55.52
N TYR K 185 11.31 -2.21 55.19
CA TYR K 185 12.02 -1.06 55.74
C TYR K 185 11.89 -1.01 57.26
N LEU K 186 10.67 -1.21 57.76
CA LEU K 186 10.43 -1.18 59.20
C LEU K 186 11.10 -2.35 59.90
N SER K 187 11.12 -3.51 59.25
CA SER K 187 11.72 -4.68 59.89
C SER K 187 13.23 -4.65 59.84
N ARG K 188 13.82 -3.99 58.84
CA ARG K 188 15.26 -4.02 58.67
C ARG K 188 15.96 -2.86 59.37
N HIS K 189 15.34 -1.68 59.40
CA HIS K 189 16.08 -0.48 59.75
C HIS K 189 15.81 0.03 61.16
N TYR K 190 14.55 0.12 61.57
CA TYR K 190 14.23 0.66 62.89
C TYR K 190 14.53 -0.41 63.92
N LYS K 191 15.77 -0.41 64.42
CA LYS K 191 16.25 -1.48 65.27
C LYS K 191 16.80 -0.92 66.57
N ALA K 192 16.42 -1.57 67.67
CA ALA K 192 16.87 -1.28 69.03
C ALA K 192 18.38 -1.19 69.27
N PRO K 193 19.27 -1.92 68.58
CA PRO K 193 20.71 -1.66 68.80
C PRO K 193 21.18 -0.32 68.26
N ARG K 194 20.53 0.25 67.25
CA ARG K 194 21.06 1.43 66.59
C ARG K 194 20.25 2.70 66.88
N MET K 195 19.34 2.68 67.85
CA MET K 195 18.50 3.84 68.09
C MET K 195 18.82 4.49 69.44
N VAL K 196 18.61 5.80 69.47
CA VAL K 196 19.05 6.63 70.59
C VAL K 196 17.84 7.37 71.14
N LEU K 197 17.57 7.16 72.43
CA LEU K 197 16.56 7.93 73.16
C LEU K 197 17.29 9.00 73.97
N ALA K 198 17.06 10.26 73.63
CA ALA K 198 17.71 11.35 74.33
C ALA K 198 16.69 12.40 74.72
N ALA K 199 16.85 12.94 75.93
CA ALA K 199 15.87 13.88 76.44
C ALA K 199 16.56 14.95 77.25
N ALA K 200 15.91 16.11 77.33
CA ALA K 200 16.44 17.22 78.10
C ALA K 200 15.29 17.95 78.77
N GLY K 201 15.55 18.46 79.96
CA GLY K 201 14.57 19.20 80.70
C GLY K 201 14.58 18.82 82.16
N GLY K 202 13.53 19.21 82.86
CA GLY K 202 13.40 18.93 84.28
C GLY K 202 12.88 17.54 84.56
N LEU K 203 13.74 16.54 84.38
CA LEU K 203 13.36 15.15 84.56
C LEU K 203 14.60 14.34 84.88
N GLU K 204 14.47 13.41 85.81
CA GLU K 204 15.62 12.70 86.33
C GLU K 204 16.13 11.66 85.33
N HIS K 205 17.44 11.40 85.40
CA HIS K 205 18.04 10.39 84.55
C HIS K 205 17.54 8.99 84.92
N ARG K 206 17.34 8.74 86.21
CA ARG K 206 16.77 7.47 86.62
C ARG K 206 15.28 7.41 86.34
N GLN K 207 14.62 8.56 86.27
CA GLN K 207 13.21 8.58 85.88
C GLN K 207 13.04 8.20 84.41
N LEU K 208 13.88 8.77 83.55
CA LEU K 208 13.86 8.38 82.14
C LEU K 208 14.35 6.94 81.96
N LEU K 209 15.27 6.51 82.83
CA LEU K 209 15.68 5.11 82.88
C LEU K 209 14.49 4.21 83.19
N ASP K 210 13.64 4.63 84.13
CA ASP K 210 12.46 3.87 84.50
C ASP K 210 11.47 3.81 83.35
N LEU K 211 11.26 4.93 82.67
CA LEU K 211 10.34 4.95 81.53
C LEU K 211 10.85 4.10 80.38
N ALA K 212 12.17 4.11 80.16
CA ALA K 212 12.74 3.23 79.15
C ALA K 212 12.64 1.77 79.56
N GLN K 213 12.78 1.50 80.85
CA GLN K 213 12.69 0.14 81.35
C GLN K 213 11.27 -0.40 81.26
N LYS K 214 10.28 0.48 81.34
CA LYS K 214 8.91 0.07 81.04
C LYS K 214 8.72 -0.16 79.55
N HIS K 215 8.93 0.88 78.76
CA HIS K 215 8.47 0.86 77.36
C HIS K 215 9.52 0.32 76.41
N PHE K 216 10.70 0.95 76.40
CA PHE K 216 11.73 0.58 75.43
C PHE K 216 12.53 -0.64 75.84
N SER K 217 12.21 -1.27 76.97
CA SER K 217 12.72 -2.60 77.27
C SER K 217 11.66 -3.60 76.81
N GLY K 218 11.99 -4.39 75.81
CA GLY K 218 11.03 -5.24 75.14
C GLY K 218 10.68 -4.80 73.74
N LEU K 219 11.61 -4.18 73.02
CA LEU K 219 11.41 -3.76 71.65
C LEU K 219 11.76 -4.93 70.72
N SER K 220 11.99 -4.66 69.44
CA SER K 220 12.41 -5.68 68.50
C SER K 220 13.74 -6.32 68.89
N GLY K 221 14.82 -5.54 68.84
CA GLY K 221 16.14 -5.97 69.28
C GLY K 221 16.70 -7.19 68.58
N THR K 222 16.21 -7.52 67.39
CA THR K 222 16.49 -8.81 66.77
C THR K 222 16.48 -8.61 65.26
N TYR K 223 17.63 -8.81 64.63
CA TYR K 223 17.74 -8.58 63.20
C TYR K 223 17.17 -9.75 62.41
N ASP K 224 17.09 -9.53 61.10
CA ASP K 224 16.72 -10.55 60.12
C ASP K 224 17.93 -11.41 59.80
N GLU K 225 17.85 -12.15 58.69
CA GLU K 225 18.91 -13.07 58.31
C GLU K 225 20.18 -12.36 57.85
N ASP K 226 20.86 -11.69 58.79
CA ASP K 226 22.14 -11.01 58.60
C ASP K 226 22.09 -9.92 57.53
N ALA K 227 20.91 -9.42 57.20
CA ALA K 227 20.75 -8.43 56.13
C ALA K 227 20.86 -7.03 56.74
N VAL K 228 22.09 -6.68 57.11
CA VAL K 228 22.32 -5.49 57.91
C VAL K 228 23.11 -4.46 57.12
N PRO K 229 22.82 -3.18 57.29
CA PRO K 229 23.58 -2.14 56.58
C PRO K 229 24.88 -1.81 57.29
N THR K 230 25.83 -1.32 56.49
CA THR K 230 27.12 -0.85 56.96
C THR K 230 27.54 0.28 56.02
N LEU K 231 28.24 1.27 56.56
CA LEU K 231 28.64 2.44 55.79
C LEU K 231 29.70 2.03 54.77
N THR K 232 29.29 1.89 53.52
CA THR K 232 30.25 1.78 52.44
C THR K 232 30.94 3.11 52.23
N PRO K 233 32.24 3.11 51.96
CA PRO K 233 32.96 4.38 51.69
C PRO K 233 32.47 4.99 50.38
N CYS K 234 31.84 6.15 50.47
CA CYS K 234 31.24 6.78 49.30
C CYS K 234 32.30 7.38 48.40
N ARG K 235 32.04 7.32 47.10
CA ARG K 235 32.99 7.73 46.08
C ARG K 235 32.61 9.12 45.59
N PHE K 236 33.25 10.14 46.18
CA PHE K 236 33.08 11.50 45.68
C PHE K 236 33.78 11.63 44.34
N THR K 237 33.01 11.82 43.27
CA THR K 237 33.64 12.01 41.97
C THR K 237 34.21 13.42 41.84
N GLY K 238 33.35 14.42 41.86
CA GLY K 238 33.81 15.77 41.60
C GLY K 238 33.62 16.11 40.14
N SER K 239 32.60 16.90 39.85
CA SER K 239 32.11 17.09 38.48
C SER K 239 31.18 18.29 38.51
N GLU K 240 30.45 18.51 37.43
CA GLU K 240 29.54 19.65 37.42
C GLU K 240 28.27 19.32 36.65
N ILE K 241 27.18 19.89 37.16
CA ILE K 241 25.86 19.79 36.57
C ILE K 241 25.31 21.20 36.39
N ARG K 242 24.59 21.42 35.31
CA ARG K 242 23.96 22.71 35.15
C ARG K 242 22.56 22.54 34.56
N HIS K 243 21.63 23.33 35.10
CA HIS K 243 20.23 23.29 34.69
C HIS K 243 19.91 24.69 34.19
N ARG K 244 20.07 24.88 32.88
CA ARG K 244 19.74 26.15 32.27
C ARG K 244 18.24 26.21 31.99
N GLU K 245 17.63 27.28 32.49
CA GLU K 245 16.20 27.52 32.46
C GLU K 245 16.06 29.03 32.60
N ASP K 246 15.72 29.71 31.51
CA ASP K 246 15.87 31.17 31.43
C ASP K 246 14.56 31.90 31.69
N GLY K 247 13.74 31.43 32.63
CA GLY K 247 12.55 32.15 32.99
C GLY K 247 12.54 32.57 34.45
N LEU K 248 13.71 32.60 35.05
CA LEU K 248 13.76 32.86 36.47
C LEU K 248 14.43 34.22 36.74
N PRO K 249 14.03 34.94 37.79
CA PRO K 249 14.65 36.25 38.03
C PRO K 249 16.04 36.15 38.61
N LEU K 250 16.34 35.09 39.36
CA LEU K 250 17.64 34.95 39.99
C LEU K 250 18.27 33.63 39.60
N ALA K 251 19.55 33.50 39.93
CA ALA K 251 20.33 32.31 39.62
C ALA K 251 21.01 31.81 40.88
N HIS K 252 21.10 30.49 41.01
CA HIS K 252 21.62 29.83 42.21
C HIS K 252 22.81 28.99 41.82
N VAL K 253 23.98 29.31 42.37
CA VAL K 253 25.21 28.61 42.03
C VAL K 253 25.83 28.10 43.31
N ALA K 254 26.07 26.79 43.37
CA ALA K 254 26.75 26.19 44.50
C ALA K 254 28.02 25.52 44.02
N ILE K 255 29.05 25.57 44.86
CA ILE K 255 30.32 24.92 44.61
C ILE K 255 30.77 24.24 45.90
N ALA K 256 31.39 23.07 45.77
CA ALA K 256 31.79 22.34 46.96
C ALA K 256 33.06 21.56 46.69
N VAL K 257 33.81 21.31 47.75
CA VAL K 257 35.00 20.46 47.75
C VAL K 257 34.84 19.46 48.87
N GLU K 258 35.90 18.68 49.12
CA GLU K 258 35.95 17.56 50.06
C GLU K 258 35.50 17.86 51.48
N GLY K 259 35.20 16.80 52.22
CA GLY K 259 34.80 16.95 53.61
C GLY K 259 35.81 16.38 54.57
N PRO K 260 35.70 16.76 55.83
CA PRO K 260 36.58 16.17 56.85
C PRO K 260 36.02 14.87 57.42
N GLY K 261 34.70 14.71 57.37
CA GLY K 261 34.06 13.58 58.03
C GLY K 261 33.49 13.97 59.38
N TRP K 262 33.90 13.26 60.44
CA TRP K 262 33.51 13.65 61.79
C TRP K 262 34.64 13.56 62.81
N ALA K 263 35.68 12.76 62.58
CA ALA K 263 36.61 12.38 63.64
C ALA K 263 37.77 13.36 63.81
N ASN K 264 38.40 13.77 62.71
CA ASN K 264 39.60 14.57 62.77
C ASN K 264 39.31 16.00 63.22
N PRO K 265 40.30 16.70 63.79
CA PRO K 265 40.13 18.14 64.07
C PRO K 265 40.17 19.02 62.84
N ASP K 266 40.34 18.42 61.65
CA ASP K 266 40.13 19.14 60.40
C ASP K 266 38.72 19.70 60.31
N ASN K 267 37.74 19.00 60.90
CA ASN K 267 36.38 19.52 61.00
C ASN K 267 36.35 20.81 61.81
N VAL K 268 37.13 20.87 62.89
CA VAL K 268 37.22 22.08 63.69
C VAL K 268 37.86 23.21 62.89
N ALA K 269 38.93 22.90 62.14
CA ALA K 269 39.60 23.93 61.36
C ALA K 269 38.73 24.43 60.21
N LEU K 270 37.92 23.56 59.61
CA LEU K 270 37.06 24.01 58.54
C LEU K 270 35.84 24.75 59.08
N GLN K 271 35.42 24.46 60.32
CA GLN K 271 34.44 25.32 60.96
C GLN K 271 35.02 26.68 61.29
N VAL K 272 36.33 26.75 61.57
CA VAL K 272 36.99 28.06 61.70
C VAL K 272 36.95 28.80 60.37
N ALA K 273 37.15 28.07 59.26
CA ALA K 273 37.05 28.68 57.94
C ALA K 273 35.64 29.17 57.62
N ASN K 274 34.62 28.40 58.01
CA ASN K 274 33.25 28.86 57.79
C ASN K 274 32.89 29.99 58.74
N ALA K 275 33.53 30.06 59.91
CA ALA K 275 33.34 31.22 60.76
C ALA K 275 34.03 32.44 60.17
N ILE K 276 35.09 32.23 59.40
CA ILE K 276 35.69 33.34 58.66
C ILE K 276 34.73 33.86 57.62
N ILE K 277 34.14 32.98 56.81
CA ILE K 277 33.28 33.56 55.79
C ILE K 277 31.79 33.34 56.07
N GLY K 278 31.27 32.10 55.95
CA GLY K 278 29.88 31.85 56.31
C GLY K 278 28.86 32.66 55.52
N HIS K 279 27.91 33.25 56.23
CA HIS K 279 26.71 33.78 55.61
C HIS K 279 26.76 35.28 55.43
N TYR K 280 26.01 35.75 54.43
CA TYR K 280 25.65 37.14 54.25
C TYR K 280 24.35 37.20 53.48
N ASP K 281 23.44 38.05 53.94
CA ASP K 281 22.21 38.36 53.24
C ASP K 281 22.14 39.87 53.04
N CYS K 282 21.40 40.30 52.02
CA CYS K 282 21.30 41.72 51.68
C CYS K 282 20.25 42.47 52.51
N THR K 283 19.87 41.96 53.68
CA THR K 283 18.98 42.67 54.60
C THR K 283 19.73 43.11 55.86
N TYR K 284 20.99 43.48 55.72
CA TYR K 284 21.81 43.83 56.87
C TYR K 284 22.08 45.33 56.85
N GLY K 285 22.93 45.79 57.77
CA GLY K 285 23.34 47.17 57.80
C GLY K 285 24.84 47.28 58.00
N GLY K 286 25.37 48.45 57.70
CA GLY K 286 26.80 48.69 57.78
C GLY K 286 27.58 47.92 56.73
N GLY K 287 27.04 47.84 55.51
CA GLY K 287 27.60 46.95 54.50
C GLY K 287 28.95 47.40 53.96
N MET K 288 29.16 48.70 53.88
CA MET K 288 30.42 49.23 53.34
C MET K 288 31.58 49.10 54.31
N HIS K 289 31.36 48.53 55.50
CA HIS K 289 32.38 48.46 56.52
C HIS K 289 32.41 47.07 57.15
N LEU K 290 31.97 46.05 56.41
CA LEU K 290 31.86 44.71 56.95
C LEU K 290 33.24 44.08 57.13
N SER K 291 33.30 43.09 58.02
CA SER K 291 34.57 42.50 58.40
C SER K 291 35.09 41.53 57.34
N SER K 292 34.23 40.67 56.83
CA SER K 292 34.64 39.71 55.82
C SER K 292 34.86 40.43 54.50
N PRO K 293 36.03 40.31 53.88
CA PRO K 293 36.31 41.07 52.65
C PRO K 293 35.49 40.64 51.47
N LEU K 294 35.04 39.37 51.44
CA LEU K 294 34.08 38.94 50.44
C LEU K 294 32.79 39.72 50.55
N ALA K 295 32.30 39.92 51.77
CA ALA K 295 31.12 40.75 51.99
C ALA K 295 31.40 42.22 51.66
N SER K 296 32.63 42.68 51.89
CA SER K 296 33.01 44.04 51.55
C SER K 296 32.91 44.29 50.05
N VAL K 297 33.46 43.39 49.25
CA VAL K 297 33.41 43.53 47.80
C VAL K 297 31.98 43.35 47.30
N ALA K 298 31.25 42.39 47.87
CA ALA K 298 29.88 42.13 47.43
C ALA K 298 28.91 43.24 47.81
N VAL K 299 29.23 44.06 48.81
CA VAL K 299 28.43 45.25 49.05
C VAL K 299 28.88 46.39 48.15
N THR K 300 30.20 46.61 48.09
CA THR K 300 30.75 47.80 47.43
C THR K 300 30.51 47.77 45.92
N ASN K 301 30.42 46.60 45.33
CA ASN K 301 30.17 46.49 43.91
C ASN K 301 28.86 45.80 43.57
N LYS K 302 28.09 45.39 44.58
CA LYS K 302 26.77 44.75 44.44
C LYS K 302 26.85 43.52 43.56
N LEU K 303 27.60 42.53 44.04
CA LEU K 303 27.80 41.31 43.26
C LEU K 303 26.57 40.43 43.29
N CYS K 304 26.18 39.95 44.45
CA CYS K 304 25.13 38.96 44.57
C CYS K 304 23.93 39.55 45.32
N GLN K 305 22.88 38.73 45.42
CA GLN K 305 21.85 38.99 46.41
C GLN K 305 22.29 38.49 47.77
N SER K 306 22.78 37.25 47.84
CA SER K 306 23.23 36.70 49.10
C SER K 306 24.20 35.57 48.86
N PHE K 307 24.92 35.18 49.91
CA PHE K 307 25.74 33.98 49.84
C PHE K 307 25.84 33.35 51.22
N GLN K 308 26.28 32.09 51.23
CA GLN K 308 26.75 31.46 52.45
C GLN K 308 27.78 30.41 52.10
N THR K 309 28.88 30.42 52.85
CA THR K 309 29.90 29.39 52.79
C THR K 309 29.86 28.64 54.10
N PHE K 310 29.81 27.31 53.96
CA PHE K 310 29.09 26.39 54.83
C PHE K 310 29.82 25.06 54.86
N ASN K 311 29.40 24.22 55.81
CA ASN K 311 29.83 22.84 55.96
C ASN K 311 28.61 21.94 55.99
N ILE K 312 28.71 20.77 55.35
CA ILE K 312 27.81 19.65 55.58
C ILE K 312 28.67 18.42 55.75
N CYS K 313 28.40 17.62 56.77
CA CYS K 313 29.18 16.43 57.02
C CYS K 313 28.31 15.18 56.89
N TYR K 314 28.97 14.06 56.62
CA TYR K 314 28.32 12.76 56.55
C TYR K 314 29.31 11.73 57.09
N ALA K 315 28.87 10.47 57.13
CA ALA K 315 29.66 9.39 57.71
C ALA K 315 30.96 9.18 56.95
N ASP K 316 32.05 9.60 57.59
CA ASP K 316 33.43 9.59 57.08
C ASP K 316 33.62 10.49 55.86
N THR K 317 32.73 11.44 55.60
CA THR K 317 32.87 12.27 54.41
C THR K 317 32.13 13.59 54.61
N GLY K 318 31.96 14.34 53.54
CA GLY K 318 31.22 15.57 53.62
C GLY K 318 31.46 16.45 52.42
N LEU K 319 30.72 17.56 52.40
CA LEU K 319 30.83 18.59 51.38
C LEU K 319 31.11 19.91 52.06
N LEU K 320 31.97 20.71 51.46
CA LEU K 320 32.38 21.96 52.09
C LEU K 320 32.44 23.05 51.04
N GLY K 321 31.75 24.16 51.24
CA GLY K 321 31.84 25.16 50.20
C GLY K 321 30.93 26.34 50.26
N ALA K 322 30.32 26.70 49.13
CA ALA K 322 29.57 27.93 49.03
C ALA K 322 28.30 27.71 48.22
N HIS K 323 27.31 28.54 48.53
CA HIS K 323 26.07 28.63 47.80
C HIS K 323 25.70 30.10 47.73
N PHE K 324 25.51 30.62 46.53
CA PHE K 324 25.12 32.02 46.42
C PHE K 324 23.99 32.22 45.43
N VAL K 325 23.22 33.26 45.72
CA VAL K 325 22.08 33.69 44.92
C VAL K 325 22.44 35.03 44.34
N CYS K 326 22.41 35.13 43.01
CA CYS K 326 22.85 36.34 42.33
C CYS K 326 22.12 36.50 41.01
N ASP K 327 22.20 37.70 40.46
CA ASP K 327 21.74 37.95 39.10
C ASP K 327 22.74 37.35 38.12
N HIS K 328 22.27 37.12 36.89
CA HIS K 328 23.08 36.47 35.87
C HIS K 328 24.21 37.34 35.34
N MET K 329 24.25 38.63 35.67
CA MET K 329 25.27 39.52 35.17
C MET K 329 26.45 39.66 36.12
N SER K 330 26.48 38.93 37.23
CA SER K 330 27.59 39.08 38.15
C SER K 330 28.03 37.73 38.70
N ILE K 331 27.85 36.67 37.93
CA ILE K 331 28.31 35.34 38.35
C ILE K 331 29.83 35.29 38.37
N ASP K 332 30.45 35.88 37.33
CA ASP K 332 31.88 35.74 37.12
C ASP K 332 32.69 36.46 38.18
N ASP K 333 32.28 37.68 38.52
CA ASP K 333 33.01 38.45 39.53
C ASP K 333 32.81 37.87 40.92
N MET K 334 31.60 37.37 41.19
CA MET K 334 31.34 36.67 42.45
C MET K 334 32.26 35.46 42.60
N MET K 335 32.40 34.68 41.53
CA MET K 335 33.25 33.49 41.60
C MET K 335 34.74 33.88 41.68
N PHE K 336 35.12 34.95 41.00
CA PHE K 336 36.50 35.42 41.01
C PHE K 336 36.90 35.88 42.40
N VAL K 337 36.04 36.66 43.06
CA VAL K 337 36.37 37.12 44.40
C VAL K 337 36.25 35.98 45.42
N LEU K 338 35.40 34.99 45.14
CA LEU K 338 35.35 33.81 46.02
C LEU K 338 36.65 33.02 45.97
N GLN K 339 37.19 32.81 44.77
CA GLN K 339 38.48 32.15 44.63
C GLN K 339 39.59 32.99 45.25
N GLY K 340 39.48 34.32 45.13
CA GLY K 340 40.48 35.20 45.74
C GLY K 340 40.49 35.12 47.25
N GLN K 341 39.30 35.09 47.87
CA GLN K 341 39.21 34.96 49.32
C GLN K 341 39.70 33.61 49.79
N TRP K 342 39.39 32.55 49.02
CA TRP K 342 39.88 31.23 49.36
C TRP K 342 41.40 31.15 49.32
N MET K 343 42.02 31.69 48.27
CA MET K 343 43.46 31.61 48.17
C MET K 343 44.15 32.58 49.12
N ARG K 344 43.47 33.66 49.52
CA ARG K 344 43.99 34.52 50.55
C ARG K 344 43.99 33.82 51.90
N LEU K 345 42.98 32.98 52.16
CA LEU K 345 43.01 32.16 53.36
C LEU K 345 44.08 31.07 53.26
N CYS K 346 44.30 30.53 52.07
CA CYS K 346 45.23 29.42 51.91
C CYS K 346 46.67 29.88 52.06
N THR K 347 47.10 30.85 51.26
CA THR K 347 48.50 31.23 51.23
C THR K 347 48.87 32.30 52.24
N SER K 348 47.89 33.03 52.77
CA SER K 348 48.15 34.20 53.60
C SER K 348 47.28 34.18 54.86
N ALA K 349 47.33 33.07 55.59
CA ALA K 349 46.58 32.95 56.84
C ALA K 349 47.24 33.83 57.91
N THR K 350 46.72 35.04 58.07
CA THR K 350 47.32 36.05 58.94
C THR K 350 46.73 35.97 60.36
N GLU K 351 46.96 37.02 61.15
CA GLU K 351 46.63 37.00 62.57
C GLU K 351 45.15 37.30 62.84
N SER K 352 44.71 38.50 62.45
CA SER K 352 43.43 39.04 62.91
C SER K 352 42.25 38.28 62.33
N GLU K 353 42.40 37.75 61.13
CA GLU K 353 41.33 36.95 60.53
C GLU K 353 41.12 35.64 61.28
N VAL K 354 42.20 35.04 61.77
CA VAL K 354 42.07 33.81 62.54
C VAL K 354 41.54 34.12 63.94
N VAL K 355 41.90 35.29 64.50
CA VAL K 355 41.33 35.74 65.77
C VAL K 355 39.83 35.91 65.65
N ARG K 356 39.39 36.62 64.61
CA ARG K 356 37.98 36.85 64.37
C ARG K 356 37.23 35.56 64.06
N GLY K 357 37.89 34.62 63.38
CA GLY K 357 37.26 33.33 63.13
C GLY K 357 37.06 32.52 64.40
N LYS K 358 38.05 32.56 65.31
CA LYS K 358 37.91 31.91 66.59
C LYS K 358 36.76 32.50 67.40
N ASN K 359 36.67 33.84 67.42
CA ASN K 359 35.60 34.47 68.18
C ASN K 359 34.23 34.21 67.55
N LEU K 360 34.14 34.26 66.22
CA LEU K 360 32.89 33.98 65.54
C LEU K 360 32.47 32.52 65.68
N LEU K 361 33.43 31.59 65.77
CA LEU K 361 33.02 30.20 65.92
C LEU K 361 32.60 29.89 67.34
N ARG K 362 33.24 30.51 68.34
CA ARG K 362 32.75 30.44 69.72
C ARG K 362 31.33 30.99 69.82
N ASN K 363 31.10 32.15 69.19
CA ASN K 363 29.78 32.77 69.21
C ASN K 363 28.75 31.92 68.49
N ALA K 364 29.16 31.29 67.38
CA ALA K 364 28.24 30.44 66.62
C ALA K 364 27.88 29.19 67.40
N LEU K 365 28.84 28.61 68.11
CA LEU K 365 28.56 27.41 68.88
C LEU K 365 27.66 27.72 70.08
N VAL K 366 27.93 28.83 70.78
CA VAL K 366 27.11 29.19 71.94
C VAL K 366 25.70 29.60 71.50
N SER K 367 25.59 30.32 70.38
CA SER K 367 24.28 30.67 69.87
C SER K 367 23.54 29.48 69.30
N HIS K 368 24.27 28.46 68.85
CA HIS K 368 23.62 27.21 68.47
C HIS K 368 23.10 26.46 69.67
N LEU K 369 23.78 26.58 70.81
CA LEU K 369 23.35 25.90 72.03
C LEU K 369 22.50 26.85 72.88
N ASP K 370 21.23 26.94 72.49
CA ASP K 370 20.22 27.60 73.31
C ASP K 370 18.86 27.01 72.92
N GLY K 371 18.02 26.81 73.92
CA GLY K 371 16.79 26.08 73.72
C GLY K 371 17.01 24.60 73.96
N THR K 372 15.99 23.90 74.47
CA THR K 372 16.14 22.50 74.81
C THR K 372 16.26 21.64 73.57
N THR K 373 15.47 21.96 72.54
CA THR K 373 15.47 21.18 71.30
C THR K 373 16.81 21.20 70.55
N PRO K 374 17.49 22.34 70.32
CA PRO K 374 18.78 22.25 69.61
C PRO K 374 19.86 21.55 70.41
N VAL K 375 19.83 21.69 71.74
CA VAL K 375 20.82 21.02 72.57
C VAL K 375 20.62 19.51 72.55
N CYS K 376 19.38 19.06 72.73
CA CYS K 376 19.10 17.62 72.69
C CYS K 376 19.31 17.06 71.29
N GLU K 377 19.07 17.87 70.25
CA GLU K 377 19.33 17.43 68.89
C GLU K 377 20.82 17.25 68.64
N ASP K 378 21.63 18.19 69.12
CA ASP K 378 23.08 18.05 69.03
C ASP K 378 23.58 16.86 69.84
N ILE K 379 22.93 16.55 70.96
CA ILE K 379 23.26 15.36 71.74
C ILE K 379 22.99 14.10 70.92
N GLY K 380 21.81 14.01 70.31
CA GLY K 380 21.45 12.80 69.58
C GLY K 380 22.32 12.58 68.35
N ARG K 381 22.54 13.64 67.57
CA ARG K 381 23.38 13.50 66.39
C ARG K 381 24.85 13.38 66.74
N SER K 382 25.28 13.86 67.91
CA SER K 382 26.67 13.64 68.31
C SER K 382 26.88 12.20 68.74
N LEU K 383 25.91 11.61 69.44
CA LEU K 383 26.01 10.21 69.82
C LEU K 383 25.81 9.27 68.64
N LEU K 384 25.18 9.73 67.56
CA LEU K 384 25.24 8.95 66.33
C LEU K 384 26.44 9.29 65.46
N THR K 385 27.30 10.22 65.88
CA THR K 385 28.53 10.50 65.14
C THR K 385 29.80 10.42 65.98
N TYR K 386 29.70 10.25 67.30
CA TYR K 386 30.89 10.10 68.12
C TYR K 386 30.80 8.99 69.14
N GLY K 387 29.61 8.55 69.54
CA GLY K 387 29.48 7.69 70.69
C GLY K 387 29.60 8.40 72.02
N ARG K 388 29.70 9.73 71.99
CA ARG K 388 29.86 10.52 73.20
C ARG K 388 29.39 11.94 72.91
N ARG K 389 28.89 12.60 73.95
CA ARG K 389 28.65 14.04 73.89
C ARG K 389 29.87 14.66 74.57
N ILE K 390 30.78 15.17 73.76
CA ILE K 390 31.97 15.81 74.32
C ILE K 390 31.58 17.19 74.87
N PRO K 391 31.90 17.49 76.12
CA PRO K 391 31.42 18.74 76.73
C PRO K 391 32.14 19.96 76.18
N LEU K 392 31.54 21.12 76.46
CA LEU K 392 31.94 22.38 75.84
C LEU K 392 33.31 22.86 76.28
N ALA K 393 33.79 22.41 77.44
CA ALA K 393 35.14 22.78 77.86
C ALA K 393 36.19 22.17 76.94
N GLU K 394 36.00 20.90 76.57
CA GLU K 394 36.90 20.27 75.61
C GLU K 394 36.74 20.86 74.22
N TRP K 395 35.51 21.28 73.87
CA TRP K 395 35.31 22.04 72.64
C TRP K 395 36.13 23.32 72.63
N GLU K 396 36.12 24.05 73.74
CA GLU K 396 36.92 25.27 73.87
C GLU K 396 38.40 24.97 73.83
N SER K 397 38.82 23.81 74.37
CA SER K 397 40.22 23.41 74.29
C SER K 397 40.65 23.13 72.86
N ARG K 398 39.80 22.43 72.09
CA ARG K 398 40.13 22.14 70.70
C ARG K 398 40.07 23.39 69.82
N ILE K 399 39.22 24.35 70.18
CA ILE K 399 39.26 25.65 69.51
C ILE K 399 40.56 26.38 69.85
N ALA K 400 40.94 26.36 71.13
CA ALA K 400 42.15 27.06 71.57
C ALA K 400 43.42 26.40 71.06
N GLU K 401 43.34 25.16 70.57
CA GLU K 401 44.48 24.51 69.93
C GLU K 401 44.50 24.73 68.42
N VAL K 402 44.03 25.88 67.96
CA VAL K 402 44.03 26.22 66.54
C VAL K 402 44.83 27.50 66.35
N ASP K 403 45.86 27.43 65.51
CA ASP K 403 46.59 28.61 65.06
C ASP K 403 46.53 28.70 63.54
N ALA K 404 46.96 29.84 63.01
CA ALA K 404 46.91 30.11 61.57
C ALA K 404 47.79 29.16 60.76
N ARG K 405 48.81 28.58 61.38
CA ARG K 405 49.68 27.64 60.68
C ARG K 405 48.92 26.36 60.34
N VAL K 406 48.23 25.77 61.33
CA VAL K 406 47.40 24.60 61.09
C VAL K 406 46.22 24.94 60.18
N VAL K 407 45.74 26.19 60.25
CA VAL K 407 44.69 26.67 59.35
C VAL K 407 45.15 26.60 57.91
N ARG K 408 46.33 27.16 57.61
CA ARG K 408 46.76 27.11 56.22
C ARG K 408 47.30 25.74 55.81
N GLU K 409 47.67 24.88 56.77
CA GLU K 409 47.91 23.48 56.47
C GLU K 409 46.65 22.80 55.94
N VAL K 410 45.54 22.97 56.67
CA VAL K 410 44.27 22.36 56.25
C VAL K 410 43.76 22.99 54.97
N CYS K 411 43.97 24.30 54.81
CA CYS K 411 43.55 24.97 53.58
C CYS K 411 44.39 24.56 52.38
N SER K 412 45.66 24.22 52.59
CA SER K 412 46.43 23.63 51.51
C SER K 412 45.98 22.20 51.25
N LYS K 413 45.49 21.51 52.28
CA LYS K 413 45.09 20.12 52.11
C LYS K 413 43.75 19.97 51.40
N TYR K 414 42.84 20.92 51.58
CA TYR K 414 41.46 20.75 51.12
C TYR K 414 40.98 21.83 50.16
N PHE K 415 41.83 22.76 49.76
CA PHE K 415 41.37 23.76 48.80
C PHE K 415 42.33 23.92 47.63
N TYR K 416 43.61 23.68 47.88
CA TYR K 416 44.64 24.02 46.91
C TYR K 416 44.61 23.00 45.78
N ASP K 417 43.95 23.37 44.68
CA ASP K 417 43.79 22.57 43.47
C ASP K 417 43.11 21.24 43.78
N GLN K 418 41.87 21.34 44.22
CA GLN K 418 40.99 20.20 44.36
C GLN K 418 40.05 20.11 43.16
N CYS K 419 39.41 18.95 43.00
CA CYS K 419 38.44 18.74 41.93
C CYS K 419 37.06 19.05 42.47
N PRO K 420 36.41 20.14 42.05
CA PRO K 420 35.20 20.60 42.72
C PRO K 420 33.96 19.87 42.21
N ALA K 421 32.85 20.17 42.88
CA ALA K 421 31.51 19.85 42.41
C ALA K 421 30.78 21.16 42.23
N VAL K 422 30.31 21.42 41.01
CA VAL K 422 29.74 22.71 40.64
C VAL K 422 28.32 22.47 40.15
N ALA K 423 27.34 23.03 40.86
CA ALA K 423 25.94 22.92 40.46
C ALA K 423 25.42 24.30 40.12
N GLY K 424 24.89 24.45 38.92
CA GLY K 424 24.32 25.71 38.47
C GLY K 424 22.84 25.56 38.17
N PHE K 425 22.06 26.56 38.56
CA PHE K 425 20.62 26.49 38.34
C PHE K 425 20.07 27.87 37.94
N GLY K 426 19.35 27.91 36.82
CA GLY K 426 18.62 29.09 36.43
C GLY K 426 19.09 29.71 35.14
N PRO K 427 19.17 31.05 35.12
CA PRO K 427 19.85 31.79 34.04
C PRO K 427 21.35 31.82 34.28
N ILE K 428 22.02 30.76 33.85
CA ILE K 428 23.41 30.52 34.19
C ILE K 428 24.27 30.59 32.94
N GLU K 429 23.89 31.46 32.01
CA GLU K 429 24.68 31.70 30.80
C GLU K 429 26.08 32.19 31.14
N GLN K 430 26.19 33.15 32.06
CA GLN K 430 27.48 33.73 32.40
C GLN K 430 28.15 32.98 33.57
N LEU K 431 27.81 31.73 33.75
CA LEU K 431 28.61 30.85 34.58
C LEU K 431 29.96 30.64 33.91
N PRO K 432 31.06 30.83 34.62
CA PRO K 432 32.37 30.52 34.05
C PRO K 432 32.53 29.03 33.82
N ASP K 433 33.42 28.70 32.89
CA ASP K 433 33.59 27.32 32.47
C ASP K 433 34.39 26.55 33.50
N TYR K 434 34.19 25.23 33.53
CA TYR K 434 34.72 24.39 34.60
C TYR K 434 36.23 24.32 34.56
N ASN K 435 36.82 24.32 33.37
CA ASN K 435 38.28 24.32 33.28
C ASN K 435 38.85 25.66 33.71
N ARG K 436 38.14 26.74 33.44
CA ARG K 436 38.59 28.05 33.92
C ARG K 436 38.46 28.14 35.43
N ILE K 437 37.42 27.53 36.00
CA ILE K 437 37.29 27.50 37.45
C ILE K 437 38.40 26.66 38.07
N ARG K 438 38.77 25.56 37.42
CA ARG K 438 39.85 24.73 37.93
C ARG K 438 41.19 25.45 37.80
N SER K 439 41.38 26.21 36.73
CA SER K 439 42.59 27.02 36.59
C SER K 439 42.62 28.14 37.62
N GLY K 440 41.46 28.67 37.98
CA GLY K 440 41.35 29.65 39.03
C GLY K 440 41.36 29.09 40.43
N MET K 441 41.43 27.77 40.58
CA MET K 441 41.57 27.19 41.92
C MET K 441 42.92 27.44 42.55
N PHE K 442 43.91 27.92 41.80
CA PHE K 442 45.19 28.32 42.37
C PHE K 442 45.82 29.35 41.45
N TRP K 443 46.36 30.43 42.02
CA TRP K 443 47.10 31.42 41.26
C TRP K 443 48.55 31.41 41.71
N LEU K 444 49.44 31.28 40.73
CA LEU K 444 50.84 30.93 40.96
C LEU K 444 51.68 32.08 41.47
N ARG K 445 51.17 33.30 41.41
CA ARG K 445 52.00 34.48 41.60
C ARG K 445 52.26 34.73 43.08
N HIS L 20 20.84 27.31 93.45
CA HIS L 20 20.18 28.62 93.50
C HIS L 20 20.01 29.22 92.10
N PRO L 21 18.76 29.45 91.70
CA PRO L 21 18.49 29.96 90.35
C PRO L 21 18.75 31.45 90.17
N GLN L 22 19.18 32.16 91.22
CA GLN L 22 19.59 33.57 91.19
C GLN L 22 18.47 34.46 90.66
N ASP L 23 17.42 34.58 91.49
CA ASP L 23 16.18 35.25 91.13
C ASP L 23 16.39 36.70 90.74
N LEU L 24 15.41 37.23 89.99
CA LEU L 24 15.48 38.51 89.29
C LEU L 24 15.71 39.70 90.22
N GLU L 25 16.87 40.30 90.12
CA GLU L 25 17.23 41.44 90.97
C GLU L 25 16.85 42.74 90.26
N PHE L 26 16.17 43.61 90.99
CA PHE L 26 15.28 44.61 90.40
C PHE L 26 15.59 45.99 90.92
N THR L 27 15.38 47.00 90.07
CA THR L 27 15.36 48.40 90.50
C THR L 27 14.51 49.21 89.54
N ARG L 28 13.45 49.80 90.06
CA ARG L 28 12.61 50.73 89.29
C ARG L 28 13.12 52.12 89.60
N LEU L 29 14.09 52.58 88.81
CA LEU L 29 14.78 53.83 89.12
C LEU L 29 13.89 54.99 88.74
N PRO L 30 13.57 55.89 89.68
CA PRO L 30 12.61 56.96 89.39
C PRO L 30 13.19 58.16 88.64
N ASN L 31 14.00 57.88 87.63
CA ASN L 31 14.09 58.70 86.44
C ASN L 31 13.12 58.20 85.39
N GLY L 32 12.23 57.30 85.78
CA GLY L 32 11.25 56.70 84.91
C GLY L 32 11.70 55.42 84.25
N LEU L 33 12.87 54.89 84.60
CA LEU L 33 13.39 53.74 83.86
C LEU L 33 13.46 52.55 84.80
N VAL L 34 13.70 51.37 84.22
CA VAL L 34 13.73 50.16 85.03
C VAL L 34 14.93 49.31 84.63
N ILE L 35 15.56 48.67 85.61
CA ILE L 35 16.75 47.85 85.42
C ILE L 35 16.53 46.54 86.13
N ALA L 36 16.55 45.44 85.39
CA ALA L 36 16.36 44.13 86.01
C ALA L 36 17.37 43.13 85.47
N SER L 37 17.92 42.34 86.37
CA SER L 37 18.95 41.36 86.04
C SER L 37 18.50 39.96 86.44
N LEU L 38 19.04 38.97 85.75
CA LEU L 38 18.78 37.57 86.03
C LEU L 38 20.08 36.83 85.74
N GLU L 39 20.90 36.61 86.78
CA GLU L 39 22.19 35.96 86.60
C GLU L 39 21.97 34.47 86.41
N ASN L 40 21.65 34.10 85.18
CA ASN L 40 21.69 32.71 84.80
C ASN L 40 23.13 32.32 84.52
N TYR L 41 23.48 31.09 84.87
CA TYR L 41 24.86 30.63 84.66
C TYR L 41 25.01 29.93 83.31
N ALA L 42 24.56 30.60 82.27
CA ALA L 42 24.86 30.25 80.89
C ALA L 42 26.02 31.11 80.41
N PRO L 43 26.93 30.56 79.60
CA PRO L 43 28.11 31.36 79.18
C PRO L 43 27.77 32.53 78.26
N ALA L 44 26.59 32.55 77.65
CA ALA L 44 26.18 33.69 76.85
C ALA L 44 25.74 34.85 77.74
N SER L 45 25.41 35.97 77.11
CA SER L 45 24.87 37.12 77.80
C SER L 45 23.99 37.90 76.82
N ARG L 46 22.84 38.32 77.30
CA ARG L 46 21.84 39.00 76.48
C ARG L 46 21.40 40.26 77.18
N ILE L 47 21.54 41.39 76.51
CA ILE L 47 21.16 42.69 77.05
C ILE L 47 20.06 43.27 76.17
N GLY L 48 18.94 43.63 76.79
CA GLY L 48 17.83 44.16 76.06
C GLY L 48 17.38 45.52 76.52
N LEU L 49 17.32 46.47 75.59
CA LEU L 49 16.72 47.77 75.84
C LEU L 49 15.39 47.81 75.12
N PHE L 50 14.31 47.98 75.89
CA PHE L 50 12.98 48.11 75.33
C PHE L 50 12.51 49.55 75.51
N ILE L 51 11.98 50.13 74.44
CA ILE L 51 11.40 51.47 74.47
C ILE L 51 10.04 51.40 73.80
N LYS L 52 9.00 51.85 74.51
CA LYS L 52 7.66 51.88 73.94
C LYS L 52 7.51 53.00 72.93
N ALA L 53 8.18 52.89 71.78
CA ALA L 53 8.13 53.90 70.73
C ALA L 53 7.95 53.21 69.39
N GLY L 54 6.98 52.31 69.31
CA GLY L 54 6.72 51.60 68.08
C GLY L 54 6.01 52.43 67.02
N SER L 55 5.19 51.77 66.21
CA SER L 55 4.53 52.48 65.11
C SER L 55 3.41 53.40 65.59
N ARG L 56 2.89 53.17 66.80
CA ARG L 56 1.76 53.96 67.29
C ARG L 56 2.16 55.28 67.92
N TYR L 57 3.38 55.78 67.69
CA TYR L 57 3.78 57.07 68.19
C TYR L 57 4.35 57.95 67.07
N GLU L 58 3.89 57.73 65.85
CA GLU L 58 4.29 58.52 64.69
C GLU L 58 3.05 58.80 63.85
N ASN L 59 2.87 60.06 63.48
CA ASN L 59 1.64 60.47 62.83
C ASN L 59 1.77 60.34 61.31
N PHE L 60 0.89 60.99 60.56
CA PHE L 60 0.93 60.94 59.10
C PHE L 60 2.15 61.65 58.52
N ASN L 61 2.72 62.61 59.24
CA ASN L 61 3.84 63.39 58.73
C ASN L 61 5.15 62.63 58.74
N ASN L 62 5.24 61.58 59.55
CA ASN L 62 6.45 60.78 59.68
C ASN L 62 6.13 59.30 59.45
N LEU L 63 5.42 59.01 58.36
CA LEU L 63 5.12 57.64 58.01
C LEU L 63 6.35 56.92 57.48
N GLY L 64 6.57 55.70 57.96
CA GLY L 64 7.75 54.94 57.62
C GLY L 64 8.98 55.30 58.43
N THR L 65 8.90 56.31 59.28
CA THR L 65 10.05 56.75 60.06
C THR L 65 10.42 55.73 61.13
N SER L 66 9.44 54.98 61.62
CA SER L 66 9.72 53.89 62.54
C SER L 66 10.53 52.79 61.88
N HIS L 67 10.24 52.53 60.59
CA HIS L 67 10.99 51.54 59.82
C HIS L 67 12.43 51.98 59.61
N LEU L 68 12.61 53.24 59.18
CA LEU L 68 13.94 53.79 58.96
C LEU L 68 14.75 53.85 60.24
N LEU L 69 14.09 54.19 61.36
CA LEU L 69 14.78 54.22 62.64
C LEU L 69 15.09 52.81 63.12
N ARG L 70 14.27 51.84 62.73
CA ARG L 70 14.59 50.44 63.02
C ARG L 70 15.82 50.00 62.25
N LEU L 71 16.04 50.54 61.06
CA LEU L 71 17.30 50.24 60.39
C LEU L 71 18.45 51.14 60.83
N ALA L 72 18.21 52.11 61.70
CA ALA L 72 19.20 53.17 61.96
C ALA L 72 20.24 52.80 63.00
N SER L 73 20.39 51.52 63.33
CA SER L 73 21.41 51.13 64.29
C SER L 73 22.80 51.10 63.68
N SER L 74 22.91 51.01 62.35
CA SER L 74 24.18 50.85 61.67
C SER L 74 24.74 52.18 61.17
N LEU L 75 24.51 53.26 61.91
CA LEU L 75 24.96 54.58 61.52
C LEU L 75 25.91 55.14 62.57
N THR L 76 26.55 56.25 62.25
CA THR L 76 27.64 56.77 63.06
C THR L 76 27.10 57.42 64.34
N THR L 77 27.87 57.29 65.41
CA THR L 77 27.54 57.87 66.71
C THR L 77 28.60 58.88 67.10
N LYS L 78 28.33 59.60 68.19
CA LYS L 78 29.30 60.53 68.76
C LYS L 78 30.30 59.72 69.57
N GLY L 79 31.49 59.56 69.02
CA GLY L 79 32.52 58.76 69.66
C GLY L 79 33.12 57.75 68.69
N ALA L 80 32.27 57.18 67.83
CA ALA L 80 32.73 56.18 66.88
C ALA L 80 31.77 56.12 65.71
N SER L 81 32.31 55.84 64.53
CA SER L 81 31.52 55.73 63.31
C SER L 81 30.86 54.36 63.24
N SER L 82 30.13 54.14 62.16
CA SER L 82 29.58 52.81 61.90
C SER L 82 30.67 51.80 61.61
N PHE L 83 31.80 52.27 61.09
CA PHE L 83 32.95 51.41 60.83
C PHE L 83 33.49 50.79 62.11
N LYS L 84 33.88 51.64 63.07
CA LYS L 84 34.50 51.14 64.30
C LYS L 84 33.52 50.29 65.11
N ILE L 85 32.27 50.75 65.21
CA ILE L 85 31.26 50.04 65.97
C ILE L 85 30.95 48.68 65.34
N THR L 86 30.78 48.66 64.01
CA THR L 86 30.48 47.43 63.31
C THR L 86 31.62 46.43 63.41
N ARG L 87 32.85 46.90 63.14
CA ARG L 87 34.01 46.02 63.19
C ARG L 87 34.28 45.51 64.60
N GLY L 88 34.07 46.35 65.61
CA GLY L 88 34.31 45.90 66.97
C GLY L 88 33.28 44.89 67.45
N ILE L 89 32.00 45.20 67.27
CA ILE L 89 30.94 44.33 67.77
C ILE L 89 30.90 43.02 67.00
N GLU L 90 31.18 43.06 65.71
CA GLU L 90 31.18 41.83 64.94
C GLU L 90 32.57 41.20 64.85
N ALA L 91 33.57 41.80 65.49
CA ALA L 91 34.85 41.15 65.69
C ALA L 91 34.89 40.39 67.00
N VAL L 92 34.23 40.91 68.04
CA VAL L 92 33.95 40.06 69.18
C VAL L 92 32.78 39.13 68.89
N GLY L 93 31.96 39.47 67.89
CA GLY L 93 31.00 38.56 67.33
C GLY L 93 29.64 38.52 68.00
N GLY L 94 29.39 39.39 68.97
CA GLY L 94 28.05 39.51 69.51
C GLY L 94 27.11 40.08 68.46
N LYS L 95 25.93 39.48 68.37
CA LYS L 95 24.97 39.87 67.36
C LYS L 95 24.02 40.93 67.91
N LEU L 96 23.76 41.94 67.09
CA LEU L 96 22.91 43.07 67.44
C LEU L 96 21.70 43.07 66.52
N SER L 97 20.51 43.03 67.09
CA SER L 97 19.29 43.07 66.32
C SER L 97 18.35 44.13 66.86
N VAL L 98 17.72 44.85 65.96
CA VAL L 98 16.68 45.80 66.31
C VAL L 98 15.37 45.21 65.85
N THR L 99 14.50 44.90 66.80
CA THR L 99 13.20 44.35 66.45
C THR L 99 12.11 45.26 67.01
N SER L 100 10.90 45.05 66.52
CA SER L 100 9.82 45.98 66.83
C SER L 100 8.47 45.29 66.68
N THR L 101 7.58 45.63 67.59
CA THR L 101 6.13 45.52 67.43
C THR L 101 5.57 46.94 67.39
N ARG L 102 4.26 47.03 67.19
CA ARG L 102 3.60 48.33 66.99
C ARG L 102 3.71 49.24 68.20
N GLU L 103 3.88 48.65 69.38
CA GLU L 103 4.14 49.42 70.59
C GLU L 103 5.63 49.66 70.80
N ASN L 104 6.47 48.68 70.44
CA ASN L 104 7.77 48.55 71.07
C ASN L 104 8.89 48.51 70.04
N MET L 105 9.96 49.25 70.31
CA MET L 105 11.24 49.03 69.68
C MET L 105 12.20 48.41 70.68
N ALA L 106 13.11 47.60 70.17
CA ALA L 106 13.94 46.76 71.02
C ALA L 106 15.32 46.65 70.43
N TYR L 107 16.31 47.15 71.18
CA TYR L 107 17.71 46.95 70.88
C TYR L 107 18.18 45.73 71.67
N THR L 108 18.47 44.64 70.97
CA THR L 108 18.83 43.39 71.60
C THR L 108 20.25 43.05 71.17
N VAL L 109 21.16 42.96 72.15
CA VAL L 109 22.53 42.57 71.85
C VAL L 109 22.83 41.28 72.61
N GLU L 110 23.57 40.38 71.96
CA GLU L 110 23.99 39.14 72.61
C GLU L 110 25.47 38.93 72.36
N CYS L 111 26.16 38.47 73.40
CA CYS L 111 27.62 38.38 73.39
C CYS L 111 28.05 37.38 74.45
N LEU L 112 29.33 37.40 74.79
CA LEU L 112 29.88 36.61 75.86
C LEU L 112 29.99 37.46 77.12
N ARG L 113 30.03 36.77 78.27
CA ARG L 113 29.99 37.46 79.56
C ARG L 113 31.29 38.20 79.88
N ASP L 114 32.39 37.89 79.18
CA ASP L 114 33.63 38.60 79.45
C ASP L 114 33.62 40.00 78.87
N ASP L 115 32.97 40.19 77.72
CA ASP L 115 33.17 41.36 76.90
C ASP L 115 32.04 42.38 77.05
N VAL L 116 31.29 42.31 78.14
CA VAL L 116 30.02 43.02 78.23
C VAL L 116 30.17 44.52 78.43
N ASP L 117 31.30 44.98 78.98
CA ASP L 117 31.41 46.40 79.35
C ASP L 117 31.63 47.28 78.13
N ILE L 118 32.55 46.89 77.25
CA ILE L 118 32.83 47.71 76.07
C ILE L 118 31.66 47.65 75.10
N LEU L 119 30.98 46.51 75.01
CA LEU L 119 29.81 46.40 74.15
C LEU L 119 28.62 47.13 74.75
N MET L 120 28.56 47.21 76.08
CA MET L 120 27.58 48.05 76.75
C MET L 120 27.81 49.52 76.42
N GLU L 121 29.09 49.91 76.38
CA GLU L 121 29.44 51.27 75.96
C GLU L 121 29.03 51.53 74.52
N PHE L 122 29.20 50.53 73.64
CA PHE L 122 28.77 50.69 72.25
C PHE L 122 27.25 50.83 72.13
N LEU L 123 26.51 50.00 72.89
CA LEU L 123 25.05 50.09 72.87
C LEU L 123 24.57 51.43 73.41
N LEU L 124 25.20 51.92 74.47
CA LEU L 124 24.78 53.21 75.01
C LEU L 124 25.19 54.36 74.10
N ASN L 125 26.27 54.20 73.34
CA ASN L 125 26.59 55.18 72.30
C ASN L 125 25.53 55.19 71.21
N VAL L 126 25.04 54.00 70.84
CA VAL L 126 23.98 53.90 69.84
C VAL L 126 22.69 54.56 70.34
N THR L 127 22.37 54.38 71.62
CA THR L 127 21.13 54.93 72.15
C THR L 127 21.22 56.44 72.34
N THR L 128 22.31 56.92 72.95
CA THR L 128 22.41 58.34 73.25
C THR L 128 22.69 59.17 72.02
N ALA L 129 23.52 58.65 71.10
CA ALA L 129 24.03 59.45 69.99
C ALA L 129 23.64 58.90 68.63
N PRO L 130 22.43 59.19 68.14
CA PRO L 130 22.21 59.13 66.70
C PRO L 130 22.60 60.44 66.03
N GLU L 131 23.11 60.33 64.81
CA GLU L 131 23.59 61.50 64.09
C GLU L 131 22.78 61.83 62.86
N PHE L 132 22.35 60.81 62.11
CA PHE L 132 21.56 60.92 60.88
C PHE L 132 22.27 61.76 59.82
N ARG L 133 23.40 61.23 59.35
CA ARG L 133 24.12 61.84 58.24
C ARG L 133 23.41 61.50 56.94
N ARG L 134 23.30 62.51 56.07
CA ARG L 134 22.24 62.52 55.05
C ARG L 134 22.50 61.51 53.93
N TRP L 135 23.75 61.34 53.53
CA TRP L 135 24.08 60.37 52.50
C TRP L 135 23.84 58.95 52.98
N GLU L 136 24.12 58.71 54.26
CA GLU L 136 23.77 57.44 54.88
C GLU L 136 22.27 57.25 54.94
N VAL L 137 21.52 58.35 55.10
CA VAL L 137 20.07 58.27 55.08
C VAL L 137 19.57 57.85 53.70
N ALA L 138 20.19 58.37 52.63
CA ALA L 138 19.74 57.99 51.28
C ALA L 138 20.07 56.54 50.94
N ALA L 139 21.28 56.10 51.30
CA ALA L 139 21.62 54.68 51.11
C ALA L 139 20.73 53.79 51.97
N LEU L 140 20.34 54.26 53.15
CA LEU L 140 19.43 53.49 53.96
C LEU L 140 18.01 53.55 53.42
N GLN L 141 17.66 54.56 52.60
CA GLN L 141 16.37 54.54 51.92
C GLN L 141 16.33 53.45 50.85
N SER L 142 17.43 53.29 50.11
CA SER L 142 17.56 52.14 49.21
C SER L 142 17.43 50.83 49.98
N GLN L 143 18.05 50.78 51.16
CA GLN L 143 17.93 49.61 52.04
C GLN L 143 16.47 49.41 52.48
N LEU L 144 15.72 50.49 52.68
CA LEU L 144 14.31 50.38 53.06
C LEU L 144 13.48 49.75 51.96
N ARG L 145 13.73 50.16 50.70
CA ARG L 145 13.00 49.53 49.60
C ARG L 145 13.35 48.05 49.47
N ILE L 146 14.62 47.72 49.67
CA ILE L 146 15.05 46.32 49.63
C ILE L 146 14.36 45.50 50.71
N ASP L 147 14.37 46.00 51.95
CA ASP L 147 13.77 45.24 53.04
C ASP L 147 12.25 45.22 52.94
N LYS L 148 11.64 46.21 52.30
CA LYS L 148 10.21 46.16 52.05
C LYS L 148 9.87 45.04 51.07
N ALA L 149 10.69 44.88 50.03
CA ALA L 149 10.48 43.76 49.10
C ALA L 149 10.66 42.42 49.80
N VAL L 150 11.69 42.31 50.64
CA VAL L 150 11.98 41.06 51.34
C VAL L 150 10.87 40.72 52.32
N ALA L 151 10.34 41.72 53.02
CA ALA L 151 9.27 41.47 53.99
C ALA L 151 7.97 41.12 53.28
N PHE L 152 7.59 41.91 52.27
CA PHE L 152 6.33 41.71 51.61
C PHE L 152 6.43 40.78 50.41
N GLN L 153 7.44 39.89 50.37
CA GLN L 153 7.31 38.75 49.48
C GLN L 153 6.23 37.77 49.93
N ASN L 154 5.80 37.82 51.26
CA ASN L 154 4.69 36.99 51.70
C ASN L 154 3.38 37.76 51.62
N PRO L 155 2.28 37.07 51.28
CA PRO L 155 0.98 37.74 51.28
C PRO L 155 0.47 38.05 52.67
N GLN L 156 0.88 37.26 53.66
CA GLN L 156 0.35 37.40 55.01
C GLN L 156 0.78 38.69 55.68
N ALA L 157 1.92 39.26 55.28
CA ALA L 157 2.30 40.58 55.78
C ALA L 157 1.34 41.64 55.29
N HIS L 158 0.95 41.57 54.01
CA HIS L 158 -0.09 42.46 53.48
C HIS L 158 -1.41 42.23 54.21
N VAL L 159 -1.70 40.98 54.56
CA VAL L 159 -2.92 40.66 55.30
C VAL L 159 -2.92 41.33 56.67
N ILE L 160 -1.80 41.22 57.39
CA ILE L 160 -1.68 41.80 58.73
C ILE L 160 -1.77 43.32 58.66
N GLU L 161 -1.06 43.93 57.69
CA GLU L 161 -1.00 45.38 57.66
C GLU L 161 -2.32 45.99 57.18
N ASN L 162 -2.96 45.40 56.17
CA ASN L 162 -4.25 45.93 55.76
C ASN L 162 -5.35 45.57 56.75
N LEU L 163 -5.17 44.52 57.55
CA LEU L 163 -6.11 44.24 58.62
C LEU L 163 -6.02 45.30 59.71
N HIS L 164 -4.79 45.65 60.11
CA HIS L 164 -4.65 46.67 61.15
C HIS L 164 -4.97 48.06 60.63
N ALA L 165 -4.80 48.28 59.32
CA ALA L 165 -5.35 49.47 58.70
C ALA L 165 -6.87 49.44 58.62
N ALA L 166 -7.46 48.25 58.66
CA ALA L 166 -8.91 48.10 58.54
C ALA L 166 -9.64 48.16 59.86
N ALA L 167 -8.94 48.13 61.01
CA ALA L 167 -9.62 48.12 62.29
C ALA L 167 -9.44 49.39 63.09
N TYR L 168 -8.60 50.32 62.65
CA TYR L 168 -8.29 51.50 63.43
C TYR L 168 -8.30 52.74 62.55
N ARG L 169 -8.87 53.82 63.08
CA ARG L 169 -8.80 55.14 62.48
C ARG L 169 -7.57 55.91 62.96
N ASN L 170 -6.66 55.24 63.66
CA ASN L 170 -5.75 55.91 64.57
C ASN L 170 -4.44 55.11 64.59
N ALA L 171 -3.66 55.28 65.67
CA ALA L 171 -2.24 54.93 65.72
C ALA L 171 -1.93 53.44 65.61
N LEU L 172 -2.90 52.56 65.81
CA LEU L 172 -2.61 51.15 65.57
C LEU L 172 -2.78 50.76 64.11
N ALA L 173 -3.24 51.67 63.26
CA ALA L 173 -3.27 51.45 61.83
C ALA L 173 -2.01 51.93 61.13
N ASN L 174 -0.99 52.34 61.89
CA ASN L 174 0.29 52.64 61.29
C ASN L 174 0.96 51.36 60.80
N SER L 175 1.88 51.53 59.87
CA SER L 175 2.59 50.41 59.26
C SER L 175 3.93 50.18 59.93
N LEU L 176 4.36 48.92 59.91
CA LEU L 176 5.71 48.56 60.31
C LEU L 176 6.73 48.88 59.25
N TYR L 177 6.29 49.29 58.07
CA TYR L 177 7.18 49.47 56.93
C TYR L 177 6.83 50.77 56.24
N CYS L 178 7.78 51.27 55.50
CA CYS L 178 7.59 52.54 54.82
C CYS L 178 6.75 52.33 53.57
N PRO L 179 5.84 53.27 53.26
CA PRO L 179 5.14 53.21 51.98
C PRO L 179 6.06 53.57 50.83
N ASP L 180 5.56 53.36 49.61
CA ASP L 180 6.40 53.53 48.43
C ASP L 180 6.68 55.00 48.13
N TYR L 181 5.67 55.85 48.30
CA TYR L 181 5.83 57.26 47.94
C TYR L 181 6.68 58.02 48.94
N ARG L 182 6.78 57.54 50.18
CA ARG L 182 7.60 58.19 51.20
C ARG L 182 9.08 57.88 51.06
N ILE L 183 9.48 57.05 50.09
CA ILE L 183 10.87 56.63 49.96
C ILE L 183 11.72 57.81 49.48
N GLY L 184 12.75 58.14 50.26
CA GLY L 184 13.59 59.26 49.95
C GLY L 184 13.01 60.61 50.28
N LYS L 185 11.81 60.65 50.83
CA LYS L 185 11.10 61.89 51.16
C LYS L 185 10.99 62.07 52.66
N VAL L 186 12.07 61.75 53.38
CA VAL L 186 12.12 61.86 54.82
C VAL L 186 13.13 62.95 55.15
N THR L 187 12.99 63.53 56.33
CA THR L 187 13.90 64.55 56.80
C THR L 187 14.71 64.02 57.98
N PRO L 188 15.96 64.48 58.14
CA PRO L 188 16.65 64.26 59.42
C PRO L 188 16.04 65.05 60.55
N ASP L 189 15.26 66.10 60.26
CA ASP L 189 14.68 66.95 61.30
C ASP L 189 13.64 66.19 62.11
N GLU L 190 12.78 65.42 61.44
CA GLU L 190 11.82 64.58 62.14
C GLU L 190 12.52 63.48 62.93
N LEU L 191 13.65 62.99 62.42
CA LEU L 191 14.45 62.02 63.17
C LEU L 191 15.01 62.62 64.44
N HIS L 192 15.53 63.86 64.37
CA HIS L 192 16.06 64.52 65.56
C HIS L 192 14.96 64.81 66.57
N ASP L 193 13.80 65.29 66.11
CA ASP L 193 12.71 65.56 67.04
C ASP L 193 12.16 64.28 67.65
N TYR L 194 12.18 63.18 66.89
CA TYR L 194 11.74 61.89 67.40
C TYR L 194 12.68 61.38 68.48
N VAL L 195 13.99 61.52 68.25
CA VAL L 195 14.99 61.19 69.26
C VAL L 195 14.83 62.05 70.51
N GLN L 196 14.47 63.32 70.32
CA GLN L 196 14.24 64.23 71.45
C GLN L 196 13.07 63.78 72.30
N ASN L 197 11.86 63.76 71.74
CA ASN L 197 10.68 63.60 72.57
C ASN L 197 10.11 62.18 72.56
N HIS L 198 10.91 61.19 72.16
CA HIS L 198 10.49 59.81 72.34
C HIS L 198 11.49 58.97 73.11
N PHE L 199 12.77 59.30 73.05
CA PHE L 199 13.80 58.51 73.73
C PHE L 199 14.09 59.06 75.12
N THR L 200 13.04 59.29 75.90
CA THR L 200 13.20 59.90 77.21
C THR L 200 13.65 58.86 78.22
N SER L 201 13.98 59.34 79.42
CA SER L 201 14.34 58.45 80.52
C SER L 201 13.14 57.75 81.14
N ALA L 202 11.92 58.18 80.80
CA ALA L 202 10.71 57.61 81.38
C ALA L 202 10.22 56.36 80.65
N ARG L 203 10.81 56.01 79.53
CA ARG L 203 10.27 54.95 78.67
C ARG L 203 11.34 53.93 78.35
N MET L 204 12.19 53.57 79.31
CA MET L 204 13.34 52.74 79.03
C MET L 204 13.42 51.56 79.99
N ALA L 205 13.51 50.36 79.42
CA ALA L 205 13.63 49.13 80.18
C ALA L 205 14.93 48.45 79.82
N LEU L 206 15.83 48.31 80.80
CA LEU L 206 17.13 47.69 80.61
C LEU L 206 17.15 46.37 81.36
N ILE L 207 17.24 45.27 80.62
CA ILE L 207 17.22 43.94 81.19
C ILE L 207 18.53 43.25 80.84
N GLY L 208 19.09 42.54 81.81
CA GLY L 208 20.31 41.80 81.60
C GLY L 208 20.26 40.35 82.05
N LEU L 209 20.39 39.43 81.10
CA LEU L 209 20.45 38.00 81.38
C LEU L 209 21.89 37.55 81.18
N GLY L 210 22.58 37.25 82.27
CA GLY L 210 23.98 36.89 82.23
C GLY L 210 24.89 37.85 82.95
N VAL L 211 24.41 39.03 83.30
CA VAL L 211 25.16 39.98 84.09
C VAL L 211 24.40 40.28 85.37
N SER L 212 25.13 40.73 86.38
CA SER L 212 24.55 40.94 87.70
C SER L 212 23.77 42.25 87.74
N HIS L 213 23.22 42.54 88.91
CA HIS L 213 22.46 43.78 89.10
C HIS L 213 23.36 45.03 89.14
N PRO L 214 24.30 45.18 90.10
CA PRO L 214 24.83 46.53 90.37
C PRO L 214 25.80 47.06 89.32
N VAL L 215 26.48 46.20 88.56
CA VAL L 215 27.38 46.67 87.52
C VAL L 215 26.61 47.32 86.39
N LEU L 216 25.60 46.60 85.88
CA LEU L 216 24.70 47.15 84.88
C LEU L 216 23.95 48.36 85.41
N LYS L 217 23.59 48.32 86.70
CA LYS L 217 22.91 49.43 87.35
C LYS L 217 23.78 50.68 87.36
N GLN L 218 25.08 50.51 87.64
CA GLN L 218 25.97 51.65 87.72
C GLN L 218 26.27 52.20 86.34
N VAL L 219 26.39 51.34 85.33
CA VAL L 219 26.60 51.82 83.97
C VAL L 219 25.36 52.57 83.47
N ALA L 220 24.17 52.08 83.82
CA ALA L 220 22.93 52.77 83.46
C ALA L 220 22.78 54.08 84.19
N GLU L 221 23.29 54.18 85.43
CA GLU L 221 23.29 55.46 86.11
C GLU L 221 24.27 56.43 85.46
N GLN L 222 25.43 55.93 85.03
CA GLN L 222 26.46 56.82 84.50
C GLN L 222 26.19 57.28 83.09
N PHE L 223 25.37 56.57 82.30
CA PHE L 223 25.30 56.93 80.89
C PHE L 223 23.87 57.06 80.36
N LEU L 224 22.89 57.38 81.21
CA LEU L 224 21.51 57.56 80.75
C LEU L 224 20.90 58.83 81.32
N ASN L 225 21.66 59.93 81.27
CA ASN L 225 21.19 61.21 81.79
C ASN L 225 20.65 62.08 80.64
N ILE L 226 19.58 61.59 80.03
CA ILE L 226 18.90 62.29 78.92
C ILE L 226 17.40 62.23 79.18
N ARG L 227 16.76 63.39 79.28
CA ARG L 227 15.33 63.44 79.49
C ARG L 227 14.70 64.66 78.81
N ALA L 235 -2.77 58.48 70.96
CA ALA L 235 -3.03 57.45 71.96
C ALA L 235 -4.51 57.06 71.97
N LYS L 236 -4.79 55.87 72.50
CA LYS L 236 -6.13 55.28 72.60
C LYS L 236 -6.76 55.17 71.20
N ALA L 237 -6.18 54.26 70.42
CA ALA L 237 -6.60 54.06 69.04
C ALA L 237 -8.05 53.57 68.96
N LYS L 238 -8.87 54.31 68.23
CA LYS L 238 -10.29 54.01 68.14
C LYS L 238 -10.54 52.94 67.08
N TYR L 239 -11.65 52.25 67.23
CA TYR L 239 -12.01 51.20 66.29
C TYR L 239 -12.61 51.79 65.03
N ARG L 240 -12.05 51.43 63.88
CA ARG L 240 -12.54 51.99 62.62
C ARG L 240 -13.80 51.29 62.18
N GLY L 241 -13.71 49.99 61.92
CA GLY L 241 -14.84 49.24 61.40
C GLY L 241 -14.93 49.27 59.89
N GLY L 242 -15.10 48.10 59.28
CA GLY L 242 -15.27 48.03 57.84
C GLY L 242 -14.44 46.97 57.16
N GLU L 243 -13.94 47.30 55.98
CA GLU L 243 -13.30 46.32 55.12
C GLU L 243 -12.19 46.99 54.33
N ILE L 244 -11.22 46.19 53.92
CA ILE L 244 -10.23 46.58 52.91
C ILE L 244 -10.10 45.43 51.92
N ARG L 245 -10.41 45.70 50.65
CA ARG L 245 -10.40 44.70 49.59
C ARG L 245 -9.34 45.07 48.55
N GLU L 246 -8.44 44.13 48.29
CA GLU L 246 -7.39 44.33 47.29
C GLU L 246 -7.33 43.16 46.34
N GLN L 247 -7.53 43.44 45.06
CA GLN L 247 -7.40 42.43 44.02
C GLN L 247 -5.93 42.09 43.85
N ASN L 248 -5.57 40.84 44.08
CA ASN L 248 -4.19 40.42 43.96
C ASN L 248 -4.02 39.21 43.05
N GLY L 249 -4.96 38.27 43.08
CA GLY L 249 -5.07 37.20 42.10
C GLY L 249 -3.90 36.26 42.00
N ASP L 250 -3.65 35.46 43.05
CA ASP L 250 -2.51 34.57 43.08
C ASP L 250 -2.91 33.15 43.44
N SER L 251 -4.16 32.76 43.16
CA SER L 251 -4.76 31.47 43.52
C SER L 251 -4.72 31.20 45.03
N LEU L 252 -4.72 32.27 45.83
CA LEU L 252 -4.70 32.18 47.28
C LEU L 252 -5.61 33.31 47.80
N VAL L 253 -6.86 32.98 48.05
CA VAL L 253 -7.79 33.93 48.61
C VAL L 253 -7.49 34.07 50.10
N HIS L 254 -7.20 35.28 50.54
CA HIS L 254 -6.87 35.55 51.94
C HIS L 254 -7.94 36.43 52.55
N ALA L 255 -8.62 35.91 53.57
CA ALA L 255 -9.67 36.67 54.23
C ALA L 255 -9.44 36.62 55.74
N ALA L 256 -9.13 37.76 56.33
CA ALA L 256 -9.00 37.89 57.77
C ALA L 256 -10.22 38.60 58.31
N LEU L 257 -10.91 37.97 59.26
CA LEU L 257 -12.15 38.46 59.85
C LEU L 257 -11.87 38.70 61.32
N VAL L 258 -11.86 39.97 61.73
CA VAL L 258 -11.34 40.40 63.02
C VAL L 258 -12.28 41.45 63.61
N ALA L 259 -12.63 41.28 64.88
CA ALA L 259 -13.26 42.31 65.70
C ALA L 259 -12.31 42.71 66.83
N GLU L 260 -12.81 43.57 67.72
CA GLU L 260 -12.03 44.11 68.82
C GLU L 260 -12.31 43.32 70.09
N SER L 261 -11.27 43.06 70.88
CA SER L 261 -11.38 42.14 72.01
C SER L 261 -11.24 42.79 73.37
N ALA L 262 -10.06 43.31 73.71
CA ALA L 262 -9.71 43.62 75.09
C ALA L 262 -8.31 44.25 75.14
N ALA L 263 -7.94 44.72 76.33
CA ALA L 263 -6.63 45.29 76.56
C ALA L 263 -5.62 44.18 76.83
N ILE L 264 -4.43 44.56 77.31
CA ILE L 264 -3.36 43.60 77.61
C ILE L 264 -3.27 43.41 79.12
N GLY L 265 -2.89 42.20 79.53
CA GLY L 265 -2.70 41.89 80.93
C GLY L 265 -3.98 41.85 81.73
N SER L 266 -4.86 40.90 81.41
CA SER L 266 -6.11 40.77 82.15
C SER L 266 -6.59 39.33 82.05
N ALA L 267 -7.48 38.97 82.98
CA ALA L 267 -8.16 37.68 82.90
C ALA L 267 -9.06 37.61 81.67
N GLU L 268 -9.55 38.75 81.20
CA GLU L 268 -10.30 38.77 79.94
C GLU L 268 -9.40 38.46 78.76
N ALA L 269 -8.15 38.95 78.80
CA ALA L 269 -7.16 38.57 77.78
C ALA L 269 -6.83 37.08 77.87
N ASN L 270 -6.76 36.54 79.10
CA ASN L 270 -6.63 35.10 79.26
C ASN L 270 -7.82 34.35 78.69
N ALA L 271 -9.02 34.94 78.80
CA ALA L 271 -10.21 34.31 78.25
C ALA L 271 -10.19 34.29 76.73
N PHE L 272 -9.71 35.37 76.10
CA PHE L 272 -9.57 35.36 74.65
C PHE L 272 -8.48 34.39 74.20
N SER L 273 -7.43 34.23 74.99
CA SER L 273 -6.41 33.24 74.65
C SER L 273 -6.95 31.82 74.76
N VAL L 274 -7.75 31.55 75.81
CA VAL L 274 -8.43 30.27 75.93
C VAL L 274 -9.41 30.06 74.79
N LEU L 275 -10.06 31.14 74.35
CA LEU L 275 -11.01 31.07 73.23
C LEU L 275 -10.32 30.69 71.93
N GLN L 276 -9.14 31.26 71.67
CA GLN L 276 -8.48 30.87 70.43
C GLN L 276 -7.84 29.49 70.54
N HIS L 277 -7.47 29.05 71.75
CA HIS L 277 -7.05 27.66 71.87
C HIS L 277 -8.21 26.68 71.76
N VAL L 278 -9.43 27.12 72.05
CA VAL L 278 -10.60 26.29 71.77
C VAL L 278 -10.86 26.23 70.27
N LEU L 279 -10.86 27.39 69.62
CA LEU L 279 -11.18 27.45 68.19
C LEU L 279 -10.11 26.79 67.33
N GLY L 280 -8.85 26.82 67.76
CA GLY L 280 -7.79 26.19 67.00
C GLY L 280 -6.54 27.02 66.89
N ALA L 281 -5.40 26.41 67.13
CA ALA L 281 -4.10 27.05 67.08
C ALA L 281 -3.27 26.40 65.98
N GLY L 282 -1.99 26.76 65.94
CA GLY L 282 -1.04 26.11 65.06
C GLY L 282 -0.94 24.62 65.34
N PRO L 283 -0.66 23.84 64.30
CA PRO L 283 -0.73 22.37 64.44
C PRO L 283 0.37 21.84 65.36
N HIS L 284 -0.06 21.08 66.37
CA HIS L 284 0.89 20.48 67.30
C HIS L 284 1.74 19.41 66.63
N VAL L 285 1.19 18.73 65.63
CA VAL L 285 1.91 17.70 64.89
C VAL L 285 2.29 18.26 63.53
N LYS L 286 3.58 18.19 63.21
CA LYS L 286 4.02 18.52 61.86
C LYS L 286 3.48 17.49 60.89
N ARG L 287 2.87 17.97 59.79
CA ARG L 287 2.09 17.17 58.83
C ARG L 287 0.98 16.39 59.54
N GLY L 288 0.38 17.02 60.55
CA GLY L 288 -0.70 16.43 61.30
C GLY L 288 -2.05 16.73 60.68
N SER L 289 -3.10 16.38 61.42
CA SER L 289 -4.44 16.56 60.88
C SER L 289 -5.42 17.16 61.88
N ASN L 290 -4.92 17.82 62.93
CA ASN L 290 -5.64 18.83 63.72
C ASN L 290 -6.91 18.27 64.36
N ALA L 291 -6.72 17.33 65.28
CA ALA L 291 -7.84 16.59 65.86
C ALA L 291 -8.58 17.35 66.96
N THR L 292 -8.43 18.67 67.07
CA THR L 292 -9.14 19.37 68.13
C THR L 292 -9.94 20.56 67.63
N SER L 293 -9.43 21.30 66.64
CA SER L 293 -10.08 22.51 66.15
C SER L 293 -11.37 22.16 65.43
N SER L 294 -12.51 22.56 66.01
CA SER L 294 -13.80 22.32 65.39
C SER L 294 -13.99 23.17 64.14
N LEU L 295 -13.28 24.30 64.03
CA LEU L 295 -13.27 25.06 62.79
C LEU L 295 -12.67 24.25 61.66
N TYR L 296 -11.53 23.60 61.95
CA TYR L 296 -10.87 22.72 61.00
C TYR L 296 -11.78 21.58 60.59
N GLN L 297 -12.50 21.00 61.55
CA GLN L 297 -13.36 19.87 61.26
C GLN L 297 -14.58 20.28 60.46
N ALA L 298 -15.16 21.45 60.76
CA ALA L 298 -16.30 21.93 60.00
C ALA L 298 -15.92 22.32 58.58
N VAL L 299 -14.72 22.87 58.39
CA VAL L 299 -14.28 23.23 57.05
C VAL L 299 -13.96 21.98 56.25
N ALA L 300 -13.24 21.02 56.85
CA ALA L 300 -12.91 19.78 56.17
C ALA L 300 -14.15 18.94 55.88
N LYS L 301 -15.18 19.07 56.73
CA LYS L 301 -16.49 18.54 56.40
C LYS L 301 -17.06 19.24 55.18
N GLY L 302 -16.97 20.56 55.16
CA GLY L 302 -17.52 21.34 54.06
C GLY L 302 -16.78 21.19 52.75
N VAL L 303 -15.55 21.69 52.70
CA VAL L 303 -14.80 21.81 51.44
C VAL L 303 -13.62 20.85 51.49
N HIS L 304 -13.52 19.99 50.49
CA HIS L 304 -12.44 19.00 50.39
C HIS L 304 -11.26 19.51 49.57
N GLN L 305 -10.78 20.69 49.94
CA GLN L 305 -9.63 21.33 49.31
C GLN L 305 -8.57 21.59 50.37
N PRO L 306 -7.30 21.72 49.97
CA PRO L 306 -6.27 22.17 50.93
C PRO L 306 -6.52 23.63 51.32
N PHE L 307 -6.77 23.85 52.60
CA PHE L 307 -7.11 25.17 53.12
C PHE L 307 -6.21 25.57 54.26
N ASP L 308 -6.52 26.70 54.89
CA ASP L 308 -5.85 27.09 56.13
C ASP L 308 -6.83 27.96 56.90
N VAL L 309 -7.33 27.46 58.04
CA VAL L 309 -8.17 28.22 58.93
C VAL L 309 -7.41 28.37 60.25
N SER L 310 -7.18 29.62 60.66
CA SER L 310 -6.41 29.84 61.88
C SER L 310 -7.03 30.96 62.69
N ALA L 311 -6.94 30.83 64.01
CA ALA L 311 -7.37 31.89 64.90
C ALA L 311 -6.29 32.96 65.01
N PHE L 312 -6.62 34.04 65.73
CA PHE L 312 -5.76 35.21 65.77
C PHE L 312 -6.13 36.07 66.97
N ASN L 313 -5.12 36.49 67.74
CA ASN L 313 -5.33 37.29 68.94
C ASN L 313 -4.15 38.26 69.07
N ALA L 314 -4.35 39.50 68.69
CA ALA L 314 -3.39 40.57 68.92
C ALA L 314 -3.80 41.31 70.18
N SER L 315 -2.85 41.56 71.08
CA SER L 315 -3.16 42.21 72.33
C SER L 315 -2.30 43.44 72.51
N TYR L 316 -2.93 44.52 72.97
CA TYR L 316 -2.26 45.82 73.09
C TYR L 316 -2.74 46.52 74.34
N SER L 317 -2.12 47.67 74.62
CA SER L 317 -2.38 48.38 75.88
C SER L 317 -3.77 49.01 75.89
N ASP L 318 -4.06 49.84 74.88
CA ASP L 318 -5.33 50.53 74.82
C ASP L 318 -6.47 49.67 74.28
N SER L 319 -6.18 48.76 73.36
CA SER L 319 -7.21 47.98 72.71
C SER L 319 -6.62 46.63 72.35
N GLY L 320 -7.28 45.90 71.46
CA GLY L 320 -6.80 44.60 71.03
C GLY L 320 -7.75 43.91 70.09
N LEU L 321 -7.23 43.01 69.26
CA LEU L 321 -7.95 42.44 68.16
C LEU L 321 -8.06 40.93 68.32
N PHE L 322 -9.21 40.38 67.92
CA PHE L 322 -9.43 38.95 67.90
C PHE L 322 -10.09 38.58 66.59
N GLY L 323 -9.87 37.36 66.13
CA GLY L 323 -10.57 36.90 64.96
C GLY L 323 -9.97 35.63 64.40
N PHE L 324 -10.26 35.38 63.13
CA PHE L 324 -9.72 34.23 62.44
C PHE L 324 -9.37 34.64 61.02
N TYR L 325 -8.84 33.68 60.27
CA TYR L 325 -8.21 33.99 59.00
C TYR L 325 -8.15 32.74 58.13
N THR L 326 -8.46 32.93 56.84
CA THR L 326 -8.64 31.86 55.88
C THR L 326 -7.73 32.06 54.69
N ILE L 327 -6.94 31.02 54.37
CA ILE L 327 -6.24 30.88 53.10
C ILE L 327 -6.96 29.80 52.32
N SER L 328 -7.68 30.17 51.27
CA SER L 328 -8.60 29.25 50.63
C SER L 328 -8.56 29.42 49.12
N GLN L 329 -9.36 28.59 48.45
CA GLN L 329 -9.46 28.54 47.00
C GLN L 329 -10.20 29.76 46.47
N ALA L 330 -10.22 29.88 45.14
CA ALA L 330 -10.84 31.03 44.50
C ALA L 330 -12.36 30.93 44.57
N ALA L 331 -12.93 29.82 44.10
CA ALA L 331 -14.37 29.63 44.11
C ALA L 331 -14.82 28.73 45.25
N SER L 332 -14.05 28.64 46.32
CA SER L 332 -14.40 27.81 47.47
C SER L 332 -14.07 28.53 48.77
N ALA L 333 -14.19 29.86 48.78
CA ALA L 333 -13.86 30.64 49.96
C ALA L 333 -15.05 30.84 50.88
N GLY L 334 -16.23 31.09 50.29
CA GLY L 334 -17.37 31.52 51.07
C GLY L 334 -17.93 30.42 51.96
N ASP L 335 -17.90 29.17 51.48
CA ASP L 335 -18.37 28.05 52.30
C ASP L 335 -17.47 27.85 53.50
N VAL L 336 -16.15 28.02 53.31
CA VAL L 336 -15.18 27.91 54.40
C VAL L 336 -15.43 29.00 55.44
N ILE L 337 -15.57 30.25 54.98
CA ILE L 337 -15.72 31.38 55.90
C ILE L 337 -17.05 31.29 56.65
N LYS L 338 -18.13 30.94 55.95
CA LYS L 338 -19.43 30.87 56.60
C LYS L 338 -19.55 29.64 57.50
N ALA L 339 -18.85 28.54 57.18
CA ALA L 339 -18.83 27.40 58.07
C ALA L 339 -18.10 27.73 59.37
N ALA L 340 -16.98 28.47 59.26
CA ALA L 340 -16.28 28.93 60.46
C ALA L 340 -17.13 29.91 61.25
N TYR L 341 -17.88 30.76 60.55
CA TYR L 341 -18.72 31.76 61.20
C TYR L 341 -19.84 31.09 61.99
N ASN L 342 -20.53 30.13 61.39
CA ASN L 342 -21.59 29.44 62.10
C ASN L 342 -21.07 28.46 63.15
N GLN L 343 -19.84 27.98 63.00
CA GLN L 343 -19.23 27.19 64.08
C GLN L 343 -18.95 28.05 65.31
N VAL L 344 -18.44 29.26 65.09
CA VAL L 344 -18.24 30.18 66.22
C VAL L 344 -19.58 30.61 66.80
N LYS L 345 -20.62 30.73 65.96
CA LYS L 345 -21.95 31.04 66.48
C LYS L 345 -22.51 29.93 67.35
N THR L 346 -22.38 28.67 66.93
CA THR L 346 -22.91 27.59 67.75
C THR L 346 -22.03 27.28 68.95
N ILE L 347 -20.78 27.70 68.96
CA ILE L 347 -20.02 27.66 70.21
C ILE L 347 -20.48 28.78 71.14
N ALA L 348 -20.73 29.97 70.58
CA ALA L 348 -21.19 31.11 71.35
C ALA L 348 -22.61 30.94 71.89
N GLN L 349 -23.37 30.01 71.32
CA GLN L 349 -24.69 29.70 71.83
C GLN L 349 -24.62 29.10 73.24
N GLY L 350 -23.54 28.40 73.55
CA GLY L 350 -23.39 27.77 74.84
C GLY L 350 -23.00 26.31 74.74
N ASN L 351 -22.48 25.91 73.57
CA ASN L 351 -22.00 24.55 73.36
C ASN L 351 -20.50 24.54 73.59
N LEU L 352 -20.13 24.48 74.87
CA LEU L 352 -18.74 24.48 75.29
C LEU L 352 -18.46 23.22 76.11
N SER L 353 -17.38 22.52 75.77
CA SER L 353 -17.03 21.26 76.39
C SER L 353 -15.97 21.49 77.47
N ASN L 354 -16.28 21.02 78.68
CA ASN L 354 -15.35 21.16 79.80
C ASN L 354 -14.03 20.40 79.61
N PRO L 355 -13.96 19.17 79.07
CA PRO L 355 -12.63 18.64 78.73
C PRO L 355 -11.96 19.39 77.59
N ASP L 356 -12.71 19.99 76.67
CA ASP L 356 -12.09 20.89 75.70
C ASP L 356 -11.59 22.16 76.37
N VAL L 357 -12.27 22.62 77.44
CA VAL L 357 -11.77 23.74 78.22
C VAL L 357 -10.44 23.38 78.89
N GLN L 358 -10.36 22.19 79.47
CA GLN L 358 -9.12 21.78 80.12
C GLN L 358 -8.02 21.51 79.11
N ALA L 359 -8.37 21.01 77.92
CA ALA L 359 -7.37 20.83 76.87
C ALA L 359 -6.86 22.17 76.36
N ALA L 360 -7.74 23.18 76.27
CA ALA L 360 -7.30 24.51 75.91
C ALA L 360 -6.45 25.13 77.02
N LYS L 361 -6.72 24.77 78.27
CA LYS L 361 -5.85 25.19 79.36
C LYS L 361 -4.46 24.57 79.22
N ASN L 362 -4.41 23.28 78.87
CA ASN L 362 -3.14 22.64 78.54
C ASN L 362 -2.43 23.34 77.40
N LYS L 363 -3.18 23.70 76.35
CA LYS L 363 -2.61 24.36 75.19
C LYS L 363 -2.03 25.72 75.54
N LEU L 364 -2.76 26.50 76.33
CA LEU L 364 -2.30 27.85 76.64
C LEU L 364 -1.13 27.83 77.62
N LYS L 365 -1.18 26.94 78.61
CA LYS L 365 -0.05 26.78 79.53
C LYS L 365 1.20 26.30 78.80
N ALA L 366 1.03 25.35 77.88
CA ALA L 366 2.16 24.82 77.13
C ALA L 366 2.74 25.86 76.18
N GLY L 367 1.88 26.64 75.51
CA GLY L 367 2.37 27.65 74.61
C GLY L 367 3.07 28.79 75.32
N TYR L 368 2.56 29.18 76.49
CA TYR L 368 3.21 30.25 77.24
C TYR L 368 4.52 29.78 77.86
N LEU L 369 4.60 28.50 78.27
CA LEU L 369 5.86 28.00 78.81
C LEU L 369 6.89 27.76 77.71
N MET L 370 6.43 27.34 76.54
CA MET L 370 7.33 27.19 75.40
C MET L 370 7.69 28.53 74.76
N SER L 371 7.00 29.61 75.13
CA SER L 371 7.37 30.93 74.61
C SER L 371 8.65 31.46 75.24
N VAL L 372 9.08 30.91 76.37
CA VAL L 372 10.29 31.39 77.03
C VAL L 372 11.35 30.30 77.03
N GLU L 373 11.33 29.43 76.01
CA GLU L 373 12.40 28.47 75.84
C GLU L 373 13.72 29.17 75.52
N SER L 374 13.71 30.03 74.50
CA SER L 374 14.89 30.81 74.17
C SER L 374 15.11 31.88 75.21
N SER L 375 16.37 32.06 75.61
CA SER L 375 16.70 33.07 76.60
C SER L 375 16.51 34.48 76.06
N GLU L 376 16.59 34.65 74.74
CA GLU L 376 16.18 35.92 74.14
C GLU L 376 14.68 36.08 74.21
N GLY L 377 13.92 35.00 74.05
CA GLY L 377 12.48 35.09 74.22
C GLY L 377 12.09 35.33 75.66
N PHE L 378 12.82 34.75 76.59
CA PHE L 378 12.60 35.02 78.01
C PHE L 378 12.98 36.45 78.35
N LEU L 379 14.06 36.95 77.74
CA LEU L 379 14.43 38.35 77.80
C LEU L 379 13.30 39.26 77.31
N ASP L 380 12.68 38.87 76.19
CA ASP L 380 11.57 39.64 75.63
C ASP L 380 10.37 39.64 76.58
N GLU L 381 10.05 38.48 77.15
CA GLU L 381 8.91 38.39 78.07
C GLU L 381 9.14 39.21 79.32
N VAL L 382 10.34 39.10 79.90
CA VAL L 382 10.66 39.83 81.13
C VAL L 382 10.68 41.33 80.88
N GLY L 383 11.26 41.77 79.76
CA GLY L 383 11.33 43.20 79.51
C GLY L 383 9.98 43.80 79.20
N CYS L 384 9.19 43.14 78.35
CA CYS L 384 7.86 43.64 78.02
C CYS L 384 6.93 43.59 79.22
N GLN L 385 7.11 42.63 80.13
CA GLN L 385 6.28 42.59 81.31
C GLN L 385 6.69 43.65 82.32
N ALA L 386 7.99 43.88 82.49
CA ALA L 386 8.44 44.88 83.44
C ALA L 386 8.20 46.29 82.93
N LEU L 387 8.07 46.49 81.62
CA LEU L 387 7.77 47.82 81.11
C LEU L 387 6.29 48.03 80.89
N ALA L 388 5.52 46.97 80.67
CA ALA L 388 4.10 47.10 80.40
C ALA L 388 3.29 47.23 81.70
N ALA L 389 3.51 46.32 82.65
CA ALA L 389 2.75 46.29 83.89
C ALA L 389 3.52 46.85 85.07
N GLY L 390 4.70 47.41 84.84
CA GLY L 390 5.49 48.02 85.89
C GLY L 390 6.59 47.13 86.43
N SER L 391 6.34 45.84 86.56
CA SER L 391 7.34 44.93 87.10
C SER L 391 7.05 43.52 86.62
N TYR L 392 8.07 42.68 86.71
CA TYR L 392 7.96 41.29 86.33
C TYR L 392 7.21 40.48 87.39
N THR L 393 6.47 39.48 86.93
CA THR L 393 5.82 38.53 87.82
C THR L 393 6.22 37.12 87.38
N PRO L 394 6.61 36.25 88.31
CA PRO L 394 7.04 34.88 87.94
C PRO L 394 5.88 34.06 87.39
N PRO L 395 6.16 33.06 86.56
CA PRO L 395 5.09 32.41 85.79
C PRO L 395 4.17 31.51 86.61
N SER L 396 4.44 31.28 87.89
CA SER L 396 3.62 30.36 88.68
C SER L 396 2.22 30.92 88.88
N THR L 397 2.12 32.08 89.52
CA THR L 397 0.81 32.70 89.71
C THR L 397 0.22 33.25 88.42
N VAL L 398 1.07 33.53 87.41
CA VAL L 398 0.55 33.96 86.12
C VAL L 398 -0.17 32.81 85.44
N LEU L 399 0.46 31.63 85.41
CA LEU L 399 -0.21 30.44 84.89
C LEU L 399 -1.41 30.03 85.75
N GLN L 400 -1.35 30.31 87.06
CA GLN L 400 -2.49 30.05 87.93
C GLN L 400 -3.69 30.91 87.55
N GLN L 401 -3.46 32.19 87.29
CA GLN L 401 -4.54 33.03 86.78
C GLN L 401 -4.89 32.72 85.34
N ILE L 402 -3.99 32.08 84.59
CA ILE L 402 -4.31 31.62 83.25
C ILE L 402 -5.33 30.49 83.30
N ASP L 403 -5.08 29.47 84.11
CA ASP L 403 -6.01 28.35 84.14
C ASP L 403 -7.05 28.50 85.25
N ALA L 404 -7.13 29.66 85.88
CA ALA L 404 -8.17 29.95 86.86
C ALA L 404 -9.31 30.78 86.27
N VAL L 405 -9.38 30.88 84.94
CA VAL L 405 -10.45 31.64 84.30
C VAL L 405 -11.70 30.78 84.20
N ALA L 406 -12.82 31.40 83.87
CA ALA L 406 -14.12 30.72 83.80
C ALA L 406 -14.55 30.51 82.35
N ASP L 407 -15.58 29.68 82.19
CA ASP L 407 -16.13 29.34 80.89
C ASP L 407 -17.13 30.37 80.38
N ALA L 408 -17.85 31.04 81.29
CA ALA L 408 -18.78 32.09 80.90
C ALA L 408 -18.04 33.29 80.33
N ASP L 409 -16.79 33.52 80.75
CA ASP L 409 -15.92 34.48 80.09
C ASP L 409 -15.72 34.13 78.62
N VAL L 410 -15.52 32.85 78.33
CA VAL L 410 -15.30 32.41 76.96
C VAL L 410 -16.56 32.57 76.13
N ILE L 411 -17.71 32.19 76.70
CA ILE L 411 -18.97 32.29 75.98
C ILE L 411 -19.34 33.75 75.73
N ASN L 412 -19.15 34.61 76.72
CA ASN L 412 -19.43 36.03 76.53
C ASN L 412 -18.43 36.69 75.61
N ALA L 413 -17.19 36.21 75.56
CA ALA L 413 -16.22 36.74 74.62
C ALA L 413 -16.58 36.40 73.19
N ALA L 414 -17.01 35.15 72.97
CA ALA L 414 -17.48 34.78 71.64
C ALA L 414 -18.76 35.52 71.25
N LYS L 415 -19.62 35.80 72.24
CA LYS L 415 -20.81 36.60 71.98
C LYS L 415 -20.45 38.03 71.62
N LYS L 416 -19.44 38.59 72.29
CA LYS L 416 -18.95 39.92 71.96
C LYS L 416 -18.33 39.94 70.57
N PHE L 417 -17.66 38.87 70.19
CA PHE L 417 -17.03 38.80 68.88
C PHE L 417 -18.06 38.72 67.76
N VAL L 418 -19.02 37.81 67.89
CA VAL L 418 -20.00 37.62 66.82
C VAL L 418 -20.98 38.79 66.77
N SER L 419 -21.47 39.20 67.94
CA SER L 419 -22.48 40.26 67.99
C SER L 419 -21.87 41.63 67.70
N GLY L 420 -20.57 41.79 67.96
CA GLY L 420 -19.92 43.04 67.63
C GLY L 420 -19.76 43.21 66.13
N ARG L 421 -19.59 44.46 65.71
CA ARG L 421 -19.43 44.76 64.30
C ARG L 421 -18.05 44.34 63.82
N LYS L 422 -17.99 43.65 62.69
CA LYS L 422 -16.77 43.04 62.22
C LYS L 422 -15.97 43.96 61.32
N SER L 423 -14.65 43.74 61.29
CA SER L 423 -13.77 44.31 60.30
C SER L 423 -13.10 43.17 59.54
N MET L 424 -12.69 43.46 58.31
CA MET L 424 -12.09 42.40 57.51
C MET L 424 -11.09 42.94 56.50
N ALA L 425 -10.12 42.09 56.19
CA ALA L 425 -9.14 42.34 55.13
C ALA L 425 -9.23 41.18 54.15
N ALA L 426 -9.58 41.49 52.91
CA ALA L 426 -9.72 40.48 51.86
C ALA L 426 -8.78 40.81 50.72
N SER L 427 -8.04 39.81 50.27
CA SER L 427 -7.06 40.03 49.22
C SER L 427 -6.97 38.81 48.31
N GLY L 428 -6.86 39.08 47.01
CA GLY L 428 -6.59 38.04 46.04
C GLY L 428 -7.60 38.07 44.91
N ASN L 429 -7.78 36.92 44.27
CA ASN L 429 -8.78 36.77 43.22
C ASN L 429 -10.11 36.54 43.92
N LEU L 430 -10.82 37.63 44.18
CA LEU L 430 -11.96 37.62 45.10
C LEU L 430 -13.29 37.52 44.36
N GLY L 431 -13.31 36.74 43.28
CA GLY L 431 -14.51 36.61 42.46
C GLY L 431 -15.67 35.90 43.13
N HIS L 432 -15.42 35.17 44.21
CA HIS L 432 -16.48 34.45 44.92
C HIS L 432 -16.33 34.69 46.43
N THR L 433 -16.16 35.95 46.80
CA THR L 433 -15.96 36.29 48.20
C THR L 433 -17.21 36.94 48.76
N PRO L 434 -17.78 36.41 49.84
CA PRO L 434 -18.93 37.06 50.47
C PRO L 434 -18.48 38.36 51.15
N PHE L 435 -19.18 39.45 50.84
CA PHE L 435 -18.60 40.74 51.22
C PHE L 435 -18.88 41.13 52.67
N ILE L 436 -20.08 41.60 53.00
CA ILE L 436 -20.46 41.88 54.38
C ILE L 436 -21.84 41.32 54.65
N ASP L 437 -22.81 41.71 53.83
CA ASP L 437 -24.19 41.35 54.07
C ASP L 437 -24.42 39.87 53.84
N GLU L 438 -23.65 39.26 52.94
CA GLU L 438 -23.68 37.81 52.80
C GLU L 438 -23.02 37.12 53.99
N LEU L 439 -22.13 37.81 54.70
CA LEU L 439 -21.56 37.29 55.94
C LEU L 439 -22.48 37.60 57.12
N ILE M 2 37.46 44.77 41.82
CA ILE M 2 37.24 43.35 41.62
C ILE M 2 38.41 42.73 40.88
N ASN M 3 38.57 43.13 39.63
CA ASN M 3 39.51 42.50 38.72
C ASN M 3 40.39 43.56 38.08
N ILE M 4 41.69 43.28 38.03
CA ILE M 4 42.62 44.10 37.28
C ILE M 4 42.32 43.98 35.79
N ARG M 5 41.92 42.78 35.36
CA ARG M 5 41.60 42.53 33.95
C ARG M 5 40.36 43.30 33.48
N LYS M 6 39.47 43.65 34.39
CA LYS M 6 38.21 44.26 34.03
C LYS M 6 38.17 45.77 34.28
N THR M 7 39.21 46.34 34.87
CA THR M 7 39.26 47.78 35.12
C THR M 7 40.39 48.48 34.40
N HIS M 8 41.49 47.81 34.12
CA HIS M 8 42.60 48.42 33.41
C HIS M 8 42.31 48.44 31.91
N PRO M 9 42.57 49.57 31.23
CA PRO M 9 42.05 49.74 29.87
C PRO M 9 42.70 48.87 28.81
N LEU M 10 43.96 48.49 28.98
CA LEU M 10 44.58 47.52 28.07
C LEU M 10 43.92 46.17 28.21
N MET M 11 43.80 45.68 29.45
CA MET M 11 43.26 44.36 29.69
C MET M 11 41.76 44.30 29.44
N LYS M 12 41.06 45.43 29.33
CA LYS M 12 39.68 45.40 28.84
C LYS M 12 39.62 44.94 27.39
N ILE M 13 40.48 45.51 26.54
CA ILE M 13 40.50 45.13 25.14
C ILE M 13 41.04 43.70 24.98
N VAL M 14 42.08 43.36 25.75
CA VAL M 14 42.64 42.01 25.68
C VAL M 14 41.64 40.98 26.19
N ASN M 15 40.83 41.35 27.19
CA ASN M 15 39.85 40.43 27.74
C ASN M 15 38.68 40.24 26.77
N ASN M 16 38.19 41.32 26.19
CA ASN M 16 37.06 41.21 25.28
C ASN M 16 37.46 40.76 23.88
N ALA M 17 38.76 40.62 23.60
CA ALA M 17 39.18 40.04 22.33
C ALA M 17 39.76 38.64 22.44
N PHE M 18 40.38 38.30 23.56
CA PHE M 18 41.18 37.09 23.68
C PHE M 18 40.69 36.12 24.76
N ILE M 19 40.35 36.61 25.94
CA ILE M 19 40.08 35.71 27.05
C ILE M 19 38.59 35.37 27.07
N ASP M 20 37.74 36.37 27.26
CA ASP M 20 36.31 36.15 27.41
C ASP M 20 35.57 36.35 26.10
N LEU M 21 36.20 36.08 24.98
CA LEU M 21 35.55 36.23 23.68
C LEU M 21 34.56 35.09 23.46
N PRO M 22 33.29 35.37 23.22
CA PRO M 22 32.33 34.29 23.01
C PRO M 22 32.51 33.63 21.65
N ALA M 23 33.08 32.45 21.65
CA ALA M 23 33.31 31.71 20.42
C ALA M 23 32.45 30.45 20.39
N PRO M 24 32.05 29.98 19.21
CA PRO M 24 31.37 28.68 19.12
C PRO M 24 32.33 27.54 19.41
N SER M 25 31.76 26.35 19.53
CA SER M 25 32.45 25.23 20.16
C SER M 25 32.73 24.04 19.26
N ASN M 26 32.18 24.00 18.05
CA ASN M 26 32.20 22.80 17.21
C ASN M 26 33.24 22.88 16.11
N ILE M 27 34.42 23.39 16.43
CA ILE M 27 35.40 23.87 15.45
C ILE M 27 36.51 22.86 15.28
N SER M 28 36.79 22.49 14.02
CA SER M 28 37.87 21.58 13.65
C SER M 28 39.14 22.41 13.40
N SER M 29 40.15 21.82 12.76
CA SER M 29 41.43 22.50 12.59
C SER M 29 41.39 23.68 11.61
N TRP M 30 40.25 23.94 10.96
CA TRP M 30 40.18 24.98 9.95
C TRP M 30 40.22 26.39 10.52
N TRP M 31 39.90 26.57 11.79
CA TRP M 31 39.95 27.90 12.38
C TRP M 31 41.26 28.18 13.05
N ASN M 32 42.23 27.28 12.91
CA ASN M 32 43.56 27.57 13.40
C ASN M 32 44.33 28.46 12.43
N PHE M 33 43.87 28.57 11.18
CA PHE M 33 44.65 29.20 10.13
C PHE M 33 44.81 30.70 10.31
N GLY M 34 43.86 31.36 10.98
CA GLY M 34 44.01 32.79 11.21
C GLY M 34 45.12 33.11 12.19
N SER M 35 45.18 32.37 13.29
CA SER M 35 46.29 32.48 14.22
C SER M 35 47.61 32.08 13.57
N LEU M 36 47.58 31.11 12.65
CA LEU M 36 48.79 30.74 11.94
C LEU M 36 49.24 31.83 10.98
N LEU M 37 48.30 32.56 10.37
CA LEU M 37 48.67 33.71 9.56
C LEU M 37 49.27 34.80 10.42
N GLY M 38 48.77 34.99 11.63
CA GLY M 38 49.37 35.96 12.54
C GLY M 38 50.78 35.57 12.99
N ILE M 39 50.98 34.29 13.28
CA ILE M 39 52.29 33.80 13.69
C ILE M 39 53.28 33.88 12.52
N CYS M 40 52.82 33.53 11.30
CA CYS M 40 53.66 33.73 10.13
C CYS M 40 53.93 35.19 9.86
N LEU M 41 52.99 36.08 10.21
CA LEU M 41 53.21 37.52 10.05
C LEU M 41 54.34 38.01 10.92
N ILE M 42 54.27 37.70 12.23
CA ILE M 42 55.32 38.18 13.12
C ILE M 42 56.65 37.46 12.86
N LEU M 43 56.59 36.21 12.41
CA LEU M 43 57.81 35.46 12.12
C LEU M 43 58.50 36.00 10.88
N GLN M 44 57.74 36.27 9.81
CA GLN M 44 58.32 36.84 8.60
C GLN M 44 58.82 38.26 8.84
N ILE M 45 58.14 39.02 9.70
CA ILE M 45 58.64 40.35 10.07
C ILE M 45 59.97 40.23 10.81
N LEU M 46 60.10 39.23 11.68
CA LEU M 46 61.35 39.05 12.42
C LEU M 46 62.50 38.62 11.49
N THR M 47 62.22 37.69 10.58
CA THR M 47 63.25 37.26 9.64
C THR M 47 63.64 38.37 8.68
N GLY M 48 62.67 39.16 8.22
CA GLY M 48 62.99 40.31 7.41
C GLY M 48 63.76 41.37 8.15
N LEU M 49 63.51 41.49 9.46
CA LEU M 49 64.29 42.41 10.28
C LEU M 49 65.74 42.00 10.36
N PHE M 50 65.99 40.70 10.54
CA PHE M 50 67.37 40.21 10.54
C PHE M 50 68.02 40.39 9.16
N LEU M 51 67.25 40.14 8.10
CA LEU M 51 67.77 40.32 6.75
C LEU M 51 68.13 41.77 6.47
N ALA M 52 67.26 42.70 6.87
CA ALA M 52 67.56 44.11 6.70
C ALA M 52 68.71 44.56 7.57
N MET M 53 68.96 43.87 8.68
CA MET M 53 70.22 44.12 9.37
C MET M 53 71.41 43.48 8.69
N HIS M 54 71.23 42.66 7.66
CA HIS M 54 72.41 42.21 6.92
C HIS M 54 72.37 42.41 5.41
N TYR M 55 71.43 43.17 4.87
CA TYR M 55 71.29 43.30 3.42
C TYR M 55 71.62 44.71 2.95
N THR M 56 72.14 44.81 1.72
CA THR M 56 72.34 46.07 1.04
C THR M 56 71.55 46.09 -0.26
N PRO M 57 70.72 47.10 -0.50
CA PRO M 57 69.99 47.22 -1.78
C PRO M 57 70.76 48.01 -2.83
N ASP M 58 71.83 47.41 -3.35
CA ASP M 58 72.61 48.01 -4.43
C ASP M 58 72.91 46.97 -5.48
N THR M 59 72.56 47.27 -6.74
CA THR M 59 72.58 46.29 -7.83
C THR M 59 73.97 45.78 -8.14
N THR M 60 75.01 46.54 -7.80
CA THR M 60 76.36 46.00 -7.94
C THR M 60 76.66 44.98 -6.85
N THR M 61 76.16 45.21 -5.64
CA THR M 61 76.57 44.43 -4.48
C THR M 61 75.44 43.61 -3.87
N ALA M 62 74.29 43.50 -4.51
CA ALA M 62 73.15 42.81 -3.90
C ALA M 62 73.37 41.31 -3.84
N PHE M 63 73.80 40.71 -4.95
CA PHE M 63 73.99 39.27 -5.03
C PHE M 63 75.12 38.83 -4.10
N SER M 64 76.21 39.61 -4.08
CA SER M 64 77.31 39.30 -3.17
C SER M 64 76.92 39.55 -1.73
N SER M 65 76.01 40.49 -1.46
CA SER M 65 75.56 40.71 -0.10
C SER M 65 74.70 39.56 0.38
N VAL M 66 73.84 39.02 -0.49
CA VAL M 66 73.04 37.85 -0.16
C VAL M 66 73.94 36.64 0.06
N THR M 67 75.00 36.52 -0.75
CA THR M 67 75.97 35.45 -0.54
C THR M 67 76.72 35.62 0.77
N HIS M 68 77.01 36.86 1.15
CA HIS M 68 77.63 37.16 2.43
C HIS M 68 76.72 36.77 3.58
N ILE M 69 75.42 36.98 3.42
CA ILE M 69 74.44 36.53 4.41
C ILE M 69 74.43 35.02 4.52
N CYS M 70 74.40 34.34 3.38
CA CYS M 70 74.21 32.90 3.38
C CYS M 70 75.46 32.16 3.85
N ARG M 71 76.65 32.73 3.63
CA ARG M 71 77.89 32.06 3.96
C ARG M 71 78.62 32.69 5.12
N ASP M 72 78.87 33.99 5.07
CA ASP M 72 79.74 34.62 6.07
C ASP M 72 78.98 34.87 7.37
N VAL M 73 77.76 35.39 7.28
CA VAL M 73 76.99 35.70 8.48
C VAL M 73 76.52 34.41 9.13
N ASN M 74 76.70 34.30 10.45
CA ASN M 74 76.27 33.13 11.19
C ASN M 74 74.76 32.99 11.14
N TYR M 75 74.31 31.83 10.65
CA TYR M 75 72.91 31.42 10.52
C TYR M 75 72.09 32.30 9.59
N GLY M 76 72.74 33.16 8.79
CA GLY M 76 72.00 33.95 7.83
C GLY M 76 71.35 33.09 6.76
N TRP M 77 71.95 31.94 6.49
CA TRP M 77 71.35 30.96 5.59
C TRP M 77 70.05 30.40 6.17
N ILE M 78 70.00 30.11 7.48
CA ILE M 78 68.74 29.60 8.03
C ILE M 78 67.73 30.71 8.10
N ILE M 79 68.17 31.97 8.24
CA ILE M 79 67.17 33.04 8.34
C ILE M 79 66.61 33.37 6.95
N ARG M 80 67.46 33.29 5.92
CA ARG M 80 67.00 33.50 4.56
C ARG M 80 66.04 32.41 4.13
N TYR M 81 66.40 31.15 4.39
CA TYR M 81 65.51 30.05 4.11
C TYR M 81 64.23 30.12 4.92
N MET M 82 64.32 30.62 6.15
CA MET M 82 63.13 30.76 6.98
C MET M 82 62.19 31.82 6.44
N HIS M 83 62.74 32.96 5.99
CA HIS M 83 61.91 34.01 5.42
C HIS M 83 61.24 33.55 4.13
N ALA M 84 62.00 32.84 3.27
CA ALA M 84 61.44 32.41 1.99
C ALA M 84 60.37 31.33 2.18
N ASN M 85 60.70 30.27 2.92
CA ASN M 85 59.74 29.19 3.10
C ASN M 85 58.60 29.60 4.03
N GLY M 86 58.81 30.58 4.91
CA GLY M 86 57.71 31.09 5.69
C GLY M 86 56.76 31.92 4.88
N ALA M 87 57.27 32.64 3.87
CA ALA M 87 56.38 33.27 2.90
C ALA M 87 55.59 32.23 2.12
N SER M 88 56.24 31.12 1.77
CA SER M 88 55.54 30.07 1.04
C SER M 88 54.42 29.44 1.88
N MET M 89 54.71 29.12 3.13
CA MET M 89 53.69 28.58 4.02
C MET M 89 52.65 29.63 4.41
N PHE M 90 53.03 30.91 4.35
CA PHE M 90 52.06 31.98 4.51
C PHE M 90 51.04 31.95 3.39
N PHE M 91 51.49 31.74 2.16
CA PHE M 91 50.53 31.58 1.06
C PHE M 91 49.71 30.31 1.18
N ILE M 92 50.31 29.24 1.72
CA ILE M 92 49.56 28.00 1.95
C ILE M 92 48.41 28.24 2.92
N CYS M 93 48.73 28.82 4.08
CA CYS M 93 47.70 29.13 5.07
C CYS M 93 46.72 30.17 4.56
N LEU M 94 47.18 31.06 3.68
CA LEU M 94 46.31 32.07 3.09
C LEU M 94 45.25 31.44 2.22
N PHE M 95 45.66 30.58 1.28
CA PHE M 95 44.67 29.97 0.40
C PHE M 95 43.80 28.96 1.14
N MET M 96 44.32 28.33 2.20
CA MET M 96 43.45 27.49 3.01
C MET M 96 42.41 28.31 3.75
N HIS M 97 42.78 29.49 4.23
CA HIS M 97 41.84 30.36 4.92
C HIS M 97 40.77 30.90 3.98
N VAL M 98 41.19 31.26 2.75
CA VAL M 98 40.24 31.74 1.75
C VAL M 98 39.29 30.63 1.32
N GLY M 99 39.83 29.42 1.10
CA GLY M 99 39.01 28.28 0.77
C GLY M 99 38.04 27.91 1.87
N ARG M 100 38.44 28.09 3.13
CA ARG M 100 37.53 27.85 4.24
C ARG M 100 36.40 28.87 4.23
N GLY M 101 36.77 30.15 4.06
CA GLY M 101 35.79 31.22 4.10
C GLY M 101 34.77 31.14 2.97
N LEU M 102 35.16 30.54 1.85
CA LEU M 102 34.18 30.30 0.80
C LEU M 102 33.45 28.98 0.99
N TYR M 103 34.08 27.98 1.61
CA TYR M 103 33.50 26.65 1.70
C TYR M 103 32.44 26.55 2.78
N TYR M 104 32.76 26.95 4.01
CA TYR M 104 31.73 26.90 5.05
C TYR M 104 30.73 28.04 4.93
N GLY M 105 30.98 29.02 4.08
CA GLY M 105 30.02 30.09 3.89
C GLY M 105 30.06 31.10 4.99
N SER M 106 31.23 31.67 5.25
CA SER M 106 31.36 32.82 6.11
C SER M 106 31.49 34.10 5.31
N TYR M 107 31.29 34.03 4.00
CA TYR M 107 31.40 35.19 3.14
C TYR M 107 30.20 36.13 3.22
N THR M 108 29.17 35.79 4.00
CA THR M 108 28.05 36.70 4.19
C THR M 108 28.46 37.94 4.96
N PHE M 109 29.49 37.83 5.80
CA PHE M 109 30.05 38.99 6.48
C PHE M 109 30.81 39.82 5.44
N LEU M 110 30.16 40.88 4.97
CA LEU M 110 30.57 41.53 3.73
C LEU M 110 31.86 42.35 3.90
N GLU M 111 31.87 43.23 4.89
CA GLU M 111 33.01 44.11 5.09
C GLU M 111 34.25 43.35 5.53
N THR M 112 34.05 42.22 6.24
CA THR M 112 35.15 41.31 6.54
C THR M 112 35.76 40.76 5.26
N TRP M 113 34.90 40.39 4.31
CA TRP M 113 35.33 39.87 3.02
C TRP M 113 36.09 40.93 2.22
N ASN M 114 35.59 42.17 2.24
CA ASN M 114 36.26 43.25 1.51
C ASN M 114 37.63 43.58 2.09
N ILE M 115 37.72 43.62 3.43
CA ILE M 115 39.00 43.85 4.10
C ILE M 115 39.97 42.71 3.79
N GLY M 116 39.45 41.48 3.72
CA GLY M 116 40.29 40.36 3.32
C GLY M 116 40.82 40.49 1.91
N VAL M 117 39.99 40.99 0.99
CA VAL M 117 40.44 41.18 -0.39
C VAL M 117 41.54 42.23 -0.49
N ILE M 118 41.39 43.32 0.27
CA ILE M 118 42.43 44.36 0.30
C ILE M 118 43.72 43.81 0.89
N LEU M 119 43.60 42.95 1.91
CA LEU M 119 44.76 42.28 2.46
C LEU M 119 45.42 41.35 1.45
N LEU M 120 44.60 40.71 0.59
CA LEU M 120 45.13 39.82 -0.43
C LEU M 120 45.97 40.58 -1.45
N PHE M 121 45.45 41.73 -1.91
CA PHE M 121 46.21 42.62 -2.80
C PHE M 121 47.54 43.02 -2.18
N ALA M 122 47.50 43.48 -0.92
CA ALA M 122 48.70 44.01 -0.28
C ALA M 122 49.74 42.92 -0.06
N THR M 123 49.29 41.71 0.30
CA THR M 123 50.22 40.60 0.46
C THR M 123 50.84 40.17 -0.85
N MET M 124 50.06 40.17 -1.95
CA MET M 124 50.63 39.79 -3.24
C MET M 124 51.67 40.79 -3.71
N ALA M 125 51.39 42.09 -3.56
CA ALA M 125 52.37 43.10 -3.97
C ALA M 125 53.61 43.05 -3.09
N THR M 126 53.42 42.81 -1.79
CA THR M 126 54.52 42.66 -0.84
C THR M 126 55.44 41.52 -1.24
N ALA M 127 54.83 40.35 -1.54
CA ALA M 127 55.62 39.18 -1.87
C ALA M 127 56.32 39.33 -3.21
N PHE M 128 55.69 40.01 -4.17
CA PHE M 128 56.35 40.19 -5.46
C PHE M 128 57.55 41.11 -5.35
N MET M 129 57.41 42.23 -4.63
CA MET M 129 58.55 43.13 -4.51
C MET M 129 59.66 42.51 -3.67
N GLY M 130 59.28 41.73 -2.65
CA GLY M 130 60.27 40.97 -1.91
C GLY M 130 60.98 39.93 -2.75
N TYR M 131 60.28 39.33 -3.71
CA TYR M 131 60.96 38.40 -4.61
C TYR M 131 61.83 39.12 -5.63
N VAL M 132 61.53 40.39 -5.94
CA VAL M 132 62.45 41.14 -6.78
C VAL M 132 63.74 41.42 -6.03
N LEU M 133 63.65 41.76 -4.75
CA LEU M 133 64.79 42.16 -3.91
C LEU M 133 66.08 41.34 -3.83
N PRO M 134 66.11 40.01 -4.05
CA PRO M 134 67.41 39.33 -4.09
C PRO M 134 68.28 39.71 -5.27
N TRP M 135 67.69 40.33 -6.30
CA TRP M 135 68.39 40.85 -7.47
C TRP M 135 69.11 39.72 -8.21
N GLY M 136 68.31 38.75 -8.66
CA GLY M 136 68.76 37.69 -9.52
C GLY M 136 68.21 37.84 -10.92
N GLN M 137 68.56 36.85 -11.74
CA GLN M 137 68.13 36.81 -13.14
C GLN M 137 66.60 36.73 -13.25
N MET M 138 66.00 35.80 -12.50
CA MET M 138 64.56 35.62 -12.55
C MET M 138 63.84 36.80 -11.93
N SER M 139 64.40 37.37 -10.87
CA SER M 139 63.80 38.55 -10.25
C SER M 139 63.80 39.72 -11.21
N PHE M 140 64.93 39.93 -11.90
CA PHE M 140 65.05 41.02 -12.86
C PHE M 140 64.07 40.87 -14.01
N TRP M 141 64.00 39.67 -14.60
CA TRP M 141 63.16 39.54 -15.79
C TRP M 141 61.68 39.41 -15.46
N GLY M 142 61.33 38.81 -14.31
CA GLY M 142 59.94 38.82 -13.88
C GLY M 142 59.46 40.22 -13.53
N ALA M 143 60.35 41.02 -12.93
CA ALA M 143 60.02 42.43 -12.68
C ALA M 143 59.86 43.20 -13.98
N THR M 144 60.66 42.86 -14.99
CA THR M 144 60.53 43.49 -16.31
C THR M 144 59.18 43.17 -16.96
N VAL M 145 58.79 41.89 -16.93
CA VAL M 145 57.54 41.47 -17.56
C VAL M 145 56.34 42.05 -16.83
N ILE M 146 56.36 42.07 -15.50
CA ILE M 146 55.20 42.59 -14.78
C ILE M 146 55.18 44.12 -14.81
N THR M 147 56.33 44.77 -14.96
CA THR M 147 56.36 46.21 -15.19
C THR M 147 55.74 46.56 -16.54
N ASN M 148 56.01 45.75 -17.55
CA ASN M 148 55.38 46.01 -18.83
C ASN M 148 53.90 45.63 -18.85
N LEU M 149 53.51 44.65 -18.04
CA LEU M 149 52.09 44.39 -17.79
C LEU M 149 51.40 45.58 -17.18
N LEU M 150 52.09 46.28 -16.28
CA LEU M 150 51.57 47.56 -15.80
C LEU M 150 51.55 48.59 -16.92
N SER M 151 52.49 48.52 -17.86
CA SER M 151 52.49 49.46 -18.98
C SER M 151 51.47 49.13 -20.06
N ALA M 152 50.77 48.00 -19.93
CA ALA M 152 49.77 47.59 -20.91
C ALA M 152 48.51 48.46 -20.92
N ILE M 153 48.38 49.43 -20.02
CA ILE M 153 47.15 50.22 -19.92
C ILE M 153 47.10 51.22 -21.09
N PRO M 154 46.02 51.28 -21.85
CA PRO M 154 45.94 52.24 -22.95
C PRO M 154 45.75 53.66 -22.42
N TYR M 155 46.58 54.58 -22.93
CA TYR M 155 46.46 56.04 -22.81
C TYR M 155 46.79 56.56 -21.41
N ILE M 156 46.94 55.66 -20.43
CA ILE M 156 47.13 56.06 -19.04
C ILE M 156 48.41 55.42 -18.53
N GLY M 157 48.76 54.27 -19.09
CA GLY M 157 49.83 53.46 -18.52
C GLY M 157 51.23 53.96 -18.77
N THR M 158 51.43 54.76 -19.82
CA THR M 158 52.78 55.12 -20.23
C THR M 158 53.43 56.06 -19.22
N ASN M 159 52.74 57.15 -18.85
CA ASN M 159 53.23 58.06 -17.84
C ASN M 159 53.40 57.36 -16.49
N LEU M 160 52.45 56.49 -16.13
CA LEU M 160 52.48 55.84 -14.83
C LEU M 160 53.65 54.87 -14.72
N VAL M 161 53.95 54.14 -15.79
CA VAL M 161 55.00 53.14 -15.70
C VAL M 161 56.39 53.73 -15.99
N GLU M 162 56.48 54.76 -16.82
CA GLU M 162 57.73 55.53 -16.86
C GLU M 162 57.97 56.30 -15.58
N TRP M 163 56.91 56.57 -14.82
CA TRP M 163 57.03 57.21 -13.51
C TRP M 163 57.48 56.23 -12.44
N ILE M 164 57.00 54.98 -12.49
CA ILE M 164 57.41 53.99 -11.51
C ILE M 164 58.56 53.12 -11.99
N TRP M 165 59.14 53.41 -13.17
CA TRP M 165 60.34 52.72 -13.61
C TRP M 165 61.51 52.97 -12.67
N GLY M 166 61.62 54.19 -12.16
CA GLY M 166 62.87 54.59 -11.54
C GLY M 166 63.97 54.77 -12.56
N GLY M 167 63.61 55.10 -13.79
CA GLY M 167 64.58 55.30 -14.85
C GLY M 167 63.95 55.08 -16.21
N PHE M 168 64.78 54.65 -17.16
CA PHE M 168 64.31 54.13 -18.43
C PHE M 168 64.08 52.63 -18.40
N SER M 169 64.62 51.95 -17.39
CA SER M 169 64.42 50.53 -17.19
C SER M 169 64.66 50.24 -15.72
N VAL M 170 64.84 48.96 -15.39
CA VAL M 170 65.11 48.56 -14.01
C VAL M 170 66.56 48.89 -13.69
N ASP M 171 66.77 49.68 -12.64
CA ASP M 171 68.11 50.08 -12.21
C ASP M 171 68.08 50.12 -10.69
N LYS M 172 69.07 50.81 -10.09
CA LYS M 172 69.19 50.89 -8.64
C LYS M 172 67.97 51.54 -7.99
N ALA M 173 67.37 52.52 -8.68
CA ALA M 173 66.21 53.22 -8.13
C ALA M 173 65.01 52.29 -8.02
N THR M 174 64.86 51.39 -9.00
CA THR M 174 63.81 50.37 -8.94
C THR M 174 63.99 49.47 -7.74
N LEU M 175 65.23 49.07 -7.48
CA LEU M 175 65.54 48.21 -6.34
C LEU M 175 65.25 48.92 -5.03
N THR M 176 65.59 50.20 -4.93
CA THR M 176 65.36 50.92 -3.68
C THR M 176 63.88 51.18 -3.44
N ARG M 177 63.13 51.50 -4.50
CA ARG M 177 61.68 51.69 -4.37
C ARG M 177 61.00 50.39 -3.95
N PHE M 178 61.42 49.26 -4.53
CA PHE M 178 60.86 47.99 -4.13
C PHE M 178 61.26 47.61 -2.72
N PHE M 179 62.46 47.97 -2.28
CA PHE M 179 62.84 47.70 -0.90
C PHE M 179 62.01 48.52 0.08
N ALA M 180 61.73 49.77 -0.27
CA ALA M 180 60.92 50.62 0.58
C ALA M 180 59.49 50.10 0.70
N PHE M 181 58.91 49.66 -0.42
CA PHE M 181 57.55 49.14 -0.33
C PHE M 181 57.48 47.77 0.33
N HIS M 182 58.46 46.89 0.08
CA HIS M 182 58.50 45.59 0.76
C HIS M 182 58.71 45.75 2.25
N PHE M 183 59.33 46.84 2.68
CA PHE M 183 59.31 47.09 4.12
C PHE M 183 57.99 47.66 4.59
N ILE M 184 57.43 48.63 3.86
CA ILE M 184 56.39 49.43 4.48
C ILE M 184 55.02 48.74 4.43
N PHE M 185 54.79 47.87 3.45
CA PHE M 185 53.48 47.21 3.41
C PHE M 185 53.12 46.19 4.50
N PRO M 186 54.04 45.37 5.07
CA PRO M 186 53.58 44.41 6.09
C PRO M 186 53.01 45.02 7.36
N PHE M 187 53.44 46.20 7.78
CA PHE M 187 52.79 46.79 8.94
C PHE M 187 51.41 47.34 8.61
N ILE M 188 51.22 47.80 7.37
CA ILE M 188 49.89 48.17 6.90
C ILE M 188 48.99 46.93 6.87
N ILE M 189 49.58 45.79 6.47
CA ILE M 189 48.89 44.51 6.50
C ILE M 189 48.51 44.13 7.92
N ALA M 190 49.39 44.41 8.88
CA ALA M 190 49.12 44.10 10.28
C ALA M 190 47.98 44.94 10.84
N ALA M 191 47.99 46.25 10.54
CA ALA M 191 46.91 47.13 11.00
C ALA M 191 45.58 46.76 10.37
N LEU M 192 45.58 46.46 9.07
CA LEU M 192 44.33 46.05 8.43
C LEU M 192 43.90 44.66 8.88
N ALA M 193 44.84 43.82 9.35
CA ALA M 193 44.46 42.57 9.97
C ALA M 193 43.79 42.80 11.32
N MET M 194 44.26 43.81 12.05
CA MET M 194 43.57 44.19 13.29
C MET M 194 42.15 44.68 13.01
N VAL M 195 41.96 45.42 11.91
CA VAL M 195 40.62 45.87 11.55
C VAL M 195 39.75 44.69 11.11
N HIS M 196 40.36 43.74 10.40
CA HIS M 196 39.72 42.48 10.02
C HIS M 196 39.19 41.72 11.24
N LEU M 197 40.05 41.53 12.23
CA LEU M 197 39.64 40.82 13.44
C LEU M 197 38.66 41.64 14.26
N LEU M 198 38.72 42.97 14.16
CA LEU M 198 37.78 43.82 14.89
C LEU M 198 36.37 43.70 14.33
N PHE M 199 36.23 43.70 13.01
CA PHE M 199 34.92 43.43 12.42
C PHE M 199 34.44 42.01 12.70
N LEU M 200 35.35 41.04 12.79
CA LEU M 200 34.91 39.69 13.11
C LEU M 200 34.40 39.60 14.55
N HIS M 201 35.08 40.24 15.49
CA HIS M 201 34.58 40.29 16.86
C HIS M 201 33.33 41.14 16.98
N GLU M 202 33.12 42.07 16.06
CA GLU M 202 31.83 42.76 15.99
C GLU M 202 30.72 41.79 15.61
N THR M 203 30.96 40.97 14.59
CA THR M 203 29.96 40.01 14.15
C THR M 203 29.86 38.83 15.10
N GLY M 204 30.95 38.09 15.24
CA GLY M 204 30.97 36.80 15.91
C GLY M 204 31.30 35.69 14.93
N SER M 205 31.98 34.67 15.44
CA SER M 205 32.54 33.62 14.58
C SER M 205 31.45 32.69 14.06
N ASN M 206 31.85 31.71 13.24
CA ASN M 206 30.92 30.90 12.49
C ASN M 206 31.25 29.43 12.66
N ASN M 207 30.22 28.63 12.91
CA ASN M 207 30.35 27.19 13.08
C ASN M 207 30.55 26.50 11.73
N PRO M 208 30.91 25.22 11.73
CA PRO M 208 30.89 24.48 10.46
C PRO M 208 29.51 24.25 9.88
N THR M 209 28.48 24.21 10.72
CA THR M 209 27.15 23.88 10.23
C THR M 209 26.47 25.04 9.53
N GLY M 210 26.89 26.26 9.80
CA GLY M 210 26.20 27.43 9.29
C GLY M 210 25.00 27.86 10.09
N ILE M 211 24.50 27.01 10.97
CA ILE M 211 23.43 27.38 11.91
C ILE M 211 23.95 28.48 12.83
N PRO M 212 23.16 29.50 13.15
CA PRO M 212 23.63 30.50 14.13
C PRO M 212 23.84 29.87 15.50
N SER M 213 24.99 30.17 16.10
CA SER M 213 25.48 29.41 17.24
C SER M 213 25.64 30.28 18.48
N ASP M 214 24.62 31.06 18.82
CA ASP M 214 24.67 31.87 20.02
C ASP M 214 24.56 31.06 21.31
N THR M 215 24.16 29.79 21.21
CA THR M 215 23.79 29.00 22.37
C THR M 215 24.88 28.04 22.82
N ASP M 216 26.06 28.11 22.22
CA ASP M 216 27.18 27.21 22.55
C ASP M 216 28.46 28.01 22.68
N LYS M 217 28.39 29.12 23.42
CA LYS M 217 29.52 30.04 23.51
C LYS M 217 30.51 29.54 24.55
N ILE M 218 31.69 29.14 24.10
CA ILE M 218 32.80 28.82 24.99
C ILE M 218 33.86 29.89 24.80
N PRO M 219 34.66 30.22 25.80
CA PRO M 219 35.66 31.27 25.61
C PRO M 219 36.84 30.77 24.78
N PHE M 220 37.53 31.74 24.18
CA PHE M 220 38.70 31.45 23.38
C PHE M 220 39.85 30.90 24.24
N HIS M 221 39.93 31.36 25.48
CA HIS M 221 40.89 30.87 26.47
C HIS M 221 40.23 29.78 27.33
N PRO M 222 40.94 28.69 27.62
CA PRO M 222 42.26 28.33 27.11
C PRO M 222 42.19 27.28 26.02
N TYR M 223 40.97 27.06 25.52
CA TYR M 223 40.71 25.94 24.62
C TYR M 223 41.33 26.18 23.26
N TYR M 224 40.89 27.23 22.57
CA TYR M 224 41.44 27.52 21.27
C TYR M 224 42.85 28.06 21.34
N THR M 225 43.30 28.55 22.50
CA THR M 225 44.70 28.93 22.64
C THR M 225 45.60 27.71 22.55
N ILE M 226 45.25 26.62 23.24
CA ILE M 226 46.08 25.42 23.13
C ILE M 226 45.84 24.71 21.80
N LYS M 227 44.67 24.91 21.18
CA LYS M 227 44.49 24.39 19.82
C LYS M 227 45.36 25.14 18.83
N ASP M 228 45.52 26.45 19.02
CA ASP M 228 46.43 27.23 18.20
C ASP M 228 47.87 26.91 18.51
N ILE M 229 48.18 26.50 19.75
CA ILE M 229 49.52 26.03 20.05
C ILE M 229 49.82 24.72 19.32
N LEU M 230 48.82 23.84 19.23
CA LEU M 230 48.95 22.62 18.43
C LEU M 230 49.21 22.94 16.96
N GLY M 231 48.40 23.83 16.40
CA GLY M 231 48.61 24.24 15.02
C GLY M 231 49.92 24.97 14.79
N ALA M 232 50.35 25.75 15.78
CA ALA M 232 51.62 26.47 15.67
C ALA M 232 52.79 25.52 15.70
N ILE M 233 52.72 24.49 16.53
CA ILE M 233 53.82 23.54 16.61
C ILE M 233 53.89 22.69 15.35
N LEU M 234 52.73 22.34 14.77
CA LEU M 234 52.76 21.65 13.46
C LEU M 234 53.28 22.56 12.34
N LEU M 235 52.97 23.84 12.38
CA LEU M 235 53.41 24.72 11.31
C LEU M 235 54.90 25.03 11.42
N ILE M 236 55.40 25.16 12.65
CA ILE M 236 56.83 25.25 12.87
C ILE M 236 57.53 23.96 12.49
N LEU M 237 56.86 22.81 12.68
CA LEU M 237 57.39 21.53 12.20
C LEU M 237 57.59 21.52 10.68
N ILE M 238 56.58 22.01 9.95
CA ILE M 238 56.69 22.06 8.49
C ILE M 238 57.79 23.03 8.06
N LEU M 239 57.86 24.20 8.71
CA LEU M 239 58.85 25.20 8.33
C LEU M 239 60.27 24.73 8.62
N MET M 240 60.48 24.13 9.79
CA MET M 240 61.79 23.58 10.12
C MET M 240 62.16 22.42 9.22
N LEU M 241 61.16 21.63 8.79
CA LEU M 241 61.43 20.53 7.87
C LEU M 241 61.92 21.05 6.52
N LEU M 242 61.25 22.08 5.99
CA LEU M 242 61.68 22.62 4.71
C LEU M 242 63.00 23.39 4.80
N VAL M 243 63.31 24.00 5.95
CA VAL M 243 64.60 24.68 6.04
C VAL M 243 65.73 23.74 6.42
N LEU M 244 65.44 22.53 6.89
CA LEU M 244 66.49 21.61 7.27
C LEU M 244 66.70 20.45 6.30
N PHE M 245 65.77 20.20 5.40
CA PHE M 245 66.09 19.09 4.50
C PHE M 245 65.91 19.43 3.02
N THR M 246 64.90 20.22 2.67
CA THR M 246 64.64 20.58 1.27
C THR M 246 64.60 22.10 1.12
N PRO M 247 65.75 22.78 1.11
CA PRO M 247 65.72 24.18 0.73
C PRO M 247 65.49 24.36 -0.75
N ASP M 248 66.08 23.48 -1.55
CA ASP M 248 66.12 23.64 -3.00
C ASP M 248 64.85 23.14 -3.68
N LEU M 249 63.84 22.73 -2.91
CA LEU M 249 62.64 22.13 -3.49
C LEU M 249 61.75 23.21 -4.10
N LEU M 250 61.26 24.13 -3.28
CA LEU M 250 60.45 25.22 -3.81
C LEU M 250 61.30 26.35 -4.37
N GLY M 251 62.55 26.46 -3.94
CA GLY M 251 63.40 27.57 -4.37
C GLY M 251 63.75 27.46 -5.83
N ASP M 252 63.50 28.53 -6.58
CA ASP M 252 63.71 28.49 -8.02
C ASP M 252 65.19 28.59 -8.35
N PRO M 253 65.65 27.88 -9.39
CA PRO M 253 67.09 27.81 -9.63
C PRO M 253 67.67 29.10 -10.18
N ASP M 254 66.93 29.78 -11.06
CA ASP M 254 67.48 30.93 -11.76
C ASP M 254 67.58 32.18 -10.88
N ASN M 255 67.19 32.09 -9.61
CA ASN M 255 67.40 33.16 -8.64
C ASN M 255 68.75 33.02 -7.93
N TYR M 256 69.69 32.29 -8.52
CA TYR M 256 70.97 32.01 -7.89
C TYR M 256 72.16 32.46 -8.72
N THR M 257 71.94 33.27 -9.74
CA THR M 257 73.00 33.80 -10.59
C THR M 257 72.99 35.31 -10.54
N PRO M 258 74.08 35.97 -10.92
CA PRO M 258 74.00 37.41 -11.17
C PRO M 258 73.08 37.70 -12.35
N ALA M 259 72.30 38.76 -12.21
CA ALA M 259 71.28 39.11 -13.19
C ALA M 259 71.94 39.64 -14.45
N ASN M 260 72.13 38.78 -15.44
CA ASN M 260 72.61 39.20 -16.75
C ASN M 260 71.50 39.95 -17.46
N PRO M 261 71.69 41.24 -17.79
CA PRO M 261 70.61 41.99 -18.45
C PRO M 261 70.41 41.65 -19.91
N LEU M 262 71.16 40.70 -20.47
CA LEU M 262 71.04 40.36 -21.86
C LEU M 262 70.78 38.87 -22.09
N ASN M 263 70.65 38.08 -21.03
CA ASN M 263 70.58 36.63 -21.21
C ASN M 263 69.18 36.20 -21.61
N THR M 264 68.19 36.46 -20.74
CA THR M 264 66.78 36.07 -20.85
C THR M 264 66.65 34.57 -21.08
N PRO M 265 66.79 33.74 -20.05
CA PRO M 265 66.59 32.31 -20.22
C PRO M 265 65.15 32.00 -20.59
N PRO M 266 64.92 30.90 -21.31
CA PRO M 266 63.53 30.55 -21.70
C PRO M 266 62.65 30.17 -20.53
N HIS M 267 63.22 29.82 -19.38
CA HIS M 267 62.44 29.64 -18.17
C HIS M 267 61.95 31.01 -17.71
N ILE M 268 60.63 31.17 -17.60
CA ILE M 268 60.07 32.50 -17.45
C ILE M 268 59.07 32.50 -16.31
N LYS M 269 58.77 31.33 -15.77
CA LYS M 269 57.71 31.26 -14.77
C LYS M 269 58.21 31.78 -13.41
N PRO M 270 57.38 32.55 -12.71
CA PRO M 270 57.74 32.99 -11.36
C PRO M 270 57.57 31.90 -10.31
N GLU M 271 57.67 32.27 -9.04
CA GLU M 271 57.38 31.36 -7.94
C GLU M 271 55.90 30.96 -7.98
N TRP M 272 55.60 29.80 -7.37
CA TRP M 272 54.35 29.08 -7.60
C TRP M 272 53.08 29.84 -7.21
N TYR M 273 53.20 30.89 -6.40
CA TYR M 273 52.00 31.64 -6.01
C TYR M 273 51.63 32.74 -7.00
N PHE M 274 52.11 32.67 -8.24
CA PHE M 274 51.58 33.46 -9.33
C PHE M 274 51.09 32.65 -10.50
N LEU M 275 51.40 31.35 -10.56
CA LEU M 275 51.23 30.58 -11.78
C LEU M 275 49.78 30.27 -12.09
N PHE M 276 48.90 30.40 -11.10
CA PHE M 276 47.46 30.29 -11.37
C PHE M 276 47.00 31.46 -12.23
N ALA M 277 47.60 32.64 -12.04
CA ALA M 277 47.15 33.87 -12.65
C ALA M 277 47.89 34.19 -13.94
N TYR M 278 49.17 33.81 -14.03
CA TYR M 278 49.90 33.99 -15.27
C TYR M 278 49.36 33.05 -16.34
N ALA M 279 48.82 31.91 -15.95
CA ALA M 279 48.14 31.04 -16.89
C ALA M 279 46.88 31.70 -17.43
N ILE M 280 46.18 32.46 -16.58
CA ILE M 280 45.03 33.24 -17.04
C ILE M 280 45.49 34.35 -17.99
N LEU M 281 46.69 34.88 -17.76
CA LEU M 281 47.24 35.91 -18.63
C LEU M 281 47.57 35.35 -20.01
N ARG M 282 48.37 34.29 -20.07
CA ARG M 282 48.89 33.80 -21.35
C ARG M 282 47.91 32.93 -22.11
N SER M 283 46.65 32.87 -21.70
CA SER M 283 45.65 32.12 -22.44
C SER M 283 44.92 32.98 -23.46
N ILE M 284 44.34 34.09 -23.02
CA ILE M 284 43.51 34.91 -23.91
C ILE M 284 44.39 35.69 -24.87
N PRO M 285 44.14 35.62 -26.17
CA PRO M 285 44.92 36.41 -27.16
C PRO M 285 44.52 37.88 -27.19
N ASN M 286 44.69 38.56 -26.05
CA ASN M 286 44.34 39.97 -25.95
C ASN M 286 45.14 40.56 -24.81
N LYS M 287 45.85 41.66 -25.09
CA LYS M 287 46.69 42.32 -24.10
C LYS M 287 45.84 42.95 -23.00
N LEU M 288 45.03 43.93 -23.39
CA LEU M 288 44.07 44.55 -22.48
C LEU M 288 43.05 43.54 -21.99
N GLY M 289 42.65 42.60 -22.85
CA GLY M 289 41.76 41.55 -22.43
C GLY M 289 42.37 40.62 -21.39
N GLY M 290 43.67 40.36 -21.50
CA GLY M 290 44.33 39.50 -20.52
C GLY M 290 44.47 40.17 -19.16
N VAL M 291 44.96 41.41 -19.14
CA VAL M 291 45.09 42.10 -17.86
C VAL M 291 43.71 42.42 -17.27
N LEU M 292 42.73 42.68 -18.14
CA LEU M 292 41.34 42.86 -17.72
C LEU M 292 40.78 41.58 -17.14
N ALA M 293 41.16 40.42 -17.69
CA ALA M 293 40.67 39.16 -17.18
C ALA M 293 41.26 38.85 -15.82
N LEU M 294 42.51 39.23 -15.59
CA LEU M 294 43.11 39.07 -14.26
C LEU M 294 42.40 39.93 -13.23
N VAL M 295 42.24 41.22 -13.53
CA VAL M 295 41.57 42.14 -12.61
C VAL M 295 40.13 41.71 -12.39
N LEU M 296 39.46 41.23 -13.44
CA LEU M 296 38.10 40.73 -13.30
C LEU M 296 38.05 39.42 -12.53
N SER M 297 39.11 38.62 -12.54
CA SER M 297 39.13 37.41 -11.73
C SER M 297 39.12 37.74 -10.24
N ILE M 298 40.01 38.64 -9.83
CA ILE M 298 40.01 39.00 -8.42
C ILE M 298 38.76 39.84 -8.06
N LEU M 299 38.19 40.57 -9.02
CA LEU M 299 36.93 41.26 -8.73
C LEU M 299 35.74 40.30 -8.67
N VAL M 300 35.80 39.17 -9.38
CA VAL M 300 34.78 38.14 -9.17
C VAL M 300 34.93 37.54 -7.79
N LEU M 301 36.18 37.39 -7.32
CA LEU M 301 36.42 37.01 -5.93
C LEU M 301 35.88 38.03 -4.94
N VAL M 302 35.84 39.32 -5.34
CA VAL M 302 35.17 40.33 -4.52
C VAL M 302 33.66 40.08 -4.49
N ILE M 303 33.06 39.87 -5.64
CA ILE M 303 31.61 39.91 -5.79
C ILE M 303 31.08 38.47 -5.71
N MET M 304 31.84 37.59 -5.07
CA MET M 304 31.30 36.30 -4.67
C MET M 304 30.06 36.35 -3.76
N PRO M 305 29.94 37.20 -2.73
CA PRO M 305 28.71 37.13 -1.92
C PRO M 305 27.49 37.68 -2.61
N LEU M 306 27.65 38.57 -3.59
CA LEU M 306 26.48 39.14 -4.26
C LEU M 306 25.86 38.20 -5.28
N LEU M 307 26.45 37.03 -5.52
CA LEU M 307 25.81 35.97 -6.30
C LEU M 307 25.28 34.86 -5.42
N HIS M 308 25.28 35.02 -4.11
CA HIS M 308 24.71 34.03 -3.22
C HIS M 308 23.19 34.19 -3.16
N THR M 309 22.48 33.09 -3.34
CA THR M 309 21.03 33.12 -3.22
C THR M 309 20.46 31.89 -2.54
N SER M 310 21.30 31.00 -2.03
CA SER M 310 20.81 29.82 -1.33
C SER M 310 20.19 30.18 0.01
N LYS M 311 19.43 29.24 0.57
CA LYS M 311 18.76 29.44 1.84
C LYS M 311 19.43 28.71 2.98
N GLN M 312 20.66 28.24 2.76
CA GLN M 312 21.53 27.82 3.86
C GLN M 312 22.95 28.12 3.46
N ARG M 313 23.77 28.53 4.42
CA ARG M 313 25.09 29.04 4.11
C ARG M 313 26.18 27.98 4.12
N SER M 314 25.86 26.75 4.50
CA SER M 314 26.87 25.70 4.50
C SER M 314 26.90 24.99 3.15
N MET M 315 28.07 24.45 2.83
CA MET M 315 28.21 23.51 1.72
C MET M 315 28.23 22.06 2.19
N MET M 316 28.14 21.83 3.50
CA MET M 316 28.11 20.46 3.99
C MET M 316 26.75 19.80 3.73
N PHE M 317 25.69 20.60 3.57
CA PHE M 317 24.38 20.05 3.30
C PHE M 317 23.87 20.39 1.91
N ARG M 318 24.66 21.10 1.11
CA ARG M 318 24.39 21.29 -0.32
C ARG M 318 25.42 20.46 -1.08
N PRO M 319 25.10 19.21 -1.44
CA PRO M 319 26.15 18.27 -1.89
C PRO M 319 26.70 18.56 -3.26
N ILE M 320 25.82 18.92 -4.20
CA ILE M 320 26.27 19.10 -5.58
C ILE M 320 27.04 20.40 -5.72
N SER M 321 26.65 21.43 -4.97
CA SER M 321 27.46 22.64 -4.91
C SER M 321 28.81 22.37 -4.26
N GLN M 322 28.86 21.43 -3.32
CA GLN M 322 30.14 21.03 -2.74
C GLN M 322 31.00 20.30 -3.75
N CYS M 323 30.37 19.48 -4.61
CA CYS M 323 31.09 18.83 -5.69
C CYS M 323 31.63 19.86 -6.68
N MET M 324 30.84 20.89 -6.97
CA MET M 324 31.32 21.97 -7.83
C MET M 324 32.45 22.74 -7.18
N PHE M 325 32.43 22.84 -5.84
CA PHE M 325 33.54 23.44 -5.11
C PHE M 325 34.81 22.62 -5.26
N TRP M 326 34.69 21.30 -5.20
CA TRP M 326 35.89 20.48 -5.40
C TRP M 326 36.38 20.55 -6.84
N ILE M 327 35.46 20.65 -7.80
CA ILE M 327 35.86 20.87 -9.19
C ILE M 327 36.56 22.21 -9.34
N LEU M 328 36.15 23.20 -8.55
CA LEU M 328 36.81 24.50 -8.58
C LEU M 328 38.21 24.43 -7.97
N VAL M 329 38.37 23.62 -6.93
CA VAL M 329 39.70 23.42 -6.33
C VAL M 329 40.63 22.76 -7.34
N ALA M 330 40.13 21.72 -8.02
CA ALA M 330 40.90 21.06 -9.06
C ALA M 330 41.20 21.99 -10.23
N ASP M 331 40.27 22.91 -10.54
CA ASP M 331 40.50 23.88 -11.60
C ASP M 331 41.60 24.86 -11.24
N LEU M 332 41.61 25.32 -9.98
CA LEU M 332 42.66 26.22 -9.52
C LEU M 332 44.03 25.54 -9.56
N LEU M 333 44.09 24.29 -9.10
CA LEU M 333 45.37 23.58 -9.10
C LEU M 333 45.82 23.27 -10.53
N THR M 334 44.86 23.04 -11.43
CA THR M 334 45.17 22.85 -12.84
C THR M 334 45.76 24.12 -13.45
N LEU M 335 45.15 25.27 -13.15
CA LEU M 335 45.68 26.54 -13.62
C LEU M 335 47.07 26.81 -13.08
N THR M 336 47.33 26.44 -11.83
CA THR M 336 48.65 26.64 -11.24
C THR M 336 49.71 25.77 -11.93
N TRP M 337 49.39 24.49 -12.15
CA TRP M 337 50.37 23.63 -12.80
C TRP M 337 50.56 23.97 -14.27
N ILE M 338 49.51 24.43 -14.95
CA ILE M 338 49.66 24.84 -16.35
C ILE M 338 50.44 26.14 -16.45
N GLY M 339 50.30 27.03 -15.47
CA GLY M 339 51.21 28.15 -15.38
C GLY M 339 52.63 27.72 -15.06
N GLY M 340 52.79 26.56 -14.42
CA GLY M 340 54.11 26.00 -14.20
C GLY M 340 54.67 25.21 -15.36
N GLN M 341 54.33 25.57 -16.58
CA GLN M 341 54.78 24.89 -17.79
C GLN M 341 55.26 25.91 -18.81
N PRO M 342 56.06 25.48 -19.80
CA PRO M 342 56.30 26.32 -20.96
C PRO M 342 55.10 26.38 -21.91
N VAL M 343 55.27 26.97 -23.07
CA VAL M 343 54.17 27.22 -23.99
C VAL M 343 54.37 26.41 -25.27
N GLU M 344 53.46 25.47 -25.52
CA GLU M 344 53.32 24.83 -26.82
C GLU M 344 51.83 24.72 -27.13
N HIS M 345 51.52 24.02 -28.23
CA HIS M 345 50.17 24.04 -28.79
C HIS M 345 49.12 23.32 -27.92
N PRO M 346 49.34 22.09 -27.42
CA PRO M 346 48.33 21.52 -26.49
C PRO M 346 48.24 22.29 -25.19
N TYR M 347 49.34 22.87 -24.72
CA TYR M 347 49.31 23.70 -23.53
C TYR M 347 48.49 24.96 -23.75
N ILE M 348 48.60 25.57 -24.94
CA ILE M 348 47.78 26.73 -25.29
C ILE M 348 46.30 26.36 -25.27
N ILE M 349 45.97 25.20 -25.86
CA ILE M 349 44.58 24.75 -25.91
C ILE M 349 44.01 24.55 -24.51
N ILE M 350 44.71 23.77 -23.69
CA ILE M 350 44.15 23.46 -22.37
C ILE M 350 44.25 24.62 -21.41
N GLY M 351 45.14 25.58 -21.63
CA GLY M 351 45.14 26.77 -20.79
C GLY M 351 43.97 27.68 -21.08
N GLN M 352 43.67 27.89 -22.37
CA GLN M 352 42.47 28.63 -22.74
C GLN M 352 41.21 27.94 -22.23
N LEU M 353 41.15 26.61 -22.38
CA LEU M 353 40.00 25.86 -21.87
C LEU M 353 39.93 25.88 -20.35
N ALA M 354 41.07 25.96 -19.67
CA ALA M 354 41.05 26.00 -18.22
C ALA M 354 40.55 27.35 -17.71
N SER M 355 40.91 28.44 -18.40
CA SER M 355 40.36 29.75 -18.04
C SER M 355 38.86 29.81 -18.31
N ILE M 356 38.43 29.23 -19.43
CA ILE M 356 37.01 29.18 -19.76
C ILE M 356 36.22 28.38 -18.72
N MET M 357 36.76 27.23 -18.30
CA MET M 357 36.11 26.43 -17.27
C MET M 357 36.13 27.14 -15.91
N TYR M 358 37.19 27.90 -15.63
CA TYR M 358 37.27 28.71 -14.41
C TYR M 358 36.08 29.67 -14.30
N PHE M 359 35.93 30.54 -15.30
CA PHE M 359 34.85 31.51 -15.21
C PHE M 359 33.48 30.91 -15.49
N LEU M 360 33.41 29.78 -16.20
CA LEU M 360 32.12 29.11 -16.38
C LEU M 360 31.62 28.48 -15.10
N ILE M 361 32.51 27.82 -14.35
CA ILE M 361 32.13 27.20 -13.08
C ILE M 361 31.77 28.26 -12.06
N ILE M 362 32.56 29.34 -11.97
CA ILE M 362 32.29 30.34 -10.93
C ILE M 362 31.08 31.18 -11.29
N LEU M 363 31.08 31.80 -12.47
CA LEU M 363 30.07 32.80 -12.78
C LEU M 363 28.71 32.22 -13.13
N VAL M 364 28.61 30.93 -13.38
CA VAL M 364 27.33 30.36 -13.79
C VAL M 364 26.90 29.25 -12.84
N MET M 365 27.72 28.21 -12.72
CA MET M 365 27.25 26.93 -12.24
C MET M 365 26.95 26.93 -10.74
N MET M 366 27.70 27.68 -9.96
CA MET M 366 27.48 27.66 -8.52
C MET M 366 26.21 28.40 -8.08
N PRO M 367 25.86 29.60 -8.61
CA PRO M 367 24.53 30.13 -8.28
C PRO M 367 23.37 29.31 -8.83
N VAL M 368 23.51 28.70 -10.01
CA VAL M 368 22.43 27.89 -10.55
C VAL M 368 22.27 26.60 -9.75
N ALA M 369 23.38 26.07 -9.22
CA ALA M 369 23.29 24.94 -8.30
C ALA M 369 22.62 25.34 -6.99
N SER M 370 22.92 26.55 -6.49
CA SER M 370 22.23 27.03 -5.29
C SER M 370 20.75 27.22 -5.56
N ILE M 371 20.40 27.64 -6.78
CA ILE M 371 19.00 27.75 -7.19
C ILE M 371 18.33 26.38 -7.20
N ILE M 372 18.99 25.36 -7.74
CA ILE M 372 18.28 24.10 -7.88
C ILE M 372 18.18 23.36 -6.54
N GLU M 373 19.18 23.47 -5.64
CA GLU M 373 18.99 22.85 -4.34
C GLU M 373 18.17 23.72 -3.41
N ASN M 374 17.99 25.00 -3.73
CA ASN M 374 16.91 25.76 -3.13
C ASN M 374 15.56 25.21 -3.59
N ASN M 375 15.46 24.91 -4.88
CA ASN M 375 14.19 24.51 -5.48
C ASN M 375 13.77 23.10 -5.08
N LEU M 376 14.72 22.25 -4.69
CA LEU M 376 14.37 20.86 -4.47
C LEU M 376 13.56 20.66 -3.18
N LEU M 377 13.77 21.51 -2.17
CA LEU M 377 13.19 21.26 -0.85
C LEU M 377 11.82 21.91 -0.67
N LYS M 378 11.05 22.07 -1.75
CA LYS M 378 9.78 22.79 -1.79
C LYS M 378 9.94 24.22 -1.26
N TRP M 379 10.93 24.92 -1.81
CA TRP M 379 11.14 26.31 -1.43
C TRP M 379 10.88 27.21 -2.63
N ASP N 2 65.76 22.15 -30.03
CA ASP N 2 66.59 21.06 -29.56
C ASP N 2 65.93 20.35 -28.38
N LEU N 3 66.31 19.10 -28.16
CA LEU N 3 65.78 18.32 -27.05
C LEU N 3 66.53 18.66 -25.77
N GLU N 4 66.11 18.02 -24.68
CA GLU N 4 66.72 18.26 -23.37
C GLU N 4 66.67 16.95 -22.59
N LEU N 5 67.82 16.33 -22.39
CA LEU N 5 67.88 15.07 -21.67
C LEU N 5 67.83 15.30 -20.17
N HIS N 6 66.90 14.63 -19.51
CA HIS N 6 66.86 14.65 -18.05
C HIS N 6 67.91 13.68 -17.51
N PRO N 7 68.83 14.12 -16.66
CA PRO N 7 69.88 13.24 -16.17
C PRO N 7 69.33 12.23 -15.19
N PRO N 8 70.02 11.11 -14.99
CA PRO N 8 69.60 10.15 -13.97
C PRO N 8 69.88 10.68 -12.57
N SER N 9 69.39 9.94 -11.59
CA SER N 9 69.67 10.20 -10.18
C SER N 9 70.61 9.13 -9.67
N TYR N 10 71.70 9.54 -9.02
CA TYR N 10 72.67 8.52 -8.65
C TYR N 10 72.60 8.24 -7.16
N PRO N 11 72.90 7.01 -6.74
CA PRO N 11 72.94 6.71 -5.29
C PRO N 11 74.18 7.27 -4.62
N TRP N 12 74.19 8.59 -4.43
CA TRP N 12 75.31 9.25 -3.76
C TRP N 12 75.35 8.87 -2.29
N SER N 13 76.55 8.88 -1.72
CA SER N 13 76.70 8.56 -0.31
C SER N 13 76.27 9.72 0.58
N HIS N 14 76.00 10.88 0.02
CA HIS N 14 75.39 12.01 0.73
C HIS N 14 73.99 12.29 0.24
N ARG N 15 73.45 11.45 -0.65
CA ARG N 15 72.09 11.62 -1.12
C ARG N 15 71.07 11.37 -0.02
N GLY N 16 71.40 10.48 0.92
CA GLY N 16 70.55 10.26 2.07
C GLY N 16 70.42 11.50 2.92
N LEU N 17 69.22 11.67 3.49
CA LEU N 17 68.84 12.92 4.14
C LEU N 17 69.54 13.16 5.47
N LEU N 18 70.32 12.21 5.96
CA LEU N 18 71.09 12.40 7.18
C LEU N 18 72.58 12.12 7.01
N SER N 19 73.02 11.79 5.81
CA SER N 19 74.41 11.43 5.57
C SER N 19 75.21 12.66 5.13
N SER N 20 76.40 12.78 5.69
CA SER N 20 77.22 13.98 5.54
C SER N 20 78.11 13.86 4.29
N LEU N 21 79.11 14.73 4.22
CA LEU N 21 80.14 14.70 3.18
C LEU N 21 81.45 14.24 3.78
N ASP N 22 82.23 13.53 2.98
CA ASP N 22 83.59 13.16 3.37
C ASP N 22 84.49 14.38 3.24
N HIS N 23 85.06 14.82 4.37
CA HIS N 23 86.01 15.92 4.35
C HIS N 23 87.28 15.55 3.61
N THR N 24 87.65 14.27 3.60
CA THR N 24 88.76 13.81 2.78
C THR N 24 88.45 13.99 1.30
N SER N 25 87.21 13.68 0.91
CA SER N 25 86.78 13.92 -0.46
C SER N 25 86.74 15.41 -0.77
N ILE N 26 86.42 16.24 0.22
CA ILE N 26 86.43 17.69 0.04
C ILE N 26 87.85 18.19 -0.17
N ARG N 27 88.82 17.66 0.59
CA ARG N 27 90.22 18.04 0.43
C ARG N 27 90.75 17.65 -0.95
N ARG N 28 90.49 16.42 -1.38
CA ARG N 28 90.99 16.02 -2.68
C ARG N 28 90.25 16.70 -3.82
N GLY N 29 88.96 17.02 -3.65
CA GLY N 29 88.27 17.79 -4.67
C GLY N 29 88.76 19.21 -4.77
N PHE N 30 89.16 19.80 -3.64
CA PHE N 30 89.83 21.09 -3.69
C PHE N 30 91.17 20.98 -4.40
N GLN N 31 91.86 19.86 -4.23
CA GLN N 31 93.10 19.64 -4.97
C GLN N 31 92.84 19.58 -6.47
N VAL N 32 91.72 18.97 -6.86
CA VAL N 32 91.28 18.94 -8.25
C VAL N 32 91.05 20.35 -8.77
N TYR N 33 90.33 21.15 -7.98
CA TYR N 33 90.01 22.51 -8.40
C TYR N 33 91.26 23.37 -8.52
N LYS N 34 92.21 23.20 -7.59
CA LYS N 34 93.40 24.03 -7.61
C LYS N 34 94.36 23.63 -8.71
N GLN N 35 94.36 22.36 -9.10
CA GLN N 35 95.26 21.94 -10.19
C GLN N 35 94.79 22.47 -11.54
N VAL N 36 93.61 22.06 -11.99
CA VAL N 36 93.27 22.26 -13.39
C VAL N 36 92.03 23.14 -13.55
N CYS N 37 91.12 23.12 -12.57
CA CYS N 37 89.87 23.82 -12.77
C CYS N 37 89.97 25.31 -12.53
N SER N 38 90.92 25.74 -11.70
CA SER N 38 91.10 27.17 -11.41
C SER N 38 92.02 27.82 -12.45
N SER N 39 91.60 27.73 -13.71
CA SER N 39 92.27 28.45 -14.79
C SER N 39 91.32 29.14 -15.75
N CYS N 40 90.07 28.73 -15.85
CA CYS N 40 89.09 29.40 -16.68
C CYS N 40 87.85 29.84 -15.90
N HIS N 41 87.41 29.02 -14.95
CA HIS N 41 86.27 29.33 -14.10
C HIS N 41 86.74 29.95 -12.80
N SER N 42 85.84 30.64 -12.11
CA SER N 42 86.12 31.24 -10.82
C SER N 42 85.17 30.68 -9.77
N MET N 43 85.55 30.86 -8.50
CA MET N 43 84.67 30.48 -7.40
C MET N 43 84.72 31.60 -6.36
N ASP N 44 84.42 32.81 -6.82
CA ASP N 44 84.76 34.07 -6.14
C ASP N 44 84.06 34.32 -4.80
N TYR N 45 83.25 33.39 -4.33
CA TYR N 45 82.46 33.59 -3.12
C TYR N 45 82.84 32.63 -2.00
N VAL N 46 84.08 32.12 -2.03
CA VAL N 46 84.60 31.23 -0.99
C VAL N 46 86.00 31.71 -0.63
N ALA N 47 86.21 32.02 0.65
CA ALA N 47 87.52 32.42 1.13
C ALA N 47 88.27 31.21 1.69
N TYR N 48 89.54 31.43 2.02
CA TYR N 48 90.37 30.33 2.51
C TYR N 48 90.03 29.96 3.95
N ARG N 49 89.47 30.89 4.72
CA ARG N 49 89.02 30.59 6.07
C ARG N 49 87.82 29.65 6.09
N HIS N 50 87.11 29.54 4.97
CA HIS N 50 86.06 28.55 4.82
C HIS N 50 86.59 27.15 4.58
N LEU N 51 87.91 27.00 4.44
CA LEU N 51 88.53 25.71 4.20
C LEU N 51 89.31 25.20 5.40
N VAL N 52 89.56 26.04 6.40
CA VAL N 52 90.51 25.70 7.45
C VAL N 52 89.88 24.82 8.53
N GLY N 53 88.55 24.77 8.62
CA GLY N 53 87.92 23.90 9.58
C GLY N 53 87.18 22.78 8.91
N VAL N 54 87.31 22.72 7.58
CA VAL N 54 86.51 21.83 6.76
C VAL N 54 87.35 20.78 6.05
N CYS N 55 88.48 21.18 5.47
CA CYS N 55 89.24 20.27 4.64
C CYS N 55 90.76 20.36 4.81
N TYR N 56 91.27 21.25 5.65
CA TYR N 56 92.70 21.32 5.90
C TYR N 56 92.94 21.70 7.35
N THR N 57 94.22 21.72 7.72
CA THR N 57 94.62 22.18 9.04
C THR N 57 94.96 23.67 8.98
N GLU N 58 95.64 24.15 10.02
CA GLU N 58 96.00 25.56 10.10
C GLU N 58 97.06 25.94 9.06
N ASP N 59 98.23 25.30 9.12
CA ASP N 59 99.35 25.71 8.28
C ASP N 59 99.13 25.33 6.82
N GLU N 60 98.35 24.28 6.57
CA GLU N 60 98.02 23.88 5.20
C GLU N 60 97.23 24.97 4.49
N ALA N 61 96.15 25.43 5.11
CA ALA N 61 95.32 26.47 4.52
C ALA N 61 96.05 27.81 4.44
N LYS N 62 96.94 28.09 5.41
CA LYS N 62 97.72 29.31 5.33
C LYS N 62 98.73 29.25 4.20
N ALA N 63 99.31 28.07 3.95
CA ALA N 63 100.21 27.93 2.81
C ALA N 63 99.45 28.08 1.49
N LEU N 64 98.24 27.49 1.43
CA LEU N 64 97.42 27.60 0.23
C LEU N 64 96.95 29.03 0.00
N ALA N 65 96.79 29.80 1.06
CA ALA N 65 96.40 31.20 0.91
C ALA N 65 97.59 32.13 0.71
N GLU N 66 98.80 31.71 1.07
CA GLU N 66 99.97 32.56 0.93
C GLU N 66 100.85 32.20 -0.26
N GLU N 67 100.49 31.17 -1.02
CA GLU N 67 101.18 30.96 -2.30
C GLU N 67 100.57 31.79 -3.44
N VAL N 68 99.57 32.61 -3.15
CA VAL N 68 98.78 33.28 -4.17
C VAL N 68 99.07 34.78 -4.14
N GLU N 69 99.07 35.42 -5.31
CA GLU N 69 99.15 36.87 -5.36
C GLU N 69 97.89 37.53 -4.81
N VAL N 70 98.02 38.81 -4.48
CA VAL N 70 96.91 39.63 -3.99
C VAL N 70 96.69 40.85 -4.86
N GLN N 71 97.78 41.55 -5.22
CA GLN N 71 97.76 42.93 -5.75
C GLN N 71 96.98 43.83 -4.79
N ASP N 72 97.56 43.97 -3.61
CA ASP N 72 96.99 44.78 -2.54
C ASP N 72 97.09 46.27 -2.91
N GLY N 73 96.43 47.09 -2.10
CA GLY N 73 96.28 48.50 -2.41
C GLY N 73 97.50 49.32 -2.04
N PRO N 74 97.27 50.41 -1.30
CA PRO N 74 98.28 51.47 -1.19
C PRO N 74 99.47 51.10 -0.33
N ASN N 75 100.58 51.76 -0.63
CA ASN N 75 101.81 51.73 0.14
C ASN N 75 102.15 53.17 0.52
N GLU N 76 103.40 53.42 0.92
CA GLU N 76 103.82 54.78 1.26
C GLU N 76 103.63 55.76 0.11
N ASP N 77 103.90 55.32 -1.13
CA ASP N 77 103.50 56.11 -2.28
C ASP N 77 102.02 55.95 -2.58
N GLY N 78 101.47 54.76 -2.36
CA GLY N 78 100.05 54.56 -2.46
C GLY N 78 99.56 53.82 -3.68
N GLU N 79 100.45 53.28 -4.51
CA GLU N 79 99.97 52.75 -5.78
C GLU N 79 99.38 51.35 -5.61
N MET N 80 100.25 50.36 -5.41
CA MET N 80 99.94 48.93 -5.46
C MET N 80 101.15 48.18 -4.94
N PHE N 81 100.90 46.95 -4.48
CA PHE N 81 101.93 45.94 -4.26
C PHE N 81 101.22 44.60 -4.16
N MET N 82 101.82 43.58 -4.76
CA MET N 82 101.27 42.25 -4.58
C MET N 82 101.64 41.72 -3.19
N ARG N 83 100.99 40.62 -2.82
CA ARG N 83 101.08 40.13 -1.45
C ARG N 83 100.75 38.65 -1.46
N PRO N 84 101.30 37.87 -0.52
CA PRO N 84 100.73 36.53 -0.28
C PRO N 84 99.29 36.58 0.22
N GLY N 85 99.01 37.34 1.27
CA GLY N 85 97.67 37.41 1.80
C GLY N 85 97.41 36.30 2.79
N LYS N 86 96.98 36.63 4.00
CA LYS N 86 97.01 35.66 5.08
C LYS N 86 95.81 34.72 5.05
N LEU N 87 94.61 35.25 5.24
CA LEU N 87 93.40 34.42 5.19
C LEU N 87 92.25 35.04 4.42
N SER N 88 92.21 36.36 4.24
CA SER N 88 91.06 37.03 3.65
C SER N 88 91.02 36.96 2.14
N ASP N 89 91.80 36.08 1.55
CA ASP N 89 91.94 36.03 0.10
C ASP N 89 90.77 35.29 -0.52
N TYR N 90 90.31 35.77 -1.67
CA TYR N 90 89.42 35.02 -2.52
C TYR N 90 90.25 34.36 -3.62
N PHE N 91 89.58 33.63 -4.48
CA PHE N 91 90.30 32.96 -5.56
C PHE N 91 90.66 33.97 -6.64
N PRO N 92 91.87 33.91 -7.18
CA PRO N 92 92.43 35.09 -7.85
C PRO N 92 92.03 35.28 -9.30
N LYS N 93 90.75 35.03 -9.64
CA LYS N 93 90.01 35.48 -10.82
C LYS N 93 90.80 35.38 -12.13
N PRO N 94 90.96 34.18 -12.69
CA PRO N 94 91.84 34.02 -13.86
C PRO N 94 91.42 34.80 -15.09
N TYR N 95 90.14 35.13 -15.20
CA TYR N 95 89.66 36.03 -16.24
C TYR N 95 89.17 37.31 -15.57
N PRO N 96 89.93 38.40 -15.64
CA PRO N 96 89.52 39.65 -14.97
C PRO N 96 88.27 40.29 -15.55
N ASN N 97 88.29 40.56 -16.85
CA ASN N 97 87.05 41.13 -17.37
C ASN N 97 86.21 40.06 -18.05
N PRO N 98 84.89 40.09 -17.82
CA PRO N 98 84.03 39.06 -18.42
C PRO N 98 83.97 39.13 -19.93
N GLU N 99 84.01 40.33 -20.51
CA GLU N 99 84.11 40.41 -21.96
C GLU N 99 85.48 39.95 -22.45
N ALA N 100 86.52 40.17 -21.66
CA ALA N 100 87.82 39.59 -21.98
C ALA N 100 87.81 38.08 -21.83
N ALA N 101 86.96 37.56 -20.95
CA ALA N 101 86.77 36.12 -20.87
C ALA N 101 86.05 35.59 -22.10
N ARG N 102 85.08 36.36 -22.61
CA ARG N 102 84.40 35.98 -23.84
C ARG N 102 85.34 36.03 -25.04
N ALA N 103 86.26 37.00 -25.05
CA ALA N 103 87.27 37.06 -26.09
C ALA N 103 88.42 36.10 -25.85
N ALA N 104 88.52 35.49 -24.66
CA ALA N 104 89.58 34.54 -24.39
C ALA N 104 89.35 33.24 -25.17
N ASN N 105 88.26 32.56 -24.88
CA ASN N 105 87.87 31.38 -25.63
C ASN N 105 86.99 31.81 -26.80
N ASN N 106 86.33 30.83 -27.44
CA ASN N 106 85.51 31.10 -28.61
C ASN N 106 84.11 31.56 -28.20
N GLY N 107 84.06 32.67 -27.48
CA GLY N 107 82.81 33.18 -26.94
C GLY N 107 82.30 32.30 -25.81
N ALA N 108 81.10 32.66 -25.33
CA ALA N 108 80.35 31.92 -24.31
C ALA N 108 81.19 31.75 -23.03
N LEU N 109 81.38 32.90 -22.37
CA LEU N 109 82.35 33.04 -21.28
C LEU N 109 82.06 32.05 -20.14
N PRO N 110 83.09 31.44 -19.57
CA PRO N 110 82.89 30.39 -18.56
C PRO N 110 82.41 30.97 -17.25
N PRO N 111 81.26 30.54 -16.75
CA PRO N 111 80.69 31.15 -15.55
C PRO N 111 81.39 30.68 -14.27
N ASP N 112 81.00 31.30 -13.16
CA ASP N 112 81.53 30.93 -11.86
C ASP N 112 80.89 29.64 -11.37
N LEU N 113 81.50 29.05 -10.35
CA LEU N 113 81.13 27.72 -9.87
C LEU N 113 80.82 27.74 -8.38
N SER N 114 79.97 28.67 -7.96
CA SER N 114 79.53 28.67 -6.58
C SER N 114 78.21 27.94 -6.40
N TYR N 115 77.26 28.20 -7.29
CA TYR N 115 75.89 27.74 -7.13
C TYR N 115 75.46 26.84 -8.28
N ILE N 116 76.42 26.17 -8.91
CA ILE N 116 76.13 25.43 -10.14
C ILE N 116 75.42 24.11 -9.84
N VAL N 117 75.81 23.43 -8.75
CA VAL N 117 75.11 22.22 -8.34
C VAL N 117 73.67 22.56 -7.94
N ARG N 118 73.47 23.72 -7.35
CA ARG N 118 72.16 24.11 -6.86
C ARG N 118 71.28 24.74 -7.93
N ALA N 119 71.85 25.20 -9.03
CA ALA N 119 71.08 26.05 -9.94
C ALA N 119 71.28 25.66 -11.40
N ARG N 120 71.24 24.37 -11.72
CA ARG N 120 71.32 23.94 -13.12
C ARG N 120 70.33 22.81 -13.40
N HIS N 121 69.10 22.97 -12.90
CA HIS N 121 67.95 22.10 -13.22
C HIS N 121 68.18 20.64 -12.84
N GLY N 122 69.01 20.42 -11.82
CA GLY N 122 69.45 19.09 -11.47
C GLY N 122 70.68 19.22 -10.60
N GLY N 123 70.93 18.25 -9.74
CA GLY N 123 72.00 18.38 -8.78
C GLY N 123 73.38 18.09 -9.34
N GLU N 124 74.22 17.46 -8.53
CA GLU N 124 75.57 17.11 -8.96
C GLU N 124 75.58 15.98 -9.99
N ASP N 125 74.46 15.27 -10.17
CA ASP N 125 74.35 14.29 -11.23
C ASP N 125 74.43 14.94 -12.60
N TYR N 126 73.82 16.12 -12.74
CA TYR N 126 73.92 16.89 -13.98
C TYR N 126 75.37 17.27 -14.25
N VAL N 127 76.10 17.67 -13.21
CA VAL N 127 77.49 18.09 -13.39
C VAL N 127 78.35 16.89 -13.74
N PHE N 128 78.12 15.75 -13.09
CA PHE N 128 78.90 14.55 -13.34
C PHE N 128 78.68 14.03 -14.75
N SER N 129 77.41 13.94 -15.16
CA SER N 129 77.10 13.48 -16.51
C SER N 129 77.53 14.50 -17.56
N LEU N 130 77.54 15.78 -17.22
CA LEU N 130 78.04 16.80 -18.13
C LEU N 130 79.54 16.65 -18.32
N LEU N 131 80.27 16.36 -17.25
CA LEU N 131 81.70 16.23 -17.34
C LEU N 131 82.11 14.94 -18.05
N THR N 132 81.34 13.87 -17.89
CA THR N 132 81.71 12.63 -18.56
C THR N 132 81.03 12.43 -19.91
N GLY N 133 80.12 13.31 -20.31
CA GLY N 133 79.29 13.08 -21.47
C GLY N 133 79.92 13.37 -22.82
N TYR N 134 81.22 13.63 -22.87
CA TYR N 134 81.91 13.81 -24.13
C TYR N 134 81.89 12.52 -24.93
N CYS N 135 81.34 12.58 -26.14
CA CYS N 135 81.06 11.37 -26.90
C CYS N 135 81.05 11.71 -28.38
N GLU N 136 80.57 10.77 -29.18
CA GLU N 136 80.66 10.85 -30.63
C GLU N 136 79.48 11.61 -31.22
N PRO N 137 79.71 12.52 -32.16
CA PRO N 137 78.61 13.19 -32.83
C PRO N 137 78.00 12.33 -33.92
N PRO N 138 76.68 12.15 -33.92
CA PRO N 138 75.99 11.45 -35.04
C PRO N 138 75.52 12.40 -36.13
N ARG N 139 76.49 12.94 -36.88
CA ARG N 139 76.29 13.78 -38.07
C ARG N 139 75.49 15.05 -37.76
N VAL N 140 76.13 15.91 -36.98
CA VAL N 140 75.55 17.17 -36.55
C VAL N 140 76.41 18.34 -37.03
N SER N 141 76.03 19.56 -36.64
CA SER N 141 76.59 20.78 -37.22
C SER N 141 78.06 21.03 -36.85
N LEU N 142 78.33 21.23 -35.55
CA LEU N 142 79.68 21.39 -35.00
C LEU N 142 80.43 22.57 -35.63
N ARG N 143 79.95 23.79 -35.31
CA ARG N 143 80.52 25.01 -35.88
C ARG N 143 81.85 25.41 -35.23
N GLU N 144 82.83 24.49 -35.32
CA GLU N 144 84.26 24.75 -35.25
C GLU N 144 84.77 25.13 -33.85
N GLY N 145 83.89 25.40 -32.91
CA GLY N 145 84.34 25.75 -31.58
C GLY N 145 83.49 25.13 -30.50
N LEU N 146 82.42 24.48 -30.91
CA LEU N 146 81.43 23.92 -30.00
C LEU N 146 81.51 22.41 -30.04
N TYR N 147 81.49 21.79 -28.87
CA TYR N 147 81.69 20.36 -28.76
C TYR N 147 80.37 19.67 -28.41
N PHE N 148 80.27 18.42 -28.82
CA PHE N 148 79.03 17.67 -28.72
C PHE N 148 78.92 17.02 -27.35
N ASN N 149 77.85 17.36 -26.63
CA ASN N 149 77.54 16.70 -25.37
C ASN N 149 76.03 16.77 -25.15
N PRO N 150 75.36 15.62 -25.11
CA PRO N 150 73.89 15.62 -24.98
C PRO N 150 73.38 15.94 -23.58
N TYR N 151 74.25 16.14 -22.59
CA TYR N 151 73.81 16.60 -21.28
C TYR N 151 73.84 18.11 -21.19
N PHE N 152 73.23 18.76 -22.17
CA PHE N 152 73.29 20.20 -22.32
C PHE N 152 72.20 20.64 -23.29
N PRO N 153 71.46 21.68 -22.98
CA PRO N 153 70.46 22.18 -23.93
C PRO N 153 71.11 22.81 -25.15
N GLY N 154 70.99 22.14 -26.29
CA GLY N 154 71.60 22.59 -27.53
C GLY N 154 72.77 21.75 -27.98
N GLN N 155 73.36 20.96 -27.08
CA GLN N 155 74.37 19.94 -27.36
C GLN N 155 75.65 20.53 -27.95
N ALA N 156 75.90 21.82 -27.71
CA ALA N 156 77.03 22.53 -28.29
C ALA N 156 77.73 23.28 -27.17
N ILE N 157 78.90 22.80 -26.78
CA ILE N 157 79.62 23.33 -25.63
C ILE N 157 81.01 23.78 -26.07
N GLY N 158 81.38 25.00 -25.70
CA GLY N 158 82.71 25.49 -25.99
C GLY N 158 83.71 25.21 -24.89
N MET N 159 83.61 24.04 -24.27
CA MET N 159 84.55 23.63 -23.25
C MET N 159 85.18 22.30 -23.65
N ALA N 160 86.50 22.28 -23.74
CA ALA N 160 87.23 21.07 -24.04
C ALA N 160 87.13 20.09 -22.87
N PRO N 161 87.20 18.79 -23.14
CA PRO N 161 87.18 17.81 -22.04
C PRO N 161 88.51 17.74 -21.31
N PRO N 162 88.54 18.09 -20.03
CA PRO N 162 89.81 18.10 -19.28
C PRO N 162 90.07 16.84 -18.46
N ILE N 163 89.14 15.88 -18.45
CA ILE N 163 89.02 15.01 -17.30
C ILE N 163 89.95 13.79 -17.37
N TYR N 164 90.24 13.25 -18.55
CA TYR N 164 91.25 12.20 -18.60
C TYR N 164 92.65 12.80 -18.64
N ASN N 165 92.79 13.95 -19.30
CA ASN N 165 94.08 14.59 -19.45
C ASN N 165 94.56 15.13 -18.10
N GLU N 166 95.88 15.01 -17.88
CA GLU N 166 96.59 15.57 -16.73
C GLU N 166 96.02 15.04 -15.41
N VAL N 167 96.26 13.74 -15.18
CA VAL N 167 96.03 13.17 -13.87
C VAL N 167 96.91 13.89 -12.85
N LEU N 168 96.29 14.34 -11.77
CA LEU N 168 96.82 15.48 -11.03
C LEU N 168 97.71 15.13 -9.85
N GLU N 169 97.85 13.84 -9.52
CA GLU N 169 98.69 13.35 -8.41
C GLU N 169 98.21 13.95 -7.08
N PHE N 170 97.07 13.41 -6.63
CA PHE N 170 96.54 13.66 -5.29
C PHE N 170 97.61 13.48 -4.21
N ASP N 171 97.52 14.30 -3.16
CA ASP N 171 98.47 14.19 -2.05
C ASP N 171 98.31 12.88 -1.29
N ASP N 172 97.08 12.35 -1.23
CA ASP N 172 96.90 11.01 -0.70
C ASP N 172 97.44 9.96 -1.66
N GLY N 173 97.35 10.22 -2.96
CA GLY N 173 97.92 9.31 -3.94
C GLY N 173 96.91 8.36 -4.54
N THR N 174 95.70 8.83 -4.76
CA THR N 174 94.69 7.98 -5.38
C THR N 174 94.94 7.88 -6.88
N PRO N 175 94.96 6.67 -7.45
CA PRO N 175 95.14 6.54 -8.91
C PRO N 175 93.97 7.10 -9.68
N ALA N 176 94.23 8.18 -10.42
CA ALA N 176 93.16 8.98 -11.01
C ALA N 176 92.61 8.28 -12.25
N THR N 177 91.38 7.80 -12.15
CA THR N 177 90.61 7.39 -13.30
C THR N 177 89.86 8.62 -13.82
N MET N 178 88.84 8.43 -14.66
CA MET N 178 88.00 9.55 -15.04
C MET N 178 86.90 9.78 -14.00
N SER N 179 86.14 8.74 -13.69
CA SER N 179 84.94 8.90 -12.89
C SER N 179 85.25 9.15 -11.42
N GLN N 180 86.39 8.65 -10.93
CA GLN N 180 86.73 8.86 -9.53
C GLN N 180 87.04 10.33 -9.25
N VAL N 181 87.90 10.92 -10.09
CA VAL N 181 88.23 12.33 -9.91
C VAL N 181 87.04 13.21 -10.27
N ALA N 182 86.17 12.76 -11.17
CA ALA N 182 84.97 13.52 -11.49
C ALA N 182 83.98 13.49 -10.32
N LYS N 183 83.85 12.35 -9.65
CA LYS N 183 83.01 12.25 -8.47
C LYS N 183 83.55 13.12 -7.33
N ASP N 184 84.87 13.15 -7.18
CA ASP N 184 85.46 13.96 -6.12
C ASP N 184 85.27 15.46 -6.38
N VAL N 185 85.42 15.89 -7.63
CA VAL N 185 85.24 17.32 -7.89
C VAL N 185 83.76 17.71 -7.86
N CYS N 186 82.85 16.79 -8.20
CA CYS N 186 81.44 17.10 -8.04
C CYS N 186 81.02 17.15 -6.57
N THR N 187 81.65 16.33 -5.73
CA THR N 187 81.40 16.40 -4.29
C THR N 187 81.93 17.71 -3.71
N PHE N 188 83.11 18.15 -4.19
CA PHE N 188 83.62 19.45 -3.79
C PHE N 188 82.72 20.58 -4.24
N LEU N 189 82.12 20.46 -5.43
CA LEU N 189 81.18 21.48 -5.87
C LEU N 189 79.89 21.46 -5.07
N ARG N 190 79.45 20.28 -4.62
CA ARG N 190 78.29 20.20 -3.73
C ARG N 190 78.58 20.92 -2.40
N TRP N 191 79.80 20.74 -1.87
CA TRP N 191 80.17 21.48 -0.68
C TRP N 191 80.27 22.97 -0.96
N ALA N 192 80.79 23.34 -2.13
CA ALA N 192 80.90 24.75 -2.49
C ALA N 192 79.52 25.38 -2.65
N ALA N 193 78.53 24.58 -3.03
CA ALA N 193 77.15 25.05 -2.99
C ALA N 193 76.69 25.25 -1.55
N GLU N 194 76.84 24.24 -0.71
CA GLU N 194 76.30 24.27 0.65
C GLU N 194 77.37 23.97 1.68
N PRO N 195 78.08 24.98 2.18
CA PRO N 195 79.00 24.75 3.31
C PRO N 195 78.28 24.44 4.61
N GLU N 196 76.99 24.73 4.69
CA GLU N 196 76.15 24.51 5.86
C GLU N 196 75.65 23.08 6.00
N HIS N 197 76.11 22.18 5.13
CA HIS N 197 75.44 20.89 4.94
C HIS N 197 75.53 20.00 6.18
N ASP N 198 76.73 19.93 6.77
CA ASP N 198 76.91 19.15 7.99
C ASP N 198 76.11 19.75 9.14
N HIS N 199 76.14 21.06 9.27
CA HIS N 199 75.45 21.68 10.40
C HIS N 199 73.94 21.69 10.21
N ARG N 200 73.47 21.74 8.95
CA ARG N 200 72.04 21.66 8.75
C ARG N 200 71.53 20.23 8.96
N LYS N 201 72.36 19.22 8.68
CA LYS N 201 71.93 17.88 9.05
C LYS N 201 72.01 17.65 10.56
N ARG N 202 72.93 18.34 11.25
CA ARG N 202 72.94 18.30 12.71
C ARG N 202 71.67 18.88 13.30
N MET N 203 71.29 20.07 12.84
CA MET N 203 70.06 20.67 13.34
C MET N 203 68.81 19.93 12.86
N GLY N 204 68.90 19.24 11.72
CA GLY N 204 67.81 18.36 11.33
C GLY N 204 67.65 17.20 12.29
N LEU N 205 68.77 16.64 12.75
CA LEU N 205 68.71 15.60 13.78
C LEU N 205 68.13 16.13 15.08
N LYS N 206 68.54 17.35 15.46
CA LYS N 206 68.00 18.02 16.64
C LYS N 206 66.48 18.17 16.56
N MET N 207 66.01 18.74 15.45
CA MET N 207 64.59 19.03 15.29
C MET N 207 63.78 17.74 15.15
N LEU N 208 64.33 16.71 14.51
CA LEU N 208 63.57 15.48 14.37
C LEU N 208 63.43 14.74 15.69
N LEU N 209 64.47 14.77 16.54
CA LEU N 209 64.29 14.18 17.86
C LEU N 209 63.32 15.01 18.72
N MET N 210 63.40 16.34 18.63
CA MET N 210 62.50 17.18 19.41
C MET N 210 61.05 17.05 18.96
N MET N 211 60.82 16.86 17.67
CA MET N 211 59.46 16.72 17.19
C MET N 211 58.99 15.27 17.17
N GLY N 212 59.90 14.31 17.38
CA GLY N 212 59.45 12.95 17.58
C GLY N 212 59.09 12.66 19.02
N LEU N 213 59.66 13.41 19.96
CA LEU N 213 59.29 13.21 21.35
C LEU N 213 58.33 14.27 21.87
N LEU N 214 58.29 15.46 21.28
CA LEU N 214 57.51 16.57 21.82
C LEU N 214 56.12 16.67 21.23
N LEU N 215 55.92 16.20 20.01
CA LEU N 215 54.63 16.35 19.32
C LEU N 215 53.48 15.57 19.96
N PRO N 216 53.63 14.32 20.44
CA PRO N 216 52.50 13.72 21.16
C PRO N 216 52.25 14.33 22.52
N LEU N 217 53.21 15.06 23.08
CA LEU N 217 53.01 15.67 24.39
C LEU N 217 51.98 16.79 24.33
N VAL N 218 52.15 17.73 23.39
CA VAL N 218 51.23 18.86 23.29
C VAL N 218 49.89 18.40 22.74
N TYR N 219 49.90 17.39 21.88
CA TYR N 219 48.65 16.80 21.38
C TYR N 219 47.86 16.15 22.52
N ALA N 220 48.57 15.40 23.36
CA ALA N 220 47.93 14.81 24.54
C ALA N 220 47.46 15.87 25.51
N MET N 221 48.18 16.99 25.60
CA MET N 221 47.77 18.07 26.50
C MET N 221 46.51 18.75 25.98
N LYS N 222 46.41 18.92 24.66
CA LYS N 222 45.21 19.49 24.06
C LYS N 222 44.02 18.57 24.24
N ARG N 223 44.22 17.26 24.09
CA ARG N 223 43.12 16.33 24.35
C ARG N 223 42.76 16.30 25.84
N HIS N 224 43.75 16.51 26.70
CA HIS N 224 43.53 16.59 28.14
C HIS N 224 42.66 17.78 28.52
N LYS N 225 42.91 18.93 27.90
CA LYS N 225 42.08 20.08 28.19
C LYS N 225 40.74 20.03 27.48
N TRP N 226 40.68 19.46 26.28
CA TRP N 226 39.42 19.26 25.57
C TRP N 226 38.66 18.04 26.05
N SER N 227 39.13 17.37 27.10
CA SER N 227 38.48 16.17 27.60
C SER N 227 37.11 16.45 28.21
N VAL N 228 36.83 17.70 28.57
CA VAL N 228 35.51 18.02 29.14
C VAL N 228 34.44 18.03 28.07
N LEU N 229 34.63 18.85 27.04
CA LEU N 229 33.61 19.03 26.01
C LEU N 229 33.40 17.79 25.16
N LYS N 230 34.42 16.94 25.03
CA LYS N 230 34.23 15.67 24.34
C LYS N 230 33.37 14.71 25.14
N SER N 231 33.20 14.94 26.44
CA SER N 231 32.51 14.02 27.31
C SER N 231 31.23 14.59 27.92
N ARG N 232 30.83 15.79 27.55
CA ARG N 232 29.61 16.36 28.11
C ARG N 232 28.39 15.69 27.50
N LYS N 233 27.32 15.60 28.28
CA LYS N 233 26.10 14.95 27.83
C LYS N 233 24.89 15.81 28.15
N LEU N 234 23.91 15.81 27.26
CA LEU N 234 22.76 16.68 27.31
C LEU N 234 21.51 15.93 27.74
N ALA N 235 20.53 16.68 28.23
CA ALA N 235 19.25 16.13 28.65
C ALA N 235 18.21 17.23 28.63
N TYR N 236 16.95 16.82 28.44
CA TYR N 236 15.85 17.73 28.18
C TYR N 236 14.82 17.63 29.29
N ARG N 237 14.79 18.63 30.17
CA ARG N 237 13.68 18.80 31.10
C ARG N 237 12.83 19.99 30.70
N PRO N 238 11.60 19.69 30.29
CA PRO N 238 10.51 20.65 30.32
C PRO N 238 9.72 20.49 31.61
N PRO N 239 8.82 21.44 31.92
CA PRO N 239 7.89 21.17 33.02
C PRO N 239 6.78 20.21 32.63
N HIS O 2 12.76 17.62 39.63
CA HIS O 2 14.20 17.52 39.79
C HIS O 2 14.50 16.25 40.55
N THR O 3 13.44 15.70 41.15
CA THR O 3 13.54 14.43 41.86
C THR O 3 13.83 13.29 40.90
N ASP O 4 13.37 13.42 39.66
CA ASP O 4 13.61 12.45 38.59
C ASP O 4 14.93 12.68 37.86
N ILE O 5 15.85 13.45 38.46
CA ILE O 5 17.06 13.88 37.76
C ILE O 5 18.26 13.35 38.53
N LYS O 6 18.93 12.35 37.96
CA LYS O 6 20.26 11.96 38.38
C LYS O 6 21.10 11.71 37.13
N VAL O 7 22.35 11.32 37.35
CA VAL O 7 23.34 11.32 36.28
C VAL O 7 23.23 10.06 35.41
N PRO O 8 23.72 10.11 34.17
CA PRO O 8 24.08 8.90 33.46
C PRO O 8 25.51 8.49 33.81
N ASP O 9 25.82 7.24 33.51
CA ASP O 9 27.13 6.71 33.89
C ASP O 9 28.24 7.24 33.00
N PHE O 10 29.42 7.38 33.59
CA PHE O 10 30.63 7.72 32.86
C PHE O 10 31.66 6.61 32.99
N SER O 11 31.19 5.37 33.10
CA SER O 11 32.08 4.22 33.22
C SER O 11 32.85 3.97 31.93
N ASP O 12 32.37 4.48 30.80
CA ASP O 12 33.10 4.36 29.55
C ASP O 12 34.34 5.24 29.52
N TYR O 13 34.42 6.25 30.37
CA TYR O 13 35.42 7.30 30.22
C TYR O 13 36.48 7.35 31.31
N ARG O 14 36.17 6.91 32.52
CA ARG O 14 37.03 7.23 33.66
C ARG O 14 38.30 6.38 33.67
N ARG O 15 39.27 6.85 34.45
CA ARG O 15 40.45 6.05 34.74
C ARG O 15 40.07 4.90 35.67
N PRO O 16 40.84 3.80 35.66
CA PRO O 16 40.43 2.63 36.46
C PRO O 16 40.52 2.81 37.98
N GLU O 17 41.09 3.91 38.47
CA GLU O 17 41.22 4.09 39.90
C GLU O 17 39.89 4.53 40.54
N VAL O 18 39.10 5.32 39.83
CA VAL O 18 37.84 5.82 40.35
C VAL O 18 36.75 5.05 39.60
N LEU O 19 37.08 3.82 39.21
CA LEU O 19 36.14 3.00 38.44
C LEU O 19 35.17 2.28 39.37
N ASP O 20 35.69 1.58 40.38
CA ASP O 20 34.84 0.90 41.34
C ASP O 20 34.17 1.91 42.27
N SER O 21 32.94 1.61 42.66
CA SER O 21 32.12 2.53 43.46
C SER O 21 32.34 2.38 44.95
N THR O 22 33.51 1.90 45.38
CA THR O 22 33.77 1.74 46.81
C THR O 22 35.11 2.38 47.12
N LYS O 23 35.99 2.42 46.12
CA LYS O 23 37.30 3.04 46.29
C LYS O 23 37.16 4.55 46.46
N SER O 24 37.91 5.09 47.41
CA SER O 24 37.83 6.50 47.71
C SER O 24 38.60 7.31 46.67
N SER O 25 38.29 8.60 46.60
CA SER O 25 38.98 9.51 45.70
C SER O 25 40.19 10.16 46.35
N LYS O 26 40.54 9.78 47.58
CA LYS O 26 41.64 10.43 48.27
C LYS O 26 42.99 10.01 47.70
N GLU O 27 43.28 8.71 47.75
CA GLU O 27 44.54 8.22 47.22
C GLU O 27 44.62 8.30 45.71
N SER O 28 43.49 8.27 45.02
CA SER O 28 43.49 8.37 43.57
C SER O 28 43.77 9.80 43.08
N SER O 29 43.88 10.77 43.99
CA SER O 29 44.20 12.14 43.59
C SER O 29 45.68 12.31 43.27
N GLU O 30 46.55 11.71 44.07
CA GLU O 30 47.98 12.01 44.02
C GLU O 30 48.62 11.55 42.72
N ALA O 31 48.42 10.28 42.36
CA ALA O 31 49.03 9.75 41.14
C ALA O 31 48.43 10.38 39.89
N ARG O 32 47.14 10.72 39.95
CA ARG O 32 46.49 11.39 38.84
C ARG O 32 47.07 12.78 38.60
N LYS O 33 47.18 13.57 39.67
CA LYS O 33 47.78 14.89 39.59
C LYS O 33 49.25 14.80 39.18
N GLY O 34 49.95 13.78 39.66
CA GLY O 34 51.35 13.62 39.32
C GLY O 34 51.55 13.30 37.85
N PHE O 35 50.70 12.43 37.30
CA PHE O 35 50.78 12.07 35.88
C PHE O 35 50.51 13.28 34.99
N SER O 36 49.42 14.01 35.28
CA SER O 36 49.04 15.14 34.44
C SER O 36 50.06 16.27 34.54
N TYR O 37 50.46 16.63 35.76
CA TYR O 37 51.38 17.75 35.93
C TYR O 37 52.80 17.37 35.51
N LEU O 38 53.13 16.07 35.53
CA LEU O 38 54.38 15.62 34.95
C LEU O 38 54.39 15.81 33.44
N ILE O 39 53.26 15.52 32.78
CA ILE O 39 53.14 15.79 31.35
C ILE O 39 53.30 17.28 31.05
N THR O 40 52.66 18.13 31.87
CA THR O 40 52.78 19.58 31.65
C THR O 40 54.20 20.07 31.85
N ALA O 41 54.87 19.58 32.89
CA ALA O 41 56.23 20.03 33.17
C ALA O 41 57.22 19.57 32.11
N THR O 42 57.02 18.35 31.60
CA THR O 42 57.89 17.86 30.53
C THR O 42 57.68 18.65 29.25
N THR O 43 56.42 19.00 28.95
CA THR O 43 56.13 19.86 27.81
C THR O 43 56.76 21.24 27.98
N THR O 44 56.75 21.76 29.21
CA THR O 44 57.34 23.07 29.49
C THR O 44 58.85 23.06 29.28
N VAL O 45 59.52 22.00 29.76
CA VAL O 45 60.97 21.87 29.57
C VAL O 45 61.32 21.75 28.10
N GLY O 46 60.51 21.02 27.33
CA GLY O 46 60.78 20.89 25.90
C GLY O 46 60.64 22.19 25.14
N VAL O 47 59.55 22.93 25.41
CA VAL O 47 59.32 24.21 24.76
C VAL O 47 60.39 25.22 25.16
N ALA O 48 60.82 25.18 26.42
CA ALA O 48 61.83 26.12 26.90
C ALA O 48 63.20 25.84 26.28
N TYR O 49 63.56 24.57 26.12
CA TYR O 49 64.86 24.26 25.50
C TYR O 49 64.85 24.60 24.02
N ALA O 50 63.72 24.37 23.34
CA ALA O 50 63.60 24.78 21.94
C ALA O 50 63.71 26.30 21.81
N ALA O 51 63.08 27.03 22.74
CA ALA O 51 63.13 28.48 22.69
C ALA O 51 64.52 29.02 22.97
N LYS O 52 65.26 28.40 23.90
CA LYS O 52 66.58 28.91 24.20
C LYS O 52 67.57 28.58 23.08
N ASN O 53 67.36 27.47 22.36
CA ASN O 53 68.17 27.24 21.16
C ASN O 53 67.87 28.27 20.08
N VAL O 54 66.59 28.61 19.88
CA VAL O 54 66.23 29.59 18.85
C VAL O 54 66.78 30.98 19.20
N VAL O 55 66.68 31.37 20.47
CA VAL O 55 67.18 32.69 20.87
C VAL O 55 68.71 32.73 20.85
N SER O 56 69.37 31.62 21.17
CA SER O 56 70.83 31.57 21.07
C SER O 56 71.29 31.66 19.63
N GLN O 57 70.57 31.01 18.71
CA GLN O 57 70.83 31.16 17.29
C GLN O 57 70.63 32.60 16.83
N PHE O 58 69.61 33.26 17.36
CA PHE O 58 69.35 34.65 16.99
C PHE O 58 70.45 35.58 17.50
N VAL O 59 70.89 35.38 18.74
CA VAL O 59 71.93 36.24 19.32
C VAL O 59 73.26 36.03 18.61
N SER O 60 73.62 34.78 18.33
CA SER O 60 74.85 34.54 17.58
C SER O 60 74.74 34.96 16.12
N SER O 61 73.52 35.09 15.59
CA SER O 61 73.38 35.71 14.28
C SER O 61 73.56 37.22 14.36
N MET O 62 73.08 37.83 15.44
CA MET O 62 73.18 39.27 15.63
C MET O 62 74.53 39.70 16.19
N SER O 63 75.41 38.77 16.54
CA SER O 63 76.63 39.14 17.25
C SER O 63 77.71 39.64 16.29
N ALA O 64 78.22 38.74 15.45
CA ALA O 64 79.38 39.02 14.61
C ALA O 64 79.44 37.94 13.53
N SER O 65 80.57 37.88 12.84
CA SER O 65 80.85 36.84 11.88
C SER O 65 82.33 36.51 11.93
N ALA O 66 82.75 35.53 11.13
CA ALA O 66 84.12 35.07 11.14
C ALA O 66 85.09 36.03 10.48
N ASP O 67 84.59 36.91 9.60
CA ASP O 67 85.44 37.90 8.95
C ASP O 67 85.86 39.03 9.89
N VAL O 68 85.24 39.12 11.08
CA VAL O 68 85.75 39.98 12.14
C VAL O 68 87.12 39.49 12.60
N LEU O 69 87.32 38.17 12.58
CA LEU O 69 88.55 37.53 13.03
C LEU O 69 89.64 37.55 11.97
N ALA O 70 89.58 38.45 10.99
CA ALA O 70 90.54 38.51 9.90
C ALA O 70 91.72 39.41 10.21
N MET O 71 92.11 39.50 11.47
CA MET O 71 93.14 40.43 11.93
C MET O 71 94.31 39.66 12.52
N SER O 72 95.53 40.05 12.14
CA SER O 72 96.71 39.28 12.45
C SER O 72 97.90 40.23 12.65
N LYS O 73 99.11 39.69 12.58
CA LYS O 73 100.33 40.41 12.89
C LYS O 73 100.60 41.55 11.91
N ILE O 74 101.51 42.44 12.31
CA ILE O 74 101.96 43.52 11.43
C ILE O 74 103.39 43.84 11.84
N GLU O 75 104.10 44.56 10.97
CA GLU O 75 105.39 45.13 11.29
C GLU O 75 105.28 46.65 11.29
N ILE O 76 106.00 47.29 12.21
CA ILE O 76 106.08 48.73 12.28
C ILE O 76 107.55 49.12 12.17
N LYS O 77 107.86 49.97 11.21
CA LYS O 77 109.23 50.43 11.03
C LYS O 77 109.48 51.61 11.97
N LEU O 78 110.25 51.36 13.04
CA LEU O 78 110.64 52.39 14.00
C LEU O 78 111.96 53.05 13.63
N SER O 79 112.28 53.14 12.34
CA SER O 79 113.38 53.93 11.83
C SER O 79 112.92 55.05 10.92
N ASP O 80 111.62 55.13 10.63
CA ASP O 80 111.07 56.06 9.65
C ASP O 80 110.86 57.46 10.19
N ILE O 81 110.54 57.59 11.48
CA ILE O 81 110.03 58.84 12.03
C ILE O 81 111.20 59.71 12.49
N PRO O 82 111.21 61.00 12.15
CA PRO O 82 112.15 61.93 12.78
C PRO O 82 111.81 62.17 14.24
N GLU O 83 112.72 62.86 14.93
CA GLU O 83 112.68 62.94 16.38
C GLU O 83 111.55 63.84 16.86
N GLY O 84 110.69 63.29 17.72
CA GLY O 84 109.64 64.04 18.38
C GLY O 84 108.23 63.79 17.86
N LYS O 85 108.10 63.24 16.65
CA LYS O 85 106.84 63.29 15.92
C LYS O 85 106.09 61.96 16.03
N ASN O 86 104.76 62.05 15.88
CA ASN O 86 103.85 60.91 15.93
C ASN O 86 103.45 60.52 14.51
N MET O 87 103.54 59.23 14.21
CA MET O 87 103.05 58.65 12.97
C MET O 87 101.97 57.62 13.27
N ALA O 88 100.89 57.67 12.51
CA ALA O 88 99.74 56.79 12.71
C ALA O 88 99.71 55.69 11.66
N PHE O 89 99.04 54.59 12.02
CA PHE O 89 98.82 53.47 11.12
C PHE O 89 97.46 52.86 11.39
N LYS O 90 96.78 52.44 10.32
CA LYS O 90 95.53 51.73 10.46
C LYS O 90 95.78 50.33 11.03
N TRP O 91 95.06 49.99 12.09
CA TRP O 91 95.37 48.81 12.88
C TRP O 91 94.07 48.24 13.42
N ARG O 92 93.61 47.13 12.85
CA ARG O 92 92.45 46.37 13.33
C ARG O 92 91.19 47.22 13.34
N GLY O 93 91.04 48.07 12.33
CA GLY O 93 89.93 48.99 12.28
C GLY O 93 90.06 50.19 13.17
N LYS O 94 91.24 50.44 13.73
CA LYS O 94 91.49 51.47 14.72
C LYS O 94 92.82 52.13 14.41
N PRO O 95 93.08 53.34 14.96
CA PRO O 95 94.40 53.96 14.76
C PRO O 95 95.54 53.25 15.49
N LEU O 96 96.75 53.74 15.28
CA LEU O 96 97.95 53.18 15.92
C LEU O 96 99.03 54.25 15.94
N PHE O 97 99.41 54.72 17.13
CA PHE O 97 100.42 55.76 17.25
C PHE O 97 101.79 55.13 17.49
N VAL O 98 102.80 55.61 16.78
CA VAL O 98 104.19 55.42 17.14
C VAL O 98 104.87 56.77 17.10
N ARG O 99 105.44 57.19 18.21
CA ARG O 99 106.00 58.53 18.31
C ARG O 99 107.47 58.46 18.68
N HIS O 100 108.31 59.04 17.84
CA HIS O 100 109.71 59.23 18.18
C HIS O 100 109.82 60.49 19.03
N ARG O 101 110.56 60.41 20.12
CA ARG O 101 110.66 61.53 21.04
C ARG O 101 112.11 61.83 21.39
N THR O 102 112.30 62.70 22.37
CA THR O 102 113.62 63.12 22.83
C THR O 102 113.86 62.49 24.20
N LYS O 103 115.13 62.17 24.49
CA LYS O 103 115.52 61.73 25.83
C LYS O 103 115.20 62.80 26.88
N LYS O 104 115.33 64.07 26.50
CA LYS O 104 114.87 65.14 27.38
C LYS O 104 113.35 65.12 27.51
N GLU O 105 112.63 64.73 26.45
CA GLU O 105 111.18 64.55 26.60
C GLU O 105 110.86 63.34 27.45
N ILE O 106 111.75 62.33 27.48
CA ILE O 106 111.57 61.22 28.42
C ILE O 106 111.76 61.71 29.85
N ASP O 107 112.70 62.63 30.07
CA ASP O 107 112.87 63.20 31.41
C ASP O 107 111.71 64.11 31.79
N GLN O 108 111.12 64.81 30.81
CA GLN O 108 109.89 65.57 31.08
C GLN O 108 108.72 64.65 31.40
N GLU O 109 108.67 63.48 30.76
CA GLU O 109 107.58 62.53 30.96
C GLU O 109 107.72 61.80 32.30
N ALA O 110 108.95 61.45 32.68
CA ALA O 110 109.20 60.55 33.80
C ALA O 110 109.77 61.23 35.03
N ALA O 111 110.03 62.55 34.97
CA ALA O 111 110.42 63.28 36.18
C ALA O 111 109.28 63.33 37.18
N VAL O 112 108.05 63.47 36.69
CA VAL O 112 106.89 63.22 37.53
C VAL O 112 106.81 61.72 37.81
N GLU O 113 106.42 61.38 39.03
CA GLU O 113 106.54 60.00 39.49
C GLU O 113 105.43 59.12 38.91
N VAL O 114 105.51 57.83 39.22
CA VAL O 114 104.60 56.85 38.64
C VAL O 114 103.21 56.97 39.25
N SER O 115 103.13 57.01 40.58
CA SER O 115 101.84 57.04 41.27
C SER O 115 101.23 58.43 41.38
N GLN O 116 101.87 59.47 40.80
CA GLN O 116 101.22 60.76 40.71
C GLN O 116 100.01 60.70 39.78
N LEU O 117 100.12 59.93 38.71
CA LEU O 117 99.01 59.74 37.79
C LEU O 117 97.94 58.86 38.43
N ARG O 118 96.74 58.96 37.90
CA ARG O 118 95.68 58.04 38.33
C ARG O 118 95.91 56.63 37.79
N ASP O 119 96.70 56.49 36.72
CA ASP O 119 97.06 55.20 36.17
C ASP O 119 98.52 54.93 36.52
N PRO O 120 98.81 54.03 37.46
CA PRO O 120 100.21 53.74 37.81
C PRO O 120 100.93 52.96 36.72
N GLN O 121 101.79 53.64 35.97
CA GLN O 121 102.55 52.99 34.91
C GLN O 121 103.89 53.68 34.76
N HIS O 122 104.97 52.93 34.94
CA HIS O 122 106.30 53.49 34.79
C HIS O 122 106.60 53.70 33.31
N ASP O 123 107.49 54.67 33.04
CA ASP O 123 107.76 55.07 31.66
C ASP O 123 108.52 53.97 30.90
N LEU O 124 109.45 53.29 31.56
CA LEU O 124 110.19 52.20 30.93
C LEU O 124 109.32 50.97 30.72
N GLU O 125 108.20 50.87 31.41
CA GLU O 125 107.26 49.78 31.17
C GLU O 125 106.55 49.93 29.83
N ARG O 126 106.47 51.16 29.32
CA ARG O 126 105.60 51.44 28.19
C ARG O 126 106.20 50.93 26.89
N VAL O 127 107.52 51.07 26.72
CA VAL O 127 108.21 50.58 25.53
C VAL O 127 109.67 50.36 25.88
N LYS O 128 110.31 49.41 25.20
CA LYS O 128 111.70 49.07 25.48
C LYS O 128 112.66 50.10 24.90
N LYS O 129 112.34 50.70 23.75
CA LYS O 129 113.14 51.76 23.20
C LYS O 129 112.46 53.08 23.56
N PRO O 130 112.95 53.80 24.58
CA PRO O 130 112.05 54.68 25.36
C PRO O 130 111.56 55.92 24.63
N GLU O 131 112.37 56.49 23.73
CA GLU O 131 111.88 57.64 22.97
C GLU O 131 110.97 57.23 21.82
N TRP O 132 110.97 55.96 21.45
CA TRP O 132 110.09 55.44 20.42
C TRP O 132 108.87 54.80 21.07
N VAL O 133 108.00 55.66 21.60
CA VAL O 133 106.84 55.19 22.36
C VAL O 133 105.78 54.66 21.40
N ILE O 134 105.27 53.46 21.70
CA ILE O 134 104.33 52.73 20.84
C ILE O 134 103.01 52.65 21.58
N LEU O 135 101.93 53.13 20.95
CA LEU O 135 100.67 53.38 21.62
C LEU O 135 99.51 52.90 20.77
N ILE O 136 98.51 52.30 21.42
CA ILE O 136 97.23 52.11 20.76
C ILE O 136 96.51 53.45 20.87
N GLY O 137 96.66 54.28 19.85
CA GLY O 137 96.29 55.67 19.95
C GLY O 137 94.81 55.96 19.92
N VAL O 138 94.11 55.61 20.99
CA VAL O 138 92.70 55.95 21.14
C VAL O 138 92.43 56.17 22.62
N CYS O 139 91.73 57.27 22.93
CA CYS O 139 91.47 57.65 24.32
C CYS O 139 90.54 56.64 24.96
N THR O 140 91.00 56.02 26.04
CA THR O 140 90.31 54.89 26.64
C THR O 140 89.08 55.27 27.46
N HIS O 141 88.76 56.56 27.58
CA HIS O 141 87.51 56.94 28.21
C HIS O 141 86.34 56.54 27.33
N LEU O 142 86.21 57.18 26.17
CA LEU O 142 85.05 56.99 25.31
C LEU O 142 85.43 56.94 23.84
N GLY O 143 86.67 56.53 23.53
CA GLY O 143 87.06 56.28 22.16
C GLY O 143 87.21 57.50 21.29
N CYS O 144 88.23 58.32 21.57
CA CYS O 144 88.55 59.45 20.72
C CYS O 144 90.02 59.39 20.37
N VAL O 145 90.39 60.13 19.33
CA VAL O 145 91.79 60.33 18.96
C VAL O 145 92.22 61.68 19.52
N PRO O 146 93.10 61.72 20.53
CA PRO O 146 93.55 63.01 21.06
C PRO O 146 94.44 63.75 20.09
N ILE O 147 94.36 65.06 20.13
CA ILE O 147 95.08 65.91 19.19
C ILE O 147 96.55 65.97 19.60
N ALA O 148 97.43 65.47 18.73
CA ALA O 148 98.84 65.39 19.05
C ALA O 148 99.50 66.76 18.99
N ASN O 149 100.60 66.88 19.75
CA ASN O 149 101.40 68.11 19.88
C ASN O 149 100.54 69.28 20.35
N ALA O 150 99.61 69.00 21.27
CA ALA O 150 98.62 69.98 21.69
C ALA O 150 98.47 69.90 23.20
N GLY O 151 97.41 70.53 23.71
CA GLY O 151 97.17 70.53 25.14
C GLY O 151 98.09 71.49 25.86
N ASP O 152 98.34 71.17 27.14
CA ASP O 152 99.21 71.98 28.00
C ASP O 152 100.35 71.15 28.55
N PHE O 153 100.71 70.08 27.84
CA PHE O 153 101.72 69.16 28.33
C PHE O 153 102.70 68.72 27.25
N GLY O 154 102.72 69.39 26.10
CA GLY O 154 103.63 69.05 25.02
C GLY O 154 103.26 67.80 24.25
N GLY O 155 102.06 67.28 24.44
CA GLY O 155 101.67 66.03 23.80
C GLY O 155 100.25 65.98 23.28
N TYR O 156 99.52 64.95 23.70
CA TYR O 156 98.21 64.69 23.14
C TYR O 156 97.15 65.51 23.88
N TYR O 157 96.06 65.79 23.18
CA TYR O 157 94.94 66.52 23.78
C TYR O 157 93.64 65.96 23.22
N CYS O 158 92.84 65.34 24.07
CA CYS O 158 91.54 64.83 23.65
C CYS O 158 90.50 65.95 23.70
N PRO O 159 89.88 66.31 22.60
CA PRO O 159 88.87 67.38 22.59
C PRO O 159 87.45 66.92 22.83
N CYS O 160 87.25 65.66 23.21
CA CYS O 160 85.89 65.15 23.42
C CYS O 160 85.35 65.59 24.78
N HIS O 161 86.16 65.44 25.83
CA HIS O 161 85.71 65.80 27.18
C HIS O 161 86.71 66.60 27.99
N GLY O 162 88.00 66.57 27.67
CA GLY O 162 88.98 67.30 28.44
C GLY O 162 90.10 66.46 29.03
N SER O 163 90.41 65.34 28.39
CA SER O 163 91.54 64.54 28.82
C SER O 163 92.84 65.21 28.40
N HIS O 164 93.69 65.51 29.39
CA HIS O 164 94.96 66.19 29.13
C HIS O 164 96.07 65.15 29.13
N TYR O 165 96.22 64.49 27.99
CA TYR O 165 97.31 63.54 27.82
C TYR O 165 98.62 64.27 27.59
N ASP O 166 99.68 63.49 27.37
CA ASP O 166 101.00 64.05 27.12
C ASP O 166 101.70 63.32 25.98
N ALA O 167 103.00 63.53 25.81
CA ALA O 167 103.70 63.04 24.64
C ALA O 167 103.85 61.52 24.61
N SER O 168 103.75 60.86 25.76
CA SER O 168 103.60 59.41 25.79
C SER O 168 102.15 59.00 26.00
N GLY O 169 101.24 59.94 26.11
CA GLY O 169 99.82 59.64 26.21
C GLY O 169 99.39 59.15 27.57
N ARG O 170 99.60 59.96 28.61
CA ARG O 170 99.19 59.62 29.96
C ARG O 170 98.30 60.70 30.52
N ILE O 171 97.19 60.31 31.15
CA ILE O 171 96.21 61.27 31.65
C ILE O 171 96.77 62.04 32.85
N ARG O 172 96.58 63.35 32.84
CA ARG O 172 96.98 64.21 33.96
C ARG O 172 95.77 64.63 34.79
N LYS O 173 94.73 65.15 34.15
CA LYS O 173 93.46 65.41 34.80
C LYS O 173 92.36 65.37 33.74
N GLY O 174 91.31 64.60 34.02
CA GLY O 174 90.21 64.44 33.09
C GLY O 174 89.35 63.25 33.41
N PRO O 175 88.55 62.82 32.43
CA PRO O 175 87.66 61.67 32.68
C PRO O 175 88.22 60.35 32.22
N ALA O 176 89.37 60.37 31.55
CA ALA O 176 90.00 59.13 31.08
C ALA O 176 90.63 58.41 32.27
N PRO O 177 90.20 57.19 32.60
CA PRO O 177 90.68 56.55 33.82
C PRO O 177 92.09 55.98 33.71
N LEU O 178 92.46 55.52 32.52
CA LEU O 178 93.73 54.85 32.30
C LEU O 178 94.53 55.59 31.24
N ASN O 179 95.76 55.12 30.99
CA ASN O 179 96.61 55.70 29.97
C ASN O 179 96.33 55.01 28.64
N LEU O 180 97.15 55.29 27.63
CA LEU O 180 96.98 54.64 26.34
C LEU O 180 97.47 53.21 26.41
N GLU O 181 96.91 52.37 25.54
CA GLU O 181 97.27 50.96 25.52
C GLU O 181 98.53 50.74 24.69
N VAL O 182 99.36 49.80 25.12
CA VAL O 182 100.52 49.38 24.33
C VAL O 182 100.19 48.02 23.72
N PRO O 183 100.65 47.73 22.51
CA PRO O 183 100.41 46.41 21.92
C PRO O 183 101.48 45.41 22.27
N SER O 184 101.41 44.20 21.72
CA SER O 184 102.49 43.23 21.89
C SER O 184 103.58 43.54 20.86
N TYR O 185 104.74 43.97 21.35
CA TYR O 185 105.81 44.52 20.51
C TYR O 185 107.10 43.74 20.73
N GLU O 186 107.75 43.34 19.64
CA GLU O 186 109.08 42.73 19.72
C GLU O 186 109.96 43.26 18.59
N PHE O 187 111.13 43.78 18.95
CA PHE O 187 111.99 44.46 17.98
C PHE O 187 112.65 43.44 17.05
N THR O 188 112.35 43.56 15.74
CA THR O 188 112.77 42.56 14.76
C THR O 188 113.56 43.15 13.59
N SER O 189 113.79 42.30 12.58
CA SER O 189 115.07 42.12 11.91
C SER O 189 115.76 43.35 11.32
N ASP O 190 115.18 43.95 10.28
CA ASP O 190 115.91 45.01 9.59
C ASP O 190 115.80 46.33 10.36
N ASP O 191 114.58 46.86 10.45
CA ASP O 191 114.29 48.06 11.23
C ASP O 191 112.99 47.88 12.00
N MET O 192 112.49 46.66 12.12
CA MET O 192 111.07 46.47 12.39
C MET O 192 110.81 46.29 13.88
N VAL O 193 109.51 46.32 14.20
CA VAL O 193 108.99 45.70 15.39
C VAL O 193 107.75 44.91 14.97
N ILE O 194 107.77 43.60 15.23
CA ILE O 194 106.57 42.81 15.04
C ILE O 194 105.57 43.17 16.12
N VAL O 195 104.38 43.55 15.71
CA VAL O 195 103.31 43.98 16.59
C VAL O 195 102.13 43.06 16.38
N GLY O 196 101.66 42.47 17.47
CA GLY O 196 100.44 41.68 17.47
C GLY O 196 99.53 42.17 18.59
N SER P 9 8.14 9.99 -13.68
CA SER P 9 7.46 11.26 -13.89
C SER P 9 7.04 11.89 -12.57
N SER P 10 6.12 11.25 -11.86
CA SER P 10 5.56 11.79 -10.63
C SER P 10 6.17 11.16 -9.38
N LYS P 11 6.06 9.84 -9.24
CA LYS P 11 6.61 9.18 -8.06
C LYS P 11 8.12 8.98 -8.17
N TRP P 12 8.63 8.80 -9.39
CA TRP P 12 10.07 8.74 -9.59
C TRP P 12 10.72 10.08 -9.27
N LEU P 13 10.01 11.18 -9.54
CA LEU P 13 10.43 12.49 -9.07
C LEU P 13 10.50 12.54 -7.55
N GLU P 14 9.50 11.99 -6.88
CA GLU P 14 9.52 11.88 -5.42
C GLU P 14 10.62 10.96 -4.95
N GLY P 15 10.99 9.95 -5.76
CA GLY P 15 12.14 9.14 -5.45
C GLY P 15 13.44 9.93 -5.51
N ILE P 16 13.56 10.83 -6.48
CA ILE P 16 14.71 11.71 -6.58
C ILE P 16 14.75 12.65 -5.38
N ARG P 17 13.58 13.11 -4.94
CA ARG P 17 13.51 14.01 -3.79
C ARG P 17 13.93 13.30 -2.51
N LYS P 18 13.44 12.08 -2.29
CA LYS P 18 13.88 11.30 -1.14
C LYS P 18 15.35 10.94 -1.23
N TRP P 19 15.86 10.73 -2.44
CA TRP P 19 17.29 10.46 -2.61
C TRP P 19 18.13 11.65 -2.21
N TYR P 20 17.68 12.86 -2.57
CA TYR P 20 18.40 14.06 -2.16
C TYR P 20 18.31 14.28 -0.65
N TYR P 21 17.16 13.97 -0.06
CA TYR P 21 17.01 14.14 1.38
C TYR P 21 17.88 13.16 2.15
N ASN P 22 17.96 11.92 1.68
CA ASN P 22 18.82 10.94 2.34
C ASN P 22 20.29 11.16 2.03
N ALA P 23 20.61 11.86 0.94
CA ALA P 23 22.00 12.17 0.64
C ALA P 23 22.45 13.50 1.21
N ALA P 24 21.53 14.29 1.75
CA ALA P 24 21.90 15.60 2.29
C ALA P 24 22.76 15.46 3.54
N GLY P 25 22.21 14.85 4.59
CA GLY P 25 23.00 14.55 5.76
C GLY P 25 22.38 14.86 7.10
N PHE P 26 21.58 15.92 7.18
CA PHE P 26 21.05 16.35 8.47
C PHE P 26 19.96 15.44 9.01
N ASN P 27 19.45 14.51 8.19
CA ASN P 27 18.61 13.44 8.72
C ASN P 27 19.35 12.57 9.71
N LYS P 28 20.65 12.40 9.49
CA LYS P 28 21.50 11.63 10.39
C LYS P 28 21.95 12.43 11.61
N LEU P 29 21.60 13.71 11.68
CA LEU P 29 21.96 14.53 12.84
C LEU P 29 20.74 15.15 13.50
N GLY P 30 19.56 14.60 13.25
CA GLY P 30 18.35 15.02 13.95
C GLY P 30 17.87 16.42 13.64
N LEU P 31 17.81 16.79 12.36
CA LEU P 31 17.42 18.13 11.95
C LEU P 31 16.30 18.03 10.92
N MET P 32 15.57 19.13 10.79
CA MET P 32 14.46 19.23 9.87
C MET P 32 14.74 20.33 8.85
N ARG P 33 13.71 20.70 8.10
CA ARG P 33 13.80 21.88 7.23
C ARG P 33 14.08 23.12 8.06
N ASP P 34 13.35 23.28 9.15
CA ASP P 34 13.36 24.51 9.93
C ASP P 34 14.50 24.59 10.92
N ASP P 35 15.54 23.80 10.72
CA ASP P 35 16.75 23.87 11.52
C ASP P 35 17.95 24.21 10.68
N THR P 36 17.77 24.40 9.37
CA THR P 36 18.85 24.58 8.42
C THR P 36 18.62 25.80 7.56
N ILE P 37 18.14 26.89 8.16
CA ILE P 37 17.86 28.11 7.44
C ILE P 37 18.94 29.14 7.74
N HIS P 38 19.46 29.76 6.69
CA HIS P 38 20.38 30.88 6.87
C HIS P 38 19.60 32.12 7.31
N GLU P 39 20.19 32.90 8.21
CA GLU P 39 19.49 34.03 8.79
C GLU P 39 19.67 35.30 7.98
N ASN P 40 18.55 35.96 7.71
CA ASN P 40 18.51 37.38 7.35
C ASN P 40 17.68 38.09 8.42
N ASP P 41 17.32 39.34 8.12
CA ASP P 41 16.40 40.08 8.99
C ASP P 41 15.05 39.38 9.08
N ASP P 42 14.56 38.87 7.95
CA ASP P 42 13.25 38.25 7.91
C ASP P 42 13.25 36.90 8.61
N VAL P 43 14.34 36.13 8.47
CA VAL P 43 14.46 34.85 9.15
C VAL P 43 14.51 35.07 10.66
N LYS P 44 15.27 36.06 11.11
CA LYS P 44 15.33 36.37 12.53
C LYS P 44 14.00 36.89 13.06
N GLU P 45 13.26 37.60 12.23
CA GLU P 45 11.90 38.01 12.59
C GLU P 45 10.99 36.80 12.76
N ALA P 46 11.10 35.82 11.86
CA ALA P 46 10.26 34.63 11.93
C ALA P 46 10.64 33.76 13.13
N ILE P 47 11.92 33.72 13.47
CA ILE P 47 12.35 33.02 14.68
C ILE P 47 11.83 33.74 15.92
N ARG P 48 11.79 35.06 15.87
CA ARG P 48 11.26 35.84 16.98
C ARG P 48 9.76 35.60 17.17
N ARG P 49 9.03 35.38 16.08
CA ARG P 49 7.58 35.18 16.19
C ARG P 49 7.19 33.74 16.51
N LEU P 50 8.10 32.87 16.91
CA LEU P 50 7.77 31.45 17.04
C LEU P 50 6.98 31.16 18.31
N PRO P 51 6.25 30.05 18.33
CA PRO P 51 5.63 29.57 19.58
C PRO P 51 6.68 29.03 20.54
N GLU P 52 6.23 28.75 21.76
CA GLU P 52 7.15 28.46 22.87
C GLU P 52 7.79 27.08 22.73
N ASN P 53 6.95 26.04 22.66
CA ASN P 53 7.43 24.66 22.64
C ASN P 53 8.23 24.36 21.38
N LEU P 54 7.82 24.95 20.25
CA LEU P 54 8.59 24.81 19.03
C LEU P 54 9.95 25.46 19.15
N TYR P 55 10.01 26.61 19.82
CA TYR P 55 11.29 27.31 20.03
C TYR P 55 12.22 26.48 20.89
N ASN P 56 11.68 25.87 21.95
CA ASN P 56 12.53 25.08 22.84
C ASN P 56 12.99 23.79 22.17
N ASP P 57 12.11 23.14 21.41
CA ASP P 57 12.50 21.93 20.68
C ASP P 57 13.53 22.25 19.59
N ARG P 58 13.38 23.40 18.95
CA ARG P 58 14.33 23.82 17.93
C ARG P 58 15.70 24.10 18.52
N VAL P 59 15.76 24.83 19.64
CA VAL P 59 17.08 25.13 20.20
C VAL P 59 17.70 23.89 20.83
N PHE P 60 16.89 22.94 21.29
CA PHE P 60 17.45 21.71 21.83
C PHE P 60 18.04 20.85 20.72
N ARG P 61 17.34 20.76 19.58
CA ARG P 61 17.87 20.01 18.45
C ARG P 61 19.11 20.67 17.87
N ILE P 62 19.12 22.00 17.81
CA ILE P 62 20.30 22.73 17.35
C ILE P 62 21.48 22.50 18.28
N LYS P 63 21.24 22.49 19.59
CA LYS P 63 22.34 22.30 20.53
C LYS P 63 22.90 20.89 20.45
N ARG P 64 22.02 19.89 20.28
CA ARG P 64 22.49 18.53 20.07
C ARG P 64 23.26 18.40 18.76
N ALA P 65 22.81 19.08 17.72
CA ALA P 65 23.48 19.01 16.43
C ALA P 65 24.87 19.65 16.49
N LEU P 66 24.98 20.78 17.18
CA LEU P 66 26.30 21.43 17.27
C LEU P 66 27.23 20.64 18.18
N ASP P 67 26.69 20.00 19.21
CA ASP P 67 27.51 19.09 20.03
C ASP P 67 28.03 17.90 19.23
N LEU P 68 27.14 17.25 18.48
CA LEU P 68 27.56 16.09 17.71
C LEU P 68 28.48 16.48 16.57
N SER P 69 28.39 17.71 16.08
CA SER P 69 29.43 18.21 15.20
C SER P 69 30.72 18.47 15.95
N MET P 70 30.63 18.86 17.23
CA MET P 70 31.82 19.18 18.01
C MET P 70 32.68 17.96 18.27
N ARG P 71 32.10 16.88 18.78
CA ARG P 71 32.90 15.68 18.92
C ARG P 71 32.91 14.84 17.65
N GLN P 72 32.31 15.35 16.56
CA GLN P 72 32.38 14.76 15.21
C GLN P 72 31.84 13.34 15.19
N GLN P 73 30.79 13.11 15.95
CA GLN P 73 30.14 11.80 16.06
C GLN P 73 28.72 11.95 15.55
N ILE P 74 28.38 11.18 14.52
CA ILE P 74 27.04 11.20 13.95
C ILE P 74 26.22 10.10 14.59
N LEU P 75 24.93 10.39 14.88
CA LEU P 75 23.92 9.58 15.55
C LEU P 75 23.86 8.14 15.08
N PRO P 76 23.44 7.20 15.94
CA PRO P 76 23.18 5.83 15.49
C PRO P 76 22.02 5.71 14.52
N LYS P 77 21.78 4.48 14.06
CA LYS P 77 20.96 4.24 12.87
C LYS P 77 19.52 4.66 13.06
N GLU P 78 18.86 4.17 14.11
CA GLU P 78 17.43 4.35 14.30
C GLU P 78 17.09 5.57 15.16
N GLN P 79 17.94 6.59 15.17
CA GLN P 79 17.61 7.87 15.78
C GLN P 79 17.57 8.97 14.73
N TRP P 80 17.23 8.61 13.49
CA TRP P 80 17.33 9.50 12.35
C TRP P 80 15.93 9.93 11.92
N THR P 81 15.71 11.24 11.86
CA THR P 81 14.46 11.77 11.33
C THR P 81 14.44 11.50 9.83
N LYS P 82 13.61 10.57 9.40
CA LYS P 82 13.56 10.16 8.01
C LYS P 82 12.73 11.16 7.20
N TYR P 83 12.38 10.77 5.98
CA TYR P 83 11.58 11.65 5.14
C TYR P 83 10.14 11.68 5.64
N GLU P 84 9.48 12.80 5.40
CA GLU P 84 8.06 13.12 5.67
C GLU P 84 7.64 12.93 7.13
N GLU P 85 8.57 12.92 8.09
CA GLU P 85 8.18 13.12 9.48
C GLU P 85 8.47 14.53 9.97
N ASP P 86 9.11 15.35 9.15
CA ASP P 86 9.43 16.71 9.57
C ASP P 86 8.20 17.60 9.56
N LYS P 87 8.32 18.76 10.18
CA LYS P 87 7.23 19.71 10.29
C LYS P 87 7.66 21.03 9.66
N PHE P 88 6.93 21.45 8.64
CA PHE P 88 7.26 22.66 7.89
C PHE P 88 6.55 23.87 8.50
N TYR P 89 6.84 24.13 9.77
CA TYR P 89 6.09 25.14 10.50
C TYR P 89 6.51 26.57 10.15
N LEU P 90 7.76 26.75 9.72
CA LEU P 90 8.27 28.10 9.53
C LEU P 90 7.80 28.74 8.25
N GLU P 91 7.36 27.94 7.27
CA GLU P 91 6.96 28.49 5.97
C GLU P 91 5.76 29.44 6.02
N PRO P 92 4.70 29.24 6.82
CA PRO P 92 3.70 30.33 6.95
C PRO P 92 4.25 31.62 7.52
N TYR P 93 5.03 31.54 8.61
CA TYR P 93 5.57 32.72 9.27
C TYR P 93 6.52 33.48 8.37
N LEU P 94 7.56 32.80 7.87
CA LEU P 94 8.58 33.43 7.05
C LEU P 94 8.03 33.85 5.69
N LYS P 95 7.07 33.07 5.16
CA LYS P 95 6.37 33.46 3.94
C LYS P 95 5.63 34.78 4.14
N GLU P 96 4.93 34.93 5.27
CA GLU P 96 4.24 36.18 5.53
C GLU P 96 5.20 37.33 5.82
N VAL P 97 6.40 37.04 6.34
CA VAL P 97 7.33 38.13 6.58
C VAL P 97 7.92 38.64 5.26
N ILE P 98 8.23 37.73 4.33
CA ILE P 98 8.64 38.15 2.99
C ILE P 98 7.50 38.86 2.28
N ARG P 99 6.26 38.41 2.53
CA ARG P 99 5.08 39.07 1.98
C ARG P 99 4.92 40.48 2.52
N GLU P 100 5.25 40.70 3.80
CA GLU P 100 5.19 42.04 4.34
C GLU P 100 6.34 42.92 3.83
N ARG P 101 7.50 42.32 3.55
CA ARG P 101 8.59 43.07 2.93
C ARG P 101 8.17 43.55 1.54
N LYS P 102 7.55 42.66 0.77
CA LYS P 102 6.97 43.06 -0.51
C LYS P 102 5.84 44.05 -0.34
N GLU P 103 5.12 43.99 0.78
CA GLU P 103 4.02 44.93 1.02
C GLU P 103 4.55 46.33 1.30
N ARG P 104 5.62 46.45 2.08
CA ARG P 104 6.28 47.75 2.25
C ARG P 104 6.81 48.28 0.93
N GLU P 105 7.43 47.41 0.12
CA GLU P 105 7.96 47.88 -1.16
C GLU P 105 6.85 48.28 -2.13
N GLU P 106 5.70 47.60 -2.08
CA GLU P 106 4.58 47.98 -2.94
C GLU P 106 3.85 49.21 -2.42
N TRP P 107 3.89 49.48 -1.12
CA TRP P 107 3.29 50.74 -0.67
C TRP P 107 4.19 51.92 -1.02
N THR P 108 5.51 51.72 -0.93
CA THR P 108 6.42 52.79 -1.31
C THR P 108 6.46 52.97 -2.82
N LYS P 109 6.15 51.92 -3.59
CA LYS P 109 6.08 52.06 -5.03
C LYS P 109 4.83 52.83 -5.43
N ARG Q 2 30.89 40.82 20.67
CA ARG Q 2 29.61 40.47 21.29
C ARG Q 2 29.73 40.48 22.80
N GLN Q 3 28.60 40.57 23.49
CA GLN Q 3 28.58 40.49 24.93
C GLN Q 3 28.44 39.04 25.36
N PHE Q 4 28.20 38.80 26.64
CA PHE Q 4 28.13 37.44 27.14
C PHE Q 4 27.14 37.46 28.31
N GLY Q 5 25.88 37.15 28.02
CA GLY Q 5 24.84 37.21 29.03
C GLY Q 5 23.50 37.69 28.50
N HIS Q 6 23.48 38.16 27.26
CA HIS Q 6 22.27 38.67 26.62
C HIS Q 6 22.15 38.11 25.21
N LEU Q 7 22.34 36.80 25.06
CA LEU Q 7 22.43 36.22 23.73
C LEU Q 7 21.20 35.43 23.32
N THR Q 8 20.55 34.73 24.24
CA THR Q 8 19.46 33.84 23.88
C THR Q 8 18.56 33.64 25.09
N ARG Q 9 17.65 32.68 24.99
CA ARG Q 9 16.76 32.28 26.09
C ARG Q 9 16.53 30.79 25.97
N VAL Q 10 17.18 30.01 26.85
CA VAL Q 10 17.19 28.57 26.75
C VAL Q 10 16.64 27.98 28.05
N ARG Q 11 15.61 27.16 27.94
CA ARG Q 11 14.99 26.47 29.06
C ARG Q 11 15.21 24.97 28.87
N HIS Q 12 14.71 24.15 29.83
CA HIS Q 12 14.56 22.72 29.67
C HIS Q 12 15.92 22.02 29.49
N VAL Q 13 17.07 22.62 29.84
CA VAL Q 13 18.36 22.03 29.48
C VAL Q 13 19.10 21.60 30.74
N ILE Q 14 19.51 20.33 30.77
CA ILE Q 14 20.39 19.80 31.81
C ILE Q 14 21.65 19.31 31.13
N THR Q 15 22.81 19.77 31.63
CA THR Q 15 24.09 19.34 31.09
C THR Q 15 24.91 18.69 32.19
N TYR Q 16 25.38 17.47 31.91
CA TYR Q 16 26.28 16.72 32.78
C TYR Q 16 27.68 16.81 32.20
N SER Q 17 28.68 17.11 33.05
CA SER Q 17 30.06 16.99 32.59
C SER Q 17 30.96 16.71 33.78
N LEU Q 18 32.13 16.16 33.46
CA LEU Q 18 33.00 15.50 34.42
C LEU Q 18 34.39 16.14 34.40
N SER Q 19 35.10 16.00 35.51
CA SER Q 19 36.39 16.65 35.70
C SER Q 19 37.45 16.06 34.78
N PRO Q 20 38.27 16.89 34.15
CA PRO Q 20 39.18 16.38 33.11
C PRO Q 20 40.34 15.58 33.64
N PHE Q 21 40.64 15.65 34.94
CA PHE Q 21 41.69 14.79 35.48
C PHE Q 21 41.24 13.35 35.56
N GLU Q 22 39.98 13.11 35.93
CA GLU Q 22 39.59 11.79 36.40
C GLU Q 22 39.25 10.83 35.26
N GLN Q 23 38.71 11.32 34.16
CA GLN Q 23 38.67 10.50 32.97
C GLN Q 23 40.04 10.52 32.31
N ARG Q 24 40.34 9.47 31.54
CA ARG Q 24 41.68 9.32 31.00
C ARG Q 24 41.90 10.27 29.83
N ALA Q 25 43.15 10.28 29.35
CA ALA Q 25 43.52 11.20 28.28
C ALA Q 25 42.96 10.76 26.93
N PHE Q 26 43.18 9.50 26.56
CA PHE Q 26 42.74 8.97 25.27
C PHE Q 26 41.79 7.80 25.49
N PRO Q 27 40.50 8.06 25.68
CA PRO Q 27 39.56 6.96 25.85
C PRO Q 27 39.19 6.29 24.53
N HIS Q 28 39.78 5.11 24.30
CA HIS Q 28 39.52 4.26 23.14
C HIS Q 28 39.77 4.99 21.82
N TYR Q 29 40.98 5.54 21.69
CA TYR Q 29 41.37 6.17 20.43
C TYR Q 29 41.51 5.14 19.32
N PHE Q 30 41.94 3.92 19.66
CA PHE Q 30 42.06 2.83 18.72
C PHE Q 30 40.80 2.00 18.60
N SER Q 31 39.71 2.41 19.23
CA SER Q 31 38.47 1.65 19.16
C SER Q 31 37.30 2.43 18.59
N LYS Q 32 37.38 3.74 18.54
CA LYS Q 32 36.28 4.54 18.04
C LYS Q 32 36.71 5.52 16.94
N GLY Q 33 37.91 6.10 17.06
CA GLY Q 33 38.33 7.10 16.09
C GLY Q 33 38.66 6.54 14.72
N ILE Q 34 39.21 5.34 14.67
CA ILE Q 34 39.50 4.72 13.38
C ILE Q 34 38.24 4.23 12.65
N PRO Q 35 37.19 3.65 13.29
CA PRO Q 35 35.93 3.51 12.55
C PRO Q 35 35.25 4.83 12.26
N ASN Q 36 35.50 5.87 13.07
CA ASN Q 36 34.95 7.19 12.76
C ASN Q 36 35.54 7.75 11.48
N VAL Q 37 36.86 7.67 11.32
CA VAL Q 37 37.46 8.19 10.10
C VAL Q 37 37.22 7.26 8.92
N LEU Q 38 36.97 5.96 9.15
CA LEU Q 38 36.51 5.11 8.06
C LEU Q 38 35.10 5.49 7.62
N ARG Q 39 34.26 5.89 8.56
CA ARG Q 39 32.94 6.41 8.21
C ARG Q 39 33.07 7.70 7.41
N ARG Q 40 34.02 8.56 7.79
CA ARG Q 40 34.27 9.79 7.04
C ARG Q 40 34.76 9.48 5.64
N THR Q 41 35.61 8.47 5.50
CA THR Q 41 36.11 8.07 4.19
C THR Q 41 35.00 7.52 3.33
N ARG Q 42 34.06 6.79 3.94
CA ARG Q 42 32.86 6.35 3.21
C ARG Q 42 31.98 7.54 2.83
N ALA Q 43 31.98 8.60 3.64
CA ALA Q 43 31.08 9.72 3.41
C ALA Q 43 31.71 10.88 2.66
N CYS Q 44 32.86 10.69 2.01
CA CYS Q 44 33.51 11.84 1.38
C CYS Q 44 33.88 11.63 -0.08
N ILE Q 45 34.28 10.40 -0.45
CA ILE Q 45 34.97 10.19 -1.72
C ILE Q 45 34.05 10.40 -2.92
N LEU Q 46 32.74 10.18 -2.74
CA LEU Q 46 31.75 10.48 -3.76
C LEU Q 46 31.67 11.96 -4.09
N ARG Q 47 32.10 12.82 -3.17
CA ARG Q 47 32.09 14.25 -3.37
C ARG Q 47 33.47 14.84 -3.64
N VAL Q 48 34.52 14.19 -3.18
CA VAL Q 48 35.86 14.75 -3.23
C VAL Q 48 36.71 14.12 -4.32
N ALA Q 49 36.66 12.79 -4.44
CA ALA Q 49 37.59 12.05 -5.31
C ALA Q 49 37.50 12.34 -6.81
N PRO Q 50 36.33 12.38 -7.49
CA PRO Q 50 36.32 12.40 -8.99
C PRO Q 50 37.00 13.59 -9.66
N PRO Q 51 37.13 14.78 -9.05
CA PRO Q 51 37.99 15.78 -9.70
C PRO Q 51 39.47 15.40 -9.81
N PHE Q 52 40.04 14.76 -8.79
CA PHE Q 52 41.47 14.53 -8.78
C PHE Q 52 41.90 13.48 -9.79
N VAL Q 53 41.06 12.47 -10.06
CA VAL Q 53 41.42 11.48 -11.06
C VAL Q 53 41.36 12.10 -12.45
N VAL Q 54 40.42 13.02 -12.69
CA VAL Q 54 40.37 13.74 -13.95
C VAL Q 54 41.60 14.62 -14.11
N PHE Q 55 42.04 15.24 -13.02
CA PHE Q 55 43.25 16.05 -13.06
C PHE Q 55 44.49 15.21 -13.34
N TYR Q 56 44.55 14.02 -12.75
CA TYR Q 56 45.69 13.13 -12.98
C TYR Q 56 45.73 12.64 -14.42
N LEU Q 57 44.56 12.33 -14.99
CA LEU Q 57 44.50 11.93 -16.39
C LEU Q 57 44.91 13.05 -17.32
N VAL Q 58 44.44 14.28 -17.05
CA VAL Q 58 44.82 15.44 -17.86
C VAL Q 58 46.31 15.72 -17.72
N TYR Q 59 46.86 15.53 -16.53
CA TYR Q 59 48.29 15.65 -16.25
C TYR Q 59 49.11 14.73 -17.14
N THR Q 60 48.81 13.43 -17.08
CA THR Q 60 49.59 12.45 -17.84
C THR Q 60 49.37 12.60 -19.34
N TRP Q 61 48.15 12.92 -19.75
CA TRP Q 61 47.86 13.10 -21.16
C TRP Q 61 48.58 14.30 -21.75
N GLY Q 62 48.58 15.41 -21.02
CA GLY Q 62 49.30 16.59 -21.48
C GLY Q 62 50.79 16.38 -21.54
N THR Q 63 51.35 15.64 -20.56
CA THR Q 63 52.79 15.35 -20.58
C THR Q 63 53.17 14.48 -21.78
N GLN Q 64 52.36 13.46 -22.07
CA GLN Q 64 52.72 12.56 -23.16
C GLN Q 64 52.51 13.21 -24.51
N GLU Q 65 51.44 14.00 -24.66
CA GLU Q 65 51.26 14.77 -25.89
C GLU Q 65 52.34 15.81 -26.07
N PHE Q 66 52.85 16.37 -24.95
CA PHE Q 66 53.95 17.31 -24.99
C PHE Q 66 55.22 16.66 -25.55
N GLU Q 67 55.55 15.47 -25.07
CA GLU Q 67 56.74 14.80 -25.58
C GLU Q 67 56.56 14.32 -27.02
N LYS Q 68 55.38 13.81 -27.36
CA LYS Q 68 55.16 13.34 -28.73
C LYS Q 68 55.02 14.49 -29.71
N SER Q 69 54.72 15.70 -29.24
CA SER Q 69 54.83 16.86 -30.12
C SER Q 69 56.26 17.37 -30.18
N LYS Q 70 57.04 17.13 -29.13
CA LYS Q 70 58.44 17.55 -29.15
C LYS Q 70 59.27 16.70 -30.10
N ARG Q 71 58.96 15.42 -30.24
CA ARG Q 71 59.70 14.54 -31.13
C ARG Q 71 58.85 14.20 -32.35
N LYS Q 72 59.38 14.49 -33.54
CA LYS Q 72 58.61 14.39 -34.78
C LYS Q 72 58.92 13.14 -35.58
N ASN Q 73 60.19 12.97 -35.99
CA ASN Q 73 60.70 11.98 -36.95
C ASN Q 73 59.92 12.04 -38.25
N PRO Q 74 60.14 13.06 -39.11
CA PRO Q 74 59.37 13.17 -40.36
C PRO Q 74 59.84 12.22 -41.45
N ALA Q 75 59.27 12.35 -42.64
CA ALA Q 75 59.62 11.52 -43.78
C ALA Q 75 60.13 12.40 -44.92
N ALA Q 76 61.29 12.04 -45.46
CA ALA Q 76 61.88 12.79 -46.56
C ALA Q 76 62.75 11.89 -47.44
N LEU R 13 95.44 2.96 -14.76
CA LEU R 13 94.99 4.20 -15.39
C LEU R 13 93.73 3.96 -16.21
N VAL R 14 93.23 2.73 -16.17
CA VAL R 14 92.00 2.36 -16.87
C VAL R 14 90.83 2.60 -15.94
N ASP R 15 89.88 3.42 -16.38
CA ASP R 15 88.71 3.70 -15.56
C ASP R 15 87.77 2.49 -15.52
N PRO R 16 87.00 2.34 -14.45
CA PRO R 16 85.91 1.35 -14.47
C PRO R 16 84.71 1.78 -15.29
N LEU R 17 84.65 3.05 -15.70
CA LEU R 17 83.47 3.59 -16.38
C LEU R 17 83.26 2.95 -17.74
N THR R 18 84.32 2.89 -18.54
CA THR R 18 84.24 2.28 -19.87
C THR R 18 83.90 0.80 -19.76
N THR R 19 84.45 0.15 -18.74
CA THR R 19 84.18 -1.27 -18.48
C THR R 19 82.71 -1.50 -18.18
N VAL R 20 82.14 -0.74 -17.24
CA VAL R 20 80.75 -0.97 -16.86
C VAL R 20 79.80 -0.45 -17.94
N ARG R 21 80.23 0.52 -18.74
CA ARG R 21 79.39 1.02 -19.82
C ARG R 21 79.31 0.02 -20.96
N GLU R 22 80.42 -0.65 -21.27
CA GLU R 22 80.37 -1.69 -22.29
C GLU R 22 79.68 -2.94 -21.75
N GLN R 23 79.79 -3.20 -20.44
CA GLN R 23 79.16 -4.39 -19.89
C GLN R 23 77.65 -4.25 -19.73
N CYS R 24 77.16 -3.04 -19.43
CA CYS R 24 75.75 -2.89 -19.08
C CYS R 24 74.83 -2.98 -20.29
N GLU R 25 75.35 -2.75 -21.49
CA GLU R 25 74.56 -2.68 -22.71
C GLU R 25 74.42 -4.03 -23.39
N GLN R 26 74.38 -5.12 -22.61
CA GLN R 26 74.48 -6.50 -23.10
C GLN R 26 73.37 -6.86 -24.06
N LEU R 27 72.13 -6.96 -23.57
CA LEU R 27 70.96 -7.16 -24.41
C LEU R 27 69.81 -6.39 -23.79
N GLU R 28 69.31 -5.38 -24.50
CA GLU R 28 68.36 -4.44 -23.94
C GLU R 28 67.74 -3.66 -25.09
N LYS R 29 66.67 -2.91 -24.78
CA LYS R 29 66.22 -1.83 -25.66
C LYS R 29 67.31 -0.83 -26.00
N CYS R 30 68.36 -0.73 -25.17
CA CYS R 30 69.64 -0.17 -25.58
C CYS R 30 70.11 -0.75 -26.92
N VAL R 31 70.18 -2.08 -27.01
CA VAL R 31 70.65 -2.73 -28.24
C VAL R 31 69.63 -2.55 -29.35
N LYS R 32 68.34 -2.58 -29.01
CA LYS R 32 67.28 -2.34 -30.00
C LYS R 32 67.38 -0.94 -30.59
N ALA R 33 67.64 0.06 -29.76
CA ALA R 33 67.77 1.41 -30.27
C ALA R 33 69.13 1.67 -30.90
N ARG R 34 70.13 0.84 -30.61
CA ARG R 34 71.34 0.86 -31.42
C ARG R 34 71.05 0.38 -32.84
N GLU R 35 70.23 -0.67 -32.97
CA GLU R 35 69.78 -1.10 -34.29
C GLU R 35 68.95 -0.02 -34.96
N ARG R 36 68.13 0.68 -34.18
CA ARG R 36 67.36 1.82 -34.69
C ARG R 36 68.26 2.95 -35.14
N LEU R 37 69.38 3.15 -34.43
CA LEU R 37 70.34 4.18 -34.83
C LEU R 37 71.05 3.78 -36.12
N GLU R 38 71.35 2.49 -36.28
CA GLU R 38 71.91 2.02 -37.55
C GLU R 38 70.92 2.20 -38.68
N LEU R 39 69.63 2.02 -38.39
CA LEU R 39 68.58 2.24 -39.37
C LEU R 39 68.54 3.69 -39.83
N CYS R 40 68.51 4.64 -38.89
CA CYS R 40 68.52 6.04 -39.32
C CYS R 40 69.87 6.47 -39.87
N ASP R 41 70.95 5.79 -39.49
CA ASP R 41 72.27 6.08 -40.04
C ASP R 41 72.32 5.74 -41.51
N GLU R 42 71.83 4.55 -41.88
CA GLU R 42 71.72 4.21 -43.30
C GLU R 42 70.70 5.10 -44.00
N ARG R 43 69.62 5.49 -43.30
CA ARG R 43 68.59 6.34 -43.88
C ARG R 43 69.12 7.71 -44.24
N VAL R 44 70.00 8.26 -43.42
CA VAL R 44 70.52 9.60 -43.67
C VAL R 44 71.78 9.56 -44.53
N SER R 45 72.75 8.72 -44.17
CA SER R 45 74.00 8.66 -44.91
C SER R 45 73.83 8.02 -46.28
N SER R 46 72.75 7.29 -46.50
CA SER R 46 72.39 6.80 -47.82
C SER R 46 71.56 7.80 -48.61
N ARG R 47 71.45 9.04 -48.13
CA ARG R 47 70.58 10.04 -48.71
C ARG R 47 71.35 11.34 -48.89
N SER R 48 71.14 12.01 -50.02
CA SER R 48 71.90 13.20 -50.38
C SER R 48 71.41 14.39 -49.55
N GLN R 49 71.92 14.46 -48.32
CA GLN R 49 71.92 15.66 -47.48
C GLN R 49 70.51 16.13 -47.11
N THR R 50 69.75 15.21 -46.50
CA THR R 50 68.35 15.46 -46.21
C THR R 50 68.19 16.21 -44.89
N GLU R 51 66.95 16.27 -44.40
CA GLU R 51 66.63 17.05 -43.20
C GLU R 51 67.00 16.31 -41.92
N GLU R 52 66.55 15.07 -41.77
CA GLU R 52 66.62 14.39 -40.48
C GLU R 52 68.06 14.00 -40.15
N ASP R 53 68.39 14.03 -38.86
CA ASP R 53 69.78 14.01 -38.43
C ASP R 53 70.24 12.73 -37.75
N CYS R 54 69.30 11.86 -37.32
CA CYS R 54 69.59 10.60 -36.61
C CYS R 54 70.40 10.85 -35.33
N THR R 55 69.76 11.56 -34.40
CA THR R 55 70.41 11.93 -33.15
C THR R 55 69.50 11.59 -31.98
N GLU R 56 68.19 11.69 -32.24
CA GLU R 56 67.15 11.38 -31.25
C GLU R 56 67.27 9.96 -30.71
N GLU R 57 67.66 9.04 -31.57
CA GLU R 57 67.91 7.67 -31.16
C GLU R 57 69.11 7.59 -30.23
N LEU R 58 70.17 8.35 -30.55
CA LEU R 58 71.33 8.39 -29.66
C LEU R 58 70.94 8.91 -28.29
N PHE R 59 70.08 9.95 -28.26
CA PHE R 59 69.51 10.46 -27.01
C PHE R 59 68.82 9.38 -26.19
N ASP R 60 67.87 8.66 -26.79
CA ASP R 60 67.07 7.83 -25.90
C ASP R 60 67.78 6.55 -25.50
N PHE R 61 68.64 5.95 -26.35
CA PHE R 61 69.35 4.83 -25.73
C PHE R 61 70.55 5.28 -24.91
N LEU R 62 71.04 6.52 -25.05
CA LEU R 62 72.06 6.93 -24.10
C LEU R 62 71.41 7.18 -22.75
N HIS R 63 70.15 7.66 -22.76
CA HIS R 63 69.35 7.75 -21.54
C HIS R 63 69.17 6.38 -20.88
N ALA R 64 68.82 5.38 -21.68
CA ALA R 64 68.61 4.03 -21.15
C ALA R 64 69.89 3.42 -20.60
N ARG R 65 70.99 3.51 -21.36
CA ARG R 65 72.24 2.91 -20.91
C ARG R 65 72.82 3.68 -19.72
N ASP R 66 72.57 4.98 -19.62
CA ASP R 66 73.11 5.67 -18.48
C ASP R 66 72.25 5.48 -17.25
N HIS R 67 70.96 5.18 -17.43
CA HIS R 67 70.15 4.71 -16.31
C HIS R 67 70.64 3.36 -15.79
N CYS R 68 71.00 2.45 -16.71
CA CYS R 68 71.44 1.14 -16.25
C CYS R 68 72.83 1.21 -15.64
N VAL R 69 73.68 2.11 -16.14
CA VAL R 69 74.98 2.34 -15.48
C VAL R 69 74.76 3.02 -14.14
N ALA R 70 73.75 3.89 -14.04
CA ALA R 70 73.39 4.53 -12.78
C ALA R 70 72.95 3.53 -11.73
N HIS R 71 72.46 2.37 -12.16
CA HIS R 71 72.24 1.29 -11.20
C HIS R 71 73.54 0.80 -10.57
N LYS R 72 74.65 0.79 -11.31
CA LYS R 72 75.90 0.18 -10.87
C LYS R 72 77.10 1.09 -11.10
N LEU R 73 76.99 2.37 -10.74
CA LEU R 73 78.09 3.26 -11.06
C LEU R 73 79.07 3.40 -9.90
N PHE R 74 78.55 3.67 -8.70
CA PHE R 74 79.38 3.97 -7.54
C PHE R 74 79.90 2.74 -6.83
N ASN R 75 79.68 1.54 -7.36
CA ASN R 75 80.14 0.34 -6.69
C ASN R 75 81.65 0.19 -6.77
N SER R 76 82.24 0.60 -7.90
CA SER R 76 83.68 0.47 -8.13
C SER R 76 84.41 1.79 -7.96
N LEU R 77 84.00 2.60 -6.99
CA LEU R 77 84.68 3.85 -6.70
C LEU R 77 85.01 3.96 -5.21
N UNK S 1 1.79 37.10 81.11
CA UNK S 1 1.68 37.10 79.66
C UNK S 1 1.67 38.52 79.11
N UNK S 2 2.52 39.37 79.67
CA UNK S 2 2.56 40.77 79.27
C UNK S 2 3.67 40.98 78.24
N UNK S 3 3.41 40.48 77.04
CA UNK S 3 4.30 40.66 75.89
C UNK S 3 3.49 40.44 74.62
N UNK S 4 4.14 40.72 73.48
CA UNK S 4 3.52 40.45 72.19
C UNK S 4 3.58 38.97 71.82
N UNK S 5 4.40 38.19 72.52
CA UNK S 5 4.48 36.75 72.32
C UNK S 5 3.53 35.97 73.23
N UNK S 6 2.55 36.66 73.84
CA UNK S 6 1.55 35.97 74.64
C UNK S 6 0.62 35.14 73.78
N UNK S 7 0.48 35.48 72.50
CA UNK S 7 -0.26 34.69 71.55
C UNK S 7 0.53 34.32 70.32
N UNK S 8 1.67 35.00 70.07
CA UNK S 8 2.51 34.82 68.88
C UNK S 8 1.72 34.96 67.60
N UNK S 9 0.90 36.02 67.55
CA UNK S 9 -0.05 36.21 66.46
C UNK S 9 0.27 37.42 65.60
N UNK S 10 0.37 38.61 66.19
CA UNK S 10 0.59 39.83 65.42
C UNK S 10 2.03 39.91 64.93
N UNK S 11 2.23 40.70 63.88
CA UNK S 11 3.54 40.77 63.23
C UNK S 11 4.56 41.46 64.12
N UNK S 12 5.82 41.06 63.97
CA UNK S 12 6.90 41.59 64.80
C UNK S 12 8.16 41.59 63.94
N UNK S 13 8.47 42.75 63.36
CA UNK S 13 9.60 42.84 62.44
C UNK S 13 10.91 42.80 63.20
N UNK S 14 11.97 42.37 62.52
CA UNK S 14 13.27 42.20 63.17
C UNK S 14 14.36 42.33 62.11
N UNK S 15 15.15 43.38 62.18
CA UNK S 15 16.35 43.51 61.38
C UNK S 15 17.55 43.36 62.30
N UNK S 16 18.73 43.21 61.68
CA UNK S 16 19.94 43.01 62.47
C UNK S 16 21.15 43.46 61.67
N UNK S 17 22.24 43.68 62.38
CA UNK S 17 23.52 43.93 61.72
C UNK S 17 24.21 42.65 61.31
N UNK S 18 23.85 41.51 61.89
CA UNK S 18 24.52 40.26 61.56
C UNK S 18 23.57 39.07 61.47
N UNK S 19 22.25 39.28 61.45
CA UNK S 19 21.29 38.19 61.34
C UNK S 19 20.23 38.56 60.33
N UNK S 20 19.65 37.54 59.69
CA UNK S 20 18.72 37.76 58.59
C UNK S 20 17.41 38.35 59.08
N UNK S 21 16.75 39.10 58.21
CA UNK S 21 15.52 39.80 58.56
C UNK S 21 14.36 38.82 58.69
N UNK S 22 13.47 39.08 59.65
CA UNK S 22 12.42 38.14 59.95
C UNK S 22 11.25 38.84 60.63
N UNK S 23 10.05 38.30 60.41
CA UNK S 23 8.85 38.67 61.15
C UNK S 23 7.92 37.45 61.12
N UNK S 24 7.92 36.67 62.19
CA UNK S 24 7.26 35.37 62.18
C UNK S 24 6.42 35.22 63.45
N UNK S 25 5.10 35.38 63.29
CA UNK S 25 4.16 35.11 64.36
C UNK S 25 2.80 34.86 63.73
N UNK S 26 2.13 33.79 64.16
CA UNK S 26 0.93 33.28 63.49
C UNK S 26 -0.27 34.20 63.61
N UNK S 27 13.49 40.59 41.94
CA UNK S 27 14.55 40.22 42.86
C UNK S 27 13.98 39.58 44.12
N UNK S 28 14.86 39.00 44.94
CA UNK S 28 14.48 38.33 46.18
C UNK S 28 15.70 38.26 47.08
N UNK S 29 15.56 37.54 48.20
CA UNK S 29 16.64 37.34 49.15
C UNK S 29 16.35 36.08 49.95
N UNK S 30 17.08 35.90 51.06
CA UNK S 30 16.87 34.75 51.93
C UNK S 30 16.88 35.19 53.39
N PRO T 3 53.36 3.43 40.90
CA PRO T 3 52.87 4.82 40.81
C PRO T 3 52.88 5.53 42.15
N THR T 4 53.21 4.80 43.23
CA THR T 4 53.36 5.43 44.53
C THR T 4 54.55 6.38 44.54
N LEU T 5 55.59 6.04 43.78
CA LEU T 5 56.73 6.94 43.60
C LEU T 5 56.34 8.22 42.84
N THR T 6 55.33 8.14 41.97
CA THR T 6 54.87 9.34 41.29
C THR T 6 54.09 10.25 42.23
N ALA T 7 53.50 9.66 43.28
CA ALA T 7 52.69 10.44 44.22
C ALA T 7 53.57 11.35 45.07
N ARG T 8 54.66 10.80 45.63
CA ARG T 8 55.59 11.64 46.35
C ARG T 8 56.34 12.59 45.41
N LEU T 9 56.44 12.24 44.13
CA LEU T 9 56.99 13.17 43.15
C LEU T 9 56.09 14.39 42.97
N TYR T 10 54.77 14.17 42.90
CA TYR T 10 53.83 15.28 42.91
C TYR T 10 53.93 16.09 44.19
N SER T 11 53.99 15.40 45.33
CA SER T 11 53.98 16.10 46.61
C SER T 11 55.29 16.84 46.87
N LEU T 12 56.37 16.49 46.20
CA LEU T 12 57.61 17.24 46.35
C LEU T 12 57.78 18.34 45.33
N LEU T 13 57.44 18.11 44.07
CA LEU T 13 57.89 19.01 43.01
C LEU T 13 56.75 19.62 42.20
N PHE T 14 55.51 19.62 42.71
CA PHE T 14 54.44 20.26 41.98
C PHE T 14 53.45 21.01 42.86
N ARG T 15 53.80 21.31 44.11
CA ARG T 15 52.85 22.01 44.97
C ARG T 15 52.87 23.51 44.68
N ARG T 16 53.97 24.17 44.98
CA ARG T 16 54.04 25.62 44.87
C ARG T 16 54.58 26.02 43.51
N THR T 17 54.92 27.30 43.37
CA THR T 17 55.47 27.82 42.14
C THR T 17 56.99 27.91 42.18
N SER T 18 57.57 28.20 43.34
CA SER T 18 59.01 28.34 43.46
C SER T 18 59.73 27.01 43.27
N THR T 19 59.24 25.97 43.96
CA THR T 19 59.84 24.64 43.83
C THR T 19 59.62 24.08 42.43
N PHE T 20 58.43 24.30 41.87
CA PHE T 20 58.14 23.89 40.50
C PHE T 20 59.05 24.58 39.49
N ALA T 21 59.29 25.88 39.69
CA ALA T 21 60.10 26.64 38.75
C ALA T 21 61.56 26.25 38.85
N LEU T 22 62.06 26.04 40.08
CA LEU T 22 63.43 25.56 40.26
C LEU T 22 63.60 24.18 39.65
N THR T 23 62.56 23.33 39.77
CA THR T 23 62.60 21.99 39.20
C THR T 23 62.65 22.05 37.67
N ILE T 24 61.84 22.89 37.05
CA ILE T 24 61.82 22.90 35.59
C ILE T 24 63.07 23.59 35.03
N VAL T 25 63.67 24.52 35.78
CA VAL T 25 64.92 25.14 35.32
C VAL T 25 66.08 24.15 35.39
N VAL T 26 66.22 23.45 36.54
CA VAL T 26 67.30 22.47 36.69
C VAL T 26 67.11 21.31 35.71
N GLY T 27 65.87 20.89 35.51
CA GLY T 27 65.59 19.87 34.51
C GLY T 27 65.84 20.33 33.10
N ALA T 28 65.63 21.63 32.81
CA ALA T 28 65.91 22.15 31.48
C ALA T 28 67.41 22.17 31.20
N LEU T 29 68.21 22.53 32.21
CA LEU T 29 69.65 22.50 32.02
C LEU T 29 70.18 21.08 31.89
N PHE T 30 69.68 20.14 32.70
CA PHE T 30 70.14 18.75 32.56
C PHE T 30 69.64 18.13 31.27
N PHE T 31 68.47 18.54 30.80
CA PHE T 31 67.93 18.06 29.53
C PHE T 31 68.73 18.61 28.36
N GLU T 32 69.16 19.87 28.47
CA GLU T 32 70.12 20.45 27.53
C GLU T 32 71.39 19.62 27.46
N ARG T 33 71.96 19.29 28.62
CA ARG T 33 73.17 18.50 28.71
C ARG T 33 72.99 17.13 28.05
N ALA T 34 71.91 16.44 28.41
CA ALA T 34 71.67 15.08 27.91
C ALA T 34 71.36 15.06 26.43
N PHE T 35 70.57 16.02 25.94
CA PHE T 35 70.24 16.04 24.52
C PHE T 35 71.43 16.44 23.68
N ASP T 36 72.30 17.32 24.18
CA ASP T 36 73.48 17.68 23.41
C ASP T 36 74.47 16.53 23.34
N GLN T 37 74.61 15.78 24.45
CA GLN T 37 75.47 14.59 24.41
C GLN T 37 74.89 13.53 23.48
N GLY T 38 73.57 13.34 23.51
CA GLY T 38 72.95 12.37 22.61
C GLY T 38 73.04 12.79 21.15
N ALA T 39 72.93 14.09 20.89
CA ALA T 39 73.06 14.59 19.53
C ALA T 39 74.47 14.41 19.00
N ASP T 40 75.48 14.71 19.84
CA ASP T 40 76.87 14.48 19.45
C ASP T 40 77.12 13.00 19.19
N ALA T 41 76.55 12.13 20.02
CA ALA T 41 76.76 10.69 19.89
C ALA T 41 76.13 10.15 18.60
N ILE T 42 74.88 10.52 18.33
CA ILE T 42 74.19 10.02 17.14
C ILE T 42 74.82 10.59 15.87
N TYR T 43 75.18 11.88 15.88
CA TYR T 43 75.73 12.49 14.67
C TYR T 43 77.11 11.98 14.36
N GLU T 44 77.96 11.77 15.38
CA GLU T 44 79.27 11.19 15.13
C GLU T 44 79.26 9.67 15.19
N HIS T 45 78.08 9.06 15.33
CA HIS T 45 77.94 7.62 15.26
C HIS T 45 77.33 7.13 13.95
N ILE T 46 76.57 7.96 13.25
CA ILE T 46 75.88 7.45 12.06
C ILE T 46 76.81 7.41 10.85
N ASN T 47 77.80 8.29 10.76
CA ASN T 47 78.60 8.39 9.55
C ASN T 47 79.83 7.50 9.61
N GLU T 48 80.71 7.74 10.59
CA GLU T 48 81.91 6.96 10.91
C GLU T 48 82.97 6.89 9.82
N GLY T 49 82.77 7.57 8.69
CA GLY T 49 83.73 7.54 7.61
C GLY T 49 83.83 8.82 6.82
N LYS T 50 83.22 9.88 7.31
CA LYS T 50 83.14 11.13 6.56
C LYS T 50 83.57 12.35 7.34
N LEU T 51 83.31 12.39 8.65
CA LEU T 51 83.31 13.63 9.40
C LEU T 51 84.73 14.13 9.66
N TRP T 52 84.81 15.29 10.29
CA TRP T 52 86.08 15.95 10.49
C TRP T 52 86.87 15.37 11.66
N LYS T 53 86.22 14.58 12.52
CA LYS T 53 86.85 14.13 13.76
C LYS T 53 87.95 13.10 13.51
N HIS T 54 87.66 12.07 12.70
CA HIS T 54 88.61 10.97 12.56
C HIS T 54 89.83 11.39 11.76
N ILE T 55 89.64 12.21 10.74
CA ILE T 55 90.77 12.71 9.97
C ILE T 55 91.17 14.10 10.47
N LYS T 56 90.73 14.49 11.66
CA LYS T 56 91.42 15.56 12.36
C LYS T 56 92.28 15.04 13.48
N HIS T 57 92.04 13.81 13.97
CA HIS T 57 93.03 13.24 14.87
C HIS T 57 94.06 12.37 14.16
N LYS T 58 93.68 11.71 13.05
CA LYS T 58 94.69 10.97 12.31
C LYS T 58 95.58 11.89 11.48
N TYR T 59 95.20 13.15 11.27
CA TYR T 59 96.01 14.08 10.50
C TYR T 59 96.55 15.19 11.39
N MET U 1 -3.47 -6.21 -66.19
CA MET U 1 -4.07 -4.90 -65.97
C MET U 1 -5.48 -4.89 -66.52
N ASN U 2 -5.78 -5.85 -67.41
CA ASN U 2 -7.15 -6.01 -67.88
C ASN U 2 -8.06 -6.43 -66.73
N LEU U 3 -7.64 -7.47 -65.98
CA LEU U 3 -8.36 -7.88 -64.79
C LEU U 3 -8.38 -6.80 -63.73
N MET U 4 -7.32 -5.97 -63.67
CA MET U 4 -7.28 -4.85 -62.74
C MET U 4 -8.32 -3.79 -63.11
N ILE U 5 -8.48 -3.51 -64.40
CA ILE U 5 -9.49 -2.55 -64.85
C ILE U 5 -10.89 -3.07 -64.57
N THR U 6 -11.13 -4.36 -64.81
CA THR U 6 -12.44 -4.95 -64.51
C THR U 6 -12.73 -4.91 -63.02
N LEU U 7 -11.73 -5.22 -62.19
CA LEU U 7 -11.88 -5.17 -60.75
C LEU U 7 -12.16 -3.76 -60.27
N LEU U 8 -11.49 -2.77 -60.87
CA LEU U 8 -11.70 -1.36 -60.53
C LEU U 8 -13.12 -0.93 -60.87
N THR U 9 -13.60 -1.26 -62.07
CA THR U 9 -14.93 -0.85 -62.50
C THR U 9 -16.02 -1.51 -61.66
N ASN U 10 -15.86 -2.81 -61.37
CA ASN U 10 -16.87 -3.48 -60.55
C ASN U 10 -16.83 -2.99 -59.11
N PHE U 11 -15.64 -2.68 -58.58
CA PHE U 11 -15.55 -2.16 -57.23
C PHE U 11 -16.16 -0.77 -57.12
N THR U 12 -15.90 0.10 -58.09
CA THR U 12 -16.48 1.44 -58.06
C THR U 12 -17.99 1.41 -58.26
N LEU U 13 -18.50 0.48 -59.10
CA LEU U 13 -19.95 0.36 -59.25
C LEU U 13 -20.59 -0.18 -57.99
N ALA U 14 -19.91 -1.11 -57.31
CA ALA U 14 -20.40 -1.63 -56.04
C ALA U 14 -20.43 -0.55 -54.97
N THR U 15 -19.40 0.32 -54.94
CA THR U 15 -19.40 1.42 -53.98
C THR U 15 -20.47 2.45 -54.30
N LEU U 16 -20.73 2.70 -55.58
CA LEU U 16 -21.82 3.62 -55.95
C LEU U 16 -23.18 3.07 -55.52
N LEU U 17 -23.39 1.76 -55.67
CA LEU U 17 -24.65 1.17 -55.22
C LEU U 17 -24.78 1.23 -53.70
N VAL U 18 -23.70 0.94 -52.96
CA VAL U 18 -23.77 0.94 -51.51
C VAL U 18 -23.92 2.36 -50.96
N THR U 19 -23.30 3.36 -51.62
CA THR U 19 -23.48 4.73 -51.16
C THR U 19 -24.86 5.29 -51.52
N ILE U 20 -25.44 4.84 -52.64
CA ILE U 20 -26.83 5.20 -52.92
C ILE U 20 -27.76 4.57 -51.89
N ALA U 21 -27.45 3.36 -51.45
CA ALA U 21 -28.26 2.69 -50.42
C ALA U 21 -28.15 3.40 -49.08
N PHE U 22 -26.93 3.54 -48.56
CA PHE U 22 -26.71 4.02 -47.20
C PHE U 22 -26.28 5.48 -47.13
N TRP U 23 -26.60 6.28 -48.15
CA TRP U 23 -26.49 7.73 -48.06
C TRP U 23 -27.73 8.40 -48.62
N LEU U 24 -28.77 7.62 -48.93
CA LEU U 24 -30.10 8.14 -49.26
C LEU U 24 -31.11 7.34 -48.45
N PRO U 25 -31.29 7.66 -47.17
CA PRO U 25 -32.17 6.87 -46.31
C PRO U 25 -33.64 7.16 -46.54
N PRO U 50 -20.16 -20.63 -25.79
CA PRO U 50 -21.31 -21.45 -26.22
C PRO U 50 -21.13 -22.07 -27.59
N PHE U 51 -20.82 -23.36 -27.63
CA PHE U 51 -20.50 -24.04 -28.88
C PHE U 51 -20.72 -25.54 -28.70
N SER U 52 -20.44 -26.29 -29.75
CA SER U 52 -20.43 -27.74 -29.73
C SER U 52 -19.08 -28.24 -30.20
N MET U 53 -18.58 -29.30 -29.56
CA MET U 53 -17.39 -29.98 -30.08
C MET U 53 -17.69 -30.67 -31.40
N LYS U 54 -18.94 -31.13 -31.57
CA LYS U 54 -19.31 -31.84 -32.80
C LYS U 54 -19.38 -30.91 -34.01
N PHE U 55 -19.45 -29.59 -33.78
CA PHE U 55 -19.27 -28.64 -34.88
C PHE U 55 -17.86 -28.65 -35.42
N PHE U 56 -16.88 -28.96 -34.58
CA PHE U 56 -15.48 -28.74 -34.94
C PHE U 56 -14.94 -29.79 -35.89
N LEU U 57 -15.53 -30.98 -35.89
CA LEU U 57 -15.06 -32.06 -36.77
C LEU U 57 -15.25 -31.71 -38.24
N VAL U 58 -16.28 -30.93 -38.55
CA VAL U 58 -16.67 -30.64 -39.93
C VAL U 58 -15.60 -29.81 -40.63
N ALA U 59 -15.08 -28.78 -39.95
CA ALA U 59 -14.16 -27.84 -40.59
C ALA U 59 -12.82 -28.50 -40.87
N ILE U 60 -12.25 -29.18 -39.87
CA ILE U 60 -10.93 -29.79 -40.06
C ILE U 60 -11.03 -31.01 -40.96
N THR U 61 -12.16 -31.73 -40.90
CA THR U 61 -12.37 -32.84 -41.81
C THR U 61 -12.46 -32.36 -43.25
N PHE U 62 -13.21 -31.27 -43.48
CA PHE U 62 -13.26 -30.59 -44.76
C PHE U 62 -11.88 -30.18 -45.24
N LEU U 63 -11.08 -29.61 -44.34
CA LEU U 63 -9.80 -29.05 -44.75
C LEU U 63 -8.82 -30.15 -45.10
N LEU U 64 -8.84 -31.27 -44.37
CA LEU U 64 -7.94 -32.37 -44.69
C LEU U 64 -8.34 -33.06 -45.98
N PHE U 65 -9.64 -33.19 -46.25
CA PHE U 65 -10.02 -33.70 -47.56
C PHE U 65 -9.72 -32.70 -48.66
N ASP U 66 -9.74 -31.40 -48.38
CA ASP U 66 -9.34 -30.42 -49.39
C ASP U 66 -7.84 -30.50 -49.65
N LEU U 67 -7.06 -30.83 -48.63
CA LEU U 67 -5.64 -31.06 -48.83
C LEU U 67 -5.39 -32.28 -49.70
N GLU U 68 -6.14 -33.36 -49.48
CA GLU U 68 -5.94 -34.51 -50.36
C GLU U 68 -6.49 -34.26 -51.76
N ILE U 69 -7.47 -33.36 -51.90
CA ILE U 69 -7.85 -32.85 -53.22
C ILE U 69 -6.70 -32.12 -53.88
N ALA U 70 -5.98 -31.29 -53.11
CA ALA U 70 -4.84 -30.57 -53.64
C ALA U 70 -3.73 -31.51 -54.06
N LEU U 71 -3.62 -32.66 -53.39
CA LEU U 71 -2.69 -33.69 -53.86
C LEU U 71 -3.18 -34.36 -55.14
N LEU U 72 -4.49 -34.60 -55.27
CA LEU U 72 -4.98 -35.31 -56.45
C LEU U 72 -4.96 -34.44 -57.70
N LEU U 73 -5.39 -33.18 -57.59
CA LEU U 73 -5.67 -32.31 -58.74
C LEU U 73 -4.59 -32.02 -59.80
N PRO U 74 -3.28 -32.14 -59.58
CA PRO U 74 -2.35 -32.02 -60.71
C PRO U 74 -2.29 -33.24 -61.63
N LEU U 75 -3.22 -34.18 -61.53
CA LEU U 75 -3.20 -35.33 -62.44
C LEU U 75 -3.56 -35.01 -63.90
N PRO U 76 -4.65 -34.28 -64.23
CA PRO U 76 -4.94 -34.08 -65.66
C PRO U 76 -3.95 -33.19 -66.38
N TRP U 77 -3.17 -32.38 -65.66
CA TRP U 77 -2.04 -31.70 -66.28
C TRP U 77 -0.89 -32.67 -66.54
N ALA U 78 -0.88 -33.82 -65.88
CA ALA U 78 0.27 -34.71 -65.87
C ALA U 78 0.16 -35.87 -66.85
N SER U 79 -1.05 -36.22 -67.28
CA SER U 79 -1.38 -37.54 -67.83
C SER U 79 -0.71 -37.89 -69.15
N GLN U 80 0.17 -37.04 -69.67
CA GLN U 80 0.94 -37.33 -70.87
C GLN U 80 2.42 -37.47 -70.48
N THR U 81 2.78 -38.68 -70.08
CA THR U 81 4.16 -39.03 -69.77
C THR U 81 4.44 -40.42 -70.31
N THR U 82 5.67 -40.87 -70.12
CA THR U 82 6.04 -42.22 -70.51
C THR U 82 5.75 -43.23 -69.39
N ASN U 83 6.15 -42.91 -68.16
CA ASN U 83 5.92 -43.79 -67.01
C ASN U 83 4.46 -43.66 -66.60
N LEU U 84 3.60 -44.39 -67.32
CA LEU U 84 2.16 -44.33 -67.08
C LEU U 84 1.71 -45.30 -66.00
N ASN U 85 2.38 -46.44 -65.87
CA ASN U 85 2.03 -47.39 -64.81
C ASN U 85 2.32 -46.83 -63.43
N THR U 86 3.40 -46.07 -63.29
CA THR U 86 3.73 -45.43 -62.01
C THR U 86 2.70 -44.37 -61.67
N MET U 87 2.29 -43.58 -62.67
CA MET U 87 1.24 -42.59 -62.49
C MET U 87 -0.07 -43.22 -62.06
N LEU U 88 -0.47 -44.28 -62.75
CA LEU U 88 -1.72 -44.97 -62.44
C LEU U 88 -1.67 -45.59 -61.04
N THR U 89 -0.51 -46.14 -60.66
CA THR U 89 -0.39 -46.79 -59.36
C THR U 89 -0.42 -45.77 -58.22
N MET U 90 0.31 -44.66 -58.36
CA MET U 90 0.27 -43.65 -57.30
C MET U 90 -1.05 -42.91 -57.26
N ALA U 91 -1.74 -42.78 -58.40
CA ALA U 91 -3.10 -42.25 -58.39
C ALA U 91 -4.04 -43.18 -57.63
N LEU U 92 -3.92 -44.49 -57.86
CA LEU U 92 -4.67 -45.49 -57.12
C LEU U 92 -4.38 -45.41 -55.63
N LEU U 93 -3.11 -45.22 -55.27
CA LEU U 93 -2.76 -45.17 -53.85
C LEU U 93 -3.31 -43.92 -53.19
N LEU U 94 -3.36 -42.80 -53.93
CA LEU U 94 -3.95 -41.58 -53.40
C LEU U 94 -5.45 -41.72 -53.16
N ILE U 95 -6.19 -42.22 -54.16
CA ILE U 95 -7.64 -42.36 -53.96
C ILE U 95 -7.95 -43.45 -52.94
N PHE U 96 -7.11 -44.49 -52.86
CA PHE U 96 -7.35 -45.57 -51.92
C PHE U 96 -7.04 -45.12 -50.51
N LEU U 97 -6.05 -44.24 -50.34
CA LEU U 97 -5.74 -43.68 -49.03
C LEU U 97 -6.84 -42.76 -48.55
N LEU U 98 -7.39 -41.94 -49.45
CA LEU U 98 -8.54 -41.11 -49.11
C LEU U 98 -9.73 -41.99 -48.71
N ALA U 99 -9.89 -43.12 -49.40
CA ALA U 99 -10.95 -44.07 -49.05
C ALA U 99 -10.71 -44.73 -47.69
N VAL U 100 -9.44 -45.01 -47.37
CA VAL U 100 -9.12 -45.60 -46.07
C VAL U 100 -9.44 -44.63 -44.95
N SER U 101 -9.13 -43.35 -45.14
CA SER U 101 -9.45 -42.34 -44.12
C SER U 101 -10.96 -42.17 -43.97
N LEU U 102 -11.68 -42.13 -45.09
CA LEU U 102 -13.12 -41.95 -45.04
C LEU U 102 -13.80 -43.15 -44.42
N ALA U 103 -13.34 -44.36 -44.75
CA ALA U 103 -13.88 -45.56 -44.13
C ALA U 103 -13.49 -45.67 -42.66
N TYR U 104 -12.34 -45.09 -42.28
CA TYR U 104 -11.94 -45.07 -40.87
C TYR U 104 -12.92 -44.26 -40.04
N GLU U 105 -13.18 -43.02 -40.45
CA GLU U 105 -14.15 -42.22 -39.71
C GLU U 105 -15.57 -42.75 -39.88
N TRP U 106 -15.84 -43.45 -40.98
CA TRP U 106 -17.14 -44.07 -41.21
C TRP U 106 -17.41 -45.18 -40.20
N THR U 107 -16.45 -46.08 -40.02
CA THR U 107 -16.61 -47.17 -39.08
C THR U 107 -16.49 -46.70 -37.64
N GLN U 108 -15.69 -45.66 -37.40
CA GLN U 108 -15.38 -45.26 -36.03
C GLN U 108 -16.16 -44.03 -35.61
N LYS U 109 -17.44 -43.96 -36.01
CA LYS U 109 -18.48 -43.03 -35.54
C LYS U 109 -18.06 -41.56 -35.62
N GLY U 110 -17.22 -41.23 -36.60
CA GLY U 110 -16.70 -39.88 -36.75
C GLY U 110 -17.74 -38.87 -37.16
N LEU U 111 -18.26 -38.98 -38.38
CA LEU U 111 -19.30 -38.07 -38.87
C LEU U 111 -20.67 -38.58 -38.43
N GLU U 112 -20.87 -38.58 -37.11
CA GLU U 112 -22.16 -38.88 -36.51
C GLU U 112 -22.53 -37.74 -35.58
N TRP U 113 -23.76 -37.80 -35.06
CA TRP U 113 -24.29 -36.70 -34.27
C TRP U 113 -25.05 -37.20 -33.05
N MET V 1 -11.62 -0.21 -76.46
CA MET V 1 -12.99 -0.72 -76.40
C MET V 1 -13.14 -1.64 -75.19
N PHE V 2 -12.14 -1.62 -74.30
CA PHE V 2 -12.14 -2.56 -73.19
C PHE V 2 -13.14 -2.15 -72.12
N MET V 3 -13.23 -0.86 -71.80
CA MET V 3 -14.26 -0.41 -70.87
C MET V 3 -15.65 -0.53 -71.46
N ILE V 4 -15.78 -0.49 -72.79
CA ILE V 4 -17.08 -0.74 -73.40
C ILE V 4 -17.41 -2.23 -73.34
N ASN V 5 -16.39 -3.10 -73.38
CA ASN V 5 -16.60 -4.51 -73.11
C ASN V 5 -17.07 -4.74 -71.67
N VAL V 6 -16.47 -3.98 -70.74
CA VAL V 6 -16.90 -4.02 -69.33
C VAL V 6 -18.36 -3.59 -69.19
N LEU V 7 -18.74 -2.52 -69.91
CA LEU V 7 -20.13 -2.06 -69.90
C LEU V 7 -21.07 -3.09 -70.47
N THR V 8 -20.73 -3.68 -71.61
CA THR V 8 -21.57 -4.73 -72.20
C THR V 8 -21.62 -5.99 -71.36
N LEU V 9 -20.65 -6.18 -70.46
CA LEU V 9 -20.74 -7.31 -69.55
C LEU V 9 -21.62 -7.00 -68.33
N ILE V 10 -21.40 -5.85 -67.68
CA ILE V 10 -21.96 -5.64 -66.35
C ILE V 10 -23.19 -4.74 -66.33
N ILE V 11 -23.54 -4.09 -67.43
CA ILE V 11 -24.86 -3.47 -67.52
C ILE V 11 -25.98 -4.50 -67.57
N PRO V 12 -25.99 -5.54 -68.43
CA PRO V 12 -27.19 -6.39 -68.50
C PRO V 12 -27.39 -7.34 -67.33
N ILE V 13 -26.50 -7.35 -66.33
CA ILE V 13 -26.68 -8.27 -65.22
C ILE V 13 -27.87 -7.84 -64.36
N LEU V 14 -28.13 -6.53 -64.28
CA LEU V 14 -29.21 -6.03 -63.46
C LEU V 14 -30.56 -6.38 -64.06
N LEU V 15 -30.72 -6.10 -65.37
CA LEU V 15 -31.93 -6.47 -66.08
C LEU V 15 -32.11 -7.98 -66.12
N ALA V 16 -31.00 -8.71 -66.23
CA ALA V 16 -31.05 -10.18 -66.24
C ALA V 16 -31.56 -10.73 -64.92
N VAL V 17 -31.05 -10.20 -63.79
CA VAL V 17 -31.48 -10.69 -62.48
C VAL V 17 -32.93 -10.29 -62.20
N ALA V 18 -33.31 -9.05 -62.49
CA ALA V 18 -34.68 -8.61 -62.21
C ALA V 18 -35.69 -9.36 -63.08
N PHE V 19 -35.33 -9.65 -64.32
CA PHE V 19 -36.24 -10.40 -65.16
C PHE V 19 -36.22 -11.88 -64.77
N LEU V 20 -35.13 -12.37 -64.18
CA LEU V 20 -35.12 -13.71 -63.61
C LEU V 20 -36.06 -13.80 -62.42
N THR V 21 -36.14 -12.72 -61.63
CA THR V 21 -37.05 -12.70 -60.50
C THR V 21 -38.50 -12.72 -60.95
N LEU V 22 -38.83 -11.98 -62.01
CA LEU V 22 -40.21 -12.06 -62.50
C LEU V 22 -40.50 -13.43 -63.11
N VAL V 23 -39.51 -14.02 -63.79
CA VAL V 23 -39.70 -15.33 -64.40
C VAL V 23 -39.93 -16.39 -63.33
N GLU V 24 -39.13 -16.36 -62.26
CA GLU V 24 -39.31 -17.37 -61.22
C GLU V 24 -40.60 -17.14 -60.43
N ARG V 25 -41.04 -15.88 -60.27
CA ARG V 25 -42.29 -15.64 -59.59
C ARG V 25 -43.48 -16.09 -60.43
N LYS V 26 -43.46 -15.79 -61.73
CA LYS V 26 -44.53 -16.24 -62.62
C LYS V 26 -44.54 -17.74 -62.77
N VAL V 27 -43.39 -18.38 -62.84
CA VAL V 27 -43.37 -19.82 -63.05
C VAL V 27 -43.73 -20.55 -61.76
N LEU V 28 -43.38 -20.02 -60.59
CA LEU V 28 -43.96 -20.53 -59.35
C LEU V 28 -45.47 -20.34 -59.32
N GLY V 29 -45.96 -19.22 -59.85
CA GLY V 29 -47.39 -19.00 -59.90
C GLY V 29 -48.12 -19.95 -60.83
N TYR V 30 -47.47 -20.36 -61.92
CA TYR V 30 -48.11 -21.33 -62.80
C TYR V 30 -47.88 -22.77 -62.37
N MET V 31 -46.83 -23.04 -61.60
CA MET V 31 -46.71 -24.34 -60.94
C MET V 31 -47.77 -24.49 -59.88
N GLN V 32 -48.14 -23.39 -59.25
CA GLN V 32 -49.31 -23.28 -58.40
C GLN V 32 -50.48 -22.89 -59.32
N PHE V 33 -51.65 -22.63 -58.76
CA PHE V 33 -52.74 -22.06 -59.55
C PHE V 33 -52.83 -20.54 -59.33
N ARG V 34 -51.76 -19.81 -59.63
CA ARG V 34 -51.74 -18.36 -59.42
C ARG V 34 -51.32 -17.65 -60.70
N LYS V 35 -52.27 -17.09 -61.44
CA LYS V 35 -51.89 -16.08 -62.41
C LYS V 35 -51.38 -14.84 -61.67
N GLY V 36 -50.41 -14.17 -62.30
CA GLY V 36 -49.91 -12.93 -61.75
C GLY V 36 -48.47 -13.00 -61.30
N PRO V 37 -47.77 -11.85 -61.23
CA PRO V 37 -48.19 -10.46 -61.49
C PRO V 37 -48.45 -10.08 -62.94
N ASN V 38 -49.69 -9.69 -63.20
CA ASN V 38 -50.06 -9.15 -64.50
C ASN V 38 -51.03 -7.98 -64.44
N VAL V 39 -51.41 -7.51 -63.24
CA VAL V 39 -52.31 -6.37 -63.16
C VAL V 39 -51.56 -5.07 -63.40
N VAL V 40 -50.62 -4.76 -62.52
CA VAL V 40 -49.90 -3.49 -62.59
C VAL V 40 -48.67 -3.71 -63.45
N GLY V 41 -48.70 -3.19 -64.67
CA GLY V 41 -47.62 -3.40 -65.60
C GLY V 41 -47.93 -4.52 -66.57
N PRO V 42 -47.55 -4.33 -67.84
CA PRO V 42 -47.75 -5.39 -68.84
C PRO V 42 -46.86 -6.59 -68.60
N TYR V 43 -47.49 -7.69 -68.17
CA TYR V 43 -46.84 -8.95 -67.80
C TYR V 43 -45.83 -8.79 -66.66
N GLY V 44 -45.94 -7.72 -65.87
CA GLY V 44 -45.15 -7.53 -64.68
C GLY V 44 -43.64 -7.42 -64.83
N LEU V 45 -43.19 -6.36 -65.51
CA LEU V 45 -41.79 -5.95 -65.51
C LEU V 45 -41.59 -4.69 -64.68
N LEU V 46 -42.61 -3.85 -64.69
CA LEU V 46 -42.73 -2.76 -63.73
C LEU V 46 -42.77 -3.29 -62.30
N GLN V 47 -43.26 -4.54 -62.10
CA GLN V 47 -43.29 -5.09 -60.75
C GLN V 47 -41.88 -5.38 -60.21
N PRO V 48 -40.94 -6.01 -60.95
CA PRO V 48 -39.57 -6.06 -60.40
C PRO V 48 -38.85 -4.74 -60.40
N ILE V 49 -39.13 -3.81 -61.33
CA ILE V 49 -38.40 -2.55 -61.23
C ILE V 49 -38.91 -1.74 -60.03
N ALA V 50 -40.17 -1.91 -59.66
CA ALA V 50 -40.70 -1.30 -58.46
C ALA V 50 -40.26 -2.05 -57.21
N ASP V 51 -40.02 -3.36 -57.31
CA ASP V 51 -39.41 -4.12 -56.22
C ASP V 51 -38.03 -3.58 -55.90
N ALA V 52 -37.21 -3.36 -56.93
CA ALA V 52 -35.86 -2.85 -56.73
C ALA V 52 -35.87 -1.46 -56.14
N ILE V 53 -36.64 -0.55 -56.74
CA ILE V 53 -36.62 0.83 -56.24
C ILE V 53 -37.36 0.95 -54.90
N LYS V 54 -38.29 0.04 -54.63
CA LYS V 54 -39.00 0.05 -53.35
C LYS V 54 -38.11 -0.47 -52.23
N LEU V 55 -37.38 -1.56 -52.47
CA LEU V 55 -36.50 -2.07 -51.44
C LEU V 55 -35.33 -1.13 -51.23
N PHE V 56 -34.97 -0.34 -52.25
CA PHE V 56 -34.08 0.79 -52.01
C PHE V 56 -34.72 1.85 -51.14
N ILE V 57 -36.02 2.11 -51.31
CA ILE V 57 -36.69 3.11 -50.47
C ILE V 57 -36.86 2.61 -49.04
N LYS V 58 -37.40 1.41 -48.87
CA LYS V 58 -37.83 0.92 -47.55
C LYS V 58 -36.59 0.53 -46.74
N GLU V 59 -35.89 1.55 -46.26
CA GLU V 59 -34.65 1.38 -45.51
C GLU V 59 -34.64 2.37 -44.35
N PRO V 60 -34.17 1.97 -43.16
CA PRO V 60 -34.17 2.87 -42.01
C PRO V 60 -33.10 3.93 -42.11
N SER V 66 -21.82 -6.61 -36.65
CA SER V 66 -21.89 -5.63 -37.74
C SER V 66 -20.59 -4.88 -37.86
N SER V 67 -20.46 -3.89 -36.94
CA SER V 67 -19.28 -3.04 -36.77
C SER V 67 -19.01 -2.35 -38.09
N ILE V 68 -19.66 -1.19 -38.33
CA ILE V 68 -20.03 -0.59 -39.63
C ILE V 68 -19.06 -0.90 -40.77
N SER V 69 -17.76 -0.89 -40.46
CA SER V 69 -16.74 -1.53 -41.29
C SER V 69 -17.10 -2.97 -41.71
N MET V 70 -17.34 -3.89 -40.74
CA MET V 70 -17.49 -5.28 -41.17
C MET V 70 -18.88 -5.46 -41.77
N PHE V 71 -19.79 -4.62 -41.27
CA PHE V 71 -21.15 -4.58 -41.79
C PHE V 71 -21.19 -4.18 -43.26
N ILE V 72 -20.27 -3.32 -43.70
CA ILE V 72 -20.17 -3.03 -45.12
C ILE V 72 -19.31 -4.07 -45.85
N LEU V 73 -18.28 -4.59 -45.19
CA LEU V 73 -17.34 -5.51 -45.83
C LEU V 73 -17.97 -6.82 -46.27
N ALA V 74 -19.07 -7.27 -45.65
CA ALA V 74 -19.68 -8.51 -46.12
C ALA V 74 -20.42 -8.36 -47.45
N PRO V 75 -21.44 -7.48 -47.60
CA PRO V 75 -22.16 -7.45 -48.88
C PRO V 75 -21.36 -6.85 -50.01
N ILE V 76 -20.35 -6.03 -49.70
CA ILE V 76 -19.50 -5.49 -50.77
C ILE V 76 -18.68 -6.61 -51.39
N LEU V 77 -18.28 -7.61 -50.59
CA LEU V 77 -17.54 -8.75 -51.13
C LEU V 77 -18.45 -9.64 -51.94
N ALA V 78 -19.66 -9.91 -51.42
CA ALA V 78 -20.62 -10.72 -52.18
C ALA V 78 -20.97 -10.09 -53.52
N LEU V 79 -21.18 -8.78 -53.54
CA LEU V 79 -21.56 -8.12 -54.77
C LEU V 79 -20.40 -8.00 -55.74
N THR V 80 -19.18 -7.77 -55.25
CA THR V 80 -18.07 -7.69 -56.20
C THR V 80 -17.69 -9.06 -56.75
N LEU V 81 -17.96 -10.15 -56.03
CA LEU V 81 -17.80 -11.47 -56.62
C LEU V 81 -18.86 -11.73 -57.69
N ALA V 82 -20.10 -11.36 -57.37
CA ALA V 82 -21.20 -11.51 -58.33
C ALA V 82 -20.94 -10.72 -59.61
N LEU V 83 -20.31 -9.55 -59.49
CA LEU V 83 -19.93 -8.81 -60.69
C LEU V 83 -18.76 -9.47 -61.40
N THR V 84 -17.65 -9.68 -60.69
CA THR V 84 -16.40 -10.07 -61.35
C THR V 84 -16.33 -11.53 -61.75
N MET V 85 -17.35 -12.36 -61.53
CA MET V 85 -17.19 -13.76 -61.86
C MET V 85 -18.02 -14.23 -63.05
N TRP V 86 -18.17 -13.39 -64.06
CA TRP V 86 -18.66 -13.85 -65.36
C TRP V 86 -17.62 -13.70 -66.45
N ILE V 87 -16.35 -13.56 -66.07
CA ILE V 87 -15.31 -13.19 -67.03
C ILE V 87 -14.91 -14.34 -67.96
N PRO V 88 -14.51 -15.56 -67.49
CA PRO V 88 -14.03 -16.54 -68.48
C PRO V 88 -15.14 -17.36 -69.12
N LEU V 89 -16.39 -16.91 -69.04
CA LEU V 89 -17.52 -17.66 -69.60
C LEU V 89 -17.42 -17.75 -71.11
N PRO V 90 -17.35 -18.94 -71.68
CA PRO V 90 -17.11 -19.11 -73.12
C PRO V 90 -18.37 -19.08 -73.95
N MET V 91 -19.25 -18.12 -73.69
CA MET V 91 -20.25 -17.75 -74.68
C MET V 91 -19.49 -17.22 -75.88
N PRO V 92 -19.82 -17.67 -77.11
CA PRO V 92 -18.82 -18.20 -78.05
C PRO V 92 -17.40 -17.66 -77.97
N TYR V 93 -17.25 -16.35 -77.89
CA TYR V 93 -15.93 -15.77 -77.67
C TYR V 93 -15.88 -15.22 -76.26
N PRO V 94 -15.11 -15.84 -75.35
CA PRO V 94 -15.12 -15.41 -73.95
C PRO V 94 -14.43 -14.07 -73.76
N LEU V 95 -14.71 -13.45 -72.62
CA LEU V 95 -14.31 -12.06 -72.39
C LEU V 95 -12.80 -11.94 -72.24
N ILE V 96 -12.23 -12.68 -71.29
CA ILE V 96 -10.79 -12.87 -71.19
C ILE V 96 -10.50 -14.33 -71.42
N ASN V 97 -9.64 -14.62 -72.40
CA ASN V 97 -9.24 -15.99 -72.69
C ASN V 97 -8.27 -16.48 -71.60
N MET V 98 -8.80 -16.76 -70.42
CA MET V 98 -7.96 -17.18 -69.31
C MET V 98 -7.43 -18.59 -69.56
N ASN V 99 -6.15 -18.79 -69.21
CA ASN V 99 -5.53 -20.09 -69.38
C ASN V 99 -6.14 -21.11 -68.43
N LEU V 100 -6.65 -20.66 -67.29
CA LEU V 100 -7.32 -21.54 -66.35
C LEU V 100 -8.39 -20.75 -65.60
N GLY V 101 -9.62 -21.26 -65.64
CA GLY V 101 -10.72 -20.52 -65.05
C GLY V 101 -11.68 -21.34 -64.21
N VAL V 102 -11.56 -22.67 -64.27
CA VAL V 102 -12.49 -23.49 -63.52
C VAL V 102 -12.13 -23.51 -62.04
N LEU V 103 -10.83 -23.56 -61.72
CA LEU V 103 -10.43 -23.41 -60.33
C LEU V 103 -10.59 -21.97 -59.87
N PHE V 104 -10.60 -21.03 -60.82
CA PHE V 104 -10.93 -19.65 -60.53
C PHE V 104 -12.40 -19.51 -60.09
N MET V 105 -13.30 -20.19 -60.80
CA MET V 105 -14.70 -20.35 -60.39
C MET V 105 -14.80 -20.90 -58.97
N LEU V 106 -14.06 -21.98 -58.70
CA LEU V 106 -14.16 -22.64 -57.39
C LEU V 106 -13.61 -21.78 -56.25
N ALA V 107 -12.48 -21.11 -56.49
CA ALA V 107 -11.91 -20.25 -55.46
C ALA V 107 -12.80 -19.05 -55.18
N MET V 108 -13.49 -18.53 -56.20
CA MET V 108 -14.38 -17.43 -55.90
C MET V 108 -15.70 -17.89 -55.29
N SER V 109 -16.11 -19.14 -55.51
CA SER V 109 -17.19 -19.70 -54.70
C SER V 109 -16.76 -19.78 -53.23
N SER V 110 -15.49 -20.12 -52.98
CA SER V 110 -14.98 -20.10 -51.61
C SER V 110 -14.96 -18.69 -51.03
N LEU V 111 -14.67 -17.69 -51.86
CA LEU V 111 -14.76 -16.32 -51.38
C LEU V 111 -16.21 -15.90 -51.12
N ALA V 112 -17.17 -16.49 -51.84
CA ALA V 112 -18.57 -16.25 -51.51
C ALA V 112 -18.92 -16.84 -50.15
N VAL V 113 -18.33 -18.00 -49.84
CA VAL V 113 -18.48 -18.59 -48.50
C VAL V 113 -17.87 -17.67 -47.44
N TYR V 114 -16.76 -17.02 -47.77
CA TYR V 114 -16.18 -15.99 -46.87
C TYR V 114 -17.16 -14.86 -46.60
N SER V 115 -17.80 -14.34 -47.64
CA SER V 115 -18.72 -13.23 -47.46
C SER V 115 -19.93 -13.63 -46.63
N ILE V 116 -20.39 -14.88 -46.80
CA ILE V 116 -21.48 -15.39 -45.99
C ILE V 116 -21.06 -15.50 -44.52
N LEU V 117 -19.83 -15.97 -44.26
CA LEU V 117 -19.35 -16.06 -42.89
C LEU V 117 -19.16 -14.69 -42.26
N TRP V 118 -18.78 -13.70 -43.06
CA TRP V 118 -18.62 -12.34 -42.55
C TRP V 118 -19.95 -11.76 -42.13
N SER V 119 -21.00 -11.97 -42.95
CA SER V 119 -22.32 -11.52 -42.56
C SER V 119 -22.86 -12.31 -41.37
N GLY V 120 -22.45 -13.57 -41.25
CA GLY V 120 -22.86 -14.37 -40.11
C GLY V 120 -22.26 -13.87 -38.80
N TRP V 121 -21.00 -13.46 -38.83
CA TRP V 121 -20.45 -12.75 -37.67
C TRP V 121 -21.11 -11.39 -37.49
N ALA V 122 -21.48 -10.74 -38.60
CA ALA V 122 -22.02 -9.40 -38.56
C ALA V 122 -23.46 -9.33 -38.07
N SER V 123 -24.14 -10.47 -37.93
CA SER V 123 -25.54 -10.46 -37.50
C SER V 123 -25.72 -10.24 -35.98
N ASN V 124 -24.68 -9.76 -35.28
CA ASN V 124 -24.76 -9.16 -33.95
C ASN V 124 -25.24 -10.15 -32.88
N SER V 125 -24.42 -11.20 -32.69
CA SER V 125 -24.32 -11.98 -31.45
C SER V 125 -25.65 -12.62 -31.04
N LYS V 126 -26.10 -13.55 -31.87
CA LYS V 126 -27.41 -14.12 -31.63
C LYS V 126 -27.41 -15.60 -32.04
N TYR V 127 -28.37 -16.33 -31.49
CA TYR V 127 -28.72 -17.67 -31.95
C TYR V 127 -28.98 -17.70 -33.45
N ALA V 128 -29.47 -16.58 -33.99
CA ALA V 128 -29.35 -16.27 -35.41
C ALA V 128 -27.93 -16.44 -35.94
N LEU V 129 -26.89 -15.97 -35.22
CA LEU V 129 -25.56 -16.10 -35.82
C LEU V 129 -25.05 -17.53 -35.68
N ILE V 130 -25.52 -18.24 -34.65
CA ILE V 130 -25.16 -19.65 -34.55
C ILE V 130 -25.82 -20.46 -35.67
N GLY V 131 -27.07 -20.12 -36.01
CA GLY V 131 -27.69 -20.69 -37.21
C GLY V 131 -26.99 -20.28 -38.48
N ALA V 132 -26.43 -19.06 -38.52
CA ALA V 132 -25.64 -18.64 -39.67
C ALA V 132 -24.35 -19.43 -39.79
N LEU V 133 -23.75 -19.79 -38.65
CA LEU V 133 -22.57 -20.64 -38.66
C LEU V 133 -22.91 -22.05 -39.16
N ARG V 134 -24.11 -22.53 -38.80
CA ARG V 134 -24.58 -23.80 -39.36
C ARG V 134 -24.81 -23.68 -40.87
N ALA V 135 -25.26 -22.52 -41.32
CA ALA V 135 -25.43 -22.29 -42.76
C ALA V 135 -24.09 -22.27 -43.47
N VAL V 136 -23.07 -21.71 -42.81
CA VAL V 136 -21.70 -21.76 -43.33
C VAL V 136 -21.22 -23.20 -43.43
N ALA V 137 -21.58 -24.02 -42.44
CA ALA V 137 -21.17 -25.43 -42.44
C ALA V 137 -21.85 -26.20 -43.58
N GLN V 138 -23.15 -26.01 -43.77
CA GLN V 138 -23.81 -26.72 -44.86
C GLN V 138 -23.45 -26.14 -46.23
N THR V 139 -22.93 -24.92 -46.28
CA THR V 139 -22.44 -24.39 -47.54
C THR V 139 -21.07 -24.98 -47.87
N ILE V 140 -20.17 -25.01 -46.87
CA ILE V 140 -18.83 -25.50 -47.07
C ILE V 140 -18.79 -27.01 -47.22
N SER V 141 -19.84 -27.72 -46.84
CA SER V 141 -19.80 -29.17 -46.92
C SER V 141 -19.93 -29.73 -48.36
N TYR V 142 -19.83 -28.94 -49.41
CA TYR V 142 -20.01 -29.44 -50.77
C TYR V 142 -18.93 -29.00 -51.75
N GLU V 143 -18.00 -28.16 -51.35
CA GLU V 143 -16.91 -27.82 -52.26
C GLU V 143 -15.89 -28.92 -52.41
N VAL V 144 -15.88 -29.92 -51.53
CA VAL V 144 -15.10 -31.13 -51.78
C VAL V 144 -15.64 -31.87 -52.99
N THR V 145 -16.93 -32.25 -52.92
CA THR V 145 -17.54 -33.10 -53.92
C THR V 145 -17.61 -32.41 -55.27
N LEU V 146 -17.93 -31.12 -55.28
CA LEU V 146 -18.03 -30.37 -56.52
C LEU V 146 -16.67 -30.25 -57.20
N ALA V 147 -15.60 -30.07 -56.42
CA ALA V 147 -14.27 -29.95 -57.01
C ALA V 147 -13.78 -31.29 -57.55
N ILE V 148 -14.09 -32.38 -56.85
CA ILE V 148 -13.64 -33.68 -57.32
C ILE V 148 -14.41 -34.10 -58.57
N ILE V 149 -15.70 -33.74 -58.65
CA ILE V 149 -16.47 -33.99 -59.85
C ILE V 149 -15.99 -33.12 -60.99
N LEU V 150 -15.59 -31.87 -60.69
CA LEU V 150 -15.01 -31.01 -61.71
C LEU V 150 -13.71 -31.59 -62.25
N LEU V 151 -12.90 -32.17 -61.36
CA LEU V 151 -11.65 -32.82 -61.76
C LEU V 151 -11.91 -34.01 -62.69
N SER V 152 -12.96 -34.79 -62.39
CA SER V 152 -13.29 -35.91 -63.27
C SER V 152 -13.82 -35.45 -64.61
N VAL V 153 -14.68 -34.44 -64.62
CA VAL V 153 -15.29 -34.06 -65.89
C VAL V 153 -14.34 -33.26 -66.76
N LEU V 154 -13.28 -32.68 -66.18
CA LEU V 154 -12.25 -32.12 -67.05
C LEU V 154 -11.12 -33.09 -67.30
N LEU V 155 -11.13 -34.25 -66.64
CA LEU V 155 -10.11 -35.27 -66.88
C LEU V 155 -10.23 -35.86 -68.29
N MET V 156 -11.42 -35.81 -68.87
CA MET V 156 -11.61 -36.14 -70.28
C MET V 156 -11.43 -34.93 -71.18
N ASN V 157 -10.80 -33.85 -70.68
CA ASN V 157 -10.80 -32.58 -71.41
C ASN V 157 -9.43 -31.89 -71.42
N GLY V 158 -8.37 -32.60 -71.08
CA GLY V 158 -7.03 -32.07 -71.26
C GLY V 158 -6.57 -31.11 -70.18
N SER V 159 -7.08 -29.89 -70.22
CA SER V 159 -6.64 -28.87 -69.27
C SER V 159 -7.80 -27.95 -68.97
N PHE V 160 -7.51 -26.90 -68.21
CA PHE V 160 -8.53 -25.99 -67.70
C PHE V 160 -9.00 -24.98 -68.75
N THR V 161 -8.45 -25.03 -69.96
CA THR V 161 -8.48 -23.89 -70.88
C THR V 161 -9.86 -23.59 -71.46
N LEU V 162 -10.77 -24.56 -71.42
CA LEU V 162 -12.22 -24.43 -71.60
C LEU V 162 -12.66 -24.13 -73.04
N SER V 163 -11.73 -23.66 -73.87
CA SER V 163 -12.00 -23.58 -75.30
C SER V 163 -11.69 -24.92 -75.95
N THR V 164 -10.68 -25.62 -75.43
CA THR V 164 -10.49 -27.01 -75.80
C THR V 164 -11.67 -27.85 -75.32
N LEU V 165 -12.29 -27.47 -74.20
CA LEU V 165 -13.54 -28.10 -73.78
C LEU V 165 -14.65 -27.87 -74.79
N ILE V 166 -14.79 -26.63 -75.29
CA ILE V 166 -15.85 -26.40 -76.27
C ILE V 166 -15.49 -27.03 -77.63
N ILE V 167 -14.22 -27.39 -77.85
CA ILE V 167 -13.87 -28.23 -78.99
C ILE V 167 -14.32 -29.67 -78.75
N THR V 168 -14.06 -30.21 -77.55
CA THR V 168 -14.39 -31.60 -77.27
C THR V 168 -15.90 -31.83 -77.18
N GLN V 169 -16.66 -30.80 -76.82
CA GLN V 169 -18.10 -31.00 -76.62
C GLN V 169 -18.87 -31.08 -77.92
N GLU V 170 -18.36 -30.48 -79.00
CA GLU V 170 -19.21 -30.30 -80.17
C GLU V 170 -19.40 -31.57 -80.99
N GLN V 171 -18.60 -32.61 -80.73
CA GLN V 171 -18.87 -33.89 -81.41
C GLN V 171 -20.07 -34.58 -80.78
N VAL V 172 -19.96 -34.98 -79.52
CA VAL V 172 -21.08 -35.49 -78.74
C VAL V 172 -21.07 -34.81 -77.38
N TRP V 173 -22.25 -34.74 -76.77
CA TRP V 173 -22.38 -34.09 -75.48
C TRP V 173 -21.73 -34.93 -74.39
N LEU V 174 -21.30 -34.25 -73.34
CA LEU V 174 -20.61 -34.90 -72.24
C LEU V 174 -21.57 -35.55 -71.24
N ILE V 175 -22.88 -35.39 -71.44
CA ILE V 175 -23.86 -36.08 -70.61
C ILE V 175 -23.80 -37.59 -70.80
N PHE V 176 -23.49 -38.05 -72.01
CA PHE V 176 -23.42 -39.49 -72.26
C PHE V 176 -22.16 -40.19 -71.70
N PRO V 177 -20.96 -39.58 -71.68
CA PRO V 177 -19.88 -40.22 -70.92
C PRO V 177 -20.11 -40.27 -69.42
N ALA V 178 -20.86 -39.34 -68.85
CA ALA V 178 -21.15 -39.41 -67.42
C ALA V 178 -22.49 -38.71 -67.16
N TRP V 179 -23.56 -39.48 -67.18
CA TRP V 179 -24.82 -38.95 -66.70
C TRP V 179 -25.03 -39.01 -65.16
N PRO V 180 -24.65 -40.07 -64.42
CA PRO V 180 -24.86 -39.98 -62.96
C PRO V 180 -23.90 -39.02 -62.30
N LEU V 181 -22.68 -38.88 -62.84
CA LEU V 181 -21.76 -37.87 -62.34
C LEU V 181 -22.30 -36.47 -62.60
N ALA V 182 -22.99 -36.30 -63.74
CA ALA V 182 -23.64 -35.03 -64.04
C ALA V 182 -24.76 -34.73 -63.06
N MET V 183 -25.56 -35.75 -62.71
CA MET V 183 -26.65 -35.54 -61.76
C MET V 183 -26.12 -35.23 -60.36
N MET V 184 -25.02 -35.88 -59.97
CA MET V 184 -24.42 -35.60 -58.67
C MET V 184 -23.83 -34.19 -58.63
N TRP V 185 -23.22 -33.74 -59.74
CA TRP V 185 -22.76 -32.36 -59.82
C TRP V 185 -23.93 -31.38 -59.79
N PHE V 186 -25.04 -31.79 -60.37
CA PHE V 186 -26.25 -30.96 -60.34
C PHE V 186 -26.75 -30.78 -58.91
N ILE V 187 -26.80 -31.87 -58.15
CA ILE V 187 -27.19 -31.80 -56.74
C ILE V 187 -26.20 -30.95 -55.94
N SER V 188 -24.91 -31.03 -56.31
CA SER V 188 -23.92 -30.19 -55.65
C SER V 188 -24.14 -28.71 -55.95
N THR V 189 -24.60 -28.40 -57.17
CA THR V 189 -24.93 -27.01 -57.47
C THR V 189 -26.20 -26.57 -56.74
N LEU V 190 -27.16 -27.47 -56.56
CA LEU V 190 -28.31 -27.18 -55.69
C LEU V 190 -27.87 -26.82 -54.29
N ALA V 191 -26.90 -27.55 -53.76
CA ALA V 191 -26.45 -27.30 -52.40
C ALA V 191 -25.61 -26.04 -52.30
N GLU V 192 -24.85 -25.71 -53.35
CA GLU V 192 -24.01 -24.54 -53.30
C GLU V 192 -24.77 -23.24 -53.58
N THR V 193 -25.84 -23.30 -54.37
CA THR V 193 -26.57 -22.07 -54.66
C THR V 193 -27.49 -21.62 -53.53
N ASN V 194 -27.73 -22.50 -52.54
CA ASN V 194 -28.40 -22.17 -51.28
C ASN V 194 -29.82 -21.65 -51.48
N ARG V 195 -30.64 -22.48 -52.12
CA ARG V 195 -32.08 -22.28 -52.15
C ARG V 195 -32.72 -23.64 -51.87
N ALA V 196 -34.01 -23.73 -52.15
CA ALA V 196 -34.79 -24.93 -51.83
C ALA V 196 -34.28 -26.13 -52.63
N PRO V 197 -34.27 -27.33 -52.04
CA PRO V 197 -34.66 -27.67 -50.67
C PRO V 197 -33.55 -27.57 -49.63
N PHE V 198 -32.59 -26.67 -49.80
CA PHE V 198 -31.37 -26.66 -48.98
C PHE V 198 -31.28 -25.32 -48.25
N ASP V 199 -31.84 -25.27 -47.05
CA ASP V 199 -32.26 -24.05 -46.41
C ASP V 199 -31.91 -24.12 -44.91
N LEU V 200 -31.71 -22.97 -44.24
CA LEU V 200 -31.83 -21.58 -44.74
C LEU V 200 -30.80 -20.65 -44.11
N THR V 201 -31.06 -19.36 -44.28
CA THR V 201 -30.34 -18.25 -43.63
C THR V 201 -28.84 -18.23 -43.87
N ALA V 217 -29.46 -8.20 -41.65
CA ALA V 217 -29.91 -8.81 -42.90
C ALA V 217 -30.06 -7.76 -43.99
N GLY V 218 -29.12 -6.82 -44.04
CA GLY V 218 -29.14 -5.77 -45.03
C GLY V 218 -27.78 -5.52 -45.65
N PRO V 219 -27.74 -4.94 -46.86
CA PRO V 219 -28.86 -4.64 -47.76
C PRO V 219 -29.42 -5.86 -48.47
N PHE V 220 -30.73 -5.99 -48.30
CA PHE V 220 -31.45 -7.18 -48.79
C PHE V 220 -31.41 -7.26 -50.31
N ALA V 221 -31.54 -6.12 -50.99
CA ALA V 221 -31.51 -6.10 -52.45
C ALA V 221 -30.15 -6.48 -52.99
N LEU V 222 -29.08 -6.05 -52.32
CA LEU V 222 -27.75 -6.35 -52.82
C LEU V 222 -27.38 -7.81 -52.57
N PHE V 223 -27.81 -8.35 -51.43
CA PHE V 223 -27.57 -9.76 -51.15
C PHE V 223 -28.40 -10.66 -52.07
N PHE V 224 -29.66 -10.28 -52.27
CA PHE V 224 -30.56 -10.82 -53.29
C PHE V 224 -29.89 -10.88 -54.66
N MET V 225 -29.29 -9.74 -55.06
CA MET V 225 -28.58 -9.61 -56.33
C MET V 225 -27.41 -10.56 -56.41
N ALA V 226 -26.63 -10.66 -55.34
CA ALA V 226 -25.44 -11.50 -55.34
C ALA V 226 -25.79 -12.97 -55.45
N GLU V 227 -26.79 -13.42 -54.70
CA GLU V 227 -27.20 -14.83 -54.78
C GLU V 227 -27.76 -15.17 -56.16
N TYR V 228 -28.57 -14.28 -56.75
CA TYR V 228 -29.11 -14.63 -58.06
C TYR V 228 -28.06 -14.55 -59.17
N ALA V 229 -27.07 -13.67 -59.04
CA ALA V 229 -25.98 -13.68 -60.01
C ALA V 229 -25.13 -14.92 -59.86
N ASN V 230 -24.99 -15.42 -58.62
CA ASN V 230 -24.32 -16.70 -58.38
C ASN V 230 -25.07 -17.85 -59.07
N ILE V 231 -26.40 -17.83 -58.98
CA ILE V 231 -27.20 -18.90 -59.58
C ILE V 231 -27.14 -18.84 -61.10
N ILE V 232 -27.15 -17.63 -61.68
CA ILE V 232 -27.04 -17.51 -63.13
C ILE V 232 -25.65 -17.93 -63.61
N MET V 233 -24.61 -17.60 -62.82
CA MET V 233 -23.26 -18.04 -63.11
C MET V 233 -23.17 -19.57 -63.16
N MET V 234 -23.74 -20.22 -62.15
CA MET V 234 -23.73 -21.68 -62.13
C MET V 234 -24.59 -22.27 -63.25
N ASN V 235 -25.67 -21.60 -63.62
CA ASN V 235 -26.53 -22.12 -64.69
C ASN V 235 -25.84 -22.06 -66.04
N ILE V 236 -25.20 -20.93 -66.34
CA ILE V 236 -24.48 -20.79 -67.60
C ILE V 236 -23.29 -21.73 -67.63
N PHE V 237 -22.61 -21.91 -66.49
CA PHE V 237 -21.50 -22.84 -66.44
C PHE V 237 -21.95 -24.29 -66.59
N THR V 238 -23.13 -24.61 -66.06
CA THR V 238 -23.67 -25.96 -66.20
C THR V 238 -24.05 -26.25 -67.64
N THR V 239 -24.74 -25.31 -68.27
CA THR V 239 -25.13 -25.45 -69.68
C THR V 239 -23.89 -25.49 -70.57
N THR V 240 -22.83 -24.81 -70.17
CA THR V 240 -21.55 -24.93 -70.86
C THR V 240 -20.99 -26.34 -70.73
N LEU V 241 -21.01 -26.88 -69.51
CA LEU V 241 -20.14 -28.01 -69.20
C LEU V 241 -20.60 -29.32 -69.81
N PHE V 242 -21.91 -29.59 -69.78
CA PHE V 242 -22.39 -30.93 -70.09
C PHE V 242 -23.19 -31.03 -71.38
N LEU V 243 -23.20 -29.97 -72.19
CA LEU V 243 -23.87 -30.02 -73.48
C LEU V 243 -23.21 -28.98 -74.39
N GLY V 244 -23.77 -28.84 -75.59
CA GLY V 244 -23.25 -27.88 -76.54
C GLY V 244 -24.03 -27.97 -77.84
N ALA V 245 -23.49 -27.32 -78.86
CA ALA V 245 -24.06 -27.36 -80.20
C ALA V 245 -22.92 -27.39 -81.21
N PHE V 246 -23.26 -27.68 -82.45
CA PHE V 246 -22.28 -27.58 -83.52
C PHE V 246 -21.96 -26.11 -83.74
N HIS V 247 -20.69 -25.75 -83.55
CA HIS V 247 -20.28 -24.36 -83.57
C HIS V 247 -19.72 -24.04 -84.94
N ASN V 248 -20.56 -23.46 -85.79
CA ASN V 248 -20.11 -22.97 -87.08
C ASN V 248 -19.42 -21.62 -86.87
N PRO V 249 -18.16 -21.46 -87.28
CA PRO V 249 -17.47 -20.18 -87.06
C PRO V 249 -18.00 -19.05 -87.93
N TYR V 250 -17.40 -17.86 -87.75
CA TYR V 250 -17.74 -16.58 -88.42
C TYR V 250 -19.24 -16.24 -88.40
N MET V 251 -19.96 -16.78 -87.43
CA MET V 251 -21.31 -16.39 -87.05
C MET V 251 -21.55 -16.91 -85.64
N PRO V 252 -21.20 -16.13 -84.62
CA PRO V 252 -21.38 -16.59 -83.24
C PRO V 252 -22.82 -16.59 -82.79
N GLU V 253 -23.72 -15.96 -83.55
CA GLU V 253 -25.10 -15.80 -83.15
C GLU V 253 -25.84 -17.13 -83.08
N LEU V 254 -25.44 -18.10 -83.90
CA LEU V 254 -26.07 -19.42 -83.90
C LEU V 254 -25.86 -20.15 -82.58
N TYR V 255 -24.59 -20.33 -82.20
CA TYR V 255 -24.28 -20.94 -80.92
C TYR V 255 -24.77 -20.09 -79.76
N THR V 256 -24.82 -18.77 -79.94
CA THR V 256 -25.29 -17.90 -78.87
C THR V 256 -26.78 -18.11 -78.61
N ILE V 257 -27.58 -18.17 -79.68
CA ILE V 257 -29.02 -18.42 -79.56
C ILE V 257 -29.26 -19.79 -78.95
N ASN V 258 -28.58 -20.82 -79.46
CA ASN V 258 -28.89 -22.18 -79.01
C ASN V 258 -28.42 -22.40 -77.57
N PHE V 259 -27.27 -21.84 -77.21
CA PHE V 259 -26.77 -21.93 -75.85
C PHE V 259 -27.64 -21.13 -74.89
N THR V 260 -28.14 -19.97 -75.33
CA THR V 260 -29.02 -19.18 -74.49
C THR V 260 -30.35 -19.90 -74.24
N ILE V 261 -30.89 -20.56 -75.28
CA ILE V 261 -32.14 -21.31 -75.15
C ILE V 261 -31.96 -22.47 -74.17
N LYS V 262 -30.85 -23.20 -74.29
CA LYS V 262 -30.67 -24.33 -73.38
C LYS V 262 -30.31 -23.89 -71.97
N SER V 263 -29.68 -22.72 -71.81
CA SER V 263 -29.44 -22.19 -70.47
C SER V 263 -30.74 -21.72 -69.83
N LEU V 264 -31.63 -21.13 -70.63
CA LEU V 264 -32.98 -20.81 -70.19
C LEU V 264 -33.72 -22.05 -69.72
N LEU V 265 -33.70 -23.11 -70.51
CA LEU V 265 -34.41 -24.34 -70.16
C LEU V 265 -33.81 -25.01 -68.94
N LEU V 266 -32.49 -24.91 -68.77
CA LEU V 266 -31.86 -25.50 -67.59
C LEU V 266 -32.20 -24.70 -66.34
N SER V 267 -32.23 -23.37 -66.44
CA SER V 267 -32.59 -22.54 -65.29
C SER V 267 -34.06 -22.71 -64.92
N ILE V 268 -34.92 -22.89 -65.92
CA ILE V 268 -36.33 -23.17 -65.68
C ILE V 268 -36.49 -24.52 -64.97
N THR V 269 -35.72 -25.52 -65.41
CA THR V 269 -35.74 -26.82 -64.75
C THR V 269 -35.22 -26.73 -63.32
N PHE V 270 -34.26 -25.84 -63.07
CA PHE V 270 -33.69 -25.69 -61.74
C PHE V 270 -34.70 -25.04 -60.79
N LEU V 271 -35.39 -23.99 -61.23
CA LEU V 271 -36.49 -23.43 -60.43
C LEU V 271 -37.63 -24.45 -60.27
N TRP V 272 -37.87 -25.24 -61.31
CA TRP V 272 -38.92 -26.24 -61.33
C TRP V 272 -38.65 -27.35 -60.32
N ILE V 273 -37.38 -27.61 -60.03
CA ILE V 273 -37.03 -28.51 -58.92
C ILE V 273 -37.04 -27.75 -57.59
N ARG V 274 -36.70 -26.46 -57.61
CA ARG V 274 -36.79 -25.62 -56.40
C ARG V 274 -38.22 -25.46 -55.90
N ALA V 275 -39.21 -25.76 -56.73
CA ALA V 275 -40.59 -25.49 -56.36
C ALA V 275 -41.18 -26.56 -55.45
N SER V 276 -40.96 -27.84 -55.77
CA SER V 276 -41.93 -28.87 -55.43
C SER V 276 -41.45 -29.94 -54.46
N TYR V 277 -40.38 -29.72 -53.71
CA TYR V 277 -39.90 -30.80 -52.85
C TYR V 277 -39.51 -30.30 -51.46
N PRO V 278 -39.82 -31.05 -50.42
CA PRO V 278 -39.56 -30.57 -49.05
C PRO V 278 -38.07 -30.55 -48.73
N ARG V 279 -37.75 -29.79 -47.69
CA ARG V 279 -36.37 -29.53 -47.30
C ARG V 279 -35.78 -30.73 -46.56
N PHE V 280 -34.50 -30.65 -46.27
CA PHE V 280 -33.83 -31.77 -45.61
C PHE V 280 -33.60 -31.44 -44.14
N ARG V 281 -33.37 -32.49 -43.36
CA ARG V 281 -32.87 -32.33 -42.01
C ARG V 281 -31.36 -32.17 -42.06
N TYR V 282 -30.83 -31.42 -41.10
CA TYR V 282 -29.42 -31.04 -41.12
C TYR V 282 -28.50 -32.25 -40.96
N ASP V 283 -28.79 -33.11 -39.99
CA ASP V 283 -28.01 -34.32 -39.86
C ASP V 283 -28.28 -35.29 -41.00
N GLN V 284 -29.51 -35.29 -41.53
CA GLN V 284 -29.77 -36.01 -42.76
C GLN V 284 -28.96 -35.44 -43.91
N LEU V 285 -28.78 -34.11 -43.93
CA LEU V 285 -28.01 -33.47 -45.00
C LEU V 285 -26.55 -33.90 -44.95
N MET V 286 -25.93 -33.83 -43.77
CA MET V 286 -24.51 -34.18 -43.62
C MET V 286 -24.28 -35.68 -43.83
N HIS V 287 -25.10 -36.50 -43.17
CA HIS V 287 -25.02 -37.96 -43.32
C HIS V 287 -25.22 -38.37 -44.76
N LEU V 288 -26.20 -37.74 -45.44
CA LEU V 288 -26.48 -37.99 -46.84
C LEU V 288 -25.28 -37.66 -47.71
N LEU V 289 -24.70 -36.46 -47.54
CA LEU V 289 -23.52 -36.01 -48.26
C LEU V 289 -22.36 -36.98 -48.12
N TRP V 290 -21.85 -37.14 -46.90
CA TRP V 290 -20.65 -37.93 -46.71
C TRP V 290 -20.91 -39.40 -47.04
N LYS V 291 -21.80 -40.04 -46.29
CA LYS V 291 -21.98 -41.48 -46.41
C LYS V 291 -22.90 -41.89 -47.56
N ASN V 292 -23.22 -40.99 -48.49
CA ASN V 292 -23.80 -41.51 -49.72
C ASN V 292 -23.08 -41.04 -50.96
N PHE V 293 -22.67 -39.78 -51.01
CA PHE V 293 -21.98 -39.30 -52.19
C PHE V 293 -20.52 -39.69 -52.19
N LEU V 294 -19.83 -39.53 -51.05
CA LEU V 294 -18.38 -39.37 -51.15
C LEU V 294 -17.61 -40.65 -51.52
N PRO V 295 -17.96 -41.86 -51.07
CA PRO V 295 -17.35 -43.03 -51.72
C PRO V 295 -17.78 -43.23 -53.15
N LEU V 296 -19.01 -42.83 -53.50
CA LEU V 296 -19.47 -42.96 -54.88
C LEU V 296 -18.73 -42.00 -55.80
N THR V 297 -18.45 -40.77 -55.32
CA THR V 297 -17.61 -39.85 -56.06
C THR V 297 -16.21 -40.41 -56.27
N LEU V 298 -15.62 -40.99 -55.22
CA LEU V 298 -14.28 -41.54 -55.30
C LEU V 298 -14.20 -42.69 -56.29
N ALA V 299 -15.21 -43.55 -56.30
CA ALA V 299 -15.22 -44.67 -57.23
C ALA V 299 -15.40 -44.20 -58.67
N LEU V 300 -16.27 -43.21 -58.89
CA LEU V 300 -16.41 -42.65 -60.23
C LEU V 300 -15.14 -41.93 -60.68
N CYS V 301 -14.42 -41.31 -59.75
CA CYS V 301 -13.24 -40.55 -60.16
C CYS V 301 -12.04 -41.45 -60.41
N MET V 302 -11.87 -42.50 -59.62
CA MET V 302 -10.83 -43.47 -59.93
C MET V 302 -11.17 -44.23 -61.20
N TRP V 303 -12.46 -44.37 -61.52
CA TRP V 303 -12.83 -44.97 -62.79
C TRP V 303 -12.54 -44.03 -63.95
N HIS V 304 -12.74 -42.73 -63.74
CA HIS V 304 -12.36 -41.75 -64.75
C HIS V 304 -10.85 -41.62 -64.91
N VAL V 305 -10.08 -41.97 -63.87
CA VAL V 305 -8.64 -42.06 -64.04
C VAL V 305 -8.27 -43.31 -64.83
N SER V 306 -8.82 -44.45 -64.44
CA SER V 306 -8.44 -45.72 -65.06
C SER V 306 -9.00 -45.89 -66.47
N LEU V 307 -9.94 -45.06 -66.89
CA LEU V 307 -10.55 -45.27 -68.21
C LEU V 307 -9.64 -44.87 -69.39
N PRO V 308 -9.12 -43.63 -69.48
CA PRO V 308 -8.42 -43.26 -70.72
C PRO V 308 -7.07 -43.92 -70.86
N ILE V 309 -6.48 -44.38 -69.74
CA ILE V 309 -5.23 -45.13 -69.81
C ILE V 309 -5.46 -46.52 -70.36
N LEU V 310 -6.72 -46.98 -70.38
CA LEU V 310 -7.05 -48.28 -70.94
C LEU V 310 -7.76 -48.21 -72.27
N LEU V 311 -8.28 -47.04 -72.66
CA LEU V 311 -8.93 -46.91 -73.95
C LEU V 311 -8.08 -46.18 -74.98
N SER V 312 -6.83 -45.85 -74.63
CA SER V 312 -5.85 -45.19 -75.52
C SER V 312 -6.34 -43.85 -76.04
N SER V 313 -7.17 -43.16 -75.26
CA SER V 313 -7.66 -41.83 -75.62
C SER V 313 -7.47 -40.90 -74.44
N ILE V 314 -6.27 -40.36 -74.31
CA ILE V 314 -6.02 -39.28 -73.37
C ILE V 314 -6.04 -37.98 -74.18
N PRO V 315 -6.62 -36.91 -73.63
CA PRO V 315 -6.81 -35.70 -74.42
C PRO V 315 -5.51 -34.97 -74.67
N PRO V 316 -5.26 -34.53 -75.89
CA PRO V 316 -4.01 -33.83 -76.19
C PRO V 316 -4.01 -32.36 -75.80
N GLN V 317 -3.62 -32.11 -74.56
CA GLN V 317 -3.17 -30.77 -74.16
C GLN V 317 -2.12 -30.25 -75.13
N THR V 318 -2.29 -29.01 -75.56
CA THR V 318 -1.43 -28.37 -76.54
C THR V 318 -0.01 -28.17 -76.01
N MET W 1 0.34 3.78 -61.97
CA MET W 1 0.47 4.14 -63.38
C MET W 1 1.93 4.31 -63.78
N MET W 2 2.83 3.55 -63.16
CA MET W 2 4.24 3.61 -63.48
C MET W 2 4.80 2.20 -63.52
N THR W 3 6.13 2.10 -63.62
CA THR W 3 6.74 0.82 -63.94
C THR W 3 6.95 -0.04 -62.71
N TYR W 4 7.11 0.56 -61.53
CA TYR W 4 7.48 -0.20 -60.34
C TYR W 4 6.28 -0.91 -59.70
N ILE W 5 5.51 -1.64 -60.50
CA ILE W 5 4.23 -2.14 -60.03
C ILE W 5 4.42 -3.34 -59.10
N VAL W 6 5.44 -4.17 -59.35
CA VAL W 6 5.75 -5.29 -58.47
C VAL W 6 6.21 -4.76 -57.12
N PHE W 7 7.01 -3.69 -57.14
CA PHE W 7 7.50 -3.07 -55.92
C PHE W 7 6.35 -2.48 -55.10
N ILE W 8 5.41 -1.81 -55.77
CA ILE W 8 4.29 -1.18 -55.06
C ILE W 8 3.35 -2.23 -54.49
N LEU W 9 3.13 -3.32 -55.22
CA LEU W 9 2.33 -4.42 -54.68
C LEU W 9 3.02 -5.09 -53.51
N SER W 10 4.36 -5.15 -53.54
CA SER W 10 5.08 -5.65 -52.38
C SER W 10 4.94 -4.70 -51.19
N ILE W 11 4.88 -3.39 -51.46
CA ILE W 11 4.70 -2.41 -50.40
C ILE W 11 3.34 -2.59 -49.71
N ILE W 12 2.28 -2.71 -50.50
CA ILE W 12 0.94 -2.95 -49.95
C ILE W 12 0.85 -4.32 -49.28
N PHE W 13 1.63 -5.29 -49.74
CA PHE W 13 1.73 -6.59 -49.08
C PHE W 13 2.31 -6.45 -47.66
N VAL W 14 3.39 -5.69 -47.54
CA VAL W 14 3.98 -5.44 -46.22
C VAL W 14 3.05 -4.58 -45.36
N MET W 15 2.31 -3.66 -46.00
CA MET W 15 1.30 -2.84 -45.31
C MET W 15 0.25 -3.72 -44.64
N GLY W 16 -0.27 -4.70 -45.38
CA GLY W 16 -1.27 -5.60 -44.81
C GLY W 16 -0.70 -6.49 -43.72
N PHE W 17 0.54 -6.98 -43.91
CA PHE W 17 1.18 -7.78 -42.88
C PHE W 17 1.36 -7.00 -41.58
N VAL W 18 1.75 -5.73 -41.66
CA VAL W 18 1.81 -4.88 -40.47
C VAL W 18 0.41 -4.67 -39.89
N GLY W 19 -0.58 -4.50 -40.79
CA GLY W 19 -1.95 -4.23 -40.39
C GLY W 19 -2.63 -5.33 -39.61
N PHE W 20 -2.18 -6.57 -39.75
CA PHE W 20 -2.65 -7.55 -38.77
C PHE W 20 -1.57 -8.01 -37.80
N SER W 21 -0.30 -7.70 -38.01
CA SER W 21 0.70 -8.09 -37.03
C SER W 21 0.82 -7.09 -35.90
N SER W 22 0.05 -5.99 -35.95
CA SER W 22 -0.08 -5.09 -34.80
C SER W 22 -1.05 -5.61 -33.74
N LYS W 23 -1.45 -6.88 -33.81
CA LYS W 23 -2.31 -7.61 -32.87
C LYS W 23 -3.68 -6.97 -32.67
N PRO W 24 -4.57 -7.01 -33.67
CA PRO W 24 -5.94 -6.55 -33.42
C PRO W 24 -6.79 -7.65 -32.81
N SER W 25 -8.09 -7.41 -32.77
CA SER W 25 -9.03 -8.51 -32.66
C SER W 25 -8.79 -9.50 -33.81
N PRO W 26 -8.88 -10.81 -33.55
CA PRO W 26 -8.42 -11.79 -34.55
C PRO W 26 -9.27 -11.88 -35.79
N ILE W 27 -10.54 -11.46 -35.76
CA ILE W 27 -11.29 -11.50 -37.01
C ILE W 27 -10.91 -10.33 -37.92
N TYR W 28 -10.54 -9.19 -37.34
CA TYR W 28 -9.93 -8.12 -38.12
C TYR W 28 -8.56 -8.54 -38.62
N GLY W 29 -7.83 -9.33 -37.82
CA GLY W 29 -6.58 -9.89 -38.28
C GLY W 29 -6.75 -10.84 -39.45
N GLY W 30 -7.82 -11.63 -39.42
CA GLY W 30 -8.12 -12.51 -40.54
C GLY W 30 -8.52 -11.75 -41.78
N LEU W 31 -9.24 -10.64 -41.62
CA LEU W 31 -9.54 -9.73 -42.72
C LEU W 31 -8.25 -9.20 -43.34
N GLY W 32 -7.32 -8.75 -42.49
CA GLY W 32 -6.05 -8.23 -42.99
C GLY W 32 -5.21 -9.28 -43.69
N LEU W 33 -5.24 -10.52 -43.19
CA LEU W 33 -4.49 -11.59 -43.86
C LEU W 33 -5.16 -12.04 -45.15
N ILE W 34 -6.49 -11.92 -45.25
CA ILE W 34 -7.16 -12.16 -46.53
C ILE W 34 -6.72 -11.14 -47.56
N VAL W 35 -6.66 -9.86 -47.17
CA VAL W 35 -6.22 -8.82 -48.10
C VAL W 35 -4.74 -9.02 -48.45
N SER W 36 -3.93 -9.45 -47.49
CA SER W 36 -2.52 -9.69 -47.73
C SER W 36 -2.30 -10.87 -48.67
N GLY W 37 -3.06 -11.95 -48.48
CA GLY W 37 -2.97 -13.07 -49.41
C GLY W 37 -3.47 -12.73 -50.80
N GLY W 38 -4.47 -11.85 -50.88
CA GLY W 38 -4.93 -11.40 -52.19
C GLY W 38 -3.87 -10.62 -52.94
N VAL W 39 -3.20 -9.69 -52.26
CA VAL W 39 -2.18 -8.93 -52.97
C VAL W 39 -0.93 -9.77 -53.22
N GLY W 40 -0.66 -10.77 -52.38
CA GLY W 40 0.48 -11.65 -52.65
C GLY W 40 0.23 -12.59 -53.80
N CYS W 41 -1.02 -13.08 -53.91
CA CYS W 41 -1.40 -13.86 -55.08
C CYS W 41 -1.36 -12.99 -56.33
N GLY W 42 -1.71 -11.70 -56.20
CA GLY W 42 -1.53 -10.78 -57.31
C GLY W 42 -0.07 -10.60 -57.71
N ILE W 43 0.82 -10.61 -56.72
CA ILE W 43 2.27 -10.51 -56.98
C ILE W 43 2.76 -11.72 -57.76
N VAL W 44 2.41 -12.93 -57.29
CA VAL W 44 2.93 -14.11 -57.94
C VAL W 44 2.31 -14.32 -59.32
N LEU W 45 1.05 -13.90 -59.51
CA LEU W 45 0.49 -13.92 -60.86
C LEU W 45 1.08 -12.85 -61.74
N ASN W 46 1.54 -11.73 -61.18
CA ASN W 46 2.20 -10.73 -61.99
C ASN W 46 3.65 -11.07 -62.31
N PHE W 47 4.22 -12.08 -61.66
CA PHE W 47 5.40 -12.70 -62.25
C PHE W 47 5.05 -13.81 -63.24
N GLY W 48 3.81 -14.28 -63.25
CA GLY W 48 3.36 -15.19 -64.29
C GLY W 48 3.94 -16.59 -64.30
N GLY W 49 3.56 -17.45 -63.36
CA GLY W 49 2.57 -17.17 -62.33
C GLY W 49 1.14 -17.49 -62.70
N SER W 50 0.92 -17.92 -63.94
CA SER W 50 -0.44 -18.17 -64.41
C SER W 50 -1.04 -19.44 -63.83
N PHE W 51 -0.25 -20.29 -63.20
CA PHE W 51 -0.69 -21.60 -62.75
C PHE W 51 -0.70 -21.72 -61.23
N LEU W 52 0.45 -21.47 -60.59
CA LEU W 52 0.68 -21.99 -59.25
C LEU W 52 0.09 -21.08 -58.17
N GLY W 53 0.20 -19.77 -58.34
CA GLY W 53 -0.29 -18.85 -57.32
C GLY W 53 -1.79 -18.87 -57.22
N LEU W 54 -2.48 -18.91 -58.36
CA LEU W 54 -3.93 -19.08 -58.33
C LEU W 54 -4.29 -20.51 -57.98
N MET W 55 -3.38 -21.45 -58.23
CA MET W 55 -3.62 -22.86 -57.95
C MET W 55 -3.75 -23.13 -56.47
N VAL W 56 -2.78 -22.66 -55.68
CA VAL W 56 -2.82 -22.91 -54.24
C VAL W 56 -3.60 -21.80 -53.52
N PHE W 57 -4.18 -20.86 -54.27
CA PHE W 57 -5.02 -19.81 -53.68
C PHE W 57 -6.30 -20.40 -53.09
N LEU W 58 -6.83 -21.46 -53.72
CA LEU W 58 -8.01 -22.15 -53.21
C LEU W 58 -7.74 -22.80 -51.86
N ILE W 59 -6.52 -23.22 -51.62
CA ILE W 59 -6.25 -23.88 -50.35
C ILE W 59 -6.04 -22.84 -49.26
N TYR W 60 -5.45 -21.69 -49.57
CA TYR W 60 -5.14 -20.70 -48.55
C TYR W 60 -6.27 -19.70 -48.35
N LEU W 61 -6.62 -18.95 -49.39
CA LEU W 61 -7.85 -18.18 -49.35
C LEU W 61 -9.04 -18.95 -49.91
N GLY W 62 -8.94 -20.26 -49.98
CA GLY W 62 -10.16 -21.03 -50.18
C GLY W 62 -10.42 -21.98 -49.03
N GLY W 63 -9.39 -22.27 -48.23
CA GLY W 63 -9.55 -23.23 -47.16
C GLY W 63 -9.19 -22.80 -45.75
N MET W 64 -8.31 -21.80 -45.59
CA MET W 64 -7.70 -21.56 -44.29
C MET W 64 -8.45 -20.53 -43.44
N MET W 65 -8.61 -19.31 -43.96
CA MET W 65 -9.21 -18.26 -43.13
C MET W 65 -10.70 -18.48 -42.90
N VAL W 66 -11.36 -19.31 -43.73
CA VAL W 66 -12.71 -19.75 -43.41
C VAL W 66 -12.72 -20.51 -42.08
N VAL W 67 -11.81 -21.47 -41.95
CA VAL W 67 -11.75 -22.27 -40.74
C VAL W 67 -11.22 -21.44 -39.57
N PHE W 68 -10.39 -20.45 -39.84
CA PHE W 68 -9.96 -19.53 -38.79
C PHE W 68 -11.12 -18.68 -38.27
N GLY W 69 -11.94 -18.15 -39.18
CA GLY W 69 -13.12 -17.42 -38.76
C GLY W 69 -14.14 -18.32 -38.08
N TYR W 70 -14.19 -19.58 -38.48
CA TYR W 70 -15.06 -20.57 -37.85
C TYR W 70 -14.67 -20.78 -36.40
N THR W 71 -13.43 -21.14 -36.16
CA THR W 71 -12.92 -21.39 -34.82
C THR W 71 -12.70 -20.11 -34.02
N THR W 72 -12.74 -18.94 -34.65
CA THR W 72 -12.74 -17.68 -33.93
C THR W 72 -14.14 -17.30 -33.48
N ALA W 73 -15.12 -17.58 -34.33
CA ALA W 73 -16.51 -17.25 -34.01
C ALA W 73 -17.04 -18.16 -32.90
N MET W 74 -16.73 -19.46 -32.96
CA MET W 74 -17.29 -20.32 -31.92
C MET W 74 -16.43 -20.37 -30.66
N ALA W 75 -15.40 -19.54 -30.54
CA ALA W 75 -14.57 -19.55 -29.33
C ALA W 75 -15.03 -18.50 -28.32
N THR W 76 -15.01 -17.23 -28.70
CA THR W 76 -15.41 -16.15 -27.81
C THR W 76 -15.92 -14.99 -28.67
N GLU W 77 -16.11 -13.83 -28.04
CA GLU W 77 -16.67 -12.68 -28.74
C GLU W 77 -15.71 -11.51 -28.86
N GLN W 78 -14.92 -11.22 -27.81
CA GLN W 78 -14.07 -10.03 -27.66
C GLN W 78 -14.85 -8.76 -28.02
N TYR W 79 -15.83 -8.47 -27.17
CA TYR W 79 -16.61 -7.25 -27.31
C TYR W 79 -16.06 -6.22 -26.33
N PRO W 80 -15.36 -5.16 -26.80
CA PRO W 80 -14.75 -4.14 -25.93
C PRO W 80 -15.77 -3.31 -25.16
N SER W 85 -8.80 -0.31 -31.33
CA SER W 85 -9.22 -0.28 -29.94
C SER W 85 -8.15 0.33 -29.05
N ASN W 86 -7.22 -0.49 -28.59
CA ASN W 86 -6.20 -0.03 -27.65
C ASN W 86 -5.11 0.76 -28.38
N LYS W 87 -4.44 1.62 -27.63
CA LYS W 87 -3.43 2.51 -28.19
C LYS W 87 -2.17 1.78 -28.64
N VAL W 88 -1.91 0.59 -28.08
CA VAL W 88 -0.69 -0.15 -28.39
C VAL W 88 -0.72 -0.64 -29.84
N VAL W 89 -1.89 -1.06 -30.32
CA VAL W 89 -2.04 -1.53 -31.70
C VAL W 89 -1.77 -0.39 -32.67
N LEU W 90 -2.30 0.80 -32.38
CA LEU W 90 -2.10 1.96 -33.24
C LEU W 90 -0.64 2.43 -33.21
N GLY W 91 0.00 2.37 -32.04
CA GLY W 91 1.40 2.73 -31.95
C GLY W 91 2.30 1.77 -32.71
N THR W 92 2.03 0.46 -32.59
CA THR W 92 2.79 -0.53 -33.34
C THR W 92 2.57 -0.39 -34.84
N PHE W 93 1.34 -0.04 -35.25
CA PHE W 93 1.07 0.16 -36.67
C PHE W 93 1.79 1.40 -37.21
N ILE W 94 1.88 2.46 -36.39
CA ILE W 94 2.63 3.64 -36.81
C ILE W 94 4.12 3.35 -36.90
N THR W 95 4.65 2.54 -35.97
CA THR W 95 6.08 2.18 -36.06
C THR W 95 6.38 1.28 -37.25
N GLY W 96 5.45 0.38 -37.57
CA GLY W 96 5.61 -0.42 -38.78
C GLY W 96 5.54 0.41 -40.04
N LEU W 97 4.63 1.39 -40.08
CA LEU W 97 4.57 2.31 -41.22
C LEU W 97 5.81 3.20 -41.28
N LEU W 98 6.40 3.51 -40.13
CA LEU W 98 7.65 4.27 -40.09
C LEU W 98 8.78 3.47 -40.73
N MET W 99 8.89 2.19 -40.36
CA MET W 99 9.92 1.33 -40.93
C MET W 99 9.71 1.15 -42.44
N GLU W 100 8.46 0.94 -42.85
CA GLU W 100 8.12 0.81 -44.26
C GLU W 100 8.48 2.06 -45.06
N PHE W 101 8.02 3.22 -44.60
CA PHE W 101 8.26 4.46 -45.34
C PHE W 101 9.72 4.86 -45.33
N LEU W 102 10.46 4.53 -44.26
CA LEU W 102 11.88 4.84 -44.22
C LEU W 102 12.65 3.94 -45.19
N MET W 103 12.27 2.66 -45.29
CA MET W 103 12.86 1.81 -46.31
C MET W 103 12.51 2.28 -47.71
N VAL W 104 11.28 2.77 -47.89
CA VAL W 104 10.84 3.30 -49.19
C VAL W 104 11.71 4.47 -49.62
N TYR W 105 11.96 5.39 -48.69
CA TYR W 105 12.78 6.56 -49.00
C TYR W 105 14.23 6.16 -49.29
N TYR W 106 14.85 5.39 -48.38
CA TYR W 106 16.25 5.02 -48.54
C TYR W 106 16.49 3.95 -49.61
N VAL W 107 15.47 3.42 -50.26
CA VAL W 107 15.65 2.62 -51.45
C VAL W 107 15.34 3.41 -52.72
N LEU W 108 14.21 4.13 -52.73
CA LEU W 108 13.74 4.82 -53.92
C LEU W 108 14.65 5.99 -54.29
N LYS W 109 14.91 6.89 -53.34
CA LYS W 109 15.72 8.05 -53.66
C LYS W 109 17.19 7.85 -53.31
N ASP W 110 17.64 6.61 -53.17
CA ASP W 110 19.00 6.29 -52.78
C ASP W 110 19.44 5.04 -53.55
N LYS W 111 20.56 4.47 -53.13
CA LYS W 111 21.11 3.29 -53.79
C LYS W 111 20.65 1.99 -53.13
N GLU W 112 21.02 1.78 -51.86
CA GLU W 112 20.89 0.47 -51.28
C GLU W 112 20.88 0.55 -49.76
N VAL W 113 20.17 -0.39 -49.14
CA VAL W 113 20.16 -0.61 -47.70
C VAL W 113 20.34 -2.11 -47.46
N GLU W 114 21.33 -2.47 -46.64
CA GLU W 114 21.80 -3.83 -46.55
C GLU W 114 21.65 -4.32 -45.11
N ILE W 115 20.82 -5.35 -44.91
CA ILE W 115 20.83 -6.00 -43.60
C ILE W 115 22.08 -6.87 -43.50
N VAL W 116 22.16 -7.95 -44.27
CA VAL W 116 23.45 -8.43 -44.80
C VAL W 116 23.23 -8.95 -46.22
N PHE W 117 23.30 -8.04 -47.18
CA PHE W 117 22.99 -8.29 -48.60
C PHE W 117 23.63 -7.14 -49.38
N LYS W 118 23.26 -7.02 -50.65
CA LYS W 118 23.46 -5.80 -51.44
C LYS W 118 22.23 -5.66 -52.34
N PHE W 119 21.22 -4.94 -51.87
CA PHE W 119 19.99 -4.80 -52.64
C PHE W 119 20.15 -3.68 -53.67
N ASN W 120 20.32 -4.07 -54.93
CA ASN W 120 20.41 -3.10 -56.01
C ASN W 120 19.09 -2.38 -56.19
N GLY W 121 19.13 -1.05 -56.14
CA GLY W 121 17.90 -0.31 -56.08
C GLY W 121 17.28 0.03 -57.42
N MET W 122 16.37 -0.83 -57.88
CA MET W 122 15.48 -0.54 -58.99
C MET W 122 14.35 -1.57 -58.96
N GLY W 123 13.22 -1.19 -59.53
CA GLY W 123 12.15 -2.16 -59.75
C GLY W 123 12.58 -3.21 -60.74
N ASP W 124 12.28 -4.46 -60.41
CA ASP W 124 12.86 -5.58 -61.14
C ASP W 124 11.89 -6.14 -62.18
N TRP W 125 11.74 -5.38 -63.26
CA TRP W 125 11.27 -6.02 -64.47
C TRP W 125 12.35 -6.91 -65.04
N VAL W 126 13.61 -6.54 -64.83
CA VAL W 126 14.75 -7.42 -65.04
C VAL W 126 15.31 -7.77 -63.66
N ILE W 127 15.66 -9.04 -63.43
CA ILE W 127 15.77 -10.12 -64.42
C ILE W 127 14.47 -10.80 -64.79
N TYR W 128 14.48 -11.38 -65.98
CA TYR W 128 13.32 -11.98 -66.62
C TYR W 128 13.84 -12.73 -67.84
N ASP W 129 13.14 -13.81 -68.20
CA ASP W 129 13.59 -14.66 -69.28
C ASP W 129 13.42 -13.94 -70.62
N THR W 130 14.24 -14.32 -71.59
CA THR W 130 14.25 -13.63 -72.88
C THR W 130 13.31 -14.26 -73.90
N GLY W 131 12.07 -14.51 -73.47
CA GLY W 131 11.04 -15.04 -74.35
C GLY W 131 11.35 -16.40 -74.95
N ASP W 132 12.02 -17.26 -74.18
CA ASP W 132 12.46 -18.53 -74.72
C ASP W 132 11.29 -19.49 -74.92
N SER W 133 11.44 -20.37 -75.90
CA SER W 133 10.34 -21.19 -76.40
C SER W 133 10.05 -22.30 -75.41
N GLY W 134 9.17 -22.00 -74.46
CA GLY W 134 8.65 -23.06 -73.61
C GLY W 134 7.66 -23.91 -74.37
N PHE W 135 6.50 -23.32 -74.70
CA PHE W 135 5.31 -23.89 -75.35
C PHE W 135 4.56 -24.86 -74.43
N PHE W 136 5.09 -25.12 -73.24
CA PHE W 136 4.36 -25.93 -72.26
C PHE W 136 4.12 -25.22 -70.95
N SER W 137 4.56 -23.95 -70.82
CA SER W 137 4.31 -23.10 -69.66
C SER W 137 4.83 -23.70 -68.35
N GLU W 138 6.16 -23.69 -68.18
CA GLU W 138 7.01 -24.51 -67.30
C GLU W 138 6.40 -24.92 -65.96
N GLU W 139 5.64 -24.00 -65.36
CA GLU W 139 4.86 -24.27 -64.16
C GLU W 139 3.93 -25.47 -64.35
N ALA W 140 3.32 -25.59 -65.53
CA ALA W 140 2.33 -26.63 -65.78
C ALA W 140 2.94 -28.03 -65.68
N MET W 141 3.98 -28.29 -66.48
CA MET W 141 4.64 -29.59 -66.40
C MET W 141 5.40 -29.77 -65.10
N GLY W 142 5.89 -28.67 -64.53
CA GLY W 142 6.59 -28.69 -63.25
C GLY W 142 5.75 -29.25 -62.13
N ILE W 143 4.57 -28.67 -61.90
CA ILE W 143 3.67 -29.24 -60.91
C ILE W 143 3.04 -30.53 -61.44
N ALA W 144 3.00 -30.71 -62.76
CA ALA W 144 2.54 -31.95 -63.38
C ALA W 144 3.60 -33.05 -63.40
N ALA W 145 4.63 -32.91 -62.58
CA ALA W 145 5.47 -34.02 -62.15
C ALA W 145 4.78 -34.84 -61.06
N LEU W 146 5.56 -35.57 -60.28
CA LEU W 146 5.25 -36.39 -59.10
C LEU W 146 4.63 -37.72 -59.49
N TYR W 147 4.36 -37.96 -60.76
CA TYR W 147 3.65 -39.16 -61.18
C TYR W 147 4.48 -40.06 -62.08
N SER W 148 5.45 -39.50 -62.79
CA SER W 148 6.48 -40.30 -63.42
C SER W 148 7.74 -40.39 -62.58
N TYR W 149 7.92 -39.47 -61.62
CA TYR W 149 9.09 -39.43 -60.76
C TYR W 149 8.75 -39.60 -59.29
N GLY W 150 7.74 -38.87 -58.80
CA GLY W 150 7.51 -38.74 -57.38
C GLY W 150 6.88 -39.95 -56.72
N THR W 151 7.66 -41.00 -56.56
CA THR W 151 7.16 -42.18 -55.87
C THR W 151 7.03 -41.93 -54.38
N TRP W 152 8.14 -41.61 -53.72
CA TRP W 152 8.21 -41.59 -52.26
C TRP W 152 7.42 -40.44 -51.67
N LEU W 153 7.37 -39.32 -52.39
CA LEU W 153 6.91 -38.07 -51.83
C LEU W 153 5.40 -38.09 -51.61
N VAL W 154 4.65 -38.60 -52.58
CA VAL W 154 3.21 -38.69 -52.41
C VAL W 154 2.84 -39.74 -51.37
N ILE W 155 3.68 -40.77 -51.22
CA ILE W 155 3.43 -41.81 -50.22
C ILE W 155 3.55 -41.23 -48.81
N VAL W 156 4.63 -40.51 -48.54
CA VAL W 156 4.79 -39.97 -47.20
C VAL W 156 3.83 -38.80 -46.96
N THR W 157 3.44 -38.08 -48.02
CA THR W 157 2.50 -36.99 -47.83
C THR W 157 1.10 -37.51 -47.50
N GLY W 158 0.64 -38.53 -48.23
CA GLY W 158 -0.62 -39.16 -47.88
C GLY W 158 -0.58 -39.87 -46.55
N TRP W 159 0.60 -40.39 -46.17
CA TRP W 159 0.75 -40.99 -44.85
C TRP W 159 0.56 -39.94 -43.76
N SER W 160 1.18 -38.77 -43.92
CA SER W 160 0.99 -37.69 -42.95
C SER W 160 -0.43 -37.16 -42.95
N LEU W 161 -1.13 -37.18 -44.09
CA LEU W 161 -2.52 -36.72 -44.11
C LEU W 161 -3.45 -37.71 -43.41
N LEU W 162 -3.23 -39.00 -43.62
CA LEU W 162 -3.99 -40.04 -42.92
C LEU W 162 -3.78 -39.94 -41.41
N ILE W 163 -2.52 -39.76 -41.01
CA ILE W 163 -2.21 -39.60 -39.61
C ILE W 163 -2.79 -38.30 -39.06
N GLY W 164 -2.85 -37.25 -39.88
CA GLY W 164 -3.49 -36.02 -39.44
C GLY W 164 -4.97 -36.19 -39.16
N VAL W 165 -5.66 -36.98 -40.00
CA VAL W 165 -7.08 -37.26 -39.79
C VAL W 165 -7.28 -38.01 -38.48
N VAL W 166 -6.53 -39.10 -38.29
CA VAL W 166 -6.75 -39.92 -37.08
C VAL W 166 -6.29 -39.17 -35.82
N VAL W 167 -5.29 -38.30 -35.94
CA VAL W 167 -4.83 -37.49 -34.82
C VAL W 167 -5.90 -36.49 -34.41
N ILE W 168 -6.50 -35.80 -35.40
CA ILE W 168 -7.54 -34.82 -35.10
C ILE W 168 -8.74 -35.49 -34.44
N MET W 169 -9.16 -36.65 -34.95
CA MET W 169 -10.35 -37.27 -34.34
C MET W 169 -10.06 -37.85 -32.96
N GLU W 170 -8.85 -38.40 -32.75
CA GLU W 170 -8.48 -38.91 -31.44
C GLU W 170 -8.44 -37.80 -30.39
N ILE W 171 -7.75 -36.70 -30.70
CA ILE W 171 -7.65 -35.57 -29.77
C ILE W 171 -9.00 -34.91 -29.55
N THR W 172 -9.81 -34.83 -30.61
CA THR W 172 -11.21 -34.43 -30.46
C THR W 172 -12.08 -35.66 -30.28
N ARG W 173 -11.63 -36.52 -29.35
CA ARG W 173 -12.37 -37.57 -28.69
C ARG W 173 -12.68 -38.73 -29.61
N GLY W 174 -11.63 -39.33 -30.15
CA GLY W 174 -11.78 -40.59 -30.85
C GLY W 174 -12.20 -41.71 -29.90
N ASN W 175 -13.11 -42.58 -30.36
CA ASN W 175 -13.71 -42.52 -31.70
C ASN W 175 -14.97 -41.67 -31.72
N MET X 1 19.53 -8.60 -57.78
CA MET X 1 19.22 -8.94 -56.40
C MET X 1 17.71 -9.04 -56.23
N SER X 2 16.99 -8.47 -57.20
CA SER X 2 15.53 -8.56 -57.32
C SER X 2 14.83 -7.99 -56.07
N LEU X 3 14.88 -6.66 -56.01
CA LEU X 3 14.49 -5.77 -54.91
C LEU X 3 13.22 -6.15 -54.15
N VAL X 4 12.28 -6.82 -54.81
CA VAL X 4 11.06 -7.28 -54.16
C VAL X 4 11.36 -8.28 -53.04
N TYR X 5 12.48 -9.03 -53.17
CA TYR X 5 12.88 -9.99 -52.15
C TYR X 5 13.23 -9.31 -50.84
N MET X 6 13.72 -8.07 -50.90
CA MET X 6 14.02 -7.30 -49.69
C MET X 6 12.78 -7.07 -48.87
N ASN X 7 11.71 -6.57 -49.50
CA ASN X 7 10.51 -6.30 -48.75
C ASN X 7 9.75 -7.56 -48.39
N ILE X 8 9.91 -8.64 -49.14
CA ILE X 8 9.28 -9.89 -48.68
C ILE X 8 10.01 -10.46 -47.47
N MET X 9 11.34 -10.29 -47.40
CA MET X 9 12.06 -10.70 -46.20
C MET X 9 11.74 -9.78 -45.01
N MET X 10 11.59 -8.48 -45.27
CA MET X 10 11.14 -7.56 -44.23
C MET X 10 9.75 -7.93 -43.74
N ALA X 11 8.87 -8.34 -44.65
CA ALA X 11 7.53 -8.80 -44.30
C ALA X 11 7.60 -10.08 -43.48
N PHE X 12 8.56 -10.96 -43.79
CA PHE X 12 8.79 -12.14 -42.98
C PHE X 12 9.18 -11.76 -41.56
N THR X 13 10.11 -10.81 -41.43
CA THR X 13 10.58 -10.43 -40.09
C THR X 13 9.46 -9.77 -39.28
N VAL X 14 8.63 -8.97 -39.94
CA VAL X 14 7.47 -8.39 -39.28
C VAL X 14 6.48 -9.47 -38.84
N SER X 15 6.24 -10.45 -39.72
CA SER X 15 5.35 -11.56 -39.35
C SER X 15 5.95 -12.41 -38.24
N LEU X 16 7.27 -12.51 -38.17
CA LEU X 16 7.94 -13.25 -37.11
C LEU X 16 7.79 -12.55 -35.78
N THR X 17 7.97 -11.22 -35.77
CA THR X 17 7.75 -10.47 -34.54
C THR X 17 6.28 -10.52 -34.11
N GLY X 18 5.35 -10.51 -35.08
CA GLY X 18 3.95 -10.66 -34.76
C GLY X 18 3.61 -12.04 -34.24
N LEU X 19 4.36 -13.05 -34.67
CA LEU X 19 4.26 -14.37 -34.07
C LEU X 19 4.72 -14.35 -32.62
N LEU X 20 5.89 -13.76 -32.37
CA LEU X 20 6.49 -13.94 -31.06
C LEU X 20 5.87 -13.03 -30.00
N MET X 21 5.79 -11.73 -30.25
CA MET X 21 5.10 -10.89 -29.27
C MET X 21 3.60 -10.94 -29.54
N TYR X 22 2.84 -11.29 -28.50
CA TYR X 22 1.39 -11.34 -28.56
C TYR X 22 0.87 -11.35 -27.14
N ARG X 23 -0.21 -10.61 -26.90
CA ARG X 23 -0.62 -10.29 -25.55
C ARG X 23 -1.91 -10.98 -25.12
N SER X 24 -2.93 -11.01 -25.98
CA SER X 24 -4.27 -11.38 -25.55
C SER X 24 -4.64 -12.81 -25.91
N HIS X 25 -4.59 -13.18 -27.19
CA HIS X 25 -5.19 -14.44 -27.63
C HIS X 25 -4.24 -15.24 -28.50
N LEU X 26 -4.36 -16.56 -28.40
CA LEU X 26 -3.51 -17.47 -29.18
C LEU X 26 -3.87 -17.45 -30.66
N MET X 27 -5.11 -17.06 -30.99
CA MET X 27 -5.55 -17.05 -32.39
C MET X 27 -4.78 -16.03 -33.20
N SER X 28 -4.43 -14.90 -32.59
CA SER X 28 -3.66 -13.86 -33.28
C SER X 28 -2.25 -14.36 -33.60
N SER X 29 -1.59 -14.99 -32.63
CA SER X 29 -0.25 -15.49 -32.86
C SER X 29 -0.24 -16.62 -33.88
N LEU X 30 -1.25 -17.50 -33.82
CA LEU X 30 -1.34 -18.58 -34.79
C LEU X 30 -1.66 -18.04 -36.18
N LEU X 31 -2.43 -16.96 -36.26
CA LEU X 31 -2.71 -16.33 -37.55
C LEU X 31 -1.47 -15.63 -38.11
N CYS X 32 -0.63 -15.07 -37.23
CA CYS X 32 0.64 -14.54 -37.69
C CYS X 32 1.58 -15.64 -38.15
N LEU X 33 1.48 -16.81 -37.52
CA LEU X 33 2.24 -17.97 -38.01
C LEU X 33 1.74 -18.41 -39.37
N GLU X 34 0.43 -18.33 -39.60
CA GLU X 34 -0.12 -18.65 -40.91
C GLU X 34 0.32 -17.63 -41.96
N GLY X 35 0.40 -16.35 -41.58
CA GLY X 35 0.94 -15.35 -42.48
C GLY X 35 2.41 -15.54 -42.78
N MET X 36 3.17 -16.00 -41.79
CA MET X 36 4.58 -16.35 -42.00
C MET X 36 4.72 -17.53 -42.96
N MET X 37 3.82 -18.51 -42.82
CA MET X 37 3.71 -19.62 -43.76
C MET X 37 3.48 -19.12 -45.17
N LEU X 38 2.52 -18.20 -45.33
CA LEU X 38 2.24 -17.57 -46.62
C LEU X 38 3.46 -16.83 -47.15
N SER X 39 4.21 -16.18 -46.26
CA SER X 39 5.41 -15.45 -46.65
C SER X 39 6.47 -16.38 -47.23
N LEU X 40 6.73 -17.50 -46.55
CA LEU X 40 7.71 -18.46 -47.04
C LEU X 40 7.27 -19.08 -48.35
N PHE X 41 5.97 -19.37 -48.46
CA PHE X 41 5.34 -19.84 -49.69
C PHE X 41 5.63 -18.91 -50.86
N ILE X 42 5.25 -17.64 -50.72
CA ILE X 42 5.38 -16.65 -51.79
C ILE X 42 6.84 -16.40 -52.14
N LEU X 43 7.71 -16.38 -51.13
CA LEU X 43 9.12 -16.08 -51.37
C LEU X 43 9.78 -17.21 -52.17
N ALA X 44 9.59 -18.46 -51.73
CA ALA X 44 10.13 -19.60 -52.46
C ALA X 44 9.51 -19.74 -53.85
N THR X 45 8.24 -19.33 -53.98
CA THR X 45 7.58 -19.44 -55.27
C THR X 45 8.15 -18.47 -56.28
N LEU X 46 8.40 -17.23 -55.85
CA LEU X 46 9.01 -16.26 -56.75
C LEU X 46 10.44 -16.62 -57.08
N MET X 47 11.14 -17.27 -56.14
CA MET X 47 12.46 -17.83 -56.43
C MET X 47 12.40 -18.84 -57.56
N ILE X 48 11.45 -19.78 -57.47
CA ILE X 48 11.36 -20.83 -58.49
C ILE X 48 10.90 -20.27 -59.83
N LEU X 49 10.01 -19.26 -59.83
CA LEU X 49 9.59 -18.62 -61.07
C LEU X 49 10.73 -17.90 -61.76
N ASN X 50 11.40 -16.98 -61.06
CA ASN X 50 12.41 -16.20 -61.75
C ASN X 50 13.72 -16.96 -61.94
N SER X 51 13.91 -18.08 -61.25
CA SER X 51 15.10 -18.90 -61.44
C SER X 51 14.90 -19.98 -62.49
N HIS X 52 13.65 -20.26 -62.87
CA HIS X 52 13.26 -21.36 -63.77
C HIS X 52 13.81 -22.70 -63.29
N PHE X 53 13.78 -22.91 -61.98
CA PHE X 53 14.11 -24.21 -61.39
C PHE X 53 12.88 -25.09 -61.57
N THR X 54 12.73 -25.60 -62.78
CA THR X 54 11.48 -26.19 -63.22
C THR X 54 11.33 -27.65 -62.81
N LEU X 55 12.42 -28.29 -62.39
CA LEU X 55 12.36 -29.73 -62.14
C LEU X 55 11.65 -30.02 -60.83
N ALA X 56 12.19 -29.52 -59.72
CA ALA X 56 11.58 -29.73 -58.41
C ALA X 56 10.81 -28.47 -58.00
N SER X 57 9.62 -28.34 -58.61
CA SER X 57 8.67 -27.30 -58.24
C SER X 57 7.65 -27.79 -57.22
N MET X 58 8.01 -28.81 -56.43
CA MET X 58 7.09 -29.39 -55.46
C MET X 58 6.94 -28.51 -54.24
N MET X 59 7.95 -27.67 -54.00
CA MET X 59 8.12 -26.90 -52.77
C MET X 59 6.92 -26.08 -52.32
N PRO X 60 6.27 -25.22 -53.18
CA PRO X 60 5.23 -24.35 -52.63
C PRO X 60 3.98 -25.11 -52.21
N ILE X 61 3.52 -26.02 -53.06
CA ILE X 61 2.30 -26.77 -52.76
C ILE X 61 2.52 -27.75 -51.61
N ILE X 62 3.70 -28.36 -51.54
CA ILE X 62 3.90 -29.35 -50.50
C ILE X 62 4.19 -28.70 -49.15
N LEU X 63 4.95 -27.60 -49.16
CA LEU X 63 5.08 -26.73 -47.99
C LEU X 63 3.73 -26.29 -47.47
N LEU X 64 2.81 -25.93 -48.36
CA LEU X 64 1.55 -25.39 -47.88
C LEU X 64 0.63 -26.49 -47.35
N VAL X 65 0.61 -27.68 -47.97
CA VAL X 65 -0.27 -28.73 -47.44
C VAL X 65 0.25 -29.26 -46.10
N PHE X 66 1.56 -29.36 -45.94
CA PHE X 66 2.10 -29.84 -44.69
C PHE X 66 1.93 -28.82 -43.56
N ALA X 67 2.28 -27.56 -43.81
CA ALA X 67 2.05 -26.56 -42.77
C ALA X 67 0.57 -26.25 -42.57
N ALA X 68 -0.28 -26.61 -43.54
CA ALA X 68 -1.72 -26.58 -43.35
C ALA X 68 -2.18 -27.59 -42.32
N CYS X 69 -1.70 -28.84 -42.41
CA CYS X 69 -2.14 -29.82 -41.40
C CYS X 69 -1.51 -29.52 -40.04
N GLU X 70 -0.35 -28.88 -40.04
CA GLU X 70 0.18 -28.27 -38.80
C GLU X 70 -0.80 -27.27 -38.20
N ALA X 71 -1.32 -26.36 -39.02
CA ALA X 71 -2.29 -25.37 -38.54
C ALA X 71 -3.59 -26.01 -38.08
N ALA X 72 -3.99 -27.12 -38.71
CA ALA X 72 -5.18 -27.84 -38.27
C ALA X 72 -4.98 -28.44 -36.89
N LEU X 73 -3.79 -28.99 -36.62
CA LEU X 73 -3.48 -29.46 -35.27
C LEU X 73 -3.48 -28.30 -34.28
N GLY X 74 -3.00 -27.13 -34.71
CA GLY X 74 -3.03 -25.96 -33.83
C GLY X 74 -4.44 -25.51 -33.48
N LEU X 75 -5.34 -25.56 -34.45
CA LEU X 75 -6.74 -25.24 -34.17
C LEU X 75 -7.37 -26.28 -33.26
N SER X 76 -6.98 -27.55 -33.40
CA SER X 76 -7.45 -28.59 -32.47
C SER X 76 -7.01 -28.29 -31.05
N LEU X 77 -5.76 -27.86 -30.89
CA LEU X 77 -5.25 -27.52 -29.56
C LEU X 77 -5.95 -26.29 -29.00
N LEU X 78 -6.24 -25.30 -29.84
CA LEU X 78 -6.91 -24.10 -29.35
C LEU X 78 -8.35 -24.40 -28.96
N VAL X 79 -9.01 -25.31 -29.69
CA VAL X 79 -10.37 -25.70 -29.33
C VAL X 79 -10.37 -26.47 -28.01
N MET X 80 -9.37 -27.31 -27.79
CA MET X 80 -9.23 -27.99 -26.51
C MET X 80 -8.97 -27.01 -25.37
N VAL X 81 -8.17 -25.97 -25.63
CA VAL X 81 -7.88 -24.95 -24.62
C VAL X 81 -9.14 -24.18 -24.26
N SER X 82 -9.90 -23.76 -25.28
CA SER X 82 -11.15 -23.06 -25.06
C SER X 82 -12.21 -23.94 -24.41
N ASN X 83 -12.10 -25.26 -24.58
CA ASN X 83 -13.04 -26.13 -23.89
C ASN X 83 -12.70 -26.25 -22.41
N THR X 84 -11.43 -26.53 -22.09
CA THR X 84 -11.08 -26.74 -20.68
C THR X 84 -10.89 -25.44 -19.91
N TYR X 85 -11.18 -24.30 -20.52
CA TYR X 85 -11.29 -23.03 -19.81
C TYR X 85 -12.53 -22.32 -20.29
N GLY X 86 -12.65 -21.04 -19.97
CA GLY X 86 -13.73 -20.25 -20.51
C GLY X 86 -13.28 -19.46 -21.72
N THR X 87 -11.99 -19.19 -21.80
CA THR X 87 -11.42 -18.33 -22.81
C THR X 87 -10.29 -19.07 -23.55
N ASP X 88 -9.53 -18.30 -24.33
CA ASP X 88 -8.34 -18.74 -25.04
C ASP X 88 -7.17 -17.82 -24.72
N TYR X 89 -7.01 -17.50 -23.45
CA TYR X 89 -6.07 -16.45 -23.05
C TYR X 89 -4.63 -16.91 -23.11
N VAL X 90 -3.74 -15.94 -23.34
CA VAL X 90 -2.34 -16.10 -22.98
C VAL X 90 -2.22 -16.31 -21.48
N GLN X 91 -3.08 -15.65 -20.71
CA GLN X 91 -3.17 -15.87 -19.28
C GLN X 91 -3.98 -17.13 -19.00
N ASN X 92 -4.34 -17.33 -17.73
CA ASN X 92 -4.97 -18.55 -17.21
C ASN X 92 -4.14 -19.80 -17.50
N LEU X 93 -2.82 -19.65 -17.52
CA LEU X 93 -1.92 -20.76 -17.80
C LEU X 93 -0.80 -20.85 -16.78
N ASN X 94 -0.91 -20.12 -15.67
CA ASN X 94 0.14 -20.12 -14.66
C ASN X 94 0.25 -21.45 -13.90
N LEU X 95 -0.81 -22.26 -13.94
CA LEU X 95 -0.72 -23.63 -13.44
C LEU X 95 0.21 -24.43 -14.35
N LEU X 96 0.65 -25.58 -13.83
CA LEU X 96 1.81 -26.32 -14.35
C LEU X 96 3.03 -25.38 -14.39
N GLN X 97 3.44 -25.04 -13.17
CA GLN X 97 4.36 -23.96 -12.89
C GLN X 97 5.77 -24.28 -13.39
N CYS X 98 6.64 -23.27 -13.35
CA CYS X 98 8.02 -23.40 -13.77
C CYS X 98 8.96 -22.83 -12.70
N MET Y 1 90.39 -58.81 24.16
CA MET Y 1 90.09 -59.82 25.16
C MET Y 1 88.62 -60.22 25.13
N ASN Y 2 88.38 -61.53 25.09
CA ASN Y 2 87.01 -62.02 25.11
C ASN Y 2 86.33 -61.77 26.44
N LEU Y 3 87.10 -61.78 27.54
CA LEU Y 3 86.54 -61.67 28.88
C LEU Y 3 85.91 -60.30 29.10
N PHE Y 4 86.62 -59.24 28.72
CA PHE Y 4 86.21 -57.89 29.06
C PHE Y 4 84.91 -57.50 28.36
N SER Y 5 84.89 -57.69 27.05
CA SER Y 5 83.68 -57.43 26.26
C SER Y 5 82.55 -58.37 26.64
N SER Y 6 82.87 -59.66 26.87
CA SER Y 6 81.83 -60.63 27.19
C SER Y 6 81.21 -60.34 28.56
N LEU Y 7 82.01 -59.91 29.53
CA LEU Y 7 81.46 -59.60 30.84
C LEU Y 7 80.69 -58.29 30.83
N THR Y 8 81.09 -57.30 30.02
CA THR Y 8 80.25 -56.10 29.89
C THR Y 8 78.91 -56.44 29.25
N LEU Y 9 78.92 -57.31 28.23
CA LEU Y 9 77.67 -57.65 27.59
C LEU Y 9 76.80 -58.53 28.48
N VAL Y 10 77.38 -59.33 29.37
CA VAL Y 10 76.49 -60.08 30.27
C VAL Y 10 76.00 -59.22 31.42
N THR Y 11 76.75 -58.16 31.81
CA THR Y 11 76.17 -57.19 32.73
C THR Y 11 75.01 -56.44 32.10
N LEU Y 12 75.06 -56.25 30.78
CA LEU Y 12 73.86 -55.79 30.08
C LEU Y 12 72.75 -56.84 30.14
N ILE Y 13 73.04 -58.05 29.66
CA ILE Y 13 72.00 -59.02 29.33
C ILE Y 13 71.36 -59.68 30.55
N LEU Y 14 71.98 -59.54 31.74
CA LEU Y 14 71.28 -59.96 32.96
C LEU Y 14 70.06 -59.11 33.22
N LEU Y 15 70.06 -57.87 32.75
CA LEU Y 15 68.93 -56.98 32.93
C LEU Y 15 67.89 -57.18 31.83
N THR Y 16 67.50 -58.42 31.56
CA THR Y 16 66.38 -58.69 30.67
C THR Y 16 65.47 -59.79 31.18
N MET Y 17 65.99 -60.73 32.00
CA MET Y 17 65.28 -61.95 32.33
C MET Y 17 63.96 -61.81 33.11
N PRO Y 18 63.79 -60.88 34.07
CA PRO Y 18 62.47 -60.80 34.72
C PRO Y 18 61.33 -60.35 33.81
N ILE Y 19 61.64 -59.63 32.74
CA ILE Y 19 60.62 -59.16 31.80
C ILE Y 19 59.96 -60.34 31.09
N ALA Y 20 60.78 -61.15 30.41
CA ALA Y 20 60.25 -62.35 29.77
C ALA Y 20 59.77 -63.37 30.79
N ALA Y 21 60.37 -63.37 31.99
CA ALA Y 21 59.98 -64.31 33.02
C ALA Y 21 58.61 -64.00 33.61
N ILE Y 22 58.14 -62.76 33.52
CA ILE Y 22 56.76 -62.49 33.94
C ILE Y 22 55.84 -62.57 32.72
N ASN Y 23 56.38 -62.27 31.53
CA ASN Y 23 55.52 -62.28 30.35
C ASN Y 23 55.19 -63.69 29.88
N PHE Y 24 55.98 -64.70 30.24
CA PHE Y 24 55.72 -66.05 29.79
C PHE Y 24 55.26 -66.97 30.92
N ASN Y 25 54.94 -66.42 32.08
CA ASN Y 25 54.64 -67.26 33.25
C ASN Y 25 53.14 -67.51 33.42
N THR Y 26 52.36 -66.43 33.56
CA THR Y 26 50.91 -66.33 33.81
C THR Y 26 50.53 -66.77 35.23
N HIS Y 27 51.43 -67.43 35.96
CA HIS Y 27 51.24 -67.81 37.37
C HIS Y 27 52.40 -67.17 38.10
N LYS Y 28 52.21 -65.94 38.55
CA LYS Y 28 53.31 -65.01 38.80
C LYS Y 28 54.15 -65.42 40.01
N PHE Y 29 55.39 -64.96 40.01
CA PHE Y 29 56.35 -65.30 41.05
C PHE Y 29 55.98 -64.59 42.35
N THR Y 30 55.80 -65.36 43.42
CA THR Y 30 55.57 -64.76 44.72
C THR Y 30 56.85 -64.15 45.27
N ASN Y 31 57.98 -64.81 45.05
CA ASN Y 31 59.29 -64.28 45.40
C ASN Y 31 59.94 -63.52 44.26
N TYR Y 32 59.13 -62.91 43.39
CA TYR Y 32 59.63 -62.00 42.37
C TYR Y 32 60.51 -60.85 42.88
N PRO Y 33 60.22 -60.16 44.01
CA PRO Y 33 61.21 -59.18 44.48
C PRO Y 33 62.53 -59.79 44.89
N LEU Y 34 62.51 -60.96 45.54
CA LEU Y 34 63.74 -61.66 45.87
C LEU Y 34 64.51 -62.04 44.63
N TYR Y 35 63.78 -62.47 43.59
CA TYR Y 35 64.35 -62.81 42.29
C TYR Y 35 65.05 -61.62 41.66
N VAL Y 36 64.37 -60.48 41.62
CA VAL Y 36 64.94 -59.27 41.03
C VAL Y 36 66.12 -58.77 41.85
N LYS Y 37 66.03 -58.88 43.18
CA LYS Y 37 67.12 -58.42 44.03
C LYS Y 37 68.37 -59.25 43.84
N THR Y 38 68.24 -60.57 43.75
CA THR Y 38 69.44 -61.37 43.59
C THR Y 38 69.98 -61.30 42.17
N THR Y 39 69.16 -61.05 41.15
CA THR Y 39 69.77 -60.87 39.83
C THR Y 39 70.42 -59.50 39.67
N ILE Y 40 69.95 -58.48 40.40
CA ILE Y 40 70.65 -57.20 40.37
C ILE Y 40 71.94 -57.28 41.18
N SER Y 41 71.94 -58.04 42.28
CA SER Y 41 73.18 -58.30 43.01
C SER Y 41 74.19 -59.06 42.14
N CYS Y 42 73.68 -59.99 41.32
CA CYS Y 42 74.55 -60.69 40.36
C CYS Y 42 75.10 -59.74 39.31
N ALA Y 43 74.28 -58.78 38.86
CA ALA Y 43 74.73 -57.79 37.90
C ALA Y 43 75.84 -56.91 38.49
N PHE Y 44 75.71 -56.55 39.77
CA PHE Y 44 76.75 -55.75 40.42
C PHE Y 44 78.04 -56.54 40.57
N ILE Y 45 77.95 -57.80 41.01
CA ILE Y 45 79.16 -58.57 41.24
C ILE Y 45 79.82 -58.97 39.92
N THR Y 46 79.07 -58.98 38.82
CA THR Y 46 79.72 -59.15 37.52
C THR Y 46 80.26 -57.84 36.98
N SER Y 47 79.69 -56.70 37.36
CA SER Y 47 80.21 -55.43 36.91
C SER Y 47 81.38 -54.94 37.74
N MET Y 48 81.70 -55.62 38.84
CA MET Y 48 82.91 -55.32 39.60
C MET Y 48 84.16 -55.59 38.77
N ILE Y 49 84.14 -56.67 38.00
CA ILE Y 49 85.37 -57.17 37.36
C ILE Y 49 85.90 -56.27 36.24
N PRO Y 50 85.10 -55.86 35.22
CA PRO Y 50 85.72 -55.09 34.14
C PRO Y 50 86.18 -53.71 34.55
N THR Y 51 85.59 -53.13 35.61
CA THR Y 51 86.11 -51.89 36.16
C THR Y 51 87.51 -52.08 36.74
N MET Y 52 87.70 -53.16 37.50
CA MET Y 52 89.02 -53.48 38.05
C MET Y 52 90.03 -53.70 36.93
N MET Y 53 89.61 -54.39 35.88
CA MET Y 53 90.47 -54.59 34.71
C MET Y 53 90.76 -53.28 34.00
N PHE Y 54 89.80 -52.34 34.00
CA PHE Y 54 89.99 -51.04 33.39
C PHE Y 54 91.06 -50.24 34.12
N ILE Y 55 90.85 -50.00 35.41
CA ILE Y 55 91.77 -49.14 36.16
C ILE Y 55 93.12 -49.84 36.34
N HIS Y 56 93.13 -51.19 36.32
CA HIS Y 56 94.40 -51.90 36.26
C HIS Y 56 95.12 -51.68 34.94
N THR Y 57 94.38 -51.62 33.83
CA THR Y 57 95.00 -51.58 32.51
C THR Y 57 94.77 -50.27 31.77
N GLY Y 58 93.52 -49.88 31.58
CA GLY Y 58 93.19 -48.89 30.58
C GLY Y 58 92.34 -49.57 29.53
N GLN Y 59 92.84 -49.68 28.30
CA GLN Y 59 92.31 -50.55 27.25
C GLN Y 59 90.85 -50.19 26.91
N GLU Y 60 90.71 -49.01 26.31
CA GLU Y 60 89.40 -48.34 26.27
C GLU Y 60 88.73 -48.63 24.93
N MET Y 61 87.57 -49.28 24.95
CA MET Y 61 87.16 -49.94 23.72
C MET Y 61 85.72 -49.66 23.33
N ILE Y 62 85.42 -49.94 22.05
CA ILE Y 62 84.08 -49.80 21.49
C ILE Y 62 83.66 -51.16 20.96
N ILE Y 63 82.35 -51.46 21.11
CA ILE Y 63 81.74 -52.63 20.51
C ILE Y 63 80.54 -52.14 19.70
N SER Y 64 80.28 -52.81 18.59
CA SER Y 64 79.25 -52.37 17.66
C SER Y 64 78.81 -53.55 16.81
N ASN Y 65 77.50 -53.68 16.62
CA ASN Y 65 76.98 -54.78 15.82
C ASN Y 65 75.56 -54.50 15.35
N TRP Y 66 75.16 -55.28 14.33
CA TRP Y 66 73.80 -55.33 13.77
C TRP Y 66 73.38 -53.96 13.24
N HIS Y 67 74.06 -53.55 12.17
CA HIS Y 67 73.77 -52.27 11.56
C HIS Y 67 72.46 -52.32 10.78
N TRP Y 68 71.49 -51.54 11.24
CA TRP Y 68 70.23 -51.35 10.54
C TRP Y 68 70.12 -49.91 10.11
N LEU Y 69 69.46 -49.72 8.95
CA LEU Y 69 69.50 -48.51 8.13
C LEU Y 69 70.93 -48.00 7.93
N THR Y 70 71.73 -48.84 7.28
CA THR Y 70 73.02 -48.44 6.72
C THR Y 70 72.82 -47.83 5.33
N ILE Y 71 71.94 -46.83 5.25
CA ILE Y 71 71.28 -46.51 3.98
C ILE Y 71 72.15 -45.61 3.11
N GLN Y 72 72.46 -44.43 3.59
CA GLN Y 72 73.14 -43.41 2.81
C GLN Y 72 74.66 -43.52 3.04
N THR Y 73 75.39 -42.44 2.77
CA THR Y 73 76.81 -42.39 3.00
C THR Y 73 77.21 -42.62 4.46
N LEU Y 74 76.32 -42.38 5.40
CA LEU Y 74 76.59 -42.78 6.77
C LEU Y 74 76.02 -44.17 7.04
N LYS Y 75 76.37 -44.71 8.20
CA LYS Y 75 75.82 -45.98 8.64
C LYS Y 75 75.86 -46.01 10.17
N LEU Y 76 75.00 -46.83 10.75
CA LEU Y 76 74.90 -46.89 12.20
C LEU Y 76 74.38 -48.25 12.63
N SER Y 77 74.75 -48.64 13.84
CA SER Y 77 74.43 -49.97 14.37
C SER Y 77 73.95 -49.79 15.79
N LEU Y 78 73.81 -50.90 16.52
CA LEU Y 78 73.72 -50.78 17.97
C LEU Y 78 75.17 -50.79 18.45
N SER Y 79 75.59 -49.68 19.04
CA SER Y 79 77.01 -49.38 19.22
C SER Y 79 77.19 -48.70 20.55
N PHE Y 80 77.97 -49.33 21.44
CA PHE Y 80 78.29 -48.61 22.66
C PHE Y 80 79.68 -49.00 23.11
N LYS Y 81 80.19 -48.21 24.04
CA LYS Y 81 81.60 -48.25 24.35
C LYS Y 81 81.80 -48.19 25.84
N MET Y 82 83.02 -48.51 26.24
CA MET Y 82 83.48 -48.28 27.59
C MET Y 82 84.75 -47.45 27.54
N ASP Y 83 84.57 -46.18 27.85
CA ASP Y 83 85.62 -45.26 28.29
C ASP Y 83 85.18 -44.79 29.66
N PHE Y 84 86.00 -45.04 30.67
CA PHE Y 84 86.18 -44.32 31.93
C PHE Y 84 84.91 -43.86 32.67
N PHE Y 85 83.96 -43.28 31.94
CA PHE Y 85 82.76 -42.68 32.51
C PHE Y 85 81.63 -43.69 32.45
N SER Y 86 81.29 -44.09 31.23
CA SER Y 86 80.52 -45.29 31.02
C SER Y 86 81.22 -46.53 31.53
N MET Y 87 82.55 -46.51 31.69
CA MET Y 87 83.18 -47.68 32.29
C MET Y 87 82.83 -47.83 33.76
N MET Y 88 83.25 -46.88 34.61
CA MET Y 88 83.09 -47.15 36.03
C MET Y 88 81.85 -46.50 36.63
N PHE Y 89 81.00 -45.90 35.81
CA PHE Y 89 79.79 -45.29 36.34
C PHE Y 89 78.70 -46.30 36.58
N VAL Y 90 78.73 -47.43 35.89
CA VAL Y 90 77.73 -48.48 35.96
C VAL Y 90 77.57 -49.13 37.33
N PRO Y 91 78.62 -49.62 38.03
CA PRO Y 91 78.36 -50.34 39.29
C PRO Y 91 77.85 -49.46 40.41
N VAL Y 92 78.15 -48.15 40.38
CA VAL Y 92 77.60 -47.23 41.35
C VAL Y 92 76.08 -47.18 41.24
N ALA Y 93 75.58 -47.01 40.01
CA ALA Y 93 74.14 -46.96 39.78
C ALA Y 93 73.49 -48.29 40.09
N LEU Y 94 74.15 -49.41 39.77
CA LEU Y 94 73.58 -50.72 40.05
C LEU Y 94 73.49 -50.99 41.55
N PHE Y 95 74.53 -50.65 42.30
CA PHE Y 95 74.55 -50.88 43.73
C PHE Y 95 73.53 -50.00 44.45
N VAL Y 96 73.45 -48.73 44.04
CA VAL Y 96 72.46 -47.81 44.57
C VAL Y 96 71.05 -48.32 44.31
N THR Y 97 70.77 -48.74 43.08
CA THR Y 97 69.42 -49.18 42.76
C THR Y 97 69.10 -50.53 43.38
N TRP Y 98 70.11 -51.35 43.65
CA TRP Y 98 69.90 -52.58 44.41
C TRP Y 98 69.48 -52.29 45.85
N SER Y 99 70.10 -51.29 46.45
CA SER Y 99 69.67 -50.85 47.78
C SER Y 99 68.26 -50.26 47.73
N ILE Y 100 67.93 -49.54 46.66
CA ILE Y 100 66.58 -49.03 46.47
C ILE Y 100 65.59 -50.17 46.29
N MET Y 101 66.02 -51.28 45.69
CA MET Y 101 65.16 -52.46 45.58
C MET Y 101 64.85 -53.04 46.94
N GLU Y 102 65.84 -53.04 47.85
CA GLU Y 102 65.56 -53.44 49.23
C GLU Y 102 64.57 -52.50 49.89
N PHE Y 103 64.78 -51.19 49.74
CA PHE Y 103 63.88 -50.23 50.37
C PHE Y 103 62.48 -50.25 49.75
N SER Y 104 62.35 -50.69 48.51
CA SER Y 104 61.04 -50.82 47.88
C SER Y 104 60.38 -52.15 48.19
N MET Y 105 61.16 -53.18 48.50
CA MET Y 105 60.58 -54.37 49.14
C MET Y 105 59.89 -53.98 50.43
N TRP Y 106 60.58 -53.21 51.26
CA TRP Y 106 59.99 -52.91 52.56
C TRP Y 106 58.90 -51.85 52.48
N TYR Y 107 59.16 -50.76 51.76
CA TYR Y 107 58.32 -49.57 51.75
C TYR Y 107 56.96 -49.82 51.11
N MET Y 108 56.86 -50.80 50.23
CA MET Y 108 55.62 -51.05 49.51
C MET Y 108 55.09 -52.42 49.93
N HIS Y 109 55.08 -52.65 51.25
CA HIS Y 109 54.65 -53.94 51.77
C HIS Y 109 53.16 -54.15 51.59
N SER Y 110 52.34 -53.26 52.15
CA SER Y 110 50.90 -53.48 52.25
C SER Y 110 50.13 -53.00 51.02
N ASP Y 111 50.78 -52.92 49.87
CA ASP Y 111 50.11 -52.55 48.62
C ASP Y 111 50.43 -53.61 47.58
N PRO Y 112 49.43 -54.30 47.03
CA PRO Y 112 49.70 -55.42 46.13
C PRO Y 112 49.99 -55.03 44.68
N ASN Y 113 50.34 -53.76 44.44
CA ASN Y 113 50.62 -53.29 43.09
C ASN Y 113 52.08 -53.46 42.70
N ILE Y 114 52.81 -54.36 43.36
CA ILE Y 114 54.27 -54.25 43.41
C ILE Y 114 54.95 -54.73 42.12
N ASN Y 115 54.30 -55.63 41.38
CA ASN Y 115 55.03 -56.33 40.33
C ASN Y 115 55.19 -55.46 39.09
N GLN Y 116 54.13 -54.78 38.67
CA GLN Y 116 54.24 -53.89 37.52
C GLN Y 116 55.07 -52.67 37.87
N PHE Y 117 55.09 -52.30 39.14
CA PHE Y 117 56.01 -51.29 39.66
C PHE Y 117 57.46 -51.68 39.43
N PHE Y 118 57.82 -52.90 39.84
CA PHE Y 118 59.18 -53.37 39.63
C PHE Y 118 59.51 -53.53 38.16
N LYS Y 119 58.52 -53.91 37.34
CA LYS Y 119 58.73 -54.03 35.91
C LYS Y 119 59.06 -52.67 35.29
N TYR Y 120 58.29 -51.64 35.64
CA TYR Y 120 58.52 -50.31 35.10
C TYR Y 120 59.84 -49.73 35.59
N LEU Y 121 60.19 -49.98 36.86
CA LEU Y 121 61.41 -49.41 37.40
C LEU Y 121 62.63 -50.11 36.81
N LEU Y 122 62.53 -51.42 36.56
CA LEU Y 122 63.62 -52.12 35.90
C LEU Y 122 63.77 -51.69 34.44
N LEU Y 123 62.65 -51.41 33.77
CA LEU Y 123 62.73 -50.93 32.39
C LEU Y 123 63.36 -49.55 32.33
N PHE Y 124 63.02 -48.69 33.29
CA PHE Y 124 63.73 -47.43 33.51
C PHE Y 124 65.23 -47.65 33.73
N LEU Y 125 65.59 -48.69 34.48
CA LEU Y 125 66.99 -48.97 34.78
C LEU Y 125 67.75 -49.36 33.52
N ILE Y 126 67.14 -50.26 32.73
CA ILE Y 126 67.71 -50.69 31.45
C ILE Y 126 67.90 -49.50 30.53
N THR Y 127 66.92 -48.60 30.50
CA THR Y 127 66.99 -47.45 29.62
C THR Y 127 68.09 -46.49 30.06
N MET Y 128 68.29 -46.35 31.37
CA MET Y 128 69.34 -45.48 31.87
C MET Y 128 70.72 -46.06 31.58
N LEU Y 129 70.85 -47.40 31.65
CA LEU Y 129 72.12 -48.04 31.30
C LEU Y 129 72.43 -47.87 29.82
N ILE Y 130 71.44 -48.09 28.96
CA ILE Y 130 71.60 -47.91 27.51
C ILE Y 130 71.92 -46.44 27.18
N LEU Y 131 71.35 -45.52 27.96
CA LEU Y 131 71.72 -44.10 27.83
C LEU Y 131 73.19 -43.89 28.13
N VAL Y 132 73.65 -44.35 29.29
CA VAL Y 132 74.99 -43.96 29.71
C VAL Y 132 76.07 -44.71 28.95
N THR Y 133 75.75 -45.80 28.26
CA THR Y 133 76.80 -46.56 27.59
C THR Y 133 77.12 -46.10 26.16
N ALA Y 134 76.21 -45.41 25.48
CA ALA Y 134 76.27 -45.32 24.03
C ALA Y 134 77.34 -44.34 23.55
N ASN Y 135 77.70 -44.48 22.27
CA ASN Y 135 78.51 -43.50 21.57
C ASN Y 135 77.84 -43.09 20.26
N ASN Y 136 77.04 -43.99 19.70
CA ASN Y 136 76.10 -43.61 18.66
C ASN Y 136 75.01 -42.76 19.29
N LEU Y 137 74.89 -41.52 18.83
CA LEU Y 137 74.03 -40.56 19.51
C LEU Y 137 72.54 -40.81 19.25
N PHE Y 138 72.21 -41.63 18.24
CA PHE Y 138 70.84 -42.09 18.07
C PHE Y 138 70.40 -42.94 19.27
N GLN Y 139 71.30 -43.80 19.75
CA GLN Y 139 71.02 -44.59 20.94
C GLN Y 139 70.94 -43.71 22.18
N LEU Y 140 71.73 -42.63 22.22
CA LEU Y 140 71.61 -41.64 23.28
C LEU Y 140 70.23 -40.99 23.26
N PHE Y 141 69.71 -40.75 22.06
CA PHE Y 141 68.38 -40.16 21.93
C PHE Y 141 67.29 -41.11 22.41
N ILE Y 142 67.44 -42.39 22.06
CA ILE Y 142 66.49 -43.42 22.50
C ILE Y 142 66.47 -43.51 24.02
N GLY Y 143 67.65 -43.60 24.63
CA GLY Y 143 67.73 -43.67 26.07
C GLY Y 143 67.23 -42.42 26.76
N TRP Y 144 67.45 -41.26 26.14
CA TRP Y 144 66.98 -39.97 26.65
C TRP Y 144 65.47 -39.94 26.77
N GLU Y 145 64.77 -40.17 25.66
CA GLU Y 145 63.32 -40.12 25.74
C GLU Y 145 62.73 -41.32 26.47
N GLY Y 146 63.46 -42.44 26.53
CA GLY Y 146 62.97 -43.57 27.28
C GLY Y 146 63.00 -43.34 28.78
N VAL Y 147 64.09 -42.75 29.29
CA VAL Y 147 64.11 -42.45 30.71
C VAL Y 147 63.14 -41.31 31.01
N GLY Y 148 62.89 -40.42 30.05
CA GLY Y 148 61.85 -39.42 30.24
C GLY Y 148 60.46 -40.02 30.40
N ILE Y 149 60.11 -40.98 29.54
CA ILE Y 149 58.76 -41.51 29.62
C ILE Y 149 58.60 -42.52 30.77
N MET Y 150 59.66 -43.24 31.12
CA MET Y 150 59.57 -44.08 32.31
C MET Y 150 59.55 -43.23 33.57
N SER Y 151 60.18 -42.05 33.53
CA SER Y 151 60.05 -41.09 34.62
C SER Y 151 58.62 -40.60 34.73
N PHE Y 152 57.97 -40.35 33.59
CA PHE Y 152 56.55 -40.00 33.57
C PHE Y 152 55.70 -41.06 34.25
N LEU Y 153 55.90 -42.33 33.88
CA LEU Y 153 55.06 -43.39 34.41
C LEU Y 153 55.33 -43.63 35.90
N LEU Y 154 56.58 -43.54 36.32
CA LEU Y 154 56.87 -43.81 37.73
C LEU Y 154 56.52 -42.63 38.63
N ILE Y 155 56.53 -41.40 38.13
CA ILE Y 155 55.93 -40.30 38.88
C ILE Y 155 54.43 -40.49 38.97
N GLY Y 156 53.79 -40.77 37.85
CA GLY Y 156 52.36 -40.96 37.85
C GLY Y 156 51.95 -42.40 38.10
N TRP Y 157 52.70 -43.09 38.96
CA TRP Y 157 52.33 -44.44 39.38
C TRP Y 157 50.99 -44.48 40.10
N TRP Y 158 50.60 -43.39 40.73
CA TRP Y 158 49.33 -43.35 41.45
C TRP Y 158 48.32 -42.56 40.64
N TYR Y 159 47.38 -43.26 40.04
CA TYR Y 159 46.21 -42.60 39.51
C TYR Y 159 45.36 -42.07 40.65
N GLY Y 160 44.66 -40.98 40.39
CA GLY Y 160 44.30 -40.05 41.43
C GLY Y 160 45.47 -39.12 41.62
N ARG Y 161 45.38 -38.25 42.64
CA ARG Y 161 46.45 -37.34 43.04
C ARG Y 161 46.84 -36.42 41.87
N THR Y 162 45.93 -35.52 41.55
CA THR Y 162 46.00 -34.74 40.32
C THR Y 162 47.23 -33.84 40.27
N ASP Y 163 47.80 -33.49 41.42
CA ASP Y 163 49.07 -32.77 41.43
C ASP Y 163 50.20 -33.62 40.86
N ALA Y 164 50.14 -34.94 41.07
CA ALA Y 164 51.24 -35.81 40.65
C ALA Y 164 51.30 -35.92 39.13
N ASN Y 165 50.18 -36.23 38.47
CA ASN Y 165 50.25 -36.29 37.02
C ASN Y 165 50.26 -34.91 36.39
N THR Y 166 49.84 -33.86 37.12
CA THR Y 166 50.13 -32.50 36.70
C THR Y 166 51.63 -32.27 36.58
N ALA Y 167 52.36 -32.65 37.62
CA ALA Y 167 53.81 -32.52 37.63
C ALA Y 167 54.45 -33.42 36.59
N ALA Y 168 53.86 -34.59 36.36
CA ALA Y 168 54.39 -35.51 35.36
C ALA Y 168 54.20 -34.95 33.96
N LEU Y 169 53.09 -34.25 33.73
CA LEU Y 169 52.85 -33.53 32.49
C LEU Y 169 53.88 -32.43 32.28
N GLN Y 170 54.13 -31.64 33.33
CA GLN Y 170 55.13 -30.58 33.23
C GLN Y 170 56.54 -31.14 33.07
N ALA Y 171 56.79 -32.30 33.67
CA ALA Y 171 58.06 -33.01 33.54
C ALA Y 171 58.29 -33.44 32.11
N ILE Y 172 57.28 -34.06 31.49
CA ILE Y 172 57.47 -34.53 30.12
C ILE Y 172 57.49 -33.36 29.15
N LEU Y 173 56.88 -32.23 29.51
CA LEU Y 173 56.98 -31.02 28.67
C LEU Y 173 58.42 -30.50 28.66
N TYR Y 174 59.04 -30.42 29.84
CA TYR Y 174 60.41 -29.96 29.89
C TYR Y 174 61.36 -31.00 29.30
N ASN Y 175 60.96 -32.27 29.31
CA ASN Y 175 61.72 -33.30 28.59
C ASN Y 175 61.64 -33.10 27.08
N ARG Y 176 60.49 -32.69 26.56
CA ARG Y 176 60.46 -32.39 25.12
C ARG Y 176 61.22 -31.12 24.78
N ILE Y 177 61.37 -30.20 25.73
CA ILE Y 177 62.24 -29.06 25.48
C ILE Y 177 63.70 -29.51 25.43
N GLY Y 178 64.07 -30.45 26.31
CA GLY Y 178 65.33 -31.15 26.14
C GLY Y 178 65.46 -31.84 24.80
N ASP Y 179 64.34 -32.36 24.29
CA ASP Y 179 64.34 -33.07 23.01
C ASP Y 179 64.57 -32.13 21.83
N ILE Y 180 63.92 -30.96 21.82
CA ILE Y 180 64.16 -30.03 20.71
C ILE Y 180 65.59 -29.52 20.72
N GLY Y 181 66.15 -29.26 21.91
CA GLY Y 181 67.57 -28.91 21.97
C GLY Y 181 68.49 -30.03 21.49
N PHE Y 182 68.14 -31.27 21.83
CA PHE Y 182 68.93 -32.43 21.46
C PHE Y 182 68.90 -32.65 19.95
N ILE Y 183 67.72 -32.54 19.34
CA ILE Y 183 67.64 -32.74 17.90
C ILE Y 183 68.21 -31.55 17.14
N LEU Y 184 68.29 -30.37 17.78
CA LEU Y 184 68.98 -29.26 17.13
C LEU Y 184 70.48 -29.55 17.05
N ALA Y 185 71.05 -30.08 18.14
CA ALA Y 185 72.45 -30.50 18.11
C ALA Y 185 72.68 -31.62 17.10
N MET Y 186 71.75 -32.58 17.03
CA MET Y 186 71.83 -33.66 16.06
C MET Y 186 71.75 -33.14 14.63
N ALA Y 187 70.92 -32.13 14.40
CA ALA Y 187 70.74 -31.60 13.05
C ALA Y 187 71.96 -30.82 12.60
N TRP Y 188 72.56 -30.04 13.51
CA TRP Y 188 73.79 -29.35 13.17
C TRP Y 188 74.90 -30.36 12.88
N PHE Y 189 74.93 -31.46 13.64
CA PHE Y 189 75.90 -32.52 13.38
C PHE Y 189 75.66 -33.19 12.04
N LEU Y 190 74.39 -33.36 11.64
CA LEU Y 190 74.15 -34.06 10.38
C LEU Y 190 74.42 -33.17 9.17
N ILE Y 191 74.22 -31.86 9.30
CA ILE Y 191 74.66 -30.97 8.23
C ILE Y 191 76.18 -30.95 8.14
N ASN Y 192 76.86 -30.72 9.26
CA ASN Y 192 78.25 -30.30 9.16
C ASN Y 192 79.28 -31.40 9.39
N LEU Y 193 78.89 -32.53 10.00
CA LEU Y 193 79.88 -33.53 10.38
C LEU Y 193 79.48 -34.95 9.98
N ASN Y 194 78.66 -35.09 8.95
CA ASN Y 194 78.35 -36.33 8.22
C ASN Y 194 77.54 -37.35 9.03
N THR Y 195 77.33 -37.14 10.32
CA THR Y 195 76.72 -38.14 11.19
C THR Y 195 76.31 -37.47 12.48
N TRP Y 196 75.86 -38.28 13.44
CA TRP Y 196 75.92 -37.95 14.86
C TRP Y 196 76.55 -39.16 15.55
N ASP Y 197 77.89 -39.19 15.51
CA ASP Y 197 78.71 -40.24 16.09
C ASP Y 197 79.97 -39.59 16.65
N LEU Y 198 80.20 -39.78 17.95
CA LEU Y 198 81.20 -39.01 18.67
C LEU Y 198 82.62 -39.28 18.23
N GLN Y 199 82.88 -40.40 17.56
CA GLN Y 199 84.23 -40.70 17.10
C GLN Y 199 84.66 -39.72 16.01
N GLN Y 200 83.82 -39.53 15.00
CA GLN Y 200 84.13 -38.56 13.95
C GLN Y 200 84.05 -37.12 14.47
N ILE Y 201 83.16 -36.87 15.43
CA ILE Y 201 83.02 -35.55 16.01
C ILE Y 201 84.27 -35.16 16.79
N PHE Y 202 84.86 -36.14 17.50
CA PHE Y 202 86.12 -35.88 18.17
C PHE Y 202 87.27 -35.86 17.16
N MET Y 203 87.11 -36.58 16.05
CA MET Y 203 88.12 -36.62 15.01
C MET Y 203 88.30 -35.25 14.36
N LEU Y 204 87.22 -34.51 14.21
CA LEU Y 204 87.34 -33.14 13.75
C LEU Y 204 87.25 -32.17 14.92
N ASN Y 205 87.37 -30.89 14.61
CA ASN Y 205 87.04 -29.81 15.53
C ASN Y 205 86.44 -28.69 14.70
N PRO Y 206 85.13 -28.72 14.47
CA PRO Y 206 84.48 -27.64 13.72
C PRO Y 206 84.47 -26.35 14.52
N ASN Y 207 84.58 -25.23 13.80
CA ASN Y 207 84.79 -23.95 14.47
C ASN Y 207 83.51 -23.41 15.08
N ASP Y 208 82.48 -23.19 14.25
CA ASP Y 208 81.26 -22.51 14.69
C ASP Y 208 80.45 -23.47 15.56
N SER Y 209 80.87 -23.58 16.82
CA SER Y 209 80.23 -24.46 17.79
C SER Y 209 79.10 -23.75 18.54
N ASN Y 210 78.62 -22.62 18.03
CA ASN Y 210 77.67 -21.80 18.78
C ASN Y 210 76.31 -22.47 18.85
N LEU Y 211 75.69 -22.72 17.69
CA LEU Y 211 74.40 -23.39 17.63
C LEU Y 211 74.35 -24.79 18.27
N PRO Y 212 75.34 -25.70 18.08
CA PRO Y 212 75.25 -26.96 18.83
C PRO Y 212 75.40 -26.78 20.33
N LEU Y 213 76.18 -25.81 20.78
CA LEU Y 213 76.25 -25.56 22.21
C LEU Y 213 74.94 -24.97 22.74
N MET Y 214 74.24 -24.19 21.92
CA MET Y 214 72.91 -23.73 22.29
C MET Y 214 71.94 -24.89 22.44
N GLY Y 215 71.98 -25.83 21.50
CA GLY Y 215 71.17 -27.03 21.62
C GLY Y 215 71.53 -27.88 22.81
N LEU Y 216 72.82 -27.93 23.16
CA LEU Y 216 73.26 -28.67 24.34
C LEU Y 216 72.82 -27.98 25.63
N ILE Y 217 72.89 -26.64 25.65
CA ILE Y 217 72.33 -25.87 26.76
C ILE Y 217 70.86 -26.18 26.96
N LEU Y 218 70.10 -26.20 25.86
CA LEU Y 218 68.66 -26.43 25.97
C LEU Y 218 68.35 -27.85 26.41
N ALA Y 219 69.08 -28.83 25.87
CA ALA Y 219 68.88 -30.22 26.28
C ALA Y 219 69.28 -30.43 27.74
N ALA Y 220 70.38 -29.83 28.18
CA ALA Y 220 70.87 -30.03 29.53
C ALA Y 220 69.97 -29.36 30.56
N THR Y 221 69.45 -28.17 30.26
CA THR Y 221 68.54 -27.56 31.21
C THR Y 221 67.12 -28.09 31.09
N GLY Y 222 66.80 -28.82 30.02
CA GLY Y 222 65.54 -29.52 29.97
C GLY Y 222 65.57 -30.82 30.74
N LYS Y 223 66.74 -31.47 30.79
CA LYS Y 223 66.85 -32.70 31.55
C LYS Y 223 67.14 -32.44 33.02
N SER Y 224 67.93 -31.40 33.29
CA SER Y 224 68.64 -31.26 34.55
C SER Y 224 67.87 -30.49 35.61
N ALA Y 225 66.63 -30.07 35.30
CA ALA Y 225 65.73 -29.34 36.22
C ALA Y 225 66.38 -28.06 36.75
N GLN Y 226 66.69 -27.17 35.83
CA GLN Y 226 67.43 -25.96 36.17
C GLN Y 226 66.63 -24.73 35.78
N PHE Y 227 67.16 -23.56 36.11
CA PHE Y 227 66.39 -22.33 36.12
C PHE Y 227 65.93 -21.94 34.72
N GLY Y 228 64.66 -21.61 34.60
CA GLY Y 228 64.00 -21.52 33.32
C GLY Y 228 63.10 -22.72 33.13
N LEU Y 229 63.54 -23.89 33.59
CA LEU Y 229 62.75 -25.11 33.45
C LEU Y 229 62.82 -25.99 34.70
N HIS Y 230 63.13 -25.43 35.85
CA HIS Y 230 63.24 -26.22 37.08
C HIS Y 230 61.97 -26.71 37.78
N PRO Y 231 60.82 -26.00 37.81
CA PRO Y 231 59.89 -26.19 38.94
C PRO Y 231 59.11 -27.49 38.93
N TRP Y 232 59.34 -28.36 37.94
CA TRP Y 232 58.82 -29.71 37.97
C TRP Y 232 59.53 -30.59 38.98
N LEU Y 233 60.65 -30.13 39.52
CA LEU Y 233 61.46 -30.96 40.40
C LEU Y 233 60.80 -31.26 41.76
N PRO Y 234 60.28 -30.26 42.55
CA PRO Y 234 59.70 -30.65 43.84
C PRO Y 234 58.36 -31.34 43.70
N SER Y 235 57.59 -30.88 42.71
CA SER Y 235 56.30 -31.49 42.47
C SER Y 235 56.46 -32.88 41.84
N ALA Y 236 57.61 -33.14 41.23
CA ALA Y 236 57.98 -34.49 40.81
C ALA Y 236 58.50 -35.31 41.98
N MET Y 237 59.07 -34.65 43.00
CA MET Y 237 59.32 -35.32 44.27
C MET Y 237 58.04 -35.70 44.99
N GLU Y 238 56.91 -35.09 44.65
CA GLU Y 238 55.63 -35.45 45.23
C GLU Y 238 55.05 -36.78 44.70
N GLY Y 239 55.82 -37.61 44.00
CA GLY Y 239 55.39 -38.94 43.65
C GLY Y 239 55.79 -39.93 44.73
N PRO Y 240 55.98 -41.20 44.35
CA PRO Y 240 56.42 -42.20 45.33
C PRO Y 240 57.87 -41.98 45.74
N THR Y 241 58.19 -42.45 46.93
CA THR Y 241 59.45 -42.10 47.58
C THR Y 241 60.68 -42.81 47.00
N PRO Y 242 60.73 -44.14 46.79
CA PRO Y 242 61.92 -44.68 46.11
C PRO Y 242 61.98 -44.31 44.64
N VAL Y 243 60.82 -44.03 44.03
CA VAL Y 243 60.80 -43.42 42.71
C VAL Y 243 61.52 -42.09 42.71
N SER Y 244 61.22 -41.25 43.72
CA SER Y 244 61.86 -39.95 43.84
C SER Y 244 63.36 -40.10 44.10
N ALA Y 245 63.72 -41.07 44.93
CA ALA Y 245 65.12 -41.32 45.27
C ALA Y 245 65.93 -41.71 44.04
N LEU Y 246 65.42 -42.68 43.26
CA LEU Y 246 66.11 -43.05 42.03
C LEU Y 246 66.01 -41.96 40.98
N LEU Y 247 64.95 -41.16 41.05
CA LEU Y 247 64.66 -40.19 40.01
C LEU Y 247 65.60 -39.01 40.08
N HIS Y 248 66.01 -38.61 41.28
CA HIS Y 248 66.91 -37.47 41.39
C HIS Y 248 68.01 -37.68 42.42
N SER Y 249 68.44 -38.92 42.61
CA SER Y 249 69.66 -39.19 43.35
C SER Y 249 70.81 -39.53 42.41
N SER Y 250 70.66 -40.59 41.62
CA SER Y 250 71.67 -40.99 40.65
C SER Y 250 71.16 -40.92 39.22
N THR Y 251 70.08 -41.63 38.92
CA THR Y 251 69.57 -41.65 37.57
C THR Y 251 68.72 -40.40 37.31
N MET Y 252 68.54 -40.10 36.01
CA MET Y 252 67.53 -39.20 35.46
C MET Y 252 67.81 -37.72 35.75
N VAL Y 253 68.74 -37.45 36.65
CA VAL Y 253 69.14 -36.10 36.94
C VAL Y 253 70.53 -35.78 36.41
N VAL Y 254 71.40 -36.78 36.32
CA VAL Y 254 72.75 -36.54 35.81
C VAL Y 254 72.81 -36.58 34.31
N ALA Y 255 71.78 -37.14 33.64
CA ALA Y 255 71.84 -37.49 32.23
C ALA Y 255 71.98 -36.28 31.32
N GLY Y 256 71.59 -35.10 31.78
CA GLY Y 256 71.83 -33.90 31.02
C GLY Y 256 73.29 -33.53 31.02
N ILE Y 257 73.86 -33.34 32.22
CA ILE Y 257 75.24 -32.88 32.32
C ILE Y 257 76.24 -33.99 32.05
N PHE Y 258 75.83 -35.25 32.23
CA PHE Y 258 76.68 -36.37 31.83
C PHE Y 258 76.94 -36.35 30.33
N LEU Y 259 75.95 -35.91 29.55
CA LEU Y 259 76.14 -35.73 28.11
C LEU Y 259 77.15 -34.63 27.82
N LEU Y 260 77.14 -33.56 28.61
CA LEU Y 260 78.09 -32.47 28.40
C LEU Y 260 79.50 -32.91 28.75
N ILE Y 261 79.66 -33.69 29.81
CA ILE Y 261 80.97 -34.26 30.15
C ILE Y 261 81.39 -35.26 29.08
N ARG Y 262 80.43 -35.96 28.49
CA ARG Y 262 80.71 -36.81 27.35
C ARG Y 262 81.16 -36.01 26.13
N PHE Y 263 80.79 -34.74 26.05
CA PHE Y 263 81.22 -33.85 24.96
C PHE Y 263 82.40 -32.98 25.38
N TYR Y 264 83.32 -33.53 26.17
CA TYR Y 264 84.40 -32.72 26.74
C TYR Y 264 85.42 -32.12 25.75
N PRO Y 265 85.91 -32.82 24.69
CA PRO Y 265 86.87 -32.13 23.82
C PRO Y 265 86.21 -31.09 22.94
N LEU Y 266 84.91 -31.25 22.67
CA LEU Y 266 84.20 -30.21 21.94
C LEU Y 266 83.97 -29.00 22.85
N THR Y 267 83.69 -29.24 24.14
CA THR Y 267 83.47 -28.13 25.05
C THR Y 267 84.77 -27.60 25.66
N GLU Y 268 85.93 -28.08 25.19
CA GLU Y 268 87.18 -27.40 25.54
C GLU Y 268 87.31 -26.01 24.90
N ASN Y 269 86.51 -25.69 23.88
CA ASN Y 269 86.63 -24.43 23.16
C ASN Y 269 85.40 -23.55 23.45
N ASN Y 270 85.43 -22.34 22.87
CA ASN Y 270 84.35 -21.35 22.93
C ASN Y 270 84.01 -20.97 24.36
N LYS Y 271 84.94 -20.24 24.99
CA LYS Y 271 84.77 -19.76 26.37
C LYS Y 271 83.57 -18.85 26.56
N PHE Y 272 83.05 -18.24 25.48
CA PHE Y 272 81.73 -17.63 25.52
C PHE Y 272 80.67 -18.66 25.91
N GLY Y 273 80.76 -19.86 25.33
CA GLY Y 273 79.82 -20.92 25.67
C GLY Y 273 79.96 -21.39 27.10
N GLN Y 274 81.19 -21.58 27.57
CA GLN Y 274 81.36 -21.99 28.96
C GLN Y 274 81.03 -20.87 29.94
N SER Y 275 81.13 -19.61 29.51
CA SER Y 275 80.63 -18.52 30.35
C SER Y 275 79.12 -18.61 30.49
N ILE Y 276 78.42 -18.94 29.40
CA ILE Y 276 76.98 -19.17 29.47
C ILE Y 276 76.66 -20.35 30.40
N MET Y 277 77.46 -21.42 30.30
CA MET Y 277 77.36 -22.59 31.17
C MET Y 277 77.44 -22.21 32.65
N LEU Y 278 78.52 -21.52 33.02
CA LEU Y 278 78.77 -21.27 34.44
C LEU Y 278 77.81 -20.21 35.00
N CYS Y 279 77.45 -19.21 34.18
CA CYS Y 279 76.49 -18.21 34.65
C CYS Y 279 75.10 -18.81 34.82
N LEU Y 280 74.73 -19.73 33.94
CA LEU Y 280 73.50 -20.49 34.10
C LEU Y 280 73.51 -21.27 35.41
N GLY Y 281 74.59 -22.03 35.66
CA GLY Y 281 74.67 -22.84 36.86
C GLY Y 281 74.69 -22.01 38.13
N ALA Y 282 75.32 -20.84 38.08
CA ALA Y 282 75.33 -19.94 39.21
C ALA Y 282 73.94 -19.39 39.50
N MET Y 283 73.19 -19.05 38.46
CA MET Y 283 71.83 -18.57 38.64
C MET Y 283 70.93 -19.65 39.26
N THR Y 284 71.08 -20.89 38.77
CA THR Y 284 70.33 -22.01 39.35
C THR Y 284 70.69 -22.24 40.81
N THR Y 285 71.99 -22.17 41.11
CA THR Y 285 72.46 -22.51 42.44
C THR Y 285 71.99 -21.48 43.46
N LEU Y 286 72.10 -20.19 43.12
CA LEU Y 286 71.66 -19.15 44.04
C LEU Y 286 70.14 -19.14 44.15
N PHE Y 287 69.42 -19.39 43.05
CA PHE Y 287 67.97 -19.35 43.10
C PHE Y 287 67.43 -20.49 43.97
N THR Y 288 67.92 -21.70 43.77
CA THR Y 288 67.47 -22.81 44.61
C THR Y 288 68.01 -22.73 46.03
N ALA Y 289 69.15 -22.04 46.23
CA ALA Y 289 69.66 -21.86 47.58
C ALA Y 289 68.79 -20.90 48.38
N MET Y 290 68.33 -19.82 47.73
CA MET Y 290 67.41 -18.92 48.41
C MET Y 290 66.02 -19.54 48.53
N CYS Y 291 65.67 -20.41 47.57
CA CYS Y 291 64.36 -21.05 47.59
C CYS Y 291 64.25 -22.13 48.66
N ALA Y 292 65.38 -22.75 49.01
CA ALA Y 292 65.34 -23.83 49.98
C ALA Y 292 65.12 -23.34 51.40
N LEU Y 293 65.42 -22.08 51.67
CA LEU Y 293 64.93 -21.51 52.92
C LEU Y 293 63.43 -21.29 52.83
N THR Y 294 62.79 -21.29 53.99
CA THR Y 294 61.34 -21.26 54.18
C THR Y 294 60.67 -22.38 53.37
N GLN Y 295 60.96 -23.60 53.81
CA GLN Y 295 60.39 -24.78 53.18
C GLN Y 295 60.18 -25.83 54.25
N ASN Y 296 59.09 -26.59 54.14
CA ASN Y 296 58.68 -27.46 55.24
C ASN Y 296 58.37 -28.87 54.75
N ASP Y 297 59.00 -29.30 53.65
CA ASP Y 297 58.91 -30.67 53.17
C ASP Y 297 60.31 -31.16 52.88
N ILE Y 298 60.58 -32.43 53.22
CA ILE Y 298 61.94 -32.94 53.12
C ILE Y 298 62.33 -33.11 51.66
N LYS Y 299 61.43 -33.72 50.87
CA LYS Y 299 61.73 -34.05 49.48
C LYS Y 299 61.94 -32.79 48.65
N LYS Y 300 61.18 -31.73 48.96
CA LYS Y 300 61.35 -30.46 48.27
C LYS Y 300 62.70 -29.84 48.59
N ILE Y 301 63.12 -29.92 49.87
CA ILE Y 301 64.41 -29.37 50.28
C ILE Y 301 65.56 -30.12 49.63
N ILE Y 302 65.49 -31.45 49.59
CA ILE Y 302 66.61 -32.18 49.01
C ILE Y 302 66.59 -32.08 47.48
N ALA Y 303 65.41 -31.82 46.90
CA ALA Y 303 65.33 -31.49 45.49
C ALA Y 303 66.03 -30.17 45.19
N PHE Y 304 65.81 -29.18 46.04
CA PHE Y 304 66.51 -27.90 45.92
C PHE Y 304 68.01 -28.10 46.06
N SER Y 305 68.39 -29.01 46.96
CA SER Y 305 69.80 -29.29 47.18
C SER Y 305 70.44 -29.95 45.97
N THR Y 306 69.78 -30.90 45.34
CA THR Y 306 70.38 -31.54 44.19
C THR Y 306 70.37 -30.63 42.97
N SER Y 307 69.43 -29.69 42.90
CA SER Y 307 69.53 -28.64 41.90
C SER Y 307 70.74 -27.76 42.15
N SER Y 308 71.05 -27.49 43.41
CA SER Y 308 72.27 -26.74 43.76
C SER Y 308 73.52 -27.51 43.35
N GLN Y 309 73.52 -28.82 43.56
CA GLN Y 309 74.68 -29.63 43.19
C GLN Y 309 74.90 -29.65 41.68
N LEU Y 310 73.81 -29.77 40.92
CA LEU Y 310 73.95 -29.70 39.47
C LEU Y 310 74.33 -28.31 39.00
N GLY Y 311 73.97 -27.27 39.76
CA GLY Y 311 74.47 -25.94 39.43
C GLY Y 311 75.97 -25.82 39.65
N LEU Y 312 76.48 -26.46 40.72
CA LEU Y 312 77.92 -26.54 40.91
C LEU Y 312 78.60 -27.29 39.77
N MET Y 313 77.95 -28.34 39.25
CA MET Y 313 78.56 -29.04 38.13
C MET Y 313 78.47 -28.25 36.83
N MET Y 314 77.44 -27.43 36.66
CA MET Y 314 77.41 -26.54 35.50
C MET Y 314 78.50 -25.48 35.58
N VAL Y 315 78.80 -25.01 36.80
CA VAL Y 315 79.99 -24.18 37.00
C VAL Y 315 81.25 -24.97 36.66
N THR Y 316 81.30 -26.23 37.08
CA THR Y 316 82.45 -27.11 36.87
C THR Y 316 82.69 -27.41 35.40
N ILE Y 317 81.65 -27.29 34.58
CA ILE Y 317 81.82 -27.36 33.13
C ILE Y 317 82.07 -25.98 32.53
N GLY Y 318 81.61 -24.91 33.20
CA GLY Y 318 82.00 -23.57 32.79
C GLY Y 318 83.48 -23.29 32.93
N ILE Y 319 84.13 -23.97 33.84
CA ILE Y 319 85.59 -24.07 33.86
C ILE Y 319 85.93 -25.38 33.15
N ASN Y 320 87.09 -25.46 32.51
CA ASN Y 320 87.40 -26.68 31.77
C ASN Y 320 87.77 -27.84 32.68
N GLN Y 321 86.78 -28.36 33.43
CA GLN Y 321 87.02 -29.41 34.43
C GLN Y 321 85.89 -30.44 34.37
N PRO Y 322 85.98 -31.41 33.48
CA PRO Y 322 84.90 -32.40 33.42
C PRO Y 322 85.03 -33.53 34.43
N HIS Y 323 86.27 -33.83 34.82
CA HIS Y 323 86.52 -35.06 35.57
C HIS Y 323 86.23 -34.88 37.05
N LEU Y 324 86.51 -33.69 37.58
CA LEU Y 324 86.05 -33.33 38.91
C LEU Y 324 84.54 -33.36 38.98
N ALA Y 325 83.88 -32.96 37.88
CA ALA Y 325 82.42 -33.01 37.83
C ALA Y 325 81.91 -34.44 37.83
N PHE Y 326 82.61 -35.36 37.14
CA PHE Y 326 82.18 -36.76 37.15
C PHE Y 326 82.36 -37.41 38.52
N LEU Y 327 83.45 -37.06 39.21
CA LEU Y 327 83.63 -37.54 40.57
C LEU Y 327 82.54 -36.97 41.49
N HIS Y 328 82.13 -35.72 41.22
CA HIS Y 328 81.02 -35.12 41.95
C HIS Y 328 79.71 -35.83 41.67
N ILE Y 329 79.53 -36.31 40.43
CA ILE Y 329 78.35 -37.11 40.07
C ILE Y 329 78.27 -38.36 40.93
N CYS Y 330 79.38 -39.10 41.02
CA CYS Y 330 79.36 -40.36 41.76
C CYS Y 330 79.14 -40.14 43.25
N THR Y 331 79.84 -39.15 43.83
CA THR Y 331 79.67 -38.86 45.26
C THR Y 331 78.27 -38.34 45.57
N HIS Y 332 77.75 -37.48 44.69
CA HIS Y 332 76.39 -36.98 44.80
C HIS Y 332 75.37 -38.10 44.73
N ALA Y 333 75.65 -39.11 43.89
CA ALA Y 333 74.74 -40.23 43.71
C ALA Y 333 74.62 -41.05 45.00
N PHE Y 334 75.77 -41.50 45.54
CA PHE Y 334 75.78 -42.18 46.85
C PHE Y 334 75.11 -41.33 47.93
N PHE Y 335 75.43 -40.03 47.91
CA PHE Y 335 75.00 -39.07 48.91
C PHE Y 335 73.48 -38.99 49.01
N LYS Y 336 72.84 -38.57 47.93
CA LYS Y 336 71.40 -38.38 48.05
C LYS Y 336 70.60 -39.64 47.87
N ALA Y 337 71.18 -40.73 47.35
CA ALA Y 337 70.54 -42.03 47.46
C ALA Y 337 70.34 -42.40 48.92
N MET Y 338 71.43 -42.34 49.69
CA MET Y 338 71.37 -42.66 51.12
C MET Y 338 70.46 -41.68 51.88
N LEU Y 339 70.47 -40.41 51.47
CA LEU Y 339 69.71 -39.39 52.18
C LEU Y 339 68.21 -39.52 51.94
N PHE Y 340 67.78 -39.63 50.68
CA PHE Y 340 66.36 -39.84 50.37
C PHE Y 340 65.84 -41.13 50.96
N MET Y 341 66.65 -42.20 50.95
CA MET Y 341 66.15 -43.46 51.48
C MET Y 341 65.99 -43.40 52.99
N CYS Y 342 66.88 -42.69 53.68
CA CYS Y 342 66.69 -42.47 55.12
C CYS Y 342 65.45 -41.63 55.40
N SER Y 343 65.22 -40.59 54.60
CA SER Y 343 64.03 -39.75 54.77
C SER Y 343 62.74 -40.54 54.56
N GLY Y 344 62.72 -41.39 53.53
CA GLY Y 344 61.53 -42.18 53.27
C GLY Y 344 61.31 -43.23 54.33
N SER Y 345 62.38 -43.77 54.90
CA SER Y 345 62.29 -44.61 56.09
C SER Y 345 61.55 -43.91 57.21
N ILE Y 346 61.93 -42.65 57.48
CA ILE Y 346 61.30 -41.92 58.58
C ILE Y 346 59.85 -41.59 58.27
N ILE Y 347 59.55 -41.24 57.01
CA ILE Y 347 58.18 -40.86 56.64
C ILE Y 347 57.25 -42.07 56.68
N HIS Y 348 57.72 -43.23 56.24
CA HIS Y 348 56.92 -44.44 56.39
C HIS Y 348 56.82 -44.85 57.85
N SER Y 349 57.82 -44.53 58.65
CA SER Y 349 57.74 -44.79 60.09
C SER Y 349 56.77 -43.87 60.80
N LEU Y 350 56.43 -42.72 60.21
CA LEU Y 350 55.63 -41.74 60.94
C LEU Y 350 54.36 -41.42 60.15
N ASN Y 351 53.65 -42.49 59.75
CA ASN Y 351 52.27 -42.45 59.27
C ASN Y 351 52.10 -41.67 57.97
N ASP Y 352 53.18 -41.55 57.19
CA ASP Y 352 53.22 -40.90 55.88
C ASP Y 352 52.75 -39.44 55.96
N GLU Y 353 53.18 -38.75 57.01
CA GLU Y 353 52.75 -37.38 57.24
C GLU Y 353 53.64 -36.35 56.55
N GLN Y 354 54.90 -36.71 56.26
CA GLN Y 354 55.78 -36.11 55.26
C GLN Y 354 56.29 -34.73 55.65
N ASP Y 355 55.82 -34.14 56.73
CA ASP Y 355 56.01 -32.71 56.95
C ASP Y 355 57.06 -32.43 58.02
N ILE Y 356 57.44 -31.15 58.10
CA ILE Y 356 58.47 -30.64 58.99
C ILE Y 356 57.79 -29.95 60.16
N ARG Y 357 56.60 -29.44 59.93
CA ARG Y 357 55.75 -29.11 61.06
C ARG Y 357 55.26 -30.40 61.71
N LYS Y 358 55.25 -30.40 63.05
CA LYS Y 358 55.00 -31.58 63.88
C LYS Y 358 56.00 -32.69 63.55
N MET Y 359 57.28 -32.34 63.66
CA MET Y 359 58.38 -33.25 63.36
C MET Y 359 59.56 -33.13 64.32
N GLY Y 360 59.54 -32.17 65.25
CA GLY Y 360 60.73 -31.55 65.81
C GLY Y 360 61.87 -32.37 66.40
N GLY Y 361 61.65 -32.95 67.58
CA GLY Y 361 62.74 -33.64 68.24
C GLY Y 361 62.61 -35.15 68.23
N LEU Y 362 63.37 -35.82 67.37
CA LEU Y 362 63.24 -37.27 67.23
C LEU Y 362 64.55 -38.00 67.44
N PHE Y 363 65.58 -37.32 67.93
CA PHE Y 363 66.77 -38.02 68.37
C PHE Y 363 66.46 -38.82 69.63
N LYS Y 364 67.15 -39.96 69.77
CA LYS Y 364 67.00 -41.04 70.77
C LYS Y 364 65.75 -41.88 70.53
N ALA Y 365 64.87 -41.44 69.63
CA ALA Y 365 64.04 -42.37 68.90
C ALA Y 365 64.92 -42.90 67.78
N MET Y 366 64.88 -44.23 67.57
CA MET Y 366 66.03 -45.11 67.36
C MET Y 366 67.20 -44.49 66.58
N PRO Y 367 68.40 -44.54 67.14
CA PRO Y 367 69.48 -43.66 66.69
C PRO Y 367 70.10 -44.06 65.36
N PHE Y 368 69.63 -45.14 64.76
CA PHE Y 368 70.21 -45.61 63.51
C PHE Y 368 69.87 -44.68 62.36
N THR Y 369 68.57 -44.35 62.21
CA THR Y 369 68.19 -43.44 61.14
C THR Y 369 68.62 -42.01 61.43
N THR Y 370 68.71 -41.63 62.71
CA THR Y 370 69.14 -40.28 63.04
C THR Y 370 70.63 -40.12 62.78
N THR Y 371 71.40 -41.16 63.14
CA THR Y 371 72.82 -41.21 62.80
C THR Y 371 73.01 -41.18 61.29
N ALA Y 372 72.16 -41.90 60.55
CA ALA Y 372 72.23 -41.90 59.10
C ALA Y 372 72.01 -40.51 58.53
N LEU Y 373 70.98 -39.82 59.02
CA LEU Y 373 70.66 -38.48 58.53
C LEU Y 373 71.76 -37.48 58.88
N ILE Y 374 72.32 -37.57 60.08
CA ILE Y 374 73.32 -36.59 60.45
C ILE Y 374 74.66 -36.88 59.77
N ILE Y 375 74.97 -38.14 59.45
CA ILE Y 375 76.18 -38.40 58.68
C ILE Y 375 76.01 -37.93 57.25
N GLY Y 376 74.80 -38.04 56.70
CA GLY Y 376 74.53 -37.45 55.40
C GLY Y 376 74.68 -35.93 55.41
N SER Y 377 74.09 -35.27 56.41
CA SER Y 377 74.14 -33.82 56.40
C SER Y 377 75.49 -33.26 56.82
N LEU Y 378 76.30 -34.03 57.56
CA LEU Y 378 77.69 -33.65 57.77
C LEU Y 378 78.52 -33.91 56.52
N ALA Y 379 78.16 -34.92 55.72
CA ALA Y 379 78.83 -35.12 54.45
C ALA Y 379 78.43 -34.06 53.42
N LEU Y 380 77.34 -33.34 53.66
CA LEU Y 380 77.05 -32.15 52.88
C LEU Y 380 78.12 -31.10 53.16
N THR Y 381 78.65 -30.51 52.09
CA THR Y 381 79.78 -29.57 52.03
C THR Y 381 81.09 -30.12 52.57
N GLY Y 382 81.17 -31.42 52.86
CA GLY Y 382 82.46 -32.05 53.10
C GLY Y 382 83.20 -31.62 54.35
N MET Y 383 82.75 -32.05 55.52
CA MET Y 383 83.49 -31.80 56.75
C MET Y 383 84.88 -32.42 56.66
N PRO Y 384 85.92 -31.70 57.05
CA PRO Y 384 87.29 -32.03 56.61
C PRO Y 384 87.89 -33.23 57.33
N PHE Y 385 88.30 -34.24 56.56
CA PHE Y 385 88.06 -34.34 55.12
C PHE Y 385 87.55 -35.74 54.82
N LEU Y 386 86.36 -35.79 54.24
CA LEU Y 386 85.54 -36.98 54.14
C LEU Y 386 85.24 -37.22 52.65
N THR Y 387 84.29 -38.11 52.37
CA THR Y 387 83.94 -38.43 50.99
C THR Y 387 83.33 -37.24 50.26
N GLY Y 388 82.56 -36.42 50.94
CA GLY Y 388 82.01 -35.23 50.31
C GLY Y 388 82.96 -34.06 50.21
N PHE Y 389 84.14 -34.17 50.84
CA PHE Y 389 85.13 -33.11 50.81
C PHE Y 389 85.72 -32.92 49.43
N TYR Y 390 86.14 -34.04 48.82
CA TYR Y 390 87.09 -34.04 47.72
C TYR Y 390 86.52 -33.36 46.48
N SER Y 391 85.36 -33.85 46.03
CA SER Y 391 84.71 -33.35 44.83
C SER Y 391 84.40 -31.87 44.93
N LYS Y 392 83.55 -31.49 45.90
CA LYS Y 392 83.07 -30.10 46.00
C LYS Y 392 84.20 -29.13 46.28
N ASP Y 393 85.15 -29.52 47.12
CA ASP Y 393 86.18 -28.57 47.51
C ASP Y 393 87.25 -28.42 46.44
N LEU Y 394 87.63 -29.50 45.76
CA LEU Y 394 88.54 -29.35 44.64
C LEU Y 394 87.87 -28.64 43.48
N ILE Y 395 86.55 -28.77 43.34
CA ILE Y 395 85.82 -28.03 42.32
C ILE Y 395 85.83 -26.54 42.60
N ILE Y 396 85.55 -26.14 43.85
CA ILE Y 396 85.47 -24.71 44.12
C ILE Y 396 86.86 -24.08 44.11
N GLU Y 397 87.89 -24.82 44.54
CA GLU Y 397 89.24 -24.27 44.49
C GLU Y 397 89.76 -24.22 43.05
N SER Y 398 89.39 -25.20 42.22
CA SER Y 398 89.80 -25.16 40.82
C SER Y 398 89.05 -24.08 40.07
N ALA Y 399 87.82 -23.75 40.49
CA ALA Y 399 87.12 -22.62 39.92
C ALA Y 399 87.75 -21.31 40.37
N ASN Y 400 88.23 -21.25 41.60
CA ASN Y 400 88.83 -20.03 42.11
C ASN Y 400 90.17 -19.76 41.44
N THR Y 401 90.97 -20.79 41.22
CA THR Y 401 92.32 -20.62 40.67
C THR Y 401 92.31 -20.72 39.14
N SER Y 402 91.45 -19.91 38.50
CA SER Y 402 91.36 -19.92 37.05
C SER Y 402 90.80 -18.58 36.59
N TYR Y 403 90.55 -18.49 35.28
CA TYR Y 403 89.96 -17.31 34.65
C TYR Y 403 88.48 -17.29 35.03
N THR Y 404 88.21 -16.75 36.21
CA THR Y 404 86.89 -16.83 36.81
C THR Y 404 86.07 -15.61 36.39
N ASN Y 405 84.77 -15.81 36.16
CA ASN Y 405 83.92 -14.76 35.64
C ASN Y 405 83.39 -13.82 36.74
N ALA Y 406 84.01 -13.85 37.93
CA ALA Y 406 83.95 -12.82 38.97
C ALA Y 406 82.60 -12.65 39.66
N TRP Y 407 81.59 -13.37 39.22
CA TRP Y 407 80.28 -13.30 39.86
C TRP Y 407 79.76 -14.67 40.24
N ALA Y 408 80.04 -15.67 39.41
CA ALA Y 408 79.60 -17.03 39.67
C ALA Y 408 80.32 -17.64 40.87
N LEU Y 409 81.58 -17.27 41.08
CA LEU Y 409 82.29 -17.72 42.27
C LEU Y 409 81.64 -17.16 43.53
N LEU Y 410 81.21 -15.90 43.47
CA LEU Y 410 80.47 -15.29 44.57
C LEU Y 410 79.13 -15.99 44.76
N MET Y 411 78.51 -16.40 43.65
CA MET Y 411 77.26 -17.15 43.72
C MET Y 411 77.45 -18.49 44.42
N THR Y 412 78.51 -19.22 44.04
CA THR Y 412 78.78 -20.51 44.66
C THR Y 412 79.17 -20.36 46.13
N LEU Y 413 79.82 -19.24 46.49
CA LEU Y 413 80.19 -19.00 47.87
C LEU Y 413 78.96 -18.76 48.75
N VAL Y 414 78.05 -17.88 48.29
CA VAL Y 414 76.84 -17.59 49.04
C VAL Y 414 75.92 -18.81 49.06
N ALA Y 415 75.91 -19.58 47.98
CA ALA Y 415 75.11 -20.80 47.97
C ALA Y 415 75.72 -21.89 48.83
N THR Y 416 77.04 -21.87 49.02
CA THR Y 416 77.67 -22.80 49.96
C THR Y 416 77.23 -22.49 51.39
N SER Y 417 77.23 -21.20 51.73
CA SER Y 417 76.71 -20.78 53.03
C SER Y 417 75.24 -21.16 53.19
N PHE Y 418 74.46 -21.01 52.11
CA PHE Y 418 73.04 -21.32 52.18
C PHE Y 418 72.79 -22.82 52.32
N THR Y 419 73.57 -23.66 51.64
CA THR Y 419 73.32 -25.09 51.78
C THR Y 419 73.79 -25.59 53.13
N ALA Y 420 74.79 -24.92 53.72
CA ALA Y 420 75.12 -25.17 55.13
C ALA Y 420 73.96 -24.82 56.05
N ILE Y 421 73.31 -23.67 55.82
CA ILE Y 421 72.28 -23.26 56.78
C ILE Y 421 71.01 -24.09 56.62
N TYR Y 422 70.64 -24.52 55.40
CA TYR Y 422 69.44 -25.35 55.38
C TYR Y 422 69.72 -26.80 55.71
N SER Y 423 70.96 -27.29 55.56
CA SER Y 423 71.29 -28.59 56.14
C SER Y 423 71.20 -28.55 57.65
N THR Y 424 71.64 -27.44 58.25
CA THR Y 424 71.50 -27.28 59.69
C THR Y 424 70.04 -27.16 60.10
N ARG Y 425 69.22 -26.47 59.29
CA ARG Y 425 67.83 -26.31 59.65
C ARG Y 425 67.05 -27.61 59.48
N ILE Y 426 67.38 -28.43 58.47
CA ILE Y 426 66.69 -29.70 58.35
C ILE Y 426 67.10 -30.65 59.45
N ILE Y 427 68.36 -30.57 59.93
CA ILE Y 427 68.77 -31.32 61.12
C ILE Y 427 67.95 -30.88 62.34
N PHE Y 428 67.86 -29.57 62.57
CA PHE Y 428 67.25 -29.08 63.80
C PHE Y 428 65.75 -29.31 63.81
N PHE Y 429 65.06 -29.02 62.72
CA PHE Y 429 63.63 -29.27 62.64
C PHE Y 429 63.29 -30.71 62.31
N ALA Y 430 64.28 -31.58 62.11
CA ALA Y 430 63.98 -32.99 61.97
C ALA Y 430 64.13 -33.75 63.28
N LEU Y 431 65.25 -33.58 63.97
CA LEU Y 431 65.60 -34.52 65.05
C LEU Y 431 65.87 -33.87 66.39
N LEU Y 432 65.87 -32.53 66.49
CA LEU Y 432 66.56 -31.86 67.57
C LEU Y 432 65.69 -31.03 68.49
N GLY Y 433 64.51 -30.63 68.06
CA GLY Y 433 63.67 -29.78 68.88
C GLY Y 433 62.91 -30.56 69.92
N GLN Y 434 61.61 -30.33 70.00
CA GLN Y 434 60.88 -31.15 70.94
C GLN Y 434 59.99 -32.15 70.22
N PRO Y 435 59.80 -33.34 70.79
CA PRO Y 435 59.02 -34.38 70.11
C PRO Y 435 57.55 -34.02 69.99
N ARG Y 436 57.07 -33.98 68.76
CA ARG Y 436 55.68 -33.64 68.48
C ARG Y 436 55.20 -34.49 67.30
N PHE Y 437 54.23 -35.34 67.58
CA PHE Y 437 53.76 -36.40 66.70
C PHE Y 437 52.52 -37.02 67.35
N PRO Y 438 51.63 -37.64 66.58
CA PRO Y 438 50.45 -38.27 67.18
C PRO Y 438 50.82 -39.49 68.01
N THR Y 439 49.91 -39.84 68.91
CA THR Y 439 50.07 -41.02 69.74
C THR Y 439 49.66 -42.27 68.97
N LEU Y 440 49.80 -43.42 69.64
CA LEU Y 440 49.71 -44.76 69.04
C LEU Y 440 50.66 -44.84 67.84
N ILE Y 441 51.95 -44.75 68.16
CA ILE Y 441 52.97 -44.68 67.14
C ILE Y 441 53.20 -46.06 66.54
N ASN Y 442 53.50 -46.06 65.25
CA ASN Y 442 54.05 -47.24 64.59
C ASN Y 442 55.52 -47.02 64.22
N ILE Y 443 56.23 -46.33 65.11
CA ILE Y 443 57.64 -46.01 64.86
C ILE Y 443 58.43 -47.28 65.05
N ASN Y 444 58.76 -47.93 63.94
CA ASN Y 444 59.26 -49.31 63.96
C ASN Y 444 60.34 -49.43 62.91
N GLU Y 445 61.60 -49.43 63.33
CA GLU Y 445 62.71 -49.75 62.45
C GLU Y 445 63.38 -51.06 62.84
N ASN Y 446 62.65 -51.94 63.52
CA ASN Y 446 63.10 -53.29 63.80
C ASN Y 446 62.85 -54.11 62.55
N ASN Y 447 63.80 -54.02 61.63
CA ASN Y 447 63.60 -54.39 60.24
C ASN Y 447 64.95 -54.81 59.66
N PRO Y 448 65.11 -56.06 59.21
CA PRO Y 448 66.43 -56.48 58.70
C PRO Y 448 66.79 -55.84 57.37
N PHE Y 449 65.81 -55.66 56.49
CA PHE Y 449 66.07 -55.15 55.14
C PHE Y 449 66.62 -53.73 55.18
N LEU Y 450 65.99 -52.87 55.98
CA LEU Y 450 66.35 -51.47 55.98
C LEU Y 450 67.67 -51.23 56.70
N ILE Y 451 67.93 -51.99 57.77
CA ILE Y 451 69.22 -51.82 58.42
C ILE Y 451 70.34 -52.38 57.56
N ASN Y 452 70.05 -53.42 56.75
CA ASN Y 452 71.04 -53.91 55.80
C ASN Y 452 71.35 -52.87 54.74
N SER Y 453 70.31 -52.23 54.21
CA SER Y 453 70.49 -51.26 53.13
C SER Y 453 71.18 -49.99 53.63
N ILE Y 454 70.77 -49.46 54.78
CA ILE Y 454 71.37 -48.24 55.30
C ILE Y 454 72.79 -48.50 55.80
N LYS Y 455 73.03 -49.68 56.41
CA LYS Y 455 74.35 -50.10 56.82
C LYS Y 455 75.31 -50.16 55.63
N ARG Y 456 74.87 -50.81 54.56
CA ARG Y 456 75.74 -50.99 53.41
C ARG Y 456 75.95 -49.68 52.67
N LEU Y 457 74.96 -48.78 52.68
CA LEU Y 457 75.20 -47.49 52.07
C LEU Y 457 76.02 -46.55 52.92
N LEU Y 458 76.05 -46.70 54.24
CA LEU Y 458 77.00 -45.87 54.96
C LEU Y 458 78.43 -46.41 54.81
N ILE Y 459 78.57 -47.73 54.66
CA ILE Y 459 79.87 -48.29 54.30
C ILE Y 459 80.34 -47.77 52.95
N GLY Y 460 79.43 -47.76 51.97
CA GLY Y 460 79.75 -47.17 50.68
C GLY Y 460 79.78 -45.65 50.68
N SER Y 461 79.35 -45.02 51.77
CA SER Y 461 79.37 -43.57 51.88
C SER Y 461 80.54 -43.04 52.70
N LEU Y 462 81.32 -43.91 53.32
CA LEU Y 462 82.47 -43.43 54.08
C LEU Y 462 83.82 -43.87 53.55
N PHE Y 463 83.91 -45.00 52.86
CA PHE Y 463 85.17 -45.44 52.25
C PHE Y 463 85.28 -45.08 50.78
N ALA Y 464 84.19 -45.22 50.04
CA ALA Y 464 84.25 -45.23 48.59
C ALA Y 464 84.58 -43.87 47.99
N GLY Y 465 84.33 -42.78 48.71
CA GLY Y 465 84.75 -41.47 48.22
C GLY Y 465 86.24 -41.35 48.08
N PHE Y 466 86.97 -41.68 49.14
CA PHE Y 466 88.43 -41.68 49.08
C PHE Y 466 88.96 -42.77 48.15
N ILE Y 467 88.32 -43.94 48.16
CA ILE Y 467 88.81 -45.06 47.34
C ILE Y 467 88.68 -44.74 45.86
N ILE Y 468 87.50 -44.28 45.43
CA ILE Y 468 87.26 -43.91 44.04
C ILE Y 468 88.09 -42.70 43.64
N SER Y 469 88.16 -41.68 44.51
CA SER Y 469 88.93 -40.48 44.18
C SER Y 469 90.43 -40.73 44.16
N ASN Y 470 90.90 -41.81 44.77
CA ASN Y 470 92.32 -42.09 44.73
C ASN Y 470 92.73 -42.79 43.43
N ASN Y 471 91.96 -43.78 43.00
CA ASN Y 471 92.39 -44.61 41.86
C ASN Y 471 91.81 -44.13 40.53
N ILE Y 472 92.01 -42.85 40.21
CA ILE Y 472 91.63 -42.39 38.87
C ILE Y 472 92.90 -42.01 38.12
N PRO Y 473 92.93 -42.20 36.80
CA PRO Y 473 93.99 -41.60 36.01
C PRO Y 473 93.85 -40.09 36.02
N PRO Y 474 94.94 -39.37 36.24
CA PRO Y 474 94.85 -37.91 36.21
C PRO Y 474 94.68 -37.39 34.79
N MET Y 475 93.45 -36.99 34.48
CA MET Y 475 93.09 -36.49 33.16
C MET Y 475 93.19 -34.98 33.05
N THR Y 476 93.71 -34.32 34.08
CA THR Y 476 93.85 -32.87 34.08
C THR Y 476 94.97 -32.50 35.03
N ILE Y 477 95.20 -31.20 35.18
CA ILE Y 477 96.25 -30.67 36.05
C ILE Y 477 95.59 -30.25 37.36
N PRO Y 478 95.89 -30.89 38.48
CA PRO Y 478 95.50 -30.33 39.78
C PRO Y 478 96.32 -29.09 40.09
N GLN Y 479 95.66 -28.14 40.76
CA GLN Y 479 96.28 -26.83 40.97
C GLN Y 479 97.34 -26.88 42.07
N MET Y 480 96.91 -27.20 43.30
CA MET Y 480 97.72 -27.51 44.48
C MET Y 480 98.49 -26.30 45.03
N THR Y 481 98.40 -25.15 44.37
CA THR Y 481 99.07 -23.93 44.81
C THR Y 481 98.03 -22.84 45.02
N MET Y 482 97.61 -22.65 46.26
CA MET Y 482 96.60 -21.65 46.59
C MET Y 482 97.15 -20.69 47.64
N PRO Y 483 96.68 -19.45 47.63
CA PRO Y 483 97.06 -18.49 48.68
C PRO Y 483 96.30 -18.76 49.97
N HIS Y 484 96.52 -17.88 50.94
CA HIS Y 484 95.70 -17.89 52.14
C HIS Y 484 94.29 -17.43 51.80
N TYR Y 485 93.32 -17.94 52.57
CA TYR Y 485 91.86 -17.76 52.41
C TYR Y 485 91.37 -18.05 50.99
N LEU Y 486 92.06 -18.93 50.26
CA LEU Y 486 91.52 -19.50 49.04
C LEU Y 486 91.38 -21.01 49.11
N LYS Y 487 92.17 -21.67 49.95
CA LYS Y 487 91.94 -23.07 50.30
C LYS Y 487 91.14 -23.22 51.58
N MET Y 488 91.28 -22.28 52.49
CA MET Y 488 90.57 -22.29 53.76
C MET Y 488 89.14 -21.77 53.63
N THR Y 489 88.81 -21.14 52.49
CA THR Y 489 87.57 -20.37 52.36
C THR Y 489 86.31 -21.24 52.42
N ALA Y 490 86.37 -22.47 51.92
CA ALA Y 490 85.21 -23.35 51.96
C ALA Y 490 84.85 -23.74 53.38
N LEU Y 491 85.86 -24.17 54.15
CA LEU Y 491 85.66 -24.52 55.56
C LEU Y 491 85.23 -23.30 56.37
N THR Y 492 85.80 -22.13 56.07
CA THR Y 492 85.45 -20.91 56.78
C THR Y 492 83.98 -20.53 56.56
N VAL Y 493 83.53 -20.60 55.31
CA VAL Y 493 82.16 -20.22 54.99
C VAL Y 493 81.16 -21.23 55.54
N THR Y 494 81.51 -22.52 55.50
CA THR Y 494 80.59 -23.52 56.05
C THR Y 494 80.49 -23.43 57.58
N ILE Y 495 81.60 -23.11 58.24
CA ILE Y 495 81.56 -22.95 59.69
C ILE Y 495 80.75 -21.71 60.09
N LEU Y 496 80.95 -20.59 59.39
CA LEU Y 496 80.18 -19.40 59.74
C LEU Y 496 78.71 -19.55 59.38
N GLY Y 497 78.40 -20.36 58.36
CA GLY Y 497 77.01 -20.67 58.09
C GLY Y 497 76.39 -21.56 59.16
N PHE Y 498 77.19 -22.48 59.72
CA PHE Y 498 76.73 -23.27 60.86
C PHE Y 498 76.40 -22.38 62.05
N ILE Y 499 77.26 -21.39 62.32
CA ILE Y 499 76.98 -20.44 63.40
C ILE Y 499 75.76 -19.58 63.07
N LEU Y 500 75.57 -19.25 61.79
CA LEU Y 500 74.46 -18.40 61.35
C LEU Y 500 73.12 -19.13 61.54
N ALA Y 501 73.06 -20.38 61.11
CA ALA Y 501 71.83 -21.15 61.30
C ALA Y 501 71.61 -21.49 62.77
N LEU Y 502 72.69 -21.68 63.54
CA LEU Y 502 72.55 -21.94 64.97
C LEU Y 502 71.97 -20.73 65.72
N GLU Y 503 72.40 -19.52 65.34
CA GLU Y 503 71.83 -18.35 66.02
C GLU Y 503 70.42 -18.06 65.52
N ILE Y 504 70.09 -18.43 64.27
CA ILE Y 504 68.70 -18.38 63.84
C ILE Y 504 67.83 -19.34 64.67
N SER Y 505 68.37 -20.52 65.00
CA SER Y 505 67.67 -21.45 65.88
C SER Y 505 67.49 -20.88 67.28
N ASN Y 506 68.53 -20.23 67.82
CA ASN Y 506 68.44 -19.66 69.16
C ASN Y 506 67.47 -18.49 69.22
N THR Y 507 67.32 -17.74 68.12
CA THR Y 507 66.24 -16.75 68.09
C THR Y 507 64.88 -17.40 67.89
N THR Y 508 64.85 -18.57 67.25
CA THR Y 508 63.59 -19.28 67.04
C THR Y 508 63.06 -19.85 68.36
N HIS Y 509 63.94 -20.10 69.32
CA HIS Y 509 63.50 -20.54 70.65
C HIS Y 509 62.68 -19.49 71.38
N TYR Y 510 62.83 -18.21 71.02
CA TYR Y 510 62.19 -17.14 71.77
C TYR Y 510 60.71 -17.05 71.42
N LEU Y 511 60.06 -16.01 71.92
CA LEU Y 511 58.66 -15.71 71.59
C LEU Y 511 58.61 -14.30 71.00
N LYS Y 512 58.48 -14.21 69.70
CA LYS Y 512 58.47 -12.88 69.10
C LYS Y 512 57.29 -12.63 68.17
N PHE Y 513 56.95 -13.60 67.33
CA PHE Y 513 55.90 -13.51 66.29
C PHE Y 513 56.12 -12.29 65.38
N ASN Y 514 57.18 -12.38 64.58
CA ASN Y 514 57.43 -11.34 63.60
C ASN Y 514 56.49 -11.49 62.40
N TYR Y 515 56.63 -10.60 61.45
CA TYR Y 515 55.82 -10.62 60.24
C TYR Y 515 56.68 -10.90 59.01
N PRO Y 516 56.12 -11.56 58.00
CA PRO Y 516 56.82 -11.67 56.72
C PRO Y 516 56.91 -10.32 56.03
N SER Y 517 58.10 -9.99 55.57
CA SER Y 517 58.36 -8.75 54.84
C SER Y 517 58.69 -9.03 53.39
N ASN Y 518 58.09 -10.09 52.85
CA ASN Y 518 58.15 -10.58 51.46
C ASN Y 518 59.51 -11.13 51.05
N THR Y 519 60.53 -10.98 51.89
CA THR Y 519 61.70 -11.83 51.74
C THR Y 519 61.35 -13.25 52.15
N PHE Y 520 60.58 -13.37 53.23
CA PHE Y 520 59.96 -14.62 53.64
C PHE Y 520 59.12 -15.21 52.52
N LYS Y 521 58.29 -14.37 51.88
CA LYS Y 521 57.39 -14.83 50.83
C LYS Y 521 58.16 -15.24 49.58
N PHE Y 522 59.14 -14.43 49.18
CA PHE Y 522 59.92 -14.74 48.00
C PHE Y 522 60.81 -15.96 48.21
N SER Y 523 61.21 -16.21 49.45
CA SER Y 523 61.92 -17.46 49.73
C SER Y 523 60.96 -18.64 49.75
N ASN Y 524 59.70 -18.40 50.12
CA ASN Y 524 58.79 -19.52 50.31
C ASN Y 524 58.21 -20.00 48.98
N LEU Y 525 57.59 -19.12 48.22
CA LEU Y 525 56.70 -19.58 47.16
C LEU Y 525 57.41 -19.95 45.87
N LEU Y 526 58.51 -20.72 45.97
CA LEU Y 526 59.32 -21.17 44.83
C LEU Y 526 59.71 -19.99 43.94
N GLY Y 527 60.24 -18.94 44.57
CA GLY Y 527 59.63 -17.63 44.51
C GLY Y 527 59.04 -17.19 43.19
N TYR Y 528 57.72 -17.27 43.15
CA TYR Y 528 56.80 -16.71 42.16
C TYR Y 528 56.92 -17.33 40.75
N TYR Y 529 57.93 -18.19 40.54
CA TYR Y 529 58.14 -18.76 39.21
C TYR Y 529 57.05 -19.74 38.78
N PRO Y 530 56.72 -20.81 39.55
CA PRO Y 530 55.74 -21.76 39.02
C PRO Y 530 54.35 -21.17 38.96
N THR Y 531 54.03 -20.29 39.91
CA THR Y 531 52.76 -19.59 39.90
C THR Y 531 52.61 -18.72 38.66
N ILE Y 532 53.59 -17.85 38.40
CA ILE Y 532 53.49 -16.95 37.25
C ILE Y 532 53.50 -17.71 35.94
N MET Y 533 54.40 -18.69 35.80
CA MET Y 533 54.49 -19.39 34.52
C MET Y 533 53.31 -20.32 34.29
N HIS Y 534 52.86 -21.04 35.32
CA HIS Y 534 51.77 -21.98 35.15
C HIS Y 534 50.41 -21.31 35.16
N ARG Y 535 50.33 -20.02 35.51
CA ARG Y 535 49.10 -19.30 35.27
C ARG Y 535 49.18 -18.35 34.09
N LEU Y 536 50.35 -18.17 33.48
CA LEU Y 536 50.44 -17.39 32.27
C LEU Y 536 50.41 -18.27 31.02
N THR Y 537 51.39 -19.15 30.87
CA THR Y 537 51.51 -19.90 29.62
C THR Y 537 50.45 -20.97 29.36
N PRO Y 538 49.86 -21.67 30.35
CA PRO Y 538 48.67 -22.47 29.99
C PRO Y 538 47.46 -21.62 29.71
N TYR Y 539 47.31 -20.48 30.37
CA TYR Y 539 46.16 -19.63 30.08
C TYR Y 539 46.31 -18.93 28.74
N MET Y 540 47.51 -18.45 28.44
CA MET Y 540 47.68 -17.70 27.20
C MET Y 540 47.62 -18.60 25.97
N ASN Y 541 48.27 -19.76 26.01
CA ASN Y 541 48.27 -20.63 24.85
C ASN Y 541 46.90 -21.24 24.59
N LEU Y 542 46.11 -21.47 25.63
CA LEU Y 542 44.78 -22.01 25.42
C LEU Y 542 43.75 -20.95 25.13
N THR Y 543 43.94 -19.73 25.61
CA THR Y 543 43.08 -18.64 25.19
C THR Y 543 43.34 -18.30 23.73
N MET Y 544 44.62 -18.33 23.33
CA MET Y 544 44.98 -18.21 21.91
C MET Y 544 44.67 -19.48 21.13
N SER Y 545 44.32 -20.58 21.80
CA SER Y 545 43.77 -21.71 21.08
C SER Y 545 42.26 -21.65 20.99
N GLN Y 546 41.60 -21.05 21.98
CA GLN Y 546 40.14 -21.00 21.99
C GLN Y 546 39.62 -20.06 20.91
N LYS Y 547 39.96 -18.77 21.01
CA LYS Y 547 39.39 -17.76 20.13
C LYS Y 547 39.83 -17.94 18.69
N SER Y 548 40.96 -18.58 18.46
CA SER Y 548 41.47 -19.02 17.18
C SER Y 548 40.74 -20.29 16.77
N ALA Y 549 41.40 -21.10 15.94
CA ALA Y 549 40.91 -22.26 15.19
C ALA Y 549 39.81 -23.10 15.85
N SER Y 550 39.88 -23.28 17.17
CA SER Y 550 38.78 -23.90 17.91
C SER Y 550 37.48 -23.13 17.71
N SER Y 551 37.56 -21.80 17.73
CA SER Y 551 36.35 -21.01 17.51
C SER Y 551 36.50 -19.87 16.51
N LEU Y 552 37.69 -19.59 15.98
CA LEU Y 552 37.75 -18.59 14.92
C LEU Y 552 38.26 -19.13 13.59
N LEU Y 553 39.48 -19.66 13.55
CA LEU Y 553 40.20 -19.74 12.28
C LEU Y 553 39.74 -20.91 11.42
N ASP Y 554 39.49 -22.07 12.02
CA ASP Y 554 39.07 -23.20 11.20
C ASP Y 554 37.59 -23.11 10.89
N LEU Y 555 36.76 -23.28 11.92
CA LEU Y 555 35.36 -23.64 11.74
C LEU Y 555 34.58 -22.52 11.09
N ILE Y 556 34.49 -21.38 11.77
CA ILE Y 556 33.49 -20.41 11.38
C ILE Y 556 33.95 -19.60 10.17
N TRP Y 557 35.24 -19.27 10.09
CA TRP Y 557 35.69 -18.53 8.91
C TRP Y 557 35.84 -19.43 7.69
N LEU Y 558 36.30 -20.67 7.87
CA LEU Y 558 36.46 -21.52 6.70
C LEU Y 558 35.09 -21.96 6.17
N GLU Y 559 34.12 -22.15 7.07
CA GLU Y 559 32.77 -22.44 6.64
C GLU Y 559 32.02 -21.22 6.12
N THR Y 560 32.45 -20.01 6.45
CA THR Y 560 31.87 -18.87 5.75
C THR Y 560 32.53 -18.61 4.41
N ILE Y 561 33.78 -19.04 4.20
CA ILE Y 561 34.33 -18.76 2.88
C ILE Y 561 33.93 -19.85 1.89
N LEU Y 562 34.30 -21.12 2.15
CA LEU Y 562 34.13 -22.05 1.03
C LEU Y 562 32.74 -22.68 0.92
N PRO Y 563 32.07 -23.16 1.98
CA PRO Y 563 30.67 -23.59 1.78
C PRO Y 563 29.71 -22.44 1.54
N LYS Y 564 29.85 -21.34 2.28
CA LYS Y 564 28.78 -20.35 2.31
C LYS Y 564 28.69 -19.56 1.02
N THR Y 565 29.82 -19.06 0.51
CA THR Y 565 29.80 -18.25 -0.71
C THR Y 565 29.33 -19.06 -1.91
N ILE Y 566 29.86 -20.28 -2.03
CA ILE Y 566 29.49 -21.14 -3.15
C ILE Y 566 28.03 -21.55 -3.06
N SER Y 567 27.60 -22.03 -1.88
CA SER Y 567 26.24 -22.54 -1.74
C SER Y 567 25.21 -21.42 -1.80
N LEU Y 568 25.54 -20.23 -1.30
CA LEU Y 568 24.59 -19.12 -1.36
C LEU Y 568 24.57 -18.48 -2.73
N ALA Y 569 25.68 -18.54 -3.48
CA ALA Y 569 25.63 -18.17 -4.88
C ALA Y 569 24.74 -19.11 -5.67
N GLN Y 570 24.82 -20.41 -5.35
CA GLN Y 570 23.92 -21.38 -5.96
C GLN Y 570 22.47 -21.11 -5.58
N MET Y 571 22.24 -20.72 -4.32
CA MET Y 571 20.89 -20.41 -3.86
C MET Y 571 20.32 -19.20 -4.58
N LYS Y 572 21.11 -18.13 -4.67
CA LYS Y 572 20.65 -16.90 -5.33
C LYS Y 572 20.39 -17.13 -6.81
N MET Y 573 21.32 -17.78 -7.51
CA MET Y 573 21.12 -17.98 -8.94
C MET Y 573 20.00 -18.98 -9.22
N SER Y 574 19.84 -19.98 -8.36
CA SER Y 574 18.75 -20.93 -8.55
C SER Y 574 17.40 -20.28 -8.30
N THR Y 575 17.27 -19.50 -7.22
CA THR Y 575 16.00 -18.85 -6.95
C THR Y 575 15.75 -17.64 -7.83
N THR Y 576 16.72 -17.21 -8.64
CA THR Y 576 16.39 -16.26 -9.69
C THR Y 576 16.04 -16.95 -11.01
N ILE Y 577 16.62 -18.11 -11.29
CA ILE Y 577 16.30 -18.79 -12.55
C ILE Y 577 14.96 -19.53 -12.45
N THR Y 578 14.77 -20.34 -11.41
CA THR Y 578 13.58 -21.19 -11.35
C THR Y 578 12.32 -20.42 -10.95
N SER Y 579 12.45 -19.17 -10.53
CA SER Y 579 11.28 -18.38 -10.12
C SER Y 579 10.70 -17.63 -11.32
N GLN Y 580 10.31 -18.40 -12.32
CA GLN Y 580 9.65 -17.88 -13.51
C GLN Y 580 8.24 -18.45 -13.54
N LYS Y 581 7.24 -17.60 -13.34
CA LYS Y 581 5.86 -18.05 -13.36
C LYS Y 581 5.44 -18.41 -14.78
N GLY Y 582 4.51 -19.36 -14.86
CA GLY Y 582 4.21 -20.02 -16.12
C GLY Y 582 3.42 -19.20 -17.11
N LEU Y 583 4.04 -18.17 -17.65
CA LEU Y 583 3.45 -17.34 -18.70
C LEU Y 583 4.21 -17.52 -20.00
N ILE Y 584 3.48 -17.48 -21.10
CA ILE Y 584 4.05 -17.79 -22.41
C ILE Y 584 4.54 -16.53 -23.11
N LYS Y 585 3.87 -15.40 -22.83
CA LYS Y 585 4.26 -14.11 -23.40
C LYS Y 585 5.66 -13.71 -22.96
N LEU Y 586 5.99 -13.99 -21.70
CA LEU Y 586 7.35 -13.81 -21.20
C LEU Y 586 8.35 -14.62 -22.01
N TYR Y 587 8.01 -15.87 -22.31
CA TYR Y 587 8.94 -16.76 -22.97
C TYR Y 587 9.19 -16.33 -24.41
N PHE Y 588 8.14 -15.95 -25.13
CA PHE Y 588 8.39 -15.57 -26.51
C PHE Y 588 8.93 -14.15 -26.66
N LEU Y 589 8.65 -13.25 -25.71
CA LEU Y 589 9.38 -11.97 -25.72
C LEU Y 589 10.86 -12.19 -25.45
N SER Y 590 11.19 -13.13 -24.55
CA SER Y 590 12.58 -13.48 -24.32
C SER Y 590 13.20 -14.09 -25.56
N PHE Y 591 12.44 -14.89 -26.31
CA PHE Y 591 12.96 -15.49 -27.54
C PHE Y 591 13.23 -14.42 -28.59
N LEU Y 592 12.35 -13.42 -28.68
CA LEU Y 592 12.51 -12.35 -29.67
C LEU Y 592 13.74 -11.50 -29.38
N ILE Y 593 13.88 -11.08 -28.11
CA ILE Y 593 15.06 -10.28 -27.78
C ILE Y 593 16.32 -11.12 -27.82
N THR Y 594 16.20 -12.44 -27.61
CA THR Y 594 17.35 -13.33 -27.75
C THR Y 594 17.81 -13.39 -29.21
N ILE Y 595 16.86 -13.47 -30.15
CA ILE Y 595 17.18 -13.46 -31.57
C ILE Y 595 17.84 -12.14 -31.97
N LEU Y 596 17.29 -11.02 -31.51
CA LEU Y 596 17.88 -9.73 -31.87
C LEU Y 596 19.25 -9.51 -31.24
N ILE Y 597 19.42 -9.94 -29.98
CA ILE Y 597 20.68 -9.77 -29.29
C ILE Y 597 21.73 -10.75 -29.80
N SER Y 598 21.30 -11.79 -30.50
CA SER Y 598 22.22 -12.69 -31.16
C SER Y 598 22.56 -12.23 -32.57
N THR Y 599 21.65 -11.53 -33.23
CA THR Y 599 21.95 -11.06 -34.58
C THR Y 599 22.76 -9.77 -34.57
N THR Y 600 22.21 -8.69 -34.03
CA THR Y 600 22.83 -7.40 -34.29
C THR Y 600 23.91 -7.03 -33.28
N LEU Y 601 23.84 -7.53 -32.06
CA LEU Y 601 24.85 -7.16 -31.06
C LEU Y 601 26.08 -8.05 -31.17
N LEU Y 602 25.91 -9.34 -30.88
CA LEU Y 602 27.03 -10.26 -30.81
C LEU Y 602 27.00 -11.03 -32.12
N ASN Y 603 27.61 -10.44 -33.14
CA ASN Y 603 27.41 -10.87 -34.52
C ASN Y 603 28.08 -12.22 -34.80
N PHE Y 604 27.44 -12.96 -35.68
CA PHE Y 604 27.83 -14.27 -36.19
C PHE Y 604 27.87 -14.28 -37.70
N HIS Y 605 26.90 -13.62 -38.34
CA HIS Y 605 26.92 -13.40 -39.78
C HIS Y 605 27.88 -12.28 -40.15
N GLU Y 606 28.08 -11.33 -39.25
CA GLU Y 606 29.10 -10.30 -39.44
C GLU Y 606 30.33 -10.64 -38.62
N MET Z 1 51.02 -60.50 -10.41
CA MET Z 1 50.27 -59.68 -9.46
C MET Z 1 48.79 -59.91 -9.67
N LEU Z 2 48.41 -60.30 -10.90
CA LEU Z 2 47.04 -60.73 -11.15
C LEU Z 2 46.70 -62.01 -10.39
N LYS Z 3 47.71 -62.80 -10.04
CA LYS Z 3 47.59 -63.85 -9.04
C LYS Z 3 47.25 -63.33 -7.66
N TYR Z 4 47.42 -62.05 -7.39
CA TYR Z 4 46.94 -61.45 -6.15
C TYR Z 4 45.61 -60.75 -6.36
N ILE Z 5 45.34 -60.33 -7.59
CA ILE Z 5 44.11 -59.61 -7.89
C ILE Z 5 42.93 -60.57 -7.91
N ILE Z 6 43.01 -61.63 -8.71
CA ILE Z 6 41.87 -62.51 -8.95
C ILE Z 6 41.37 -63.30 -7.74
N PRO Z 7 42.14 -63.69 -6.70
CA PRO Z 7 41.47 -64.28 -5.53
C PRO Z 7 40.68 -63.28 -4.73
N THR Z 8 40.99 -61.99 -4.83
CA THR Z 8 40.16 -60.98 -4.20
C THR Z 8 38.82 -60.87 -4.92
N MET Z 9 38.82 -61.04 -6.25
CA MET Z 9 37.56 -61.22 -6.98
C MET Z 9 36.84 -62.48 -6.52
N MET Z 10 37.58 -63.57 -6.30
CA MET Z 10 36.96 -64.82 -5.90
C MET Z 10 36.37 -64.75 -4.49
N LEU Z 11 36.91 -63.87 -3.65
CA LEU Z 11 36.38 -63.71 -2.30
C LEU Z 11 35.12 -62.87 -2.29
N MET Z 12 34.82 -62.16 -3.39
CA MET Z 12 33.60 -61.35 -3.43
C MET Z 12 32.31 -62.16 -3.41
N PRO Z 13 32.11 -63.22 -4.22
CA PRO Z 13 30.87 -63.99 -4.06
C PRO Z 13 30.92 -64.99 -2.93
N LEU Z 14 32.06 -65.10 -2.24
CA LEU Z 14 32.20 -66.00 -1.11
C LEU Z 14 31.22 -65.68 0.00
N THR Z 15 31.06 -64.39 0.30
CA THR Z 15 30.08 -63.95 1.29
C THR Z 15 28.66 -64.25 0.82
N TRP Z 16 28.43 -64.19 -0.50
CA TRP Z 16 27.11 -64.50 -1.04
C TRP Z 16 26.79 -65.98 -0.89
N LEU Z 17 27.63 -66.85 -1.41
CA LEU Z 17 27.42 -68.28 -1.22
C LEU Z 17 28.17 -68.82 0.00
N SER Z 18 28.08 -68.07 1.08
CA SER Z 18 28.32 -68.57 2.43
C SER Z 18 27.01 -68.57 3.19
N LYS Z 19 26.79 -69.58 4.01
CA LYS Z 19 25.56 -69.65 4.76
C LYS Z 19 25.67 -68.83 6.04
N ASN Z 20 24.63 -68.89 6.87
CA ASN Z 20 24.60 -68.14 8.11
C ASN Z 20 25.59 -68.71 9.10
N SER Z 21 26.20 -67.80 9.89
CA SER Z 21 27.31 -68.09 10.82
C SER Z 21 28.49 -68.72 10.11
N MET Z 22 28.69 -68.39 8.84
CA MET Z 22 29.80 -68.91 8.06
C MET Z 22 30.43 -67.80 7.22
N ILE Z 23 29.82 -66.62 7.15
CA ILE Z 23 30.42 -65.48 6.47
C ILE Z 23 31.70 -65.05 7.18
N TRP Z 24 31.68 -65.12 8.51
CA TRP Z 24 32.78 -64.60 9.31
C TRP Z 24 34.03 -65.44 9.12
N ILE Z 25 33.86 -66.76 9.21
CA ILE Z 25 34.98 -67.69 9.15
C ILE Z 25 35.60 -67.68 7.76
N ASN Z 26 34.76 -67.73 6.73
CA ASN Z 26 35.23 -67.72 5.35
C ASN Z 26 35.98 -66.44 5.01
N THR Z 27 35.37 -65.29 5.34
CA THR Z 27 35.99 -64.00 5.04
C THR Z 27 37.30 -63.81 5.78
N THR Z 28 37.31 -64.10 7.09
CA THR Z 28 38.50 -63.85 7.90
C THR Z 28 39.64 -64.80 7.53
N LEU Z 29 39.34 -66.10 7.40
CA LEU Z 29 40.34 -67.09 7.04
C LEU Z 29 40.92 -66.81 5.66
N HIS Z 30 40.07 -66.49 4.70
CA HIS Z 30 40.60 -66.34 3.36
C HIS Z 30 41.29 -65.01 3.16
N SER Z 31 40.88 -63.97 3.90
CA SER Z 31 41.61 -62.72 3.84
C SER Z 31 42.95 -62.80 4.55
N LEU Z 32 43.07 -63.65 5.57
CA LEU Z 32 44.39 -63.85 6.16
C LEU Z 32 45.29 -64.70 5.25
N LEU Z 33 44.69 -65.60 4.47
CA LEU Z 33 45.48 -66.26 3.43
C LEU Z 33 45.94 -65.27 2.38
N ILE Z 34 45.10 -64.27 2.08
CA ILE Z 34 45.52 -63.14 1.25
C ILE Z 34 46.64 -62.34 1.94
N SER Z 35 46.66 -62.32 3.28
CA SER Z 35 47.74 -61.63 3.98
C SER Z 35 49.08 -62.35 3.82
N LEU Z 36 49.08 -63.68 3.88
CA LEU Z 36 50.28 -64.44 3.52
C LEU Z 36 50.69 -64.16 2.07
N THR Z 37 49.69 -64.14 1.19
CA THR Z 37 49.89 -63.86 -0.23
C THR Z 37 50.50 -62.49 -0.44
N SER Z 38 50.13 -61.55 0.42
CA SER Z 38 50.64 -60.18 0.37
C SER Z 38 52.07 -60.11 0.87
N LEU Z 39 52.38 -60.89 1.90
CA LEU Z 39 53.74 -60.90 2.42
C LEU Z 39 54.69 -61.62 1.47
N LEU Z 40 54.16 -62.44 0.55
CA LEU Z 40 54.98 -63.09 -0.46
C LEU Z 40 55.55 -62.12 -1.49
N LEU Z 41 55.05 -60.87 -1.55
CA LEU Z 41 55.26 -60.00 -2.70
C LEU Z 41 56.70 -59.56 -2.84
N LEU Z 42 57.40 -59.32 -1.73
CA LEU Z 42 58.66 -58.57 -1.74
C LEU Z 42 59.74 -59.45 -2.37
N ASN Z 43 59.76 -59.42 -3.69
CA ASN Z 43 60.85 -59.96 -4.49
C ASN Z 43 61.71 -58.85 -5.06
N GLN Z 44 61.39 -57.60 -4.75
CA GLN Z 44 61.91 -56.48 -5.50
C GLN Z 44 63.34 -56.19 -5.11
N PHE Z 45 64.16 -55.90 -6.11
CA PHE Z 45 65.61 -55.80 -5.95
C PHE Z 45 66.11 -54.51 -6.56
N GLY Z 46 66.92 -53.78 -5.79
CA GLY Z 46 67.86 -52.79 -6.27
C GLY Z 46 67.39 -51.65 -7.16
N ASP Z 47 67.86 -51.69 -8.41
CA ASP Z 47 67.89 -50.49 -9.24
C ASP Z 47 66.52 -50.10 -9.81
N ASN Z 48 65.93 -50.97 -10.63
CA ASN Z 48 64.67 -50.63 -11.29
C ASN Z 48 63.51 -51.05 -10.39
N SER Z 49 62.30 -50.89 -10.89
CA SER Z 49 61.12 -51.43 -10.25
C SER Z 49 60.61 -52.60 -11.07
N LEU Z 50 59.95 -53.54 -10.41
CA LEU Z 50 59.58 -54.74 -11.15
C LEU Z 50 58.29 -54.51 -11.91
N ASN Z 51 58.18 -55.14 -13.08
CA ASN Z 51 57.00 -54.97 -13.92
C ASN Z 51 56.16 -56.22 -13.86
N PHE Z 52 54.89 -56.06 -13.48
CA PHE Z 52 53.88 -57.11 -13.54
C PHE Z 52 52.76 -56.62 -14.45
N SER Z 53 53.00 -56.73 -15.76
CA SER Z 53 52.15 -57.34 -16.78
C SER Z 53 52.62 -56.71 -18.07
N LEU Z 54 51.90 -56.97 -19.16
CA LEU Z 54 51.79 -55.95 -20.20
C LEU Z 54 51.27 -54.63 -19.61
N THR Z 55 50.39 -54.69 -18.61
CA THR Z 55 49.84 -53.48 -18.01
C THR Z 55 50.76 -52.84 -16.96
N PHE Z 56 51.00 -53.45 -15.81
CA PHE Z 56 51.40 -52.63 -14.67
C PHE Z 56 52.70 -53.09 -14.03
N PHE Z 57 52.97 -52.56 -12.83
CA PHE Z 57 54.27 -52.70 -12.22
C PHE Z 57 54.17 -52.38 -10.74
N SER Z 58 55.12 -52.92 -9.98
CA SER Z 58 55.30 -52.59 -8.58
C SER Z 58 56.61 -51.83 -8.42
N ASP Z 59 56.49 -50.63 -7.85
CA ASP Z 59 57.60 -49.88 -7.30
C ASP Z 59 57.94 -50.41 -5.92
N SER Z 60 59.09 -49.96 -5.39
CA SER Z 60 59.44 -50.30 -4.03
C SER Z 60 58.68 -49.46 -3.02
N LEU Z 61 58.02 -48.41 -3.48
CA LEU Z 61 57.19 -47.59 -2.62
C LEU Z 61 55.75 -48.06 -2.63
N SER Z 62 55.34 -48.79 -3.66
CA SER Z 62 53.98 -49.32 -3.72
C SER Z 62 53.82 -50.54 -2.83
N THR Z 63 54.87 -51.34 -2.72
CA THR Z 63 54.80 -52.62 -2.02
C THR Z 63 54.47 -52.51 -0.52
N PRO Z 64 55.11 -51.66 0.30
CA PRO Z 64 54.69 -51.60 1.70
C PRO Z 64 53.28 -51.06 1.89
N LEU Z 65 52.82 -50.20 1.00
CA LEU Z 65 51.45 -49.71 1.10
C LEU Z 65 50.44 -50.77 0.69
N LEU Z 66 50.78 -51.62 -0.28
CA LEU Z 66 49.91 -52.74 -0.62
C LEU Z 66 49.87 -53.75 0.53
N ILE Z 67 51.01 -53.99 1.17
CA ILE Z 67 51.07 -54.83 2.36
C ILE Z 67 50.22 -54.25 3.47
N LEU Z 68 50.28 -52.94 3.66
CA LEU Z 68 49.50 -52.25 4.67
C LEU Z 68 48.01 -52.35 4.40
N THR Z 69 47.62 -52.24 3.13
CA THR Z 69 46.20 -52.31 2.78
C THR Z 69 45.65 -53.72 3.00
N MET Z 70 46.34 -54.73 2.45
CA MET Z 70 45.86 -56.10 2.61
C MET Z 70 46.09 -56.65 4.01
N TRP Z 71 46.87 -55.96 4.85
CA TRP Z 71 46.96 -56.31 6.25
C TRP Z 71 45.92 -55.58 7.09
N LEU Z 72 45.49 -54.40 6.64
CA LEU Z 72 44.48 -53.65 7.38
C LEU Z 72 43.09 -54.19 7.12
N LEU Z 73 42.86 -54.81 5.95
CA LEU Z 73 41.56 -55.42 5.66
C LEU Z 73 41.08 -56.46 6.67
N PRO Z 74 41.85 -57.51 7.05
CA PRO Z 74 41.25 -58.51 7.94
C PRO Z 74 41.05 -57.99 9.35
N LEU Z 75 41.97 -57.14 9.82
CA LEU Z 75 41.80 -56.40 11.06
C LEU Z 75 40.50 -55.60 11.07
N MET Z 76 40.16 -54.99 9.96
CA MET Z 76 38.99 -54.15 9.88
C MET Z 76 37.71 -54.95 9.82
N LEU Z 77 37.70 -56.02 9.01
CA LEU Z 77 36.53 -56.87 8.96
C LEU Z 77 36.31 -57.58 10.28
N MET Z 78 37.40 -57.84 11.01
CA MET Z 78 37.30 -58.33 12.36
C MET Z 78 36.76 -57.24 13.29
N ALA Z 79 37.01 -55.97 12.95
CA ALA Z 79 36.65 -54.87 13.82
C ALA Z 79 35.17 -54.50 13.73
N SER Z 80 34.60 -54.49 12.53
CA SER Z 80 33.36 -53.77 12.30
C SER Z 80 32.12 -54.63 12.52
N GLN Z 81 32.18 -55.62 13.40
CA GLN Z 81 30.97 -56.30 13.82
C GLN Z 81 30.48 -55.71 15.13
N HIS Z 82 29.36 -56.25 15.62
CA HIS Z 82 28.73 -56.07 16.93
C HIS Z 82 28.07 -54.70 17.08
N HIS Z 83 28.30 -53.79 16.15
CA HIS Z 83 27.52 -52.58 16.05
C HIS Z 83 26.55 -52.64 14.87
N LEU Z 84 26.71 -53.62 14.00
CA LEU Z 84 25.73 -53.95 12.98
C LEU Z 84 25.27 -55.39 13.07
N SER Z 85 25.70 -56.12 14.10
CA SER Z 85 25.37 -57.53 14.22
C SER Z 85 23.91 -57.78 14.60
N LYS Z 86 23.20 -56.76 15.08
CA LYS Z 86 21.78 -56.92 15.34
C LYS Z 86 20.92 -56.71 14.10
N GLU Z 87 21.50 -56.24 13.00
CA GLU Z 87 20.74 -55.98 11.78
C GLU Z 87 20.78 -57.21 10.87
N ASN Z 88 20.32 -57.03 9.64
CA ASN Z 88 19.95 -58.17 8.81
C ASN Z 88 21.15 -58.81 8.12
N LEU Z 89 20.96 -60.08 7.75
CA LEU Z 89 22.02 -60.84 7.10
C LEU Z 89 22.28 -60.35 5.67
N ALA Z 90 21.22 -59.97 4.95
CA ALA Z 90 21.41 -59.50 3.58
C ALA Z 90 22.15 -58.18 3.56
N ARG Z 91 21.83 -57.29 4.50
CA ARG Z 91 22.56 -56.03 4.62
C ARG Z 91 23.98 -56.26 5.10
N LYS Z 92 24.19 -57.28 5.93
CA LYS Z 92 25.56 -57.62 6.35
C LYS Z 92 26.39 -58.11 5.18
N LYS Z 93 25.79 -58.94 4.31
CA LYS Z 93 26.49 -59.38 3.11
C LYS Z 93 26.77 -58.23 2.17
N LEU Z 94 25.83 -57.28 2.08
CA LEU Z 94 26.05 -56.07 1.30
C LEU Z 94 27.24 -55.29 1.82
N PHE Z 95 27.35 -55.16 3.15
CA PHE Z 95 28.43 -54.40 3.76
C PHE Z 95 29.78 -55.08 3.54
N ILE Z 96 29.83 -56.41 3.70
CA ILE Z 96 31.07 -57.14 3.52
C ILE Z 96 31.53 -57.09 2.07
N SER Z 97 30.59 -57.31 1.13
CA SER Z 97 30.92 -57.24 -0.29
C SER Z 97 31.34 -55.84 -0.70
N MET Z 98 30.76 -54.81 -0.07
CA MET Z 98 31.16 -53.44 -0.37
C MET Z 98 32.57 -53.18 0.10
N LEU Z 99 32.95 -53.72 1.26
CA LEU Z 99 34.33 -53.56 1.72
C LEU Z 99 35.32 -54.30 0.82
N ILE Z 100 34.94 -55.48 0.33
CA ILE Z 100 35.86 -56.24 -0.52
C ILE Z 100 36.04 -55.58 -1.87
N LEU Z 101 34.96 -55.04 -2.43
CA LEU Z 101 35.05 -54.26 -3.65
C LEU Z 101 35.88 -53.00 -3.46
N LEU Z 102 35.76 -52.39 -2.27
CA LEU Z 102 36.57 -51.22 -1.94
C LEU Z 102 38.05 -51.57 -1.89
N GLN Z 103 38.38 -52.71 -1.28
CA GLN Z 103 39.76 -53.20 -1.26
C GLN Z 103 40.30 -53.41 -2.67
N LEU Z 104 39.47 -54.01 -3.54
CA LEU Z 104 39.90 -54.30 -4.90
C LEU Z 104 40.23 -53.03 -5.67
N PHE Z 105 39.39 -51.99 -5.52
CA PHE Z 105 39.75 -50.71 -6.10
C PHE Z 105 40.99 -50.10 -5.47
N LEU Z 106 41.22 -50.34 -4.17
CA LEU Z 106 42.44 -49.84 -3.54
C LEU Z 106 43.69 -50.52 -4.08
N ILE Z 107 43.62 -51.81 -4.37
CA ILE Z 107 44.79 -52.51 -4.89
C ILE Z 107 45.08 -52.07 -6.32
N MET Z 108 44.03 -51.90 -7.12
CA MET Z 108 44.18 -51.27 -8.43
C MET Z 108 44.72 -49.84 -8.32
N THR Z 109 44.42 -49.15 -7.22
CA THR Z 109 44.89 -47.77 -7.06
C THR Z 109 46.38 -47.74 -6.75
N PHE Z 110 46.84 -48.58 -5.82
CA PHE Z 110 48.25 -48.59 -5.46
C PHE Z 110 49.14 -49.17 -6.54
N THR Z 111 48.62 -50.09 -7.36
CA THR Z 111 49.49 -50.77 -8.34
C THR Z 111 49.26 -50.24 -9.74
N ALA Z 112 49.10 -48.92 -9.88
CA ALA Z 112 48.68 -48.33 -11.15
C ALA Z 112 49.83 -48.22 -12.14
N THR Z 113 49.53 -48.44 -13.41
CA THR Z 113 50.48 -48.15 -14.49
C THR Z 113 50.63 -46.65 -14.67
N GLU Z 114 49.55 -46.03 -15.08
CA GLU Z 114 49.51 -44.65 -15.55
C GLU Z 114 48.64 -43.83 -14.61
N LEU Z 115 48.83 -42.53 -14.69
CA LEU Z 115 48.15 -41.63 -13.78
C LEU Z 115 46.68 -41.45 -14.14
N ILE Z 116 46.32 -41.73 -15.40
CA ILE Z 116 44.89 -41.81 -15.77
C ILE Z 116 44.22 -42.97 -15.05
N PHE Z 117 44.87 -44.14 -15.08
CA PHE Z 117 44.38 -45.29 -14.35
C PHE Z 117 44.37 -45.01 -12.85
N PHE Z 118 45.37 -44.27 -12.38
CA PHE Z 118 45.41 -43.83 -10.99
C PHE Z 118 44.27 -42.89 -10.67
N TYR Z 119 43.82 -42.09 -11.64
CA TYR Z 119 42.71 -41.18 -11.41
C TYR Z 119 41.38 -41.90 -11.36
N ILE Z 120 41.19 -42.85 -12.28
CA ILE Z 120 40.01 -43.70 -12.28
C ILE Z 120 39.90 -44.43 -10.95
N MET Z 121 40.99 -45.07 -10.54
CA MET Z 121 40.98 -45.79 -9.27
C MET Z 121 41.03 -44.87 -8.07
N PHE Z 122 41.38 -43.60 -8.26
CA PHE Z 122 41.33 -42.59 -7.20
C PHE Z 122 39.89 -42.25 -6.85
N GLU Z 123 39.08 -41.92 -7.86
CA GLU Z 123 37.70 -41.64 -7.50
C GLU Z 123 36.91 -42.92 -7.25
N ALA Z 124 37.40 -44.06 -7.73
CA ALA Z 124 36.85 -45.34 -7.32
C ALA Z 124 37.21 -45.68 -5.89
N THR Z 125 38.36 -45.21 -5.40
CA THR Z 125 38.66 -45.24 -3.98
C THR Z 125 37.65 -44.41 -3.22
N LEU Z 126 37.25 -43.26 -3.80
CA LEU Z 126 36.30 -42.38 -3.12
C LEU Z 126 34.93 -43.03 -2.92
N VAL Z 127 34.29 -43.45 -4.02
CA VAL Z 127 32.82 -43.55 -4.01
C VAL Z 127 32.16 -44.58 -3.07
N PRO Z 128 32.60 -45.86 -2.92
CA PRO Z 128 31.80 -46.77 -2.06
C PRO Z 128 31.96 -46.48 -0.58
N THR Z 129 33.07 -45.86 -0.18
CA THR Z 129 33.30 -45.47 1.21
C THR Z 129 32.22 -44.50 1.67
N LEU Z 130 31.78 -43.62 0.76
CA LEU Z 130 30.73 -42.67 1.10
C LEU Z 130 29.39 -43.36 1.28
N ILE Z 131 29.13 -44.40 0.48
CA ILE Z 131 27.93 -45.20 0.67
C ILE Z 131 27.96 -45.88 2.03
N ILE Z 132 29.14 -46.38 2.41
CA ILE Z 132 29.31 -47.03 3.71
C ILE Z 132 29.05 -46.07 4.86
N ILE Z 133 29.70 -44.91 4.83
CA ILE Z 133 29.59 -44.00 5.96
C ILE Z 133 28.24 -43.29 5.97
N THR Z 134 27.58 -43.18 4.83
CA THR Z 134 26.26 -42.57 4.82
C THR Z 134 25.21 -43.57 5.28
N ARG Z 135 25.37 -44.84 4.97
CA ARG Z 135 24.38 -45.82 5.39
C ARG Z 135 24.55 -46.20 6.85
N TRP Z 136 25.76 -46.14 7.39
CA TRP Z 136 25.92 -46.48 8.80
C TRP Z 136 26.76 -45.46 9.55
N GLY Z 137 26.49 -44.18 9.33
CA GLY Z 137 27.24 -43.14 10.03
C GLY Z 137 26.92 -43.04 11.51
N ASN Z 138 25.69 -43.40 11.88
CA ASN Z 138 25.24 -43.54 13.29
C ASN Z 138 25.31 -42.21 14.05
N GLN Z 139 25.22 -41.10 13.32
CA GLN Z 139 25.18 -39.77 13.92
C GLN Z 139 24.55 -38.83 12.90
N THR Z 140 23.81 -37.83 13.40
CA THR Z 140 22.80 -37.14 12.60
C THR Z 140 23.35 -36.29 11.46
N GLU Z 141 24.64 -35.96 11.44
CA GLU Z 141 25.16 -35.11 10.39
C GLU Z 141 26.07 -35.87 9.42
N ARG Z 142 25.90 -37.19 9.34
CA ARG Z 142 26.59 -38.01 8.34
C ARG Z 142 26.27 -37.58 6.92
N LEU Z 143 25.07 -37.04 6.72
CA LEU Z 143 24.66 -36.49 5.43
C LEU Z 143 25.59 -35.35 5.01
N ASN Z 144 25.74 -34.35 5.90
CA ASN Z 144 26.59 -33.21 5.61
C ASN Z 144 28.06 -33.62 5.52
N ALA Z 145 28.45 -34.63 6.29
CA ALA Z 145 29.83 -35.13 6.25
C ALA Z 145 30.16 -35.73 4.89
N GLY Z 146 29.30 -36.61 4.38
CA GLY Z 146 29.54 -37.19 3.07
C GLY Z 146 29.43 -36.18 1.95
N LEU Z 147 28.54 -35.19 2.10
CA LEU Z 147 28.39 -34.16 1.08
C LEU Z 147 29.65 -33.31 0.97
N TYR Z 148 30.17 -32.86 2.11
CA TYR Z 148 31.46 -32.18 2.16
C TYR Z 148 32.57 -33.03 1.57
N PHE Z 149 32.57 -34.33 1.90
CA PHE Z 149 33.60 -35.26 1.45
C PHE Z 149 33.68 -35.31 -0.07
N LEU Z 150 32.57 -35.64 -0.73
CA LEU Z 150 32.62 -35.85 -2.17
C LEU Z 150 32.78 -34.53 -2.91
N PHE Z 151 32.19 -33.45 -2.40
CA PHE Z 151 32.35 -32.18 -3.11
C PHE Z 151 33.77 -31.67 -3.04
N TYR Z 152 34.41 -31.77 -1.86
CA TYR Z 152 35.78 -31.27 -1.77
C TYR Z 152 36.75 -32.11 -2.58
N THR Z 153 36.60 -33.45 -2.54
CA THR Z 153 37.59 -34.26 -3.24
C THR Z 153 37.38 -34.21 -4.76
N LEU Z 154 36.13 -34.23 -5.22
CA LEU Z 154 35.93 -34.14 -6.67
C LEU Z 154 36.17 -32.74 -7.20
N ALA Z 155 35.99 -31.71 -6.37
CA ALA Z 155 36.26 -30.36 -6.83
C ALA Z 155 37.76 -30.09 -6.90
N GLY Z 156 38.51 -30.57 -5.91
CA GLY Z 156 39.95 -30.41 -5.96
C GLY Z 156 40.59 -31.29 -7.02
N SER Z 157 40.04 -32.50 -7.23
CA SER Z 157 40.64 -33.49 -8.10
C SER Z 157 40.21 -33.35 -9.56
N LEU Z 158 39.43 -32.32 -9.89
CA LEU Z 158 38.92 -32.17 -11.25
C LEU Z 158 39.99 -31.74 -12.25
N PRO Z 159 40.80 -30.68 -12.03
CA PRO Z 159 41.76 -30.30 -13.09
C PRO Z 159 42.93 -31.25 -13.27
N LEU Z 160 43.11 -32.21 -12.35
CA LEU Z 160 44.13 -33.24 -12.48
C LEU Z 160 43.93 -34.04 -13.76
N LEU Z 161 42.68 -34.35 -14.10
CA LEU Z 161 42.37 -35.10 -15.31
C LEU Z 161 42.81 -34.36 -16.56
N VAL Z 162 42.50 -33.06 -16.63
CA VAL Z 162 42.82 -32.28 -17.82
C VAL Z 162 44.33 -32.09 -17.94
N ALA Z 163 45.01 -31.89 -16.80
CA ALA Z 163 46.46 -31.81 -16.83
C ALA Z 163 47.10 -33.12 -17.28
N LEU Z 164 46.50 -34.25 -16.91
CA LEU Z 164 47.05 -35.54 -17.34
C LEU Z 164 46.83 -35.77 -18.82
N ILE Z 165 45.68 -35.34 -19.35
CA ILE Z 165 45.48 -35.44 -20.80
C ILE Z 165 46.43 -34.51 -21.54
N TYR Z 166 46.80 -33.38 -20.92
CA TYR Z 166 47.79 -32.50 -21.55
C TYR Z 166 49.17 -33.15 -21.56
N ILE Z 167 49.57 -33.78 -20.46
CA ILE Z 167 50.85 -34.49 -20.41
C ILE Z 167 50.84 -35.67 -21.39
N GLN Z 168 49.67 -36.27 -21.59
CA GLN Z 168 49.52 -37.29 -22.62
C GLN Z 168 49.75 -36.71 -24.02
N ASN Z 169 49.05 -35.64 -24.35
CA ASN Z 169 49.03 -35.22 -25.74
C ASN Z 169 50.23 -34.35 -26.11
N THR Z 170 51.09 -33.98 -25.16
CA THR Z 170 52.32 -33.28 -25.53
C THR Z 170 53.59 -34.09 -25.28
N MET Z 171 53.52 -35.22 -24.56
CA MET Z 171 54.71 -35.98 -24.24
C MET Z 171 54.54 -37.47 -24.48
N GLY Z 172 53.57 -37.87 -25.30
CA GLY Z 172 53.39 -39.28 -25.51
C GLY Z 172 52.73 -39.93 -24.31
N SER Z 173 52.94 -41.24 -24.20
CA SER Z 173 52.25 -42.08 -23.23
C SER Z 173 52.67 -41.74 -21.80
N LEU Z 174 51.88 -42.27 -20.85
CA LEU Z 174 51.96 -41.84 -19.47
C LEU Z 174 52.52 -42.91 -18.55
N ASN Z 175 53.16 -43.94 -19.09
CA ASN Z 175 53.74 -44.97 -18.25
C ASN Z 175 55.06 -44.49 -17.70
N PHE Z 176 55.33 -44.84 -16.43
CA PHE Z 176 56.19 -44.08 -15.53
C PHE Z 176 57.64 -43.99 -16.01
N LEU Z 177 58.10 -44.92 -16.83
CA LEU Z 177 59.49 -44.85 -17.28
C LEU Z 177 59.66 -43.98 -18.51
N ILE Z 178 58.71 -44.11 -19.44
CA ILE Z 178 58.65 -43.27 -20.62
C ILE Z 178 57.96 -41.94 -20.32
N LEU Z 179 57.11 -41.90 -19.27
CA LEU Z 179 56.85 -40.62 -18.62
C LEU Z 179 58.12 -40.07 -17.99
N GLN Z 180 58.94 -40.96 -17.45
CA GLN Z 180 60.30 -40.68 -17.03
C GLN Z 180 61.16 -40.86 -18.28
N TYR Z 181 62.48 -40.81 -18.13
CA TYR Z 181 63.52 -40.99 -19.15
C TYR Z 181 63.46 -39.99 -20.31
N TRP Z 182 62.49 -39.07 -20.31
CA TRP Z 182 62.22 -38.16 -21.41
C TRP Z 182 61.92 -36.74 -20.99
N VAL Z 183 61.85 -36.45 -19.70
CA VAL Z 183 61.31 -35.17 -19.25
C VAL Z 183 62.32 -34.06 -19.53
N GLN Z 184 61.81 -32.84 -19.65
CA GLN Z 184 62.61 -31.65 -19.83
C GLN Z 184 62.26 -30.62 -18.78
N PRO Z 185 63.22 -29.80 -18.36
CA PRO Z 185 62.90 -28.69 -17.46
C PRO Z 185 62.01 -27.66 -18.14
N MET Z 186 60.78 -27.52 -17.66
CA MET Z 186 59.82 -26.64 -18.30
C MET Z 186 59.89 -25.27 -17.65
N PRO Z 187 60.11 -24.20 -18.40
CA PRO Z 187 60.57 -22.93 -17.81
C PRO Z 187 59.45 -22.16 -17.12
N ASN Z 188 59.80 -20.97 -16.64
CA ASN Z 188 58.91 -20.14 -15.81
C ASN Z 188 57.91 -19.40 -16.69
N SER Z 189 57.02 -20.17 -17.29
CA SER Z 189 55.84 -19.62 -17.93
C SER Z 189 54.74 -19.53 -16.88
N TRP Z 190 53.51 -19.28 -17.30
CA TRP Z 190 52.41 -19.46 -16.38
C TRP Z 190 51.76 -20.83 -16.49
N SER Z 191 51.85 -21.48 -17.66
CA SER Z 191 51.18 -22.76 -17.87
C SER Z 191 51.76 -23.85 -16.98
N ASN Z 192 53.07 -23.81 -16.78
CA ASN Z 192 53.72 -24.73 -15.83
C ASN Z 192 53.21 -24.50 -14.42
N THR Z 193 53.04 -23.23 -14.05
CA THR Z 193 52.53 -22.88 -12.73
C THR Z 193 51.11 -23.39 -12.53
N PHE Z 194 50.24 -23.20 -13.53
CA PHE Z 194 48.86 -23.64 -13.39
C PHE Z 194 48.73 -25.15 -13.41
N MET Z 195 49.52 -25.83 -14.24
CA MET Z 195 49.42 -27.28 -14.31
C MET Z 195 49.98 -27.93 -13.05
N TRP Z 196 51.13 -27.42 -12.59
CA TRP Z 196 51.70 -27.84 -11.32
C TRP Z 196 50.74 -27.59 -10.17
N LEU Z 197 50.12 -26.41 -10.15
CA LEU Z 197 49.19 -26.06 -9.09
C LEU Z 197 47.94 -26.91 -9.15
N ALA Z 198 47.53 -27.32 -10.34
CA ALA Z 198 46.34 -28.18 -10.46
C ALA Z 198 46.60 -29.56 -9.89
N CYS Z 199 47.71 -30.20 -10.31
CA CYS Z 199 48.01 -31.54 -9.83
C CYS Z 199 48.30 -31.54 -8.33
N MET Z 200 49.18 -30.64 -7.90
CA MET Z 200 49.53 -30.53 -6.50
C MET Z 200 48.34 -30.07 -5.67
N MET Z 201 47.41 -29.30 -6.25
CA MET Z 201 46.23 -28.85 -5.51
C MET Z 201 45.25 -29.99 -5.30
N ALA Z 202 45.08 -30.85 -6.32
CA ALA Z 202 44.27 -32.05 -6.16
C ALA Z 202 44.81 -32.92 -5.03
N PHE Z 203 46.13 -33.10 -4.99
CA PHE Z 203 46.65 -33.90 -3.89
C PHE Z 203 46.68 -33.14 -2.58
N MET Z 204 46.79 -31.80 -2.60
CA MET Z 204 46.60 -30.96 -1.42
C MET Z 204 45.24 -31.20 -0.78
N VAL Z 205 44.21 -31.31 -1.61
CA VAL Z 205 42.89 -31.68 -1.11
C VAL Z 205 42.94 -33.08 -0.52
N LYS Z 206 43.68 -33.98 -1.17
CA LYS Z 206 43.64 -35.36 -0.72
C LYS Z 206 44.43 -35.62 0.57
N MET Z 207 45.36 -34.74 0.98
CA MET Z 207 46.18 -35.06 2.15
C MET Z 207 45.43 -35.01 3.48
N PRO Z 208 44.65 -33.95 3.81
CA PRO Z 208 44.38 -32.61 3.28
C PRO Z 208 45.47 -31.63 3.72
N LEU Z 209 45.51 -30.46 3.10
CA LEU Z 209 46.29 -29.35 3.63
C LEU Z 209 45.42 -28.60 4.63
N TYR Z 210 45.98 -27.52 5.20
CA TYR Z 210 45.28 -26.83 6.29
C TYR Z 210 44.08 -26.04 5.79
N GLY Z 211 44.22 -25.32 4.67
CA GLY Z 211 43.15 -24.47 4.18
C GLY Z 211 41.95 -25.22 3.66
N LEU Z 212 42.06 -26.53 3.47
CA LEU Z 212 40.96 -27.39 3.05
C LEU Z 212 40.87 -28.60 3.97
N HIS Z 213 41.09 -28.38 5.25
CA HIS Z 213 41.23 -29.50 6.17
C HIS Z 213 39.90 -30.02 6.70
N LEU Z 214 38.87 -29.16 6.79
CA LEU Z 214 37.62 -29.54 7.48
C LEU Z 214 36.83 -30.61 6.73
N TRP Z 215 37.20 -30.85 5.47
CA TRP Z 215 36.91 -32.10 4.77
C TRP Z 215 37.07 -33.35 5.63
N LEU Z 216 38.17 -33.43 6.37
CA LEU Z 216 38.55 -34.66 7.08
C LEU Z 216 37.86 -34.92 8.43
N PRO Z 217 37.80 -33.98 9.41
CA PRO Z 217 37.37 -34.41 10.75
C PRO Z 217 35.89 -34.73 10.87
N LYS Z 218 35.03 -34.11 10.06
CA LYS Z 218 33.64 -34.50 10.06
C LYS Z 218 33.46 -35.91 9.52
N ALA Z 219 34.24 -36.25 8.51
CA ALA Z 219 34.22 -37.59 7.93
C ALA Z 219 34.89 -38.63 8.82
N HIS Z 220 35.52 -38.23 9.93
CA HIS Z 220 35.95 -39.19 10.92
C HIS Z 220 35.00 -39.27 12.11
N VAL Z 221 34.48 -38.13 12.60
CA VAL Z 221 33.61 -38.18 13.76
C VAL Z 221 32.23 -38.72 13.40
N GLU Z 222 31.87 -38.72 12.12
CA GLU Z 222 30.55 -39.18 11.71
C GLU Z 222 30.68 -40.27 10.65
N ALA Z 223 31.49 -41.27 10.99
CA ALA Z 223 31.71 -42.47 10.21
C ALA Z 223 31.77 -43.67 11.15
N PRO Z 224 31.43 -44.86 10.67
CA PRO Z 224 31.69 -46.07 11.45
C PRO Z 224 33.17 -46.43 11.35
N ILE Z 225 33.55 -47.49 12.06
CA ILE Z 225 34.97 -47.75 12.34
C ILE Z 225 35.71 -48.21 11.08
N ALA Z 226 35.03 -48.96 10.22
CA ALA Z 226 35.67 -49.50 9.02
C ALA Z 226 36.01 -48.40 8.04
N GLY Z 227 35.02 -47.56 7.72
CA GLY Z 227 35.24 -46.43 6.82
C GLY Z 227 36.20 -45.42 7.40
N SER Z 228 36.23 -45.27 8.73
CA SER Z 228 37.12 -44.30 9.35
C SER Z 228 38.58 -44.74 9.26
N MET Z 229 38.84 -46.02 9.55
CA MET Z 229 40.22 -46.50 9.51
C MET Z 229 40.75 -46.59 8.08
N VAL Z 230 39.94 -47.16 7.17
CA VAL Z 230 40.27 -47.13 5.74
C VAL Z 230 40.47 -45.69 5.27
N LEU Z 231 39.62 -44.78 5.75
CA LEU Z 231 39.60 -43.39 5.29
C LEU Z 231 40.92 -42.72 5.61
N ALA Z 232 41.23 -42.63 6.91
CA ALA Z 232 42.48 -42.06 7.40
C ALA Z 232 43.69 -42.75 6.80
N ALA Z 233 43.91 -44.03 7.13
CA ALA Z 233 45.13 -44.71 6.73
C ALA Z 233 45.25 -44.80 5.21
N ILE Z 234 44.32 -45.52 4.58
CA ILE Z 234 44.52 -45.85 3.18
C ILE Z 234 44.34 -44.64 2.29
N LEU Z 235 43.32 -43.79 2.55
CA LEU Z 235 43.08 -42.68 1.63
C LEU Z 235 44.13 -41.59 1.77
N LEU Z 236 44.51 -41.22 3.00
CA LEU Z 236 45.44 -40.10 3.11
C LEU Z 236 46.84 -40.53 2.71
N LYS Z 237 47.25 -41.76 3.06
CA LYS Z 237 48.57 -42.17 2.64
C LYS Z 237 48.59 -42.58 1.17
N LEU Z 238 47.43 -42.88 0.57
CA LEU Z 238 47.35 -43.04 -0.87
C LEU Z 238 47.55 -41.71 -1.59
N GLY Z 239 46.97 -40.64 -1.07
CA GLY Z 239 47.23 -39.32 -1.63
C GLY Z 239 48.70 -38.94 -1.54
N GLY Z 240 49.33 -39.27 -0.40
CA GLY Z 240 50.76 -39.05 -0.27
C GLY Z 240 51.59 -39.85 -1.25
N TYR Z 241 51.22 -41.12 -1.47
CA TYR Z 241 51.88 -41.94 -2.47
C TYR Z 241 51.70 -41.37 -3.87
N GLY Z 242 50.51 -40.86 -4.15
CA GLY Z 242 50.25 -40.28 -5.46
C GLY Z 242 51.09 -39.06 -5.73
N MET Z 243 51.25 -38.20 -4.72
CA MET Z 243 52.12 -37.05 -4.88
C MET Z 243 53.58 -37.48 -5.03
N MET Z 244 54.01 -38.47 -4.24
CA MET Z 244 55.36 -39.03 -4.37
C MET Z 244 55.61 -39.60 -5.76
N ARG Z 245 54.60 -40.14 -6.40
CA ARG Z 245 54.78 -40.62 -7.76
C ARG Z 245 54.85 -39.46 -8.75
N ILE Z 246 53.88 -38.55 -8.69
CA ILE Z 246 53.75 -37.54 -9.74
C ILE Z 246 54.81 -36.44 -9.66
N THR Z 247 55.50 -36.30 -8.54
CA THR Z 247 56.40 -35.17 -8.36
C THR Z 247 57.72 -35.28 -9.13
N LEU Z 248 57.87 -36.28 -10.01
CA LEU Z 248 59.10 -36.37 -10.79
C LEU Z 248 59.18 -35.29 -11.85
N LEU Z 249 58.03 -34.76 -12.26
CA LEU Z 249 57.98 -33.73 -13.30
C LEU Z 249 57.93 -32.33 -12.70
N LEU Z 250 58.26 -31.36 -13.54
CA LEU Z 250 58.15 -29.91 -13.25
C LEU Z 250 59.00 -29.49 -12.06
N ASN Z 251 60.18 -30.05 -11.96
CA ASN Z 251 61.15 -29.55 -10.99
C ASN Z 251 61.77 -28.16 -11.14
N PRO Z 252 61.92 -27.52 -12.33
CA PRO Z 252 62.57 -26.20 -12.30
C PRO Z 252 61.68 -25.06 -11.83
N ILE Z 253 60.36 -25.20 -11.89
CA ILE Z 253 59.46 -24.12 -11.50
C ILE Z 253 58.90 -24.30 -10.10
N THR Z 254 58.96 -25.51 -9.54
CA THR Z 254 58.44 -25.74 -8.20
C THR Z 254 59.28 -25.03 -7.14
N ASP Z 255 60.53 -24.67 -7.44
CA ASP Z 255 61.30 -23.84 -6.53
C ASP Z 255 60.72 -22.44 -6.45
N PHE Z 256 60.24 -21.91 -7.58
CA PHE Z 256 59.61 -20.60 -7.56
C PHE Z 256 58.19 -20.65 -7.01
N MET Z 257 57.47 -21.73 -7.22
CA MET Z 257 56.05 -21.74 -6.92
C MET Z 257 55.65 -22.56 -5.70
N ALA Z 258 56.62 -23.16 -5.00
CA ALA Z 258 56.30 -24.09 -3.92
C ALA Z 258 56.47 -23.50 -2.53
N TYR Z 259 56.70 -22.19 -2.42
CA TYR Z 259 56.87 -21.60 -1.09
C TYR Z 259 55.56 -21.53 -0.29
N PRO Z 260 54.43 -20.97 -0.79
CA PRO Z 260 53.28 -20.79 0.12
C PRO Z 260 52.59 -22.08 0.50
N PHE Z 261 52.78 -23.16 -0.25
CA PHE Z 261 52.23 -24.44 0.18
C PHE Z 261 52.95 -24.94 1.42
N ILE Z 262 54.28 -24.83 1.43
CA ILE Z 262 55.10 -25.07 2.62
C ILE Z 262 54.65 -24.18 3.77
N MET Z 263 54.30 -22.94 3.46
CA MET Z 263 53.91 -21.99 4.49
C MET Z 263 52.60 -22.38 5.16
N LEU Z 264 51.56 -22.64 4.36
CA LEU Z 264 50.29 -23.05 4.90
C LEU Z 264 50.42 -24.40 5.58
N SER Z 265 51.30 -25.27 5.08
CA SER Z 265 51.52 -26.57 5.66
C SER Z 265 52.10 -26.47 7.07
N LEU Z 266 53.17 -25.70 7.23
CA LEU Z 266 53.82 -25.56 8.53
C LEU Z 266 52.92 -24.83 9.52
N TRP Z 267 52.36 -23.69 9.12
CA TRP Z 267 51.59 -22.90 10.08
C TRP Z 267 50.28 -23.59 10.43
N GLY Z 268 49.70 -24.35 9.50
CA GLY Z 268 48.53 -25.11 9.83
C GLY Z 268 48.83 -26.36 10.63
N MET Z 269 50.04 -26.91 10.48
CA MET Z 269 50.48 -27.96 11.39
C MET Z 269 50.53 -27.45 12.81
N ILE Z 270 51.05 -26.23 12.99
CA ILE Z 270 51.09 -25.61 14.31
C ILE Z 270 49.69 -25.38 14.85
N MET Z 271 48.81 -24.78 14.04
CA MET Z 271 47.48 -24.44 14.53
C MET Z 271 46.62 -25.68 14.75
N THR Z 272 46.88 -26.77 14.01
CA THR Z 272 46.10 -27.98 14.17
C THR Z 272 46.54 -28.75 15.40
N SER Z 273 47.85 -28.78 15.66
CA SER Z 273 48.33 -29.29 16.93
C SER Z 273 47.79 -28.46 18.09
N SER Z 274 47.59 -27.16 17.87
CA SER Z 274 46.98 -26.33 18.90
C SER Z 274 45.49 -26.64 19.08
N ILE Z 275 44.78 -26.95 18.00
CA ILE Z 275 43.34 -27.15 18.15
C ILE Z 275 43.02 -28.50 18.78
N CYS Z 276 43.85 -29.54 18.55
CA CYS Z 276 43.50 -30.82 19.13
C CYS Z 276 44.12 -31.07 20.50
N LEU Z 277 44.41 -30.01 21.24
CA LEU Z 277 44.84 -30.11 22.62
C LEU Z 277 43.73 -29.81 23.60
N ARG Z 278 42.76 -28.99 23.19
CA ARG Z 278 41.73 -28.50 24.08
C ARG Z 278 40.40 -29.20 23.90
N GLN Z 279 40.13 -29.72 22.70
CA GLN Z 279 38.82 -30.23 22.35
C GLN Z 279 38.43 -31.46 23.15
N THR Z 280 37.15 -31.54 23.45
CA THR Z 280 36.47 -32.80 23.74
C THR Z 280 36.07 -33.45 22.43
N ASP Z 281 35.19 -34.46 22.51
CA ASP Z 281 34.81 -35.33 21.39
C ASP Z 281 36.06 -35.98 20.80
N LEU Z 282 36.62 -36.87 21.62
CA LEU Z 282 37.87 -37.62 21.45
C LEU Z 282 38.13 -38.14 20.04
N LYS Z 283 37.06 -38.49 19.32
CA LYS Z 283 37.16 -38.96 17.95
C LYS Z 283 37.78 -37.91 17.03
N SER Z 284 37.51 -36.62 17.29
CA SER Z 284 38.07 -35.56 16.47
C SER Z 284 39.56 -35.38 16.70
N LEU Z 285 40.08 -35.81 17.86
CA LEU Z 285 41.48 -35.60 18.17
C LEU Z 285 42.38 -36.41 17.25
N ILE Z 286 41.94 -37.61 16.87
CA ILE Z 286 42.70 -38.42 15.93
C ILE Z 286 42.70 -37.76 14.56
N ALA Z 287 41.58 -37.15 14.19
CA ALA Z 287 41.46 -36.53 12.88
C ALA Z 287 42.37 -35.32 12.75
N TYR Z 288 42.36 -34.44 13.76
CA TYR Z 288 43.27 -33.30 13.71
C TYR Z 288 44.72 -33.73 13.91
N SER Z 289 44.96 -34.84 14.63
CA SER Z 289 46.29 -35.42 14.68
C SER Z 289 46.76 -35.85 13.31
N SER Z 290 45.86 -36.43 12.52
CA SER Z 290 46.19 -36.86 11.18
C SER Z 290 46.45 -35.69 10.26
N VAL Z 291 45.70 -34.59 10.46
CA VAL Z 291 45.97 -33.36 9.72
C VAL Z 291 47.38 -32.85 10.01
N SER Z 292 47.76 -32.88 11.30
CA SER Z 292 49.10 -32.46 11.70
C SER Z 292 50.19 -33.31 11.06
N HIS Z 293 50.04 -34.63 11.15
CA HIS Z 293 51.07 -35.53 10.61
C HIS Z 293 51.13 -35.47 9.08
N MET Z 294 50.00 -35.30 8.41
CA MET Z 294 50.09 -35.21 6.96
C MET Z 294 50.54 -33.85 6.47
N ALA Z 295 50.36 -32.80 7.26
CA ALA Z 295 51.03 -31.53 6.95
C ALA Z 295 52.54 -31.69 7.06
N LEU Z 296 53.00 -32.43 8.07
CA LEU Z 296 54.42 -32.74 8.18
C LEU Z 296 54.91 -33.55 6.98
N VAL Z 297 54.09 -34.50 6.54
CA VAL Z 297 54.36 -35.26 5.32
C VAL Z 297 54.51 -34.34 4.13
N ILE Z 298 53.61 -33.36 4.00
CA ILE Z 298 53.61 -32.47 2.84
C ILE Z 298 54.83 -31.57 2.80
N VAL Z 299 55.26 -31.07 3.97
CA VAL Z 299 56.54 -30.37 4.06
C VAL Z 299 57.67 -31.28 3.57
N ALA Z 300 57.64 -32.53 4.00
CA ALA Z 300 58.66 -33.49 3.57
C ALA Z 300 58.57 -33.83 2.08
N ILE Z 301 57.41 -33.70 1.47
CA ILE Z 301 57.32 -34.04 0.05
C ILE Z 301 57.80 -32.87 -0.79
N LEU Z 302 57.41 -31.65 -0.44
CA LEU Z 302 57.81 -30.52 -1.27
C LEU Z 302 59.26 -30.11 -1.06
N ILE Z 303 59.91 -30.55 0.02
CA ILE Z 303 61.36 -30.57 -0.05
C ILE Z 303 61.76 -31.90 -0.69
N GLN Z 304 62.82 -31.88 -1.49
CA GLN Z 304 62.97 -32.94 -2.48
C GLN Z 304 64.26 -33.74 -2.29
N THR Z 305 64.49 -34.17 -1.07
CA THR Z 305 65.63 -34.88 -0.53
C THR Z 305 65.32 -36.37 -0.36
N PRO Z 306 66.27 -37.26 -0.67
CA PRO Z 306 66.05 -38.69 -0.41
C PRO Z 306 65.83 -39.02 1.06
N TRP Z 307 66.55 -38.32 1.95
CA TRP Z 307 66.30 -38.40 3.38
C TRP Z 307 64.85 -38.08 3.69
N SER Z 308 64.36 -37.00 3.06
CA SER Z 308 62.99 -36.55 3.25
C SER Z 308 61.98 -37.58 2.76
N TYR Z 309 62.26 -38.22 1.63
CA TYR Z 309 61.31 -39.18 1.08
C TYR Z 309 61.24 -40.45 1.91
N MET Z 310 62.39 -40.93 2.39
CA MET Z 310 62.40 -42.11 3.23
C MET Z 310 61.71 -41.84 4.58
N GLY Z 311 62.00 -40.69 5.18
CA GLY Z 311 61.32 -40.32 6.41
C GLY Z 311 59.83 -40.10 6.23
N ALA Z 312 59.44 -39.57 5.08
CA ALA Z 312 58.03 -39.33 4.80
C ALA Z 312 57.26 -40.62 4.66
N THR Z 313 57.81 -41.61 3.93
CA THR Z 313 57.08 -42.85 3.76
C THR Z 313 57.06 -43.68 5.05
N ALA Z 314 58.11 -43.56 5.88
CA ALA Z 314 58.07 -44.20 7.19
C ALA Z 314 57.00 -43.58 8.08
N LEU Z 315 56.89 -42.25 8.05
CA LEU Z 315 55.84 -41.55 8.80
C LEU Z 315 54.45 -41.93 8.29
N MET Z 316 54.33 -42.13 6.97
CA MET Z 316 53.06 -42.58 6.38
C MET Z 316 52.62 -43.92 6.96
N ILE Z 317 53.49 -44.91 6.91
CA ILE Z 317 53.12 -46.25 7.37
C ILE Z 317 52.86 -46.27 8.88
N ALA Z 318 53.72 -45.56 9.64
CA ALA Z 318 53.60 -45.56 11.09
C ALA Z 318 52.33 -44.86 11.55
N HIS Z 319 52.01 -43.70 10.97
CA HIS Z 319 50.80 -43.01 11.40
C HIS Z 319 49.54 -43.70 10.90
N GLY Z 320 49.63 -44.44 9.78
CA GLY Z 320 48.49 -45.24 9.37
C GLY Z 320 48.13 -46.31 10.39
N LEU Z 321 49.14 -47.06 10.84
CA LEU Z 321 48.92 -48.03 11.91
C LEU Z 321 48.44 -47.38 13.19
N THR Z 322 49.03 -46.21 13.54
CA THR Z 322 48.71 -45.54 14.79
C THR Z 322 47.27 -45.03 14.80
N SER Z 323 46.83 -44.39 13.71
CA SER Z 323 45.49 -43.83 13.65
C SER Z 323 44.43 -44.92 13.57
N SER Z 324 44.71 -46.03 12.87
CA SER Z 324 43.76 -47.13 12.87
C SER Z 324 43.61 -47.73 14.27
N MET Z 325 44.73 -47.86 14.98
CA MET Z 325 44.68 -48.31 16.38
C MET Z 325 43.84 -47.37 17.24
N LEU Z 326 44.08 -46.07 17.12
CA LEU Z 326 43.46 -45.13 18.03
C LEU Z 326 41.97 -44.95 17.72
N PHE Z 327 41.59 -45.10 16.45
CA PHE Z 327 40.20 -45.27 16.08
C PHE Z 327 39.58 -46.49 16.75
N CYS Z 328 40.32 -47.61 16.81
CA CYS Z 328 39.78 -48.78 17.48
C CYS Z 328 39.66 -48.58 18.99
N LEU Z 329 40.58 -47.80 19.58
CA LEU Z 329 40.46 -47.44 21.00
C LEU Z 329 39.21 -46.61 21.27
N ALA Z 330 38.95 -45.63 20.41
CA ALA Z 330 37.75 -44.81 20.56
C ALA Z 330 36.50 -45.64 20.38
N ASN Z 331 36.52 -46.61 19.47
CA ASN Z 331 35.36 -47.49 19.31
C ASN Z 331 35.20 -48.43 20.50
N SER Z 332 36.29 -48.80 21.14
CA SER Z 332 36.22 -49.63 22.35
C SER Z 332 35.52 -48.89 23.47
N ASN Z 333 35.93 -47.64 23.70
CA ASN Z 333 35.25 -46.84 24.72
C ASN Z 333 33.83 -46.51 24.30
N TYR Z 334 33.56 -46.44 23.00
CA TYR Z 334 32.18 -46.18 22.54
C TYR Z 334 31.30 -47.40 22.73
N GLU Z 335 31.85 -48.61 22.57
CA GLU Z 335 31.09 -49.81 22.91
C GLU Z 335 30.87 -49.91 24.41
N ARG Z 336 31.79 -49.39 25.21
CA ARG Z 336 31.55 -49.37 26.64
C ARG Z 336 30.46 -48.39 27.02
N VAL Z 337 30.57 -47.15 26.58
CA VAL Z 337 29.55 -46.12 26.84
C VAL Z 337 29.20 -45.41 25.54
N HIS Z 338 27.91 -45.22 25.30
CA HIS Z 338 27.43 -44.58 24.08
C HIS Z 338 27.41 -43.06 24.28
N SER Z 339 28.60 -42.51 24.40
CA SER Z 339 28.75 -41.10 24.77
C SER Z 339 29.34 -40.25 23.66
N ARG Z 340 30.51 -40.63 23.13
CA ARG Z 340 31.37 -39.93 22.16
C ARG Z 340 32.00 -38.66 22.76
N THR Z 341 31.59 -38.24 23.95
CA THR Z 341 32.25 -37.17 24.65
C THR Z 341 33.51 -37.69 25.30
N MET Z 342 34.28 -36.77 25.87
CA MET Z 342 35.59 -37.08 26.41
C MET Z 342 35.65 -36.92 27.92
N ILE Z 343 35.11 -35.82 28.45
CA ILE Z 343 35.23 -35.53 29.87
C ILE Z 343 34.26 -36.38 30.70
N LEU Z 344 33.26 -36.97 30.07
CA LEU Z 344 32.30 -37.77 30.82
C LEU Z 344 32.90 -39.12 31.21
N ALA Z 345 33.24 -39.93 30.20
CA ALA Z 345 33.75 -41.27 30.46
C ALA Z 345 35.17 -41.18 31.00
N ARG Z 346 35.35 -41.53 32.27
CA ARG Z 346 36.66 -41.46 32.89
C ARG Z 346 36.97 -42.75 33.63
N GLY Z 347 38.04 -42.75 34.42
CA GLY Z 347 38.34 -43.91 35.24
C GLY Z 347 39.13 -44.92 34.46
N LEU Z 348 38.66 -46.17 34.48
CA LEU Z 348 39.21 -47.31 33.74
C LEU Z 348 40.67 -47.60 34.06
N GLN Z 349 41.20 -47.10 35.16
CA GLN Z 349 42.49 -47.59 35.62
C GLN Z 349 42.34 -48.96 36.25
N THR Z 350 41.35 -49.11 37.10
CA THR Z 350 41.00 -50.43 37.61
C THR Z 350 40.30 -51.25 36.53
N LEU Z 351 39.23 -50.69 35.98
CA LEU Z 351 38.36 -51.43 35.08
C LEU Z 351 39.06 -51.60 33.73
N LEU Z 352 39.09 -52.84 33.24
CA LEU Z 352 39.80 -53.30 32.05
C LEU Z 352 41.28 -52.93 32.16
N PRO Z 353 42.02 -53.59 33.05
CA PRO Z 353 43.33 -53.05 33.45
C PRO Z 353 44.41 -53.17 32.39
N LEU Z 354 44.39 -54.21 31.56
CA LEU Z 354 45.45 -54.35 30.56
C LEU Z 354 45.16 -53.53 29.31
N MET Z 355 43.95 -53.01 29.16
CA MET Z 355 43.69 -52.05 28.08
C MET Z 355 44.47 -50.75 28.30
N ALA Z 356 44.80 -50.45 29.55
CA ALA Z 356 45.57 -49.25 29.87
C ALA Z 356 46.95 -49.28 29.25
N ALA Z 357 47.57 -50.47 29.16
CA ALA Z 357 48.87 -50.55 28.49
C ALA Z 357 48.75 -50.30 27.00
N TRP Z 358 47.61 -50.66 26.40
CA TRP Z 358 47.41 -50.39 24.99
C TRP Z 358 47.18 -48.91 24.74
N TRP Z 359 46.39 -48.27 25.60
CA TRP Z 359 46.24 -46.82 25.53
C TRP Z 359 47.57 -46.11 25.75
N LEU Z 360 48.39 -46.66 26.64
CA LEU Z 360 49.76 -46.17 26.86
C LEU Z 360 50.57 -46.23 25.57
N LEU Z 361 50.59 -47.40 24.94
CA LEU Z 361 51.42 -47.59 23.75
C LEU Z 361 50.90 -46.77 22.57
N ALA Z 362 49.58 -46.53 22.51
CA ALA Z 362 49.01 -45.68 21.47
C ALA Z 362 49.46 -44.22 21.66
N SER Z 363 49.38 -43.73 22.90
CA SER Z 363 49.89 -42.39 23.16
C SER Z 363 51.41 -42.33 23.05
N LEU Z 364 52.09 -43.48 23.18
CA LEU Z 364 53.54 -43.53 22.95
C LEU Z 364 53.88 -43.39 21.48
N THR Z 365 53.12 -44.06 20.62
CA THR Z 365 53.41 -43.97 19.19
C THR Z 365 52.99 -42.63 18.60
N ASN Z 366 51.93 -42.03 19.13
CA ASN Z 366 51.65 -40.65 18.73
C ASN Z 366 52.56 -39.66 19.46
N LEU Z 367 53.20 -40.12 20.52
CA LEU Z 367 54.18 -39.38 21.31
C LEU Z 367 55.59 -39.49 20.74
N ALA Z 368 55.75 -40.22 19.63
CA ALA Z 368 57.04 -40.59 19.05
C ALA Z 368 57.89 -41.35 20.07
N LEU Z 369 57.44 -42.58 20.34
CA LEU Z 369 58.23 -43.56 21.07
C LEU Z 369 59.61 -43.72 20.43
N PRO Z 370 60.68 -43.73 21.19
CA PRO Z 370 62.01 -43.42 20.65
C PRO Z 370 62.68 -44.53 19.85
N PRO Z 371 62.28 -45.80 19.93
CA PRO Z 371 62.58 -46.70 18.81
C PRO Z 371 61.46 -46.93 17.80
N SER Z 372 60.35 -46.19 17.87
CA SER Z 372 59.25 -46.45 16.95
C SER Z 372 59.54 -45.90 15.56
N ILE Z 373 58.79 -46.42 14.59
CA ILE Z 373 58.87 -45.97 13.20
C ILE Z 373 58.42 -44.53 13.07
N ASN Z 374 57.47 -44.12 13.91
CA ASN Z 374 56.95 -42.76 13.89
C ASN Z 374 58.04 -41.75 14.21
N LEU Z 375 58.84 -42.03 15.24
CA LEU Z 375 59.94 -41.14 15.59
C LEU Z 375 61.03 -41.16 14.53
N ILE Z 376 61.32 -42.32 13.93
CA ILE Z 376 62.37 -42.40 12.91
C ILE Z 376 61.96 -41.58 11.69
N GLY Z 377 60.69 -41.68 11.29
CA GLY Z 377 60.20 -40.89 10.17
C GLY Z 377 60.23 -39.41 10.45
N GLU Z 378 59.74 -39.00 11.61
CA GLU Z 378 59.77 -37.58 11.97
C GLU Z 378 61.20 -37.08 12.17
N LEU Z 379 62.11 -37.96 12.57
CA LEU Z 379 63.50 -37.56 12.74
C LEU Z 379 64.15 -37.27 11.41
N PHE Z 380 63.94 -38.14 10.41
CA PHE Z 380 64.49 -37.85 9.09
C PHE Z 380 63.82 -36.63 8.46
N VAL Z 381 62.54 -36.40 8.76
CA VAL Z 381 61.86 -35.20 8.27
C VAL Z 381 62.48 -33.94 8.87
N VAL Z 382 62.76 -33.96 10.18
CA VAL Z 382 63.35 -32.80 10.83
C VAL Z 382 64.78 -32.56 10.35
N MET Z 383 65.55 -33.64 10.14
CA MET Z 383 66.89 -33.50 9.61
C MET Z 383 66.88 -32.90 8.21
N SER Z 384 65.95 -33.35 7.37
CA SER Z 384 65.91 -32.87 5.99
C SER Z 384 65.42 -31.43 5.92
N THR Z 385 64.44 -31.06 6.76
CA THR Z 385 63.99 -29.68 6.72
C THR Z 385 65.00 -28.73 7.35
N PHE Z 386 65.84 -29.22 8.27
CA PHE Z 386 66.87 -28.32 8.76
C PHE Z 386 68.03 -28.20 7.78
N SER Z 387 68.24 -29.23 6.97
CA SER Z 387 69.19 -29.08 5.87
C SER Z 387 68.66 -28.12 4.80
N TRP Z 388 67.34 -28.13 4.58
CA TRP Z 388 66.76 -27.21 3.60
C TRP Z 388 66.76 -25.78 4.12
N SER Z 389 66.57 -25.60 5.42
CA SER Z 389 66.57 -24.26 6.00
C SER Z 389 67.10 -24.34 7.41
N ASN Z 390 68.06 -23.48 7.73
CA ASN Z 390 68.67 -23.51 9.06
C ASN Z 390 67.84 -22.80 10.12
N ILE Z 391 66.56 -22.54 9.87
CA ILE Z 391 65.80 -21.63 10.71
C ILE Z 391 64.44 -22.25 11.05
N THR Z 392 64.13 -23.39 10.43
CA THR Z 392 62.79 -23.98 10.50
C THR Z 392 62.51 -24.74 11.78
N ILE Z 393 63.48 -24.81 12.70
CA ILE Z 393 63.38 -25.80 13.78
C ILE Z 393 62.46 -25.36 14.90
N ILE Z 394 62.09 -24.07 14.94
CA ILE Z 394 61.17 -23.58 15.95
C ILE Z 394 59.79 -24.22 15.77
N LEU Z 395 59.28 -24.22 14.55
CA LEU Z 395 57.96 -24.77 14.30
C LEU Z 395 57.96 -26.29 14.42
N MET Z 396 59.06 -26.94 14.02
CA MET Z 396 59.16 -28.38 14.16
C MET Z 396 59.20 -28.82 15.61
N GLY Z 397 60.02 -28.15 16.43
CA GLY Z 397 60.06 -28.50 17.83
C GLY Z 397 58.81 -28.11 18.59
N LEU Z 398 58.15 -27.02 18.19
CA LEU Z 398 56.89 -26.67 18.82
C LEU Z 398 55.80 -27.67 18.46
N ASN Z 399 55.82 -28.17 17.22
CA ASN Z 399 54.97 -29.29 16.85
C ASN Z 399 55.28 -30.51 17.69
N MET Z 400 56.57 -30.77 17.95
CA MET Z 400 56.97 -31.91 18.76
C MET Z 400 56.44 -31.81 20.20
N VAL Z 401 56.58 -30.63 20.80
CA VAL Z 401 56.17 -30.41 22.19
C VAL Z 401 54.64 -30.49 22.31
N ILE Z 402 53.93 -29.77 21.44
CA ILE Z 402 52.48 -29.77 21.53
C ILE Z 402 51.90 -31.12 21.11
N THR Z 403 52.58 -31.83 20.19
CA THR Z 403 52.15 -33.16 19.79
C THR Z 403 52.24 -34.14 20.95
N ALA Z 404 53.37 -34.11 21.65
CA ALA Z 404 53.53 -34.85 22.89
C ALA Z 404 52.47 -34.46 23.91
N LEU Z 405 52.14 -33.16 23.99
CA LEU Z 405 51.21 -32.72 25.01
C LEU Z 405 49.78 -33.20 24.74
N TYR Z 406 49.32 -33.09 23.50
CA TYR Z 406 47.94 -33.51 23.26
C TYR Z 406 47.82 -35.03 23.20
N SER Z 407 48.86 -35.74 22.76
CA SER Z 407 48.81 -37.19 22.86
C SER Z 407 48.76 -37.65 24.32
N LEU Z 408 49.54 -36.98 25.18
CA LEU Z 408 49.53 -37.35 26.59
C LEU Z 408 48.22 -36.98 27.26
N TYR Z 409 47.66 -35.81 26.90
CA TYR Z 409 46.37 -35.41 27.46
C TYR Z 409 45.25 -36.32 26.98
N MET Z 410 45.33 -36.76 25.72
CA MET Z 410 44.44 -37.78 25.20
C MET Z 410 44.55 -39.08 25.98
N LEU Z 411 45.75 -39.42 26.45
CA LEU Z 411 45.89 -40.55 27.35
C LEU Z 411 45.21 -40.29 28.70
N ILE Z 412 45.57 -39.18 29.35
CA ILE Z 412 45.26 -39.06 30.77
C ILE Z 412 43.92 -38.39 31.01
N THR Z 413 43.18 -38.11 29.94
CA THR Z 413 41.87 -37.51 30.15
C THR Z 413 40.85 -38.57 30.51
N THR Z 414 40.70 -39.58 29.66
CA THR Z 414 39.65 -40.58 29.81
C THR Z 414 40.07 -41.80 30.61
N GLN Z 415 41.36 -42.05 30.75
CA GLN Z 415 41.79 -43.24 31.46
C GLN Z 415 42.85 -42.86 32.48
N ARG Z 416 42.54 -41.88 33.32
CA ARG Z 416 43.38 -41.58 34.46
C ARG Z 416 42.57 -40.94 35.57
N GLY Z 417 42.65 -41.52 36.76
CA GLY Z 417 42.44 -40.78 37.97
C GLY Z 417 41.29 -41.18 38.87
N LYS Z 418 40.09 -41.37 38.32
CA LYS Z 418 38.91 -41.62 39.14
C LYS Z 418 37.73 -42.11 38.32
N HIS Z 419 37.11 -43.21 38.76
CA HIS Z 419 35.84 -43.64 38.19
C HIS Z 419 34.74 -42.64 38.52
N THR Z 420 33.84 -42.43 37.57
CA THR Z 420 32.81 -41.43 37.76
C THR Z 420 31.64 -41.91 38.60
N HIS Z 421 31.66 -43.18 39.03
CA HIS Z 421 30.67 -43.85 39.90
C HIS Z 421 29.22 -43.61 39.49
N HIS Z 422 28.96 -43.50 38.20
CA HIS Z 422 27.60 -43.62 37.69
C HIS Z 422 27.53 -44.38 36.39
N ILE Z 423 28.66 -44.92 35.90
CA ILE Z 423 28.66 -45.71 34.68
C ILE Z 423 27.95 -47.02 34.91
N ASN Z 424 28.44 -47.79 35.90
CA ASN Z 424 27.89 -48.98 36.54
C ASN Z 424 27.14 -49.97 35.64
N ASN Z 425 27.65 -50.17 34.43
CA ASN Z 425 27.12 -51.19 33.53
C ASN Z 425 28.17 -51.97 32.78
N ILE Z 426 29.41 -51.51 32.72
CA ILE Z 426 30.36 -51.96 31.72
C ILE Z 426 30.89 -53.35 32.06
N LEU Z 427 31.14 -54.12 31.03
CA LEU Z 427 31.66 -55.48 31.11
C LEU Z 427 33.17 -55.45 31.04
N PRO Z 428 33.85 -56.50 31.51
CA PRO Z 428 35.32 -56.55 31.38
C PRO Z 428 35.81 -56.69 29.94
N SER Z 429 37.12 -56.73 29.79
CA SER Z 429 37.74 -56.65 28.48
C SER Z 429 37.46 -57.90 27.65
N PHE Z 430 36.96 -57.69 26.44
CA PHE Z 430 36.65 -58.81 25.57
C PHE Z 430 37.92 -59.40 24.99
N THR Z 431 37.75 -60.56 24.36
CA THR Z 431 38.86 -61.19 23.65
C THR Z 431 39.18 -60.44 22.37
N ARG Z 432 38.13 -60.03 21.65
CA ARG Z 432 38.27 -59.40 20.35
C ARG Z 432 39.02 -58.08 20.40
N GLU Z 433 38.82 -57.31 21.48
CA GLU Z 433 39.41 -55.98 21.59
C GLU Z 433 40.93 -56.07 21.65
N ASN Z 434 41.45 -56.80 22.63
CA ASN Z 434 42.89 -56.97 22.73
C ASN Z 434 43.45 -57.86 21.62
N ALA Z 435 42.60 -58.66 20.96
CA ALA Z 435 43.05 -59.35 19.75
C ALA Z 435 43.37 -58.37 18.64
N LEU Z 436 42.47 -57.41 18.39
CA LEU Z 436 42.72 -56.33 17.45
C LEU Z 436 43.91 -55.48 17.87
N MET Z 437 44.10 -55.32 19.19
CA MET Z 437 45.25 -54.57 19.69
C MET Z 437 46.56 -55.27 19.36
N SER Z 438 46.61 -56.59 19.59
CA SER Z 438 47.79 -57.37 19.25
C SER Z 438 48.02 -57.42 17.74
N LEU Z 439 46.94 -57.35 16.96
CA LEU Z 439 47.11 -57.25 15.51
C LEU Z 439 47.65 -55.88 15.10
N HIS Z 440 47.33 -54.83 15.85
CA HIS Z 440 47.90 -53.52 15.54
C HIS Z 440 49.38 -53.47 15.89
N MET Z 441 49.70 -53.64 17.17
CA MET Z 441 50.98 -53.13 17.68
C MET Z 441 52.12 -54.13 17.64
N LEU Z 442 51.86 -55.40 17.35
CA LEU Z 442 52.98 -56.30 17.12
C LEU Z 442 53.70 -56.03 15.80
N PRO Z 443 53.04 -55.86 14.63
CA PRO Z 443 53.83 -55.56 13.42
C PRO Z 443 54.51 -54.22 13.44
N LEU Z 444 53.99 -53.25 14.20
CA LEU Z 444 54.65 -51.96 14.31
C LEU Z 444 56.01 -52.08 14.98
N LEU Z 445 56.07 -52.77 16.12
CA LEU Z 445 57.35 -52.95 16.79
C LEU Z 445 58.23 -53.96 16.08
N LEU Z 446 57.65 -54.92 15.36
CA LEU Z 446 58.50 -55.82 14.60
C LEU Z 446 59.04 -55.17 13.33
N LEU Z 447 58.40 -54.12 12.82
CA LEU Z 447 59.07 -53.25 11.87
C LEU Z 447 60.07 -52.34 12.55
N SER Z 448 59.84 -52.01 13.83
CA SER Z 448 60.81 -51.22 14.57
C SER Z 448 62.08 -52.01 14.88
N LEU Z 449 62.03 -53.34 14.80
CA LEU Z 449 63.28 -54.10 14.81
C LEU Z 449 64.05 -53.88 13.51
N ASN Z 450 63.47 -54.28 12.38
CA ASN Z 450 64.16 -54.28 11.09
C ASN Z 450 63.38 -53.42 10.11
N PRO Z 451 63.68 -52.12 10.02
CA PRO Z 451 62.90 -51.23 9.15
C PRO Z 451 63.38 -51.18 7.72
N LYS Z 452 64.14 -52.19 7.28
CA LYS Z 452 64.70 -52.24 5.93
C LYS Z 452 63.66 -52.21 4.82
N ILE Z 453 62.41 -52.53 5.11
CA ILE Z 453 61.35 -52.53 4.11
C ILE Z 453 60.80 -51.12 3.91
N ILE Z 454 60.63 -50.39 5.00
CA ILE Z 454 59.65 -49.31 5.05
C ILE Z 454 60.27 -47.96 4.73
N LEU Z 455 61.42 -47.93 4.07
CA LEU Z 455 61.98 -46.68 3.61
C LEU Z 455 61.74 -46.53 2.11
N GLY Z 456 62.10 -45.37 1.59
CA GLY Z 456 61.70 -44.96 0.26
C GLY Z 456 62.36 -45.72 -0.88
N PRO Z 457 62.08 -45.27 -2.11
CA PRO Z 457 62.72 -45.91 -3.28
C PRO Z 457 64.22 -45.74 -3.33
N LEU Z 458 64.75 -44.68 -2.74
CA LEU Z 458 66.21 -44.54 -2.59
C LEU Z 458 66.67 -45.04 -1.23
N TYR Z 459 66.29 -46.27 -0.88
CA TYR Z 459 66.81 -46.96 0.30
C TYR Z 459 68.31 -47.17 0.19
N MET AA 1 -7.70 -44.49 -27.94
CA MET AA 1 -6.55 -45.17 -27.36
C MET AA 1 -6.58 -46.69 -27.55
N ASN AA 2 -6.98 -47.14 -28.74
CA ASN AA 2 -6.83 -48.54 -29.08
C ASN AA 2 -5.36 -48.88 -29.26
N PRO AA 3 -4.94 -50.08 -28.87
CA PRO AA 3 -3.53 -50.46 -29.04
C PRO AA 3 -3.10 -50.54 -30.49
N ILE AA 4 -4.01 -50.86 -31.41
CA ILE AA 4 -3.70 -50.78 -32.84
C ILE AA 4 -3.35 -49.36 -33.24
N ILE AA 5 -4.13 -48.39 -32.77
CA ILE AA 5 -3.91 -46.99 -33.09
C ILE AA 5 -2.61 -46.50 -32.50
N LEU AA 6 -2.27 -46.97 -31.29
CA LEU AA 6 -1.01 -46.54 -30.68
C LEU AA 6 0.19 -47.20 -31.36
N ILE AA 7 0.06 -48.44 -31.83
CA ILE AA 7 1.11 -49.06 -32.61
C ILE AA 7 1.31 -48.31 -33.93
N ILE AA 8 0.22 -47.84 -34.52
CA ILE AA 8 0.29 -46.99 -35.72
C ILE AA 8 1.07 -45.71 -35.43
N ILE AA 9 0.76 -45.05 -34.31
CA ILE AA 9 1.42 -43.79 -34.01
C ILE AA 9 2.89 -43.99 -33.66
N LEU AA 10 3.22 -45.10 -32.99
CA LEU AA 10 4.62 -45.45 -32.75
C LEU AA 10 5.36 -45.71 -34.06
N MET AA 11 4.68 -46.36 -35.02
CA MET AA 11 5.27 -46.57 -36.34
C MET AA 11 5.50 -45.24 -37.05
N THR AA 12 4.63 -44.26 -36.84
CA THR AA 12 4.85 -42.95 -37.44
C THR AA 12 6.01 -42.22 -36.79
N VAL AA 13 6.21 -42.40 -35.48
CA VAL AA 13 7.37 -41.83 -34.81
C VAL AA 13 8.67 -42.40 -35.39
N MET AA 14 8.70 -43.73 -35.52
CA MET AA 14 9.84 -44.41 -36.14
C MET AA 14 10.07 -43.93 -37.56
N LEU AA 15 8.99 -43.77 -38.32
CA LEU AA 15 9.09 -43.41 -39.72
C LEU AA 15 9.56 -41.97 -39.89
N GLY AA 16 9.06 -41.06 -39.05
CA GLY AA 16 9.53 -39.69 -39.11
C GLY AA 16 10.99 -39.56 -38.76
N THR AA 17 11.44 -40.30 -37.74
CA THR AA 17 12.87 -40.25 -37.38
C THR AA 17 13.74 -40.86 -38.48
N ILE AA 18 13.30 -41.94 -39.11
CA ILE AA 18 14.11 -42.55 -40.16
C ILE AA 18 14.13 -41.67 -41.42
N ILE AA 19 13.04 -40.95 -41.71
CA ILE AA 19 13.06 -39.98 -42.80
C ILE AA 19 14.02 -38.84 -42.49
N VAL AA 20 14.10 -38.43 -41.22
CA VAL AA 20 15.12 -37.47 -40.80
C VAL AA 20 16.52 -38.03 -41.02
N MET AA 21 16.69 -39.33 -40.78
CA MET AA 21 18.01 -39.96 -40.96
C MET AA 21 18.43 -40.01 -42.42
N ILE AA 22 17.59 -40.60 -43.27
CA ILE AA 22 18.04 -41.11 -44.56
C ILE AA 22 17.90 -40.11 -45.70
N SER AA 23 17.01 -39.13 -45.59
CA SER AA 23 16.72 -38.24 -46.71
C SER AA 23 17.82 -37.21 -46.87
N THR AA 24 18.40 -37.15 -48.07
CA THR AA 24 19.38 -36.15 -48.43
C THR AA 24 18.74 -34.86 -48.94
N HIS AA 25 17.42 -34.74 -48.87
CA HIS AA 25 16.69 -33.59 -49.36
C HIS AA 25 16.14 -32.81 -48.17
N TRP AA 26 16.20 -31.49 -48.26
CA TRP AA 26 15.88 -30.66 -47.11
C TRP AA 26 14.40 -30.66 -46.79
N LEU AA 27 13.57 -30.70 -47.85
CA LEU AA 27 12.12 -30.70 -47.68
C LEU AA 27 11.67 -31.92 -46.90
N LEU AA 28 12.26 -33.08 -47.16
CA LEU AA 28 11.87 -34.28 -46.47
C LEU AA 28 12.35 -34.27 -45.01
N ILE AA 29 13.45 -33.57 -44.73
CA ILE AA 29 13.86 -33.42 -43.34
C ILE AA 29 12.87 -32.54 -42.59
N TRP AA 30 12.40 -31.47 -43.24
CA TRP AA 30 11.38 -30.62 -42.63
C TRP AA 30 10.08 -31.39 -42.43
N ILE AA 31 9.72 -32.23 -43.41
CA ILE AA 31 8.54 -33.09 -43.32
C ILE AA 31 8.69 -34.08 -42.18
N GLY AA 32 9.91 -34.59 -41.98
CA GLY AA 32 10.14 -35.53 -40.89
C GLY AA 32 9.99 -34.90 -39.53
N PHE AA 33 10.52 -33.68 -39.36
CA PHE AA 33 10.35 -32.96 -38.10
C PHE AA 33 8.88 -32.66 -37.83
N GLU AA 34 8.15 -32.27 -38.87
CA GLU AA 34 6.72 -32.03 -38.74
C GLU AA 34 5.95 -33.29 -38.37
N MET AA 35 6.18 -34.38 -39.10
CA MET AA 35 5.48 -35.64 -38.85
C MET AA 35 5.79 -36.19 -37.47
N ASN AA 36 7.01 -35.99 -36.99
CA ASN AA 36 7.36 -36.41 -35.65
C ASN AA 36 6.63 -35.56 -34.61
N MET AA 37 6.47 -34.26 -34.88
CA MET AA 37 5.63 -33.41 -34.03
C MET AA 37 4.18 -33.90 -34.00
N LEU AA 38 3.62 -34.15 -35.20
CA LEU AA 38 2.23 -34.57 -35.34
C LEU AA 38 1.98 -35.91 -34.69
N ALA AA 39 2.99 -36.76 -34.65
CA ALA AA 39 2.85 -38.06 -33.99
C ALA AA 39 3.03 -37.93 -32.49
N ILE AA 40 3.91 -37.04 -32.04
CA ILE AA 40 4.21 -36.98 -30.62
C ILE AA 40 3.17 -36.17 -29.84
N ILE AA 41 2.32 -35.42 -30.54
CA ILE AA 41 1.25 -34.70 -29.82
C ILE AA 41 0.20 -35.64 -29.20
N PRO AA 42 -0.38 -36.65 -29.88
CA PRO AA 42 -1.35 -37.49 -29.17
C PRO AA 42 -0.74 -38.54 -28.27
N ILE AA 43 0.58 -38.71 -28.27
CA ILE AA 43 1.20 -39.51 -27.22
C ILE AA 43 1.00 -38.82 -25.88
N MET AA 44 1.28 -37.53 -25.83
CA MET AA 44 0.83 -36.70 -24.74
C MET AA 44 -0.68 -36.52 -24.82
N MET AA 45 -1.25 -36.01 -23.73
CA MET AA 45 -2.70 -35.98 -23.48
C MET AA 45 -3.30 -37.38 -23.60
N LYS AA 46 -2.57 -38.38 -23.10
CA LYS AA 46 -3.14 -39.71 -22.92
C LYS AA 46 -4.23 -39.68 -21.86
N LYS AA 47 -4.06 -38.84 -20.84
CA LYS AA 47 -5.12 -38.50 -19.91
C LYS AA 47 -5.91 -37.33 -20.48
N HIS AA 48 -6.77 -36.71 -19.67
CA HIS AA 48 -7.53 -35.57 -20.16
C HIS AA 48 -7.55 -34.42 -19.16
N ASN AA 49 -6.54 -34.34 -18.29
CA ASN AA 49 -6.37 -33.19 -17.42
C ASN AA 49 -5.99 -31.95 -18.24
N PRO AA 50 -6.21 -30.75 -17.71
CA PRO AA 50 -5.70 -29.55 -18.40
C PRO AA 50 -4.20 -29.42 -18.36
N ARG AA 51 -3.53 -30.17 -17.48
CA ARG AA 51 -2.07 -30.13 -17.41
C ARG AA 51 -1.45 -30.60 -18.73
N ALA AA 52 -1.90 -31.75 -19.23
CA ALA AA 52 -1.37 -32.25 -20.49
C ALA AA 52 -1.82 -31.39 -21.67
N THR AA 53 -2.98 -30.75 -21.54
CA THR AA 53 -3.45 -29.79 -22.55
C THR AA 53 -2.47 -28.63 -22.69
N GLU AA 54 -2.13 -27.99 -21.56
CA GLU AA 54 -1.21 -26.88 -21.60
C GLU AA 54 0.18 -27.31 -22.02
N ALA AA 55 0.60 -28.52 -21.60
CA ALA AA 55 1.92 -29.02 -21.97
C ALA AA 55 2.04 -29.23 -23.46
N SER AA 56 1.05 -29.90 -24.05
CA SER AA 56 1.07 -30.14 -25.49
C SER AA 56 0.93 -28.84 -26.27
N THR AA 57 0.21 -27.85 -25.72
CA THR AA 57 0.11 -26.55 -26.39
C THR AA 57 1.46 -25.85 -26.45
N LYS AA 58 2.17 -25.80 -25.31
CA LYS AA 58 3.47 -25.15 -25.26
C LYS AA 58 4.48 -25.84 -26.16
N TYR AA 59 4.50 -27.19 -26.10
CA TYR AA 59 5.41 -27.94 -26.96
C TYR AA 59 5.07 -27.77 -28.42
N PHE AA 60 3.77 -27.67 -28.73
CA PHE AA 60 3.35 -27.45 -30.11
C PHE AA 60 3.86 -26.12 -30.64
N LEU AA 61 3.74 -25.07 -29.83
CA LEU AA 61 4.21 -23.75 -30.28
C LEU AA 61 5.72 -23.72 -30.47
N THR AA 62 6.47 -24.36 -29.56
CA THR AA 62 7.93 -24.37 -29.69
C THR AA 62 8.38 -25.16 -30.91
N GLN AA 63 7.83 -26.37 -31.10
CA GLN AA 63 8.22 -27.18 -32.23
C GLN AA 63 7.76 -26.56 -33.55
N SER AA 64 6.63 -25.86 -33.53
CA SER AA 64 6.13 -25.22 -34.73
C SER AA 64 7.03 -24.07 -35.17
N THR AA 65 7.43 -23.21 -34.21
CA THR AA 65 8.30 -22.10 -34.61
C THR AA 65 9.70 -22.60 -34.96
N ALA AA 66 10.13 -23.74 -34.40
CA ALA AA 66 11.39 -24.34 -34.83
C ALA AA 66 11.31 -24.81 -36.28
N SER AA 67 10.20 -25.48 -36.64
CA SER AA 67 10.00 -25.96 -38.01
C SER AA 67 9.94 -24.79 -39.00
N MET AA 68 9.28 -23.71 -38.61
CA MET AA 68 9.15 -22.57 -39.51
C MET AA 68 10.48 -21.86 -39.70
N LEU AA 69 11.28 -21.74 -38.63
CA LEU AA 69 12.59 -21.12 -38.77
C LEU AA 69 13.53 -21.99 -39.59
N LEU AA 70 13.38 -23.32 -39.50
CA LEU AA 70 14.17 -24.22 -40.34
C LEU AA 70 13.83 -24.04 -41.82
N MET AA 71 12.53 -23.95 -42.14
CA MET AA 71 12.13 -23.73 -43.52
C MET AA 71 12.62 -22.38 -44.04
N MET AA 72 12.63 -21.37 -43.16
CA MET AA 72 13.25 -20.09 -43.48
C MET AA 72 14.72 -20.24 -43.85
N ALA AA 73 15.45 -21.01 -43.07
CA ALA AA 73 16.88 -21.20 -43.32
C ALA AA 73 17.12 -21.92 -44.64
N ILE AA 74 16.25 -22.86 -44.98
CA ILE AA 74 16.41 -23.59 -46.25
C ILE AA 74 16.10 -22.68 -47.44
N ILE AA 75 15.08 -21.85 -47.31
CA ILE AA 75 14.72 -20.94 -48.40
C ILE AA 75 15.80 -19.88 -48.60
N ILE AA 76 16.42 -19.40 -47.52
CA ILE AA 76 17.56 -18.49 -47.64
C ILE AA 76 18.74 -19.20 -48.29
N ASN AA 77 18.95 -20.47 -47.95
CA ASN AA 77 20.02 -21.27 -48.53
C ASN AA 77 19.88 -21.38 -50.04
N LEU AA 78 18.65 -21.52 -50.52
CA LEU AA 78 18.49 -21.60 -51.97
C LEU AA 78 18.37 -20.20 -52.61
N MET AA 79 18.11 -19.15 -51.83
CA MET AA 79 18.34 -17.79 -52.35
C MET AA 79 19.81 -17.56 -52.63
N PHE AA 80 20.67 -18.10 -51.78
CA PHE AA 80 22.09 -18.22 -52.09
C PHE AA 80 22.31 -19.49 -52.89
N SER AA 81 23.55 -19.99 -52.94
CA SER AA 81 23.91 -21.20 -53.67
C SER AA 81 22.97 -22.36 -53.36
N GLY AA 82 22.18 -22.74 -54.37
CA GLY AA 82 20.98 -23.51 -54.14
C GLY AA 82 21.04 -24.94 -54.62
N GLN AA 83 21.15 -25.86 -53.69
CA GLN AA 83 21.16 -27.28 -54.02
C GLN AA 83 20.48 -28.02 -52.88
N TRP AA 84 19.76 -29.07 -53.25
CA TRP AA 84 19.04 -29.85 -52.25
C TRP AA 84 19.85 -31.03 -51.73
N THR AA 85 21.09 -30.77 -51.33
CA THR AA 85 21.91 -31.74 -50.62
C THR AA 85 22.11 -31.31 -49.19
N VAL AA 86 22.25 -32.30 -48.31
CA VAL AA 86 22.59 -32.01 -46.93
C VAL AA 86 24.10 -31.94 -46.89
N MET AA 87 24.65 -30.78 -47.22
CA MET AA 87 26.08 -30.61 -47.37
C MET AA 87 26.53 -29.39 -46.58
N LYS AA 88 27.84 -29.12 -46.67
CA LYS AA 88 28.43 -27.89 -46.16
C LYS AA 88 27.80 -26.68 -46.83
N LEU AA 89 27.08 -25.87 -46.06
CA LEU AA 89 26.28 -24.80 -46.62
C LEU AA 89 27.15 -23.60 -46.97
N PHE AA 90 26.52 -22.54 -47.48
CA PHE AA 90 27.25 -21.41 -48.04
C PHE AA 90 26.62 -20.09 -47.60
N ASN AA 91 26.29 -19.99 -46.32
CA ASN AA 91 25.79 -18.77 -45.72
C ASN AA 91 26.00 -18.78 -44.22
N PRO AA 92 26.65 -17.75 -43.65
CA PRO AA 92 26.61 -17.59 -42.19
C PRO AA 92 25.22 -17.28 -41.66
N MET AA 93 24.39 -16.57 -42.43
CA MET AA 93 23.04 -16.23 -41.94
C MET AA 93 22.13 -17.45 -41.91
N ALA AA 94 22.16 -18.27 -42.95
CA ALA AA 94 21.27 -19.42 -43.01
C ALA AA 94 21.67 -20.49 -41.99
N SER AA 95 22.97 -20.78 -41.89
CA SER AA 95 23.45 -21.69 -40.85
C SER AA 95 23.23 -21.11 -39.46
N MET AA 96 23.28 -19.78 -39.34
CA MET AA 96 23.03 -19.11 -38.08
C MET AA 96 21.61 -19.35 -37.60
N LEU AA 97 20.63 -19.01 -38.43
CA LEU AA 97 19.23 -19.26 -38.06
C LEU AA 97 18.90 -20.74 -38.00
N MET AA 98 19.64 -21.58 -38.73
CA MET AA 98 19.39 -23.01 -38.66
C MET AA 98 19.85 -23.60 -37.34
N THR AA 99 21.02 -23.18 -36.85
CA THR AA 99 21.45 -23.59 -35.52
C THR AA 99 20.55 -23.02 -34.43
N MET AA 100 20.00 -21.82 -34.64
CA MET AA 100 19.03 -21.30 -33.68
C MET AA 100 17.74 -22.12 -33.68
N ALA AA 101 17.32 -22.58 -34.85
CA ALA AA 101 16.13 -23.42 -34.93
C ALA AA 101 16.36 -24.78 -34.29
N LEU AA 102 17.56 -25.34 -34.48
CA LEU AA 102 17.88 -26.60 -33.80
C LEU AA 102 18.04 -26.40 -32.30
N ALA AA 103 18.43 -25.19 -31.87
CA ALA AA 103 18.44 -24.89 -30.45
C ALA AA 103 17.03 -24.79 -29.89
N MET AA 104 16.09 -24.28 -30.69
CA MET AA 104 14.68 -24.37 -30.33
C MET AA 104 14.23 -25.82 -30.26
N LYS AA 105 14.76 -26.65 -31.16
CA LYS AA 105 14.34 -28.04 -31.29
C LYS AA 105 14.77 -28.87 -30.10
N LEU AA 106 16.07 -28.98 -29.87
CA LEU AA 106 16.60 -29.84 -28.82
C LEU AA 106 16.74 -29.15 -27.48
N GLY AA 107 16.49 -27.84 -27.41
CA GLY AA 107 16.59 -27.18 -26.13
C GLY AA 107 17.98 -26.68 -25.81
N MET AA 108 18.09 -25.37 -25.65
CA MET AA 108 19.27 -24.72 -25.11
C MET AA 108 18.84 -23.71 -24.08
N ALA AA 109 19.82 -23.14 -23.38
CA ALA AA 109 19.52 -22.10 -22.41
C ALA AA 109 18.81 -20.86 -22.96
N PRO AA 110 18.96 -20.46 -24.23
CA PRO AA 110 17.97 -19.52 -24.79
C PRO AA 110 16.58 -20.10 -24.88
N PHE AA 111 16.43 -21.42 -24.99
CA PHE AA 111 15.21 -22.02 -25.50
C PHE AA 111 14.70 -23.17 -24.63
N HIS AA 112 14.99 -23.14 -23.33
CA HIS AA 112 14.66 -24.26 -22.45
C HIS AA 112 13.41 -24.02 -21.62
N PHE AA 113 12.72 -22.90 -21.84
CA PHE AA 113 11.65 -22.47 -20.95
C PHE AA 113 10.43 -23.38 -20.99
N TRP AA 114 10.31 -24.19 -22.03
CA TRP AA 114 9.19 -25.09 -22.20
C TRP AA 114 9.41 -26.47 -21.60
N VAL AA 115 10.67 -26.84 -21.35
CA VAL AA 115 11.02 -28.23 -21.07
C VAL AA 115 10.49 -28.73 -19.71
N PRO AA 116 10.72 -28.08 -18.56
CA PRO AA 116 10.16 -28.66 -17.32
C PRO AA 116 8.66 -28.56 -17.26
N GLU AA 117 8.10 -27.55 -17.94
CA GLU AA 117 6.65 -27.41 -18.02
C GLU AA 117 6.04 -28.59 -18.77
N VAL AA 118 6.56 -28.88 -19.96
CA VAL AA 118 5.95 -29.95 -20.76
C VAL AA 118 6.28 -31.31 -20.19
N THR AA 119 7.40 -31.45 -19.48
CA THR AA 119 7.70 -32.75 -18.92
C THR AA 119 7.04 -32.99 -17.56
N GLN AA 120 6.50 -31.95 -16.90
CA GLN AA 120 5.85 -32.22 -15.62
C GLN AA 120 4.49 -32.87 -15.82
N GLY AA 121 3.57 -32.18 -16.49
CA GLY AA 121 2.20 -32.65 -16.56
C GLY AA 121 1.88 -33.64 -17.66
N ILE AA 122 2.69 -34.70 -17.76
CA ILE AA 122 2.49 -35.77 -18.73
C ILE AA 122 2.81 -37.09 -18.05
N PRO AA 123 2.31 -38.21 -18.57
CA PRO AA 123 2.79 -39.51 -18.10
C PRO AA 123 4.22 -39.76 -18.53
N LEU AA 124 4.86 -40.70 -17.83
CA LEU AA 124 6.30 -40.87 -17.97
C LEU AA 124 6.69 -41.57 -19.28
N SER AA 125 5.79 -42.36 -19.85
CA SER AA 125 6.07 -42.98 -21.15
C SER AA 125 6.19 -41.92 -22.23
N SER AA 126 5.32 -40.90 -22.16
CA SER AA 126 5.38 -39.78 -23.09
C SER AA 126 6.67 -38.99 -22.91
N GLY AA 127 7.10 -38.80 -21.66
CA GLY AA 127 8.37 -38.13 -21.42
C GLY AA 127 9.55 -38.89 -21.96
N LEU AA 128 9.52 -40.23 -21.81
CA LEU AA 128 10.56 -41.09 -22.36
C LEU AA 128 10.65 -40.97 -23.88
N ILE AA 129 9.51 -41.11 -24.56
CA ILE AA 129 9.54 -41.11 -26.01
C ILE AA 129 9.90 -39.73 -26.55
N LEU AA 130 9.46 -38.65 -25.89
CA LEU AA 130 9.80 -37.32 -26.38
C LEU AA 130 11.27 -37.02 -26.16
N LEU AA 131 11.82 -37.36 -24.98
CA LEU AA 131 13.23 -37.09 -24.72
C LEU AA 131 14.13 -37.90 -25.65
N THR AA 132 13.91 -39.21 -25.75
CA THR AA 132 14.76 -40.05 -26.59
C THR AA 132 14.66 -39.67 -28.06
N TRP AA 133 13.45 -39.58 -28.62
CA TRP AA 133 13.37 -39.37 -30.05
C TRP AA 133 13.62 -37.92 -30.44
N GLN AA 134 13.15 -36.95 -29.65
CA GLN AA 134 13.39 -35.58 -30.02
C GLN AA 134 14.78 -35.10 -29.68
N LYS AA 135 15.58 -35.86 -28.93
CA LYS AA 135 17.00 -35.54 -28.92
C LYS AA 135 17.79 -36.39 -29.89
N LEU AA 136 17.23 -37.50 -30.37
CA LEU AA 136 17.91 -38.26 -31.41
C LEU AA 136 17.72 -37.63 -32.78
N ALA AA 137 16.66 -36.85 -32.97
CA ALA AA 137 16.38 -36.25 -34.28
C ALA AA 137 17.41 -35.22 -34.76
N PRO AA 138 17.86 -34.21 -33.98
CA PRO AA 138 18.77 -33.23 -34.57
C PRO AA 138 20.20 -33.72 -34.70
N MET AA 139 20.54 -34.85 -34.07
CA MET AA 139 21.92 -35.31 -34.09
C MET AA 139 22.36 -35.75 -35.48
N SER AA 140 21.45 -36.34 -36.26
CA SER AA 140 21.74 -36.65 -37.65
C SER AA 140 21.97 -35.37 -38.44
N VAL AA 141 21.19 -34.34 -38.15
CA VAL AA 141 21.31 -33.07 -38.85
C VAL AA 141 22.67 -32.43 -38.59
N LEU AA 142 23.05 -32.32 -37.31
CA LEU AA 142 24.34 -31.73 -36.96
C LEU AA 142 25.50 -32.58 -37.46
N TYR AA 143 25.34 -33.91 -37.38
CA TYR AA 143 26.32 -34.87 -37.87
C TYR AA 143 26.51 -34.78 -39.38
N GLN AA 144 25.54 -34.24 -40.12
CA GLN AA 144 25.73 -34.07 -41.55
C GLN AA 144 26.06 -32.65 -41.99
N ILE AA 145 25.69 -31.60 -41.23
CA ILE AA 145 26.04 -30.25 -41.66
C ILE AA 145 26.94 -29.53 -40.67
N LEU AA 146 27.79 -30.25 -39.96
CA LEU AA 146 28.85 -29.61 -39.19
C LEU AA 146 29.80 -28.67 -39.95
N PRO AA 147 30.32 -28.95 -41.21
CA PRO AA 147 31.47 -28.16 -41.70
C PRO AA 147 31.22 -26.70 -42.08
N SER AA 148 30.02 -26.16 -41.87
CA SER AA 148 29.75 -24.77 -42.24
C SER AA 148 29.02 -24.05 -41.11
N ILE AA 149 29.52 -24.20 -39.89
CA ILE AA 149 28.90 -23.59 -38.72
C ILE AA 149 29.92 -22.70 -38.02
N ASN AA 150 29.53 -21.46 -37.76
CA ASN AA 150 30.31 -20.62 -36.87
C ASN AA 150 30.23 -21.20 -35.46
N LEU AA 151 31.41 -21.46 -34.87
CA LEU AA 151 31.48 -22.26 -33.66
C LEU AA 151 31.02 -21.50 -32.43
N ASP AA 152 31.02 -20.16 -32.49
CA ASP AA 152 30.65 -19.35 -31.34
C ASP AA 152 29.19 -19.54 -30.96
N LEU AA 153 28.32 -19.77 -31.95
CA LEU AA 153 26.91 -20.08 -31.71
C LEU AA 153 26.74 -21.30 -30.81
N ILE AA 154 27.19 -22.47 -31.30
CA ILE AA 154 27.02 -23.72 -30.59
C ILE AA 154 27.80 -23.73 -29.29
N LEU AA 155 28.93 -23.03 -29.25
CA LEU AA 155 29.71 -22.96 -28.02
C LEU AA 155 29.00 -22.15 -26.94
N THR AA 156 28.43 -21.00 -27.30
CA THR AA 156 27.69 -20.19 -26.34
C THR AA 156 26.45 -20.92 -25.86
N LEU AA 157 25.76 -21.60 -26.79
CA LEU AA 157 24.62 -22.44 -26.43
C LEU AA 157 25.01 -23.52 -25.44
N SER AA 158 26.15 -24.16 -25.66
CA SER AA 158 26.56 -25.28 -24.83
C SER AA 158 26.95 -24.83 -23.44
N ILE AA 159 27.80 -23.78 -23.35
CA ILE AA 159 28.24 -23.24 -22.07
C ILE AA 159 27.04 -22.80 -21.25
N LEU AA 160 26.15 -22.00 -21.87
CA LEU AA 160 25.03 -21.44 -21.15
C LEU AA 160 24.03 -22.53 -20.78
N SER AA 161 23.88 -23.56 -21.63
CA SER AA 161 22.94 -24.63 -21.35
C SER AA 161 23.40 -25.48 -20.19
N ILE AA 162 24.69 -25.80 -20.14
CA ILE AA 162 25.18 -26.63 -19.05
C ILE AA 162 25.18 -25.84 -17.75
N THR AA 163 25.44 -24.52 -17.78
CA THR AA 163 25.39 -23.81 -16.51
C THR AA 163 23.95 -23.52 -16.05
N ILE AA 164 23.00 -23.38 -16.97
CA ILE AA 164 21.59 -23.26 -16.55
C ILE AA 164 21.08 -24.57 -16.00
N GLY AA 165 21.43 -25.69 -16.63
CA GLY AA 165 21.10 -26.99 -16.08
C GLY AA 165 21.80 -27.29 -14.77
N GLY AA 166 22.94 -26.65 -14.52
CA GLY AA 166 23.56 -26.77 -13.21
C GLY AA 166 22.84 -25.97 -12.15
N TRP AA 167 22.53 -24.70 -12.44
CA TRP AA 167 21.93 -23.83 -11.43
C TRP AA 167 20.47 -24.17 -11.19
N GLY AA 168 19.66 -24.11 -12.23
CA GLY AA 168 18.32 -24.64 -12.17
C GLY AA 168 18.39 -26.15 -12.04
N GLY AA 169 17.92 -26.68 -10.91
CA GLY AA 169 17.99 -28.10 -10.66
C GLY AA 169 18.26 -28.39 -9.20
N LEU AA 170 18.81 -27.41 -8.50
CA LEU AA 170 19.14 -27.58 -7.09
C LEU AA 170 17.98 -27.20 -6.18
N ASN AA 171 16.85 -26.82 -6.76
CA ASN AA 171 15.73 -26.30 -6.00
C ASN AA 171 14.44 -27.10 -6.22
N GLN AA 172 14.37 -27.89 -7.27
CA GLN AA 172 13.11 -28.49 -7.67
C GLN AA 172 12.79 -29.70 -6.81
N THR AA 173 11.50 -30.05 -6.79
CA THR AA 173 11.02 -31.20 -6.05
C THR AA 173 10.39 -32.27 -6.94
N GLN AA 174 10.16 -31.99 -8.21
CA GLN AA 174 9.59 -32.99 -9.11
C GLN AA 174 10.69 -33.72 -9.85
N LEU AA 175 10.56 -35.05 -9.92
CA LEU AA 175 11.53 -35.87 -10.64
C LEU AA 175 11.57 -35.56 -12.12
N ARG AA 176 10.42 -35.19 -12.68
CA ARG AA 176 10.32 -34.87 -14.10
C ARG AA 176 11.13 -33.64 -14.44
N LYS AA 177 11.10 -32.64 -13.58
CA LYS AA 177 11.90 -31.45 -13.82
C LYS AA 177 13.37 -31.72 -13.60
N ILE AA 178 13.71 -32.65 -12.69
CA ILE AA 178 15.09 -33.06 -12.49
C ILE AA 178 15.64 -33.70 -13.75
N MET AA 179 14.89 -34.65 -14.32
CA MET AA 179 15.32 -35.32 -15.53
C MET AA 179 15.34 -34.36 -16.72
N ALA AA 180 14.44 -33.37 -16.72
CA ALA AA 180 14.42 -32.35 -17.76
C ALA AA 180 15.67 -31.48 -17.73
N TYR AA 181 16.05 -31.00 -16.54
CA TYR AA 181 17.26 -30.20 -16.42
C TYR AA 181 18.51 -31.01 -16.73
N SER AA 182 18.51 -32.30 -16.37
CA SER AA 182 19.62 -33.16 -16.76
C SER AA 182 19.69 -33.33 -18.26
N SER AA 183 18.53 -33.40 -18.92
CA SER AA 183 18.51 -33.48 -20.38
C SER AA 183 19.05 -32.21 -20.99
N ILE AA 184 18.76 -31.07 -20.39
CA ILE AA 184 19.30 -29.78 -20.86
C ILE AA 184 20.81 -29.78 -20.80
N ALA AA 185 21.36 -30.17 -19.64
CA ALA AA 185 22.81 -30.17 -19.46
C ALA AA 185 23.51 -31.15 -20.39
N HIS AA 186 22.97 -32.37 -20.52
CA HIS AA 186 23.64 -33.34 -21.37
C HIS AA 186 23.47 -33.03 -22.84
N MET AA 187 22.38 -32.39 -23.26
CA MET AA 187 22.30 -32.00 -24.66
C MET AA 187 23.24 -30.85 -24.97
N GLY AA 188 23.50 -29.98 -23.99
CA GLY AA 188 24.58 -29.01 -24.14
C GLY AA 188 25.94 -29.68 -24.30
N TRP AA 189 26.19 -30.73 -23.52
CA TRP AA 189 27.42 -31.52 -23.67
C TRP AA 189 27.51 -32.15 -25.05
N MET AA 190 26.47 -32.86 -25.46
CA MET AA 190 26.48 -33.62 -26.70
C MET AA 190 26.44 -32.74 -27.93
N THR AA 191 26.07 -31.47 -27.77
CA THR AA 191 26.18 -30.52 -28.86
C THR AA 191 27.54 -29.81 -28.84
N ALA AA 192 28.20 -29.76 -27.69
CA ALA AA 192 29.43 -28.99 -27.54
C ALA AA 192 30.61 -29.54 -28.35
N VAL AA 193 30.61 -30.81 -28.72
CA VAL AA 193 31.81 -31.43 -29.28
C VAL AA 193 31.53 -31.72 -30.75
N LEU AA 194 30.70 -30.88 -31.37
CA LEU AA 194 30.26 -31.16 -32.73
C LEU AA 194 31.38 -30.91 -33.74
N LEU AA 195 31.99 -29.73 -33.69
CA LEU AA 195 32.84 -29.29 -34.78
C LEU AA 195 34.27 -29.79 -34.65
N TYR AA 196 34.52 -30.71 -33.74
CA TYR AA 196 35.84 -31.32 -33.54
C TYR AA 196 35.83 -32.81 -33.81
N ASN AA 197 34.88 -33.54 -33.23
CA ASN AA 197 34.64 -34.94 -33.57
C ASN AA 197 33.21 -35.31 -33.23
N PRO AA 198 32.38 -35.63 -34.24
CA PRO AA 198 31.01 -36.05 -33.95
C PRO AA 198 30.89 -37.48 -33.43
N THR AA 199 31.99 -38.22 -33.39
CA THR AA 199 31.98 -39.58 -32.84
C THR AA 199 31.63 -39.55 -31.36
N MET AA 200 32.22 -38.61 -30.61
CA MET AA 200 31.90 -38.45 -29.20
C MET AA 200 30.44 -38.05 -29.00
N THR AA 201 29.92 -37.22 -29.90
CA THR AA 201 28.53 -36.78 -29.80
C THR AA 201 27.57 -37.95 -29.99
N LEU AA 202 27.84 -38.78 -30.99
CA LEU AA 202 26.94 -39.90 -31.26
C LEU AA 202 27.05 -40.97 -30.17
N LEU AA 203 28.26 -41.22 -29.68
CA LEU AA 203 28.43 -42.22 -28.63
C LEU AA 203 27.83 -41.75 -27.30
N ASN AA 204 27.95 -40.45 -27.02
CA ASN AA 204 27.29 -39.90 -25.85
C ASN AA 204 25.78 -39.92 -26.01
N LEU AA 205 25.28 -39.77 -27.24
CA LEU AA 205 23.86 -39.93 -27.49
C LEU AA 205 23.39 -41.33 -27.16
N ILE AA 206 24.19 -42.33 -27.56
CA ILE AA 206 23.90 -43.73 -27.25
C ILE AA 206 23.83 -43.94 -25.74
N ILE AA 207 24.87 -43.51 -25.03
CA ILE AA 207 24.96 -43.75 -23.59
C ILE AA 207 23.85 -43.00 -22.84
N TYR AA 208 23.56 -41.76 -23.25
CA TYR AA 208 22.54 -41.00 -22.53
C TYR AA 208 21.15 -41.55 -22.78
N ILE AA 209 20.87 -42.03 -23.99
CA ILE AA 209 19.56 -42.60 -24.25
C ILE AA 209 19.40 -43.92 -23.50
N ILE AA 210 20.48 -44.71 -23.37
CA ILE AA 210 20.41 -45.92 -22.57
C ILE AA 210 20.16 -45.59 -21.10
N MET AA 211 20.83 -44.55 -20.58
CA MET AA 211 20.63 -44.12 -19.20
C MET AA 211 19.21 -43.65 -18.95
N THR AA 212 18.65 -42.85 -19.87
CA THR AA 212 17.30 -42.34 -19.69
C THR AA 212 16.26 -43.44 -19.81
N SER AA 213 16.51 -44.43 -20.68
CA SER AA 213 15.61 -45.59 -20.78
C SER AA 213 15.61 -46.38 -19.48
N THR AA 214 16.79 -46.61 -18.89
CA THR AA 214 16.85 -47.32 -17.61
C THR AA 214 16.18 -46.54 -16.49
N MET AA 215 16.41 -45.22 -16.46
CA MET AA 215 15.85 -44.37 -15.41
C MET AA 215 14.33 -44.34 -15.48
N PHE AA 216 13.79 -44.01 -16.65
CA PHE AA 216 12.35 -43.99 -16.80
C PHE AA 216 11.72 -45.36 -16.74
N THR AA 217 12.47 -46.43 -17.01
CA THR AA 217 11.92 -47.76 -16.79
C THR AA 217 11.78 -48.05 -15.31
N LEU AA 218 12.78 -47.64 -14.52
CA LEU AA 218 12.68 -47.73 -13.06
C LEU AA 218 11.50 -46.91 -12.54
N PHE AA 219 11.28 -45.72 -13.09
CA PHE AA 219 10.13 -44.95 -12.62
C PHE AA 219 8.82 -45.40 -13.23
N MET AA 220 8.84 -46.24 -14.27
CA MET AA 220 7.62 -46.94 -14.65
C MET AA 220 7.33 -48.06 -13.67
N ALA AA 221 8.38 -48.62 -13.06
CA ALA AA 221 8.19 -49.71 -12.11
C ALA AA 221 7.55 -49.26 -10.79
N ASN AA 222 7.39 -47.96 -10.56
CA ASN AA 222 6.66 -47.46 -9.41
C ASN AA 222 6.08 -46.09 -9.75
N SER AA 223 4.76 -45.95 -9.69
CA SER AA 223 4.09 -44.73 -10.12
C SER AA 223 4.33 -43.63 -9.09
N THR AA 224 5.53 -43.04 -9.17
CA THR AA 224 6.03 -42.10 -8.18
C THR AA 224 6.43 -40.81 -8.86
N THR AA 225 6.34 -39.70 -8.13
CA THR AA 225 6.70 -38.40 -8.69
C THR AA 225 7.61 -37.60 -7.75
N THR AA 226 7.52 -37.83 -6.45
CA THR AA 226 8.31 -37.09 -5.48
C THR AA 226 9.23 -38.05 -4.72
N THR AA 227 10.08 -37.48 -3.89
CA THR AA 227 11.02 -38.27 -3.09
C THR AA 227 10.31 -39.07 -2.00
N LEU AA 228 9.13 -38.62 -1.59
CA LEU AA 228 8.38 -39.26 -0.52
C LEU AA 228 7.95 -40.67 -0.93
N SER AA 229 7.35 -40.78 -2.10
CA SER AA 229 6.98 -42.08 -2.63
C SER AA 229 8.21 -42.92 -2.96
N LEU AA 230 9.34 -42.28 -3.27
CA LEU AA 230 10.58 -43.03 -3.45
C LEU AA 230 11.03 -43.68 -2.15
N SER AA 231 10.87 -42.99 -1.03
CA SER AA 231 11.18 -43.61 0.25
C SER AA 231 10.18 -44.69 0.62
N HIS AA 232 8.93 -44.53 0.20
CA HIS AA 232 7.96 -45.61 0.42
C HIS AA 232 8.30 -46.84 -0.42
N THR AA 233 8.79 -46.63 -1.64
CA THR AA 233 9.25 -47.75 -2.45
C THR AA 233 10.54 -48.35 -1.91
N TRP AA 234 11.34 -47.57 -1.18
CA TRP AA 234 12.37 -48.19 -0.36
C TRP AA 234 11.76 -49.13 0.67
N ASN AA 235 10.75 -48.64 1.39
CA ASN AA 235 10.20 -49.43 2.49
C ASN AA 235 9.37 -50.61 2.00
N LYS AA 236 9.09 -50.70 0.70
CA LYS AA 236 8.46 -51.90 0.18
C LYS AA 236 9.35 -52.73 -0.75
N ALA AA 237 10.44 -52.17 -1.28
CA ALA AA 237 11.27 -52.92 -2.22
C ALA AA 237 12.72 -52.44 -2.18
N PRO AA 238 13.66 -53.30 -1.80
CA PRO AA 238 15.04 -52.84 -1.59
C PRO AA 238 15.89 -52.76 -2.86
N ILE AA 239 15.63 -53.62 -3.85
CA ILE AA 239 16.53 -53.73 -4.97
C ILE AA 239 16.36 -52.55 -5.93
N MET AA 240 15.16 -51.99 -5.97
CA MET AA 240 14.91 -50.74 -6.69
C MET AA 240 15.81 -49.62 -6.21
N THR AA 241 16.13 -49.62 -4.91
CA THR AA 241 16.92 -48.55 -4.33
C THR AA 241 18.38 -48.66 -4.71
N ILE AA 242 18.92 -49.89 -4.78
CA ILE AA 242 20.30 -50.01 -5.22
C ILE AA 242 20.40 -49.76 -6.72
N LEU AA 243 19.31 -50.01 -7.46
CA LEU AA 243 19.27 -49.59 -8.85
C LEU AA 243 19.30 -48.08 -8.99
N VAL AA 244 18.52 -47.39 -8.15
CA VAL AA 244 18.52 -45.93 -8.13
C VAL AA 244 19.91 -45.40 -7.75
N LEU AA 245 20.56 -46.05 -6.78
CA LEU AA 245 21.94 -45.73 -6.38
C LEU AA 245 22.89 -45.78 -7.56
N ILE AA 246 22.95 -46.94 -8.23
CA ILE AA 246 23.94 -47.14 -9.28
C ILE AA 246 23.63 -46.27 -10.51
N THR AA 247 22.35 -46.16 -10.89
CA THR AA 247 22.02 -45.39 -12.07
C THR AA 247 22.18 -43.89 -11.84
N LEU AA 248 21.81 -43.40 -10.65
CA LEU AA 248 22.01 -41.98 -10.36
C LEU AA 248 23.49 -41.63 -10.26
N LEU AA 249 24.31 -42.53 -9.72
CA LEU AA 249 25.73 -42.25 -9.70
C LEU AA 249 26.35 -42.36 -11.08
N SER AA 250 25.76 -43.14 -11.98
CA SER AA 250 26.25 -43.12 -13.36
C SER AA 250 25.82 -41.87 -14.08
N MET AA 251 24.65 -41.33 -13.74
CA MET AA 251 24.27 -40.01 -14.24
C MET AA 251 25.21 -38.95 -13.70
N GLY AA 252 25.72 -39.15 -12.48
CA GLY AA 252 26.79 -38.31 -11.98
C GLY AA 252 28.09 -38.49 -12.72
N GLY AA 253 28.29 -39.65 -13.37
CA GLY AA 253 29.48 -39.85 -14.17
C GLY AA 253 30.73 -40.05 -13.34
N LEU AA 254 30.78 -41.13 -12.58
CA LEU AA 254 31.90 -41.39 -11.70
C LEU AA 254 32.77 -42.52 -12.25
N PRO AA 255 34.09 -42.38 -12.15
CA PRO AA 255 35.04 -43.18 -12.98
C PRO AA 255 34.95 -44.70 -12.83
N PRO AA 256 34.59 -45.30 -11.68
CA PRO AA 256 34.34 -46.75 -11.72
C PRO AA 256 33.05 -47.13 -12.42
N LEU AA 257 32.21 -46.16 -12.77
CA LEU AA 257 30.89 -46.44 -13.30
C LEU AA 257 30.84 -45.86 -14.72
N SER AA 258 29.87 -46.34 -15.51
CA SER AA 258 29.96 -46.18 -16.96
C SER AA 258 29.66 -44.76 -17.44
N GLY AA 259 29.00 -43.94 -16.63
CA GLY AA 259 28.65 -42.60 -17.09
C GLY AA 259 29.81 -41.65 -17.20
N PHE AA 260 30.95 -41.99 -16.62
CA PHE AA 260 32.13 -41.13 -16.72
C PHE AA 260 32.81 -41.26 -18.07
N MET AA 261 32.64 -42.40 -18.73
CA MET AA 261 33.25 -42.61 -20.04
C MET AA 261 32.81 -41.63 -21.14
N PRO AA 262 31.53 -41.24 -21.29
CA PRO AA 262 31.26 -40.18 -22.26
C PRO AA 262 31.79 -38.82 -21.86
N LYS AA 263 31.92 -38.55 -20.56
CA LYS AA 263 32.52 -37.30 -20.13
C LYS AA 263 34.01 -37.28 -20.45
N TRP AA 264 34.71 -38.33 -20.03
CA TRP AA 264 36.16 -38.37 -20.07
C TRP AA 264 36.70 -38.38 -21.49
N MET AA 265 36.03 -39.08 -22.40
CA MET AA 265 36.50 -39.11 -23.77
C MET AA 265 36.22 -37.79 -24.48
N ILE AA 266 35.14 -37.10 -24.09
CA ILE AA 266 34.90 -35.75 -24.56
C ILE AA 266 35.99 -34.80 -24.09
N ILE AA 267 36.40 -34.93 -22.83
CA ILE AA 267 37.49 -34.11 -22.31
C ILE AA 267 38.79 -34.43 -23.04
N GLN AA 268 39.00 -35.69 -23.40
CA GLN AA 268 40.20 -36.09 -24.14
C GLN AA 268 40.25 -35.45 -25.52
N GLU AA 269 39.23 -35.67 -26.34
CA GLU AA 269 39.28 -35.10 -27.68
C GLU AA 269 38.89 -33.64 -27.74
N MET AA 270 38.58 -33.01 -26.61
CA MET AA 270 38.43 -31.57 -26.56
C MET AA 270 39.70 -30.90 -26.06
N THR AA 271 40.50 -31.60 -25.26
CA THR AA 271 41.77 -31.07 -24.78
C THR AA 271 42.98 -31.56 -25.55
N LYS AA 272 42.79 -32.41 -26.56
CA LYS AA 272 43.86 -32.56 -27.54
C LYS AA 272 43.89 -31.37 -28.49
N ASN AA 273 42.77 -30.66 -28.60
CA ASN AA 273 42.81 -29.28 -29.03
C ASN AA 273 43.23 -28.43 -27.84
N ASP AA 274 44.07 -27.43 -28.08
CA ASP AA 274 44.81 -26.83 -26.98
C ASP AA 274 44.03 -25.72 -26.26
N SER AA 275 42.70 -25.82 -26.25
CA SER AA 275 41.88 -25.03 -25.34
C SER AA 275 41.61 -25.86 -24.08
N ILE AA 276 41.92 -25.27 -22.92
CA ILE AA 276 41.92 -25.98 -21.65
C ILE AA 276 40.94 -25.38 -20.66
N ILE AA 277 40.88 -24.04 -20.58
CA ILE AA 277 40.05 -23.37 -19.59
C ILE AA 277 38.57 -23.58 -19.87
N LEU AA 278 38.19 -23.65 -21.15
CA LEU AA 278 36.81 -23.96 -21.49
C LEU AA 278 36.40 -25.39 -21.14
N PRO AA 279 37.16 -26.46 -21.47
CA PRO AA 279 36.77 -27.78 -20.97
C PRO AA 279 36.81 -27.92 -19.47
N THR AA 280 37.76 -27.30 -18.77
CA THR AA 280 37.73 -27.46 -17.32
C THR AA 280 36.64 -26.62 -16.67
N LEU AA 281 36.18 -25.53 -17.29
CA LEU AA 281 35.04 -24.80 -16.76
C LEU AA 281 33.77 -25.61 -16.95
N MET AA 282 33.64 -26.25 -18.12
CA MET AA 282 32.51 -27.14 -18.35
C MET AA 282 32.54 -28.35 -17.42
N ALA AA 283 33.73 -28.83 -17.07
CA ALA AA 283 33.82 -29.96 -16.14
C ALA AA 283 33.57 -29.53 -14.69
N ILE AA 284 33.88 -28.27 -14.34
CA ILE AA 284 33.43 -27.71 -13.07
C ILE AA 284 31.90 -27.66 -13.02
N THR AA 285 31.27 -27.31 -14.14
CA THR AA 285 29.81 -27.34 -14.16
C THR AA 285 29.28 -28.77 -14.08
N ALA AA 286 29.99 -29.73 -14.66
CA ALA AA 286 29.62 -31.13 -14.53
C ALA AA 286 29.82 -31.64 -13.10
N LEU AA 287 30.74 -31.02 -12.36
CA LEU AA 287 30.75 -31.23 -10.92
C LEU AA 287 29.53 -30.60 -10.28
N LEU AA 288 29.10 -29.45 -10.80
CA LEU AA 288 28.06 -28.66 -10.15
C LEU AA 288 26.69 -29.31 -10.28
N ASN AA 289 26.44 -30.04 -11.36
CA ASN AA 289 25.12 -30.65 -11.54
C ASN AA 289 25.05 -32.07 -11.00
N LEU AA 290 25.80 -32.37 -9.95
CA LEU AA 290 25.74 -33.67 -9.29
C LEU AA 290 25.07 -33.59 -7.93
N TYR AA 291 24.87 -32.39 -7.40
CA TYR AA 291 24.32 -32.21 -6.05
C TYR AA 291 22.90 -32.75 -5.93
N PHE AA 292 22.08 -32.48 -6.93
CA PHE AA 292 20.69 -32.90 -6.84
C PHE AA 292 20.55 -34.39 -7.06
N TYR AA 293 21.41 -34.97 -7.92
CA TYR AA 293 21.60 -36.41 -8.00
C TYR AA 293 21.92 -37.00 -6.64
N MET AA 294 22.84 -36.36 -5.91
CA MET AA 294 23.33 -36.94 -4.67
C MET AA 294 22.28 -36.85 -3.57
N ARG AA 295 21.60 -35.70 -3.45
CA ARG AA 295 20.58 -35.59 -2.42
C ARG AA 295 19.36 -36.44 -2.77
N LEU AA 296 19.12 -36.68 -4.06
CA LEU AA 296 18.07 -37.61 -4.47
C LEU AA 296 18.42 -39.03 -4.03
N THR AA 297 19.67 -39.43 -4.23
CA THR AA 297 20.11 -40.75 -3.82
C THR AA 297 20.09 -40.90 -2.30
N TYR AA 298 20.39 -39.81 -1.60
CA TYR AA 298 20.25 -39.74 -0.14
C TYR AA 298 18.82 -40.01 0.29
N SER AA 299 17.88 -39.26 -0.28
CA SER AA 299 16.47 -39.40 0.12
C SER AA 299 15.84 -40.70 -0.35
N THR AA 300 16.46 -41.41 -1.30
CA THR AA 300 15.93 -42.70 -1.71
C THR AA 300 16.52 -43.87 -0.93
N ALA AA 301 17.83 -44.10 -1.07
CA ALA AA 301 18.40 -45.39 -0.70
C ALA AA 301 19.23 -45.36 0.57
N LEU AA 302 19.87 -44.25 0.87
CA LEU AA 302 20.91 -44.22 1.89
C LEU AA 302 20.41 -43.68 3.21
N THR AA 303 19.57 -42.66 3.18
CA THR AA 303 18.78 -42.28 4.33
C THR AA 303 17.43 -43.00 4.25
N MET AA 304 16.74 -43.06 5.38
CA MET AA 304 15.52 -43.86 5.49
C MET AA 304 14.41 -42.99 6.09
N PHE AA 305 13.39 -42.73 5.31
CA PHE AA 305 12.30 -41.91 5.81
C PHE AA 305 11.24 -42.77 6.45
N PRO AA 306 10.54 -42.25 7.46
CA PRO AA 306 9.39 -42.97 8.01
C PRO AA 306 8.25 -43.01 7.00
N SER AA 307 7.35 -43.97 7.20
CA SER AA 307 6.33 -44.25 6.21
C SER AA 307 5.00 -44.53 6.88
N THR AA 308 3.95 -44.37 6.09
CA THR AA 308 2.60 -44.71 6.48
C THR AA 308 2.34 -46.18 6.14
N ASN AA 309 1.52 -46.84 6.93
CA ASN AA 309 1.14 -48.22 6.65
C ASN AA 309 0.11 -48.29 5.52
N ASN AA 310 -0.48 -49.48 5.37
CA ASN AA 310 -1.11 -50.10 4.20
C ASN AA 310 -0.07 -50.54 3.18
N MET AA 311 1.20 -50.23 3.37
CA MET AA 311 2.24 -50.90 2.63
C MET AA 311 2.46 -52.30 3.18
N LYS AA 312 2.12 -52.52 4.45
CA LYS AA 312 1.92 -53.87 4.97
C LYS AA 312 0.87 -54.60 4.15
N MET AA 313 -0.23 -53.90 3.83
CA MET AA 313 -1.27 -54.48 2.99
C MET AA 313 -0.75 -54.69 1.57
N LYS AA 314 0.16 -53.83 1.12
CA LYS AA 314 0.75 -54.00 -0.20
C LYS AA 314 1.72 -55.18 -0.24
N TRP AA 315 2.29 -55.55 0.91
CA TRP AA 315 3.32 -56.58 0.97
C TRP AA 315 2.81 -57.96 0.56
N GLN AA 316 1.51 -58.23 0.68
CA GLN AA 316 1.01 -59.49 0.19
C GLN AA 316 0.99 -59.54 -1.33
N PHE AA 317 1.02 -58.38 -1.98
CA PHE AA 317 0.83 -58.23 -3.41
C PHE AA 317 2.16 -57.99 -4.11
N PRO AA 318 2.38 -58.65 -5.23
CA PRO AA 318 3.65 -58.51 -5.93
C PRO AA 318 3.75 -57.19 -6.69
N THR AA 319 4.99 -56.82 -7.00
CA THR AA 319 5.28 -55.73 -7.94
C THR AA 319 5.22 -56.28 -9.35
N THR AA 320 3.99 -56.58 -9.76
CA THR AA 320 3.71 -57.47 -10.87
C THR AA 320 3.52 -56.77 -12.20
N LYS AA 321 4.23 -55.66 -12.41
CA LYS AA 321 4.33 -55.10 -13.74
C LYS AA 321 5.16 -56.01 -14.65
N ARG AA 322 5.03 -55.78 -15.95
CA ARG AA 322 6.05 -56.25 -16.88
C ARG AA 322 6.85 -55.05 -17.35
N MET AA 323 8.16 -55.24 -17.47
CA MET AA 323 9.05 -54.20 -17.97
C MET AA 323 9.34 -54.46 -19.43
N THR AA 324 9.67 -53.40 -20.16
CA THR AA 324 10.10 -53.56 -21.54
C THR AA 324 11.40 -54.33 -21.58
N LEU AA 325 12.49 -53.73 -21.10
CA LEU AA 325 13.70 -54.46 -20.76
C LEU AA 325 14.47 -53.62 -19.75
N LEU AA 326 14.24 -53.88 -18.46
CA LEU AA 326 14.97 -53.15 -17.45
C LEU AA 326 16.38 -53.67 -17.13
N PRO AA 327 16.58 -54.96 -16.74
CA PRO AA 327 17.83 -55.29 -16.04
C PRO AA 327 19.03 -55.38 -16.96
N THR AA 328 18.78 -55.90 -18.17
CA THR AA 328 19.78 -55.97 -19.21
C THR AA 328 20.29 -54.59 -19.59
N MET AA 329 19.37 -53.65 -19.83
CA MET AA 329 19.77 -52.28 -20.14
C MET AA 329 20.46 -51.61 -18.96
N THR AA 330 20.09 -51.97 -17.73
CA THR AA 330 20.74 -51.36 -16.57
C THR AA 330 22.20 -51.81 -16.44
N VAL AA 331 22.44 -53.13 -16.54
CA VAL AA 331 23.82 -53.60 -16.43
C VAL AA 331 24.62 -53.27 -17.68
N LEU AA 332 23.96 -52.98 -18.82
CA LEU AA 332 24.68 -52.39 -19.93
C LEU AA 332 25.04 -50.94 -19.64
N SER AA 333 24.14 -50.23 -18.97
CA SER AA 333 24.31 -48.80 -18.73
C SER AA 333 25.29 -48.50 -17.60
N THR AA 334 25.61 -49.48 -16.77
CA THR AA 334 26.43 -49.20 -15.60
C THR AA 334 27.76 -49.92 -15.58
N MET AA 335 27.82 -51.19 -15.98
CA MET AA 335 29.05 -51.96 -15.93
C MET AA 335 29.87 -51.85 -17.21
N LEU AA 336 29.73 -50.76 -17.96
CA LEU AA 336 30.34 -50.65 -19.28
C LEU AA 336 31.68 -49.91 -19.21
N LEU AA 337 32.39 -50.05 -18.08
CA LEU AA 337 33.65 -49.32 -17.92
C LEU AA 337 34.79 -49.83 -18.79
N PRO AA 338 35.16 -51.13 -18.82
CA PRO AA 338 36.33 -51.49 -19.64
C PRO AA 338 36.06 -51.53 -21.14
N LEU AA 339 34.87 -51.17 -21.60
CA LEU AA 339 34.58 -51.10 -23.02
C LEU AA 339 34.79 -49.69 -23.57
N THR AA 340 35.97 -49.15 -23.31
CA THR AA 340 36.41 -47.89 -23.93
C THR AA 340 36.88 -48.02 -25.39
N PRO AA 341 37.55 -49.12 -25.89
CA PRO AA 341 37.84 -49.14 -27.32
C PRO AA 341 36.68 -49.62 -28.18
N ILE AA 342 35.48 -49.62 -27.61
CA ILE AA 342 34.26 -49.75 -28.40
C ILE AA 342 33.82 -48.39 -28.92
N LEU AA 343 34.62 -47.35 -28.63
CA LEU AA 343 34.52 -46.07 -29.34
C LEU AA 343 34.66 -46.24 -30.85
N SER AA 344 35.49 -47.18 -31.28
CA SER AA 344 35.80 -47.49 -32.67
C SER AA 344 34.63 -48.15 -33.43
N ILE AA 345 33.42 -48.19 -32.87
CA ILE AA 345 32.27 -48.81 -33.52
C ILE AA 345 31.78 -48.01 -34.73
N LEU AA 346 32.13 -46.72 -34.81
CA LEU AA 346 31.41 -45.82 -35.70
C LEU AA 346 31.81 -46.01 -37.17
N GLU AA 347 33.07 -45.73 -37.50
CA GLU AA 347 33.45 -45.66 -38.92
C GLU AA 347 33.82 -47.05 -39.43
N ALA BA 1 30.38 -6.63 -27.69
CA ALA BA 1 30.58 -7.17 -29.03
C ALA BA 1 32.06 -7.18 -29.41
N LYS BA 2 32.33 -7.89 -30.51
CA LYS BA 2 33.71 -8.09 -30.95
C LYS BA 2 34.36 -6.77 -31.36
N THR BA 3 33.58 -5.87 -31.97
CA THR BA 3 34.13 -4.61 -32.46
C THR BA 3 34.61 -3.71 -31.33
N LEU BA 4 33.80 -3.54 -30.27
CA LEU BA 4 34.26 -2.66 -29.21
C LEU BA 4 35.16 -3.37 -28.20
N LEU BA 5 35.13 -4.70 -28.13
CA LEU BA 5 36.19 -5.33 -27.35
C LEU BA 5 37.52 -5.23 -28.08
N HIS BA 6 37.51 -5.20 -29.42
CA HIS BA 6 38.75 -4.95 -30.14
C HIS BA 6 39.15 -3.48 -30.03
N GLN BA 7 38.18 -2.58 -29.88
CA GLN BA 7 38.50 -1.19 -29.53
C GLN BA 7 39.18 -1.13 -28.17
N TYR BA 8 38.75 -1.99 -27.24
CA TYR BA 8 39.40 -2.03 -25.93
C TYR BA 8 40.82 -2.58 -26.03
N TRP BA 9 40.99 -3.75 -26.64
CA TRP BA 9 42.31 -4.37 -26.74
C TRP BA 9 43.23 -3.66 -27.71
N ASP BA 10 42.71 -2.76 -28.54
CA ASP BA 10 43.52 -2.09 -29.55
C ASP BA 10 44.43 -1.04 -28.92
N ILE BA 11 44.07 -0.50 -27.77
CA ILE BA 11 44.92 0.48 -27.08
C ILE BA 11 46.12 -0.24 -26.49
N PRO BA 12 47.34 0.23 -26.73
CA PRO BA 12 48.51 -0.42 -26.12
C PRO BA 12 48.59 -0.10 -24.64
N GLU BA 13 49.37 -0.92 -23.93
CA GLU BA 13 49.61 -0.74 -22.49
C GLU BA 13 51.11 -0.71 -22.15
N GLY BA 14 51.91 0.18 -22.76
CA GLY BA 14 51.52 1.39 -23.49
C GLY BA 14 50.92 2.50 -22.64
N THR BA 15 50.74 3.66 -23.25
CA THR BA 15 50.14 4.82 -22.58
C THR BA 15 49.34 5.60 -23.61
N GLU BA 16 48.05 5.29 -23.71
CA GLU BA 16 47.08 6.06 -24.50
C GLU BA 16 45.83 6.22 -23.67
N CYS BA 17 46.00 6.74 -22.46
CA CYS BA 17 45.06 6.53 -21.37
C CYS BA 17 43.73 7.26 -21.62
N HIS BA 18 42.75 6.87 -20.81
CA HIS BA 18 41.36 7.31 -20.64
C HIS BA 18 40.47 7.09 -21.87
N ARG BA 19 41.07 6.80 -23.02
CA ARG BA 19 40.30 6.18 -24.08
C ARG BA 19 40.00 4.74 -23.72
N LYS BA 20 40.94 4.13 -22.99
CA LYS BA 20 40.70 2.81 -22.39
C LYS BA 20 39.55 2.86 -21.40
N THR BA 21 39.47 3.93 -20.61
CA THR BA 21 38.36 4.04 -19.68
C THR BA 21 37.04 4.29 -20.41
N TYR BA 22 37.07 5.02 -21.53
CA TYR BA 22 35.85 5.20 -22.31
C TYR BA 22 35.38 3.87 -22.92
N ALA BA 23 36.31 3.09 -23.44
CA ALA BA 23 35.95 1.76 -23.96
C ALA BA 23 35.47 0.83 -22.86
N ALA BA 24 36.03 0.97 -21.66
CA ALA BA 24 35.58 0.15 -20.54
C ALA BA 24 34.18 0.53 -20.08
N THR BA 25 33.86 1.83 -20.09
CA THR BA 25 32.49 2.26 -19.83
C THR BA 25 31.54 1.73 -20.87
N SER BA 26 31.97 1.68 -22.14
CA SER BA 26 31.11 1.12 -23.18
C SER BA 26 30.84 -0.36 -22.97
N ILE BA 27 31.88 -1.11 -22.56
CA ILE BA 27 31.73 -2.54 -22.27
C ILE BA 27 30.76 -2.75 -21.10
N GLY BA 28 30.97 -2.00 -20.01
CA GLY BA 28 30.11 -2.15 -18.85
C GLY BA 28 28.67 -1.73 -19.12
N GLY BA 29 28.48 -0.68 -19.92
CA GLY BA 29 27.13 -0.27 -20.27
C GLY BA 29 26.43 -1.26 -21.18
N ALA BA 30 27.18 -1.89 -22.10
CA ALA BA 30 26.58 -2.90 -22.96
C ALA BA 30 26.17 -4.13 -22.16
N SER BA 31 27.02 -4.56 -21.21
CA SER BA 31 26.69 -5.72 -20.39
C SER BA 31 25.50 -5.42 -19.46
N GLY BA 32 25.47 -4.23 -18.88
CA GLY BA 32 24.34 -3.83 -18.07
C GLY BA 32 23.06 -3.73 -18.88
N LEU BA 33 23.15 -3.29 -20.14
CA LEU BA 33 21.97 -3.20 -20.98
C LEU BA 33 21.46 -4.59 -21.36
N VAL BA 34 22.36 -5.55 -21.57
CA VAL BA 34 21.96 -6.94 -21.83
C VAL BA 34 21.21 -7.52 -20.63
N VAL BA 35 21.80 -7.38 -19.44
CA VAL BA 35 21.20 -7.94 -18.24
C VAL BA 35 19.88 -7.25 -17.91
N SER BA 36 19.82 -5.94 -18.12
CA SER BA 36 18.59 -5.21 -17.89
C SER BA 36 17.52 -5.56 -18.90
N ALA BA 37 17.91 -5.86 -20.14
CA ALA BA 37 16.96 -6.29 -21.15
C ALA BA 37 16.32 -7.63 -20.79
N TYR BA 38 17.14 -8.59 -20.34
CA TYR BA 38 16.56 -9.86 -19.88
C TYR BA 38 15.70 -9.68 -18.64
N SER BA 39 16.09 -8.78 -17.74
CA SER BA 39 15.31 -8.58 -16.51
C SER BA 39 13.96 -7.94 -16.80
N VAL BA 40 13.93 -6.92 -17.66
CA VAL BA 40 12.65 -6.32 -18.01
C VAL BA 40 11.86 -7.23 -18.94
N ALA BA 41 12.53 -8.19 -19.58
CA ALA BA 41 11.80 -9.16 -20.38
C ALA BA 41 11.22 -10.28 -19.55
N LEU BA 42 11.72 -10.51 -18.34
CA LEU BA 42 11.24 -11.64 -17.54
C LEU BA 42 10.73 -11.22 -16.16
N LYS BA 43 10.21 -10.00 -16.03
CA LYS BA 43 9.63 -9.60 -14.76
C LYS BA 43 8.26 -8.95 -14.91
N THR BA 44 8.02 -8.26 -16.04
CA THR BA 44 6.88 -7.37 -16.30
C THR BA 44 6.76 -6.34 -15.18
N PRO BA 45 7.61 -5.30 -15.19
CA PRO BA 45 7.71 -4.41 -14.01
C PRO BA 45 6.45 -3.64 -13.67
N THR BA 46 5.71 -3.12 -14.67
CA THR BA 46 4.41 -2.42 -14.56
C THR BA 46 4.38 -1.39 -13.42
N SER BA 47 4.99 -0.22 -13.64
CA SER BA 47 4.94 0.43 -14.94
C SER BA 47 6.20 0.43 -15.78
N PHE BA 48 6.07 1.10 -16.92
CA PHE BA 48 7.20 1.40 -17.79
C PHE BA 48 8.24 2.26 -17.07
N LEU BA 49 7.78 3.13 -16.16
CA LEU BA 49 8.68 3.96 -15.37
C LEU BA 49 9.57 3.10 -14.46
N GLU BA 50 9.00 2.05 -13.87
CA GLU BA 50 9.78 1.15 -13.02
C GLU BA 50 10.81 0.38 -13.84
N GLY BA 51 10.44 -0.03 -15.05
CA GLY BA 51 11.38 -0.71 -15.91
C GLY BA 51 12.52 0.18 -16.34
N VAL BA 52 12.22 1.44 -16.68
CA VAL BA 52 13.26 2.41 -17.03
C VAL BA 52 14.18 2.66 -15.84
N ALA BA 53 13.61 2.73 -14.63
CA ALA BA 53 14.41 2.95 -13.44
C ALA BA 53 15.33 1.76 -13.15
N ARG BA 54 14.83 0.54 -13.32
CA ARG BA 54 15.66 -0.64 -13.07
C ARG BA 54 16.75 -0.80 -14.12
N THR BA 55 16.43 -0.52 -15.39
CA THR BA 55 17.44 -0.57 -16.43
C THR BA 55 18.51 0.49 -16.22
N GLY BA 56 18.12 1.70 -15.85
CA GLY BA 56 19.09 2.76 -15.61
C GLY BA 56 19.98 2.47 -14.42
N ARG BA 57 19.41 1.90 -13.36
CA ARG BA 57 20.20 1.54 -12.18
C ARG BA 57 21.18 0.42 -12.49
N TYR BA 58 20.74 -0.61 -13.22
CA TYR BA 58 21.63 -1.73 -13.53
C TYR BA 58 22.74 -1.31 -14.49
N THR BA 59 22.39 -0.55 -15.53
CA THR BA 59 23.41 -0.06 -16.47
C THR BA 59 24.37 0.90 -15.79
N PHE BA 60 23.87 1.70 -14.85
CA PHE BA 60 24.75 2.65 -14.16
C PHE BA 60 25.74 1.92 -13.26
N THR BA 61 25.28 0.90 -12.53
CA THR BA 61 26.21 0.15 -11.68
C THR BA 61 27.21 -0.64 -12.51
N ALA BA 62 26.77 -1.25 -13.62
CA ALA BA 62 27.69 -2.01 -14.45
C ALA BA 62 28.71 -1.11 -15.15
N ALA BA 63 28.25 0.05 -15.61
CA ALA BA 63 29.16 1.02 -16.20
C ALA BA 63 30.11 1.59 -15.18
N ALA BA 64 29.67 1.70 -13.91
CA ALA BA 64 30.58 2.14 -12.86
C ALA BA 64 31.66 1.10 -12.59
N ILE BA 65 31.30 -0.20 -12.62
CA ILE BA 65 32.28 -1.26 -12.46
C ILE BA 65 33.33 -1.19 -13.57
N GLY BA 66 32.87 -1.10 -14.82
CA GLY BA 66 33.79 -1.01 -15.94
C GLY BA 66 34.64 0.24 -15.91
N ALA BA 67 34.04 1.36 -15.48
CA ALA BA 67 34.74 2.63 -15.42
C ALA BA 67 35.87 2.59 -14.40
N ILE BA 68 35.56 2.13 -13.19
CA ILE BA 68 36.57 2.10 -12.13
C ILE BA 68 37.64 1.07 -12.46
N PHE BA 69 37.26 -0.02 -13.12
CA PHE BA 69 38.23 -1.01 -13.58
C PHE BA 69 39.21 -0.40 -14.58
N GLY BA 70 38.70 0.30 -15.58
CA GLY BA 70 39.58 0.93 -16.56
C GLY BA 70 40.43 2.02 -15.98
N LEU BA 71 39.88 2.79 -15.04
CA LEU BA 71 40.61 3.87 -14.38
C LEU BA 71 41.82 3.34 -13.61
N THR BA 72 41.58 2.48 -12.62
CA THR BA 72 42.71 2.02 -11.83
C THR BA 72 43.58 1.02 -12.59
N SER BA 73 43.04 0.39 -13.65
CA SER BA 73 43.83 -0.31 -14.64
C SER BA 73 44.93 0.59 -15.22
N CYS BA 74 44.52 1.70 -15.84
CA CYS BA 74 45.47 2.57 -16.50
C CYS BA 74 46.37 3.28 -15.49
N ILE BA 75 45.84 3.59 -14.31
CA ILE BA 75 46.64 4.24 -13.27
C ILE BA 75 47.73 3.31 -12.76
N SER BA 76 47.37 2.06 -12.47
CA SER BA 76 48.35 1.08 -12.04
C SER BA 76 49.37 0.77 -13.12
N ALA BA 77 48.92 0.78 -14.39
CA ALA BA 77 49.85 0.55 -15.49
C ALA BA 77 50.85 1.68 -15.63
N GLN BA 78 50.41 2.92 -15.41
CA GLN BA 78 51.34 4.04 -15.51
C GLN BA 78 52.25 4.14 -14.30
N VAL BA 79 51.75 3.77 -13.12
CA VAL BA 79 52.57 3.89 -11.91
C VAL BA 79 53.63 2.78 -11.88
N ARG BA 80 53.20 1.53 -12.04
CA ARG BA 80 54.16 0.43 -11.98
C ARG BA 80 55.01 0.33 -13.24
N GLU BA 81 54.60 0.97 -14.34
CA GLU BA 81 55.31 1.04 -15.62
C GLU BA 81 55.53 -0.33 -16.26
N LYS BA 82 54.78 -1.33 -15.86
CA LYS BA 82 54.97 -2.70 -16.33
C LYS BA 82 53.62 -3.37 -16.57
N PRO BA 83 53.35 -3.81 -17.81
CA PRO BA 83 52.16 -4.62 -18.05
C PRO BA 83 52.32 -6.10 -17.74
N ASP BA 84 53.39 -6.48 -17.04
CA ASP BA 84 53.76 -7.89 -16.91
C ASP BA 84 52.84 -8.63 -15.94
N ASP BA 85 52.86 -8.25 -14.70
CA ASP BA 85 52.08 -9.06 -13.78
C ASP BA 85 50.64 -8.58 -13.74
N PRO BA 86 49.70 -9.49 -13.56
CA PRO BA 86 48.28 -9.10 -13.48
C PRO BA 86 47.87 -8.67 -12.08
N LEU BA 87 48.83 -8.38 -11.20
CA LEU BA 87 48.52 -7.91 -9.86
C LEU BA 87 47.84 -6.55 -9.89
N ASN BA 88 48.21 -5.72 -10.87
CA ASN BA 88 47.52 -4.47 -11.13
C ASN BA 88 46.05 -4.69 -11.44
N TYR BA 89 45.74 -5.76 -12.17
CA TYR BA 89 44.34 -6.00 -12.49
C TYR BA 89 43.64 -6.79 -11.40
N LEU BA 90 44.39 -7.46 -10.53
CA LEU BA 90 43.83 -7.95 -9.27
C LEU BA 90 43.34 -6.77 -8.44
N ILE BA 91 44.16 -5.72 -8.35
CA ILE BA 91 43.76 -4.47 -7.70
C ILE BA 91 42.54 -3.86 -8.40
N GLY BA 92 42.53 -3.91 -9.73
CA GLY BA 92 41.42 -3.35 -10.49
C GLY BA 92 40.09 -4.07 -10.25
N GLY BA 93 40.11 -5.40 -10.35
CA GLY BA 93 38.94 -6.18 -10.05
C GLY BA 93 38.50 -6.05 -8.61
N CYS BA 94 39.45 -5.87 -7.69
CA CYS BA 94 39.05 -5.74 -6.29
C CYS BA 94 38.41 -4.38 -6.03
N ALA BA 95 38.92 -3.32 -6.65
CA ALA BA 95 38.31 -2.00 -6.50
C ALA BA 95 36.93 -1.96 -7.13
N GLY BA 96 36.77 -2.62 -8.29
CA GLY BA 96 35.45 -2.71 -8.90
C GLY BA 96 34.47 -3.52 -8.07
N GLY BA 97 34.97 -4.57 -7.41
CA GLY BA 97 34.11 -5.35 -6.53
C GLY BA 97 33.69 -4.58 -5.30
N LEU BA 98 34.61 -3.81 -4.71
CA LEU BA 98 34.26 -2.99 -3.56
C LEU BA 98 33.31 -1.87 -3.93
N THR BA 99 33.40 -1.34 -5.15
CA THR BA 99 32.45 -0.31 -5.54
C THR BA 99 31.08 -0.89 -5.90
N LEU BA 100 31.04 -2.11 -6.42
CA LEU BA 100 29.76 -2.80 -6.56
C LEU BA 100 29.15 -3.07 -5.20
N GLY BA 101 30.00 -3.42 -4.21
CA GLY BA 101 29.52 -3.57 -2.86
C GLY BA 101 29.02 -2.26 -2.26
N ALA BA 102 29.67 -1.15 -2.61
CA ALA BA 102 29.20 0.14 -2.16
C ALA BA 102 27.89 0.54 -2.83
N ARG BA 103 27.66 0.07 -4.06
CA ARG BA 103 26.38 0.32 -4.71
C ARG BA 103 25.28 -0.61 -4.22
N THR BA 104 25.61 -1.74 -3.59
CA THR BA 104 24.59 -2.55 -2.95
C THR BA 104 24.57 -2.40 -1.43
N ARG BA 105 25.59 -1.75 -0.85
CA ARG BA 105 25.68 -1.43 0.58
C ARG BA 105 25.61 -2.67 1.47
N SER BA 106 26.26 -3.74 1.01
CA SER BA 106 26.53 -4.93 1.83
C SER BA 106 27.97 -5.33 1.54
N TYR BA 107 28.83 -5.17 2.54
CA TYR BA 107 30.27 -5.23 2.29
C TYR BA 107 30.78 -6.65 2.04
N GLY BA 108 30.03 -7.67 2.45
CA GLY BA 108 30.41 -9.03 2.10
C GLY BA 108 30.29 -9.29 0.62
N ILE BA 109 29.27 -8.70 -0.03
CA ILE BA 109 29.14 -8.75 -1.47
C ILE BA 109 30.32 -8.05 -2.13
N GLY BA 110 30.76 -6.94 -1.54
CA GLY BA 110 31.93 -6.24 -2.06
C GLY BA 110 33.21 -7.05 -1.94
N ALA BA 111 33.36 -7.80 -0.84
CA ALA BA 111 34.56 -8.61 -0.67
C ALA BA 111 34.56 -9.82 -1.61
N ALA BA 112 33.41 -10.47 -1.76
CA ALA BA 112 33.31 -11.61 -2.66
C ALA BA 112 33.49 -11.17 -4.12
N ALA BA 113 32.94 -10.02 -4.48
CA ALA BA 113 33.11 -9.51 -5.84
C ALA BA 113 34.54 -9.04 -6.08
N CYS BA 114 35.20 -8.47 -5.05
CA CYS BA 114 36.63 -8.21 -5.09
C CYS BA 114 37.42 -9.45 -5.46
N ALA BA 115 37.21 -10.54 -4.71
CA ALA BA 115 37.95 -11.79 -4.94
C ALA BA 115 37.70 -12.34 -6.33
N TYR BA 116 36.42 -12.49 -6.70
CA TYR BA 116 36.08 -13.17 -7.96
C TYR BA 116 36.46 -12.33 -9.17
N MET BA 117 36.15 -11.03 -9.15
CA MET BA 117 36.46 -10.22 -10.32
C MET BA 117 37.95 -9.96 -10.45
N GLY BA 118 38.68 -9.88 -9.32
CA GLY BA 118 40.12 -9.81 -9.42
C GLY BA 118 40.74 -11.05 -10.02
N LEU BA 119 40.26 -12.22 -9.60
CA LEU BA 119 40.77 -13.48 -10.18
C LEU BA 119 40.46 -13.59 -11.66
N THR BA 120 39.23 -13.27 -12.06
CA THR BA 120 38.86 -13.40 -13.47
C THR BA 120 39.60 -12.39 -14.35
N ALA BA 121 39.73 -11.14 -13.90
CA ALA BA 121 40.43 -10.14 -14.69
C ALA BA 121 41.91 -10.46 -14.80
N ALA BA 122 42.52 -10.93 -13.70
CA ALA BA 122 43.92 -11.35 -13.74
C ALA BA 122 44.11 -12.52 -14.68
N LEU BA 123 43.17 -13.47 -14.71
CA LEU BA 123 43.31 -14.61 -15.59
C LEU BA 123 43.11 -14.24 -17.06
N VAL BA 124 42.21 -13.29 -17.35
CA VAL BA 124 42.00 -12.86 -18.73
C VAL BA 124 43.23 -12.13 -19.27
N LYS BA 125 43.76 -11.19 -18.47
CA LYS BA 125 44.99 -10.51 -18.87
C LYS BA 125 46.17 -11.48 -18.94
N MET BA 126 46.17 -12.48 -18.06
CA MET BA 126 47.29 -13.40 -17.96
C MET BA 126 47.31 -14.32 -19.18
N GLY BA 127 46.14 -14.79 -19.59
CA GLY BA 127 46.05 -15.60 -20.78
C GLY BA 127 46.25 -14.80 -22.05
N GLN BA 128 45.90 -13.52 -22.05
CA GLN BA 128 46.25 -12.68 -23.18
C GLN BA 128 47.76 -12.49 -23.25
N LEU BA 129 48.41 -12.42 -22.10
CA LEU BA 129 49.85 -12.23 -22.08
C LEU BA 129 50.58 -13.50 -22.50
N GLU BA 130 50.06 -14.67 -22.14
CA GLU BA 130 50.73 -15.92 -22.46
C GLU BA 130 50.26 -16.51 -23.78
N GLY BA 131 48.98 -16.35 -24.10
CA GLY BA 131 48.40 -16.84 -25.34
C GLY BA 131 47.59 -18.10 -25.10
N TRP BA 132 46.29 -17.93 -24.88
CA TRP BA 132 45.34 -19.01 -24.69
C TRP BA 132 44.20 -18.77 -25.65
N LYS BA 133 43.87 -19.78 -26.44
CA LYS BA 133 42.93 -19.60 -27.54
C LYS BA 133 41.51 -19.45 -27.02
N VAL BA 134 40.92 -18.29 -27.28
CA VAL BA 134 39.56 -18.01 -26.87
C VAL BA 134 38.62 -18.72 -27.84
N PHE BA 135 37.88 -19.71 -27.33
CA PHE BA 135 36.66 -20.27 -27.90
C PHE BA 135 36.84 -21.16 -29.14
N ALA BA 136 38.03 -21.19 -29.74
CA ALA BA 136 38.19 -21.87 -31.03
C ALA BA 136 39.64 -22.08 -31.44
N GLU BA 137 39.98 -23.28 -31.89
CA GLU BA 137 41.18 -23.42 -32.70
C GLU BA 137 40.87 -23.05 -34.16
N PRO BA 138 39.81 -23.59 -34.81
CA PRO BA 138 38.87 -24.71 -34.64
C PRO BA 138 39.37 -25.97 -35.35
N LYS BA 139 40.68 -26.09 -35.51
CA LYS BA 139 41.29 -27.23 -36.16
C LYS BA 139 41.49 -28.37 -35.16
N VAL BA 140 42.11 -29.44 -35.63
CA VAL BA 140 42.55 -30.52 -34.74
C VAL BA 140 44.01 -30.83 -35.01
N GLY CA 5 39.64 -63.93 60.48
CA GLY CA 5 39.00 -62.98 61.36
C GLY CA 5 39.63 -61.60 61.34
N LYS CA 6 40.82 -61.52 60.74
CA LYS CA 6 41.53 -60.26 60.62
C LYS CA 6 41.72 -59.82 59.17
N ARG CA 7 41.89 -60.76 58.25
CA ARG CA 7 42.02 -60.44 56.84
C ARG CA 7 40.74 -59.85 56.29
N LEU CA 8 40.88 -58.92 55.35
CA LEU CA 8 39.77 -58.19 54.76
C LEU CA 8 39.47 -58.76 53.39
N PHE CA 9 38.22 -58.63 52.96
CA PHE CA 9 37.83 -59.10 51.64
C PHE CA 9 38.45 -58.21 50.58
N ILE CA 10 39.34 -58.78 49.77
CA ILE CA 10 40.02 -58.01 48.76
C ILE CA 10 39.07 -57.77 47.59
N ILE CA 11 39.25 -56.65 46.89
CA ILE CA 11 38.38 -56.23 45.80
C ILE CA 11 39.20 -56.14 44.54
N LYS CA 12 38.70 -56.73 43.46
CA LYS CA 12 39.34 -56.67 42.15
C LYS CA 12 38.27 -56.41 41.10
N PRO CA 13 38.62 -55.76 39.98
CA PRO CA 13 37.64 -55.59 38.90
C PRO CA 13 37.21 -56.90 38.26
N SER CA 14 38.18 -57.64 37.70
CA SER CA 14 38.00 -58.93 37.06
C SER CA 14 39.35 -59.52 36.71
N GLY CA 15 39.48 -60.85 36.71
CA GLY CA 15 40.75 -61.45 36.35
C GLY CA 15 40.71 -62.49 35.24
N PHE CA 16 39.55 -63.14 35.08
CA PHE CA 16 39.53 -64.39 34.33
C PHE CA 16 39.64 -64.16 32.82
N TYR CA 17 38.96 -63.13 32.29
CA TYR CA 17 39.06 -62.84 30.87
C TYR CA 17 40.45 -62.40 30.49
N ASP CA 18 41.09 -61.63 31.37
CA ASP CA 18 42.46 -61.19 31.19
C ASP CA 18 43.41 -62.39 31.11
N LYS CA 19 43.32 -63.28 32.10
CA LYS CA 19 44.18 -64.46 32.11
C LYS CA 19 43.87 -65.41 30.96
N ARG CA 20 42.61 -65.49 30.53
CA ARG CA 20 42.25 -66.37 29.42
C ARG CA 20 42.84 -65.87 28.11
N PHE CA 21 42.71 -64.56 27.86
CA PHE CA 21 43.29 -63.99 26.65
C PHE CA 21 44.81 -64.13 26.64
N LEU CA 22 45.45 -63.83 27.78
CA LEU CA 22 46.91 -63.91 27.78
C LEU CA 22 47.40 -65.34 27.68
N LYS CA 23 46.69 -66.31 28.26
CA LYS CA 23 47.09 -67.70 28.13
C LYS CA 23 46.93 -68.20 26.71
N LEU CA 24 45.82 -67.85 26.05
CA LEU CA 24 45.63 -68.23 24.66
C LEU CA 24 46.66 -67.59 23.75
N LEU CA 25 47.03 -66.33 24.04
CA LEU CA 25 48.01 -65.63 23.23
C LEU CA 25 49.39 -66.25 23.36
N ARG CA 26 49.85 -66.48 24.59
CA ARG CA 26 51.18 -67.04 24.80
C ARG CA 26 51.26 -68.47 24.29
N PHE CA 27 50.18 -69.25 24.43
CA PHE CA 27 50.24 -70.63 23.96
C PHE CA 27 50.17 -70.72 22.44
N TYR CA 28 49.41 -69.84 21.80
CA TYR CA 28 49.30 -69.94 20.35
C TYR CA 28 50.47 -69.30 19.62
N ILE CA 29 51.21 -68.39 20.26
CA ILE CA 29 52.49 -68.02 19.67
C ILE CA 29 53.54 -69.07 20.05
N LEU CA 30 53.36 -69.73 21.20
CA LEU CA 30 54.28 -70.78 21.62
C LEU CA 30 54.18 -72.02 20.75
N LEU CA 31 53.02 -72.25 20.12
CA LEU CA 31 52.77 -73.52 19.45
C LEU CA 31 53.55 -73.63 18.15
N THR CA 32 53.67 -72.53 17.41
CA THR CA 32 54.46 -72.51 16.18
C THR CA 32 55.59 -71.50 16.28
N GLY CA 33 56.04 -71.20 17.48
CA GLY CA 33 57.25 -70.43 17.65
C GLY CA 33 58.41 -71.36 17.96
N ILE CA 34 58.16 -72.29 18.88
CA ILE CA 34 59.20 -73.26 19.28
C ILE CA 34 59.63 -74.20 18.15
N PRO CA 35 58.72 -74.79 17.33
CA PRO CA 35 59.24 -75.57 16.20
C PRO CA 35 60.01 -74.77 15.16
N VAL CA 36 59.69 -73.49 14.98
CA VAL CA 36 60.45 -72.68 14.03
C VAL CA 36 61.84 -72.37 14.59
N VAL CA 37 61.93 -72.09 15.89
CA VAL CA 37 63.22 -71.87 16.54
C VAL CA 37 64.07 -73.14 16.50
N ILE CA 38 63.45 -74.29 16.75
CA ILE CA 38 64.17 -75.56 16.67
C ILE CA 38 64.57 -75.87 15.22
N GLY CA 39 63.75 -75.48 14.25
CA GLY CA 39 64.10 -75.73 12.85
C GLY CA 39 65.27 -74.89 12.40
N ILE CA 40 65.27 -73.59 12.73
CA ILE CA 40 66.40 -72.75 12.37
C ILE CA 40 67.64 -73.11 13.20
N THR CA 41 67.44 -73.69 14.39
CA THR CA 41 68.56 -74.19 15.17
C THR CA 41 69.22 -75.38 14.49
N LEU CA 42 68.41 -76.36 14.05
CA LEU CA 42 68.94 -77.52 13.36
C LEU CA 42 69.55 -77.14 12.02
N ILE CA 43 69.04 -76.09 11.38
CA ILE CA 43 69.65 -75.59 10.15
C ILE CA 43 71.02 -75.00 10.42
N ASN CA 44 71.12 -74.05 11.35
CA ASN CA 44 72.44 -73.45 11.51
C ASN CA 44 73.37 -74.27 12.42
N VAL CA 45 72.97 -75.46 12.85
CA VAL CA 45 73.91 -76.36 13.51
C VAL CA 45 74.26 -77.57 12.65
N PHE CA 46 73.41 -77.95 11.68
CA PHE CA 46 73.72 -79.07 10.80
C PHE CA 46 74.12 -78.62 9.41
N ILE CA 47 73.25 -77.87 8.71
CA ILE CA 47 73.48 -77.67 7.28
C ILE CA 47 74.48 -76.55 7.02
N GLY CA 48 74.79 -75.73 8.02
CA GLY CA 48 75.79 -74.68 7.86
C GLY CA 48 75.31 -73.51 7.03
N GLU CA 49 76.12 -72.45 6.93
CA GLU CA 49 75.73 -71.32 6.10
C GLU CA 49 76.15 -71.55 4.64
N ALA CA 50 77.46 -71.52 4.38
CA ALA CA 50 78.06 -71.62 3.04
C ALA CA 50 79.57 -71.59 3.10
N GLU CA 51 80.22 -71.69 1.94
CA GLU CA 51 81.61 -71.31 1.75
C GLU CA 51 81.68 -70.24 0.65
N LEU CA 52 82.88 -69.73 0.39
CA LEU CA 52 83.05 -68.46 -0.32
C LEU CA 52 84.05 -68.57 -1.46
N ALA CA 53 83.87 -69.54 -2.35
CA ALA CA 53 84.79 -69.69 -3.48
C ALA CA 53 84.44 -68.68 -4.57
N GLU CA 54 85.02 -68.87 -5.75
CA GLU CA 54 84.90 -67.95 -6.86
C GLU CA 54 84.19 -68.63 -8.03
N ILE CA 55 83.82 -67.82 -9.02
CA ILE CA 55 83.18 -68.32 -10.22
C ILE CA 55 84.21 -69.05 -11.08
N PRO CA 56 83.97 -70.32 -11.41
CA PRO CA 56 84.83 -70.99 -12.40
C PRO CA 56 84.52 -70.46 -13.79
N GLU CA 57 85.58 -70.23 -14.57
CA GLU CA 57 85.41 -69.75 -15.93
C GLU CA 57 84.86 -70.85 -16.81
N GLY CA 58 84.07 -70.46 -17.81
CA GLY CA 58 83.39 -71.44 -18.62
C GLY CA 58 82.27 -72.13 -17.88
N TYR CA 59 81.63 -71.43 -16.94
CA TYR CA 59 80.55 -72.00 -16.17
C TYR CA 59 79.59 -70.88 -15.77
N VAL CA 60 78.30 -71.15 -15.92
CA VAL CA 60 77.25 -70.21 -15.55
C VAL CA 60 76.42 -70.83 -14.43
N PRO CA 61 76.30 -70.19 -13.29
CA PRO CA 61 75.47 -70.74 -12.22
C PRO CA 61 74.05 -70.24 -12.29
N GLU CA 62 73.25 -70.63 -11.28
CA GLU CA 62 71.87 -70.21 -11.19
C GLU CA 62 71.79 -68.76 -10.73
N HIS CA 63 70.56 -68.24 -10.70
CA HIS CA 63 70.33 -66.97 -10.01
C HIS CA 63 70.13 -67.16 -8.52
N TRP CA 64 69.95 -68.40 -8.06
CA TRP CA 64 70.30 -68.75 -6.69
C TRP CA 64 71.75 -69.22 -6.72
N GLU CA 65 72.18 -69.87 -5.63
CA GLU CA 65 73.59 -70.21 -5.35
C GLU CA 65 74.49 -68.98 -5.30
N TYR CA 66 73.91 -67.80 -5.04
CA TYR CA 66 74.64 -66.58 -4.78
C TYR CA 66 74.46 -66.07 -3.36
N PHE CA 67 73.62 -66.72 -2.56
CA PHE CA 67 73.12 -66.15 -1.32
C PHE CA 67 73.63 -66.98 -0.16
N LYS CA 68 73.94 -66.29 0.94
CA LYS CA 68 74.73 -66.89 2.01
C LYS CA 68 73.93 -67.92 2.78
N HIS CA 69 72.74 -67.56 3.19
CA HIS CA 69 71.95 -68.44 4.03
C HIS CA 69 71.28 -69.52 3.18
N PRO CA 70 71.26 -70.77 3.65
CA PRO CA 70 70.72 -71.85 2.82
C PRO CA 70 69.22 -71.77 2.64
N ILE CA 71 68.48 -71.36 3.67
CA ILE CA 71 67.04 -71.22 3.51
C ILE CA 71 66.73 -69.99 2.67
N SER CA 72 67.58 -68.97 2.72
CA SER CA 72 67.43 -67.84 1.79
C SER CA 72 67.65 -68.28 0.35
N ARG CA 73 68.63 -69.17 0.14
CA ARG CA 73 68.83 -69.76 -1.19
C ARG CA 73 67.62 -70.57 -1.62
N TRP CA 74 67.02 -71.29 -0.67
CA TRP CA 74 65.83 -72.08 -0.96
C TRP CA 74 64.64 -71.21 -1.31
N ILE CA 75 64.48 -70.09 -0.60
CA ILE CA 75 63.39 -69.15 -0.87
C ILE CA 75 63.58 -68.49 -2.22
N ALA CA 76 64.82 -68.10 -2.53
CA ALA CA 76 65.09 -67.52 -3.84
C ALA CA 76 64.88 -68.52 -4.97
N ARG CA 77 65.15 -69.80 -4.71
CA ARG CA 77 64.94 -70.81 -5.74
C ARG CA 77 63.47 -71.10 -5.96
N THR CA 78 62.79 -71.57 -4.93
CA THR CA 78 61.46 -72.15 -5.14
C THR CA 78 60.36 -71.12 -5.25
N PHE CA 79 60.60 -69.86 -4.87
CA PHE CA 79 59.56 -68.84 -4.87
C PHE CA 79 59.88 -67.66 -5.77
N PHE CA 80 61.10 -67.16 -5.73
CA PHE CA 80 61.41 -65.86 -6.31
C PHE CA 80 61.61 -65.95 -7.81
N ASP CA 81 62.05 -64.83 -8.39
CA ASP CA 81 62.18 -64.68 -9.83
C ASP CA 81 63.57 -64.15 -10.15
N ALA CA 82 64.06 -64.52 -11.32
CA ALA CA 82 65.42 -64.18 -11.70
C ALA CA 82 65.51 -62.72 -12.14
N PRO CA 83 66.63 -62.04 -11.85
CA PRO CA 83 66.79 -60.66 -12.32
C PRO CA 83 66.85 -60.54 -13.83
N GLU CA 84 67.33 -61.59 -14.51
CA GLU CA 84 67.38 -61.57 -15.97
C GLU CA 84 65.98 -61.55 -16.56
N LYS CA 85 65.05 -62.26 -15.93
CA LYS CA 85 63.68 -62.34 -16.39
C LYS CA 85 63.00 -60.98 -16.31
N ASN CA 86 63.13 -60.33 -15.14
CA ASN CA 86 62.65 -58.97 -14.95
C ASN CA 86 63.33 -57.99 -15.91
N TYR CA 87 64.63 -58.17 -16.13
CA TYR CA 87 65.41 -57.21 -16.91
C TYR CA 87 65.01 -57.24 -18.39
N GLU CA 88 64.90 -58.45 -18.95
CA GLU CA 88 64.45 -58.59 -20.33
C GLU CA 88 62.99 -58.20 -20.49
N ARG CA 89 62.17 -58.42 -19.45
CA ARG CA 89 60.79 -57.97 -19.46
C ARG CA 89 60.72 -56.44 -19.54
N THR CA 90 61.55 -55.75 -18.75
CA THR CA 90 61.62 -54.29 -18.81
C THR CA 90 62.04 -53.81 -20.18
N MET CA 91 63.04 -54.48 -20.78
CA MET CA 91 63.52 -54.07 -22.10
C MET CA 91 62.43 -54.20 -23.17
N ALA CA 92 61.71 -55.31 -23.15
CA ALA CA 92 60.65 -55.55 -24.13
C ALA CA 92 59.50 -54.56 -23.95
N ILE CA 93 59.09 -54.30 -22.70
CA ILE CA 93 57.94 -53.44 -22.50
C ILE CA 93 58.30 -51.98 -22.78
N LEU CA 94 59.57 -51.61 -22.59
CA LEU CA 94 59.99 -50.26 -22.96
C LEU CA 94 60.01 -50.10 -24.48
N GLN CA 95 60.42 -51.14 -25.21
CA GLN CA 95 60.37 -51.08 -26.67
C GLN CA 95 58.93 -50.95 -27.17
N ILE CA 96 58.02 -51.72 -26.57
CA ILE CA 96 56.61 -51.71 -26.99
C ILE CA 96 55.99 -50.34 -26.77
N GLU CA 97 56.13 -49.80 -25.57
CA GLU CA 97 55.49 -48.51 -25.33
C GLU CA 97 56.27 -47.35 -25.95
N SER CA 98 57.54 -47.54 -26.31
CA SER CA 98 58.26 -46.53 -27.08
C SER CA 98 57.67 -46.40 -28.47
N GLU CA 99 57.45 -47.53 -29.14
CA GLU CA 99 56.76 -47.48 -30.43
C GLU CA 99 55.34 -46.97 -30.29
N LYS CA 100 54.67 -47.26 -29.16
CA LYS CA 100 53.32 -46.73 -28.95
C LYS CA 100 53.33 -45.20 -28.86
N ALA CA 101 54.26 -44.63 -28.12
CA ALA CA 101 54.34 -43.18 -27.99
C ALA CA 101 54.70 -42.52 -29.31
N GLU CA 102 55.62 -43.14 -30.06
CA GLU CA 102 56.00 -42.61 -31.37
C GLU CA 102 54.83 -42.63 -32.35
N LEU CA 103 54.09 -43.75 -32.39
CA LEU CA 103 52.94 -43.83 -33.27
C LEU CA 103 51.82 -42.91 -32.83
N ARG CA 104 51.71 -42.61 -31.53
CA ARG CA 104 50.66 -41.71 -31.08
C ARG CA 104 50.97 -40.26 -31.45
N LEU CA 105 52.24 -39.85 -31.32
CA LEU CA 105 52.63 -38.51 -31.78
C LEU CA 105 52.51 -38.38 -33.30
N LYS CA 106 52.88 -39.44 -34.03
CA LYS CA 106 52.70 -39.46 -35.47
C LYS CA 106 51.23 -39.37 -35.84
N GLU CA 107 50.36 -40.04 -35.06
CA GLU CA 107 48.92 -40.03 -35.29
C GLU CA 107 48.36 -38.63 -35.17
N LEU CA 108 48.71 -37.92 -34.10
CA LEU CA 108 48.15 -36.58 -33.93
C LEU CA 108 48.72 -35.59 -34.96
N GLU CA 109 49.99 -35.75 -35.35
CA GLU CA 109 50.53 -34.84 -36.36
C GLU CA 109 49.93 -35.10 -37.74
N VAL CA 110 49.73 -36.37 -38.10
CA VAL CA 110 49.04 -36.71 -39.33
C VAL CA 110 47.62 -36.18 -39.32
N ARG CA 111 46.95 -36.27 -38.16
CA ARG CA 111 45.57 -35.79 -38.06
C ARG CA 111 45.47 -34.29 -38.25
N ARG CA 112 46.39 -33.53 -37.65
CA ARG CA 112 46.29 -32.08 -37.79
C ARG CA 112 46.71 -31.62 -39.19
N LEU CA 113 47.70 -32.27 -39.81
CA LEU CA 113 48.05 -31.88 -41.17
C LEU CA 113 47.01 -32.34 -42.19
N MET CA 114 46.30 -33.42 -41.89
CA MET CA 114 45.27 -33.89 -42.81
C MET CA 114 44.01 -33.05 -42.69
N ARG CA 115 43.73 -32.51 -41.50
CA ARG CA 115 42.67 -31.51 -41.44
C ARG CA 115 43.11 -30.20 -42.10
N ALA CA 116 44.41 -29.89 -42.05
CA ALA CA 116 44.90 -28.65 -42.65
C ALA CA 116 44.80 -28.67 -44.17
N LYS CA 117 45.35 -29.71 -44.82
CA LYS CA 117 45.38 -29.74 -46.28
C LYS CA 117 44.29 -30.58 -46.91
N GLY CA 118 43.81 -31.62 -46.23
CA GLY CA 118 42.82 -32.48 -46.85
C GLY CA 118 43.38 -33.42 -47.89
N ASP CA 119 44.70 -33.66 -47.88
CA ASP CA 119 45.30 -34.53 -48.88
C ASP CA 119 44.97 -35.99 -48.62
N GLY CA 120 44.86 -36.37 -47.34
CA GLY CA 120 44.61 -37.73 -46.97
C GLY CA 120 43.17 -38.13 -47.12
N PRO CA 121 42.83 -39.33 -46.66
CA PRO CA 121 41.49 -39.88 -46.91
C PRO CA 121 40.45 -39.63 -45.84
N TRP CA 122 40.79 -39.01 -44.69
CA TRP CA 122 39.84 -38.98 -43.58
C TRP CA 122 38.81 -37.86 -43.72
N PHE CA 123 39.25 -36.61 -43.66
CA PHE CA 123 38.33 -35.49 -43.53
C PHE CA 123 37.97 -35.02 -44.93
N GLN CA 124 37.10 -35.82 -45.56
CA GLN CA 124 36.64 -35.58 -46.92
C GLN CA 124 35.12 -35.56 -46.88
N TYR CA 125 34.57 -34.39 -46.57
CA TYR CA 125 33.14 -34.27 -46.46
C TYR CA 125 32.51 -34.19 -47.85
N PRO CA 126 31.41 -34.89 -48.07
CA PRO CA 126 30.91 -35.08 -49.44
C PRO CA 126 30.27 -33.83 -50.02
N THR CA 127 30.72 -33.46 -51.20
CA THR CA 127 30.08 -32.46 -52.02
C THR CA 127 29.08 -33.15 -52.94
N ILE CA 128 28.67 -32.45 -54.00
CA ILE CA 128 27.70 -32.98 -54.94
C ILE CA 128 28.28 -34.18 -55.67
N ASP CA 129 27.54 -35.30 -55.64
CA ASP CA 129 27.87 -36.45 -56.47
C ASP CA 129 27.22 -36.28 -57.83
N LYS CA 130 27.91 -36.73 -58.87
CA LYS CA 130 27.37 -36.56 -60.23
C LYS CA 130 26.50 -37.75 -60.65
N ALA CA 131 25.58 -38.13 -59.76
CA ALA CA 131 24.56 -39.09 -60.14
C ALA CA 131 23.42 -38.41 -60.87
N LEU CA 132 23.04 -37.22 -60.43
CA LEU CA 132 21.99 -36.45 -61.06
C LEU CA 132 22.41 -35.83 -62.39
N ILE CA 133 23.69 -35.85 -62.72
CA ILE CA 133 24.19 -35.23 -63.94
C ILE CA 133 23.83 -36.10 -65.13
N ASP CA 134 23.17 -35.50 -66.13
CA ASP CA 134 22.98 -36.15 -67.42
C ASP CA 134 23.15 -35.10 -68.51
N HIS CA 135 24.21 -35.23 -69.28
CA HIS CA 135 24.37 -34.48 -70.52
C HIS CA 135 23.29 -34.89 -71.52
N SER CA 136 22.60 -33.89 -72.07
CA SER CA 136 21.44 -34.16 -72.92
C SER CA 136 21.20 -32.97 -73.83
N PRO CA 137 20.64 -33.20 -75.01
CA PRO CA 137 20.18 -32.06 -75.83
C PRO CA 137 18.87 -31.48 -75.31
N LYS CA 138 18.94 -30.31 -74.69
CA LYS CA 138 17.76 -29.66 -74.12
C LYS CA 138 17.00 -28.87 -75.18
N ALA CA 139 16.10 -27.98 -74.73
CA ALA CA 139 15.30 -27.19 -75.65
C ALA CA 139 15.85 -25.80 -75.89
N THR CA 140 16.63 -25.24 -74.97
CA THR CA 140 17.25 -23.93 -75.11
C THR CA 140 18.68 -24.09 -75.57
N PRO CA 141 19.12 -23.41 -76.63
CA PRO CA 141 20.47 -23.66 -77.16
C PRO CA 141 21.59 -23.18 -76.27
N ASP CA 142 21.44 -22.02 -75.62
CA ASP CA 142 22.49 -21.48 -74.75
C ASP CA 142 22.38 -22.17 -73.38
N ASN CA 143 22.88 -23.41 -73.34
CA ASN CA 143 22.75 -24.24 -72.16
C ASN CA 143 23.74 -23.85 -71.08
N ASP DA 2 51.98 -50.88 58.50
CA ASP DA 2 50.94 -50.01 57.98
C ASP DA 2 49.54 -50.57 58.22
N ALA DA 3 49.29 -51.03 59.45
CA ALA DA 3 47.97 -51.54 59.82
C ALA DA 3 47.71 -51.26 61.29
N PRO DA 4 47.22 -50.07 61.62
CA PRO DA 4 46.87 -49.78 63.01
C PRO DA 4 45.54 -50.38 63.38
N PRO DA 5 45.49 -51.19 64.43
CA PRO DA 5 44.20 -51.70 64.89
C PRO DA 5 43.46 -50.67 65.72
N LEU DA 6 42.14 -50.69 65.60
CA LEU DA 6 41.28 -49.80 66.37
C LEU DA 6 40.07 -50.58 66.87
N THR DA 7 39.47 -50.09 67.94
CA THR DA 7 38.24 -50.65 68.46
C THR DA 7 37.37 -49.52 68.98
N LEU DA 8 36.05 -49.76 68.96
CA LEU DA 8 35.09 -48.72 69.29
C LEU DA 8 35.18 -48.33 70.77
N GLU DA 9 35.29 -49.33 71.65
CA GLU DA 9 35.39 -49.02 73.08
C GLU DA 9 36.74 -48.39 73.40
N GLY DA 10 37.80 -48.83 72.72
CA GLY DA 10 39.10 -48.24 72.94
C GLY DA 10 39.18 -46.79 72.48
N ILE DA 11 38.61 -46.51 71.30
CA ILE DA 11 38.65 -45.13 70.83
C ILE DA 11 37.66 -44.27 71.61
N LYS DA 12 36.59 -44.88 72.15
CA LYS DA 12 35.69 -44.17 73.03
C LYS DA 12 36.40 -43.78 74.32
N ASP DA 13 37.18 -44.70 74.87
CA ASP DA 13 37.94 -44.40 76.08
C ASP DA 13 39.05 -43.40 75.80
N ARG DA 14 39.62 -43.40 74.60
CA ARG DA 14 40.65 -42.42 74.27
C ARG DA 14 40.07 -41.01 74.12
N VAL DA 15 38.90 -40.90 73.48
CA VAL DA 15 38.25 -39.60 73.35
C VAL DA 15 37.76 -39.11 74.71
N LEU DA 16 37.26 -40.02 75.55
CA LEU DA 16 36.87 -39.66 76.91
C LEU DA 16 38.08 -39.23 77.73
N TYR DA 17 39.22 -39.88 77.50
CA TYR DA 17 40.45 -39.54 78.22
C TYR DA 17 40.95 -38.16 77.82
N VAL DA 18 40.95 -37.85 76.53
CA VAL DA 18 41.41 -36.54 76.12
C VAL DA 18 40.38 -35.45 76.39
N LEU DA 19 39.13 -35.82 76.63
CA LEU DA 19 38.20 -34.82 77.16
C LEU DA 19 38.46 -34.57 78.64
N LYS DA 20 38.77 -35.64 79.39
CA LYS DA 20 39.05 -35.53 80.81
C LYS DA 20 40.34 -34.78 81.08
N LEU DA 21 41.26 -34.76 80.11
CA LEU DA 21 42.47 -33.98 80.24
C LEU DA 21 42.21 -32.47 80.26
N TYR DA 22 41.09 -32.02 79.71
CA TYR DA 22 40.83 -30.59 79.57
C TYR DA 22 40.47 -29.97 80.93
N ASP DA 23 40.69 -28.65 81.04
CA ASP DA 23 40.69 -27.97 82.33
C ASP DA 23 39.28 -27.75 82.88
N LYS DA 24 38.47 -26.93 82.19
CA LYS DA 24 37.36 -26.28 82.88
C LYS DA 24 36.13 -27.16 83.04
N ILE DA 25 36.09 -28.35 82.47
CA ILE DA 25 35.05 -29.32 82.79
C ILE DA 25 35.58 -30.21 83.90
N ASP DA 26 34.66 -30.69 84.76
CA ASP DA 26 35.18 -31.50 85.85
C ASP DA 26 35.48 -32.93 85.37
N PRO DA 27 36.55 -33.54 85.88
CA PRO DA 27 36.79 -34.95 85.55
C PRO DA 27 35.80 -35.89 86.21
N GLU DA 28 35.09 -35.43 87.24
CA GLU DA 28 34.10 -36.26 87.91
C GLU DA 28 32.90 -36.51 87.01
N LYS DA 29 32.22 -35.44 86.62
CA LYS DA 29 30.98 -35.56 85.85
C LYS DA 29 31.29 -35.27 84.38
N LEU DA 30 31.71 -36.31 83.67
CA LEU DA 30 31.98 -36.23 82.24
C LEU DA 30 31.40 -37.49 81.60
N SER DA 31 30.22 -37.35 81.00
CA SER DA 31 29.50 -38.50 80.47
C SER DA 31 29.94 -38.83 79.05
N VAL DA 32 29.68 -40.09 78.67
CA VAL DA 32 29.75 -40.47 77.27
C VAL DA 32 28.64 -39.78 76.49
N ASN DA 33 27.45 -39.73 77.07
CA ASN DA 33 26.28 -39.13 76.44
C ASN DA 33 25.96 -37.87 77.25
N SER DA 34 26.49 -36.74 76.80
CA SER DA 34 26.25 -35.46 77.45
C SER DA 34 26.28 -34.36 76.41
N HIS DA 35 25.53 -33.29 76.67
CA HIS DA 35 25.58 -32.12 75.81
C HIS DA 35 26.91 -31.39 76.01
N PHE DA 36 27.11 -30.36 75.18
CA PHE DA 36 28.26 -29.48 75.33
C PHE DA 36 27.84 -28.09 75.80
N MET DA 37 26.94 -27.45 75.08
CA MET DA 37 26.55 -26.08 75.43
C MET DA 37 25.68 -26.06 76.68
N LYS DA 38 24.90 -27.12 76.91
CA LYS DA 38 23.91 -27.10 77.98
C LYS DA 38 24.55 -27.28 79.35
N ASP DA 39 25.19 -28.43 79.57
CA ASP DA 39 25.53 -28.86 80.92
C ASP DA 39 26.99 -28.74 81.28
N LEU DA 40 27.90 -28.85 80.33
CA LEU DA 40 29.32 -28.89 80.69
C LEU DA 40 29.89 -27.50 80.98
N GLY DA 41 29.18 -26.43 80.66
CA GLY DA 41 29.67 -25.10 80.98
C GLY DA 41 30.80 -24.61 80.10
N LEU DA 42 30.73 -24.87 78.79
CA LEU DA 42 31.65 -24.28 77.84
C LEU DA 42 30.85 -23.72 76.67
N ASP DA 43 31.40 -22.68 76.07
CA ASP DA 43 30.71 -21.96 75.01
C ASP DA 43 30.98 -22.62 73.66
N SER DA 44 30.62 -21.93 72.59
CA SER DA 44 30.91 -22.42 71.24
C SER DA 44 32.40 -22.45 70.97
N LEU DA 45 33.11 -21.44 71.48
CA LEU DA 45 34.52 -21.25 71.14
C LEU DA 45 35.39 -22.35 71.73
N ASP DA 46 35.16 -22.69 73.00
CA ASP DA 46 35.89 -23.78 73.63
C ASP DA 46 35.53 -25.12 73.02
N GLN DA 47 34.28 -25.27 72.55
CA GLN DA 47 33.86 -26.50 71.88
C GLN DA 47 34.63 -26.69 70.58
N VAL DA 48 34.81 -25.61 69.82
CA VAL DA 48 35.60 -25.74 68.61
C VAL DA 48 37.09 -25.88 68.92
N GLU DA 49 37.54 -25.42 70.09
CA GLU DA 49 38.90 -25.74 70.50
C GLU DA 49 39.08 -27.22 70.79
N ILE DA 50 38.07 -27.84 71.42
CA ILE DA 50 38.02 -29.30 71.59
C ILE DA 50 38.11 -30.00 70.23
N ILE DA 51 37.34 -29.49 69.27
CA ILE DA 51 37.35 -30.02 67.91
C ILE DA 51 38.74 -29.94 67.29
N MET DA 52 39.38 -28.78 67.43
CA MET DA 52 40.71 -28.54 66.87
C MET DA 52 41.76 -29.46 67.48
N ALA DA 53 41.72 -29.64 68.80
CA ALA DA 53 42.70 -30.48 69.47
C ALA DA 53 42.54 -31.94 69.06
N MET DA 54 41.30 -32.41 68.92
CA MET DA 54 41.16 -33.80 68.50
C MET DA 54 41.39 -34.01 67.02
N GLU DA 55 41.22 -32.97 66.20
CA GLU DA 55 41.71 -33.02 64.83
C GLU DA 55 43.23 -33.16 64.80
N ASP DA 56 43.92 -32.36 65.63
CA ASP DA 56 45.37 -32.39 65.68
C ASP DA 56 45.89 -33.72 66.21
N GLU DA 57 45.13 -34.38 67.09
CA GLU DA 57 45.61 -35.67 67.57
C GLU DA 57 45.31 -36.79 66.59
N PHE DA 58 44.11 -36.81 66.00
CA PHE DA 58 43.76 -37.93 65.13
C PHE DA 58 44.20 -37.76 63.68
N GLY DA 59 44.71 -36.59 63.30
CA GLY DA 59 45.37 -36.47 62.01
C GLY DA 59 44.46 -36.31 60.82
N PHE DA 60 43.22 -35.90 61.02
CA PHE DA 60 42.31 -35.58 59.92
C PHE DA 60 41.30 -34.56 60.42
N GLU DA 61 41.10 -33.51 59.63
CA GLU DA 61 40.21 -32.45 60.06
C GLU DA 61 38.75 -32.84 59.83
N ILE DA 62 37.86 -32.12 60.50
CA ILE DA 62 36.44 -32.15 60.17
C ILE DA 62 36.10 -30.71 59.78
N PRO DA 63 35.17 -30.48 58.87
CA PRO DA 63 34.95 -29.11 58.40
C PRO DA 63 34.00 -28.32 59.29
N ASP DA 64 34.02 -27.00 59.07
CA ASP DA 64 33.12 -26.10 59.79
C ASP DA 64 31.67 -26.30 59.36
N ILE DA 65 31.46 -26.79 58.14
CA ILE DA 65 30.12 -27.18 57.72
C ILE DA 65 29.65 -28.42 58.48
N ASP DA 66 30.58 -29.19 59.03
CA ASP DA 66 30.23 -30.27 59.94
C ASP DA 66 30.44 -29.90 61.41
N ALA DA 67 31.18 -28.83 61.70
CA ALA DA 67 31.45 -28.44 63.08
C ALA DA 67 30.28 -27.77 63.78
N GLU DA 68 29.19 -27.50 63.07
CA GLU DA 68 28.00 -26.94 63.69
C GLU DA 68 27.26 -27.93 64.56
N LYS DA 69 27.50 -29.22 64.37
CA LYS DA 69 26.48 -30.20 64.69
C LYS DA 69 27.06 -31.46 65.31
N LEU DA 70 28.01 -31.31 66.24
CA LEU DA 70 28.49 -32.47 67.00
C LEU DA 70 27.80 -32.56 68.36
N MET DA 71 27.99 -31.55 69.22
CA MET DA 71 27.20 -31.27 70.42
C MET DA 71 27.28 -32.31 71.54
N CYS DA 72 27.95 -33.44 71.31
CA CYS DA 72 27.96 -34.58 72.23
C CYS DA 72 29.03 -35.59 71.80
N PRO DA 73 29.71 -36.24 72.75
CA PRO DA 73 30.84 -37.10 72.39
C PRO DA 73 30.44 -38.39 71.70
N GLN DA 74 29.19 -38.81 71.83
CA GLN DA 74 28.74 -40.03 71.18
C GLN DA 74 28.78 -39.89 69.67
N GLU DA 75 28.29 -38.77 69.16
CA GLU DA 75 28.37 -38.50 67.73
C GLU DA 75 29.80 -38.24 67.28
N ILE DA 76 30.68 -37.79 68.19
CA ILE DA 76 32.09 -37.62 67.85
C ILE DA 76 32.73 -38.98 67.59
N VAL DA 77 32.50 -39.93 68.51
CA VAL DA 77 33.01 -41.28 68.34
C VAL DA 77 32.40 -41.94 67.11
N ASP DA 78 31.12 -41.66 66.83
CA ASP DA 78 30.49 -42.21 65.64
C ASP DA 78 31.08 -41.65 64.35
N TYR DA 79 31.36 -40.35 64.30
CA TYR DA 79 31.86 -39.75 63.07
C TYR DA 79 33.31 -40.14 62.82
N ILE DA 80 34.12 -40.19 63.87
CA ILE DA 80 35.49 -40.63 63.69
C ILE DA 80 35.53 -42.13 63.36
N ALA DA 81 34.59 -42.92 63.88
CA ALA DA 81 34.48 -44.32 63.46
C ALA DA 81 34.02 -44.44 62.02
N ASP DA 82 33.23 -43.49 61.53
CA ASP DA 82 32.87 -43.46 60.12
C ASP DA 82 34.06 -43.15 59.26
N LYS DA 83 34.94 -42.28 59.74
CA LYS DA 83 36.14 -41.99 58.97
C LYS DA 83 37.11 -43.17 58.98
N LYS DA 84 37.17 -43.91 60.08
CA LYS DA 84 38.15 -44.99 60.20
C LYS DA 84 37.64 -46.37 59.84
N ASP DA 85 36.31 -46.57 59.84
CA ASP DA 85 35.64 -47.83 59.45
C ASP DA 85 36.12 -49.01 60.31
N VAL DA 86 35.75 -48.93 61.58
CA VAL DA 86 36.42 -49.70 62.63
C VAL DA 86 35.69 -51.05 62.74
N TYR DA 87 36.12 -52.01 61.93
CA TYR DA 87 35.86 -53.42 62.16
C TYR DA 87 37.04 -54.24 61.66
N GLU DA 88 37.04 -55.52 62.03
CA GLU DA 88 38.09 -56.43 61.64
C GLU DA 88 37.79 -57.05 60.28
N PRO EA 1 36.37 -8.46 -64.95
CA PRO EA 1 37.71 -8.80 -65.46
C PRO EA 1 37.71 -9.08 -66.95
N GLY EA 2 37.16 -10.22 -67.35
CA GLY EA 2 37.15 -10.60 -68.74
C GLY EA 2 36.14 -9.82 -69.57
N ILE EA 3 36.64 -9.05 -70.53
CA ILE EA 3 35.76 -8.37 -71.48
C ILE EA 3 35.47 -9.30 -72.64
N VAL EA 4 34.46 -8.97 -73.44
CA VAL EA 4 34.08 -9.78 -74.57
C VAL EA 4 34.39 -9.04 -75.86
N GLU EA 5 34.19 -9.72 -76.98
CA GLU EA 5 34.16 -9.10 -78.29
C GLU EA 5 32.87 -9.49 -78.99
N LEU EA 6 32.14 -8.50 -79.47
CA LEU EA 6 30.88 -8.76 -80.14
C LEU EA 6 30.95 -8.27 -81.58
N PRO EA 7 30.39 -9.01 -82.53
CA PRO EA 7 30.53 -8.63 -83.93
C PRO EA 7 29.67 -7.42 -84.26
N SER EA 8 30.10 -6.70 -85.30
CA SER EA 8 29.47 -5.44 -85.67
C SER EA 8 28.21 -5.71 -86.50
N LEU EA 9 27.66 -4.65 -87.07
CA LEU EA 9 26.59 -4.75 -88.05
C LEU EA 9 27.11 -5.06 -89.44
N GLU EA 10 28.41 -5.35 -89.56
CA GLU EA 10 29.04 -5.72 -90.83
C GLU EA 10 28.40 -6.97 -91.42
N ASP EA 11 27.97 -7.89 -90.58
CA ASP EA 11 27.21 -9.04 -91.02
C ASP EA 11 25.75 -8.98 -90.60
N LEU EA 12 25.39 -8.08 -89.69
CA LEU EA 12 23.99 -7.86 -89.35
C LEU EA 12 23.40 -6.69 -90.14
N LYS EA 13 23.58 -6.72 -91.46
CA LYS EA 13 22.79 -5.91 -92.38
C LYS EA 13 22.28 -6.87 -93.46
N VAL EA 14 21.20 -7.57 -93.12
CA VAL EA 14 20.67 -8.67 -93.91
C VAL EA 14 19.16 -8.51 -93.98
N GLN EA 15 18.61 -8.54 -95.19
CA GLN EA 15 17.16 -8.50 -95.34
C GLN EA 15 16.54 -9.80 -94.83
N GLU EA 16 15.35 -9.69 -94.28
CA GLU EA 16 14.65 -10.82 -93.69
C GLU EA 16 13.44 -11.17 -94.52
N VAL EA 17 12.93 -12.38 -94.28
CA VAL EA 17 11.67 -12.82 -94.91
C VAL EA 17 10.55 -12.38 -93.97
N LYS EA 18 10.19 -11.10 -94.07
CA LYS EA 18 9.22 -10.51 -93.15
C LYS EA 18 7.80 -10.69 -93.69
N VAL EA 19 7.31 -11.91 -93.54
CA VAL EA 19 5.90 -12.18 -93.70
C VAL EA 19 5.32 -12.43 -92.32
N SER EA 20 3.99 -12.56 -92.25
CA SER EA 20 3.39 -12.92 -90.98
C SER EA 20 3.63 -14.40 -90.68
N SER EA 21 3.37 -14.76 -89.43
CA SER EA 21 3.56 -16.12 -88.98
C SER EA 21 2.39 -17.02 -89.33
N SER EA 22 1.22 -16.46 -89.60
CA SER EA 22 0.06 -17.27 -89.95
C SER EA 22 0.25 -17.94 -91.31
N VAL EA 23 0.71 -17.17 -92.30
CA VAL EA 23 0.98 -17.74 -93.61
C VAL EA 23 2.20 -18.65 -93.57
N LEU EA 24 3.13 -18.39 -92.65
CA LEU EA 24 4.28 -19.26 -92.50
C LEU EA 24 3.88 -20.60 -91.88
N LYS EA 25 2.94 -20.57 -90.94
CA LYS EA 25 2.35 -21.79 -90.40
C LYS EA 25 1.53 -22.51 -91.46
N ALA EA 26 0.90 -21.75 -92.34
CA ALA EA 26 0.20 -22.33 -93.48
C ALA EA 26 1.16 -22.99 -94.46
N ALA EA 27 2.41 -22.55 -94.48
CA ALA EA 27 3.45 -23.16 -95.32
C ALA EA 27 4.39 -24.03 -94.53
N ALA EA 28 3.89 -24.77 -93.54
CA ALA EA 28 4.77 -25.51 -92.62
C ALA EA 28 5.37 -26.73 -93.29
N HIS EA 29 4.51 -27.65 -93.76
CA HIS EA 29 4.97 -28.92 -94.31
C HIS EA 29 5.77 -28.73 -95.57
N HIS EA 30 5.37 -27.76 -96.40
CA HIS EA 30 6.02 -27.57 -97.68
C HIS EA 30 7.39 -26.93 -97.54
N TYR EA 31 7.52 -25.93 -96.67
CA TYR EA 31 8.83 -25.34 -96.42
C TYR EA 31 9.74 -26.30 -95.67
N GLY EA 32 9.18 -27.14 -94.79
CA GLY EA 32 9.97 -28.20 -94.21
C GLY EA 32 10.33 -29.30 -95.18
N ALA EA 33 9.62 -29.39 -96.30
CA ALA EA 33 9.82 -30.50 -97.22
C ALA EA 33 11.01 -30.29 -98.15
N GLN EA 34 10.97 -29.26 -98.99
CA GLN EA 34 11.98 -29.12 -100.04
C GLN EA 34 13.24 -28.44 -99.52
N CYS EA 35 13.09 -27.28 -98.89
CA CYS EA 35 14.19 -26.63 -98.19
C CYS EA 35 14.36 -27.29 -96.83
N ASP EA 36 15.10 -26.62 -95.94
CA ASP EA 36 15.38 -27.04 -94.56
C ASP EA 36 16.17 -28.33 -94.50
N LYS EA 37 16.88 -28.69 -95.56
CA LYS EA 37 17.94 -29.66 -95.40
C LYS EA 37 19.23 -29.00 -94.89
N PRO EA 38 19.74 -27.89 -95.44
CA PRO EA 38 20.97 -27.33 -94.85
C PRO EA 38 20.74 -26.34 -93.72
N ASN EA 39 19.52 -26.19 -93.18
CA ASN EA 39 19.41 -25.43 -91.95
C ASN EA 39 19.80 -26.27 -90.74
N LYS EA 40 19.79 -27.59 -90.89
CA LYS EA 40 20.30 -28.43 -89.83
C LYS EA 40 21.82 -28.35 -89.71
N GLU EA 41 22.49 -27.79 -90.71
CA GLU EA 41 23.86 -27.30 -90.51
C GLU EA 41 23.89 -26.26 -89.40
N PHE EA 42 23.00 -25.27 -89.48
CA PHE EA 42 22.89 -24.24 -88.45
C PHE EA 42 22.46 -24.82 -87.12
N MET EA 43 21.56 -25.80 -87.16
CA MET EA 43 21.08 -26.42 -85.93
C MET EA 43 22.19 -27.22 -85.26
N LEU EA 44 22.94 -28.00 -86.04
CA LEU EA 44 24.06 -28.77 -85.50
C LEU EA 44 25.16 -27.86 -84.97
N CYS EA 45 25.45 -26.79 -85.71
CA CYS EA 45 26.44 -25.79 -85.28
C CYS EA 45 26.05 -25.17 -83.95
N ARG EA 46 24.77 -24.85 -83.79
CA ARG EA 46 24.34 -24.20 -82.56
C ARG EA 46 24.28 -25.16 -81.39
N TRP EA 47 23.78 -26.38 -81.60
CA TRP EA 47 23.67 -27.29 -80.46
C TRP EA 47 25.00 -27.95 -80.10
N GLU EA 48 26.00 -27.91 -80.99
CA GLU EA 48 27.33 -28.31 -80.56
C GLU EA 48 28.06 -27.13 -79.91
N GLU EA 49 28.29 -26.06 -80.65
CA GLU EA 49 28.88 -24.84 -80.11
C GLU EA 49 27.73 -23.89 -79.81
N LYS EA 50 27.47 -23.63 -78.54
CA LYS EA 50 26.31 -22.83 -78.17
C LYS EA 50 26.58 -21.33 -78.30
N ASP EA 51 27.16 -20.91 -79.41
CA ASP EA 51 27.55 -19.53 -79.57
C ASP EA 51 26.73 -18.90 -80.68
N PRO EA 52 25.93 -17.90 -80.39
CA PRO EA 52 25.55 -16.94 -81.42
C PRO EA 52 26.56 -15.81 -81.43
N ARG EA 53 26.93 -15.38 -82.66
CA ARG EA 53 28.19 -14.85 -83.21
C ARG EA 53 29.11 -15.97 -83.72
N ARG EA 54 28.60 -17.20 -83.79
CA ARG EA 54 29.35 -18.26 -84.45
C ARG EA 54 28.73 -18.69 -85.77
N CYS EA 55 27.45 -19.07 -85.75
CA CYS EA 55 26.85 -19.76 -86.89
C CYS EA 55 25.98 -18.83 -87.73
N LEU EA 56 26.33 -17.55 -87.80
CA LEU EA 56 25.45 -16.53 -88.37
C LEU EA 56 25.38 -16.59 -89.89
N GLU EA 57 26.47 -16.97 -90.56
CA GLU EA 57 26.45 -17.07 -92.01
C GLU EA 57 25.53 -18.19 -92.47
N GLU EA 58 25.39 -19.24 -91.67
CA GLU EA 58 24.35 -20.22 -91.95
C GLU EA 58 22.97 -19.67 -91.64
N GLY EA 59 22.88 -18.65 -90.79
CA GLY EA 59 21.63 -17.92 -90.66
C GLY EA 59 21.28 -17.17 -91.93
N LYS EA 60 22.30 -16.58 -92.57
CA LYS EA 60 22.09 -16.00 -93.90
C LYS EA 60 21.70 -17.07 -94.90
N LEU EA 61 22.27 -18.27 -94.76
CA LEU EA 61 21.99 -19.38 -95.67
C LEU EA 61 20.53 -19.81 -95.58
N VAL EA 62 20.03 -19.99 -94.36
CA VAL EA 62 18.62 -20.38 -94.21
C VAL EA 62 17.71 -19.22 -94.57
N ASN EA 63 18.16 -17.97 -94.39
CA ASN EA 63 17.36 -16.81 -94.77
C ASN EA 63 17.21 -16.73 -96.29
N GLN EA 64 18.30 -16.95 -97.02
CA GLN EA 64 18.19 -16.94 -98.48
C GLN EA 64 17.52 -18.20 -99.01
N CYS EA 65 17.54 -19.33 -98.27
CA CYS EA 65 16.78 -20.49 -98.71
C CYS EA 65 15.29 -20.25 -98.56
N ALA EA 66 14.88 -19.61 -97.47
CA ALA EA 66 13.48 -19.25 -97.29
C ALA EA 66 13.05 -18.20 -98.32
N LEU EA 67 13.94 -17.27 -98.65
CA LEU EA 67 13.67 -16.30 -99.71
C LEU EA 67 13.50 -16.99 -101.07
N GLU EA 68 14.33 -18.00 -101.34
CA GLU EA 68 14.20 -18.80 -102.55
C GLU EA 68 12.87 -19.53 -102.59
N PHE EA 69 12.50 -20.14 -101.47
CA PHE EA 69 11.24 -20.88 -101.39
C PHE EA 69 10.04 -19.95 -101.55
N PHE EA 70 10.15 -18.74 -101.01
CA PHE EA 70 9.02 -17.80 -101.08
C PHE EA 70 8.88 -17.21 -102.48
N ARG EA 71 10.01 -16.95 -103.16
CA ARG EA 71 9.93 -16.53 -104.56
C ARG EA 71 9.37 -17.65 -105.43
N GLN EA 72 9.71 -18.90 -105.10
CA GLN EA 72 9.23 -20.04 -105.88
C GLN EA 72 7.73 -20.23 -105.68
N ILE EA 73 7.23 -20.08 -104.45
CA ILE EA 73 5.79 -20.20 -104.24
C ILE EA 73 5.06 -18.94 -104.73
N LYS EA 74 5.75 -17.81 -104.85
CA LYS EA 74 5.11 -16.59 -105.35
C LYS EA 74 4.92 -16.66 -106.86
N ARG EA 75 5.99 -16.95 -107.60
CA ARG EA 75 5.93 -16.95 -109.05
C ARG EA 75 5.14 -18.13 -109.57
N HIS EA 76 5.42 -19.32 -109.07
CA HIS EA 76 4.79 -20.53 -109.58
C HIS EA 76 3.48 -20.78 -108.82
N CYS EA 77 2.96 -21.99 -108.91
CA CYS EA 77 1.63 -22.35 -108.43
C CYS EA 77 1.52 -22.18 -106.91
N ALA EA 78 0.54 -21.39 -106.44
CA ALA EA 78 -0.43 -20.62 -107.23
C ALA EA 78 -0.78 -19.33 -106.52
N GLU EA 79 -1.87 -18.74 -107.00
CA GLU EA 79 -2.53 -17.61 -106.37
C GLU EA 79 -3.50 -17.95 -105.23
N PRO EA 80 -4.36 -18.99 -105.28
CA PRO EA 80 -5.24 -19.26 -104.12
C PRO EA 80 -4.55 -19.73 -102.84
N PHE EA 81 -3.21 -19.79 -102.80
CA PHE EA 81 -2.52 -19.83 -101.51
C PHE EA 81 -2.77 -18.56 -100.72
N THR EA 82 -2.93 -17.43 -101.43
CA THR EA 82 -3.36 -16.18 -100.79
C THR EA 82 -4.72 -16.35 -100.14
N GLU EA 83 -5.65 -16.98 -100.88
CA GLU EA 83 -6.95 -17.35 -100.34
C GLU EA 83 -6.81 -18.29 -99.15
N TYR EA 84 -5.81 -19.17 -99.17
CA TYR EA 84 -5.65 -20.14 -98.10
C TYR EA 84 -5.22 -19.48 -96.80
N TRP EA 85 -4.23 -18.57 -96.87
CA TRP EA 85 -3.85 -17.95 -95.61
C TRP EA 85 -4.87 -16.92 -95.15
N THR EA 86 -5.57 -16.24 -96.07
CA THR EA 86 -6.62 -15.36 -95.58
C THR EA 86 -7.87 -16.13 -95.14
N CYS EA 87 -7.95 -17.42 -95.45
CA CYS EA 87 -8.95 -18.30 -94.85
C CYS EA 87 -8.55 -18.70 -93.44
N ILE EA 88 -7.30 -19.11 -93.26
CA ILE EA 88 -6.84 -19.59 -91.96
C ILE EA 88 -6.41 -18.46 -91.04
N ASP EA 89 -6.55 -17.21 -91.48
CA ASP EA 89 -6.00 -16.09 -90.74
C ASP EA 89 -6.79 -15.79 -89.47
N TYR EA 90 -8.12 -15.72 -89.57
CA TYR EA 90 -8.92 -15.21 -88.46
C TYR EA 90 -9.41 -16.30 -87.54
N SER EA 91 -8.82 -17.49 -87.57
CA SER EA 91 -9.30 -18.57 -86.71
C SER EA 91 -8.56 -18.64 -85.39
N GLY EA 92 -8.42 -17.49 -84.70
CA GLY EA 92 -7.77 -17.43 -83.39
C GLY EA 92 -6.35 -17.95 -83.37
N LEU EA 93 -6.16 -19.12 -82.78
CA LEU EA 93 -4.96 -19.90 -82.96
C LEU EA 93 -5.25 -20.97 -84.01
N GLN EA 94 -4.34 -21.11 -84.96
CA GLN EA 94 -4.61 -21.90 -86.15
C GLN EA 94 -4.54 -23.40 -85.86
N LEU EA 95 -5.52 -24.12 -86.37
CA LEU EA 95 -5.45 -25.58 -86.51
C LEU EA 95 -5.34 -25.90 -88.00
N PHE EA 96 -5.34 -27.19 -88.32
CA PHE EA 96 -5.32 -27.63 -89.70
C PHE EA 96 -6.61 -28.30 -90.13
N ARG EA 97 -7.54 -28.51 -89.20
CA ARG EA 97 -8.90 -28.89 -89.56
C ARG EA 97 -9.74 -27.70 -89.97
N ARG EA 98 -9.21 -26.48 -89.84
CA ARG EA 98 -10.01 -25.28 -90.02
C ARG EA 98 -10.33 -25.03 -91.48
N CYS EA 99 -9.31 -24.85 -92.31
CA CYS EA 99 -9.51 -24.55 -93.72
C CYS EA 99 -8.97 -25.74 -94.50
N ARG EA 100 -9.81 -26.76 -94.66
CA ARG EA 100 -9.40 -28.02 -95.24
C ARG EA 100 -9.61 -28.06 -96.76
N LYS EA 101 -10.66 -27.41 -97.25
CA LYS EA 101 -10.99 -27.47 -98.67
C LYS EA 101 -9.96 -26.72 -99.52
N GLU EA 102 -9.58 -25.52 -99.07
CA GLU EA 102 -8.56 -24.79 -99.80
C GLU EA 102 -7.19 -25.40 -99.61
N GLN EA 103 -6.98 -26.09 -98.48
CA GLN EA 103 -5.77 -26.89 -98.30
C GLN EA 103 -5.70 -28.01 -99.33
N ALA EA 104 -6.83 -28.66 -99.61
CA ALA EA 104 -6.87 -29.69 -100.64
C ALA EA 104 -6.66 -29.10 -102.03
N GLN EA 105 -7.19 -27.90 -102.28
CA GLN EA 105 -6.98 -27.24 -103.56
C GLN EA 105 -5.52 -26.85 -103.75
N PHE EA 106 -4.87 -26.38 -102.69
CA PHE EA 106 -3.45 -26.06 -102.76
C PHE EA 106 -2.60 -27.31 -102.92
N ASP EA 107 -3.04 -28.43 -102.32
CA ASP EA 107 -2.41 -29.72 -102.56
C ASP EA 107 -2.49 -30.11 -104.03
N LYS EA 108 -3.68 -29.95 -104.64
CA LYS EA 108 -3.84 -30.31 -106.04
C LYS EA 108 -2.99 -29.44 -106.94
N CYS EA 109 -2.93 -28.14 -106.64
CA CYS EA 109 -2.00 -27.20 -107.27
C CYS EA 109 -0.56 -27.69 -107.23
N VAL EA 110 -0.02 -27.91 -106.02
CA VAL EA 110 1.39 -28.17 -105.89
C VAL EA 110 1.73 -29.56 -106.44
N LEU EA 111 0.80 -30.50 -106.38
CA LEU EA 111 1.04 -31.83 -106.93
C LEU EA 111 1.01 -31.83 -108.45
N ASP EA 112 0.07 -31.09 -109.04
CA ASP EA 112 -0.04 -31.10 -110.49
C ASP EA 112 1.04 -30.27 -111.17
N LYS EA 113 1.49 -29.18 -110.54
CA LYS EA 113 2.49 -28.36 -111.22
C LYS EA 113 3.91 -28.55 -110.69
N LEU EA 114 4.10 -29.00 -109.47
CA LEU EA 114 5.49 -29.19 -109.07
C LEU EA 114 5.75 -30.56 -108.45
N GLY EA 115 4.81 -31.08 -107.68
CA GLY EA 115 5.05 -32.26 -106.87
C GLY EA 115 4.86 -31.96 -105.40
N TRP EA 116 5.91 -32.15 -104.60
CA TRP EA 116 5.95 -31.79 -103.18
C TRP EA 116 4.82 -32.44 -102.38
N VAL EA 117 4.91 -33.76 -102.28
CA VAL EA 117 3.98 -34.49 -101.44
C VAL EA 117 4.14 -34.04 -99.99
N ARG EA 118 3.02 -33.84 -99.32
CA ARG EA 118 3.06 -33.54 -97.89
C ARG EA 118 3.61 -34.75 -97.16
N PRO EA 119 4.60 -34.57 -96.27
CA PRO EA 119 5.07 -35.70 -95.47
C PRO EA 119 3.99 -36.19 -94.52
N ASP EA 120 3.94 -37.51 -94.37
CA ASP EA 120 2.95 -38.13 -93.52
C ASP EA 120 3.21 -37.77 -92.06
N LEU EA 121 2.14 -37.71 -91.29
CA LEU EA 121 2.31 -37.63 -89.85
C LEU EA 121 2.79 -38.98 -89.34
N GLY EA 122 3.84 -38.99 -88.52
CA GLY EA 122 4.49 -37.81 -88.00
C GLY EA 122 5.94 -37.64 -88.42
N GLU EA 123 6.21 -37.80 -89.72
CA GLU EA 123 7.59 -37.88 -90.25
C GLU EA 123 8.47 -36.69 -89.91
N LEU EA 124 7.90 -35.52 -89.60
CA LEU EA 124 8.68 -34.36 -89.17
C LEU EA 124 9.12 -34.53 -87.72
N SER EA 125 10.00 -35.50 -87.53
CA SER EA 125 10.45 -36.02 -86.25
C SER EA 125 11.76 -36.76 -86.51
N LYS EA 126 12.08 -37.74 -85.66
CA LYS EA 126 12.97 -38.83 -86.06
C LYS EA 126 14.40 -38.41 -86.37
N VAL EA 127 15.19 -38.15 -85.32
CA VAL EA 127 16.52 -37.54 -85.29
C VAL EA 127 17.40 -37.93 -86.49
N THR EA 128 17.92 -36.91 -87.17
CA THR EA 128 18.25 -36.99 -88.58
C THR EA 128 19.74 -36.72 -88.78
N LYS EA 129 20.34 -37.44 -89.72
CA LYS EA 129 21.77 -37.35 -89.95
C LYS EA 129 22.11 -36.05 -90.68
N VAL EA 130 23.29 -35.53 -90.36
CA VAL EA 130 23.82 -34.35 -91.04
C VAL EA 130 25.34 -34.40 -90.93
N LYS EA 131 26.02 -34.14 -92.04
CA LYS EA 131 27.47 -33.97 -92.06
C LYS EA 131 27.79 -32.57 -92.56
N THR EA 132 28.89 -32.03 -92.07
CA THR EA 132 29.30 -30.66 -92.34
C THR EA 132 30.65 -30.66 -93.05
N ASP EA 133 31.06 -29.47 -93.47
CA ASP EA 133 32.43 -29.26 -93.95
C ASP EA 133 33.37 -29.00 -92.78
N ARG EA 134 32.86 -28.43 -91.69
CA ARG EA 134 33.66 -28.22 -90.50
C ARG EA 134 33.80 -29.53 -89.74
N PRO EA 135 34.89 -29.71 -88.99
CA PRO EA 135 34.97 -30.85 -88.08
C PRO EA 135 34.27 -30.57 -86.76
N LEU EA 136 33.74 -31.63 -86.17
CA LEU EA 136 32.94 -31.51 -84.95
C LEU EA 136 33.79 -31.00 -83.80
N PRO EA 137 33.27 -30.07 -82.99
CA PRO EA 137 34.13 -29.27 -82.11
C PRO EA 137 34.67 -30.00 -80.89
N GLU EA 138 35.35 -29.23 -80.04
CA GLU EA 138 36.00 -29.73 -78.84
C GLU EA 138 35.72 -28.77 -77.69
N ASN EA 139 35.77 -29.33 -76.46
CA ASN EA 139 35.73 -28.74 -75.12
C ASN EA 139 34.94 -27.43 -75.00
N PRO EA 140 33.67 -27.41 -75.41
CA PRO EA 140 32.98 -26.13 -75.65
C PRO EA 140 32.71 -25.33 -74.39
N TYR EA 141 32.73 -25.97 -73.24
CA TYR EA 141 32.64 -25.28 -71.96
C TYR EA 141 34.06 -24.85 -71.60
N HIS EA 142 34.30 -23.54 -71.63
CA HIS EA 142 35.64 -22.99 -71.48
C HIS EA 142 36.06 -23.06 -70.01
N SER EA 143 36.63 -24.20 -69.64
CA SER EA 143 37.24 -24.37 -68.33
C SER EA 143 38.51 -25.18 -68.50
N ARG EA 144 39.31 -25.22 -67.44
CA ARG EA 144 40.51 -26.03 -67.44
C ARG EA 144 40.17 -27.48 -67.14
N ALA EA 145 41.20 -28.33 -67.05
CA ALA EA 145 41.00 -29.71 -66.64
C ALA EA 145 40.70 -29.78 -65.14
N ARG EA 146 40.16 -30.91 -64.72
CA ARG EA 146 39.76 -31.06 -63.33
C ARG EA 146 40.99 -31.22 -62.45
N PRO EA 147 41.19 -30.33 -61.47
CA PRO EA 147 42.54 -30.09 -60.92
C PRO EA 147 43.18 -31.24 -60.17
N GLU EA 148 42.53 -31.77 -59.16
CA GLU EA 148 43.17 -32.81 -58.37
C GLU EA 148 42.25 -34.00 -58.15
N PRO EA 149 42.55 -35.15 -58.73
CA PRO EA 149 41.89 -36.38 -58.29
C PRO EA 149 42.36 -36.78 -56.92
N ASN EA 150 41.51 -37.52 -56.22
CA ASN EA 150 41.84 -38.01 -54.89
C ASN EA 150 42.89 -39.10 -55.01
N PRO EA 151 44.03 -39.01 -54.30
CA PRO EA 151 44.97 -40.14 -54.26
C PRO EA 151 44.34 -41.36 -53.63
N GLU EA 152 44.11 -42.37 -54.46
CA GLU EA 152 43.40 -43.57 -54.07
C GLU EA 152 44.32 -44.44 -53.21
N VAL EA 153 44.04 -44.52 -51.92
CA VAL EA 153 44.83 -45.36 -51.03
C VAL EA 153 44.53 -46.82 -51.36
N GLU EA 154 45.56 -47.56 -51.74
CA GLU EA 154 45.43 -48.94 -52.16
C GLU EA 154 46.23 -49.83 -51.22
N GLY EA 155 46.33 -51.11 -51.58
CA GLY EA 155 47.03 -52.06 -50.75
C GLY EA 155 46.13 -52.66 -49.69
N ASP EA 156 46.24 -53.97 -49.49
CA ASP EA 156 45.41 -54.64 -48.48
C ASP EA 156 45.87 -54.25 -47.08
N LEU EA 157 44.98 -54.46 -46.12
CA LEU EA 157 45.21 -53.97 -44.77
C LEU EA 157 46.23 -54.84 -44.04
N LYS EA 158 47.13 -54.18 -43.34
CA LYS EA 158 48.02 -54.85 -42.41
C LYS EA 158 47.21 -55.24 -41.18
N PRO EA 159 47.72 -56.20 -40.38
CA PRO EA 159 47.03 -56.51 -39.11
C PRO EA 159 47.14 -55.40 -38.07
N ALA EA 160 46.58 -55.63 -36.90
CA ALA EA 160 46.52 -54.61 -35.86
C ALA EA 160 47.89 -54.30 -35.31
N ARG EA 161 48.13 -53.03 -35.01
CA ARG EA 161 49.43 -52.53 -34.58
C ARG EA 161 49.34 -52.09 -33.12
N HIS EA 162 50.06 -52.81 -32.26
CA HIS EA 162 50.17 -52.52 -30.81
C HIS EA 162 48.82 -52.49 -30.12
N GLY EA 163 47.88 -53.30 -30.60
CA GLY EA 163 46.53 -53.27 -30.07
C GLY EA 163 45.78 -52.01 -30.44
N SER EA 164 45.34 -51.26 -29.44
CA SER EA 164 44.45 -50.13 -29.65
C SER EA 164 45.16 -48.79 -29.74
N ARG EA 165 46.32 -48.67 -29.09
CA ARG EA 165 47.03 -47.41 -28.86
C ARG EA 165 46.17 -46.37 -28.16
N LEU EA 166 45.26 -46.81 -27.31
CA LEU EA 166 44.62 -45.92 -26.35
C LEU EA 166 45.45 -46.02 -25.06
N PHE EA 167 44.91 -45.56 -23.92
CA PHE EA 167 45.70 -45.38 -22.70
C PHE EA 167 46.20 -46.72 -22.16
N PHE EA 168 45.35 -47.73 -22.13
CA PHE EA 168 45.76 -49.12 -21.97
C PHE EA 168 44.73 -49.97 -22.71
N TRP EA 169 44.63 -51.25 -22.32
CA TRP EA 169 43.96 -52.33 -23.04
C TRP EA 169 44.61 -52.56 -24.40
N THR EA 170 45.87 -53.00 -24.34
CA THR EA 170 46.43 -53.61 -25.53
C THR EA 170 45.76 -54.97 -25.75
N MET EA 171 45.81 -55.42 -27.01
CA MET EA 171 45.01 -56.53 -27.58
C MET EA 171 43.50 -56.28 -27.48
N SER FA 3 89.96 -65.50 8.66
CA SER FA 3 90.50 -64.19 8.33
C SER FA 3 89.68 -63.50 7.25
N TRP FA 4 90.21 -62.41 6.71
CA TRP FA 4 89.52 -61.63 5.69
C TRP FA 4 90.56 -60.85 4.89
N ASP FA 5 90.10 -59.86 4.14
CA ASP FA 5 90.97 -59.01 3.34
C ASP FA 5 91.62 -57.99 4.25
N LYS FA 6 92.78 -58.35 4.80
CA LYS FA 6 93.52 -57.47 5.69
C LYS FA 6 94.50 -56.57 4.95
N ASP FA 7 94.32 -56.41 3.65
CA ASP FA 7 95.12 -55.46 2.88
C ASP FA 7 94.31 -54.29 2.34
N VAL FA 8 93.02 -54.48 2.07
CA VAL FA 8 92.15 -53.35 1.84
C VAL FA 8 91.66 -52.79 3.17
N TYR FA 9 91.79 -53.55 4.25
CA TYR FA 9 91.46 -53.10 5.59
C TYR FA 9 92.75 -52.86 6.36
N PRO FA 10 93.18 -51.62 6.54
CA PRO FA 10 94.43 -51.35 7.28
C PRO FA 10 94.27 -51.64 8.76
N GLU FA 11 95.13 -52.51 9.27
CA GLU FA 11 95.17 -52.87 10.68
C GLU FA 11 96.62 -52.84 11.15
N PRO FA 12 97.04 -51.83 11.91
CA PRO FA 12 98.41 -51.79 12.39
C PRO FA 12 98.63 -52.83 13.47
N PRO FA 13 99.87 -53.30 13.65
CA PRO FA 13 100.15 -54.26 14.72
C PRO FA 13 100.06 -53.65 16.10
N ARG FA 14 100.08 -54.51 17.10
CA ARG FA 14 99.83 -54.13 18.48
C ARG FA 14 101.14 -54.00 19.26
N ARG FA 15 101.05 -53.38 20.44
CA ARG FA 15 102.18 -53.12 21.32
C ARG FA 15 101.72 -53.44 22.74
N THR FA 16 101.96 -54.68 23.17
CA THR FA 16 101.57 -55.08 24.52
C THR FA 16 102.81 -55.16 25.40
N PRO FA 17 102.89 -54.35 26.45
CA PRO FA 17 104.01 -54.49 27.39
C PRO FA 17 103.82 -55.71 28.29
N ALA FA 18 104.87 -56.00 29.04
CA ALA FA 18 104.84 -57.11 29.99
C ALA FA 18 104.71 -56.58 31.40
N PRO FA 19 103.76 -57.08 32.19
CA PRO FA 19 103.64 -56.64 33.57
C PRO FA 19 104.78 -57.17 34.43
N SER FA 20 104.99 -56.51 35.57
CA SER FA 20 105.98 -56.93 36.54
C SER FA 20 105.60 -56.47 37.95
N PRO FA 21 104.75 -57.23 38.64
CA PRO FA 21 104.62 -57.05 40.09
C PRO FA 21 105.88 -57.55 40.79
N GLN FA 22 106.44 -56.81 41.78
CA GLN FA 22 106.10 -55.56 42.52
C GLN FA 22 104.81 -55.54 43.35
N THR FA 23 104.11 -56.67 43.48
CA THR FA 23 103.02 -56.79 44.44
C THR FA 23 103.10 -58.16 45.11
N SER FA 24 102.51 -58.25 46.30
CA SER FA 24 102.02 -59.53 46.81
C SER FA 24 100.60 -59.29 47.33
N LEU FA 25 99.65 -59.19 46.41
CA LEU FA 25 98.22 -59.31 46.70
C LEU FA 25 97.75 -60.77 46.67
N PRO FA 26 98.09 -61.59 45.64
CA PRO FA 26 98.69 -61.45 44.31
C PRO FA 26 97.70 -61.47 43.14
N ASN FA 27 97.84 -60.50 42.22
CA ASN FA 27 97.39 -60.46 40.82
C ASN FA 27 95.99 -61.03 40.59
N PRO FA 28 94.93 -60.32 40.99
CA PRO FA 28 93.58 -60.90 40.85
C PRO FA 28 93.12 -61.04 39.41
N ILE FA 29 93.67 -60.25 38.48
CA ILE FA 29 93.20 -60.32 37.10
C ILE FA 29 93.73 -61.56 36.39
N THR FA 30 94.96 -62.01 36.70
CA THR FA 30 95.50 -63.22 36.07
C THR FA 30 94.79 -64.47 36.58
N TYR FA 31 94.67 -64.59 37.91
CA TYR FA 31 93.89 -65.65 38.54
C TYR FA 31 92.46 -65.67 38.02
N LEU FA 32 91.88 -64.49 37.85
CA LEU FA 32 90.50 -64.37 37.41
C LEU FA 32 90.33 -64.75 35.95
N THR FA 33 91.27 -64.35 35.09
CA THR FA 33 91.13 -64.71 33.69
C THR FA 33 91.47 -66.18 33.43
N LYS FA 34 92.34 -66.78 34.27
CA LYS FA 34 92.57 -68.22 34.14
C LYS FA 34 91.34 -69.00 34.58
N ALA FA 35 90.67 -68.53 35.64
CA ALA FA 35 89.40 -69.13 36.06
C ALA FA 35 88.34 -68.99 34.98
N PHE FA 36 88.28 -67.83 34.34
CA PHE FA 36 87.32 -67.62 33.25
C PHE FA 36 87.61 -68.50 32.06
N ASP FA 37 88.89 -68.69 31.73
CA ASP FA 37 89.25 -69.57 30.63
C ASP FA 37 88.88 -71.01 30.93
N LEU FA 38 89.25 -71.50 32.12
CA LEU FA 38 88.98 -72.88 32.51
C LEU FA 38 87.49 -73.14 32.71
N LEU FA 39 86.70 -72.10 32.98
CA LEU FA 39 85.24 -72.28 32.99
C LEU FA 39 84.66 -72.23 31.59
N VAL FA 40 84.79 -71.10 30.91
CA VAL FA 40 83.95 -70.81 29.75
C VAL FA 40 84.61 -71.26 28.46
N ASP FA 41 85.95 -71.12 28.36
CA ASP FA 41 86.61 -71.20 27.06
C ASP FA 41 86.64 -72.62 26.53
N ARG FA 42 86.67 -73.62 27.41
CA ARG FA 42 86.74 -75.00 26.94
C ARG FA 42 85.43 -75.51 26.32
N PRO FA 43 84.24 -75.38 26.95
CA PRO FA 43 83.04 -75.91 26.29
C PRO FA 43 82.64 -75.14 25.04
N VAL FA 44 82.94 -73.83 24.98
CA VAL FA 44 82.70 -73.08 23.76
C VAL FA 44 83.56 -73.63 22.63
N THR FA 45 84.81 -73.96 22.93
CA THR FA 45 85.71 -74.54 21.94
C THR FA 45 85.24 -75.92 21.50
N LEU FA 46 84.76 -76.74 22.43
CA LEU FA 46 84.34 -78.09 22.09
C LEU FA 46 83.06 -78.10 21.27
N VAL FA 47 82.08 -77.26 21.64
CA VAL FA 47 80.84 -77.15 20.88
C VAL FA 47 81.11 -76.55 19.51
N ARG FA 48 82.04 -75.59 19.44
CA ARG FA 48 82.41 -75.01 18.15
C ARG FA 48 83.10 -76.04 17.27
N GLU FA 49 83.88 -76.94 17.86
CA GLU FA 49 84.53 -78.00 17.10
C GLU FA 49 83.50 -79.02 16.57
N PHE FA 50 82.50 -79.34 17.39
CA PHE FA 50 81.39 -80.19 16.95
C PHE FA 50 80.65 -79.58 15.77
N ILE FA 51 80.31 -78.29 15.88
CA ILE FA 51 79.60 -77.59 14.81
C ILE FA 51 80.48 -77.47 13.57
N GLU FA 52 81.78 -77.26 13.74
CA GLU FA 52 82.67 -77.14 12.59
C GLU FA 52 82.88 -78.47 11.88
N ARG FA 53 82.83 -79.59 12.60
CA ARG FA 53 82.80 -80.88 11.91
C ARG FA 53 81.50 -81.04 11.14
N GLN FA 54 80.38 -80.56 11.70
CA GLN FA 54 79.13 -80.60 10.95
C GLN FA 54 79.17 -79.68 9.73
N HIS FA 55 79.91 -78.57 9.81
CA HIS FA 55 80.20 -77.78 8.62
C HIS FA 55 81.06 -78.56 7.65
N ALA FA 56 81.98 -79.36 8.17
CA ALA FA 56 82.92 -80.09 7.33
C ALA FA 56 82.26 -81.25 6.61
N LYS FA 57 81.07 -81.68 7.05
CA LYS FA 57 80.39 -82.77 6.36
C LYS FA 57 79.87 -82.34 4.98
N ASN FA 58 79.48 -81.08 4.82
CA ASN FA 58 78.75 -80.64 3.64
C ASN FA 58 79.42 -79.42 3.00
N LYS FA 59 79.09 -79.19 1.73
CA LYS FA 59 79.76 -78.16 0.91
C LYS FA 59 78.70 -77.28 0.24
N TYR FA 60 78.60 -76.03 0.70
CA TYR FA 60 77.86 -74.99 0.01
C TYR FA 60 78.80 -73.91 -0.48
N TYR FA 61 78.35 -73.15 -1.47
CA TYR FA 61 79.14 -72.05 -2.01
C TYR FA 61 78.20 -70.95 -2.44
N TYR FA 62 78.75 -69.73 -2.54
CA TYR FA 62 78.03 -68.64 -3.16
C TYR FA 62 79.04 -67.72 -3.82
N TYR FA 63 78.61 -67.08 -4.89
CA TYR FA 63 79.51 -66.35 -5.78
C TYR FA 63 79.23 -64.86 -5.73
N HIS FA 64 80.07 -64.11 -6.42
CA HIS FA 64 79.84 -62.69 -6.64
C HIS FA 64 79.18 -62.53 -8.00
N ARG FA 65 77.94 -62.03 -8.00
CA ARG FA 65 77.23 -61.80 -9.25
C ARG FA 65 77.88 -60.63 -9.97
N GLU FA 66 78.85 -60.93 -10.82
CA GLU FA 66 79.57 -59.91 -11.57
C GLU FA 66 78.74 -59.47 -12.77
N PHE FA 67 78.93 -58.22 -13.18
CA PHE FA 67 78.18 -57.64 -14.28
C PHE FA 67 79.09 -57.27 -15.43
N ARG FA 68 78.49 -57.18 -16.61
CA ARG FA 68 79.18 -56.77 -17.82
C ARG FA 68 79.32 -55.25 -17.85
N ARG FA 69 79.68 -54.71 -19.01
CA ARG FA 69 79.87 -53.28 -19.17
C ARG FA 69 78.88 -52.75 -20.20
N VAL FA 70 78.23 -51.65 -19.87
CA VAL FA 70 77.29 -50.99 -20.77
C VAL FA 70 78.10 -50.07 -21.67
N PRO FA 71 77.60 -49.63 -22.84
CA PRO FA 71 78.37 -48.66 -23.63
C PRO FA 71 78.58 -47.32 -22.95
N ASP FA 72 77.51 -46.54 -22.77
CA ASP FA 72 77.55 -45.16 -22.28
C ASP FA 72 76.11 -44.66 -22.27
N ILE FA 73 75.91 -43.45 -21.74
CA ILE FA 73 74.72 -42.66 -22.03
C ILE FA 73 75.00 -41.55 -23.05
N THR FA 74 76.25 -41.08 -23.15
CA THR FA 74 76.57 -40.06 -24.15
C THR FA 74 76.66 -40.65 -25.54
N GLU FA 75 76.75 -41.96 -25.66
CA GLU FA 75 76.65 -42.63 -26.95
C GLU FA 75 75.21 -42.89 -27.35
N CYS FA 76 74.28 -42.93 -26.41
CA CYS FA 76 72.87 -43.03 -26.75
C CYS FA 76 72.42 -41.73 -27.40
N HIS FA 77 71.46 -41.85 -28.30
CA HIS FA 77 70.86 -40.68 -28.94
C HIS FA 77 69.75 -40.15 -28.04
N GLU FA 78 68.88 -39.31 -28.61
CA GLU FA 78 67.92 -38.54 -27.83
C GLU FA 78 66.81 -39.40 -27.25
N LYS FA 79 66.51 -40.55 -27.86
CA LYS FA 79 65.42 -41.37 -27.32
C LYS FA 79 65.87 -42.73 -26.81
N ASP FA 80 66.46 -43.59 -27.66
CA ASP FA 80 67.31 -44.76 -27.36
C ASP FA 80 67.03 -45.49 -26.06
N VAL FA 81 65.80 -45.99 -25.89
CA VAL FA 81 65.26 -46.28 -24.57
C VAL FA 81 65.98 -47.47 -23.93
N LEU FA 82 66.25 -48.51 -24.72
CA LEU FA 82 66.96 -49.67 -24.19
C LEU FA 82 68.44 -49.37 -23.96
N CYS FA 83 69.02 -48.48 -24.78
CA CYS FA 83 70.37 -47.97 -24.50
C CYS FA 83 70.39 -47.20 -23.18
N MET FA 84 69.41 -46.30 -23.02
CA MET FA 84 69.31 -45.50 -21.80
C MET FA 84 69.07 -46.36 -20.58
N PHE FA 85 68.32 -47.45 -20.73
CA PHE FA 85 67.99 -48.29 -19.59
C PHE FA 85 69.24 -48.94 -19.02
N GLU FA 86 70.08 -49.49 -19.91
CA GLU FA 86 71.35 -50.08 -19.50
C GLU FA 86 72.27 -49.05 -18.85
N ALA FA 87 72.40 -47.87 -19.50
CA ALA FA 87 73.28 -46.83 -18.99
C ALA FA 87 72.83 -46.32 -17.62
N GLU FA 88 71.53 -46.13 -17.45
CA GLU FA 88 70.97 -45.63 -16.20
C GLU FA 88 71.15 -46.63 -15.06
N MET FA 89 70.90 -47.92 -15.31
CA MET FA 89 71.03 -48.87 -14.21
C MET FA 89 72.49 -49.09 -13.84
N GLN FA 90 73.39 -49.04 -14.82
CA GLN FA 90 74.80 -49.18 -14.50
C GLN FA 90 75.31 -47.96 -13.74
N TRP FA 91 74.81 -46.77 -14.08
CA TRP FA 91 75.19 -45.57 -13.33
C TRP FA 91 74.64 -45.59 -11.92
N LYS FA 92 73.42 -46.11 -11.74
CA LYS FA 92 72.86 -46.20 -10.39
C LYS FA 92 73.63 -47.19 -9.53
N ARG FA 93 74.10 -48.29 -10.13
CA ARG FA 93 74.94 -49.21 -9.37
C ARG FA 93 76.28 -48.59 -9.05
N ASP FA 94 76.80 -47.73 -9.93
CA ASP FA 94 78.00 -46.96 -9.60
C ASP FA 94 77.76 -46.04 -8.41
N TYR FA 95 76.56 -45.44 -8.35
CA TYR FA 95 76.21 -44.58 -7.23
C TYR FA 95 76.16 -45.35 -5.92
N LYS FA 96 75.59 -46.55 -5.95
CA LYS FA 96 75.49 -47.36 -4.73
C LYS FA 96 76.85 -47.87 -4.27
N VAL FA 97 77.70 -48.30 -5.21
CA VAL FA 97 79.01 -48.76 -4.79
C VAL FA 97 79.87 -47.59 -4.34
N ASP FA 98 79.60 -46.38 -4.83
CA ASP FA 98 80.31 -45.22 -4.32
C ASP FA 98 79.86 -44.87 -2.90
N GLN FA 99 78.56 -45.06 -2.61
CA GLN FA 99 78.08 -44.97 -1.23
C GLN FA 99 78.84 -45.93 -0.32
N GLU FA 100 79.05 -47.16 -0.79
CA GLU FA 100 79.75 -48.11 0.07
C GLU FA 100 81.24 -47.79 0.19
N ILE FA 101 81.81 -47.14 -0.84
CA ILE FA 101 83.17 -46.59 -0.71
C ILE FA 101 83.23 -45.59 0.44
N VAL FA 102 82.27 -44.67 0.49
CA VAL FA 102 82.24 -43.68 1.56
C VAL FA 102 82.04 -44.33 2.92
N ASN FA 103 81.24 -45.41 2.95
CA ASN FA 103 81.05 -46.17 4.19
C ASN FA 103 82.34 -46.81 4.68
N ILE FA 104 83.12 -47.39 3.76
CA ILE FA 104 84.37 -48.04 4.14
C ILE FA 104 85.38 -47.01 4.62
N ILE FA 105 85.46 -45.85 3.96
CA ILE FA 105 86.41 -44.83 4.41
C ILE FA 105 85.96 -44.21 5.74
N GLN FA 106 84.65 -44.16 5.99
CA GLN FA 106 84.16 -43.63 7.26
C GLN FA 106 84.48 -44.57 8.42
N GLU FA 107 84.30 -45.87 8.21
CA GLU FA 107 84.73 -46.81 9.26
C GLU FA 107 86.24 -46.90 9.38
N ARG FA 108 86.98 -46.60 8.31
CA ARG FA 108 88.43 -46.48 8.42
C ARG FA 108 88.80 -45.32 9.34
N LEU FA 109 88.11 -44.19 9.21
CA LEU FA 109 88.39 -43.05 10.07
C LEU FA 109 87.98 -43.33 11.51
N LYS FA 110 86.86 -44.05 11.70
CA LYS FA 110 86.44 -44.47 13.04
C LYS FA 110 87.50 -45.36 13.69
N ALA FA 111 88.01 -46.34 12.95
CA ALA FA 111 89.01 -47.25 13.49
C ALA FA 111 90.33 -46.53 13.77
N CYS FA 112 90.68 -45.52 12.97
CA CYS FA 112 91.91 -44.78 13.24
C CYS FA 112 91.75 -43.93 14.50
N GLN FA 113 90.59 -43.30 14.67
CA GLN FA 113 90.34 -42.52 15.88
C GLN FA 113 90.31 -43.41 17.12
N GLN FA 114 89.80 -44.63 16.98
CA GLN FA 114 89.70 -45.48 18.15
C GLN FA 114 91.04 -46.12 18.52
N ARG FA 115 91.89 -46.44 17.52
CA ARG FA 115 93.19 -47.02 17.84
C ARG FA 115 94.10 -46.00 18.51
N GLU FA 116 94.28 -44.83 17.89
CA GLU FA 116 95.25 -43.86 18.37
C GLU FA 116 94.80 -43.14 19.64
N GLY FA 117 93.50 -43.04 19.88
CA GLY FA 117 92.99 -42.49 21.12
C GLY FA 117 93.27 -41.02 21.34
N GLU FA 118 94.06 -40.72 22.38
CA GLU FA 118 94.32 -39.34 22.74
C GLU FA 118 95.25 -38.66 21.75
N SER FA 119 96.12 -39.42 21.08
CA SER FA 119 96.92 -38.88 19.98
C SER FA 119 95.99 -38.70 18.79
N HIS FA 120 95.48 -37.49 18.59
CA HIS FA 120 94.46 -37.26 17.58
C HIS FA 120 95.05 -37.20 16.18
N ARG FA 121 95.90 -36.21 15.93
CA ARG FA 121 96.37 -35.98 14.57
C ARG FA 121 97.54 -36.89 14.22
N GLN FA 122 98.24 -37.42 15.22
CA GLN FA 122 99.35 -38.33 14.96
C GLN FA 122 98.81 -39.67 14.48
N ASN FA 123 99.39 -40.15 13.37
CA ASN FA 123 99.10 -41.42 12.70
C ASN FA 123 97.67 -41.50 12.17
N CYS FA 124 96.97 -40.37 12.06
CA CYS FA 124 95.65 -40.33 11.44
C CYS FA 124 95.46 -39.13 10.53
N ALA FA 125 96.45 -38.25 10.41
CA ALA FA 125 96.28 -37.04 9.60
C ALA FA 125 96.21 -37.37 8.11
N LYS FA 126 96.91 -38.42 7.68
CA LYS FA 126 96.91 -38.77 6.27
C LYS FA 126 95.66 -39.55 5.87
N GLU FA 127 95.13 -40.38 6.78
CA GLU FA 127 93.85 -41.02 6.49
C GLU FA 127 92.71 -40.02 6.54
N LEU FA 128 92.79 -39.04 7.45
CA LEU FA 128 91.86 -37.92 7.42
C LEU FA 128 92.01 -37.12 6.15
N GLN FA 129 93.24 -37.01 5.64
CA GLN FA 129 93.50 -36.26 4.42
C GLN FA 129 92.88 -36.96 3.21
N GLN FA 130 93.03 -38.28 3.12
CA GLN FA 130 92.40 -38.98 2.01
C GLN FA 130 90.89 -39.07 2.18
N PHE FA 131 90.40 -39.02 3.42
CA PHE FA 131 88.96 -38.91 3.65
C PHE FA 131 88.42 -37.61 3.09
N THR FA 132 89.11 -36.50 3.39
CA THR FA 132 88.72 -35.20 2.84
C THR FA 132 88.87 -35.17 1.33
N GLN FA 133 89.86 -35.89 0.80
CA GLN FA 133 90.04 -36.00 -0.65
C GLN FA 133 88.86 -36.67 -1.33
N VAL FA 134 88.49 -37.87 -0.85
CA VAL FA 134 87.43 -38.60 -1.49
C VAL FA 134 86.08 -37.94 -1.25
N VAL FA 135 85.92 -37.23 -0.12
CA VAL FA 135 84.66 -36.54 0.08
C VAL FA 135 84.63 -35.23 -0.71
N LYS FA 136 85.80 -34.68 -1.07
CA LYS FA 136 85.82 -33.56 -2.00
C LYS FA 136 85.35 -34.01 -3.37
N ALA FA 137 85.83 -35.18 -3.81
CA ALA FA 137 85.34 -35.77 -5.06
C ALA FA 137 83.83 -36.02 -5.01
N TYR FA 138 83.33 -36.51 -3.87
CA TYR FA 138 81.93 -36.85 -3.76
C TYR FA 138 81.04 -35.62 -3.73
N GLN FA 139 81.43 -34.61 -2.94
CA GLN FA 139 80.71 -33.35 -2.87
C GLN FA 139 80.70 -32.63 -4.21
N ASP FA 140 81.82 -32.70 -4.95
CA ASP FA 140 81.82 -32.08 -6.26
C ASP FA 140 80.95 -32.83 -7.25
N ARG FA 141 80.89 -34.15 -7.16
CA ARG FA 141 80.26 -34.93 -8.21
C ARG FA 141 78.79 -35.24 -7.93
N TYR FA 142 78.49 -35.99 -6.89
CA TYR FA 142 77.17 -36.57 -6.75
C TYR FA 142 76.24 -35.78 -5.84
N HIS FA 143 76.68 -34.64 -5.31
CA HIS FA 143 75.98 -34.10 -4.14
C HIS FA 143 74.71 -33.32 -4.49
N ASP FA 144 74.86 -32.19 -5.17
CA ASP FA 144 73.80 -31.18 -5.20
C ASP FA 144 73.03 -31.29 -6.52
N LEU FA 145 72.18 -32.32 -6.60
CA LEU FA 145 71.32 -32.49 -7.76
C LEU FA 145 69.88 -32.83 -7.44
N GLY FA 146 69.57 -33.42 -6.30
CA GLY FA 146 68.22 -33.76 -5.95
C GLY FA 146 67.99 -35.26 -5.87
N ALA FA 147 66.72 -35.64 -5.92
CA ALA FA 147 66.32 -37.04 -5.76
C ALA FA 147 65.65 -37.64 -6.98
N HIS FA 148 65.00 -36.83 -7.82
CA HIS FA 148 64.32 -37.37 -8.99
C HIS FA 148 65.23 -37.36 -10.22
N TYR FA 149 66.41 -37.91 -10.02
CA TYR FA 149 67.38 -38.14 -11.07
C TYR FA 149 67.12 -39.49 -11.71
N SER FA 150 67.58 -39.64 -12.95
CA SER FA 150 67.79 -40.97 -13.49
C SER FA 150 69.26 -41.20 -13.83
N ALA FA 151 69.82 -40.47 -14.79
CA ALA FA 151 71.25 -40.33 -14.94
C ALA FA 151 71.59 -38.95 -15.46
N ARG FA 152 70.56 -38.27 -15.96
CA ARG FA 152 70.77 -37.18 -16.90
C ARG FA 152 71.22 -35.92 -16.19
N LYS FA 153 70.75 -35.74 -14.96
CA LYS FA 153 71.04 -34.51 -14.23
C LYS FA 153 72.50 -34.44 -13.81
N CYS FA 154 73.10 -35.59 -13.49
CA CYS FA 154 74.52 -35.63 -13.21
C CYS FA 154 75.34 -35.26 -14.44
N LEU FA 155 74.86 -35.66 -15.63
CA LEU FA 155 75.50 -35.26 -16.87
C LEU FA 155 75.39 -33.76 -17.09
N ALA FA 156 74.23 -33.18 -16.78
CA ALA FA 156 74.05 -31.74 -16.94
C ALA FA 156 74.94 -30.95 -15.98
N LYS FA 157 75.03 -31.40 -14.73
CA LYS FA 157 75.89 -30.72 -13.76
C LYS FA 157 77.36 -30.88 -14.12
N GLN FA 158 77.73 -32.05 -14.65
CA GLN FA 158 79.09 -32.29 -15.13
C GLN FA 158 79.46 -31.32 -16.25
N LYS FA 159 78.53 -31.15 -17.21
CA LYS FA 159 78.75 -30.21 -18.31
C LYS FA 159 78.87 -28.78 -17.81
N GLN FA 160 77.99 -28.39 -16.89
CA GLN FA 160 77.99 -27.02 -16.38
C GLN FA 160 79.25 -26.74 -15.58
N ARG FA 161 79.71 -27.73 -14.81
CA ARG FA 161 80.90 -27.55 -13.98
C ARG FA 161 82.14 -27.42 -14.84
N MET FA 162 82.30 -28.29 -15.85
CA MET FA 162 83.50 -28.17 -16.66
C MET FA 162 83.45 -26.96 -17.58
N LEU FA 163 82.25 -26.49 -17.96
CA LEU FA 163 82.17 -25.25 -18.73
C LEU FA 163 82.56 -24.04 -17.89
N ALA FA 164 82.09 -24.02 -16.63
CA ALA FA 164 82.46 -22.93 -15.73
C ALA FA 164 83.95 -22.94 -15.44
N GLU FA 165 84.53 -24.14 -15.26
CA GLU FA 165 85.97 -24.23 -15.01
C GLU FA 165 86.78 -23.85 -16.24
N ARG FA 166 86.28 -24.20 -17.44
CA ARG FA 166 86.94 -23.82 -18.68
C ARG FA 166 87.00 -22.31 -18.83
N LYS FA 167 85.85 -21.64 -18.67
CA LYS FA 167 85.84 -20.19 -18.81
C LYS FA 167 86.61 -19.52 -17.69
N ALA FA 168 86.63 -20.11 -16.49
CA ALA FA 168 87.36 -19.55 -15.36
C ALA FA 168 88.87 -19.59 -15.62
N THR FA 169 89.40 -20.74 -16.03
CA THR FA 169 90.83 -20.80 -16.29
C THR FA 169 91.23 -20.07 -17.56
N LYS FA 170 90.32 -19.91 -18.52
CA LYS FA 170 90.68 -19.17 -19.72
C LYS FA 170 90.69 -17.67 -19.46
N GLU FA 171 89.78 -17.19 -18.62
CA GLU FA 171 89.77 -15.77 -18.30
C GLU FA 171 90.68 -15.42 -17.13
N ALA FA 172 91.22 -16.42 -16.43
CA ALA FA 172 92.24 -16.18 -15.42
C ALA FA 172 93.65 -16.51 -15.90
N ALA FA 173 93.79 -17.10 -17.09
CA ALA FA 173 95.11 -17.37 -17.66
C ALA FA 173 95.43 -16.37 -18.76
N LEU GA 1 -0.61 -64.95 -17.33
CA LEU GA 1 -1.83 -64.24 -17.70
C LEU GA 1 -1.76 -63.78 -19.15
N GLN GA 2 -2.85 -64.00 -19.89
CA GLN GA 2 -2.96 -63.55 -21.28
C GLN GA 2 -3.75 -62.24 -21.28
N TYR GA 3 -3.04 -61.15 -20.95
CA TYR GA 3 -3.65 -59.83 -20.93
C TYR GA 3 -2.65 -58.81 -21.44
N GLY GA 4 -3.11 -57.57 -21.53
CA GLY GA 4 -2.39 -56.52 -22.22
C GLY GA 4 -3.12 -56.18 -23.50
N PRO GA 5 -2.37 -55.80 -24.53
CA PRO GA 5 -3.01 -55.52 -25.82
C PRO GA 5 -3.45 -56.79 -26.53
N LEU GA 6 -2.63 -57.83 -26.43
CA LEU GA 6 -2.68 -58.96 -27.35
C LEU GA 6 -3.96 -59.78 -27.19
N ALA GA 7 -4.49 -59.84 -25.97
CA ALA GA 7 -5.77 -60.51 -25.75
C ALA GA 7 -6.90 -59.75 -26.44
N TYR GA 8 -6.84 -58.42 -26.41
CA TYR GA 8 -7.84 -57.63 -27.12
C TYR GA 8 -7.66 -57.70 -28.62
N ILE GA 9 -6.43 -57.91 -29.09
CA ILE GA 9 -6.20 -57.97 -30.53
C ILE GA 9 -6.68 -59.31 -31.09
N LEU GA 10 -6.15 -60.41 -30.56
CA LEU GA 10 -6.53 -61.72 -31.08
C LEU GA 10 -7.92 -62.11 -30.61
N GLY GA 11 -8.16 -62.06 -29.30
CA GLY GA 11 -9.45 -62.36 -28.74
C GLY GA 11 -10.52 -61.38 -29.18
N GLU GA 12 -11.76 -61.80 -29.02
CA GLU GA 12 -12.89 -61.24 -29.75
C GLU GA 12 -13.19 -59.78 -29.43
N LYS GA 13 -13.72 -59.51 -28.25
CA LYS GA 13 -14.29 -58.22 -27.87
C LYS GA 13 -14.35 -58.13 -26.35
N THR GA 14 -15.11 -57.16 -25.85
CA THR GA 14 -15.51 -57.14 -24.45
C THR GA 14 -17.00 -56.87 -24.27
N THR GA 15 -17.72 -56.54 -25.33
CA THR GA 15 -19.15 -56.26 -25.23
C THR GA 15 -19.97 -57.54 -25.20
N LYS GA 16 -19.47 -58.62 -25.81
CA LYS GA 16 -20.27 -59.82 -25.99
C LYS GA 16 -20.51 -60.59 -24.70
N LYS GA 17 -19.75 -60.33 -23.64
CA LYS GA 17 -20.01 -60.95 -22.34
C LYS GA 17 -20.86 -60.05 -21.46
N MET GA 18 -21.96 -59.55 -22.04
CA MET GA 18 -22.86 -58.58 -21.45
C MET GA 18 -24.21 -58.80 -22.12
N THR GA 19 -25.34 -58.52 -21.44
CA THR GA 19 -25.53 -58.02 -20.09
C THR GA 19 -26.85 -58.57 -19.55
N GLU GA 20 -27.39 -57.90 -18.52
CA GLU GA 20 -28.69 -58.07 -17.85
C GLU GA 20 -28.74 -59.29 -16.96
N ASN GA 21 -27.73 -60.16 -16.99
CA ASN GA 21 -27.47 -61.09 -15.91
C ASN GA 21 -26.27 -60.65 -15.10
N SER GA 22 -25.34 -59.94 -15.74
CA SER GA 22 -24.17 -59.39 -15.08
C SER GA 22 -24.44 -57.92 -14.77
N LYS GA 23 -24.53 -57.58 -13.49
CA LYS GA 23 -24.75 -56.20 -13.07
C LYS GA 23 -24.20 -56.01 -11.67
N LEU GA 24 -24.41 -54.81 -11.13
CA LEU GA 24 -23.79 -54.37 -9.88
C LEU GA 24 -24.89 -54.00 -8.89
N ILE GA 25 -25.21 -54.91 -7.97
CA ILE GA 25 -26.18 -54.57 -6.95
C ILE GA 25 -25.41 -54.41 -5.64
N THR GA 26 -25.88 -53.48 -4.81
CA THR GA 26 -25.20 -53.21 -3.55
C THR GA 26 -26.20 -53.00 -2.44
N VAL GA 27 -26.16 -53.88 -1.44
CA VAL GA 27 -26.98 -53.78 -0.26
C VAL GA 27 -26.24 -52.91 0.75
N ASP GA 28 -26.84 -51.79 1.13
CA ASP GA 28 -26.21 -50.87 2.06
C ASP GA 28 -27.19 -50.43 3.13
N GLY GA 29 -26.66 -50.10 4.29
CA GLY GA 29 -27.49 -49.66 5.38
C GLY GA 29 -26.68 -49.37 6.62
N ASN GA 30 -27.38 -49.30 7.74
CA ASN GA 30 -26.77 -49.07 9.04
C ASN GA 30 -26.18 -50.37 9.55
N ILE GA 31 -25.44 -50.30 10.67
CA ILE GA 31 -24.73 -51.47 11.17
C ILE GA 31 -25.74 -52.45 11.76
N CYS GA 32 -25.50 -53.75 11.46
CA CYS GA 32 -26.36 -54.88 11.82
C CYS GA 32 -27.78 -54.73 11.26
N SER GA 33 -27.93 -53.97 10.18
CA SER GA 33 -29.19 -53.91 9.46
C SER GA 33 -29.01 -54.36 8.01
N GLY GA 34 -28.11 -53.73 7.26
CA GLY GA 34 -27.75 -54.20 5.95
C GLY GA 34 -26.58 -55.15 6.08
N LYS GA 35 -26.87 -56.44 6.07
CA LYS GA 35 -25.86 -57.44 6.44
C LYS GA 35 -25.91 -58.56 5.41
N SER GA 36 -25.24 -59.67 5.76
CA SER GA 36 -25.10 -60.81 4.86
C SER GA 36 -26.41 -61.52 4.59
N LYS GA 37 -27.45 -61.30 5.41
CA LYS GA 37 -28.73 -61.97 5.23
C LYS GA 37 -29.37 -61.60 3.90
N LEU GA 38 -29.66 -60.32 3.71
CA LEU GA 38 -30.37 -59.86 2.52
C LEU GA 38 -29.51 -60.05 1.27
N ALA GA 39 -28.20 -59.84 1.40
CA ALA GA 39 -27.31 -59.95 0.25
C ALA GA 39 -27.14 -61.40 -0.18
N LYS GA 40 -26.96 -62.32 0.77
CA LYS GA 40 -26.86 -63.73 0.40
C LYS GA 40 -28.18 -64.27 -0.10
N GLU GA 41 -29.32 -63.76 0.40
CA GLU GA 41 -30.59 -64.25 -0.10
C GLU GA 41 -30.90 -63.72 -1.50
N VAL GA 42 -30.49 -62.51 -1.83
CA VAL GA 42 -30.66 -62.09 -3.21
C VAL GA 42 -29.61 -62.75 -4.12
N ALA GA 43 -28.46 -63.13 -3.57
CA ALA GA 43 -27.52 -63.94 -4.33
C ALA GA 43 -28.07 -65.33 -4.60
N GLU GA 44 -28.86 -65.87 -3.66
CA GLU GA 44 -29.60 -67.10 -3.90
C GLU GA 44 -30.65 -66.90 -4.99
N LYS GA 45 -31.49 -65.89 -4.83
CA LYS GA 45 -32.63 -65.67 -5.71
C LYS GA 45 -32.30 -64.81 -6.92
N LEU GA 46 -31.03 -64.73 -7.30
CA LEU GA 46 -30.66 -64.00 -8.50
C LEU GA 46 -29.80 -64.80 -9.48
N GLY GA 47 -29.12 -65.85 -9.02
CA GLY GA 47 -28.22 -66.57 -9.90
C GLY GA 47 -26.96 -65.77 -10.10
N LEU GA 48 -26.26 -65.50 -9.01
CA LEU GA 48 -25.23 -64.49 -8.95
C LEU GA 48 -24.45 -64.66 -7.65
N LYS GA 49 -23.14 -64.43 -7.70
CA LYS GA 49 -22.25 -64.75 -6.60
C LYS GA 49 -22.37 -63.73 -5.46
N HIS GA 50 -21.80 -64.09 -4.32
CA HIS GA 50 -21.81 -63.25 -3.13
C HIS GA 50 -20.40 -63.07 -2.61
N PHE GA 51 -20.15 -61.90 -2.02
CA PHE GA 51 -18.90 -61.62 -1.34
C PHE GA 51 -19.19 -61.07 0.05
N PRO GA 52 -18.45 -61.52 1.07
CA PRO GA 52 -18.73 -61.11 2.45
C PRO GA 52 -18.31 -59.68 2.76
N GLU GA 53 -18.40 -59.32 4.05
CA GLU GA 53 -17.87 -58.04 4.51
C GLU GA 53 -16.37 -57.96 4.31
N ALA GA 54 -15.87 -56.75 4.11
CA ALA GA 54 -14.44 -56.52 4.04
C ALA GA 54 -13.85 -56.60 5.44
N GLY GA 55 -13.09 -57.67 5.70
CA GLY GA 55 -12.54 -57.90 7.01
C GLY GA 55 -11.24 -57.16 7.24
N ILE GA 56 -10.75 -57.27 8.48
CA ILE GA 56 -9.47 -56.67 8.84
C ILE GA 56 -8.34 -57.36 8.10
N HIS GA 57 -8.32 -58.69 8.14
CA HIS GA 57 -7.33 -59.47 7.41
C HIS GA 57 -7.87 -59.96 6.08
N TYR GA 58 -8.69 -59.13 5.42
CA TYR GA 58 -9.18 -59.44 4.09
C TYR GA 58 -8.05 -59.51 3.08
N ALA GA 59 -6.99 -58.72 3.28
CA ALA GA 59 -5.83 -58.79 2.40
C ALA GA 59 -5.09 -60.12 2.51
N ASP GA 60 -5.22 -60.79 3.66
CA ASP GA 60 -4.73 -62.16 3.77
C ASP GA 60 -5.76 -63.17 3.33
N SER GA 61 -7.03 -62.81 3.39
CA SER GA 61 -8.10 -63.69 2.92
C SER GA 61 -8.20 -63.72 1.40
N THR GA 62 -7.58 -62.77 0.71
CA THR GA 62 -7.72 -62.66 -0.73
C THR GA 62 -6.57 -63.29 -1.51
N THR GA 63 -5.51 -63.72 -0.84
CA THR GA 63 -4.36 -64.24 -1.57
C THR GA 63 -3.66 -65.30 -0.75
N GLY GA 64 -2.94 -66.18 -1.47
CA GLY GA 64 -2.20 -67.27 -0.85
C GLY GA 64 -3.09 -68.31 -0.20
N ASP GA 65 -3.01 -68.43 1.12
CA ASP GA 65 -3.85 -69.35 1.86
C ASP GA 65 -4.77 -68.55 2.77
N GLY GA 66 -5.88 -69.18 3.17
CA GLY GA 66 -6.93 -68.50 3.92
C GLY GA 66 -6.61 -68.16 5.36
N LYS GA 67 -5.42 -68.50 5.84
CA LYS GA 67 -5.06 -68.22 7.22
C LYS GA 67 -4.81 -66.73 7.40
N PRO GA 68 -5.33 -66.13 8.46
CA PRO GA 68 -5.05 -64.73 8.75
C PRO GA 68 -3.68 -64.57 9.38
N LEU GA 69 -3.30 -63.34 9.61
CA LEU GA 69 -2.07 -62.96 10.28
C LEU GA 69 -2.43 -62.17 11.53
N PRO GA 70 -1.57 -62.15 12.55
CA PRO GA 70 -1.84 -61.30 13.72
C PRO GA 70 -1.73 -59.82 13.38
N VAL GA 71 -2.05 -59.00 14.39
CA VAL GA 71 -2.27 -57.57 14.19
C VAL GA 71 -1.02 -56.77 13.85
N ARG GA 72 0.16 -57.40 13.89
CA ARG GA 72 1.38 -56.70 13.51
C ARG GA 72 1.40 -56.39 12.02
N PHE GA 73 0.80 -57.25 11.20
CA PHE GA 73 0.80 -57.08 9.75
C PHE GA 73 -0.52 -56.53 9.23
N SER GA 74 -1.65 -56.97 9.80
CA SER GA 74 -2.95 -56.58 9.33
C SER GA 74 -3.51 -55.39 10.10
N GLY GA 75 -2.72 -54.78 10.96
CA GLY GA 75 -3.24 -53.73 11.81
C GLY GA 75 -2.45 -52.44 11.78
N ASN GA 76 -2.22 -51.80 12.93
CA ASN GA 76 -2.68 -52.30 14.23
C ASN GA 76 -4.05 -51.71 14.57
N CYS GA 77 -5.10 -52.44 14.17
CA CYS GA 77 -6.44 -51.88 14.15
C CYS GA 77 -7.09 -51.98 15.53
N SER GA 78 -7.24 -53.20 16.04
CA SER GA 78 -7.88 -53.53 17.33
C SER GA 78 -9.31 -52.99 17.37
N LEU GA 79 -10.13 -53.57 16.48
CA LEU GA 79 -11.49 -53.10 16.26
C LEU GA 79 -12.36 -53.25 17.50
N GLU GA 80 -12.12 -54.31 18.28
CA GLU GA 80 -12.82 -54.45 19.55
C GLU GA 80 -12.34 -53.40 20.55
N LYS GA 81 -11.04 -53.16 20.60
CA LYS GA 81 -10.50 -52.08 21.42
C LYS GA 81 -10.90 -50.71 20.89
N PHE GA 82 -11.14 -50.61 19.58
CA PHE GA 82 -11.66 -49.36 19.04
C PHE GA 82 -13.09 -49.10 19.49
N TYR GA 83 -13.93 -50.14 19.45
CA TYR GA 83 -15.29 -49.98 19.94
C TYR GA 83 -15.34 -49.76 21.43
N ASP GA 84 -14.34 -50.28 22.17
CA ASP GA 84 -14.24 -49.99 23.59
C ASP GA 84 -13.88 -48.53 23.82
N ASP GA 85 -12.71 -48.10 23.31
CA ASP GA 85 -12.21 -46.76 23.55
C ASP GA 85 -11.78 -46.14 22.22
N PRO GA 86 -12.67 -45.42 21.56
CA PRO GA 86 -12.26 -44.67 20.37
C PRO GA 86 -11.69 -43.30 20.68
N LYS GA 87 -10.84 -43.21 21.70
CA LYS GA 87 -10.24 -41.93 22.11
C LYS GA 87 -8.79 -42.10 22.52
N SER GA 88 -8.08 -43.06 21.92
CA SER GA 88 -6.68 -43.28 22.27
C SER GA 88 -5.82 -42.21 21.61
N ASN GA 89 -5.12 -41.42 22.42
CA ASN GA 89 -4.23 -40.40 21.91
C ASN GA 89 -2.98 -40.98 21.25
N ASP GA 90 -2.69 -42.26 21.46
CA ASP GA 90 -1.62 -42.93 20.73
C ASP GA 90 -1.99 -43.15 19.27
N GLY GA 91 -3.27 -43.16 18.94
CA GLY GA 91 -3.69 -43.29 17.56
C GLY GA 91 -4.14 -44.69 17.21
N ASN GA 92 -5.44 -44.91 17.18
CA ASN GA 92 -6.00 -46.20 16.80
C ASN GA 92 -7.23 -46.05 15.92
N SER GA 93 -7.84 -44.87 15.85
CA SER GA 93 -9.05 -44.69 15.08
C SER GA 93 -8.75 -44.64 13.58
N TYR GA 94 -7.92 -43.69 13.17
CA TYR GA 94 -7.73 -43.44 11.75
C TYR GA 94 -6.87 -44.50 11.08
N ARG GA 95 -5.95 -45.12 11.82
CA ARG GA 95 -5.19 -46.23 11.28
C ARG GA 95 -6.11 -47.38 10.90
N LEU GA 96 -7.06 -47.68 11.79
CA LEU GA 96 -8.14 -48.62 11.49
C LEU GA 96 -8.97 -48.13 10.31
N GLN GA 97 -9.22 -46.83 10.21
CA GLN GA 97 -10.08 -46.32 9.16
C GLN GA 97 -9.40 -46.42 7.79
N ALA GA 98 -8.11 -46.15 7.73
CA ALA GA 98 -7.37 -46.26 6.48
C ALA GA 98 -7.22 -47.72 6.07
N TRP GA 99 -7.07 -48.62 7.05
CA TRP GA 99 -7.06 -50.04 6.73
C TRP GA 99 -8.41 -50.49 6.17
N LEU GA 100 -9.49 -49.93 6.72
CA LEU GA 100 -10.83 -50.16 6.17
C LEU GA 100 -10.93 -49.65 4.74
N TYR GA 101 -10.36 -48.48 4.48
CA TYR GA 101 -10.44 -47.90 3.14
C TYR GA 101 -9.70 -48.77 2.14
N ALA GA 102 -8.54 -49.30 2.54
CA ALA GA 102 -7.79 -50.19 1.68
C ALA GA 102 -8.55 -51.49 1.44
N SER GA 103 -9.22 -52.02 2.48
CA SER GA 103 -9.91 -53.30 2.31
C SER GA 103 -11.15 -53.16 1.43
N ARG GA 104 -11.90 -52.07 1.62
CA ARG GA 104 -13.06 -51.81 0.77
C ARG GA 104 -12.65 -51.54 -0.67
N LEU GA 105 -11.55 -50.81 -0.87
CA LEU GA 105 -11.07 -50.56 -2.23
C LEU GA 105 -10.59 -51.84 -2.90
N LEU GA 106 -9.95 -52.71 -2.13
CA LEU GA 106 -9.49 -53.99 -2.66
C LEU GA 106 -10.65 -54.87 -3.10
N GLN GA 107 -11.65 -55.03 -2.22
CA GLN GA 107 -12.78 -55.89 -2.59
C GLN GA 107 -13.63 -55.25 -3.68
N TYR GA 108 -13.64 -53.92 -3.77
CA TYR GA 108 -14.35 -53.26 -4.86
C TYR GA 108 -13.66 -53.51 -6.20
N ALA GA 109 -12.32 -53.42 -6.22
CA ALA GA 109 -11.59 -53.75 -7.44
C ALA GA 109 -11.74 -55.22 -7.79
N ASP GA 110 -11.81 -56.09 -6.79
CA ASP GA 110 -12.05 -57.51 -7.02
C ASP GA 110 -13.40 -57.74 -7.66
N ALA GA 111 -14.43 -57.02 -7.20
CA ALA GA 111 -15.76 -57.18 -7.75
C ALA GA 111 -15.84 -56.64 -9.18
N LEU GA 112 -15.13 -55.54 -9.46
CA LEU GA 112 -15.10 -55.02 -10.82
C LEU GA 112 -14.36 -56.00 -11.74
N GLU GA 113 -13.30 -56.63 -11.24
CA GLU GA 113 -12.55 -57.60 -12.03
C GLU GA 113 -13.38 -58.84 -12.31
N HIS GA 114 -14.15 -59.30 -11.31
CA HIS GA 114 -15.02 -60.43 -11.51
C HIS GA 114 -16.17 -60.10 -12.44
N LEU GA 115 -16.60 -58.84 -12.46
CA LEU GA 115 -17.62 -58.43 -13.42
C LEU GA 115 -17.06 -58.43 -14.84
N LEU GA 116 -15.85 -57.92 -15.02
CA LEU GA 116 -15.24 -57.92 -16.35
C LEU GA 116 -14.86 -59.30 -16.82
N SER GA 117 -14.61 -60.25 -15.91
CA SER GA 117 -14.35 -61.63 -16.29
C SER GA 117 -15.69 -62.36 -16.45
N THR GA 118 -16.40 -62.00 -17.53
CA THR GA 118 -17.58 -62.67 -18.10
C THR GA 118 -18.83 -62.50 -17.23
N GLY GA 119 -18.66 -61.95 -16.02
CA GLY GA 119 -19.76 -61.89 -15.08
C GLY GA 119 -19.60 -62.88 -13.95
N GLN GA 120 -20.69 -63.34 -13.35
CA GLN GA 120 -22.05 -63.07 -13.83
C GLN GA 120 -22.73 -61.99 -13.00
N GLY GA 121 -21.98 -60.94 -12.68
CA GLY GA 121 -22.47 -59.87 -11.84
C GLY GA 121 -22.19 -60.13 -10.38
N VAL GA 122 -22.22 -59.05 -9.59
CA VAL GA 122 -21.91 -59.18 -8.18
C VAL GA 122 -22.91 -58.41 -7.31
N VAL GA 123 -23.09 -58.93 -6.10
CA VAL GA 123 -23.66 -58.21 -4.99
C VAL GA 123 -22.50 -57.72 -4.12
N LEU GA 124 -22.63 -56.51 -3.60
CA LEU GA 124 -21.65 -55.96 -2.67
C LEU GA 124 -22.36 -55.38 -1.45
N GLU GA 125 -21.57 -55.18 -0.41
CA GLU GA 125 -22.05 -54.55 0.81
C GLU GA 125 -20.92 -53.70 1.37
N ARG GA 126 -21.31 -52.59 2.02
CA ARG GA 126 -20.41 -51.66 2.70
C ARG GA 126 -19.39 -51.08 1.71
N SER GA 127 -19.92 -50.28 0.79
CA SER GA 127 -19.13 -49.73 -0.30
C SER GA 127 -18.20 -48.62 0.19
N ILE GA 128 -17.48 -48.01 -0.75
CA ILE GA 128 -16.54 -46.96 -0.44
C ILE GA 128 -17.25 -45.64 -0.14
N TYR GA 129 -18.49 -45.51 -0.61
CA TYR GA 129 -19.24 -44.29 -0.40
C TYR GA 129 -19.70 -44.19 1.04
N SER GA 130 -20.28 -45.28 1.54
CA SER GA 130 -20.58 -45.42 2.96
C SER GA 130 -19.33 -45.37 3.82
N ASP GA 131 -18.17 -45.72 3.27
CA ASP GA 131 -16.92 -45.58 4.01
C ASP GA 131 -16.61 -44.12 4.31
N PHE GA 132 -16.66 -43.25 3.28
CA PHE GA 132 -16.34 -41.87 3.62
C PHE GA 132 -17.47 -41.21 4.41
N VAL GA 133 -18.70 -41.69 4.26
CA VAL GA 133 -19.79 -41.22 5.11
C VAL GA 133 -19.57 -41.63 6.57
N PHE GA 134 -19.02 -42.83 6.78
CA PHE GA 134 -18.73 -43.29 8.14
C PHE GA 134 -17.64 -42.47 8.79
N LEU GA 135 -16.60 -42.11 8.03
CA LEU GA 135 -15.56 -41.28 8.66
C LEU GA 135 -16.06 -39.85 8.87
N GLU GA 136 -16.97 -39.38 8.01
CA GLU GA 136 -17.66 -38.11 8.27
C GLU GA 136 -18.42 -38.14 9.60
N ALA GA 137 -19.16 -39.22 9.84
CA ALA GA 137 -19.92 -39.34 11.08
C ALA GA 137 -19.00 -39.50 12.29
N MET GA 138 -17.89 -40.19 12.12
CA MET GA 138 -16.94 -40.34 13.22
C MET GA 138 -16.29 -39.00 13.55
N TYR GA 139 -16.09 -38.15 12.54
CA TYR GA 139 -15.66 -36.79 12.81
C TYR GA 139 -16.75 -35.97 13.48
N ARG GA 140 -18.01 -36.25 13.15
CA ARG GA 140 -19.12 -35.58 13.84
C ARG GA 140 -19.17 -35.95 15.31
N GLN GA 141 -18.70 -37.14 15.67
CA GLN GA 141 -18.52 -37.43 17.09
C GLN GA 141 -17.24 -36.85 17.67
N GLY GA 142 -16.39 -36.23 16.86
CA GLY GA 142 -15.22 -35.55 17.37
C GLY GA 142 -14.14 -36.47 17.91
N PHE GA 143 -13.78 -37.47 17.13
CA PHE GA 143 -12.73 -38.41 17.53
C PHE GA 143 -11.40 -38.17 16.83
N ILE GA 144 -11.41 -37.49 15.69
CA ILE GA 144 -10.22 -37.30 14.85
C ILE GA 144 -10.11 -35.82 14.52
N ARG GA 145 -8.89 -35.31 14.52
CA ARG GA 145 -8.62 -33.94 14.10
C ARG GA 145 -9.01 -33.74 12.63
N LYS GA 146 -9.50 -32.52 12.34
CA LYS GA 146 -10.06 -32.18 11.04
C LYS GA 146 -9.02 -32.27 9.91
N GLN GA 147 -7.76 -32.01 10.23
CA GLN GA 147 -6.66 -32.13 9.27
C GLN GA 147 -6.59 -33.52 8.65
N CYS GA 148 -6.77 -34.54 9.49
CA CYS GA 148 -6.69 -35.90 9.02
C CYS GA 148 -7.92 -36.26 8.19
N VAL GA 149 -9.05 -35.63 8.49
CA VAL GA 149 -10.25 -35.78 7.68
C VAL GA 149 -10.03 -35.19 6.29
N ASP GA 150 -9.33 -34.05 6.23
CA ASP GA 150 -9.00 -33.46 4.94
C ASP GA 150 -8.03 -34.34 4.16
N HIS GA 151 -7.11 -35.00 4.88
CA HIS GA 151 -6.24 -36.00 4.26
C HIS GA 151 -7.02 -37.12 3.61
N TYR GA 152 -7.98 -37.68 4.35
CA TYR GA 152 -8.81 -38.77 3.83
C TYR GA 152 -9.68 -38.30 2.67
N ASN GA 153 -10.15 -37.06 2.73
CA ASN GA 153 -10.95 -36.52 1.64
C ASN GA 153 -10.10 -36.32 0.40
N GLN GA 154 -8.82 -35.98 0.56
CA GLN GA 154 -7.92 -35.89 -0.60
C GLN GA 154 -7.64 -37.27 -1.19
N VAL GA 155 -7.53 -38.29 -0.32
CA VAL GA 155 -7.40 -39.67 -0.80
C VAL GA 155 -8.62 -40.08 -1.62
N LYS GA 156 -9.81 -39.69 -1.14
CA LYS GA 156 -11.05 -39.91 -1.88
C LYS GA 156 -11.04 -39.19 -3.23
N LYS GA 157 -10.60 -37.93 -3.24
CA LYS GA 157 -10.58 -37.15 -4.48
C LYS GA 157 -9.55 -37.64 -5.48
N VAL GA 158 -8.55 -38.40 -5.02
CA VAL GA 158 -7.60 -39.02 -5.95
C VAL GA 158 -8.13 -40.35 -6.46
N THR GA 159 -8.62 -41.22 -5.57
CA THR GA 159 -8.85 -42.61 -5.92
C THR GA 159 -10.17 -42.83 -6.66
N VAL GA 160 -11.29 -42.42 -6.07
CA VAL GA 160 -12.60 -42.88 -6.51
C VAL GA 160 -13.06 -42.06 -7.71
N CYS GA 161 -12.36 -40.95 -7.98
CA CYS GA 161 -12.72 -40.07 -9.08
C CYS GA 161 -12.32 -40.61 -10.46
N GLU GA 162 -11.87 -41.86 -10.55
CA GLU GA 162 -11.46 -42.45 -11.80
C GLU GA 162 -12.09 -43.81 -12.07
N TYR GA 163 -13.01 -44.26 -11.23
CA TYR GA 163 -13.60 -45.59 -11.34
C TYR GA 163 -15.06 -45.47 -11.77
N LEU GA 164 -15.70 -46.63 -11.91
CA LEU GA 164 -17.10 -46.48 -12.26
C LEU GA 164 -17.99 -46.82 -11.08
N PRO GA 165 -19.05 -46.04 -10.87
CA PRO GA 165 -19.96 -46.29 -9.76
C PRO GA 165 -20.78 -47.55 -9.98
N PRO GA 166 -21.36 -48.11 -8.92
CA PRO GA 166 -22.20 -49.31 -9.10
C PRO GA 166 -23.50 -49.00 -9.82
N HIS GA 167 -24.20 -50.07 -10.20
CA HIS GA 167 -25.44 -49.91 -10.95
C HIS GA 167 -26.60 -49.50 -10.05
N VAL GA 168 -26.95 -50.34 -9.08
CA VAL GA 168 -28.06 -50.05 -8.18
C VAL GA 168 -27.68 -50.30 -6.74
N VAL GA 169 -28.22 -49.47 -5.84
CA VAL GA 169 -27.96 -49.53 -4.41
C VAL GA 169 -29.30 -49.64 -3.70
N ILE GA 170 -29.41 -50.62 -2.81
CA ILE GA 170 -30.62 -50.84 -2.04
C ILE GA 170 -30.33 -50.49 -0.60
N TYR GA 171 -31.03 -49.51 -0.07
CA TYR GA 171 -30.85 -49.02 1.28
C TYR GA 171 -31.83 -49.67 2.24
N VAL GA 172 -31.31 -50.05 3.41
CA VAL GA 172 -32.12 -50.59 4.49
C VAL GA 172 -32.25 -49.52 5.56
N ASP GA 173 -33.49 -49.27 6.00
CA ASP GA 173 -33.77 -48.25 7.02
C ASP GA 173 -34.25 -48.94 8.28
N VAL GA 174 -33.42 -48.88 9.33
CA VAL GA 174 -33.81 -49.33 10.66
C VAL GA 174 -33.45 -48.20 11.63
N PRO GA 175 -34.35 -47.77 12.51
CA PRO GA 175 -34.02 -46.67 13.45
C PRO GA 175 -33.02 -47.05 14.54
N VAL GA 176 -32.74 -46.10 15.44
CA VAL GA 176 -31.69 -46.28 16.45
C VAL GA 176 -32.05 -47.36 17.45
N SER GA 177 -33.31 -47.37 17.89
CA SER GA 177 -33.74 -48.23 18.99
C SER GA 177 -33.66 -49.71 18.60
N GLU GA 178 -34.08 -50.03 17.38
CA GLU GA 178 -34.12 -51.42 16.97
C GLU GA 178 -32.71 -51.95 16.65
N VAL GA 179 -31.85 -51.10 16.11
CA VAL GA 179 -30.45 -51.47 15.88
C VAL GA 179 -29.74 -51.70 17.20
N GLN GA 180 -29.98 -50.82 18.18
CA GLN GA 180 -29.39 -50.99 19.50
C GLN GA 180 -29.93 -52.22 20.20
N SER GA 181 -31.19 -52.57 19.96
CA SER GA 181 -31.74 -53.82 20.49
C SER GA 181 -31.09 -55.03 19.83
N ARG GA 182 -30.83 -54.96 18.52
CA ARG GA 182 -30.19 -56.08 17.82
C ARG GA 182 -28.76 -56.29 18.28
N ILE GA 183 -28.03 -55.20 18.53
CA ILE GA 183 -26.66 -55.36 19.01
C ILE GA 183 -26.65 -55.75 20.49
N GLN GA 184 -27.73 -55.47 21.23
CA GLN GA 184 -27.88 -56.09 22.54
C GLN GA 184 -28.15 -57.58 22.43
N LYS GA 185 -28.90 -57.99 21.40
CA LYS GA 185 -29.20 -59.41 21.21
C LYS GA 185 -27.97 -60.19 20.76
N LYS GA 186 -27.06 -59.54 20.03
CA LYS GA 186 -25.80 -60.22 19.70
C LYS GA 186 -24.94 -60.41 20.95
N GLY GA 187 -24.87 -59.40 21.80
CA GLY GA 187 -24.32 -59.58 23.12
C GLY GA 187 -22.81 -59.56 23.23
N ASN GA 188 -22.11 -59.02 22.24
CA ASN GA 188 -20.69 -58.76 22.40
C ASN GA 188 -20.53 -57.55 23.32
N PRO GA 189 -19.87 -57.69 24.48
CA PRO GA 189 -19.74 -56.55 25.39
C PRO GA 189 -18.89 -55.43 24.81
N HIS GA 190 -17.89 -55.78 24.00
CA HIS GA 190 -17.13 -54.79 23.24
C HIS GA 190 -18.01 -54.05 22.25
N GLU GA 191 -19.07 -54.70 21.77
CA GLU GA 191 -20.08 -54.06 20.95
C GLU GA 191 -21.24 -53.52 21.77
N MET GA 192 -21.40 -53.97 23.02
CA MET GA 192 -22.34 -53.32 23.93
C MET GA 192 -21.86 -51.93 24.30
N LYS GA 193 -20.55 -51.72 24.34
CA LYS GA 193 -20.00 -50.42 24.74
C LYS GA 193 -20.16 -49.34 23.67
N ILE GA 194 -20.82 -49.60 22.54
CA ILE GA 194 -21.10 -48.53 21.60
C ILE GA 194 -22.21 -47.66 22.16
N THR GA 195 -22.22 -46.38 21.78
CA THR GA 195 -23.16 -45.42 22.33
C THR GA 195 -24.25 -45.09 21.30
N SER GA 196 -25.18 -44.24 21.72
CA SER GA 196 -26.37 -43.95 20.92
C SER GA 196 -26.14 -42.86 19.89
N ALA GA 197 -25.62 -41.71 20.30
CA ALA GA 197 -25.52 -40.56 19.41
C ALA GA 197 -24.49 -40.76 18.30
N TYR GA 198 -23.52 -41.64 18.49
CA TYR GA 198 -22.65 -42.07 17.39
C TYR GA 198 -23.46 -42.72 16.28
N LEU GA 199 -24.33 -43.66 16.67
CA LEU GA 199 -25.24 -44.30 15.72
C LEU GA 199 -26.23 -43.31 15.13
N GLN GA 200 -26.65 -42.33 15.94
CA GLN GA 200 -27.57 -41.30 15.48
C GLN GA 200 -26.93 -40.41 14.43
N ASP GA 201 -25.67 -40.01 14.65
CA ASP GA 201 -24.96 -39.21 13.65
C ASP GA 201 -24.67 -40.01 12.40
N ILE GA 202 -24.42 -41.31 12.55
CA ILE GA 202 -24.31 -42.21 11.40
C ILE GA 202 -25.58 -42.17 10.57
N GLU GA 203 -26.75 -42.29 11.22
CA GLU GA 203 -28.01 -42.26 10.50
C GLU GA 203 -28.27 -40.89 9.87
N ASN GA 204 -27.91 -39.82 10.58
CA ASN GA 204 -28.16 -38.47 10.11
C ASN GA 204 -27.35 -38.15 8.86
N VAL GA 205 -26.05 -38.44 8.89
CA VAL GA 205 -25.21 -38.16 7.72
C VAL GA 205 -25.53 -39.15 6.60
N TYR GA 206 -25.83 -40.40 6.95
CA TYR GA 206 -26.01 -41.48 6.00
C TYR GA 206 -27.38 -41.49 5.35
N LYS GA 207 -28.31 -40.67 5.85
CA LYS GA 207 -29.55 -40.40 5.15
C LYS GA 207 -29.56 -39.02 4.53
N GLY GA 208 -29.31 -37.98 5.34
CA GLY GA 208 -29.48 -36.61 4.92
C GLY GA 208 -28.47 -36.10 3.91
N THR GA 209 -27.43 -36.87 3.63
CA THR GA 209 -26.46 -36.51 2.60
C THR GA 209 -26.31 -37.59 1.55
N PHE GA 210 -26.29 -38.86 1.95
CA PHE GA 210 -25.92 -39.96 1.05
C PHE GA 210 -26.95 -40.17 -0.05
N LEU GA 211 -28.22 -40.05 0.26
CA LEU GA 211 -29.21 -40.14 -0.80
C LEU GA 211 -29.20 -38.88 -1.67
N PRO GA 212 -28.97 -37.67 -1.14
CA PRO GA 212 -28.54 -36.58 -2.04
C PRO GA 212 -27.18 -36.79 -2.68
N GLU GA 213 -26.26 -37.56 -2.07
CA GLU GA 213 -25.01 -37.89 -2.75
C GLU GA 213 -25.25 -38.80 -3.95
N MET GA 214 -26.37 -39.52 -3.99
CA MET GA 214 -26.68 -40.36 -5.13
C MET GA 214 -26.95 -39.53 -6.38
N SER GA 215 -27.89 -38.58 -6.29
CA SER GA 215 -28.37 -37.77 -7.41
C SER GA 215 -28.86 -38.64 -8.56
N GLU GA 216 -29.52 -39.75 -8.18
CA GLU GA 216 -30.10 -40.80 -9.03
C GLU GA 216 -29.05 -41.64 -9.77
N LYS GA 217 -27.77 -41.28 -9.67
CA LYS GA 217 -26.72 -42.24 -9.97
C LYS GA 217 -26.76 -43.30 -8.89
N CYS GA 218 -26.47 -44.54 -9.29
CA CYS GA 218 -26.55 -45.73 -8.42
C CYS GA 218 -27.96 -45.87 -7.85
N GLU GA 219 -28.90 -46.19 -8.75
CA GLU GA 219 -30.35 -46.13 -8.50
C GLU GA 219 -30.75 -46.91 -7.25
N VAL GA 220 -31.45 -46.22 -6.35
CA VAL GA 220 -31.62 -46.66 -4.97
C VAL GA 220 -33.02 -47.21 -4.77
N LEU GA 221 -33.09 -48.37 -4.13
CA LEU GA 221 -34.27 -48.78 -3.41
C LEU GA 221 -34.13 -48.34 -1.96
N GLN GA 222 -35.25 -48.28 -1.25
CA GLN GA 222 -35.23 -47.83 0.14
C GLN GA 222 -36.33 -48.57 0.88
N TYR GA 223 -35.95 -49.57 1.66
CA TYR GA 223 -36.91 -50.42 2.35
C TYR GA 223 -36.82 -50.22 3.85
N SER GA 224 -37.84 -50.70 4.56
CA SER GA 224 -37.93 -50.51 6.00
C SER GA 224 -37.19 -51.64 6.73
N ALA GA 225 -37.40 -51.72 8.05
CA ALA GA 225 -36.76 -52.74 8.86
C ALA GA 225 -37.33 -54.13 8.55
N TRP GA 226 -38.63 -54.29 8.77
CA TRP GA 226 -39.33 -55.54 8.50
C TRP GA 226 -39.55 -55.78 7.01
N GLU GA 227 -39.22 -54.82 6.15
CA GLU GA 227 -39.26 -55.00 4.71
C GLU GA 227 -37.98 -55.63 4.20
N ALA GA 228 -37.63 -56.77 4.79
CA ALA GA 228 -36.44 -57.52 4.45
C ALA GA 228 -36.73 -58.98 4.78
N GLU GA 229 -36.43 -59.86 3.82
CA GLU GA 229 -36.72 -61.30 3.87
C GLU GA 229 -38.22 -61.57 4.10
N ASP GA 230 -39.10 -61.27 3.11
CA ASP GA 230 -39.05 -60.48 1.84
C ASP GA 230 -37.94 -60.66 0.79
N ALA GA 231 -37.89 -61.84 0.17
CA ALA GA 231 -36.99 -62.04 -0.95
C ALA GA 231 -37.65 -61.64 -2.27
N GLU GA 232 -38.91 -62.01 -2.45
CA GLU GA 232 -39.58 -61.85 -3.74
C GLU GA 232 -39.73 -60.38 -4.13
N LYS GA 233 -40.03 -59.53 -3.14
CA LYS GA 233 -40.26 -58.11 -3.41
C LYS GA 233 -38.99 -57.44 -3.89
N VAL GA 234 -37.88 -57.65 -3.18
CA VAL GA 234 -36.64 -56.97 -3.54
C VAL GA 234 -36.06 -57.55 -4.83
N VAL GA 235 -36.20 -58.87 -5.03
CA VAL GA 235 -35.69 -59.47 -6.26
C VAL GA 235 -36.51 -59.02 -7.46
N GLU GA 236 -37.83 -58.92 -7.30
CA GLU GA 236 -38.67 -58.51 -8.42
C GLU GA 236 -38.52 -57.03 -8.74
N ASP GA 237 -38.30 -56.19 -7.72
CA ASP GA 237 -38.05 -54.78 -7.95
C ASP GA 237 -36.70 -54.56 -8.64
N ILE GA 238 -35.72 -55.42 -8.37
CA ILE GA 238 -34.52 -55.43 -9.20
C ILE GA 238 -34.87 -55.85 -10.62
N GLN GA 239 -35.62 -56.93 -10.75
CA GLN GA 239 -35.89 -57.55 -12.04
C GLN GA 239 -36.92 -56.80 -12.88
N TYR GA 240 -37.43 -55.65 -12.45
CA TYR GA 240 -38.26 -54.88 -13.37
C TYR GA 240 -37.45 -54.36 -14.55
N LEU GA 241 -36.76 -53.23 -14.31
CA LEU GA 241 -35.64 -52.63 -15.04
C LEU GA 241 -35.38 -51.28 -14.42
N LYS GA 242 -34.18 -50.72 -14.62
CA LYS GA 242 -33.96 -49.37 -15.13
C LYS GA 242 -32.48 -49.10 -15.37
N TYR GA 243 -32.13 -48.64 -16.57
CA TYR GA 243 -30.77 -48.23 -16.93
C TYR GA 243 -30.87 -46.78 -17.43
N ASP GA 244 -30.80 -45.83 -16.49
CA ASP GA 244 -31.10 -44.43 -16.78
C ASP GA 244 -29.92 -43.50 -16.54
N LYS GA 245 -29.33 -43.53 -15.35
CA LYS GA 245 -28.31 -42.57 -14.99
C LYS GA 245 -26.93 -43.21 -15.04
N GLY GA 246 -25.92 -42.47 -14.57
CA GLY GA 246 -24.58 -42.98 -14.48
C GLY GA 246 -23.87 -42.99 -15.81
N PRO GA 247 -22.56 -43.26 -15.79
CA PRO GA 247 -21.81 -43.33 -17.04
C PRO GA 247 -21.98 -44.64 -17.79
N TRP GA 248 -22.81 -45.54 -17.31
CA TRP GA 248 -22.96 -46.88 -17.86
C TRP GA 248 -23.76 -46.94 -19.15
N LEU GA 249 -24.23 -45.79 -19.64
CA LEU GA 249 -24.92 -45.77 -20.92
C LEU GA 249 -23.96 -46.07 -22.06
N ASP GA 250 -22.81 -45.39 -22.06
CA ASP GA 250 -21.80 -45.54 -23.10
C ASP GA 250 -20.43 -45.66 -22.46
N GLN GA 251 -19.60 -46.55 -22.99
CA GLN GA 251 -18.22 -46.64 -22.57
C GLN GA 251 -17.19 -46.35 -23.67
N ASP GA 252 -17.21 -47.00 -24.86
CA ASP GA 252 -18.07 -48.05 -25.41
C ASP GA 252 -17.48 -49.40 -25.08
N ASP GA 253 -16.25 -49.60 -25.57
CA ASP GA 253 -15.51 -50.85 -25.38
C ASP GA 253 -14.14 -50.49 -24.85
N ARG GA 254 -13.67 -49.31 -25.25
CA ARG GA 254 -12.28 -48.92 -25.05
C ARG GA 254 -12.02 -48.52 -23.61
N LYS GA 255 -12.97 -47.82 -22.98
CA LYS GA 255 -12.82 -47.53 -21.55
C LYS GA 255 -12.98 -48.78 -20.71
N LEU GA 256 -13.77 -49.74 -21.20
CA LEU GA 256 -13.82 -51.05 -20.54
C LEU GA 256 -12.49 -51.75 -20.62
N HIS GA 257 -11.80 -51.63 -21.77
CA HIS GA 257 -10.47 -52.19 -21.92
C HIS GA 257 -9.47 -51.49 -21.00
N ASN GA 258 -9.60 -50.17 -20.86
CA ASN GA 258 -8.73 -49.41 -19.98
C ASN GA 258 -8.92 -49.80 -18.53
N LEU GA 259 -10.17 -50.01 -18.12
CA LEU GA 259 -10.41 -50.41 -16.74
C LEU GA 259 -9.99 -51.85 -16.49
N ARG GA 260 -10.13 -52.73 -17.50
CA ARG GA 260 -9.65 -54.10 -17.34
C ARG GA 260 -8.13 -54.13 -17.15
N MET GA 261 -7.42 -53.34 -17.93
CA MET GA 261 -5.98 -53.32 -17.76
C MET GA 261 -5.53 -52.38 -16.64
N LEU GA 262 -6.45 -51.68 -15.98
CA LEU GA 262 -6.12 -50.96 -14.77
C LEU GA 262 -6.35 -51.76 -13.52
N VAL GA 263 -7.35 -52.65 -13.51
CA VAL GA 263 -7.67 -53.38 -12.28
C VAL GA 263 -6.63 -54.44 -11.99
N GLN GA 264 -6.19 -55.17 -13.02
CA GLN GA 264 -5.12 -56.15 -12.85
C GLN GA 264 -3.82 -55.44 -12.46
N ASP GA 265 -2.94 -56.21 -11.80
CA ASP GA 265 -1.75 -55.72 -11.11
C ASP GA 265 -2.15 -54.66 -10.07
N LYS GA 266 -2.84 -55.14 -9.04
CA LYS GA 266 -3.56 -54.33 -8.05
C LYS GA 266 -2.67 -53.34 -7.28
N LEU GA 267 -1.34 -53.47 -7.39
CA LEU GA 267 -0.44 -52.38 -7.05
C LEU GA 267 -0.75 -51.10 -7.83
N GLU GA 268 -1.32 -51.22 -9.04
CA GLU GA 268 -1.83 -50.04 -9.72
C GLU GA 268 -2.98 -49.40 -8.96
N VAL GA 269 -3.82 -50.20 -8.32
CA VAL GA 269 -4.90 -49.66 -7.51
C VAL GA 269 -4.32 -49.06 -6.23
N LEU GA 270 -3.20 -49.59 -5.77
CA LEU GA 270 -2.62 -49.18 -4.49
C LEU GA 270 -1.43 -48.22 -4.64
N ASN GA 271 -1.22 -47.64 -5.82
CA ASN GA 271 -0.16 -46.65 -5.98
C ASN GA 271 -0.44 -45.40 -5.14
N TYR GA 272 -1.63 -44.84 -5.28
CA TYR GA 272 -1.97 -43.56 -4.65
C TYR GA 272 -2.67 -43.75 -3.32
N THR GA 273 -2.34 -44.82 -2.59
CA THR GA 273 -2.92 -45.06 -1.28
C THR GA 273 -2.41 -44.02 -0.27
N SER GA 274 -1.10 -43.96 -0.08
CA SER GA 274 -0.51 -42.88 0.69
C SER GA 274 -0.32 -41.68 -0.23
N ILE GA 275 -0.76 -40.51 0.23
CA ILE GA 275 -0.59 -39.27 -0.52
C ILE GA 275 0.90 -38.93 -0.60
N PRO GA 276 1.67 -38.90 0.51
CA PRO GA 276 1.51 -38.82 1.97
C PRO GA 276 1.73 -37.41 2.51
N VAL GA 277 0.89 -36.98 3.44
CA VAL GA 277 1.05 -35.70 4.12
C VAL GA 277 1.58 -35.92 5.54
N PHE GA 278 1.88 -37.17 5.89
CA PHE GA 278 2.69 -37.60 7.02
C PHE GA 278 2.11 -37.32 8.40
N LEU GA 279 0.81 -36.98 8.48
CA LEU GA 279 -0.15 -37.50 9.45
C LEU GA 279 0.40 -37.91 10.80
N PRO GA 280 0.81 -36.97 11.66
CA PRO GA 280 1.52 -37.34 12.91
C PRO GA 280 0.74 -38.15 13.93
N GLU GA 281 -0.52 -38.51 13.62
CA GLU GA 281 -1.26 -39.50 14.37
C GLU GA 281 -1.11 -40.91 13.82
N VAL GA 282 -0.45 -41.09 12.68
CA VAL GA 282 -0.54 -42.32 11.89
C VAL GA 282 0.81 -42.98 11.71
N THR GA 283 1.82 -42.22 11.28
CA THR GA 283 2.97 -42.74 10.55
C THR GA 283 3.87 -43.61 11.42
N ILE GA 284 4.75 -44.35 10.73
CA ILE GA 284 5.51 -45.44 11.32
C ILE GA 284 6.98 -45.21 11.02
N GLY GA 285 7.82 -45.27 12.06
CA GLY GA 285 9.25 -45.11 11.90
C GLY GA 285 9.89 -46.28 11.17
N ALA GA 286 11.15 -46.07 10.79
CA ALA GA 286 11.82 -46.99 9.89
C ALA GA 286 12.19 -48.29 10.58
N HIS GA 287 12.46 -48.24 11.89
CA HIS GA 287 12.95 -49.40 12.62
C HIS GA 287 11.88 -50.48 12.73
N GLN GA 288 10.69 -50.09 13.17
CA GLN GA 288 9.59 -51.04 13.29
C GLN GA 288 9.12 -51.52 11.92
N SER GA 289 9.15 -50.63 10.92
CA SER GA 289 8.77 -51.03 9.58
C SER GA 289 9.74 -52.07 9.01
N ASP GA 290 11.03 -51.91 9.28
CA ASP GA 290 12.01 -52.88 8.81
C ASP GA 290 11.89 -54.20 9.55
N ARG GA 291 11.65 -54.16 10.86
CA ARG GA 291 11.55 -55.43 11.58
C ARG GA 291 10.24 -56.15 11.26
N VAL GA 292 9.17 -55.41 10.93
CA VAL GA 292 7.95 -56.06 10.48
C VAL GA 292 8.12 -56.57 9.04
N PHE GA 293 8.93 -55.91 8.22
CA PHE GA 293 9.24 -56.46 6.90
C PHE GA 293 10.06 -57.74 7.02
N GLN GA 294 10.98 -57.78 7.98
CA GLN GA 294 11.73 -59.01 8.23
C GLN GA 294 10.83 -60.11 8.76
N GLU GA 295 9.89 -59.76 9.64
CA GLU GA 295 8.95 -60.76 10.14
C GLU GA 295 7.95 -61.19 9.08
N PHE GA 296 7.69 -60.35 8.09
CA PHE GA 296 6.86 -60.77 6.96
C PHE GA 296 7.62 -61.72 6.08
N THR GA 297 8.94 -61.55 5.99
CA THR GA 297 9.75 -62.58 5.35
C THR GA 297 9.93 -63.81 6.21
N GLU GA 298 9.67 -63.71 7.53
CA GLU GA 298 9.78 -64.88 8.39
C GLU GA 298 8.66 -65.88 8.14
N LEU GA 299 7.50 -65.41 7.70
CA LEU GA 299 6.45 -66.33 7.32
C LEU GA 299 6.82 -67.01 6.00
N PRO GA 300 6.54 -68.33 5.87
CA PRO GA 300 7.08 -69.08 4.73
C PRO GA 300 6.50 -68.71 3.37
N GLY GA 301 5.17 -68.74 3.25
CA GLY GA 301 4.56 -68.50 1.95
C GLY GA 301 4.53 -67.05 1.54
N ARG GA 302 4.66 -66.13 2.50
CA ARG GA 302 4.56 -64.71 2.20
C ARG GA 302 5.77 -64.17 1.46
N LYS GA 303 6.87 -64.91 1.42
CA LYS GA 303 8.16 -64.35 1.09
C LYS GA 303 8.46 -64.56 -0.39
N TYR GA 304 8.45 -63.46 -1.15
CA TYR GA 304 8.86 -63.36 -2.55
C TYR GA 304 8.15 -64.32 -3.51
N ARG GA 305 6.90 -63.99 -3.86
CA ARG GA 305 6.22 -64.55 -5.03
C ARG GA 305 5.97 -66.06 -4.89
N ALA GA 306 4.96 -66.41 -4.10
CA ALA GA 306 4.67 -67.80 -3.69
C ALA GA 306 4.52 -68.81 -4.83
N GLY GA 307 4.34 -68.36 -6.08
CA GLY GA 307 4.44 -69.28 -7.19
C GLY GA 307 5.83 -69.87 -7.34
N TYR GA 308 6.85 -69.01 -7.39
CA TYR GA 308 8.23 -69.49 -7.49
C TYR GA 308 8.76 -70.01 -6.17
N ASN GA 309 8.18 -69.58 -5.04
CA ASN GA 309 8.71 -69.92 -3.73
C ASN GA 309 8.57 -71.41 -3.48
N GLU GA 310 9.64 -72.02 -3.00
CA GLU GA 310 9.63 -73.43 -2.64
C GLU GA 310 9.14 -73.57 -1.20
N ASP GA 311 9.36 -74.78 -0.65
CA ASP GA 311 8.82 -75.37 0.58
C ASP GA 311 7.34 -75.71 0.45
N VAL GA 312 6.71 -75.39 -0.68
CA VAL GA 312 5.38 -75.88 -1.04
C VAL GA 312 5.55 -76.54 -2.40
N GLY GA 313 6.53 -76.06 -3.16
CA GLY GA 313 6.83 -76.66 -4.44
C GLY GA 313 7.20 -75.58 -5.46
N ASP GA 314 6.88 -75.84 -6.73
CA ASP GA 314 6.23 -77.08 -7.18
C ASP GA 314 7.25 -78.00 -7.82
N LYS GA 315 8.48 -77.94 -7.30
CA LYS GA 315 9.63 -78.75 -7.73
C LYS GA 315 9.92 -78.61 -9.22
N TRP GA 316 9.73 -77.41 -9.76
CA TRP GA 316 10.17 -77.10 -11.12
C TRP GA 316 10.87 -75.76 -11.10
N ILE GA 317 12.18 -75.82 -10.87
CA ILE GA 317 13.09 -74.70 -11.04
C ILE GA 317 14.18 -75.04 -12.05
N TRP GA 318 13.89 -76.00 -12.94
CA TRP GA 318 14.79 -76.49 -13.98
C TRP GA 318 16.09 -77.04 -13.37
N LEU GA 319 15.92 -78.10 -12.58
CA LEU GA 319 16.98 -78.78 -11.83
C LEU GA 319 17.74 -77.84 -10.90
N PRO HA 1 23.65 -39.76 -37.84
CA PRO HA 1 23.88 -40.94 -38.68
C PRO HA 1 23.41 -40.78 -40.11
N PHE HA 2 24.33 -40.91 -41.05
CA PHE HA 2 24.03 -40.91 -42.47
C PHE HA 2 24.01 -42.38 -42.89
N PHE HA 3 22.84 -43.00 -42.81
CA PHE HA 3 22.71 -44.38 -43.24
C PHE HA 3 22.84 -44.49 -44.75
N ASP HA 4 23.12 -45.71 -45.20
CA ASP HA 4 23.39 -45.97 -46.60
C ASP HA 4 22.29 -46.81 -47.25
N VAL HA 5 21.04 -46.57 -46.87
CA VAL HA 5 19.93 -47.16 -47.59
C VAL HA 5 19.86 -46.58 -49.00
N GLN HA 6 20.15 -45.28 -49.11
CA GLN HA 6 20.13 -44.58 -50.38
C GLN HA 6 21.18 -45.13 -51.34
N LYS HA 7 22.36 -45.48 -50.84
CA LYS HA 7 23.42 -46.02 -51.66
C LYS HA 7 23.46 -47.54 -51.66
N LYS HA 8 22.60 -48.19 -50.87
CA LYS HA 8 22.64 -49.64 -50.71
C LYS HA 8 21.47 -50.34 -51.36
N LEU HA 9 20.24 -49.91 -51.07
CA LEU HA 9 19.10 -50.58 -51.69
C LEU HA 9 18.81 -50.09 -53.10
N GLY HA 10 19.59 -49.13 -53.61
CA GLY HA 10 19.55 -48.76 -55.01
C GLY HA 10 18.39 -47.88 -55.42
N VAL HA 11 17.36 -47.76 -54.59
CA VAL HA 11 16.20 -46.95 -54.94
C VAL HA 11 16.60 -45.49 -54.79
N ASP HA 12 16.75 -44.79 -55.91
CA ASP HA 12 17.16 -43.38 -55.90
C ASP HA 12 15.92 -42.51 -55.77
N LEU HA 13 15.35 -42.54 -54.56
CA LEU HA 13 14.12 -41.81 -54.27
C LEU HA 13 14.34 -40.30 -54.25
N ASP HA 14 15.56 -39.85 -53.95
CA ASP HA 14 15.84 -38.43 -53.83
C ASP HA 14 17.00 -37.96 -54.70
N HIS HA 15 17.51 -38.82 -55.58
CA HIS HA 15 18.58 -38.43 -56.49
C HIS HA 15 18.05 -37.80 -57.78
N TRP HA 16 16.84 -37.26 -57.74
CA TRP HA 16 16.27 -36.50 -58.83
C TRP HA 16 15.63 -35.21 -58.38
N MET HA 17 15.24 -35.11 -57.12
CA MET HA 17 14.74 -33.89 -56.49
C MET HA 17 15.84 -32.90 -56.11
N THR HA 18 17.08 -33.18 -56.48
CA THR HA 18 18.21 -32.55 -55.78
C THR HA 18 18.71 -31.28 -56.46
N ILE HA 19 19.27 -31.41 -57.66
CA ILE HA 19 19.67 -30.23 -58.44
C ILE HA 19 19.17 -30.55 -59.84
N GLN HA 20 19.48 -29.70 -60.81
CA GLN HA 20 19.17 -29.96 -62.21
C GLN HA 20 20.21 -30.89 -62.84
N SER HA 21 20.23 -30.92 -64.18
CA SER HA 21 20.93 -31.83 -65.09
C SER HA 21 20.34 -33.24 -65.07
N ALA HA 22 19.34 -33.47 -64.23
CA ALA HA 22 18.48 -34.62 -64.34
C ALA HA 22 17.42 -34.35 -65.41
N GLU HA 23 16.82 -35.42 -65.92
CA GLU HA 23 15.93 -35.29 -67.06
C GLU HA 23 14.61 -34.68 -66.64
N GLN HA 24 14.38 -33.45 -67.08
CA GLN HA 24 13.12 -32.76 -66.89
C GLN HA 24 12.02 -33.47 -67.70
N PRO HA 25 10.75 -33.33 -67.29
CA PRO HA 25 9.66 -33.96 -68.08
C PRO HA 25 9.57 -33.43 -69.49
N HIS HA 26 9.75 -32.12 -69.65
CA HIS HA 26 10.11 -31.54 -70.94
C HIS HA 26 11.50 -30.95 -70.79
N ARG HA 27 12.43 -31.45 -71.59
CA ARG HA 27 13.86 -31.28 -71.34
C ARG HA 27 14.31 -29.85 -71.62
N ILE HA 28 14.23 -29.00 -70.61
CA ILE HA 28 14.68 -27.61 -70.73
C ILE HA 28 15.73 -27.34 -69.66
N PRO HA 29 16.62 -26.37 -69.85
CA PRO HA 29 17.54 -25.99 -68.78
C PRO HA 29 17.00 -24.82 -67.96
N ALA HA 30 17.72 -24.43 -66.93
CA ALA HA 30 17.53 -23.13 -66.30
C ALA HA 30 18.64 -22.18 -66.72
N ARG HA 31 18.72 -21.05 -66.03
CA ARG HA 31 19.62 -19.98 -66.40
C ARG HA 31 21.09 -20.36 -66.20
N CYS HA 32 21.39 -21.25 -65.26
CA CYS HA 32 22.77 -21.53 -64.88
C CYS HA 32 23.12 -23.00 -65.06
N HIS HA 33 22.71 -23.59 -66.16
CA HIS HA 33 22.83 -25.04 -66.33
C HIS HA 33 24.27 -25.47 -66.56
N ALA HA 34 24.97 -24.79 -67.48
CA ALA HA 34 26.36 -25.11 -67.74
C ALA HA 34 27.23 -24.80 -66.54
N PHE HA 35 26.87 -23.76 -65.79
CA PHE HA 35 27.63 -23.40 -64.59
C PHE HA 35 27.43 -24.43 -63.50
N GLU HA 36 26.21 -24.99 -63.39
CA GLU HA 36 25.96 -26.13 -62.51
C GLU HA 36 26.81 -27.32 -62.89
N LYS HA 37 26.81 -27.68 -64.18
CA LYS HA 37 27.53 -28.88 -64.62
C LYS HA 37 29.03 -28.73 -64.41
N GLU HA 38 29.56 -27.53 -64.67
CA GLU HA 38 30.99 -27.29 -64.48
C GLU HA 38 31.37 -27.26 -63.01
N TRP HA 39 30.55 -26.62 -62.17
CA TRP HA 39 30.84 -26.56 -60.74
C TRP HA 39 30.78 -27.94 -60.10
N ILE HA 40 29.80 -28.75 -60.50
CA ILE HA 40 29.66 -30.10 -59.95
C ILE HA 40 30.82 -30.99 -60.41
N GLU HA 41 31.24 -30.87 -61.67
CA GLU HA 41 32.40 -31.65 -62.05
C GLU HA 41 33.70 -31.09 -61.50
N CYS HA 42 33.73 -29.84 -61.03
CA CYS HA 42 34.89 -29.38 -60.28
C CYS HA 42 34.92 -29.97 -58.88
N ALA HA 43 33.74 -30.18 -58.30
CA ALA HA 43 33.69 -30.61 -56.91
C ALA HA 43 33.14 -32.03 -56.76
N HIS HA 44 33.60 -32.97 -57.60
CA HIS HA 44 33.12 -34.35 -57.50
C HIS HA 44 33.97 -35.17 -56.53
N GLY HA 45 35.24 -35.36 -56.86
CA GLY HA 45 36.12 -36.19 -56.04
C GLY HA 45 36.92 -35.37 -55.06
N ILE HA 46 36.26 -34.43 -54.40
CA ILE HA 46 36.94 -33.39 -53.63
C ILE HA 46 36.39 -33.42 -52.21
N GLY HA 47 37.27 -33.31 -51.22
CA GLY HA 47 36.87 -33.32 -49.83
C GLY HA 47 36.42 -31.98 -49.26
N SER HA 48 35.79 -31.15 -50.10
CA SER HA 48 35.03 -29.94 -49.77
C SER HA 48 35.85 -28.78 -49.22
N ILE HA 49 37.14 -28.98 -48.95
CA ILE HA 49 37.99 -27.93 -48.43
C ILE HA 49 38.93 -27.39 -49.51
N ARG HA 50 39.55 -28.27 -50.29
CA ARG HA 50 40.22 -27.78 -51.48
C ARG HA 50 39.24 -27.47 -52.60
N ALA HA 51 37.96 -27.80 -52.43
CA ALA HA 51 36.92 -27.18 -53.22
C ALA HA 51 36.86 -25.68 -52.95
N GLU HA 52 36.92 -25.29 -51.67
CA GLU HA 52 36.97 -23.88 -51.32
C GLU HA 52 38.32 -23.25 -51.67
N LYS HA 53 39.38 -24.06 -51.70
CA LYS HA 53 40.68 -23.52 -52.08
C LYS HA 53 40.82 -23.35 -53.58
N GLU HA 54 40.17 -24.21 -54.37
CA GLU HA 54 40.47 -24.33 -55.79
C GLU HA 54 39.29 -23.99 -56.69
N CYS HA 55 38.11 -24.51 -56.40
CA CYS HA 55 36.94 -24.28 -57.24
C CYS HA 55 36.25 -22.94 -56.95
N LYS HA 56 36.95 -22.00 -56.31
CA LYS HA 56 36.38 -20.70 -55.97
C LYS HA 56 36.05 -19.89 -57.22
N ILE HA 57 36.78 -20.11 -58.31
CA ILE HA 57 36.53 -19.42 -59.57
C ILE HA 57 35.16 -19.77 -60.10
N GLU HA 58 34.88 -21.06 -60.24
CA GLU HA 58 33.58 -21.50 -60.72
C GLU HA 58 32.49 -21.26 -59.68
N PHE HA 59 32.85 -21.23 -58.41
CA PHE HA 59 31.88 -20.94 -57.36
C PHE HA 59 31.38 -19.50 -57.46
N GLU HA 60 32.30 -18.55 -57.61
CA GLU HA 60 31.91 -17.16 -57.78
C GLU HA 60 31.21 -16.93 -59.11
N ASP HA 61 31.63 -17.65 -60.16
CA ASP HA 61 30.94 -17.59 -61.44
C ASP HA 61 29.50 -18.07 -61.30
N PHE HA 62 29.29 -19.17 -60.57
CA PHE HA 62 27.96 -19.71 -60.38
C PHE HA 62 27.10 -18.78 -59.55
N ARG HA 63 27.68 -18.13 -58.54
CA ARG HA 63 26.90 -17.23 -57.71
C ARG HA 63 26.51 -15.96 -58.45
N GLU HA 64 27.43 -15.39 -59.23
CA GLU HA 64 27.06 -14.23 -60.04
C GLU HA 64 26.17 -14.61 -61.21
N CYS HA 65 26.13 -15.89 -61.60
CA CYS HA 65 25.09 -16.34 -62.51
C CYS HA 65 23.74 -16.35 -61.81
N LEU HA 66 23.69 -16.90 -60.60
CA LEU HA 66 22.42 -17.13 -59.93
C LEU HA 66 21.81 -15.83 -59.43
N LEU HA 67 22.62 -14.83 -59.14
CA LEU HA 67 22.08 -13.57 -58.62
C LEU HA 67 22.15 -12.42 -59.61
N ARG HA 68 23.17 -12.38 -60.47
CA ARG HA 68 23.53 -11.21 -61.29
C ARG HA 68 23.67 -9.97 -60.42
N GLN HA 69 24.36 -10.14 -59.28
CA GLN HA 69 24.49 -9.09 -58.29
C GLN HA 69 25.34 -7.94 -58.81
N LYS HA 70 26.57 -8.25 -59.23
CA LYS HA 70 27.42 -7.22 -59.80
C LYS HA 70 26.96 -6.80 -61.20
N THR HA 71 26.20 -7.65 -61.87
CA THR HA 71 25.63 -7.29 -63.16
C THR HA 71 24.60 -6.17 -63.00
N MET HA 72 23.68 -6.34 -62.06
CA MET HA 72 22.73 -5.28 -61.76
C MET HA 72 23.40 -4.08 -61.09
N LYS HA 73 24.53 -4.30 -60.40
CA LYS HA 73 25.31 -3.19 -59.86
C LYS HA 73 25.87 -2.31 -60.98
N ARG HA 74 26.48 -2.94 -61.98
CA ARG HA 74 27.01 -2.22 -63.14
C ARG HA 74 25.89 -1.57 -63.93
N LEU HA 75 24.74 -2.25 -64.04
CA LEU HA 75 23.61 -1.70 -64.78
C LEU HA 75 23.02 -0.50 -64.06
N ASN HA 76 22.98 -0.53 -62.72
CA ASN HA 76 22.51 0.62 -61.96
C ASN HA 76 23.51 1.75 -62.00
N ALA HA 77 24.81 1.44 -62.09
CA ALA HA 77 25.80 2.49 -62.28
C ALA HA 77 25.61 3.18 -63.63
N ILE HA 78 25.31 2.40 -64.67
CA ILE HA 78 24.94 2.94 -65.98
C ILE HA 78 23.70 3.83 -65.87
N LYS HA 79 22.70 3.38 -65.13
CA LYS HA 79 21.46 4.16 -65.00
C LYS HA 79 21.67 5.44 -64.22
N ARG HA 80 22.50 5.41 -63.17
CA ARG HA 80 22.75 6.62 -62.40
C ARG HA 80 23.57 7.62 -63.20
N GLN HA 81 24.54 7.13 -63.98
CA GLN HA 81 25.30 8.04 -64.83
C GLN HA 81 24.43 8.62 -65.93
N ARG HA 82 23.53 7.80 -66.49
CA ARG HA 82 22.57 8.29 -67.48
C ARG HA 82 21.64 9.34 -66.89
N ASP HA 83 21.17 9.11 -65.66
CA ASP HA 83 20.27 10.04 -65.00
C ASP HA 83 20.95 11.37 -64.71
N LYS HA 84 22.21 11.33 -64.23
CA LYS HA 84 22.88 12.59 -63.94
C LYS HA 84 23.29 13.33 -65.20
N LEU HA 85 23.66 12.63 -66.27
CA LEU HA 85 24.01 13.40 -67.46
C LEU HA 85 22.81 13.73 -68.33
N ILE HA 86 21.63 13.15 -68.07
CA ILE HA 86 20.42 13.67 -68.70
C ILE HA 86 19.81 14.77 -67.84
N LYS HA 87 20.17 14.83 -66.55
CA LYS HA 87 19.95 16.04 -65.78
C LYS HA 87 20.85 17.16 -66.28
N GLU HA 88 22.07 16.80 -66.70
CA GLU HA 88 22.91 17.72 -67.45
C GLU HA 88 22.28 18.10 -68.78
N GLY HA 89 21.70 17.13 -69.49
CA GLY HA 89 20.89 17.43 -70.66
C GLY HA 89 21.62 17.44 -71.99
N LYS HA 90 22.29 16.34 -72.33
CA LYS HA 90 23.02 16.22 -73.58
C LYS HA 90 22.46 15.10 -74.43
N TYR HA 91 22.50 15.30 -75.76
CA TYR HA 91 22.20 14.33 -76.82
C TYR HA 91 20.88 13.60 -76.63
N THR HA 92 19.77 14.30 -76.93
CA THR HA 92 18.42 13.73 -77.01
C THR HA 92 18.46 12.42 -77.77
N PRO HA 93 18.24 11.30 -77.09
CA PRO HA 93 18.96 10.05 -77.39
C PRO HA 93 18.46 9.38 -78.66
N PRO HA 94 19.36 9.13 -79.60
CA PRO HA 94 19.08 8.17 -80.68
C PRO HA 94 19.49 6.73 -80.40
N PRO HA 95 19.70 6.25 -79.14
CA PRO HA 95 19.51 4.80 -78.92
C PRO HA 95 18.12 4.28 -79.20
N HIS HA 96 17.07 5.09 -79.16
CA HIS HA 96 15.72 4.59 -79.38
C HIS HA 96 15.16 5.20 -80.65
N HIS HA 97 14.57 4.35 -81.49
CA HIS HA 97 13.68 4.69 -82.61
C HIS HA 97 14.40 5.37 -83.77
N SER HA 98 15.66 5.74 -83.62
CA SER HA 98 16.29 6.64 -84.57
C SER HA 98 17.80 6.49 -84.50
N GLY HA 99 18.50 7.39 -85.18
CA GLY HA 99 19.94 7.41 -85.23
C GLY HA 99 20.45 8.83 -85.34
N ASN IA 10 -30.46 -60.14 -48.56
CA ASN IA 10 -29.07 -60.55 -48.71
C ASN IA 10 -28.10 -59.45 -48.24
N VAL IA 11 -26.94 -59.38 -48.88
CA VAL IA 11 -25.93 -58.39 -48.54
C VAL IA 11 -26.13 -57.09 -49.33
N TRP IA 12 -27.08 -57.08 -50.27
CA TRP IA 12 -27.14 -56.00 -51.25
C TRP IA 12 -27.77 -54.71 -50.70
N ALA IA 13 -29.04 -54.77 -50.34
CA ALA IA 13 -29.77 -53.56 -49.98
C ALA IA 13 -29.60 -53.16 -48.53
N LYS IA 14 -28.63 -53.74 -47.82
CA LYS IA 14 -28.31 -53.31 -46.47
C LYS IA 14 -27.72 -51.90 -46.49
N GLU IA 15 -26.59 -51.74 -47.18
CA GLU IA 15 -26.00 -50.44 -47.46
C GLU IA 15 -25.71 -50.41 -48.96
N PRO IA 16 -26.74 -50.11 -49.76
CA PRO IA 16 -26.66 -50.45 -51.20
C PRO IA 16 -25.71 -49.60 -52.02
N VAL IA 17 -25.68 -48.28 -51.77
CA VAL IA 17 -24.81 -47.41 -52.55
C VAL IA 17 -23.34 -47.67 -52.24
N LEU IA 18 -23.04 -48.09 -51.00
CA LEU IA 18 -21.67 -48.40 -50.63
C LEU IA 18 -21.19 -49.66 -51.32
N VAL IA 19 -22.05 -50.69 -51.36
CA VAL IA 19 -21.72 -51.94 -52.03
C VAL IA 19 -21.55 -51.71 -53.53
N ALA IA 20 -22.41 -50.86 -54.11
CA ALA IA 20 -22.27 -50.52 -55.52
C ALA IA 20 -20.96 -49.78 -55.79
N SER IA 21 -20.57 -48.91 -54.85
CA SER IA 21 -19.30 -48.20 -54.98
C SER IA 21 -18.11 -49.15 -54.88
N PHE IA 22 -18.19 -50.14 -53.98
CA PHE IA 22 -17.13 -51.14 -53.89
C PHE IA 22 -17.02 -51.96 -55.15
N ALA IA 23 -18.16 -52.27 -55.78
CA ALA IA 23 -18.15 -53.07 -57.02
C ALA IA 23 -17.52 -52.29 -58.16
N ILE IA 24 -17.95 -51.04 -58.37
CA ILE IA 24 -17.40 -50.27 -59.48
C ILE IA 24 -15.94 -49.88 -59.20
N ALA IA 25 -15.57 -49.72 -57.94
CA ALA IA 25 -14.17 -49.43 -57.62
C ALA IA 25 -13.29 -50.66 -57.80
N GLY IA 26 -13.83 -51.84 -57.50
CA GLY IA 26 -13.07 -53.07 -57.70
C GLY IA 26 -12.84 -53.35 -59.17
N LEU IA 27 -13.84 -53.09 -60.01
CA LEU IA 27 -13.59 -53.26 -61.44
C LEU IA 27 -12.67 -52.17 -61.97
N ALA IA 28 -12.68 -50.99 -61.36
CA ALA IA 28 -11.72 -49.95 -61.74
C ALA IA 28 -10.29 -50.32 -61.34
N VAL IA 29 -10.12 -51.11 -60.28
CA VAL IA 29 -8.80 -51.60 -59.92
C VAL IA 29 -8.39 -52.74 -60.85
N ILE IA 30 -9.28 -53.69 -61.09
CA ILE IA 30 -8.91 -54.92 -61.77
C ILE IA 30 -8.72 -54.70 -63.27
N LEU IA 31 -9.61 -53.91 -63.89
CA LEU IA 31 -9.64 -53.65 -65.33
C LEU IA 31 -8.33 -53.21 -65.99
N PRO IA 32 -7.39 -52.53 -65.30
CA PRO IA 32 -6.04 -52.40 -65.90
C PRO IA 32 -5.25 -53.69 -66.01
N THR IA 33 -5.62 -54.76 -65.30
CA THR IA 33 -4.84 -55.99 -65.44
C THR IA 33 -5.19 -56.76 -66.71
N LEU IA 34 -6.22 -56.37 -67.44
CA LEU IA 34 -6.52 -56.99 -68.73
C LEU IA 34 -7.17 -55.94 -69.62
N SER IA 35 -6.50 -55.62 -70.73
CA SER IA 35 -6.99 -54.62 -71.69
C SER IA 35 -6.23 -54.79 -72.99
N PRO IA 36 -6.88 -54.63 -74.14
CA PRO IA 36 -6.17 -54.71 -75.41
C PRO IA 36 -5.59 -53.39 -75.87
N TYR IA 37 -5.45 -52.41 -74.96
CA TYR IA 37 -4.96 -51.10 -75.36
C TYR IA 37 -3.95 -50.48 -74.41
N THR IA 38 -3.33 -51.26 -73.52
CA THR IA 38 -2.35 -50.69 -72.60
C THR IA 38 -1.07 -50.30 -73.33
N LYS IA 39 -0.48 -51.26 -74.06
CA LYS IA 39 0.74 -50.99 -74.80
C LYS IA 39 0.47 -50.02 -75.96
N TYR IA 40 -0.74 -50.05 -76.52
CA TYR IA 40 -1.10 -49.08 -77.54
C TYR IA 40 -1.16 -47.68 -76.95
N SER IA 41 -1.70 -47.57 -75.73
CA SER IA 41 -1.77 -46.29 -75.03
C SER IA 41 -0.38 -45.74 -74.77
N LEU IA 42 0.52 -46.60 -74.30
CA LEU IA 42 1.88 -46.15 -74.00
C LEU IA 42 2.64 -45.77 -75.25
N MET IA 43 2.42 -46.47 -76.37
CA MET IA 43 3.11 -46.12 -77.61
C MET IA 43 2.57 -44.82 -78.20
N ILE IA 44 1.25 -44.60 -78.12
CA ILE IA 44 0.67 -43.34 -78.62
C ILE IA 44 1.15 -42.16 -77.78
N ASN IA 45 1.26 -42.37 -76.46
CA ASN IA 45 1.75 -41.28 -75.61
C ASN IA 45 3.24 -41.03 -75.82
N ARG IA 46 4.02 -42.08 -76.06
CA ARG IA 46 5.45 -41.90 -76.27
C ARG IA 46 5.74 -41.29 -77.63
N ALA IA 47 4.86 -41.49 -78.61
CA ALA IA 47 5.13 -41.10 -79.99
C ALA IA 47 4.73 -39.65 -80.28
N THR IA 48 4.72 -38.78 -79.27
CA THR IA 48 4.34 -37.38 -79.47
C THR IA 48 5.50 -36.46 -79.11
N PRO IA 49 6.17 -35.84 -80.07
CA PRO IA 49 7.38 -35.05 -79.78
C PRO IA 49 7.07 -33.68 -79.21
N TYR IA 50 7.33 -33.52 -77.92
CA TYR IA 50 7.31 -32.22 -77.26
C TYR IA 50 8.68 -31.56 -77.33
N ASN IA 51 9.70 -32.27 -76.84
CA ASN IA 51 11.08 -31.79 -76.96
C ASN IA 51 11.51 -31.86 -78.42
N TYR IA 52 12.33 -30.92 -78.82
CA TYR IA 52 12.72 -30.83 -80.23
C TYR IA 52 13.80 -31.86 -80.54
N PRO IA 53 13.66 -32.64 -81.61
CA PRO IA 53 14.73 -33.57 -81.99
C PRO IA 53 15.92 -32.86 -82.62
N VAL IA 54 17.04 -32.88 -81.94
CA VAL IA 54 18.29 -32.31 -82.43
C VAL IA 54 18.79 -33.24 -83.53
N PRO IA 55 19.54 -32.77 -84.51
CA PRO IA 55 20.33 -33.67 -85.35
C PRO IA 55 21.65 -33.98 -84.66
N LEU IA 56 22.50 -34.73 -85.36
CA LEU IA 56 23.81 -35.11 -84.83
C LEU IA 56 24.77 -35.36 -85.98
N ARG IA 57 26.05 -35.49 -85.63
CA ARG IA 57 27.08 -35.85 -86.60
C ARG IA 57 26.80 -37.21 -87.19
N ASP IA 58 26.61 -37.24 -88.51
CA ASP IA 58 25.57 -38.01 -89.19
C ASP IA 58 25.33 -39.43 -88.67
N ASP IA 59 26.33 -40.31 -88.80
CA ASP IA 59 26.58 -41.55 -88.06
C ASP IA 59 27.82 -42.21 -88.64
N GLY IA 60 28.24 -43.29 -88.00
CA GLY IA 60 29.19 -44.22 -88.58
C GLY IA 60 28.48 -45.35 -89.29
N ASN IA 61 27.64 -45.01 -90.27
CA ASN IA 61 26.93 -45.93 -91.16
C ASN IA 61 26.01 -46.87 -90.37
N MET IA 62 25.00 -46.26 -89.77
CA MET IA 62 24.00 -47.04 -89.07
C MET IA 62 22.86 -47.44 -90.02
N PRO IA 63 22.21 -48.62 -89.79
CA PRO IA 63 21.07 -49.06 -90.61
C PRO IA 63 19.74 -48.39 -90.23
N ASP IA 64 19.76 -47.07 -90.13
CA ASP IA 64 18.63 -46.25 -89.70
C ASP IA 64 18.75 -44.90 -90.40
N VAL IA 65 18.09 -43.90 -89.84
CA VAL IA 65 18.33 -42.45 -89.94
C VAL IA 65 18.44 -41.96 -91.40
N PRO IA 66 17.32 -41.78 -92.08
CA PRO IA 66 17.37 -41.25 -93.45
C PRO IA 66 17.72 -39.76 -93.46
N SER IA 67 18.04 -39.27 -94.66
CA SER IA 67 18.34 -37.86 -94.83
C SER IA 67 17.06 -37.03 -94.94
N HIS IA 68 16.29 -37.27 -95.98
CA HIS IA 68 14.96 -36.69 -96.04
C HIS IA 68 14.04 -37.50 -95.14
N PRO IA 69 13.26 -36.87 -94.26
CA PRO IA 69 12.31 -37.62 -93.43
C PRO IA 69 11.16 -38.25 -94.22
N GLN IA 70 10.99 -37.90 -95.50
CA GLN IA 70 10.04 -38.62 -96.34
C GLN IA 70 10.50 -40.05 -96.59
N ASP IA 71 11.81 -40.29 -96.61
CA ASP IA 71 12.37 -41.62 -96.82
C ASP IA 71 12.03 -42.50 -95.63
N PRO IA 72 11.32 -43.62 -95.83
CA PRO IA 72 10.82 -44.40 -94.67
C PRO IA 72 11.83 -45.35 -94.06
N GLN IA 73 13.12 -45.10 -94.29
CA GLN IA 73 14.17 -45.97 -93.76
C GLN IA 73 14.22 -45.95 -92.24
N GLY IA 74 13.90 -44.82 -91.62
CA GLY IA 74 13.94 -44.70 -90.18
C GLY IA 74 12.72 -45.32 -89.52
N PRO IA 75 12.83 -45.63 -88.23
CA PRO IA 75 11.68 -46.19 -87.49
C PRO IA 75 10.61 -45.12 -87.27
N SER IA 76 9.44 -45.35 -87.87
CA SER IA 76 8.36 -44.37 -87.82
C SER IA 76 7.06 -45.08 -87.49
N LEU IA 77 6.01 -44.29 -87.35
CA LEU IA 77 4.69 -44.77 -86.99
C LEU IA 77 3.79 -44.85 -88.21
N GLU IA 78 2.93 -45.87 -88.24
CA GLU IA 78 1.88 -45.96 -89.24
C GLU IA 78 0.51 -46.30 -88.67
N TRP IA 79 0.43 -46.84 -87.46
CA TRP IA 79 -0.82 -47.22 -86.83
C TRP IA 79 -1.57 -46.02 -86.26
N LEU IA 80 -1.02 -44.82 -86.38
CA LEU IA 80 -1.79 -43.62 -86.05
C LEU IA 80 -2.94 -43.43 -87.01
N LYS IA 81 -2.75 -43.82 -88.27
CA LYS IA 81 -3.83 -43.74 -89.25
C LYS IA 81 -4.57 -45.06 -89.40
N ARG IA 82 -3.97 -46.17 -88.95
CA ARG IA 82 -4.55 -47.50 -89.14
C ARG IA 82 -5.41 -47.94 -87.97
N LEU IA 83 -6.08 -47.00 -87.29
CA LEU IA 83 -6.91 -47.21 -86.09
C LEU IA 83 -6.10 -47.85 -84.96
N SER JA 11 40.47 -56.97 74.12
CA SER JA 11 41.52 -56.10 73.60
C SER JA 11 41.82 -54.96 74.56
N LYS JA 12 42.99 -55.02 75.18
CA LYS JA 12 43.43 -54.01 76.13
C LYS JA 12 44.56 -53.18 75.56
N MET JA 13 44.63 -51.93 76.01
CA MET JA 13 45.72 -51.03 75.64
C MET JA 13 46.24 -50.39 76.92
N GLU JA 14 45.35 -50.33 77.92
CA GLU JA 14 45.56 -50.01 79.33
C GLU JA 14 45.81 -48.53 79.62
N LEU JA 15 46.06 -47.71 78.57
CA LEU JA 15 45.91 -46.26 78.47
C LEU JA 15 46.35 -45.46 79.70
N PRO JA 16 47.67 -45.26 79.90
CA PRO JA 16 48.18 -44.58 81.11
C PRO JA 16 47.54 -43.22 81.40
N ASP JA 17 46.86 -43.17 82.53
CA ASP JA 17 45.71 -42.31 82.72
C ASP JA 17 46.10 -40.88 83.09
N TYR JA 18 45.10 -40.13 83.54
CA TYR JA 18 45.24 -38.74 83.95
C TYR JA 18 45.81 -38.71 85.37
N LYS JA 19 45.79 -37.52 85.99
CA LYS JA 19 46.33 -37.16 87.31
C LYS JA 19 47.70 -37.78 87.55
N GLN JA 20 48.53 -37.76 86.52
CA GLN JA 20 49.82 -38.41 86.50
C GLN JA 20 50.88 -37.38 86.13
N TRP JA 21 50.50 -36.41 85.31
CA TRP JA 21 51.46 -35.41 84.85
C TRP JA 21 51.69 -34.33 85.89
N LYS JA 22 50.63 -33.58 86.23
CA LYS JA 22 50.62 -32.54 87.27
C LYS JA 22 51.70 -31.49 86.96
N ILE JA 23 51.43 -30.74 85.90
CA ILE JA 23 52.37 -30.43 84.81
C ILE JA 23 53.82 -30.15 85.19
N GLU JA 24 54.08 -29.13 86.03
CA GLU JA 24 55.36 -28.87 86.70
C GLU JA 24 56.52 -28.53 85.76
N GLY JA 25 56.33 -28.68 84.43
CA GLY JA 25 57.43 -28.60 83.50
C GLY JA 25 57.89 -27.18 83.25
N THR JA 26 59.15 -27.06 82.81
CA THR JA 26 59.75 -25.73 82.69
C THR JA 26 59.17 -24.85 81.58
N PRO JA 27 58.96 -25.32 80.33
CA PRO JA 27 58.43 -24.36 79.34
C PRO JA 27 56.99 -23.96 79.58
N LEU JA 28 56.15 -24.94 79.92
CA LEU JA 28 54.75 -24.62 80.23
C LEU JA 28 54.62 -23.86 81.53
N GLU JA 29 55.53 -24.08 82.48
CA GLU JA 29 55.52 -23.32 83.72
C GLU JA 29 55.87 -21.86 83.48
N THR JA 30 56.93 -21.61 82.68
CA THR JA 30 57.31 -20.24 82.35
C THR JA 30 56.23 -19.54 81.54
N VAL JA 31 55.58 -20.26 80.63
CA VAL JA 31 54.58 -19.56 79.83
C VAL JA 31 53.28 -19.36 80.62
N GLN JA 32 52.98 -20.23 81.59
CA GLN JA 32 51.84 -19.98 82.46
C GLN JA 32 52.10 -18.80 83.37
N GLU JA 33 53.34 -18.65 83.86
CA GLU JA 33 53.64 -17.50 84.70
C GLU JA 33 53.65 -16.20 83.91
N LYS JA 34 54.17 -16.23 82.67
CA LYS JA 34 54.14 -15.05 81.82
C LYS JA 34 52.72 -14.68 81.44
N LEU JA 35 51.90 -15.67 81.11
CA LEU JA 35 50.51 -15.41 80.73
C LEU JA 35 49.66 -15.01 81.93
N ALA JA 36 50.05 -15.43 83.13
CA ALA JA 36 49.37 -15.00 84.34
C ALA JA 36 49.72 -13.56 84.68
N ALA JA 37 51.01 -13.20 84.56
CA ALA JA 37 51.41 -11.81 84.75
C ALA JA 37 50.84 -10.91 83.66
N ARG JA 38 50.60 -11.46 82.47
CA ARG JA 38 49.86 -10.73 81.45
C ARG JA 38 48.41 -10.55 81.87
N GLY JA 39 47.80 -11.57 82.46
CA GLY JA 39 46.48 -11.39 83.03
C GLY JA 39 45.38 -12.19 82.37
N LEU JA 40 45.71 -13.39 81.90
CA LEU JA 40 44.74 -14.25 81.22
C LEU JA 40 44.36 -15.46 82.05
N ARG JA 41 45.35 -16.30 82.40
CA ARG JA 41 45.20 -17.48 83.25
C ARG JA 41 44.14 -18.45 82.72
N ASP JA 42 44.32 -18.87 81.47
CA ASP JA 42 43.38 -19.79 80.82
C ASP JA 42 44.07 -20.59 79.72
N PRO JA 43 44.86 -21.61 80.10
CA PRO JA 43 45.54 -22.40 79.07
C PRO JA 43 44.63 -23.47 78.48
N TRP JA 44 45.19 -24.31 77.62
CA TRP JA 44 44.50 -25.53 77.24
C TRP JA 44 44.48 -26.52 78.38
N GLY JA 45 45.65 -26.84 78.92
CA GLY JA 45 45.78 -27.84 79.95
C GLY JA 45 47.11 -28.54 79.89
N ARG JA 46 47.14 -29.79 80.33
CA ARG JA 46 48.37 -30.56 80.46
C ARG JA 46 48.62 -31.46 79.26
N ASN JA 47 48.19 -31.04 78.08
CA ASN JA 47 48.21 -31.94 76.92
C ASN JA 47 49.61 -32.09 76.35
N GLU JA 48 50.53 -31.20 76.67
CA GLU JA 48 51.87 -31.25 76.12
C GLU JA 48 52.86 -31.96 77.03
N ALA JA 49 52.36 -32.56 78.12
CA ALA JA 49 53.26 -33.15 79.10
C ALA JA 49 53.88 -34.43 78.58
N TRP JA 50 53.11 -35.25 77.87
CA TRP JA 50 53.68 -36.42 77.23
C TRP JA 50 54.44 -36.06 75.96
N ARG JA 51 54.33 -34.84 75.49
CA ARG JA 51 55.23 -34.36 74.46
C ARG JA 51 56.47 -33.70 75.05
N TYR JA 52 56.52 -33.50 76.36
CA TYR JA 52 57.64 -32.80 76.97
C TYR JA 52 58.52 -33.66 77.86
N MET JA 53 57.98 -34.60 78.62
CA MET JA 53 58.80 -35.29 79.60
C MET JA 53 58.47 -36.79 79.61
N GLY JA 54 59.29 -37.52 80.36
CA GLY JA 54 59.29 -38.98 80.32
C GLY JA 54 60.67 -39.49 79.95
N GLY JA 55 60.79 -40.12 78.78
CA GLY JA 55 62.07 -40.32 78.14
C GLY JA 55 62.48 -39.13 77.30
N PHE JA 56 61.69 -38.07 77.35
CA PHE JA 56 61.91 -36.77 76.75
C PHE JA 56 62.66 -35.93 77.78
N ALA JA 57 62.58 -34.59 77.67
CA ALA JA 57 63.03 -33.68 78.74
C ALA JA 57 64.53 -33.73 79.01
N ASN JA 58 65.28 -32.90 78.25
CA ASN JA 58 66.72 -32.86 77.96
C ASN JA 58 67.12 -33.89 76.90
N ASN JA 59 66.47 -33.80 75.75
CA ASN JA 59 67.10 -34.16 74.49
C ASN JA 59 68.26 -33.20 74.21
N VAL JA 60 69.25 -33.68 73.45
CA VAL JA 60 70.49 -32.94 73.27
C VAL JA 60 70.28 -31.83 72.25
N SER JA 61 71.15 -30.82 72.29
CA SER JA 61 71.12 -29.68 71.38
C SER JA 61 71.80 -29.99 70.04
N PHE JA 62 72.10 -28.94 69.28
CA PHE JA 62 72.67 -29.13 67.94
C PHE JA 62 74.09 -29.64 68.00
N VAL JA 63 74.97 -28.94 68.74
CA VAL JA 63 76.37 -29.30 68.75
C VAL JA 63 76.60 -30.64 69.45
N GLY JA 64 75.71 -31.02 70.36
CA GLY JA 64 75.84 -32.32 71.02
C GLY JA 64 75.62 -33.50 70.08
N ALA JA 65 74.84 -33.29 69.02
CA ALA JA 65 74.67 -34.35 68.03
C ALA JA 65 75.96 -34.61 67.28
N LEU JA 66 76.78 -33.59 67.07
CA LEU JA 66 78.11 -33.82 66.54
C LEU JA 66 79.11 -34.22 67.62
N LEU JA 67 78.81 -33.91 68.88
CA LEU JA 67 79.62 -34.44 69.98
C LEU JA 67 79.40 -35.93 70.18
N LYS JA 68 78.29 -36.46 69.66
CA LYS JA 68 77.99 -37.89 69.74
C LYS JA 68 79.00 -38.74 68.96
N GLY JA 69 79.72 -38.14 68.01
CA GLY JA 69 80.65 -38.89 67.19
C GLY JA 69 81.88 -39.39 67.93
N PHE JA 70 82.38 -38.63 68.90
CA PHE JA 70 83.67 -38.96 69.49
C PHE JA 70 83.58 -39.29 70.98
N LYS JA 71 82.40 -39.59 71.48
CA LYS JA 71 82.31 -40.04 72.87
C LYS JA 71 82.67 -41.51 73.03
N TRP JA 72 82.97 -42.21 71.93
CA TRP JA 72 83.47 -43.58 72.00
C TRP JA 72 84.65 -43.86 71.08
N GLY JA 73 84.89 -43.05 70.05
CA GLY JA 73 85.90 -43.38 69.06
C GLY JA 73 87.32 -43.01 69.40
N PHE JA 74 87.53 -42.16 70.41
CA PHE JA 74 88.88 -41.77 70.78
C PHE JA 74 89.69 -42.93 71.32
N ALA JA 75 89.05 -43.82 72.08
CA ALA JA 75 89.76 -44.95 72.68
C ALA JA 75 90.26 -45.90 71.60
N ALA JA 76 89.38 -46.26 70.67
CA ALA JA 76 89.78 -47.12 69.56
C ALA JA 76 90.78 -46.43 68.63
N PHE JA 77 90.68 -45.10 68.47
CA PHE JA 77 91.66 -44.40 67.65
C PHE JA 77 93.04 -44.41 68.28
N VAL JA 78 93.12 -44.19 69.59
CA VAL JA 78 94.43 -44.21 70.25
C VAL JA 78 94.98 -45.64 70.31
N VAL JA 79 94.10 -46.64 70.40
CA VAL JA 79 94.54 -48.04 70.29
C VAL JA 79 95.10 -48.31 68.89
N ALA JA 80 94.46 -47.79 67.85
CA ALA JA 80 94.95 -48.00 66.50
C ALA JA 80 96.25 -47.23 66.23
N VAL JA 81 96.42 -46.07 66.85
CA VAL JA 81 97.69 -45.34 66.76
C VAL JA 81 98.80 -46.13 67.46
N GLY JA 82 98.48 -46.71 68.62
CA GLY JA 82 99.43 -47.57 69.31
C GLY JA 82 99.71 -48.87 68.59
N ALA JA 83 98.84 -49.28 67.67
CA ALA JA 83 99.08 -50.47 66.87
C ALA JA 83 100.19 -50.24 65.86
N MET KA 2 36.00 -39.74 -36.63
CA MET KA 2 36.55 -39.52 -37.96
C MET KA 2 35.56 -40.01 -39.02
N THR KA 3 35.16 -39.10 -39.89
CA THR KA 3 34.10 -39.37 -40.85
C THR KA 3 34.63 -40.26 -41.97
N GLY KA 4 33.75 -41.14 -42.48
CA GLY KA 4 33.99 -41.90 -43.69
C GLY KA 4 34.43 -41.03 -44.85
N ARG KA 5 35.66 -41.12 -45.40
CA ARG KA 5 36.63 -42.25 -45.46
C ARG KA 5 35.91 -43.47 -46.04
N GLN KA 6 35.59 -43.30 -47.33
CA GLN KA 6 35.13 -44.37 -48.22
C GLN KA 6 33.82 -44.97 -47.77
N ALA KA 7 32.82 -44.10 -47.58
CA ALA KA 7 31.44 -44.52 -47.42
C ALA KA 7 30.80 -44.63 -48.80
N ARG KA 8 31.33 -45.56 -49.60
CA ARG KA 8 31.04 -45.62 -51.03
C ARG KA 8 30.33 -46.88 -51.52
N ALA KA 9 30.79 -48.14 -51.30
CA ALA KA 9 31.38 -48.81 -50.12
C ALA KA 9 30.58 -48.46 -48.88
N PRO KA 10 29.37 -49.05 -48.75
CA PRO KA 10 28.39 -48.56 -47.75
C PRO KA 10 28.76 -48.89 -46.31
N LEU KA 11 27.83 -48.62 -45.38
CA LEU KA 11 28.17 -48.63 -43.96
C LEU KA 11 28.53 -50.04 -43.48
N GLN KA 12 27.69 -51.04 -43.82
CA GLN KA 12 28.05 -52.44 -44.10
C GLN KA 12 29.01 -53.04 -43.07
N PHE KA 13 28.45 -53.28 -41.88
CA PHE KA 13 29.10 -53.53 -40.60
C PHE KA 13 30.39 -54.33 -40.63
N LEU KA 14 30.45 -55.35 -41.49
CA LEU KA 14 31.71 -56.01 -41.81
C LEU KA 14 31.88 -56.01 -43.32
N PRO KA 15 32.89 -55.33 -43.87
CA PRO KA 15 33.16 -55.43 -45.30
C PRO KA 15 33.94 -56.69 -45.64
N ASP KA 16 34.36 -56.83 -46.90
CA ASP KA 16 35.04 -58.05 -47.30
C ASP KA 16 36.46 -58.10 -46.77
N GLU KA 17 37.11 -56.95 -46.58
CA GLU KA 17 38.48 -56.95 -46.09
C GLU KA 17 38.58 -57.23 -44.60
N ALA KA 18 37.47 -57.22 -43.86
CA ALA KA 18 37.49 -57.68 -42.49
C ALA KA 18 37.64 -59.19 -42.40
N ARG KA 19 37.41 -59.90 -43.49
CA ARG KA 19 37.71 -61.33 -43.58
C ARG KA 19 39.18 -61.60 -43.84
N SER KA 20 39.96 -60.56 -44.16
CA SER KA 20 41.38 -60.71 -44.43
C SER KA 20 42.24 -60.58 -43.18
N LEU KA 21 41.74 -59.91 -42.14
CA LEU KA 21 42.38 -59.76 -40.85
C LEU KA 21 42.06 -60.95 -39.96
N PRO KA 22 42.92 -61.31 -38.98
CA PRO KA 22 42.65 -62.50 -38.19
C PRO KA 22 41.50 -62.28 -37.23
N PRO KA 23 40.72 -63.32 -36.95
CA PRO KA 23 39.53 -63.14 -36.12
C PRO KA 23 39.88 -63.07 -34.65
N PRO KA 24 39.02 -62.48 -33.82
CA PRO KA 24 39.26 -62.52 -32.38
C PRO KA 24 39.02 -63.92 -31.84
N LYS KA 25 39.90 -64.35 -30.95
CA LYS KA 25 39.96 -65.74 -30.51
C LYS KA 25 38.84 -66.02 -29.53
N LEU KA 26 38.73 -67.28 -29.14
CA LEU KA 26 37.92 -67.63 -27.98
C LEU KA 26 38.73 -67.31 -26.73
N THR KA 27 38.04 -67.31 -25.58
CA THR KA 27 38.47 -66.96 -24.22
C THR KA 27 39.36 -65.72 -24.16
N ASP KA 28 39.06 -64.73 -24.99
CA ASP KA 28 39.62 -63.41 -24.82
C ASP KA 28 39.00 -62.77 -23.57
N PRO KA 29 39.72 -61.86 -22.90
CA PRO KA 29 39.17 -61.29 -21.65
C PRO KA 29 37.95 -60.42 -21.86
N ARG KA 30 37.79 -59.80 -23.03
CA ARG KA 30 36.66 -58.93 -23.23
C ARG KA 30 35.36 -59.71 -23.41
N LEU KA 31 35.40 -60.79 -24.18
CA LEU KA 31 34.21 -61.64 -24.30
C LEU KA 31 33.90 -62.34 -22.98
N ALA KA 32 34.92 -62.62 -22.17
CA ALA KA 32 34.69 -63.14 -20.83
C ALA KA 32 34.00 -62.10 -19.96
N TYR KA 33 34.37 -60.82 -20.12
CA TYR KA 33 33.67 -59.76 -19.41
C TYR KA 33 32.23 -59.63 -19.87
N ILE KA 34 32.00 -59.80 -21.17
CA ILE KA 34 30.64 -59.73 -21.71
C ILE KA 34 29.80 -60.90 -21.19
N GLY KA 35 30.40 -62.08 -21.09
CA GLY KA 35 29.68 -63.24 -20.57
C GLY KA 35 29.39 -63.13 -19.08
N PHE KA 36 30.34 -62.56 -18.32
CA PHE KA 36 30.08 -62.31 -16.90
C PHE KA 36 29.01 -61.25 -16.72
N LEU KA 37 28.96 -60.27 -17.62
CA LEU KA 37 27.88 -59.30 -17.59
C LEU KA 37 26.55 -59.96 -17.93
N GLY KA 38 26.56 -60.97 -18.80
CA GLY KA 38 25.33 -61.70 -19.06
C GLY KA 38 24.86 -62.52 -17.88
N TYR KA 39 25.81 -63.12 -17.16
CA TYR KA 39 25.50 -63.82 -15.92
C TYR KA 39 24.89 -62.89 -14.89
N CYS KA 40 25.51 -61.71 -14.70
CA CYS KA 40 24.97 -60.74 -13.76
C CYS KA 40 23.65 -60.15 -14.25
N SER KA 41 23.46 -60.07 -15.58
CA SER KA 41 22.21 -59.57 -16.13
C SER KA 41 21.07 -60.52 -15.84
N GLY KA 42 21.31 -61.82 -16.03
CA GLY KA 42 20.31 -62.80 -15.67
C GLY KA 42 20.06 -62.85 -14.17
N LEU KA 43 21.11 -62.64 -13.37
CA LEU KA 43 20.95 -62.62 -11.92
C LEU KA 43 20.08 -61.46 -11.48
N ILE KA 44 20.33 -60.27 -12.03
CA ILE KA 44 19.54 -59.12 -11.62
C ILE KA 44 18.14 -59.18 -12.23
N ASP KA 45 17.99 -59.86 -13.37
CA ASP KA 45 16.65 -60.05 -13.91
C ASP KA 45 15.85 -61.03 -13.06
N ASN KA 46 16.53 -62.01 -12.47
CA ASN KA 46 15.86 -62.84 -11.48
C ASN KA 46 15.69 -62.11 -10.16
N ALA KA 47 16.41 -61.01 -9.95
CA ALA KA 47 16.25 -60.22 -8.74
C ALA KA 47 15.14 -59.19 -8.83
N ILE KA 48 14.76 -58.73 -10.03
CA ILE KA 48 13.69 -57.74 -10.14
C ILE KA 48 12.37 -58.38 -9.76
N ARG KA 49 11.94 -59.38 -10.52
CA ARG KA 49 10.83 -60.20 -10.12
C ARG KA 49 11.22 -61.02 -8.90
N ARG KA 50 10.23 -61.38 -8.10
CA ARG KA 50 10.52 -61.93 -6.78
C ARG KA 50 10.68 -63.44 -6.80
N ARG KA 51 11.16 -64.00 -7.91
CA ARG KA 51 11.62 -65.36 -7.90
C ARG KA 51 12.91 -65.46 -7.07
N PRO KA 52 13.24 -66.63 -6.54
CA PRO KA 52 14.54 -66.80 -5.90
C PRO KA 52 15.68 -66.66 -6.90
N VAL KA 53 16.78 -66.10 -6.44
CA VAL KA 53 17.94 -65.88 -7.27
C VAL KA 53 18.71 -67.19 -7.35
N LEU KA 54 19.63 -67.30 -8.31
CA LEU KA 54 20.50 -68.45 -8.56
C LEU KA 54 19.71 -69.72 -8.90
N SER KA 55 18.48 -69.59 -9.36
CA SER KA 55 17.65 -70.73 -9.68
C SER KA 55 16.54 -70.28 -10.63
N ALA KA 56 15.95 -71.26 -11.31
CA ALA KA 56 14.70 -71.16 -12.06
C ALA KA 56 14.73 -70.15 -13.20
N GLY KA 57 15.91 -69.71 -13.62
CA GLY KA 57 16.00 -68.76 -14.71
C GLY KA 57 17.16 -69.12 -15.60
N LEU KA 58 17.52 -70.42 -15.58
CA LEU KA 58 18.71 -70.90 -16.28
C LEU KA 58 18.55 -70.79 -17.79
N HIS KA 59 17.32 -70.93 -18.28
CA HIS KA 59 17.03 -70.63 -19.68
C HIS KA 59 17.29 -69.16 -19.99
N ARG KA 60 16.95 -68.26 -19.07
CA ARG KA 60 17.23 -66.85 -19.32
C ARG KA 60 18.71 -66.52 -19.14
N GLN KA 61 19.39 -67.22 -18.22
CA GLN KA 61 20.86 -67.16 -18.15
C GLN KA 61 21.46 -67.51 -19.50
N PHE KA 62 21.02 -68.65 -20.05
CA PHE KA 62 21.56 -69.19 -21.28
C PHE KA 62 21.28 -68.25 -22.45
N LEU KA 63 20.07 -67.67 -22.47
CA LEU KA 63 19.68 -66.76 -23.54
C LEU KA 63 20.47 -65.45 -23.49
N TYR KA 64 20.59 -64.87 -22.29
CA TYR KA 64 21.31 -63.61 -22.14
C TYR KA 64 22.80 -63.77 -22.45
N ILE KA 65 23.41 -64.86 -21.98
CA ILE KA 65 24.82 -65.11 -22.24
C ILE KA 65 25.06 -65.33 -23.73
N THR KA 66 24.17 -66.09 -24.38
CA THR KA 66 24.31 -66.37 -25.81
C THR KA 66 24.22 -65.09 -26.64
N SER KA 67 23.19 -64.27 -26.35
CA SER KA 67 22.99 -63.04 -27.09
C SER KA 67 24.16 -62.08 -26.90
N PHE KA 68 24.67 -62.00 -25.67
CA PHE KA 68 25.77 -61.08 -25.41
C PHE KA 68 27.07 -61.55 -26.05
N VAL KA 69 27.32 -62.86 -26.06
CA VAL KA 69 28.53 -63.38 -26.70
C VAL KA 69 28.49 -63.12 -28.20
N PHE KA 70 27.33 -63.32 -28.83
CA PHE KA 70 27.16 -63.05 -30.25
C PHE KA 70 27.41 -61.59 -30.58
N VAL KA 71 26.79 -60.69 -29.79
CA VAL KA 71 26.90 -59.26 -30.03
C VAL KA 71 28.34 -58.79 -29.82
N GLY KA 72 28.95 -59.20 -28.71
CA GLY KA 72 30.31 -58.77 -28.41
C GLY KA 72 31.34 -59.31 -29.37
N TYR KA 73 31.12 -60.50 -29.93
CA TYR KA 73 32.02 -61.00 -30.96
C TYR KA 73 31.97 -60.13 -32.21
N TYR KA 74 30.77 -59.76 -32.65
CA TYR KA 74 30.72 -58.86 -33.81
C TYR KA 74 31.25 -57.46 -33.50
N LEU KA 75 31.09 -56.99 -32.26
CA LEU KA 75 31.64 -55.69 -31.89
C LEU KA 75 33.16 -55.70 -31.90
N LEU KA 76 33.76 -56.80 -31.44
CA LEU KA 76 35.21 -56.96 -31.49
C LEU KA 76 35.69 -57.00 -32.94
N LYS KA 77 34.91 -57.61 -33.83
CA LYS KA 77 35.29 -57.62 -35.24
C LYS KA 77 35.28 -56.22 -35.85
N ARG KA 78 34.26 -55.42 -35.52
CA ARG KA 78 34.21 -54.04 -36.00
C ARG KA 78 35.35 -53.20 -35.43
N GLN KA 79 35.71 -53.46 -34.16
CA GLN KA 79 36.83 -52.78 -33.52
C GLN KA 79 38.14 -53.05 -34.24
N ASP KA 80 38.40 -54.32 -34.55
CA ASP KA 80 39.62 -54.69 -35.26
C ASP KA 80 39.65 -54.08 -36.65
N TYR KA 81 38.48 -54.01 -37.32
CA TYR KA 81 38.41 -53.40 -38.64
C TYR KA 81 38.75 -51.92 -38.60
N MET KA 82 38.23 -51.21 -37.60
CA MET KA 82 38.49 -49.78 -37.47
C MET KA 82 39.96 -49.50 -37.19
N TYR KA 83 40.58 -50.27 -36.29
CA TYR KA 83 41.99 -50.03 -36.01
C TYR KA 83 42.88 -50.42 -37.16
N ALA KA 84 42.49 -51.45 -37.94
CA ALA KA 84 43.26 -51.83 -39.11
C ALA KA 84 43.23 -50.75 -40.19
N VAL KA 85 42.05 -50.19 -40.46
CA VAL KA 85 41.97 -49.17 -41.50
C VAL KA 85 42.63 -47.88 -41.02
N ARG KA 86 42.64 -47.64 -39.70
CA ARG KA 86 43.32 -46.45 -39.18
C ARG KA 86 44.83 -46.56 -39.34
N ASP KA 87 45.40 -47.72 -39.01
CA ASP KA 87 46.83 -47.93 -39.19
C ASP KA 87 47.23 -47.92 -40.66
N HIS KA 88 46.35 -48.45 -41.52
CA HIS KA 88 46.61 -48.50 -42.95
C HIS KA 88 46.66 -47.09 -43.53
N ASP KA 89 45.69 -46.25 -43.16
CA ASP KA 89 45.67 -44.87 -43.66
C ASP KA 89 46.84 -44.07 -43.11
N MET KA 90 47.24 -44.33 -41.86
CA MET KA 90 48.37 -43.62 -41.28
C MET KA 90 49.66 -43.93 -42.02
N PHE KA 91 49.94 -45.22 -42.23
CA PHE KA 91 51.16 -45.61 -42.94
C PHE KA 91 51.14 -45.15 -44.38
N SER KA 92 49.96 -45.15 -45.02
CA SER KA 92 49.85 -44.68 -46.39
C SER KA 92 50.14 -43.19 -46.50
N TYR KA 93 49.65 -42.39 -45.54
CA TYR KA 93 49.92 -40.97 -45.66
C TYR KA 93 51.35 -40.63 -45.28
N ILE KA 94 51.96 -41.40 -44.38
CA ILE KA 94 53.37 -41.21 -44.09
C ILE KA 94 54.22 -41.54 -45.31
N LYS KA 95 53.88 -42.62 -46.02
CA LYS KA 95 54.59 -42.93 -47.24
C LYS KA 95 54.30 -41.93 -48.35
N SER KA 96 53.16 -41.24 -48.28
CA SER KA 96 52.82 -40.26 -49.32
C SER KA 96 53.73 -39.06 -49.28
N HIS KA 97 53.98 -38.50 -48.08
CA HIS KA 97 54.72 -37.25 -47.95
C HIS KA 97 55.87 -37.44 -46.97
N PRO KA 98 57.07 -37.78 -47.47
CA PRO KA 98 58.24 -37.75 -46.59
C PRO KA 98 58.69 -36.35 -46.25
N GLU KA 99 58.24 -35.33 -47.00
CA GLU KA 99 58.72 -33.97 -46.83
C GLU KA 99 58.14 -33.31 -45.58
N ASP KA 100 56.93 -33.70 -45.17
CA ASP KA 100 56.28 -33.04 -44.06
C ASP KA 100 56.93 -33.41 -42.73
N PHE KA 101 57.23 -34.70 -42.55
CA PHE KA 101 57.62 -35.27 -41.26
C PHE KA 101 58.98 -35.90 -41.42
N PRO KA 102 60.05 -35.12 -41.34
CA PRO KA 102 61.39 -35.66 -41.59
C PRO KA 102 61.90 -36.46 -40.39
N GLU KA 103 62.90 -37.29 -40.67
CA GLU KA 103 63.56 -38.04 -39.62
C GLU KA 103 64.40 -37.09 -38.76
N LYS KA 104 64.14 -37.10 -37.46
CA LYS KA 104 64.78 -36.15 -36.56
C LYS KA 104 66.26 -36.49 -36.39
N ASP KA 105 67.09 -35.45 -36.44
CA ASP KA 105 68.53 -35.60 -36.39
C ASP KA 105 68.94 -35.80 -34.93
N LYS KA 106 68.86 -37.05 -34.49
CA LYS KA 106 68.97 -37.41 -33.08
C LYS KA 106 70.41 -37.32 -32.64
N LYS KA 107 70.81 -36.12 -32.21
CA LYS KA 107 72.17 -35.87 -31.77
C LYS KA 107 72.40 -36.50 -30.41
N THR KA 108 73.51 -37.21 -30.26
CA THR KA 108 73.78 -37.91 -29.02
C THR KA 108 74.17 -36.91 -27.92
N TYR KA 109 74.10 -37.38 -26.68
CA TYR KA 109 74.13 -36.50 -25.52
C TYR KA 109 75.51 -35.99 -25.17
N ARG KA 110 76.54 -36.32 -25.94
CA ARG KA 110 77.88 -35.79 -25.70
C ARG KA 110 77.93 -34.29 -25.94
N GLU KA 111 77.04 -33.76 -26.78
CA GLU KA 111 77.03 -32.34 -27.08
C GLU KA 111 75.64 -31.71 -26.91
N VAL KA 112 74.66 -32.43 -26.38
CA VAL KA 112 73.35 -31.86 -26.10
C VAL KA 112 73.48 -31.04 -24.82
N PHE KA 113 73.54 -29.72 -24.96
CA PHE KA 113 73.68 -28.87 -23.80
C PHE KA 113 72.31 -28.63 -23.17
N GLU KA 114 72.18 -28.99 -21.90
CA GLU KA 114 70.95 -28.80 -21.15
C GLU KA 114 71.28 -28.14 -19.83
N GLU KA 115 70.50 -27.13 -19.45
CA GLU KA 115 70.77 -26.41 -18.22
C GLU KA 115 70.43 -27.26 -17.01
N PHE KA 116 71.12 -27.01 -15.91
CA PHE KA 116 71.08 -27.96 -14.80
C PHE KA 116 70.01 -27.65 -13.76
N HIS KA 117 69.86 -26.37 -13.37
CA HIS KA 117 68.91 -25.89 -12.36
C HIS KA 117 69.06 -26.63 -11.03
N PRO KA 118 70.09 -26.31 -10.24
CA PRO KA 118 70.31 -27.04 -8.98
C PRO KA 118 69.21 -26.76 -7.95
N VAL KA 119 68.75 -27.82 -7.34
CA VAL KA 119 67.77 -27.72 -6.27
C VAL KA 119 68.49 -27.71 -4.93
N ARG KA 120 68.05 -26.83 -4.05
CA ARG KA 120 68.74 -26.62 -2.79
C ARG KA 120 67.78 -26.78 -1.62
N SER LA 1 45.34 -2.14 56.54
CA SER LA 1 46.72 -2.55 56.76
C SER LA 1 47.22 -3.42 55.61
N PHE LA 2 46.75 -3.12 54.41
CA PHE LA 2 47.07 -3.89 53.21
C PHE LA 2 46.65 -3.07 51.99
N PRO LA 3 47.20 -3.36 50.79
CA PRO LA 3 46.69 -2.74 49.56
C PRO LA 3 45.36 -3.25 49.03
N LYS LA 4 44.62 -3.98 49.87
CA LYS LA 4 43.21 -4.36 49.71
C LYS LA 4 42.96 -5.38 48.62
N TYR LA 5 43.99 -6.09 48.15
CA TYR LA 5 43.89 -7.25 47.26
C TYR LA 5 43.18 -6.94 45.94
N GLU LA 6 43.86 -6.29 45.01
CA GLU LA 6 43.28 -6.05 43.70
C GLU LA 6 42.92 -7.38 43.01
N PRO LA 7 41.76 -7.46 42.37
CA PRO LA 7 41.43 -8.64 41.57
C PRO LA 7 41.86 -8.46 40.12
N SER LA 8 42.03 -9.59 39.45
CA SER LA 8 42.50 -9.59 38.07
C SER LA 8 42.02 -10.87 37.39
N ARG LA 9 42.44 -11.04 36.14
CA ARG LA 9 42.03 -12.20 35.36
C ARG LA 9 42.69 -13.49 35.85
N LEU LA 10 43.76 -13.38 36.63
CA LEU LA 10 44.27 -14.50 37.40
C LEU LA 10 44.01 -14.39 38.89
N ALA LA 11 43.95 -13.17 39.42
CA ALA LA 11 43.77 -12.97 40.85
C ALA LA 11 42.35 -13.33 41.25
N SER LA 12 42.15 -14.57 41.66
CA SER LA 12 40.86 -15.04 42.08
C SER LA 12 40.53 -14.44 43.45
N LEU LA 13 39.39 -13.77 43.53
CA LEU LA 13 38.97 -13.14 44.77
C LEU LA 13 38.45 -14.21 45.73
N PRO LA 14 39.05 -14.38 46.90
CA PRO LA 14 38.56 -15.40 47.85
C PRO LA 14 37.30 -14.94 48.55
N THR LA 15 36.57 -15.91 49.08
CA THR LA 15 35.25 -15.70 49.65
C THR LA 15 35.26 -15.03 51.01
N THR LA 16 36.42 -14.68 51.55
CA THR LA 16 36.46 -13.99 52.84
C THR LA 16 36.08 -12.52 52.66
N LEU LA 17 36.93 -11.77 51.95
CA LEU LA 17 36.66 -10.36 51.68
C LEU LA 17 36.04 -10.26 50.28
N ASP LA 18 34.72 -10.16 50.26
CA ASP LA 18 34.03 -10.11 48.98
C ASP LA 18 33.98 -8.72 48.36
N PRO LA 19 33.60 -7.63 49.07
CA PRO LA 19 33.01 -7.34 50.39
C PRO LA 19 31.50 -7.24 50.28
N ALA LA 20 30.94 -7.83 49.22
CA ALA LA 20 29.51 -7.80 48.98
C ALA LA 20 28.72 -8.68 49.94
N GLU LA 21 29.39 -9.45 50.80
CA GLU LA 21 28.74 -10.22 51.84
C GLU LA 21 28.69 -9.45 53.16
N TYR LA 22 28.60 -8.13 53.08
CA TYR LA 22 28.46 -7.26 54.25
C TYR LA 22 27.11 -6.57 54.26
N ASP LA 23 26.78 -5.84 53.20
CA ASP LA 23 25.46 -5.21 53.07
C ASP LA 23 24.57 -6.13 52.22
N ILE LA 24 24.21 -7.24 52.84
CA ILE LA 24 23.41 -8.25 52.16
C ILE LA 24 21.97 -7.76 52.06
N SER LA 25 21.41 -7.81 50.86
CA SER LA 25 20.00 -7.52 50.70
C SER LA 25 19.18 -8.75 51.04
N SER LA 26 17.95 -8.52 51.49
CA SER LA 26 17.05 -9.63 51.78
C SER LA 26 16.65 -10.37 50.51
N GLU LA 27 16.59 -9.66 49.39
CA GLU LA 27 16.33 -10.31 48.11
C GLU LA 27 17.54 -11.10 47.65
N THR LA 28 18.74 -10.73 48.07
CA THR LA 28 19.90 -11.56 47.75
C THR LA 28 19.90 -12.85 48.57
N ARG LA 29 19.43 -12.78 49.82
CA ARG LA 29 19.21 -14.01 50.58
C ARG LA 29 18.11 -14.84 49.94
N LYS LA 30 17.10 -14.19 49.36
CA LYS LA 30 16.07 -14.91 48.64
C LYS LA 30 16.62 -15.57 47.39
N ALA LA 31 17.58 -14.91 46.72
CA ALA LA 31 18.24 -15.51 45.58
C ALA LA 31 19.08 -16.70 45.99
N GLN LA 32 19.74 -16.61 47.15
CA GLN LA 32 20.49 -17.75 47.68
C GLN LA 32 19.56 -18.91 48.02
N ALA LA 33 18.37 -18.62 48.53
CA ALA LA 33 17.38 -19.66 48.82
C ALA LA 33 16.86 -20.30 47.55
N GLU LA 34 16.66 -19.49 46.51
CA GLU LA 34 16.26 -20.04 45.20
C GLU LA 34 17.35 -20.91 44.61
N ARG LA 35 18.61 -20.52 44.81
CA ARG LA 35 19.75 -21.32 44.38
C ARG LA 35 19.78 -22.66 45.11
N LEU LA 36 19.51 -22.63 46.41
CA LEU LA 36 19.39 -23.85 47.20
C LEU LA 36 18.26 -24.72 46.70
N ALA LA 37 17.15 -24.09 46.29
CA ALA LA 37 16.01 -24.84 45.76
C ALA LA 37 16.34 -25.52 44.44
N ILE LA 38 17.09 -24.83 43.58
CA ILE LA 38 17.49 -25.40 42.30
C ILE LA 38 18.42 -26.60 42.51
N ARG LA 39 19.44 -26.44 43.36
CA ARG LA 39 20.35 -27.55 43.64
C ARG LA 39 19.63 -28.69 44.35
N SER LA 40 18.63 -28.37 45.18
CA SER LA 40 17.87 -29.38 45.89
C SER LA 40 17.06 -30.23 44.92
N ARG LA 41 16.34 -29.58 43.99
CA ARG LA 41 15.55 -30.32 43.01
C ARG LA 41 16.42 -31.15 42.08
N LEU LA 42 17.58 -30.59 41.68
CA LEU LA 42 18.43 -31.33 40.75
C LEU LA 42 19.09 -32.52 41.41
N LYS LA 43 19.59 -32.38 42.64
CA LYS LA 43 20.15 -33.54 43.32
C LYS LA 43 19.08 -34.53 43.72
N ARG LA 44 17.85 -34.06 43.95
CA ARG LA 44 16.74 -34.96 44.25
C ARG LA 44 16.44 -35.87 43.06
N GLU LA 45 16.32 -35.29 41.87
CA GLU LA 45 16.06 -36.13 40.71
C GLU LA 45 17.29 -36.92 40.27
N TYR LA 46 18.49 -36.46 40.61
CA TYR LA 46 19.68 -37.28 40.41
C TYR LA 46 19.62 -38.55 41.26
N GLN LA 47 19.28 -38.39 42.54
CA GLN LA 47 19.17 -39.56 43.41
C GLN LA 47 17.95 -40.40 43.06
N LEU LA 48 16.95 -39.84 42.39
CA LEU LA 48 15.88 -40.65 41.83
C LEU LA 48 16.41 -41.54 40.70
N GLN LA 49 17.01 -40.93 39.68
CA GLN LA 49 17.46 -41.68 38.51
C GLN LA 49 18.85 -42.28 38.68
N TYR LA 50 19.36 -42.33 39.90
CA TYR LA 50 20.70 -42.84 40.13
C TYR LA 50 20.74 -44.09 40.98
N ASN LA 51 19.91 -44.19 42.00
CA ASN LA 51 19.97 -45.31 42.93
C ASN LA 51 19.09 -46.48 42.53
N ASP LA 52 18.48 -46.44 41.34
CA ASP LA 52 17.55 -47.47 40.91
C ASP LA 52 18.29 -48.77 40.63
N PRO LA 53 18.02 -49.85 41.38
CA PRO LA 53 18.66 -51.14 41.03
C PRO LA 53 18.10 -51.73 39.76
N SER LA 54 16.88 -51.38 39.39
CA SER LA 54 16.32 -51.80 38.12
C SER LA 54 17.05 -51.15 36.96
N ARG LA 55 17.60 -49.96 37.16
CA ARG LA 55 18.35 -49.28 36.11
C ARG LA 55 19.70 -49.96 35.94
N ARG LA 56 20.22 -49.91 34.72
CA ARG LA 56 21.45 -50.60 34.35
C ARG LA 56 22.59 -49.67 33.98
N GLY LA 57 22.35 -48.72 33.10
CA GLY LA 57 23.41 -48.02 32.39
C GLY LA 57 23.75 -46.66 32.96
N VAL LA 58 23.99 -45.71 32.06
CA VAL LA 58 24.53 -44.40 32.37
C VAL LA 58 23.45 -43.44 32.87
N VAL LA 59 23.88 -42.26 33.34
CA VAL LA 59 22.96 -41.32 33.98
C VAL LA 59 22.20 -40.44 32.99
N GLU LA 60 22.68 -40.32 31.74
CA GLU LA 60 22.08 -39.52 30.67
C GLU LA 60 21.93 -38.05 31.08
N ASP LA 61 23.08 -37.41 31.24
CA ASP LA 61 23.12 -35.99 31.59
C ASP LA 61 22.65 -35.13 30.41
N PRO LA 62 21.57 -34.36 30.56
CA PRO LA 62 21.16 -33.50 29.45
C PRO LA 62 22.03 -32.26 29.32
N ALA LA 63 22.60 -31.80 30.44
CA ALA LA 63 23.35 -30.55 30.42
C ALA LA 63 24.71 -30.72 29.75
N LEU LA 64 25.34 -31.89 29.91
CA LEU LA 64 26.63 -32.12 29.27
C LEU LA 64 26.47 -32.26 27.76
N ILE LA 65 25.40 -32.95 27.33
CA ILE LA 65 25.09 -33.03 25.91
C ILE LA 65 24.73 -31.65 25.37
N ARG LA 66 24.05 -30.84 26.19
CA ARG LA 66 23.72 -29.46 25.84
C ARG LA 66 24.98 -28.65 25.62
N TRP LA 67 25.95 -28.80 26.51
CA TRP LA 67 27.22 -28.08 26.39
C TRP LA 67 28.02 -28.55 25.18
N THR LA 68 28.01 -29.86 24.90
CA THR LA 68 28.78 -30.38 23.78
C THR LA 68 28.20 -29.94 22.45
N CYS LA 69 26.88 -30.00 22.31
CA CYS LA 69 26.26 -29.54 21.07
C CYS LA 69 26.34 -28.02 20.93
N ALA LA 70 26.39 -27.31 22.06
CA ALA LA 70 26.64 -25.87 22.00
C ALA LA 70 28.07 -25.59 21.55
N ARG LA 71 29.01 -26.43 21.94
CA ARG LA 71 30.41 -26.17 21.67
C ARG LA 71 30.80 -26.58 20.26
N SER LA 72 30.16 -27.62 19.71
CA SER LA 72 30.54 -28.15 18.42
C SER LA 72 29.59 -27.72 17.31
N ALA LA 73 28.29 -28.04 17.46
CA ALA LA 73 27.35 -27.86 16.38
C ALA LA 73 26.72 -26.48 16.35
N ASN LA 74 26.68 -25.79 17.48
CA ASN LA 74 26.03 -24.49 17.57
C ASN LA 74 27.01 -23.35 17.37
N VAL LA 75 28.04 -23.55 16.55
CA VAL LA 75 29.02 -22.50 16.28
C VAL LA 75 28.60 -21.68 15.08
N TYR LA 76 28.36 -22.36 13.95
CA TYR LA 76 28.20 -21.66 12.69
C TYR LA 76 26.85 -20.93 12.63
N PRO LA 77 25.74 -21.49 13.12
CA PRO LA 77 24.70 -20.59 13.65
C PRO LA 77 24.85 -20.44 15.16
N ASN LA 78 24.71 -19.23 15.69
CA ASN LA 78 24.55 -18.01 14.92
C ASN LA 78 25.87 -17.34 14.63
N PHE LA 79 25.90 -16.53 13.57
CA PHE LA 79 27.09 -15.77 13.21
C PHE LA 79 26.71 -14.64 12.27
N ARG LA 80 27.29 -13.47 12.50
CA ARG LA 80 27.32 -12.43 11.51
C ARG LA 80 28.74 -11.90 11.40
N PRO LA 81 29.21 -11.61 10.21
CA PRO LA 81 30.55 -11.03 10.08
C PRO LA 81 30.59 -9.59 10.55
N ASN LA 82 31.17 -9.37 11.71
CA ASN LA 82 31.26 -8.03 12.25
C ASN LA 82 32.68 -7.50 12.04
N THR LA 83 32.93 -6.30 12.57
CA THR LA 83 34.24 -5.68 12.43
C THR LA 83 35.30 -6.43 13.23
N LYS LA 84 34.94 -6.82 14.45
CA LYS LA 84 35.90 -7.47 15.34
C LYS LA 84 36.27 -8.85 14.85
N THR LA 85 35.30 -9.60 14.34
CA THR LA 85 35.56 -10.95 13.83
C THR LA 85 36.44 -10.90 12.59
N SER LA 86 36.15 -9.99 11.66
CA SER LA 86 36.93 -9.89 10.44
C SER LA 86 38.35 -9.41 10.71
N LEU LA 87 38.48 -8.42 11.61
CA LEU LA 87 39.80 -7.91 11.96
C LEU LA 87 40.63 -8.95 12.68
N LEU LA 88 40.02 -9.68 13.62
CA LEU LA 88 40.77 -10.69 14.35
C LEU LA 88 41.07 -11.90 13.47
N GLY LA 89 40.23 -12.14 12.47
CA GLY LA 89 40.52 -13.19 11.51
C GLY LA 89 41.69 -12.84 10.61
N ALA LA 90 41.75 -11.59 10.16
CA ALA LA 90 42.91 -11.16 9.39
C ALA LA 90 44.16 -11.11 10.26
N LEU LA 91 44.00 -10.91 11.56
CA LEU LA 91 45.17 -10.83 12.42
C LEU LA 91 45.73 -12.21 12.76
N PHE LA 92 44.85 -13.21 12.92
CA PHE LA 92 45.33 -14.56 13.25
C PHE LA 92 45.48 -15.47 12.05
N GLY LA 93 45.03 -15.08 10.87
CA GLY LA 93 45.13 -15.98 9.74
C GLY LA 93 46.22 -15.60 8.77
N ILE LA 94 46.51 -14.30 8.66
CA ILE LA 94 47.38 -13.78 7.63
C ILE LA 94 48.68 -13.24 8.23
N GLY LA 95 48.60 -12.65 9.42
CA GLY LA 95 49.71 -11.95 10.05
C GLY LA 95 50.96 -12.76 10.32
N PRO LA 96 50.87 -13.76 11.21
CA PRO LA 96 52.05 -14.61 11.47
C PRO LA 96 52.47 -15.42 10.26
N LEU LA 97 51.52 -15.74 9.37
CA LEU LA 97 51.85 -16.48 8.16
C LEU LA 97 52.75 -15.65 7.25
N ILE LA 98 52.38 -14.40 6.99
CA ILE LA 98 53.22 -13.54 6.15
C ILE LA 98 54.50 -13.15 6.88
N PHE LA 99 54.48 -13.18 8.23
CA PHE LA 99 55.68 -12.97 9.02
C PHE LA 99 56.72 -14.06 8.77
N TRP LA 100 56.29 -15.32 8.90
CA TRP LA 100 57.20 -16.44 8.63
C TRP LA 100 57.58 -16.49 7.15
N TYR LA 101 56.69 -15.99 6.28
CA TYR LA 101 56.96 -15.96 4.84
C TYR LA 101 58.13 -15.05 4.52
N TYR LA 102 58.09 -13.82 5.04
CA TYR LA 102 59.17 -12.89 4.76
C TYR LA 102 60.47 -13.30 5.44
N VAL LA 103 60.41 -13.91 6.64
CA VAL LA 103 61.69 -14.30 7.23
C VAL LA 103 62.27 -15.52 6.51
N PHE LA 104 61.42 -16.39 5.93
CA PHE LA 104 61.95 -17.53 5.20
C PHE LA 104 62.55 -17.10 3.87
N LYS LA 105 61.91 -16.15 3.18
CA LYS LA 105 62.51 -15.60 1.96
C LYS LA 105 63.80 -14.88 2.27
N THR LA 106 63.88 -14.19 3.42
CA THR LA 106 65.08 -13.44 3.76
C THR LA 106 66.26 -14.37 4.05
N ASP LA 107 66.05 -15.37 4.91
CA ASP LA 107 67.10 -16.33 5.21
C ASP LA 107 67.47 -17.17 3.98
N ARG LA 108 66.48 -17.47 3.13
CA ARG LA 108 66.76 -18.20 1.90
C ARG LA 108 67.59 -17.37 0.94
N ASP LA 109 67.32 -16.06 0.83
CA ASP LA 109 68.13 -15.22 -0.04
C ASP LA 109 69.55 -15.07 0.48
N ARG LA 110 69.71 -15.02 1.81
CA ARG LA 110 71.05 -15.02 2.40
C ARG LA 110 71.81 -16.29 2.04
N LYS LA 111 71.14 -17.44 2.18
CA LYS LA 111 71.76 -18.72 1.83
C LYS LA 111 72.08 -18.81 0.35
N GLU LA 112 71.15 -18.33 -0.50
CA GLU LA 112 71.32 -18.36 -1.94
C GLU LA 112 72.49 -17.52 -2.39
N LYS LA 113 72.65 -16.32 -1.82
CA LYS LA 113 73.77 -15.48 -2.20
C LYS LA 113 75.09 -16.04 -1.69
N LEU LA 114 75.09 -16.60 -0.47
CA LEU LA 114 76.32 -17.11 0.10
C LEU LA 114 76.79 -18.39 -0.59
N ILE LA 115 75.88 -19.16 -1.19
CA ILE LA 115 76.32 -20.28 -2.02
C ILE LA 115 76.47 -19.88 -3.49
N GLN LA 116 75.92 -18.74 -3.89
CA GLN LA 116 76.17 -18.23 -5.23
C GLN LA 116 77.60 -17.74 -5.37
N GLU LA 117 78.12 -17.11 -4.31
CA GLU LA 117 79.54 -16.79 -4.29
C GLU LA 117 80.37 -18.07 -4.21
N GLY LA 118 80.07 -18.94 -3.25
CA GLY LA 118 80.80 -20.17 -3.06
C GLY LA 118 81.56 -20.30 -1.76
N LYS LA 119 81.40 -19.35 -0.84
CA LYS LA 119 82.13 -19.37 0.43
C LYS LA 119 81.31 -19.99 1.55
N LEU LA 120 80.87 -21.23 1.29
CA LEU LA 120 80.05 -21.98 2.22
C LEU LA 120 80.94 -22.99 2.95
N ASP LA 121 80.35 -23.77 3.86
CA ASP LA 121 81.01 -24.86 4.55
C ASP LA 121 80.87 -26.19 3.83
N ARG LA 122 80.85 -26.17 2.50
CA ARG LA 122 80.67 -27.34 1.65
C ARG LA 122 81.97 -28.12 1.44
N THR LA 123 82.93 -27.97 2.35
CA THR LA 123 84.10 -28.85 2.39
C THR LA 123 83.68 -30.31 2.46
N PHE LA 124 82.70 -30.60 3.30
CA PHE LA 124 81.90 -31.81 3.16
C PHE LA 124 80.53 -31.51 3.76
N ASN LA 125 79.50 -31.65 2.93
CA ASN LA 125 78.15 -31.23 3.26
C ASN LA 125 77.16 -32.27 2.73
N ILE LA 126 77.44 -33.53 3.04
CA ILE LA 126 76.96 -34.66 2.23
C ILE LA 126 75.44 -34.81 2.34
N SER LA 127 74.94 -35.01 3.55
CA SER LA 127 73.53 -35.30 3.76
C SER LA 127 72.68 -34.06 3.54
N TYR LA 128 72.23 -33.83 2.32
CA TYR LA 128 71.44 -32.64 2.04
C TYR LA 128 69.98 -32.85 2.40
N VAL MA 5 -97.93 -30.50 -52.50
CA VAL MA 5 -96.86 -31.39 -52.91
C VAL MA 5 -95.55 -30.97 -52.26
N LYS MA 6 -94.44 -31.57 -52.71
CA LYS MA 6 -93.13 -31.31 -52.12
C LYS MA 6 -92.15 -30.87 -53.19
N GLN MA 7 -91.16 -30.11 -52.77
CA GLN MA 7 -90.00 -29.75 -53.59
C GLN MA 7 -88.71 -29.93 -52.78
N ASP MA 8 -88.57 -31.09 -52.15
CA ASP MA 8 -87.41 -31.40 -51.34
C ASP MA 8 -86.21 -31.71 -52.23
N MET MA 9 -85.15 -32.22 -51.63
CA MET MA 9 -83.93 -32.60 -52.36
C MET MA 9 -83.61 -34.06 -52.09
N PRO MA 10 -84.24 -34.99 -52.80
CA PRO MA 10 -83.94 -36.41 -52.60
C PRO MA 10 -82.81 -36.83 -53.52
N PRO MA 11 -82.25 -38.02 -53.33
CA PRO MA 11 -81.42 -38.61 -54.38
C PRO MA 11 -82.28 -38.97 -55.59
N VAL MA 12 -81.85 -38.55 -56.77
CA VAL MA 12 -82.67 -38.65 -57.96
C VAL MA 12 -82.56 -40.07 -58.52
N GLY MA 13 -83.42 -40.97 -58.04
CA GLY MA 13 -83.55 -42.31 -58.60
C GLY MA 13 -82.35 -43.20 -58.45
N GLY MA 14 -81.48 -42.95 -57.47
CA GLY MA 14 -80.29 -43.76 -57.31
C GLY MA 14 -79.11 -43.23 -58.11
N TYR MA 15 -78.01 -42.96 -57.42
CA TYR MA 15 -76.84 -42.35 -58.05
C TYR MA 15 -75.92 -43.44 -58.61
N GLY MA 16 -74.71 -43.04 -58.99
CA GLY MA 16 -73.72 -43.98 -59.46
C GLY MA 16 -72.60 -44.15 -58.47
N PRO MA 17 -71.61 -44.98 -58.80
CA PRO MA 17 -70.58 -45.34 -57.82
C PRO MA 17 -69.47 -44.31 -57.71
N ILE MA 18 -68.75 -44.38 -56.60
CA ILE MA 18 -67.55 -43.60 -56.36
C ILE MA 18 -66.48 -44.55 -55.86
N ASP MA 19 -65.38 -44.68 -56.60
CA ASP MA 19 -64.35 -45.64 -56.24
C ASP MA 19 -63.52 -45.14 -55.05
N TYR MA 20 -62.99 -46.11 -54.29
CA TYR MA 20 -62.15 -45.85 -53.12
C TYR MA 20 -60.90 -46.72 -53.15
N LYS MA 21 -60.34 -46.90 -54.33
CA LYS MA 21 -59.13 -47.66 -54.52
C LYS MA 21 -57.93 -46.73 -54.61
N ARG MA 22 -56.79 -47.18 -54.12
CA ARG MA 22 -55.55 -46.44 -54.31
C ARG MA 22 -55.13 -46.48 -55.77
N ASN MA 23 -54.26 -45.56 -56.14
CA ASN MA 23 -53.89 -45.35 -57.53
C ASN MA 23 -52.38 -45.51 -57.67
N LEU MA 24 -51.96 -46.54 -58.39
CA LEU MA 24 -50.56 -46.81 -58.65
C LEU MA 24 -50.26 -46.49 -60.11
N PRO MA 25 -49.22 -45.72 -60.38
CA PRO MA 25 -48.94 -45.31 -61.77
C PRO MA 25 -48.43 -46.45 -62.65
N ARG MA 26 -47.36 -47.12 -62.22
CA ARG MA 26 -46.63 -48.14 -62.99
C ARG MA 26 -46.25 -47.64 -64.38
N ARG MA 27 -45.86 -46.36 -64.48
CA ARG MA 27 -45.45 -45.79 -65.75
C ARG MA 27 -43.98 -46.09 -66.01
N GLY MA 28 -43.49 -45.57 -67.13
CA GLY MA 28 -42.14 -45.84 -67.54
C GLY MA 28 -41.98 -47.27 -68.05
N LEU MA 29 -40.72 -47.60 -68.36
CA LEU MA 29 -40.40 -48.93 -68.88
C LEU MA 29 -40.18 -49.98 -67.80
N SER MA 30 -39.12 -49.84 -67.01
CA SER MA 30 -38.73 -50.83 -66.00
C SER MA 30 -37.61 -50.22 -65.17
N GLY MA 31 -36.98 -51.06 -64.33
CA GLY MA 31 -35.73 -50.70 -63.68
C GLY MA 31 -34.55 -51.36 -64.37
N TYR MA 32 -34.76 -52.60 -64.81
CA TYR MA 32 -33.72 -53.37 -65.50
C TYR MA 32 -33.30 -52.72 -66.80
N SER MA 33 -34.26 -52.47 -67.68
CA SER MA 33 -33.95 -51.85 -68.96
C SER MA 33 -33.53 -50.39 -68.79
N MET MA 34 -33.97 -49.74 -67.70
CA MET MA 34 -33.48 -48.42 -67.37
C MET MA 34 -31.98 -48.45 -67.08
N PHE MA 35 -31.57 -49.40 -66.23
CA PHE MA 35 -30.16 -49.61 -65.94
C PHE MA 35 -29.39 -49.98 -67.19
N ALA MA 36 -30.00 -50.80 -68.05
CA ALA MA 36 -29.33 -51.27 -69.26
C ALA MA 36 -29.14 -50.15 -70.27
N VAL MA 37 -30.14 -49.28 -70.43
CA VAL MA 37 -29.99 -48.17 -71.37
C VAL MA 37 -29.08 -47.10 -70.80
N GLY MA 38 -28.98 -46.98 -69.47
CA GLY MA 38 -27.95 -46.12 -68.90
C GLY MA 38 -26.55 -46.62 -69.21
N ILE MA 39 -26.34 -47.93 -69.06
CA ILE MA 39 -25.06 -48.54 -69.44
C ILE MA 39 -24.81 -48.39 -70.95
N GLY MA 40 -25.87 -48.48 -71.75
CA GLY MA 40 -25.72 -48.36 -73.18
C GLY MA 40 -25.34 -46.97 -73.64
N ALA MA 41 -25.97 -45.94 -73.06
CA ALA MA 41 -25.59 -44.56 -73.36
C ALA MA 41 -24.20 -44.26 -72.85
N LEU MA 42 -23.83 -44.86 -71.72
CA LEU MA 42 -22.48 -44.74 -71.17
C LEU MA 42 -21.44 -45.28 -72.14
N LEU MA 43 -21.65 -46.51 -72.65
CA LEU MA 43 -20.68 -47.12 -73.56
C LEU MA 43 -20.64 -46.41 -74.90
N PHE MA 44 -21.80 -45.95 -75.38
CA PHE MA 44 -21.86 -45.19 -76.61
C PHE MA 44 -21.07 -43.88 -76.50
N GLY MA 45 -21.24 -43.17 -75.39
CA GLY MA 45 -20.50 -41.95 -75.18
C GLY MA 45 -19.01 -42.20 -75.04
N TYR MA 46 -18.63 -43.31 -74.42
CA TYR MA 46 -17.21 -43.62 -74.28
C TYR MA 46 -16.57 -43.97 -75.62
N TRP MA 47 -17.27 -44.72 -76.46
CA TRP MA 47 -16.71 -45.06 -77.77
C TRP MA 47 -16.58 -43.82 -78.66
N SER MA 48 -17.61 -42.95 -78.65
CA SER MA 48 -17.53 -41.73 -79.43
C SER MA 48 -16.44 -40.79 -78.93
N MET MA 49 -16.29 -40.71 -77.60
CA MET MA 49 -15.25 -39.87 -77.02
C MET MA 49 -13.87 -40.43 -77.33
N MET MA 50 -13.74 -41.75 -77.38
CA MET MA 50 -12.50 -42.42 -77.74
C MET MA 50 -12.07 -42.06 -79.15
N ARG MA 51 -13.00 -42.17 -80.10
CA ARG MA 51 -12.69 -41.83 -81.49
C ARG MA 51 -12.36 -40.34 -81.65
N TRP MA 52 -13.12 -39.48 -80.96
CA TRP MA 52 -12.90 -38.04 -81.10
C TRP MA 52 -11.58 -37.61 -80.49
N ASN MA 53 -11.21 -38.20 -79.36
CA ASN MA 53 -9.91 -37.91 -78.76
C ASN MA 53 -8.77 -38.39 -79.65
N ARG MA 54 -8.92 -39.53 -80.32
CA ARG MA 54 -7.83 -39.99 -81.16
C ARG MA 54 -7.66 -39.13 -82.41
N GLU MA 55 -8.78 -38.64 -82.98
CA GLU MA 55 -8.64 -37.69 -84.08
C GLU MA 55 -8.02 -36.37 -83.60
N ARG MA 56 -8.31 -35.97 -82.36
CA ARG MA 56 -7.68 -34.77 -81.83
C ARG MA 56 -6.19 -35.00 -81.55
N ARG MA 57 -5.80 -36.23 -81.18
CA ARG MA 57 -4.38 -36.56 -81.08
C ARG MA 57 -3.69 -36.40 -82.42
N ARG MA 58 -4.35 -36.83 -83.49
CA ARG MA 58 -3.82 -36.64 -84.85
C ARG MA 58 -3.64 -35.16 -85.18
N LEU MA 59 -4.63 -34.35 -84.81
CA LEU MA 59 -4.53 -32.91 -85.06
C LEU MA 59 -3.40 -32.28 -84.24
N GLN MA 60 -3.17 -32.78 -83.02
CA GLN MA 60 -2.12 -32.21 -82.20
C GLN MA 60 -0.74 -32.64 -82.70
N ILE MA 61 -0.66 -33.81 -83.33
CA ILE MA 61 0.57 -34.21 -84.01
C ILE MA 61 0.85 -33.27 -85.19
N GLU MA 62 -0.22 -32.84 -85.88
CA GLU MA 62 -0.01 -31.82 -86.92
C GLU MA 62 0.41 -30.47 -86.32
N ASP MA 63 -0.04 -30.16 -85.10
CA ASP MA 63 0.43 -28.96 -84.42
C ASP MA 63 1.91 -29.05 -84.05
N PHE MA 64 2.34 -30.25 -83.64
CA PHE MA 64 3.77 -30.52 -83.46
C PHE MA 64 4.56 -30.31 -84.75
N GLU MA 65 4.00 -30.78 -85.87
CA GLU MA 65 4.63 -30.54 -87.18
C GLU MA 65 4.78 -29.05 -87.46
N ALA MA 66 3.74 -28.28 -87.11
CA ALA MA 66 3.78 -26.84 -87.30
C ALA MA 66 4.86 -26.18 -86.46
N ARG MA 67 4.99 -26.59 -85.18
CA ARG MA 67 6.00 -25.93 -84.35
C ARG MA 67 7.41 -26.38 -84.72
N ILE MA 68 7.58 -27.62 -85.19
CA ILE MA 68 8.91 -28.10 -85.53
C ILE MA 68 9.41 -27.45 -86.81
N ALA MA 69 8.58 -27.44 -87.86
CA ALA MA 69 8.99 -26.77 -89.09
C ALA MA 69 9.02 -25.26 -88.94
N LEU MA 70 8.28 -24.73 -87.96
CA LEU MA 70 8.18 -23.29 -87.78
C LEU MA 70 9.35 -22.71 -87.01
N MET MA 71 10.08 -23.53 -86.26
CA MET MA 71 11.05 -23.05 -85.27
C MET MA 71 12.39 -22.48 -85.77
N PRO MA 72 13.17 -23.14 -86.64
CA PRO MA 72 14.59 -22.76 -86.77
C PRO MA 72 14.83 -21.40 -87.42
N LEU MA 73 13.98 -20.99 -88.36
CA LEU MA 73 14.10 -19.66 -88.93
C LEU MA 73 13.81 -18.59 -87.88
N LEU MA 74 12.84 -18.85 -87.00
CA LEU MA 74 12.57 -17.94 -85.90
C LEU MA 74 13.73 -17.88 -84.93
N GLN MA 75 14.39 -19.02 -84.71
CA GLN MA 75 15.60 -19.06 -83.89
C GLN MA 75 16.71 -18.19 -84.48
N ALA MA 76 16.92 -18.31 -85.79
CA ALA MA 76 17.96 -17.53 -86.46
C ALA MA 76 17.66 -16.04 -86.44
N GLU MA 77 16.40 -15.68 -86.67
CA GLU MA 77 16.02 -14.26 -86.61
C GLU MA 77 16.15 -13.71 -85.21
N LYS MA 78 15.80 -14.52 -84.19
CA LYS MA 78 15.94 -14.08 -82.80
C LYS MA 78 17.38 -13.85 -82.45
N ASP MA 79 18.27 -14.73 -82.88
CA ASP MA 79 19.68 -14.60 -82.55
C ASP MA 79 20.30 -13.40 -83.24
N ARG MA 80 19.96 -13.19 -84.51
CA ARG MA 80 20.44 -12.00 -85.23
C ARG MA 80 19.92 -10.72 -84.59
N ARG MA 81 18.67 -10.73 -84.12
CA ARG MA 81 18.10 -9.52 -83.55
C ARG MA 81 18.71 -9.21 -82.18
N VAL MA 82 18.95 -10.22 -81.36
CA VAL MA 82 19.53 -9.95 -80.05
C VAL MA 82 21.00 -9.57 -80.17
N LEU MA 83 21.69 -10.08 -81.18
CA LEU MA 83 23.05 -9.61 -81.44
C LEU MA 83 23.05 -8.18 -81.94
N GLN MA 84 22.02 -7.79 -82.70
CA GLN MA 84 21.90 -6.40 -83.12
C GLN MA 84 21.65 -5.48 -81.94
N MET MA 85 20.77 -5.88 -81.02
CA MET MA 85 20.56 -5.09 -79.81
C MET MA 85 21.82 -5.01 -78.95
N LEU MA 86 22.60 -6.09 -78.89
CA LEU MA 86 23.85 -6.04 -78.13
C LEU MA 86 24.87 -5.10 -78.77
N ARG MA 87 24.96 -5.11 -80.10
CA ARG MA 87 25.87 -4.18 -80.77
C ARG MA 87 25.43 -2.74 -80.56
N GLU MA 88 24.12 -2.48 -80.62
CA GLU MA 88 23.63 -1.13 -80.40
C GLU MA 88 23.80 -0.69 -78.95
N ASN MA 89 23.66 -1.62 -77.99
CA ASN MA 89 23.83 -1.24 -76.60
C ASN MA 89 25.30 -1.04 -76.25
N LEU MA 90 26.22 -1.76 -76.91
CA LEU MA 90 27.63 -1.42 -76.74
C LEU MA 90 27.96 -0.09 -77.40
N GLU MA 91 27.26 0.28 -78.47
CA GLU MA 91 27.38 1.64 -79.01
C GLU MA 91 26.87 2.67 -78.00
N GLU MA 92 25.77 2.35 -77.32
CA GLU MA 92 25.23 3.22 -76.27
C GLU MA 92 26.24 3.44 -75.16
N GLU MA 93 26.82 2.35 -74.67
CA GLU MA 93 27.78 2.43 -73.58
C GLU MA 93 29.09 3.10 -74.01
N ALA MA 94 29.48 2.94 -75.29
CA ALA MA 94 30.62 3.67 -75.79
C ALA MA 94 30.35 5.17 -75.90
N THR MA 95 29.09 5.54 -76.11
CA THR MA 95 28.74 6.95 -76.13
C THR MA 95 28.73 7.54 -74.71
N ILE MA 96 28.13 6.83 -73.76
CA ILE MA 96 27.71 7.48 -72.53
C ILE MA 96 28.79 7.57 -71.45
N MET MA 97 29.68 6.59 -71.35
CA MET MA 97 30.57 6.48 -70.19
C MET MA 97 31.97 6.97 -70.52
N LYS MA 98 32.08 8.04 -71.30
CA LYS MA 98 33.37 8.55 -71.73
C LYS MA 98 34.14 9.30 -70.64
N ASP MA 99 33.54 9.54 -69.48
CA ASP MA 99 34.16 10.33 -68.44
C ASP MA 99 34.32 9.59 -67.11
N VAL MA 100 33.81 8.37 -67.00
CA VAL MA 100 33.81 7.65 -65.72
C VAL MA 100 35.22 7.11 -65.45
N PRO MA 101 35.68 7.09 -64.22
CA PRO MA 101 36.92 6.37 -63.90
C PRO MA 101 36.67 4.86 -63.86
N GLY MA 102 37.77 4.11 -63.95
CA GLY MA 102 37.67 2.67 -64.05
C GLY MA 102 37.05 2.29 -65.39
N TRP MA 103 36.16 1.29 -65.34
CA TRP MA 103 35.25 0.95 -66.43
C TRP MA 103 35.94 0.57 -67.74
N LYS MA 104 36.48 -0.64 -67.84
CA LYS MA 104 36.71 -1.20 -69.17
C LYS MA 104 35.39 -1.24 -69.94
N VAL MA 105 35.45 -0.94 -71.23
CA VAL MA 105 34.25 -0.57 -71.98
C VAL MA 105 33.34 -1.76 -72.27
N GLY MA 106 33.83 -2.98 -72.13
CA GLY MA 106 33.06 -4.14 -72.55
C GLY MA 106 33.09 -5.27 -71.57
N GLU MA 107 33.12 -4.96 -70.28
CA GLU MA 107 33.24 -5.96 -69.23
C GLU MA 107 32.03 -6.88 -69.20
N SER MA 108 32.26 -8.16 -69.45
CA SER MA 108 31.37 -9.17 -68.89
C SER MA 108 31.70 -9.35 -67.43
N VAL MA 109 30.67 -9.61 -66.63
CA VAL MA 109 30.86 -9.70 -65.19
C VAL MA 109 31.57 -11.00 -64.82
N PHE MA 110 31.50 -12.01 -65.68
CA PHE MA 110 31.95 -13.35 -65.35
C PHE MA 110 33.45 -13.48 -65.63
N HIS MA 111 33.96 -14.70 -65.62
CA HIS MA 111 35.37 -14.96 -65.84
C HIS MA 111 35.63 -15.71 -67.14
N THR MA 112 34.96 -16.83 -67.35
CA THR MA 112 35.21 -17.66 -68.53
C THR MA 112 34.51 -17.06 -69.73
N THR MA 113 35.22 -17.01 -70.85
CA THR MA 113 34.68 -16.43 -72.08
C THR MA 113 33.79 -17.49 -72.73
N ARG MA 114 32.53 -17.50 -72.32
CA ARG MA 114 31.49 -18.26 -72.99
C ARG MA 114 30.29 -17.35 -73.21
N TRP MA 115 29.41 -17.78 -74.09
CA TRP MA 115 28.20 -17.02 -74.36
C TRP MA 115 27.22 -17.22 -73.21
N VAL MA 116 26.79 -16.13 -72.62
CA VAL MA 116 25.77 -16.17 -71.58
C VAL MA 116 24.48 -15.62 -72.17
N THR MA 117 23.36 -16.17 -71.70
CA THR MA 117 22.07 -15.67 -72.10
C THR MA 117 21.84 -14.31 -71.44
N PRO MA 118 21.43 -13.29 -72.19
CA PRO MA 118 21.20 -11.97 -71.60
C PRO MA 118 19.95 -11.95 -70.72
N MET MA 119 19.86 -10.90 -69.91
CA MET MA 119 18.91 -10.84 -68.80
C MET MA 119 17.74 -9.90 -69.04
N MET MA 120 17.50 -9.49 -70.30
CA MET MA 120 16.50 -8.54 -70.78
C MET MA 120 16.78 -7.10 -70.38
N GLY MA 121 17.81 -6.87 -69.57
CA GLY MA 121 18.24 -5.52 -69.25
C GLY MA 121 19.34 -5.12 -70.19
N GLU MA 122 20.22 -6.09 -70.48
CA GLU MA 122 21.22 -5.90 -71.52
C GLU MA 122 20.57 -5.86 -72.90
N LEU MA 123 19.48 -6.59 -73.09
CA LEU MA 123 18.75 -6.51 -74.35
C LEU MA 123 17.99 -5.19 -74.46
N TYR MA 124 17.27 -4.82 -73.41
CA TYR MA 124 16.47 -3.60 -73.41
C TYR MA 124 16.76 -2.82 -72.15
N GLY MA 125 17.81 -2.00 -72.20
CA GLY MA 125 18.06 -1.00 -71.19
C GLY MA 125 17.69 0.37 -71.73
N LEU MA 126 17.40 1.28 -70.81
CA LEU MA 126 17.08 2.71 -71.06
C LEU MA 126 15.96 2.90 -72.10
N ARG MA 127 15.00 1.97 -72.12
CA ARG MA 127 13.90 2.04 -73.06
C ARG MA 127 12.73 2.88 -72.55
N THR MA 128 12.61 3.00 -71.22
CA THR MA 128 11.61 3.82 -70.51
C THR MA 128 10.18 3.37 -70.87
N GLY MA 129 9.88 2.17 -70.41
CA GLY MA 129 8.50 1.75 -70.23
C GLY MA 129 7.84 0.93 -71.32
N GLU MA 130 7.79 1.50 -72.54
CA GLU MA 130 6.87 1.02 -73.56
C GLU MA 130 7.26 -0.38 -74.07
N GLU MA 131 8.43 -0.48 -74.69
CA GLU MA 131 8.80 -1.73 -75.33
C GLU MA 131 9.18 -2.78 -74.30
N ILE MA 132 9.68 -2.37 -73.13
CA ILE MA 132 9.99 -3.35 -72.09
C ILE MA 132 8.70 -3.91 -71.50
N LEU MA 133 7.67 -3.07 -71.35
CA LEU MA 133 6.40 -3.57 -70.83
C LEU MA 133 5.69 -4.44 -71.86
N SER MA 134 5.92 -4.16 -73.15
CA SER MA 134 5.34 -5.01 -74.18
C SER MA 134 6.04 -6.35 -74.25
N SER MA 135 7.37 -6.35 -74.16
CA SER MA 135 8.16 -7.56 -74.34
C SER MA 135 8.25 -8.42 -73.09
N THR MA 136 7.92 -7.87 -71.92
CA THR MA 136 8.01 -8.63 -70.69
C THR MA 136 6.64 -8.83 -70.04
N TYR MA 137 5.91 -7.75 -69.80
CA TYR MA 137 4.68 -7.80 -69.04
C TYR MA 137 3.45 -8.06 -69.87
N GLY MA 138 3.59 -8.16 -71.20
CA GLY MA 138 2.42 -8.30 -72.05
C GLY MA 138 1.81 -9.69 -71.97
N PHE MA 139 2.65 -10.71 -72.02
CA PHE MA 139 2.18 -12.09 -71.87
C PHE MA 139 1.64 -12.35 -70.47
N ILE MA 140 2.11 -11.60 -69.49
CA ILE MA 140 1.77 -11.89 -68.10
C ILE MA 140 0.33 -11.50 -67.81
N TRP MA 141 -0.09 -10.32 -68.26
CA TRP MA 141 -1.47 -9.92 -68.03
C TRP MA 141 -2.16 -9.49 -69.31
N TYR MA 142 -1.85 -10.14 -70.43
CA TYR MA 142 -2.62 -9.96 -71.65
C TYR MA 142 -3.12 -11.31 -72.12
N THR MA 143 -4.41 -11.35 -72.45
CA THR MA 143 -5.15 -12.56 -72.90
C THR MA 143 -5.05 -13.71 -71.90
N SER NA 1 23.16 -24.15 66.64
CA SER NA 1 23.06 -25.15 65.57
C SER NA 1 22.96 -26.55 66.14
N GLY NA 2 23.21 -27.55 65.30
CA GLY NA 2 23.12 -28.94 65.69
C GLY NA 2 22.22 -29.71 64.76
N TYR NA 3 22.11 -31.01 65.03
CA TYR NA 3 21.23 -31.86 64.25
C TYR NA 3 19.77 -31.56 64.54
N THR NA 4 18.95 -31.71 63.53
CA THR NA 4 17.56 -32.00 63.83
C THR NA 4 17.46 -33.46 64.23
N PRO NA 5 16.51 -33.80 65.12
CA PRO NA 5 16.42 -35.20 65.58
C PRO NA 5 16.02 -36.20 64.51
N ASP NA 6 15.39 -35.75 63.43
CA ASP NA 6 15.11 -36.64 62.31
C ASP NA 6 16.39 -37.08 61.63
N GLU NA 7 17.34 -36.15 61.50
CA GLU NA 7 18.68 -36.52 61.02
C GLU NA 7 19.39 -37.44 62.01
N LYS NA 8 19.16 -37.28 63.31
CA LYS NA 8 19.75 -38.18 64.30
C LYS NA 8 19.23 -39.60 64.12
N LEU NA 9 17.92 -39.73 63.90
CA LEU NA 9 17.32 -41.05 63.72
C LEU NA 9 17.78 -41.70 62.41
N ARG NA 10 17.77 -40.93 61.32
CA ARG NA 10 18.25 -41.40 60.04
C ARG NA 10 19.73 -41.77 60.09
N LEU NA 11 20.50 -40.98 60.86
CA LEU NA 11 21.89 -41.27 61.12
C LEU NA 11 22.04 -42.61 61.80
N GLN NA 12 21.18 -42.90 62.78
CA GLN NA 12 21.27 -44.17 63.50
C GLN NA 12 20.95 -45.36 62.59
N GLN NA 13 19.95 -45.22 61.71
CA GLN NA 13 19.66 -46.31 60.79
C GLN NA 13 20.80 -46.58 59.84
N LEU NA 14 21.41 -45.52 59.28
CA LEU NA 14 22.52 -45.82 58.39
C LEU NA 14 23.81 -46.20 59.11
N ARG NA 15 23.99 -45.83 60.39
CA ARG NA 15 25.14 -46.36 61.11
C ARG NA 15 24.96 -47.85 61.39
N GLU NA 16 23.73 -48.27 61.67
CA GLU NA 16 23.44 -49.70 61.81
C GLU NA 16 23.71 -50.44 60.50
N LEU NA 17 23.27 -49.87 59.38
CA LEU NA 17 23.51 -50.51 58.08
C LEU NA 17 24.99 -50.54 57.71
N ARG NA 18 25.74 -49.49 58.03
CA ARG NA 18 27.16 -49.44 57.71
C ARG NA 18 27.94 -50.46 58.54
N ARG NA 19 27.59 -50.58 59.83
CA ARG NA 19 28.27 -51.54 60.68
C ARG NA 19 27.95 -52.96 60.28
N ARG NA 20 26.70 -53.22 59.85
CA ARG NA 20 26.38 -54.56 59.35
C ARG NA 20 27.07 -54.84 58.02
N TRP NA 21 27.24 -53.82 57.19
CA TRP NA 21 27.93 -54.03 55.91
C TRP NA 21 29.39 -54.36 56.12
N LEU NA 22 30.07 -53.62 56.99
CA LEU NA 22 31.46 -53.91 57.24
C LEU NA 22 31.62 -55.20 58.04
N LYS NA 23 30.60 -55.59 58.80
CA LYS NA 23 30.57 -56.93 59.39
C LYS NA 23 30.55 -58.00 58.31
N ASP NA 24 29.78 -57.76 57.23
CA ASP NA 24 29.73 -58.73 56.15
C ASP NA 24 31.04 -58.74 55.37
N GLN NA 25 31.69 -57.59 55.23
CA GLN NA 25 32.96 -57.53 54.51
C GLN NA 25 34.07 -58.28 55.22
N GLU NA 26 33.96 -58.47 56.53
CA GLU NA 26 34.90 -59.30 57.28
C GLU NA 26 34.67 -60.75 56.88
N LEU NA 27 35.53 -61.28 56.02
CA LEU NA 27 35.35 -62.61 55.48
C LEU NA 27 35.99 -63.63 56.40
N SER NA 28 35.33 -64.78 56.54
CA SER NA 28 35.93 -65.97 57.11
C SER NA 28 35.20 -67.23 56.66
N PRO NA 29 35.42 -67.73 55.45
CA PRO NA 29 34.97 -69.09 55.14
C PRO NA 29 35.89 -70.15 55.70
N ARG NA 30 37.05 -69.73 56.26
CA ARG NA 30 38.14 -70.52 56.85
C ARG NA 30 38.90 -71.34 55.81
N GLU NA 31 38.47 -71.29 54.56
CA GLU NA 31 39.25 -71.74 53.41
C GLU NA 31 38.90 -70.87 52.21
N PRO NA 32 39.20 -69.54 52.29
CA PRO NA 32 38.62 -68.58 51.34
C PRO NA 32 39.11 -68.77 49.91
N VAL NA 33 40.41 -68.79 49.69
CA VAL NA 33 40.93 -69.23 48.42
C VAL NA 33 40.81 -70.76 48.37
N LEU NA 34 40.44 -71.27 47.20
CA LEU NA 34 40.30 -72.70 47.01
C LEU NA 34 40.55 -73.00 45.53
N PRO NA 35 41.64 -73.69 45.22
CA PRO NA 35 41.98 -73.94 43.82
C PRO NA 35 41.46 -75.29 43.36
N PRO NA 36 41.30 -75.48 42.04
CA PRO NA 36 41.07 -76.83 41.54
C PRO NA 36 42.31 -77.70 41.60
N ARG NA 37 43.49 -77.09 41.50
CA ARG NA 37 44.75 -77.83 41.54
C ARG NA 37 45.73 -77.17 42.50
N SER NA 67 72.91 -71.34 44.89
CA SER NA 67 74.06 -71.24 44.00
C SER NA 67 73.70 -71.74 42.59
N ILE NA 68 72.71 -72.62 42.52
CA ILE NA 68 72.28 -73.16 41.23
C ILE NA 68 71.56 -72.08 40.42
N PHE NA 69 70.96 -71.10 41.11
CA PHE NA 69 70.43 -69.90 40.48
C PHE NA 69 71.51 -69.17 39.71
N ALA NA 70 72.62 -68.86 40.40
CA ALA NA 70 73.74 -68.17 39.77
C ALA NA 70 74.33 -69.02 38.66
N PHE NA 71 74.37 -70.35 38.87
CA PHE NA 71 74.87 -71.29 37.86
C PHE NA 71 74.14 -71.14 36.54
N THR NA 72 72.80 -71.29 36.54
CA THR NA 72 72.07 -71.14 35.29
C THR NA 72 72.10 -69.70 34.77
N HIS NA 73 71.82 -68.71 35.62
CA HIS NA 73 71.56 -67.37 35.14
C HIS NA 73 72.81 -66.59 34.73
N VAL NA 74 74.00 -66.95 35.23
CA VAL NA 74 75.18 -66.27 34.74
C VAL NA 74 76.20 -67.33 34.31
N LEU NA 75 75.72 -68.49 33.89
CA LEU NA 75 76.55 -69.33 33.06
C LEU NA 75 75.96 -69.64 31.69
N ILE NA 76 74.65 -69.59 31.52
CA ILE NA 76 74.09 -69.76 30.17
C ILE NA 76 74.33 -68.52 29.30
N PRO NA 77 73.99 -67.27 29.71
CA PRO NA 77 74.25 -66.15 28.79
C PRO NA 77 75.72 -65.83 28.63
N VAL NA 78 76.56 -66.19 29.60
CA VAL NA 78 78.01 -66.05 29.44
C VAL NA 78 78.50 -66.95 28.32
N TRP NA 79 77.99 -68.20 28.28
CA TRP NA 79 78.33 -69.11 27.19
C TRP NA 79 77.83 -68.59 25.86
N ILE NA 80 76.63 -68.03 25.83
CA ILE NA 80 76.07 -67.54 24.56
C ILE NA 80 76.83 -66.32 24.07
N ILE NA 81 77.14 -65.37 24.96
CA ILE NA 81 77.82 -64.15 24.56
C ILE NA 81 79.28 -64.40 24.24
N HIS NA 82 79.94 -65.33 24.93
CA HIS NA 82 81.30 -65.67 24.54
C HIS NA 82 81.34 -66.46 23.24
N TYR NA 83 80.29 -67.23 22.95
CA TYR NA 83 80.20 -67.89 21.65
C TYR NA 83 79.99 -66.89 20.53
N TYR NA 84 79.14 -65.90 20.76
CA TYR NA 84 78.85 -64.93 19.71
C TYR NA 84 80.00 -63.96 19.54
N LEU NA 85 80.68 -63.60 20.63
CA LEU NA 85 81.70 -62.58 20.59
C LEU NA 85 83.08 -63.10 20.29
N LYS NA 86 83.20 -64.34 19.81
CA LYS NA 86 84.39 -64.61 19.03
C LYS NA 86 84.04 -64.50 17.56
N TYR NA 87 83.16 -65.40 17.12
CA TYR NA 87 83.21 -65.87 15.74
C TYR NA 87 82.54 -64.91 14.79
N HIS NA 88 81.27 -64.58 15.06
CA HIS NA 88 80.54 -63.65 14.20
C HIS NA 88 81.13 -62.25 14.30
N VAL NA 89 81.54 -61.86 15.50
CA VAL NA 89 82.00 -60.50 15.71
C VAL NA 89 83.39 -60.28 15.15
N THR NA 90 84.17 -61.35 14.90
CA THR NA 90 85.45 -61.17 14.25
C THR NA 90 85.42 -61.55 12.77
N THR NA 91 84.41 -62.30 12.32
CA THR NA 91 84.23 -62.45 10.88
C THR NA 91 83.59 -61.22 10.28
N LYS NA 92 82.96 -60.38 11.09
CA LYS NA 92 82.79 -59.00 10.68
C LYS NA 92 84.09 -58.25 10.98
N PRO NA 93 84.84 -57.81 9.98
CA PRO NA 93 86.19 -57.28 10.21
C PRO NA 93 86.26 -55.95 10.95
N TYR NA 94 85.56 -54.94 10.44
CA TYR NA 94 85.56 -53.62 11.08
C TYR NA 94 84.59 -53.65 12.23
N THR NA 95 85.08 -54.01 13.41
CA THR NA 95 84.24 -54.29 14.55
C THR NA 95 85.03 -53.82 15.76
N ILE NA 96 84.76 -54.42 16.93
CA ILE NA 96 85.20 -54.01 18.26
C ILE NA 96 86.69 -53.67 18.30
N VAL NA 97 87.01 -52.47 18.77
CA VAL NA 97 88.38 -51.96 18.66
C VAL NA 97 88.72 -51.12 19.89
N GLU NA 98 90.02 -50.94 20.09
CA GLU NA 98 90.54 -50.62 21.41
C GLU NA 98 91.61 -49.54 21.35
N LYS NA 99 91.41 -48.47 22.09
CA LYS NA 99 92.52 -47.62 22.48
C LYS NA 99 93.48 -48.43 23.32
N LYS NA 100 94.70 -48.53 22.80
CA LYS NA 100 95.76 -49.38 23.32
C LYS NA 100 96.13 -48.99 24.75
N PRO NA 101 96.50 -49.96 25.58
CA PRO NA 101 97.15 -49.62 26.84
C PRO NA 101 98.48 -48.93 26.57
N ARG NA 102 98.82 -47.96 27.42
CA ARG NA 102 99.94 -47.08 27.17
C ARG NA 102 101.25 -47.80 27.40
N ILE NA 103 102.17 -47.66 26.48
CA ILE NA 103 103.52 -48.18 26.64
C ILE NA 103 104.40 -47.11 27.26
N PHE NA 104 105.36 -47.55 28.06
CA PHE NA 104 106.19 -46.66 28.85
C PHE NA 104 107.65 -46.81 28.47
N PRO NA 105 108.44 -45.73 28.55
CA PRO NA 105 109.81 -45.79 28.01
C PRO NA 105 110.80 -46.59 28.84
N GLY NA 106 110.40 -47.18 29.95
CA GLY NA 106 111.33 -47.97 30.74
C GLY NA 106 110.85 -49.38 30.97
N ASP NA 107 110.14 -49.93 29.99
CA ASP NA 107 109.52 -51.24 30.13
C ASP NA 107 109.89 -52.13 28.94
N THR NA 108 109.34 -53.34 28.96
CA THR NA 108 109.60 -54.34 27.94
C THR NA 108 108.30 -54.81 27.32
N ILE NA 109 108.38 -55.20 26.04
CA ILE NA 109 107.21 -55.57 25.26
C ILE NA 109 106.98 -57.07 25.42
N LEU NA 110 105.73 -57.44 25.71
CA LEU NA 110 105.39 -58.86 25.87
C LEU NA 110 105.19 -59.56 24.53
N GLU NA 111 104.81 -58.82 23.47
CA GLU NA 111 104.56 -59.45 22.18
C GLU NA 111 105.85 -59.69 21.40
N THR NA 112 106.54 -58.61 21.02
CA THR NA 112 107.76 -58.74 20.25
C THR NA 112 108.99 -58.76 21.17
N GLY NA 113 109.16 -57.70 21.94
CA GLY NA 113 110.19 -57.64 22.96
C GLY NA 113 111.40 -56.84 22.55
N GLU NA 114 111.43 -55.57 22.98
CA GLU NA 114 112.63 -54.76 22.92
C GLU NA 114 112.51 -53.68 23.99
N VAL NA 115 113.64 -53.31 24.55
CA VAL NA 115 113.66 -52.30 25.60
C VAL NA 115 113.60 -50.92 24.97
N ILE NA 116 112.82 -50.03 25.59
CA ILE NA 116 112.65 -48.68 25.10
C ILE NA 116 113.64 -47.83 25.90
N PRO NA 117 114.27 -46.82 25.31
CA PRO NA 117 115.15 -45.94 26.10
C PRO NA 117 114.38 -45.17 27.15
N PRO NA 118 114.85 -45.19 28.41
CA PRO NA 118 114.18 -44.41 29.46
C PRO NA 118 114.47 -42.92 29.37
N MET NA 119 113.99 -42.16 30.34
CA MET NA 119 114.28 -40.74 30.33
C MET NA 119 115.68 -40.51 30.88
N LYS NA 120 116.23 -39.35 30.57
CA LYS NA 120 117.60 -39.01 30.90
C LYS NA 120 117.66 -38.42 32.32
N GLU NA 121 118.76 -37.73 32.63
CA GLU NA 121 119.00 -37.22 33.98
C GLU NA 121 117.93 -36.24 34.43
N PHE NA 122 117.45 -36.47 35.64
CA PHE NA 122 116.41 -35.77 36.38
C PHE NA 122 116.67 -34.40 37.03
N PRO NA 123 117.95 -33.99 37.35
CA PRO NA 123 118.23 -33.34 38.65
C PRO NA 123 117.65 -31.96 38.92
N ASP NA 124 118.05 -31.43 40.07
CA ASP NA 124 117.53 -30.21 40.72
C ASP NA 124 116.04 -30.37 41.06
N GLN NA 125 115.78 -31.36 41.91
CA GLN NA 125 114.45 -31.62 42.41
C GLN NA 125 114.17 -30.81 43.66
N GLY OA 1 93.94 -11.32 45.87
CA GLY OA 1 94.88 -10.35 46.41
C GLY OA 1 94.62 -8.93 45.93
N ALA OA 2 95.50 -8.01 46.32
CA ALA OA 2 95.33 -6.59 46.03
C ALA OA 2 95.60 -6.25 44.57
N HIS OA 3 96.18 -7.19 43.81
CA HIS OA 3 96.40 -6.99 42.37
C HIS OA 3 95.10 -6.73 41.64
N LEU OA 4 94.02 -7.43 42.00
CA LEU OA 4 92.76 -7.29 41.30
C LEU OA 4 92.08 -6.00 41.68
N ALA OA 5 92.17 -5.63 42.97
CA ALA OA 5 91.59 -4.37 43.44
C ALA OA 5 92.29 -3.19 42.79
N ARG OA 6 93.61 -3.23 42.70
CA ARG OA 6 94.35 -2.15 42.05
C ARG OA 6 94.08 -2.11 40.55
N ARG OA 7 93.97 -3.29 39.92
CA ARG OA 7 93.77 -3.35 38.47
C ARG OA 7 92.37 -2.90 38.07
N TYR OA 8 91.38 -3.07 38.93
CA TYR OA 8 90.03 -2.63 38.61
C TYR OA 8 89.65 -1.29 39.22
N LEU OA 9 90.40 -0.78 40.19
CA LEU OA 9 90.06 0.50 40.79
C LEU OA 9 91.05 1.62 40.51
N GLY OA 10 92.35 1.34 40.57
CA GLY OA 10 93.33 2.34 40.22
C GLY OA 10 93.58 2.32 38.73
N ASP OA 11 94.84 2.15 38.35
CA ASP OA 11 95.20 2.01 36.95
C ASP OA 11 95.37 0.55 36.56
N ALA OA 12 94.95 0.22 35.34
CA ALA OA 12 95.34 -1.03 34.71
C ALA OA 12 96.61 -0.88 33.90
N SER OA 13 97.28 0.26 34.03
CA SER OA 13 98.45 0.59 33.23
C SER OA 13 99.66 -0.23 33.67
N VAL OA 14 100.12 -0.01 34.90
CA VAL OA 14 101.33 -0.67 35.37
C VAL OA 14 101.10 -2.13 35.72
N GLU OA 15 99.86 -2.57 35.83
CA GLU OA 15 99.56 -3.97 36.03
C GLU OA 15 99.38 -4.65 34.67
N PRO OA 16 100.17 -5.65 34.34
CA PRO OA 16 99.98 -6.35 33.07
C PRO OA 16 98.74 -7.24 33.11
N GLU OA 17 98.23 -7.52 31.92
CA GLU OA 17 96.92 -8.13 31.77
C GLU OA 17 97.03 -9.49 31.09
N PRO OA 18 96.21 -10.47 31.49
CA PRO OA 18 96.30 -11.81 30.90
C PRO OA 18 95.86 -11.81 29.44
N LEU OA 19 96.22 -12.90 28.76
CA LEU OA 19 96.05 -13.20 27.33
C LEU OA 19 96.70 -12.15 26.40
N ARG OA 20 97.46 -11.20 26.95
CA ARG OA 20 98.33 -10.28 26.23
C ARG OA 20 99.62 -10.11 27.01
N MET OA 21 100.09 -11.22 27.59
CA MET OA 21 101.13 -11.14 28.62
C MET OA 21 102.50 -10.73 28.08
N PRO OA 22 103.11 -11.39 27.04
CA PRO OA 22 104.45 -10.91 26.63
C PRO OA 22 104.37 -9.56 25.93
N THR OA 23 104.74 -8.52 26.68
CA THR OA 23 104.63 -7.13 26.26
C THR OA 23 105.97 -6.57 25.84
N PHE OA 24 106.95 -6.68 26.67
CA PHE OA 24 108.29 -6.34 26.28
C PHE OA 24 108.88 -7.49 25.46
N PRO OA 25 109.77 -7.19 24.52
CA PRO OA 25 110.50 -8.25 23.83
C PRO OA 25 111.49 -8.91 24.78
N PRO OA 26 112.00 -10.10 24.43
CA PRO OA 26 113.01 -10.75 25.27
C PRO OA 26 114.36 -10.03 25.32
N ASP OA 27 115.31 -10.65 26.04
CA ASP OA 27 116.69 -10.26 26.36
C ASP OA 27 116.90 -8.76 26.57
N TYR OA 28 115.93 -8.14 27.24
CA TYR OA 28 116.05 -6.75 27.65
C TYR OA 28 116.76 -6.67 29.00
N GLY OA 29 116.48 -7.62 29.88
CA GLY OA 29 117.18 -7.74 31.14
C GLY OA 29 117.46 -9.19 31.49
N PHE OA 30 117.65 -10.03 30.47
CA PHE OA 30 117.93 -11.44 30.70
C PHE OA 30 119.36 -11.73 31.13
N PRO OA 31 120.36 -10.96 30.66
CA PRO OA 31 121.42 -11.54 29.82
C PRO OA 31 121.83 -12.97 30.10
N GLU OA 32 121.76 -13.78 29.03
CA GLU OA 32 122.08 -15.21 29.01
C GLU OA 32 121.23 -15.98 30.03
N ARG OA 33 119.91 -15.91 29.85
CA ARG OA 33 118.97 -16.53 30.76
C ARG OA 33 117.97 -17.35 29.95
N LYS OA 34 118.36 -18.58 29.62
CA LYS OA 34 117.50 -19.60 29.06
C LYS OA 34 118.17 -20.96 29.17
N GLU OA 35 117.53 -21.90 29.86
CA GLU OA 35 117.98 -23.29 29.78
C GLU OA 35 116.93 -24.18 29.13
N ARG OA 36 115.73 -24.26 29.70
CA ARG OA 36 114.57 -24.98 29.14
C ARG OA 36 114.93 -26.44 28.81
N GLU OA 37 115.18 -27.20 29.88
CA GLU OA 37 115.93 -28.46 29.87
C GLU OA 37 115.39 -29.47 28.88
N MET OA 38 114.20 -30.02 29.19
CA MET OA 38 113.29 -30.66 28.25
C MET OA 38 113.95 -31.80 27.47
N VAL OA 39 114.35 -32.83 28.20
CA VAL OA 39 114.95 -34.00 27.60
C VAL OA 39 113.90 -35.09 27.75
N ALA OA 40 112.65 -34.67 27.73
CA ALA OA 40 111.52 -35.55 27.99
C ALA OA 40 111.08 -36.35 26.78
N THR OA 41 111.89 -36.40 25.71
CA THR OA 41 111.77 -37.34 24.59
C THR OA 41 110.41 -37.23 23.89
N GLN OA 42 110.27 -36.11 23.16
CA GLN OA 42 109.13 -35.75 22.30
C GLN OA 42 108.51 -36.91 21.56
N GLN OA 43 109.35 -37.75 20.95
CA GLN OA 43 108.83 -38.92 20.25
C GLN OA 43 108.28 -39.94 21.24
N GLU OA 44 109.02 -40.25 22.30
CA GLU OA 44 108.47 -41.11 23.34
C GLU OA 44 107.38 -40.43 24.14
N MET OA 45 107.36 -39.09 24.16
CA MET OA 45 106.21 -38.37 24.70
C MET OA 45 104.98 -38.59 23.84
N ASN OA 46 105.15 -38.73 22.53
CA ASN OA 46 104.04 -39.15 21.68
C ASN OA 46 103.69 -40.61 21.95
N ASP OA 47 104.72 -41.43 22.18
CA ASP OA 47 104.53 -42.87 22.33
C ASP OA 47 103.79 -43.21 23.60
N ALA OA 48 103.98 -42.43 24.66
CA ALA OA 48 103.16 -42.55 25.86
C ALA OA 48 102.02 -41.56 25.72
N GLN OA 49 100.82 -42.06 25.46
CA GLN OA 49 99.67 -41.20 25.18
C GLN OA 49 99.21 -40.53 26.46
N LEU OA 50 99.87 -39.41 26.79
CA LEU OA 50 99.38 -38.57 27.87
C LEU OA 50 98.11 -37.85 27.44
N VAL OA 51 97.43 -37.28 28.42
CA VAL OA 51 96.32 -36.39 28.13
C VAL OA 51 96.87 -35.12 27.50
N LEU OA 52 96.09 -34.52 26.60
CA LEU OA 52 96.48 -33.22 26.11
C LEU OA 52 96.35 -32.17 27.22
N GLN OA 53 97.07 -31.07 27.02
CA GLN OA 53 97.42 -30.07 28.05
C GLN OA 53 98.19 -30.71 29.22
N GLN OA 54 98.89 -31.80 28.94
CA GLN OA 54 99.85 -32.39 29.86
C GLN OA 54 101.16 -32.75 29.18
N ARG OA 55 101.25 -32.69 27.86
CA ARG OA 55 102.48 -32.94 27.13
C ARG OA 55 103.44 -31.78 27.31
N ASP OA 56 103.94 -31.59 28.52
CA ASP OA 56 104.41 -30.29 28.98
C ASP OA 56 105.69 -30.49 29.78
N TYR OA 57 106.07 -29.46 30.53
CA TYR OA 57 107.13 -29.62 31.50
C TYR OA 57 106.66 -30.51 32.63
N CYS OA 58 107.65 -31.07 33.34
CA CYS OA 58 107.47 -31.97 34.49
C CYS OA 58 106.72 -33.24 34.11
N ALA OA 59 106.82 -33.64 32.83
CA ALA OA 59 106.06 -34.77 32.35
C ALA OA 59 106.68 -36.09 32.77
N HIS OA 60 108.00 -36.11 32.95
CA HIS OA 60 108.70 -37.35 33.29
C HIS OA 60 108.33 -37.88 34.66
N TYR OA 61 108.02 -36.97 35.60
CA TYR OA 61 107.49 -37.38 36.89
C TYR OA 61 106.14 -38.07 36.73
N LEU OA 62 105.30 -37.56 35.83
CA LEU OA 62 104.03 -38.22 35.54
C LEU OA 62 104.25 -39.56 34.85
N ILE OA 63 105.29 -39.66 34.03
CA ILE OA 63 105.62 -40.92 33.36
C ILE OA 63 105.99 -41.98 34.37
N ARG OA 64 106.88 -41.64 35.30
CA ARG OA 64 107.26 -42.57 36.35
C ARG OA 64 106.11 -42.88 37.30
N PHE OA 65 105.23 -41.90 37.53
CA PHE OA 65 104.09 -42.10 38.40
C PHE OA 65 103.10 -43.08 37.79
N LEU OA 66 102.80 -42.92 36.51
CA LEU OA 66 101.97 -43.88 35.81
C LEU OA 66 102.68 -45.22 35.66
N LYS OA 67 104.01 -45.20 35.59
CA LYS OA 67 104.77 -46.45 35.46
C LYS OA 67 104.66 -47.30 36.71
N CYS OA 68 104.86 -46.69 37.87
CA CYS OA 68 104.75 -47.46 39.11
C CYS OA 68 103.30 -47.78 39.43
N LYS OA 69 102.37 -46.87 39.09
CA LYS OA 69 100.95 -47.15 39.26
C LYS OA 69 100.50 -48.33 38.39
N ARG OA 70 101.10 -48.48 37.21
CA ARG OA 70 100.76 -49.60 36.35
C ARG OA 70 101.41 -50.87 36.87
N ASP OA 71 102.73 -50.86 37.01
CA ASP OA 71 103.49 -52.07 37.26
C ASP OA 71 103.36 -52.58 38.69
N SER OA 72 102.83 -51.78 39.62
CA SER OA 72 102.31 -52.31 40.89
C SER OA 72 100.94 -51.68 41.06
N PHE OA 73 99.93 -52.24 40.41
CA PHE OA 73 98.62 -51.63 40.56
C PHE OA 73 97.88 -51.99 41.85
N PRO OA 74 97.68 -53.26 42.25
CA PRO OA 74 96.84 -53.49 43.43
C PRO OA 74 97.51 -53.13 44.75
N ASN OA 75 98.77 -52.72 44.75
CA ASN OA 75 99.30 -51.94 45.85
C ASN OA 75 98.66 -50.56 45.78
N PHE OA 76 97.57 -50.37 46.51
CA PHE OA 76 96.69 -49.23 46.28
C PHE OA 76 97.30 -47.92 46.75
N LEU OA 77 98.17 -47.97 47.75
CA LEU OA 77 98.75 -46.77 48.34
C LEU OA 77 100.26 -46.72 48.12
N ALA OA 78 100.69 -47.07 46.91
CA ALA OA 78 102.12 -47.24 46.61
C ALA OA 78 102.80 -45.91 46.27
N CYS OA 79 102.37 -45.27 45.19
CA CYS OA 79 103.15 -44.19 44.56
C CYS OA 79 102.74 -42.86 45.16
N LYS OA 80 103.58 -42.32 46.05
CA LYS OA 80 103.27 -41.02 46.64
C LYS OA 80 104.47 -40.09 46.60
N HIS OA 81 105.68 -40.65 46.59
CA HIS OA 81 106.88 -39.83 46.55
C HIS OA 81 107.05 -39.16 45.19
N GLU OA 82 106.88 -39.93 44.12
CA GLU OA 82 106.89 -39.37 42.78
C GLU OA 82 105.70 -38.46 42.55
N GLN OA 83 104.59 -38.74 43.22
CA GLN OA 83 103.41 -37.90 43.15
C GLN OA 83 103.71 -36.52 43.75
N HIS OA 84 104.39 -36.50 44.89
CA HIS OA 84 104.82 -35.26 45.50
C HIS OA 84 105.90 -34.57 44.66
N ASP OA 85 106.75 -35.33 43.99
CA ASP OA 85 107.76 -34.75 43.10
C ASP OA 85 107.09 -34.03 41.95
N TRP OA 86 106.06 -34.64 41.38
CA TRP OA 86 105.32 -34.02 40.28
C TRP OA 86 104.57 -32.78 40.74
N ASP OA 87 103.98 -32.84 41.93
CA ASP OA 87 103.33 -31.67 42.52
C ASP OA 87 104.33 -30.56 42.77
N TYR OA 88 105.54 -30.92 43.24
CA TYR OA 88 106.56 -29.93 43.51
C TYR OA 88 107.09 -29.33 42.23
N CYS OA 89 107.13 -30.11 41.16
CA CYS OA 89 107.62 -29.57 39.90
C CYS OA 89 106.59 -28.63 39.28
N GLU OA 90 105.30 -28.96 39.42
CA GLU OA 90 104.28 -28.00 38.99
C GLU OA 90 104.22 -26.78 39.91
N HIS OA 91 104.62 -26.94 41.18
CA HIS OA 91 104.79 -25.79 42.05
C HIS OA 91 105.91 -24.89 41.56
N LEU OA 92 107.02 -25.50 41.12
CA LEU OA 92 108.12 -24.76 40.51
C LEU OA 92 107.67 -24.00 39.27
N ASP OA 93 106.88 -24.66 38.43
CA ASP OA 93 106.43 -24.02 37.20
C ASP OA 93 105.40 -22.92 37.49
N TYR OA 94 104.57 -23.12 38.51
CA TYR OA 94 103.60 -22.09 38.87
C TYR OA 94 104.28 -20.87 39.47
N VAL OA 95 105.29 -21.09 40.32
CA VAL OA 95 106.08 -19.99 40.84
C VAL OA 95 106.82 -19.28 39.71
N LYS OA 96 107.25 -20.04 38.70
CA LYS OA 96 107.93 -19.44 37.55
C LYS OA 96 106.98 -18.59 36.72
N ARG OA 97 105.72 -19.00 36.60
CA ARG OA 97 104.76 -18.18 35.87
C ARG OA 97 104.38 -16.93 36.66
N MET OA 98 104.30 -17.04 37.98
CA MET OA 98 104.08 -15.86 38.82
C MET OA 98 105.28 -14.92 38.74
N LYS OA 99 106.48 -15.49 38.66
CA LYS OA 99 107.69 -14.70 38.42
C LYS OA 99 107.61 -13.97 37.09
N GLU OA 100 107.06 -14.63 36.07
CA GLU OA 100 106.88 -13.97 34.77
C GLU OA 100 105.94 -12.78 34.87
N PHE OA 101 104.80 -12.97 35.54
CA PHE OA 101 103.84 -11.88 35.74
C PHE OA 101 104.48 -10.72 36.49
N GLU OA 102 105.14 -11.01 37.61
CA GLU OA 102 105.66 -9.93 38.45
C GLU OA 102 106.89 -9.29 37.82
N ARG OA 103 107.62 -10.03 37.00
CA ARG OA 103 108.75 -9.44 36.29
C ARG OA 103 108.26 -8.45 35.25
N GLU OA 104 107.22 -8.83 34.48
CA GLU OA 104 106.61 -7.88 33.56
C GLU OA 104 106.00 -6.68 34.28
N ARG OA 105 105.42 -6.92 35.45
CA ARG OA 105 104.83 -5.85 36.26
C ARG OA 105 105.89 -4.85 36.71
N ARG OA 106 107.00 -5.34 37.25
CA ARG OA 106 108.07 -4.47 37.73
C ARG OA 106 108.73 -3.72 36.58
N LEU OA 107 108.99 -4.41 35.45
CA LEU OA 107 109.58 -3.75 34.29
C LEU OA 107 108.69 -2.65 33.75
N LEU OA 108 107.41 -2.97 33.52
CA LEU OA 108 106.48 -2.02 32.93
C LEU OA 108 106.30 -0.82 33.83
N GLN OA 109 106.06 -1.07 35.12
CA GLN OA 109 105.88 0.00 36.10
C GLN OA 109 107.11 0.90 36.17
N ARG OA 110 108.28 0.32 36.41
CA ARG OA 110 109.47 1.13 36.67
C ARG OA 110 109.92 1.90 35.43
N LYS OA 111 110.08 1.21 34.30
CA LYS OA 111 110.59 1.90 33.12
C LYS OA 111 109.56 2.85 32.53
N LYS OA 112 108.28 2.45 32.51
CA LYS OA 112 107.25 3.32 31.94
C LYS OA 112 107.05 4.55 32.80
N ARG OA 113 107.07 4.42 34.12
CA ARG OA 113 106.91 5.60 34.95
C ARG OA 113 108.15 6.48 34.95
N ARG OA 114 109.35 5.90 34.83
CA ARG OA 114 110.55 6.72 34.73
C ARG OA 114 110.57 7.54 33.44
N GLU OA 115 110.31 6.88 32.31
CA GLU OA 115 110.33 7.58 31.04
C GLU OA 115 109.14 8.51 30.85
N GLN OA 116 108.01 8.24 31.49
CA GLN OA 116 106.87 9.14 31.36
C GLN OA 116 106.79 10.16 32.49
N ARG OA 117 107.71 10.13 33.45
CA ARG OA 117 107.94 11.30 34.28
C ARG OA 117 108.96 12.23 33.68
N GLU OA 118 110.02 11.69 33.06
CA GLU OA 118 111.06 12.57 32.52
C GLU OA 118 111.25 12.38 31.03
N ALA OA 119 110.13 12.23 30.31
CA ALA OA 119 110.14 12.26 28.84
C ALA OA 119 108.80 12.74 28.34
N PHE PA 2 27.02 -21.03 50.24
CA PHE PA 2 27.24 -22.26 49.51
C PHE PA 2 27.42 -23.42 50.48
N LEU PA 3 26.30 -24.06 50.82
CA LEU PA 3 26.22 -24.99 51.92
C LEU PA 3 25.06 -25.95 51.65
N PRO PA 4 25.11 -27.17 52.23
CA PRO PA 4 24.01 -28.14 52.00
C PRO PA 4 22.66 -27.72 52.55
N SER PA 5 22.62 -27.34 53.83
CA SER PA 5 21.33 -27.18 54.51
C SER PA 5 20.68 -25.84 54.18
N ALA PA 6 21.30 -24.75 54.58
CA ALA PA 6 20.66 -23.44 54.50
C ALA PA 6 21.11 -22.74 53.22
N ALA PA 7 20.79 -21.44 53.13
CA ALA PA 7 21.28 -20.56 52.09
C ALA PA 7 22.21 -19.51 52.62
N TYR PA 8 21.82 -18.83 53.70
CA TYR PA 8 22.75 -18.06 54.50
C TYR PA 8 23.56 -19.01 55.38
N LEU PA 9 24.53 -18.46 56.11
CA LEU PA 9 25.45 -19.33 56.81
C LEU PA 9 25.71 -18.87 58.24
N THR PA 10 24.76 -18.13 58.82
CA THR PA 10 24.64 -17.89 60.27
C THR PA 10 25.86 -17.23 60.90
N HIS PA 11 26.01 -15.91 60.68
CA HIS PA 11 27.17 -15.04 60.90
C HIS PA 11 28.15 -15.43 62.02
N GLN PA 12 27.59 -15.86 63.16
CA GLN PA 12 28.36 -16.56 64.19
C GLN PA 12 29.24 -17.66 63.61
N GLN PA 13 28.69 -18.45 62.68
CA GLN PA 13 29.49 -19.50 62.05
C GLN PA 13 30.58 -18.93 61.16
N LYS PA 14 30.35 -17.77 60.52
CA LYS PA 14 31.42 -17.15 59.75
C LYS PA 14 32.55 -16.69 60.64
N VAL PA 15 32.21 -16.15 61.81
CA VAL PA 15 33.20 -15.79 62.82
C VAL PA 15 33.96 -17.03 63.27
N LEU PA 16 33.24 -18.14 63.42
CA LEU PA 16 33.87 -19.38 63.88
C LEU PA 16 34.78 -19.97 62.80
N GLN PA 17 34.39 -19.82 61.53
CA GLN PA 17 35.25 -20.23 60.42
C GLN PA 17 36.54 -19.44 60.40
N LEU PA 18 36.44 -18.12 60.60
CA LEU PA 18 37.63 -17.29 60.66
C LEU PA 18 38.48 -17.66 61.87
N TYR PA 19 37.85 -18.05 62.97
CA TYR PA 19 38.58 -18.53 64.14
C TYR PA 19 39.39 -19.77 63.83
N LYS PA 20 38.76 -20.77 63.19
CA LYS PA 20 39.46 -22.02 62.90
C LYS PA 20 40.59 -21.80 61.90
N ARG PA 21 40.34 -20.97 60.88
CA ARG PA 21 41.37 -20.75 59.86
C ARG PA 21 42.53 -19.94 60.41
N ALA PA 22 42.26 -18.96 61.29
CA ALA PA 22 43.34 -18.21 61.89
C ALA PA 22 44.15 -19.08 62.83
N LEU PA 23 43.48 -19.98 63.55
CA LEU PA 23 44.18 -20.85 64.48
C LEU PA 23 45.03 -21.88 63.73
N ARG PA 24 44.52 -22.37 62.59
CA ARG PA 24 45.28 -23.29 61.74
C ARG PA 24 46.48 -22.61 61.09
N HIS PA 25 46.29 -21.38 60.60
CA HIS PA 25 47.41 -20.65 60.01
C HIS PA 25 48.43 -20.27 61.06
N LEU PA 26 48.02 -20.09 62.31
CA LEU PA 26 49.01 -19.83 63.34
C LEU PA 26 49.74 -21.09 63.75
N GLU PA 27 49.07 -22.26 63.64
CA GLU PA 27 49.77 -23.54 63.75
C GLU PA 27 50.88 -23.63 62.71
N SER PA 28 50.55 -23.28 61.47
CA SER PA 28 51.55 -23.30 60.40
C SER PA 28 52.62 -22.24 60.62
N ARG PA 29 52.25 -21.11 61.22
CA ARG PA 29 53.19 -20.03 61.44
C ARG PA 29 54.19 -20.38 62.52
N CYS PA 30 53.74 -21.05 63.58
CA CYS PA 30 54.50 -21.09 64.82
C CYS PA 30 54.81 -22.53 65.19
N VAL PA 31 56.09 -22.88 65.14
CA VAL PA 31 56.64 -24.12 65.67
C VAL PA 31 56.90 -23.94 67.17
N HIS PA 32 57.33 -25.02 67.82
CA HIS PA 32 57.74 -25.23 69.21
C HIS PA 32 56.55 -25.39 70.16
N ARG PA 33 55.32 -25.14 69.72
CA ARG PA 33 54.04 -25.54 70.30
C ARG PA 33 53.68 -24.82 71.61
N ASP PA 34 54.66 -24.23 72.29
CA ASP PA 34 54.39 -23.58 73.57
C ASP PA 34 54.33 -22.07 73.45
N LYS PA 35 55.26 -21.48 72.70
CA LYS PA 35 55.06 -20.13 72.20
C LYS PA 35 53.83 -20.08 71.30
N TYR PA 36 53.52 -21.19 70.62
CA TYR PA 36 52.26 -21.30 69.90
C TYR PA 36 51.07 -21.25 70.84
N ARG PA 37 51.14 -21.98 71.96
CA ARG PA 37 50.07 -21.93 72.93
C ARG PA 37 49.89 -20.53 73.50
N TYR PA 38 51.01 -19.83 73.71
CA TYR PA 38 50.98 -18.44 74.16
C TYR PA 38 50.28 -17.54 73.15
N PHE PA 39 50.66 -17.65 71.88
CA PHE PA 39 50.09 -16.81 70.84
C PHE PA 39 48.61 -17.13 70.61
N ALA PA 40 48.24 -18.40 70.74
CA ALA PA 40 46.85 -18.80 70.57
C ALA PA 40 45.99 -18.29 71.71
N CYS PA 41 46.51 -18.32 72.93
CA CYS PA 41 45.76 -17.75 74.05
C CYS PA 41 45.67 -16.23 73.96
N LEU PA 42 46.70 -15.57 73.42
CA LEU PA 42 46.62 -14.13 73.19
C LEU PA 42 45.58 -13.79 72.14
N LEU PA 43 45.51 -14.58 71.07
CA LEU PA 43 44.49 -14.37 70.04
C LEU PA 43 43.10 -14.65 70.59
N ARG PA 44 42.98 -15.67 71.43
CA ARG PA 44 41.71 -16.04 72.04
C ARG PA 44 41.24 -14.95 73.00
N ALA PA 45 42.18 -14.35 73.72
CA ALA PA 45 41.87 -13.21 74.57
C ALA PA 45 41.45 -12.00 73.75
N ARG PA 46 42.13 -11.77 72.62
CA ARG PA 46 41.77 -10.66 71.74
C ARG PA 46 40.36 -10.83 71.17
N PHE PA 47 39.98 -12.07 70.88
CA PHE PA 47 38.59 -12.31 70.50
C PHE PA 47 37.64 -12.10 71.66
N ASP PA 48 38.05 -12.44 72.87
CA ASP PA 48 37.17 -12.27 74.02
C ASP PA 48 37.15 -10.85 74.55
N GLU PA 49 37.96 -9.94 73.99
CA GLU PA 49 37.90 -8.52 74.35
C GLU PA 49 36.56 -7.91 73.98
N HIS PA 50 35.93 -8.40 72.93
CA HIS PA 50 34.73 -7.80 72.37
C HIS PA 50 33.71 -8.87 72.03
N LYS PA 51 33.49 -9.81 72.95
CA LYS PA 51 32.57 -10.90 72.67
C LYS PA 51 31.12 -10.46 72.77
N ASN PA 52 30.81 -9.65 73.78
CA ASN PA 52 29.41 -9.35 74.13
C ASN PA 52 28.97 -8.01 73.53
N GLU PA 53 29.45 -7.66 72.35
CA GLU PA 53 28.92 -6.51 71.65
C GLU PA 53 27.54 -6.85 71.13
N LYS PA 54 26.54 -6.05 71.53
CA LYS PA 54 25.16 -6.35 71.17
C LYS PA 54 24.76 -5.78 69.82
N ASP PA 55 25.64 -5.02 69.18
CA ASP PA 55 25.36 -4.52 67.84
C ASP PA 55 25.60 -5.59 66.79
N MET PA 56 25.40 -5.22 65.57
CA MET PA 56 25.68 -6.07 64.43
C MET PA 56 26.54 -5.36 63.40
N VAL PA 57 26.33 -4.05 63.20
CA VAL PA 57 27.14 -3.30 62.25
C VAL PA 57 28.55 -3.11 62.79
N LYS PA 58 28.69 -2.94 64.11
CA LYS PA 58 30.01 -2.89 64.73
C LYS PA 58 30.69 -4.25 64.65
N ALA PA 59 29.91 -5.33 64.79
CA ALA PA 59 30.45 -6.67 64.69
C ALA PA 59 30.96 -6.96 63.29
N THR PA 60 30.19 -6.63 62.27
CA THR PA 60 30.65 -6.89 60.91
C THR PA 60 31.72 -5.91 60.46
N GLN PA 61 31.82 -4.73 61.08
CA GLN PA 61 32.95 -3.86 60.81
C GLN PA 61 34.24 -4.44 61.37
N LEU PA 62 34.18 -4.95 62.61
CA LEU PA 62 35.32 -5.67 63.17
C LEU PA 62 35.62 -6.94 62.37
N LEU PA 63 34.60 -7.55 61.77
CA LEU PA 63 34.83 -8.71 60.90
C LEU PA 63 35.58 -8.33 59.64
N ARG PA 64 35.20 -7.21 59.01
CA ARG PA 64 35.92 -6.72 57.84
C ARG PA 64 37.37 -6.40 58.16
N GLU PA 65 37.60 -5.73 59.29
CA GLU PA 65 38.97 -5.42 59.68
C GLU PA 65 39.74 -6.68 60.07
N ALA PA 66 39.04 -7.68 60.62
CA ALA PA 66 39.65 -8.97 60.93
C ALA PA 66 40.06 -9.70 59.66
N GLU PA 67 39.23 -9.63 58.62
CA GLU PA 67 39.58 -10.24 57.34
C GLU PA 67 40.77 -9.56 56.70
N LYS PA 68 40.85 -8.23 56.84
CA LYS PA 68 42.00 -7.50 56.31
C LYS PA 68 43.28 -7.90 57.03
N GLU PA 69 43.24 -7.94 58.37
CA GLU PA 69 44.42 -8.31 59.13
C GLU PA 69 44.77 -9.78 58.96
N PHE PA 70 43.77 -10.62 58.67
CA PHE PA 70 44.03 -12.03 58.45
C PHE PA 70 44.65 -12.27 57.08
N TRP PA 71 44.13 -11.59 56.06
CA TRP PA 71 44.67 -11.78 54.71
C TRP PA 71 46.04 -11.14 54.58
N HIS PA 72 46.31 -10.08 55.33
CA HIS PA 72 47.66 -9.55 55.40
C HIS PA 72 48.58 -10.53 56.13
N GLY PA 73 48.16 -10.99 57.30
CA GLY PA 73 49.01 -11.83 58.11
C GLY PA 73 48.75 -13.31 57.98
N GLN PA 74 48.41 -13.77 56.78
CA GLN PA 74 48.21 -15.20 56.55
C GLN PA 74 49.55 -15.88 56.31
N HIS PA 75 49.51 -17.14 55.90
CA HIS PA 75 50.72 -17.89 55.60
C HIS PA 75 50.50 -18.64 54.29
N PRO PA 76 51.54 -18.79 53.46
CA PRO PA 76 51.37 -19.44 52.15
C PRO PA 76 51.01 -20.92 52.20
N GLN PA 77 51.70 -21.72 53.00
CA GLN PA 77 51.42 -23.16 53.08
C GLN PA 77 50.92 -23.50 54.47
N PRO PA 78 49.61 -23.56 54.68
CA PRO PA 78 49.09 -23.98 55.97
C PRO PA 78 49.39 -25.44 56.22
N TYR PA 79 49.54 -25.80 57.48
CA TYR PA 79 49.75 -27.20 57.81
C TYR PA 79 48.46 -27.95 57.63
N ILE PA 80 48.19 -28.38 56.42
CA ILE PA 80 47.03 -29.18 56.12
C ILE PA 80 47.41 -30.65 56.26
N PHE PA 81 46.48 -31.44 56.76
CA PHE PA 81 46.77 -32.79 57.18
C PHE PA 81 46.94 -33.69 55.98
N PRO PA 82 47.66 -34.82 56.14
CA PRO PA 82 47.74 -35.78 55.03
C PRO PA 82 46.54 -36.71 54.94
N GLU PA 83 45.34 -36.15 55.09
CA GLU PA 83 44.08 -36.66 54.56
C GLU PA 83 43.25 -35.54 53.98
N SER PA 84 43.61 -34.29 54.27
CA SER PA 84 42.87 -33.11 53.87
C SER PA 84 42.96 -32.90 52.35
N PRO PA 85 42.02 -32.16 51.76
CA PRO PA 85 42.12 -31.87 50.33
C PRO PA 85 43.27 -30.92 50.02
N GLY PA 86 44.07 -31.29 49.04
CA GLY PA 86 45.29 -30.58 48.73
C GLY PA 86 46.48 -30.98 49.55
N GLY PA 87 46.32 -31.93 50.47
CA GLY PA 87 47.38 -32.31 51.37
C GLY PA 87 48.35 -33.30 50.75
N THR PA 88 48.97 -34.10 51.62
CA THR PA 88 49.96 -35.05 51.15
C THR PA 88 49.29 -36.26 50.51
N SER PA 89 48.28 -36.84 51.17
CA SER PA 89 47.66 -38.04 50.59
C SER PA 89 46.68 -37.67 49.50
N TYR PA 90 45.56 -37.05 49.90
CA TYR PA 90 44.42 -36.71 49.05
C TYR PA 90 44.01 -37.90 48.16
N GLU PA 91 43.53 -38.94 48.86
CA GLU PA 91 43.27 -40.27 48.31
C GLU PA 91 44.55 -40.84 47.70
N ARG PA 92 45.52 -41.07 48.59
CA ARG PA 92 46.80 -41.64 48.20
C ARG PA 92 46.63 -43.09 47.78
N TYR PA 93 45.87 -43.86 48.56
CA TYR PA 93 45.62 -45.27 48.27
C TYR PA 93 44.26 -45.48 47.63
N GLU PA 94 43.91 -44.55 46.74
CA GLU PA 94 42.74 -44.59 45.89
C GLU PA 94 42.78 -45.75 44.88
N CYS PA 95 43.95 -46.39 44.71
CA CYS PA 95 44.22 -47.35 43.64
C CYS PA 95 43.29 -48.55 43.66
N TYR PA 96 42.78 -48.92 44.83
CA TYR PA 96 41.94 -50.11 44.97
C TYR PA 96 40.50 -49.75 45.32
N LYS PA 97 39.99 -48.67 44.74
CA LYS PA 97 38.62 -48.24 44.99
C LYS PA 97 37.73 -48.65 43.83
N VAL PA 98 37.41 -49.93 43.78
CA VAL PA 98 36.36 -50.40 42.89
C VAL PA 98 35.03 -50.26 43.62
N PRO PA 99 34.09 -49.49 43.12
CA PRO PA 99 32.75 -49.49 43.70
C PRO PA 99 32.06 -50.82 43.44
N GLU PA 100 31.31 -51.29 44.44
CA GLU PA 100 30.85 -52.67 44.46
C GLU PA 100 29.51 -52.87 43.77
N TRP PA 101 29.20 -52.05 42.76
CA TRP PA 101 28.27 -52.49 41.73
C TRP PA 101 28.90 -53.57 40.88
N CYS PA 102 30.23 -53.62 40.85
CA CYS PA 102 30.99 -54.63 40.15
C CYS PA 102 30.98 -55.92 40.96
N LEU PA 103 31.87 -56.86 40.59
CA LEU PA 103 32.17 -58.14 41.24
C LEU PA 103 31.07 -59.17 41.01
N ASP PA 104 29.94 -58.74 40.44
CA ASP PA 104 28.97 -59.67 39.87
C ASP PA 104 29.36 -60.10 38.47
N ASP PA 105 30.24 -59.35 37.82
CA ASP PA 105 30.80 -59.78 36.54
C ASP PA 105 32.12 -60.50 36.73
N TRP PA 106 32.13 -61.50 37.60
CA TRP PA 106 33.25 -62.42 37.66
C TRP PA 106 32.86 -63.76 37.06
N HIS PA 107 33.85 -64.57 36.83
CA HIS PA 107 33.58 -65.90 36.29
C HIS PA 107 33.10 -66.80 37.42
N PRO PA 108 32.15 -67.71 37.14
CA PRO PA 108 31.56 -68.52 38.21
C PRO PA 108 32.51 -69.51 38.87
N SER PA 109 33.71 -69.74 38.33
CA SER PA 109 34.71 -70.52 39.07
C SER PA 109 35.18 -69.75 40.30
N GLU PA 110 35.53 -68.48 40.11
CA GLU PA 110 35.89 -67.64 41.25
C GLU PA 110 34.70 -67.34 42.13
N LYS PA 111 33.49 -67.39 41.58
CA LYS PA 111 32.30 -67.26 42.40
C LYS PA 111 32.05 -68.50 43.21
N ALA PA 112 32.47 -69.67 42.71
CA ALA PA 112 32.52 -70.84 43.55
C ALA PA 112 33.64 -70.77 44.57
N MET PA 113 34.67 -69.98 44.30
CA MET PA 113 35.76 -69.86 45.28
C MET PA 113 35.33 -69.07 46.52
N TYR PA 114 34.44 -68.09 46.38
CA TYR PA 114 34.04 -67.24 47.49
C TYR PA 114 32.53 -67.36 47.71
N PRO PA 115 32.06 -68.47 48.31
CA PRO PA 115 30.62 -68.73 48.32
C PRO PA 115 29.86 -67.90 49.36
N ASP PA 116 30.49 -67.69 50.52
CA ASP PA 116 29.80 -67.07 51.64
C ASP PA 116 29.51 -65.60 51.37
N TYR PA 117 30.52 -64.88 50.88
CA TYR PA 117 30.34 -63.47 50.59
C TYR PA 117 29.36 -63.24 49.47
N PHE PA 118 29.30 -64.14 48.49
CA PHE PA 118 28.37 -63.95 47.39
C PHE PA 118 26.94 -64.31 47.76
N ALA PA 119 26.74 -65.33 48.61
CA ALA PA 119 25.40 -65.59 49.12
C ALA PA 119 24.91 -64.46 50.02
N LYS PA 120 25.81 -63.90 50.83
CA LYS PA 120 25.41 -62.78 51.67
C LYS PA 120 25.21 -61.50 50.86
N ARG PA 121 25.95 -61.35 49.76
CA ARG PA 121 25.67 -60.26 48.83
C ARG PA 121 24.30 -60.42 48.19
N GLU PA 122 23.92 -61.67 47.93
CA GLU PA 122 22.60 -61.94 47.39
C GLU PA 122 21.51 -61.59 48.41
N GLN PA 123 21.76 -61.84 49.69
CA GLN PA 123 20.71 -61.48 50.65
C GLN PA 123 20.67 -59.97 50.91
N TRP PA 124 21.81 -59.27 50.80
CA TRP PA 124 21.74 -57.81 50.78
C TRP PA 124 20.99 -57.30 49.54
N LYS PA 125 21.11 -58.01 48.42
CA LYS PA 125 20.41 -57.61 47.21
C LYS PA 125 18.91 -57.82 47.35
N LYS PA 126 18.53 -58.90 48.06
CA LYS PA 126 17.13 -59.09 48.46
C LYS PA 126 16.66 -57.93 49.31
N LEU PA 127 17.47 -57.54 50.29
CA LEU PA 127 17.11 -56.43 51.17
C LEU PA 127 17.02 -55.11 50.41
N ARG PA 128 17.84 -54.95 49.37
CA ARG PA 128 17.78 -53.73 48.56
C ARG PA 128 16.51 -53.70 47.73
N ARG PA 129 16.19 -54.81 47.07
CA ARG PA 129 15.07 -54.82 46.14
C ARG PA 129 13.73 -54.78 46.87
N GLU PA 130 13.65 -55.42 48.03
CA GLU PA 130 12.36 -55.60 48.70
C GLU PA 130 11.80 -54.29 49.24
N SER PA 131 12.67 -53.42 49.75
CA SER PA 131 12.23 -52.17 50.33
C SER PA 131 12.30 -51.01 49.36
N TRP PA 132 12.50 -51.29 48.06
CA TRP PA 132 12.85 -50.21 47.16
C TRP PA 132 11.64 -49.46 46.63
N GLU PA 133 10.57 -50.18 46.29
CA GLU PA 133 9.55 -49.51 45.48
C GLU PA 133 8.64 -48.63 46.33
N ARG PA 134 7.82 -49.24 47.19
CA ARG PA 134 6.68 -48.52 47.73
C ARG PA 134 7.10 -47.51 48.80
N GLU PA 135 7.85 -47.97 49.80
CA GLU PA 135 8.20 -47.12 50.94
C GLU PA 135 9.11 -45.99 50.52
N VAL PA 136 10.14 -46.30 49.74
CA VAL PA 136 11.12 -45.30 49.32
C VAL PA 136 10.49 -44.29 48.37
N LYS PA 137 9.78 -44.78 47.34
CA LYS PA 137 9.21 -43.83 46.38
C LYS PA 137 8.06 -43.05 46.98
N GLN PA 138 7.30 -43.64 47.90
CA GLN PA 138 6.18 -42.92 48.50
C GLN PA 138 6.66 -41.88 49.50
N LEU PA 139 7.72 -42.18 50.26
CA LEU PA 139 8.29 -41.16 51.12
C LEU PA 139 8.98 -40.05 50.33
N GLN PA 140 9.53 -40.37 49.17
CA GLN PA 140 10.11 -39.28 48.39
C GLN PA 140 9.07 -38.45 47.66
N GLU PA 141 7.91 -39.03 47.34
CA GLU PA 141 6.90 -38.32 46.59
C GLU PA 141 5.79 -37.75 47.46
N GLU PA 142 5.77 -38.05 48.75
CA GLU PA 142 4.64 -37.71 49.60
C GLU PA 142 4.97 -36.61 50.59
N THR PA 143 5.97 -36.80 51.42
CA THR PA 143 6.35 -35.78 52.40
C THR PA 143 7.06 -34.54 51.86
N PRO PA 144 7.89 -34.57 50.79
CA PRO PA 144 8.37 -33.30 50.25
C PRO PA 144 7.31 -32.58 49.43
N VAL PA 145 7.51 -31.27 49.29
CA VAL PA 145 6.72 -30.42 48.42
C VAL PA 145 7.40 -30.52 47.06
N GLY PA 146 6.73 -30.05 46.00
CA GLY PA 146 7.31 -30.08 44.65
C GLY PA 146 8.62 -29.34 44.52
N GLY PA 147 8.81 -28.27 45.30
CA GLY PA 147 10.13 -27.78 45.59
C GLY PA 147 10.67 -28.51 46.80
N PRO PA 148 11.74 -29.30 46.61
CA PRO PA 148 12.22 -30.14 47.71
C PRO PA 148 12.85 -29.35 48.85
N ARG PA 149 13.47 -28.21 48.56
CA ARG PA 149 13.89 -27.17 49.49
C ARG PA 149 14.98 -27.60 50.48
N THR PA 150 15.53 -28.79 50.35
CA THR PA 150 16.57 -29.26 51.26
C THR PA 150 17.39 -30.33 50.57
N GLU PA 151 18.46 -30.77 51.25
CA GLU PA 151 19.24 -31.90 50.77
C GLU PA 151 19.17 -33.10 51.71
N ALA PA 152 18.61 -32.94 52.90
CA ALA PA 152 18.52 -34.05 53.84
C ALA PA 152 17.28 -34.89 53.56
N LEU PA 153 17.40 -36.19 53.82
CA LEU PA 153 16.29 -37.09 53.58
C LEU PA 153 15.73 -37.58 54.90
N PRO PA 154 14.42 -37.80 54.99
CA PRO PA 154 13.84 -38.23 56.27
C PRO PA 154 14.12 -39.69 56.52
N PRO PA 155 14.20 -40.10 57.79
CA PRO PA 155 14.27 -41.53 58.10
C PRO PA 155 12.95 -42.19 57.82
N ALA PA 156 13.01 -43.50 57.53
CA ALA PA 156 11.79 -44.30 57.41
C ALA PA 156 11.34 -44.67 58.81
N ARG PA 157 10.69 -43.72 59.46
CA ARG PA 157 10.17 -43.91 60.80
C ARG PA 157 8.80 -44.58 60.83
N LYS PA 158 8.33 -45.06 59.67
CA LYS PA 158 6.96 -45.55 59.53
C LYS PA 158 6.67 -46.76 60.41
N GLN PA 159 7.16 -47.94 60.02
CA GLN PA 159 7.18 -49.05 60.96
C GLN PA 159 8.52 -49.77 60.95
N GLY PA 160 8.94 -50.15 59.75
CA GLY PA 160 9.92 -51.19 59.54
C GLY PA 160 11.22 -50.76 58.91
N ASP PA 161 11.25 -50.89 57.59
CA ASP PA 161 12.46 -51.02 56.80
C ASP PA 161 13.16 -49.68 56.59
N LEU PA 162 14.11 -49.67 55.64
CA LEU PA 162 15.20 -48.72 55.66
C LEU PA 162 14.78 -47.33 55.19
N PRO PA 163 15.43 -46.29 55.71
CA PRO PA 163 15.32 -44.98 55.07
C PRO PA 163 15.95 -45.02 53.72
N PRO PA 164 15.48 -44.19 52.77
CA PRO PA 164 15.86 -44.36 51.37
C PRO PA 164 17.31 -43.99 51.09
N LEU PA 165 17.70 -44.27 49.84
CA LEU PA 165 18.99 -43.87 49.24
C LEU PA 165 20.17 -44.52 49.93
N TRP PA 166 19.99 -45.67 50.58
CA TRP PA 166 21.02 -46.18 51.46
C TRP PA 166 22.17 -46.85 50.73
N TRP PA 167 21.98 -47.20 49.46
CA TRP PA 167 22.85 -48.17 48.81
C TRP PA 167 24.25 -47.62 48.57
N HIS PA 168 24.36 -46.52 47.83
CA HIS PA 168 25.67 -45.93 47.58
C HIS PA 168 26.27 -45.29 48.82
N ILE PA 169 25.46 -44.91 49.80
CA ILE PA 169 26.02 -44.28 50.99
C ILE PA 169 26.65 -45.35 51.89
N VAL PA 170 25.95 -46.46 52.10
CA VAL PA 170 26.50 -47.51 52.95
C VAL PA 170 27.61 -48.26 52.22
N THR PA 171 27.36 -48.64 50.97
CA THR PA 171 28.31 -49.47 50.23
C THR PA 171 29.33 -48.62 49.47
N ARG PA 172 30.08 -47.85 50.23
CA ARG PA 172 31.26 -47.20 49.70
C ARG PA 172 32.50 -47.77 50.40
N PRO PA 173 33.67 -47.80 49.74
CA PRO PA 173 34.82 -48.53 50.30
C PRO PA 173 35.40 -48.01 51.61
N ARG PA 174 36.38 -48.75 52.13
CA ARG PA 174 36.92 -48.61 53.48
C ARG PA 174 37.81 -47.39 53.65
N GLU PA 175 38.13 -46.68 52.56
CA GLU PA 175 38.99 -45.49 52.49
C GLU PA 175 40.43 -45.77 52.90
N ARG PA 176 40.82 -47.04 53.09
CA ARG PA 176 42.20 -47.46 53.25
C ARG PA 176 42.28 -48.94 52.91
N PRO PA 177 42.64 -49.31 51.67
CA PRO PA 177 42.70 -50.72 51.27
C PRO PA 177 43.86 -51.45 51.92
N ALA QA 5 58.95 -62.53 70.36
CA ALA QA 5 58.11 -61.73 69.47
C ALA QA 5 58.74 -60.37 69.20
N HIS QA 6 58.27 -59.71 68.15
CA HIS QA 6 58.78 -58.39 67.79
C HIS QA 6 58.07 -57.32 68.61
N ILE QA 7 58.24 -56.06 68.21
CA ILE QA 7 57.76 -54.92 68.99
C ILE QA 7 56.24 -54.85 68.92
N GLU QA 8 55.63 -54.29 69.98
CA GLU QA 8 54.23 -53.93 69.97
C GLU QA 8 54.11 -52.44 70.31
N PRO QA 9 53.15 -51.73 69.74
CA PRO QA 9 53.09 -50.28 69.94
C PRO QA 9 52.61 -49.92 71.34
N ARG QA 10 52.79 -48.63 71.67
CA ARG QA 10 52.46 -48.09 72.98
C ARG QA 10 51.63 -46.82 72.82
N TYR QA 11 51.33 -46.20 73.96
CA TYR QA 11 50.45 -45.03 74.01
C TYR QA 11 51.17 -43.91 74.76
N ARG QA 12 51.57 -42.88 74.02
CA ARG QA 12 52.11 -41.61 74.51
C ARG QA 12 53.45 -41.73 75.23
N GLN QA 13 54.03 -42.91 75.32
CA GLN QA 13 55.22 -43.10 76.12
C GLN QA 13 56.46 -43.04 75.24
N PHE QA 14 57.61 -42.88 75.89
CA PHE QA 14 58.87 -42.95 75.17
C PHE QA 14 59.06 -44.37 74.68
N PRO QA 15 59.33 -44.57 73.40
CA PRO QA 15 59.44 -45.94 72.86
C PRO QA 15 60.71 -46.61 73.34
N GLN QA 16 60.64 -47.93 73.46
CA GLN QA 16 61.78 -48.68 73.95
C GLN QA 16 62.72 -49.00 72.80
N LEU QA 17 63.98 -49.22 73.14
CA LEU QA 17 65.06 -49.40 72.19
C LEU QA 17 65.86 -50.63 72.57
N THR QA 18 66.05 -51.53 71.60
CA THR QA 18 66.92 -52.67 71.83
C THR QA 18 68.38 -52.21 71.87
N ARG QA 19 69.22 -53.00 72.54
CA ARG QA 19 70.63 -52.65 72.65
C ARG QA 19 71.36 -52.81 71.32
N SER QA 20 70.83 -53.63 70.41
CA SER QA 20 71.53 -53.91 69.17
C SER QA 20 71.53 -52.70 68.24
N GLN QA 21 70.35 -52.10 68.03
CA GLN QA 21 70.24 -50.98 67.10
C GLN QA 21 71.02 -49.76 67.61
N VAL QA 22 71.01 -49.54 68.93
CA VAL QA 22 71.75 -48.39 69.45
C VAL QA 22 73.25 -48.67 69.43
N ILE QA 23 73.66 -49.93 69.60
CA ILE QA 23 75.09 -50.17 69.56
C ILE QA 23 75.61 -50.16 68.12
N GLN QA 24 74.79 -50.55 67.13
CA GLN QA 24 75.20 -50.37 65.74
C GLN QA 24 75.24 -48.90 65.36
N ALA QA 25 74.28 -48.10 65.84
CA ALA QA 25 74.25 -46.68 65.49
C ALA QA 25 75.44 -45.92 66.06
N GLU QA 26 75.71 -46.11 67.35
CA GLU QA 26 76.85 -45.46 67.95
C GLU QA 26 78.16 -46.03 67.42
N PHE QA 27 78.16 -47.31 67.02
CA PHE QA 27 79.33 -47.90 66.37
C PHE QA 27 79.60 -47.25 65.03
N PHE QA 28 78.56 -46.97 64.25
CA PHE QA 28 78.76 -46.38 62.93
C PHE QA 28 79.19 -44.93 63.04
N SER QA 29 78.61 -44.18 63.99
CA SER QA 29 79.03 -42.80 64.20
C SER QA 29 80.48 -42.73 64.70
N ALA QA 30 80.84 -43.61 65.64
CA ALA QA 30 82.19 -43.59 66.16
C ALA QA 30 83.20 -44.12 65.15
N THR QA 31 82.80 -45.02 64.24
CA THR QA 31 83.73 -45.44 63.21
C THR QA 31 83.84 -44.42 62.08
N MET QA 32 82.80 -43.62 61.85
CA MET QA 32 82.94 -42.42 61.04
C MET QA 32 84.00 -41.50 61.63
N TRP QA 33 83.90 -41.26 62.94
CA TRP QA 33 84.86 -40.39 63.59
C TRP QA 33 86.25 -41.03 63.64
N PHE QA 34 86.32 -42.35 63.69
CA PHE QA 34 87.58 -43.07 63.64
C PHE QA 34 88.25 -42.94 62.28
N TRP QA 35 87.47 -43.08 61.20
CA TRP QA 35 88.04 -42.90 59.88
C TRP QA 35 88.46 -41.47 59.65
N ILE QA 36 87.68 -40.51 60.15
CA ILE QA 36 88.09 -39.12 59.93
C ILE QA 36 89.26 -38.72 60.83
N LEU QA 37 89.47 -39.41 61.95
CA LEU QA 37 90.66 -39.15 62.74
C LEU QA 37 91.91 -39.76 62.11
N TRP QA 38 91.87 -41.06 61.77
CA TRP QA 38 93.05 -41.69 61.19
C TRP QA 38 93.37 -41.14 59.81
N ARG QA 39 92.34 -40.69 59.09
CA ARG QA 39 92.54 -39.96 57.86
C ARG QA 39 93.05 -38.54 58.15
N PHE QA 40 92.65 -37.98 59.29
CA PHE QA 40 92.99 -36.61 59.64
C PHE QA 40 94.30 -36.49 60.40
N TRP QA 41 94.74 -37.54 61.08
CA TRP QA 41 95.96 -37.43 61.88
C TRP QA 41 97.18 -38.04 61.20
N HIS QA 42 97.07 -39.28 60.75
CA HIS QA 42 98.26 -40.06 60.41
C HIS QA 42 98.90 -39.60 59.11
N ASP QA 43 98.12 -39.11 58.17
CA ASP QA 43 98.71 -38.87 56.86
C ASP QA 43 98.50 -37.45 56.35
N SER QA 44 97.34 -36.87 56.60
CA SER QA 44 97.06 -35.52 56.13
C SER QA 44 96.16 -34.84 57.15
N ASP QA 45 96.43 -33.59 57.58
CA ASP QA 45 97.18 -32.45 56.99
C ASP QA 45 96.86 -32.14 55.52
N ALA QA 46 95.60 -32.31 55.16
CA ALA QA 46 95.09 -31.86 53.87
C ALA QA 46 94.42 -30.50 53.95
N VAL QA 47 94.39 -29.90 55.14
CA VAL QA 47 93.87 -28.54 55.27
C VAL QA 47 94.83 -27.54 54.64
N LEU QA 48 96.11 -27.63 55.00
CA LEU QA 48 97.13 -26.78 54.42
C LEU QA 48 97.62 -27.40 53.11
N GLY QA 49 98.06 -26.54 52.20
CA GLY QA 49 98.24 -26.93 50.82
C GLY QA 49 99.52 -27.65 50.46
N HIS QA 50 100.20 -28.21 51.47
CA HIS QA 50 101.44 -29.00 51.35
C HIS QA 50 102.58 -28.24 50.69
N PHE QA 51 102.49 -26.91 50.59
CA PHE QA 51 103.45 -26.10 49.90
C PHE QA 51 103.44 -24.71 50.51
N PRO QA 52 104.59 -24.12 50.74
CA PRO QA 52 104.60 -22.70 51.12
C PRO QA 52 104.20 -21.83 49.94
N TYR QA 53 103.02 -21.22 50.03
CA TYR QA 53 102.62 -20.27 49.01
C TYR QA 53 103.50 -19.04 49.11
N PRO QA 54 104.20 -18.65 48.06
CA PRO QA 54 105.18 -17.57 48.18
C PRO QA 54 104.53 -16.20 48.26
N ASP QA 55 105.38 -15.21 48.49
CA ASP QA 55 105.11 -13.78 48.49
C ASP QA 55 105.00 -13.29 47.04
N PRO QA 56 104.84 -11.98 46.80
CA PRO QA 56 105.34 -11.45 45.52
C PRO QA 56 106.77 -11.90 45.31
N SER QA 57 106.95 -12.70 44.24
CA SER QA 57 107.80 -13.88 44.19
C SER QA 57 109.13 -13.81 44.95
N GLN QA 58 109.86 -12.72 44.78
CA GLN QA 58 111.17 -12.63 45.41
C GLN QA 58 111.39 -11.32 46.13
N TRP QA 59 110.69 -10.26 45.68
CA TRP QA 59 110.95 -8.86 46.03
C TRP QA 59 112.38 -8.45 45.72
N THR QA 60 113.00 -9.06 44.71
CA THR QA 60 114.38 -8.78 44.36
C THR QA 60 114.43 -7.88 43.14
N ASP QA 61 115.00 -6.69 43.30
CA ASP QA 61 115.23 -5.81 42.18
C ASP QA 61 116.38 -6.35 41.33
N GLU QA 62 116.13 -6.47 40.03
CA GLU QA 62 117.01 -6.86 38.93
C GLU QA 62 117.59 -8.28 39.05
N GLU QA 63 117.25 -9.01 40.10
CA GLU QA 63 117.11 -10.44 39.96
C GLU QA 63 115.71 -10.68 39.44
N LEU QA 64 115.63 -11.43 38.35
CA LEU QA 64 114.64 -11.48 37.27
C LEU QA 64 114.79 -10.31 36.31
N GLY QA 65 115.60 -9.30 36.63
CA GLY QA 65 116.01 -8.34 35.63
C GLY QA 65 115.12 -7.12 35.55
N ILE QA 66 115.58 -5.99 36.06
CA ILE QA 66 114.98 -4.69 35.79
C ILE QA 66 116.13 -3.79 35.36
N PRO QA 67 115.93 -2.78 34.54
CA PRO QA 67 117.03 -1.95 34.10
C PRO QA 67 117.32 -0.85 35.12
N PRO QA 68 118.57 -0.40 35.19
CA PRO QA 68 118.87 0.77 36.03
C PRO QA 68 118.32 2.05 35.42
N ASP QA 69 117.69 2.86 36.26
CA ASP QA 69 117.07 4.09 35.78
C ASP QA 69 117.18 5.20 36.81
N SER RA 2 18.15 -40.04 21.26
CA SER RA 2 17.09 -39.73 22.20
C SER RA 2 17.34 -38.42 22.93
N HIS RA 3 17.09 -37.30 22.23
CA HIS RA 3 17.29 -35.99 22.80
C HIS RA 3 16.45 -34.99 22.02
N ILE RA 4 16.01 -33.94 22.71
CA ILE RA 4 15.10 -32.96 22.14
C ILE RA 4 15.91 -31.80 21.58
N THR RA 5 15.50 -31.32 20.39
CA THR RA 5 16.15 -30.17 19.77
C THR RA 5 15.95 -28.90 20.58
N LYS RA 6 14.82 -28.81 21.29
CA LYS RA 6 14.53 -27.69 22.18
C LYS RA 6 15.49 -27.58 23.35
N ASP RA 7 16.23 -28.64 23.66
CA ASP RA 7 17.20 -28.61 24.74
C ASP RA 7 18.57 -28.12 24.28
N MET RA 8 18.72 -27.80 22.99
CA MET RA 8 19.82 -26.99 22.51
C MET RA 8 19.45 -25.53 22.67
N LEU RA 9 20.23 -24.64 22.05
CA LEU RA 9 20.08 -23.20 22.26
C LEU RA 9 20.10 -22.43 20.95
N PRO RA 10 18.99 -22.44 20.21
CA PRO RA 10 18.96 -21.71 18.93
C PRO RA 10 18.79 -20.22 19.17
N GLY RA 11 19.64 -19.42 18.52
CA GLY RA 11 19.48 -17.99 18.52
C GLY RA 11 19.92 -17.31 19.79
N PRO RA 12 20.13 -15.99 19.73
CA PRO RA 12 20.56 -15.25 20.91
C PRO RA 12 19.39 -14.84 21.79
N TYR RA 13 19.71 -14.05 22.79
CA TYR RA 13 18.85 -13.47 23.82
C TYR RA 13 17.66 -12.58 23.42
N PRO RA 14 17.56 -11.95 22.24
CA PRO RA 14 16.28 -11.31 21.91
C PRO RA 14 15.24 -12.37 21.54
N LYS RA 15 14.03 -12.25 22.10
CA LYS RA 15 13.61 -11.14 22.96
C LYS RA 15 13.78 -11.40 24.45
N THR RA 16 13.72 -10.32 25.22
CA THR RA 16 13.86 -10.33 26.67
C THR RA 16 12.73 -11.02 27.47
N PRO RA 17 11.45 -11.10 27.00
CA PRO RA 17 10.58 -12.07 27.68
C PRO RA 17 10.93 -13.52 27.34
N GLU RA 18 10.99 -13.82 26.04
CA GLU RA 18 10.94 -15.20 25.59
C GLU RA 18 12.24 -15.94 25.86
N GLU RA 19 13.36 -15.37 25.40
CA GLU RA 19 14.63 -16.08 25.54
C GLU RA 19 15.12 -16.11 26.97
N ARG RA 20 14.83 -15.07 27.75
CA ARG RA 20 15.20 -15.10 29.17
C ARG RA 20 14.36 -16.13 29.93
N ALA RA 21 13.06 -16.22 29.59
CA ALA RA 21 12.23 -17.26 30.19
C ALA RA 21 12.70 -18.65 29.77
N ALA RA 22 13.08 -18.81 28.51
CA ALA RA 22 13.53 -20.10 28.02
C ALA RA 22 14.86 -20.50 28.65
N ALA RA 23 15.75 -19.53 28.86
CA ALA RA 23 17.04 -19.82 29.49
C ALA RA 23 16.85 -20.17 30.96
N ALA RA 24 15.98 -19.45 31.66
CA ALA RA 24 15.77 -19.75 33.07
C ALA RA 24 15.04 -21.07 33.28
N LYS RA 25 14.22 -21.49 32.31
CA LYS RA 25 13.55 -22.77 32.44
C LYS RA 25 14.39 -23.93 31.94
N LYS RA 26 15.29 -23.69 30.99
CA LYS RA 26 16.03 -24.75 30.34
C LYS RA 26 17.38 -25.00 30.97
N TYR RA 27 18.09 -23.95 31.36
CA TYR RA 27 19.41 -24.11 31.97
C TYR RA 27 19.32 -24.38 33.45
N ASN RA 28 18.10 -24.43 34.01
CA ASN RA 28 17.83 -24.56 35.43
C ASN RA 28 18.56 -23.48 36.22
N MET RA 29 18.34 -22.24 35.83
CA MET RA 29 19.09 -21.13 36.38
C MET RA 29 18.15 -20.06 36.90
N ARG RA 30 18.74 -19.13 37.64
CA ARG RA 30 18.09 -17.88 37.99
C ARG RA 30 17.90 -17.04 36.73
N VAL RA 31 16.91 -16.15 36.75
CA VAL RA 31 16.60 -15.35 35.57
C VAL RA 31 17.71 -14.35 35.26
N GLU RA 32 18.09 -13.55 36.26
CA GLU RA 32 19.08 -12.50 36.02
C GLU RA 32 20.52 -13.00 36.15
N ASP RA 33 20.74 -14.11 36.86
CA ASP RA 33 22.09 -14.67 36.92
C ASP RA 33 22.46 -15.32 35.59
N TYR RA 34 21.47 -15.69 34.79
CA TYR RA 34 21.69 -15.93 33.37
C TYR RA 34 22.23 -14.66 32.72
N GLU RA 35 23.48 -14.71 32.28
CA GLU RA 35 24.14 -13.53 31.73
C GLU RA 35 24.57 -13.82 30.30
N PRO RA 36 23.91 -13.27 29.30
CA PRO RA 36 24.39 -13.42 27.92
C PRO RA 36 25.64 -12.58 27.70
N TYR RA 37 26.34 -12.92 26.64
CA TYR RA 37 27.71 -12.44 26.42
C TYR RA 37 27.92 -10.97 26.08
N PRO RA 38 27.13 -10.33 25.18
CA PRO RA 38 25.98 -10.62 24.33
C PRO RA 38 26.32 -11.19 22.98
N ASP RA 39 25.31 -11.21 22.11
CA ASP RA 39 25.47 -11.54 20.71
C ASP RA 39 26.32 -10.47 20.06
N ASP RA 40 27.58 -10.82 19.80
CA ASP RA 40 28.51 -9.89 19.20
C ASP RA 40 29.14 -10.49 17.95
N GLY RA 41 28.48 -11.46 17.34
CA GLY RA 41 29.00 -12.13 16.17
C GLY RA 41 30.12 -13.11 16.46
N MET RA 42 30.37 -13.44 17.73
CA MET RA 42 31.41 -14.39 18.08
C MET RA 42 30.86 -15.80 18.25
N GLY RA 43 29.83 -16.16 17.48
CA GLY RA 43 29.19 -17.44 17.65
C GLY RA 43 28.41 -17.48 18.94
N TYR RA 44 28.76 -18.42 19.82
CA TYR RA 44 28.41 -18.42 21.24
C TYR RA 44 26.93 -18.60 21.57
N GLY RA 45 26.06 -18.61 20.56
CA GLY RA 45 24.64 -18.81 20.75
C GLY RA 45 24.01 -17.75 21.64
N ASP RA 46 23.51 -18.20 22.78
CA ASP RA 46 23.06 -17.35 23.88
C ASP RA 46 23.54 -17.92 25.20
N TYR RA 47 24.76 -18.37 25.22
CA TYR RA 47 25.25 -19.20 26.30
C TYR RA 47 25.62 -18.33 27.51
N PRO RA 48 25.37 -18.79 28.73
CA PRO RA 48 25.56 -17.93 29.91
C PRO RA 48 27.02 -17.60 30.19
N LYS RA 49 27.22 -16.40 30.73
CA LYS RA 49 28.51 -16.00 31.25
C LYS RA 49 28.67 -16.53 32.67
N LEU RA 50 29.88 -16.94 33.02
CA LEU RA 50 30.17 -17.55 34.30
C LEU RA 50 31.26 -16.77 35.02
N PRO RA 51 31.37 -16.91 36.35
CA PRO RA 51 32.48 -16.27 37.07
C PRO RA 51 33.84 -16.94 36.91
N ASP RA 52 33.89 -18.14 36.31
CA ASP RA 52 35.03 -18.72 35.62
C ASP RA 52 36.13 -19.29 36.51
N ARG RA 53 35.89 -19.61 37.78
CA ARG RA 53 37.00 -20.02 38.64
C ARG RA 53 36.98 -21.50 38.99
N SER RA 54 35.95 -21.96 39.70
CA SER RA 54 35.52 -23.36 39.80
C SER RA 54 36.51 -24.38 40.36
N GLN RA 55 37.71 -23.96 40.75
CA GLN RA 55 38.73 -24.93 41.15
C GLN RA 55 39.14 -24.80 42.61
N GLN RA 56 39.63 -23.64 43.01
CA GLN RA 56 39.93 -23.38 44.41
C GLN RA 56 38.84 -22.57 45.08
N GLU RA 57 37.86 -22.12 44.31
CA GLU RA 57 36.50 -22.02 44.80
C GLU RA 57 35.89 -23.42 44.78
N ARG RA 58 34.64 -23.53 45.24
CA ARG RA 58 33.94 -24.80 45.42
C ARG RA 58 34.73 -25.71 46.36
N ASP RA 59 34.76 -25.29 47.63
CA ASP RA 59 35.59 -25.92 48.64
C ASP RA 59 35.20 -27.38 48.84
N PRO RA 60 36.18 -28.28 48.96
CA PRO RA 60 35.89 -29.73 48.82
C PRO RA 60 35.07 -30.34 49.94
N TRP RA 61 34.82 -29.62 51.03
CA TRP RA 61 33.97 -30.13 52.09
C TRP RA 61 32.50 -29.83 51.86
N TYR RA 62 32.15 -29.24 50.73
CA TYR RA 62 30.75 -29.16 50.35
C TYR RA 62 30.19 -30.54 50.03
N ASP RA 63 31.06 -31.43 49.54
CA ASP RA 63 30.75 -32.82 49.21
C ASP RA 63 29.65 -32.90 48.16
N TRP RA 64 29.99 -32.41 46.97
CA TRP RA 64 29.13 -32.48 45.80
C TRP RA 64 29.23 -33.86 45.15
N ASP RA 65 28.77 -33.95 43.91
CA ASP RA 65 28.68 -35.25 43.26
C ASP RA 65 30.02 -35.76 42.75
N HIS RA 66 30.63 -35.04 41.80
CA HIS RA 66 31.82 -35.54 41.13
C HIS RA 66 33.07 -35.12 41.87
N PRO RA 67 33.83 -36.04 42.47
CA PRO RA 67 34.89 -35.66 43.41
C PRO RA 67 36.10 -34.99 42.78
N ASP RA 68 36.24 -35.04 41.46
CA ASP RA 68 37.33 -34.35 40.80
C ASP RA 68 36.88 -33.36 39.74
N LEU RA 69 35.74 -33.59 39.10
CA LEU RA 69 35.28 -32.67 38.07
C LEU RA 69 34.55 -31.47 38.63
N ARG RA 70 34.28 -31.45 39.94
CA ARG RA 70 33.65 -30.34 40.66
C ARG RA 70 32.23 -30.04 40.18
N LEU RA 71 31.56 -31.03 39.59
CA LEU RA 71 30.20 -30.81 39.13
C LEU RA 71 29.20 -30.94 40.27
N ASN RA 72 27.93 -30.80 39.94
CA ASN RA 72 26.87 -31.16 40.85
C ASN RA 72 25.74 -31.82 40.08
N TRP RA 73 25.95 -32.04 38.76
CA TRP RA 73 25.05 -32.56 37.73
C TRP RA 73 23.98 -31.52 37.36
N GLY RA 74 23.88 -30.44 38.12
CA GLY RA 74 23.05 -29.34 37.71
C GLY RA 74 23.82 -28.03 37.65
N GLU RA 75 24.10 -27.63 36.42
CA GLU RA 75 24.75 -26.38 36.02
C GLU RA 75 24.36 -26.15 34.58
N PRO RA 76 24.56 -24.95 34.04
CA PRO RA 76 24.53 -24.86 32.59
C PRO RA 76 25.67 -25.65 31.95
N MET RA 77 26.89 -25.09 32.03
CA MET RA 77 28.24 -25.63 32.14
C MET RA 77 29.10 -24.38 32.02
N HIS RA 78 30.41 -24.50 32.17
CA HIS RA 78 31.28 -23.40 31.78
C HIS RA 78 31.63 -23.56 30.32
N TRP RA 79 31.74 -22.44 29.60
CA TRP RA 79 31.99 -22.51 28.16
C TRP RA 79 33.40 -23.00 27.87
N ASP RA 80 34.37 -22.54 28.65
CA ASP RA 80 35.77 -22.97 28.59
C ASP RA 80 36.09 -23.95 29.71
N LEU RA 81 35.16 -24.85 30.01
CA LEU RA 81 35.33 -25.82 31.09
C LEU RA 81 36.48 -26.78 30.84
N ASP RA 82 36.84 -26.99 29.57
CA ASP RA 82 37.98 -27.83 29.22
C ASP RA 82 39.30 -27.19 29.58
N MET RA 83 39.31 -25.88 29.81
CA MET RA 83 40.50 -25.15 30.22
C MET RA 83 40.49 -24.90 31.73
N TYR RA 84 39.44 -25.33 32.42
CA TYR RA 84 39.21 -25.01 33.83
C TYR RA 84 38.84 -26.25 34.62
N ILE RA 85 39.60 -27.32 34.46
CA ILE RA 85 39.54 -28.45 35.38
C ILE RA 85 40.78 -28.34 36.26
N ARG RA 86 40.69 -28.87 37.48
CA ARG RA 86 41.92 -29.16 38.20
C ARG RA 86 42.70 -30.21 37.42
N ASN RA 87 44.01 -30.09 37.47
CA ASN RA 87 45.13 -30.66 36.68
C ASN RA 87 45.28 -29.93 35.36
N ARG RA 88 44.54 -28.84 35.13
CA ARG RA 88 44.77 -28.01 33.95
C ARG RA 88 45.24 -26.61 34.30
N VAL RA 89 44.45 -25.82 35.02
CA VAL RA 89 44.80 -24.44 35.36
C VAL RA 89 44.42 -24.23 36.82
N ASP RA 90 45.41 -23.99 37.66
CA ASP RA 90 45.15 -23.78 39.09
C ASP RA 90 44.73 -22.34 39.28
N THR RA 91 43.42 -22.10 39.40
CA THR RA 91 42.87 -20.76 39.58
C THR RA 91 42.80 -20.38 41.05
N SER RA 92 43.92 -20.53 41.74
CA SER RA 92 43.98 -20.26 43.16
C SER RA 92 43.97 -18.76 43.42
N PRO RA 93 43.54 -18.34 44.60
CA PRO RA 93 43.81 -16.95 45.02
C PRO RA 93 45.29 -16.76 45.28
N THR RA 94 45.78 -15.60 44.86
CA THR RA 94 47.19 -15.29 45.07
C THR RA 94 47.43 -14.94 46.53
N PRO RA 95 48.54 -15.41 47.11
CA PRO RA 95 48.77 -15.15 48.54
C PRO RA 95 49.13 -13.71 48.86
N VAL RA 96 49.59 -12.91 47.88
CA VAL RA 96 49.84 -11.51 48.16
C VAL RA 96 49.07 -10.57 47.23
N ASN RA 97 49.42 -10.59 45.95
CA ASN RA 97 48.87 -9.77 44.87
C ASN RA 97 49.31 -10.45 43.58
N TRP RA 98 49.22 -9.75 42.46
CA TRP RA 98 49.75 -10.33 41.24
C TRP RA 98 50.76 -9.43 40.54
N ASN RA 99 50.48 -8.13 40.47
CA ASN RA 99 51.47 -7.20 39.94
C ASN RA 99 52.69 -7.11 40.85
N LEU RA 100 52.48 -7.34 42.15
CA LEU RA 100 53.57 -7.48 43.09
C LEU RA 100 54.49 -8.63 42.69
N MET RA 101 53.89 -9.76 42.31
CA MET RA 101 54.63 -10.94 41.86
C MET RA 101 55.46 -10.63 40.62
N CYS RA 102 54.81 -10.04 39.60
CA CYS RA 102 55.51 -9.85 38.34
C CYS RA 102 56.59 -8.79 38.45
N LYS RA 103 56.35 -7.73 39.23
CA LYS RA 103 57.34 -6.67 39.33
C LYS RA 103 58.53 -7.10 40.17
N HIS RA 104 58.32 -7.85 41.26
CA HIS RA 104 59.44 -8.36 42.03
C HIS RA 104 60.25 -9.39 41.25
N LEU RA 105 59.58 -10.28 40.51
CA LEU RA 105 60.32 -11.30 39.75
C LEU RA 105 61.10 -10.67 38.60
N PHE RA 106 60.51 -9.67 37.92
CA PHE RA 106 61.22 -9.01 36.84
C PHE RA 106 62.38 -8.18 37.35
N GLY RA 107 62.21 -7.51 38.50
CA GLY RA 107 63.31 -6.77 39.07
C GLY RA 107 64.46 -7.65 39.52
N PHE RA 108 64.15 -8.80 40.11
CA PHE RA 108 65.21 -9.72 40.54
C PHE RA 108 65.95 -10.31 39.36
N VAL RA 109 65.22 -10.79 38.35
CA VAL RA 109 65.87 -11.39 37.19
C VAL RA 109 66.65 -10.34 36.39
N ALA RA 110 66.15 -9.10 36.36
CA ALA RA 110 66.87 -8.03 35.69
C ALA RA 110 68.15 -7.68 36.41
N PHE RA 111 68.12 -7.66 37.75
CA PHE RA 111 69.34 -7.40 38.52
C PHE RA 111 70.35 -8.52 38.34
N MET RA 112 69.87 -9.77 38.26
CA MET RA 112 70.80 -10.89 38.10
C MET RA 112 71.44 -10.86 36.72
N LEU RA 113 70.68 -10.56 35.68
CA LEU RA 113 71.27 -10.46 34.35
C LEU RA 113 72.18 -9.25 34.22
N PHE RA 114 71.86 -8.16 34.92
CA PHE RA 114 72.73 -6.99 34.97
C PHE RA 114 74.08 -7.34 35.57
N MET RA 115 74.07 -8.01 36.73
CA MET RA 115 75.33 -8.39 37.34
C MET RA 115 76.03 -9.51 36.58
N PHE RA 116 75.29 -10.30 35.80
CA PHE RA 116 75.91 -11.24 34.88
C PHE RA 116 76.70 -10.52 33.81
N TRP RA 117 76.14 -9.44 33.24
CA TRP RA 117 76.90 -8.64 32.28
C TRP RA 117 78.10 -7.97 32.93
N VAL RA 118 77.93 -7.52 34.18
CA VAL RA 118 79.04 -6.91 34.92
C VAL RA 118 80.16 -7.92 35.15
N GLY RA 119 79.80 -9.17 35.46
CA GLY RA 119 80.81 -10.21 35.58
C GLY RA 119 81.47 -10.53 34.25
N GLU RA 120 80.66 -10.66 33.19
CA GLU RA 120 81.17 -11.04 31.87
C GLU RA 120 82.10 -10.00 31.27
N THR RA 121 81.93 -8.73 31.63
CA THR RA 121 82.89 -7.76 31.12
C THR RA 121 84.14 -7.66 31.99
N TYR RA 122 84.04 -7.92 33.30
CA TYR RA 122 85.15 -7.72 34.23
C TYR RA 122 85.40 -9.01 34.99
N PRO RA 123 86.25 -9.91 34.47
CA PRO RA 123 86.45 -11.21 35.12
C PRO RA 123 87.47 -11.17 36.25
N THR RA 124 87.76 -12.33 36.83
CA THR RA 124 88.81 -12.50 37.83
C THR RA 124 89.72 -13.66 37.46
N TYR RA 125 90.85 -13.71 38.17
CA TYR RA 125 91.98 -14.56 37.80
C TYR RA 125 93.02 -14.49 38.90
N GLN RA 126 93.77 -15.55 39.07
CA GLN RA 126 95.04 -15.35 39.74
C GLN RA 126 96.04 -14.76 38.76
N PRO RA 127 96.93 -13.87 39.22
CA PRO RA 127 97.81 -13.19 38.27
C PRO RA 127 98.98 -14.06 37.85
N VAL RA 128 98.87 -14.66 36.67
CA VAL RA 128 99.74 -15.74 36.21
C VAL RA 128 99.83 -15.61 34.70
N GLY RA 129 101.05 -15.77 34.15
CA GLY RA 129 101.24 -15.75 32.73
C GLY RA 129 100.68 -17.00 32.05
N PRO RA 130 100.95 -17.12 30.74
CA PRO RA 130 100.40 -18.25 29.97
C PRO RA 130 101.06 -19.56 30.30
N LYS RA 131 100.58 -20.64 29.69
CA LYS RA 131 101.13 -21.96 29.92
C LYS RA 131 102.28 -22.21 28.96
N GLN RA 132 103.36 -22.81 29.50
CA GLN RA 132 104.58 -23.02 28.73
C GLN RA 132 104.53 -24.38 28.06
N TYR RA 133 103.83 -24.43 26.94
CA TYR RA 133 103.85 -25.61 26.10
C TYR RA 133 105.23 -25.73 25.45
N PRO RA 134 105.91 -26.86 25.63
CA PRO RA 134 107.36 -26.87 25.39
C PRO RA 134 107.79 -26.87 23.94
N TYR RA 135 106.93 -27.31 23.02
CA TYR RA 135 107.35 -27.62 21.66
C TYR RA 135 106.63 -26.74 20.67
N ASN RA 136 107.17 -25.54 20.47
CA ASN RA 136 106.65 -24.51 19.58
C ASN RA 136 105.19 -24.21 19.88
N ASN RA 137 104.92 -24.05 21.18
CA ASN RA 137 103.59 -23.90 21.77
C ASN RA 137 102.71 -25.08 21.39
N LEU RA 138 103.23 -26.28 21.69
CA LEU RA 138 102.57 -27.57 21.48
C LEU RA 138 102.22 -27.78 20.00
N TYR RA 139 103.20 -27.56 19.15
CA TYR RA 139 102.98 -27.73 17.72
C TYR RA 139 103.21 -29.18 17.34
N LEU RA 140 102.61 -29.56 16.20
CA LEU RA 140 102.60 -30.89 15.56
C LEU RA 140 101.76 -31.93 16.31
N GLU RA 141 101.27 -31.60 17.51
CA GLU RA 141 100.11 -32.25 18.07
C GLU RA 141 98.85 -31.46 17.81
N ARG RA 142 98.99 -30.33 17.12
CA ARG RA 142 97.88 -29.60 16.53
C ARG RA 142 97.50 -30.25 15.21
N GLY RA 143 96.75 -29.53 14.38
CA GLY RA 143 96.20 -30.00 13.12
C GLY RA 143 97.12 -30.64 12.11
N GLY RA 144 98.43 -30.53 12.28
CA GLY RA 144 99.35 -31.26 11.42
C GLY RA 144 100.51 -30.45 10.91
N ASP RA 145 100.63 -30.37 9.58
CA ASP RA 145 101.71 -29.74 8.82
C ASP RA 145 103.05 -30.30 9.26
N PRO RA 146 103.35 -31.56 8.93
CA PRO RA 146 104.50 -32.24 9.56
C PRO RA 146 105.84 -31.68 9.16
N ASN RA 147 105.93 -31.04 8.00
CA ASN RA 147 107.14 -30.37 7.58
C ASN RA 147 106.86 -29.05 6.86
N LYS RA 148 105.62 -28.56 6.94
CA LYS RA 148 105.22 -27.41 6.12
C LYS RA 148 105.72 -26.11 6.71
N GLU RA 149 105.39 -25.84 7.97
CA GLU RA 149 105.78 -24.60 8.64
C GLU RA 149 106.32 -24.90 10.03
N PRO RA 150 107.63 -25.05 10.18
CA PRO RA 150 108.23 -25.03 11.52
C PRO RA 150 108.21 -23.62 12.08
N GLU RA 151 107.32 -23.35 13.02
CA GLU RA 151 107.03 -21.98 13.41
C GLU RA 151 107.92 -21.56 14.56
N PRO RA 152 108.71 -20.50 14.41
CA PRO RA 152 109.66 -20.13 15.47
C PRO RA 152 109.00 -19.48 16.68
N VAL RA 153 108.86 -20.25 17.75
CA VAL RA 153 108.40 -19.72 19.03
C VAL RA 153 109.00 -20.58 20.15
N VAL RA 154 109.68 -19.91 21.08
CA VAL RA 154 110.42 -20.59 22.14
C VAL RA 154 110.09 -19.91 23.47
N HIS RA 155 110.36 -20.65 24.55
CA HIS RA 155 110.18 -20.13 25.90
C HIS RA 155 111.54 -19.76 26.49
N TYR RA 156 111.56 -18.68 27.25
CA TYR RA 156 112.78 -18.15 27.86
C TYR RA 156 112.63 -18.13 29.36
N GLU RA 157 113.62 -18.66 30.06
CA GLU RA 157 113.55 -18.71 31.52
C GLU RA 157 113.74 -17.32 32.12
N ILE RA 158 113.12 -17.13 33.28
CA ILE RA 158 113.10 -15.82 33.93
C ILE RA 158 113.62 -15.95 35.36
N PRO SA 22 -0.81 -33.72 22.47
CA PRO SA 22 -1.77 -34.16 21.45
C PRO SA 22 -1.12 -35.01 20.37
N THR SA 23 -0.10 -34.47 19.73
CA THR SA 23 0.63 -35.19 18.71
C THR SA 23 1.74 -36.04 19.33
N LEU SA 24 2.14 -37.06 18.60
CA LEU SA 24 3.23 -37.94 19.02
C LEU SA 24 4.23 -38.16 17.90
N ARG SA 25 3.77 -38.02 16.64
CA ARG SA 25 4.52 -38.13 15.40
C ARG SA 25 5.16 -39.50 15.13
N TRP SA 26 4.95 -40.48 16.01
CA TRP SA 26 5.69 -41.72 15.93
C TRP SA 26 4.83 -42.88 16.42
N GLN SA 27 5.33 -44.08 16.17
CA GLN SA 27 4.63 -45.30 16.51
C GLN SA 27 5.54 -46.37 17.09
N GLU SA 28 6.86 -46.25 16.94
CA GLU SA 28 7.79 -47.34 17.18
C GLU SA 28 7.94 -47.64 18.67
N ASP SA 29 8.76 -48.66 18.97
CA ASP SA 29 9.07 -49.09 20.32
C ASP SA 29 9.88 -48.02 21.05
N PRO SA 30 10.01 -48.12 22.37
CA PRO SA 30 11.12 -47.41 23.02
C PRO SA 30 12.42 -48.09 22.63
N GLU SA 31 13.15 -47.45 21.75
CA GLU SA 31 14.21 -48.14 21.05
C GLU SA 31 15.58 -47.65 21.51
N PRO SA 32 16.54 -48.57 21.68
CA PRO SA 32 16.39 -50.03 21.60
C PRO SA 32 16.33 -50.67 22.97
N GLU SA 33 16.40 -51.99 23.00
CA GLU SA 33 16.73 -52.68 24.23
C GLU SA 33 18.23 -52.55 24.51
N ASP SA 34 18.64 -52.95 25.70
CA ASP SA 34 20.05 -52.94 26.08
C ASP SA 34 20.57 -54.38 26.01
N GLU SA 35 21.29 -54.69 24.93
CA GLU SA 35 21.88 -56.01 24.77
C GLU SA 35 23.20 -56.08 25.52
N ASN SA 36 23.32 -57.06 26.41
CA ASN SA 36 24.57 -57.35 27.10
C ASN SA 36 25.15 -58.64 26.55
N LEU SA 37 26.43 -58.59 26.16
CA LEU SA 37 27.08 -59.77 25.61
C LEU SA 37 27.32 -60.83 26.68
N TYR SA 38 27.43 -60.43 27.94
CA TYR SA 38 27.60 -61.40 29.02
C TYR SA 38 26.23 -61.72 29.61
N GLU SA 39 26.24 -62.48 30.72
CA GLU SA 39 25.09 -62.96 31.48
C GLU SA 39 24.17 -63.89 30.70
N LYS SA 40 24.54 -64.30 29.49
CA LYS SA 40 23.83 -65.36 28.79
C LYS SA 40 24.75 -66.54 28.51
N ASN SA 41 25.91 -66.28 27.92
CA ASN SA 41 27.01 -67.24 27.85
C ASN SA 41 28.22 -66.51 28.40
N PRO SA 42 28.39 -66.50 29.72
CA PRO SA 42 29.52 -65.76 30.31
C PRO SA 42 30.86 -66.37 30.02
N ASP SA 43 30.91 -67.63 29.58
CA ASP SA 43 32.16 -68.25 29.20
C ASP SA 43 32.57 -67.92 27.77
N SER SA 44 31.78 -67.13 27.06
CA SER SA 44 32.05 -66.88 25.66
C SER SA 44 33.19 -65.88 25.48
N HIS SA 45 33.64 -65.76 24.24
CA HIS SA 45 34.65 -64.79 23.85
C HIS SA 45 33.98 -63.47 23.49
N GLY SA 46 34.72 -62.58 22.86
CA GLY SA 46 34.27 -61.23 22.66
C GLY SA 46 33.25 -60.94 21.57
N TYR SA 47 32.44 -61.93 21.17
CA TYR SA 47 31.46 -61.63 20.13
C TYR SA 47 30.15 -62.37 20.39
N ASP SA 48 29.28 -62.49 19.38
CA ASP SA 48 27.95 -63.09 19.48
C ASP SA 48 27.94 -64.57 19.87
N LYS SA 49 26.73 -65.12 19.98
CA LYS SA 49 26.45 -66.14 20.99
C LYS SA 49 26.10 -67.53 20.46
N ASP SA 50 26.87 -68.04 19.48
CA ASP SA 50 26.82 -69.46 19.18
C ASP SA 50 28.08 -70.11 19.73
N PRO SA 51 27.96 -71.02 20.68
CA PRO SA 51 29.13 -71.49 21.44
C PRO SA 51 30.06 -72.44 20.69
N ALA SA 52 29.61 -73.06 19.59
CA ALA SA 52 30.51 -73.91 18.83
C ALA SA 52 31.39 -73.07 17.91
N VAL SA 53 30.79 -72.13 17.20
CA VAL SA 53 31.57 -71.24 16.36
C VAL SA 53 32.39 -70.28 17.20
N ASP SA 54 32.05 -70.11 18.48
CA ASP SA 54 32.93 -69.45 19.45
C ASP SA 54 34.30 -70.10 19.47
N VAL SA 55 34.34 -71.41 19.70
CA VAL SA 55 35.61 -72.12 19.81
C VAL SA 55 36.31 -72.19 18.47
N TRP SA 56 35.57 -72.50 17.40
CA TRP SA 56 36.22 -72.60 16.09
C TRP SA 56 36.65 -71.23 15.57
N ASN SA 57 35.94 -70.17 15.94
CA ASN SA 57 36.31 -68.82 15.59
C ASN SA 57 37.59 -68.41 16.32
N MET SA 58 37.65 -68.69 17.63
CA MET SA 58 38.83 -68.33 18.41
C MET SA 58 40.06 -69.10 17.92
N ARG SA 59 39.87 -70.36 17.55
CA ARG SA 59 40.99 -71.15 17.03
C ARG SA 59 41.44 -70.65 15.67
N VAL SA 60 40.51 -70.33 14.76
CA VAL SA 60 40.92 -69.89 13.44
C VAL SA 60 41.54 -68.49 13.48
N VAL SA 61 41.13 -67.64 14.43
CA VAL SA 61 41.71 -66.30 14.42
C VAL SA 61 43.05 -66.28 15.15
N PHE SA 62 43.19 -67.02 16.26
CA PHE SA 62 44.45 -66.99 16.98
C PHE SA 62 45.44 -68.00 16.47
N PHE SA 63 45.06 -68.82 15.48
CA PHE SA 63 46.04 -69.53 14.68
C PHE SA 63 46.37 -68.74 13.42
N PHE SA 64 45.37 -68.46 12.60
CA PHE SA 64 45.62 -67.84 11.32
C PHE SA 64 45.83 -66.34 11.39
N GLY SA 65 45.85 -65.76 12.58
CA GLY SA 65 46.24 -64.37 12.71
C GLY SA 65 47.69 -64.24 13.09
N PHE SA 66 48.13 -65.09 14.01
CA PHE SA 66 49.51 -65.05 14.50
C PHE SA 66 50.29 -66.31 14.20
N SER SA 67 49.75 -67.47 14.56
CA SER SA 67 50.51 -68.72 14.59
C SER SA 67 50.86 -69.23 13.20
N ILE SA 68 50.28 -68.67 12.14
CA ILE SA 68 50.67 -69.01 10.78
C ILE SA 68 51.09 -67.79 9.99
N VAL SA 69 50.85 -66.59 10.49
CA VAL SA 69 51.16 -65.35 9.79
C VAL SA 69 52.33 -64.63 10.44
N LEU SA 70 52.25 -64.40 11.75
CA LEU SA 70 53.10 -63.40 12.39
C LEU SA 70 54.53 -63.89 12.51
N VAL SA 71 54.75 -64.97 13.26
CA VAL SA 71 56.12 -65.44 13.49
C VAL SA 71 56.69 -66.06 12.23
N LEU SA 72 55.85 -66.68 11.39
CA LEU SA 72 56.34 -67.28 10.16
C LEU SA 72 56.74 -66.21 9.15
N GLY SA 73 55.92 -65.17 9.00
CA GLY SA 73 56.28 -64.06 8.15
C GLY SA 73 57.47 -63.27 8.69
N SER SA 74 57.62 -63.21 10.01
CA SER SA 74 58.76 -62.51 10.58
C SER SA 74 60.06 -63.27 10.33
N THR SA 75 60.03 -64.60 10.44
CA THR SA 75 61.20 -65.38 10.08
C THR SA 75 61.41 -65.40 8.57
N PHE SA 76 60.36 -65.22 7.80
CA PHE SA 76 60.49 -65.17 6.35
C PHE SA 76 61.18 -63.89 5.91
N VAL SA 77 60.80 -62.75 6.49
CA VAL SA 77 61.42 -61.48 6.12
C VAL SA 77 62.68 -61.19 6.91
N ALA SA 78 62.97 -61.98 7.94
CA ALA SA 78 64.16 -61.76 8.75
C ALA SA 78 65.42 -62.16 8.01
N TYR SA 79 65.30 -63.02 6.99
CA TYR SA 79 66.41 -63.31 6.11
C TYR SA 79 65.84 -63.63 4.75
N LEU SA 80 66.46 -63.06 3.72
CA LEU SA 80 66.07 -63.07 2.32
C LEU SA 80 67.30 -62.48 1.64
N PRO SA 81 67.41 -62.42 0.31
CA PRO SA 81 68.61 -61.80 -0.29
C PRO SA 81 68.76 -60.33 0.05
N ASP SA 82 69.97 -59.82 -0.16
CA ASP SA 82 70.32 -58.48 0.30
C ASP SA 82 69.56 -57.43 -0.50
N TYR SA 83 68.57 -56.82 0.14
CA TYR SA 83 67.79 -55.76 -0.49
C TYR SA 83 68.68 -54.56 -0.77
N ARG SA 84 68.50 -53.99 -1.97
CA ARG SA 84 69.37 -52.98 -2.55
C ARG SA 84 70.81 -53.49 -2.64
N MET SA 85 70.96 -54.80 -2.89
CA MET SA 85 72.21 -55.45 -3.28
C MET SA 85 73.32 -55.26 -2.25
N GLN SA 86 72.94 -55.32 -0.97
CA GLN SA 86 73.71 -54.67 0.09
C GLN SA 86 75.06 -55.32 0.31
N GLU SA 87 75.08 -56.60 0.69
CA GLU SA 87 76.34 -57.31 0.87
C GLU SA 87 77.06 -57.50 -0.46
N TRP SA 88 76.30 -57.62 -1.55
CA TRP SA 88 76.90 -57.62 -2.88
C TRP SA 88 77.65 -56.33 -3.15
N ALA SA 89 77.05 -55.19 -2.77
CA ALA SA 89 77.73 -53.91 -2.91
C ALA SA 89 78.93 -53.81 -1.98
N ARG SA 90 78.85 -54.44 -0.80
CA ARG SA 90 80.00 -54.47 0.11
C ARG SA 90 81.18 -55.17 -0.54
N ARG SA 91 80.93 -56.35 -1.11
CA ARG SA 91 82.01 -57.13 -1.71
C ARG SA 91 82.52 -56.47 -2.99
N GLU SA 92 81.63 -55.81 -3.73
CA GLU SA 92 82.03 -55.06 -4.90
C GLU SA 92 82.90 -53.87 -4.54
N ALA SA 93 82.55 -53.17 -3.46
CA ALA SA 93 83.36 -52.05 -2.99
C ALA SA 93 84.71 -52.51 -2.47
N GLU SA 94 84.74 -53.68 -1.83
CA GLU SA 94 86.01 -54.24 -1.37
C GLU SA 94 86.92 -54.57 -2.53
N ARG SA 95 86.37 -55.23 -3.57
CA ARG SA 95 87.15 -55.53 -4.76
C ARG SA 95 87.62 -54.27 -5.46
N LEU SA 96 86.75 -53.25 -5.52
CA LEU SA 96 87.08 -52.03 -6.25
C LEU SA 96 88.18 -51.26 -5.56
N VAL SA 97 88.08 -51.09 -4.23
CA VAL SA 97 89.08 -50.32 -3.51
C VAL SA 97 90.40 -51.08 -3.44
N LYS SA 98 90.32 -52.41 -3.34
CA LYS SA 98 91.55 -53.21 -3.35
C LYS SA 98 92.25 -53.13 -4.70
N TYR SA 99 91.48 -53.19 -5.78
CA TYR SA 99 92.02 -53.06 -7.13
C TYR SA 99 92.66 -51.69 -7.35
N ARG SA 100 91.97 -50.63 -6.92
CA ARG SA 100 92.47 -49.29 -7.20
C ARG SA 100 93.68 -48.95 -6.35
N GLU SA 101 93.71 -49.39 -5.10
CA GLU SA 101 94.91 -49.15 -4.30
C GLU SA 101 96.06 -50.05 -4.74
N ALA SA 102 95.78 -51.26 -5.22
CA ALA SA 102 96.85 -52.14 -5.66
C ALA SA 102 97.43 -51.70 -6.99
N HIS SA 103 96.66 -51.01 -7.82
CA HIS SA 103 97.17 -50.47 -9.07
C HIS SA 103 97.54 -49.00 -8.96
N GLY SA 104 97.82 -48.52 -7.74
CA GLY SA 104 98.48 -47.25 -7.55
C GLY SA 104 97.62 -46.01 -7.69
N LEU SA 105 96.52 -46.07 -8.44
CA LEU SA 105 95.71 -44.88 -8.67
C LEU SA 105 94.90 -44.55 -7.42
N PRO SA 106 94.65 -43.26 -7.16
CA PRO SA 106 93.83 -42.91 -5.99
C PRO SA 106 92.38 -43.30 -6.22
N LEU SA 107 91.77 -43.85 -5.16
CA LEU SA 107 90.40 -44.32 -5.24
C LEU SA 107 89.43 -43.16 -5.38
N MET SA 108 88.42 -43.36 -6.23
CA MET SA 108 87.41 -42.36 -6.58
C MET SA 108 88.05 -41.07 -7.11
N GLU SA 109 88.60 -41.20 -8.31
CA GLU SA 109 88.77 -40.02 -9.14
C GLU SA 109 87.39 -39.42 -9.42
N SER SA 110 87.34 -38.09 -9.53
CA SER SA 110 86.09 -37.42 -9.87
C SER SA 110 85.73 -37.67 -11.34
N ASN SA 111 84.65 -37.01 -11.77
CA ASN SA 111 84.14 -37.03 -13.15
C ASN SA 111 83.77 -38.46 -13.58
N CYS SA 112 82.69 -38.97 -12.99
CA CYS SA 112 82.16 -40.28 -13.35
C CYS SA 112 81.83 -40.37 -14.83
N PHE SA 113 81.28 -39.30 -15.39
CA PHE SA 113 81.23 -39.18 -16.84
C PHE SA 113 82.61 -38.79 -17.34
N ASP SA 114 83.03 -39.43 -18.42
CA ASP SA 114 84.40 -39.34 -18.92
C ASP SA 114 84.66 -37.94 -19.46
N PRO SA 115 85.66 -37.21 -18.94
CA PRO SA 115 85.97 -35.88 -19.49
C PRO SA 115 86.54 -35.89 -20.89
N SER SA 116 87.00 -37.04 -21.40
CA SER SA 116 87.28 -37.15 -22.81
C SER SA 116 86.01 -37.32 -23.63
N LYS SA 117 84.93 -37.79 -22.99
CA LYS SA 117 83.65 -37.97 -23.67
C LYS SA 117 82.75 -36.75 -23.44
N ILE SA 118 83.19 -35.62 -23.97
CA ILE SA 118 82.41 -34.39 -23.84
C ILE SA 118 82.69 -33.51 -25.06
N GLN SA 119 81.66 -32.75 -25.46
CA GLN SA 119 81.79 -31.74 -26.51
C GLN SA 119 81.07 -30.49 -26.01
N LEU SA 120 81.79 -29.62 -25.33
CA LEU SA 120 81.19 -28.45 -24.73
C LEU SA 120 80.82 -27.42 -25.79
N PRO SA 121 79.74 -26.65 -25.56
CA PRO SA 121 79.49 -25.48 -26.40
C PRO SA 121 80.57 -24.44 -26.19
N GLU SA 122 81.36 -24.21 -27.23
CA GLU SA 122 82.50 -23.31 -27.11
C GLU SA 122 82.03 -21.87 -27.00
N ASP SA 123 82.85 -21.05 -26.32
CA ASP SA 123 82.50 -19.67 -26.05
C ASP SA 123 82.61 -18.84 -27.32
N LYS TA 1 -4.07 -76.45 -4.12
CA LYS TA 1 -3.56 -76.29 -2.77
C LYS TA 1 -2.70 -75.03 -2.71
N PHE TA 2 -2.74 -74.35 -1.56
CA PHE TA 2 -1.86 -73.26 -1.12
C PHE TA 2 -2.15 -71.94 -1.84
N TYR TA 3 -3.00 -71.95 -2.87
CA TYR TA 3 -3.30 -70.74 -3.62
C TYR TA 3 -4.80 -70.53 -3.63
N ILE TA 4 -5.24 -69.48 -2.94
CA ILE TA 4 -6.61 -69.02 -3.10
C ILE TA 4 -6.73 -68.47 -4.52
N GLN TA 5 -7.44 -69.21 -5.37
CA GLN TA 5 -8.09 -68.83 -6.62
C GLN TA 5 -7.13 -68.52 -7.77
N GLU TA 6 -5.82 -68.42 -7.49
CA GLU TA 6 -4.84 -68.05 -8.49
C GLU TA 6 -3.50 -68.68 -8.15
N PRO TA 7 -3.17 -69.80 -8.75
CA PRO TA 7 -1.76 -70.08 -9.05
C PRO TA 7 -1.36 -69.34 -10.32
N PRO TA 8 -0.64 -68.21 -10.19
CA PRO TA 8 -0.49 -67.29 -11.34
C PRO TA 8 0.32 -67.82 -12.52
N HIS TA 9 1.57 -68.16 -12.28
CA HIS TA 9 2.46 -68.74 -13.27
C HIS TA 9 3.60 -69.41 -12.50
N GLY TA 10 4.69 -69.73 -13.20
CA GLY TA 10 5.75 -70.50 -12.61
C GLY TA 10 5.60 -72.00 -12.80
N SER TA 11 4.38 -72.47 -13.03
CA SER TA 11 4.19 -73.82 -13.55
C SER TA 11 4.79 -73.89 -14.96
N PRO TA 12 5.49 -74.99 -15.29
CA PRO TA 12 6.28 -74.98 -16.53
C PRO TA 12 5.45 -75.02 -17.80
N ASN TA 13 5.32 -73.85 -18.43
CA ASN TA 13 4.74 -73.73 -19.76
C ASN TA 13 5.87 -73.89 -20.78
N TRP TA 14 5.91 -75.08 -21.39
CA TRP TA 14 7.05 -75.52 -22.17
C TRP TA 14 7.22 -74.77 -23.49
N LEU TA 15 6.28 -73.88 -23.84
CA LEU TA 15 6.42 -73.07 -25.04
C LEU TA 15 7.61 -72.13 -24.94
N LYS TA 16 7.59 -71.25 -23.93
CA LYS TA 16 8.55 -70.15 -23.90
C LYS TA 16 9.94 -70.64 -23.52
N VAL TA 17 10.04 -71.51 -22.52
CA VAL TA 17 11.36 -71.95 -22.04
C VAL TA 17 12.04 -72.84 -23.08
N GLY TA 18 11.29 -73.75 -23.70
CA GLY TA 18 11.84 -74.58 -24.74
C GLY TA 18 12.19 -73.80 -25.98
N LEU TA 19 11.39 -72.78 -26.30
CA LEU TA 19 11.69 -71.93 -27.46
C LEU TA 19 12.96 -71.12 -27.23
N THR TA 20 13.15 -70.59 -26.01
CA THR TA 20 14.38 -69.86 -25.70
C THR TA 20 15.60 -70.77 -25.75
N LEU TA 21 15.49 -71.98 -25.20
CA LEU TA 21 16.61 -72.91 -25.24
C LEU TA 21 16.94 -73.33 -26.67
N GLY TA 22 15.91 -73.54 -27.49
CA GLY TA 22 16.14 -73.92 -28.88
C GLY TA 22 16.81 -72.84 -29.69
N THR TA 23 16.29 -71.60 -29.62
CA THR TA 23 16.90 -70.52 -30.40
C THR TA 23 18.26 -70.14 -29.85
N SER TA 24 18.50 -70.36 -28.55
CA SER TA 24 19.81 -70.04 -28.00
C SER TA 24 20.86 -71.05 -28.43
N ALA TA 25 20.53 -72.34 -28.38
CA ALA TA 25 21.46 -73.36 -28.87
C ALA TA 25 21.71 -73.23 -30.37
N PHE TA 26 20.69 -72.81 -31.13
CA PHE TA 26 20.89 -72.57 -32.55
C PHE TA 26 21.83 -71.41 -32.80
N LEU TA 27 21.72 -70.34 -31.99
CA LEU TA 27 22.65 -69.22 -32.11
C LEU TA 27 24.06 -69.62 -31.71
N TRP TA 28 24.21 -70.50 -30.72
CA TRP TA 28 25.54 -71.00 -30.35
C TRP TA 28 26.18 -71.78 -31.49
N ILE TA 29 25.42 -72.69 -32.11
CA ILE TA 29 25.97 -73.47 -33.21
C ILE TA 29 26.30 -72.56 -34.39
N TYR TA 30 25.46 -71.54 -34.62
CA TYR TA 30 25.70 -70.59 -35.69
C TYR TA 30 26.98 -69.78 -35.44
N LEU TA 31 27.23 -69.39 -34.19
CA LEU TA 31 28.42 -68.59 -33.94
C LEU TA 31 29.69 -69.43 -33.97
N ILE TA 32 29.63 -70.68 -33.54
CA ILE TA 32 30.79 -71.56 -33.66
C ILE TA 32 31.10 -71.83 -35.13
N LYS TA 33 30.04 -72.01 -35.94
CA LYS TA 33 30.20 -72.14 -37.38
C LYS TA 33 30.83 -70.90 -38.00
N GLN TA 34 30.39 -69.71 -37.56
CA GLN TA 34 30.92 -68.46 -38.09
C GLN TA 34 32.39 -68.28 -37.71
N HIS TA 35 32.76 -68.64 -36.48
CA HIS TA 35 34.15 -68.53 -36.05
C HIS TA 35 35.05 -69.47 -36.84
N ASN TA 36 34.60 -70.70 -37.06
CA ASN TA 36 35.39 -71.65 -37.83
C ASN TA 36 35.52 -71.21 -39.29
N GLU TA 37 34.46 -70.66 -39.87
CA GLU TA 37 34.53 -70.14 -41.23
C GLU TA 37 35.44 -68.91 -41.33
N ASP TA 38 35.49 -68.09 -40.28
CA ASP TA 38 36.37 -66.92 -40.31
C ASP TA 38 37.84 -67.33 -40.21
N VAL TA 39 38.14 -68.32 -39.36
CA VAL TA 39 39.49 -68.87 -39.29
C VAL TA 39 39.87 -69.51 -40.63
N LEU TA 40 38.90 -70.18 -41.25
CA LEU TA 40 39.10 -70.80 -42.56
C LEU TA 40 39.42 -69.75 -43.62
N GLU TA 41 38.70 -68.63 -43.61
CA GLU TA 41 38.94 -67.59 -44.59
C GLU TA 41 40.29 -66.89 -44.38
N TYR TA 42 40.63 -66.63 -43.12
CA TYR TA 42 41.90 -65.96 -42.82
C TYR TA 42 43.08 -66.84 -43.18
N LYS TA 43 43.01 -68.13 -42.87
CA LYS TA 43 44.10 -69.01 -43.25
C LYS TA 43 43.99 -69.50 -44.69
N ARG TA 44 42.91 -69.15 -45.39
CA ARG TA 44 42.88 -69.33 -46.84
C ARG TA 44 43.64 -68.21 -47.52
N ARG TA 45 43.34 -66.96 -47.15
CA ARG TA 45 44.00 -65.84 -47.80
C ARG TA 45 45.46 -65.72 -47.37
N ASN TA 46 45.72 -65.88 -46.08
CA ASN TA 46 47.07 -65.80 -45.56
C ASN TA 46 47.36 -66.96 -44.61
N VAL UA 6 34.45 -86.30 -1.24
CA VAL UA 6 35.23 -85.78 -0.13
C VAL UA 6 35.20 -84.25 -0.20
N VAL UA 7 34.93 -83.73 -1.40
CA VAL UA 7 34.88 -82.29 -1.59
C VAL UA 7 33.43 -81.79 -1.48
N ARG UA 8 32.45 -82.66 -1.76
CA ARG UA 8 31.05 -82.26 -1.86
C ARG UA 8 30.43 -81.87 -0.52
N ASP UA 9 31.07 -82.23 0.60
CA ASP UA 9 30.54 -81.81 1.90
C ASP UA 9 30.78 -80.32 2.12
N HIS UA 10 31.98 -79.84 1.82
CA HIS UA 10 32.25 -78.40 1.81
C HIS UA 10 33.22 -78.09 0.69
N TRP UA 11 32.77 -77.30 -0.27
CA TRP UA 11 33.57 -76.82 -1.38
C TRP UA 11 33.89 -75.34 -1.23
N ILE UA 12 33.67 -74.80 -0.05
CA ILE UA 12 33.72 -73.35 0.12
C ILE UA 12 35.12 -72.89 0.51
N HIS UA 13 35.84 -73.67 1.30
CA HIS UA 13 37.18 -73.29 1.71
C HIS UA 13 38.26 -73.65 0.70
N VAL UA 14 37.88 -74.05 -0.52
CA VAL UA 14 38.84 -74.37 -1.56
C VAL UA 14 38.91 -73.28 -2.61
N LEU UA 15 38.12 -72.22 -2.47
CA LEU UA 15 37.86 -71.30 -3.56
C LEU UA 15 39.08 -70.42 -3.86
N VAL UA 16 39.53 -69.66 -2.87
CA VAL UA 16 40.68 -68.76 -3.08
C VAL UA 16 42.03 -69.45 -3.32
N PRO UA 17 42.34 -70.68 -2.86
CA PRO UA 17 43.58 -71.30 -3.39
C PRO UA 17 43.47 -71.67 -4.86
N VAL UA 18 42.30 -72.10 -5.31
CA VAL UA 18 42.08 -72.34 -6.74
C VAL UA 18 42.23 -71.05 -7.53
N GLY UA 19 41.70 -69.95 -6.99
CA GLY UA 19 41.86 -68.67 -7.65
C GLY UA 19 43.31 -68.19 -7.69
N PHE UA 20 44.05 -68.42 -6.60
CA PHE UA 20 45.46 -68.03 -6.56
C PHE UA 20 46.30 -68.85 -7.52
N VAL UA 21 46.05 -70.16 -7.59
CA VAL UA 21 46.75 -71.03 -8.54
C VAL UA 21 46.40 -70.64 -9.97
N PHE UA 22 45.14 -70.27 -10.21
CA PHE UA 22 44.71 -69.89 -11.55
C PHE UA 22 45.35 -68.57 -11.97
N GLY UA 23 45.46 -67.62 -11.05
CA GLY UA 23 46.13 -66.37 -11.35
C GLY UA 23 47.62 -66.56 -11.59
N TYR UA 24 48.25 -67.46 -10.82
CA TYR UA 24 49.67 -67.74 -11.02
C TYR UA 24 49.90 -68.43 -12.36
N TYR UA 25 49.00 -69.34 -12.73
CA TYR UA 25 49.05 -70.01 -14.02
C TYR UA 25 48.87 -69.01 -15.16
N LEU UA 26 47.97 -68.05 -14.99
CA LEU UA 26 47.76 -67.06 -16.03
C LEU UA 26 48.90 -66.05 -16.10
N ASP UA 27 49.58 -65.81 -14.98
CA ASP UA 27 50.75 -64.94 -15.02
C ASP UA 27 51.94 -65.63 -15.68
N ARG UA 28 52.07 -66.95 -15.50
CA ARG UA 28 53.04 -67.69 -16.29
C ARG UA 28 52.66 -67.70 -17.78
N LYS UA 29 51.36 -67.72 -18.09
CA LYS UA 29 50.92 -67.54 -19.46
C LYS UA 29 51.28 -66.16 -20.00
N ASN UA 30 51.19 -65.13 -19.14
CA ASN UA 30 51.59 -63.78 -19.54
C ASN UA 30 53.08 -63.71 -19.82
N ASP UA 31 53.88 -64.38 -18.98
CA ASP UA 31 55.32 -64.42 -19.20
C ASP UA 31 55.66 -65.17 -20.49
N GLU UA 32 54.92 -66.23 -20.79
CA GLU UA 32 55.13 -66.93 -22.05
C GLU UA 32 54.67 -66.12 -23.24
N LYS UA 33 53.67 -65.25 -23.05
CA LYS UA 33 53.28 -64.32 -24.10
C LYS UA 33 54.40 -63.31 -24.33
N LEU UA 34 55.08 -62.92 -23.26
CA LEU UA 34 56.17 -61.95 -23.35
C LEU UA 34 57.51 -62.66 -23.40
N ALA UA 35 57.54 -63.79 -24.11
CA ALA UA 35 58.79 -64.52 -24.34
C ALA UA 35 59.52 -63.96 -25.57
N ALA UA 36 59.80 -62.66 -25.50
CA ALA UA 36 60.65 -61.97 -26.46
C ALA UA 36 61.86 -61.42 -25.73
N PHE UA 37 62.89 -61.09 -26.51
CA PHE UA 37 64.22 -60.72 -26.01
C PHE UA 37 64.77 -61.77 -25.07
N ARG UA 38 64.97 -62.97 -25.62
CA ARG UA 38 65.37 -64.10 -24.78
C ARG UA 38 66.83 -63.97 -24.32
N ASN UA 39 67.71 -63.51 -25.21
CA ASN UA 39 69.10 -63.32 -24.85
C ASN UA 39 69.69 -62.04 -25.46
N LYS UA 40 68.87 -61.15 -25.98
CA LYS UA 40 69.36 -60.04 -26.79
C LYS UA 40 69.76 -58.83 -25.95
N SER UA 41 70.11 -59.02 -24.69
CA SER UA 41 70.62 -57.94 -23.88
C SER UA 41 72.12 -57.75 -24.10
N LEU UA 42 72.61 -56.59 -23.67
CA LEU UA 42 74.05 -56.40 -23.54
C LEU UA 42 74.55 -56.68 -22.14
N LEU UA 43 73.67 -56.63 -21.15
CA LEU UA 43 74.04 -56.85 -19.77
C LEU UA 43 73.83 -58.30 -19.33
N TYR UA 44 72.89 -58.99 -19.97
CA TYR UA 44 72.51 -60.36 -19.64
C TYR UA 44 72.47 -61.16 -20.93
N LYS UA 45 73.59 -61.76 -21.31
CA LYS UA 45 73.67 -62.48 -22.58
C LYS UA 45 74.73 -63.58 -22.47
N ARG UA 46 74.28 -64.81 -22.35
CA ARG UA 46 75.13 -65.97 -22.54
C ARG UA 46 74.55 -66.81 -23.68
N GLU UA 47 75.33 -67.78 -24.13
CA GLU UA 47 74.78 -68.76 -25.06
C GLU UA 47 73.96 -69.79 -24.29
N LEU UA 48 73.16 -70.56 -25.03
CA LEU UA 48 72.48 -71.70 -24.43
C LEU UA 48 73.54 -72.72 -24.03
N LYS UA 49 73.67 -72.93 -22.73
CA LYS UA 49 74.76 -73.75 -22.21
C LYS UA 49 74.37 -74.24 -20.82
N PRO UA 50 74.78 -75.45 -20.43
CA PRO UA 50 75.49 -76.43 -21.26
C PRO UA 50 74.57 -77.27 -22.13
N ASN UA 51 73.30 -77.41 -21.74
CA ASN UA 51 72.44 -78.41 -22.34
C ASN UA 51 71.23 -77.85 -23.08
N GLU UA 52 70.36 -77.11 -22.39
CA GLU UA 52 68.96 -77.03 -22.81
C GLU UA 52 68.40 -75.61 -22.92
N GLU UA 53 68.67 -74.95 -24.04
CA GLU UA 53 67.69 -74.16 -24.80
C GLU UA 53 66.85 -73.11 -24.09
N VAL UA 54 67.19 -72.73 -22.86
CA VAL UA 54 66.37 -71.81 -22.10
C VAL UA 54 67.28 -71.02 -21.17
N THR UA 55 66.86 -69.80 -20.84
CA THR UA 55 67.59 -69.01 -19.87
C THR UA 55 66.69 -68.33 -18.86
N TRP UA 56 65.38 -68.30 -19.07
CA TRP UA 56 64.43 -67.83 -18.07
C TRP UA 56 63.08 -68.46 -18.35
N LYS UA 57 62.39 -68.83 -17.28
CA LYS UA 57 61.09 -69.47 -17.40
C LYS UA 57 60.28 -69.24 -16.12
N MET VA 1 -52.65 -19.85 -69.12
CA MET VA 1 -51.58 -20.79 -69.46
C MET VA 1 -50.26 -20.06 -69.69
N TRP VA 2 -49.30 -20.77 -70.27
CA TRP VA 2 -47.94 -20.27 -70.48
C TRP VA 2 -47.84 -19.24 -71.59
N PHE VA 3 -48.94 -18.93 -72.28
CA PHE VA 3 -48.92 -17.94 -73.34
C PHE VA 3 -48.60 -16.55 -72.81
N GLU VA 4 -48.91 -16.29 -71.54
CA GLU VA 4 -48.66 -14.97 -70.95
C GLU VA 4 -47.25 -14.81 -70.42
N VAL VA 5 -46.52 -15.90 -70.20
CA VAL VA 5 -45.23 -15.82 -69.52
C VAL VA 5 -44.05 -15.92 -70.48
N LEU VA 6 -44.19 -16.62 -71.60
CA LEU VA 6 -43.11 -16.82 -72.56
C LEU VA 6 -42.58 -15.56 -73.26
N PRO VA 7 -43.38 -14.50 -73.52
CA PRO VA 7 -42.73 -13.23 -73.89
C PRO VA 7 -41.84 -12.64 -72.80
N GLY VA 8 -42.23 -12.75 -71.53
CA GLY VA 8 -41.37 -12.26 -70.47
C GLY VA 8 -40.12 -13.12 -70.30
N ILE VA 9 -40.28 -14.44 -70.46
CA ILE VA 9 -39.14 -15.36 -70.48
C ILE VA 9 -38.23 -15.04 -71.66
N ALA VA 10 -38.82 -14.64 -72.78
CA ALA VA 10 -38.04 -14.30 -73.97
C ALA VA 10 -37.27 -13.00 -73.77
N VAL VA 11 -37.87 -12.02 -73.07
CA VAL VA 11 -37.16 -10.78 -72.77
C VAL VA 11 -36.02 -11.04 -71.80
N MET VA 12 -36.23 -11.93 -70.82
CA MET VA 12 -35.14 -12.33 -69.93
C MET VA 12 -34.05 -13.07 -70.69
N GLY VA 13 -34.44 -13.86 -71.70
CA GLY VA 13 -33.45 -14.53 -72.53
C GLY VA 13 -32.66 -13.58 -73.40
N VAL VA 14 -33.32 -12.52 -73.90
CA VAL VA 14 -32.64 -11.48 -74.67
C VAL VA 14 -31.63 -10.75 -73.81
N CYS VA 15 -31.99 -10.47 -72.55
CA CYS VA 15 -31.03 -9.91 -71.61
C CYS VA 15 -29.89 -10.89 -71.32
N LEU VA 16 -30.16 -12.19 -71.39
CA LEU VA 16 -29.06 -13.16 -71.38
C LEU VA 16 -28.37 -13.25 -72.73
N PHE VA 17 -29.10 -12.96 -73.82
CA PHE VA 17 -28.51 -13.09 -75.16
C PHE VA 17 -27.54 -11.96 -75.48
N ILE VA 18 -27.84 -10.75 -75.00
CA ILE VA 18 -27.16 -9.53 -75.44
C ILE VA 18 -25.65 -9.42 -75.14
N PRO VA 19 -25.07 -9.88 -74.00
CA PRO VA 19 -23.64 -9.57 -73.81
C PRO VA 19 -22.72 -10.40 -74.69
N GLY VA 20 -23.10 -11.63 -75.03
CA GLY VA 20 -22.27 -12.43 -75.92
C GLY VA 20 -22.27 -11.87 -77.33
N MET VA 21 -23.43 -11.42 -77.82
CA MET VA 21 -23.51 -10.84 -79.16
C MET VA 21 -22.77 -9.51 -79.22
N ALA VA 22 -22.92 -8.69 -78.18
CA ALA VA 22 -22.21 -7.40 -78.15
C ALA VA 22 -20.70 -7.61 -78.03
N THR VA 23 -20.27 -8.57 -77.21
CA THR VA 23 -18.86 -8.85 -77.05
C THR VA 23 -18.25 -9.41 -78.32
N ALA VA 24 -18.97 -10.29 -79.02
CA ALA VA 24 -18.46 -10.85 -80.26
C ALA VA 24 -18.41 -9.79 -81.36
N ARG VA 25 -19.36 -8.85 -81.35
CA ARG VA 25 -19.30 -7.75 -82.32
C ARG VA 25 -18.11 -6.84 -82.03
N ILE VA 26 -17.79 -6.61 -80.75
CA ILE VA 26 -16.62 -5.80 -80.44
C ILE VA 26 -15.33 -6.56 -80.73
N HIS VA 27 -15.34 -7.89 -80.59
CA HIS VA 27 -14.21 -8.70 -81.01
C HIS VA 27 -13.94 -8.58 -82.50
N ARG VA 28 -14.98 -8.74 -83.31
CA ARG VA 28 -14.82 -8.65 -84.75
C ARG VA 28 -14.57 -7.22 -85.22
N PHE VA 29 -14.96 -6.23 -84.43
CA PHE VA 29 -14.65 -4.84 -84.78
C PHE VA 29 -13.24 -4.45 -84.36
N SER VA 30 -12.70 -5.10 -83.34
CA SER VA 30 -11.42 -4.69 -82.77
C SER VA 30 -10.22 -5.14 -83.58
N ASN VA 31 -10.43 -5.89 -84.66
CA ASN VA 31 -9.32 -6.37 -85.46
C ASN VA 31 -9.57 -6.25 -86.96
N GLY VA 32 -10.58 -5.48 -87.37
CA GLY VA 32 -10.90 -5.33 -88.77
C GLY VA 32 -11.47 -6.62 -89.36
N GLY VA 33 -12.49 -7.17 -88.72
CA GLY VA 33 -13.05 -8.43 -89.14
C GLY VA 33 -12.31 -9.66 -88.66
N ARG VA 34 -11.09 -9.50 -88.16
CA ARG VA 34 -10.31 -10.62 -87.68
C ARG VA 34 -10.65 -10.95 -86.24
N GLU VA 35 -10.17 -12.09 -85.77
CA GLU VA 35 -10.26 -12.46 -84.37
C GLU VA 35 -8.97 -12.07 -83.66
N LYS VA 36 -9.05 -11.90 -82.35
CA LYS VA 36 -7.84 -11.74 -81.55
C LYS VA 36 -7.04 -13.04 -81.56
N ARG VA 37 -5.74 -12.92 -81.82
CA ARG VA 37 -4.85 -14.07 -81.79
C ARG VA 37 -4.70 -14.54 -80.35
N VAL VA 38 -5.29 -15.68 -80.03
CA VAL VA 38 -5.37 -16.11 -78.65
C VAL VA 38 -4.05 -16.75 -78.20
N ALA VA 39 -3.16 -15.92 -77.70
CA ALA VA 39 -1.86 -16.37 -77.24
C ALA VA 39 -1.98 -16.98 -75.85
N HIS VA 40 -1.51 -18.21 -75.70
CA HIS VA 40 -1.59 -18.91 -74.44
C HIS VA 40 -0.24 -19.29 -73.87
N TYR VA 41 0.75 -19.50 -74.73
CA TYR VA 41 2.04 -20.01 -74.32
C TYR VA 41 3.11 -19.00 -74.68
N SER VA 42 4.33 -19.27 -74.23
CA SER VA 42 5.46 -18.40 -74.55
C SER VA 42 5.77 -18.43 -76.04
N TYR VA 43 5.59 -19.59 -76.67
CA TYR VA 43 5.82 -19.74 -78.10
C TYR VA 43 4.79 -18.96 -78.91
N GLN VA 44 3.52 -19.06 -78.52
CA GLN VA 44 2.45 -18.28 -79.14
C GLN VA 44 2.66 -16.80 -78.92
N TRP VA 45 3.20 -16.43 -77.75
CA TRP VA 45 3.41 -15.01 -77.47
C TRP VA 45 4.56 -14.45 -78.27
N TYR VA 46 5.63 -15.23 -78.45
CA TYR VA 46 6.73 -14.75 -79.29
C TYR VA 46 6.31 -14.70 -80.74
N LEU VA 47 5.46 -15.64 -81.16
CA LEU VA 47 4.87 -15.60 -82.50
C LEU VA 47 4.02 -14.35 -82.68
N MET VA 48 3.21 -14.00 -81.68
CA MET VA 48 2.39 -12.80 -81.80
C MET VA 48 3.23 -11.53 -81.74
N GLU VA 49 4.35 -11.56 -81.01
CA GLU VA 49 5.19 -10.38 -80.95
C GLU VA 49 5.97 -10.18 -82.24
N ARG VA 50 6.41 -11.26 -82.90
CA ARG VA 50 6.99 -11.04 -84.20
C ARG VA 50 5.93 -10.71 -85.25
N ASP VA 51 4.68 -11.12 -85.03
CA ASP VA 51 3.59 -10.70 -85.90
C ASP VA 51 3.37 -9.20 -85.81
N ARG VA 52 3.28 -8.66 -84.59
CA ARG VA 52 3.13 -7.21 -84.45
C ARG VA 52 4.42 -6.48 -84.77
N ARG VA 53 5.55 -7.18 -84.79
CA ARG VA 53 6.80 -6.55 -85.21
C ARG VA 53 6.84 -6.37 -86.72
N VAL VA 54 6.55 -7.44 -87.49
CA VAL VA 54 6.73 -7.39 -88.93
C VAL VA 54 5.65 -6.63 -89.66
N SER VA 55 4.57 -6.25 -88.98
CA SER VA 55 3.49 -5.56 -89.66
C SER VA 55 3.78 -4.09 -89.90
N GLY VA 56 4.75 -3.51 -89.20
CA GLY VA 56 5.14 -2.13 -89.39
C GLY VA 56 4.30 -1.12 -88.63
N VAL VA 57 3.02 -1.44 -88.38
CA VAL VA 57 2.13 -0.54 -87.64
C VAL VA 57 2.32 -0.72 -86.14
N ASN VA 58 3.15 -1.70 -85.74
CA ASN VA 58 3.19 -2.29 -84.40
C ASN VA 58 1.80 -2.78 -83.99
N ARG VA 59 1.08 -3.33 -84.97
CA ARG VA 59 -0.28 -3.84 -84.79
C ARG VA 59 -0.42 -5.10 -85.62
N TYR VA 60 -0.70 -6.21 -84.96
CA TYR VA 60 -0.53 -7.54 -85.52
C TYR VA 60 -1.49 -7.86 -86.67
N TYR VA 61 -2.62 -7.14 -86.77
CA TYR VA 61 -3.76 -7.64 -87.54
C TYR VA 61 -3.57 -7.55 -89.05
N VAL VA 62 -2.63 -6.72 -89.53
CA VAL VA 62 -2.55 -6.46 -90.97
C VAL VA 62 -2.00 -7.68 -91.71
N SER VA 63 -0.95 -8.28 -91.18
CA SER VA 63 -0.38 -9.59 -91.52
C SER VA 63 0.25 -9.69 -92.92
N LYS VA 64 0.25 -8.61 -93.72
CA LYS VA 64 1.17 -8.28 -94.83
C LYS VA 64 1.62 -9.48 -95.67
N GLY VA 65 0.67 -10.18 -96.28
CA GLY VA 65 0.96 -11.51 -96.79
C GLY VA 65 1.71 -11.58 -98.09
N LEU VA 66 2.92 -12.16 -98.05
CA LEU VA 66 3.71 -12.66 -99.16
C LEU VA 66 4.26 -11.55 -100.07
N GLU VA 67 3.92 -10.28 -99.82
CA GLU VA 67 4.31 -9.19 -100.68
C GLU VA 67 5.46 -8.38 -100.09
N ASN VA 68 6.36 -9.08 -99.39
CA ASN VA 68 7.53 -8.48 -98.78
C ASN VA 68 8.81 -9.16 -99.23
N ILE VA 69 8.73 -10.01 -100.27
CA ILE VA 69 9.84 -10.90 -100.58
C ILE VA 69 10.93 -10.15 -101.33
N ASP VA 70 10.59 -9.64 -102.52
CA ASP VA 70 11.52 -8.83 -103.29
C ASP VA 70 11.24 -7.36 -103.03
N LYS WA 10 -146.47 -57.14 -12.74
CA LYS WA 10 -146.01 -56.16 -13.72
C LYS WA 10 -146.97 -56.03 -14.90
N THR WA 11 -146.86 -54.89 -15.57
CA THR WA 11 -147.54 -54.63 -16.83
C THR WA 11 -146.53 -54.78 -17.96
N SER WA 12 -146.92 -54.35 -19.16
CA SER WA 12 -145.97 -54.14 -20.25
C SER WA 12 -145.41 -52.72 -20.16
N PHE WA 13 -144.78 -52.45 -19.02
CA PHE WA 13 -144.21 -51.15 -18.65
C PHE WA 13 -145.23 -50.02 -18.69
N GLY WA 14 -146.50 -50.34 -18.42
CA GLY WA 14 -147.52 -49.32 -18.25
C GLY WA 14 -148.01 -48.63 -19.51
N SER WA 15 -149.22 -48.09 -19.41
CA SER WA 15 -149.82 -47.23 -20.42
C SER WA 15 -150.90 -46.41 -19.73
N LEU WA 16 -151.18 -45.23 -20.28
CA LEU WA 16 -152.13 -44.32 -19.62
C LEU WA 16 -153.55 -44.85 -19.76
N LYS WA 17 -154.19 -45.05 -18.61
CA LYS WA 17 -155.64 -45.20 -18.53
C LYS WA 17 -156.19 -44.04 -17.71
N ASP WA 18 -157.43 -43.65 -17.99
CA ASP WA 18 -158.02 -42.44 -17.42
C ASP WA 18 -158.24 -42.61 -15.92
N GLU WA 19 -158.42 -41.47 -15.24
CA GLU WA 19 -158.51 -41.19 -13.80
C GLU WA 19 -157.12 -41.25 -13.17
N ASP WA 20 -156.10 -41.72 -13.87
CA ASP WA 20 -154.72 -41.70 -13.42
C ASP WA 20 -153.92 -40.59 -14.07
N ARG WA 21 -154.59 -39.73 -14.85
CA ARG WA 21 -153.97 -38.49 -15.28
C ARG WA 21 -153.75 -37.59 -14.07
N ILE WA 22 -152.63 -36.86 -14.10
CA ILE WA 22 -152.27 -36.04 -12.95
C ILE WA 22 -153.21 -34.84 -12.83
N PHE WA 23 -153.50 -34.18 -13.95
CA PHE WA 23 -154.40 -33.04 -13.93
C PHE WA 23 -155.08 -32.91 -15.28
N THR WA 24 -156.38 -32.66 -15.25
CA THR WA 24 -157.15 -32.40 -16.46
C THR WA 24 -157.20 -30.90 -16.68
N ASN WA 25 -157.99 -30.48 -17.67
CA ASN WA 25 -158.11 -29.09 -18.12
C ASN WA 25 -156.74 -28.51 -18.45
N LEU WA 26 -155.97 -29.30 -19.20
CA LEU WA 26 -154.72 -28.78 -19.72
C LEU WA 26 -154.98 -27.72 -20.76
N TYR WA 27 -155.90 -27.99 -21.69
CA TYR WA 27 -156.09 -27.16 -22.87
C TYR WA 27 -157.57 -26.75 -22.98
N GLY WA 28 -157.86 -25.51 -22.57
CA GLY WA 28 -159.11 -24.85 -22.87
C GLY WA 28 -160.35 -25.37 -22.18
N ARG WA 29 -160.26 -26.42 -21.38
CA ARG WA 29 -161.43 -27.14 -20.93
C ARG WA 29 -162.06 -26.48 -19.70
N HIS WA 30 -162.95 -27.23 -19.03
CA HIS WA 30 -164.13 -26.80 -18.28
C HIS WA 30 -164.07 -25.51 -17.48
N ASP WA 31 -162.97 -25.26 -16.76
CA ASP WA 31 -163.04 -24.21 -15.76
C ASP WA 31 -161.66 -23.63 -15.46
N TRP WA 32 -161.66 -22.35 -15.06
CA TRP WA 32 -160.44 -21.69 -14.63
C TRP WA 32 -160.83 -20.58 -13.65
N ARG WA 33 -160.75 -20.88 -12.36
CA ARG WA 33 -161.19 -20.04 -11.24
C ARG WA 33 -160.72 -20.78 -10.00
N LEU WA 34 -160.78 -20.10 -8.84
CA LEU WA 34 -160.70 -20.84 -7.57
C LEU WA 34 -161.86 -21.81 -7.45
N LYS WA 35 -163.04 -21.43 -7.95
CA LYS WA 35 -164.15 -22.36 -8.11
C LYS WA 35 -163.80 -23.48 -9.08
N GLY WA 36 -163.01 -23.17 -10.10
CA GLY WA 36 -162.61 -24.18 -11.05
C GLY WA 36 -161.67 -25.21 -10.45
N ALA WA 37 -160.67 -24.74 -9.70
CA ALA WA 37 -159.77 -25.65 -9.01
C ALA WA 37 -160.48 -26.40 -7.89
N GLN WA 38 -161.51 -25.78 -7.29
CA GLN WA 38 -162.32 -26.49 -6.30
C GLN WA 38 -163.13 -27.60 -6.94
N SER WA 39 -163.70 -27.35 -8.12
CA SER WA 39 -164.43 -28.39 -8.84
C SER WA 39 -163.50 -29.46 -9.39
N ARG WA 40 -162.25 -29.11 -9.67
CA ARG WA 40 -161.29 -30.09 -10.17
C ARG WA 40 -160.56 -30.82 -9.06
N GLY WA 41 -160.67 -30.39 -7.81
CA GLY WA 41 -160.12 -31.16 -6.72
C GLY WA 41 -158.96 -30.52 -5.99
N ASP WA 42 -158.82 -29.21 -6.11
CA ASP WA 42 -157.85 -28.47 -5.31
C ASP WA 42 -158.59 -27.74 -4.20
N TRP WA 43 -157.84 -27.46 -3.13
CA TRP WA 43 -158.36 -26.98 -1.84
C TRP WA 43 -159.46 -27.90 -1.34
N TYR WA 44 -159.13 -29.19 -1.34
CA TYR WA 44 -160.02 -30.26 -0.90
C TYR WA 44 -159.21 -31.19 -0.02
N LYS WA 45 -159.66 -31.35 1.24
CA LYS WA 45 -159.03 -32.21 2.25
C LYS WA 45 -157.57 -31.82 2.48
N THR WA 46 -157.27 -30.53 2.37
CA THR WA 46 -155.88 -30.11 2.27
C THR WA 46 -155.28 -29.65 3.59
N LYS WA 47 -156.05 -28.95 4.43
CA LYS WA 47 -155.47 -28.34 5.62
C LYS WA 47 -155.18 -29.39 6.69
N GLU WA 48 -155.99 -30.46 6.74
CA GLU WA 48 -155.71 -31.55 7.65
C GLU WA 48 -154.43 -32.27 7.28
N ILE WA 49 -154.12 -32.34 5.98
CA ILE WA 49 -152.85 -32.89 5.53
C ILE WA 49 -151.71 -31.94 5.85
N LEU WA 50 -151.92 -30.63 5.64
CA LEU WA 50 -150.90 -29.64 5.91
C LEU WA 50 -150.57 -29.55 7.39
N LEU WA 51 -151.53 -29.86 8.26
CA LEU WA 51 -151.31 -29.85 9.68
C LEU WA 51 -151.00 -31.24 10.22
N LYS WA 52 -150.91 -32.25 9.35
CA LYS WA 52 -150.63 -33.61 9.79
C LYS WA 52 -149.16 -33.78 10.17
N GLY WA 53 -148.27 -33.12 9.44
CA GLY WA 53 -146.85 -33.23 9.68
C GLY WA 53 -146.06 -33.28 8.40
N PRO WA 54 -145.10 -32.35 8.27
CA PRO WA 54 -144.40 -32.20 6.97
C PRO WA 54 -143.49 -33.37 6.61
N ASP WA 55 -142.99 -34.10 7.61
CA ASP WA 55 -142.16 -35.25 7.32
C ASP WA 55 -142.99 -36.40 6.75
N TRP WA 56 -144.29 -36.44 7.06
CA TRP WA 56 -145.17 -37.39 6.38
C TRP WA 56 -145.30 -37.06 4.91
N ILE WA 57 -145.36 -35.76 4.57
CA ILE WA 57 -145.38 -35.33 3.18
C ILE WA 57 -144.06 -35.67 2.49
N LEU WA 58 -142.93 -35.48 3.18
CA LEU WA 58 -141.64 -35.82 2.62
C LEU WA 58 -141.50 -37.33 2.39
N GLY WA 59 -142.02 -38.13 3.32
CA GLY WA 59 -142.05 -39.57 3.12
C GLY WA 59 -142.96 -39.99 2.00
N GLU WA 60 -144.06 -39.25 1.79
CA GLU WA 60 -144.92 -39.48 0.64
C GLU WA 60 -144.20 -39.18 -0.67
N VAL WA 61 -143.42 -38.10 -0.69
CA VAL WA 61 -142.68 -37.71 -1.89
C VAL WA 61 -141.60 -38.74 -2.21
N LYS WA 62 -140.85 -39.17 -1.19
CA LYS WA 62 -139.82 -40.18 -1.42
C LYS WA 62 -140.41 -41.57 -1.66
N THR WA 63 -141.65 -41.80 -1.23
CA THR WA 63 -142.34 -43.03 -1.55
C THR WA 63 -142.78 -43.04 -3.00
N SER WA 64 -143.15 -41.86 -3.53
CA SER WA 64 -143.57 -41.74 -4.92
C SER WA 64 -142.44 -42.02 -5.91
N GLY WA 65 -141.19 -41.85 -5.49
CA GLY WA 65 -140.07 -42.01 -6.40
C GLY WA 65 -140.04 -40.93 -7.46
N LEU WA 66 -140.33 -39.69 -7.08
CA LEU WA 66 -140.45 -38.60 -8.04
C LEU WA 66 -139.08 -38.24 -8.61
N ARG WA 67 -138.88 -38.58 -9.87
CA ARG WA 67 -137.65 -38.19 -10.56
C ARG WA 67 -137.69 -36.69 -10.82
N GLY WA 68 -136.51 -36.06 -10.74
CA GLY WA 68 -136.44 -34.61 -10.83
C GLY WA 68 -136.74 -34.12 -12.23
N ARG WA 69 -137.54 -33.05 -12.30
CA ARG WA 69 -137.96 -32.46 -13.56
C ARG WA 69 -137.07 -31.26 -13.89
N GLY WA 70 -137.27 -30.72 -15.09
CA GLY WA 70 -136.47 -29.62 -15.57
C GLY WA 70 -135.17 -30.03 -16.22
N GLY WA 71 -135.03 -31.29 -16.61
CA GLY WA 71 -133.83 -31.78 -17.23
C GLY WA 71 -132.76 -32.26 -16.29
N ALA WA 72 -132.91 -32.03 -14.99
CA ALA WA 72 -131.88 -32.40 -14.03
C ALA WA 72 -131.87 -33.91 -13.76
N GLY WA 73 -133.02 -34.47 -13.43
CA GLY WA 73 -133.12 -35.88 -13.13
C GLY WA 73 -132.61 -36.27 -11.77
N PHE WA 74 -132.27 -35.35 -10.95
CA PHE WA 74 -131.75 -35.59 -9.62
C PHE WA 74 -132.91 -35.70 -8.63
N PRO WA 75 -132.77 -36.54 -7.59
CA PRO WA 75 -133.92 -36.88 -6.74
C PRO WA 75 -134.41 -35.70 -5.92
N THR WA 76 -135.67 -35.32 -6.16
CA THR WA 76 -136.27 -34.16 -5.50
C THR WA 76 -136.48 -34.44 -4.02
N GLY WA 77 -136.81 -35.69 -3.68
CA GLY WA 77 -137.07 -36.04 -2.30
C GLY WA 77 -135.82 -35.95 -1.44
N LEU WA 78 -134.69 -36.39 -1.96
CA LEU WA 78 -133.43 -36.26 -1.21
C LEU WA 78 -133.00 -34.81 -1.09
N LYS WA 79 -133.26 -34.02 -2.14
CA LYS WA 79 -132.97 -32.59 -2.12
C LYS WA 79 -133.75 -31.87 -1.03
N TRP WA 80 -135.06 -32.14 -0.97
CA TRP WA 80 -135.86 -31.49 0.05
C TRP WA 80 -135.62 -32.08 1.42
N SER WA 81 -135.13 -33.32 1.50
CA SER WA 81 -134.78 -33.90 2.80
C SER WA 81 -133.53 -33.24 3.36
N PHE WA 82 -132.55 -32.93 2.51
CA PHE WA 82 -131.47 -32.05 2.95
C PHE WA 82 -131.96 -30.64 3.21
N MET WA 83 -133.06 -30.22 2.59
CA MET WA 83 -133.64 -28.94 2.93
C MET WA 83 -134.56 -28.99 4.15
N ASN WA 84 -134.60 -30.10 4.89
CA ASN WA 84 -135.29 -30.17 6.18
C ASN WA 84 -134.38 -29.82 7.34
N LYS WA 85 -133.38 -28.96 7.12
CA LYS WA 85 -132.48 -28.53 8.16
C LYS WA 85 -133.24 -27.70 9.21
N PRO WA 86 -132.87 -27.81 10.49
CA PRO WA 86 -133.44 -26.91 11.49
C PRO WA 86 -133.08 -25.45 11.24
N SER WA 87 -133.88 -24.56 11.84
CA SER WA 87 -133.92 -23.17 11.43
C SER WA 87 -132.68 -22.40 11.87
N ASP WA 88 -132.52 -21.22 11.26
CA ASP WA 88 -131.44 -20.30 11.56
C ASP WA 88 -132.04 -18.93 11.87
N GLY WA 89 -131.21 -17.90 11.91
CA GLY WA 89 -131.73 -16.56 12.08
C GLY WA 89 -132.04 -15.86 10.76
N ARG WA 90 -132.39 -16.65 9.75
CA ARG WA 90 -132.60 -16.20 8.38
C ARG WA 90 -133.72 -17.03 7.75
N PRO WA 91 -134.52 -16.44 6.85
CA PRO WA 91 -135.63 -17.19 6.25
C PRO WA 91 -135.22 -18.26 5.27
N LYS WA 92 -136.19 -19.00 4.77
CA LYS WA 92 -135.98 -20.06 3.78
C LYS WA 92 -137.00 -19.87 2.66
N TYR WA 93 -136.52 -19.85 1.42
CA TYR WA 93 -137.34 -19.46 0.30
C TYR WA 93 -137.52 -20.61 -0.68
N LEU WA 94 -138.71 -20.69 -1.27
CA LEU WA 94 -139.01 -21.63 -2.32
C LEU WA 94 -139.11 -20.89 -3.64
N VAL WA 95 -138.33 -21.31 -4.63
CA VAL WA 95 -138.24 -20.62 -5.90
C VAL WA 95 -138.74 -21.57 -6.98
N VAL WA 96 -139.57 -21.05 -7.88
CA VAL WA 96 -140.18 -21.87 -8.93
C VAL WA 96 -139.73 -21.33 -10.28
N ASN WA 97 -139.04 -22.18 -11.04
CA ASN WA 97 -138.58 -21.80 -12.37
C ASN WA 97 -139.70 -22.02 -13.38
N ALA WA 98 -139.95 -21.03 -14.23
CA ALA WA 98 -141.03 -21.13 -15.20
C ALA WA 98 -140.58 -20.69 -16.59
N ASP WA 99 -139.45 -21.24 -17.05
CA ASP WA 99 -138.93 -20.90 -18.37
C ASP WA 99 -138.95 -22.09 -19.30
N GLU WA 100 -139.42 -21.87 -20.53
CA GLU WA 100 -139.42 -22.91 -21.56
C GLU WA 100 -138.24 -22.69 -22.50
N GLY WA 101 -137.06 -23.04 -22.00
CA GLY WA 101 -135.89 -23.13 -22.85
C GLY WA 101 -135.87 -24.44 -23.61
N GLU WA 102 -134.73 -24.69 -24.27
CA GLU WA 102 -134.49 -25.83 -25.17
C GLU WA 102 -135.58 -25.89 -26.22
N PRO WA 103 -135.51 -25.04 -27.25
CA PRO WA 103 -136.66 -24.78 -28.14
C PRO WA 103 -137.16 -26.03 -28.87
N GLY WA 104 -138.48 -26.21 -28.83
CA GLY WA 104 -139.11 -27.48 -29.11
C GLY WA 104 -139.97 -27.83 -27.92
N THR WA 105 -140.04 -26.92 -26.96
CA THR WA 105 -140.41 -27.30 -25.61
C THR WA 105 -141.92 -27.37 -25.37
N CYS WA 106 -142.59 -26.21 -25.35
CA CYS WA 106 -143.98 -26.05 -24.92
C CYS WA 106 -144.28 -26.79 -23.60
N LYS WA 107 -143.40 -26.60 -22.62
CA LYS WA 107 -143.47 -27.34 -21.36
C LYS WA 107 -144.65 -26.94 -20.50
N ASP WA 108 -144.65 -25.70 -20.02
CA ASP WA 108 -145.58 -25.27 -18.98
C ASP WA 108 -146.19 -23.90 -19.23
N ARG WA 109 -146.04 -23.37 -20.45
CA ARG WA 109 -146.83 -22.22 -20.88
C ARG WA 109 -148.31 -22.51 -20.74
N GLU WA 110 -148.72 -23.70 -21.16
CA GLU WA 110 -150.11 -24.12 -21.05
C GLU WA 110 -150.52 -24.39 -19.61
N ILE WA 111 -149.60 -24.93 -18.80
CA ILE WA 111 -149.87 -25.19 -17.39
C ILE WA 111 -150.09 -23.89 -16.64
N ILE WA 112 -149.25 -22.90 -16.89
CA ILE WA 112 -149.46 -21.62 -16.21
C ILE WA 112 -150.62 -20.87 -16.83
N ARG WA 113 -151.03 -21.20 -18.05
CA ARG WA 113 -152.24 -20.57 -18.58
C ARG WA 113 -153.52 -21.18 -18.00
N HIS WA 114 -153.51 -22.46 -17.64
CA HIS WA 114 -154.79 -23.08 -17.26
C HIS WA 114 -154.86 -23.60 -15.83
N ASP WA 115 -153.78 -24.09 -15.23
CA ASP WA 115 -153.83 -24.61 -13.86
C ASP WA 115 -152.76 -23.93 -13.02
N PRO WA 116 -153.02 -22.73 -12.48
CA PRO WA 116 -152.04 -22.11 -11.59
C PRO WA 116 -152.23 -22.55 -10.15
N HIS WA 117 -153.45 -22.95 -9.83
CA HIS WA 117 -153.81 -23.14 -8.44
C HIS WA 117 -153.27 -24.45 -7.87
N LYS WA 118 -153.00 -25.44 -8.71
CA LYS WA 118 -152.32 -26.63 -8.21
C LYS WA 118 -150.84 -26.33 -7.95
N LEU WA 119 -150.27 -25.38 -8.69
CA LEU WA 119 -148.95 -24.88 -8.33
C LEU WA 119 -148.99 -24.12 -7.01
N VAL WA 120 -150.09 -23.40 -6.74
CA VAL WA 120 -150.27 -22.75 -5.44
C VAL WA 120 -150.34 -23.78 -4.32
N GLU WA 121 -151.12 -24.85 -4.55
CA GLU WA 121 -151.17 -26.01 -3.67
C GLU WA 121 -149.78 -26.56 -3.36
N GLY WA 122 -149.03 -26.89 -4.41
CA GLY WA 122 -147.74 -27.53 -4.24
C GLY WA 122 -146.70 -26.62 -3.62
N CYS WA 123 -146.77 -25.32 -3.89
CA CYS WA 123 -145.78 -24.44 -3.27
C CYS WA 123 -146.11 -24.18 -1.81
N LEU WA 124 -147.40 -24.19 -1.44
CA LEU WA 124 -147.74 -24.17 -0.02
C LEU WA 124 -147.26 -25.44 0.68
N VAL WA 125 -147.42 -26.59 0.00
CA VAL WA 125 -146.96 -27.87 0.54
C VAL WA 125 -145.45 -27.89 0.72
N GLY WA 126 -144.72 -27.37 -0.27
CA GLY WA 126 -143.27 -27.32 -0.16
C GLY WA 126 -142.77 -26.30 0.86
N GLY WA 127 -143.48 -25.18 1.00
CA GLY WA 127 -143.08 -24.17 1.96
C GLY WA 127 -143.29 -24.61 3.39
N ARG WA 128 -144.46 -25.19 3.69
CA ARG WA 128 -144.69 -25.76 5.00
C ARG WA 128 -143.88 -27.05 5.20
N ALA WA 129 -143.46 -27.68 4.10
CA ALA WA 129 -142.83 -29.00 4.16
C ALA WA 129 -141.42 -28.97 4.73
N MET WA 130 -140.75 -27.82 4.71
CA MET WA 130 -139.35 -27.79 5.10
C MET WA 130 -139.00 -26.58 5.96
N GLY WA 131 -139.99 -25.90 6.52
CA GLY WA 131 -139.72 -24.70 7.29
C GLY WA 131 -139.46 -23.47 6.46
N ALA WA 132 -139.93 -23.44 5.22
CA ALA WA 132 -139.76 -22.27 4.37
C ALA WA 132 -140.76 -21.19 4.78
N ARG WA 133 -140.66 -20.04 4.13
CA ARG WA 133 -141.45 -18.90 4.56
C ARG WA 133 -142.24 -18.26 3.45
N ALA WA 134 -141.69 -18.21 2.24
CA ALA WA 134 -142.39 -17.64 1.09
C ALA WA 134 -141.82 -18.26 -0.18
N ALA WA 135 -142.47 -17.95 -1.30
CA ALA WA 135 -142.09 -18.51 -2.59
C ALA WA 135 -142.00 -17.40 -3.62
N TYR WA 136 -140.84 -17.32 -4.26
CA TYR WA 136 -140.64 -16.48 -5.42
C TYR WA 136 -140.78 -17.34 -6.67
N ILE WA 137 -141.58 -16.88 -7.61
CA ILE WA 137 -141.93 -17.63 -8.80
C ILE WA 137 -141.45 -16.83 -10.00
N TYR WA 138 -140.41 -17.32 -10.66
CA TYR WA 138 -139.85 -16.61 -11.80
C TYR WA 138 -140.56 -17.07 -13.06
N ILE WA 139 -141.20 -16.13 -13.74
CA ILE WA 139 -141.88 -16.40 -14.99
C ILE WA 139 -141.00 -15.86 -16.11
N ARG WA 140 -141.09 -16.50 -17.27
CA ARG WA 140 -140.57 -15.90 -18.50
C ARG WA 140 -141.32 -14.61 -18.79
N GLY WA 141 -140.57 -13.52 -18.95
CA GLY WA 141 -141.17 -12.22 -19.19
C GLY WA 141 -141.85 -12.07 -20.54
N GLU WA 142 -141.65 -13.02 -21.44
CA GLU WA 142 -142.30 -13.06 -22.74
C GLU WA 142 -143.77 -13.45 -22.64
N PHE WA 143 -144.27 -13.71 -21.44
CA PHE WA 143 -145.57 -14.32 -21.22
C PHE WA 143 -146.49 -13.38 -20.46
N TYR WA 144 -146.63 -12.14 -20.94
CA TYR WA 144 -147.31 -11.11 -20.15
C TYR WA 144 -148.79 -11.40 -19.94
N ASN WA 145 -149.46 -11.99 -20.94
CA ASN WA 145 -150.88 -12.28 -20.81
C ASN WA 145 -151.14 -13.37 -19.78
N GLU WA 146 -150.40 -14.48 -19.88
CA GLU WA 146 -150.52 -15.54 -18.89
C GLU WA 146 -149.97 -15.11 -17.54
N ALA WA 147 -149.05 -14.14 -17.54
CA ALA WA 147 -148.52 -13.59 -16.30
C ALA WA 147 -149.61 -12.82 -15.56
N SER WA 148 -150.34 -11.96 -16.27
CA SER WA 148 -151.44 -11.25 -15.64
C SER WA 148 -152.59 -12.19 -15.29
N ASN WA 149 -152.75 -13.29 -16.04
CA ASN WA 149 -153.68 -14.33 -15.65
C ASN WA 149 -153.30 -14.97 -14.32
N LEU WA 150 -152.01 -15.27 -14.16
CA LEU WA 150 -151.49 -15.76 -12.88
C LEU WA 150 -151.68 -14.73 -11.78
N GLN WA 151 -151.53 -13.45 -12.11
CA GLN WA 151 -151.71 -12.39 -11.13
C GLN WA 151 -153.16 -12.31 -10.65
N VAL WA 152 -154.12 -12.42 -11.57
CA VAL WA 152 -155.53 -12.45 -11.20
C VAL WA 152 -155.85 -13.70 -10.39
N ALA WA 153 -155.19 -14.82 -10.70
CA ALA WA 153 -155.41 -16.04 -9.93
C ALA WA 153 -154.89 -15.91 -8.50
N ILE WA 154 -153.70 -15.33 -8.32
CA ILE WA 154 -153.16 -15.12 -6.98
C ILE WA 154 -153.96 -14.06 -6.23
N ARG WA 155 -154.53 -13.07 -6.96
CA ARG WA 155 -155.44 -12.11 -6.38
C ARG WA 155 -156.67 -12.78 -5.79
N GLU WA 156 -157.32 -13.64 -6.58
CA GLU WA 156 -158.49 -14.35 -6.10
C GLU WA 156 -158.14 -15.31 -4.97
N ALA WA 157 -156.96 -15.93 -5.03
CA ALA WA 157 -156.54 -16.83 -3.96
C ALA WA 157 -156.30 -16.09 -2.66
N TYR WA 158 -155.67 -14.92 -2.74
CA TYR WA 158 -155.47 -14.09 -1.54
C TYR WA 158 -156.79 -13.57 -1.01
N GLU WA 159 -157.64 -13.05 -1.90
CA GLU WA 159 -158.86 -12.37 -1.51
C GLU WA 159 -159.93 -13.34 -1.02
N ALA WA 160 -159.81 -14.62 -1.37
CA ALA WA 160 -160.74 -15.64 -0.88
C ALA WA 160 -160.47 -16.05 0.56
N GLY WA 161 -159.49 -15.42 1.23
CA GLY WA 161 -159.16 -15.80 2.59
C GLY WA 161 -158.50 -17.16 2.67
N LEU WA 162 -157.76 -17.53 1.63
CA LEU WA 162 -157.27 -18.88 1.46
C LEU WA 162 -155.83 -19.03 1.94
N ILE WA 163 -154.92 -18.20 1.45
CA ILE WA 163 -153.55 -18.17 1.91
C ILE WA 163 -153.15 -16.74 2.23
N GLY WA 164 -151.89 -16.58 2.62
CA GLY WA 164 -151.39 -15.32 3.13
C GLY WA 164 -150.78 -15.55 4.50
N LYS WA 165 -150.81 -14.53 5.34
CA LYS WA 165 -150.44 -14.70 6.73
C LYS WA 165 -151.51 -15.52 7.43
N ASN WA 166 -151.11 -16.63 8.07
CA ASN WA 166 -152.00 -17.67 8.58
C ASN WA 166 -152.90 -18.22 7.47
N ALA WA 167 -152.23 -18.93 6.55
CA ALA WA 167 -152.89 -19.55 5.40
C ALA WA 167 -153.94 -20.56 5.85
N CYS WA 168 -155.18 -20.37 5.36
CA CYS WA 168 -156.39 -21.08 5.79
C CYS WA 168 -156.65 -20.93 7.29
N GLY WA 169 -156.15 -19.85 7.90
CA GLY WA 169 -156.28 -19.69 9.33
C GLY WA 169 -155.45 -20.64 10.16
N SER WA 170 -154.44 -21.29 9.57
CA SER WA 170 -153.60 -22.21 10.29
C SER WA 170 -152.51 -21.44 11.05
N GLY WA 171 -151.67 -22.19 11.75
CA GLY WA 171 -150.57 -21.59 12.47
C GLY WA 171 -149.30 -21.51 11.64
N TYR WA 172 -149.43 -21.01 10.42
CA TYR WA 172 -148.31 -20.94 9.49
C TYR WA 172 -148.60 -19.89 8.43
N ASP WA 173 -147.65 -18.98 8.23
CA ASP WA 173 -147.76 -17.93 7.23
C ASP WA 173 -146.98 -18.30 5.97
N PHE WA 174 -147.49 -17.86 4.82
CA PHE WA 174 -146.87 -18.19 3.55
C PHE WA 174 -147.40 -17.23 2.48
N ASP WA 175 -146.50 -16.72 1.66
CA ASP WA 175 -146.84 -15.80 0.58
C ASP WA 175 -146.12 -16.22 -0.70
N VAL WA 176 -146.65 -15.77 -1.83
CA VAL WA 176 -146.03 -16.00 -3.12
C VAL WA 176 -145.86 -14.67 -3.85
N PHE WA 177 -144.64 -14.40 -4.29
CA PHE WA 177 -144.29 -13.25 -5.10
C PHE WA 177 -143.78 -13.74 -6.44
N VAL WA 178 -144.19 -13.10 -7.51
CA VAL WA 178 -143.86 -13.52 -8.87
C VAL WA 178 -142.97 -12.46 -9.50
N VAL WA 179 -141.88 -12.90 -10.13
CA VAL WA 179 -140.92 -12.01 -10.76
C VAL WA 179 -140.93 -12.25 -12.26
N ARG WA 180 -141.16 -11.20 -13.02
CA ARG WA 180 -141.16 -11.28 -14.48
C ARG WA 180 -139.73 -11.34 -15.00
N GLY WA 181 -139.58 -11.96 -16.17
CA GLY WA 181 -138.28 -12.15 -16.76
C GLY WA 181 -137.83 -10.94 -17.56
N ALA WA 182 -136.56 -10.59 -17.40
CA ALA WA 182 -135.94 -9.59 -18.25
C ALA WA 182 -135.48 -10.16 -19.58
N GLY WA 183 -135.59 -11.47 -19.76
CA GLY WA 183 -135.42 -12.12 -21.04
C GLY WA 183 -134.05 -12.71 -21.20
N ALA WA 184 -133.92 -14.00 -20.86
CA ALA WA 184 -132.68 -14.77 -20.94
C ALA WA 184 -132.95 -16.25 -20.72
N TYR WA 185 -132.43 -17.10 -21.61
CA TYR WA 185 -132.43 -18.52 -21.34
C TYR WA 185 -131.49 -18.88 -20.21
N ILE WA 186 -130.42 -18.10 -20.03
CA ILE WA 186 -129.51 -18.35 -18.92
C ILE WA 186 -130.16 -18.05 -17.58
N CYS WA 187 -131.22 -17.23 -17.54
CA CYS WA 187 -131.98 -17.09 -16.30
C CYS WA 187 -132.79 -18.34 -15.98
N GLY WA 188 -133.01 -19.23 -16.95
CA GLY WA 188 -133.63 -20.52 -16.68
C GLY WA 188 -132.78 -21.46 -15.88
N GLU WA 189 -131.50 -21.15 -15.68
CA GLU WA 189 -130.56 -21.97 -14.92
C GLU WA 189 -130.81 -21.81 -13.43
N GLU WA 190 -129.99 -22.46 -12.61
CA GLU WA 190 -130.24 -22.42 -11.17
C GLU WA 190 -129.72 -21.13 -10.54
N THR WA 191 -128.42 -20.90 -10.60
CA THR WA 191 -127.85 -19.82 -9.81
C THR WA 191 -127.79 -18.51 -10.58
N ALA WA 192 -127.81 -18.56 -11.91
CA ALA WA 192 -128.03 -17.34 -12.67
C ALA WA 192 -129.41 -16.77 -12.43
N LEU WA 193 -130.38 -17.63 -12.11
CA LEU WA 193 -131.66 -17.16 -11.61
C LEU WA 193 -131.50 -16.44 -10.28
N ILE WA 194 -130.62 -16.94 -9.41
CA ILE WA 194 -130.38 -16.31 -8.12
C ILE WA 194 -129.82 -14.90 -8.30
N GLU WA 195 -128.80 -14.76 -9.15
CA GLU WA 195 -128.32 -13.40 -9.37
C GLU WA 195 -129.19 -12.59 -10.33
N SER WA 196 -130.19 -13.20 -10.97
CA SER WA 196 -131.15 -12.38 -11.70
C SER WA 196 -132.18 -11.78 -10.75
N ILE WA 197 -132.50 -12.48 -9.66
CA ILE WA 197 -133.38 -11.91 -8.65
C ILE WA 197 -132.67 -10.79 -7.88
N GLU WA 198 -131.36 -10.91 -7.70
CA GLU WA 198 -130.60 -10.00 -6.83
C GLU WA 198 -130.56 -8.56 -7.34
N GLY WA 199 -130.79 -8.33 -8.62
CA GLY WA 199 -130.56 -7.06 -9.23
C GLY WA 199 -129.30 -7.00 -10.06
N LYS WA 200 -128.43 -8.00 -9.94
CA LYS WA 200 -127.28 -8.13 -10.82
C LYS WA 200 -127.72 -8.62 -12.19
N GLN WA 201 -126.75 -8.70 -13.10
CA GLN WA 201 -126.97 -9.46 -14.32
C GLN WA 201 -127.04 -10.95 -13.98
N GLY WA 202 -127.87 -11.68 -14.70
CA GLY WA 202 -128.07 -13.08 -14.41
C GLY WA 202 -126.89 -13.92 -14.83
N LYS WA 203 -126.10 -14.36 -13.84
CA LYS WA 203 -124.90 -15.17 -14.03
C LYS WA 203 -124.79 -16.04 -12.78
N PRO WA 204 -124.37 -17.29 -12.90
CA PRO WA 204 -124.40 -18.19 -11.74
C PRO WA 204 -123.32 -17.94 -10.70
N ARG WA 205 -123.23 -18.85 -9.74
CA ARG WA 205 -122.15 -18.86 -8.75
C ARG WA 205 -121.49 -20.22 -8.71
N LEU WA 206 -120.63 -20.44 -7.72
CA LEU WA 206 -119.90 -21.70 -7.58
C LEU WA 206 -120.76 -22.72 -6.85
N LYS WA 207 -120.63 -23.98 -7.24
CA LYS WA 207 -121.51 -25.06 -6.78
C LYS WA 207 -121.27 -25.65 -5.37
N PRO WA 208 -120.05 -25.85 -4.87
CA PRO WA 208 -119.92 -26.45 -3.51
C PRO WA 208 -120.40 -25.53 -2.40
N PRO WA 209 -120.33 -24.19 -2.54
CA PRO WA 209 -121.30 -23.38 -1.79
C PRO WA 209 -122.65 -23.39 -2.49
N PHE WA 210 -123.58 -24.15 -1.96
CA PHE WA 210 -124.82 -24.41 -2.68
C PHE WA 210 -125.81 -23.26 -2.54
N PRO WA 211 -126.73 -23.12 -3.50
CA PRO WA 211 -127.93 -22.32 -3.24
C PRO WA 211 -128.80 -22.92 -2.17
N ALA WA 212 -128.74 -24.25 -2.01
CA ALA WA 212 -129.31 -24.90 -0.84
C ALA WA 212 -128.54 -24.58 0.43
N ASP WA 213 -127.29 -24.13 0.31
CA ASP WA 213 -126.56 -23.58 1.44
C ASP WA 213 -126.76 -22.08 1.53
N VAL WA 214 -126.32 -21.35 0.50
CA VAL WA 214 -126.42 -19.90 0.44
C VAL WA 214 -127.05 -19.58 -0.90
N GLY WA 215 -128.33 -19.20 -0.89
CA GLY WA 215 -129.03 -18.92 -2.12
C GLY WA 215 -129.44 -17.48 -2.28
N VAL WA 216 -130.71 -17.19 -2.01
CA VAL WA 216 -131.27 -15.88 -2.25
C VAL WA 216 -130.76 -14.92 -1.18
N PHE WA 217 -129.73 -14.16 -1.54
CA PHE WA 217 -129.04 -13.12 -0.76
C PHE WA 217 -128.31 -13.64 0.47
N GLY WA 218 -128.25 -14.94 0.69
CA GLY WA 218 -127.67 -15.43 1.92
C GLY WA 218 -128.66 -16.22 2.76
N CYS WA 219 -129.57 -16.92 2.09
CA CYS WA 219 -130.47 -17.82 2.80
C CYS WA 219 -130.47 -19.19 2.13
N PRO WA 220 -130.58 -20.26 2.91
CA PRO WA 220 -130.71 -21.59 2.30
C PRO WA 220 -132.08 -21.75 1.66
N THR WA 221 -132.10 -21.66 0.34
CA THR WA 221 -133.32 -21.70 -0.44
C THR WA 221 -133.33 -22.96 -1.30
N THR WA 222 -134.45 -23.21 -1.94
CA THR WA 222 -134.51 -24.32 -2.89
C THR WA 222 -135.27 -23.89 -4.13
N VAL WA 223 -134.88 -24.46 -5.26
CA VAL WA 223 -135.39 -24.09 -6.57
C VAL WA 223 -135.94 -25.34 -7.23
N ALA WA 224 -137.16 -25.26 -7.75
CA ALA WA 224 -137.79 -26.42 -8.37
C ALA WA 224 -138.52 -26.02 -9.65
N ASN WA 225 -138.76 -27.01 -10.48
CA ASN WA 225 -139.54 -26.86 -11.70
C ASN WA 225 -141.02 -26.70 -11.36
N VAL WA 226 -141.77 -26.18 -12.32
CA VAL WA 226 -143.23 -26.14 -12.25
C VAL WA 226 -143.81 -27.54 -12.10
N GLU WA 227 -143.20 -28.52 -12.78
CA GLU WA 227 -143.78 -29.86 -12.84
C GLU WA 227 -143.72 -30.58 -11.50
N THR WA 228 -142.60 -30.43 -10.77
CA THR WA 228 -142.48 -31.06 -9.45
C THR WA 228 -143.46 -30.45 -8.46
N VAL WA 229 -143.61 -29.13 -8.49
CA VAL WA 229 -144.52 -28.44 -7.59
C VAL WA 229 -145.97 -28.80 -7.91
N ALA WA 230 -146.30 -28.91 -9.19
CA ALA WA 230 -147.67 -29.23 -9.57
C ALA WA 230 -147.99 -30.70 -9.29
N VAL WA 231 -147.02 -31.59 -9.40
CA VAL WA 231 -147.31 -33.00 -9.13
C VAL WA 231 -147.26 -33.29 -7.64
N SER WA 232 -146.66 -32.38 -6.84
CA SER WA 232 -146.49 -32.61 -5.41
C SER WA 232 -147.79 -32.77 -4.60
N PRO WA 233 -148.81 -31.89 -4.67
CA PRO WA 233 -149.94 -32.07 -3.75
C PRO WA 233 -150.88 -33.19 -4.14
N THR WA 234 -150.88 -33.59 -5.41
CA THR WA 234 -151.68 -34.74 -5.84
C THR WA 234 -151.17 -36.01 -5.19
N ILE WA 235 -149.85 -36.15 -5.09
CA ILE WA 235 -149.29 -37.30 -4.39
C ILE WA 235 -149.57 -37.19 -2.90
N CYS WA 236 -149.58 -35.97 -2.36
CA CYS WA 236 -149.84 -35.79 -0.94
C CYS WA 236 -151.30 -36.07 -0.59
N ARG WA 237 -152.21 -35.92 -1.56
CA ARG WA 237 -153.61 -36.22 -1.29
C ARG WA 237 -153.98 -37.66 -1.67
N ARG WA 238 -153.26 -38.28 -2.58
CA ARG WA 238 -153.51 -39.66 -2.94
C ARG WA 238 -152.74 -40.60 -2.00
N GLY WA 239 -152.68 -41.87 -2.36
CA GLY WA 239 -151.96 -42.83 -1.56
C GLY WA 239 -150.48 -42.92 -1.90
N GLY WA 240 -149.74 -43.62 -1.05
CA GLY WA 240 -148.33 -43.79 -1.27
C GLY WA 240 -148.04 -44.72 -2.42
N ALA WA 241 -146.91 -44.44 -3.09
CA ALA WA 241 -146.34 -45.23 -4.18
C ALA WA 241 -147.27 -45.37 -5.39
N TRP WA 242 -148.25 -44.47 -5.52
CA TRP WA 242 -149.09 -44.48 -6.71
C TRP WA 242 -148.31 -43.96 -7.91
N PHE WA 243 -147.49 -42.94 -7.71
CA PHE WA 243 -146.58 -42.48 -8.74
C PHE WA 243 -145.48 -43.50 -8.99
N ALA WA 244 -145.17 -44.31 -7.99
CA ALA WA 244 -144.24 -45.43 -8.11
C ALA WA 244 -144.93 -46.71 -8.56
N SER WA 245 -146.06 -46.59 -9.28
CA SER WA 245 -146.79 -47.73 -9.78
C SER WA 245 -146.97 -47.68 -11.30
N PHE WA 246 -146.26 -46.78 -11.98
CA PHE WA 246 -146.41 -46.61 -13.43
C PHE WA 246 -145.11 -46.98 -14.12
N GLY WA 247 -145.17 -47.99 -14.98
CA GLY WA 247 -144.02 -48.34 -15.79
C GLY WA 247 -142.97 -49.06 -14.98
N ARG WA 248 -141.75 -48.53 -14.99
CA ARG WA 248 -140.65 -49.10 -14.26
C ARG WA 248 -140.71 -48.68 -12.80
N GLU WA 249 -139.63 -48.93 -12.06
CA GLU WA 249 -139.58 -48.62 -10.65
C GLU WA 249 -138.92 -47.27 -10.38
N ARG WA 250 -137.71 -47.07 -10.90
CA ARG WA 250 -136.98 -45.84 -10.64
C ARG WA 250 -137.51 -44.70 -11.51
N ASN WA 251 -137.36 -44.82 -12.82
CA ASN WA 251 -138.00 -43.87 -13.74
C ASN WA 251 -139.46 -44.31 -13.89
N SER WA 252 -140.31 -43.76 -13.04
CA SER WA 252 -141.70 -44.17 -12.96
C SER WA 252 -142.59 -42.94 -13.02
N GLY WA 253 -143.89 -43.19 -13.12
CA GLY WA 253 -144.86 -42.13 -13.05
C GLY WA 253 -145.25 -41.56 -14.39
N THR WA 254 -145.44 -40.23 -14.47
CA THR WA 254 -145.96 -39.56 -15.64
C THR WA 254 -144.94 -38.54 -16.15
N LYS WA 255 -145.19 -38.07 -17.37
CA LYS WA 255 -144.32 -37.11 -18.04
C LYS WA 255 -145.08 -36.51 -19.22
N LEU WA 256 -144.73 -35.26 -19.55
CA LEU WA 256 -145.21 -34.58 -20.74
C LEU WA 256 -144.37 -34.98 -21.93
N PHE WA 257 -144.95 -35.76 -22.84
CA PHE WA 257 -144.34 -36.06 -24.13
C PHE WA 257 -144.84 -35.01 -25.12
N ASN WA 258 -143.95 -34.12 -25.53
CA ASN WA 258 -144.37 -32.94 -26.28
C ASN WA 258 -143.57 -32.90 -27.58
N ILE WA 259 -144.29 -32.95 -28.70
CA ILE WA 259 -143.70 -33.14 -30.01
C ILE WA 259 -144.09 -31.92 -30.86
N SER WA 260 -143.09 -31.15 -31.27
CA SER WA 260 -143.22 -30.22 -32.37
C SER WA 260 -142.50 -30.79 -33.60
N GLY WA 261 -142.34 -29.94 -34.61
CA GLY WA 261 -141.52 -30.30 -35.75
C GLY WA 261 -142.22 -31.05 -36.87
N HIS WA 262 -141.50 -31.99 -37.49
CA HIS WA 262 -141.96 -32.67 -38.70
C HIS WA 262 -142.93 -33.80 -38.41
N VAL WA 263 -144.06 -33.49 -37.77
CA VAL WA 263 -145.14 -34.44 -37.57
C VAL WA 263 -146.44 -33.78 -38.01
N ASN WA 264 -147.42 -34.62 -38.32
CA ASN WA 264 -148.74 -34.12 -38.67
C ASN WA 264 -149.48 -33.70 -37.40
N ASN WA 265 -149.83 -32.41 -37.32
CA ASN WA 265 -150.49 -31.76 -36.19
C ASN WA 265 -149.69 -31.92 -34.89
N PRO WA 266 -148.58 -31.18 -34.74
CA PRO WA 266 -147.75 -31.33 -33.56
C PRO WA 266 -148.43 -30.82 -32.30
N CYS WA 267 -148.23 -31.53 -31.18
CA CYS WA 267 -148.98 -31.20 -29.98
C CYS WA 267 -148.24 -31.70 -28.75
N THR WA 268 -148.96 -31.77 -27.62
CA THR WA 268 -148.43 -32.12 -26.31
C THR WA 268 -149.37 -33.13 -25.68
N VAL WA 269 -148.83 -34.18 -25.04
CA VAL WA 269 -149.64 -35.12 -24.28
C VAL WA 269 -149.02 -35.37 -22.91
N GLU WA 270 -149.89 -35.66 -21.95
CA GLU WA 270 -149.49 -36.31 -20.71
C GLU WA 270 -149.52 -37.81 -20.93
N GLU WA 271 -148.45 -38.50 -20.58
CA GLU WA 271 -148.49 -39.96 -20.56
C GLU WA 271 -147.76 -40.47 -19.32
N GLU WA 272 -147.72 -41.80 -19.20
CA GLU WA 272 -146.92 -42.43 -18.17
C GLU WA 272 -145.45 -42.41 -18.58
N MET WA 273 -144.58 -42.93 -17.70
CA MET WA 273 -143.15 -42.74 -17.89
C MET WA 273 -142.60 -43.58 -19.03
N SER WA 274 -143.03 -44.82 -19.15
CA SER WA 274 -142.54 -45.72 -20.18
C SER WA 274 -143.56 -45.88 -21.29
N VAL WA 275 -143.12 -45.68 -22.53
CA VAL WA 275 -143.97 -45.82 -23.70
C VAL WA 275 -143.08 -46.13 -24.91
N PRO WA 276 -143.52 -47.00 -25.82
CA PRO WA 276 -142.82 -47.13 -27.10
C PRO WA 276 -142.88 -45.84 -27.91
N LEU WA 277 -141.73 -45.46 -28.47
CA LEU WA 277 -141.59 -44.17 -29.15
C LEU WA 277 -142.38 -44.14 -30.46
N LYS WA 278 -142.31 -45.21 -31.25
CA LYS WA 278 -142.97 -45.22 -32.55
C LYS WA 278 -144.48 -45.18 -32.42
N GLU WA 279 -145.02 -45.94 -31.45
CA GLU WA 279 -146.46 -45.94 -31.24
C GLU WA 279 -146.91 -44.64 -30.57
N LEU WA 280 -146.07 -44.09 -29.68
CA LEU WA 280 -146.27 -42.77 -29.12
C LEU WA 280 -146.43 -41.69 -30.20
N ILE WA 281 -145.58 -41.75 -31.22
CA ILE WA 281 -145.66 -40.77 -32.29
C ILE WA 281 -146.88 -41.03 -33.16
N GLU WA 282 -147.05 -42.27 -33.61
CA GLU WA 282 -148.05 -42.57 -34.61
C GLU WA 282 -149.47 -42.63 -34.07
N LYS WA 283 -149.67 -42.63 -32.75
CA LYS WA 283 -151.02 -42.68 -32.21
C LYS WA 283 -151.51 -41.36 -31.61
N HIS WA 284 -150.64 -40.36 -31.47
CA HIS WA 284 -151.01 -39.21 -30.65
C HIS WA 284 -151.01 -37.89 -31.42
N ALA WA 285 -149.98 -37.60 -32.19
CA ALA WA 285 -149.94 -36.41 -33.02
C ALA WA 285 -149.85 -36.88 -34.46
N GLY WA 286 -151.00 -37.27 -35.02
CA GLY WA 286 -151.09 -37.76 -36.38
C GLY WA 286 -150.19 -38.93 -36.66
N GLY WA 287 -149.14 -38.67 -37.41
CA GLY WA 287 -148.05 -39.59 -37.59
C GLY WA 287 -146.82 -38.82 -37.97
N VAL WA 288 -145.95 -39.46 -38.70
CA VAL WA 288 -144.79 -38.80 -39.29
C VAL WA 288 -145.17 -38.35 -40.69
N THR WA 289 -144.81 -37.11 -41.04
CA THR WA 289 -145.10 -36.50 -42.33
C THR WA 289 -144.52 -37.31 -43.48
N GLY WA 290 -145.39 -37.89 -44.31
CA GLY WA 290 -144.97 -38.77 -45.37
C GLY WA 290 -144.71 -40.19 -44.96
N GLY WA 291 -145.13 -40.60 -43.77
CA GLY WA 291 -144.98 -41.96 -43.31
C GLY WA 291 -143.77 -42.13 -42.40
N TRP WA 292 -143.70 -43.33 -41.80
CA TRP WA 292 -142.61 -43.63 -40.87
C TRP WA 292 -141.29 -43.79 -41.59
N ASP WA 293 -141.31 -44.29 -42.82
CA ASP WA 293 -140.07 -44.44 -43.57
C ASP WA 293 -139.61 -43.14 -44.22
N ASN WA 294 -140.39 -42.06 -44.09
CA ASN WA 294 -139.96 -40.78 -44.63
C ASN WA 294 -138.86 -40.16 -43.78
N LEU WA 295 -138.93 -40.31 -42.45
CA LEU WA 295 -138.14 -39.53 -41.51
C LEU WA 295 -136.66 -39.91 -41.59
N LEU WA 296 -135.85 -39.17 -40.84
CA LEU WA 296 -134.45 -39.54 -40.67
C LEU WA 296 -134.08 -39.79 -39.22
N ALA WA 297 -134.41 -38.87 -38.31
CA ALA WA 297 -133.84 -38.99 -36.98
C ALA WA 297 -134.78 -38.40 -35.94
N VAL WA 298 -134.39 -38.53 -34.68
CA VAL WA 298 -135.17 -38.09 -33.53
C VAL WA 298 -134.23 -37.36 -32.58
N ILE WA 299 -134.60 -36.17 -32.15
CA ILE WA 299 -133.96 -35.55 -30.99
C ILE WA 299 -134.94 -35.66 -29.81
N PRO WA 300 -134.67 -36.54 -28.87
CA PRO WA 300 -135.39 -36.50 -27.60
C PRO WA 300 -134.66 -35.59 -26.64
N GLY WA 301 -135.11 -35.50 -25.39
CA GLY WA 301 -134.33 -34.94 -24.33
C GLY WA 301 -134.11 -33.44 -24.35
N GLY WA 302 -134.57 -32.74 -25.38
CA GLY WA 302 -134.34 -31.32 -25.46
C GLY WA 302 -133.22 -30.94 -26.39
N SER WA 303 -132.97 -29.64 -26.45
CA SER WA 303 -131.89 -29.10 -27.27
C SER WA 303 -130.52 -29.37 -26.67
N SER WA 304 -130.46 -29.81 -25.41
CA SER WA 304 -129.23 -30.16 -24.71
C SER WA 304 -128.89 -31.65 -24.84
N THR WA 305 -129.23 -32.26 -25.97
CA THR WA 305 -129.26 -33.71 -26.06
C THR WA 305 -128.83 -34.14 -27.45
N PRO WA 306 -128.05 -35.21 -27.58
CA PRO WA 306 -127.72 -35.72 -28.91
C PRO WA 306 -128.93 -36.33 -29.61
N LEU WA 307 -128.78 -36.52 -30.91
CA LEU WA 307 -129.86 -37.04 -31.73
C LEU WA 307 -129.89 -38.56 -31.69
N ILE WA 308 -131.02 -39.11 -32.13
CA ILE WA 308 -131.21 -40.56 -32.21
C ILE WA 308 -131.59 -40.90 -33.65
N PRO WA 309 -130.92 -41.85 -34.29
CA PRO WA 309 -131.23 -42.18 -35.67
C PRO WA 309 -132.47 -43.06 -35.77
N LYS WA 310 -132.87 -43.36 -37.01
CA LYS WA 310 -134.12 -44.07 -37.26
C LYS WA 310 -134.04 -45.52 -36.79
N SER WA 311 -132.97 -46.22 -37.19
CA SER WA 311 -132.85 -47.65 -36.93
C SER WA 311 -132.71 -47.98 -35.44
N VAL WA 312 -132.31 -47.01 -34.63
CA VAL WA 312 -132.30 -47.19 -33.19
C VAL WA 312 -133.65 -46.80 -32.59
N CYS WA 313 -134.23 -45.68 -33.04
CA CYS WA 313 -135.46 -45.18 -32.43
C CYS WA 313 -136.69 -45.98 -32.83
N GLU WA 314 -136.59 -46.91 -33.78
CA GLU WA 314 -137.73 -47.77 -34.08
C GLU WA 314 -138.05 -48.71 -32.92
N THR WA 315 -137.09 -49.02 -32.06
CA THR WA 315 -137.30 -49.97 -30.98
C THR WA 315 -137.07 -49.42 -29.58
N VAL WA 316 -136.45 -48.25 -29.43
CA VAL WA 316 -136.11 -47.75 -28.10
C VAL WA 316 -137.38 -47.24 -27.42
N LEU WA 317 -137.70 -47.84 -26.28
CA LEU WA 317 -138.80 -47.37 -25.45
C LEU WA 317 -138.38 -46.12 -24.70
N MET WA 318 -139.35 -45.25 -24.43
CA MET WA 318 -139.10 -43.95 -23.82
C MET WA 318 -138.87 -44.12 -22.33
N ASP WA 319 -137.61 -44.21 -21.92
CA ASP WA 319 -137.25 -44.29 -20.52
C ASP WA 319 -135.90 -43.62 -20.27
N PHE WA 320 -135.72 -43.17 -19.03
CA PHE WA 320 -134.48 -42.52 -18.61
C PHE WA 320 -133.28 -43.44 -18.74
N ASP WA 321 -133.41 -44.67 -18.23
CA ASP WA 321 -132.30 -45.61 -18.31
C ASP WA 321 -132.03 -46.03 -19.76
N ALA WA 322 -133.08 -46.12 -20.57
CA ALA WA 322 -132.91 -46.46 -21.97
C ALA WA 322 -132.19 -45.35 -22.73
N LEU WA 323 -132.46 -44.09 -22.39
CA LEU WA 323 -131.76 -43.02 -23.09
C LEU WA 323 -130.38 -42.72 -22.49
N ILE WA 324 -130.14 -43.15 -21.25
CA ILE WA 324 -128.77 -43.18 -20.74
C ILE WA 324 -127.98 -44.22 -21.52
N GLN WA 325 -128.58 -45.37 -21.80
CA GLN WA 325 -127.94 -46.37 -22.66
C GLN WA 325 -127.81 -45.87 -24.09
N ALA WA 326 -128.70 -44.96 -24.52
CA ALA WA 326 -128.56 -44.29 -25.80
C ALA WA 326 -127.55 -43.16 -25.76
N GLN WA 327 -126.92 -42.93 -24.60
CA GLN WA 327 -125.83 -41.96 -24.41
C GLN WA 327 -126.31 -40.54 -24.72
N THR WA 328 -127.54 -40.24 -24.33
CA THR WA 328 -128.17 -38.95 -24.59
C THR WA 328 -128.76 -38.40 -23.30
N GLY WA 329 -128.76 -37.08 -23.19
CA GLY WA 329 -129.24 -36.44 -21.99
C GLY WA 329 -130.73 -36.15 -22.01
N LEU WA 330 -131.52 -37.04 -21.43
CA LEU WA 330 -132.97 -36.91 -21.45
C LEU WA 330 -133.40 -35.78 -20.51
N GLY WA 331 -133.65 -34.62 -21.08
CA GLY WA 331 -134.35 -33.56 -20.38
C GLY WA 331 -135.84 -33.73 -20.56
N THR WA 332 -136.56 -32.65 -20.83
CA THR WA 332 -138.00 -32.72 -20.94
C THR WA 332 -138.48 -31.99 -22.19
N ALA WA 333 -139.59 -32.52 -22.74
CA ALA WA 333 -140.60 -31.80 -23.51
C ALA WA 333 -140.21 -31.39 -24.93
N ALA WA 334 -138.96 -31.49 -25.33
CA ALA WA 334 -138.66 -31.32 -26.75
C ALA WA 334 -138.42 -32.66 -27.43
N VAL WA 335 -139.38 -33.59 -27.35
CA VAL WA 335 -139.06 -34.91 -27.89
C VAL WA 335 -139.60 -35.02 -29.31
N ILE WA 336 -138.83 -34.55 -30.29
CA ILE WA 336 -139.34 -34.33 -31.63
C ILE WA 336 -138.50 -35.13 -32.63
N VAL WA 337 -138.96 -35.15 -33.87
CA VAL WA 337 -138.31 -35.90 -34.94
C VAL WA 337 -137.86 -34.92 -36.02
N MET WA 338 -137.16 -35.44 -37.04
CA MET WA 338 -136.91 -34.67 -38.23
C MET WA 338 -136.78 -35.59 -39.44
N ASP WA 339 -137.13 -35.02 -40.58
CA ASP WA 339 -137.31 -35.69 -41.86
C ASP WA 339 -135.94 -35.91 -42.49
N ARG WA 340 -135.91 -36.44 -43.72
CA ARG WA 340 -134.70 -36.94 -44.35
C ARG WA 340 -134.10 -35.97 -45.35
N SER WA 341 -134.92 -35.32 -46.17
CA SER WA 341 -134.42 -34.45 -47.22
C SER WA 341 -133.97 -33.08 -46.72
N THR WA 342 -134.06 -32.82 -45.42
CA THR WA 342 -133.81 -31.49 -44.88
C THR WA 342 -132.38 -31.36 -44.36
N ASP WA 343 -131.87 -30.12 -44.39
CA ASP WA 343 -130.54 -29.82 -43.89
C ASP WA 343 -130.49 -29.86 -42.38
N ILE WA 344 -130.24 -31.05 -41.82
CA ILE WA 344 -130.04 -31.16 -40.38
C ILE WA 344 -128.75 -30.50 -39.96
N VAL WA 345 -127.79 -30.36 -40.88
CA VAL WA 345 -126.58 -29.57 -40.61
C VAL WA 345 -126.94 -28.12 -40.36
N LYS WA 346 -127.83 -27.57 -41.19
CA LYS WA 346 -128.25 -26.18 -41.02
C LYS WA 346 -129.13 -26.02 -39.78
N ALA WA 347 -129.94 -27.03 -39.44
CA ALA WA 347 -130.77 -26.93 -38.23
C ALA WA 347 -129.92 -26.97 -36.96
N ILE WA 348 -128.93 -27.86 -36.92
CA ILE WA 348 -128.01 -27.91 -35.79
C ILE WA 348 -127.14 -26.67 -35.75
N ALA WA 349 -126.79 -26.11 -36.90
CA ALA WA 349 -126.08 -24.84 -36.93
C ALA WA 349 -126.95 -23.70 -36.38
N ARG WA 350 -128.26 -23.76 -36.64
CA ARG WA 350 -129.17 -22.78 -36.04
C ARG WA 350 -129.23 -22.95 -34.52
N LEU WA 351 -129.14 -24.19 -34.06
CA LEU WA 351 -129.06 -24.45 -32.62
C LEU WA 351 -127.76 -23.90 -32.02
N ILE WA 352 -126.66 -23.98 -32.76
CA ILE WA 352 -125.42 -23.41 -32.29
C ILE WA 352 -125.49 -21.87 -32.32
N GLU WA 353 -126.24 -21.32 -33.27
CA GLU WA 353 -126.48 -19.88 -33.29
C GLU WA 353 -127.28 -19.43 -32.08
N PHE WA 354 -128.28 -20.23 -31.69
CA PHE WA 354 -129.00 -20.04 -30.44
C PHE WA 354 -128.05 -20.04 -29.24
N TYR WA 355 -127.12 -21.00 -29.22
CA TYR WA 355 -126.15 -21.11 -28.13
C TYR WA 355 -125.23 -19.90 -28.07
N LYS WA 356 -124.81 -19.40 -29.24
CA LYS WA 356 -123.91 -18.25 -29.24
C LYS WA 356 -124.65 -16.97 -28.86
N HIS WA 357 -125.90 -16.85 -29.29
CA HIS WA 357 -126.66 -15.67 -28.93
C HIS WA 357 -127.10 -15.69 -27.48
N GLU WA 358 -127.08 -16.86 -26.83
CA GLU WA 358 -127.47 -16.96 -25.43
C GLU WA 358 -126.46 -17.79 -24.64
N SER WA 359 -125.52 -17.10 -23.99
CA SER WA 359 -124.63 -17.62 -22.95
C SER WA 359 -123.99 -16.44 -22.26
N CYS WA 360 -123.72 -16.57 -20.96
CA CYS WA 360 -122.99 -15.51 -20.31
C CYS WA 360 -121.51 -15.80 -20.46
N GLY WA 361 -120.69 -14.97 -19.83
CA GLY WA 361 -119.27 -15.07 -20.06
C GLY WA 361 -118.45 -15.20 -18.80
N GLN WA 362 -119.03 -15.83 -17.78
CA GLN WA 362 -118.27 -16.21 -16.58
C GLN WA 362 -117.13 -17.12 -16.96
N CYS WA 363 -117.46 -18.30 -17.47
CA CYS WA 363 -116.47 -19.26 -17.88
C CYS WA 363 -115.97 -18.85 -19.26
N THR WA 364 -114.65 -18.82 -19.42
CA THR WA 364 -114.07 -18.73 -20.76
C THR WA 364 -114.47 -19.85 -21.74
N PRO WA 365 -114.44 -21.16 -21.39
CA PRO WA 365 -114.46 -22.16 -22.46
C PRO WA 365 -115.79 -22.34 -23.15
N CYS WA 366 -116.92 -22.00 -22.53
CA CYS WA 366 -118.19 -22.14 -23.24
C CYS WA 366 -118.28 -21.11 -24.33
N ARG WA 367 -117.92 -19.87 -24.01
CA ARG WA 367 -117.79 -18.78 -24.96
C ARG WA 367 -116.90 -19.17 -26.14
N GLU WA 368 -115.69 -19.61 -25.83
CA GLU WA 368 -114.71 -19.92 -26.88
C GLU WA 368 -115.14 -21.11 -27.71
N GLY WA 369 -115.61 -22.18 -27.07
CA GLY WA 369 -115.99 -23.37 -27.80
C GLY WA 369 -117.23 -23.19 -28.65
N VAL WA 370 -118.21 -22.43 -28.15
CA VAL WA 370 -119.42 -22.20 -28.92
C VAL WA 370 -119.12 -21.32 -30.13
N ASP WA 371 -118.22 -20.33 -29.98
CA ASP WA 371 -117.82 -19.55 -31.15
C ASP WA 371 -117.05 -20.38 -32.17
N TRP WA 372 -116.15 -21.26 -31.68
CA TRP WA 372 -115.39 -22.10 -32.60
C TRP WA 372 -116.31 -23.06 -33.33
N MET WA 373 -117.23 -23.69 -32.60
CA MET WA 373 -118.18 -24.61 -33.22
C MET WA 373 -119.10 -23.90 -34.19
N ASN WA 374 -119.47 -22.65 -33.91
CA ASN WA 374 -120.34 -21.93 -34.83
C ASN WA 374 -119.63 -21.62 -36.14
N LYS WA 375 -118.39 -21.13 -36.05
CA LYS WA 375 -117.66 -20.81 -37.28
C LYS WA 375 -117.29 -22.06 -38.06
N VAL WA 376 -116.90 -23.13 -37.37
CA VAL WA 376 -116.51 -24.34 -38.06
C VAL WA 376 -117.72 -25.10 -38.62
N MET WA 377 -118.87 -25.05 -37.94
CA MET WA 377 -120.08 -25.64 -38.52
C MET WA 377 -120.62 -24.80 -39.66
N ALA WA 378 -120.38 -23.49 -39.67
CA ALA WA 378 -120.71 -22.71 -40.85
C ALA WA 378 -119.81 -23.09 -42.02
N ARG WA 379 -118.53 -23.34 -41.74
CA ARG WA 379 -117.64 -23.88 -42.77
C ARG WA 379 -118.07 -25.26 -43.23
N PHE WA 380 -118.70 -26.04 -42.35
CA PHE WA 380 -119.18 -27.37 -42.73
C PHE WA 380 -120.46 -27.30 -43.53
N VAL WA 381 -121.30 -26.28 -43.28
CA VAL WA 381 -122.42 -26.00 -44.16
C VAL WA 381 -121.88 -25.65 -45.56
N ARG WA 382 -120.84 -24.82 -45.61
CA ARG WA 382 -120.15 -24.64 -46.88
C ARG WA 382 -119.23 -25.80 -47.23
N GLY WA 383 -118.97 -26.71 -46.31
CA GLY WA 383 -118.27 -27.97 -46.61
C GLY WA 383 -116.83 -27.82 -47.02
N ASP WA 384 -116.09 -26.88 -46.43
CA ASP WA 384 -114.80 -26.45 -46.95
C ASP WA 384 -113.63 -27.22 -46.37
N ALA WA 385 -113.72 -27.67 -45.12
CA ALA WA 385 -112.55 -28.17 -44.39
C ALA WA 385 -112.21 -29.61 -44.81
N ARG WA 386 -111.30 -30.21 -44.05
CA ARG WA 386 -110.79 -31.57 -44.23
C ARG WA 386 -111.28 -32.46 -43.09
N PRO WA 387 -111.32 -33.79 -43.28
CA PRO WA 387 -111.87 -34.66 -42.22
C PRO WA 387 -111.05 -34.72 -40.95
N ALA WA 388 -109.77 -34.35 -40.99
CA ALA WA 388 -109.01 -34.18 -39.77
C ALA WA 388 -109.59 -33.06 -38.92
N GLU WA 389 -110.09 -32.01 -39.57
CA GLU WA 389 -110.74 -30.92 -38.86
C GLU WA 389 -112.07 -31.36 -38.26
N ILE WA 390 -112.80 -32.25 -38.93
CA ILE WA 390 -114.10 -32.65 -38.39
C ILE WA 390 -113.89 -33.61 -37.21
N ASP WA 391 -112.81 -34.39 -37.25
CA ASP WA 391 -112.51 -35.21 -36.10
C ASP WA 391 -111.91 -34.37 -34.98
N SER WA 392 -111.26 -33.26 -35.31
CA SER WA 392 -110.82 -32.32 -34.29
C SER WA 392 -112.01 -31.64 -33.63
N LEU WA 393 -113.08 -31.43 -34.37
CA LEU WA 393 -114.28 -30.88 -33.77
C LEU WA 393 -114.94 -31.88 -32.84
N TRP WA 394 -114.93 -33.17 -33.22
CA TRP WA 394 -115.32 -34.24 -32.30
C TRP WA 394 -114.46 -34.26 -31.04
N GLU WA 395 -113.15 -34.08 -31.22
CA GLU WA 395 -112.21 -34.03 -30.10
C GLU WA 395 -112.57 -32.89 -29.14
N ILE WA 396 -112.77 -31.70 -29.69
CA ILE WA 396 -112.98 -30.56 -28.79
C ILE WA 396 -114.40 -30.59 -28.22
N SER WA 397 -115.35 -31.22 -28.91
CA SER WA 397 -116.67 -31.40 -28.32
C SER WA 397 -116.61 -32.39 -27.18
N LYS WA 398 -115.65 -33.32 -27.20
CA LYS WA 398 -115.36 -34.06 -25.97
C LYS WA 398 -114.65 -33.18 -24.94
N GLN WA 399 -113.83 -32.23 -25.41
CA GLN WA 399 -112.96 -31.48 -24.49
C GLN WA 399 -113.69 -30.41 -23.70
N ILE WA 400 -114.78 -29.86 -24.23
CA ILE WA 400 -115.45 -28.75 -23.56
C ILE WA 400 -116.15 -29.24 -22.30
N GLU WA 401 -116.69 -30.45 -22.34
CA GLU WA 401 -117.58 -30.96 -21.31
C GLU WA 401 -116.85 -31.17 -19.99
N GLY WA 402 -117.49 -30.79 -18.89
CA GLY WA 402 -116.89 -30.90 -17.58
C GLY WA 402 -115.87 -29.83 -17.30
N HIS WA 403 -116.05 -28.62 -17.83
CA HIS WA 403 -115.09 -27.55 -17.63
C HIS WA 403 -115.79 -26.21 -17.41
N THR WA 404 -117.06 -26.22 -17.05
CA THR WA 404 -117.87 -25.01 -16.98
C THR WA 404 -118.41 -24.82 -15.57
N ILE WA 405 -119.29 -23.83 -15.42
CA ILE WA 405 -120.09 -23.68 -14.21
C ILE WA 405 -121.48 -24.25 -14.45
N CYS WA 406 -122.15 -23.79 -15.50
CA CYS WA 406 -123.47 -24.31 -15.81
C CYS WA 406 -123.36 -25.25 -17.00
N ALA WA 407 -124.38 -26.08 -17.15
CA ALA WA 407 -124.38 -27.14 -18.16
C ALA WA 407 -124.73 -26.66 -19.56
N LEU WA 408 -124.72 -25.34 -19.82
CA LEU WA 408 -125.04 -24.86 -21.17
C LEU WA 408 -123.93 -25.21 -22.16
N GLY WA 409 -122.68 -25.12 -21.72
CA GLY WA 409 -121.59 -25.59 -22.55
C GLY WA 409 -121.66 -27.07 -22.83
N ASP WA 410 -122.16 -27.85 -21.87
CA ASP WA 410 -122.32 -29.28 -22.07
C ASP WA 410 -123.44 -29.57 -23.05
N GLY WA 411 -124.55 -28.86 -22.91
CA GLY WA 411 -125.67 -28.96 -23.84
C GLY WA 411 -125.39 -28.34 -25.19
N ALA WA 412 -124.33 -27.56 -25.30
CA ALA WA 412 -123.80 -27.18 -26.60
C ALA WA 412 -122.88 -28.23 -27.18
N ALA WA 413 -122.18 -28.98 -26.33
CA ALA WA 413 -121.27 -29.99 -26.83
C ALA WA 413 -122.00 -31.22 -27.34
N TRP WA 414 -123.05 -31.63 -26.64
CA TRP WA 414 -123.66 -32.93 -26.93
C TRP WA 414 -124.36 -33.10 -28.29
N PRO WA 415 -125.09 -32.12 -28.85
CA PRO WA 415 -125.63 -32.33 -30.21
C PRO WA 415 -124.56 -32.45 -31.27
N VAL WA 416 -123.42 -31.78 -31.09
CA VAL WA 416 -122.30 -31.95 -32.00
C VAL WA 416 -121.79 -33.38 -31.93
N GLN WA 417 -121.76 -33.95 -30.71
CA GLN WA 417 -121.37 -35.34 -30.53
C GLN WA 417 -122.34 -36.28 -31.23
N GLY WA 418 -123.64 -36.03 -31.11
CA GLY WA 418 -124.61 -36.89 -31.78
C GLY WA 418 -124.52 -36.82 -33.29
N LEU WA 419 -124.35 -35.61 -33.82
CA LEU WA 419 -124.24 -35.44 -35.27
C LEU WA 419 -122.98 -36.10 -35.82
N ILE WA 420 -121.87 -36.02 -35.09
CA ILE WA 420 -120.65 -36.64 -35.56
C ILE WA 420 -120.73 -38.16 -35.42
N ARG WA 421 -121.35 -38.66 -34.34
CA ARG WA 421 -121.49 -40.11 -34.18
C ARG WA 421 -122.42 -40.72 -35.22
N HIS WA 422 -123.41 -39.98 -35.69
CA HIS WA 422 -124.40 -40.62 -36.56
C HIS WA 422 -124.29 -40.22 -38.01
N PHE WA 423 -124.23 -38.93 -38.33
CA PHE WA 423 -124.36 -38.47 -39.71
C PHE WA 423 -123.03 -38.07 -40.32
N ARG WA 424 -121.99 -38.84 -39.99
CA ARG WA 424 -120.67 -38.67 -40.58
C ARG WA 424 -120.62 -38.75 -42.12
N PRO WA 425 -121.26 -39.74 -42.81
CA PRO WA 425 -121.13 -39.76 -44.28
C PRO WA 425 -121.87 -38.64 -44.99
N GLU WA 426 -122.91 -38.08 -44.38
CA GLU WA 426 -123.58 -36.93 -44.99
C GLU WA 426 -122.70 -35.69 -44.92
N LEU WA 427 -121.94 -35.55 -43.84
CA LEU WA 427 -120.94 -34.49 -43.75
C LEU WA 427 -119.84 -34.71 -44.78
N GLU WA 428 -119.43 -35.96 -44.98
CA GLU WA 428 -118.48 -36.28 -46.04
C GLU WA 428 -119.05 -35.93 -47.41
N GLU WA 429 -120.37 -36.10 -47.58
CA GLU WA 429 -121.02 -35.73 -48.84
C GLU WA 429 -121.00 -34.23 -49.07
N ARG WA 430 -121.24 -33.44 -48.02
CA ARG WA 430 -121.21 -31.98 -48.16
C ARG WA 430 -119.80 -31.49 -48.48
N MET WA 431 -118.79 -32.08 -47.81
CA MET WA 431 -117.41 -31.74 -48.08
C MET WA 431 -117.01 -32.15 -49.49
N GLN WA 432 -117.53 -33.28 -49.97
CA GLN WA 432 -117.24 -33.73 -51.33
C GLN WA 432 -117.92 -32.83 -52.36
N ARG WA 433 -119.13 -32.33 -52.04
CA ARG WA 433 -119.82 -31.36 -52.89
C ARG WA 433 -118.98 -30.12 -53.07
N PHE WA 434 -118.47 -29.56 -51.98
CA PHE WA 434 -117.70 -28.33 -52.15
C PHE WA 434 -116.32 -28.59 -52.74
N ALA WA 435 -115.74 -29.78 -52.51
CA ALA WA 435 -114.47 -30.12 -53.13
C ALA WA 435 -114.60 -30.28 -54.63
N GLN WA 436 -115.69 -30.89 -55.10
CA GLN WA 436 -115.93 -30.97 -56.53
C GLN WA 436 -116.42 -29.65 -57.10
N GLN WA 437 -117.00 -28.77 -56.29
CA GLN WA 437 -117.42 -27.47 -56.77
C GLN WA 437 -116.22 -26.56 -57.03
N HIS WA 438 -115.29 -26.48 -56.08
CA HIS WA 438 -114.07 -25.74 -56.35
C HIS WA 438 -113.14 -26.49 -57.30
N GLN WA 439 -113.27 -27.81 -57.38
CA GLN WA 439 -112.49 -28.60 -58.32
C GLN WA 439 -113.05 -28.43 -59.73
N ALA XA 5 -124.11 -5.30 -30.35
CA ALA XA 5 -123.45 -4.41 -31.30
C ALA XA 5 -123.54 -2.96 -30.84
N LEU XA 6 -122.45 -2.22 -31.05
CA LEU XA 6 -122.31 -0.79 -30.79
C LEU XA 6 -122.59 -0.47 -29.32
N PHE XA 7 -121.71 -0.98 -28.45
CA PHE XA 7 -121.82 -0.73 -27.03
C PHE XA 7 -120.91 0.41 -26.57
N VAL XA 8 -120.72 1.41 -27.41
CA VAL XA 8 -120.27 2.73 -27.02
C VAL XA 8 -121.50 3.63 -27.04
N HIS XA 9 -121.58 4.56 -26.09
CA HIS XA 9 -122.81 5.33 -25.94
C HIS XA 9 -123.02 6.30 -27.10
N ARG XA 10 -121.97 7.03 -27.49
CA ARG XA 10 -121.95 7.93 -28.66
C ARG XA 10 -123.03 9.00 -28.54
N ASP XA 11 -122.81 9.92 -27.59
CA ASP XA 11 -123.82 10.65 -26.83
C ASP XA 11 -125.02 11.17 -27.64
N THR XA 12 -124.79 12.12 -28.57
CA THR XA 12 -125.70 12.51 -29.66
C THR XA 12 -127.10 12.89 -29.19
N PRO XA 13 -127.33 14.19 -28.77
CA PRO XA 13 -128.55 14.62 -28.04
C PRO XA 13 -129.89 14.12 -28.58
N LYS XA 14 -130.90 14.05 -27.71
CA LYS XA 14 -131.88 12.97 -27.40
C LYS XA 14 -131.25 12.05 -26.35
N ASN XA 15 -130.02 12.35 -25.93
CA ASN XA 15 -129.32 11.73 -24.81
C ASN XA 15 -128.50 12.85 -24.20
N ASN XA 16 -127.43 12.48 -23.47
CA ASN XA 16 -126.45 13.41 -22.89
C ASN XA 16 -127.14 14.34 -21.90
N PRO XA 17 -127.40 13.85 -20.68
CA PRO XA 17 -128.21 14.60 -19.69
C PRO XA 17 -127.65 15.99 -19.39
N GLU XA 18 -128.56 16.98 -19.25
CA GLU XA 18 -130.01 16.81 -19.07
C GLU XA 18 -130.88 16.66 -20.32
N THR XA 19 -131.44 15.47 -20.46
CA THR XA 19 -132.58 15.07 -21.26
C THR XA 19 -133.77 14.96 -20.33
N PRO XA 20 -134.90 15.63 -20.62
CA PRO XA 20 -136.02 15.66 -19.65
C PRO XA 20 -136.70 14.30 -19.53
N PHE XA 21 -136.79 13.82 -18.29
CA PHE XA 21 -137.37 12.51 -18.00
C PHE XA 21 -138.21 12.62 -16.74
N ASP XA 22 -139.31 11.86 -16.70
CA ASP XA 22 -140.26 11.97 -15.61
C ASP XA 22 -141.11 10.70 -15.57
N PHE XA 23 -141.76 10.49 -14.43
CA PHE XA 23 -142.82 9.51 -14.27
C PHE XA 23 -144.10 10.21 -13.83
N THR XA 24 -145.08 9.41 -13.45
CA THR XA 24 -146.35 9.76 -12.83
C THR XA 24 -146.26 9.52 -11.33
N PRO XA 25 -146.86 10.37 -10.49
CA PRO XA 25 -146.97 10.02 -9.06
C PRO XA 25 -147.80 8.77 -8.81
N GLU XA 26 -148.74 8.47 -9.70
CA GLU XA 26 -149.38 7.16 -9.68
C GLU XA 26 -148.36 6.06 -9.99
N ASN XA 27 -147.47 6.31 -10.95
CA ASN XA 27 -146.38 5.37 -11.18
C ASN XA 27 -145.38 5.37 -10.02
N TYR XA 28 -145.25 6.48 -9.30
CA TYR XA 28 -144.46 6.46 -8.07
C TYR XA 28 -145.09 5.54 -7.04
N LYS XA 29 -146.42 5.46 -7.02
CA LYS XA 29 -147.09 4.51 -6.13
C LYS XA 29 -146.88 3.07 -6.59
N ARG XA 30 -146.85 2.86 -7.92
CA ARG XA 30 -146.41 1.57 -8.45
C ARG XA 30 -145.02 1.19 -7.96
N ILE XA 31 -144.08 2.15 -8.00
CA ILE XA 31 -142.72 1.93 -7.55
C ILE XA 31 -142.67 1.66 -6.04
N GLU XA 32 -143.61 2.24 -5.28
CA GLU XA 32 -143.69 1.92 -3.87
C GLU XA 32 -144.18 0.49 -3.64
N ALA XA 33 -145.10 0.02 -4.49
CA ALA XA 33 -145.44 -1.41 -4.42
C ALA XA 33 -144.25 -2.29 -4.81
N ILE XA 34 -143.48 -1.84 -5.80
CA ILE XA 34 -142.31 -2.59 -6.28
C ILE XA 34 -141.27 -2.73 -5.18
N VAL XA 35 -140.84 -1.61 -4.60
CA VAL XA 35 -140.13 -1.74 -3.34
C VAL XA 35 -141.17 -1.59 -2.24
N LYS XA 36 -142.07 -2.55 -2.19
CA LYS XA 36 -142.73 -3.07 -1.02
C LYS XA 36 -142.73 -4.58 -1.01
N ASN XA 37 -142.63 -5.22 -2.18
CA ASN XA 37 -142.43 -6.67 -2.23
C ASN XA 37 -141.08 -7.11 -1.67
N TYR XA 38 -140.05 -6.26 -1.76
CA TYR XA 38 -138.74 -6.85 -1.44
C TYR XA 38 -138.33 -6.54 0.00
N PRO XA 39 -137.66 -7.48 0.67
CA PRO XA 39 -137.33 -7.28 2.08
C PRO XA 39 -136.22 -6.28 2.28
N GLU XA 40 -136.08 -5.85 3.54
CA GLU XA 40 -135.11 -4.82 3.89
C GLU XA 40 -133.70 -5.39 3.83
N GLY XA 41 -132.75 -4.54 3.41
CA GLY XA 41 -131.38 -4.93 3.20
C GLY XA 41 -131.00 -5.04 1.75
N HIS XA 42 -131.98 -5.21 0.88
CA HIS XA 42 -131.77 -5.45 -0.55
C HIS XA 42 -132.70 -4.57 -1.36
N LYS XA 43 -132.69 -3.27 -1.04
CA LYS XA 43 -133.48 -2.28 -1.76
C LYS XA 43 -133.10 -2.21 -3.23
N ALA XA 44 -131.85 -2.50 -3.55
CA ALA XA 44 -131.37 -2.54 -4.93
C ALA XA 44 -131.82 -3.75 -5.72
N ALA XA 45 -132.61 -4.65 -5.13
CA ALA XA 45 -133.06 -5.82 -5.89
C ALA XA 45 -134.18 -5.49 -6.87
N ALA XA 46 -134.78 -4.31 -6.77
CA ALA XA 46 -135.88 -3.92 -7.62
C ALA XA 46 -135.43 -3.21 -8.89
N VAL XA 47 -134.14 -3.32 -9.23
CA VAL XA 47 -133.61 -2.70 -10.45
C VAL XA 47 -134.29 -3.26 -11.68
N LEU XA 48 -134.49 -4.58 -11.70
CA LEU XA 48 -135.14 -5.22 -12.85
C LEU XA 48 -136.62 -4.82 -12.99
N PRO XA 49 -137.47 -4.85 -11.94
CA PRO XA 49 -138.84 -4.36 -12.17
C PRO XA 49 -138.95 -2.85 -12.40
N VAL XA 50 -138.11 -2.03 -11.78
CA VAL XA 50 -138.22 -0.59 -12.00
C VAL XA 50 -137.77 -0.23 -13.41
N LEU XA 51 -136.72 -0.87 -13.91
CA LEU XA 51 -136.30 -0.58 -15.27
C LEU XA 51 -137.25 -1.22 -16.28
N ASP XA 52 -137.95 -2.29 -15.89
CA ASP XA 52 -139.06 -2.78 -16.69
C ASP XA 52 -140.18 -1.74 -16.76
N LEU XA 53 -140.47 -1.07 -15.65
CA LEU XA 53 -141.45 0.02 -15.64
C LEU XA 53 -140.98 1.18 -16.52
N ALA XA 54 -139.67 1.40 -16.56
CA ALA XA 54 -139.12 2.46 -17.41
C ALA XA 54 -139.32 2.12 -18.89
N GLN XA 55 -139.16 0.85 -19.25
CA GLN XA 55 -139.46 0.46 -20.64
C GLN XA 55 -140.95 0.46 -20.90
N ARG XA 56 -141.76 0.24 -19.86
CA ARG XA 56 -143.21 0.35 -20.04
C ARG XA 56 -143.65 1.78 -20.21
N GLN XA 57 -142.95 2.73 -19.59
CA GLN XA 57 -143.32 4.14 -19.69
C GLN XA 57 -142.76 4.80 -20.94
N ASN XA 58 -141.57 4.40 -21.38
CA ASN XA 58 -140.98 4.90 -22.61
C ASN XA 58 -140.56 3.71 -23.46
N GLY XA 59 -140.93 3.74 -24.75
CA GLY XA 59 -140.72 2.63 -25.66
C GLY XA 59 -139.26 2.24 -25.86
N TRP XA 60 -138.34 3.17 -25.65
CA TRP XA 60 -136.93 2.84 -25.55
C TRP XA 60 -136.32 3.72 -24.46
N LEU XA 61 -135.38 3.17 -23.74
CA LEU XA 61 -134.94 3.95 -22.59
C LEU XA 61 -133.75 4.84 -22.97
N PRO XA 62 -133.78 6.11 -22.63
CA PRO XA 62 -132.60 6.95 -22.82
C PRO XA 62 -131.68 6.91 -21.62
N ILE XA 63 -130.63 7.73 -21.66
CA ILE XA 63 -129.65 7.73 -20.58
C ILE XA 63 -130.21 8.38 -19.32
N SER XA 64 -131.10 9.36 -19.46
CA SER XA 64 -131.63 10.06 -18.29
C SER XA 64 -132.66 9.24 -17.54
N ALA XA 65 -133.27 8.26 -18.19
CA ALA XA 65 -134.06 7.26 -17.46
C ALA XA 65 -133.19 6.48 -16.49
N MET XA 66 -132.03 6.02 -16.96
CA MET XA 66 -131.08 5.34 -16.10
C MET XA 66 -130.53 6.26 -15.02
N ASN XA 67 -130.37 7.54 -15.34
CA ASN XA 67 -129.91 8.51 -14.35
C ASN XA 67 -130.96 8.72 -13.27
N LYS XA 68 -132.23 8.78 -13.65
CA LYS XA 68 -133.32 8.92 -12.69
C LYS XA 68 -133.44 7.67 -11.81
N VAL XA 69 -133.23 6.50 -12.40
CA VAL XA 69 -133.25 5.26 -11.62
C VAL XA 69 -132.08 5.21 -10.64
N ALA XA 70 -130.90 5.70 -11.08
CA ALA XA 70 -129.74 5.78 -10.19
C ALA XA 70 -129.96 6.79 -9.08
N GLU XA 71 -130.76 7.83 -9.34
CA GLU XA 71 -131.16 8.73 -8.25
C GLU XA 71 -132.07 8.02 -7.26
N ILE XA 72 -133.09 7.32 -7.76
CA ILE XA 72 -134.14 6.80 -6.89
C ILE XA 72 -133.63 5.64 -6.05
N LEU XA 73 -133.06 4.63 -6.69
CA LEU XA 73 -132.91 3.32 -6.07
C LEU XA 73 -131.65 3.16 -5.24
N GLN XA 74 -131.01 4.27 -4.84
CA GLN XA 74 -129.69 4.37 -4.19
C GLN XA 74 -128.62 3.45 -4.78
N VAL XA 75 -128.64 3.29 -6.10
CA VAL XA 75 -127.73 2.38 -6.79
C VAL XA 75 -126.60 3.15 -7.46
N PRO XA 76 -125.42 2.56 -7.57
CA PRO XA 76 -124.43 3.06 -8.52
C PRO XA 76 -124.96 2.93 -9.94
N PRO XA 77 -124.75 3.93 -10.79
CA PRO XA 77 -125.37 3.93 -12.12
C PRO XA 77 -124.82 2.85 -13.05
N MET XA 78 -123.60 2.37 -12.81
CA MET XA 78 -122.98 1.44 -13.74
C MET XA 78 -123.68 0.09 -13.74
N ARG XA 79 -124.24 -0.31 -12.61
CA ARG XA 79 -125.03 -1.53 -12.56
C ARG XA 79 -126.32 -1.38 -13.35
N VAL XA 80 -126.88 -0.18 -13.37
CA VAL XA 80 -128.03 0.10 -14.21
C VAL XA 80 -127.65 0.01 -15.68
N TYR XA 81 -126.46 0.50 -16.03
CA TYR XA 81 -125.96 0.34 -17.41
C TYR XA 81 -125.75 -1.14 -17.75
N GLU XA 82 -125.24 -1.91 -16.79
CA GLU XA 82 -124.99 -3.34 -17.01
C GLU XA 82 -126.29 -4.09 -17.27
N VAL XA 83 -127.30 -3.85 -16.46
CA VAL XA 83 -128.58 -4.56 -16.63
C VAL XA 83 -129.28 -4.06 -17.89
N ALA XA 84 -129.09 -2.79 -18.25
CA ALA XA 84 -129.68 -2.27 -19.48
C ALA XA 84 -129.03 -2.88 -20.72
N THR XA 85 -127.73 -3.15 -20.67
CA THR XA 85 -127.08 -3.76 -21.81
C THR XA 85 -127.24 -5.28 -21.83
N PHE XA 86 -127.48 -5.88 -20.66
CA PHE XA 86 -127.29 -7.31 -20.50
C PHE XA 86 -128.42 -8.10 -21.13
N TYR XA 87 -129.65 -7.80 -20.77
CA TYR XA 87 -130.78 -8.65 -21.11
C TYR XA 87 -131.29 -8.31 -22.51
N THR XA 88 -132.46 -8.85 -22.85
CA THR XA 88 -132.99 -8.78 -24.21
C THR XA 88 -134.23 -7.92 -24.35
N MET XA 89 -134.99 -7.71 -23.28
CA MET XA 89 -136.16 -6.83 -23.36
C MET XA 89 -135.75 -5.40 -23.62
N TYR XA 90 -134.67 -4.95 -23.01
CA TYR XA 90 -134.44 -3.51 -22.87
C TYR XA 90 -133.72 -2.99 -24.10
N ASN XA 91 -134.51 -2.72 -25.12
CA ASN XA 91 -134.04 -2.09 -26.34
C ASN XA 91 -133.73 -0.62 -26.04
N ARG XA 92 -132.45 -0.35 -25.79
CA ARG XA 92 -132.01 0.98 -25.43
C ARG XA 92 -132.02 1.96 -26.60
N LYS XA 93 -132.21 1.48 -27.81
CA LYS XA 93 -132.25 2.11 -29.12
C LYS XA 93 -133.69 2.24 -29.59
N PRO XA 94 -134.04 3.31 -30.30
CA PRO XA 94 -135.44 3.54 -30.65
C PRO XA 94 -135.96 2.57 -31.71
N VAL XA 95 -137.17 2.08 -31.48
CA VAL XA 95 -137.88 1.16 -32.36
C VAL XA 95 -139.26 1.75 -32.64
N GLY XA 96 -140.11 0.98 -33.32
CA GLY XA 96 -141.45 1.42 -33.61
C GLY XA 96 -142.35 1.36 -32.40
N LYS XA 97 -143.58 1.85 -32.56
CA LYS XA 97 -144.57 1.76 -31.51
C LYS XA 97 -144.90 0.30 -31.21
N TYR XA 98 -145.47 -0.40 -32.18
CA TYR XA 98 -145.37 -1.85 -32.18
C TYR XA 98 -143.97 -2.25 -32.59
N HIS XA 99 -143.49 -3.35 -32.03
CA HIS XA 99 -142.23 -3.92 -32.44
C HIS XA 99 -142.45 -5.36 -32.87
N ILE XA 100 -141.86 -5.74 -33.99
CA ILE XA 100 -142.07 -7.03 -34.58
C ILE XA 100 -140.89 -7.93 -34.23
N GLN XA 101 -141.18 -9.07 -33.64
CA GLN XA 101 -140.18 -10.06 -33.27
C GLN XA 101 -140.56 -11.38 -33.92
N VAL XA 102 -139.77 -11.85 -34.86
CA VAL XA 102 -140.06 -13.10 -35.55
C VAL XA 102 -139.28 -14.21 -34.85
N CYS XA 103 -139.98 -15.03 -34.07
CA CYS XA 103 -139.35 -16.15 -33.39
C CYS XA 103 -139.15 -17.32 -34.34
N THR XA 104 -137.88 -17.66 -34.55
CA THR XA 104 -137.53 -18.81 -35.39
C THR XA 104 -136.12 -19.34 -35.05
N THR XA 105 -136.04 -20.41 -34.24
CA THR XA 105 -134.78 -21.16 -34.29
C THR XA 105 -134.86 -22.64 -34.66
N THR XA 106 -135.22 -23.51 -33.69
CA THR XA 106 -135.10 -24.94 -34.06
C THR XA 106 -136.39 -25.61 -34.53
N PRO XA 107 -137.58 -25.51 -33.86
CA PRO XA 107 -138.75 -26.14 -34.47
C PRO XA 107 -139.36 -25.24 -35.53
N CYS XA 108 -139.16 -23.93 -35.34
CA CYS XA 108 -139.86 -22.95 -36.13
C CYS XA 108 -139.27 -22.85 -37.54
N MET XA 109 -137.94 -22.86 -37.64
CA MET XA 109 -137.31 -22.87 -38.96
C MET XA 109 -137.46 -24.22 -39.63
N LEU XA 110 -137.47 -25.29 -38.84
CA LEU XA 110 -137.70 -26.64 -39.36
C LEU XA 110 -139.15 -26.85 -39.78
N ARG XA 111 -140.05 -25.94 -39.41
CA ARG XA 111 -141.42 -25.94 -39.92
C ARG XA 111 -141.67 -24.72 -40.80
N ASN XA 112 -140.74 -24.47 -41.73
CA ASN XA 112 -140.87 -23.54 -42.85
C ASN XA 112 -141.02 -22.09 -42.41
N SER XA 113 -140.00 -21.55 -41.77
CA SER XA 113 -139.96 -20.12 -41.48
C SER XA 113 -139.54 -19.28 -42.68
N ASP XA 114 -139.14 -19.94 -43.78
CA ASP XA 114 -138.65 -19.22 -44.94
C ASP XA 114 -139.75 -18.39 -45.59
N SER XA 115 -140.92 -19.00 -45.79
CA SER XA 115 -142.05 -18.29 -46.38
C SER XA 115 -142.53 -17.16 -45.49
N ILE XA 116 -142.40 -17.32 -44.18
CA ILE XA 116 -142.78 -16.27 -43.24
C ILE XA 116 -141.87 -15.06 -43.39
N LEU XA 117 -140.56 -15.30 -43.44
CA LEU XA 117 -139.59 -14.23 -43.62
C LEU XA 117 -139.74 -13.57 -44.98
N GLU XA 118 -140.05 -14.36 -46.01
CA GLU XA 118 -140.33 -13.81 -47.35
C GLU XA 118 -141.53 -12.88 -47.32
N ALA XA 119 -142.61 -13.31 -46.68
CA ALA XA 119 -143.83 -12.52 -46.65
C ALA XA 119 -143.63 -11.23 -45.88
N ILE XA 120 -142.95 -11.29 -44.73
CA ILE XA 120 -142.60 -10.09 -43.98
C ILE XA 120 -141.71 -9.16 -44.79
N GLN XA 121 -140.74 -9.73 -45.52
CA GLN XA 121 -139.76 -8.91 -46.20
C GLN XA 121 -140.35 -8.19 -47.42
N LYS XA 122 -141.08 -8.91 -48.26
CA LYS XA 122 -141.66 -8.26 -49.42
C LYS XA 122 -143.07 -7.72 -49.15
N LYS XA 123 -143.52 -7.75 -47.90
CA LYS XA 123 -144.72 -7.02 -47.53
C LYS XA 123 -144.42 -5.70 -46.84
N LEU XA 124 -143.45 -5.70 -45.92
CA LEU XA 124 -143.08 -4.47 -45.23
C LEU XA 124 -142.05 -3.66 -45.98
N GLY XA 125 -141.14 -4.32 -46.71
CA GLY XA 125 -140.14 -3.61 -47.47
C GLY XA 125 -138.78 -3.46 -46.80
N ILE XA 126 -138.75 -3.06 -45.53
CA ILE XA 126 -137.47 -2.90 -44.85
C ILE XA 126 -136.93 -4.26 -44.44
N LYS XA 127 -135.63 -4.30 -44.18
CA LYS XA 127 -134.91 -5.56 -44.03
C LYS XA 127 -134.82 -5.98 -42.57
N VAL XA 128 -134.28 -7.18 -42.34
CA VAL XA 128 -134.24 -7.75 -41.01
C VAL XA 128 -133.16 -7.07 -40.18
N GLY XA 129 -133.39 -7.04 -38.86
CA GLY XA 129 -132.49 -6.38 -37.94
C GLY XA 129 -132.41 -4.88 -38.09
N GLU XA 130 -133.33 -4.27 -38.82
CA GLU XA 130 -133.28 -2.86 -39.18
C GLU XA 130 -134.55 -2.16 -38.73
N THR XA 131 -134.65 -0.89 -39.11
CA THR XA 131 -135.81 -0.06 -38.83
C THR XA 131 -136.54 0.27 -40.12
N THR XA 132 -137.62 1.00 -39.97
CA THR XA 132 -138.45 1.55 -41.01
C THR XA 132 -138.56 3.07 -40.84
N PRO XA 133 -138.75 3.84 -41.93
CA PRO XA 133 -138.92 5.29 -41.78
C PRO XA 133 -140.36 5.71 -41.44
N ASP XA 134 -140.96 4.97 -40.52
CA ASP XA 134 -142.21 5.29 -39.84
C ASP XA 134 -142.22 4.49 -38.55
N LYS XA 135 -143.37 4.39 -37.92
CA LYS XA 135 -143.45 3.72 -36.62
C LYS XA 135 -144.12 2.36 -36.75
N LEU XA 136 -144.20 1.69 -35.61
CA LEU XA 136 -144.98 0.47 -35.34
C LEU XA 136 -144.65 -0.71 -36.26
N PHE XA 137 -143.55 -0.66 -37.01
CA PHE XA 137 -143.17 -1.79 -37.86
C PHE XA 137 -141.66 -1.98 -37.91
N THR XA 138 -140.99 -1.91 -36.76
CA THR XA 138 -139.56 -2.18 -36.67
C THR XA 138 -139.33 -3.61 -36.23
N LEU XA 139 -138.41 -4.29 -36.92
CA LEU XA 139 -138.35 -5.74 -36.94
C LEU XA 139 -136.99 -6.25 -36.49
N ILE XA 140 -136.99 -7.27 -35.61
CA ILE XA 140 -135.86 -8.17 -35.49
C ILE XA 140 -136.35 -9.61 -35.48
N GLU XA 141 -135.45 -10.51 -35.88
CA GLU XA 141 -135.68 -11.94 -35.67
C GLU XA 141 -135.11 -12.33 -34.32
N VAL XA 142 -135.74 -13.32 -33.70
CA VAL XA 142 -135.45 -13.64 -32.30
C VAL XA 142 -135.47 -15.14 -32.08
N GLU XA 143 -135.01 -15.50 -30.89
CA GLU XA 143 -134.85 -16.86 -30.40
C GLU XA 143 -136.21 -17.36 -29.93
N CYS XA 144 -136.21 -18.46 -29.19
CA CYS XA 144 -137.45 -19.09 -28.76
C CYS XA 144 -138.26 -18.23 -27.80
N LEU XA 145 -139.58 -18.37 -27.90
CA LEU XA 145 -140.50 -17.80 -26.94
C LEU XA 145 -141.15 -18.85 -26.06
N GLY XA 146 -141.25 -20.08 -26.53
CA GLY XA 146 -141.86 -21.14 -25.76
C GLY XA 146 -142.94 -21.88 -26.51
N ALA XA 147 -143.71 -21.17 -27.33
CA ALA XA 147 -144.83 -21.77 -28.07
C ALA XA 147 -144.28 -22.44 -29.32
N CYS XA 148 -143.65 -23.60 -29.11
CA CYS XA 148 -142.87 -24.25 -30.15
C CYS XA 148 -143.71 -25.13 -31.06
N VAL XA 149 -144.83 -25.68 -30.57
CA VAL XA 149 -145.65 -26.56 -31.39
C VAL XA 149 -146.39 -25.81 -32.49
N ASN XA 150 -146.43 -24.49 -32.44
CA ASN XA 150 -147.13 -23.72 -33.44
C ASN XA 150 -146.21 -23.44 -34.61
N ALA XA 151 -146.64 -22.54 -35.50
CA ALA XA 151 -145.84 -22.12 -36.63
C ALA XA 151 -144.69 -21.26 -36.15
N PRO XA 152 -143.68 -21.00 -37.01
CA PRO XA 152 -142.73 -19.90 -36.74
C PRO XA 152 -143.42 -18.58 -36.50
N MET XA 153 -143.21 -18.00 -35.32
CA MET XA 153 -144.29 -17.20 -34.75
C MET XA 153 -143.92 -15.73 -34.64
N VAL XA 154 -144.95 -14.91 -34.43
CA VAL XA 154 -144.84 -13.47 -34.48
C VAL XA 154 -145.12 -12.94 -33.09
N GLN XA 155 -144.33 -11.96 -32.64
CA GLN XA 155 -144.62 -11.27 -31.40
C GLN XA 155 -144.68 -9.78 -31.66
N ILE XA 156 -145.75 -9.15 -31.18
CA ILE XA 156 -145.75 -7.70 -31.07
C ILE XA 156 -145.78 -7.43 -29.58
N ASN XA 157 -145.74 -6.14 -29.21
CA ASN XA 157 -145.55 -5.75 -27.81
C ASN XA 157 -146.67 -6.25 -26.91
N ASP XA 158 -146.31 -7.24 -26.08
CA ASP XA 158 -147.19 -7.94 -25.14
C ASP XA 158 -148.30 -8.72 -25.84
N ASN XA 159 -148.10 -9.15 -27.08
CA ASN XA 159 -149.07 -10.02 -27.75
C ASN XA 159 -148.36 -11.01 -28.65
N TYR XA 160 -148.99 -12.18 -28.81
CA TYR XA 160 -148.51 -13.24 -29.67
C TYR XA 160 -149.36 -13.37 -30.92
N TYR XA 161 -148.78 -14.02 -31.93
CA TYR XA 161 -149.48 -14.42 -33.14
C TYR XA 161 -148.90 -15.76 -33.56
N GLU XA 162 -149.75 -16.79 -33.56
CA GLU XA 162 -149.32 -18.18 -33.67
C GLU XA 162 -150.13 -18.86 -34.76
N ASP XA 163 -149.52 -19.89 -35.36
CA ASP XA 163 -150.13 -20.73 -36.41
C ASP XA 163 -150.56 -19.89 -37.62
N LEU XA 164 -149.56 -19.33 -38.31
CA LEU XA 164 -149.87 -18.49 -39.45
C LEU XA 164 -149.40 -19.08 -40.77
N THR XA 165 -149.57 -18.29 -41.82
CA THR XA 165 -149.31 -18.61 -43.21
C THR XA 165 -149.13 -17.27 -43.93
N PRO XA 166 -148.36 -17.21 -45.03
CA PRO XA 166 -148.03 -15.90 -45.64
C PRO XA 166 -149.21 -15.04 -46.07
N LYS XA 167 -150.34 -15.65 -46.44
CA LYS XA 167 -151.51 -14.83 -46.74
C LYS XA 167 -152.12 -14.27 -45.45
N ASP XA 168 -152.09 -15.03 -44.35
CA ASP XA 168 -152.52 -14.47 -43.07
C ASP XA 168 -151.49 -13.49 -42.51
N ILE XA 169 -150.21 -13.69 -42.84
CA ILE XA 169 -149.19 -12.67 -42.59
C ILE XA 169 -149.58 -11.35 -43.23
N GLU XA 170 -149.89 -11.39 -44.54
CA GLU XA 170 -150.22 -10.16 -45.26
C GLU XA 170 -151.54 -9.55 -44.77
N GLU XA 171 -152.50 -10.39 -44.38
CA GLU XA 171 -153.77 -9.88 -43.85
C GLU XA 171 -153.59 -9.21 -42.49
N ILE XA 172 -152.81 -9.82 -41.59
CA ILE XA 172 -152.59 -9.22 -40.28
C ILE XA 172 -151.73 -7.95 -40.39
N ILE XA 173 -150.78 -7.93 -41.34
CA ILE XA 173 -150.02 -6.71 -41.59
C ILE XA 173 -150.91 -5.60 -42.14
N ASP XA 174 -151.84 -5.94 -43.04
CA ASP XA 174 -152.76 -4.94 -43.58
C ASP XA 174 -153.72 -4.42 -42.51
N GLU XA 175 -154.15 -5.28 -41.60
CA GLU XA 175 -154.97 -4.83 -40.49
C GLU XA 175 -154.19 -3.94 -39.54
N LEU XA 176 -152.89 -4.20 -39.36
CA LEU XA 176 -152.08 -3.29 -38.55
C LEU XA 176 -151.81 -1.97 -39.26
N LYS XA 177 -151.67 -2.00 -40.59
CA LYS XA 177 -151.53 -0.78 -41.37
C LYS XA 177 -152.79 0.07 -41.29
N ALA XA 178 -153.95 -0.58 -41.23
CA ALA XA 178 -155.19 0.13 -40.94
C ALA XA 178 -155.32 0.53 -39.48
N GLY XA 179 -154.44 0.02 -38.61
CA GLY XA 179 -154.51 0.31 -37.19
C GLY XA 179 -155.41 -0.60 -36.41
N LYS XA 180 -156.25 -1.40 -37.07
CA LYS XA 180 -157.11 -2.36 -36.39
C LYS XA 180 -156.25 -3.51 -35.88
N ILE XA 181 -156.00 -3.51 -34.58
CA ILE XA 181 -155.15 -4.54 -33.97
C ILE XA 181 -155.88 -5.88 -33.98
N PRO XA 182 -155.25 -6.96 -34.44
CA PRO XA 182 -155.97 -8.23 -34.59
C PRO XA 182 -156.23 -8.95 -33.29
N LYS XA 183 -156.77 -10.16 -33.40
CA LYS XA 183 -157.04 -10.98 -32.23
C LYS XA 183 -155.74 -11.46 -31.61
N PRO XA 184 -155.66 -11.54 -30.28
CA PRO XA 184 -154.46 -12.09 -29.65
C PRO XA 184 -154.30 -13.58 -29.84
N GLY XA 185 -155.37 -14.30 -30.16
CA GLY XA 185 -155.32 -15.73 -30.32
C GLY XA 185 -154.77 -16.15 -31.66
N PRO XA 186 -154.41 -17.43 -31.78
CA PRO XA 186 -153.90 -17.95 -33.06
C PRO XA 186 -154.98 -18.07 -34.12
N ARG XA 187 -154.57 -18.38 -35.35
CA ARG XA 187 -155.49 -18.64 -36.44
C ARG XA 187 -155.46 -20.12 -36.80
N SER XA 188 -156.45 -20.52 -37.60
CA SER XA 188 -156.55 -21.84 -38.24
C SER XA 188 -156.55 -22.98 -37.22
N GLY XA 189 -157.58 -22.98 -36.37
CA GLY XA 189 -157.81 -24.09 -35.46
C GLY XA 189 -156.87 -24.16 -34.27
N ARG XA 190 -157.20 -25.08 -33.36
CA ARG XA 190 -156.52 -25.35 -32.08
C ARG XA 190 -156.26 -24.04 -31.31
N PHE XA 191 -157.38 -23.47 -30.87
CA PHE XA 191 -157.35 -22.28 -30.01
C PHE XA 191 -156.58 -22.52 -28.72
N SER XA 192 -156.56 -23.76 -28.22
CA SER XA 192 -155.71 -24.15 -27.12
C SER XA 192 -154.66 -25.14 -27.64
N CYS XA 193 -153.88 -25.70 -26.72
CA CYS XA 193 -152.87 -26.70 -27.07
C CYS XA 193 -153.58 -28.01 -27.39
N GLU XA 194 -154.10 -28.07 -28.61
CA GLU XA 194 -154.91 -29.21 -29.00
C GLU XA 194 -154.15 -30.11 -29.97
N PRO XA 195 -154.31 -31.41 -29.82
CA PRO XA 195 -154.05 -32.29 -30.96
C PRO XA 195 -155.10 -31.97 -32.01
N ALA XA 196 -154.68 -31.31 -33.09
CA ALA XA 196 -155.62 -30.73 -34.04
C ALA XA 196 -156.28 -31.76 -34.94
N GLY XA 197 -155.87 -33.02 -34.87
CA GLY XA 197 -156.49 -34.07 -35.64
C GLY XA 197 -157.46 -34.91 -34.83
N GLY XA 198 -157.00 -36.08 -34.38
CA GLY XA 198 -157.91 -37.02 -33.75
C GLY XA 198 -158.32 -36.65 -32.34
N LEU XA 199 -157.48 -35.86 -31.65
CA LEU XA 199 -157.68 -35.40 -30.27
C LEU XA 199 -157.84 -36.60 -29.31
N THR XA 200 -156.77 -37.39 -29.22
CA THR XA 200 -156.78 -38.64 -28.47
C THR XA 200 -156.43 -38.46 -27.00
N SER XA 201 -156.44 -37.24 -26.50
CA SER XA 201 -156.14 -36.95 -25.11
C SER XA 201 -157.44 -36.98 -24.31
N LEU XA 202 -157.45 -36.41 -23.10
CA LEU XA 202 -158.59 -36.50 -22.19
C LEU XA 202 -159.83 -35.83 -22.77
N THR XA 203 -160.95 -36.56 -22.72
CA THR XA 203 -162.22 -36.14 -23.29
C THR XA 203 -163.35 -36.12 -22.26
N GLU XA 204 -163.35 -37.05 -21.32
CA GLU XA 204 -164.40 -37.15 -20.31
C GLU XA 204 -164.32 -35.98 -19.33
N PRO XA 205 -165.45 -35.52 -18.80
CA PRO XA 205 -165.41 -34.51 -17.75
C PRO XA 205 -164.91 -35.11 -16.45
N PRO XA 206 -163.90 -34.49 -15.83
CA PRO XA 206 -163.11 -35.18 -14.80
C PRO XA 206 -163.89 -35.40 -13.52
N LYS XA 207 -163.32 -36.28 -12.68
CA LYS XA 207 -163.97 -36.63 -11.42
C LYS XA 207 -163.92 -35.48 -10.44
N GLY XA 208 -162.77 -34.81 -10.36
CA GLY XA 208 -162.60 -33.70 -9.46
C GLY XA 208 -162.06 -34.15 -8.11
N PRO XA 209 -162.72 -33.73 -7.03
CA PRO XA 209 -162.31 -34.17 -5.70
C PRO XA 209 -162.91 -35.49 -5.28
N GLY XA 210 -163.45 -36.25 -6.25
CA GLY XA 210 -164.20 -37.44 -5.94
C GLY XA 210 -163.40 -38.68 -5.58
N PHE XA 211 -162.22 -38.85 -6.18
CA PHE XA 211 -161.51 -40.12 -6.09
C PHE XA 211 -160.88 -40.30 -4.71
N GLY XA 212 -160.30 -41.48 -4.51
CA GLY XA 212 -159.83 -41.94 -3.21
C GLY XA 212 -158.63 -41.22 -2.64
N VAL XA 213 -158.82 -40.63 -1.46
CA VAL XA 213 -157.74 -39.98 -0.74
C VAL XA 213 -157.29 -40.89 0.39
N GLN XA 214 -156.09 -40.65 0.90
CA GLN XA 214 -155.48 -41.53 1.88
C GLN XA 214 -155.09 -40.75 3.12
N ALA XA 215 -155.48 -41.29 4.28
CA ALA XA 215 -155.18 -40.74 5.61
C ALA XA 215 -155.69 -39.30 5.74
N GLY XA 216 -156.99 -39.15 5.61
CA GLY XA 216 -157.63 -37.85 5.68
C GLY XA 216 -157.63 -37.26 7.07
N SER YA 6 -108.58 -31.63 15.69
CA SER YA 6 -108.84 -30.29 16.20
C SER YA 6 -107.94 -29.27 15.51
N ASN YA 7 -108.55 -28.38 14.72
CA ASN YA 7 -107.94 -27.28 13.99
C ASN YA 7 -106.91 -27.72 12.96
N LEU YA 8 -106.87 -29.01 12.60
CA LEU YA 8 -105.90 -29.51 11.63
C LEU YA 8 -106.62 -30.46 10.69
N ILE YA 9 -106.56 -30.18 9.39
CA ILE YA 9 -107.18 -31.01 8.37
C ILE YA 9 -106.08 -31.55 7.47
N GLU YA 10 -106.08 -32.86 7.26
CA GLU YA 10 -105.00 -33.53 6.54
C GLU YA 10 -105.34 -33.67 5.06
N VAL YA 11 -104.45 -33.16 4.21
CA VAL YA 11 -104.60 -33.42 2.78
C VAL YA 11 -103.33 -34.08 2.28
N PHE YA 12 -103.50 -34.89 1.24
CA PHE YA 12 -102.43 -35.68 0.65
C PHE YA 12 -102.15 -35.07 -0.71
N VAL YA 13 -101.29 -34.06 -0.74
CA VAL YA 13 -100.83 -33.53 -2.02
C VAL YA 13 -99.86 -34.55 -2.60
N ASP YA 14 -100.31 -35.26 -3.64
CA ASP YA 14 -99.55 -36.32 -4.32
C ASP YA 14 -99.08 -37.40 -3.35
N GLY YA 15 -99.88 -37.68 -2.33
CA GLY YA 15 -99.54 -38.61 -1.28
C GLY YA 15 -99.04 -37.96 0.00
N GLN YA 16 -98.35 -36.82 -0.10
CA GLN YA 16 -97.75 -36.22 1.08
C GLN YA 16 -98.81 -35.55 1.94
N SER YA 17 -98.84 -35.91 3.22
CA SER YA 17 -99.79 -35.31 4.14
C SER YA 17 -99.30 -33.95 4.60
N VAL YA 18 -100.25 -33.02 4.75
CA VAL YA 18 -99.94 -31.72 5.32
C VAL YA 18 -101.20 -31.20 6.02
N MET YA 19 -100.96 -30.35 7.04
CA MET YA 19 -102.00 -29.83 7.90
C MET YA 19 -102.49 -28.49 7.37
N VAL YA 20 -103.81 -28.37 7.23
CA VAL YA 20 -104.46 -27.22 6.61
C VAL YA 20 -105.55 -26.75 7.56
N GLU YA 21 -105.61 -25.44 7.79
CA GLU YA 21 -106.67 -24.87 8.61
C GLU YA 21 -108.01 -24.93 7.87
N PRO YA 22 -109.11 -25.06 8.59
CA PRO YA 22 -110.43 -25.08 7.93
C PRO YA 22 -110.81 -23.72 7.39
N GLY YA 23 -111.58 -23.74 6.30
CA GLY YA 23 -112.03 -22.53 5.66
C GLY YA 23 -111.13 -21.99 4.57
N THR YA 24 -109.96 -22.59 4.38
CA THR YA 24 -109.01 -22.13 3.37
C THR YA 24 -109.11 -22.98 2.10
N THR YA 25 -108.60 -22.43 1.01
CA THR YA 25 -108.75 -23.07 -0.29
C THR YA 25 -107.73 -24.18 -0.47
N VAL YA 26 -107.87 -24.88 -1.59
CA VAL YA 26 -106.87 -25.85 -2.02
C VAL YA 26 -105.58 -25.13 -2.38
N LEU YA 27 -105.70 -23.92 -2.93
CA LEU YA 27 -104.54 -23.20 -3.44
C LEU YA 27 -103.61 -22.76 -2.32
N GLN YA 28 -104.16 -22.40 -1.15
CA GLN YA 28 -103.28 -22.09 -0.03
C GLN YA 28 -102.57 -23.32 0.49
N ALA YA 29 -103.18 -24.50 0.37
CA ALA YA 29 -102.49 -25.73 0.74
C ALA YA 29 -101.37 -26.05 -0.24
N CYS YA 30 -101.63 -25.82 -1.53
CA CYS YA 30 -100.61 -26.09 -2.54
C CYS YA 30 -99.45 -25.12 -2.42
N GLU YA 31 -99.73 -23.87 -2.07
CA GLU YA 31 -98.65 -22.93 -1.81
C GLU YA 31 -97.97 -23.23 -0.49
N LYS YA 32 -98.67 -23.87 0.45
CA LYS YA 32 -98.03 -24.30 1.68
C LYS YA 32 -97.02 -25.40 1.42
N VAL YA 33 -97.36 -26.36 0.54
CA VAL YA 33 -96.37 -27.34 0.13
C VAL YA 33 -95.53 -26.87 -1.05
N GLY YA 34 -95.84 -25.70 -1.62
CA GLY YA 34 -95.00 -25.08 -2.62
C GLY YA 34 -95.55 -25.05 -4.03
N MET YA 35 -96.61 -25.81 -4.32
CA MET YA 35 -97.14 -25.91 -5.67
C MET YA 35 -97.82 -24.61 -6.08
N GLN YA 36 -97.35 -24.01 -7.16
CA GLN YA 36 -98.05 -22.89 -7.80
C GLN YA 36 -99.04 -23.47 -8.79
N ILE YA 37 -100.30 -23.48 -8.43
CA ILE YA 37 -101.31 -23.81 -9.44
C ILE YA 37 -101.39 -22.67 -10.44
N PRO YA 38 -101.34 -22.94 -11.73
CA PRO YA 38 -101.46 -21.87 -12.72
C PRO YA 38 -102.84 -21.20 -12.64
N ARG YA 39 -102.82 -19.89 -12.46
CA ARG YA 39 -104.04 -19.14 -12.18
C ARG YA 39 -103.98 -17.78 -12.87
N PHE YA 40 -105.14 -17.28 -13.25
CA PHE YA 40 -105.28 -16.00 -13.91
C PHE YA 40 -106.23 -15.04 -13.21
N CYS YA 41 -107.35 -15.54 -12.67
CA CYS YA 41 -108.35 -14.65 -12.11
C CYS YA 41 -108.38 -14.67 -10.59
N TYR YA 42 -107.67 -15.58 -9.95
CA TYR YA 42 -107.46 -15.46 -8.52
C TYR YA 42 -106.46 -14.33 -8.25
N HIS YA 43 -106.59 -13.70 -7.09
CA HIS YA 43 -105.52 -12.88 -6.56
C HIS YA 43 -105.47 -13.06 -5.06
N GLU YA 44 -104.26 -13.05 -4.50
CA GLU YA 44 -104.04 -13.38 -3.10
C GLU YA 44 -104.45 -12.27 -2.15
N ARG YA 45 -104.85 -11.11 -2.67
CA ARG YA 45 -105.34 -10.00 -1.88
C ARG YA 45 -106.71 -9.52 -2.33
N LEU YA 46 -107.32 -10.18 -3.32
CA LEU YA 46 -108.61 -9.79 -3.85
C LEU YA 46 -109.63 -10.88 -3.59
N SER YA 47 -110.90 -10.53 -3.77
CA SER YA 47 -111.98 -11.49 -3.61
C SER YA 47 -111.95 -12.50 -4.75
N VAL YA 48 -112.47 -13.68 -4.49
CA VAL YA 48 -112.25 -14.84 -5.34
C VAL YA 48 -113.51 -15.10 -6.14
N ALA YA 49 -113.34 -15.35 -7.43
CA ALA YA 49 -114.44 -15.71 -8.30
C ALA YA 49 -113.92 -16.68 -9.36
N GLY YA 50 -114.58 -17.82 -9.50
CA GLY YA 50 -114.06 -18.91 -10.28
C GLY YA 50 -114.20 -18.73 -11.78
N ASN YA 51 -113.37 -17.87 -12.35
CA ASN YA 51 -113.53 -17.48 -13.74
C ASN YA 51 -112.50 -18.07 -14.68
N CYS YA 52 -111.23 -18.14 -14.26
CA CYS YA 52 -110.18 -18.36 -15.23
C CYS YA 52 -110.10 -19.81 -15.68
N ARG YA 53 -110.52 -20.74 -14.80
CA ARG YA 53 -110.64 -22.18 -15.03
C ARG YA 53 -109.28 -22.87 -15.16
N MET YA 54 -108.17 -22.13 -15.16
CA MET YA 54 -106.86 -22.78 -15.20
C MET YA 54 -106.50 -23.44 -13.87
N CYS YA 55 -107.20 -23.12 -12.79
CA CYS YA 55 -106.93 -23.69 -11.47
C CYS YA 55 -107.48 -25.11 -11.31
N LEU YA 56 -107.85 -25.80 -12.38
CA LEU YA 56 -108.39 -27.14 -12.27
C LEU YA 56 -107.33 -28.13 -11.78
N VAL YA 57 -107.81 -29.15 -11.06
CA VAL YA 57 -106.99 -30.24 -10.56
C VAL YA 57 -107.92 -31.42 -10.35
N GLU YA 58 -107.37 -32.63 -10.37
CA GLU YA 58 -108.19 -33.80 -10.16
C GLU YA 58 -108.00 -34.34 -8.75
N ILE YA 59 -109.11 -34.50 -8.04
CA ILE YA 59 -109.18 -35.34 -6.87
C ILE YA 59 -109.79 -36.67 -7.31
N GLU YA 60 -109.20 -37.77 -6.84
CA GLU YA 60 -109.63 -39.10 -7.25
C GLU YA 60 -111.06 -39.40 -6.83
N LYS YA 61 -111.67 -40.34 -7.57
CA LYS YA 61 -113.07 -40.75 -7.42
C LYS YA 61 -114.03 -39.58 -7.60
N ALA YA 62 -113.71 -38.70 -8.55
CA ALA YA 62 -114.56 -37.57 -8.91
C ALA YA 62 -114.57 -37.42 -10.42
N PRO YA 63 -115.74 -37.54 -11.07
CA PRO YA 63 -115.76 -37.41 -12.53
C PRO YA 63 -115.57 -35.98 -13.00
N LYS YA 64 -116.13 -35.01 -12.28
CA LYS YA 64 -115.89 -33.62 -12.60
C LYS YA 64 -114.51 -33.19 -12.13
N VAL YA 65 -114.08 -32.03 -12.60
CA VAL YA 65 -112.76 -31.50 -12.30
C VAL YA 65 -112.97 -30.23 -11.48
N VAL YA 66 -112.38 -30.20 -10.29
CA VAL YA 66 -112.70 -29.16 -9.33
C VAL YA 66 -111.88 -27.90 -9.62
N ALA YA 67 -112.55 -26.76 -9.57
CA ALA YA 67 -111.89 -25.47 -9.71
C ALA YA 67 -111.28 -25.11 -8.37
N ALA YA 68 -109.97 -25.30 -8.24
CA ALA YA 68 -109.31 -25.19 -6.96
C ALA YA 68 -108.94 -23.76 -6.59
N CYS YA 69 -109.49 -22.77 -7.29
CA CYS YA 69 -109.28 -21.39 -6.89
C CYS YA 69 -110.02 -21.08 -5.59
N ALA YA 70 -111.19 -21.70 -5.40
CA ALA YA 70 -112.01 -21.39 -4.24
C ALA YA 70 -112.64 -22.64 -3.64
N MET YA 71 -112.07 -23.80 -3.91
CA MET YA 71 -112.62 -25.03 -3.36
C MET YA 71 -112.26 -25.14 -1.89
N PRO YA 72 -113.24 -25.23 -0.99
CA PRO YA 72 -112.92 -25.44 0.42
C PRO YA 72 -112.39 -26.84 0.67
N VAL YA 73 -111.84 -27.03 1.86
CA VAL YA 73 -111.17 -28.27 2.22
C VAL YA 73 -112.01 -28.98 3.28
N MET YA 74 -112.68 -30.05 2.87
CA MET YA 74 -113.34 -30.99 3.76
C MET YA 74 -112.36 -31.98 4.36
N LYS YA 75 -112.88 -33.05 4.95
CA LYS YA 75 -112.08 -33.95 5.77
C LYS YA 75 -111.26 -34.91 4.92
N GLY YA 76 -109.95 -34.97 5.20
CA GLY YA 76 -109.08 -36.04 4.74
C GLY YA 76 -108.93 -36.23 3.24
N TRP YA 77 -108.22 -35.33 2.56
CA TRP YA 77 -108.20 -35.37 1.11
C TRP YA 77 -106.96 -36.07 0.55
N ASN YA 78 -107.05 -36.34 -0.75
CA ASN YA 78 -105.94 -36.82 -1.56
C ASN YA 78 -106.09 -36.20 -2.94
N ILE YA 79 -105.04 -35.52 -3.40
CA ILE YA 79 -105.10 -34.67 -4.58
C ILE YA 79 -103.99 -35.07 -5.54
N LEU YA 80 -104.36 -35.31 -6.80
CA LEU YA 80 -103.39 -35.54 -7.88
C LEU YA 80 -103.14 -34.23 -8.60
N THR YA 81 -102.01 -33.60 -8.32
CA THR YA 81 -101.67 -32.35 -8.99
C THR YA 81 -101.20 -32.57 -10.42
N ASN YA 82 -100.59 -33.71 -10.70
CA ASN YA 82 -100.04 -33.96 -12.03
C ASN YA 82 -100.71 -35.15 -12.69
N SER YA 83 -102.03 -35.22 -12.61
CA SER YA 83 -102.74 -36.26 -13.33
C SER YA 83 -102.78 -35.92 -14.82
N GLU YA 84 -103.19 -36.91 -15.62
CA GLU YA 84 -103.21 -36.74 -17.06
C GLU YA 84 -104.32 -35.78 -17.50
N LYS YA 85 -105.51 -35.92 -16.90
CA LYS YA 85 -106.58 -35.01 -17.26
C LYS YA 85 -106.37 -33.62 -16.68
N THR YA 86 -105.54 -33.49 -15.65
CA THR YA 86 -105.11 -32.17 -15.21
C THR YA 86 -104.34 -31.46 -16.32
N LYS YA 87 -103.39 -32.18 -16.92
CA LYS YA 87 -102.63 -31.62 -18.04
C LYS YA 87 -103.51 -31.39 -19.25
N LYS YA 88 -104.48 -32.29 -19.48
CA LYS YA 88 -105.41 -32.11 -20.59
C LYS YA 88 -106.28 -30.88 -20.39
N ALA YA 89 -106.75 -30.66 -19.16
CA ALA YA 89 -107.60 -29.50 -18.89
C ALA YA 89 -106.81 -28.21 -18.99
N ARG YA 90 -105.55 -28.21 -18.54
CA ARG YA 90 -104.74 -27.00 -18.65
C ARG YA 90 -104.41 -26.69 -20.10
N GLU YA 91 -104.05 -27.71 -20.89
CA GLU YA 91 -103.84 -27.52 -22.33
C GLU YA 91 -105.12 -27.05 -23.01
N GLY YA 92 -106.27 -27.54 -22.55
CA GLY YA 92 -107.53 -27.14 -23.18
C GLY YA 92 -107.90 -25.70 -22.90
N VAL YA 93 -107.80 -25.28 -21.63
CA VAL YA 93 -108.14 -23.91 -21.26
C VAL YA 93 -107.16 -22.93 -21.90
N MET YA 94 -105.88 -23.31 -21.96
CA MET YA 94 -104.89 -22.50 -22.67
C MET YA 94 -105.19 -22.44 -24.16
N GLU YA 95 -105.71 -23.53 -24.71
CA GLU YA 95 -106.09 -23.53 -26.12
C GLU YA 95 -107.31 -22.65 -26.37
N PHE YA 96 -108.23 -22.56 -25.40
CA PHE YA 96 -109.38 -21.69 -25.58
C PHE YA 96 -109.00 -20.22 -25.48
N LEU YA 97 -108.08 -19.88 -24.57
CA LEU YA 97 -107.80 -18.47 -24.33
C LEU YA 97 -107.05 -17.82 -25.47
N LEU YA 98 -106.33 -18.59 -26.26
CA LEU YA 98 -105.40 -18.00 -27.23
C LEU YA 98 -106.00 -17.75 -28.59
N ALA YA 99 -107.32 -17.86 -28.74
CA ALA YA 99 -107.93 -17.53 -30.03
C ALA YA 99 -108.14 -16.03 -30.16
N ASN YA 100 -108.97 -15.48 -29.28
CA ASN YA 100 -109.36 -14.07 -29.37
C ASN YA 100 -108.42 -13.18 -28.57
N HIS YA 101 -107.14 -13.36 -28.82
CA HIS YA 101 -106.08 -12.50 -28.30
C HIS YA 101 -105.16 -12.25 -29.49
N PRO YA 102 -105.14 -11.06 -30.06
CA PRO YA 102 -104.46 -10.86 -31.34
C PRO YA 102 -102.96 -10.87 -31.22
N LEU YA 103 -102.31 -10.93 -32.38
CA LEU YA 103 -100.87 -11.08 -32.50
C LEU YA 103 -100.19 -9.75 -32.18
N ASP YA 104 -100.07 -9.47 -30.88
CA ASP YA 104 -99.59 -8.15 -30.47
C ASP YA 104 -98.43 -8.19 -29.50
N CYS YA 105 -97.83 -9.35 -29.27
CA CYS YA 105 -96.76 -9.48 -28.28
C CYS YA 105 -95.52 -8.60 -28.50
N PRO YA 106 -95.08 -8.24 -29.73
CA PRO YA 106 -94.07 -7.19 -29.83
C PRO YA 106 -94.57 -5.82 -29.39
N ILE YA 107 -95.68 -5.37 -29.97
CA ILE YA 107 -96.18 -4.03 -29.67
C ILE YA 107 -96.90 -3.93 -28.34
N CYS YA 108 -97.08 -5.04 -27.64
CA CYS YA 108 -97.58 -5.00 -26.29
C CYS YA 108 -96.50 -4.48 -25.34
N ASP YA 109 -96.91 -4.21 -24.10
CA ASP YA 109 -96.02 -3.63 -23.12
C ASP YA 109 -95.73 -4.58 -21.98
N GLN YA 110 -96.13 -5.85 -22.10
CA GLN YA 110 -95.86 -6.81 -21.06
C GLN YA 110 -95.11 -8.00 -21.64
N GLY YA 111 -94.07 -7.72 -22.42
CA GLY YA 111 -93.30 -8.74 -23.12
C GLY YA 111 -92.67 -9.73 -22.17
N GLY YA 112 -91.77 -9.25 -21.32
CA GLY YA 112 -91.27 -10.12 -20.28
C GLY YA 112 -92.23 -10.33 -19.13
N GLU YA 113 -93.29 -9.54 -19.06
CA GLU YA 113 -94.20 -9.58 -17.93
C GLU YA 113 -95.61 -9.96 -18.36
N CYS YA 114 -95.73 -10.97 -19.22
CA CYS YA 114 -97.04 -11.51 -19.53
C CYS YA 114 -97.34 -12.69 -18.60
N ASP YA 115 -98.51 -13.23 -18.76
CA ASP YA 115 -98.92 -14.40 -17.99
C ASP YA 115 -99.37 -15.52 -18.90
N LEU YA 116 -100.09 -15.19 -19.97
CA LEU YA 116 -100.42 -16.15 -21.03
C LEU YA 116 -99.17 -16.81 -21.57
N GLN YA 117 -98.10 -16.04 -21.71
CA GLN YA 117 -96.89 -16.54 -22.35
C GLN YA 117 -96.19 -17.55 -21.47
N ASP YA 118 -96.03 -17.23 -20.18
CA ASP YA 118 -95.36 -18.14 -19.25
C ASP YA 118 -96.16 -19.41 -19.05
N GLN YA 119 -97.47 -19.30 -18.82
CA GLN YA 119 -98.23 -20.51 -18.58
C GLN YA 119 -98.52 -21.28 -19.87
N SER YA 120 -98.44 -20.62 -21.03
CA SER YA 120 -98.59 -21.34 -22.29
C SER YA 120 -97.34 -22.12 -22.62
N MET YA 121 -96.17 -21.58 -22.26
CA MET YA 121 -94.94 -22.36 -22.34
C MET YA 121 -95.00 -23.56 -21.41
N MET YA 122 -95.21 -23.31 -20.13
CA MET YA 122 -95.02 -24.36 -19.15
C MET YA 122 -96.24 -25.24 -18.97
N PHE YA 123 -97.34 -24.97 -19.65
CA PHE YA 123 -98.52 -25.82 -19.51
C PHE YA 123 -99.24 -26.15 -20.80
N GLY YA 124 -99.12 -25.35 -21.85
CA GLY YA 124 -100.01 -25.43 -22.99
C GLY YA 124 -99.46 -26.28 -24.12
N SER YA 125 -100.14 -26.19 -25.26
CA SER YA 125 -99.71 -26.84 -26.48
C SER YA 125 -98.77 -25.94 -27.26
N ASP YA 126 -98.49 -26.29 -28.50
CA ASP YA 126 -97.65 -25.45 -29.36
C ASP YA 126 -98.16 -25.29 -30.78
N ARG YA 127 -99.15 -26.06 -31.22
CA ARG YA 127 -99.69 -25.96 -32.57
C ARG YA 127 -101.15 -25.57 -32.45
N SER YA 128 -101.45 -24.33 -32.80
CA SER YA 128 -102.79 -23.80 -32.60
C SER YA 128 -103.76 -24.33 -33.64
N ARG YA 129 -105.04 -24.16 -33.34
CA ARG YA 129 -106.13 -24.48 -34.26
C ARG YA 129 -107.09 -23.30 -34.26
N PHE YA 130 -108.29 -23.46 -34.83
CA PHE YA 130 -109.27 -22.39 -35.06
C PHE YA 130 -108.63 -21.28 -35.90
N LEU YA 131 -108.37 -21.66 -37.15
CA LEU YA 131 -107.44 -20.94 -38.00
C LEU YA 131 -107.93 -19.55 -38.40
N GLU YA 132 -109.23 -19.28 -38.35
CA GLU YA 132 -109.75 -17.94 -38.58
C GLU YA 132 -110.75 -17.59 -37.49
N GLY YA 133 -111.10 -16.30 -37.43
CA GLY YA 133 -111.93 -15.78 -36.37
C GLY YA 133 -111.36 -14.49 -35.81
N LYS YA 134 -111.01 -14.51 -34.52
CA LYS YA 134 -110.24 -13.46 -33.84
C LYS YA 134 -110.93 -12.11 -33.91
N ARG YA 135 -111.99 -12.01 -33.09
CA ARG YA 135 -112.76 -10.78 -32.92
C ARG YA 135 -111.89 -9.59 -32.54
N ALA YA 136 -112.40 -8.40 -32.87
CA ALA YA 136 -111.70 -7.14 -32.58
C ALA YA 136 -112.66 -6.19 -31.90
N VAL YA 137 -112.31 -5.76 -30.69
CA VAL YA 137 -113.14 -4.87 -29.89
C VAL YA 137 -112.38 -3.56 -29.71
N GLU YA 138 -113.05 -2.45 -30.01
CA GLU YA 138 -112.42 -1.14 -29.93
C GLU YA 138 -112.51 -0.63 -28.50
N ASP YA 139 -111.47 0.10 -28.09
CA ASP YA 139 -111.27 0.51 -26.70
C ASP YA 139 -112.19 1.66 -26.31
N LYS YA 140 -111.94 2.22 -25.13
CA LYS YA 140 -112.53 3.47 -24.69
C LYS YA 140 -111.41 4.47 -24.39
N ASN YA 141 -111.81 5.67 -23.99
CA ASN YA 141 -110.89 6.70 -23.50
C ASN YA 141 -111.01 6.76 -21.98
N ILE YA 142 -110.17 5.97 -21.32
CA ILE YA 142 -110.26 5.83 -19.86
C ILE YA 142 -109.78 7.08 -19.15
N GLY YA 143 -108.58 7.55 -19.48
CA GLY YA 143 -108.08 8.76 -18.89
C GLY YA 143 -106.65 9.04 -19.32
N PRO YA 144 -106.10 10.15 -18.84
CA PRO YA 144 -104.71 10.49 -19.19
C PRO YA 144 -103.70 9.59 -18.55
N LEU YA 145 -104.07 8.89 -17.48
CA LEU YA 145 -103.11 8.11 -16.71
C LEU YA 145 -102.87 6.73 -17.29
N VAL YA 146 -103.85 6.19 -18.01
CA VAL YA 146 -103.81 4.83 -18.50
C VAL YA 146 -103.90 4.86 -20.01
N LYS YA 147 -103.01 4.15 -20.70
CA LYS YA 147 -103.21 3.83 -22.10
C LYS YA 147 -103.97 2.52 -22.19
N THR YA 148 -105.01 2.49 -23.02
CA THR YA 148 -106.01 1.44 -22.97
C THR YA 148 -106.18 0.82 -24.34
N ILE YA 149 -105.89 -0.46 -24.45
CA ILE YA 149 -106.23 -1.24 -25.63
C ILE YA 149 -107.15 -2.35 -25.14
N MET YA 150 -108.45 -2.15 -25.29
CA MET YA 150 -109.39 -3.16 -24.80
C MET YA 150 -109.46 -4.40 -25.68
N THR YA 151 -108.75 -4.45 -26.80
CA THR YA 151 -108.79 -5.64 -27.64
C THR YA 151 -108.05 -6.80 -26.99
N ARG YA 152 -106.97 -6.53 -26.27
CA ARG YA 152 -106.26 -7.57 -25.55
C ARG YA 152 -106.93 -7.98 -24.24
N CYS YA 153 -108.07 -7.39 -23.88
CA CYS YA 153 -108.74 -7.72 -22.63
C CYS YA 153 -109.28 -9.15 -22.68
N ILE YA 154 -108.72 -10.02 -21.83
CA ILE YA 154 -109.19 -11.40 -21.76
C ILE YA 154 -110.42 -11.55 -20.89
N GLN YA 155 -110.97 -10.44 -20.39
CA GLN YA 155 -112.18 -10.39 -19.59
C GLN YA 155 -112.02 -11.22 -18.32
N CYS YA 156 -110.86 -11.10 -17.69
CA CYS YA 156 -110.55 -11.89 -16.51
C CYS YA 156 -111.24 -11.38 -15.27
N THR YA 157 -111.79 -10.17 -15.33
CA THR YA 157 -112.61 -9.55 -14.28
C THR YA 157 -111.80 -9.42 -12.99
N ARG YA 158 -110.59 -8.92 -13.13
CA ARG YA 158 -109.80 -8.58 -11.95
C ARG YA 158 -109.86 -7.09 -11.65
N CYS YA 159 -109.92 -6.26 -12.68
CA CYS YA 159 -110.05 -4.82 -12.47
C CYS YA 159 -111.40 -4.45 -11.90
N ILE YA 160 -112.45 -5.17 -12.30
CA ILE YA 160 -113.80 -4.83 -11.85
C ILE YA 160 -113.98 -5.15 -10.38
N ARG YA 161 -113.53 -6.32 -9.95
CA ARG YA 161 -113.68 -6.74 -8.56
C ARG YA 161 -112.88 -5.84 -7.63
N PHE YA 162 -111.61 -5.62 -7.95
CA PHE YA 162 -110.77 -4.71 -7.18
C PHE YA 162 -111.31 -3.30 -7.17
N ALA YA 163 -111.78 -2.81 -8.32
CA ALA YA 163 -112.33 -1.47 -8.42
C ALA YA 163 -113.53 -1.29 -7.51
N SER YA 164 -114.53 -2.16 -7.68
CA SER YA 164 -115.78 -1.97 -6.96
C SER YA 164 -115.65 -2.31 -5.47
N GLU YA 165 -114.70 -3.15 -5.09
CA GLU YA 165 -114.56 -3.44 -3.66
C GLU YA 165 -113.60 -2.47 -2.97
N ILE YA 166 -112.34 -2.46 -3.39
CA ILE YA 166 -111.34 -1.68 -2.67
C ILE YA 166 -111.30 -0.26 -3.19
N ALA YA 167 -111.46 -0.04 -4.49
CA ALA YA 167 -111.53 1.34 -4.95
C ALA YA 167 -112.92 1.91 -4.72
N GLY YA 168 -113.96 1.09 -4.90
CA GLY YA 168 -115.32 1.53 -4.70
C GLY YA 168 -115.82 2.54 -5.68
N VAL YA 169 -115.13 2.74 -6.80
CA VAL YA 169 -115.52 3.77 -7.76
C VAL YA 169 -116.77 3.32 -8.50
N ASP YA 170 -116.93 2.00 -8.68
CA ASP YA 170 -118.18 1.35 -9.14
C ASP YA 170 -118.56 1.80 -10.55
N ASP YA 171 -117.58 1.74 -11.47
CA ASP YA 171 -117.78 2.21 -12.83
C ASP YA 171 -117.28 1.27 -13.91
N LEU YA 172 -116.48 0.26 -13.57
CA LEU YA 172 -116.11 -0.76 -14.55
C LEU YA 172 -117.26 -1.74 -14.69
N GLY YA 173 -117.89 -1.74 -15.86
CA GLY YA 173 -119.06 -2.56 -16.08
C GLY YA 173 -118.87 -3.54 -17.22
N THR YA 174 -119.53 -4.67 -17.10
CA THR YA 174 -119.59 -5.66 -18.18
C THR YA 174 -120.80 -5.37 -19.04
N THR YA 175 -120.58 -5.10 -20.31
CA THR YA 175 -121.66 -4.84 -21.24
C THR YA 175 -121.71 -5.97 -22.25
N GLY YA 176 -122.84 -6.65 -22.33
CA GLY YA 176 -123.09 -7.64 -23.35
C GLY YA 176 -122.99 -9.08 -22.87
N ARG YA 177 -122.87 -9.97 -23.85
CA ARG YA 177 -122.76 -11.40 -23.60
C ARG YA 177 -121.85 -12.00 -24.66
N GLY YA 178 -121.45 -13.25 -24.40
CA GLY YA 178 -120.72 -14.03 -25.39
C GLY YA 178 -119.37 -13.44 -25.71
N ASN YA 179 -119.08 -13.39 -27.02
CA ASN YA 179 -117.87 -12.73 -27.50
C ASN YA 179 -117.91 -11.23 -27.27
N ASP YA 180 -119.09 -10.63 -27.16
CA ASP YA 180 -119.19 -9.19 -27.07
C ASP YA 180 -119.48 -8.84 -25.61
N MET YA 181 -118.42 -8.73 -24.83
CA MET YA 181 -118.51 -8.37 -23.42
C MET YA 181 -117.43 -7.34 -23.14
N GLN YA 182 -117.80 -6.06 -23.23
CA GLN YA 182 -116.85 -5.00 -23.02
C GLN YA 182 -116.73 -4.67 -21.54
N VAL YA 183 -115.50 -4.47 -21.10
CA VAL YA 183 -115.18 -4.10 -19.72
C VAL YA 183 -114.94 -2.60 -19.68
N GLY YA 184 -115.66 -1.92 -18.79
CA GLY YA 184 -115.44 -0.49 -18.61
C GLY YA 184 -116.72 0.28 -18.45
N THR YA 185 -116.62 1.60 -18.37
CA THR YA 185 -117.78 2.46 -18.29
C THR YA 185 -118.39 2.60 -19.68
N TYR YA 186 -119.72 2.44 -19.76
CA TYR YA 186 -120.41 2.42 -21.03
C TYR YA 186 -120.38 3.77 -21.74
N ILE YA 187 -120.45 4.86 -20.98
CA ILE YA 187 -120.71 6.17 -21.55
C ILE YA 187 -119.44 7.00 -21.69
N GLU YA 188 -118.26 6.35 -21.66
CA GLU YA 188 -116.94 6.99 -21.85
C GLU YA 188 -116.70 8.11 -20.85
N LYS YA 189 -116.98 7.84 -19.58
CA LYS YA 189 -116.62 8.79 -18.55
C LYS YA 189 -115.11 8.76 -18.33
N MET YA 190 -114.51 9.94 -18.18
CA MET YA 190 -113.08 10.03 -17.88
C MET YA 190 -112.82 9.46 -16.49
N PHE YA 191 -112.15 8.31 -16.44
CA PHE YA 191 -111.94 7.62 -15.19
C PHE YA 191 -110.90 8.35 -14.35
N MET YA 192 -111.36 9.29 -13.55
CA MET YA 192 -110.49 10.09 -12.70
C MET YA 192 -110.94 9.90 -11.26
N SER YA 193 -110.10 9.23 -10.48
CA SER YA 193 -110.37 8.97 -9.07
C SER YA 193 -109.02 8.72 -8.42
N GLU YA 194 -109.03 8.62 -7.10
CA GLU YA 194 -107.81 8.22 -6.42
C GLU YA 194 -107.54 6.74 -6.65
N LEU YA 195 -106.25 6.39 -6.56
CA LEU YA 195 -105.74 5.04 -6.78
C LEU YA 195 -106.00 4.55 -8.20
N SER YA 196 -106.22 5.45 -9.15
CA SER YA 196 -106.51 5.06 -10.52
C SER YA 196 -105.27 4.61 -11.28
N GLY YA 197 -104.09 4.69 -10.67
CA GLY YA 197 -102.88 4.28 -11.33
C GLY YA 197 -102.45 2.90 -10.93
N ASN YA 198 -103.04 2.37 -9.85
CA ASN YA 198 -102.74 1.03 -9.39
C ASN YA 198 -103.24 -0.05 -10.36
N ILE YA 199 -104.16 0.31 -11.26
CA ILE YA 199 -104.83 -0.69 -12.08
C ILE YA 199 -103.94 -1.16 -13.22
N ILE YA 200 -102.94 -0.38 -13.61
CA ILE YA 200 -102.17 -0.69 -14.83
C ILE YA 200 -101.27 -1.91 -14.66
N ASP YA 201 -101.04 -2.34 -13.43
CA ASP YA 201 -100.23 -3.51 -13.18
C ASP YA 201 -101.07 -4.69 -12.73
N ILE YA 202 -102.22 -4.43 -12.11
CA ILE YA 202 -103.08 -5.51 -11.65
C ILE YA 202 -103.76 -6.17 -12.84
N CYS YA 203 -103.97 -5.44 -13.94
CA CYS YA 203 -104.42 -6.02 -15.19
C CYS YA 203 -103.36 -7.00 -15.68
N PRO YA 204 -103.66 -8.29 -15.67
CA PRO YA 204 -102.61 -9.29 -15.88
C PRO YA 204 -102.15 -9.39 -17.32
N VAL YA 205 -102.92 -8.86 -18.26
CA VAL YA 205 -102.52 -8.88 -19.66
C VAL YA 205 -102.27 -7.44 -20.07
N GLY YA 206 -101.84 -7.24 -21.32
CA GLY YA 206 -101.56 -5.90 -21.79
C GLY YA 206 -102.77 -5.12 -22.28
N ALA YA 207 -103.91 -5.33 -21.64
CA ALA YA 207 -105.10 -4.53 -21.97
C ALA YA 207 -104.93 -3.11 -21.47
N LEU YA 208 -104.29 -2.94 -20.32
CA LEU YA 208 -104.08 -1.63 -19.72
C LEU YA 208 -102.58 -1.44 -19.52
N THR YA 209 -102.10 -0.22 -19.71
CA THR YA 209 -100.68 0.05 -19.52
C THR YA 209 -100.46 1.50 -19.13
N SER YA 210 -99.22 1.81 -18.80
CA SER YA 210 -98.84 3.16 -18.41
C SER YA 210 -98.81 4.08 -19.61
N LYS YA 211 -99.35 5.28 -19.43
CA LYS YA 211 -99.35 6.26 -20.53
C LYS YA 211 -97.98 6.86 -20.80
N PRO YA 212 -97.17 7.33 -19.81
CA PRO YA 212 -95.84 7.83 -20.19
C PRO YA 212 -94.84 6.74 -20.52
N TYR YA 213 -94.94 5.56 -19.91
CA TYR YA 213 -93.95 4.52 -20.13
C TYR YA 213 -94.14 3.78 -21.44
N ALA YA 214 -95.30 3.98 -22.10
CA ALA YA 214 -95.93 3.06 -23.05
C ALA YA 214 -95.00 2.37 -24.05
N PHE YA 215 -94.30 3.15 -24.86
CA PHE YA 215 -93.47 2.52 -25.88
C PHE YA 215 -92.00 2.85 -25.69
N THR YA 216 -91.50 2.74 -24.46
CA THR YA 216 -90.15 3.18 -24.16
C THR YA 216 -89.18 2.02 -24.02
N ALA YA 217 -89.49 1.05 -23.17
CA ALA YA 217 -88.52 0.02 -22.83
C ALA YA 217 -89.26 -1.27 -22.47
N ARG YA 218 -88.57 -2.15 -21.76
CA ARG YA 218 -88.98 -3.53 -21.66
C ARG YA 218 -88.31 -4.11 -20.42
N PRO YA 219 -88.98 -4.98 -19.66
CA PRO YA 219 -88.43 -5.37 -18.36
C PRO YA 219 -87.17 -6.24 -18.40
N TRP YA 220 -86.78 -6.81 -19.54
CA TRP YA 220 -85.54 -7.59 -19.50
C TRP YA 220 -84.29 -6.72 -19.51
N GLU YA 221 -84.41 -5.44 -19.85
CA GLU YA 221 -83.24 -4.57 -19.81
C GLU YA 221 -83.00 -4.00 -18.41
N THR YA 222 -84.05 -3.58 -17.74
CA THR YA 222 -83.92 -2.81 -16.51
C THR YA 222 -83.50 -3.69 -15.34
N ARG YA 223 -82.63 -3.17 -14.49
CA ARG YA 223 -82.32 -3.87 -13.26
C ARG YA 223 -83.23 -3.35 -12.15
N LYS YA 224 -83.31 -4.14 -11.08
CA LYS YA 224 -84.29 -3.92 -10.02
C LYS YA 224 -83.59 -3.49 -8.75
N THR YA 225 -84.10 -2.44 -8.09
CA THR YA 225 -83.39 -1.89 -6.95
C THR YA 225 -84.34 -1.47 -5.83
N GLU YA 226 -83.95 -1.82 -4.61
CA GLU YA 226 -84.43 -1.31 -3.33
C GLU YA 226 -84.78 0.18 -3.32
N SER YA 227 -85.96 0.52 -2.80
CA SER YA 227 -86.30 1.87 -2.38
C SER YA 227 -87.53 1.84 -1.47
N ILE YA 228 -87.73 2.96 -0.76
CA ILE YA 228 -88.88 3.15 0.12
C ILE YA 228 -89.68 4.33 -0.39
N ASP YA 229 -91.00 4.26 -0.24
CA ASP YA 229 -91.93 5.30 -0.68
C ASP YA 229 -91.61 6.66 -0.06
N VAL YA 230 -91.79 7.70 -0.85
CA VAL YA 230 -91.54 9.07 -0.44
C VAL YA 230 -92.84 9.86 -0.58
N MET YA 231 -92.83 11.07 -0.01
CA MET YA 231 -93.89 12.09 0.03
C MET YA 231 -95.10 11.66 0.88
N ASP YA 232 -95.08 10.43 1.38
CA ASP YA 232 -96.15 9.87 2.19
C ASP YA 232 -95.49 9.16 3.36
N ALA YA 233 -96.02 9.39 4.56
CA ALA YA 233 -95.45 8.79 5.75
C ALA YA 233 -95.94 7.37 6.00
N VAL YA 234 -96.53 6.70 5.01
CA VAL YA 234 -96.94 5.32 5.18
C VAL YA 234 -95.86 4.34 4.71
N GLY YA 235 -95.14 4.68 3.64
CA GLY YA 235 -93.98 3.90 3.23
C GLY YA 235 -94.24 2.52 2.65
N SER YA 236 -94.85 2.48 1.47
CA SER YA 236 -94.90 1.25 0.69
C SER YA 236 -93.50 0.88 0.21
N ASN YA 237 -93.26 -0.41 -0.06
CA ASN YA 237 -91.94 -0.75 -0.52
C ASN YA 237 -91.95 -0.51 -2.03
N ILE YA 238 -90.85 -0.03 -2.60
CA ILE YA 238 -90.85 0.23 -4.02
C ILE YA 238 -89.57 -0.28 -4.65
N VAL YA 239 -89.70 -0.94 -5.78
CA VAL YA 239 -88.57 -1.40 -6.57
C VAL YA 239 -88.51 -0.57 -7.84
N VAL YA 240 -87.37 0.06 -8.07
CA VAL YA 240 -87.18 0.83 -9.28
C VAL YA 240 -86.57 -0.08 -10.34
N SER YA 241 -87.20 -0.07 -11.52
CA SER YA 241 -86.67 -0.69 -12.73
C SER YA 241 -85.87 0.39 -13.44
N THR YA 242 -84.56 0.36 -13.25
CA THR YA 242 -83.67 1.39 -13.73
C THR YA 242 -82.89 0.90 -14.94
N ARG YA 243 -82.44 1.87 -15.74
CA ARG YA 243 -81.78 1.55 -17.00
C ARG YA 243 -80.88 2.71 -17.37
N THR YA 244 -79.64 2.35 -17.73
CA THR YA 244 -78.59 3.15 -18.40
C THR YA 244 -78.29 4.48 -17.72
N GLY YA 245 -77.73 4.40 -16.50
CA GLY YA 245 -77.38 5.59 -15.75
C GLY YA 245 -78.57 6.43 -15.33
N GLU YA 246 -79.76 5.86 -15.47
CA GLU YA 246 -81.07 6.49 -15.41
C GLU YA 246 -82.00 5.39 -14.95
N VAL YA 247 -83.24 5.52 -15.36
CA VAL YA 247 -84.39 4.88 -14.72
C VAL YA 247 -84.96 4.06 -15.86
N MET YA 248 -86.06 3.36 -15.64
CA MET YA 248 -87.14 3.42 -16.61
C MET YA 248 -88.46 3.71 -15.91
N ARG YA 249 -88.76 2.94 -14.86
CA ARG YA 249 -90.05 3.06 -14.20
C ARG YA 249 -89.92 2.54 -12.79
N ILE YA 250 -91.03 2.57 -12.06
CA ILE YA 250 -91.06 2.13 -10.67
C ILE YA 250 -92.18 1.11 -10.50
N LEU YA 251 -92.13 0.37 -9.40
CA LEU YA 251 -93.15 -0.60 -9.05
C LEU YA 251 -93.36 -0.64 -7.54
N PRO YA 252 -94.60 -0.68 -7.08
CA PRO YA 252 -94.85 -0.99 -5.66
C PRO YA 252 -94.51 -2.44 -5.36
N ARG YA 253 -93.60 -2.65 -4.42
CA ARG YA 253 -93.33 -3.99 -3.94
C ARG YA 253 -93.65 -4.11 -2.45
N MET YA 254 -93.82 -5.38 -2.06
CA MET YA 254 -94.76 -5.79 -1.05
C MET YA 254 -94.17 -5.69 0.35
N HIS YA 255 -94.99 -5.21 1.28
CA HIS YA 255 -94.76 -5.41 2.69
C HIS YA 255 -96.02 -6.05 3.27
N GLU YA 256 -95.82 -6.85 4.33
CA GLU YA 256 -96.94 -7.50 5.00
C GLU YA 256 -97.88 -6.49 5.64
N ASP YA 257 -97.35 -5.73 6.60
CA ASP YA 257 -98.18 -4.88 7.45
C ASP YA 257 -98.69 -3.67 6.69
N ILE YA 258 -97.79 -2.84 6.19
CA ILE YA 258 -98.14 -1.54 5.66
C ILE YA 258 -98.16 -1.59 4.15
N ASN YA 259 -99.25 -1.08 3.56
CA ASN YA 259 -99.34 -0.65 2.17
C ASN YA 259 -99.05 -1.80 1.20
N GLU YA 260 -99.97 -2.77 1.24
CA GLU YA 260 -99.68 -4.19 0.99
C GLU YA 260 -98.98 -4.43 -0.33
N GLU YA 261 -99.65 -4.13 -1.43
CA GLU YA 261 -99.04 -4.30 -2.75
C GLU YA 261 -99.31 -3.09 -3.63
N TRP YA 262 -99.36 -1.90 -3.03
CA TRP YA 262 -99.98 -0.75 -3.66
C TRP YA 262 -99.07 0.46 -3.55
N ILE YA 263 -99.38 1.48 -4.35
CA ILE YA 263 -98.63 2.72 -4.41
C ILE YA 263 -99.60 3.88 -4.52
N SER YA 264 -99.17 5.05 -4.07
CA SER YA 264 -99.84 6.28 -4.45
C SER YA 264 -99.70 6.51 -5.95
N ASP YA 265 -100.76 7.04 -6.55
CA ASP YA 265 -100.75 7.29 -7.98
C ASP YA 265 -99.82 8.44 -8.34
N LYS YA 266 -99.79 9.46 -7.48
CA LYS YA 266 -98.86 10.56 -7.65
C LYS YA 266 -97.41 10.11 -7.48
N THR YA 267 -97.17 9.16 -6.59
CA THR YA 267 -95.86 8.53 -6.49
C THR YA 267 -95.53 7.75 -7.75
N ARG YA 268 -96.52 7.03 -8.29
CA ARG YA 268 -96.32 6.23 -9.50
C ARG YA 268 -95.96 7.09 -10.70
N PHE YA 269 -96.59 8.25 -10.82
CA PHE YA 269 -96.31 9.16 -11.92
C PHE YA 269 -95.57 10.41 -11.44
N ALA YA 270 -94.70 10.27 -10.44
CA ALA YA 270 -94.03 11.41 -9.86
C ALA YA 270 -92.65 11.71 -10.44
N TYR YA 271 -91.98 10.75 -11.06
CA TYR YA 271 -90.56 10.88 -11.35
C TYR YA 271 -90.24 11.80 -12.53
N ASP YA 272 -91.25 12.19 -13.32
CA ASP YA 272 -91.03 13.10 -14.43
C ASP YA 272 -90.48 14.44 -13.95
N GLY YA 273 -91.20 15.09 -13.03
CA GLY YA 273 -90.71 16.31 -12.40
C GLY YA 273 -89.49 16.10 -11.54
N LEU YA 274 -89.24 14.87 -11.08
CA LEU YA 274 -87.98 14.56 -10.43
C LEU YA 274 -86.83 14.66 -11.41
N LYS YA 275 -87.07 14.39 -12.70
CA LYS YA 275 -86.03 14.55 -13.70
C LYS YA 275 -86.32 15.68 -14.70
N ARG YA 276 -87.11 16.69 -14.34
CA ARG YA 276 -87.52 17.68 -15.32
C ARG YA 276 -86.83 19.03 -15.22
N GLN YA 277 -86.68 19.62 -14.03
CA GLN YA 277 -86.08 20.96 -13.93
C GLN YA 277 -84.97 20.99 -12.90
N ARG YA 278 -84.08 20.01 -12.96
CA ARG YA 278 -83.18 19.75 -11.83
C ARG YA 278 -82.10 20.81 -11.67
N LEU YA 279 -81.84 21.15 -10.42
CA LEU YA 279 -80.69 21.95 -10.05
C LEU YA 279 -79.43 21.14 -10.33
N THR YA 280 -78.45 21.75 -10.99
CA THR YA 280 -77.28 21.02 -11.47
C THR YA 280 -75.97 21.51 -10.86
N GLU YA 281 -75.73 22.80 -10.87
CA GLU YA 281 -74.44 23.39 -10.55
C GLU YA 281 -74.60 24.40 -9.42
N PRO YA 282 -73.56 24.63 -8.61
CA PRO YA 282 -73.68 25.63 -7.53
C PRO YA 282 -73.75 27.02 -8.12
N MET YA 283 -74.81 27.75 -7.77
CA MET YA 283 -75.14 29.01 -8.41
C MET YA 283 -75.03 30.15 -7.41
N VAL YA 284 -74.25 31.15 -7.78
CA VAL YA 284 -74.02 32.35 -6.99
C VAL YA 284 -74.61 33.54 -7.75
N ARG YA 285 -75.22 34.46 -7.01
CA ARG YA 285 -75.66 35.72 -7.58
C ARG YA 285 -74.47 36.56 -8.03
N ASN YA 286 -74.36 36.76 -9.34
CA ASN YA 286 -73.39 37.70 -9.88
C ASN YA 286 -73.85 39.13 -9.61
N GLU YA 287 -72.86 40.01 -9.41
CA GLU YA 287 -73.01 41.31 -8.77
C GLU YA 287 -73.87 42.28 -9.57
N LYS YA 288 -74.08 42.05 -10.87
CA LYS YA 288 -75.02 42.87 -11.63
C LYS YA 288 -76.44 42.63 -11.13
N GLY YA 289 -76.73 41.45 -10.62
CA GLY YA 289 -78.03 41.12 -10.08
C GLY YA 289 -78.43 39.75 -10.57
N LEU YA 290 -77.54 39.10 -11.31
CA LEU YA 290 -77.94 37.91 -12.03
C LEU YA 290 -77.66 36.69 -11.16
N LEU YA 291 -78.18 35.55 -11.56
CA LEU YA 291 -77.89 34.28 -10.90
C LEU YA 291 -77.10 33.41 -11.87
N THR YA 292 -75.79 33.32 -11.66
CA THR YA 292 -74.92 32.53 -12.52
C THR YA 292 -74.50 31.26 -11.82
N HIS YA 293 -73.94 30.34 -12.59
CA HIS YA 293 -73.29 29.16 -12.05
C HIS YA 293 -71.82 29.48 -11.78
N THR YA 294 -71.17 28.62 -10.99
CA THR YA 294 -69.75 28.82 -10.71
C THR YA 294 -69.11 27.48 -10.40
N THR YA 295 -67.84 27.55 -10.00
CA THR YA 295 -67.08 26.40 -9.53
C THR YA 295 -67.29 26.27 -8.02
N TRP YA 296 -67.11 25.03 -7.51
CA TRP YA 296 -67.41 24.73 -6.12
C TRP YA 296 -66.53 25.48 -5.13
N GLU YA 297 -65.31 25.83 -5.53
CA GLU YA 297 -64.41 26.58 -4.67
C GLU YA 297 -65.01 27.93 -4.29
N ASP YA 298 -65.66 28.58 -5.25
CA ASP YA 298 -66.25 29.90 -5.05
C ASP YA 298 -67.39 29.85 -4.03
N ALA YA 299 -68.34 28.94 -4.26
CA ALA YA 299 -69.51 28.85 -3.39
C ALA YA 299 -69.13 28.39 -1.99
N LEU YA 300 -68.22 27.40 -1.91
CA LEU YA 300 -67.81 26.90 -0.60
C LEU YA 300 -67.03 27.96 0.19
N SER YA 301 -66.13 28.69 -0.47
CA SER YA 301 -65.37 29.74 0.21
C SER YA 301 -66.29 30.87 0.65
N ARG YA 302 -67.29 31.21 -0.18
CA ARG YA 302 -68.22 32.28 0.17
C ARG YA 302 -69.06 31.91 1.39
N VAL YA 303 -69.61 30.69 1.40
CA VAL YA 303 -70.46 30.26 2.51
C VAL YA 303 -69.64 30.08 3.79
N ALA YA 304 -68.44 29.51 3.67
CA ALA YA 304 -67.60 29.31 4.84
C ALA YA 304 -67.10 30.63 5.41
N GLY YA 305 -66.78 31.60 4.54
CA GLY YA 305 -66.37 32.90 5.04
C GLY YA 305 -67.50 33.67 5.69
N MET YA 306 -68.71 33.55 5.14
CA MET YA 306 -69.85 34.22 5.78
C MET YA 306 -70.25 33.54 7.08
N LEU YA 307 -69.98 32.25 7.23
CA LEU YA 307 -70.24 31.63 8.53
C LEU YA 307 -69.12 31.94 9.52
N GLN YA 308 -67.90 32.18 9.03
CA GLN YA 308 -66.87 32.75 9.88
C GLN YA 308 -67.22 34.16 10.31
N SER YA 309 -67.99 34.88 9.49
CA SER YA 309 -68.41 36.23 9.85
C SER YA 309 -69.44 36.22 10.97
N CYS YA 310 -70.61 35.62 10.72
CA CYS YA 310 -71.74 35.70 11.63
C CYS YA 310 -71.67 34.63 12.70
N GLN YA 311 -72.26 34.93 13.85
CA GLN YA 311 -72.42 34.00 14.95
C GLN YA 311 -73.79 34.24 15.58
N GLY YA 312 -73.99 33.70 16.77
CA GLY YA 312 -75.12 34.09 17.59
C GLY YA 312 -76.44 33.44 17.18
N ASN YA 313 -77.52 34.16 17.48
CA ASN YA 313 -78.88 33.73 17.18
C ASN YA 313 -79.36 34.26 15.84
N ASP YA 314 -78.44 34.43 14.89
CA ASP YA 314 -78.74 34.98 13.58
C ASP YA 314 -78.67 33.91 12.49
N VAL YA 315 -79.11 32.69 12.81
CA VAL YA 315 -79.12 31.64 11.80
C VAL YA 315 -80.28 30.67 11.98
N ALA YA 316 -81.07 30.52 10.92
CA ALA YA 316 -82.22 29.64 10.89
C ALA YA 316 -82.03 28.58 9.81
N ALA YA 317 -82.21 27.32 10.21
CA ALA YA 317 -82.12 26.20 9.29
C ALA YA 317 -83.53 25.62 9.16
N ILE YA 318 -84.18 25.92 8.05
CA ILE YA 318 -85.54 25.46 7.80
C ILE YA 318 -85.45 24.30 6.83
N ALA YA 319 -85.80 23.12 7.30
CA ALA YA 319 -85.77 21.91 6.48
C ALA YA 319 -87.20 21.53 6.13
N GLY YA 320 -87.57 21.68 4.86
CA GLY YA 320 -88.88 21.28 4.41
C GLY YA 320 -88.82 20.20 3.36
N GLY YA 321 -89.92 19.47 3.18
CA GLY YA 321 -89.95 18.45 2.15
C GLY YA 321 -89.13 17.24 2.52
N LEU YA 322 -88.59 16.58 1.49
CA LEU YA 322 -87.93 15.29 1.65
C LEU YA 322 -86.44 15.52 1.85
N VAL YA 323 -85.99 15.51 3.10
CA VAL YA 323 -84.57 15.52 3.38
C VAL YA 323 -84.23 14.23 4.13
N ASP YA 324 -82.95 14.04 4.41
CA ASP YA 324 -82.47 12.82 5.04
C ASP YA 324 -82.57 12.95 6.55
N ALA YA 325 -81.95 12.01 7.27
CA ALA YA 325 -81.61 12.20 8.66
C ALA YA 325 -80.11 12.34 8.88
N GLU YA 326 -79.30 11.81 7.95
CA GLU YA 326 -77.85 11.98 8.01
C GLU YA 326 -77.48 13.45 7.87
N ALA YA 327 -78.11 14.14 6.91
CA ALA YA 327 -77.92 15.57 6.75
C ALA YA 327 -78.44 16.34 7.94
N LEU YA 328 -79.50 15.85 8.59
CA LEU YA 328 -79.99 16.47 9.81
C LEU YA 328 -78.97 16.36 10.94
N ILE YA 329 -78.34 15.20 11.09
CA ILE YA 329 -77.34 15.01 12.14
C ILE YA 329 -76.13 15.90 11.90
N ALA YA 330 -75.61 15.89 10.67
CA ALA YA 330 -74.43 16.71 10.38
C ALA YA 330 -74.73 18.20 10.46
N LEU YA 331 -75.94 18.60 10.05
CA LEU YA 331 -76.33 20.00 10.11
C LEU YA 331 -76.55 20.45 11.55
N LYS YA 332 -77.13 19.59 12.39
CA LYS YA 332 -77.34 19.93 13.79
C LYS YA 332 -76.00 20.05 14.51
N ASP YA 333 -75.06 19.14 14.23
CA ASP YA 333 -73.74 19.22 14.84
C ASP YA 333 -72.99 20.45 14.38
N LEU YA 334 -73.09 20.79 13.09
CA LEU YA 334 -72.40 21.98 12.58
C LEU YA 334 -72.98 23.26 13.17
N LEU YA 335 -74.30 23.40 13.16
CA LEU YA 335 -74.90 24.66 13.58
C LEU YA 335 -74.93 24.78 15.10
N ASN YA 336 -74.86 23.66 15.83
CA ASN YA 336 -74.56 23.72 17.25
C ASN YA 336 -73.10 24.11 17.48
N ARG YA 337 -72.22 23.68 16.58
CA ARG YA 337 -70.80 24.01 16.69
C ARG YA 337 -70.54 25.48 16.35
N VAL YA 338 -71.48 26.17 15.70
CA VAL YA 338 -71.26 27.58 15.42
C VAL YA 338 -71.29 28.36 16.73
N ASP YA 339 -72.47 28.58 17.31
CA ASP YA 339 -72.63 28.59 18.76
C ASP YA 339 -74.02 28.11 19.16
N SER YA 340 -74.96 28.32 18.26
CA SER YA 340 -76.40 28.27 18.53
C SER YA 340 -77.12 28.29 17.19
N ASP YA 341 -78.45 28.32 17.26
CA ASP YA 341 -79.24 27.90 16.10
C ASP YA 341 -80.72 28.22 16.32
N THR YA 342 -81.48 28.18 15.23
CA THR YA 342 -82.89 27.78 15.30
C THR YA 342 -83.21 26.86 14.13
N LEU YA 343 -83.54 25.61 14.44
CA LEU YA 343 -83.89 24.61 13.43
C LEU YA 343 -85.40 24.46 13.39
N CYS YA 344 -85.97 24.55 12.19
CA CYS YA 344 -87.42 24.52 12.04
C CYS YA 344 -87.79 23.70 10.81
N THR YA 345 -89.05 23.29 10.77
CA THR YA 345 -89.64 22.64 9.61
C THR YA 345 -90.64 23.59 8.97
N GLU YA 346 -91.09 23.22 7.78
CA GLU YA 346 -92.11 24.03 7.10
C GLU YA 346 -93.45 23.92 7.81
N GLU YA 347 -93.87 22.71 8.16
CA GLU YA 347 -95.11 22.52 8.87
C GLU YA 347 -94.92 22.70 10.37
N VAL YA 348 -96.02 22.98 11.06
CA VAL YA 348 -96.00 23.37 12.46
C VAL YA 348 -96.66 22.27 13.27
N PHE YA 349 -95.91 21.70 14.20
CA PHE YA 349 -96.53 20.80 15.17
C PHE YA 349 -96.53 21.47 16.53
N PRO YA 350 -97.64 21.43 17.26
CA PRO YA 350 -97.68 22.07 18.60
C PRO YA 350 -96.94 21.23 19.63
N THR YA 351 -95.97 21.87 20.30
CA THR YA 351 -95.20 21.23 21.37
C THR YA 351 -95.16 22.15 22.59
N ALA YA 352 -96.21 22.06 23.41
CA ALA YA 352 -96.30 22.84 24.64
C ALA YA 352 -96.25 21.95 25.86
N GLY YA 353 -97.17 20.98 25.95
CA GLY YA 353 -97.16 20.04 27.04
C GLY YA 353 -96.27 18.86 26.73
N ALA YA 354 -94.96 19.12 26.66
CA ALA YA 354 -93.91 18.14 26.37
C ALA YA 354 -94.14 17.44 25.02
N GLY YA 355 -94.45 18.24 24.00
CA GLY YA 355 -94.73 17.69 22.68
C GLY YA 355 -93.51 17.39 21.86
N THR YA 356 -92.36 17.98 22.19
CA THR YA 356 -91.13 17.69 21.45
C THR YA 356 -90.59 16.31 21.84
N ASP YA 357 -90.58 16.01 23.13
CA ASP YA 357 -90.23 14.70 23.65
C ASP YA 357 -91.50 13.86 23.81
N LEU YA 358 -91.41 12.75 24.56
CA LEU YA 358 -92.51 11.85 24.90
C LEU YA 358 -93.16 11.27 23.64
N ARG YA 359 -92.37 10.42 22.97
CA ARG YA 359 -92.48 9.99 21.57
C ARG YA 359 -93.88 9.72 21.03
N SER YA 360 -94.78 9.26 21.92
CA SER YA 360 -96.12 8.83 21.50
C SER YA 360 -96.96 9.98 20.97
N ASN YA 361 -96.79 11.19 21.46
CA ASN YA 361 -97.71 12.25 21.08
C ASN YA 361 -97.38 12.88 19.72
N TYR YA 362 -96.37 12.38 19.02
CA TYR YA 362 -96.13 12.84 17.66
C TYR YA 362 -95.75 11.70 16.72
N LEU YA 363 -96.17 10.48 17.03
CA LEU YA 363 -96.13 9.41 16.06
C LEU YA 363 -97.42 8.62 16.14
N LEU YA 364 -97.54 7.61 15.29
CA LEU YA 364 -98.73 6.77 15.19
C LEU YA 364 -98.47 5.49 15.96
N ASN YA 365 -98.99 5.44 17.19
CA ASN YA 365 -98.78 4.27 18.06
C ASN YA 365 -99.53 3.05 17.60
N THR YA 366 -100.57 3.23 16.79
CA THR YA 366 -101.34 2.09 16.33
C THR YA 366 -100.57 1.30 15.30
N THR YA 367 -101.08 0.12 14.98
CA THR YA 367 -100.55 -0.69 13.89
C THR YA 367 -101.45 -0.48 12.67
N ILE YA 368 -100.83 -0.19 11.53
CA ILE YA 368 -101.59 0.17 10.34
C ILE YA 368 -102.30 -1.06 9.79
N ALA YA 369 -101.67 -2.23 9.86
CA ALA YA 369 -102.40 -3.46 9.61
C ALA YA 369 -103.31 -3.80 10.79
N GLY YA 370 -102.96 -3.33 11.99
CA GLY YA 370 -103.72 -3.59 13.18
C GLY YA 370 -104.91 -2.70 13.41
N VAL YA 371 -105.26 -1.84 12.44
CA VAL YA 371 -106.54 -1.14 12.50
C VAL YA 371 -107.69 -2.08 12.18
N GLU YA 372 -107.39 -3.27 11.63
CA GLU YA 372 -108.38 -4.33 11.52
C GLU YA 372 -108.82 -4.81 12.89
N GLU YA 373 -107.93 -4.78 13.88
CA GLU YA 373 -108.30 -5.19 15.22
C GLU YA 373 -109.19 -4.17 15.91
N ALA YA 374 -109.06 -2.89 15.55
CA ALA YA 374 -109.91 -1.85 16.12
C ALA YA 374 -111.35 -2.02 15.63
N ASP YA 375 -112.27 -1.49 16.42
CA ASP YA 375 -113.69 -1.72 16.17
C ASP YA 375 -114.49 -0.43 16.03
N VAL YA 376 -114.22 0.57 16.85
CA VAL YA 376 -114.92 1.86 16.79
C VAL YA 376 -113.86 2.93 16.55
N VAL YA 377 -113.88 3.52 15.36
CA VAL YA 377 -112.84 4.46 14.93
C VAL YA 377 -113.51 5.76 14.52
N LEU YA 378 -112.98 6.88 15.01
CA LEU YA 378 -113.38 8.16 14.46
C LEU YA 378 -112.15 8.96 14.04
N LEU YA 379 -112.44 10.02 13.31
CA LEU YA 379 -111.47 10.73 12.49
C LEU YA 379 -111.73 12.22 12.70
N VAL YA 380 -110.86 12.88 13.43
CA VAL YA 380 -111.01 14.32 13.56
C VAL YA 380 -110.18 15.00 12.49
N GLY YA 381 -110.72 16.13 12.02
CA GLY YA 381 -110.61 16.65 10.67
C GLY YA 381 -109.36 16.50 9.83
N THR YA 382 -109.56 15.86 8.69
CA THR YA 382 -108.57 15.64 7.64
C THR YA 382 -109.32 15.14 6.40
N ASN YA 383 -108.56 14.69 5.41
CA ASN YA 383 -109.14 14.01 4.26
C ASN YA 383 -108.16 12.93 3.82
N PRO YA 384 -108.31 11.71 4.35
CA PRO YA 384 -107.36 10.64 4.02
C PRO YA 384 -107.46 10.13 2.60
N ARG YA 385 -108.47 10.53 1.83
CA ARG YA 385 -108.50 10.25 0.41
C ARG YA 385 -107.35 10.95 -0.31
N PHE YA 386 -106.97 12.13 0.16
CA PHE YA 386 -105.89 12.89 -0.43
C PHE YA 386 -104.70 13.01 0.51
N GLU YA 387 -104.75 12.35 1.67
CA GLU YA 387 -103.66 12.36 2.64
C GLU YA 387 -103.38 10.91 3.00
N ALA YA 388 -102.31 10.35 2.41
CA ALA YA 388 -101.93 8.94 2.46
C ALA YA 388 -103.12 8.08 2.03
N PRO YA 389 -103.44 8.03 0.73
CA PRO YA 389 -104.66 7.33 0.31
C PRO YA 389 -104.60 5.82 0.49
N LEU YA 390 -103.40 5.25 0.61
CA LEU YA 390 -103.28 3.83 0.89
C LEU YA 390 -103.76 3.50 2.29
N PHE YA 391 -103.63 4.44 3.22
CA PHE YA 391 -104.22 4.28 4.54
C PHE YA 391 -105.74 4.31 4.46
N ASN YA 392 -106.30 5.15 3.58
CA ASN YA 392 -107.73 5.13 3.35
C ASN YA 392 -108.18 3.82 2.73
N ALA YA 393 -107.35 3.24 1.86
CA ALA YA 393 -107.63 1.93 1.30
C ALA YA 393 -107.58 0.85 2.39
N ARG YA 394 -106.67 0.99 3.34
CA ARG YA 394 -106.61 0.10 4.49
C ARG YA 394 -107.87 0.20 5.33
N ILE YA 395 -108.36 1.42 5.55
CA ILE YA 395 -109.57 1.63 6.34
C ILE YA 395 -110.78 1.06 5.62
N ARG YA 396 -110.86 1.25 4.30
CA ARG YA 396 -111.96 0.66 3.54
C ARG YA 396 -111.86 -0.87 3.49
N LYS YA 397 -110.63 -1.40 3.49
CA LYS YA 397 -110.44 -2.84 3.58
C LYS YA 397 -110.96 -3.38 4.90
N SER YA 398 -110.69 -2.67 6.00
CA SER YA 398 -111.21 -3.08 7.30
C SER YA 398 -112.72 -2.95 7.35
N TRP YA 399 -113.26 -1.88 6.78
CA TRP YA 399 -114.70 -1.66 6.71
C TRP YA 399 -115.40 -2.70 5.85
N LEU YA 400 -114.69 -3.32 4.91
CA LEU YA 400 -115.28 -4.37 4.11
C LEU YA 400 -115.11 -5.75 4.75
N HIS YA 401 -114.01 -5.96 5.50
CA HIS YA 401 -113.87 -7.22 6.21
C HIS YA 401 -114.82 -7.31 7.39
N ASN YA 402 -114.68 -6.44 8.38
CA ASN YA 402 -115.50 -6.59 9.58
C ASN YA 402 -116.32 -5.33 9.85
N ASP YA 403 -117.22 -5.47 10.82
CA ASP YA 403 -118.14 -4.41 11.17
C ASP YA 403 -117.40 -3.28 11.86
N LEU YA 404 -117.60 -2.05 11.40
CA LEU YA 404 -116.93 -0.89 11.96
C LEU YA 404 -117.87 0.28 12.02
N LYS YA 405 -117.73 1.07 13.08
CA LYS YA 405 -118.40 2.36 13.20
C LYS YA 405 -117.32 3.43 13.07
N VAL YA 406 -117.28 4.10 11.93
CA VAL YA 406 -116.24 5.06 11.62
C VAL YA 406 -116.88 6.42 11.45
N ALA YA 407 -116.47 7.36 12.30
CA ALA YA 407 -117.08 8.69 12.35
C ALA YA 407 -116.09 9.74 11.87
N LEU YA 408 -116.65 10.85 11.38
CA LEU YA 408 -115.87 11.99 10.89
C LEU YA 408 -116.35 13.26 11.55
N ILE YA 409 -115.41 13.99 12.16
CA ILE YA 409 -115.71 15.24 12.85
C ILE YA 409 -114.81 16.32 12.30
N GLY YA 410 -115.41 17.36 11.73
CA GLY YA 410 -114.68 18.56 11.34
C GLY YA 410 -115.08 19.19 10.03
N SER YA 411 -115.46 18.38 9.04
CA SER YA 411 -115.90 18.88 7.74
C SER YA 411 -116.61 17.78 6.98
N PRO YA 412 -117.74 18.06 6.34
CA PRO YA 412 -118.35 17.07 5.44
C PRO YA 412 -117.64 17.01 4.10
N VAL YA 413 -116.86 15.94 3.90
CA VAL YA 413 -116.15 15.70 2.66
C VAL YA 413 -116.48 14.30 2.18
N ASP YA 414 -115.83 13.84 1.12
CA ASP YA 414 -116.19 12.59 0.47
C ASP YA 414 -115.05 11.58 0.65
N LEU YA 415 -115.25 10.62 1.54
CA LEU YA 415 -114.39 9.45 1.65
C LEU YA 415 -115.10 8.26 1.04
N THR YA 416 -114.33 7.35 0.44
CA THR YA 416 -114.87 6.32 -0.43
C THR YA 416 -115.37 5.09 0.32
N TYR YA 417 -115.71 5.20 1.60
CA TYR YA 417 -116.11 4.01 2.34
C TYR YA 417 -117.29 4.23 3.25
N ARG YA 418 -118.07 5.31 3.03
CA ARG YA 418 -119.39 5.52 3.62
C ARG YA 418 -119.32 5.58 5.16
N TYR YA 419 -118.72 6.66 5.64
CA TYR YA 419 -118.56 6.91 7.06
C TYR YA 419 -119.86 7.41 7.68
N ASP YA 420 -119.77 7.90 8.90
CA ASP YA 420 -120.87 8.63 9.53
C ASP YA 420 -120.37 9.99 9.99
N HIS YA 421 -121.08 11.04 9.60
CA HIS YA 421 -120.66 12.41 9.84
C HIS YA 421 -121.24 12.91 11.15
N LEU YA 422 -120.48 13.75 11.85
CA LEU YA 422 -120.88 14.24 13.17
C LEU YA 422 -120.73 15.75 13.28
N GLY YA 423 -121.26 16.47 12.30
CA GLY YA 423 -121.19 17.92 12.35
C GLY YA 423 -119.80 18.44 12.00
N ASP YA 424 -119.64 19.74 12.19
CA ASP YA 424 -118.36 20.40 11.88
C ASP YA 424 -118.18 21.62 12.81
N SER YA 425 -117.45 21.39 13.93
CA SER YA 425 -117.01 22.42 14.87
C SER YA 425 -115.96 21.89 15.84
N PRO YA 426 -115.02 22.72 16.28
CA PRO YA 426 -114.20 22.35 17.43
C PRO YA 426 -114.97 22.33 18.73
N LYS YA 427 -116.08 23.07 18.83
CA LYS YA 427 -116.98 22.94 19.96
C LYS YA 427 -117.58 21.55 20.07
N ILE YA 428 -117.72 20.85 18.95
CA ILE YA 428 -118.19 19.48 18.98
C ILE YA 428 -117.18 18.59 19.68
N LEU YA 429 -115.88 18.80 19.43
CA LEU YA 429 -114.87 18.07 20.18
C LEU YA 429 -114.84 18.47 21.65
N GLN YA 430 -115.09 19.75 21.93
CA GLN YA 430 -115.20 20.21 23.32
C GLN YA 430 -116.34 19.49 24.05
N ASP YA 431 -117.47 19.33 23.40
CA ASP YA 431 -118.62 18.71 24.04
C ASP YA 431 -118.56 17.18 24.00
N ILE YA 432 -117.82 16.59 23.07
CA ILE YA 432 -117.54 15.16 23.14
C ILE YA 432 -116.61 14.85 24.31
N ALA YA 433 -115.58 15.68 24.50
CA ALA YA 433 -114.75 15.55 25.69
C ALA YA 433 -115.50 15.89 26.96
N SER YA 434 -116.54 16.73 26.87
CA SER YA 434 -117.47 16.88 27.99
C SER YA 434 -118.21 15.57 28.26
N GLY YA 435 -118.74 14.94 27.22
CA GLY YA 435 -119.22 13.58 27.35
C GLY YA 435 -120.65 13.30 26.95
N SER YA 436 -121.56 14.24 27.19
CA SER YA 436 -122.99 13.99 27.06
C SER YA 436 -123.37 13.98 25.58
N HIS YA 437 -123.18 12.81 24.96
CA HIS YA 437 -123.61 12.54 23.59
C HIS YA 437 -123.93 11.07 23.47
N PRO YA 438 -124.98 10.70 22.72
CA PRO YA 438 -125.29 9.27 22.53
C PRO YA 438 -124.34 8.55 21.58
N PHE YA 439 -123.33 9.24 21.06
CA PHE YA 439 -122.24 8.60 20.32
C PHE YA 439 -120.97 8.50 21.15
N SER YA 440 -120.67 9.54 21.94
CA SER YA 440 -119.55 9.46 22.88
C SER YA 440 -119.79 8.41 23.95
N GLN YA 441 -121.05 8.20 24.32
CA GLN YA 441 -121.37 7.09 25.21
C GLN YA 441 -121.11 5.75 24.53
N VAL YA 442 -121.28 5.66 23.20
CA VAL YA 442 -120.91 4.46 22.49
C VAL YA 442 -119.39 4.31 22.46
N LEU YA 443 -118.65 5.43 22.46
CA LEU YA 443 -117.20 5.34 22.61
C LEU YA 443 -116.80 4.79 23.97
N GLN YA 444 -117.49 5.21 25.05
CA GLN YA 444 -117.17 4.62 26.35
C GLN YA 444 -117.66 3.18 26.47
N GLU YA 445 -118.71 2.83 25.73
CA GLU YA 445 -119.21 1.46 25.65
C GLU YA 445 -118.46 0.61 24.64
N ALA YA 446 -117.48 1.18 23.93
CA ALA YA 446 -116.90 0.53 22.77
C ALA YA 446 -115.95 -0.60 23.19
N LYS YA 447 -115.58 -1.42 22.22
CA LYS YA 447 -114.69 -2.55 22.46
C LYS YA 447 -113.24 -2.16 22.29
N LYS YA 448 -112.86 -1.71 21.10
CA LYS YA 448 -111.50 -1.26 20.82
C LYS YA 448 -111.54 0.06 20.05
N PRO YA 449 -111.35 1.18 20.73
CA PRO YA 449 -111.49 2.49 20.08
C PRO YA 449 -110.20 3.13 19.57
N MET YA 450 -110.34 3.73 18.39
CA MET YA 450 -109.26 4.43 17.71
C MET YA 450 -109.75 5.79 17.26
N VAL YA 451 -108.97 6.82 17.58
CA VAL YA 451 -109.20 8.19 17.12
C VAL YA 451 -107.97 8.64 16.37
N VAL YA 452 -108.16 9.05 15.12
CA VAL YA 452 -107.10 9.52 14.25
C VAL YA 452 -107.19 11.04 14.15
N LEU YA 453 -106.11 11.70 14.55
CA LEU YA 453 -106.00 13.15 14.42
C LEU YA 453 -105.42 13.53 13.07
N GLY YA 454 -106.10 14.43 12.36
CA GLY YA 454 -105.58 14.97 11.12
C GLY YA 454 -104.71 16.19 11.36
N SER YA 455 -103.54 16.20 10.73
CA SER YA 455 -102.64 17.35 10.80
C SER YA 455 -102.96 18.40 9.75
N SER YA 456 -104.07 18.25 9.02
CA SER YA 456 -104.46 19.24 8.02
C SER YA 456 -104.93 20.52 8.69
N ALA YA 457 -105.84 20.41 9.65
CA ALA YA 457 -106.31 21.54 10.45
C ALA YA 457 -105.44 21.76 11.69
N LEU YA 458 -104.20 21.30 11.67
CA LEU YA 458 -103.25 21.57 12.74
C LEU YA 458 -102.40 22.80 12.44
N GLN YA 459 -102.41 23.27 11.19
CA GLN YA 459 -101.68 24.47 10.79
C GLN YA 459 -102.31 25.75 11.34
N ARG YA 460 -103.52 25.67 11.89
CA ARG YA 460 -104.20 26.85 12.42
C ARG YA 460 -103.64 27.20 13.79
N ASN YA 461 -104.28 28.16 14.45
CA ASN YA 461 -103.82 28.67 15.73
C ASN YA 461 -104.30 27.84 16.92
N ASP YA 462 -104.99 26.73 16.67
CA ASP YA 462 -105.57 25.90 17.72
C ASP YA 462 -104.86 24.55 17.83
N GLY YA 463 -103.53 24.56 17.71
CA GLY YA 463 -102.77 23.33 17.73
C GLY YA 463 -102.79 22.62 19.07
N ALA YA 464 -102.19 23.23 20.09
CA ALA YA 464 -102.10 22.61 21.40
C ALA YA 464 -103.45 22.49 22.09
N ALA YA 465 -104.41 23.34 21.74
CA ALA YA 465 -105.74 23.25 22.35
C ALA YA 465 -106.49 22.01 21.88
N ILE YA 466 -106.57 21.82 20.56
CA ILE YA 466 -107.22 20.64 20.03
C ILE YA 466 -106.42 19.38 20.37
N LEU YA 467 -105.09 19.50 20.43
CA LEU YA 467 -104.26 18.39 20.89
C LEU YA 467 -104.56 18.03 22.34
N ALA YA 468 -104.84 19.03 23.17
CA ALA YA 468 -105.23 18.79 24.55
C ALA YA 468 -106.61 18.16 24.64
N ALA YA 469 -107.51 18.53 23.73
CA ALA YA 469 -108.82 17.87 23.70
C ALA YA 469 -108.71 16.42 23.27
N VAL YA 470 -107.79 16.14 22.34
CA VAL YA 470 -107.52 14.76 21.94
C VAL YA 470 -106.91 13.99 23.10
N SER YA 471 -106.05 14.64 23.89
CA SER YA 471 -105.49 13.99 25.07
C SER YA 471 -106.55 13.76 26.15
N ASN YA 472 -107.53 14.67 26.25
CA ASN YA 472 -108.68 14.46 27.10
C ASN YA 472 -109.43 13.21 26.71
N ILE YA 473 -109.71 13.07 25.42
CA ILE YA 473 -110.35 11.87 24.88
C ILE YA 473 -109.51 10.62 25.16
N ALA YA 474 -108.19 10.74 25.05
CA ALA YA 474 -107.29 9.60 25.20
C ALA YA 474 -107.28 9.09 26.64
N GLN YA 475 -107.06 10.00 27.60
CA GLN YA 475 -107.06 9.58 29.00
C GLN YA 475 -108.46 9.14 29.45
N LYS YA 476 -109.50 9.83 28.96
CA LYS YA 476 -110.87 9.53 29.36
C LYS YA 476 -111.30 8.15 28.91
N ILE YA 477 -110.90 7.75 27.71
CA ILE YA 477 -111.27 6.42 27.23
C ILE YA 477 -110.30 5.33 27.73
N ARG YA 478 -109.01 5.67 27.93
CA ARG YA 478 -108.06 4.70 28.47
C ARG YA 478 -108.39 4.33 29.91
N THR YA 479 -108.88 5.29 30.68
CA THR YA 479 -109.37 4.99 32.02
C THR YA 479 -110.84 4.60 32.04
N SER YA 480 -111.57 4.82 30.95
CA SER YA 480 -112.93 4.33 30.84
C SER YA 480 -112.91 2.83 30.58
N SER YA 481 -113.37 2.05 31.57
CA SER YA 481 -113.55 0.60 31.58
C SER YA 481 -112.26 -0.20 31.46
N GLY YA 482 -111.09 0.43 31.45
CA GLY YA 482 -109.82 -0.29 31.42
C GLY YA 482 -109.55 -1.04 30.14
N VAL YA 483 -109.32 -0.33 29.05
CA VAL YA 483 -109.14 -0.93 27.73
C VAL YA 483 -107.73 -0.61 27.22
N THR YA 484 -106.92 -1.64 26.95
CA THR YA 484 -107.27 -3.04 27.24
C THR YA 484 -106.80 -3.65 28.61
N GLY YA 485 -105.58 -3.44 29.14
CA GLY YA 485 -104.39 -2.87 28.55
C GLY YA 485 -103.50 -4.00 28.10
N ASP YA 486 -102.58 -3.77 27.17
CA ASP YA 486 -102.32 -2.46 26.59
C ASP YA 486 -102.67 -2.40 25.11
N TRP YA 487 -103.43 -1.37 24.77
CA TRP YA 487 -103.83 -1.07 23.40
C TRP YA 487 -104.13 0.43 23.38
N LYS YA 488 -104.47 0.97 22.22
CA LYS YA 488 -104.59 2.42 22.14
C LYS YA 488 -105.69 2.88 21.19
N VAL YA 489 -106.49 3.82 21.69
CA VAL YA 489 -107.29 4.72 20.87
C VAL YA 489 -106.39 5.60 20.00
N MET YA 490 -105.32 6.13 20.59
CA MET YA 490 -104.61 7.29 20.06
C MET YA 490 -103.81 6.97 18.80
N ASN YA 491 -104.02 7.79 17.75
CA ASN YA 491 -102.95 8.08 16.80
C ASN YA 491 -103.23 9.39 16.07
N ILE YA 492 -102.15 10.00 15.59
CA ILE YA 492 -102.23 11.15 14.70
C ILE YA 492 -101.64 10.73 13.36
N LEU YA 493 -101.85 11.56 12.35
CA LEU YA 493 -101.21 11.32 11.06
C LEU YA 493 -100.12 12.36 10.81
N HIS YA 494 -99.44 12.20 9.69
CA HIS YA 494 -98.38 13.11 9.28
C HIS YA 494 -98.47 13.32 7.78
N ARG YA 495 -97.65 14.24 7.27
CA ARG YA 495 -97.59 14.52 5.84
C ARG YA 495 -96.18 14.56 5.28
N ILE YA 496 -95.15 14.76 6.11
CA ILE YA 496 -93.76 14.78 5.66
C ILE YA 496 -92.98 13.83 6.56
N ALA YA 497 -92.32 12.84 5.94
CA ALA YA 497 -91.60 11.83 6.71
C ALA YA 497 -90.32 12.40 7.33
N SER YA 498 -89.66 13.30 6.61
CA SER YA 498 -88.47 13.93 7.16
C SER YA 498 -88.82 14.86 8.31
N GLN YA 499 -90.05 15.39 8.34
CA GLN YA 499 -90.52 16.11 9.53
C GLN YA 499 -90.63 15.17 10.73
N VAL YA 500 -91.03 13.92 10.50
CA VAL YA 500 -91.11 12.95 11.58
C VAL YA 500 -89.72 12.59 12.08
N ALA YA 501 -88.76 12.46 11.16
CA ALA YA 501 -87.38 12.22 11.58
C ALA YA 501 -86.81 13.43 12.32
N ALA YA 502 -87.19 14.63 11.92
CA ALA YA 502 -86.70 15.84 12.57
C ALA YA 502 -87.27 15.99 13.98
N LEU YA 503 -88.54 15.65 14.15
CA LEU YA 503 -89.11 15.68 15.49
C LEU YA 503 -88.60 14.54 16.34
N ASP YA 504 -88.20 13.42 15.72
CA ASP YA 504 -87.52 12.38 16.46
C ASP YA 504 -86.11 12.80 16.87
N LEU YA 505 -85.52 13.76 16.16
CA LEU YA 505 -84.33 14.41 16.65
C LEU YA 505 -84.64 15.56 17.59
N GLY YA 506 -85.90 15.98 17.68
CA GLY YA 506 -86.32 16.98 18.64
C GLY YA 506 -85.95 18.40 18.28
N TYR YA 507 -86.46 18.89 17.16
CA TYR YA 507 -86.17 20.24 16.73
C TYR YA 507 -87.25 21.18 17.27
N LYS YA 508 -87.30 22.39 16.74
CA LYS YA 508 -88.38 23.33 17.06
C LYS YA 508 -89.31 23.44 15.86
N PRO YA 509 -90.44 22.74 15.85
CA PRO YA 509 -91.41 22.95 14.78
C PRO YA 509 -92.11 24.28 14.96
N GLY YA 510 -92.58 24.82 13.86
CA GLY YA 510 -93.16 26.15 13.95
C GLY YA 510 -92.14 27.24 13.71
N VAL YA 511 -92.62 28.36 13.22
CA VAL YA 511 -91.78 29.50 12.84
C VAL YA 511 -91.81 30.52 13.96
N GLU YA 512 -92.06 30.05 15.19
CA GLU YA 512 -92.19 30.95 16.34
C GLU YA 512 -90.87 31.64 16.65
N ALA YA 513 -89.75 30.93 16.49
CA ALA YA 513 -88.45 31.56 16.69
C ALA YA 513 -88.13 32.55 15.58
N ILE YA 514 -88.69 32.34 14.38
CA ILE YA 514 -88.55 33.32 13.31
C ILE YA 514 -89.38 34.56 13.63
N ARG YA 515 -90.55 34.37 14.23
CA ARG YA 515 -91.36 35.47 14.73
C ARG YA 515 -90.68 36.20 15.88
N LYS YA 516 -89.82 35.51 16.62
CA LYS YA 516 -89.12 36.15 17.74
C LYS YA 516 -87.73 36.66 17.36
N ASN YA 517 -87.04 35.98 16.45
CA ASN YA 517 -85.64 36.28 16.17
C ASN YA 517 -85.39 36.21 14.67
N PRO YA 518 -85.40 37.36 13.98
CA PRO YA 518 -85.05 37.37 12.55
C PRO YA 518 -83.57 37.12 12.35
N PRO YA 519 -83.20 36.10 11.58
CA PRO YA 519 -81.80 35.74 11.42
C PRO YA 519 -81.12 36.47 10.27
N LYS YA 520 -79.80 36.62 10.41
CA LYS YA 520 -78.97 37.15 9.34
C LYS YA 520 -78.54 36.08 8.35
N MET YA 521 -78.72 34.81 8.69
CA MET YA 521 -78.24 33.68 7.91
C MET YA 521 -79.33 32.63 7.88
N LEU YA 522 -79.55 32.03 6.71
CA LEU YA 522 -80.56 30.98 6.69
C LEU YA 522 -80.23 29.92 5.65
N PHE YA 523 -80.50 28.68 6.03
CA PHE YA 523 -80.37 27.51 5.17
C PHE YA 523 -81.77 26.97 4.89
N LEU YA 524 -82.25 27.16 3.67
CA LEU YA 524 -83.53 26.63 3.24
C LEU YA 524 -83.28 25.30 2.55
N LEU YA 525 -83.51 24.21 3.28
CA LEU YA 525 -83.40 22.86 2.73
C LEU YA 525 -84.75 22.47 2.16
N GLY YA 526 -85.01 22.96 0.94
CA GLY YA 526 -86.20 22.58 0.22
C GLY YA 526 -87.50 23.19 0.71
N ALA YA 527 -87.65 24.50 0.55
CA ALA YA 527 -88.91 25.17 0.87
C ALA YA 527 -89.91 24.89 -0.24
N ASP YA 528 -90.95 24.11 0.08
CA ASP YA 528 -91.94 23.73 -0.92
C ASP YA 528 -92.99 24.81 -1.14
N GLY YA 529 -93.77 25.12 -0.11
CA GLY YA 529 -94.84 26.09 -0.20
C GLY YA 529 -94.38 27.50 0.09
N GLY YA 530 -95.35 28.38 0.30
CA GLY YA 530 -95.04 29.75 0.65
C GLY YA 530 -94.96 29.96 2.15
N CYS YA 531 -94.06 29.24 2.80
CA CYS YA 531 -93.92 29.34 4.24
C CYS YA 531 -93.19 30.63 4.62
N VAL YA 532 -91.94 30.77 4.20
CA VAL YA 532 -91.14 31.93 4.57
C VAL YA 532 -90.83 32.75 3.33
N THR YA 533 -90.71 34.05 3.52
CA THR YA 533 -90.40 35.00 2.45
C THR YA 533 -89.37 36.00 2.96
N ARG YA 534 -88.98 36.93 2.09
CA ARG YA 534 -88.11 38.03 2.48
C ARG YA 534 -88.86 39.11 3.26
N GLN YA 535 -90.19 39.06 3.31
CA GLN YA 535 -90.98 40.05 4.03
C GLN YA 535 -90.81 39.93 5.53
N ASP YA 536 -90.37 38.76 6.02
CA ASP YA 536 -90.11 38.56 7.43
C ASP YA 536 -88.63 38.26 7.61
N LEU YA 537 -87.79 39.07 6.96
CA LEU YA 537 -86.38 38.75 6.86
C LEU YA 537 -85.63 40.06 6.68
N PRO YA 538 -84.44 40.22 7.25
CA PRO YA 538 -83.75 41.51 7.18
C PRO YA 538 -83.09 41.79 5.85
N LYS YA 539 -82.32 42.89 5.81
CA LYS YA 539 -81.62 43.30 4.59
C LYS YA 539 -80.49 42.33 4.25
N ASP YA 540 -79.65 42.02 5.23
CA ASP YA 540 -78.61 41.03 5.03
C ASP YA 540 -79.24 39.65 4.96
N CYS YA 541 -79.55 39.19 3.75
CA CYS YA 541 -80.35 37.98 3.61
C CYS YA 541 -79.50 36.74 3.87
N PHE YA 542 -78.54 36.49 2.98
CA PHE YA 542 -77.71 35.29 2.94
C PHE YA 542 -78.54 34.01 3.08
N ILE YA 543 -79.32 33.77 2.04
CA ILE YA 543 -80.08 32.54 1.96
C ILE YA 543 -79.23 31.51 1.22
N VAL YA 544 -79.31 30.27 1.66
CA VAL YA 544 -78.71 29.16 0.92
C VAL YA 544 -79.84 28.16 0.71
N TYR YA 545 -80.37 28.12 -0.51
CA TYR YA 545 -81.37 27.14 -0.86
C TYR YA 545 -80.65 25.90 -1.38
N GLN YA 546 -80.81 24.79 -0.67
CA GLN YA 546 -80.19 23.54 -1.04
C GLN YA 546 -81.28 22.54 -1.39
N GLY YA 547 -81.13 21.85 -2.51
CA GLY YA 547 -82.10 20.83 -2.85
C GLY YA 547 -82.21 20.48 -4.32
N HIS YA 548 -83.41 20.17 -4.76
CA HIS YA 548 -83.64 19.51 -6.04
C HIS YA 548 -84.81 20.15 -6.77
N HIS YA 549 -84.54 20.55 -8.02
CA HIS YA 549 -85.48 21.20 -8.96
C HIS YA 549 -86.33 22.28 -8.29
N GLY YA 550 -85.66 23.12 -7.51
CA GLY YA 550 -86.36 24.10 -6.71
C GLY YA 550 -86.96 25.21 -7.57
N ASP YA 551 -88.20 25.55 -7.25
CA ASP YA 551 -88.89 26.66 -7.88
C ASP YA 551 -89.40 27.70 -6.89
N VAL YA 552 -89.50 27.34 -5.61
CA VAL YA 552 -89.91 28.26 -4.56
C VAL YA 552 -88.70 28.48 -3.67
N GLY YA 553 -88.18 29.70 -3.68
CA GLY YA 553 -86.87 30.00 -3.12
C GLY YA 553 -85.81 30.20 -4.17
N ALA YA 554 -86.03 29.68 -5.37
CA ALA YA 554 -85.13 29.83 -6.51
C ALA YA 554 -85.19 31.21 -7.18
N PRO YA 555 -86.33 31.93 -7.24
CA PRO YA 555 -86.23 33.36 -7.50
C PRO YA 555 -85.80 34.18 -6.29
N ILE YA 556 -85.66 33.56 -5.12
CA ILE YA 556 -85.32 34.23 -3.87
C ILE YA 556 -83.83 33.98 -3.63
N ALA YA 557 -83.14 33.54 -4.68
CA ALA YA 557 -81.86 32.85 -4.53
C ALA YA 557 -80.72 33.80 -4.17
N ASP YA 558 -79.88 33.34 -3.24
CA ASP YA 558 -78.57 33.92 -3.02
C ASP YA 558 -77.47 32.89 -3.20
N VAL YA 559 -77.59 31.72 -2.58
CA VAL YA 559 -76.68 30.60 -2.84
C VAL YA 559 -77.50 29.36 -3.15
N ILE YA 560 -77.40 28.86 -4.37
CA ILE YA 560 -78.12 27.66 -4.80
C ILE YA 560 -77.16 26.48 -4.76
N LEU YA 561 -77.54 25.45 -4.00
CA LEU YA 561 -76.76 24.22 -3.92
C LEU YA 561 -77.60 23.02 -4.35
N PRO YA 562 -77.24 22.34 -5.45
CA PRO YA 562 -78.09 21.28 -6.00
C PRO YA 562 -78.08 19.98 -5.20
N GLY YA 563 -78.95 19.89 -4.19
CA GLY YA 563 -79.01 18.69 -3.38
C GLY YA 563 -79.53 17.49 -4.16
N ALA YA 564 -79.25 16.31 -3.61
CA ALA YA 564 -79.59 15.05 -4.26
C ALA YA 564 -80.98 14.58 -3.84
N ALA YA 565 -81.45 13.53 -4.50
CA ALA YA 565 -82.83 13.06 -4.39
C ALA YA 565 -82.88 11.67 -3.76
N TYR YA 566 -84.11 11.19 -3.56
CA TYR YA 566 -84.32 9.92 -2.87
C TYR YA 566 -83.93 8.72 -3.71
N THR YA 567 -83.87 8.86 -5.02
CA THR YA 567 -83.33 7.82 -5.87
C THR YA 567 -81.82 7.82 -5.93
N GLU YA 568 -81.19 8.77 -5.24
CA GLU YA 568 -79.83 9.16 -5.53
C GLU YA 568 -78.87 9.03 -4.37
N LYS YA 569 -79.36 8.79 -3.16
CA LYS YA 569 -78.50 8.80 -1.98
C LYS YA 569 -79.07 7.86 -0.95
N SER YA 570 -78.19 7.37 -0.07
CA SER YA 570 -78.56 6.39 0.94
C SER YA 570 -79.31 7.10 2.06
N ALA YA 571 -80.59 7.36 1.79
CA ALA YA 571 -81.44 8.05 2.75
C ALA YA 571 -81.87 7.10 3.86
N THR YA 572 -82.25 7.70 4.99
CA THR YA 572 -82.82 6.97 6.11
C THR YA 572 -84.10 7.69 6.52
N TYR YA 573 -85.23 7.04 6.32
CA TYR YA 573 -86.52 7.68 6.52
C TYR YA 573 -87.28 7.01 7.66
N VAL YA 574 -88.25 7.73 8.19
CA VAL YA 574 -89.13 7.24 9.25
C VAL YA 574 -90.57 7.44 8.78
N ASN YA 575 -91.37 6.38 8.86
CA ASN YA 575 -92.77 6.45 8.47
C ASN YA 575 -93.59 7.13 9.57
N THR YA 576 -94.92 7.10 9.43
CA THR YA 576 -95.77 7.74 10.44
C THR YA 576 -95.79 6.98 11.76
N GLU YA 577 -95.44 5.70 11.76
CA GLU YA 577 -95.53 4.87 12.94
C GLU YA 577 -94.19 4.63 13.63
N GLY YA 578 -93.10 5.19 13.09
CA GLY YA 578 -91.82 5.16 13.76
C GLY YA 578 -90.80 4.23 13.15
N ARG YA 579 -91.17 3.41 12.17
CA ARG YA 579 -90.24 2.45 11.62
C ARG YA 579 -89.20 3.14 10.75
N ALA YA 580 -87.95 2.74 10.92
CA ALA YA 580 -86.83 3.31 10.20
C ALA YA 580 -86.47 2.39 9.03
N GLN YA 581 -86.98 2.72 7.86
CA GLN YA 581 -86.65 2.01 6.62
C GLN YA 581 -85.71 2.90 5.81
N GLN YA 582 -84.58 2.35 5.40
CA GLN YA 582 -83.60 3.08 4.63
C GLN YA 582 -83.74 2.75 3.15
N THR YA 583 -83.12 3.59 2.32
CA THR YA 583 -83.08 3.38 0.89
C THR YA 583 -81.65 3.19 0.44
N LYS YA 584 -81.49 2.70 -0.78
CA LYS YA 584 -80.18 2.51 -1.37
C LYS YA 584 -80.09 3.27 -2.69
N VAL YA 585 -78.86 3.49 -3.14
CA VAL YA 585 -78.61 4.30 -4.32
C VAL YA 585 -78.99 3.51 -5.56
N ALA YA 586 -79.90 4.05 -6.36
CA ALA YA 586 -80.30 3.44 -7.62
C ALA YA 586 -79.72 4.17 -8.83
N VAL YA 587 -79.89 5.48 -8.88
CA VAL YA 587 -79.42 6.29 -10.00
C VAL YA 587 -78.51 7.39 -9.45
N MET YA 588 -77.30 7.47 -9.98
CA MET YA 588 -76.43 8.59 -9.62
C MET YA 588 -76.95 9.88 -10.26
N PRO YA 589 -76.80 11.01 -9.56
CA PRO YA 589 -77.51 12.24 -9.97
C PRO YA 589 -76.89 12.86 -11.20
N PRO YA 590 -77.68 13.56 -12.00
CA PRO YA 590 -77.11 14.35 -13.10
C PRO YA 590 -76.56 15.67 -12.61
N GLY YA 591 -75.77 16.29 -13.47
CA GLY YA 591 -75.09 17.51 -13.06
C GLY YA 591 -73.98 17.21 -12.08
N LEU YA 592 -73.69 18.19 -11.24
CA LEU YA 592 -72.65 17.99 -10.22
C LEU YA 592 -73.22 17.26 -9.01
N ALA YA 593 -74.12 17.92 -8.29
CA ALA YA 593 -75.16 17.33 -7.44
C ALA YA 593 -74.63 16.36 -6.39
N ARG YA 594 -73.87 16.91 -5.45
CA ARG YA 594 -73.35 16.05 -4.39
C ARG YA 594 -74.42 15.79 -3.33
N GLU YA 595 -74.10 14.90 -2.40
CA GLU YA 595 -75.01 14.59 -1.31
C GLU YA 595 -75.01 15.71 -0.27
N ASP YA 596 -76.08 15.75 0.52
CA ASP YA 596 -76.32 16.90 1.39
C ASP YA 596 -75.37 16.92 2.58
N TRP YA 597 -75.27 15.78 3.28
CA TRP YA 597 -74.31 15.65 4.37
C TRP YA 597 -72.88 15.79 3.88
N LYS YA 598 -72.63 15.41 2.63
CA LYS YA 598 -71.31 15.58 2.02
C LYS YA 598 -70.97 17.05 1.85
N ILE YA 599 -71.95 17.84 1.38
CA ILE YA 599 -71.77 19.29 1.28
C ILE YA 599 -71.55 19.91 2.66
N ILE YA 600 -72.29 19.40 3.66
CA ILE YA 600 -72.17 19.91 5.02
C ILE YA 600 -70.79 19.60 5.59
N ARG YA 601 -70.30 18.38 5.37
CA ARG YA 601 -69.02 18.01 5.96
C ARG YA 601 -67.85 18.63 5.18
N ALA YA 602 -68.04 18.93 3.90
CA ALA YA 602 -67.02 19.69 3.17
C ALA YA 602 -67.00 21.15 3.63
N LEU YA 603 -68.18 21.72 3.91
CA LEU YA 603 -68.26 23.06 4.47
C LEU YA 603 -67.63 23.12 5.86
N SER YA 604 -67.77 22.03 6.62
CA SER YA 604 -67.11 21.94 7.92
C SER YA 604 -65.61 21.77 7.78
N GLU YA 605 -65.17 21.10 6.70
CA GLU YA 605 -63.74 21.00 6.42
C GLU YA 605 -63.14 22.37 6.10
N ILE YA 606 -63.84 23.16 5.31
CA ILE YA 606 -63.28 24.45 4.90
C ILE YA 606 -63.43 25.50 6.00
N ALA YA 607 -64.59 25.55 6.64
CA ALA YA 607 -64.83 26.55 7.69
C ALA YA 607 -64.03 26.20 8.94
N GLY YA 608 -64.02 27.15 9.88
CA GLY YA 608 -63.15 27.06 11.04
C GLY YA 608 -63.68 26.23 12.19
N MET YA 609 -64.15 25.03 11.90
CA MET YA 609 -64.59 24.06 12.90
C MET YA 609 -64.45 22.67 12.28
N THR YA 610 -65.07 21.67 12.90
CA THR YA 610 -64.85 20.30 12.44
C THR YA 610 -66.07 19.43 12.71
N LEU YA 611 -66.31 18.49 11.79
CA LEU YA 611 -67.18 17.34 12.00
C LEU YA 611 -66.29 16.11 11.98
N PRO YA 612 -65.67 15.75 13.10
CA PRO YA 612 -64.60 14.74 13.07
C PRO YA 612 -65.09 13.30 12.85
N TYR YA 613 -65.69 13.08 11.68
CA TYR YA 613 -66.22 11.79 11.25
C TYR YA 613 -66.46 11.87 9.76
N ASP YA 614 -65.95 10.92 8.99
CA ASP YA 614 -65.81 11.06 7.56
C ASP YA 614 -66.75 10.15 6.78
N THR YA 615 -66.67 8.84 7.00
CA THR YA 615 -67.43 7.90 6.20
C THR YA 615 -68.89 7.92 6.61
N LEU YA 616 -69.73 7.46 5.68
CA LEU YA 616 -71.16 7.33 5.96
C LEU YA 616 -71.42 6.28 7.02
N ASP YA 617 -70.51 5.31 7.16
CA ASP YA 617 -70.54 4.38 8.28
C ASP YA 617 -70.46 5.12 9.61
N GLN YA 618 -69.50 6.05 9.71
CA GLN YA 618 -69.36 6.89 10.89
C GLN YA 618 -70.54 7.85 11.05
N VAL YA 619 -71.14 8.27 9.92
CA VAL YA 619 -72.32 9.13 9.98
C VAL YA 619 -73.49 8.40 10.62
N ARG YA 620 -73.72 7.14 10.21
CA ARG YA 620 -74.79 6.38 10.83
C ARG YA 620 -74.46 5.88 12.22
N ASN YA 621 -73.16 5.75 12.55
CA ASN YA 621 -72.78 5.50 13.93
C ASN YA 621 -73.12 6.69 14.82
N ARG YA 622 -72.86 7.91 14.35
CA ARG YA 622 -73.29 9.09 15.09
C ARG YA 622 -74.82 9.24 15.08
N LEU YA 623 -75.46 8.73 14.03
CA LEU YA 623 -76.92 8.70 14.00
C LEU YA 623 -77.47 7.82 15.11
N GLU YA 624 -76.83 6.69 15.38
CA GLU YA 624 -77.20 5.91 16.56
C GLU YA 624 -76.83 6.64 17.84
N GLU YA 625 -75.67 7.32 17.86
CA GLU YA 625 -75.21 8.11 19.00
C GLU YA 625 -76.04 9.36 19.25
N VAL YA 626 -77.01 9.65 18.40
CA VAL YA 626 -78.04 10.65 18.68
C VAL YA 626 -79.38 9.98 18.99
N SER YA 627 -79.88 9.17 18.08
CA SER YA 627 -81.15 8.47 18.27
C SER YA 627 -80.94 6.97 18.08
N PRO YA 628 -81.33 6.16 19.04
CA PRO YA 628 -80.91 4.75 19.03
C PRO YA 628 -81.71 3.86 18.08
N ASN YA 629 -82.99 4.12 17.92
CA ASN YA 629 -83.86 3.19 17.19
C ASN YA 629 -83.78 3.33 15.68
N LEU YA 630 -82.99 4.26 15.16
CA LEU YA 630 -83.00 4.48 13.72
C LEU YA 630 -82.16 3.44 12.99
N VAL YA 631 -81.18 2.84 13.66
CA VAL YA 631 -80.42 1.77 13.02
C VAL YA 631 -81.22 0.48 12.97
N ARG YA 632 -82.31 0.39 13.75
CA ARG YA 632 -83.21 -0.75 13.69
C ARG YA 632 -84.00 -0.71 12.39
N TYR YA 633 -83.50 -1.42 11.40
CA TYR YA 633 -84.10 -1.43 10.07
C TYR YA 633 -85.32 -2.33 10.06
N ASP YA 634 -86.39 -1.83 9.44
CA ASP YA 634 -87.67 -2.54 9.28
C ASP YA 634 -88.29 -2.92 10.63
N ASP YA 635 -88.08 -2.09 11.64
CA ASP YA 635 -88.48 -2.40 13.00
C ASP YA 635 -89.36 -1.29 13.54
N VAL YA 636 -90.51 -1.65 14.11
CA VAL YA 636 -91.38 -0.70 14.78
C VAL YA 636 -91.38 -1.03 16.27
N GLU YA 637 -91.45 0.02 17.09
CA GLU YA 637 -91.52 -0.14 18.55
C GLU YA 637 -92.21 1.11 19.09
N GLY YA 638 -93.50 0.99 19.42
CA GLY YA 638 -94.27 2.14 19.82
C GLY YA 638 -93.92 2.63 21.21
N ALA YA 639 -94.32 3.86 21.48
CA ALA YA 639 -94.05 4.51 22.76
C ALA YA 639 -95.20 4.24 23.73
N ASN YA 640 -95.21 4.95 24.86
CA ASN YA 640 -96.13 4.68 25.97
C ASN YA 640 -96.48 6.01 26.63
N TYR YA 641 -96.99 5.93 27.87
CA TYR YA 641 -97.16 7.06 28.78
C TYR YA 641 -98.19 8.07 28.28
N PHE YA 642 -99.37 7.55 27.93
CA PHE YA 642 -100.48 8.40 27.47
C PHE YA 642 -100.92 9.36 28.56
N GLN YA 643 -101.17 8.82 29.76
CA GLN YA 643 -101.63 9.63 30.87
C GLN YA 643 -100.56 10.60 31.36
N GLN YA 644 -99.29 10.19 31.28
CA GLN YA 644 -98.20 11.09 31.66
C GLN YA 644 -98.07 12.26 30.69
N ALA YA 645 -98.13 11.98 29.37
CA ALA YA 645 -98.13 13.07 28.40
C ALA YA 645 -99.38 13.95 28.54
N SER YA 646 -100.51 13.35 28.92
CA SER YA 646 -101.74 14.10 29.12
C SER YA 646 -101.61 15.07 30.28
N GLU YA 647 -101.19 14.57 31.46
CA GLU YA 647 -101.03 15.44 32.62
C GLU YA 647 -99.89 16.43 32.47
N LEU YA 648 -98.93 16.16 31.58
CA LEU YA 648 -98.00 17.22 31.22
C LEU YA 648 -98.65 18.28 30.34
N SER YA 649 -99.65 17.90 29.56
CA SER YA 649 -100.35 18.88 28.72
C SER YA 649 -101.67 19.37 29.32
N LYS YA 650 -101.92 19.14 30.61
CA LYS YA 650 -103.14 19.65 31.25
C LYS YA 650 -102.99 21.05 31.83
N LEU YA 651 -101.78 21.61 31.88
CA LEU YA 651 -101.51 22.70 32.80
C LEU YA 651 -102.10 24.03 32.32
N VAL YA 652 -101.96 24.32 31.03
CA VAL YA 652 -102.41 25.59 30.46
C VAL YA 652 -103.46 25.31 29.41
N ASN YA 653 -104.65 25.86 29.61
CA ASN YA 653 -105.68 25.82 28.57
C ASN YA 653 -105.35 26.80 27.45
N GLN YA 654 -105.77 26.45 26.24
CA GLN YA 654 -105.76 27.38 25.12
C GLN YA 654 -107.14 27.38 24.48
N GLN YA 655 -107.51 28.52 23.93
CA GLN YA 655 -108.83 28.67 23.34
C GLN YA 655 -108.92 27.94 22.00
N LEU YA 656 -110.15 27.81 21.52
CA LEU YA 656 -110.43 27.17 20.23
C LEU YA 656 -111.23 28.15 19.39
N LEU YA 657 -110.77 28.39 18.16
CA LEU YA 657 -111.54 29.20 17.23
C LEU YA 657 -112.80 28.45 16.82
N ALA YA 658 -113.96 29.05 17.10
CA ALA YA 658 -115.24 28.34 17.03
C ALA YA 658 -115.70 28.06 15.60
N ASP YA 659 -115.02 28.60 14.59
CA ASP YA 659 -115.40 28.36 13.22
C ASP YA 659 -115.12 26.91 12.82
N PRO YA 660 -115.94 26.32 11.95
CA PRO YA 660 -115.65 24.98 11.46
C PRO YA 660 -114.40 24.94 10.61
N LEU YA 661 -113.84 23.74 10.50
CA LEU YA 661 -112.55 23.54 9.85
C LEU YA 661 -112.73 22.91 8.48
N VAL YA 662 -111.72 23.09 7.64
CA VAL YA 662 -111.68 22.47 6.32
C VAL YA 662 -110.25 22.04 6.05
N PRO YA 663 -110.02 20.84 5.54
CA PRO YA 663 -108.67 20.43 5.18
C PRO YA 663 -108.19 21.20 3.96
N PRO YA 664 -106.93 21.65 3.96
CA PRO YA 664 -106.36 22.20 2.71
C PRO YA 664 -106.24 21.16 1.62
N GLN YA 665 -105.88 19.92 1.97
CA GLN YA 665 -105.97 18.82 1.03
C GLN YA 665 -107.42 18.48 0.79
N LEU YA 666 -108.01 19.05 -0.26
CA LEU YA 666 -109.45 19.01 -0.45
C LEU YA 666 -109.90 18.19 -1.64
N THR YA 667 -109.15 18.19 -2.75
CA THR YA 667 -109.72 17.66 -3.99
C THR YA 667 -108.61 17.08 -4.87
N ILE YA 668 -108.98 16.82 -6.12
CA ILE YA 668 -108.11 16.14 -7.08
C ILE YA 668 -106.94 17.03 -7.46
N LYS YA 669 -107.25 18.28 -7.84
CA LYS YA 669 -106.22 19.23 -8.24
C LYS YA 669 -105.33 19.59 -7.06
N ASP YA 670 -105.88 19.57 -5.85
CA ASP YA 670 -105.07 19.89 -4.69
C ASP YA 670 -104.19 18.71 -4.28
N PHE YA 671 -104.62 17.49 -4.59
CA PHE YA 671 -103.72 16.35 -4.38
C PHE YA 671 -102.60 16.36 -5.41
N TYR YA 672 -102.93 16.62 -6.67
CA TYR YA 672 -101.93 16.53 -7.73
C TYR YA 672 -100.99 17.72 -7.78
N MET YA 673 -101.36 18.86 -7.17
CA MET YA 673 -100.55 20.05 -7.27
C MET YA 673 -99.79 20.42 -6.01
N THR YA 674 -100.29 20.10 -4.83
CA THR YA 674 -99.70 20.66 -3.60
C THR YA 674 -98.58 19.75 -3.08
N ASP YA 675 -97.63 19.47 -3.96
CA ASP YA 675 -96.30 18.98 -3.67
C ASP YA 675 -95.39 19.53 -4.76
N SER YA 676 -94.15 19.85 -4.40
CA SER YA 676 -93.26 20.48 -5.37
C SER YA 676 -92.79 19.49 -6.43
N ILE YA 677 -92.60 18.23 -6.05
CA ILE YA 677 -92.15 17.24 -7.02
C ILE YA 677 -93.28 16.87 -7.96
N SER YA 678 -94.52 16.88 -7.46
CA SER YA 678 -95.68 16.71 -8.33
C SER YA 678 -95.88 17.94 -9.22
N ARG YA 679 -95.58 19.12 -8.67
CA ARG YA 679 -95.81 20.38 -9.39
C ARG YA 679 -94.78 20.57 -10.49
N ALA YA 680 -93.58 20.04 -10.31
CA ALA YA 680 -92.50 20.18 -11.28
C ALA YA 680 -92.64 19.28 -12.49
N SER YA 681 -93.71 18.48 -12.58
CA SER YA 681 -93.94 17.60 -13.70
C SER YA 681 -95.00 18.17 -14.63
N GLN YA 682 -95.20 17.48 -15.75
CA GLN YA 682 -96.21 17.86 -16.72
C GLN YA 682 -97.45 16.99 -16.67
N THR YA 683 -97.26 15.70 -16.35
CA THR YA 683 -98.37 14.75 -16.37
C THR YA 683 -99.41 15.06 -15.31
N MET YA 684 -98.95 15.61 -14.18
CA MET YA 684 -99.86 16.05 -13.13
C MET YA 684 -100.72 17.21 -13.61
N ALA YA 685 -100.13 18.17 -14.32
CA ALA YA 685 -100.91 19.27 -14.88
C ALA YA 685 -101.87 18.79 -15.96
N LYS YA 686 -101.45 17.77 -16.72
CA LYS YA 686 -102.33 17.17 -17.73
C LYS YA 686 -103.58 16.57 -17.10
N CYS YA 687 -103.40 15.75 -16.07
CA CYS YA 687 -104.57 15.13 -15.46
C CYS YA 687 -105.37 16.12 -14.63
N VAL YA 688 -104.74 17.18 -14.11
CA VAL YA 688 -105.48 18.26 -13.46
C VAL YA 688 -106.41 18.96 -14.45
N LYS YA 689 -105.88 19.36 -15.61
CA LYS YA 689 -106.76 20.05 -16.56
C LYS YA 689 -107.77 19.12 -17.18
N ALA YA 690 -107.47 17.82 -17.25
CA ALA YA 690 -108.47 16.86 -17.73
C ALA YA 690 -109.57 16.64 -16.71
N VAL YA 691 -109.27 16.78 -15.41
CA VAL YA 691 -110.34 16.79 -14.42
C VAL YA 691 -111.17 18.08 -14.55
N THR YA 692 -110.50 19.22 -14.67
CA THR YA 692 -111.21 20.50 -14.72
C THR YA 692 -111.92 20.76 -16.04
N GLU YA 693 -111.73 19.92 -17.05
CA GLU YA 693 -112.61 19.96 -18.23
C GLU YA 693 -114.03 19.55 -17.85
N ALA ZA 1 16.70 -47.96 17.40
CA ALA ZA 1 17.66 -48.96 17.00
C ALA ZA 1 19.06 -48.37 16.96
N ARG ZA 2 19.25 -47.28 17.73
CA ARG ZA 2 20.53 -46.66 18.10
C ARG ZA 2 21.18 -45.92 16.92
N GLN ZA 3 20.64 -46.07 15.71
CA GLN ZA 3 21.12 -45.37 14.54
C GLN ZA 3 20.15 -44.27 14.21
N TRP ZA 4 20.68 -43.06 13.98
CA TRP ZA 4 19.83 -41.91 13.74
C TRP ZA 4 19.13 -42.04 12.38
N GLN ZA 5 17.90 -41.56 12.32
CA GLN ZA 5 17.12 -41.56 11.10
C GLN ZA 5 16.61 -40.16 10.80
N PRO ZA 6 16.52 -39.80 9.53
CA PRO ZA 6 15.82 -38.56 9.18
C PRO ZA 6 14.34 -38.69 9.50
N ASP ZA 7 13.78 -37.61 10.02
CA ASP ZA 7 12.49 -37.68 10.68
C ASP ZA 7 11.43 -37.00 9.82
N VAL ZA 8 10.23 -36.89 10.41
CA VAL ZA 8 9.08 -36.34 9.70
C VAL ZA 8 9.31 -34.88 9.36
N GLU ZA 9 10.01 -34.14 10.22
CA GLU ZA 9 10.30 -32.76 9.89
C GLU ZA 9 11.36 -32.64 8.79
N TRP ZA 10 12.28 -33.61 8.70
CA TRP ZA 10 13.20 -33.66 7.57
C TRP ZA 10 12.46 -33.94 6.28
N ALA ZA 11 11.48 -34.85 6.33
CA ALA ZA 11 10.73 -35.16 5.12
C ALA ZA 11 9.81 -34.01 4.73
N GLU ZA 12 9.34 -33.23 5.69
CA GLU ZA 12 8.59 -32.02 5.37
C GLU ZA 12 9.51 -30.92 4.85
N GLN ZA 13 10.78 -30.92 5.27
CA GLN ZA 13 11.78 -30.08 4.61
C GLN ZA 13 11.99 -30.52 3.17
N TYR ZA 14 11.81 -31.80 2.87
CA TYR ZA 14 11.73 -32.23 1.48
C TYR ZA 14 10.29 -32.19 0.98
N GLY ZA 15 9.63 -31.05 1.18
CA GLY ZA 15 8.25 -30.89 0.78
C GLY ZA 15 8.02 -29.52 0.19
N GLY ZA 16 6.81 -29.31 -0.29
CA GLY ZA 16 6.48 -28.08 -0.97
C GLY ZA 16 6.86 -28.15 -2.44
N ALA ZA 17 6.60 -27.04 -3.12
CA ALA ZA 17 6.85 -26.98 -4.55
C ALA ZA 17 8.34 -26.93 -4.87
N VAL ZA 18 9.08 -26.07 -4.16
CA VAL ZA 18 10.51 -25.94 -4.38
C VAL ZA 18 11.24 -26.34 -3.11
N MET ZA 19 12.56 -26.30 -3.13
CA MET ZA 19 13.33 -26.62 -1.94
C MET ZA 19 13.64 -25.38 -1.10
N TYR ZA 20 14.06 -24.28 -1.74
CA TYR ZA 20 14.51 -23.11 -1.01
C TYR ZA 20 13.35 -22.13 -0.80
N PRO ZA 21 12.95 -21.84 0.43
CA PRO ZA 21 11.93 -20.82 0.63
C PRO ZA 21 12.54 -19.43 0.59
N THR ZA 22 11.89 -18.53 -0.14
CA THR ZA 22 12.40 -17.18 -0.31
C THR ZA 22 11.36 -16.13 0.03
N LYS ZA 23 11.65 -14.89 -0.34
CA LYS ZA 23 10.63 -13.85 -0.33
C LYS ZA 23 9.54 -14.13 -1.36
N GLU ZA 24 9.89 -14.81 -2.45
CA GLU ZA 24 8.99 -14.93 -3.59
C GLU ZA 24 8.13 -16.19 -3.55
N THR ZA 25 8.74 -17.34 -3.33
CA THR ZA 25 8.18 -18.61 -3.75
C THR ZA 25 7.11 -19.19 -2.80
N ALA ZA 26 6.50 -18.38 -1.94
CA ALA ZA 26 5.45 -18.88 -1.06
C ALA ZA 26 4.14 -19.14 -1.79
N HIS ZA 27 3.89 -18.45 -2.90
CA HIS ZA 27 2.66 -18.64 -3.65
C HIS ZA 27 2.66 -19.90 -4.51
N TRP ZA 28 3.84 -20.44 -4.81
CA TRP ZA 28 3.98 -21.59 -5.69
C TRP ZA 28 3.64 -22.85 -4.91
N LYS ZA 29 2.57 -23.52 -5.32
CA LYS ZA 29 1.89 -24.66 -4.71
C LYS ZA 29 2.46 -25.98 -5.20
N PRO ZA 30 2.41 -27.02 -4.37
CA PRO ZA 30 2.76 -28.35 -4.85
C PRO ZA 30 1.69 -28.87 -5.80
N PRO ZA 31 2.07 -29.70 -6.78
CA PRO ZA 31 1.07 -30.22 -7.72
C PRO ZA 31 0.20 -31.26 -7.03
N PRO ZA 32 -1.02 -31.46 -7.53
CA PRO ZA 32 -1.86 -32.53 -6.96
C PRO ZA 32 -1.38 -33.89 -7.39
N TRP ZA 33 -1.56 -34.85 -6.47
CA TRP ZA 33 -1.11 -36.21 -6.68
C TRP ZA 33 -1.94 -36.94 -7.71
N ASN ZA 34 -3.18 -36.49 -7.91
CA ASN ZA 34 -4.01 -36.98 -9.00
C ASN ZA 34 -3.43 -36.65 -10.36
N ASP ZA 35 -2.60 -35.61 -10.44
CA ASP ZA 35 -2.20 -34.93 -11.68
C ASP ZA 35 -3.43 -34.48 -12.48
N VAL ZA 36 -4.49 -34.12 -11.76
CA VAL ZA 36 -5.76 -33.72 -12.33
C VAL ZA 36 -6.22 -32.51 -11.51
N ASP ZA 37 -6.25 -31.35 -12.14
CA ASP ZA 37 -6.84 -30.20 -11.49
C ASP ZA 37 -8.36 -30.39 -11.40
N PRO ZA 38 -9.00 -29.82 -10.38
CA PRO ZA 38 -10.45 -29.96 -10.26
C PRO ZA 38 -11.15 -29.22 -11.37
N PRO ZA 39 -12.31 -29.70 -11.83
CA PRO ZA 39 -12.93 -29.13 -13.03
C PRO ZA 39 -13.52 -27.75 -12.77
N LYS ZA 40 -13.20 -26.83 -13.67
CA LYS ZA 40 -13.70 -25.46 -13.59
C LYS ZA 40 -15.12 -25.46 -14.14
N ASP ZA 41 -16.10 -25.34 -13.25
CA ASP ZA 41 -17.51 -25.53 -13.57
C ASP ZA 41 -18.26 -24.21 -13.67
N THR ZA 42 -17.65 -23.20 -14.28
CA THR ZA 42 -18.27 -21.88 -14.37
C THR ZA 42 -19.48 -21.88 -15.31
N LEU ZA 43 -19.28 -22.24 -16.58
CA LEU ZA 43 -20.35 -22.29 -17.57
C LEU ZA 43 -20.46 -23.71 -18.13
N VAL ZA 44 -21.26 -24.53 -17.46
CA VAL ZA 44 -21.58 -25.88 -17.93
C VAL ZA 44 -23.09 -25.82 -18.20
N SER ZA 45 -23.55 -24.65 -18.61
CA SER ZA 45 -24.98 -24.38 -18.71
C SER ZA 45 -25.62 -25.11 -19.88
N ASN ZA 46 -26.84 -25.56 -19.67
CA ASN ZA 46 -27.66 -26.07 -20.77
C ASN ZA 46 -28.05 -24.93 -21.69
N LEU ZA 47 -28.05 -25.19 -22.99
CA LEU ZA 47 -28.30 -24.12 -23.94
C LEU ZA 47 -29.81 -23.86 -24.00
N THR ZA 48 -30.24 -22.73 -23.47
CA THR ZA 48 -31.67 -22.41 -23.41
C THR ZA 48 -32.01 -21.46 -24.55
N LEU ZA 49 -33.06 -21.80 -25.30
CA LEU ZA 49 -33.53 -20.99 -26.40
C LEU ZA 49 -35.02 -20.71 -26.23
N ASN ZA 50 -35.39 -19.46 -26.50
CA ASN ZA 50 -36.76 -18.99 -26.35
C ASN ZA 50 -37.35 -18.75 -27.73
N PHE ZA 51 -38.05 -19.75 -28.27
CA PHE ZA 51 -38.93 -19.47 -29.39
C PHE ZA 51 -40.11 -18.69 -28.83
N GLY ZA 52 -40.03 -17.37 -28.92
CA GLY ZA 52 -41.04 -16.51 -28.35
C GLY ZA 52 -42.29 -16.47 -29.19
N PRO ZA 53 -43.14 -15.47 -28.95
CA PRO ZA 53 -44.36 -15.32 -29.75
C PRO ZA 53 -44.11 -14.87 -31.19
N GLN ZA 54 -42.87 -14.51 -31.54
CA GLN ZA 54 -42.53 -14.34 -32.95
C GLN ZA 54 -42.42 -15.71 -33.60
N HIS ZA 55 -42.40 -15.71 -34.93
CA HIS ZA 55 -42.61 -16.94 -35.69
C HIS ZA 55 -41.40 -17.86 -35.60
N PRO ZA 56 -41.52 -19.06 -35.01
CA PRO ZA 56 -40.39 -19.97 -34.80
C PRO ZA 56 -39.94 -20.64 -36.11
N GLY ZA 60 -50.54 -21.92 -35.93
CA GLY ZA 60 -50.61 -21.78 -34.49
C GLY ZA 60 -49.38 -21.12 -33.90
N VAL ZA 61 -49.57 -20.34 -32.85
CA VAL ZA 61 -48.50 -19.61 -32.19
C VAL ZA 61 -48.41 -20.06 -30.74
N LEU ZA 62 -47.22 -20.45 -30.31
CA LEU ZA 62 -46.94 -20.81 -28.93
C LEU ZA 62 -45.63 -20.18 -28.52
N ARG ZA 63 -45.28 -20.32 -27.25
CA ARG ZA 63 -43.92 -20.02 -26.81
C ARG ZA 63 -43.28 -21.33 -26.37
N LEU ZA 64 -42.02 -21.55 -26.78
CA LEU ZA 64 -41.32 -22.76 -26.41
C LEU ZA 64 -39.99 -22.38 -25.77
N VAL ZA 65 -39.74 -22.91 -24.58
CA VAL ZA 65 -38.45 -22.76 -23.91
C VAL ZA 65 -37.75 -24.10 -24.01
N MET ZA 66 -36.72 -24.19 -24.85
CA MET ZA 66 -36.00 -25.44 -25.02
C MET ZA 66 -34.64 -25.37 -24.34
N GLU ZA 67 -34.43 -26.24 -23.38
CA GLU ZA 67 -33.10 -26.52 -22.87
C GLU ZA 67 -32.51 -27.61 -23.76
N LEU ZA 68 -31.26 -27.44 -24.17
CA LEU ZA 68 -30.76 -28.40 -25.13
C LEU ZA 68 -29.27 -28.64 -24.93
N SER ZA 69 -28.84 -29.88 -25.20
CA SER ZA 69 -27.51 -30.04 -25.74
C SER ZA 69 -27.64 -30.05 -27.26
N GLY ZA 70 -26.60 -29.51 -27.91
CA GLY ZA 70 -26.61 -29.01 -29.27
C GLY ZA 70 -27.03 -29.98 -30.35
N GLU ZA 71 -28.18 -29.69 -30.97
CA GLU ZA 71 -28.89 -30.50 -31.98
C GLU ZA 71 -29.29 -31.88 -31.46
N MET ZA 72 -29.15 -32.11 -30.16
CA MET ZA 72 -29.61 -33.29 -29.44
C MET ZA 72 -29.87 -32.77 -28.02
N VAL ZA 73 -31.12 -32.41 -27.76
CA VAL ZA 73 -31.77 -31.55 -26.77
C VAL ZA 73 -31.54 -31.92 -25.30
N ARG ZA 74 -32.25 -31.22 -24.41
CA ARG ZA 74 -32.43 -31.71 -23.04
C ARG ZA 74 -33.90 -31.79 -22.65
N LYS ZA 75 -34.59 -30.66 -22.73
CA LYS ZA 75 -35.94 -30.48 -22.21
C LYS ZA 75 -36.65 -29.41 -23.01
N CYS ZA 76 -37.96 -29.34 -22.83
CA CYS ZA 76 -38.78 -28.38 -23.56
C CYS ZA 76 -40.02 -28.05 -22.74
N ASP ZA 77 -40.36 -26.76 -22.71
CA ASP ZA 77 -41.49 -26.28 -21.93
C ASP ZA 77 -42.38 -25.45 -22.84
N PRO ZA 78 -43.59 -25.91 -23.13
CA PRO ZA 78 -44.53 -25.09 -23.91
C PRO ZA 78 -45.28 -24.13 -23.01
N HIS ZA 79 -45.04 -22.84 -23.19
CA HIS ZA 79 -45.89 -21.81 -22.63
C HIS ZA 79 -47.02 -21.58 -23.62
N ILE ZA 80 -48.23 -21.95 -23.20
CA ILE ZA 80 -49.44 -21.85 -24.00
C ILE ZA 80 -50.49 -21.20 -23.12
N GLY ZA 81 -51.57 -20.73 -23.74
CA GLY ZA 81 -52.57 -19.93 -23.08
C GLY ZA 81 -52.54 -18.50 -23.53
N LEU ZA 82 -51.63 -18.15 -24.45
CA LEU ZA 82 -51.54 -16.81 -24.96
C LEU ZA 82 -52.75 -16.45 -25.82
N LEU ZA 83 -53.41 -17.43 -26.40
CA LEU ZA 83 -54.67 -17.21 -27.09
C LEU ZA 83 -55.82 -17.62 -26.17
N HIS ZA 84 -55.98 -16.86 -25.09
CA HIS ZA 84 -57.06 -17.12 -24.14
C HIS ZA 84 -58.17 -16.09 -24.29
N ARG ZA 85 -59.41 -16.56 -24.23
CA ARG ZA 85 -60.54 -15.70 -24.54
C ARG ZA 85 -61.65 -15.69 -23.50
N GLY ZA 86 -61.58 -16.52 -22.46
CA GLY ZA 86 -62.59 -16.48 -21.42
C GLY ZA 86 -63.96 -16.97 -21.84
N THR ZA 87 -64.00 -17.93 -22.76
CA THR ZA 87 -65.26 -18.44 -23.29
C THR ZA 87 -66.09 -19.10 -22.22
N GLU ZA 88 -65.43 -19.75 -21.24
CA GLU ZA 88 -66.15 -20.38 -20.14
C GLU ZA 88 -66.89 -19.34 -19.31
N LYS ZA 89 -66.21 -18.24 -18.99
CA LYS ZA 89 -66.83 -17.17 -18.22
C LYS ZA 89 -67.96 -16.50 -19.00
N LEU ZA 90 -67.78 -16.34 -20.31
CA LEU ZA 90 -68.82 -15.67 -21.09
C LEU ZA 90 -70.04 -16.56 -21.27
N ILE ZA 91 -69.84 -17.87 -21.42
CA ILE ZA 91 -70.97 -18.79 -21.48
C ILE ZA 91 -71.68 -18.83 -20.12
N GLU ZA 92 -70.90 -18.72 -19.04
CA GLU ZA 92 -71.49 -18.58 -17.71
C GLU ZA 92 -72.31 -17.30 -17.56
N TYR ZA 93 -72.06 -16.28 -18.37
CA TYR ZA 93 -72.90 -15.09 -18.31
C TYR ZA 93 -73.88 -14.97 -19.46
N LYS ZA 94 -74.17 -16.04 -20.21
CA LYS ZA 94 -75.07 -15.92 -21.35
C LYS ZA 94 -76.05 -17.08 -21.37
N THR ZA 95 -76.78 -17.19 -22.48
CA THR ZA 95 -77.75 -18.23 -22.76
C THR ZA 95 -77.11 -19.33 -23.61
N TYR ZA 96 -77.86 -20.41 -23.80
CA TYR ZA 96 -77.36 -21.53 -24.60
C TYR ZA 96 -77.25 -21.15 -26.07
N LEU ZA 97 -78.29 -20.48 -26.58
CA LEU ZA 97 -78.34 -20.09 -27.98
C LEU ZA 97 -77.28 -19.06 -28.32
N GLN ZA 98 -76.87 -18.26 -27.33
CA GLN ZA 98 -75.72 -17.40 -27.50
C GLN ZA 98 -74.41 -18.10 -27.22
N ALA ZA 99 -74.43 -19.19 -26.43
CA ALA ZA 99 -73.21 -19.96 -26.22
C ALA ZA 99 -72.84 -20.78 -27.43
N LEU ZA 100 -73.78 -21.02 -28.34
CA LEU ZA 100 -73.51 -21.88 -29.48
C LEU ZA 100 -72.44 -21.39 -30.47
N PRO ZA 101 -72.23 -20.09 -30.74
CA PRO ZA 101 -71.06 -19.73 -31.56
C PRO ZA 101 -69.72 -20.00 -30.89
N TYR ZA 102 -69.66 -19.98 -29.55
CA TYR ZA 102 -68.43 -20.38 -28.88
C TYR ZA 102 -68.11 -21.85 -29.16
N PHE ZA 103 -69.13 -22.69 -29.14
CA PHE ZA 103 -68.95 -24.08 -29.53
C PHE ZA 103 -68.88 -24.25 -31.03
N ASP ZA 104 -69.10 -23.19 -31.81
CA ASP ZA 104 -68.74 -23.27 -33.20
C ASP ZA 104 -67.24 -23.02 -33.39
N ARG ZA 105 -66.65 -22.13 -32.58
CA ARG ZA 105 -65.34 -21.62 -32.92
C ARG ZA 105 -64.24 -21.88 -31.90
N LEU ZA 106 -64.50 -22.66 -30.84
CA LEU ZA 106 -63.40 -23.02 -29.95
C LEU ZA 106 -62.41 -23.92 -30.66
N ASP ZA 107 -62.90 -24.86 -31.45
CA ASP ZA 107 -62.17 -25.35 -32.61
C ASP ZA 107 -62.83 -24.75 -33.83
N TYR ZA 108 -62.03 -24.13 -34.68
CA TYR ZA 108 -62.58 -23.43 -35.82
C TYR ZA 108 -62.43 -24.17 -37.14
N VAL ZA 109 -61.50 -25.11 -37.23
CA VAL ZA 109 -61.42 -25.91 -38.45
C VAL ZA 109 -62.55 -26.92 -38.47
N SER ZA 110 -62.84 -27.54 -37.33
CA SER ZA 110 -64.00 -28.42 -37.20
C SER ZA 110 -65.21 -27.54 -36.91
N MET ZA 111 -65.73 -26.89 -37.95
CA MET ZA 111 -66.78 -25.90 -37.76
C MET ZA 111 -68.15 -26.51 -37.48
N MET ZA 112 -68.40 -27.75 -37.89
CA MET ZA 112 -69.71 -28.35 -37.69
C MET ZA 112 -69.68 -29.58 -36.79
N CYS ZA 113 -68.51 -30.16 -36.55
CA CYS ZA 113 -68.43 -31.31 -35.66
C CYS ZA 113 -68.68 -30.89 -34.22
N ASN ZA 114 -68.11 -29.76 -33.79
CA ASN ZA 114 -68.35 -29.30 -32.42
C ASN ZA 114 -69.75 -28.74 -32.27
N GLU ZA 115 -70.32 -28.21 -33.37
CA GLU ZA 115 -71.75 -27.94 -33.44
C GLU ZA 115 -72.56 -29.18 -33.13
N GLN ZA 116 -72.23 -30.28 -33.80
CA GLN ZA 116 -72.93 -31.54 -33.58
C GLN ZA 116 -72.76 -32.03 -32.15
N ALA ZA 117 -71.55 -31.85 -31.60
CA ALA ZA 117 -71.28 -32.32 -30.24
C ALA ZA 117 -72.06 -31.53 -29.21
N TYR ZA 118 -72.09 -30.20 -29.34
CA TYR ZA 118 -72.83 -29.38 -28.40
C TYR ZA 118 -74.33 -29.59 -28.53
N SER ZA 119 -74.83 -29.70 -29.78
CA SER ZA 119 -76.25 -29.91 -30.00
C SER ZA 119 -76.69 -31.25 -29.45
N LEU ZA 120 -75.91 -32.30 -29.67
CA LEU ZA 120 -76.28 -33.59 -29.11
C LEU ZA 120 -76.04 -33.69 -27.62
N ALA ZA 121 -75.16 -32.84 -27.06
CA ALA ZA 121 -75.06 -32.72 -25.61
C ALA ZA 121 -76.35 -32.18 -25.02
N VAL ZA 122 -76.85 -31.09 -25.60
CA VAL ZA 122 -78.08 -30.48 -25.09
C VAL ZA 122 -79.28 -31.39 -25.33
N GLU ZA 123 -79.32 -32.07 -26.48
CA GLU ZA 123 -80.44 -32.96 -26.76
C GLU ZA 123 -80.37 -34.24 -25.92
N LYS ZA 124 -79.16 -34.71 -25.62
CA LYS ZA 124 -79.00 -35.83 -24.68
C LYS ZA 124 -79.46 -35.44 -23.29
N LEU ZA 125 -79.23 -34.18 -22.92
CA LEU ZA 125 -79.76 -33.70 -21.65
C LEU ZA 125 -81.28 -33.55 -21.70
N LEU ZA 126 -81.83 -33.20 -22.86
CA LEU ZA 126 -83.14 -32.58 -22.93
C LEU ZA 126 -84.21 -33.55 -23.42
N ASN ZA 127 -83.86 -34.84 -23.58
CA ASN ZA 127 -84.80 -35.93 -23.89
C ASN ZA 127 -85.51 -35.74 -25.22
N ILE ZA 128 -84.80 -35.25 -26.23
CA ILE ZA 128 -85.40 -34.95 -27.51
C ILE ZA 128 -84.71 -35.76 -28.60
N GLN ZA 129 -85.47 -36.62 -29.25
CA GLN ZA 129 -84.97 -37.31 -30.44
C GLN ZA 129 -85.00 -36.34 -31.62
N PRO ZA 130 -83.88 -36.12 -32.30
CA PRO ZA 130 -83.92 -35.30 -33.51
C PRO ZA 130 -84.59 -36.05 -34.65
N PRO ZA 131 -85.16 -35.33 -35.61
CA PRO ZA 131 -85.84 -35.99 -36.74
C PRO ZA 131 -84.84 -36.66 -37.66
N PRO ZA 132 -85.28 -37.64 -38.48
CA PRO ZA 132 -84.28 -38.45 -39.22
C PRO ZA 132 -83.52 -37.71 -40.29
N ARG ZA 133 -84.19 -36.85 -41.08
CA ARG ZA 133 -83.50 -36.15 -42.15
C ARG ZA 133 -82.49 -35.16 -41.60
N ALA ZA 134 -82.78 -34.57 -40.45
CA ALA ZA 134 -81.79 -33.73 -39.78
C ALA ZA 134 -80.60 -34.55 -39.32
N GLN ZA 135 -80.82 -35.80 -38.90
CA GLN ZA 135 -79.72 -36.67 -38.53
C GLN ZA 135 -78.85 -37.01 -39.73
N TRP ZA 136 -79.48 -37.27 -40.88
CA TRP ZA 136 -78.70 -37.57 -42.08
C TRP ZA 136 -77.91 -36.37 -42.57
N ILE ZA 137 -78.51 -35.18 -42.52
CA ILE ZA 137 -77.81 -33.95 -42.90
C ILE ZA 137 -76.66 -33.68 -41.93
N ARG ZA 138 -76.87 -33.95 -40.64
CA ARG ZA 138 -75.86 -33.69 -39.63
C ARG ZA 138 -74.69 -34.66 -39.77
N VAL ZA 139 -74.96 -35.92 -40.09
CA VAL ZA 139 -73.91 -36.89 -40.35
C VAL ZA 139 -73.15 -36.52 -41.63
N LEU ZA 140 -73.88 -36.06 -42.64
CA LEU ZA 140 -73.28 -35.59 -43.89
C LEU ZA 140 -72.29 -34.46 -43.64
N PHE ZA 141 -72.68 -33.48 -42.85
CA PHE ZA 141 -71.77 -32.38 -42.58
C PHE ZA 141 -70.71 -32.72 -41.56
N GLY ZA 142 -70.94 -33.72 -40.70
CA GLY ZA 142 -69.85 -34.23 -39.89
C GLY ZA 142 -68.76 -34.85 -40.73
N GLU ZA 143 -69.14 -35.62 -41.76
CA GLU ZA 143 -68.17 -36.20 -42.67
C GLU ZA 143 -67.46 -35.13 -43.48
N ILE ZA 144 -68.22 -34.14 -43.97
CA ILE ZA 144 -67.66 -33.01 -44.71
C ILE ZA 144 -66.67 -32.22 -43.86
N THR ZA 145 -67.01 -32.01 -42.59
CA THR ZA 145 -66.16 -31.22 -41.72
C THR ZA 145 -64.92 -32.00 -41.32
N ARG ZA 146 -65.07 -33.31 -41.15
CA ARG ZA 146 -63.94 -34.18 -40.87
C ARG ZA 146 -62.97 -34.21 -42.04
N LEU ZA 147 -63.52 -34.24 -43.26
CA LEU ZA 147 -62.72 -34.19 -44.47
C LEU ZA 147 -61.92 -32.90 -44.54
N LEU ZA 148 -62.58 -31.78 -44.27
CA LEU ZA 148 -61.90 -30.47 -44.27
C LEU ZA 148 -60.83 -30.39 -43.19
N ASN ZA 149 -61.11 -30.93 -42.01
CA ASN ZA 149 -60.17 -30.81 -40.90
C ASN ZA 149 -58.93 -31.66 -41.13
N HIS ZA 150 -59.12 -32.89 -41.60
CA HIS ZA 150 -58.01 -33.74 -41.96
C HIS ZA 150 -57.18 -33.14 -43.09
N ILE ZA 151 -57.84 -32.56 -44.10
CA ILE ZA 151 -57.05 -32.08 -45.23
C ILE ZA 151 -56.31 -30.80 -44.86
N MET ZA 152 -56.85 -29.99 -43.94
CA MET ZA 152 -56.07 -28.80 -43.58
C MET ZA 152 -54.92 -29.16 -42.66
N ALA ZA 153 -55.08 -30.17 -41.80
CA ALA ZA 153 -53.96 -30.60 -40.95
C ALA ZA 153 -52.85 -31.21 -41.78
N VAL ZA 154 -53.22 -32.03 -42.79
CA VAL ZA 154 -52.24 -32.60 -43.71
C VAL ZA 154 -51.49 -31.51 -44.47
N THR ZA 155 -52.23 -30.54 -45.00
CA THR ZA 155 -51.58 -29.48 -45.77
C THR ZA 155 -50.75 -28.55 -44.91
N THR ZA 156 -51.13 -28.31 -43.66
CA THR ZA 156 -50.30 -27.42 -42.86
C THR ZA 156 -49.05 -28.12 -42.35
N HIS ZA 157 -49.10 -29.45 -42.12
CA HIS ZA 157 -47.86 -30.16 -41.83
C HIS ZA 157 -46.95 -30.19 -43.04
N ALA ZA 158 -47.53 -30.40 -44.23
CA ALA ZA 158 -46.75 -30.42 -45.46
C ALA ZA 158 -46.11 -29.07 -45.74
N LEU ZA 159 -46.81 -27.97 -45.49
CA LEU ZA 159 -46.20 -26.67 -45.70
C LEU ZA 159 -45.22 -26.32 -44.59
N ASP ZA 160 -45.40 -26.87 -43.39
CA ASP ZA 160 -44.44 -26.63 -42.34
C ASP ZA 160 -43.10 -27.29 -42.65
N ILE ZA 161 -43.12 -28.43 -43.32
CA ILE ZA 161 -41.84 -29.03 -43.70
C ILE ZA 161 -41.33 -28.49 -45.04
N GLY ZA 162 -42.22 -28.21 -46.00
CA GLY ZA 162 -41.79 -27.85 -47.35
C GLY ZA 162 -43.00 -27.79 -48.28
N ALA ZA 163 -42.93 -28.49 -49.42
CA ALA ZA 163 -44.07 -29.02 -50.16
C ALA ZA 163 -45.10 -27.95 -50.53
N MET ZA 164 -44.66 -27.06 -51.42
CA MET ZA 164 -45.45 -25.89 -51.81
C MET ZA 164 -46.78 -26.24 -52.45
N THR ZA 165 -46.73 -26.85 -53.64
CA THR ZA 165 -47.94 -26.97 -54.46
C THR ZA 165 -49.09 -27.88 -53.95
N PRO ZA 166 -48.89 -29.00 -53.21
CA PRO ZA 166 -50.09 -29.79 -52.87
C PRO ZA 166 -50.97 -29.13 -51.83
N PHE ZA 167 -50.37 -28.30 -50.98
CA PHE ZA 167 -51.08 -27.36 -50.12
C PHE ZA 167 -52.14 -26.58 -50.89
N PHE ZA 168 -51.75 -26.05 -52.04
CA PHE ZA 168 -52.65 -25.17 -52.77
C PHE ZA 168 -53.63 -25.95 -53.63
N TRP ZA 169 -53.25 -27.16 -54.06
CA TRP ZA 169 -54.22 -28.06 -54.69
C TRP ZA 169 -55.38 -28.35 -53.75
N MET ZA 170 -55.05 -28.79 -52.54
CA MET ZA 170 -56.10 -29.16 -51.61
C MET ZA 170 -56.80 -27.94 -51.01
N PHE ZA 171 -56.15 -26.77 -50.98
CA PHE ZA 171 -56.92 -25.58 -50.63
C PHE ZA 171 -57.83 -25.10 -51.76
N GLU ZA 172 -57.54 -25.42 -53.02
CA GLU ZA 172 -58.55 -25.19 -54.05
C GLU ZA 172 -59.76 -26.08 -53.82
N GLU ZA 173 -59.51 -27.34 -53.44
CA GLU ZA 173 -60.59 -28.23 -53.01
C GLU ZA 173 -61.36 -27.64 -51.85
N ARG ZA 174 -60.66 -27.08 -50.87
CA ARG ZA 174 -61.32 -26.48 -49.72
C ARG ZA 174 -62.05 -25.19 -50.08
N GLU ZA 175 -61.65 -24.50 -51.14
CA GLU ZA 175 -62.43 -23.35 -51.58
C GLU ZA 175 -63.75 -23.79 -52.19
N LYS ZA 176 -63.74 -24.93 -52.87
CA LYS ZA 176 -65.02 -25.52 -53.30
C LYS ZA 176 -65.86 -25.93 -52.08
N MET ZA 177 -65.20 -26.39 -51.02
CA MET ZA 177 -65.90 -26.69 -49.77
C MET ZA 177 -66.49 -25.44 -49.14
N PHE ZA 178 -65.77 -24.32 -49.20
CA PHE ZA 178 -66.26 -23.05 -48.65
C PHE ZA 178 -67.47 -22.55 -49.42
N GLU ZA 179 -67.44 -22.71 -50.74
CA GLU ZA 179 -68.63 -22.38 -51.54
C GLU ZA 179 -69.80 -23.27 -51.18
N PHE ZA 180 -69.53 -24.54 -50.85
CA PHE ZA 180 -70.60 -25.43 -50.41
C PHE ZA 180 -71.20 -24.98 -49.06
N TYR ZA 181 -70.34 -24.58 -48.12
CA TYR ZA 181 -70.84 -24.06 -46.85
C TYR ZA 181 -71.65 -22.78 -47.04
N GLU ZA 182 -71.22 -21.93 -47.97
CA GLU ZA 182 -71.98 -20.73 -48.30
C GLU ZA 182 -73.36 -21.09 -48.81
N ARG ZA 183 -73.43 -21.95 -49.83
CA ARG ZA 183 -74.69 -22.27 -50.47
C ARG ZA 183 -75.63 -23.02 -49.55
N VAL ZA 184 -75.10 -23.73 -48.55
CA VAL ZA 184 -75.97 -24.34 -47.57
C VAL ZA 184 -76.45 -23.33 -46.54
N SER ZA 185 -75.53 -22.74 -45.79
CA SER ZA 185 -75.94 -21.93 -44.64
C SER ZA 185 -76.20 -20.48 -45.02
N GLY ZA 186 -75.21 -19.82 -45.60
CA GLY ZA 186 -75.20 -18.39 -45.73
C GLY ZA 186 -74.06 -17.73 -44.98
N ALA ZA 187 -73.29 -18.47 -44.21
CA ALA ZA 187 -72.04 -17.97 -43.66
C ALA ZA 187 -70.90 -18.32 -44.61
N ARG ZA 188 -69.67 -18.15 -44.14
CA ARG ZA 188 -68.49 -18.60 -44.84
C ARG ZA 188 -67.71 -19.64 -44.06
N MET ZA 189 -67.44 -19.37 -42.79
CA MET ZA 189 -66.75 -20.31 -41.92
C MET ZA 189 -67.52 -20.64 -40.66
N HIS ZA 190 -68.15 -19.66 -40.02
CA HIS ZA 190 -68.85 -19.92 -38.77
C HIS ZA 190 -70.35 -20.06 -39.01
N ALA ZA 191 -70.69 -21.09 -39.77
CA ALA ZA 191 -72.09 -21.44 -40.00
C ALA ZA 191 -72.68 -21.99 -38.71
N ALA ZA 192 -73.59 -21.23 -38.10
CA ALA ZA 192 -74.27 -21.72 -36.91
C ALA ZA 192 -75.13 -22.93 -37.26
N TYR ZA 193 -76.24 -22.68 -37.97
CA TYR ZA 193 -76.96 -23.66 -38.79
C TYR ZA 193 -77.59 -24.84 -38.03
N VAL ZA 194 -77.26 -24.99 -36.74
CA VAL ZA 194 -77.55 -26.20 -35.99
C VAL ZA 194 -78.20 -25.76 -34.68
N ARG ZA 195 -79.40 -26.05 -34.53
CA ARG ZA 195 -79.92 -25.79 -33.21
C ARG ZA 195 -80.01 -27.08 -32.42
N PRO ZA 196 -79.86 -27.04 -31.12
CA PRO ZA 196 -80.24 -28.21 -30.33
C PRO ZA 196 -81.75 -28.39 -30.37
N GLY ZA 197 -82.19 -29.46 -31.02
CA GLY ZA 197 -83.59 -29.59 -31.35
C GLY ZA 197 -83.78 -29.63 -32.85
N GLY ZA 198 -82.81 -30.17 -33.55
CA GLY ZA 198 -82.97 -30.36 -34.98
C GLY ZA 198 -82.14 -29.38 -35.78
N VAL ZA 199 -81.68 -29.84 -36.94
CA VAL ZA 199 -80.93 -28.99 -37.85
C VAL ZA 199 -81.85 -27.95 -38.45
N HIS ZA 200 -81.48 -26.68 -38.33
CA HIS ZA 200 -82.32 -25.57 -38.73
C HIS ZA 200 -81.95 -25.06 -40.12
N GLN ZA 201 -82.97 -24.62 -40.87
CA GLN ZA 201 -82.86 -23.94 -42.15
C GLN ZA 201 -82.18 -24.86 -43.19
N ASP ZA 202 -82.94 -25.89 -43.56
CA ASP ZA 202 -82.46 -27.01 -44.38
C ASP ZA 202 -81.91 -26.56 -45.74
N LEU ZA 203 -81.23 -27.51 -46.38
CA LEU ZA 203 -80.50 -27.23 -47.61
C LEU ZA 203 -81.47 -26.97 -48.77
N PRO ZA 204 -81.10 -26.10 -49.70
CA PRO ZA 204 -81.95 -25.81 -50.85
C PRO ZA 204 -81.83 -26.89 -51.92
N LEU ZA 205 -82.57 -26.68 -53.00
CA LEU ZA 205 -82.64 -27.67 -54.07
C LEU ZA 205 -81.48 -27.48 -55.05
N GLY ZA 206 -81.09 -28.58 -55.69
CA GLY ZA 206 -80.10 -28.54 -56.75
C GLY ZA 206 -78.67 -28.48 -56.26
N LEU ZA 207 -78.30 -29.38 -55.35
CA LEU ZA 207 -76.95 -29.36 -54.80
C LEU ZA 207 -76.30 -30.73 -54.78
N MET ZA 208 -77.11 -31.77 -54.63
CA MET ZA 208 -76.59 -33.10 -54.31
C MET ZA 208 -75.84 -33.73 -55.49
N ASP ZA 209 -76.31 -33.49 -56.72
CA ASP ZA 209 -75.58 -34.00 -57.87
C ASP ZA 209 -74.26 -33.28 -58.06
N ASP ZA 210 -74.19 -32.01 -57.65
CA ASP ZA 210 -72.92 -31.30 -57.66
C ASP ZA 210 -71.98 -31.86 -56.60
N ILE ZA 211 -72.54 -32.27 -55.45
CA ILE ZA 211 -71.76 -32.96 -54.43
C ILE ZA 211 -71.24 -34.30 -54.96
N TYR ZA 212 -72.05 -34.97 -55.77
CA TYR ZA 212 -71.65 -36.23 -56.40
C TYR ZA 212 -70.47 -36.04 -57.36
N GLU ZA 213 -70.55 -34.99 -58.18
CA GLU ZA 213 -69.44 -34.65 -59.08
C GLU ZA 213 -68.18 -34.28 -58.30
N PHE ZA 214 -68.36 -33.53 -57.20
CA PHE ZA 214 -67.25 -33.17 -56.33
C PHE ZA 214 -66.63 -34.40 -55.69
N SER ZA 215 -67.46 -35.41 -55.37
CA SER ZA 215 -66.95 -36.62 -54.76
C SER ZA 215 -66.08 -37.41 -55.73
N LYS ZA 216 -66.51 -37.52 -56.99
CA LYS ZA 216 -65.69 -38.20 -57.99
C LYS ZA 216 -64.35 -37.48 -58.20
N ASN ZA 217 -64.41 -36.17 -58.42
CA ASN ZA 217 -63.19 -35.44 -58.69
C ASN ZA 217 -62.30 -35.33 -57.45
N PHE ZA 218 -62.89 -35.41 -56.26
CA PHE ZA 218 -62.10 -35.37 -55.05
C PHE ZA 218 -61.41 -36.70 -54.78
N SER ZA 219 -62.07 -37.81 -55.11
CA SER ZA 219 -61.39 -39.10 -55.06
C SER ZA 219 -60.22 -39.13 -56.02
N LEU ZA 220 -60.39 -38.53 -57.19
CA LEU ZA 220 -59.28 -38.44 -58.14
C LEU ZA 220 -58.15 -37.58 -57.59
N ARG ZA 221 -58.46 -36.42 -57.00
CA ARG ZA 221 -57.41 -35.56 -56.48
C ARG ZA 221 -56.71 -36.14 -55.26
N ILE ZA 222 -57.40 -36.93 -54.44
CA ILE ZA 222 -56.68 -37.51 -53.30
C ILE ZA 222 -55.81 -38.67 -53.76
N ASP ZA 223 -56.24 -39.40 -54.81
CA ASP ZA 223 -55.36 -40.38 -55.42
C ASP ZA 223 -54.14 -39.72 -56.05
N GLU ZA 224 -54.31 -38.53 -56.60
CA GLU ZA 224 -53.19 -37.80 -57.17
C GLU ZA 224 -52.30 -37.16 -56.11
N LEU ZA 225 -52.82 -36.91 -54.91
CA LEU ZA 225 -51.95 -36.52 -53.80
C LEU ZA 225 -51.09 -37.69 -53.34
N GLU ZA 226 -51.69 -38.89 -53.27
CA GLU ZA 226 -50.90 -40.10 -53.03
C GLU ZA 226 -49.87 -40.35 -54.13
N GLU ZA 227 -50.18 -39.91 -55.36
CA GLU ZA 227 -49.20 -39.98 -56.43
C GLU ZA 227 -48.03 -39.03 -56.19
N MET ZA 228 -48.34 -37.75 -55.94
CA MET ZA 228 -47.31 -36.72 -55.84
C MET ZA 228 -46.41 -36.91 -54.62
N LEU ZA 229 -47.02 -36.98 -53.44
CA LEU ZA 229 -46.30 -37.25 -52.21
C LEU ZA 229 -46.36 -38.77 -52.01
N THR ZA 230 -46.13 -39.27 -50.79
CA THR ZA 230 -46.54 -40.62 -50.38
C THR ZA 230 -45.78 -41.71 -51.13
N ASN ZA 231 -44.57 -42.04 -50.63
CA ASN ZA 231 -43.41 -42.75 -51.18
C ASN ZA 231 -42.49 -41.79 -51.91
N ASN ZA 232 -42.67 -40.50 -51.68
CA ASN ZA 232 -41.56 -39.56 -51.82
C ASN ZA 232 -40.42 -40.01 -50.91
N ARG ZA 233 -39.19 -39.81 -51.38
CA ARG ZA 233 -38.04 -40.37 -50.69
C ARG ZA 233 -37.75 -39.64 -49.39
N ILE ZA 234 -37.42 -38.35 -49.48
CA ILE ZA 234 -36.90 -37.67 -48.31
C ILE ZA 234 -38.02 -37.28 -47.36
N TRP ZA 235 -39.27 -37.29 -47.81
CA TRP ZA 235 -40.36 -37.04 -46.88
C TRP ZA 235 -40.55 -38.24 -45.95
N ARG ZA 236 -40.48 -39.45 -46.51
CA ARG ZA 236 -40.43 -40.66 -45.69
C ARG ZA 236 -39.21 -40.67 -44.79
N ASN ZA 237 -38.04 -40.33 -45.34
CA ASN ZA 237 -36.81 -40.30 -44.56
C ASN ZA 237 -36.86 -39.24 -43.46
N ARG ZA 238 -37.66 -38.20 -43.67
CA ARG ZA 238 -37.92 -37.22 -42.62
C ARG ZA 238 -38.78 -37.82 -41.53
N THR ZA 239 -39.86 -38.51 -41.90
CA THR ZA 239 -40.80 -39.01 -40.89
C THR ZA 239 -40.80 -40.52 -40.86
N VAL ZA 240 -39.91 -41.11 -40.07
CA VAL ZA 240 -40.10 -42.48 -39.61
C VAL ZA 240 -39.97 -42.51 -38.09
N ASP ZA 241 -38.84 -42.06 -37.57
CA ASP ZA 241 -38.48 -42.29 -36.18
C ASP ZA 241 -38.94 -41.18 -35.24
N ILE ZA 242 -39.92 -40.37 -35.65
CA ILE ZA 242 -40.46 -39.32 -34.81
C ILE ZA 242 -41.95 -39.60 -34.58
N GLY ZA 243 -42.39 -39.49 -33.34
CA GLY ZA 243 -43.74 -39.78 -32.95
C GLY ZA 243 -43.99 -41.15 -32.35
N VAL ZA 244 -42.98 -41.77 -31.75
CA VAL ZA 244 -43.13 -43.11 -31.19
C VAL ZA 244 -43.89 -43.02 -29.88
N VAL ZA 245 -44.94 -43.84 -29.75
CA VAL ZA 245 -45.82 -43.81 -28.59
C VAL ZA 245 -46.12 -45.24 -28.18
N THR ZA 246 -45.76 -45.60 -26.95
CA THR ZA 246 -46.12 -46.89 -26.37
C THR ZA 246 -47.62 -46.91 -26.05
N ALA ZA 247 -48.22 -48.10 -26.18
CA ALA ZA 247 -49.66 -48.25 -25.91
C ALA ZA 247 -50.00 -47.94 -24.46
N GLU ZA 248 -49.13 -48.34 -23.52
CA GLU ZA 248 -49.29 -47.93 -22.13
C GLU ZA 248 -49.17 -46.42 -22.00
N ASP ZA 249 -48.23 -45.83 -22.73
CA ASP ZA 249 -48.11 -44.38 -22.74
C ASP ZA 249 -49.24 -43.72 -23.51
N ALA ZA 250 -49.78 -44.42 -24.52
CA ALA ZA 250 -50.95 -43.92 -25.23
C ALA ZA 250 -52.16 -43.82 -24.30
N LEU ZA 251 -52.29 -44.78 -23.38
CA LEU ZA 251 -53.38 -44.69 -22.42
C LEU ZA 251 -53.09 -43.68 -21.32
N ASN ZA 252 -51.92 -43.78 -20.69
CA ASN ZA 252 -51.65 -42.99 -19.49
C ASN ZA 252 -51.43 -41.53 -19.80
N TYR ZA 253 -50.91 -41.20 -20.97
CA TYR ZA 253 -50.75 -39.81 -21.36
C TYR ZA 253 -51.98 -39.23 -22.02
N GLY ZA 254 -53.08 -39.97 -22.06
CA GLY ZA 254 -54.37 -39.42 -22.44
C GLY ZA 254 -54.50 -38.97 -23.87
N PHE ZA 255 -53.67 -39.50 -24.78
CA PHE ZA 255 -53.81 -39.18 -26.19
C PHE ZA 255 -55.12 -39.74 -26.72
N SER ZA 256 -55.64 -39.12 -27.77
CA SER ZA 256 -57.01 -39.40 -28.16
C SER ZA 256 -57.15 -39.36 -29.68
N GLY ZA 257 -57.93 -40.30 -30.20
CA GLY ZA 257 -58.22 -40.31 -31.61
C GLY ZA 257 -57.05 -40.70 -32.48
N VAL ZA 258 -56.49 -39.73 -33.20
CA VAL ZA 258 -55.57 -39.99 -34.30
C VAL ZA 258 -54.26 -40.60 -33.80
N MET ZA 259 -53.82 -40.20 -32.61
CA MET ZA 259 -52.65 -40.86 -32.03
C MET ZA 259 -52.99 -42.28 -31.61
N LEU ZA 260 -54.19 -42.50 -31.09
CA LEU ZA 260 -54.62 -43.85 -30.76
C LEU ZA 260 -54.88 -44.68 -32.02
N ARG ZA 261 -55.27 -44.03 -33.10
CA ARG ZA 261 -55.32 -44.69 -34.40
C ARG ZA 261 -53.93 -45.16 -34.81
N GLY ZA 262 -53.01 -44.21 -34.92
CA GLY ZA 262 -51.68 -44.47 -35.44
C GLY ZA 262 -50.82 -45.34 -34.56
N SER ZA 263 -51.18 -45.49 -33.29
CA SER ZA 263 -50.45 -46.39 -32.39
C SER ZA 263 -51.44 -47.22 -31.60
N GLY ZA 264 -51.52 -48.50 -31.91
CA GLY ZA 264 -52.08 -49.47 -30.98
C GLY ZA 264 -53.54 -49.81 -31.14
N ILE ZA 265 -54.38 -49.22 -30.29
CA ILE ZA 265 -55.69 -49.77 -29.99
C ILE ZA 265 -56.65 -49.58 -31.16
N GLN ZA 266 -57.43 -50.61 -31.45
CA GLN ZA 266 -58.53 -50.53 -32.38
C GLN ZA 266 -59.68 -49.78 -31.71
N TRP ZA 267 -59.72 -48.46 -31.87
CA TRP ZA 267 -60.66 -47.64 -31.13
C TRP ZA 267 -61.34 -46.65 -32.05
N ASP ZA 268 -62.61 -46.38 -31.80
CA ASP ZA 268 -63.37 -45.32 -32.44
C ASP ZA 268 -64.56 -45.03 -31.56
N LEU ZA 269 -64.81 -43.75 -31.30
CA LEU ZA 269 -66.02 -43.39 -30.55
C LEU ZA 269 -67.27 -43.65 -31.38
N ARG ZA 270 -67.16 -43.54 -32.70
CA ARG ZA 270 -68.24 -43.90 -33.60
C ARG ZA 270 -68.58 -45.38 -33.47
N LYS ZA 271 -67.56 -46.24 -33.56
CA LYS ZA 271 -67.79 -47.67 -33.56
C LYS ZA 271 -68.15 -48.20 -32.17
N THR ZA 272 -67.66 -47.55 -31.11
CA THR ZA 272 -68.04 -48.00 -29.77
C THR ZA 272 -69.43 -47.52 -29.40
N GLN ZA 273 -69.73 -46.24 -29.66
CA GLN ZA 273 -71.04 -45.67 -29.32
C GLN ZA 273 -71.59 -44.93 -30.52
N PRO ZA 274 -72.34 -45.60 -31.38
CA PRO ZA 274 -73.10 -44.87 -32.40
C PRO ZA 274 -74.24 -44.11 -31.77
N TYR ZA 275 -74.05 -42.81 -31.67
CA TYR ZA 275 -75.06 -41.90 -31.16
C TYR ZA 275 -76.02 -41.41 -32.25
N ASP ZA 276 -75.91 -41.97 -33.44
CA ASP ZA 276 -76.60 -41.50 -34.64
C ASP ZA 276 -76.62 -42.64 -35.64
N VAL ZA 277 -76.79 -42.30 -36.92
CA VAL ZA 277 -76.94 -43.28 -37.98
C VAL ZA 277 -75.56 -43.77 -38.46
N TYR ZA 278 -74.49 -43.45 -37.70
CA TYR ZA 278 -73.16 -44.03 -37.92
C TYR ZA 278 -73.15 -45.55 -37.90
N ASP ZA 279 -74.05 -46.16 -37.15
CA ASP ZA 279 -74.17 -47.61 -37.14
C ASP ZA 279 -74.65 -48.14 -38.49
N GLN ZA 280 -75.59 -47.45 -39.12
CA GLN ZA 280 -76.18 -47.99 -40.34
C GLN ZA 280 -75.27 -47.84 -41.54
N VAL ZA 281 -74.47 -46.78 -41.59
CA VAL ZA 281 -73.56 -46.62 -42.71
C VAL ZA 281 -72.38 -47.59 -42.54
N GLU ZA 282 -71.78 -47.96 -43.66
CA GLU ZA 282 -70.79 -49.03 -43.68
C GLU ZA 282 -69.43 -48.51 -44.12
N PHE ZA 283 -68.41 -48.85 -43.36
CA PHE ZA 283 -67.04 -48.37 -43.55
C PHE ZA 283 -66.15 -49.25 -42.67
N ASP ZA 284 -64.86 -48.89 -42.61
CA ASP ZA 284 -63.93 -49.53 -41.71
C ASP ZA 284 -62.79 -48.58 -41.40
N VAL ZA 285 -62.48 -48.44 -40.12
CA VAL ZA 285 -61.48 -47.47 -39.66
C VAL ZA 285 -60.08 -48.03 -39.92
N PRO ZA 286 -59.11 -47.21 -40.30
CA PRO ZA 286 -57.72 -47.68 -40.33
C PRO ZA 286 -57.03 -47.53 -38.99
N ILE ZA 287 -56.06 -48.41 -38.78
CA ILE ZA 287 -55.31 -48.50 -37.53
C ILE ZA 287 -53.82 -48.41 -37.85
N GLY ZA 288 -53.08 -47.66 -37.05
CA GLY ZA 288 -51.64 -47.67 -37.16
C GLY ZA 288 -51.01 -48.69 -36.22
N SER ZA 289 -49.75 -49.03 -36.51
CA SER ZA 289 -49.14 -50.15 -35.79
C SER ZA 289 -47.68 -49.96 -35.44
N ARG ZA 290 -47.11 -48.76 -35.58
CA ARG ZA 290 -45.66 -48.65 -35.54
C ARG ZA 290 -45.06 -47.75 -34.48
N GLY ZA 291 -45.50 -46.49 -34.23
CA GLY ZA 291 -46.52 -45.69 -34.89
C GLY ZA 291 -46.03 -45.03 -36.16
N ASP ZA 292 -44.84 -44.41 -36.11
CA ASP ZA 292 -44.08 -44.00 -37.30
C ASP ZA 292 -44.82 -43.05 -38.22
N CYS ZA 293 -44.83 -41.76 -37.87
CA CYS ZA 293 -45.63 -40.65 -38.42
C CYS ZA 293 -46.05 -40.71 -39.89
N TYR ZA 294 -45.16 -41.25 -40.75
CA TYR ZA 294 -45.55 -41.70 -42.08
C TYR ZA 294 -46.80 -42.57 -42.06
N ASP ZA 295 -46.83 -43.56 -41.17
CA ASP ZA 295 -47.99 -44.44 -41.08
C ASP ZA 295 -49.21 -43.72 -40.51
N ARG ZA 296 -48.98 -42.73 -39.63
CA ARG ZA 296 -50.06 -41.90 -39.13
C ARG ZA 296 -50.68 -41.06 -40.26
N TYR ZA 297 -49.83 -40.55 -41.15
CA TYR ZA 297 -50.28 -39.87 -42.36
C TYR ZA 297 -51.13 -40.77 -43.23
N LEU ZA 298 -50.69 -42.01 -43.42
CA LEU ZA 298 -51.45 -42.97 -44.22
C LEU ZA 298 -52.80 -43.27 -43.59
N CYS ZA 299 -52.83 -43.33 -42.24
CA CYS ZA 299 -54.08 -43.51 -41.53
C CYS ZA 299 -55.02 -42.33 -41.75
N ARG ZA 300 -54.46 -41.11 -41.78
CA ARG ZA 300 -55.27 -39.93 -42.08
C ARG ZA 300 -55.87 -40.00 -43.47
N VAL ZA 301 -55.07 -40.43 -44.45
CA VAL ZA 301 -55.54 -40.49 -45.83
C VAL ZA 301 -56.65 -41.54 -45.97
N GLU ZA 302 -56.49 -42.69 -45.33
CA GLU ZA 302 -57.55 -43.69 -45.43
C GLU ZA 302 -58.78 -43.31 -44.62
N GLU ZA 303 -58.63 -42.52 -43.56
CA GLU ZA 303 -59.81 -41.96 -42.90
C GLU ZA 303 -60.56 -41.00 -43.81
N MET ZA 304 -59.82 -40.19 -44.58
CA MET ZA 304 -60.45 -39.33 -45.58
C MET ZA 304 -61.21 -40.13 -46.62
N ARG ZA 305 -60.60 -41.23 -47.09
CA ARG ZA 305 -61.25 -42.02 -48.12
C ARG ZA 305 -62.47 -42.76 -47.60
N GLN ZA 306 -62.42 -43.23 -46.35
CA GLN ZA 306 -63.62 -43.82 -45.75
C GLN ZA 306 -64.70 -42.78 -45.51
N SER ZA 307 -64.30 -41.53 -45.24
CA SER ZA 307 -65.29 -40.46 -45.15
C SER ZA 307 -65.96 -40.22 -46.50
N ILE ZA 308 -65.20 -40.36 -47.58
CA ILE ZA 308 -65.79 -40.24 -48.92
C ILE ZA 308 -66.77 -41.39 -49.18
N ARG ZA 309 -66.44 -42.60 -48.70
CA ARG ZA 309 -67.38 -43.71 -48.82
C ARG ZA 309 -68.66 -43.47 -48.02
N ILE ZA 310 -68.54 -42.86 -46.83
CA ILE ZA 310 -69.72 -42.56 -46.04
C ILE ZA 310 -70.55 -41.46 -46.72
N ILE ZA 311 -69.87 -40.54 -47.42
CA ILE ZA 311 -70.57 -39.53 -48.23
C ILE ZA 311 -71.36 -40.22 -49.34
N SER ZA 312 -70.78 -41.24 -49.96
CA SER ZA 312 -71.48 -41.98 -51.02
C SER ZA 312 -72.70 -42.71 -50.47
N GLN ZA 313 -72.55 -43.37 -49.32
CA GLN ZA 313 -73.69 -44.05 -48.70
C GLN ZA 313 -74.76 -43.07 -48.22
N CYS ZA 314 -74.36 -41.87 -47.82
CA CYS ZA 314 -75.33 -40.87 -47.38
C CYS ZA 314 -76.10 -40.29 -48.56
N LEU ZA 315 -75.42 -40.09 -49.69
CA LEU ZA 315 -76.12 -39.70 -50.91
C LEU ZA 315 -77.05 -40.79 -51.39
N ASN ZA 316 -76.69 -42.05 -51.15
CA ASN ZA 316 -77.59 -43.13 -51.55
C ASN ZA 316 -78.76 -43.29 -50.60
N LYS ZA 317 -78.61 -42.91 -49.33
CA LYS ZA 317 -79.63 -43.24 -48.33
C LYS ZA 317 -80.23 -42.02 -47.67
N MET ZA 318 -80.66 -41.03 -48.45
CA MET ZA 318 -81.24 -39.81 -47.89
C MET ZA 318 -82.76 -39.90 -47.91
N PRO ZA 319 -83.44 -39.86 -46.75
CA PRO ZA 319 -84.90 -39.75 -46.75
C PRO ZA 319 -85.34 -38.30 -46.77
N PRO ZA 320 -86.46 -37.99 -47.43
CA PRO ZA 320 -86.94 -36.61 -47.51
C PRO ZA 320 -87.94 -36.25 -46.41
N GLY ZA 321 -87.55 -36.46 -45.15
CA GLY ZA 321 -88.51 -36.37 -44.07
C GLY ZA 321 -88.90 -35.00 -43.54
N GLU ZA 322 -87.95 -34.27 -42.95
CA GLU ZA 322 -88.32 -33.25 -41.98
C GLU ZA 322 -87.11 -32.37 -41.71
N ILE ZA 323 -87.35 -31.17 -41.18
CA ILE ZA 323 -86.26 -30.23 -40.91
C ILE ZA 323 -85.86 -30.31 -39.44
N LYS ZA 324 -86.79 -29.96 -38.55
CA LYS ZA 324 -86.51 -29.86 -37.12
C LYS ZA 324 -87.46 -30.76 -36.35
N VAL ZA 325 -87.41 -30.66 -35.03
CA VAL ZA 325 -88.24 -31.50 -34.18
C VAL ZA 325 -89.68 -31.02 -34.20
N ASP ZA 326 -90.56 -31.89 -33.74
CA ASP ZA 326 -91.98 -31.57 -33.59
C ASP ZA 326 -92.25 -30.94 -32.23
N ASP ZA 327 -91.61 -29.81 -32.00
CA ASP ZA 327 -91.76 -29.09 -30.74
C ASP ZA 327 -91.47 -27.63 -31.00
N ALA ZA 328 -92.50 -26.80 -30.98
CA ALA ZA 328 -92.31 -25.36 -31.07
C ALA ZA 328 -91.93 -24.73 -29.75
N LYS ZA 329 -91.81 -25.52 -28.68
CA LYS ZA 329 -91.26 -25.04 -27.42
C LYS ZA 329 -89.74 -25.09 -27.40
N VAL ZA 330 -89.12 -25.78 -28.35
CA VAL ZA 330 -87.67 -25.84 -28.40
C VAL ZA 330 -87.20 -25.24 -29.72
N SER ZA 331 -87.64 -25.81 -30.82
CA SER ZA 331 -87.29 -25.24 -32.11
C SER ZA 331 -88.22 -24.08 -32.42
N PRO ZA 332 -87.69 -22.91 -32.75
CA PRO ZA 332 -88.54 -21.81 -33.21
C PRO ZA 332 -89.16 -22.14 -34.56
N PRO ZA 333 -90.48 -22.28 -34.62
CA PRO ZA 333 -91.13 -22.86 -35.81
C PRO ZA 333 -91.10 -21.96 -37.03
N LYS ZA 334 -91.66 -22.46 -38.14
CA LYS ZA 334 -91.52 -21.78 -39.42
C LYS ZA 334 -92.43 -20.55 -39.48
N ARG ZA 335 -92.38 -19.87 -40.63
CA ARG ZA 335 -92.83 -18.49 -40.68
C ARG ZA 335 -94.34 -18.35 -40.79
N ALA ZA 336 -95.02 -19.26 -41.48
CA ALA ZA 336 -96.46 -19.14 -41.67
C ALA ZA 336 -97.22 -19.29 -40.35
N GLU ZA 337 -96.80 -20.29 -39.55
CA GLU ZA 337 -97.35 -20.58 -38.22
C GLU ZA 337 -96.79 -19.63 -37.15
N MET ZA 338 -95.56 -19.15 -37.35
CA MET ZA 338 -94.93 -18.13 -36.51
C MET ZA 338 -95.67 -16.80 -36.58
N LYS ZA 339 -95.73 -16.19 -37.77
CA LYS ZA 339 -96.83 -15.31 -38.14
C LYS ZA 339 -98.05 -16.17 -38.42
N THR ZA 340 -99.20 -15.65 -38.76
CA THR ZA 340 -100.50 -16.32 -38.90
C THR ZA 340 -100.95 -17.19 -37.69
N SER ZA 341 -100.13 -17.39 -36.64
CA SER ZA 341 -100.59 -18.17 -35.50
C SER ZA 341 -100.16 -17.52 -34.19
N MET ZA 342 -101.00 -17.69 -33.16
CA MET ZA 342 -100.75 -17.04 -31.88
C MET ZA 342 -99.74 -17.81 -31.05
N GLU ZA 343 -99.92 -19.13 -30.95
CA GLU ZA 343 -99.10 -19.95 -30.07
C GLU ZA 343 -97.65 -19.97 -30.52
N SER ZA 344 -97.44 -20.02 -31.83
CA SER ZA 344 -96.07 -20.02 -32.33
C SER ZA 344 -95.43 -18.65 -32.17
N LEU ZA 345 -96.22 -17.58 -32.26
CA LEU ZA 345 -95.68 -16.25 -31.99
C LEU ZA 345 -95.24 -16.13 -30.54
N ILE ZA 346 -96.06 -16.65 -29.63
CA ILE ZA 346 -95.73 -16.61 -28.20
C ILE ZA 346 -94.49 -17.44 -27.90
N HIS ZA 347 -94.42 -18.64 -28.46
CA HIS ZA 347 -93.26 -19.50 -28.22
C HIS ZA 347 -92.01 -18.94 -28.86
N HIS ZA 348 -92.13 -18.38 -30.06
CA HIS ZA 348 -91.05 -17.65 -30.71
C HIS ZA 348 -90.51 -16.54 -29.83
N PHE ZA 349 -91.41 -15.69 -29.32
CA PHE ZA 349 -91.04 -14.54 -28.53
C PHE ZA 349 -90.34 -14.94 -27.25
N LYS ZA 350 -91.00 -15.74 -26.42
CA LYS ZA 350 -90.40 -16.12 -25.14
C LYS ZA 350 -89.23 -17.08 -25.30
N LEU ZA 351 -89.16 -17.79 -26.42
CA LEU ZA 351 -88.04 -18.66 -26.70
C LEU ZA 351 -86.79 -17.85 -27.02
N TYR ZA 352 -86.94 -16.76 -27.77
CA TYR ZA 352 -85.77 -15.93 -28.01
C TYR ZA 352 -85.45 -15.03 -26.83
N THR ZA 353 -86.43 -14.62 -26.03
CA THR ZA 353 -86.10 -13.74 -24.91
C THR ZA 353 -85.56 -14.53 -23.72
N GLU ZA 354 -86.40 -15.38 -23.13
CA GLU ZA 354 -86.00 -16.10 -21.94
C GLU ZA 354 -84.96 -17.17 -22.27
N GLY ZA 355 -85.13 -17.81 -23.42
CA GLY ZA 355 -84.40 -19.04 -23.63
C GLY ZA 355 -85.19 -20.23 -23.15
N TYR ZA 356 -85.02 -21.35 -23.84
CA TYR ZA 356 -85.74 -22.57 -23.49
C TYR ZA 356 -85.28 -23.09 -22.14
N GLN ZA 357 -86.25 -23.51 -21.33
CA GLN ZA 357 -85.95 -24.02 -20.00
C GLN ZA 357 -85.24 -25.36 -20.11
N VAL ZA 358 -84.34 -25.59 -19.16
CA VAL ZA 358 -83.44 -26.74 -19.18
C VAL ZA 358 -83.55 -27.43 -17.82
N PRO ZA 359 -83.75 -28.74 -17.77
CA PRO ZA 359 -83.82 -29.42 -16.47
C PRO ZA 359 -82.44 -29.46 -15.85
N PRO ZA 360 -82.35 -29.49 -14.52
CA PRO ZA 360 -81.04 -29.38 -13.87
C PRO ZA 360 -80.26 -30.68 -13.99
N GLY ZA 361 -78.96 -30.56 -13.79
CA GLY ZA 361 -78.09 -31.72 -13.75
C GLY ZA 361 -76.72 -31.40 -14.29
N ALA ZA 362 -75.84 -32.39 -14.14
CA ALA ZA 362 -74.47 -32.35 -14.64
C ALA ZA 362 -74.29 -33.51 -15.61
N THR ZA 363 -74.10 -33.19 -16.88
CA THR ZA 363 -73.94 -34.20 -17.91
C THR ZA 363 -72.61 -34.05 -18.61
N TYR ZA 364 -72.31 -35.02 -19.45
CA TYR ZA 364 -71.09 -35.04 -20.22
C TYR ZA 364 -71.37 -35.80 -21.51
N THR ZA 365 -70.66 -35.42 -22.57
CA THR ZA 365 -70.58 -36.28 -23.74
C THR ZA 365 -69.24 -36.06 -24.40
N ALA ZA 366 -68.97 -36.88 -25.41
CA ALA ZA 366 -67.74 -36.78 -26.17
C ALA ZA 366 -67.99 -37.42 -27.53
N ILE ZA 367 -67.53 -36.75 -28.58
CA ILE ZA 367 -67.62 -37.30 -29.92
C ILE ZA 367 -66.21 -37.52 -30.45
N GLU ZA 368 -66.15 -38.22 -31.58
CA GLU ZA 368 -64.88 -38.41 -32.28
C GLU ZA 368 -64.77 -37.24 -33.25
N ALA ZA 369 -64.20 -36.14 -32.76
CA ALA ZA 369 -63.78 -35.06 -33.62
C ALA ZA 369 -62.55 -35.51 -34.40
N PRO ZA 370 -62.22 -34.83 -35.51
CA PRO ZA 370 -61.00 -35.19 -36.25
C PRO ZA 370 -59.71 -35.01 -35.47
N LYS ZA 371 -59.73 -34.26 -34.38
CA LYS ZA 371 -58.58 -34.22 -33.50
C LYS ZA 371 -58.59 -35.37 -32.50
N GLY ZA 372 -59.76 -35.85 -32.11
CA GLY ZA 372 -59.83 -37.01 -31.22
C GLY ZA 372 -61.07 -36.96 -30.34
N GLU ZA 373 -60.87 -37.30 -29.06
CA GLU ZA 373 -61.98 -37.32 -28.11
C GLU ZA 373 -62.41 -35.92 -27.75
N PHE ZA 374 -63.31 -35.31 -28.51
CA PHE ZA 374 -63.82 -34.01 -28.14
C PHE ZA 374 -64.82 -34.20 -27.01
N GLY ZA 375 -64.46 -33.77 -25.81
CA GLY ZA 375 -65.33 -33.90 -24.67
C GLY ZA 375 -65.96 -32.55 -24.33
N VAL ZA 376 -67.19 -32.59 -23.86
CA VAL ZA 376 -67.83 -31.40 -23.33
C VAL ZA 376 -68.65 -31.80 -22.10
N TYR ZA 377 -68.40 -31.09 -21.00
CA TYR ZA 377 -69.00 -31.34 -19.70
C TYR ZA 377 -69.89 -30.15 -19.37
N LEU ZA 378 -71.19 -30.39 -19.26
CA LEU ZA 378 -72.15 -29.34 -18.99
C LEU ZA 378 -72.70 -29.46 -17.58
N VAL ZA 379 -72.89 -28.31 -16.95
CA VAL ZA 379 -73.52 -28.20 -15.65
C VAL ZA 379 -74.61 -27.15 -15.79
N SER ZA 380 -75.83 -27.48 -15.41
CA SER ZA 380 -76.95 -26.58 -15.62
C SER ZA 380 -77.92 -26.65 -14.45
N ASP ZA 381 -78.15 -25.51 -13.82
CA ASP ZA 381 -79.30 -25.36 -12.94
C ASP ZA 381 -80.57 -25.33 -13.79
N GLY ZA 382 -81.71 -25.60 -13.13
CA GLY ZA 382 -82.98 -25.44 -13.80
C GLY ZA 382 -83.22 -24.00 -14.15
N SER ZA 383 -83.03 -23.69 -15.43
CA SER ZA 383 -82.87 -22.33 -15.92
C SER ZA 383 -82.89 -22.37 -17.43
N SER ZA 384 -82.59 -21.23 -18.04
CA SER ZA 384 -82.22 -21.16 -19.45
C SER ZA 384 -80.80 -20.66 -19.61
N ARG ZA 385 -80.00 -20.83 -18.56
CA ARG ZA 385 -78.58 -20.54 -18.65
C ARG ZA 385 -77.78 -21.76 -18.24
N PRO ZA 386 -76.72 -22.08 -18.98
CA PRO ZA 386 -75.78 -23.09 -18.49
C PRO ZA 386 -75.03 -22.57 -17.28
N TYR ZA 387 -74.85 -23.46 -16.30
CA TYR ZA 387 -74.17 -23.02 -15.10
C TYR ZA 387 -72.66 -23.03 -15.28
N ARG ZA 388 -72.11 -24.11 -15.85
CA ARG ZA 388 -70.67 -24.16 -16.10
C ARG ZA 388 -70.40 -25.20 -17.17
N CYS ZA 389 -69.70 -24.78 -18.23
CA CYS ZA 389 -69.29 -25.67 -19.31
C CYS ZA 389 -67.78 -25.90 -19.24
N LYS ZA 390 -67.34 -27.00 -19.82
CA LYS ZA 390 -65.92 -27.27 -19.89
C LYS ZA 390 -65.64 -28.13 -21.11
N ILE ZA 391 -64.48 -27.93 -21.72
CA ILE ZA 391 -64.15 -28.52 -23.01
C ILE ZA 391 -62.88 -29.35 -22.87
N LYS ZA 392 -62.99 -30.64 -23.14
CA LYS ZA 392 -61.84 -31.55 -23.19
C LYS ZA 392 -61.34 -31.56 -24.62
N ALA ZA 393 -60.16 -30.99 -24.83
CA ALA ZA 393 -59.52 -30.75 -26.12
C ALA ZA 393 -58.57 -31.88 -26.47
N PRO ZA 394 -58.79 -32.52 -27.61
CA PRO ZA 394 -57.82 -33.53 -28.06
C PRO ZA 394 -56.48 -32.93 -28.44
N GLY ZA 395 -56.46 -31.67 -28.88
CA GLY ZA 395 -55.18 -31.02 -29.13
C GLY ZA 395 -54.39 -30.79 -27.86
N PHE ZA 396 -55.08 -30.38 -26.78
CA PHE ZA 396 -54.42 -30.24 -25.48
C PHE ZA 396 -53.96 -31.60 -24.97
N ALA ZA 397 -54.76 -32.63 -25.22
CA ALA ZA 397 -54.40 -33.98 -24.80
C ALA ZA 397 -53.16 -34.47 -25.53
N HIS ZA 398 -53.11 -34.26 -26.86
CA HIS ZA 398 -51.94 -34.61 -27.64
C HIS ZA 398 -50.72 -33.79 -27.23
N LEU ZA 399 -50.93 -32.54 -26.83
CA LEU ZA 399 -49.82 -31.70 -26.40
C LEU ZA 399 -49.31 -32.10 -25.02
N ALA ZA 400 -50.14 -32.80 -24.23
CA ALA ZA 400 -49.80 -33.14 -22.86
C ALA ZA 400 -48.65 -34.15 -22.74
N GLY ZA 401 -48.22 -34.79 -23.82
CA GLY ZA 401 -47.10 -35.71 -23.75
C GLY ZA 401 -45.92 -35.30 -24.62
N LEU ZA 402 -45.70 -33.98 -24.72
CA LEU ZA 402 -44.75 -33.46 -25.70
C LEU ZA 402 -43.31 -33.75 -25.30
N ASP ZA 403 -43.03 -33.82 -24.00
CA ASP ZA 403 -41.70 -34.19 -23.53
C ASP ZA 403 -41.36 -35.61 -23.94
N LYS ZA 404 -42.28 -36.54 -23.70
CA LYS ZA 404 -42.05 -37.94 -24.02
C LYS ZA 404 -42.09 -38.20 -25.51
N MET ZA 405 -42.74 -37.34 -26.29
CA MET ZA 405 -42.63 -37.46 -27.74
C MET ZA 405 -41.29 -36.94 -28.24
N SER ZA 406 -41.02 -35.65 -28.02
CA SER ZA 406 -39.85 -35.00 -28.59
C SER ZA 406 -38.63 -35.09 -27.67
N LYS ZA 407 -38.54 -36.14 -26.85
CA LYS ZA 407 -37.40 -36.27 -25.94
C LYS ZA 407 -36.09 -36.48 -26.68
N GLY ZA 408 -36.09 -37.29 -27.73
CA GLY ZA 408 -34.83 -37.70 -28.31
C GLY ZA 408 -34.52 -37.24 -29.71
N HIS ZA 409 -34.80 -35.98 -30.05
CA HIS ZA 409 -34.57 -35.49 -31.41
C HIS ZA 409 -34.05 -34.06 -31.34
N MET ZA 410 -34.01 -33.40 -32.50
CA MET ZA 410 -33.55 -32.02 -32.63
C MET ZA 410 -34.75 -31.10 -32.88
N LEU ZA 411 -34.46 -29.80 -32.99
CA LEU ZA 411 -35.53 -28.79 -32.93
C LEU ZA 411 -36.42 -28.80 -34.16
N ALA ZA 412 -35.85 -29.07 -35.35
CA ALA ZA 412 -36.67 -29.18 -36.54
C ALA ZA 412 -37.61 -30.38 -36.44
N ASP ZA 413 -37.15 -31.44 -35.80
CA ASP ZA 413 -38.03 -32.58 -35.57
C ASP ZA 413 -39.08 -32.27 -34.52
N VAL ZA 414 -38.77 -31.37 -33.58
CA VAL ZA 414 -39.79 -30.89 -32.64
C VAL ZA 414 -40.87 -30.10 -33.39
N VAL ZA 415 -40.45 -29.30 -34.37
CA VAL ZA 415 -41.40 -28.58 -35.21
C VAL ZA 415 -42.26 -29.54 -36.01
N ALA ZA 416 -41.66 -30.63 -36.51
CA ALA ZA 416 -42.45 -31.61 -37.26
C ALA ZA 416 -43.39 -32.40 -36.36
N ILE ZA 417 -43.03 -32.61 -35.09
CA ILE ZA 417 -43.93 -33.28 -34.16
C ILE ZA 417 -45.10 -32.36 -33.80
N ILE ZA 418 -44.84 -31.08 -33.62
CA ILE ZA 418 -45.91 -30.11 -33.39
C ILE ZA 418 -46.82 -30.02 -34.60
N GLY ZA 419 -46.25 -30.13 -35.80
CA GLY ZA 419 -47.08 -30.13 -36.99
C GLY ZA 419 -47.90 -31.40 -37.16
N THR ZA 420 -47.32 -32.56 -36.81
CA THR ZA 420 -47.99 -33.82 -37.12
C THR ZA 420 -49.06 -34.18 -36.11
N GLN ZA 421 -49.18 -33.44 -35.02
CA GLN ZA 421 -50.37 -33.50 -34.19
C GLN ZA 421 -51.18 -32.25 -34.48
N ASP ZA 422 -52.38 -32.46 -35.01
CA ASP ZA 422 -53.24 -31.36 -35.45
C ASP ZA 422 -53.64 -30.47 -34.29
N ILE ZA 423 -53.51 -29.15 -34.51
CA ILE ZA 423 -53.61 -28.17 -33.45
C ILE ZA 423 -54.31 -26.91 -33.95
N VAL ZA 424 -55.01 -26.24 -33.04
CA VAL ZA 424 -55.48 -24.87 -33.28
C VAL ZA 424 -55.06 -23.90 -32.20
N PHE ZA 425 -54.80 -24.38 -30.97
CA PHE ZA 425 -54.44 -23.58 -29.79
C PHE ZA 425 -55.48 -22.51 -29.46
N GLY ZA 426 -56.73 -22.78 -29.83
CA GLY ZA 426 -57.86 -22.01 -29.35
C GLY ZA 426 -58.80 -22.97 -28.68
N GLU ZA 427 -58.69 -24.24 -29.08
CA GLU ZA 427 -59.33 -25.34 -28.38
C GLU ZA 427 -58.41 -25.86 -27.27
N VAL ZA 428 -57.11 -25.93 -27.57
CA VAL ZA 428 -56.10 -26.28 -26.59
C VAL ZA 428 -56.15 -25.33 -25.40
N ASP ZA 429 -56.31 -24.04 -25.69
CA ASP ZA 429 -56.78 -23.12 -24.67
C ASP ZA 429 -58.22 -23.45 -24.31
N ARG ZA 430 -58.48 -23.70 -23.03
CA ARG ZA 430 -59.86 -23.88 -22.60
C ARG ZA 430 -60.19 -22.92 -21.47
N THR AB 7 -96.40 -40.68 -26.98
CA THR AB 7 -95.11 -40.84 -26.32
C THR AB 7 -94.10 -41.47 -27.25
N ARG AB 8 -94.59 -42.09 -28.32
CA ARG AB 8 -93.69 -42.86 -29.18
C ARG AB 8 -92.80 -42.01 -30.08
N PRO AB 9 -93.30 -41.14 -30.99
CA PRO AB 9 -92.38 -40.54 -31.96
C PRO AB 9 -91.63 -39.34 -31.37
N THR AB 10 -90.46 -39.09 -31.95
CA THR AB 10 -89.61 -37.90 -31.71
C THR AB 10 -89.22 -37.71 -30.26
N VAL AB 11 -89.26 -38.75 -29.44
CA VAL AB 11 -88.82 -38.69 -28.05
C VAL AB 11 -87.58 -39.55 -27.94
N ARG AB 12 -86.56 -39.02 -27.24
CA ARG AB 12 -85.24 -39.65 -27.17
C ARG AB 12 -85.32 -41.03 -26.54
N PRO AB 13 -84.93 -42.09 -27.25
CA PRO AB 13 -85.08 -43.44 -26.71
C PRO AB 13 -84.00 -43.73 -25.66
N ARG AB 14 -84.44 -44.26 -24.53
CA ARG AB 14 -83.54 -44.76 -23.51
C ARG AB 14 -83.78 -46.26 -23.32
N ASN AB 15 -82.91 -46.88 -22.54
CA ASN AB 15 -82.99 -48.32 -22.34
C ASN AB 15 -82.76 -48.65 -20.87
N ASP AB 16 -83.38 -49.75 -20.44
CA ASP AB 16 -83.19 -50.24 -19.09
C ASP AB 16 -81.95 -51.11 -18.94
N VAL AB 17 -81.35 -51.52 -20.06
CA VAL AB 17 -80.26 -52.49 -20.01
C VAL AB 17 -79.00 -51.86 -19.42
N ALA AB 18 -78.54 -50.77 -20.03
CA ALA AB 18 -77.40 -50.03 -19.51
C ALA AB 18 -77.70 -49.44 -18.14
N HIS AB 19 -78.95 -49.09 -17.88
CA HIS AB 19 -79.35 -48.58 -16.57
C HIS AB 19 -79.15 -49.64 -15.49
N LYS AB 20 -79.64 -50.86 -15.73
CA LYS AB 20 -79.49 -51.92 -14.75
C LYS AB 20 -78.04 -52.35 -14.58
N GLN AB 21 -77.28 -52.39 -15.69
CA GLN AB 21 -75.87 -52.74 -15.63
C GLN AB 21 -75.09 -51.74 -14.79
N LEU AB 22 -75.25 -50.44 -15.08
CA LEU AB 22 -74.52 -49.43 -14.33
C LEU AB 22 -75.02 -49.32 -12.89
N SER AB 23 -76.31 -49.59 -12.65
CA SER AB 23 -76.83 -49.54 -11.29
C SER AB 23 -76.24 -50.65 -10.44
N ALA AB 24 -76.23 -51.88 -10.97
CA ALA AB 24 -75.63 -52.99 -10.26
C ALA AB 24 -74.13 -52.83 -10.09
N PHE AB 25 -73.46 -52.23 -11.08
CA PHE AB 25 -72.03 -52.02 -10.96
C PHE AB 25 -71.71 -50.96 -9.93
N GLY AB 26 -72.49 -49.89 -9.87
CA GLY AB 26 -72.27 -48.86 -8.87
C GLY AB 26 -72.55 -49.34 -7.47
N GLU AB 27 -73.61 -50.15 -7.31
CA GLU AB 27 -73.89 -50.78 -6.03
C GLU AB 27 -72.77 -51.73 -5.63
N TYR AB 28 -72.22 -52.45 -6.62
CA TYR AB 28 -71.11 -53.36 -6.38
C TYR AB 28 -69.85 -52.62 -5.93
N VAL AB 29 -69.55 -51.49 -6.57
CA VAL AB 29 -68.39 -50.70 -6.19
C VAL AB 29 -68.58 -50.10 -4.81
N ALA AB 30 -69.79 -49.62 -4.52
CA ALA AB 30 -70.08 -49.09 -3.19
C ALA AB 30 -69.99 -50.16 -2.10
N GLU AB 31 -70.33 -51.40 -2.45
CA GLU AB 31 -70.16 -52.49 -1.49
C GLU AB 31 -68.69 -52.82 -1.27
N ILE AB 32 -67.91 -52.90 -2.35
CA ILE AB 32 -66.53 -53.37 -2.20
C ILE AB 32 -65.59 -52.27 -1.74
N LEU AB 33 -66.02 -51.02 -1.75
CA LEU AB 33 -65.30 -49.94 -1.08
C LEU AB 33 -66.27 -49.19 -0.18
N PRO AB 34 -66.44 -49.65 1.07
CA PRO AB 34 -67.32 -48.92 1.99
C PRO AB 34 -66.67 -47.72 2.65
N LYS AB 35 -65.46 -47.36 2.26
CA LYS AB 35 -64.66 -46.43 3.05
C LYS AB 35 -64.81 -44.98 2.60
N TYR AB 36 -65.11 -44.73 1.32
CA TYR AB 36 -65.22 -43.36 0.85
C TYR AB 36 -66.46 -43.08 0.03
N VAL AB 37 -67.24 -44.09 -0.32
CA VAL AB 37 -68.45 -43.87 -1.11
C VAL AB 37 -69.50 -43.18 -0.24
N GLN AB 38 -70.12 -42.14 -0.78
CA GLN AB 38 -71.29 -41.48 -0.21
C GLN AB 38 -72.48 -41.64 -1.14
N GLN AB 39 -72.42 -41.15 -2.37
CA GLN AB 39 -73.60 -41.22 -3.22
C GLN AB 39 -73.27 -41.95 -4.50
N VAL AB 40 -74.11 -42.91 -4.87
CA VAL AB 40 -73.96 -43.49 -6.20
C VAL AB 40 -75.21 -43.14 -6.99
N GLN AB 41 -75.17 -42.09 -7.79
CA GLN AB 41 -76.34 -41.70 -8.54
C GLN AB 41 -76.18 -42.14 -9.99
N VAL AB 42 -77.19 -42.85 -10.47
CA VAL AB 42 -77.29 -43.28 -11.85
C VAL AB 42 -78.14 -42.28 -12.60
N SER AB 43 -77.57 -41.67 -13.63
CA SER AB 43 -78.35 -40.79 -14.47
C SER AB 43 -79.32 -41.60 -15.32
N CYS AB 44 -80.39 -40.94 -15.75
CA CYS AB 44 -81.37 -41.60 -16.61
C CYS AB 44 -80.81 -41.87 -18.00
N PHE AB 45 -79.83 -41.08 -18.44
CA PHE AB 45 -79.14 -41.28 -19.71
C PHE AB 45 -77.87 -42.12 -19.56
N SER AB 46 -77.74 -42.84 -18.44
CA SER AB 46 -76.73 -43.89 -18.22
C SER AB 46 -75.29 -43.38 -18.28
N GLU AB 47 -74.98 -42.45 -17.37
CA GLU AB 47 -73.61 -42.06 -17.08
C GLU AB 47 -73.46 -41.96 -15.56
N LEU AB 48 -72.56 -42.74 -14.97
CA LEU AB 48 -72.57 -42.91 -13.53
C LEU AB 48 -71.87 -41.76 -12.82
N GLU AB 49 -72.42 -41.31 -11.69
CA GLU AB 49 -71.74 -40.35 -10.83
C GLU AB 49 -71.61 -40.92 -9.42
N ILE AB 50 -70.45 -40.70 -8.80
CA ILE AB 50 -70.14 -41.25 -7.48
C ILE AB 50 -69.55 -40.12 -6.64
N CYS AB 51 -70.27 -39.72 -5.60
CA CYS AB 51 -69.88 -38.62 -4.72
C CYS AB 51 -69.06 -39.18 -3.57
N ILE AB 52 -67.91 -38.54 -3.34
CA ILE AB 52 -66.72 -39.10 -2.69
C ILE AB 52 -66.09 -38.07 -1.75
N HIS AB 53 -65.57 -38.58 -0.57
CA HIS AB 53 -64.78 -37.91 0.46
C HIS AB 53 -63.33 -37.77 0.01
N PRO AB 54 -62.65 -36.64 0.31
CA PRO AB 54 -61.33 -36.35 -0.25
C PRO AB 54 -60.14 -36.83 0.58
N ASP AB 55 -60.12 -38.10 0.91
CA ASP AB 55 -58.90 -38.60 1.53
C ASP AB 55 -58.31 -39.80 0.81
N GLY AB 56 -59.13 -40.72 0.35
CA GLY AB 56 -58.62 -41.88 -0.34
C GLY AB 56 -58.72 -41.72 -1.84
N VAL AB 57 -58.39 -40.53 -2.34
CA VAL AB 57 -58.53 -40.25 -3.77
C VAL AB 57 -57.56 -41.10 -4.60
N ILE AB 58 -56.33 -41.23 -4.13
CA ILE AB 58 -55.34 -42.06 -4.81
C ILE AB 58 -55.67 -43.56 -4.67
N PRO AB 59 -56.14 -44.09 -3.50
CA PRO AB 59 -56.71 -45.45 -3.53
C PRO AB 59 -57.86 -45.64 -4.51
N VAL AB 60 -58.74 -44.66 -4.65
CA VAL AB 60 -59.83 -44.76 -5.61
C VAL AB 60 -59.29 -44.81 -7.03
N LEU AB 61 -58.29 -43.99 -7.34
CA LEU AB 61 -57.75 -43.96 -8.69
C LEU AB 61 -56.96 -45.22 -9.02
N THR AB 62 -56.22 -45.75 -8.04
CA THR AB 62 -55.52 -47.02 -8.27
C THR AB 62 -56.51 -48.17 -8.38
N PHE AB 63 -57.66 -48.05 -7.73
CA PHE AB 63 -58.67 -49.09 -7.89
C PHE AB 63 -59.36 -48.99 -9.24
N LEU AB 64 -59.53 -47.78 -9.77
CA LEU AB 64 -60.27 -47.58 -10.99
C LEU AB 64 -59.41 -47.58 -12.24
N ARG AB 65 -58.08 -47.61 -12.10
CA ARG AB 65 -57.24 -47.83 -13.27
C ARG AB 65 -57.24 -49.29 -13.71
N ASP AB 66 -57.67 -50.19 -12.83
CA ASP AB 66 -57.40 -51.62 -12.90
C ASP AB 66 -58.55 -52.43 -12.33
N HIS AB 67 -58.22 -53.62 -11.79
CA HIS AB 67 -59.03 -54.56 -10.98
C HIS AB 67 -59.87 -55.47 -11.87
N SER AB 68 -59.62 -55.47 -13.18
CA SER AB 68 -59.87 -56.61 -14.06
C SER AB 68 -61.33 -56.98 -14.28
N ASN AB 69 -62.24 -56.32 -13.58
CA ASN AB 69 -63.67 -56.42 -13.84
C ASN AB 69 -64.17 -55.21 -14.62
N ALA AB 70 -63.40 -54.11 -14.57
CA ALA AB 70 -63.64 -52.91 -15.35
C ALA AB 70 -62.32 -52.16 -15.40
N GLN AB 71 -61.74 -52.03 -16.60
CA GLN AB 71 -60.40 -51.48 -16.72
C GLN AB 71 -60.36 -49.99 -16.45
N PHE AB 72 -61.01 -49.18 -17.30
CA PHE AB 72 -61.04 -47.71 -17.21
C PHE AB 72 -59.61 -47.13 -17.22
N LYS AB 73 -58.97 -47.29 -18.37
CA LYS AB 73 -57.63 -46.75 -18.55
C LYS AB 73 -57.61 -45.30 -19.04
N SER AB 74 -58.78 -44.67 -19.21
CA SER AB 74 -58.86 -43.35 -19.84
C SER AB 74 -59.21 -42.27 -18.81
N LEU AB 75 -58.28 -41.37 -18.58
CA LEU AB 75 -58.50 -40.20 -17.73
C LEU AB 75 -59.12 -39.06 -18.54
N ALA AB 76 -60.07 -38.36 -17.94
CA ALA AB 76 -60.74 -37.22 -18.54
C ALA AB 76 -61.33 -36.34 -17.44
N ASP AB 77 -62.22 -35.43 -17.85
CA ASP AB 77 -62.49 -34.13 -17.22
C ASP AB 77 -62.74 -34.19 -15.72
N LEU AB 78 -62.31 -33.12 -15.07
CA LEU AB 78 -61.91 -33.11 -13.67
C LEU AB 78 -62.31 -31.88 -12.89
N THR AB 79 -62.74 -30.78 -13.54
CA THR AB 79 -62.74 -29.45 -12.94
C THR AB 79 -63.66 -29.33 -11.72
N ALA AB 80 -63.17 -28.59 -10.72
CA ALA AB 80 -63.74 -28.50 -9.37
C ALA AB 80 -64.88 -27.49 -9.30
N VAL AB 81 -65.86 -27.66 -10.20
CA VAL AB 81 -66.80 -26.67 -10.72
C VAL AB 81 -67.30 -25.68 -9.67
N ASP AB 82 -67.15 -24.38 -9.95
CA ASP AB 82 -67.30 -23.34 -8.94
C ASP AB 82 -68.75 -23.25 -8.50
N ILE AB 83 -69.00 -23.65 -7.26
CA ILE AB 83 -70.33 -23.58 -6.65
C ILE AB 83 -70.18 -22.85 -5.33
N PRO AB 84 -70.87 -21.74 -5.13
CA PRO AB 84 -70.91 -21.10 -3.80
C PRO AB 84 -71.86 -21.81 -2.86
N THR AB 85 -72.15 -21.17 -1.73
CA THR AB 85 -73.19 -21.47 -0.74
C THR AB 85 -72.81 -22.69 0.10
N ARG AB 86 -71.76 -23.41 -0.25
CA ARG AB 86 -71.39 -24.64 0.40
C ARG AB 86 -70.11 -24.40 1.17
N GLN AB 87 -70.02 -24.97 2.38
CA GLN AB 87 -68.78 -24.91 3.13
C GLN AB 87 -67.68 -25.69 2.41
N ASN AB 88 -68.05 -26.77 1.74
CA ASN AB 88 -67.16 -27.45 0.81
C ASN AB 88 -67.55 -26.98 -0.59
N ARG AB 89 -66.85 -25.96 -1.09
CA ARG AB 89 -67.23 -25.32 -2.34
C ARG AB 89 -66.91 -26.20 -3.55
N PHE AB 90 -65.64 -26.51 -3.73
CA PHE AB 90 -65.16 -26.97 -5.01
C PHE AB 90 -65.42 -28.47 -5.18
N GLU AB 91 -65.54 -28.90 -6.42
CA GLU AB 91 -65.82 -30.29 -6.75
C GLU AB 91 -64.78 -30.80 -7.73
N ILE AB 92 -63.98 -31.76 -7.28
CA ILE AB 92 -63.04 -32.45 -8.15
C ILE AB 92 -63.80 -33.62 -8.79
N VAL AB 93 -64.11 -33.51 -10.07
CA VAL AB 93 -64.77 -34.59 -10.79
C VAL AB 93 -63.81 -35.17 -11.82
N TYR AB 94 -63.26 -36.32 -11.48
CA TYR AB 94 -62.42 -37.10 -12.38
C TYR AB 94 -63.32 -37.95 -13.25
N ASN AB 95 -63.28 -37.73 -14.56
CA ASN AB 95 -64.05 -38.56 -15.45
C ASN AB 95 -63.17 -39.71 -15.89
N LEU AB 96 -63.73 -40.92 -15.88
CA LEU AB 96 -63.00 -42.08 -16.37
C LEU AB 96 -63.82 -42.76 -17.46
N LEU AB 97 -63.13 -43.02 -18.57
CA LEU AB 97 -63.65 -43.70 -19.73
C LEU AB 97 -62.90 -45.01 -19.89
N SER AB 98 -63.65 -46.09 -20.10
CA SER AB 98 -63.05 -47.40 -20.30
C SER AB 98 -62.45 -47.52 -21.69
N LEU AB 99 -61.73 -48.62 -21.90
CA LEU AB 99 -61.23 -48.98 -23.20
C LEU AB 99 -61.73 -50.33 -23.68
N ARG AB 100 -62.26 -51.16 -22.78
CA ARG AB 100 -62.77 -52.47 -23.14
C ARG AB 100 -64.28 -52.58 -22.99
N PHE AB 101 -64.90 -51.68 -22.22
CA PHE AB 101 -66.28 -51.85 -21.81
C PHE AB 101 -67.20 -50.69 -22.16
N ASN AB 102 -66.66 -49.54 -22.59
CA ASN AB 102 -67.41 -48.45 -23.23
C ASN AB 102 -68.46 -47.84 -22.30
N SER AB 103 -68.00 -47.29 -21.19
CA SER AB 103 -68.91 -46.65 -20.25
C SER AB 103 -68.17 -45.52 -19.55
N ARG AB 104 -68.94 -44.61 -18.96
CA ARG AB 104 -68.39 -43.38 -18.41
C ARG AB 104 -68.81 -43.22 -16.96
N ILE AB 105 -67.82 -43.14 -16.08
CA ILE AB 105 -68.06 -42.95 -14.66
C ILE AB 105 -67.39 -41.66 -14.23
N ARG AB 106 -68.00 -40.98 -13.27
CA ARG AB 106 -67.47 -39.73 -12.75
C ARG AB 106 -67.28 -39.86 -11.26
N VAL AB 107 -66.10 -39.49 -10.80
CA VAL AB 107 -65.78 -39.44 -9.38
C VAL AB 107 -65.86 -37.98 -8.98
N LYS AB 108 -66.95 -37.61 -8.31
CA LYS AB 108 -67.13 -36.25 -7.80
C LYS AB 108 -66.77 -36.30 -6.32
N THR AB 109 -65.51 -36.00 -6.01
CA THR AB 109 -65.15 -35.82 -4.61
C THR AB 109 -65.24 -34.33 -4.29
N TYR AB 110 -65.53 -34.04 -3.04
CA TYR AB 110 -65.74 -32.65 -2.66
C TYR AB 110 -64.51 -32.09 -1.97
N THR AB 111 -64.42 -30.77 -1.93
CA THR AB 111 -63.42 -30.07 -1.14
C THR AB 111 -63.86 -28.64 -0.92
N ASP AB 112 -63.14 -27.96 -0.02
CA ASP AB 112 -63.24 -26.53 0.12
C ASP AB 112 -62.01 -25.88 -0.50
N GLU AB 113 -61.84 -24.57 -0.25
CA GLU AB 113 -60.77 -23.81 -0.88
C GLU AB 113 -59.40 -24.15 -0.30
N LEU AB 114 -59.25 -24.09 1.02
CA LEU AB 114 -57.93 -24.15 1.61
C LEU AB 114 -57.37 -25.56 1.74
N THR AB 115 -58.19 -26.54 2.09
CA THR AB 115 -57.67 -27.88 2.37
C THR AB 115 -57.33 -28.59 1.07
N PRO AB 116 -56.09 -29.06 0.90
CA PRO AB 116 -55.64 -29.53 -0.41
C PRO AB 116 -56.10 -30.93 -0.75
N VAL AB 117 -56.29 -31.16 -2.05
CA VAL AB 117 -56.42 -32.52 -2.58
C VAL AB 117 -55.01 -33.01 -2.87
N GLU AB 118 -54.88 -34.31 -3.15
CA GLU AB 118 -53.61 -35.01 -2.97
C GLU AB 118 -52.91 -35.41 -4.27
N SER AB 119 -52.94 -34.53 -5.29
CA SER AB 119 -51.97 -34.48 -6.39
C SER AB 119 -51.95 -35.78 -7.21
N SER AB 120 -53.02 -35.96 -7.99
CA SER AB 120 -53.28 -37.19 -8.73
C SER AB 120 -52.29 -37.55 -9.83
N VAL AB 121 -51.22 -36.76 -10.01
CA VAL AB 121 -50.22 -37.03 -11.05
C VAL AB 121 -49.44 -38.33 -10.78
N SER AB 122 -49.46 -38.82 -9.54
CA SER AB 122 -48.71 -40.02 -9.18
C SER AB 122 -49.27 -41.29 -9.82
N VAL AB 123 -50.52 -41.27 -10.28
CA VAL AB 123 -51.13 -42.45 -10.86
C VAL AB 123 -51.39 -42.31 -12.35
N TYR AB 124 -51.62 -41.09 -12.85
CA TYR AB 124 -51.96 -40.86 -14.25
C TYR AB 124 -50.95 -39.88 -14.83
N LYS AB 125 -50.47 -40.19 -16.03
CA LYS AB 125 -49.45 -39.36 -16.64
C LYS AB 125 -50.03 -38.09 -17.24
N ALA AB 126 -51.31 -38.10 -17.60
CA ALA AB 126 -51.94 -36.95 -18.24
C ALA AB 126 -52.56 -35.99 -17.24
N ALA AB 127 -52.21 -36.07 -15.97
CA ALA AB 127 -52.87 -35.25 -14.96
C ALA AB 127 -52.22 -33.90 -14.76
N ASN AB 128 -50.96 -33.72 -15.19
CA ASN AB 128 -50.12 -32.63 -14.68
C ASN AB 128 -50.61 -31.26 -15.15
N TRP AB 129 -50.83 -31.10 -16.45
CA TRP AB 129 -51.27 -29.80 -16.95
C TRP AB 129 -52.69 -29.49 -16.52
N TYR AB 130 -53.53 -30.50 -16.35
CA TYR AB 130 -54.85 -30.32 -15.77
C TYR AB 130 -54.75 -29.79 -14.34
N GLU AB 131 -53.84 -30.38 -13.57
CA GLU AB 131 -53.61 -29.96 -12.18
C GLU AB 131 -53.11 -28.53 -12.10
N ARG AB 132 -52.13 -28.20 -12.94
CA ARG AB 132 -51.57 -26.85 -12.96
C ARG AB 132 -52.61 -25.84 -13.44
N GLU AB 133 -53.48 -26.27 -14.35
CA GLU AB 133 -54.59 -25.43 -14.79
C GLU AB 133 -55.54 -25.12 -13.64
N ILE AB 134 -55.94 -26.15 -12.90
CA ILE AB 134 -56.88 -25.95 -11.80
C ILE AB 134 -56.23 -25.11 -10.70
N TRP AB 135 -54.91 -25.23 -10.53
CA TRP AB 135 -54.22 -24.39 -9.55
C TRP AB 135 -54.23 -22.93 -9.95
N ASP AB 136 -53.94 -22.64 -11.21
CA ASP AB 136 -53.94 -21.23 -11.61
C ASP AB 136 -55.36 -20.69 -11.70
N MET AB 137 -56.35 -21.52 -11.98
CA MET AB 137 -57.66 -20.94 -12.24
C MET AB 137 -58.54 -20.90 -11.00
N PHE AB 138 -58.65 -22.00 -10.27
CA PHE AB 138 -59.45 -21.98 -9.06
C PHE AB 138 -58.60 -21.66 -7.84
N GLY AB 139 -57.53 -22.41 -7.65
CA GLY AB 139 -56.68 -22.25 -6.47
C GLY AB 139 -56.61 -23.50 -5.63
N VAL AB 140 -56.74 -24.66 -6.26
CA VAL AB 140 -56.79 -25.93 -5.54
C VAL AB 140 -55.37 -26.45 -5.41
N PHE AB 141 -54.88 -26.48 -4.18
CA PHE AB 141 -53.49 -26.81 -3.88
C PHE AB 141 -53.31 -28.32 -3.75
N PHE AB 142 -52.08 -28.77 -3.91
CA PHE AB 142 -51.75 -30.18 -4.10
C PHE AB 142 -50.69 -30.62 -3.11
N ALA AB 143 -50.68 -31.90 -2.80
CA ALA AB 143 -49.79 -32.48 -1.79
C ALA AB 143 -48.71 -33.32 -2.48
N ASN AB 144 -47.46 -32.86 -2.39
CA ASN AB 144 -46.30 -33.44 -3.07
C ASN AB 144 -46.52 -33.48 -4.59
N HIS AB 145 -46.58 -32.29 -5.14
CA HIS AB 145 -46.78 -31.95 -6.54
C HIS AB 145 -45.47 -31.45 -7.15
N PRO AB 146 -45.15 -31.83 -8.39
CA PRO AB 146 -43.89 -31.37 -9.01
C PRO AB 146 -43.80 -29.88 -9.27
N ASP AB 147 -44.71 -29.30 -10.04
CA ASP AB 147 -44.57 -27.92 -10.51
C ASP AB 147 -45.91 -27.20 -10.48
N LEU AB 148 -45.98 -26.10 -9.74
CA LEU AB 148 -47.13 -25.20 -9.73
C LEU AB 148 -46.70 -23.90 -10.40
N ARG AB 149 -47.03 -23.76 -11.67
CA ARG AB 149 -46.80 -22.53 -12.40
C ARG AB 149 -48.13 -21.99 -12.89
N ARG AB 150 -48.09 -20.94 -13.70
CA ARG AB 150 -49.30 -20.32 -14.19
C ARG AB 150 -49.46 -20.59 -15.69
N ILE AB 151 -50.51 -21.32 -16.04
CA ILE AB 151 -50.93 -21.54 -17.41
C ILE AB 151 -52.26 -20.83 -17.59
N LEU AB 152 -52.47 -20.26 -18.80
CA LEU AB 152 -53.69 -19.66 -19.35
C LEU AB 152 -53.96 -18.27 -18.78
N THR AB 153 -53.06 -17.70 -17.98
CA THR AB 153 -53.24 -16.37 -17.42
C THR AB 153 -52.00 -15.53 -17.69
N ASP AB 154 -52.14 -14.24 -17.40
CA ASP AB 154 -51.01 -13.33 -17.41
C ASP AB 154 -50.10 -13.64 -16.22
N TYR AB 155 -48.84 -13.27 -16.37
CA TYR AB 155 -47.87 -13.51 -15.29
C TYR AB 155 -48.11 -12.56 -14.12
N GLY AB 156 -48.46 -11.31 -14.41
CA GLY AB 156 -48.74 -10.37 -13.34
C GLY AB 156 -50.15 -10.40 -12.81
N PHE AB 157 -51.02 -11.21 -13.41
CA PHE AB 157 -52.41 -11.23 -13.00
C PHE AB 157 -52.61 -12.18 -11.82
N GLU AB 158 -53.57 -11.84 -10.98
CA GLU AB 158 -53.89 -12.61 -9.79
C GLU AB 158 -55.39 -12.67 -9.63
N GLY AB 159 -55.85 -13.47 -8.67
CA GLY AB 159 -57.22 -13.41 -8.21
C GLY AB 159 -58.08 -14.62 -8.47
N HIS AB 160 -57.57 -15.63 -9.20
CA HIS AB 160 -58.24 -16.89 -9.54
C HIS AB 160 -59.55 -16.61 -10.26
N PRO AB 161 -59.49 -16.17 -11.51
CA PRO AB 161 -60.61 -15.42 -12.10
C PRO AB 161 -61.83 -16.26 -12.47
N PHE AB 162 -61.77 -17.59 -12.45
CA PHE AB 162 -62.96 -18.36 -12.77
C PHE AB 162 -64.00 -18.33 -11.67
N ARG AB 163 -63.63 -17.90 -10.46
CA ARG AB 163 -64.51 -17.91 -9.30
C ARG AB 163 -65.72 -17.01 -9.49
N LYS AB 164 -66.75 -17.26 -8.68
CA LYS AB 164 -67.85 -16.32 -8.56
C LYS AB 164 -67.46 -15.07 -7.78
N ASP AB 165 -66.32 -15.10 -7.10
CA ASP AB 165 -65.77 -13.88 -6.52
C ASP AB 165 -65.33 -12.91 -7.61
N PHE AB 166 -64.92 -13.42 -8.73
CA PHE AB 166 -64.32 -12.56 -9.72
C PHE AB 166 -65.38 -12.07 -10.70
N PRO AB 167 -65.42 -10.79 -11.00
CA PRO AB 167 -66.47 -10.26 -11.89
C PRO AB 167 -66.19 -10.56 -13.35
N LEU AB 168 -67.00 -9.99 -14.24
CA LEU AB 168 -66.78 -10.17 -15.67
C LEU AB 168 -65.49 -9.52 -16.12
N SER AB 169 -65.36 -8.22 -15.88
CA SER AB 169 -64.11 -7.56 -16.22
C SER AB 169 -63.06 -7.89 -15.15
N GLY AB 170 -61.83 -7.48 -15.43
CA GLY AB 170 -60.76 -7.59 -14.48
C GLY AB 170 -60.58 -6.30 -13.71
N TYR AB 171 -59.36 -6.09 -13.23
CA TYR AB 171 -58.95 -4.82 -12.67
C TYR AB 171 -57.78 -4.23 -13.45
N VAL AB 172 -57.46 -4.81 -14.60
CA VAL AB 172 -56.35 -4.39 -15.43
C VAL AB 172 -56.86 -4.08 -16.84
N GLU AB 173 -56.17 -3.16 -17.49
CA GLU AB 173 -56.54 -2.70 -18.83
C GLU AB 173 -55.25 -2.22 -19.48
N LEU AB 174 -54.77 -2.95 -20.49
CA LEU AB 174 -53.49 -2.62 -21.09
C LEU AB 174 -53.63 -1.57 -22.17
N ARG AB 175 -52.69 -0.64 -22.18
CA ARG AB 175 -52.59 0.36 -23.23
C ARG AB 175 -51.15 0.85 -23.30
N TYR AB 176 -50.72 1.22 -24.49
CA TYR AB 176 -49.38 1.77 -24.65
C TYR AB 176 -49.38 3.26 -24.38
N ASP AB 177 -48.32 3.73 -23.73
CA ASP AB 177 -48.00 5.15 -23.75
C ASP AB 177 -46.55 5.34 -24.14
N ASP AB 178 -46.30 6.49 -24.77
CA ASP AB 178 -45.01 6.96 -25.20
C ASP AB 178 -44.32 7.79 -24.12
N GLU AB 179 -45.05 8.14 -23.05
CA GLU AB 179 -44.45 8.84 -21.93
C GLU AB 179 -43.41 7.96 -21.25
N VAL AB 180 -43.85 6.82 -20.72
CA VAL AB 180 -42.96 5.85 -20.14
C VAL AB 180 -42.68 4.69 -21.09
N LYS AB 181 -43.16 4.80 -22.34
CA LYS AB 181 -42.67 4.01 -23.48
C LYS AB 181 -42.93 2.51 -23.32
N ARG AB 182 -44.11 2.16 -22.86
CA ARG AB 182 -44.45 0.75 -22.67
C ARG AB 182 -45.96 0.61 -22.60
N VAL AB 183 -46.40 -0.64 -22.49
CA VAL AB 183 -47.82 -0.94 -22.34
C VAL AB 183 -48.08 -1.19 -20.87
N VAL AB 184 -48.84 -0.30 -20.25
CA VAL AB 184 -49.13 -0.35 -18.83
C VAL AB 184 -50.56 -0.82 -18.62
N ALA AB 185 -50.83 -1.25 -17.40
CA ALA AB 185 -52.14 -1.73 -16.98
C ALA AB 185 -52.78 -0.69 -16.07
N GLU AB 186 -53.94 -0.22 -16.46
CA GLU AB 186 -54.71 0.79 -15.73
C GLU AB 186 -56.00 0.16 -15.22
N PRO AB 187 -56.64 0.77 -14.23
CA PRO AB 187 -57.99 0.31 -13.83
C PRO AB 187 -59.01 0.52 -14.94
N VAL AB 188 -60.13 -0.18 -14.79
CA VAL AB 188 -61.04 -0.42 -15.91
C VAL AB 188 -61.82 0.84 -16.25
N GLU AB 189 -62.07 1.04 -17.55
CA GLU AB 189 -62.84 2.16 -18.08
C GLU AB 189 -63.79 1.58 -19.13
N LEU AB 190 -64.97 1.16 -18.70
CA LEU AB 190 -65.92 0.49 -19.58
C LEU AB 190 -66.78 1.51 -20.31
N ALA AB 191 -66.94 1.30 -21.62
CA ALA AB 191 -67.82 2.15 -22.41
C ALA AB 191 -69.25 1.62 -22.45
N GLN AB 192 -69.42 0.31 -22.37
CA GLN AB 192 -70.73 -0.32 -22.42
C GLN AB 192 -71.05 -0.94 -21.06
N GLU AB 193 -72.35 -0.97 -20.74
CA GLU AB 193 -72.82 -1.38 -19.43
C GLU AB 193 -72.57 -2.84 -19.13
N PHE AB 194 -72.55 -3.69 -20.16
CA PHE AB 194 -72.83 -5.13 -20.07
C PHE AB 194 -74.17 -5.35 -19.37
N ARG AB 195 -75.21 -4.99 -20.11
CA ARG AB 195 -76.59 -5.10 -19.66
C ARG AB 195 -76.93 -6.55 -19.35
N LYS AB 196 -77.09 -6.87 -18.07
CA LYS AB 196 -77.30 -8.25 -17.64
C LYS AB 196 -78.79 -8.54 -17.74
N PHE AB 197 -79.19 -9.20 -18.84
CA PHE AB 197 -80.59 -9.45 -19.11
C PHE AB 197 -81.10 -10.56 -18.20
N ASP AB 198 -81.88 -10.19 -17.20
CA ASP AB 198 -82.40 -11.14 -16.22
C ASP AB 198 -83.52 -11.94 -16.86
N LEU AB 199 -83.39 -13.26 -16.86
CA LEU AB 199 -84.32 -14.13 -17.58
C LEU AB 199 -84.97 -15.17 -16.68
N ASN AB 200 -84.76 -15.10 -15.37
CA ASN AB 200 -85.27 -16.11 -14.44
C ASN AB 200 -86.78 -15.92 -14.27
N SER AB 201 -87.53 -16.50 -15.19
CA SER AB 201 -88.98 -16.39 -15.16
C SER AB 201 -89.57 -17.40 -14.16
N PRO AB 202 -90.69 -17.05 -13.53
CA PRO AB 202 -91.32 -17.99 -12.59
C PRO AB 202 -92.05 -19.16 -13.24
N TRP AB 203 -92.84 -19.84 -12.39
CA TRP AB 203 -93.86 -20.86 -12.66
C TRP AB 203 -93.38 -22.31 -12.84
N GLU AB 204 -92.10 -22.60 -12.54
CA GLU AB 204 -91.63 -23.93 -12.12
C GLU AB 204 -91.87 -25.01 -13.19
N ALA AB 205 -91.13 -24.88 -14.29
CA ALA AB 205 -91.33 -25.76 -15.45
C ALA AB 205 -91.05 -27.23 -15.14
N PHE AB 206 -90.16 -27.51 -14.20
CA PHE AB 206 -89.79 -28.88 -13.84
C PHE AB 206 -90.17 -29.13 -12.39
N PRO AB 207 -91.41 -29.56 -12.13
CA PRO AB 207 -91.83 -29.74 -10.73
C PRO AB 207 -91.21 -30.96 -10.07
N ALA AB 208 -90.61 -31.87 -10.83
CA ALA AB 208 -90.01 -33.06 -10.23
C ALA AB 208 -88.69 -32.77 -9.54
N TYR AB 209 -88.03 -31.66 -9.86
CA TYR AB 209 -86.76 -31.31 -9.27
C TYR AB 209 -86.89 -30.24 -8.20
N ARG AB 210 -88.04 -30.17 -7.55
CA ARG AB 210 -88.26 -29.16 -6.52
C ARG AB 210 -87.74 -29.65 -5.19
N GLN AB 211 -86.88 -28.87 -4.56
CA GLN AB 211 -86.42 -29.19 -3.23
C GLN AB 211 -87.53 -28.89 -2.21
N PRO AB 212 -87.60 -29.65 -1.12
CA PRO AB 212 -88.66 -29.41 -0.13
C PRO AB 212 -88.39 -28.16 0.67
N PRO AB 213 -89.38 -27.26 0.78
CA PRO AB 213 -89.17 -26.01 1.50
C PRO AB 213 -89.25 -26.16 3.00
N GLU AB 214 -89.20 -25.04 3.72
CA GLU AB 214 -89.36 -25.03 5.16
C GLU AB 214 -90.78 -25.41 5.54
N SER BB 24 -42.48 26.43 -60.85
CA SER BB 24 -43.41 25.68 -61.68
C SER BB 24 -42.88 24.30 -62.01
N ARG BB 25 -41.69 24.27 -62.62
CA ARG BB 25 -41.08 23.00 -62.97
C ARG BB 25 -40.63 22.24 -61.74
N GLY BB 26 -40.32 22.94 -60.64
CA GLY BB 26 -39.95 22.26 -59.41
C GLY BB 26 -41.12 21.51 -58.80
N GLU BB 27 -42.27 22.18 -58.71
CA GLU BB 27 -43.49 21.55 -58.22
C GLU BB 27 -43.95 20.44 -59.16
N TYR BB 28 -43.75 20.62 -60.46
CA TYR BB 28 -44.14 19.62 -61.44
C TYR BB 28 -43.28 18.35 -61.33
N VAL BB 29 -41.96 18.52 -61.18
CA VAL BB 29 -41.05 17.40 -60.99
C VAL BB 29 -41.33 16.69 -59.67
N VAL BB 30 -41.59 17.46 -58.61
CA VAL BB 30 -41.91 16.88 -57.30
C VAL BB 30 -43.20 16.09 -57.36
N ALA BB 31 -44.20 16.60 -58.09
CA ALA BB 31 -45.48 15.91 -58.23
C ALA BB 31 -45.32 14.58 -58.98
N LYS BB 32 -44.67 14.60 -60.14
CA LYS BB 32 -44.54 13.37 -60.91
C LYS BB 32 -43.59 12.37 -60.25
N LEU BB 33 -42.56 12.86 -59.56
CA LEU BB 33 -41.65 11.96 -58.87
C LEU BB 33 -42.32 11.32 -57.65
N ASP BB 34 -43.17 12.08 -56.95
CA ASP BB 34 -43.90 11.52 -55.82
C ASP BB 34 -44.93 10.52 -56.30
N ASP BB 35 -45.54 10.78 -57.46
CA ASP BB 35 -46.45 9.81 -58.07
C ASP BB 35 -45.72 8.52 -58.42
N LEU BB 36 -44.51 8.63 -58.98
CA LEU BB 36 -43.72 7.46 -59.35
C LEU BB 36 -43.33 6.65 -58.12
N ILE BB 37 -42.85 7.32 -57.07
CA ILE BB 37 -42.36 6.55 -55.92
C ILE BB 37 -43.52 5.98 -55.12
N ASN BB 38 -44.66 6.67 -55.05
CA ASN BB 38 -45.80 6.11 -54.34
C ASN BB 38 -46.43 4.98 -55.14
N TRP BB 39 -46.40 5.06 -56.46
CA TRP BB 39 -46.80 3.94 -57.30
C TRP BB 39 -45.89 2.74 -57.08
N ALA BB 40 -44.58 2.98 -56.94
CA ALA BB 40 -43.66 1.91 -56.63
C ALA BB 40 -43.88 1.35 -55.22
N ARG BB 41 -44.33 2.18 -54.28
CA ARG BB 41 -44.69 1.68 -52.96
C ARG BB 41 -45.89 0.75 -53.04
N ARG BB 42 -47.02 1.26 -53.56
CA ARG BB 42 -48.26 0.50 -53.65
C ARG BB 42 -48.21 -0.61 -54.68
N SER BB 43 -47.11 -0.75 -55.43
CA SER BB 43 -46.94 -1.85 -56.36
C SER BB 43 -46.96 -3.20 -55.69
N SER BB 44 -45.97 -3.51 -54.85
CA SER BB 44 -45.86 -4.86 -54.30
C SER BB 44 -46.45 -5.00 -52.90
N LEU BB 45 -45.86 -4.33 -51.91
CA LEU BB 45 -46.26 -4.37 -50.50
C LEU BB 45 -46.38 -5.80 -49.97
N TRP BB 46 -45.26 -6.50 -49.92
CA TRP BB 46 -45.30 -7.88 -49.45
C TRP BB 46 -45.31 -7.91 -47.92
N PRO BB 47 -46.33 -8.49 -47.30
CA PRO BB 47 -46.50 -8.38 -45.85
C PRO BB 47 -45.89 -9.53 -45.06
N MET BB 48 -46.08 -9.48 -43.74
CA MET BB 48 -46.02 -10.63 -42.87
C MET BB 48 -47.42 -10.94 -42.34
N THR BB 49 -47.62 -12.17 -41.89
CA THR BB 49 -48.91 -12.66 -41.45
C THR BB 49 -48.84 -12.94 -39.96
N PHE BB 50 -49.57 -12.17 -39.15
CA PHE BB 50 -49.54 -12.41 -37.71
C PHE BB 50 -50.44 -13.58 -37.36
N GLY BB 51 -51.76 -13.42 -37.56
CA GLY BB 51 -52.68 -14.54 -37.70
C GLY BB 51 -52.84 -15.51 -36.56
N LEU BB 52 -53.50 -15.14 -35.48
CA LEU BB 52 -53.64 -16.09 -34.37
C LEU BB 52 -54.76 -17.09 -34.58
N ALA BB 53 -56.00 -16.64 -34.58
CA ALA BB 53 -57.15 -17.51 -34.69
C ALA BB 53 -57.65 -17.51 -36.13
N CYS BB 54 -58.87 -18.02 -36.34
CA CYS BB 54 -59.42 -18.39 -37.65
C CYS BB 54 -59.39 -17.30 -38.75
N CYS BB 55 -59.18 -16.04 -38.38
CA CYS BB 55 -58.76 -15.07 -39.39
C CYS BB 55 -57.41 -15.42 -40.01
N ALA BB 56 -56.57 -16.22 -39.34
CA ALA BB 56 -55.37 -16.74 -40.01
C ALA BB 56 -55.73 -17.68 -41.14
N VAL BB 57 -56.76 -18.50 -40.95
CA VAL BB 57 -57.23 -19.36 -42.01
C VAL BB 57 -57.80 -18.52 -43.14
N GLU BB 58 -58.44 -17.40 -42.80
CA GLU BB 58 -58.93 -16.53 -43.85
C GLU BB 58 -57.79 -15.81 -44.58
N MET BB 59 -56.69 -15.53 -43.89
CA MET BB 59 -55.53 -14.95 -44.56
C MET BB 59 -54.83 -15.98 -45.44
N MET BB 60 -54.78 -17.22 -45.00
CA MET BB 60 -54.20 -18.25 -45.85
C MET BB 60 -55.15 -18.67 -46.97
N HIS BB 61 -56.41 -18.24 -46.91
CA HIS BB 61 -57.34 -18.42 -48.01
C HIS BB 61 -57.59 -17.16 -48.82
N MET BB 62 -56.99 -16.04 -48.46
CA MET BB 62 -56.68 -15.07 -49.49
C MET BB 62 -55.30 -15.36 -50.08
N ALA BB 63 -54.52 -16.21 -49.42
CA ALA BB 63 -53.41 -16.90 -50.04
C ALA BB 63 -53.85 -18.13 -50.83
N ALA BB 64 -55.14 -18.30 -51.04
CA ALA BB 64 -55.67 -19.39 -51.83
C ALA BB 64 -55.30 -19.22 -53.30
N PRO BB 65 -55.37 -20.28 -54.09
CA PRO BB 65 -55.15 -20.12 -55.53
C PRO BB 65 -56.20 -19.30 -56.24
N ARG BB 66 -57.44 -19.28 -55.76
CA ARG BB 66 -58.50 -18.60 -56.50
C ARG BB 66 -58.38 -17.09 -56.39
N TYR BB 67 -58.30 -16.58 -55.17
CA TYR BB 67 -58.08 -15.17 -54.95
C TYR BB 67 -56.57 -14.94 -54.85
N ASP BB 68 -55.99 -14.36 -55.88
CA ASP BB 68 -54.54 -14.29 -56.00
C ASP BB 68 -53.95 -13.23 -55.08
N MET BB 69 -52.63 -13.24 -54.98
CA MET BB 69 -51.90 -12.19 -54.31
C MET BB 69 -50.76 -11.73 -55.19
N ASP BB 70 -50.30 -12.63 -56.07
CA ASP BB 70 -49.20 -12.33 -56.98
C ASP BB 70 -49.56 -11.21 -57.93
N ARG BB 71 -50.83 -11.15 -58.35
CA ARG BB 71 -51.30 -10.10 -59.26
C ARG BB 71 -51.14 -8.71 -58.67
N PHE BB 72 -51.16 -8.60 -57.35
CA PHE BB 72 -51.08 -7.32 -56.68
C PHE BB 72 -49.74 -7.15 -55.99
N GLY BB 73 -48.74 -7.94 -56.39
CA GLY BB 73 -47.41 -7.85 -55.83
C GLY BB 73 -47.27 -8.36 -54.42
N VAL BB 74 -48.26 -9.07 -53.90
CA VAL BB 74 -48.29 -9.52 -52.51
C VAL BB 74 -47.74 -10.94 -52.46
N VAL BB 75 -46.70 -11.15 -51.66
CA VAL BB 75 -46.20 -12.48 -51.32
C VAL BB 75 -45.97 -12.50 -49.82
N PHE BB 76 -46.61 -13.43 -49.11
CA PHE BB 76 -46.52 -13.43 -47.66
C PHE BB 76 -45.14 -13.92 -47.21
N ARG BB 77 -44.54 -13.20 -46.27
CA ARG BB 77 -43.22 -13.53 -45.78
C ARG BB 77 -43.08 -12.97 -44.37
N ALA BB 78 -42.85 -13.86 -43.40
CA ALA BB 78 -42.88 -13.49 -42.00
C ALA BB 78 -41.64 -12.75 -41.52
N SER BB 79 -40.71 -12.43 -42.42
CA SER BB 79 -39.54 -11.66 -42.03
C SER BB 79 -39.94 -10.21 -41.78
N PRO BB 80 -39.78 -9.70 -40.56
CA PRO BB 80 -40.18 -8.32 -40.28
C PRO BB 80 -39.21 -7.28 -40.80
N ARG BB 81 -38.06 -7.71 -41.32
CA ARG BB 81 -37.06 -6.79 -41.86
C ARG BB 81 -37.49 -6.15 -43.17
N GLN BB 82 -38.50 -6.72 -43.82
CA GLN BB 82 -38.98 -6.24 -45.11
C GLN BB 82 -40.48 -6.15 -45.19
N SER BB 83 -41.20 -6.50 -44.13
CA SER BB 83 -42.66 -6.51 -44.14
C SER BB 83 -43.15 -5.08 -43.98
N ASP BB 84 -43.62 -4.49 -45.07
CA ASP BB 84 -44.01 -3.08 -45.03
C ASP BB 84 -45.41 -2.90 -44.45
N VAL BB 85 -46.35 -3.74 -44.86
CA VAL BB 85 -47.68 -3.76 -44.25
C VAL BB 85 -47.77 -4.99 -43.37
N MET BB 86 -48.57 -4.88 -42.32
CA MET BB 86 -48.73 -5.96 -41.35
C MET BB 86 -50.20 -6.06 -40.99
N ILE BB 87 -50.71 -7.28 -40.99
CA ILE BB 87 -52.12 -7.53 -40.76
C ILE BB 87 -52.24 -8.14 -39.37
N VAL BB 88 -52.89 -7.42 -38.48
CA VAL BB 88 -53.22 -7.94 -37.16
C VAL BB 88 -54.55 -8.67 -37.28
N ALA BB 89 -54.50 -9.99 -37.12
CA ALA BB 89 -55.66 -10.85 -37.19
C ALA BB 89 -55.54 -11.88 -36.08
N GLY BB 90 -56.68 -12.42 -35.67
CA GLY BB 90 -56.74 -13.25 -34.49
C GLY BB 90 -57.02 -12.44 -33.24
N THR BB 91 -57.36 -13.15 -32.17
CA THR BB 91 -57.73 -12.49 -30.92
C THR BB 91 -56.46 -12.06 -30.22
N LEU BB 92 -56.14 -10.77 -30.34
CA LEU BB 92 -55.04 -10.20 -29.58
C LEU BB 92 -55.36 -10.20 -28.10
N THR BB 93 -54.51 -10.84 -27.30
CA THR BB 93 -54.76 -10.95 -25.88
C THR BB 93 -53.76 -10.12 -25.10
N ASN BB 94 -54.12 -9.84 -23.85
CA ASN BB 94 -53.26 -9.08 -22.96
C ASN BB 94 -52.02 -9.87 -22.55
N LYS BB 95 -52.03 -11.18 -22.71
CA LYS BB 95 -50.82 -11.97 -22.54
C LYS BB 95 -49.91 -11.86 -23.75
N MET BB 96 -50.46 -11.54 -24.91
CA MET BB 96 -49.72 -11.54 -26.17
C MET BB 96 -49.14 -10.18 -26.53
N ALA BB 97 -49.91 -9.12 -26.32
CA ALA BB 97 -49.68 -7.83 -26.98
C ALA BB 97 -48.31 -7.15 -26.83
N PRO BB 98 -47.55 -7.29 -25.73
CA PRO BB 98 -46.20 -6.70 -25.75
C PRO BB 98 -45.27 -7.30 -26.77
N ALA BB 99 -45.40 -8.59 -27.04
CA ALA BB 99 -44.62 -9.17 -28.13
C ALA BB 99 -45.10 -8.67 -29.49
N LEU BB 100 -46.40 -8.34 -29.59
CA LEU BB 100 -46.90 -7.73 -30.82
C LEU BB 100 -46.25 -6.38 -31.06
N ARG BB 101 -46.13 -5.55 -30.01
CA ARG BB 101 -45.46 -4.28 -30.23
C ARG BB 101 -43.95 -4.47 -30.41
N LYS BB 102 -43.39 -5.53 -29.83
CA LYS BB 102 -41.98 -5.85 -30.04
C LYS BB 102 -41.68 -6.16 -31.51
N VAL BB 103 -42.55 -6.96 -32.14
CA VAL BB 103 -42.41 -7.21 -33.56
C VAL BB 103 -42.76 -5.97 -34.37
N TYR BB 104 -43.66 -5.14 -33.86
CA TYR BB 104 -44.04 -3.91 -34.53
C TYR BB 104 -42.91 -2.88 -34.56
N ASP BB 105 -41.97 -2.96 -33.61
CA ASP BB 105 -40.91 -1.97 -33.51
C ASP BB 105 -39.93 -2.06 -34.68
N GLN BB 106 -39.25 -3.19 -34.79
CA GLN BB 106 -38.28 -3.36 -35.87
C GLN BB 106 -38.98 -3.56 -37.22
N MET BB 107 -39.18 -2.45 -37.92
CA MET BB 107 -40.03 -2.36 -39.09
C MET BB 107 -39.74 -1.00 -39.73
N PRO BB 108 -39.72 -0.88 -41.08
CA PRO BB 108 -39.24 0.36 -41.71
C PRO BB 108 -40.08 1.60 -41.49
N GLU BB 109 -39.65 2.71 -42.10
CA GLU BB 109 -40.22 4.02 -41.78
C GLU BB 109 -41.67 4.19 -42.25
N PRO BB 110 -42.10 3.69 -43.43
CA PRO BB 110 -43.54 3.50 -43.60
C PRO BB 110 -43.98 2.14 -43.08
N ARG BB 111 -44.86 2.14 -42.09
CA ARG BB 111 -45.42 0.90 -41.56
C ARG BB 111 -46.93 1.05 -41.49
N TYR BB 112 -47.64 0.02 -41.94
CA TYR BB 112 -49.08 0.11 -42.11
C TYR BB 112 -49.76 -1.10 -41.50
N VAL BB 113 -50.93 -0.88 -40.90
CA VAL BB 113 -51.58 -1.87 -40.06
C VAL BB 113 -52.98 -2.12 -40.59
N VAL BB 114 -53.29 -3.39 -40.82
CA VAL BB 114 -54.63 -3.82 -41.21
C VAL BB 114 -55.22 -4.59 -40.04
N SER BB 115 -56.16 -3.97 -39.33
CA SER BB 115 -56.92 -4.66 -38.30
C SER BB 115 -58.00 -5.48 -38.98
N MET BB 116 -57.83 -6.79 -39.01
CA MET BB 116 -58.78 -7.67 -39.66
C MET BB 116 -59.56 -8.47 -38.63
N GLY BB 117 -60.87 -8.46 -38.75
CA GLY BB 117 -61.64 -9.37 -37.94
C GLY BB 117 -62.32 -8.68 -36.77
N SER BB 118 -63.41 -9.30 -36.31
CA SER BB 118 -64.12 -8.84 -35.13
C SER BB 118 -63.25 -8.90 -33.88
N CYS BB 119 -62.33 -9.85 -33.83
CA CYS BB 119 -61.40 -9.93 -32.70
C CYS BB 119 -60.47 -8.73 -32.64
N ALA BB 120 -60.17 -8.13 -33.78
CA ALA BB 120 -59.15 -7.10 -33.82
C ALA BB 120 -59.70 -5.69 -33.96
N ASN BB 121 -60.94 -5.54 -34.42
CA ASN BB 121 -61.41 -4.21 -34.78
C ASN BB 121 -62.00 -3.43 -33.61
N GLY BB 122 -61.59 -3.76 -32.38
CA GLY BB 122 -62.19 -3.16 -31.20
C GLY BB 122 -62.34 -4.17 -30.09
N GLY BB 123 -61.91 -5.40 -30.37
CA GLY BB 123 -62.10 -6.51 -29.47
C GLY BB 123 -63.34 -7.25 -29.90
N GLY BB 124 -64.43 -6.51 -30.04
CA GLY BB 124 -65.57 -7.01 -30.76
C GLY BB 124 -66.41 -7.99 -29.97
N TYR BB 125 -66.31 -9.26 -30.35
CA TYR BB 125 -67.15 -10.26 -29.71
C TYR BB 125 -66.64 -10.58 -28.31
N TYR BB 126 -65.33 -10.60 -28.13
CA TYR BB 126 -64.74 -10.67 -26.81
C TYR BB 126 -64.37 -9.28 -26.31
N HIS BB 127 -65.31 -8.33 -26.39
CA HIS BB 127 -65.03 -6.99 -25.90
C HIS BB 127 -65.00 -6.96 -24.37
N TYR BB 128 -65.68 -7.89 -23.75
CA TYR BB 128 -65.57 -8.19 -22.33
C TYR BB 128 -64.51 -9.25 -22.17
N SER BB 129 -64.57 -10.03 -21.09
CA SER BB 129 -63.75 -11.23 -20.90
C SER BB 129 -62.26 -10.91 -20.77
N TYR BB 130 -61.86 -10.58 -19.54
CA TYR BB 130 -60.53 -10.26 -19.04
C TYR BB 130 -59.36 -10.96 -19.73
N SER BB 131 -58.22 -10.27 -19.79
CA SER BB 131 -56.97 -10.64 -20.46
C SER BB 131 -57.13 -10.72 -21.97
N VAL BB 132 -58.15 -10.06 -22.50
CA VAL BB 132 -58.32 -9.83 -23.93
C VAL BB 132 -58.32 -8.33 -24.15
N VAL BB 133 -57.46 -7.87 -25.06
CA VAL BB 133 -57.39 -6.45 -25.39
C VAL BB 133 -58.68 -6.06 -26.09
N ARG BB 134 -59.18 -4.86 -25.81
CA ARG BB 134 -60.33 -4.31 -26.55
C ARG BB 134 -59.84 -3.72 -27.86
N GLY BB 135 -59.36 -4.60 -28.74
CA GLY BB 135 -58.86 -4.21 -30.04
C GLY BB 135 -57.46 -3.67 -30.07
N CYS BB 136 -56.79 -3.85 -31.20
CA CYS BB 136 -55.40 -3.45 -31.36
C CYS BB 136 -55.21 -1.94 -31.42
N ASP BB 137 -56.27 -1.14 -31.33
CA ASP BB 137 -56.13 0.30 -31.21
C ASP BB 137 -55.44 0.70 -29.92
N ARG BB 138 -55.58 -0.10 -28.87
CA ARG BB 138 -54.93 0.18 -27.60
C ARG BB 138 -53.42 -0.06 -27.64
N ILE BB 139 -52.90 -0.68 -28.70
CA ILE BB 139 -51.49 -0.99 -28.80
C ILE BB 139 -50.84 -0.23 -29.95
N VAL BB 140 -51.31 -0.45 -31.17
CA VAL BB 140 -50.70 0.16 -32.35
C VAL BB 140 -51.76 1.02 -33.02
N PRO BB 141 -51.37 1.95 -33.87
CA PRO BB 141 -52.35 2.55 -34.78
C PRO BB 141 -52.81 1.55 -35.81
N VAL BB 142 -53.96 1.86 -36.42
CA VAL BB 142 -54.55 1.03 -37.45
C VAL BB 142 -54.82 1.89 -38.67
N ASP BB 143 -54.28 1.49 -39.80
CA ASP BB 143 -54.44 2.28 -41.01
C ASP BB 143 -55.54 1.77 -41.93
N ILE BB 144 -55.93 0.51 -41.80
CA ILE BB 144 -57.11 -0.03 -42.47
C ILE BB 144 -57.87 -0.92 -41.49
N TYR BB 145 -59.14 -0.57 -41.22
CA TYR BB 145 -60.04 -1.42 -40.47
C TYR BB 145 -60.87 -2.24 -41.46
N VAL BB 146 -60.88 -3.56 -41.29
CA VAL BB 146 -61.82 -4.39 -42.06
C VAL BB 146 -62.61 -5.28 -41.13
N PRO BB 147 -63.90 -5.03 -40.96
CA PRO BB 147 -64.71 -5.85 -40.06
C PRO BB 147 -65.22 -7.11 -40.75
N GLY BB 148 -65.68 -8.03 -39.92
CA GLY BB 148 -66.16 -9.32 -40.37
C GLY BB 148 -65.78 -10.37 -39.35
N CYS BB 149 -66.58 -11.43 -39.29
CA CYS BB 149 -66.25 -12.59 -38.47
C CYS BB 149 -66.83 -13.84 -39.13
N PRO BB 150 -66.08 -14.46 -40.05
CA PRO BB 150 -64.83 -13.96 -40.63
C PRO BB 150 -65.11 -12.94 -41.69
N PRO BB 151 -64.18 -12.01 -41.87
CA PRO BB 151 -64.25 -11.15 -43.04
C PRO BB 151 -64.07 -12.01 -44.28
N THR BB 152 -64.71 -11.61 -45.36
CA THR BB 152 -64.46 -12.32 -46.60
C THR BB 152 -63.07 -11.95 -47.10
N ALA BB 153 -62.33 -12.96 -47.57
CA ALA BB 153 -61.02 -12.74 -48.17
C ALA BB 153 -61.11 -11.80 -49.37
N GLU BB 154 -62.21 -11.89 -50.11
CA GLU BB 154 -62.49 -10.93 -51.17
C GLU BB 154 -62.64 -9.52 -50.60
N ALA BB 155 -63.36 -9.39 -49.48
CA ALA BB 155 -63.48 -8.09 -48.83
C ALA BB 155 -62.14 -7.63 -48.26
N LEU BB 156 -61.33 -8.58 -47.79
CA LEU BB 156 -59.98 -8.24 -47.34
C LEU BB 156 -59.13 -7.68 -48.47
N LEU BB 157 -59.25 -8.29 -49.65
CA LEU BB 157 -58.48 -7.82 -50.80
C LEU BB 157 -58.99 -6.47 -51.27
N TYR BB 158 -60.29 -6.22 -51.13
CA TYR BB 158 -60.84 -4.90 -51.40
C TYR BB 158 -60.27 -3.84 -50.46
N GLY BB 159 -60.14 -4.18 -49.18
CA GLY BB 159 -59.49 -3.28 -48.24
C GLY BB 159 -58.03 -3.06 -48.56
N ILE BB 160 -57.36 -4.07 -49.12
CA ILE BB 160 -55.97 -3.93 -49.53
C ILE BB 160 -55.87 -2.95 -50.70
N LEU BB 161 -56.79 -3.02 -51.65
CA LEU BB 161 -56.79 -2.03 -52.74
C LEU BB 161 -57.08 -0.62 -52.23
N GLN BB 162 -57.96 -0.50 -51.23
CA GLN BB 162 -58.16 0.81 -50.61
C GLN BB 162 -56.91 1.28 -49.87
N LEU BB 163 -56.15 0.35 -49.29
CA LEU BB 163 -54.86 0.70 -48.69
C LEU BB 163 -53.88 1.23 -49.73
N GLN BB 164 -53.87 0.62 -50.91
CA GLN BB 164 -53.01 1.12 -51.99
C GLN BB 164 -53.46 2.49 -52.48
N LYS BB 165 -54.77 2.76 -52.43
CA LYS BB 165 -55.22 4.10 -52.83
C LYS BB 165 -54.94 5.15 -51.76
N LYS BB 166 -54.90 4.74 -50.51
CA LYS BB 166 -54.36 5.60 -49.45
C LYS BB 166 -52.90 5.91 -49.70
N ILE BB 167 -52.13 4.91 -50.16
CA ILE BB 167 -50.73 5.12 -50.53
C ILE BB 167 -50.63 6.09 -51.70
N LYS BB 168 -51.59 6.02 -52.63
CA LYS BB 168 -51.67 7.00 -53.71
C LYS BB 168 -51.90 8.42 -53.19
N ARG BB 169 -52.67 8.56 -52.11
CA ARG BB 169 -53.12 9.88 -51.65
C ARG BB 169 -52.24 10.46 -50.54
N GLU BB 170 -50.92 10.31 -50.61
CA GLU BB 170 -50.08 10.74 -49.50
C GLU BB 170 -49.46 12.12 -49.68
N LYS BB 171 -49.05 12.46 -50.90
CA LYS BB 171 -48.27 13.68 -51.27
C LYS BB 171 -47.17 14.02 -50.27
N ARG BB 172 -46.36 13.00 -49.93
CA ARG BB 172 -45.26 13.15 -48.98
C ARG BB 172 -44.20 14.11 -49.49
N LEU BB 173 -43.76 13.91 -50.73
CA LEU BB 173 -42.72 14.76 -51.29
C LEU BB 173 -43.25 16.16 -51.57
N ARG BB 174 -44.56 16.29 -51.82
CA ARG BB 174 -45.16 17.61 -52.00
C ARG BB 174 -45.18 18.38 -50.69
N ILE BB 175 -45.49 17.72 -49.58
CA ILE BB 175 -45.41 18.38 -48.28
C ILE BB 175 -43.97 18.74 -47.95
N TRP BB 176 -43.03 17.84 -48.26
CA TRP BB 176 -41.61 18.09 -48.00
C TRP BB 176 -41.07 19.24 -48.83
N TYR BB 177 -41.61 19.45 -50.03
CA TYR BB 177 -41.21 20.58 -50.84
C TYR BB 177 -41.83 21.87 -50.35
N ARG BB 178 -43.14 21.87 -50.09
CA ARG BB 178 -43.82 23.09 -49.68
C ARG BB 178 -43.55 23.48 -48.24
N ARG BB 179 -42.81 22.66 -47.49
CA ARG BB 179 -42.34 23.06 -46.16
C ARG BB 179 -41.36 24.22 -46.23
N THR CB 1 -63.58 -54.53 -38.18
CA THR CB 1 -63.86 -53.26 -38.84
C THR CB 1 -62.60 -52.40 -38.92
N TYR CB 2 -61.44 -53.05 -38.83
CA TYR CB 2 -60.16 -52.36 -38.81
C TYR CB 2 -59.35 -52.78 -40.03
N LYS CB 3 -58.69 -51.80 -40.65
CA LYS CB 3 -57.95 -52.01 -41.90
C LYS CB 3 -56.60 -51.33 -41.74
N TYR CB 4 -55.62 -52.06 -41.22
CA TYR CB 4 -54.32 -51.49 -40.90
C TYR CB 4 -53.36 -51.68 -42.07
N VAL CB 5 -52.40 -50.76 -42.17
CA VAL CB 5 -51.47 -50.73 -43.30
C VAL CB 5 -50.03 -50.90 -42.82
N ASN CB 6 -49.10 -50.89 -43.78
CA ASN CB 6 -47.65 -51.04 -43.61
C ASN CB 6 -47.21 -52.37 -43.01
N LEU CB 7 -48.11 -53.33 -42.84
CA LEU CB 7 -47.69 -54.66 -42.42
C LEU CB 7 -47.68 -55.53 -43.68
N ARG CB 8 -46.60 -55.38 -44.43
CA ARG CB 8 -46.29 -56.24 -45.57
C ARG CB 8 -44.79 -56.25 -45.74
N GLU CB 9 -44.25 -57.38 -46.06
CA GLU CB 9 -42.81 -57.38 -46.08
C GLU CB 9 -42.28 -56.93 -47.44
N PRO CB 10 -41.07 -56.38 -47.48
CA PRO CB 10 -40.35 -56.32 -48.75
C PRO CB 10 -39.90 -57.71 -49.15
N SER CB 11 -40.05 -58.03 -50.43
CA SER CB 11 -39.73 -59.37 -50.90
C SER CB 11 -38.24 -59.58 -50.94
N MET CB 12 -37.80 -60.74 -50.44
CA MET CB 12 -36.39 -61.08 -50.39
C MET CB 12 -35.91 -61.77 -51.66
N ASP CB 13 -36.75 -61.82 -52.69
CA ASP CB 13 -36.29 -62.19 -54.02
C ASP CB 13 -35.36 -61.12 -54.55
N MET CB 14 -34.47 -61.52 -55.47
CA MET CB 14 -33.52 -60.59 -56.05
C MET CB 14 -34.22 -59.50 -56.87
N LYS CB 15 -35.37 -59.86 -57.46
CA LYS CB 15 -36.11 -58.98 -58.36
C LYS CB 15 -36.56 -57.70 -57.67
N SER CB 16 -37.42 -57.83 -56.67
CA SER CB 16 -37.98 -56.67 -55.99
C SER CB 16 -36.93 -55.94 -55.19
N VAL CB 17 -35.91 -56.64 -54.69
CA VAL CB 17 -34.92 -55.96 -53.86
C VAL CB 17 -34.01 -55.11 -54.74
N THR CB 18 -33.72 -55.55 -55.97
CA THR CB 18 -32.94 -54.66 -56.82
C THR CB 18 -33.81 -53.63 -57.53
N ASP CB 19 -35.13 -53.86 -57.61
CA ASP CB 19 -36.01 -52.79 -58.08
C ASP CB 19 -36.10 -51.67 -57.06
N ARG CB 20 -36.20 -52.01 -55.78
CA ARG CB 20 -36.12 -50.99 -54.74
C ARG CB 20 -34.74 -50.36 -54.67
N ALA CB 21 -33.68 -51.13 -54.97
CA ALA CB 21 -32.34 -50.55 -55.02
C ALA CB 21 -32.21 -49.58 -56.19
N ALA CB 22 -32.87 -49.86 -57.31
CA ALA CB 22 -32.87 -48.94 -58.44
C ALA CB 22 -33.65 -47.68 -58.11
N GLN CB 23 -34.77 -47.84 -57.41
CA GLN CB 23 -35.51 -46.69 -56.90
C GLN CB 23 -34.65 -45.84 -55.95
N THR CB 24 -33.87 -46.49 -55.11
CA THR CB 24 -33.04 -45.78 -54.15
C THR CB 24 -31.88 -45.06 -54.82
N LEU CB 25 -31.15 -45.77 -55.67
CA LEU CB 25 -29.88 -45.25 -56.19
C LEU CB 25 -30.02 -44.53 -57.51
N LEU CB 26 -31.19 -44.54 -58.15
CA LEU CB 26 -31.29 -44.03 -59.51
C LEU CB 26 -32.26 -42.88 -59.68
N TRP CB 27 -32.94 -42.45 -58.61
CA TRP CB 27 -33.84 -41.30 -58.60
C TRP CB 27 -34.96 -41.44 -59.63
N THR CB 28 -35.82 -42.44 -59.42
CA THR CB 28 -36.88 -42.71 -60.37
C THR CB 28 -38.16 -41.96 -60.01
N GLU CB 29 -38.69 -42.24 -58.81
CA GLU CB 29 -40.00 -41.74 -58.44
C GLU CB 29 -39.98 -40.26 -58.10
N LEU CB 30 -38.82 -39.70 -57.78
CA LEU CB 30 -38.72 -38.25 -57.68
C LEU CB 30 -38.93 -37.60 -59.04
N ILE CB 31 -38.40 -38.21 -60.10
CA ILE CB 31 -38.65 -37.73 -61.45
C ILE CB 31 -40.11 -37.96 -61.84
N ARG CB 32 -40.72 -39.01 -61.31
CA ARG CB 32 -42.16 -39.19 -61.50
C ARG CB 32 -42.96 -38.09 -60.81
N GLY CB 33 -42.50 -37.62 -59.65
CA GLY CB 33 -43.10 -36.47 -59.03
C GLY CB 33 -42.93 -35.19 -59.84
N LEU CB 34 -41.76 -35.02 -60.45
CA LEU CB 34 -41.55 -33.91 -61.39
C LEU CB 34 -42.54 -33.97 -62.54
N GLY CB 35 -42.77 -35.18 -63.07
CA GLY CB 35 -43.73 -35.32 -64.16
C GLY CB 35 -45.15 -35.01 -63.74
N MET CB 36 -45.50 -35.35 -62.49
CA MET CB 36 -46.81 -34.97 -61.96
C MET CB 36 -46.96 -33.46 -61.85
N THR CB 37 -45.91 -32.78 -61.38
CA THR CB 37 -45.96 -31.33 -61.27
C THR CB 37 -46.01 -30.66 -62.63
N LEU CB 38 -45.35 -31.23 -63.63
CA LEU CB 38 -45.44 -30.66 -64.97
C LEU CB 38 -46.82 -30.90 -65.58
N SER CB 39 -47.41 -32.06 -65.28
CA SER CB 39 -48.77 -32.35 -65.72
C SER CB 39 -49.77 -31.35 -65.17
N TYR CB 40 -49.55 -30.88 -63.95
CA TYR CB 40 -50.40 -29.80 -63.48
C TYR CB 40 -49.91 -28.42 -63.91
N LEU CB 41 -48.66 -28.30 -64.32
CA LEU CB 41 -48.15 -27.04 -64.83
C LEU CB 41 -48.78 -26.69 -66.17
N PHE CB 42 -49.09 -27.69 -67.00
CA PHE CB 42 -49.67 -27.42 -68.32
C PHE CB 42 -51.18 -27.31 -68.29
N ARG CB 43 -51.76 -26.94 -67.15
CA ARG CB 43 -53.19 -26.65 -67.07
C ARG CB 43 -53.45 -25.19 -67.41
N GLU CB 44 -54.67 -24.74 -67.17
CA GLU CB 44 -55.02 -23.32 -67.12
C GLU CB 44 -55.67 -23.05 -65.78
N PRO CB 45 -55.15 -22.12 -64.99
CA PRO CB 45 -55.45 -22.10 -63.56
C PRO CB 45 -56.79 -21.47 -63.23
N ALA CB 46 -57.26 -21.74 -62.02
CA ALA CB 46 -58.56 -21.30 -61.54
C ALA CB 46 -58.41 -20.03 -60.71
N THR CB 47 -58.08 -18.94 -61.39
CA THR CB 47 -57.98 -17.64 -60.78
C THR CB 47 -59.16 -16.78 -61.22
N ILE CB 48 -59.20 -15.55 -60.70
CA ILE CB 48 -60.25 -14.60 -61.05
C ILE CB 48 -59.62 -13.22 -61.29
N ASN CB 49 -60.21 -12.48 -62.21
CA ASN CB 49 -59.80 -11.11 -62.51
C ASN CB 49 -60.53 -10.21 -61.51
N TYR CB 50 -59.84 -9.91 -60.40
CA TYR CB 50 -60.50 -9.48 -59.18
C TYR CB 50 -61.26 -8.16 -59.24
N PRO CB 51 -60.75 -7.05 -59.82
CA PRO CB 51 -61.60 -5.86 -59.93
C PRO CB 51 -62.69 -6.00 -60.96
N PHE CB 52 -62.62 -7.03 -61.80
CA PHE CB 52 -63.58 -7.22 -62.88
C PHE CB 52 -64.49 -8.42 -62.65
N GLU CB 53 -64.00 -9.47 -62.00
CA GLU CB 53 -64.80 -10.63 -61.68
C GLU CB 53 -64.98 -10.71 -60.17
N LYS CB 54 -66.18 -11.06 -59.74
CA LYS CB 54 -66.47 -11.30 -58.34
C LYS CB 54 -67.07 -12.68 -58.20
N GLY CB 55 -66.54 -13.45 -57.24
CA GLY CB 55 -66.75 -14.87 -57.21
C GLY CB 55 -68.16 -15.25 -56.76
N PRO CB 56 -68.41 -16.56 -56.68
CA PRO CB 56 -69.74 -17.03 -56.33
C PRO CB 56 -70.06 -16.78 -54.87
N LEU CB 57 -71.36 -16.77 -54.59
CA LEU CB 57 -71.88 -16.47 -53.26
C LEU CB 57 -73.13 -17.30 -53.04
N SER CB 58 -73.89 -16.93 -52.03
CA SER CB 58 -75.16 -17.54 -51.67
C SER CB 58 -76.24 -16.48 -51.64
N PRO CB 59 -77.50 -16.86 -51.88
CA PRO CB 59 -78.61 -15.94 -51.60
C PRO CB 59 -78.80 -15.65 -50.12
N ARG CB 60 -78.22 -16.45 -49.23
CA ARG CB 60 -78.39 -16.27 -47.80
C ARG CB 60 -77.18 -15.64 -47.14
N PHE CB 61 -76.30 -14.99 -47.92
CA PHE CB 61 -75.09 -14.40 -47.37
C PHE CB 61 -75.40 -13.23 -46.46
N ARG CB 62 -74.62 -13.10 -45.38
CA ARG CB 62 -74.96 -12.20 -44.29
C ARG CB 62 -73.90 -11.12 -44.16
N GLY CB 63 -74.17 -9.97 -44.76
CA GLY CB 63 -73.24 -8.86 -44.83
C GLY CB 63 -73.62 -7.57 -44.15
N GLU CB 64 -74.18 -6.66 -44.97
CA GLU CB 64 -74.23 -5.22 -44.76
C GLU CB 64 -74.91 -4.78 -43.46
N HIS CB 65 -75.83 -5.57 -42.90
CA HIS CB 65 -76.76 -5.16 -41.83
C HIS CB 65 -77.54 -3.91 -42.24
N ALA CB 66 -78.37 -4.05 -43.27
CA ALA CB 66 -79.17 -2.94 -43.76
C ALA CB 66 -80.62 -3.09 -43.35
N LEU CB 67 -81.35 -1.98 -43.43
CA LEU CB 67 -82.76 -1.92 -43.09
C LEU CB 67 -83.64 -1.93 -44.32
N ARG CB 68 -84.91 -2.29 -44.10
CA ARG CB 68 -85.95 -2.20 -45.10
C ARG CB 68 -87.04 -1.25 -44.61
N ARG CB 69 -88.06 -1.07 -45.45
CA ARG CB 69 -89.25 -0.35 -45.06
C ARG CB 69 -90.41 -0.87 -45.90
N TYR CB 70 -91.60 -0.39 -45.57
CA TYR CB 70 -92.84 -0.93 -46.13
C TYR CB 70 -93.04 -0.43 -47.55
N PRO CB 71 -93.87 -1.13 -48.34
CA PRO CB 71 -94.24 -0.62 -49.66
C PRO CB 71 -95.02 0.67 -49.58
N SER CB 72 -94.36 1.76 -50.01
CA SER CB 72 -94.83 3.14 -49.85
C SER CB 72 -95.20 3.44 -48.40
N GLY CB 73 -94.40 2.93 -47.48
CA GLY CB 73 -94.81 2.95 -46.09
C GLY CB 73 -93.78 3.52 -45.14
N GLU CB 74 -93.97 3.22 -43.86
CA GLU CB 74 -93.20 3.81 -42.79
C GLU CB 74 -91.92 3.01 -42.57
N GLU CB 75 -91.21 3.35 -41.49
CA GLU CB 75 -90.03 2.60 -41.10
C GLU CB 75 -90.44 1.24 -40.53
N ARG CB 76 -89.71 0.21 -40.94
CA ARG CB 76 -90.19 -1.16 -40.74
C ARG CB 76 -90.07 -1.63 -39.30
N CYS CB 77 -89.15 -1.05 -38.52
CA CYS CB 77 -88.91 -1.51 -37.16
C CYS CB 77 -90.06 -1.14 -36.22
N ILE CB 78 -90.03 -1.77 -35.05
CA ILE CB 78 -91.04 -1.61 -34.03
C ILE CB 78 -90.47 -1.10 -32.72
N ALA CB 79 -89.16 -1.31 -32.49
CA ALA CB 79 -88.50 -1.27 -31.20
C ALA CB 79 -89.15 -2.25 -30.23
N CYS CB 80 -89.10 -3.51 -30.62
CA CYS CB 80 -89.55 -4.59 -29.76
C CYS CB 80 -88.39 -5.30 -29.09
N LYS CB 81 -87.15 -4.89 -29.38
CA LYS CB 81 -85.94 -5.22 -28.64
C LYS CB 81 -85.58 -6.71 -28.70
N LEU CB 82 -86.14 -7.46 -29.66
CA LEU CB 82 -85.77 -8.88 -29.78
C LEU CB 82 -84.34 -9.04 -30.27
N CYS CB 83 -83.93 -8.19 -31.22
CA CYS CB 83 -82.57 -8.24 -31.73
C CYS CB 83 -81.55 -7.88 -30.65
N GLU CB 84 -81.87 -6.90 -29.81
CA GLU CB 84 -81.01 -6.61 -28.68
C GLU CB 84 -81.08 -7.71 -27.64
N ALA CB 85 -82.21 -8.41 -27.56
CA ALA CB 85 -82.35 -9.49 -26.60
C ALA CB 85 -81.51 -10.70 -26.99
N VAL CB 86 -81.28 -10.92 -28.27
CA VAL CB 86 -80.58 -12.11 -28.71
C VAL CB 86 -79.18 -11.85 -29.24
N CYS CB 87 -78.77 -10.59 -29.34
CA CYS CB 87 -77.46 -10.29 -29.94
C CYS CB 87 -76.32 -10.77 -29.04
N PRO CB 88 -75.45 -11.66 -29.53
CA PRO CB 88 -74.52 -12.35 -28.65
C PRO CB 88 -73.37 -11.52 -28.16
N ALA CB 89 -73.23 -10.27 -28.58
CA ALA CB 89 -72.21 -9.39 -28.03
C ALA CB 89 -72.80 -8.18 -27.35
N GLN CB 90 -74.13 -8.13 -27.23
CA GLN CB 90 -74.89 -6.93 -26.85
C GLN CB 90 -74.49 -5.74 -27.73
N ALA CB 91 -74.28 -6.02 -29.02
CA ALA CB 91 -73.91 -4.99 -29.97
C ALA CB 91 -75.09 -4.14 -30.39
N ILE CB 92 -76.28 -4.53 -30.04
CA ILE CB 92 -77.46 -3.74 -30.35
C ILE CB 92 -77.78 -2.86 -29.15
N THR CB 93 -78.07 -1.60 -29.41
CA THR CB 93 -78.51 -0.68 -28.37
C THR CB 93 -79.65 0.14 -28.94
N ILE CB 94 -80.85 -0.07 -28.42
CA ILE CB 94 -82.04 0.57 -28.92
C ILE CB 94 -82.64 1.41 -27.80
N GLU CB 95 -82.45 2.71 -27.86
CA GLU CB 95 -83.17 3.61 -26.99
C GLU CB 95 -84.41 4.06 -27.73
N ALA CB 96 -85.58 3.84 -27.13
CA ALA CB 96 -86.84 3.94 -27.84
C ALA CB 96 -87.77 4.94 -27.18
N GLU CB 97 -88.43 5.76 -27.99
CA GLU CB 97 -89.54 6.57 -27.55
C GLU CB 97 -90.61 6.55 -28.64
N PRO CB 98 -91.88 6.65 -28.25
CA PRO CB 98 -92.94 6.83 -29.24
C PRO CB 98 -93.05 8.28 -29.66
N ARG CB 99 -93.34 8.49 -30.93
CA ARG CB 99 -93.75 9.81 -31.38
C ARG CB 99 -95.22 10.01 -31.02
N ALA CB 100 -95.65 11.27 -31.11
CA ALA CB 100 -97.01 11.62 -30.70
C ALA CB 100 -98.08 11.16 -31.68
N ASP CB 101 -97.70 10.66 -32.85
CA ASP CB 101 -98.66 10.23 -33.85
C ASP CB 101 -99.31 8.89 -33.52
N GLY CB 102 -98.81 8.18 -32.52
CA GLY CB 102 -99.35 6.90 -32.13
C GLY CB 102 -98.53 5.71 -32.59
N SER CB 103 -97.92 5.81 -33.78
CA SER CB 103 -97.07 4.74 -34.27
C SER CB 103 -95.79 4.69 -33.46
N ARG CB 104 -95.48 3.51 -32.93
CA ARG CB 104 -94.36 3.40 -32.00
C ARG CB 104 -93.03 3.47 -32.74
N ARG CB 105 -92.07 4.12 -32.10
CA ARG CB 105 -90.81 4.50 -32.74
C ARG CB 105 -89.70 4.30 -31.72
N THR CB 106 -88.60 5.02 -31.96
CA THR CB 106 -87.30 4.76 -31.38
C THR CB 106 -86.80 6.06 -30.79
N THR CB 107 -85.55 6.14 -30.41
CA THR CB 107 -84.80 7.39 -30.57
C THR CB 107 -83.54 7.06 -31.34
N ARG CB 108 -82.86 6.01 -30.90
CA ARG CB 108 -81.48 5.73 -31.31
C ARG CB 108 -81.34 4.23 -31.47
N TYR CB 109 -81.09 3.80 -32.71
CA TYR CB 109 -80.84 2.42 -33.06
C TYR CB 109 -79.35 2.28 -33.31
N ASP CB 110 -78.70 1.35 -32.60
CA ASP CB 110 -77.25 1.30 -32.58
C ASP CB 110 -76.76 -0.11 -32.83
N ILE CB 111 -75.90 -0.27 -33.83
CA ILE CB 111 -75.23 -1.53 -34.10
C ILE CB 111 -73.74 -1.29 -34.03
N ASP CB 112 -73.05 -2.03 -33.17
CA ASP CB 112 -71.60 -2.00 -33.14
C ASP CB 112 -71.08 -2.95 -34.21
N MET CB 113 -70.61 -2.39 -35.32
CA MET CB 113 -70.03 -3.22 -36.36
C MET CB 113 -68.71 -3.82 -35.93
N THR CB 114 -68.07 -3.23 -34.93
CA THR CB 114 -66.93 -3.86 -34.26
C THR CB 114 -67.35 -5.15 -33.59
N LYS CB 115 -68.50 -5.13 -32.90
CA LYS CB 115 -68.89 -6.23 -32.04
C LYS CB 115 -69.76 -7.27 -32.72
N CYS CB 116 -70.20 -7.04 -33.95
CA CYS CB 116 -71.09 -7.98 -34.62
C CYS CB 116 -70.34 -9.25 -35.00
N ILE CB 117 -70.81 -10.40 -34.53
CA ILE CB 117 -70.19 -11.67 -34.92
C ILE CB 117 -70.87 -12.24 -36.16
N TYR CB 118 -71.85 -11.52 -36.74
CA TYR CB 118 -72.47 -11.84 -38.02
C TYR CB 118 -73.20 -13.18 -37.96
N CYS CB 119 -74.20 -13.24 -37.08
CA CYS CB 119 -74.96 -14.47 -36.89
C CYS CB 119 -75.97 -14.67 -38.00
N GLY CB 120 -76.95 -13.78 -38.02
CA GLY CB 120 -78.26 -14.05 -38.57
C GLY CB 120 -79.35 -14.18 -37.53
N PHE CB 121 -79.00 -14.15 -36.24
CA PHE CB 121 -80.02 -14.25 -35.20
C PHE CB 121 -80.92 -13.03 -35.18
N CYS CB 122 -80.36 -11.85 -35.44
CA CYS CB 122 -81.22 -10.66 -35.48
C CYS CB 122 -82.08 -10.64 -36.73
N GLN CB 123 -81.65 -11.30 -37.80
CA GLN CB 123 -82.53 -11.48 -38.95
C GLN CB 123 -83.66 -12.44 -38.62
N GLU CB 124 -83.33 -13.61 -38.07
CA GLU CB 124 -84.31 -14.63 -37.79
C GLU CB 124 -85.21 -14.28 -36.61
N ALA CB 125 -84.85 -13.28 -35.82
CA ALA CB 125 -85.65 -12.88 -34.67
C ALA CB 125 -86.59 -11.72 -34.96
N CYS CB 126 -86.26 -10.90 -35.94
CA CYS CB 126 -87.09 -9.75 -36.25
C CYS CB 126 -88.39 -10.22 -36.88
N PRO CB 127 -89.55 -9.85 -36.33
CA PRO CB 127 -90.80 -10.38 -36.87
C PRO CB 127 -91.17 -9.79 -38.20
N VAL CB 128 -90.75 -8.55 -38.47
CA VAL CB 128 -91.05 -7.89 -39.72
C VAL CB 128 -89.87 -7.86 -40.65
N ASP CB 129 -88.73 -8.42 -40.22
CA ASP CB 129 -87.46 -8.39 -40.94
C ASP CB 129 -87.03 -6.96 -41.24
N ALA CB 130 -86.99 -6.14 -40.18
CA ALA CB 130 -86.51 -4.77 -40.32
C ALA CB 130 -85.01 -4.76 -40.55
N ILE CB 131 -84.24 -5.26 -39.58
CA ILE CB 131 -82.82 -5.44 -39.76
C ILE CB 131 -82.58 -6.67 -40.61
N VAL CB 132 -81.93 -6.49 -41.76
CA VAL CB 132 -81.70 -7.56 -42.70
C VAL CB 132 -80.19 -7.72 -42.86
N GLU CB 133 -79.73 -8.95 -42.78
CA GLU CB 133 -78.36 -9.27 -43.16
C GLU CB 133 -78.18 -8.94 -44.64
N GLY CB 134 -77.19 -8.10 -44.94
CA GLY CB 134 -77.09 -7.53 -46.25
C GLY CB 134 -76.38 -8.41 -47.24
N PRO CB 135 -76.47 -8.03 -48.52
CA PRO CB 135 -75.89 -8.86 -49.59
C PRO CB 135 -74.43 -8.59 -49.89
N ASN CB 136 -73.96 -7.36 -49.69
CA ASN CB 136 -72.63 -6.98 -50.14
C ASN CB 136 -71.68 -6.84 -48.96
N PHE CB 137 -70.40 -7.06 -49.24
CA PHE CB 137 -69.36 -7.13 -48.22
C PHE CB 137 -68.22 -6.20 -48.63
N GLU CB 138 -68.42 -4.91 -48.39
CA GLU CB 138 -67.44 -3.89 -48.72
C GLU CB 138 -67.59 -2.78 -47.68
N PHE CB 139 -66.77 -2.87 -46.64
CA PHE CB 139 -66.78 -1.86 -45.59
C PHE CB 139 -65.47 -1.09 -45.56
N SER CB 140 -64.35 -1.79 -45.30
CA SER CB 140 -62.98 -1.37 -45.58
C SER CB 140 -62.65 0.02 -45.04
N THR CB 141 -63.13 0.30 -43.84
CA THR CB 141 -63.17 1.67 -43.34
C THR CB 141 -61.79 2.12 -42.89
N GLU CB 142 -61.43 3.36 -43.26
CA GLU CB 142 -60.14 3.90 -42.87
C GLU CB 142 -60.11 4.29 -41.40
N THR CB 143 -61.21 4.73 -40.85
CA THR CB 143 -61.23 5.25 -39.49
C THR CB 143 -61.95 4.28 -38.56
N HIS CB 144 -61.70 4.46 -37.26
CA HIS CB 144 -62.32 3.60 -36.25
C HIS CB 144 -63.76 4.02 -35.98
N GLU CB 145 -64.02 5.32 -35.91
CA GLU CB 145 -65.31 5.81 -35.45
C GLU CB 145 -66.43 5.53 -36.44
N GLU CB 146 -66.09 5.43 -37.72
CA GLU CB 146 -67.09 5.24 -38.77
C GLU CB 146 -67.68 3.83 -38.77
N LEU CB 147 -67.15 2.91 -37.97
CA LEU CB 147 -67.69 1.57 -37.82
C LEU CB 147 -68.80 1.49 -36.77
N LEU CB 148 -69.49 2.59 -36.49
CA LEU CB 148 -70.55 2.63 -35.48
C LEU CB 148 -71.79 3.20 -36.14
N TYR CB 149 -72.61 2.33 -36.72
CA TYR CB 149 -73.76 2.78 -37.50
C TYR CB 149 -74.87 3.32 -36.60
N ASN CB 150 -75.54 4.37 -37.08
CA ASN CB 150 -76.73 4.91 -36.43
C ASN CB 150 -77.97 4.62 -37.25
N LYS CB 151 -79.09 5.14 -36.76
CA LYS CB 151 -80.40 4.85 -37.33
C LYS CB 151 -80.53 5.45 -38.73
N GLU CB 152 -80.27 6.75 -38.85
CA GLU CB 152 -80.38 7.40 -40.16
C GLU CB 152 -79.29 6.95 -41.11
N LYS CB 153 -78.15 6.50 -40.57
CA LYS CB 153 -77.14 5.82 -41.36
C LYS CB 153 -77.71 4.56 -42.00
N LEU CB 154 -78.40 3.74 -41.21
CA LEU CB 154 -78.97 2.53 -41.78
C LEU CB 154 -80.15 2.82 -42.68
N LEU CB 155 -80.85 3.92 -42.44
CA LEU CB 155 -81.96 4.30 -43.32
C LEU CB 155 -81.45 4.74 -44.68
N ASN CB 156 -80.38 5.54 -44.71
CA ASN CB 156 -79.77 5.90 -45.97
C ASN CB 156 -79.09 4.71 -46.62
N ASN CB 157 -78.67 3.73 -45.80
CA ASN CB 157 -78.16 2.48 -46.35
C ASN CB 157 -79.25 1.69 -47.05
N GLY CB 158 -80.43 1.63 -46.44
CA GLY CB 158 -81.57 0.98 -47.07
C GLY CB 158 -82.15 1.77 -48.22
N ASP CB 159 -81.91 3.09 -48.26
CA ASP CB 159 -82.41 3.92 -49.34
C ASP CB 159 -81.64 3.74 -50.64
N LYS CB 160 -80.47 3.09 -50.61
CA LYS CB 160 -79.76 2.90 -51.87
C LYS CB 160 -80.30 1.69 -52.61
N TRP CB 161 -80.65 0.62 -51.90
CA TRP CB 161 -81.25 -0.52 -52.58
C TRP CB 161 -82.21 -1.25 -51.66
N GLU CB 162 -83.23 -1.84 -52.27
CA GLU CB 162 -83.99 -2.91 -51.66
C GLU CB 162 -84.21 -4.08 -52.62
N ALA CB 163 -84.11 -3.86 -53.93
CA ALA CB 163 -84.49 -4.87 -54.91
C ALA CB 163 -83.57 -6.09 -54.86
N GLU CB 164 -82.30 -5.86 -54.56
CA GLU CB 164 -81.40 -6.96 -54.22
C GLU CB 164 -81.88 -7.72 -52.99
N ILE CB 165 -82.21 -6.96 -51.93
CA ILE CB 165 -82.66 -7.56 -50.68
C ILE CB 165 -83.99 -8.26 -50.87
N ALA CB 166 -84.90 -7.64 -51.64
CA ALA CB 166 -86.20 -8.26 -51.90
C ALA CB 166 -86.06 -9.51 -52.75
N ALA CB 167 -85.08 -9.54 -53.67
CA ALA CB 167 -84.84 -10.74 -54.45
C ALA CB 167 -84.32 -11.88 -53.57
N ASN CB 168 -83.39 -11.57 -52.66
CA ASN CB 168 -82.88 -12.60 -51.75
C ASN CB 168 -83.96 -13.09 -50.80
N ILE CB 169 -84.82 -12.21 -50.32
CA ILE CB 169 -85.91 -12.61 -49.44
C ILE CB 169 -86.93 -13.44 -50.20
N GLN CB 170 -87.25 -13.03 -51.44
CA GLN CB 170 -88.21 -13.75 -52.26
C GLN CB 170 -87.69 -15.13 -52.64
N ALA CB 171 -86.38 -15.30 -52.75
CA ALA CB 171 -85.85 -16.64 -52.94
C ALA CB 171 -85.68 -17.39 -51.64
N ASP CB 172 -85.67 -16.70 -50.49
CA ASP CB 172 -85.31 -17.32 -49.22
C ASP CB 172 -86.37 -17.21 -48.15
N TYR CB 173 -87.61 -16.88 -48.50
CA TYR CB 173 -88.63 -16.84 -47.46
C TYR CB 173 -89.34 -18.17 -47.29
N LEU CB 174 -89.05 -19.14 -48.16
CA LEU CB 174 -89.74 -20.41 -48.11
C LEU CB 174 -88.97 -21.49 -47.38
N TYR CB 175 -87.65 -21.38 -47.30
CA TYR CB 175 -86.86 -22.35 -46.56
C TYR CB 175 -86.79 -22.06 -45.08
N ARG CB 176 -87.46 -21.02 -44.61
CA ARG CB 176 -87.35 -20.61 -43.21
C ARG CB 176 -88.56 -19.80 -42.77
N ASN DB 35 -167.23 -31.50 -23.90
CA ASN DB 35 -167.08 -30.04 -23.89
C ASN DB 35 -165.86 -29.64 -24.71
N THR DB 36 -166.06 -28.70 -25.64
CA THR DB 36 -164.98 -28.15 -26.45
C THR DB 36 -165.03 -26.64 -26.43
N THR DB 37 -165.30 -26.05 -25.27
CA THR DB 37 -165.51 -24.61 -25.18
C THR DB 37 -164.38 -23.99 -24.37
N TYR DB 38 -163.77 -22.95 -24.94
CA TYR DB 38 -162.61 -22.29 -24.37
C TYR DB 38 -163.00 -21.45 -23.17
N LYS DB 39 -162.25 -21.59 -22.07
CA LYS DB 39 -162.65 -21.00 -20.79
C LYS DB 39 -161.71 -19.92 -20.29
N ASN DB 40 -160.77 -19.48 -21.11
CA ASN DB 40 -160.14 -18.16 -20.99
C ASN DB 40 -160.93 -17.20 -21.87
N LEU DB 41 -160.27 -16.15 -22.37
CA LEU DB 41 -160.69 -14.85 -22.95
C LEU DB 41 -160.85 -13.84 -21.82
N GLN DB 42 -160.57 -14.22 -20.57
CA GLN DB 42 -160.20 -13.22 -19.59
C GLN DB 42 -158.80 -12.67 -19.82
N HIS DB 43 -158.01 -13.29 -20.69
CA HIS DB 43 -156.69 -12.81 -21.05
C HIS DB 43 -156.74 -11.71 -22.09
N HIS DB 44 -157.90 -11.49 -22.72
CA HIS DB 44 -157.97 -10.66 -23.92
C HIS DB 44 -157.80 -9.19 -23.60
N ASP DB 45 -158.33 -8.73 -22.46
CA ASP DB 45 -158.46 -7.31 -22.17
C ASP DB 45 -157.25 -6.72 -21.44
N TYR DB 46 -156.06 -7.29 -21.63
CA TYR DB 46 -154.90 -6.92 -20.83
C TYR DB 46 -154.15 -5.76 -21.47
N SER DB 47 -154.00 -4.67 -20.71
CA SER DB 47 -153.29 -3.47 -21.13
C SER DB 47 -151.82 -3.57 -20.72
N THR DB 48 -151.12 -2.44 -20.78
CA THR DB 48 -149.68 -2.42 -20.51
C THR DB 48 -149.37 -2.52 -19.03
N TYR DB 49 -149.89 -1.60 -18.23
CA TYR DB 49 -149.48 -1.42 -16.85
C TYR DB 49 -150.16 -2.39 -15.89
N THR DB 50 -150.87 -3.40 -16.41
CA THR DB 50 -151.78 -4.18 -15.58
C THR DB 50 -151.06 -5.04 -14.55
N PHE DB 51 -149.80 -5.42 -14.82
CA PHE DB 51 -149.04 -6.22 -13.88
C PHE DB 51 -148.77 -5.44 -12.59
N LEU DB 52 -148.23 -4.24 -12.72
CA LEU DB 52 -147.97 -3.43 -11.55
C LEU DB 52 -149.24 -2.80 -11.00
N ASP DB 53 -150.28 -2.68 -11.81
CA ASP DB 53 -151.62 -2.38 -11.29
C ASP DB 53 -152.05 -3.42 -10.27
N LEU DB 54 -151.94 -4.70 -10.65
CA LEU DB 54 -152.26 -5.79 -9.75
C LEU DB 54 -151.30 -5.84 -8.56
N ASN DB 55 -150.03 -5.51 -8.81
CA ASN DB 55 -149.02 -5.54 -7.75
C ASN DB 55 -149.29 -4.46 -6.70
N LEU DB 56 -149.86 -3.33 -7.12
CA LEU DB 56 -150.34 -2.35 -6.18
C LEU DB 56 -151.63 -2.81 -5.50
N ASP DB 57 -152.48 -3.52 -6.25
CA ASP DB 57 -153.73 -4.03 -5.70
C ASP DB 57 -153.51 -5.06 -4.61
N LEU DB 58 -152.36 -5.74 -4.62
CA LEU DB 58 -152.14 -6.79 -3.65
C LEU DB 58 -151.03 -6.42 -2.68
N SER DB 59 -151.06 -5.20 -2.18
CA SER DB 59 -150.01 -4.72 -1.29
C SER DB 59 -150.17 -5.25 0.13
N LYS DB 60 -151.37 -5.13 0.69
CA LYS DB 60 -151.59 -5.35 2.11
C LYS DB 60 -151.67 -6.84 2.43
N PHE DB 61 -151.99 -7.15 3.68
CA PHE DB 61 -151.85 -8.47 4.35
C PHE DB 61 -150.53 -9.17 3.98
N ARG DB 62 -149.43 -8.50 4.32
CA ARG DB 62 -148.12 -8.97 3.92
C ARG DB 62 -147.19 -9.01 5.12
N MET DB 63 -146.29 -10.01 5.12
CA MET DB 63 -145.30 -10.22 6.16
C MET DB 63 -144.32 -9.04 6.25
N PRO DB 64 -143.69 -8.81 7.43
CA PRO DB 64 -143.02 -7.51 7.67
C PRO DB 64 -141.69 -7.27 6.98
N GLN DB 65 -141.34 -8.04 5.93
CA GLN DB 65 -140.15 -7.86 5.08
C GLN DB 65 -138.85 -7.90 5.88
N PRO DB 66 -138.38 -9.10 6.26
CA PRO DB 66 -137.28 -9.20 7.23
C PRO DB 66 -135.96 -8.61 6.75
N SER DB 67 -135.31 -7.89 7.65
CA SER DB 67 -134.16 -7.07 7.32
C SER DB 67 -132.88 -7.88 7.29
N SER DB 68 -131.81 -7.23 6.82
CA SER DB 68 -130.45 -7.76 6.90
C SER DB 68 -129.62 -6.65 7.51
N GLY DB 69 -129.67 -6.52 8.84
CA GLY DB 69 -129.03 -5.40 9.49
C GLY DB 69 -129.64 -4.07 9.08
N ARG DB 70 -128.91 -3.33 8.25
CA ARG DB 70 -129.31 -2.01 7.79
C ARG DB 70 -130.31 -2.12 6.64
N GLU DB 71 -130.55 -1.00 5.97
CA GLU DB 71 -131.47 -0.97 4.84
C GLU DB 71 -130.83 -1.48 3.55
N SER DB 72 -129.52 -1.68 3.56
CA SER DB 72 -128.68 -1.95 2.40
C SER DB 72 -127.29 -2.28 2.90
N PRO DB 73 -126.48 -3.06 2.16
CA PRO DB 73 -125.13 -3.38 2.66
C PRO DB 73 -124.19 -2.20 2.68
N ARG DB 74 -124.42 -1.18 1.86
CA ARG DB 74 -123.84 0.14 2.07
C ARG DB 74 -124.96 1.08 2.49
N HIS DB 75 -124.77 1.78 3.61
CA HIS DB 75 -125.86 2.62 4.08
C HIS DB 75 -125.82 3.97 3.39
N GLY EB 1 -89.08 16.03 -45.62
CA GLY EB 1 -89.27 17.42 -45.27
C GLY EB 1 -88.26 17.93 -44.27
N VAL EB 2 -87.00 17.97 -44.69
CA VAL EB 2 -85.93 18.42 -43.80
C VAL EB 2 -86.02 19.93 -43.60
N ARG EB 3 -85.75 20.35 -42.37
CA ARG EB 3 -85.71 21.76 -42.03
C ARG EB 3 -84.26 22.20 -41.88
N THR EB 4 -84.07 23.42 -41.39
CA THR EB 4 -82.74 23.97 -41.18
C THR EB 4 -82.65 24.53 -39.76
N SER EB 5 -81.64 24.09 -39.02
CA SER EB 5 -81.38 24.62 -37.70
C SER EB 5 -80.92 26.07 -37.80
N PRO EB 6 -81.12 26.86 -36.74
CA PRO EB 6 -80.52 28.22 -36.71
C PRO EB 6 -79.00 28.21 -36.72
N THR EB 7 -78.36 27.12 -36.30
CA THR EB 7 -76.93 26.97 -36.50
C THR EB 7 -76.59 26.81 -37.97
N GLY EB 8 -77.41 26.05 -38.70
CA GLY EB 8 -77.24 25.94 -40.13
C GLY EB 8 -77.40 24.53 -40.69
N GLU EB 9 -77.03 23.52 -39.91
CA GLU EB 9 -77.08 22.17 -40.43
C GLU EB 9 -78.49 21.61 -40.34
N LYS EB 10 -78.69 20.47 -40.99
CA LYS EB 10 -80.02 19.90 -41.14
C LYS EB 10 -80.49 19.27 -39.84
N VAL EB 11 -81.80 19.34 -39.60
CA VAL EB 11 -82.41 18.73 -38.44
C VAL EB 11 -82.64 17.25 -38.72
N THR EB 12 -82.96 16.49 -37.69
CA THR EB 12 -83.38 15.11 -37.83
C THR EB 12 -84.84 14.98 -37.43
N HIS EB 13 -85.47 13.91 -37.91
CA HIS EB 13 -86.86 13.65 -37.54
C HIS EB 13 -86.99 13.29 -36.07
N THR EB 14 -85.94 12.71 -35.48
CA THR EB 14 -85.83 12.64 -34.04
C THR EB 14 -85.25 13.95 -33.55
N GLY EB 15 -85.93 14.59 -32.61
CA GLY EB 15 -85.58 15.94 -32.22
C GLY EB 15 -84.33 16.04 -31.37
N GLN EB 16 -83.15 15.84 -31.98
CA GLN EB 16 -81.89 15.88 -31.27
C GLN EB 16 -80.97 16.99 -31.76
N VAL EB 17 -81.53 17.98 -32.48
CA VAL EB 17 -80.72 18.99 -33.17
C VAL EB 17 -79.98 19.88 -32.17
N TYR EB 18 -78.87 20.45 -32.61
CA TYR EB 18 -77.85 20.99 -31.75
C TYR EB 18 -78.20 22.36 -31.20
N ASP EB 19 -77.47 22.76 -30.16
CA ASP EB 19 -77.57 24.08 -29.55
C ASP EB 19 -76.57 25.01 -30.23
N ASP EB 20 -76.38 26.19 -29.64
CA ASP EB 20 -75.32 27.08 -30.09
C ASP EB 20 -74.00 26.82 -29.39
N GLU EB 21 -73.95 25.81 -28.52
CA GLU EB 21 -72.79 25.59 -27.65
C GLU EB 21 -72.29 24.15 -27.66
N ASP EB 22 -72.87 23.29 -28.50
CA ASP EB 22 -72.45 21.89 -28.54
C ASP EB 22 -71.15 21.75 -29.30
N TYR EB 23 -70.30 20.85 -28.81
CA TYR EB 23 -69.03 20.58 -29.47
C TYR EB 23 -69.08 19.39 -30.41
N ARG EB 24 -70.21 18.68 -30.48
CA ARG EB 24 -70.34 17.72 -31.58
C ARG EB 24 -70.55 18.44 -32.90
N ARG EB 25 -71.00 19.70 -32.84
CA ARG EB 25 -70.89 20.61 -33.97
C ARG EB 25 -69.45 20.75 -34.42
N VAL EB 26 -68.50 20.88 -33.48
CA VAL EB 26 -67.12 21.08 -33.90
C VAL EB 26 -66.42 19.76 -34.19
N ARG EB 27 -67.01 18.63 -33.79
CA ARG EB 27 -66.48 17.38 -34.33
C ARG EB 27 -67.06 17.05 -35.69
N PHE EB 28 -68.18 17.68 -36.08
CA PHE EB 28 -68.68 17.51 -37.43
C PHE EB 28 -68.01 18.44 -38.44
N VAL EB 29 -66.90 19.08 -38.07
CA VAL EB 29 -66.21 19.98 -38.98
C VAL EB 29 -65.50 19.18 -40.06
N GLY EB 30 -65.77 19.55 -41.31
CA GLY EB 30 -65.05 19.03 -42.45
C GLY EB 30 -65.72 17.90 -43.19
N ARG EB 31 -66.66 17.20 -42.56
CA ARG EB 31 -67.26 16.02 -43.14
C ARG EB 31 -68.77 16.10 -43.02
N GLN EB 32 -69.42 15.17 -43.73
CA GLN EB 32 -70.87 15.20 -43.85
C GLN EB 32 -71.54 14.72 -42.58
N LYS EB 33 -72.48 15.50 -42.08
CA LYS EB 33 -73.46 14.98 -41.11
C LYS EB 33 -74.50 14.22 -41.91
N GLU EB 34 -74.36 12.91 -41.97
CA GLU EB 34 -75.22 12.09 -42.83
C GLU EB 34 -76.61 12.00 -42.22
N VAL EB 35 -77.52 12.80 -42.73
CA VAL EB 35 -78.90 12.82 -42.29
C VAL EB 35 -79.71 12.06 -43.34
N ASN EB 36 -80.90 11.60 -42.94
CA ASN EB 36 -81.79 10.97 -43.90
C ASN EB 36 -82.60 12.02 -44.65
N GLU EB 37 -82.94 11.70 -45.89
CA GLU EB 37 -83.82 12.52 -46.71
C GLU EB 37 -85.21 11.93 -46.82
N ASN EB 38 -85.49 10.85 -46.11
CA ASN EB 38 -86.78 10.17 -46.17
C ASN EB 38 -87.41 10.25 -44.79
N PHE EB 39 -88.53 10.96 -44.70
CA PHE EB 39 -89.27 11.12 -43.46
C PHE EB 39 -90.56 10.32 -43.52
N ALA EB 40 -90.68 9.31 -42.67
CA ALA EB 40 -91.85 8.46 -42.62
C ALA EB 40 -93.06 9.13 -41.98
N ILE EB 41 -92.93 10.35 -41.47
CA ILE EB 41 -94.08 11.09 -40.97
C ILE EB 41 -95.01 11.46 -42.11
N ASP EB 42 -94.45 12.03 -43.17
CA ASP EB 42 -95.26 12.55 -44.27
C ASP EB 42 -95.54 11.53 -45.35
N LEU EB 43 -94.83 10.39 -45.37
CA LEU EB 43 -95.23 9.31 -46.28
C LEU EB 43 -96.56 8.69 -45.87
N ILE EB 44 -96.89 8.71 -44.58
CA ILE EB 44 -98.22 8.29 -44.17
C ILE EB 44 -99.25 9.35 -44.57
N ALA EB 45 -98.84 10.62 -44.57
CA ALA EB 45 -99.68 11.68 -45.13
C ALA EB 45 -99.84 11.55 -46.63
N GLU EB 46 -98.90 10.88 -47.31
CA GLU EB 46 -99.09 10.53 -48.71
C GLU EB 46 -100.07 9.38 -48.90
N GLN EB 47 -100.28 8.56 -47.88
CA GLN EB 47 -101.07 7.35 -48.04
C GLN EB 47 -102.55 7.66 -48.05
N PRO EB 48 -103.30 7.18 -49.03
CA PRO EB 48 -104.75 7.31 -49.00
C PRO EB 48 -105.37 6.41 -47.94
N VAL EB 49 -106.61 6.71 -47.59
CA VAL EB 49 -107.35 5.95 -46.59
C VAL EB 49 -108.36 5.07 -47.31
N SER EB 50 -108.25 3.77 -47.09
CA SER EB 50 -109.15 2.83 -47.75
C SER EB 50 -110.54 2.89 -47.14
N GLN EB 51 -111.53 2.47 -47.93
CA GLN EB 51 -112.92 2.46 -47.52
C GLN EB 51 -113.44 1.05 -47.72
N VAL EB 52 -113.57 0.31 -46.62
CA VAL EB 52 -114.06 -1.06 -46.64
C VAL EB 52 -115.35 -1.11 -45.83
N GLY EB 53 -116.43 -1.55 -46.47
CA GLY EB 53 -117.75 -1.51 -45.86
C GLY EB 53 -118.02 -2.55 -44.80
N SER EB 54 -117.07 -3.43 -44.49
CA SER EB 54 -117.32 -4.50 -43.54
C SER EB 54 -117.13 -3.99 -42.11
N ARG EB 55 -117.18 -4.91 -41.15
CA ARG EB 55 -117.20 -4.56 -39.73
C ARG EB 55 -115.81 -4.70 -39.10
N VAL EB 56 -115.22 -5.89 -39.17
CA VAL EB 56 -113.89 -6.16 -38.63
C VAL EB 56 -113.00 -6.58 -39.78
N ILE EB 57 -111.96 -5.80 -40.06
CA ILE EB 57 -111.19 -6.02 -41.28
C ILE EB 57 -109.75 -6.35 -40.93
N SER EB 58 -109.09 -7.01 -41.87
CA SER EB 58 -107.77 -7.57 -41.67
C SER EB 58 -106.68 -6.62 -42.14
N CYS EB 59 -105.44 -6.97 -41.79
CA CYS EB 59 -104.27 -6.31 -42.33
C CYS EB 59 -103.08 -7.25 -42.28
N ASP EB 60 -102.33 -7.30 -43.38
CA ASP EB 60 -101.12 -8.08 -43.61
C ASP EB 60 -99.97 -7.25 -44.12
N GLY EB 61 -100.23 -6.26 -44.97
CA GLY EB 61 -99.17 -5.50 -45.58
C GLY EB 61 -98.57 -6.11 -46.82
N GLY EB 62 -99.36 -6.83 -47.61
CA GLY EB 62 -98.90 -7.25 -48.93
C GLY EB 62 -97.97 -8.44 -48.96
N GLY EB 63 -98.45 -9.61 -48.56
CA GLY EB 63 -97.67 -10.82 -48.74
C GLY EB 63 -97.93 -11.88 -47.70
N GLY EB 64 -98.11 -13.12 -48.17
CA GLY EB 64 -98.27 -14.25 -47.26
C GLY EB 64 -96.92 -14.63 -46.67
N ALA EB 65 -96.79 -14.50 -45.35
CA ALA EB 65 -95.52 -14.59 -44.60
C ALA EB 65 -94.49 -13.56 -45.09
N LEU EB 66 -94.96 -12.45 -45.63
CA LEU EB 66 -94.12 -11.29 -45.97
C LEU EB 66 -94.69 -10.09 -45.25
N GLY EB 67 -93.85 -9.42 -44.47
CA GLY EB 67 -94.30 -8.26 -43.73
C GLY EB 67 -94.90 -8.62 -42.40
N HIS EB 68 -95.85 -7.87 -41.97
CA HIS EB 68 -96.33 -8.10 -40.62
C HIS EB 68 -97.49 -9.08 -40.61
N PRO EB 69 -97.71 -9.82 -39.49
CA PRO EB 69 -98.74 -10.87 -39.52
C PRO EB 69 -100.16 -10.37 -39.56
N ARG EB 70 -101.10 -11.31 -39.51
CA ARG EB 70 -102.52 -11.00 -39.61
C ARG EB 70 -102.98 -10.26 -38.36
N VAL EB 71 -103.31 -8.99 -38.51
CA VAL EB 71 -103.90 -8.23 -37.41
C VAL EB 71 -105.30 -7.79 -37.82
N TYR EB 72 -106.28 -8.08 -36.97
CA TYR EB 72 -107.68 -7.82 -37.27
C TYR EB 72 -108.09 -6.60 -36.48
N ILE EB 73 -108.38 -5.51 -37.18
CA ILE EB 73 -108.73 -4.26 -36.52
C ILE EB 73 -110.23 -4.04 -36.68
N ASN EB 74 -110.74 -3.14 -35.85
CA ASN EB 74 -112.16 -2.90 -35.69
C ASN EB 74 -112.53 -1.56 -36.30
N LEU EB 75 -113.78 -1.45 -36.75
CA LEU EB 75 -114.28 -0.24 -37.39
C LEU EB 75 -115.62 0.20 -36.81
N ASP EB 76 -115.94 -0.23 -35.59
CA ASP EB 76 -117.28 0.02 -35.06
C ASP EB 76 -117.51 1.49 -34.69
N LYS EB 77 -116.45 2.25 -34.45
CA LYS EB 77 -116.62 3.66 -34.18
C LYS EB 77 -116.94 4.43 -35.46
N GLU EB 78 -117.72 5.49 -35.32
CA GLU EB 78 -118.15 6.25 -36.48
C GLU EB 78 -117.07 7.17 -37.00
N THR EB 79 -116.33 7.82 -36.12
CA THR EB 79 -115.44 8.90 -36.51
C THR EB 79 -113.96 8.65 -36.25
N LYS EB 80 -113.61 7.67 -35.43
CA LYS EB 80 -112.22 7.38 -35.10
C LYS EB 80 -111.75 6.24 -36.00
N THR EB 81 -110.80 6.55 -36.89
CA THR EB 81 -110.41 5.63 -37.94
C THR EB 81 -109.59 4.47 -37.39
N GLY EB 82 -109.69 3.33 -38.07
CA GLY EB 82 -108.96 2.14 -37.67
C GLY EB 82 -107.50 2.19 -38.09
N THR EB 83 -106.60 2.33 -37.11
CA THR EB 83 -105.19 2.51 -37.37
C THR EB 83 -104.45 1.24 -36.96
N CYS EB 84 -103.78 0.60 -37.94
CA CYS EB 84 -102.98 -0.57 -37.64
C CYS EB 84 -101.71 -0.19 -36.90
N GLY EB 85 -101.43 -0.90 -35.81
CA GLY EB 85 -100.19 -0.67 -35.09
C GLY EB 85 -98.96 -1.07 -35.86
N TYR EB 86 -99.10 -1.99 -36.81
CA TYR EB 86 -97.99 -2.41 -37.66
C TYR EB 86 -97.91 -1.57 -38.92
N CYS EB 87 -99.04 -1.37 -39.61
CA CYS EB 87 -99.04 -0.60 -40.85
C CYS EB 87 -99.02 0.89 -40.58
N GLY EB 88 -99.96 1.39 -39.79
CA GLY EB 88 -100.11 2.82 -39.66
C GLY EB 88 -100.90 3.46 -40.76
N LEU EB 89 -101.63 2.68 -41.55
CA LEU EB 89 -102.47 3.21 -42.62
C LEU EB 89 -103.93 2.94 -42.27
N GLN EB 90 -104.74 4.00 -42.33
CA GLN EB 90 -106.07 3.98 -41.73
C GLN EB 90 -107.10 3.42 -42.71
N PHE EB 91 -108.35 3.34 -42.24
CA PHE EB 91 -109.42 2.71 -42.99
C PHE EB 91 -110.72 3.45 -42.74
N ARG EB 92 -111.70 3.19 -43.60
CA ARG EB 92 -113.03 3.75 -43.41
C ARG EB 92 -114.10 2.68 -43.53
N GLN EB 93 -115.36 3.10 -43.58
CA GLN EB 93 -116.48 2.19 -43.60
C GLN EB 93 -117.56 2.70 -44.54
N GLN EB 94 -118.28 1.77 -45.16
CA GLN EB 94 -119.35 2.06 -46.11
C GLN EB 94 -120.54 1.18 -45.70
N HIS EB 95 -121.39 1.70 -44.83
CA HIS EB 95 -122.52 0.94 -44.32
C HIS EB 95 -123.83 1.36 -44.97
N THR FB 8 -55.51 -35.65 9.32
CA THR FB 8 -56.00 -36.57 10.33
C THR FB 8 -55.98 -35.83 11.68
N GLN FB 9 -56.99 -34.96 11.87
CA GLN FB 9 -57.17 -34.14 13.08
C GLN FB 9 -55.92 -33.30 13.40
N LEU FB 10 -55.39 -32.65 12.38
CA LEU FB 10 -54.14 -31.90 12.48
C LEU FB 10 -54.30 -30.52 13.11
N ILE FB 11 -53.31 -29.66 12.84
CA ILE FB 11 -52.88 -28.45 13.54
C ILE FB 11 -53.99 -27.48 13.96
N THR FB 12 -55.12 -27.53 13.24
CA THR FB 12 -56.13 -26.47 13.06
C THR FB 12 -56.40 -25.48 14.20
N VAL FB 13 -56.41 -24.20 13.85
CA VAL FB 13 -56.80 -23.12 14.74
C VAL FB 13 -58.08 -22.51 14.19
N ASP FB 14 -58.96 -22.07 15.10
CA ASP FB 14 -60.32 -21.67 14.73
C ASP FB 14 -60.43 -20.15 14.80
N GLU FB 15 -60.66 -19.53 13.65
CA GLU FB 15 -60.84 -18.08 13.53
C GLU FB 15 -61.81 -17.82 12.40
N LYS FB 16 -61.80 -16.58 11.91
CA LYS FB 16 -62.31 -16.22 10.61
C LYS FB 16 -61.34 -16.68 9.52
N LEU FB 17 -61.76 -16.57 8.27
CA LEU FB 17 -60.95 -16.98 7.15
C LEU FB 17 -60.39 -15.77 6.42
N ASP FB 18 -59.32 -15.97 5.67
CA ASP FB 18 -58.52 -14.88 5.12
C ASP FB 18 -58.38 -15.02 3.61
N ILE FB 19 -59.50 -15.26 2.92
CA ILE FB 19 -59.48 -15.34 1.47
C ILE FB 19 -59.47 -13.95 0.85
N THR FB 20 -59.75 -12.92 1.66
CA THR FB 20 -59.87 -11.55 1.14
C THR FB 20 -58.52 -10.98 0.68
N THR FB 21 -57.41 -11.45 1.24
CA THR FB 21 -56.11 -11.06 0.71
C THR FB 21 -55.75 -11.87 -0.52
N LEU FB 22 -56.41 -13.01 -0.72
CA LEU FB 22 -56.09 -13.93 -1.79
C LEU FB 22 -56.85 -13.61 -3.07
N THR FB 23 -58.03 -13.01 -2.95
CA THR FB 23 -58.90 -12.82 -4.11
C THR FB 23 -58.45 -11.71 -5.05
N GLY FB 24 -57.41 -10.94 -4.70
CA GLY FB 24 -56.78 -10.04 -5.64
C GLY FB 24 -57.46 -8.71 -5.85
N VAL FB 25 -58.66 -8.51 -5.32
CA VAL FB 25 -59.33 -7.21 -5.45
C VAL FB 25 -58.67 -6.24 -4.46
N PRO FB 26 -58.38 -5.02 -4.88
CA PRO FB 26 -57.72 -4.06 -3.98
C PRO FB 26 -58.62 -3.60 -2.84
N GLU FB 27 -57.95 -3.00 -1.85
CA GLU FB 27 -58.62 -2.57 -0.64
C GLU FB 27 -59.54 -1.38 -0.87
N GLU FB 28 -59.34 -0.65 -1.98
CA GLU FB 28 -60.29 0.38 -2.40
C GLU FB 28 -61.68 -0.20 -2.58
N HIS FB 29 -61.79 -1.27 -3.37
CA HIS FB 29 -63.08 -1.90 -3.57
C HIS FB 29 -63.45 -2.84 -2.44
N ILE FB 30 -62.50 -3.19 -1.56
CA ILE FB 30 -62.89 -3.89 -0.34
C ILE FB 30 -63.66 -2.96 0.59
N LYS FB 31 -63.02 -1.88 1.04
CA LYS FB 31 -63.65 -1.06 2.06
C LYS FB 31 -64.61 -0.03 1.49
N THR FB 32 -64.52 0.27 0.20
CA THR FB 32 -65.36 1.31 -0.38
C THR FB 32 -66.75 0.78 -0.71
N ARG FB 33 -66.83 -0.27 -1.49
CA ARG FB 33 -68.11 -0.82 -1.88
C ARG FB 33 -68.64 -1.75 -0.80
N LYS FB 34 -69.97 -1.84 -0.71
CA LYS FB 34 -70.62 -2.57 0.36
C LYS FB 34 -71.69 -3.48 -0.23
N ALA FB 35 -71.77 -4.69 0.30
CA ALA FB 35 -72.68 -5.70 -0.21
C ALA FB 35 -74.04 -5.62 0.48
N ARG FB 36 -75.07 -6.05 -0.24
CA ARG FB 36 -76.43 -6.09 0.27
C ARG FB 36 -77.01 -7.46 -0.03
N ILE FB 37 -77.58 -8.10 0.99
CA ILE FB 37 -78.04 -9.48 0.88
C ILE FB 37 -79.52 -9.52 1.18
N PHE FB 38 -80.31 -9.96 0.21
CA PHE FB 38 -81.75 -9.96 0.41
C PHE FB 38 -82.39 -11.01 -0.47
N VAL FB 39 -83.67 -11.27 -0.19
CA VAL FB 39 -84.50 -12.08 -1.07
C VAL FB 39 -85.15 -11.13 -2.06
N PRO FB 40 -85.03 -11.36 -3.37
CA PRO FB 40 -85.55 -10.40 -4.35
C PRO FB 40 -87.06 -10.34 -4.34
N ALA FB 41 -87.57 -9.28 -4.94
CA ALA FB 41 -88.99 -8.99 -4.90
C ALA FB 41 -89.78 -9.91 -5.82
N ARG FB 42 -91.01 -10.17 -5.45
CA ARG FB 42 -91.97 -10.73 -6.39
C ARG FB 42 -92.31 -9.66 -7.41
N ASN FB 43 -92.13 -9.99 -8.69
CA ASN FB 43 -92.50 -9.08 -9.78
C ASN FB 43 -94.01 -8.98 -9.79
N ASN FB 44 -94.54 -7.89 -9.24
CA ASN FB 44 -95.91 -7.81 -8.77
C ASN FB 44 -96.91 -7.74 -9.92
N MET FB 45 -96.48 -7.50 -11.16
CA MET FB 45 -97.40 -7.62 -12.27
C MET FB 45 -97.78 -9.07 -12.51
N GLN FB 46 -96.78 -9.95 -12.58
CA GLN FB 46 -97.04 -11.38 -12.56
C GLN FB 46 -97.32 -11.83 -11.13
N SER FB 47 -97.59 -13.13 -10.97
CA SER FB 47 -97.75 -13.71 -9.64
C SER FB 47 -96.90 -14.97 -9.58
N GLY FB 48 -95.61 -14.82 -9.32
CA GLY FB 48 -94.75 -15.97 -9.24
C GLY FB 48 -93.81 -15.89 -8.05
N VAL FB 49 -93.93 -16.84 -7.15
CA VAL FB 49 -93.05 -16.88 -5.98
C VAL FB 49 -91.92 -17.87 -6.25
N ASN FB 50 -91.69 -18.18 -7.52
CA ASN FB 50 -90.56 -19.01 -7.90
C ASN FB 50 -89.26 -18.23 -7.80
N ASN FB 51 -89.31 -16.91 -7.87
CA ASN FB 51 -88.11 -16.10 -7.72
C ASN FB 51 -87.76 -15.84 -6.25
N THR FB 52 -88.45 -16.51 -5.33
CA THR FB 52 -88.11 -16.51 -3.92
C THR FB 52 -87.14 -17.69 -3.73
N LYS FB 53 -86.86 -18.06 -2.46
CA LYS FB 53 -85.99 -19.17 -2.06
C LYS FB 53 -84.55 -18.99 -2.53
N LYS FB 54 -84.15 -17.76 -2.84
CA LYS FB 54 -82.81 -17.47 -3.34
C LYS FB 54 -82.32 -16.22 -2.65
N TRP FB 55 -81.42 -16.37 -1.69
CA TRP FB 55 -80.80 -15.20 -1.07
C TRP FB 55 -79.82 -14.61 -2.08
N LYS FB 56 -80.21 -13.51 -2.72
CA LYS FB 56 -79.35 -12.86 -3.69
C LYS FB 56 -78.43 -11.88 -2.97
N MET FB 57 -77.14 -12.01 -3.26
CA MET FB 57 -76.12 -11.05 -2.87
C MET FB 57 -75.83 -10.13 -4.03
N GLU FB 58 -75.89 -8.82 -3.76
CA GLU FB 58 -75.65 -7.78 -4.74
C GLU FB 58 -74.69 -6.76 -4.14
N PHE FB 59 -74.24 -5.83 -4.97
CA PHE FB 59 -73.50 -4.67 -4.51
C PHE FB 59 -74.33 -3.40 -4.71
N ASP FB 60 -73.73 -2.28 -4.36
CA ASP FB 60 -74.32 -0.97 -4.61
C ASP FB 60 -73.88 -0.46 -5.97
N THR FB 61 -74.83 0.08 -6.74
CA THR FB 61 -74.48 0.67 -8.02
C THR FB 61 -73.79 2.01 -7.82
N ARG FB 62 -73.06 2.43 -8.83
CA ARG FB 62 -72.29 3.67 -8.78
C ARG FB 62 -72.49 4.39 -10.12
N GLU FB 63 -71.60 5.34 -10.42
CA GLU FB 63 -71.80 6.23 -11.56
C GLU FB 63 -71.74 5.47 -12.88
N ARG FB 64 -72.65 5.83 -13.77
CA ARG FB 64 -72.73 5.28 -15.12
C ARG FB 64 -72.95 6.49 -16.03
N TRP FB 65 -71.87 7.15 -16.43
CA TRP FB 65 -72.06 8.34 -17.21
C TRP FB 65 -72.30 7.99 -18.67
N GLU FB 66 -72.59 9.01 -19.46
CA GLU FB 66 -72.95 8.83 -20.85
C GLU FB 66 -71.71 8.78 -21.71
N ASN FB 67 -71.69 7.86 -22.66
CA ASN FB 67 -70.61 7.80 -23.64
C ASN FB 67 -70.75 9.00 -24.55
N PRO FB 68 -69.78 9.92 -24.60
CA PRO FB 68 -69.97 11.19 -25.32
C PRO FB 68 -70.06 11.05 -26.83
N LEU FB 69 -69.74 9.89 -27.39
CA LEU FB 69 -69.91 9.69 -28.82
C LEU FB 69 -71.09 8.79 -29.16
N MET FB 70 -71.42 7.82 -28.30
CA MET FB 70 -72.46 6.87 -28.60
C MET FB 70 -73.67 6.94 -27.69
N GLY FB 71 -73.55 7.49 -26.49
CA GLY FB 71 -74.66 7.51 -25.58
C GLY FB 71 -74.92 6.14 -24.98
N TRP FB 72 -73.98 5.67 -24.18
CA TRP FB 72 -74.10 4.39 -23.48
C TRP FB 72 -74.02 4.62 -21.98
N ALA FB 73 -73.97 3.53 -21.23
CA ALA FB 73 -73.75 3.61 -19.79
C ALA FB 73 -72.27 3.35 -19.53
N SER FB 74 -71.47 4.39 -19.80
CA SER FB 74 -70.04 4.33 -19.53
C SER FB 74 -69.82 4.37 -18.03
N THR FB 75 -69.41 3.25 -17.47
CA THR FB 75 -69.24 3.13 -16.02
C THR FB 75 -67.85 2.61 -15.70
N ALA FB 76 -67.29 3.13 -14.62
CA ALA FB 76 -66.03 2.63 -14.06
C ALA FB 76 -66.29 1.66 -12.91
N ASP FB 77 -67.14 0.66 -13.14
CA ASP FB 77 -67.58 -0.23 -12.07
C ASP FB 77 -67.43 -1.68 -12.50
N PRO FB 78 -66.35 -2.34 -12.10
CA PRO FB 78 -66.22 -3.77 -12.44
C PRO FB 78 -67.16 -4.64 -11.64
N LEU FB 79 -67.56 -4.21 -10.44
CA LEU FB 79 -68.31 -5.05 -9.52
C LEU FB 79 -69.80 -4.70 -9.49
N SER FB 80 -70.29 -3.97 -10.48
CA SER FB 80 -71.69 -3.61 -10.53
C SER FB 80 -72.55 -4.63 -11.26
N ASN FB 81 -71.98 -5.76 -11.68
CA ASN FB 81 -72.70 -6.74 -12.48
C ASN FB 81 -72.54 -8.13 -11.93
N LEU FB 82 -72.66 -8.27 -10.61
CA LEU FB 82 -72.57 -9.57 -9.96
C LEU FB 82 -73.80 -9.81 -9.12
N VAL FB 83 -74.20 -11.08 -9.04
CA VAL FB 83 -75.29 -11.50 -8.17
C VAL FB 83 -75.01 -12.94 -7.77
N LEU FB 84 -75.14 -13.24 -6.48
CA LEU FB 84 -74.78 -14.55 -5.98
C LEU FB 84 -75.99 -15.19 -5.33
N THR FB 85 -76.23 -16.46 -5.64
CA THR FB 85 -77.44 -17.15 -5.21
C THR FB 85 -77.11 -18.03 -4.02
N PHE FB 86 -77.83 -17.81 -2.91
CA PHE FB 86 -77.61 -18.53 -1.66
C PHE FB 86 -78.89 -19.22 -1.23
N SER FB 87 -78.73 -20.16 -0.30
CA SER FB 87 -79.80 -21.01 0.21
C SER FB 87 -80.36 -20.52 1.54
N THR FB 88 -79.49 -20.26 2.52
CA THR FB 88 -79.92 -19.70 3.80
C THR FB 88 -79.13 -18.44 4.09
N LYS FB 89 -79.58 -17.74 5.13
CA LYS FB 89 -78.92 -16.51 5.54
C LYS FB 89 -77.55 -16.78 6.16
N GLU FB 90 -77.39 -17.95 6.79
CA GLU FB 90 -76.11 -18.33 7.39
C GLU FB 90 -75.02 -18.45 6.35
N ASP FB 91 -75.37 -19.00 5.18
CA ASP FB 91 -74.42 -19.11 4.07
C ASP FB 91 -73.99 -17.73 3.59
N ALA FB 92 -74.92 -16.79 3.59
CA ALA FB 92 -74.62 -15.42 3.19
C ALA FB 92 -73.67 -14.75 4.18
N ILE FB 93 -73.93 -14.91 5.47
CA ILE FB 93 -73.11 -14.30 6.49
C ILE FB 93 -71.70 -14.90 6.48
N ALA FB 94 -71.62 -16.22 6.36
CA ALA FB 94 -70.33 -16.90 6.32
C ALA FB 94 -69.55 -16.51 5.07
N PHE FB 95 -70.24 -16.33 3.94
CA PHE FB 95 -69.57 -15.95 2.72
C PHE FB 95 -69.04 -14.52 2.78
N ALA FB 96 -69.85 -13.60 3.33
CA ALA FB 96 -69.46 -12.20 3.40
C ALA FB 96 -68.31 -12.01 4.38
N GLU FB 97 -68.34 -12.71 5.51
CA GLU FB 97 -67.21 -12.64 6.43
C GLU FB 97 -66.02 -13.42 5.92
N LYS FB 98 -66.23 -14.39 5.03
CA LYS FB 98 -65.12 -15.10 4.41
C LYS FB 98 -64.36 -14.20 3.46
N ASN FB 99 -65.07 -13.51 2.58
CA ASN FB 99 -64.39 -12.71 1.57
C ASN FB 99 -64.27 -11.26 1.98
N GLY FB 100 -64.68 -10.89 3.20
CA GLY FB 100 -64.15 -9.71 3.83
C GLY FB 100 -64.93 -8.40 3.82
N TRP FB 101 -65.55 -8.02 2.70
CA TRP FB 101 -66.16 -6.70 2.64
C TRP FB 101 -67.45 -6.66 3.43
N SER FB 102 -67.94 -5.44 3.66
CA SER FB 102 -69.06 -5.24 4.56
C SER FB 102 -70.37 -5.67 3.91
N TYR FB 103 -71.33 -5.99 4.77
CA TYR FB 103 -72.59 -6.57 4.35
C TYR FB 103 -73.73 -5.88 5.07
N ASP FB 104 -74.85 -5.75 4.37
CA ASP FB 104 -76.11 -5.32 4.97
C ASP FB 104 -77.15 -6.37 4.62
N VAL FB 105 -77.62 -7.11 5.63
CA VAL FB 105 -78.58 -8.18 5.43
C VAL FB 105 -79.96 -7.67 5.81
N GLU FB 106 -80.87 -7.70 4.87
CA GLU FB 106 -82.27 -7.42 5.13
C GLU FB 106 -82.97 -8.69 5.58
N GLU FB 107 -84.08 -8.53 6.27
CA GLU FB 107 -84.83 -9.66 6.78
C GLU FB 107 -85.78 -10.18 5.70
N ARG FB 108 -85.95 -11.49 5.66
CA ARG FB 108 -86.83 -12.09 4.67
C ARG FB 108 -88.28 -11.90 5.09
N LYS FB 109 -89.07 -11.31 4.20
CA LYS FB 109 -90.46 -10.98 4.49
C LYS FB 109 -91.36 -11.86 3.64
N VAL FB 110 -91.92 -12.90 4.26
CA VAL FB 110 -92.75 -13.92 3.64
C VAL FB 110 -94.14 -13.32 3.37
N PRO FB 111 -95.00 -13.97 2.60
CA PRO FB 111 -96.40 -13.53 2.55
C PRO FB 111 -97.14 -13.95 3.81
N LYS FB 112 -98.39 -13.46 3.91
CA LYS FB 112 -99.25 -13.76 5.06
C LYS FB 112 -100.37 -14.68 4.62
N PRO FB 113 -100.53 -15.84 5.25
CA PRO FB 113 -101.67 -16.72 4.91
C PRO FB 113 -102.98 -16.09 5.35
N LYS FB 114 -103.78 -15.63 4.39
CA LYS FB 114 -104.97 -14.87 4.69
C LYS FB 114 -106.22 -15.68 4.38
N SER FB 115 -107.21 -15.58 5.26
CA SER FB 115 -108.43 -16.37 5.18
C SER FB 115 -109.37 -15.72 4.16
N LYS FB 116 -109.87 -16.53 3.23
CA LYS FB 116 -110.85 -16.08 2.25
C LYS FB 116 -111.94 -17.12 2.14
N SER FB 117 -113.18 -16.68 1.95
CA SER FB 117 -114.30 -17.62 1.90
C SER FB 117 -115.44 -17.04 1.07
N TYR FB 118 -115.96 -17.89 0.17
CA TYR FB 118 -116.97 -17.48 -0.78
C TYR FB 118 -118.30 -17.19 -0.09
N GLY FB 119 -118.58 -17.88 1.02
CA GLY FB 119 -119.81 -17.64 1.74
C GLY FB 119 -119.84 -16.29 2.42
N ALA FB 120 -118.73 -15.93 3.09
CA ALA FB 120 -118.63 -14.58 3.64
C ALA FB 120 -118.45 -13.54 2.55
N ASN FB 121 -118.05 -13.94 1.35
CA ASN FB 121 -118.12 -13.02 0.22
C ASN FB 121 -119.57 -12.74 -0.16
N PHE FB 122 -120.44 -13.76 -0.09
CA PHE FB 122 -121.83 -13.59 -0.50
C PHE FB 122 -122.82 -13.84 0.62
N SER FB 123 -122.59 -13.24 1.78
CA SER FB 123 -123.41 -13.48 2.97
C SER FB 123 -124.69 -12.63 2.93
N TRP FB 124 -125.37 -12.57 4.08
CA TRP FB 124 -126.72 -12.05 4.22
C TRP FB 124 -126.79 -10.61 4.71
N ASN FB 125 -126.19 -10.33 5.86
CA ASN FB 125 -126.33 -9.01 6.47
C ASN FB 125 -124.99 -8.29 6.67
N LYS FB 126 -123.91 -8.82 6.12
CA LYS FB 126 -122.62 -8.14 6.21
C LYS FB 126 -122.53 -7.05 5.14
N ARG FB 127 -121.41 -6.33 5.13
CA ARG FB 127 -121.19 -5.29 4.15
C ARG FB 127 -120.45 -5.79 2.91
N THR FB 128 -120.12 -7.08 2.85
CA THR FB 128 -119.39 -7.65 1.73
C THR FB 128 -120.40 -8.04 0.66
N ARG FB 129 -120.56 -7.19 -0.35
CA ARG FB 129 -121.53 -7.45 -1.40
C ARG FB 129 -121.01 -6.80 -2.68
N VAL FB 130 -120.67 -7.63 -3.67
CA VAL FB 130 -119.99 -7.12 -4.86
C VAL FB 130 -120.96 -6.44 -5.83
N SER FB 131 -122.25 -6.76 -5.73
CA SER FB 131 -123.36 -6.08 -6.41
C SER FB 131 -123.36 -6.14 -7.93
N THR FB 132 -122.39 -6.81 -8.55
CA THR FB 132 -122.32 -6.88 -10.01
C THR FB 132 -122.04 -8.26 -10.57
N LYS FB 133 -121.44 -9.17 -9.81
CA LYS FB 133 -121.07 -10.47 -10.34
C LYS FB 133 -121.79 -11.56 -9.55
N LEU GB 1 -72.86 25.72 -16.85
CA LEU GB 1 -72.62 25.68 -18.30
C LEU GB 1 -73.40 24.56 -18.93
N HIS GB 2 -73.26 24.42 -20.25
CA HIS GB 2 -73.88 23.33 -20.99
C HIS GB 2 -73.32 21.99 -20.55
N HIS GB 3 -74.13 20.94 -20.69
CA HIS GB 3 -73.71 19.61 -20.26
C HIS GB 3 -72.68 19.03 -21.22
N ALA GB 4 -72.29 17.78 -20.93
CA ALA GB 4 -71.24 17.02 -21.62
C ALA GB 4 -69.87 17.70 -21.58
N VAL GB 5 -69.70 18.68 -20.69
CA VAL GB 5 -68.40 19.26 -20.41
C VAL GB 5 -67.98 19.02 -18.97
N ILE GB 6 -68.93 18.91 -18.05
CA ILE GB 6 -68.68 18.66 -16.63
C ILE GB 6 -68.03 17.31 -16.43
N PRO GB 7 -67.17 17.12 -15.45
CA PRO GB 7 -66.45 15.85 -15.32
C PRO GB 7 -67.33 14.74 -14.75
N HIS GB 8 -66.93 13.50 -15.03
CA HIS GB 8 -67.69 12.32 -14.62
C HIS GB 8 -66.72 11.18 -14.35
N GLY GB 9 -66.65 10.75 -13.10
CA GLY GB 9 -65.87 9.57 -12.77
C GLY GB 9 -64.37 9.81 -12.85
N LYS GB 10 -63.65 8.75 -13.19
CA LYS GB 10 -62.19 8.78 -13.23
C LYS GB 10 -61.71 9.46 -14.51
N GLY GB 11 -60.42 9.31 -14.80
CA GLY GB 11 -59.84 9.89 -16.00
C GLY GB 11 -59.23 8.83 -16.88
N GLY GB 12 -59.15 9.14 -18.16
CA GLY GB 12 -58.46 8.25 -19.10
C GLY GB 12 -59.40 7.29 -19.79
N ARG GB 13 -59.08 7.02 -21.07
CA ARG GB 13 -59.75 6.05 -21.93
C ARG GB 13 -61.25 6.34 -22.06
N SER GB 14 -61.51 7.46 -22.75
CA SER GB 14 -62.86 7.98 -23.03
C SER GB 14 -63.62 8.27 -21.74
N SER GB 15 -62.91 8.75 -20.73
CA SER GB 15 -63.54 9.34 -19.58
C SER GB 15 -64.00 10.75 -19.93
N VAL GB 16 -65.02 11.22 -19.22
CA VAL GB 16 -65.52 12.58 -19.40
C VAL GB 16 -64.85 13.42 -18.32
N SER GB 17 -63.79 14.12 -18.69
CA SER GB 17 -63.14 15.08 -17.81
C SER GB 17 -63.77 16.46 -18.05
N GLY GB 18 -63.11 17.51 -17.57
CA GLY GB 18 -63.71 18.83 -17.66
C GLY GB 18 -63.35 19.67 -18.87
N ILE GB 19 -62.30 19.32 -19.61
CA ILE GB 19 -61.69 20.25 -20.53
C ILE GB 19 -61.78 19.76 -21.97
N VAL GB 20 -61.69 20.71 -22.89
CA VAL GB 20 -61.55 20.48 -24.32
C VAL GB 20 -60.40 21.33 -24.82
N ALA GB 21 -59.34 20.69 -25.32
CA ALA GB 21 -58.09 21.39 -25.58
C ALA GB 21 -57.78 21.40 -27.06
N THR GB 22 -57.56 22.59 -27.61
CA THR GB 22 -57.11 22.75 -28.98
C THR GB 22 -55.61 23.04 -28.97
N VAL GB 23 -54.83 22.15 -29.58
CA VAL GB 23 -53.38 22.21 -29.53
C VAL GB 23 -52.87 22.59 -30.91
N PHE GB 24 -51.97 23.56 -30.98
CA PHE GB 24 -51.38 23.95 -32.25
C PHE GB 24 -49.97 23.39 -32.37
N GLY GB 25 -49.72 22.68 -33.46
CA GLY GB 25 -48.45 22.02 -33.69
C GLY GB 25 -48.55 20.53 -33.42
N ALA GB 26 -48.01 20.10 -32.27
CA ALA GB 26 -48.21 18.81 -31.63
C ALA GB 26 -47.60 17.62 -32.37
N THR GB 27 -47.01 17.83 -33.54
CA THR GB 27 -46.40 16.73 -34.26
C THR GB 27 -45.05 16.36 -33.66
N GLY GB 28 -44.34 17.34 -33.11
CA GLY GB 28 -43.03 17.11 -32.58
C GLY GB 28 -43.01 16.53 -31.17
N PHE GB 29 -42.22 17.16 -30.30
CA PHE GB 29 -41.88 16.57 -29.02
C PHE GB 29 -42.93 16.83 -27.95
N LEU GB 30 -43.08 18.10 -27.57
CA LEU GB 30 -43.81 18.43 -26.36
C LEU GB 30 -45.31 18.37 -26.56
N GLY GB 31 -45.77 18.75 -27.76
CA GLY GB 31 -47.18 18.62 -28.07
C GLY GB 31 -47.65 17.18 -28.10
N ARG GB 32 -46.79 16.27 -28.55
CA ARG GB 32 -47.15 14.85 -28.54
C ARG GB 32 -47.21 14.33 -27.12
N TYR GB 33 -46.25 14.72 -26.27
CA TYR GB 33 -46.32 14.28 -24.88
C TYR GB 33 -47.52 14.88 -24.15
N LEU GB 34 -47.94 16.08 -24.55
CA LEU GB 34 -49.07 16.70 -23.91
C LEU GB 34 -50.39 16.07 -24.37
N VAL GB 35 -50.46 15.63 -25.64
CA VAL GB 35 -51.58 14.83 -26.11
C VAL GB 35 -51.65 13.52 -25.32
N ASN GB 36 -50.49 12.93 -25.00
CA ASN GB 36 -50.49 11.70 -24.23
C ASN GB 36 -50.96 11.94 -22.79
N HIS GB 37 -50.58 13.07 -22.20
CA HIS GB 37 -51.10 13.39 -20.87
C HIS GB 37 -52.59 13.74 -20.89
N LEU GB 38 -53.09 14.31 -21.98
CA LEU GB 38 -54.52 14.56 -22.05
C LEU GB 38 -55.31 13.27 -22.25
N GLY GB 39 -54.76 12.31 -22.98
CA GLY GB 39 -55.38 11.00 -23.06
C GLY GB 39 -55.29 10.23 -21.75
N ARG GB 40 -54.22 10.47 -20.99
CA ARG GB 40 -54.16 9.93 -19.63
C ARG GB 40 -55.23 10.55 -18.75
N MET GB 41 -55.46 11.85 -18.89
CA MET GB 41 -56.55 12.51 -18.19
C MET GB 41 -57.90 12.21 -18.81
N GLY GB 42 -57.93 11.88 -20.10
CA GLY GB 42 -59.18 11.56 -20.74
C GLY GB 42 -60.00 12.78 -21.08
N SER GB 43 -59.49 13.62 -21.97
CA SER GB 43 -60.20 14.78 -22.47
C SER GB 43 -60.36 14.64 -23.99
N GLN GB 44 -60.84 15.70 -24.62
CA GLN GB 44 -60.95 15.74 -26.07
C GLN GB 44 -59.97 16.75 -26.65
N VAL GB 45 -59.18 16.28 -27.60
CA VAL GB 45 -58.08 17.04 -28.19
C VAL GB 45 -58.46 17.40 -29.62
N ILE GB 46 -58.32 18.68 -29.96
CA ILE GB 46 -58.50 19.19 -31.30
C ILE GB 46 -57.10 19.50 -31.83
N VAL GB 47 -56.63 18.70 -32.77
CA VAL GB 47 -55.31 18.91 -33.34
C VAL GB 47 -55.45 19.20 -34.84
N PRO GB 48 -55.09 20.38 -35.28
CA PRO GB 48 -54.91 20.60 -36.71
C PRO GB 48 -53.48 20.30 -37.13
N TYR GB 49 -53.31 19.44 -38.13
CA TYR GB 49 -52.01 19.13 -38.67
C TYR GB 49 -51.89 19.69 -40.08
N ARG GB 50 -50.74 20.29 -40.37
CA ARG GB 50 -50.44 20.77 -41.71
C ARG GB 50 -49.58 19.79 -42.49
N CYS GB 51 -49.05 18.76 -41.83
CA CYS GB 51 -48.09 17.86 -42.44
C CYS GB 51 -48.83 16.68 -43.08
N GLU GB 52 -48.07 15.66 -43.43
CA GLU GB 52 -48.63 14.45 -44.01
C GLU GB 52 -49.50 13.74 -42.98
N PRO GB 53 -50.63 13.17 -43.40
CA PRO GB 53 -51.49 12.44 -42.45
C PRO GB 53 -50.89 11.17 -41.86
N TYR GB 54 -49.72 10.72 -42.36
CA TYR GB 54 -49.07 9.55 -41.77
C TYR GB 54 -48.59 9.84 -40.35
N ASP GB 55 -48.16 11.07 -40.09
CA ASP GB 55 -47.63 11.41 -38.77
C ASP GB 55 -48.73 11.43 -37.71
N THR GB 56 -49.80 12.18 -37.99
CA THR GB 56 -50.96 12.18 -37.11
C THR GB 56 -51.66 10.82 -37.09
N MET GB 57 -51.44 9.98 -38.10
CA MET GB 57 -52.05 8.67 -38.09
C MET GB 57 -51.27 7.69 -37.23
N HIS GB 58 -49.94 7.84 -37.12
CA HIS GB 58 -49.24 6.96 -36.20
C HIS GB 58 -49.13 7.54 -34.80
N LEU GB 59 -49.51 8.79 -34.58
CA LEU GB 59 -49.75 9.24 -33.22
C LEU GB 59 -51.23 9.29 -32.88
N ARG GB 60 -52.08 8.82 -33.79
CA ARG GB 60 -53.53 8.69 -33.57
C ARG GB 60 -53.94 7.92 -32.31
N PRO GB 61 -53.48 6.66 -32.05
CA PRO GB 61 -54.21 5.85 -31.07
C PRO GB 61 -53.86 6.15 -29.63
N MET GB 62 -53.24 7.32 -29.37
CA MET GB 62 -52.77 7.65 -28.05
C MET GB 62 -53.93 7.86 -27.08
N GLY GB 63 -55.09 8.27 -27.59
CA GLY GB 63 -56.31 8.33 -26.82
C GLY GB 63 -57.26 7.19 -27.15
N ASP GB 64 -58.50 7.35 -26.68
CA ASP GB 64 -59.55 6.39 -26.92
C ASP GB 64 -60.44 6.94 -28.04
N LEU GB 65 -61.55 6.24 -28.33
CA LEU GB 65 -62.44 6.68 -29.38
C LEU GB 65 -63.21 7.91 -28.94
N GLY GB 66 -63.27 8.91 -29.83
CA GLY GB 66 -63.86 10.19 -29.52
C GLY GB 66 -62.93 11.17 -28.85
N GLN GB 67 -61.79 10.71 -28.35
CA GLN GB 67 -60.88 11.55 -27.58
C GLN GB 67 -60.07 12.50 -28.43
N ILE GB 68 -60.00 12.26 -29.74
CA ILE GB 68 -59.19 13.08 -30.63
C ILE GB 68 -60.03 13.50 -31.81
N ILE GB 69 -59.61 14.60 -32.43
CA ILE GB 69 -60.13 14.98 -33.74
C ILE GB 69 -59.01 15.67 -34.50
N PHE GB 70 -58.89 15.31 -35.78
CA PHE GB 70 -57.83 15.78 -36.65
C PHE GB 70 -58.43 16.74 -37.66
N MET GB 71 -57.73 17.83 -37.94
CA MET GB 71 -58.16 18.69 -39.04
C MET GB 71 -56.94 19.27 -39.74
N ASP GB 72 -57.19 20.16 -40.69
CA ASP GB 72 -56.17 20.61 -41.61
C ASP GB 72 -56.11 22.13 -41.60
N TRP GB 73 -54.92 22.69 -41.76
CA TRP GB 73 -54.74 24.13 -41.60
C TRP GB 73 -53.49 24.56 -42.35
N ASN GB 74 -53.41 25.86 -42.63
CA ASN GB 74 -52.19 26.49 -43.10
C ASN GB 74 -51.84 27.64 -42.16
N GLY GB 75 -50.56 27.99 -42.14
CA GLY GB 75 -50.11 29.05 -41.27
C GLY GB 75 -50.25 30.44 -41.84
N ARG GB 76 -51.23 30.64 -42.72
CA ARG GB 76 -51.42 31.92 -43.40
C ARG GB 76 -52.84 32.46 -43.36
N ASP GB 77 -53.84 31.62 -43.06
CA ASP GB 77 -55.23 31.99 -43.28
C ASP GB 77 -56.01 31.91 -41.99
N LYS GB 78 -56.77 32.96 -41.70
CA LYS GB 78 -57.55 33.02 -40.47
C LYS GB 78 -58.83 32.19 -40.52
N ASP GB 79 -59.29 31.83 -41.72
CA ASP GB 79 -60.57 31.13 -41.83
C ASP GB 79 -60.47 29.70 -41.33
N SER GB 80 -59.40 28.99 -41.71
CA SER GB 80 -59.19 27.63 -41.21
C SER GB 80 -58.94 27.62 -39.72
N ILE GB 81 -58.28 28.65 -39.20
CA ILE GB 81 -58.00 28.72 -37.78
C ILE GB 81 -59.27 29.02 -36.99
N ARG GB 82 -60.13 29.90 -37.51
CA ARG GB 82 -61.41 30.19 -36.86
C ARG GB 82 -62.32 28.98 -36.90
N ARG GB 83 -62.29 28.23 -38.01
CA ARG GB 83 -62.99 26.97 -38.10
C ARG GB 83 -62.43 25.96 -37.09
N ALA GB 84 -61.14 26.05 -36.79
CA ALA GB 84 -60.57 25.21 -35.75
C ALA GB 84 -61.04 25.63 -34.36
N VAL GB 85 -61.22 26.93 -34.13
CA VAL GB 85 -61.57 27.36 -32.78
C VAL GB 85 -63.02 27.80 -32.68
N GLU GB 86 -63.89 27.21 -33.51
CA GLU GB 86 -65.33 27.40 -33.42
C GLU GB 86 -65.90 27.10 -32.04
N HIS GB 87 -65.86 25.83 -31.62
CA HIS GB 87 -66.30 25.43 -30.29
C HIS GB 87 -65.07 24.88 -29.57
N SER GB 88 -64.32 25.78 -28.94
CA SER GB 88 -63.11 25.39 -28.24
C SER GB 88 -63.17 25.89 -26.81
N ASN GB 89 -62.80 25.04 -25.86
CA ASN GB 89 -62.75 25.48 -24.48
C ASN GB 89 -61.43 26.19 -24.19
N VAL GB 90 -60.31 25.47 -24.31
CA VAL GB 90 -59.00 26.05 -24.06
C VAL GB 90 -58.12 25.81 -25.28
N VAL GB 91 -57.03 26.57 -25.35
CA VAL GB 91 -56.16 26.52 -26.52
C VAL GB 91 -54.71 26.76 -26.10
N ILE GB 92 -53.81 25.94 -26.64
CA ILE GB 92 -52.38 26.08 -26.41
C ILE GB 92 -51.66 26.19 -27.75
N ASN GB 93 -50.60 26.98 -27.74
CA ASN GB 93 -49.74 27.16 -28.91
C ASN GB 93 -48.32 26.75 -28.56
N LEU GB 94 -47.80 25.83 -29.39
CA LEU GB 94 -46.43 25.35 -29.33
C LEU GB 94 -45.83 25.50 -30.72
N VAL GB 95 -44.74 26.24 -30.81
CA VAL GB 95 -44.14 26.56 -32.11
C VAL GB 95 -42.64 26.76 -31.89
N GLY GB 96 -41.86 26.44 -32.92
CA GLY GB 96 -40.41 26.52 -32.84
C GLY GB 96 -39.73 25.63 -33.85
N ARG GB 97 -38.71 26.17 -34.52
CA ARG GB 97 -38.02 25.45 -35.58
C ARG GB 97 -36.54 25.78 -35.49
N GLU GB 98 -35.70 24.81 -35.86
CA GLU GB 98 -34.27 24.96 -35.69
C GLU GB 98 -33.64 25.86 -36.77
N TRP GB 99 -34.12 25.78 -38.00
CA TRP GB 99 -33.62 26.62 -39.07
C TRP GB 99 -34.80 27.20 -39.85
N GLU GB 100 -34.59 28.36 -40.44
CA GLU GB 100 -35.64 28.99 -41.23
C GLU GB 100 -35.81 28.27 -42.56
N THR GB 101 -36.94 28.52 -43.20
CA THR GB 101 -37.24 27.94 -44.50
C THR GB 101 -37.26 29.02 -45.57
N LYS GB 102 -37.61 28.61 -46.78
CA LYS GB 102 -37.80 29.56 -47.87
C LYS GB 102 -39.12 30.28 -47.79
N ASN GB 103 -40.06 29.79 -46.98
CA ASN GB 103 -41.36 30.40 -46.81
C ASN GB 103 -41.62 30.95 -45.42
N PHE GB 104 -40.72 30.68 -44.46
CA PHE GB 104 -40.93 31.11 -43.08
C PHE GB 104 -39.59 31.51 -42.47
N ASP GB 105 -39.57 32.67 -41.83
CA ASP GB 105 -38.45 33.11 -41.03
C ASP GB 105 -38.69 32.66 -39.59
N PHE GB 106 -37.75 32.99 -38.68
CA PHE GB 106 -38.09 32.89 -37.26
C PHE GB 106 -39.13 33.93 -36.90
N GLU GB 107 -38.97 35.15 -37.40
CA GLU GB 107 -40.04 36.12 -37.39
C GLU GB 107 -41.17 35.64 -38.30
N ASP GB 108 -42.38 36.12 -38.00
CA ASP GB 108 -43.63 35.97 -38.74
C ASP GB 108 -44.23 34.57 -38.62
N VAL GB 109 -43.49 33.60 -38.10
CA VAL GB 109 -44.17 32.46 -37.49
C VAL GB 109 -44.40 32.71 -36.01
N PHE GB 110 -43.37 33.20 -35.31
CA PHE GB 110 -43.46 33.66 -33.93
C PHE GB 110 -44.17 34.99 -33.82
N VAL GB 111 -44.37 35.67 -34.94
CA VAL GB 111 -45.15 36.89 -34.99
C VAL GB 111 -46.51 36.64 -35.63
N LYS GB 112 -46.53 36.19 -36.89
CA LYS GB 112 -47.79 36.09 -37.62
C LYS GB 112 -48.65 34.94 -37.10
N ILE GB 113 -48.06 33.90 -36.53
CA ILE GB 113 -48.90 32.83 -35.97
C ILE GB 113 -49.57 33.27 -34.67
N PRO GB 114 -48.88 33.71 -33.59
CA PRO GB 114 -49.61 34.00 -32.35
C PRO GB 114 -50.49 35.23 -32.41
N GLN GB 115 -50.20 36.17 -33.31
CA GLN GB 115 -51.14 37.27 -33.57
C GLN GB 115 -52.47 36.73 -34.08
N ALA GB 116 -52.44 35.86 -35.09
CA ALA GB 116 -53.67 35.37 -35.70
C ALA GB 116 -54.42 34.44 -34.75
N ILE GB 117 -53.71 33.52 -34.11
CA ILE GB 117 -54.42 32.54 -33.30
C ILE GB 117 -54.83 33.14 -31.97
N ALA GB 118 -54.04 34.08 -31.42
CA ALA GB 118 -54.48 34.83 -30.26
C ALA GB 118 -55.63 35.77 -30.60
N GLN GB 119 -55.66 36.28 -31.83
CA GLN GB 119 -56.75 37.12 -32.30
C GLN GB 119 -58.05 36.34 -32.33
N VAL GB 120 -58.06 35.17 -32.99
CA VAL GB 120 -59.28 34.38 -33.04
C VAL GB 120 -59.58 33.70 -31.71
N SER GB 121 -58.58 33.59 -30.82
CA SER GB 121 -58.84 33.12 -29.46
C SER GB 121 -59.62 34.15 -28.67
N LYS GB 122 -59.18 35.41 -28.73
CA LYS GB 122 -59.88 36.49 -28.04
C LYS GB 122 -61.23 36.78 -28.70
N GLU GB 123 -61.34 36.57 -30.01
CA GLU GB 123 -62.63 36.71 -30.68
C GLU GB 123 -63.57 35.57 -30.32
N ALA GB 124 -63.04 34.36 -30.20
CA ALA GB 124 -63.88 33.21 -29.85
C ALA GB 124 -64.29 33.22 -28.39
N GLY GB 125 -63.63 34.02 -27.55
CA GLY GB 125 -63.98 34.11 -26.15
C GLY GB 125 -63.67 32.84 -25.40
N VAL GB 126 -62.41 32.46 -25.37
CA VAL GB 126 -62.00 31.21 -24.72
C VAL GB 126 -61.18 31.54 -23.48
N GLU GB 127 -60.80 30.51 -22.75
CA GLU GB 127 -60.00 30.68 -21.54
C GLU GB 127 -58.72 29.87 -21.65
N LYS GB 128 -57.78 30.23 -20.78
CA LYS GB 128 -56.51 29.53 -20.58
C LYS GB 128 -55.69 29.49 -21.87
N PHE GB 129 -55.52 30.65 -22.49
CA PHE GB 129 -54.66 30.78 -23.66
C PHE GB 129 -53.22 30.59 -23.23
N ILE GB 130 -52.64 29.43 -23.56
CA ILE GB 130 -51.32 29.09 -23.06
C ILE GB 130 -50.36 29.04 -24.25
N HIS GB 131 -49.40 29.96 -24.26
CA HIS GB 131 -48.41 30.07 -25.33
C HIS GB 131 -47.03 29.80 -24.76
N ILE GB 132 -46.27 28.93 -25.43
CA ILE GB 132 -44.95 28.63 -24.88
C ILE GB 132 -43.91 29.60 -25.42
N SER GB 133 -42.75 29.64 -24.76
CA SER GB 133 -41.59 30.43 -25.17
C SER GB 133 -40.36 29.76 -24.56
N HIS GB 134 -39.23 30.47 -24.56
CA HIS GB 134 -37.97 29.94 -24.05
C HIS GB 134 -37.47 30.81 -22.91
N LEU GB 135 -36.72 30.18 -22.00
CA LEU GB 135 -36.04 30.90 -20.92
C LEU GB 135 -35.06 31.91 -21.51
N ASN GB 136 -34.90 33.03 -20.78
CA ASN GB 136 -34.10 34.24 -21.04
C ASN GB 136 -34.06 34.65 -22.51
N ALA GB 137 -35.19 34.56 -23.18
CA ALA GB 137 -35.36 35.10 -24.52
C ALA GB 137 -35.45 36.61 -24.41
N ASP GB 138 -34.32 37.31 -24.55
CA ASP GB 138 -34.31 38.74 -24.33
C ASP GB 138 -34.91 39.48 -25.52
N ILE GB 139 -35.42 40.68 -25.24
CA ILE GB 139 -35.64 41.67 -26.29
C ILE GB 139 -34.32 42.02 -26.94
N LYS GB 140 -33.25 42.05 -26.15
CA LYS GB 140 -31.93 42.43 -26.60
C LYS GB 140 -31.24 41.30 -27.35
N SER GB 141 -29.92 41.42 -27.50
CA SER GB 141 -29.15 40.71 -28.51
C SER GB 141 -28.83 39.26 -28.19
N SER GB 142 -27.87 38.72 -28.94
CA SER GB 142 -27.20 37.43 -28.91
C SER GB 142 -28.00 36.30 -29.55
N SER GB 143 -29.26 36.51 -29.94
CA SER GB 143 -30.02 35.44 -30.61
C SER GB 143 -31.17 36.05 -31.40
N LYS GB 144 -31.13 35.85 -32.73
CA LYS GB 144 -32.29 36.16 -33.57
C LYS GB 144 -33.51 35.35 -33.15
N TYR GB 145 -33.29 34.07 -32.84
CA TYR GB 145 -34.37 33.17 -32.46
C TYR GB 145 -35.00 33.60 -31.15
N LEU GB 146 -34.18 33.93 -30.16
CA LEU GB 146 -34.74 34.33 -28.87
C LEU GB 146 -35.34 35.72 -28.91
N ARG GB 147 -34.80 36.63 -29.75
CA ARG GB 147 -35.46 37.93 -29.81
C ARG GB 147 -36.77 37.85 -30.58
N ASN GB 148 -36.87 36.94 -31.55
CA ASN GB 148 -38.16 36.73 -32.22
C ASN GB 148 -39.16 36.09 -31.28
N LYS GB 149 -38.71 35.16 -30.43
CA LYS GB 149 -39.60 34.59 -29.43
C LYS GB 149 -39.99 35.61 -28.37
N ALA GB 150 -39.11 36.55 -28.05
CA ALA GB 150 -39.47 37.62 -27.13
C ALA GB 150 -40.48 38.59 -27.73
N VAL GB 151 -40.39 38.83 -29.04
CA VAL GB 151 -41.42 39.58 -29.76
C VAL GB 151 -42.75 38.82 -29.70
N GLY GB 152 -42.69 37.49 -29.83
CA GLY GB 152 -43.90 36.69 -29.66
C GLY GB 152 -44.49 36.77 -28.27
N GLU GB 153 -43.62 36.79 -27.25
CA GLU GB 153 -44.05 36.99 -25.86
C GLU GB 153 -44.75 38.34 -25.68
N LYS GB 154 -44.14 39.38 -26.23
CA LYS GB 154 -44.70 40.73 -26.14
C LYS GB 154 -46.04 40.82 -26.84
N GLU GB 155 -46.18 40.14 -27.98
CA GLU GB 155 -47.45 40.20 -28.71
C GLU GB 155 -48.53 39.35 -28.04
N VAL GB 156 -48.16 38.24 -27.40
CA VAL GB 156 -49.14 37.45 -26.68
C VAL GB 156 -49.61 38.20 -25.44
N ARG GB 157 -48.72 38.95 -24.79
CA ARG GB 157 -49.17 39.81 -23.71
C ARG GB 157 -49.98 40.99 -24.23
N GLU GB 158 -49.67 41.46 -25.43
CA GLU GB 158 -50.39 42.55 -26.09
C GLU GB 158 -51.85 42.20 -26.38
N THR GB 159 -52.09 41.22 -27.24
CA THR GB 159 -53.46 40.83 -27.57
C THR GB 159 -53.87 39.64 -26.71
N PHE GB 160 -55.05 39.76 -26.09
CA PHE GB 160 -55.56 38.92 -25.00
C PHE GB 160 -54.54 38.82 -23.88
N PRO GB 161 -54.40 39.85 -23.04
CA PRO GB 161 -53.40 39.80 -21.96
C PRO GB 161 -53.72 38.82 -20.84
N GLU GB 162 -54.89 38.18 -20.85
CA GLU GB 162 -55.25 37.24 -19.78
C GLU GB 162 -54.71 35.84 -20.08
N ALA GB 163 -53.42 35.73 -20.37
CA ALA GB 163 -52.86 34.52 -20.94
C ALA GB 163 -51.71 34.02 -20.08
N THR GB 164 -51.19 32.86 -20.44
CA THR GB 164 -50.03 32.27 -19.77
C THR GB 164 -48.90 32.12 -20.79
N ILE GB 165 -47.95 33.04 -20.73
CA ILE GB 165 -46.68 32.89 -21.44
C ILE GB 165 -45.79 32.01 -20.57
N ILE GB 166 -45.46 30.84 -21.07
CA ILE GB 166 -44.79 29.83 -20.26
C ILE GB 166 -43.45 29.48 -20.90
N LYS GB 167 -42.38 29.67 -20.14
CA LYS GB 167 -41.04 29.37 -20.63
C LYS GB 167 -40.37 28.35 -19.73
N PRO GB 168 -39.92 27.23 -20.27
CA PRO GB 168 -39.06 26.32 -19.52
C PRO GB 168 -37.60 26.64 -19.82
N ALA GB 169 -36.72 25.96 -19.10
CA ALA GB 169 -35.31 25.92 -19.44
C ALA GB 169 -35.13 24.94 -20.60
N ASP GB 170 -33.87 24.66 -20.95
CA ASP GB 170 -33.61 23.75 -22.05
C ASP GB 170 -33.93 22.33 -21.62
N ILE GB 171 -35.15 21.91 -21.87
CA ILE GB 171 -35.69 20.67 -21.33
C ILE GB 171 -35.14 19.48 -22.10
N PHE GB 172 -34.99 18.36 -21.41
CA PHE GB 172 -34.50 17.14 -22.01
C PHE GB 172 -35.55 16.05 -21.86
N GLY GB 173 -35.41 15.02 -22.68
CA GLY GB 173 -36.42 13.98 -22.72
C GLY GB 173 -35.95 12.81 -23.54
N ARG GB 174 -36.92 11.96 -23.93
CA ARG GB 174 -36.60 10.80 -24.75
C ARG GB 174 -36.20 11.21 -26.17
N GLU GB 175 -36.79 12.28 -26.68
CA GLU GB 175 -36.44 12.77 -28.00
C GLU GB 175 -35.91 14.20 -27.92
N ASP GB 176 -34.98 14.44 -27.00
CA ASP GB 176 -34.35 15.74 -26.87
C ASP GB 176 -33.55 16.08 -28.11
N ARG GB 177 -33.43 17.39 -28.38
CA ARG GB 177 -32.72 17.88 -29.56
C ARG GB 177 -31.26 18.18 -29.25
N PHE GB 178 -31.01 19.03 -28.26
CA PHE GB 178 -29.64 19.48 -28.00
C PHE GB 178 -28.79 18.37 -27.40
N LEU GB 179 -29.39 17.49 -26.58
CA LEU GB 179 -28.62 16.37 -26.06
C LEU GB 179 -28.37 15.33 -27.14
N ASN GB 180 -29.24 15.26 -28.15
CA ASN GB 180 -28.96 14.44 -29.32
C ASN GB 180 -27.81 15.04 -30.12
N TYR GB 181 -27.74 16.37 -30.17
CA TYR GB 181 -26.58 17.01 -30.77
C TYR GB 181 -25.33 16.77 -29.95
N PHE GB 182 -25.48 16.63 -28.63
CA PHE GB 182 -24.34 16.37 -27.76
C PHE GB 182 -23.84 14.94 -27.92
N ALA GB 183 -24.76 13.99 -28.04
CA ALA GB 183 -24.39 12.57 -28.00
C ALA GB 183 -23.81 12.11 -29.33
N ASN GB 184 -24.57 12.27 -30.41
CA ASN GB 184 -24.21 11.72 -31.71
C ASN GB 184 -23.11 12.58 -32.32
N ILE GB 185 -21.87 12.11 -32.24
CA ILE GB 185 -20.75 12.81 -32.88
C ILE GB 185 -19.66 11.81 -33.27
N LYS GB 198 -16.06 26.30 -23.02
CA LYS GB 198 -16.41 27.68 -22.68
C LYS GB 198 -17.34 27.72 -21.48
N LYS GB 199 -17.52 28.90 -20.89
CA LYS GB 199 -18.36 29.03 -19.70
C LYS GB 199 -19.83 29.10 -20.10
N THR GB 200 -20.67 28.40 -19.34
CA THR GB 200 -22.11 28.37 -19.59
C THR GB 200 -22.81 27.96 -18.30
N VAL GB 201 -23.66 28.81 -17.78
CA VAL GB 201 -24.52 28.46 -16.65
C VAL GB 201 -25.81 27.86 -17.22
N LYS GB 202 -26.29 26.79 -16.58
CA LYS GB 202 -27.40 26.04 -17.13
C LYS GB 202 -28.02 25.17 -16.04
N GLN GB 203 -29.33 25.01 -16.10
CA GLN GB 203 -30.05 24.07 -15.25
C GLN GB 203 -31.24 23.50 -16.02
N PRO GB 204 -31.08 22.31 -16.60
CA PRO GB 204 -32.18 21.70 -17.35
C PRO GB 204 -33.13 20.96 -16.43
N VAL GB 205 -34.42 21.07 -16.74
CA VAL GB 205 -35.46 20.35 -16.02
C VAL GB 205 -36.07 19.35 -17.00
N TYR GB 206 -36.54 18.22 -16.47
CA TYR GB 206 -37.04 17.17 -17.33
C TYR GB 206 -38.47 17.48 -17.77
N ILE GB 207 -38.87 16.86 -18.89
CA ILE GB 207 -40.08 17.20 -19.63
C ILE GB 207 -41.35 16.93 -18.84
N VAL GB 208 -41.37 15.91 -17.98
CA VAL GB 208 -42.62 15.55 -17.35
C VAL GB 208 -42.98 16.54 -16.25
N ASP GB 209 -41.98 17.19 -15.64
CA ASP GB 209 -42.26 18.28 -14.71
C ASP GB 209 -42.96 19.43 -15.41
N VAL GB 210 -42.50 19.76 -16.61
CA VAL GB 210 -43.07 20.86 -17.37
C VAL GB 210 -44.50 20.55 -17.79
N THR GB 211 -44.72 19.36 -18.34
CA THR GB 211 -46.05 19.07 -18.84
C THR GB 211 -47.04 18.75 -17.72
N LYS GB 212 -46.56 18.26 -16.55
CA LYS GB 212 -47.43 18.20 -15.38
C LYS GB 212 -47.79 19.59 -14.90
N GLY GB 213 -46.85 20.54 -14.96
CA GLY GB 213 -47.18 21.92 -14.64
C GLY GB 213 -48.19 22.51 -15.61
N ILE GB 214 -48.10 22.14 -16.89
CA ILE GB 214 -49.05 22.64 -17.87
C ILE GB 214 -50.44 22.08 -17.63
N ILE GB 215 -50.53 20.78 -17.34
CA ILE GB 215 -51.87 20.22 -17.13
C ILE GB 215 -52.46 20.68 -15.81
N ASN GB 216 -51.61 20.95 -14.80
CA ASN GB 216 -52.10 21.55 -13.56
C ASN GB 216 -52.62 22.97 -13.80
N ALA GB 217 -51.87 23.77 -14.57
CA ALA GB 217 -52.29 25.14 -14.83
C ALA GB 217 -53.50 25.22 -15.75
N ILE GB 218 -53.74 24.17 -16.55
CA ILE GB 218 -54.89 24.18 -17.44
C ILE GB 218 -56.09 23.49 -16.82
N LYS GB 219 -55.92 22.77 -15.72
CA LYS GB 219 -57.07 22.33 -14.94
C LYS GB 219 -57.29 23.20 -13.71
N ASP GB 220 -56.43 24.19 -13.49
CA ASP GB 220 -56.58 25.14 -12.38
C ASP GB 220 -56.75 26.55 -12.93
N PRO GB 221 -57.98 27.00 -13.15
CA PRO GB 221 -58.20 28.43 -13.42
C PRO GB 221 -57.95 29.24 -12.16
N ASP GB 222 -57.89 30.56 -12.35
CA ASP GB 222 -57.18 31.68 -11.68
C ASP GB 222 -55.77 31.84 -12.25
N ALA GB 223 -55.36 31.01 -13.19
CA ALA GB 223 -54.04 31.10 -13.79
C ALA GB 223 -53.99 32.05 -14.98
N ARG GB 224 -55.12 32.63 -15.37
CA ARG GB 224 -55.15 33.51 -16.53
C ARG GB 224 -54.51 34.85 -16.19
N GLY GB 225 -53.50 35.22 -16.96
CA GLY GB 225 -52.77 36.46 -16.76
C GLY GB 225 -51.37 36.27 -16.19
N LYS GB 226 -51.07 35.11 -15.62
CA LYS GB 226 -49.77 34.87 -15.00
C LYS GB 226 -48.83 34.18 -15.96
N THR GB 227 -47.56 34.56 -15.92
CA THR GB 227 -46.51 33.98 -16.74
C THR GB 227 -45.61 33.08 -15.92
N PHE GB 228 -45.10 32.02 -16.56
CA PHE GB 228 -44.37 30.97 -15.87
C PHE GB 228 -42.97 30.80 -16.45
N ALA GB 229 -42.05 30.36 -15.58
CA ALA GB 229 -40.69 30.04 -15.98
C ALA GB 229 -40.20 28.87 -15.12
N PHE GB 230 -39.58 27.89 -15.76
CA PHE GB 230 -39.23 26.65 -15.09
C PHE GB 230 -37.72 26.50 -14.91
N VAL GB 231 -37.35 25.79 -13.85
CA VAL GB 231 -35.99 25.77 -13.31
C VAL GB 231 -35.53 24.33 -13.27
N GLY GB 232 -34.29 24.08 -13.72
CA GLY GB 232 -33.63 22.82 -13.47
C GLY GB 232 -33.11 22.74 -12.06
N PRO GB 233 -33.21 21.57 -11.44
CA PRO GB 233 -32.90 21.47 -10.00
C PRO GB 233 -31.43 21.32 -9.66
N ASN GB 234 -30.52 21.57 -10.60
CA ASN GB 234 -29.11 21.30 -10.32
C ASN GB 234 -28.20 22.53 -10.40
N ARG GB 235 -28.31 23.30 -11.49
CA ARG GB 235 -27.52 24.51 -11.76
C ARG GB 235 -26.03 24.22 -11.79
N TYR GB 236 -25.62 23.51 -12.84
CA TYR GB 236 -24.20 23.19 -13.01
C TYR GB 236 -23.68 23.57 -14.39
N LEU GB 237 -22.44 23.17 -14.68
CA LEU GB 237 -21.72 23.62 -15.87
C LEU GB 237 -21.99 22.72 -17.07
N LEU GB 238 -22.08 23.34 -18.25
CA LEU GB 238 -22.26 22.60 -19.51
C LEU GB 238 -21.11 21.64 -19.78
N PHE GB 239 -19.89 21.98 -19.34
CA PHE GB 239 -18.74 21.12 -19.60
C PHE GB 239 -18.83 19.84 -18.78
N ASP GB 240 -19.34 19.92 -17.55
CA ASP GB 240 -19.56 18.71 -16.76
C ASP GB 240 -20.71 17.88 -17.32
N LEU GB 241 -21.67 18.53 -17.97
CA LEU GB 241 -22.71 17.80 -18.69
C LEU GB 241 -22.14 17.01 -19.84
N VAL GB 242 -21.17 17.59 -20.56
CA VAL GB 242 -20.49 16.87 -21.64
C VAL GB 242 -19.68 15.71 -21.08
N GLN GB 243 -19.00 15.95 -19.95
CA GLN GB 243 -18.26 14.91 -19.22
C GLN GB 243 -19.16 13.74 -18.87
N TYR GB 244 -20.36 14.02 -18.39
CA TYR GB 244 -21.27 12.98 -17.96
C TYR GB 244 -21.85 12.22 -19.15
N VAL GB 245 -22.26 12.96 -20.21
CA VAL GB 245 -22.94 12.34 -21.35
C VAL GB 245 -21.98 11.47 -22.14
N PHE GB 246 -20.68 11.80 -22.12
CA PHE GB 246 -19.68 10.88 -22.67
C PHE GB 246 -19.11 9.88 -21.66
N ALA GB 247 -19.25 10.12 -20.35
CA ALA GB 247 -18.80 9.19 -19.31
C ALA GB 247 -19.64 7.92 -19.25
N VAL GB 248 -20.93 8.06 -18.90
CA VAL GB 248 -21.91 7.18 -19.53
C VAL GB 248 -22.14 7.77 -20.91
N ALA GB 249 -22.69 7.04 -21.86
CA ALA GB 249 -22.46 6.98 -23.32
C ALA GB 249 -21.03 6.62 -23.74
N HIS GB 250 -20.14 6.37 -22.77
CA HIS GB 250 -18.81 5.77 -22.98
C HIS GB 250 -17.92 6.61 -23.90
N THR GB 280 -27.70 24.00 -36.17
CA THR GB 280 -27.51 25.36 -36.66
C THR GB 280 -26.57 26.14 -35.76
N ARG GB 281 -26.18 27.32 -36.22
CA ARG GB 281 -25.26 28.16 -35.44
C ARG GB 281 -25.96 28.90 -34.31
N ASP GB 282 -27.22 29.30 -34.51
CA ASP GB 282 -27.95 29.96 -33.44
C ASP GB 282 -28.27 28.99 -32.31
N LYS GB 283 -28.45 27.70 -32.63
CA LYS GB 283 -28.68 26.69 -31.61
C LYS GB 283 -27.48 26.55 -30.68
N VAL GB 284 -26.28 26.41 -31.26
CA VAL GB 284 -25.08 26.24 -30.46
C VAL GB 284 -24.73 27.53 -29.72
N GLU GB 285 -25.08 28.68 -30.30
CA GLU GB 285 -24.85 29.94 -29.57
C GLU GB 285 -25.84 30.12 -28.43
N ARG GB 286 -27.07 29.64 -28.59
CA ARG GB 286 -28.02 29.67 -27.47
C ARG GB 286 -27.57 28.76 -26.34
N ILE GB 287 -27.10 27.56 -26.66
CA ILE GB 287 -26.72 26.66 -25.58
C ILE GB 287 -25.37 27.04 -24.98
N HIS GB 288 -24.57 27.87 -25.66
CA HIS GB 288 -23.38 28.45 -25.04
C HIS GB 288 -23.60 29.87 -24.53
N THR GB 289 -24.83 30.39 -24.56
CA THR GB 289 -25.01 31.77 -24.12
C THR GB 289 -24.98 31.87 -22.59
N THR GB 290 -26.05 31.41 -21.94
CA THR GB 290 -26.37 31.45 -20.50
C THR GB 290 -27.73 30.79 -20.33
N ASP GB 291 -27.99 30.32 -19.10
CA ASP GB 291 -29.31 29.88 -18.67
C ASP GB 291 -29.39 30.15 -17.17
N ARG GB 292 -29.98 31.27 -16.80
CA ARG GB 292 -30.02 31.73 -15.42
C ARG GB 292 -31.43 31.56 -14.86
N THR GB 293 -31.59 31.91 -13.59
CA THR GB 293 -32.88 31.86 -12.92
C THR GB 293 -33.51 33.24 -12.83
N LEU GB 294 -34.85 33.26 -12.87
CA LEU GB 294 -35.63 34.49 -12.72
C LEU GB 294 -36.70 34.21 -11.67
N PRO GB 295 -36.41 34.49 -10.40
CA PRO GB 295 -37.34 34.12 -9.33
C PRO GB 295 -38.50 35.08 -9.11
N HIS GB 296 -38.72 36.04 -10.01
CA HIS GB 296 -39.72 37.07 -9.78
C HIS GB 296 -41.07 36.78 -10.41
N LEU GB 297 -41.15 35.79 -11.29
CA LEU GB 297 -42.39 35.28 -11.83
C LEU GB 297 -42.67 33.90 -11.25
N PRO GB 298 -43.93 33.46 -11.18
CA PRO GB 298 -44.23 32.17 -10.54
C PRO GB 298 -43.68 30.99 -11.33
N GLY GB 299 -43.01 30.09 -10.62
CA GLY GB 299 -42.34 28.96 -11.22
C GLY GB 299 -42.92 27.60 -10.83
N LEU GB 300 -42.24 26.93 -9.91
CA LEU GB 300 -42.51 25.53 -9.61
C LEU GB 300 -43.40 25.35 -8.38
N GLU GB 301 -42.97 25.85 -7.24
CA GLU GB 301 -43.64 25.58 -5.97
C GLU GB 301 -44.85 26.47 -5.76
N ASP GB 302 -44.99 27.55 -6.51
CA ASP GB 302 -46.27 28.23 -6.60
C ASP GB 302 -47.33 27.33 -7.21
N LEU GB 303 -46.93 26.53 -8.21
CA LEU GB 303 -47.80 25.52 -8.77
C LEU GB 303 -47.88 24.27 -7.89
N GLY GB 304 -46.86 24.04 -7.06
CA GLY GB 304 -46.89 22.92 -6.14
C GLY GB 304 -46.63 21.60 -6.83
N VAL GB 305 -45.46 21.45 -7.45
CA VAL GB 305 -45.09 20.24 -8.15
C VAL GB 305 -43.65 19.90 -7.80
N GLN GB 306 -43.36 18.61 -7.67
CA GLN GB 306 -42.01 18.15 -7.36
C GLN GB 306 -41.20 18.04 -8.63
N ALA GB 307 -39.99 18.60 -8.61
CA ALA GB 307 -39.09 18.51 -9.76
C ALA GB 307 -38.41 17.14 -9.78
N THR GB 308 -38.06 16.70 -10.99
CA THR GB 308 -37.36 15.44 -11.19
C THR GB 308 -35.88 15.67 -11.44
N PRO GB 309 -35.01 14.82 -10.90
CA PRO GB 309 -33.56 15.07 -11.01
C PRO GB 309 -33.01 14.79 -12.40
N LEU GB 310 -31.69 14.88 -12.52
CA LEU GB 310 -31.04 14.62 -13.80
C LEU GB 310 -30.83 13.12 -14.03
N GLU GB 311 -30.28 12.44 -13.03
CA GLU GB 311 -29.60 11.16 -13.26
C GLU GB 311 -30.56 10.05 -13.63
N LEU GB 312 -31.78 10.09 -13.11
CA LEU GB 312 -32.80 9.09 -13.41
C LEU GB 312 -33.11 9.08 -14.90
N LYS GB 313 -33.50 10.24 -15.42
CA LYS GB 313 -33.85 10.32 -16.83
C LYS GB 313 -32.63 10.29 -17.73
N ALA GB 314 -31.46 10.61 -17.19
CA ALA GB 314 -30.22 10.44 -17.94
C ALA GB 314 -29.94 8.96 -18.19
N ILE GB 315 -30.10 8.13 -17.15
CA ILE GB 315 -29.93 6.70 -17.34
C ILE GB 315 -31.07 6.13 -18.20
N GLU GB 316 -32.24 6.76 -18.17
CA GLU GB 316 -33.32 6.37 -19.09
C GLU GB 316 -32.93 6.59 -20.55
N VAL GB 317 -32.69 7.85 -20.93
CA VAL GB 317 -32.49 8.14 -22.35
C VAL GB 317 -31.10 7.73 -22.83
N LEU GB 318 -30.13 7.56 -21.93
CA LEU GB 318 -28.77 7.18 -22.33
C LEU GB 318 -28.66 5.67 -22.55
N ARG GB 319 -29.47 5.18 -23.47
CA ARG GB 319 -29.32 3.87 -24.07
C ARG GB 319 -28.51 4.02 -25.36
N ARG GB 320 -28.52 2.96 -26.18
CA ARG GB 320 -27.98 2.86 -27.55
C ARG GB 320 -26.67 3.58 -27.86
N SER GB 329 -21.35 4.19 -11.47
CA SER GB 329 -22.05 4.47 -12.73
C SER GB 329 -21.58 5.80 -13.32
N GLU GB 330 -20.55 6.37 -12.70
CA GLU GB 330 -19.87 7.60 -13.14
C GLU GB 330 -20.84 8.79 -13.22
N ILE GB 331 -21.36 9.16 -12.06
CA ILE GB 331 -22.22 10.33 -11.93
C ILE GB 331 -21.40 11.46 -11.33
N GLU GB 332 -21.20 12.52 -12.11
CA GLU GB 332 -20.46 13.69 -11.65
C GLU GB 332 -21.18 14.41 -10.51
N ASP GB 333 -22.35 14.98 -10.83
CA ASP GB 333 -23.21 15.72 -9.91
C ASP GB 333 -22.46 16.86 -9.20
N VAL GB 334 -22.01 17.82 -10.00
CA VAL GB 334 -21.27 18.96 -9.47
C VAL GB 334 -22.20 19.92 -8.76
N GLN GB 335 -23.15 20.51 -9.50
CA GLN GB 335 -24.22 21.40 -9.05
C GLN GB 335 -23.69 22.62 -8.31
N PRO GB 336 -23.03 23.56 -8.99
CA PRO GB 336 -22.55 24.76 -8.30
C PRO GB 336 -23.68 25.72 -7.96
N ALA GB 337 -24.00 25.79 -6.65
CA ALA GB 337 -25.09 26.60 -6.09
C ALA GB 337 -26.44 26.36 -6.74
N LEU HB 13 -71.32 27.78 28.41
CA LEU HB 13 -72.15 28.36 29.46
C LEU HB 13 -72.60 27.27 30.42
N GLY HB 14 -73.67 26.57 30.05
CA GLY HB 14 -74.18 25.51 30.89
C GLY HB 14 -74.86 24.43 30.09
N LEU HB 15 -75.63 23.59 30.78
CA LEU HB 15 -76.36 22.49 30.16
C LEU HB 15 -77.46 23.02 29.24
N ARG HB 16 -77.69 22.31 28.14
CA ARG HB 16 -78.76 22.68 27.23
C ARG HB 16 -79.81 21.60 27.07
N GLU HB 17 -79.41 20.38 26.70
CA GLU HB 17 -80.38 19.30 26.55
C GLU HB 17 -79.84 18.00 27.12
N ILE HB 18 -80.76 17.14 27.53
CA ILE HB 18 -80.46 15.83 28.10
C ILE HB 18 -81.25 14.78 27.32
N ARG HB 19 -80.60 13.69 26.97
CA ARG HB 19 -81.19 12.58 26.25
C ARG HB 19 -81.25 11.35 27.15
N ILE HB 20 -82.39 10.66 27.13
CA ILE HB 20 -82.60 9.44 27.91
C ILE HB 20 -82.79 8.29 26.93
N HIS HB 21 -82.09 7.19 27.18
CA HIS HB 21 -82.17 6.04 26.28
C HIS HB 21 -82.34 4.78 27.09
N LEU HB 22 -83.44 4.06 26.83
CA LEU HB 22 -83.85 2.92 27.64
C LEU HB 22 -84.07 1.65 26.83
N CYS HB 23 -84.64 0.64 27.48
CA CYS HB 23 -84.90 -0.65 26.86
C CYS HB 23 -86.27 -1.10 27.35
N GLN HB 24 -86.57 -2.38 27.14
CA GLN HB 24 -87.84 -2.93 27.60
C GLN HB 24 -87.78 -3.33 29.07
N ARG HB 25 -86.71 -3.99 29.51
CA ARG HB 25 -86.56 -4.36 30.91
C ARG HB 25 -85.09 -4.50 31.27
N SER HB 26 -84.75 -4.00 32.45
CA SER HB 26 -83.44 -3.94 33.10
C SER HB 26 -83.72 -3.37 34.47
N PRO HB 27 -82.94 -3.71 35.50
CA PRO HB 27 -83.16 -3.08 36.81
C PRO HB 27 -82.84 -1.60 36.82
N GLY HB 28 -81.84 -1.16 36.06
CA GLY HB 28 -81.64 0.25 35.85
C GLY HB 28 -82.78 0.88 35.08
N SER HB 29 -83.29 0.18 34.06
CA SER HB 29 -84.42 0.70 33.32
C SER HB 29 -85.68 0.68 34.18
N GLN HB 30 -85.77 -0.27 35.12
CA GLN HB 30 -86.85 -0.25 36.09
C GLN HB 30 -86.78 0.98 36.98
N GLY HB 31 -85.58 1.32 37.45
CA GLY HB 31 -85.39 2.54 38.22
C GLY HB 31 -85.70 3.79 37.41
N VAL HB 32 -85.40 3.77 36.11
CA VAL HB 32 -85.70 4.94 35.29
C VAL HB 32 -87.21 4.99 34.97
N ARG HB 33 -87.89 3.84 34.90
CA ARG HB 33 -89.36 3.84 34.85
C ARG HB 33 -89.96 4.50 36.07
N ASP HB 34 -89.46 4.14 37.26
CA ASP HB 34 -90.00 4.73 38.47
C ASP HB 34 -89.67 6.22 38.56
N PHE HB 35 -88.48 6.58 38.08
CA PHE HB 35 -88.06 7.98 38.02
C PHE HB 35 -88.90 8.78 37.03
N ILE HB 36 -89.26 8.17 35.91
CA ILE HB 36 -89.94 8.88 34.84
C ILE HB 36 -91.45 8.91 35.08
N GLU HB 37 -91.93 8.05 35.97
CA GLU HB 37 -93.34 8.11 36.37
C GLU HB 37 -93.55 8.97 37.60
N LYS HB 38 -92.58 9.04 38.51
CA LYS HB 38 -92.74 9.83 39.72
C LYS HB 38 -92.05 11.18 39.63
N ARG HB 39 -90.73 11.19 39.40
CA ARG HB 39 -89.94 12.41 39.50
C ARG HB 39 -89.63 13.02 38.15
N TYR HB 40 -90.58 12.99 37.23
CA TYR HB 40 -90.41 13.64 35.95
C TYR HB 40 -91.38 14.78 35.70
N VAL HB 41 -92.59 14.71 36.24
CA VAL HB 41 -93.61 15.70 35.94
C VAL HB 41 -93.27 17.06 36.53
N GLU HB 42 -92.73 17.09 37.76
CA GLU HB 42 -92.22 18.33 38.28
C GLU HB 42 -90.83 18.63 37.72
N LEU HB 43 -90.11 17.61 37.25
CA LEU HB 43 -88.86 17.86 36.57
C LEU HB 43 -89.09 18.51 35.21
N LYS HB 44 -90.09 18.03 34.47
CA LYS HB 44 -90.36 18.63 33.17
C LYS HB 44 -91.06 19.98 33.34
N LYS HB 45 -91.95 20.10 34.34
CA LYS HB 45 -92.62 21.36 34.59
C LYS HB 45 -91.66 22.43 35.11
N ALA HB 46 -90.78 22.05 36.03
CA ALA HB 46 -89.79 22.96 36.59
C ALA HB 46 -88.67 23.30 35.61
N ASN HB 47 -88.57 22.58 34.49
CA ASN HB 47 -87.64 22.91 33.41
C ASN HB 47 -88.43 23.17 32.14
N PRO HB 48 -89.03 24.36 31.99
CA PRO HB 48 -89.84 24.62 30.81
C PRO HB 48 -89.03 24.90 29.55
N ASP HB 49 -87.80 25.39 29.69
CA ASP HB 49 -86.96 25.72 28.54
C ASP HB 49 -85.74 24.83 28.47
N LEU HB 50 -85.82 23.62 29.04
CA LEU HB 50 -84.73 22.66 29.06
C LEU HB 50 -85.23 21.38 28.43
N PRO HB 51 -85.20 21.30 27.08
CA PRO HB 51 -85.87 20.18 26.41
C PRO HB 51 -85.14 18.85 26.51
N ILE HB 52 -85.37 18.16 27.62
CA ILE HB 52 -84.96 16.78 27.76
C ILE HB 52 -85.82 15.90 26.85
N LEU HB 53 -85.24 14.79 26.38
CA LEU HB 53 -85.96 13.88 25.49
C LEU HB 53 -85.84 12.44 25.98
N ILE HB 54 -86.83 11.63 25.63
CA ILE HB 54 -86.98 10.27 26.11
C ILE HB 54 -87.05 9.34 24.90
N ARG HB 55 -86.26 8.27 24.91
CA ARG HB 55 -86.26 7.29 23.83
C ARG HB 55 -86.23 5.88 24.39
N GLU HB 56 -87.29 5.12 24.14
CA GLU HB 56 -87.23 3.68 24.10
C GLU HB 56 -86.93 3.26 22.67
N CYS HB 57 -86.00 2.33 22.48
CA CYS HB 57 -85.67 1.89 21.13
C CYS HB 57 -86.06 0.44 20.88
N SER HB 58 -85.31 -0.53 21.39
CA SER HB 58 -85.84 -1.83 21.80
C SER HB 58 -85.06 -2.32 23.00
N ASP HB 59 -83.74 -2.17 22.90
CA ASP HB 59 -82.80 -2.81 23.80
C ASP HB 59 -81.48 -2.08 23.66
N VAL HB 60 -81.10 -1.34 24.71
CA VAL HB 60 -79.81 -0.65 24.75
C VAL HB 60 -79.52 -0.42 26.22
N GLN HB 61 -78.26 -0.16 26.53
CA GLN HB 61 -77.90 0.29 27.87
C GLN HB 61 -78.56 1.63 28.13
N PRO HB 62 -79.10 1.86 29.32
CA PRO HB 62 -79.85 3.10 29.56
C PRO HB 62 -78.96 4.32 29.61
N LYS HB 63 -78.61 4.83 28.44
CA LYS HB 63 -77.65 5.91 28.34
C LYS HB 63 -78.29 7.24 28.73
N LEU HB 64 -77.52 8.08 29.41
CA LEU HB 64 -77.97 9.40 29.79
C LEU HB 64 -76.95 10.38 29.21
N TRP HB 65 -77.39 11.15 28.21
CA TRP HB 65 -76.52 11.99 27.42
C TRP HB 65 -76.87 13.46 27.64
N ALA HB 66 -75.92 14.33 27.33
CA ALA HB 66 -76.09 15.76 27.54
C ALA HB 66 -75.42 16.52 26.41
N ARG HB 67 -76.20 17.33 25.69
CA ARG HB 67 -75.71 18.14 24.57
C ARG HB 67 -75.76 19.62 24.97
N TYR HB 68 -74.60 20.28 24.93
CA TYR HB 68 -74.45 21.65 25.36
C TYR HB 68 -73.06 22.16 24.96
N ALA HB 69 -72.93 23.50 24.94
CA ALA HB 69 -71.65 24.23 24.94
C ALA HB 69 -70.77 23.86 23.73
N PHE HB 70 -71.22 24.34 22.56
CA PHE HB 70 -70.52 24.23 21.27
C PHE HB 70 -70.51 22.79 20.76
N GLY HB 71 -71.65 22.11 20.90
CA GLY HB 71 -71.74 20.75 20.40
C GLY HB 71 -70.99 19.71 21.20
N GLN HB 72 -70.89 19.90 22.51
CA GLN HB 72 -70.26 18.91 23.38
C GLN HB 72 -71.33 18.03 24.00
N GLU HB 73 -71.20 16.73 23.82
CA GLU HB 73 -72.12 15.76 24.39
C GLU HB 73 -71.36 14.84 25.33
N LYS HB 74 -71.90 14.66 26.53
CA LYS HB 74 -71.26 13.84 27.54
C LYS HB 74 -72.22 12.76 28.02
N ASN HB 75 -71.63 11.71 28.59
CA ASN HB 75 -72.29 10.44 28.81
C ASN HB 75 -72.17 10.02 30.26
N VAL HB 76 -73.26 9.48 30.79
CA VAL HB 76 -73.24 8.65 32.00
C VAL HB 76 -74.15 7.45 31.78
N SER HB 77 -73.90 6.39 32.54
CA SER HB 77 -74.69 5.18 32.47
C SER HB 77 -75.73 5.18 33.58
N LEU HB 78 -76.79 4.39 33.37
CA LEU HB 78 -77.87 4.26 34.35
C LEU HB 78 -78.25 2.81 34.60
N ASN HB 79 -77.41 1.86 34.18
CA ASN HB 79 -77.71 0.46 34.40
C ASN HB 79 -77.61 0.13 35.88
N ASN HB 80 -78.49 -0.78 36.32
CA ASN HB 80 -78.75 -1.30 37.67
C ASN HB 80 -78.53 -0.28 38.79
N PHE HB 81 -79.05 0.91 38.61
CA PHE HB 81 -78.97 1.98 39.61
C PHE HB 81 -80.31 2.14 40.31
N SER HB 82 -80.26 2.77 41.48
CA SER HB 82 -81.48 3.13 42.17
C SER HB 82 -82.16 4.29 41.42
N ALA HB 83 -83.47 4.41 41.63
CA ALA HB 83 -84.18 5.54 41.04
C ALA HB 83 -83.75 6.85 41.68
N ASP HB 84 -83.51 6.83 42.99
CA ASP HB 84 -82.95 8.00 43.66
C ASP HB 84 -81.51 8.23 43.24
N GLN HB 85 -80.79 7.17 42.87
CA GLN HB 85 -79.46 7.33 42.31
C GLN HB 85 -79.53 8.00 40.95
N VAL HB 86 -80.57 7.69 40.15
CA VAL HB 86 -80.82 8.39 38.90
C VAL HB 86 -81.14 9.86 39.17
N THR HB 87 -81.92 10.13 40.22
CA THR HB 87 -82.24 11.51 40.61
C THR HB 87 -80.99 12.29 41.00
N ARG HB 88 -80.12 11.66 41.78
CA ARG HB 88 -78.88 12.29 42.21
C ARG HB 88 -77.94 12.53 41.04
N ALA HB 89 -77.86 11.58 40.10
CA ALA HB 89 -77.02 11.76 38.92
C ALA HB 89 -77.55 12.86 38.02
N LEU HB 90 -78.88 12.97 37.92
CA LEU HB 90 -79.49 14.05 37.14
C LEU HB 90 -79.20 15.39 37.76
N GLU HB 91 -79.26 15.49 39.09
CA GLU HB 91 -78.96 16.78 39.71
C GLU HB 91 -77.46 17.07 39.68
N ASN HB 92 -76.63 16.03 39.65
CA ASN HB 92 -75.18 16.22 39.49
C ASN HB 92 -74.86 16.80 38.12
N VAL HB 93 -75.50 16.29 37.07
CA VAL HB 93 -75.26 16.82 35.73
C VAL HB 93 -75.89 18.21 35.60
N LEU HB 94 -77.20 18.30 35.81
CA LEU HB 94 -77.90 19.56 35.73
C LEU HB 94 -77.82 20.32 37.06
N LYS IB 5 -46.78 -66.30 -31.82
CA LYS IB 5 -47.17 -65.51 -32.97
C LYS IB 5 -45.98 -64.80 -33.60
N LYS IB 6 -46.26 -63.72 -34.31
CA LYS IB 6 -45.22 -62.94 -34.96
C LYS IB 6 -45.78 -61.55 -35.21
N THR IB 7 -45.23 -60.54 -34.51
CA THR IB 7 -45.45 -59.11 -34.73
C THR IB 7 -46.94 -58.74 -34.63
N THR IB 8 -47.44 -58.85 -33.41
CA THR IB 8 -48.84 -58.55 -33.09
C THR IB 8 -49.22 -57.10 -33.31
N GLY IB 9 -50.50 -56.79 -33.11
CA GLY IB 9 -51.05 -55.49 -33.45
C GLY IB 9 -50.62 -54.33 -32.58
N LEU IB 10 -50.49 -54.56 -31.27
CA LEU IB 10 -50.19 -53.46 -30.35
C LEU IB 10 -48.72 -53.08 -30.43
N VAL IB 11 -48.46 -51.78 -30.27
CA VAL IB 11 -47.16 -51.22 -30.66
C VAL IB 11 -46.12 -51.51 -29.59
N GLY IB 12 -46.29 -50.96 -28.40
CA GLY IB 12 -45.32 -51.15 -27.34
C GLY IB 12 -45.58 -52.43 -26.59
N LEU IB 13 -45.50 -53.57 -27.29
CA LEU IB 13 -45.94 -54.84 -26.72
C LEU IB 13 -45.21 -55.96 -27.45
N ALA IB 14 -44.19 -56.51 -26.80
CA ALA IB 14 -43.42 -57.62 -27.33
C ALA IB 14 -43.83 -58.91 -26.64
N VAL IB 15 -44.25 -59.90 -27.45
CA VAL IB 15 -44.88 -61.11 -26.90
C VAL IB 15 -43.85 -61.98 -26.19
N CYS IB 16 -44.34 -62.81 -25.28
CA CYS IB 16 -43.53 -63.80 -24.60
C CYS IB 16 -43.75 -65.15 -25.27
N GLU IB 17 -43.21 -66.20 -24.67
CA GLU IB 17 -43.28 -67.54 -25.25
C GLU IB 17 -44.29 -68.45 -24.54
N THR IB 18 -44.40 -68.35 -23.21
CA THR IB 18 -45.35 -69.15 -22.43
C THR IB 18 -46.12 -68.21 -21.52
N PRO IB 19 -47.23 -67.66 -22.00
CA PRO IB 19 -48.13 -66.96 -21.08
C PRO IB 19 -48.79 -67.89 -20.09
N HIS IB 20 -48.84 -69.18 -20.41
CA HIS IB 20 -49.48 -70.20 -19.59
C HIS IB 20 -48.81 -70.32 -18.24
N GLU IB 21 -47.56 -70.78 -18.20
CA GLU IB 21 -46.93 -71.07 -16.91
C GLU IB 21 -46.56 -69.79 -16.16
N ARG IB 22 -46.19 -68.73 -16.88
CA ARG IB 22 -45.90 -67.45 -16.24
C ARG IB 22 -47.17 -66.86 -15.62
N LEU IB 23 -48.29 -66.95 -16.33
CA LEU IB 23 -49.55 -66.46 -15.79
C LEU IB 23 -50.03 -67.32 -14.63
N LYS IB 24 -49.76 -68.62 -14.67
CA LYS IB 24 -50.13 -69.50 -13.56
C LYS IB 24 -49.33 -69.18 -12.31
N ILE IB 25 -48.01 -68.96 -12.44
CA ILE IB 25 -47.23 -68.66 -11.23
C ILE IB 25 -47.52 -67.24 -10.75
N LEU IB 26 -47.89 -66.33 -11.65
CA LEU IB 26 -48.41 -65.03 -11.24
C LEU IB 26 -49.69 -65.18 -10.43
N TYR IB 27 -50.59 -66.05 -10.86
CA TYR IB 27 -51.84 -66.20 -10.11
C TYR IB 27 -51.64 -66.96 -8.81
N THR IB 28 -50.61 -67.80 -8.71
CA THR IB 28 -50.29 -68.38 -7.40
C THR IB 28 -49.81 -67.31 -6.44
N LYS IB 29 -48.99 -66.37 -6.93
CA LYS IB 29 -48.60 -65.25 -6.06
C LYS IB 29 -49.80 -64.35 -5.75
N ILE IB 30 -50.74 -64.24 -6.69
CA ILE IB 30 -51.98 -63.49 -6.45
C ILE IB 30 -52.78 -64.12 -5.31
N LEU IB 31 -52.97 -65.43 -5.37
CA LEU IB 31 -53.69 -66.12 -4.30
C LEU IB 31 -52.94 -66.08 -2.97
N ASP IB 32 -51.60 -66.02 -2.98
CA ASP IB 32 -50.88 -65.96 -1.71
C ASP IB 32 -51.01 -64.58 -1.07
N VAL IB 33 -50.80 -63.52 -1.85
CA VAL IB 33 -50.97 -62.15 -1.37
C VAL IB 33 -52.42 -61.92 -0.97
N LEU IB 34 -53.36 -62.55 -1.65
CA LEU IB 34 -54.75 -62.55 -1.21
C LEU IB 34 -54.92 -63.36 0.07
N GLY IB 35 -54.09 -64.39 0.26
CA GLY IB 35 -54.08 -65.12 1.51
C GLY IB 35 -53.56 -64.32 2.69
N HIS IB 36 -52.87 -63.21 2.42
CA HIS IB 36 -52.49 -62.28 3.48
C HIS IB 36 -53.63 -61.38 3.95
N ILE IB 37 -54.87 -61.66 3.60
CA ILE IB 37 -56.01 -60.77 3.85
C ILE IB 37 -57.03 -61.52 4.71
N PRO IB 38 -57.71 -60.86 5.66
CA PRO IB 38 -58.78 -61.53 6.41
C PRO IB 38 -59.98 -61.89 5.54
N LYS IB 39 -60.73 -62.90 6.00
CA LYS IB 39 -61.84 -63.44 5.22
C LYS IB 39 -63.04 -62.50 5.19
N ASN IB 40 -63.31 -61.82 6.31
CA ASN IB 40 -64.50 -60.99 6.46
C ASN IB 40 -64.55 -59.82 5.48
N ALA IB 41 -63.40 -59.35 5.02
CA ALA IB 41 -63.36 -58.47 3.87
C ALA IB 41 -63.81 -59.25 2.64
N ALA IB 42 -64.99 -58.90 2.09
CA ALA IB 42 -65.52 -59.58 0.92
C ALA IB 42 -64.76 -59.25 -0.35
N TYR IB 43 -63.88 -58.23 -0.31
CA TYR IB 43 -62.92 -57.98 -1.38
C TYR IB 43 -62.12 -59.21 -1.73
N ARG IB 44 -61.64 -59.90 -0.68
CA ARG IB 44 -61.00 -61.21 -0.81
C ARG IB 44 -61.87 -62.18 -1.57
N LYS IB 45 -63.17 -62.20 -1.26
CA LYS IB 45 -64.09 -63.14 -1.90
C LYS IB 45 -64.27 -62.83 -3.38
N TYR IB 46 -64.43 -61.55 -3.73
CA TYR IB 46 -64.66 -61.21 -5.14
C TYR IB 46 -63.41 -61.43 -5.99
N THR IB 47 -62.24 -61.02 -5.46
CA THR IB 47 -60.99 -61.25 -6.16
C THR IB 47 -60.70 -62.73 -6.31
N GLU IB 48 -60.95 -63.52 -5.25
CA GLU IB 48 -60.70 -64.96 -5.31
C GLU IB 48 -61.66 -65.64 -6.27
N GLN IB 49 -62.90 -65.16 -6.33
CA GLN IB 49 -63.89 -65.69 -7.25
C GLN IB 49 -63.48 -65.49 -8.71
N ILE IB 50 -63.19 -64.24 -9.08
CA ILE IB 50 -62.86 -63.96 -10.48
C ILE IB 50 -61.49 -64.55 -10.84
N THR IB 51 -60.59 -64.66 -9.87
CA THR IB 51 -59.28 -65.21 -10.14
C THR IB 51 -59.35 -66.73 -10.34
N ASN IB 52 -60.16 -67.41 -9.53
CA ASN IB 52 -60.35 -68.84 -9.72
C ASN IB 52 -61.10 -69.14 -11.00
N GLU IB 53 -62.03 -68.27 -11.41
CA GLU IB 53 -62.73 -68.48 -12.67
C GLU IB 53 -61.79 -68.35 -13.86
N LYS IB 54 -60.96 -67.29 -13.87
CA LYS IB 54 -60.02 -67.15 -14.98
C LYS IB 54 -58.93 -68.22 -14.94
N LEU IB 55 -58.53 -68.66 -13.73
CA LEU IB 55 -57.55 -69.72 -13.61
C LEU IB 55 -58.10 -71.05 -14.11
N SER IB 56 -59.38 -71.33 -13.85
CA SER IB 56 -60.00 -72.55 -14.37
C SER IB 56 -60.20 -72.48 -15.88
N ILE IB 57 -60.30 -71.27 -16.43
CA ILE IB 57 -60.23 -71.15 -17.89
C ILE IB 57 -58.82 -71.50 -18.37
N VAL IB 58 -57.79 -71.09 -17.63
CA VAL IB 58 -56.41 -71.28 -18.06
C VAL IB 58 -56.00 -72.74 -17.99
N LYS IB 59 -56.40 -73.46 -16.93
CA LYS IB 59 -55.90 -74.79 -16.61
C LYS IB 59 -56.24 -75.87 -17.65
N ALA IB 60 -57.13 -75.60 -18.60
CA ALA IB 60 -57.49 -76.61 -19.58
C ALA IB 60 -57.58 -76.02 -20.97
N GLU IB 61 -56.61 -75.17 -21.34
CA GLU IB 61 -56.56 -74.61 -22.69
C GLU IB 61 -55.14 -74.66 -23.23
N PRO IB 62 -54.84 -75.62 -24.12
CA PRO IB 62 -53.49 -75.69 -24.68
C PRO IB 62 -53.21 -74.67 -25.77
N ASP IB 63 -54.21 -74.36 -26.60
CA ASP IB 63 -53.99 -73.47 -27.74
C ASP IB 63 -53.89 -72.03 -27.28
N VAL IB 64 -53.31 -71.20 -28.15
CA VAL IB 64 -53.05 -69.80 -27.83
C VAL IB 64 -54.21 -68.93 -28.29
N LYS IB 65 -54.50 -68.94 -29.60
CA LYS IB 65 -55.55 -68.11 -30.17
C LYS IB 65 -56.93 -68.51 -29.65
N LYS IB 66 -57.11 -69.82 -29.44
CA LYS IB 66 -58.35 -70.32 -28.85
C LYS IB 66 -58.52 -69.83 -27.42
N LEU IB 67 -57.40 -69.70 -26.69
CA LEU IB 67 -57.45 -69.10 -25.37
C LEU IB 67 -57.72 -67.60 -25.46
N GLU IB 68 -57.17 -66.95 -26.48
CA GLU IB 68 -57.33 -65.50 -26.63
C GLU IB 68 -58.76 -65.14 -26.99
N GLU IB 69 -59.47 -66.03 -27.67
CA GLU IB 69 -60.84 -65.74 -28.07
C GLU IB 69 -61.87 -66.31 -27.12
N GLN IB 70 -61.59 -67.45 -26.47
CA GLN IB 70 -62.52 -67.96 -25.47
C GLN IB 70 -62.45 -67.12 -24.21
N LEU IB 71 -61.30 -67.09 -23.55
CA LEU IB 71 -61.07 -66.12 -22.49
C LEU IB 71 -60.95 -64.73 -23.10
N GLN IB 72 -61.72 -63.78 -22.55
CA GLN IB 72 -61.75 -62.45 -23.12
C GLN IB 72 -60.51 -61.66 -22.70
N GLY IB 73 -60.41 -60.43 -23.20
CA GLY IB 73 -59.22 -59.63 -23.00
C GLY IB 73 -58.25 -59.79 -24.15
N GLY IB 74 -58.71 -59.55 -25.36
CA GLY IB 74 -57.90 -59.81 -26.54
C GLY IB 74 -56.77 -58.80 -26.71
N GLN IB 75 -55.62 -59.28 -27.18
CA GLN IB 75 -55.41 -60.70 -27.45
C GLN IB 75 -54.71 -61.44 -26.32
N ILE IB 76 -53.45 -61.09 -26.04
CA ILE IB 76 -52.70 -61.91 -25.10
C ILE IB 76 -52.03 -61.12 -23.97
N GLU IB 77 -51.17 -60.16 -24.31
CA GLU IB 77 -50.37 -59.52 -23.28
C GLU IB 77 -51.16 -58.43 -22.57
N GLU IB 78 -52.36 -58.11 -23.03
CA GLU IB 78 -53.25 -57.30 -22.23
C GLU IB 78 -53.68 -58.05 -20.98
N VAL IB 79 -53.86 -59.36 -21.09
CA VAL IB 79 -54.14 -60.18 -19.91
C VAL IB 79 -52.92 -60.22 -18.98
N ILE IB 80 -51.72 -60.22 -19.58
CA ILE IB 80 -50.49 -60.24 -18.79
C ILE IB 80 -50.32 -58.94 -18.01
N LEU IB 81 -50.50 -57.81 -18.69
CA LEU IB 81 -50.42 -56.50 -18.04
C LEU IB 81 -51.56 -56.30 -17.04
N GLN IB 82 -52.72 -56.88 -17.33
CA GLN IB 82 -53.85 -56.88 -16.42
C GLN IB 82 -53.51 -57.61 -15.13
N ALA IB 83 -52.84 -58.76 -15.25
CA ALA IB 83 -52.42 -59.52 -14.07
C ALA IB 83 -51.32 -58.80 -13.31
N GLU IB 84 -50.39 -58.14 -14.02
CA GLU IB 84 -49.33 -57.39 -13.37
C GLU IB 84 -49.88 -56.21 -12.57
N ASN IB 85 -50.81 -55.46 -13.16
CA ASN IB 85 -51.38 -54.33 -12.46
C ASN IB 85 -52.35 -54.78 -11.36
N GLU IB 86 -52.93 -55.97 -11.52
CA GLU IB 86 -53.70 -56.56 -10.43
C GLU IB 86 -52.80 -56.89 -9.24
N LEU IB 87 -51.60 -57.40 -9.52
CA LEU IB 87 -50.63 -57.60 -8.45
C LEU IB 87 -50.17 -56.28 -7.84
N SER IB 88 -50.07 -55.23 -8.67
CA SER IB 88 -49.70 -53.92 -8.17
C SER IB 88 -50.74 -53.36 -7.21
N LEU IB 89 -52.02 -53.47 -7.58
CA LEU IB 89 -53.06 -53.02 -6.66
C LEU IB 89 -53.17 -53.93 -5.45
N ALA IB 90 -52.82 -55.21 -5.60
CA ALA IB 90 -52.78 -56.10 -4.44
C ALA IB 90 -51.73 -55.63 -3.43
N ARG IB 91 -50.53 -55.31 -3.93
CA ARG IB 91 -49.46 -54.79 -3.08
C ARG IB 91 -49.84 -53.46 -2.45
N LYS IB 92 -50.55 -52.61 -3.18
CA LYS IB 92 -50.94 -51.33 -2.62
C LYS IB 92 -52.12 -51.46 -1.66
N MET IB 93 -52.94 -52.49 -1.80
CA MET IB 93 -54.07 -52.71 -0.93
C MET IB 93 -53.79 -53.72 0.17
N ILE IB 94 -52.54 -54.14 0.35
CA ILE IB 94 -52.13 -54.45 1.72
C ILE IB 94 -52.28 -53.19 2.58
N GLN IB 95 -51.83 -52.06 2.07
CA GLN IB 95 -52.00 -50.79 2.76
C GLN IB 95 -53.42 -50.27 2.54
N TRP IB 96 -53.67 -49.09 3.15
CA TRP IB 96 -54.80 -48.19 2.90
C TRP IB 96 -56.13 -48.68 3.42
N LYS IB 97 -56.21 -49.97 3.81
CA LYS IB 97 -57.35 -50.71 4.37
C LYS IB 97 -58.69 -50.33 3.76
N PRO IB 98 -58.96 -50.67 2.50
CA PRO IB 98 -60.16 -50.13 1.83
C PRO IB 98 -61.49 -50.67 2.36
N TRP IB 99 -61.49 -51.76 3.12
CA TRP IB 99 -62.72 -52.32 3.65
C TRP IB 99 -63.11 -51.74 5.01
N GLU IB 100 -62.52 -50.63 5.40
CA GLU IB 100 -62.82 -50.05 6.71
C GLU IB 100 -64.21 -49.41 6.71
N PRO IB 101 -64.80 -49.23 7.91
CA PRO IB 101 -66.03 -48.44 8.01
C PRO IB 101 -65.82 -46.96 7.74
N LEU IB 102 -66.88 -46.19 7.94
CA LEU IB 102 -66.97 -44.83 7.43
C LEU IB 102 -65.95 -43.90 8.07
N VAL IB 103 -65.39 -43.03 7.25
CA VAL IB 103 -64.72 -41.82 7.70
C VAL IB 103 -65.85 -40.82 7.94
N GLU IB 104 -65.55 -39.69 8.59
CA GLU IB 104 -66.57 -38.76 9.07
C GLU IB 104 -67.42 -38.19 7.93
N GLU IB 105 -68.68 -37.91 8.25
CA GLU IB 105 -69.67 -37.62 7.25
C GLU IB 105 -69.44 -36.25 6.62
N PRO IB 106 -69.90 -36.04 5.39
CA PRO IB 106 -70.00 -34.69 4.85
C PRO IB 106 -71.11 -33.92 5.53
N PRO IB 107 -71.18 -32.59 5.37
CA PRO IB 107 -72.27 -31.83 6.00
C PRO IB 107 -73.68 -32.14 5.49
N ALA IB 108 -73.81 -32.99 4.46
CA ALA IB 108 -75.02 -33.71 4.07
C ALA IB 108 -76.11 -32.83 3.45
N SER IB 109 -75.91 -31.52 3.44
CA SER IB 109 -76.72 -30.63 2.64
C SER IB 109 -75.97 -30.17 1.40
N GLN IB 110 -74.75 -30.68 1.20
CA GLN IB 110 -73.94 -30.26 0.07
C GLN IB 110 -74.47 -30.85 -1.23
N TRP IB 111 -74.71 -32.15 -1.24
CA TRP IB 111 -74.93 -32.87 -2.49
C TRP IB 111 -76.32 -32.70 -3.07
N LYS IB 112 -77.20 -31.95 -2.41
CA LYS IB 112 -78.45 -31.55 -3.03
C LYS IB 112 -78.13 -30.62 -4.19
N TRP IB 113 -78.37 -31.08 -5.40
CA TRP IB 113 -77.77 -30.48 -6.58
C TRP IB 113 -78.39 -29.19 -7.14
N PRO IB 114 -79.73 -29.03 -7.28
CA PRO IB 114 -80.24 -27.77 -7.86
C PRO IB 114 -79.98 -26.55 -7.00
N ILE IB 115 -79.77 -26.74 -5.69
CA ILE IB 115 -79.38 -25.75 -4.66
C ILE IB 115 -80.09 -24.40 -4.75
N THR JB 14 -64.06 -28.96 13.76
CA THR JB 14 -63.09 -27.88 13.60
C THR JB 14 -61.80 -28.41 12.98
N SER JB 15 -61.72 -29.74 12.85
CA SER JB 15 -60.51 -30.43 12.42
C SER JB 15 -60.25 -30.15 10.94
N VAL JB 16 -59.33 -29.24 10.65
CA VAL JB 16 -59.02 -28.81 9.29
C VAL JB 16 -57.54 -29.05 9.04
N LYS JB 17 -57.21 -29.69 7.92
CA LYS JB 17 -55.82 -29.92 7.57
C LYS JB 17 -55.15 -28.62 7.15
N PRO JB 18 -53.93 -28.35 7.63
CA PRO JB 18 -53.21 -27.17 7.19
C PRO JB 18 -52.41 -27.45 5.93
N ILE JB 19 -51.63 -26.47 5.47
CA ILE JB 19 -50.79 -26.68 4.29
C ILE JB 19 -49.52 -27.40 4.71
N PHE JB 20 -48.68 -26.72 5.48
CA PHE JB 20 -47.33 -27.20 5.81
C PHE JB 20 -46.99 -27.16 7.29
N SER JB 21 -47.46 -26.17 8.03
CA SER JB 21 -46.82 -25.79 9.28
C SER JB 21 -47.56 -26.29 10.51
N ARG JB 22 -46.83 -26.35 11.63
CA ARG JB 22 -47.34 -26.75 12.92
C ARG JB 22 -47.64 -25.58 13.84
N ASP JB 23 -46.98 -24.44 13.63
CA ASP JB 23 -47.39 -23.16 14.21
C ASP JB 23 -46.97 -22.07 13.23
N MET JB 24 -46.93 -20.83 13.70
CA MET JB 24 -46.49 -19.75 12.83
C MET JB 24 -44.97 -19.69 12.69
N ASN JB 25 -44.23 -20.56 13.39
CA ASN JB 25 -42.77 -20.47 13.38
C ASN JB 25 -42.20 -20.96 12.06
N GLU JB 26 -42.72 -22.09 11.54
CA GLU JB 26 -42.31 -22.54 10.21
C GLU JB 26 -42.74 -21.55 9.14
N ALA JB 27 -43.89 -20.91 9.33
CA ALA JB 27 -44.35 -19.90 8.38
C ALA JB 27 -43.44 -18.69 8.36
N LYS JB 28 -43.02 -18.22 9.53
CA LYS JB 28 -42.05 -17.12 9.60
C LYS JB 28 -40.71 -17.51 9.01
N ARG JB 29 -40.29 -18.77 9.24
CA ARG JB 29 -39.08 -19.32 8.64
C ARG JB 29 -39.14 -19.26 7.11
N ARG JB 30 -40.24 -19.77 6.55
CA ARG JB 30 -40.41 -19.79 5.09
C ARG JB 30 -40.45 -18.39 4.51
N VAL JB 31 -41.18 -17.46 5.16
CA VAL JB 31 -41.34 -16.15 4.56
C VAL JB 31 -40.07 -15.32 4.70
N ARG JB 32 -39.27 -15.52 5.76
CA ARG JB 32 -38.05 -14.73 5.82
C ARG JB 32 -36.96 -15.32 4.93
N GLU JB 33 -36.97 -16.64 4.71
CA GLU JB 33 -36.06 -17.21 3.72
C GLU JB 33 -36.44 -16.76 2.32
N LEU JB 34 -37.74 -16.65 2.06
CA LEU JB 34 -38.19 -16.17 0.75
C LEU JB 34 -37.84 -14.70 0.55
N TYR JB 35 -37.96 -13.88 1.60
CA TYR JB 35 -37.57 -12.47 1.47
C TYR JB 35 -36.07 -12.32 1.30
N ARG JB 36 -35.28 -13.19 1.92
CA ARG JB 36 -33.84 -13.19 1.68
C ARG JB 36 -33.54 -13.53 0.23
N ALA JB 37 -34.29 -14.47 -0.34
CA ALA JB 37 -34.14 -14.80 -1.76
C ALA JB 37 -34.57 -13.63 -2.64
N TRP JB 38 -35.62 -12.89 -2.24
CA TRP JB 38 -36.03 -11.71 -2.99
C TRP JB 38 -34.98 -10.61 -2.92
N TYR JB 39 -34.36 -10.43 -1.76
CA TYR JB 39 -33.35 -9.39 -1.61
C TYR JB 39 -32.10 -9.70 -2.41
N ARG JB 40 -31.64 -10.96 -2.37
CA ARG JB 40 -30.50 -11.33 -3.20
C ARG JB 40 -30.86 -11.46 -4.67
N GLU JB 41 -32.16 -11.51 -4.99
CA GLU JB 41 -32.64 -11.68 -6.35
C GLU JB 41 -32.81 -10.35 -7.08
N VAL JB 42 -32.71 -9.22 -6.38
CA VAL JB 42 -32.85 -7.89 -6.97
C VAL JB 42 -31.76 -7.55 -7.99
N PRO JB 43 -30.44 -7.55 -7.66
CA PRO JB 43 -29.50 -6.80 -8.53
C PRO JB 43 -29.26 -7.43 -9.89
N ASN JB 44 -29.21 -8.77 -9.94
CA ASN JB 44 -29.03 -9.48 -11.20
C ASN JB 44 -30.18 -9.18 -12.16
N THR JB 45 -31.41 -9.23 -11.65
CA THR JB 45 -32.56 -8.99 -12.52
C THR JB 45 -32.74 -7.51 -12.86
N VAL JB 46 -32.35 -6.59 -11.98
CA VAL JB 46 -32.50 -5.18 -12.32
C VAL JB 46 -31.40 -4.75 -13.29
N HIS JB 47 -30.27 -5.46 -13.32
CA HIS JB 47 -29.32 -5.20 -14.40
C HIS JB 47 -29.72 -5.93 -15.68
N LEU JB 48 -30.36 -7.09 -15.57
CA LEU JB 48 -30.71 -7.87 -16.76
C LEU JB 48 -31.89 -7.27 -17.50
N PHE JB 49 -32.89 -6.81 -16.77
CA PHE JB 49 -34.14 -6.33 -17.38
C PHE JB 49 -34.00 -4.95 -18.00
N GLN JB 50 -32.85 -4.30 -17.82
CA GLN JB 50 -32.54 -2.96 -18.32
C GLN JB 50 -33.57 -1.95 -17.80
N LEU JB 51 -33.61 -1.83 -16.48
CA LEU JB 51 -34.57 -0.97 -15.83
C LEU JB 51 -33.99 0.40 -15.54
N ASP JB 52 -34.82 1.27 -14.97
CA ASP JB 52 -34.50 2.68 -14.80
C ASP JB 52 -34.86 3.17 -13.41
N ILE JB 53 -35.15 2.26 -12.48
CA ILE JB 53 -35.58 2.59 -11.13
C ILE JB 53 -34.52 2.07 -10.18
N SER JB 54 -34.13 2.91 -9.22
CA SER JB 54 -33.07 2.62 -8.28
C SER JB 54 -33.37 1.38 -7.44
N VAL JB 55 -32.29 0.76 -6.96
CA VAL JB 55 -32.39 -0.48 -6.21
C VAL JB 55 -33.08 -0.26 -4.88
N LYS JB 56 -32.85 0.92 -4.27
CA LYS JB 56 -33.49 1.27 -3.01
C LYS JB 56 -35.00 1.34 -3.14
N GLN JB 57 -35.48 1.94 -4.25
CA GLN JB 57 -36.90 2.14 -4.43
C GLN JB 57 -37.63 0.82 -4.64
N GLY JB 58 -37.05 -0.05 -5.47
CA GLY JB 58 -37.67 -1.36 -5.70
C GLY JB 58 -37.60 -2.26 -4.48
N ARG JB 59 -36.48 -2.22 -3.75
CA ARG JB 59 -36.36 -3.03 -2.54
C ARG JB 59 -37.32 -2.55 -1.45
N ASP JB 60 -37.48 -1.23 -1.33
CA ASP JB 60 -38.46 -0.71 -0.39
C ASP JB 60 -39.88 -1.03 -0.82
N LYS JB 61 -40.14 -1.08 -2.12
CA LYS JB 61 -41.48 -1.49 -2.53
C LYS JB 61 -41.72 -2.97 -2.31
N VAL JB 62 -40.68 -3.80 -2.43
CA VAL JB 62 -40.85 -5.23 -2.14
C VAL JB 62 -41.11 -5.45 -0.65
N ARG JB 63 -40.34 -4.78 0.22
CA ARG JB 63 -40.59 -4.94 1.65
C ARG JB 63 -41.89 -4.27 2.06
N GLU JB 64 -42.34 -3.26 1.33
CA GLU JB 64 -43.63 -2.63 1.64
C GLU JB 64 -44.79 -3.53 1.22
N MET JB 65 -44.63 -4.26 0.11
CA MET JB 65 -45.64 -5.24 -0.29
C MET JB 65 -45.68 -6.40 0.70
N PHE JB 66 -44.53 -6.80 1.24
CA PHE JB 66 -44.54 -7.79 2.32
C PHE JB 66 -45.22 -7.25 3.57
N LYS JB 67 -44.99 -5.98 3.88
CA LYS JB 67 -45.64 -5.39 5.05
C LYS JB 67 -47.10 -5.05 4.83
N LYS JB 68 -47.60 -5.13 3.58
CA LYS JB 68 -48.99 -4.84 3.33
C LYS JB 68 -49.91 -5.89 3.93
N ASN JB 69 -49.50 -7.17 3.86
CA ASN JB 69 -50.34 -8.27 4.30
C ASN JB 69 -50.03 -8.69 5.73
N ALA JB 70 -49.64 -7.72 6.57
CA ALA JB 70 -49.13 -8.02 7.90
C ALA JB 70 -50.21 -8.44 8.89
N HIS JB 71 -51.48 -8.23 8.57
CA HIS JB 71 -52.57 -8.49 9.51
C HIS JB 71 -53.13 -9.90 9.40
N VAL JB 72 -52.34 -10.85 8.91
CA VAL JB 72 -52.77 -12.23 8.73
C VAL JB 72 -52.04 -13.10 9.76
N THR JB 73 -52.79 -13.88 10.53
CA THR JB 73 -52.23 -14.68 11.60
C THR JB 73 -52.35 -16.19 11.38
N ASP JB 74 -53.30 -16.65 10.58
CA ASP JB 74 -53.46 -18.08 10.34
C ASP JB 74 -52.32 -18.59 9.47
N PRO JB 75 -51.65 -19.68 9.87
CA PRO JB 75 -50.42 -20.09 9.16
C PRO JB 75 -50.67 -20.70 7.80
N ARG JB 76 -51.88 -21.19 7.54
CA ARG JB 76 -52.22 -21.75 6.22
C ARG JB 76 -52.13 -20.67 5.15
N VAL JB 77 -52.72 -19.51 5.42
CA VAL JB 77 -52.71 -18.40 4.48
C VAL JB 77 -51.30 -17.85 4.31
N VAL JB 78 -50.53 -17.82 5.40
CA VAL JB 78 -49.17 -17.31 5.32
C VAL JB 78 -48.30 -18.22 4.45
N ASP JB 79 -48.46 -19.54 4.61
CA ASP JB 79 -47.75 -20.47 3.74
C ASP JB 79 -48.25 -20.38 2.30
N LEU JB 80 -49.53 -20.06 2.10
CA LEU JB 80 -50.03 -19.89 0.75
C LEU JB 80 -49.42 -18.66 0.08
N LEU JB 81 -49.25 -17.57 0.83
CA LEU JB 81 -48.56 -16.40 0.30
C LEU JB 81 -47.07 -16.69 0.06
N VAL JB 82 -46.47 -17.55 0.88
CA VAL JB 82 -45.11 -18.01 0.62
C VAL JB 82 -45.04 -18.74 -0.71
N ILE JB 83 -46.03 -19.58 -1.00
CA ILE JB 83 -46.08 -20.29 -2.28
C ILE JB 83 -46.31 -19.32 -3.44
N LYS JB 84 -47.14 -18.30 -3.21
CA LYS JB 84 -47.35 -17.23 -4.20
C LYS JB 84 -46.05 -16.52 -4.55
N GLY JB 85 -45.35 -16.02 -3.53
CA GLY JB 85 -44.09 -15.34 -3.76
C GLY JB 85 -43.02 -16.26 -4.31
N LYS JB 86 -43.10 -17.56 -3.99
CA LYS JB 86 -42.16 -18.53 -4.56
C LYS JB 86 -42.38 -18.69 -6.06
N MET JB 87 -43.64 -18.78 -6.49
CA MET JB 87 -43.94 -18.82 -7.92
C MET JB 87 -43.51 -17.53 -8.61
N GLU JB 88 -43.71 -16.40 -7.93
CA GLU JB 88 -43.28 -15.11 -8.46
C GLU JB 88 -41.77 -15.04 -8.65
N LEU JB 89 -41.03 -15.52 -7.66
CA LEU JB 89 -39.58 -15.49 -7.75
C LEU JB 89 -39.07 -16.51 -8.76
N GLU JB 90 -39.81 -17.60 -8.98
CA GLU JB 90 -39.49 -18.49 -10.10
C GLU JB 90 -39.66 -17.79 -11.43
N GLU JB 91 -40.79 -17.12 -11.64
CA GLU JB 91 -41.01 -16.48 -12.92
C GLU JB 91 -40.16 -15.25 -13.13
N THR JB 92 -39.58 -14.69 -12.07
CA THR JB 92 -38.61 -13.62 -12.25
C THR JB 92 -37.16 -14.11 -12.31
N ILE JB 93 -36.85 -15.30 -11.79
CA ILE JB 93 -35.52 -15.83 -12.02
C ILE JB 93 -35.45 -16.42 -13.41
N ASN JB 94 -36.59 -16.84 -13.96
CA ASN JB 94 -36.67 -17.00 -15.40
C ASN JB 94 -36.71 -15.63 -16.07
N VAL JB 95 -36.53 -15.62 -17.39
CA VAL JB 95 -36.58 -14.40 -18.15
C VAL JB 95 -37.90 -14.47 -18.91
N TRP JB 96 -38.86 -15.18 -18.33
CA TRP JB 96 -40.19 -15.28 -18.92
C TRP JB 96 -40.92 -13.95 -18.83
N LYS JB 97 -40.96 -13.37 -17.64
CA LYS JB 97 -41.54 -12.05 -17.47
C LYS JB 97 -40.64 -11.00 -18.08
N GLN JB 98 -41.23 -10.08 -18.82
CA GLN JB 98 -40.52 -9.01 -19.47
C GLN JB 98 -40.58 -7.75 -18.61
N ARG JB 99 -40.20 -6.62 -19.22
CA ARG JB 99 -40.24 -5.31 -18.57
C ARG JB 99 -41.66 -4.91 -18.15
N THR JB 100 -42.68 -5.46 -18.82
CA THR JB 100 -44.06 -5.03 -18.62
C THR JB 100 -44.56 -5.34 -17.22
N HIS JB 101 -44.40 -6.58 -16.76
CA HIS JB 101 -44.95 -6.96 -15.46
C HIS JB 101 -44.12 -6.39 -14.32
N VAL JB 102 -42.80 -6.28 -14.52
CA VAL JB 102 -41.92 -5.70 -13.52
C VAL JB 102 -42.26 -4.23 -13.32
N MET JB 103 -42.57 -3.53 -14.40
CA MET JB 103 -43.08 -2.17 -14.25
C MET JB 103 -44.52 -2.14 -13.77
N ARG JB 104 -45.26 -3.23 -13.96
CA ARG JB 104 -46.65 -3.27 -13.53
C ARG JB 104 -46.75 -3.40 -12.01
N PHE JB 105 -45.73 -3.99 -11.37
CA PHE JB 105 -45.64 -3.88 -9.91
C PHE JB 105 -45.52 -2.42 -9.47
N PHE JB 106 -44.74 -1.63 -10.21
CA PHE JB 106 -44.68 -0.21 -9.96
C PHE JB 106 -46.00 0.44 -10.37
N HIS JB 107 -46.32 1.57 -9.74
CA HIS JB 107 -47.59 2.25 -9.99
C HIS JB 107 -47.28 3.68 -10.39
N GLU JB 108 -47.02 3.87 -11.68
CA GLU JB 108 -46.65 5.17 -12.23
C GLU JB 108 -47.80 5.84 -12.95
N THR JB 109 -48.94 5.16 -13.10
CA THR JB 109 -50.10 5.72 -13.79
C THR JB 109 -51.10 6.22 -12.74
N GLU JB 110 -50.77 7.36 -12.13
CA GLU JB 110 -51.72 8.02 -11.25
C GLU JB 110 -52.84 8.66 -12.08
N ALA JB 111 -54.13 8.52 -11.69
CA ALA JB 111 -54.79 8.18 -10.39
C ALA JB 111 -54.24 8.86 -9.12
N PRO JB 112 -54.45 10.17 -9.00
CA PRO JB 112 -53.77 10.93 -7.96
C PRO JB 112 -54.55 11.11 -6.67
N ARG JB 113 -55.73 10.51 -6.55
CA ARG JB 113 -56.71 10.87 -5.54
C ARG JB 113 -56.26 10.49 -4.13
N PRO JB 114 -56.00 11.47 -3.26
CA PRO JB 114 -55.58 11.14 -1.89
C PRO JB 114 -56.76 10.84 -1.01
N LYS JB 115 -56.53 10.67 0.29
CA LYS JB 115 -57.60 10.43 1.25
C LYS JB 115 -58.13 11.71 1.87
N ASP JB 116 -57.99 12.84 1.17
CA ASP JB 116 -58.71 14.05 1.56
C ASP JB 116 -60.20 13.84 1.37
N PHE JB 117 -61.00 14.43 2.26
CA PHE JB 117 -62.41 14.49 1.98
C PHE JB 117 -62.70 15.47 0.85
N LEU JB 118 -61.88 16.51 0.72
CA LEU JB 118 -62.18 17.59 -0.21
C LEU JB 118 -61.82 17.22 -1.65
N SER JB 119 -60.69 16.52 -1.82
CA SER JB 119 -60.34 16.01 -3.15
C SER JB 119 -61.34 14.95 -3.61
N LYS JB 120 -61.92 14.21 -2.67
CA LYS JB 120 -63.04 13.35 -2.98
C LYS JB 120 -64.33 14.14 -3.18
N PHE JB 121 -64.40 15.38 -2.69
CA PHE JB 121 -65.59 16.18 -2.94
C PHE JB 121 -65.60 16.72 -4.36
N TYR JB 122 -64.46 17.20 -4.85
CA TYR JB 122 -64.42 17.75 -6.20
C TYR JB 122 -64.61 16.66 -7.25
N VAL JB 123 -63.75 15.64 -7.24
CA VAL JB 123 -63.99 14.49 -8.09
C VAL JB 123 -65.01 13.64 -7.36
N GLY JB 124 -66.29 13.87 -7.65
CA GLY JB 124 -67.35 13.31 -6.85
C GLY JB 124 -67.54 11.82 -7.06
N HIS JB 125 -68.45 11.27 -6.24
CA HIS JB 125 -68.93 9.89 -6.27
C HIS JB 125 -67.82 8.87 -6.01
N ASP JB 126 -66.72 9.30 -5.39
CA ASP JB 126 -65.59 8.43 -5.07
C ASP JB 126 -65.32 8.58 -3.58
N PRO JB 127 -66.06 7.86 -2.73
CA PRO JB 127 -65.97 8.03 -1.28
C PRO JB 127 -64.69 7.48 -0.68
N ALA KB 1 -59.19 -29.08 -71.43
CA ALA KB 1 -60.29 -28.67 -72.29
C ALA KB 1 -59.99 -27.33 -72.94
N SER KB 2 -60.67 -27.07 -74.07
CA SER KB 2 -60.54 -25.84 -74.87
C SER KB 2 -59.10 -25.58 -75.30
N ALA KB 3 -58.38 -26.65 -75.60
CA ALA KB 3 -56.97 -26.57 -75.95
C ALA KB 3 -56.64 -27.67 -76.96
N THR KB 4 -55.41 -27.67 -77.43
CA THR KB 4 -55.01 -28.64 -78.43
C THR KB 4 -54.85 -30.03 -77.81
N ARG KB 5 -54.85 -31.03 -78.68
CA ARG KB 5 -54.75 -32.41 -78.22
C ARG KB 5 -53.32 -32.85 -77.96
N LEU KB 6 -52.34 -32.04 -78.37
CA LEU KB 6 -50.95 -32.43 -78.13
C LEU KB 6 -50.55 -32.21 -76.68
N ILE KB 7 -50.96 -31.08 -76.09
CA ILE KB 7 -50.74 -30.91 -74.65
C ILE KB 7 -51.68 -31.78 -73.84
N GLN KB 8 -52.81 -32.20 -74.43
CA GLN KB 8 -53.66 -33.20 -73.81
C GLN KB 8 -52.93 -34.54 -73.74
N GLY KB 9 -52.21 -34.90 -74.82
CA GLY KB 9 -51.35 -36.06 -74.78
C GLY KB 9 -50.21 -35.91 -73.81
N LEU KB 10 -49.70 -34.69 -73.63
CA LEU KB 10 -48.67 -34.44 -72.63
C LEU KB 10 -49.21 -34.67 -71.21
N ARG KB 11 -50.42 -34.18 -70.93
CA ARG KB 11 -51.00 -34.34 -69.60
C ARG KB 11 -51.37 -35.78 -69.34
N ASN KB 12 -51.83 -36.50 -70.36
CA ASN KB 12 -52.13 -37.91 -70.19
C ASN KB 12 -50.87 -38.76 -70.13
N TRP KB 13 -49.76 -38.27 -70.70
CA TRP KB 13 -48.50 -39.02 -70.65
C TRP KB 13 -47.76 -38.79 -69.35
N ALA KB 14 -47.84 -37.59 -68.79
CA ALA KB 14 -47.20 -37.33 -67.52
C ALA KB 14 -48.00 -37.84 -66.34
N SER KB 15 -49.31 -38.04 -66.51
CA SER KB 15 -50.14 -38.65 -65.46
C SER KB 15 -51.36 -39.25 -66.14
N GLY KB 16 -51.38 -40.58 -66.26
CA GLY KB 16 -52.42 -41.25 -67.02
C GLY KB 16 -53.76 -41.33 -66.32
N ARG KB 17 -54.46 -40.19 -66.22
CA ARG KB 17 -55.72 -40.12 -65.48
C ARG KB 17 -56.89 -39.64 -66.30
N ASP KB 18 -56.72 -39.45 -67.62
CA ASP KB 18 -57.76 -39.02 -68.57
C ASP KB 18 -58.36 -37.68 -68.16
N LEU KB 19 -57.49 -36.66 -68.24
CA LEU KB 19 -57.77 -35.33 -67.71
C LEU KB 19 -58.90 -34.62 -68.45
N GLN KB 20 -59.20 -35.03 -69.69
CA GLN KB 20 -60.27 -34.38 -70.45
C GLN KB 20 -61.64 -34.63 -69.83
N ALA KB 21 -61.89 -35.86 -69.40
CA ALA KB 21 -63.16 -36.18 -68.76
C ALA KB 21 -63.21 -35.62 -67.34
N LYS KB 22 -62.17 -35.86 -66.54
CA LYS KB 22 -62.11 -35.41 -65.16
C LYS KB 22 -61.06 -34.31 -65.05
N LEU KB 23 -61.52 -33.07 -64.84
CA LEU KB 23 -60.62 -31.94 -64.86
C LEU KB 23 -60.84 -30.96 -63.72
N GLN KB 24 -61.77 -31.23 -62.81
CA GLN KB 24 -61.98 -30.57 -61.51
C GLN KB 24 -62.55 -29.14 -61.66
N LEU KB 25 -62.61 -28.62 -62.88
CA LEU KB 25 -63.11 -27.28 -63.13
C LEU KB 25 -64.32 -27.41 -64.04
N ARG KB 26 -65.45 -26.86 -63.61
CA ARG KB 26 -66.72 -27.07 -64.27
C ARG KB 26 -67.13 -25.87 -65.11
N TYR KB 27 -67.78 -26.16 -66.23
CA TYR KB 27 -68.14 -25.18 -67.23
C TYR KB 27 -69.65 -24.99 -67.33
N GLN KB 28 -70.38 -26.07 -67.60
CA GLN KB 28 -71.84 -26.08 -67.54
C GLN KB 28 -72.34 -27.26 -66.74
N GLU KB 29 -71.50 -27.80 -65.85
CA GLU KB 29 -71.84 -28.90 -64.97
C GLU KB 29 -72.73 -28.44 -63.81
N ILE KB 30 -72.84 -27.13 -63.60
CA ILE KB 30 -73.55 -26.55 -62.46
C ILE KB 30 -75.05 -26.84 -62.58
N SER KB 31 -75.61 -27.52 -61.58
CA SER KB 31 -77.06 -27.53 -61.42
C SER KB 31 -77.52 -26.10 -61.17
N LYS KB 32 -78.25 -25.56 -62.13
CA LYS KB 32 -78.39 -24.12 -62.26
C LYS KB 32 -79.25 -23.54 -61.16
N ARG KB 33 -79.07 -22.25 -60.94
CA ARG KB 33 -79.72 -21.53 -59.86
C ARG KB 33 -81.16 -21.20 -60.22
N THR KB 34 -81.81 -20.45 -59.33
CA THR KB 34 -83.23 -20.08 -59.37
C THR KB 34 -84.11 -21.33 -59.49
N GLN KB 35 -84.09 -22.10 -58.40
CA GLN KB 35 -84.90 -23.29 -58.27
C GLN KB 35 -86.40 -22.95 -58.30
N PRO KB 36 -87.24 -23.94 -58.58
CA PRO KB 36 -88.67 -23.79 -58.29
C PRO KB 36 -88.90 -23.51 -56.82
N PRO KB 37 -89.89 -22.70 -56.48
CA PRO KB 37 -90.14 -22.34 -55.08
C PRO KB 37 -90.58 -23.55 -54.27
N PRO KB 38 -89.89 -23.82 -53.16
CA PRO KB 38 -90.11 -25.08 -52.45
C PRO KB 38 -91.40 -25.11 -51.67
N LYS KB 39 -91.90 -26.32 -51.45
CA LYS KB 39 -93.13 -26.57 -50.71
C LYS KB 39 -92.81 -27.61 -49.65
N LEU KB 40 -92.98 -27.24 -48.39
CA LEU KB 40 -92.44 -28.04 -47.31
C LEU KB 40 -93.54 -28.64 -46.47
N PRO KB 41 -93.57 -29.96 -46.30
CA PRO KB 41 -94.50 -30.57 -45.34
C PRO KB 41 -93.95 -30.61 -43.93
N VAL KB 42 -94.85 -30.41 -42.98
CA VAL KB 42 -94.50 -30.54 -41.57
C VAL KB 42 -94.29 -32.01 -41.27
N GLY KB 43 -93.47 -32.31 -40.26
CA GLY KB 43 -93.22 -33.68 -39.85
C GLY KB 43 -94.38 -34.34 -39.13
N PRO KB 44 -94.11 -35.41 -38.36
CA PRO KB 44 -95.19 -36.20 -37.73
C PRO KB 44 -95.80 -35.56 -36.48
N SER KB 45 -96.06 -34.27 -36.54
CA SER KB 45 -96.99 -33.57 -35.68
C SER KB 45 -97.50 -32.37 -36.45
N HIS KB 46 -98.44 -31.65 -35.83
CA HIS KB 46 -99.53 -30.81 -36.33
C HIS KB 46 -100.68 -31.69 -36.81
N ARG KB 47 -100.52 -33.02 -36.84
CA ARG KB 47 -101.59 -33.95 -37.15
C ARG KB 47 -102.67 -33.84 -36.09
N LEU KB 48 -103.85 -33.39 -36.50
CA LEU KB 48 -104.89 -33.01 -35.57
C LEU KB 48 -105.47 -34.24 -34.87
N SER KB 49 -106.28 -33.98 -33.85
CA SER KB 49 -107.10 -34.90 -33.05
C SER KB 49 -106.31 -35.84 -32.15
N ASN KB 50 -105.00 -35.83 -32.21
CA ASN KB 50 -104.26 -36.79 -31.42
C ASN KB 50 -103.18 -36.16 -30.56
N ASN KB 51 -102.47 -35.16 -31.07
CA ASN KB 51 -101.22 -34.73 -30.47
C ASN KB 51 -101.46 -33.73 -29.34
N TYR KB 52 -101.80 -34.26 -28.18
CA TYR KB 52 -101.61 -33.49 -26.96
C TYR KB 52 -100.14 -33.31 -26.69
N TYR KB 53 -99.80 -32.17 -26.06
CA TYR KB 53 -98.43 -32.03 -25.59
C TYR KB 53 -98.16 -32.93 -24.39
N CYS KB 54 -99.21 -33.33 -23.67
CA CYS KB 54 -99.08 -34.32 -22.62
C CYS KB 54 -98.62 -35.67 -23.17
N ALA KB 55 -98.99 -35.99 -24.41
CA ALA KB 55 -98.48 -37.20 -25.04
C ALA KB 55 -96.99 -37.06 -25.34
N ARG KB 56 -96.61 -35.99 -26.02
CA ARG KB 56 -95.21 -35.78 -26.41
C ARG KB 56 -94.41 -34.95 -25.39
N ASP KB 57 -94.53 -35.24 -24.11
CA ASP KB 57 -93.85 -34.43 -23.09
C ASP KB 57 -92.60 -35.16 -22.63
N GLY KB 58 -91.55 -35.08 -23.44
CA GLY KB 58 -90.28 -35.66 -23.05
C GLY KB 58 -89.52 -34.83 -22.05
N ARG KB 59 -89.81 -33.53 -21.97
CA ARG KB 59 -89.09 -32.63 -21.06
C ARG KB 59 -89.39 -32.96 -19.61
N ARG KB 60 -90.62 -33.36 -19.32
CA ARG KB 60 -91.00 -33.69 -17.95
C ARG KB 60 -90.70 -35.14 -17.60
N GLU KB 61 -90.17 -35.92 -18.52
CA GLU KB 61 -89.81 -37.31 -18.24
C GLU KB 61 -88.48 -37.44 -17.51
N ALA KB 62 -87.76 -36.34 -17.31
CA ALA KB 62 -86.43 -36.38 -16.71
C ALA KB 62 -86.56 -36.68 -15.24
N MET KB 63 -86.32 -37.93 -14.87
CA MET KB 63 -86.27 -38.31 -13.47
C MET KB 63 -85.03 -37.73 -12.82
N PRO KB 64 -85.06 -37.51 -11.49
CA PRO KB 64 -83.83 -37.23 -10.79
C PRO KB 64 -82.92 -38.42 -10.82
N PRO KB 65 -81.60 -38.22 -10.76
CA PRO KB 65 -80.66 -39.35 -10.81
C PRO KB 65 -80.80 -40.24 -9.58
N SER KB 66 -80.94 -41.54 -9.83
CA SER KB 66 -81.33 -42.48 -8.78
C SER KB 66 -80.17 -42.71 -7.82
N ILE KB 67 -80.53 -43.00 -6.56
CA ILE KB 67 -79.62 -42.92 -5.42
C ILE KB 67 -79.31 -44.32 -4.94
N VAL KB 68 -78.01 -44.61 -4.76
CA VAL KB 68 -77.54 -45.82 -4.12
C VAL KB 68 -76.65 -45.40 -2.95
N MET KB 69 -76.61 -46.28 -1.93
CA MET KB 69 -76.54 -46.03 -0.49
C MET KB 69 -75.61 -44.99 0.12
N SER KB 70 -74.30 -45.12 -0.08
CA SER KB 70 -73.34 -45.06 1.04
C SER KB 70 -73.05 -43.63 1.45
N SER KB 71 -74.08 -42.96 1.97
CA SER KB 71 -74.02 -41.60 2.45
C SER KB 71 -74.36 -41.55 3.93
N SER KB 89 -71.15 -66.94 -1.03
CA SER KB 89 -72.03 -67.68 -1.92
C SER KB 89 -72.85 -66.72 -2.77
N GLU KB 90 -72.15 -65.90 -3.56
CA GLU KB 90 -72.79 -64.84 -4.34
C GLU KB 90 -72.20 -64.84 -5.74
N LYS KB 91 -73.00 -65.27 -6.73
CA LYS KB 91 -72.58 -65.16 -8.12
C LYS KB 91 -72.63 -63.70 -8.54
N LYS KB 92 -71.48 -63.04 -8.46
CA LYS KB 92 -71.40 -61.59 -8.55
C LYS KB 92 -70.09 -61.23 -9.25
N ALA KB 93 -69.62 -60.00 -9.02
CA ALA KB 93 -68.50 -59.36 -9.69
C ALA KB 93 -68.75 -59.27 -11.20
N VAL KB 94 -69.76 -58.50 -11.52
CA VAL KB 94 -70.16 -58.26 -12.90
C VAL KB 94 -69.40 -57.06 -13.45
N SER KB 95 -69.36 -56.97 -14.76
CA SER KB 95 -68.76 -55.88 -15.50
C SER KB 95 -69.81 -54.84 -15.86
N PRO KB 96 -69.41 -53.60 -16.15
CA PRO KB 96 -70.40 -52.61 -16.61
C PRO KB 96 -70.99 -52.92 -17.99
N ALA KB 97 -70.39 -53.82 -18.76
CA ALA KB 97 -70.91 -54.19 -20.06
C ALA KB 97 -70.41 -55.58 -20.39
N PRO KB 98 -71.05 -56.28 -21.32
CA PRO KB 98 -70.45 -57.49 -21.90
C PRO KB 98 -69.18 -57.14 -22.66
N PRO KB 99 -68.25 -58.09 -22.81
CA PRO KB 99 -67.01 -57.79 -23.52
C PRO KB 99 -67.24 -57.54 -25.00
N ILE KB 100 -66.58 -56.52 -25.51
CA ILE KB 100 -66.71 -56.13 -26.90
C ILE KB 100 -65.94 -57.12 -27.76
N LYS KB 101 -66.55 -57.51 -28.89
CA LYS KB 101 -65.93 -58.45 -29.81
C LYS KB 101 -64.67 -57.85 -30.44
N ARG KB 102 -63.63 -58.67 -30.53
CA ARG KB 102 -62.45 -58.31 -31.31
C ARG KB 102 -62.82 -58.19 -32.78
N TRP KB 103 -62.33 -57.15 -33.43
CA TRP KB 103 -62.84 -56.74 -34.73
C TRP KB 103 -62.23 -57.61 -35.84
N GLU KB 104 -62.48 -57.21 -37.09
CA GLU KB 104 -62.09 -57.99 -38.25
C GLU KB 104 -61.56 -57.05 -39.33
N LEU KB 105 -60.61 -57.55 -40.13
CA LEU KB 105 -60.31 -56.96 -41.42
C LEU KB 105 -61.56 -56.97 -42.29
N SER KB 106 -62.09 -55.80 -42.61
CA SER KB 106 -63.18 -55.76 -43.57
C SER KB 106 -62.66 -56.04 -44.97
N GLN KB 107 -63.57 -56.48 -45.83
CA GLN KB 107 -63.19 -56.91 -47.17
C GLN KB 107 -62.92 -55.73 -48.10
N ASP KB 108 -63.23 -54.51 -47.69
CA ASP KB 108 -63.09 -53.32 -48.53
C ASP KB 108 -61.61 -52.97 -48.67
N GLU KB 109 -60.95 -53.70 -49.58
CA GLU KB 109 -59.52 -53.65 -49.93
C GLU KB 109 -58.66 -53.80 -48.68
N PRO KB 110 -58.54 -55.02 -48.13
CA PRO KB 110 -57.83 -55.17 -46.85
C PRO KB 110 -56.32 -55.26 -47.02
N TYR KB 111 -55.63 -55.51 -45.91
CA TYR KB 111 -54.19 -55.71 -45.92
C TYR KB 111 -53.84 -56.78 -44.89
N LEU KB 112 -53.00 -57.75 -45.27
CA LEU KB 112 -52.42 -57.86 -46.62
C LEU KB 112 -53.30 -58.70 -47.54
N MET LB 1 -50.87 -28.50 -87.65
CA MET LB 1 -51.40 -27.16 -87.72
C MET LB 1 -51.92 -26.71 -86.36
N GLU LB 2 -51.58 -27.45 -85.32
CA GLU LB 2 -52.07 -27.18 -83.98
C GLU LB 2 -51.37 -26.01 -83.30
N LEU LB 3 -50.37 -25.41 -83.96
CA LEU LB 3 -49.69 -24.26 -83.41
C LEU LB 3 -50.24 -22.94 -83.94
N LEU LB 4 -51.03 -22.98 -85.01
CA LEU LB 4 -51.49 -21.78 -85.71
C LEU LB 4 -52.98 -21.55 -85.62
N GLN LB 5 -53.78 -22.63 -85.60
CA GLN LB 5 -55.23 -22.51 -85.56
C GLN LB 5 -55.69 -21.86 -84.26
N VAL LB 6 -55.10 -22.29 -83.14
CA VAL LB 6 -55.35 -21.64 -81.86
C VAL LB 6 -54.70 -20.26 -81.87
N LEU LB 7 -53.56 -20.11 -82.55
CA LEU LB 7 -52.93 -18.80 -82.66
C LEU LB 7 -53.75 -17.87 -83.55
N LYS LB 8 -54.39 -18.40 -84.60
CA LYS LB 8 -55.32 -17.59 -85.38
C LYS LB 8 -56.52 -17.18 -84.54
N ARG LB 9 -56.97 -18.07 -83.64
CA ARG LB 9 -57.98 -17.69 -82.66
C ARG LB 9 -57.45 -16.62 -81.72
N GLY LB 10 -56.17 -16.70 -81.36
CA GLY LB 10 -55.56 -15.62 -80.61
C GLY LB 10 -55.37 -14.37 -81.44
N LEU LB 11 -55.05 -14.54 -82.73
CA LEU LB 11 -55.01 -13.40 -83.63
C LEU LB 11 -56.40 -12.91 -84.01
N GLN LB 12 -57.43 -13.73 -83.78
CA GLN LB 12 -58.81 -13.24 -83.90
C GLN LB 12 -59.16 -12.28 -82.77
N GLN LB 13 -58.46 -12.36 -81.64
CA GLN LB 13 -58.87 -11.65 -80.43
C GLN LB 13 -58.66 -10.14 -80.56
N VAL LB 14 -57.57 -9.72 -81.22
CA VAL LB 14 -57.30 -8.30 -81.37
C VAL LB 14 -58.26 -7.67 -82.38
N SER LB 15 -58.43 -8.33 -83.54
CA SER LB 15 -59.33 -7.81 -84.55
C SER LB 15 -60.79 -8.00 -84.15
N GLY LB 16 -61.09 -9.04 -83.40
CA GLY LB 16 -62.42 -9.22 -82.86
C GLY LB 16 -62.68 -8.47 -81.58
N HIS LB 17 -61.69 -7.71 -81.09
CA HIS LB 17 -61.93 -6.86 -79.93
C HIS LB 17 -62.87 -5.72 -80.28
N GLY LB 18 -62.55 -4.97 -81.33
CA GLY LB 18 -63.37 -3.85 -81.73
C GLY LB 18 -62.66 -2.53 -81.54
N GLY LB 19 -61.35 -2.54 -81.69
CA GLY LB 19 -60.57 -1.32 -81.57
C GLY LB 19 -59.12 -1.62 -81.26
N LEU LB 20 -58.29 -0.59 -81.43
CA LEU LB 20 -56.87 -0.67 -81.15
C LEU LB 20 -56.47 0.06 -79.89
N ARG LB 21 -56.94 1.31 -79.73
CA ARG LB 21 -56.77 2.00 -78.46
C ARG LB 21 -57.59 1.33 -77.37
N GLY LB 22 -58.75 0.78 -77.71
CA GLY LB 22 -59.48 -0.04 -76.76
C GLY LB 22 -58.77 -1.33 -76.43
N TYR LB 23 -58.03 -1.90 -77.39
CA TYR LB 23 -57.19 -3.05 -77.10
C TYR LB 23 -56.04 -2.65 -76.18
N LEU LB 24 -55.52 -1.43 -76.35
CA LEU LB 24 -54.57 -0.88 -75.39
C LEU LB 24 -55.23 -0.66 -74.04
N ARG LB 25 -56.51 -0.26 -74.07
CA ARG LB 25 -57.22 0.16 -72.87
C ARG LB 25 -57.45 -1.01 -71.92
N VAL LB 26 -58.05 -2.08 -72.42
CA VAL LB 26 -58.40 -3.19 -71.53
C VAL LB 26 -57.18 -4.03 -71.20
N LEU LB 27 -56.12 -3.97 -72.01
CA LEU LB 27 -54.89 -4.67 -71.65
C LEU LB 27 -54.13 -3.92 -70.56
N PHE LB 28 -53.94 -2.62 -70.75
CA PHE LB 28 -53.25 -1.86 -69.72
C PHE LB 28 -54.14 -1.44 -68.58
N ARG LB 29 -55.42 -1.81 -68.58
CA ARG LB 29 -56.26 -1.48 -67.43
C ARG LB 29 -56.04 -2.50 -66.31
N ALA LB 30 -56.49 -3.74 -66.49
CA ALA LB 30 -56.04 -4.75 -65.54
C ALA LB 30 -55.40 -6.00 -66.13
N ASN LB 31 -56.18 -6.85 -66.78
CA ASN LB 31 -55.67 -8.19 -67.06
C ASN LB 31 -55.98 -8.74 -68.45
N ASP LB 32 -57.19 -8.53 -68.93
CA ASP LB 32 -57.74 -9.39 -69.97
C ASP LB 32 -58.11 -8.61 -71.22
N VAL LB 33 -58.20 -9.35 -72.32
CA VAL LB 33 -58.62 -8.82 -73.61
C VAL LB 33 -59.71 -9.71 -74.20
N ARG LB 34 -60.51 -10.36 -73.34
CA ARG LB 34 -61.47 -11.36 -73.77
C ARG LB 34 -62.86 -10.79 -74.05
N VAL LB 35 -62.92 -9.56 -74.58
CA VAL LB 35 -64.18 -8.96 -75.01
C VAL LB 35 -64.79 -9.78 -76.15
N GLY LB 36 -66.11 -9.71 -76.30
CA GLY LB 36 -66.76 -10.42 -77.38
C GLY LB 36 -68.17 -10.96 -77.16
N THR LB 37 -68.75 -10.78 -75.98
CA THR LB 37 -70.13 -11.20 -75.75
C THR LB 37 -71.12 -10.05 -75.63
N LEU LB 38 -70.82 -9.05 -74.79
CA LEU LB 38 -71.57 -7.79 -74.67
C LEU LB 38 -73.04 -8.03 -74.29
N VAL LB 39 -73.23 -8.52 -73.07
CA VAL LB 39 -74.58 -8.81 -72.59
C VAL LB 39 -75.36 -7.52 -72.38
N GLY LB 40 -74.78 -6.55 -71.70
CA GLY LB 40 -75.49 -5.28 -71.58
C GLY LB 40 -74.71 -4.24 -70.83
N GLU LB 41 -75.06 -2.99 -71.06
CA GLU LB 41 -74.48 -1.87 -70.35
C GLU LB 41 -75.56 -1.16 -69.55
N ASP LB 42 -75.11 -0.23 -68.71
CA ASP LB 42 -76.01 0.40 -67.75
C ASP LB 42 -75.43 1.76 -67.38
N LYS LB 43 -76.23 2.50 -66.59
CA LYS LB 43 -75.92 3.83 -66.04
C LYS LB 43 -74.55 3.87 -65.41
N TYR LB 44 -73.90 5.04 -65.53
CA TYR LB 44 -72.45 5.27 -65.43
C TYR LB 44 -71.69 4.50 -66.51
N GLY LB 45 -72.38 4.18 -67.60
CA GLY LB 45 -71.81 3.56 -68.79
C GLY LB 45 -71.19 2.18 -68.62
N ASN LB 46 -71.45 1.52 -67.50
CA ASN LB 46 -70.69 0.32 -67.18
C ASN LB 46 -71.21 -0.87 -67.99
N LYS LB 47 -70.29 -1.62 -68.58
CA LYS LB 47 -70.62 -2.70 -69.49
C LYS LB 47 -70.39 -4.04 -68.81
N TYR LB 48 -71.15 -5.03 -69.26
CA TYR LB 48 -71.32 -6.29 -68.54
C TYR LB 48 -71.28 -7.42 -69.55
N TYR LB 49 -70.30 -8.30 -69.38
CA TYR LB 49 -69.96 -9.34 -70.34
C TYR LB 49 -70.16 -10.69 -69.66
N GLU LB 50 -70.90 -11.59 -70.32
CA GLU LB 50 -71.03 -12.95 -69.82
C GLU LB 50 -70.68 -13.91 -70.94
N ASP LB 51 -69.62 -14.69 -70.73
CA ASP LB 51 -69.15 -15.66 -71.69
C ASP LB 51 -69.56 -17.07 -71.26
N ASN LB 52 -69.79 -17.93 -72.24
CA ASN LB 52 -70.11 -19.33 -71.99
C ASN LB 52 -68.94 -20.24 -72.37
N LYS LB 53 -67.77 -19.67 -72.61
CA LYS LB 53 -66.57 -20.44 -72.93
C LYS LB 53 -65.82 -20.87 -71.68
N GLN LB 54 -65.61 -19.94 -70.76
CA GLN LB 54 -64.77 -20.19 -69.61
C GLN LB 54 -65.51 -20.99 -68.55
N PHE LB 55 -64.85 -21.19 -67.41
CA PHE LB 55 -65.35 -22.05 -66.36
C PHE LB 55 -66.18 -21.23 -65.37
N PHE LB 56 -66.55 -21.86 -64.26
CA PHE LB 56 -67.36 -21.20 -63.26
C PHE LB 56 -66.48 -20.30 -62.40
N GLY LB 57 -66.76 -19.00 -62.44
CA GLY LB 57 -65.89 -18.00 -61.88
C GLY LB 57 -65.39 -17.00 -62.90
N ARG LB 58 -65.41 -17.37 -64.18
CA ARG LB 58 -65.14 -16.44 -65.27
C ARG LB 58 -66.32 -16.37 -66.22
N HIS LB 59 -67.53 -16.56 -65.69
CA HIS LB 59 -68.73 -16.32 -66.48
C HIS LB 59 -68.88 -14.83 -66.78
N ARG LB 60 -69.02 -14.03 -65.74
CA ARG LB 60 -69.41 -12.64 -65.86
C ARG LB 60 -68.27 -11.73 -65.43
N TRP LB 61 -68.08 -10.64 -66.17
CA TRP LB 61 -67.21 -9.57 -65.71
C TRP LB 61 -67.73 -8.24 -66.22
N VAL LB 62 -67.05 -7.18 -65.81
CA VAL LB 62 -67.56 -5.81 -65.93
C VAL LB 62 -66.42 -4.90 -66.37
N ILE LB 63 -66.74 -3.90 -67.19
CA ILE LB 63 -65.83 -2.81 -67.49
C ILE LB 63 -66.53 -1.52 -67.12
N TYR LB 64 -65.93 -0.78 -66.18
CA TYR LB 64 -66.52 0.47 -65.72
C TYR LB 64 -66.16 1.60 -66.66
N THR LB 65 -66.57 2.82 -66.32
CA THR LB 65 -66.21 4.00 -67.09
C THR LB 65 -65.39 4.96 -66.24
N THR LB 66 -65.11 6.11 -66.83
CA THR LB 66 -64.21 7.09 -66.24
C THR LB 66 -65.04 8.25 -65.70
N GLU LB 67 -64.71 8.66 -64.46
CA GLU LB 67 -65.24 9.86 -63.80
C GLU LB 67 -66.76 9.83 -63.69
N MET LB 68 -67.28 8.72 -63.16
CA MET LB 68 -68.70 8.63 -62.87
C MET LB 68 -69.08 9.50 -61.67
N ASN LB 69 -68.12 9.85 -60.82
CA ASN LB 69 -68.34 10.88 -59.82
C ASN LB 69 -67.11 11.79 -59.72
N GLY LB 70 -66.32 11.86 -60.77
CA GLY LB 70 -65.13 12.70 -60.76
C GLY LB 70 -63.98 12.07 -60.02
N LYS LB 71 -63.49 10.92 -60.51
CA LYS LB 71 -62.41 10.21 -59.86
C LYS LB 71 -61.15 10.04 -60.69
N ASN LB 72 -61.19 10.41 -61.98
CA ASN LB 72 -60.17 10.05 -62.99
C ASN LB 72 -59.91 8.55 -62.96
N THR LB 73 -60.99 7.78 -63.00
CA THR LB 73 -60.89 6.35 -62.75
C THR LB 73 -60.70 5.53 -64.01
N PHE LB 74 -60.00 6.08 -65.02
CA PHE LB 74 -59.40 5.26 -66.06
C PHE LB 74 -58.45 4.23 -65.46
N TRP LB 75 -57.64 4.65 -64.50
CA TRP LB 75 -56.85 3.73 -63.70
C TRP LB 75 -57.63 3.39 -62.44
N ASP LB 76 -57.06 2.50 -61.62
CA ASP LB 76 -57.40 2.11 -60.24
C ASP LB 76 -58.88 2.13 -59.87
N VAL LB 77 -59.69 1.35 -60.59
CA VAL LB 77 -61.13 1.32 -60.33
C VAL LB 77 -61.43 0.66 -59.00
N ASP LB 78 -62.60 0.95 -58.47
CA ASP LB 78 -63.03 0.50 -57.16
C ASP LB 78 -64.07 -0.61 -57.29
N GLY LB 79 -64.51 -1.10 -56.15
CA GLY LB 79 -65.78 -1.79 -56.04
C GLY LB 79 -66.87 -0.77 -55.78
N SER LB 80 -68.03 -1.29 -55.34
CA SER LB 80 -69.21 -0.49 -54.98
C SER LB 80 -69.71 0.40 -56.11
N MET LB 81 -69.48 -0.02 -57.36
CA MET LB 81 -69.87 0.78 -58.51
C MET LB 81 -70.98 0.15 -59.33
N VAL LB 82 -71.21 -1.15 -59.20
CA VAL LB 82 -72.29 -1.78 -59.96
C VAL LB 82 -73.61 -1.50 -59.27
N PRO LB 83 -74.64 -1.04 -60.00
CA PRO LB 83 -75.95 -0.92 -59.39
C PRO LB 83 -76.52 -2.29 -59.05
N PRO LB 84 -77.30 -2.40 -57.96
CA PRO LB 84 -77.46 -3.69 -57.28
C PRO LB 84 -78.23 -4.75 -58.07
N GLU LB 85 -78.93 -4.39 -59.14
CA GLU LB 85 -79.43 -5.43 -60.04
C GLU LB 85 -78.27 -6.15 -60.72
N TRP LB 86 -77.19 -5.43 -61.02
CA TRP LB 86 -76.00 -6.09 -61.51
C TRP LB 86 -75.21 -6.74 -60.39
N HIS LB 87 -75.49 -6.38 -59.14
CA HIS LB 87 -74.93 -7.15 -58.04
C HIS LB 87 -75.62 -8.49 -57.92
N ARG LB 88 -76.93 -8.53 -58.20
CA ARG LB 88 -77.63 -9.82 -58.28
C ARG LB 88 -77.12 -10.63 -59.45
N TRP LB 89 -76.88 -9.98 -60.58
CA TRP LB 89 -76.42 -10.68 -61.78
C TRP LB 89 -75.01 -11.21 -61.61
N LEU LB 90 -74.06 -10.31 -61.36
CA LEU LB 90 -72.65 -10.61 -61.49
C LEU LB 90 -72.11 -11.46 -60.34
N HIS LB 91 -72.77 -11.46 -59.19
CA HIS LB 91 -72.33 -12.34 -58.11
C HIS LB 91 -72.86 -13.74 -58.22
N CYS LB 92 -73.58 -14.05 -59.29
CA CYS LB 92 -74.18 -15.37 -59.54
C CYS LB 92 -75.09 -15.78 -58.38
N MET LB 93 -76.06 -14.90 -58.08
CA MET LB 93 -77.17 -15.26 -57.22
C MET LB 93 -78.41 -15.62 -58.02
N THR LB 94 -78.25 -15.78 -59.33
CA THR LB 94 -79.34 -16.04 -60.25
C THR LB 94 -78.77 -16.68 -61.51
N ASP LB 95 -79.66 -16.91 -62.47
CA ASP LB 95 -79.24 -17.25 -63.83
C ASP LB 95 -79.90 -16.32 -64.85
N ASP LB 96 -80.39 -15.16 -64.38
CA ASP LB 96 -81.14 -14.21 -65.19
C ASP LB 96 -80.35 -12.92 -65.35
N PRO LB 97 -80.39 -12.31 -66.54
CA PRO LB 97 -79.88 -10.95 -66.67
C PRO LB 97 -80.83 -9.96 -65.98
N PRO LB 98 -80.29 -8.87 -65.44
CA PRO LB 98 -81.13 -7.96 -64.66
C PRO LB 98 -81.93 -6.96 -65.50
N THR LB 99 -82.00 -7.17 -66.82
CA THR LB 99 -82.93 -6.41 -67.65
C THR LB 99 -84.36 -6.90 -67.51
N VAL LB 100 -84.60 -7.97 -66.76
CA VAL LB 100 -85.95 -8.47 -66.57
C VAL LB 100 -86.69 -7.63 -65.55
N LYS LB 101 -86.05 -7.34 -64.41
CA LYS LB 101 -86.60 -6.41 -63.43
C LYS LB 101 -85.50 -5.48 -62.86
N PRO LB 102 -85.13 -4.43 -63.60
CA PRO LB 102 -84.17 -3.45 -63.03
C PRO LB 102 -84.75 -2.59 -61.90
N PRO LB 103 -85.95 -1.93 -62.01
CA PRO LB 103 -86.34 -1.07 -60.88
C PRO LB 103 -87.19 -1.81 -59.87
N THR LB 104 -87.66 -1.07 -58.87
CA THR LB 104 -88.88 -1.40 -58.15
C THR LB 104 -89.75 -0.15 -58.14
N ALA LB 105 -91.04 -0.35 -57.93
CA ALA LB 105 -92.01 0.75 -58.07
C ALA LB 105 -92.26 1.43 -56.72
N ARG LB 106 -91.19 2.01 -56.17
CA ARG LB 106 -91.24 2.65 -54.86
C ARG LB 106 -90.53 3.99 -54.93
N LYS LB 107 -90.98 4.94 -54.11
CA LYS LB 107 -90.34 6.26 -54.02
C LYS LB 107 -89.52 6.34 -52.73
N PHE LB 108 -88.38 5.65 -52.73
CA PHE LB 108 -87.34 5.96 -51.74
C PHE LB 108 -85.92 5.77 -52.25
N ILE LB 109 -85.72 5.38 -53.50
CA ILE LB 109 -84.47 4.77 -53.94
C ILE LB 109 -83.55 5.82 -54.52
N TRP LB 110 -82.27 5.78 -54.12
CA TRP LB 110 -81.26 6.65 -54.72
C TRP LB 110 -81.10 6.33 -56.19
N THR LB 111 -81.33 7.33 -57.04
CA THR LB 111 -81.00 7.23 -58.45
C THR LB 111 -79.51 7.35 -58.70
N ASN LB 112 -78.74 7.81 -57.69
CA ASN LB 112 -77.32 8.02 -57.85
C ASN LB 112 -76.57 6.70 -57.98
N HIS LB 113 -76.82 5.78 -57.05
CA HIS LB 113 -75.90 4.71 -56.68
C HIS LB 113 -74.50 5.28 -56.43
N LYS LB 114 -74.43 6.06 -55.36
CA LYS LB 114 -73.15 6.57 -54.87
C LYS LB 114 -72.22 5.41 -54.56
N PHE LB 115 -70.93 5.62 -54.83
CA PHE LB 115 -69.92 4.58 -54.70
C PHE LB 115 -69.54 4.42 -53.23
N ASN LB 116 -68.44 3.71 -52.97
CA ASN LB 116 -67.95 3.56 -51.60
C ASN LB 116 -67.47 4.91 -51.11
N LEU LB 117 -68.30 5.59 -50.33
CA LEU LB 117 -68.09 6.97 -49.95
C LEU LB 117 -67.06 7.16 -48.85
N SER LB 118 -66.55 6.08 -48.27
CA SER LB 118 -65.55 6.23 -47.23
C SER LB 118 -64.21 6.60 -47.86
N GLY LB 119 -63.28 7.02 -47.00
CA GLY LB 119 -61.97 7.42 -47.47
C GLY LB 119 -61.95 8.72 -48.23
N THR LB 120 -62.90 9.59 -47.96
CA THR LB 120 -63.12 10.83 -48.68
C THR LB 120 -63.02 11.98 -47.67
N PRO LB 121 -63.21 13.23 -48.08
CA PRO LB 121 -63.58 14.26 -47.11
C PRO LB 121 -65.07 14.28 -46.77
N GLN LB 122 -65.86 13.36 -47.34
CA GLN LB 122 -67.31 13.37 -47.20
C GLN LB 122 -67.77 11.94 -46.89
N GLN LB 123 -67.80 11.60 -45.60
CA GLN LB 123 -68.20 10.26 -45.21
C GLN LB 123 -68.78 10.30 -43.81
N TYR LB 124 -69.16 9.13 -43.31
CA TYR LB 124 -69.97 9.03 -42.11
C TYR LB 124 -69.16 9.31 -40.85
N VAL LB 125 -69.76 10.03 -39.92
CA VAL LB 125 -69.32 10.12 -38.54
C VAL LB 125 -70.55 9.91 -37.67
N PRO LB 126 -70.44 9.19 -36.55
CA PRO LB 126 -71.61 8.89 -35.73
C PRO LB 126 -71.85 9.92 -34.64
N TYR LB 127 -73.01 9.81 -34.01
CA TYR LB 127 -73.51 10.72 -32.99
C TYR LB 127 -74.74 10.10 -32.34
N SER LB 128 -74.94 10.42 -31.07
CA SER LB 128 -76.06 9.87 -30.32
C SER LB 128 -77.34 10.59 -30.71
N THR LB 129 -78.24 9.87 -31.39
CA THR LB 129 -79.52 10.44 -31.82
C THR LB 129 -80.49 10.36 -30.65
N THR LB 130 -80.34 11.32 -29.72
CA THR LB 130 -81.17 11.39 -28.53
C THR LB 130 -81.27 12.85 -28.12
N ARG LB 131 -82.43 13.25 -27.64
CA ARG LB 131 -82.72 14.63 -27.26
C ARG LB 131 -82.11 14.96 -25.90
N LYS LB 132 -82.53 16.09 -25.33
CA LYS LB 132 -82.09 16.51 -24.00
C LYS LB 132 -82.52 15.51 -22.94
N LYS LB 133 -81.60 15.20 -22.02
CA LYS LB 133 -81.85 14.19 -21.00
C LYS LB 133 -82.87 14.66 -19.97
N ILE LB 134 -82.52 15.70 -19.21
CA ILE LB 134 -83.28 16.02 -18.02
C ILE LB 134 -83.64 17.50 -17.90
N GLN LB 135 -83.35 18.28 -18.95
CA GLN LB 135 -83.83 19.66 -19.13
C GLN LB 135 -83.36 20.56 -17.97
N GLU LB 136 -82.05 20.82 -17.98
CA GLU LB 136 -81.38 21.54 -16.90
C GLU LB 136 -82.00 22.89 -16.61
N TRP LB 137 -81.97 23.29 -15.34
CA TRP LB 137 -82.88 24.29 -14.82
C TRP LB 137 -82.54 25.69 -15.30
N VAL LB 138 -83.57 26.42 -15.72
CA VAL LB 138 -83.41 27.78 -16.23
C VAL LB 138 -83.34 28.75 -15.06
N PRO LB 139 -82.33 29.62 -14.99
CA PRO LB 139 -82.26 30.62 -13.93
C PRO LB 139 -83.36 31.67 -14.09
N PRO LB 140 -83.66 32.44 -13.04
CA PRO LB 140 -84.67 33.50 -13.19
C PRO LB 140 -84.18 34.63 -14.06
N SER LB 141 -85.11 35.23 -14.80
CA SER LB 141 -84.77 36.24 -15.79
C SER LB 141 -84.46 37.58 -15.14
N THR LB 142 -85.40 38.10 -14.34
CA THR LB 142 -85.24 39.44 -13.79
C THR LB 142 -84.19 39.43 -12.67
N PRO LB 143 -83.30 40.41 -12.64
CA PRO LB 143 -82.32 40.49 -11.54
C PRO LB 143 -82.95 41.08 -10.29
N TYR LB 144 -82.61 40.49 -9.15
CA TYR LB 144 -83.13 40.94 -7.87
C TYR LB 144 -82.03 41.59 -7.07
N LYS LB 145 -82.41 42.63 -6.30
CA LYS LB 145 -81.55 43.38 -5.39
C LYS LB 145 -80.36 44.01 -6.14
N PRO MB 5 -5.43 -15.07 9.96
CA PRO MB 5 -5.49 -13.71 10.50
C PRO MB 5 -6.84 -13.39 11.12
N LEU MB 6 -7.75 -14.37 11.08
CA LEU MB 6 -9.13 -14.16 11.49
C LEU MB 6 -9.18 -14.14 13.01
N THR MB 7 -8.93 -12.96 13.57
CA THR MB 7 -8.99 -12.75 15.01
C THR MB 7 -10.42 -12.40 15.42
N LEU MB 8 -10.70 -12.58 16.71
CA LEU MB 8 -11.99 -12.20 17.26
C LEU MB 8 -12.20 -10.70 17.18
N GLU MB 9 -11.14 -9.93 17.47
CA GLU MB 9 -11.20 -8.48 17.34
C GLU MB 9 -11.30 -8.05 15.88
N GLY MB 10 -10.73 -8.83 14.96
CA GLY MB 10 -10.92 -8.52 13.55
C GLY MB 10 -12.35 -8.72 13.10
N ILE MB 11 -13.00 -9.78 13.61
CA ILE MB 11 -14.41 -10.02 13.33
C ILE MB 11 -15.26 -8.91 13.93
N LYS MB 12 -14.90 -8.45 15.14
CA LYS MB 12 -15.66 -7.37 15.77
C LYS MB 12 -15.51 -6.05 15.02
N ASP MB 13 -14.30 -5.77 14.53
CA ASP MB 13 -14.07 -4.55 13.77
C ASP MB 13 -14.75 -4.59 12.41
N ARG MB 14 -14.82 -5.77 11.77
CA ARG MB 14 -15.49 -5.80 10.48
C ARG MB 14 -17.00 -5.77 10.62
N VAL MB 15 -17.54 -6.38 11.69
CA VAL MB 15 -18.95 -6.18 12.05
C VAL MB 15 -19.24 -4.71 12.31
N LEU MB 16 -18.29 -4.02 12.97
CA LEU MB 16 -18.46 -2.59 13.26
C LEU MB 16 -18.53 -1.77 11.97
N TYR MB 17 -17.61 -2.01 11.03
CA TYR MB 17 -17.68 -1.15 9.86
C TYR MB 17 -18.79 -1.56 8.89
N VAL MB 18 -19.29 -2.79 8.94
CA VAL MB 18 -20.44 -3.08 8.08
C VAL MB 18 -21.77 -2.69 8.73
N LEU MB 19 -21.82 -2.54 10.06
CA LEU MB 19 -22.96 -1.86 10.67
C LEU MB 19 -22.91 -0.36 10.40
N LYS MB 20 -21.71 0.21 10.32
CA LYS MB 20 -21.56 1.58 9.85
C LYS MB 20 -21.96 1.69 8.38
N LEU MB 21 -21.68 0.64 7.59
CA LEU MB 21 -22.17 0.57 6.22
C LEU MB 21 -23.69 0.46 6.17
N TYR MB 22 -24.30 -0.16 7.17
CA TYR MB 22 -25.75 -0.14 7.26
C TYR MB 22 -26.25 1.25 7.60
N ASP MB 23 -27.30 1.67 6.89
CA ASP MB 23 -27.66 3.09 6.83
C ASP MB 23 -28.74 3.47 7.84
N LYS MB 24 -29.75 2.62 8.02
CA LYS MB 24 -30.94 3.01 8.76
C LYS MB 24 -30.72 3.12 10.26
N ILE MB 25 -29.62 2.57 10.78
CA ILE MB 25 -29.41 2.55 12.22
C ILE MB 25 -28.95 3.94 12.67
N ASP MB 26 -29.50 4.40 13.79
CA ASP MB 26 -29.41 5.80 14.20
C ASP MB 26 -29.24 5.89 15.71
N PRO MB 27 -28.01 6.12 16.21
CA PRO MB 27 -26.72 6.18 15.52
C PRO MB 27 -26.17 4.77 15.31
N GLU MB 28 -24.85 4.64 15.11
CA GLU MB 28 -24.24 3.32 15.07
C GLU MB 28 -24.41 2.62 16.41
N LYS MB 29 -23.79 3.17 17.46
CA LYS MB 29 -23.98 2.79 18.87
C LYS MB 29 -23.67 1.30 19.08
N LEU MB 30 -22.38 0.98 18.95
CA LEU MB 30 -21.94 -0.39 19.11
C LEU MB 30 -22.07 -0.78 20.57
N SER MB 31 -23.21 -1.34 20.92
CA SER MB 31 -23.45 -1.84 22.27
C SER MB 31 -23.39 -3.35 22.23
N VAL MB 32 -22.60 -3.93 23.14
CA VAL MB 32 -22.45 -5.37 23.21
C VAL MB 32 -23.67 -6.06 23.76
N ASN MB 33 -24.61 -5.32 24.32
CA ASN MB 33 -25.90 -5.81 24.80
C ASN MB 33 -27.02 -4.92 24.28
N SER MB 34 -27.00 -4.67 22.97
CA SER MB 34 -27.87 -3.66 22.38
C SER MB 34 -29.33 -4.11 22.33
N HIS MB 35 -29.60 -5.20 21.62
CA HIS MB 35 -30.95 -5.69 21.30
C HIS MB 35 -31.78 -4.60 20.63
N PHE MB 36 -31.34 -4.25 19.41
CA PHE MB 36 -31.95 -3.20 18.62
C PHE MB 36 -33.36 -3.51 18.12
N MET MB 37 -33.88 -4.71 18.39
CA MET MB 37 -35.27 -5.03 18.09
C MET MB 37 -36.22 -4.20 18.94
N LYS MB 38 -36.13 -4.31 20.26
CA LYS MB 38 -37.05 -3.65 21.16
C LYS MB 38 -36.44 -2.49 21.93
N ASP MB 39 -35.13 -2.29 21.84
CA ASP MB 39 -34.49 -1.16 22.50
C ASP MB 39 -34.11 -0.04 21.54
N LEU MB 40 -34.10 -0.31 20.23
CA LEU MB 40 -33.83 0.72 19.24
C LEU MB 40 -34.92 0.84 18.19
N GLY MB 41 -35.81 -0.13 18.07
CA GLY MB 41 -36.96 0.00 17.20
C GLY MB 41 -36.75 -0.52 15.79
N LEU MB 42 -36.32 -1.78 15.67
CA LEU MB 42 -36.09 -2.40 14.38
C LEU MB 42 -36.97 -3.64 14.25
N ASP MB 43 -37.32 -3.96 13.01
CA ASP MB 43 -38.20 -5.07 12.72
C ASP MB 43 -37.42 -6.37 12.66
N SER MB 44 -38.14 -7.49 12.79
CA SER MB 44 -37.55 -8.78 12.47
C SER MB 44 -37.23 -8.89 10.99
N LEU MB 45 -37.95 -8.13 10.15
CA LEU MB 45 -37.53 -7.94 8.77
C LEU MB 45 -36.19 -7.23 8.70
N ASP MB 46 -36.03 -6.18 9.50
CA ASP MB 46 -34.74 -5.50 9.56
C ASP MB 46 -33.68 -6.38 10.22
N GLN MB 47 -34.10 -7.23 11.16
CA GLN MB 47 -33.20 -8.20 11.77
C GLN MB 47 -32.65 -9.17 10.73
N VAL MB 48 -33.52 -9.71 9.87
CA VAL MB 48 -33.03 -10.65 8.88
C VAL MB 48 -32.24 -9.93 7.80
N GLU MB 49 -32.53 -8.63 7.57
CA GLU MB 49 -31.68 -7.79 6.72
C GLU MB 49 -30.26 -7.70 7.28
N ILE MB 50 -30.14 -7.42 8.58
CA ILE MB 50 -28.83 -7.28 9.20
C ILE MB 50 -28.07 -8.59 9.21
N ILE MB 51 -28.75 -9.70 9.51
CA ILE MB 51 -28.03 -10.96 9.60
C ILE MB 51 -27.66 -11.47 8.22
N MET MB 52 -28.50 -11.20 7.21
CA MET MB 52 -28.08 -11.58 5.87
C MET MB 52 -27.03 -10.62 5.33
N ALA MB 53 -26.94 -9.41 5.88
CA ALA MB 53 -25.81 -8.55 5.55
C ALA MB 53 -24.51 -9.13 6.12
N MET MB 54 -24.56 -9.67 7.34
CA MET MB 54 -23.43 -10.39 7.90
C MET MB 54 -23.05 -11.59 7.03
N GLU MB 55 -24.08 -12.31 6.57
CA GLU MB 55 -23.92 -13.44 5.66
C GLU MB 55 -23.27 -13.01 4.34
N ASP MB 56 -23.64 -11.82 3.86
CA ASP MB 56 -23.03 -11.26 2.66
C ASP MB 56 -21.56 -10.94 2.89
N GLU MB 57 -21.26 -10.33 4.03
CA GLU MB 57 -19.94 -9.74 4.23
C GLU MB 57 -18.88 -10.77 4.58
N PHE MB 58 -19.16 -11.69 5.50
CA PHE MB 58 -18.05 -12.49 6.02
C PHE MB 58 -18.41 -13.96 6.22
N GLY MB 59 -19.06 -14.58 5.22
CA GLY MB 59 -18.99 -16.03 5.22
C GLY MB 59 -20.21 -16.89 5.00
N PHE MB 60 -20.59 -17.62 6.05
CA PHE MB 60 -21.21 -18.93 5.95
C PHE MB 60 -22.71 -18.82 5.64
N GLU MB 61 -23.43 -19.94 5.83
CA GLU MB 61 -24.83 -20.03 5.41
C GLU MB 61 -25.74 -19.18 6.29
N ILE MB 62 -25.67 -19.37 7.60
CA ILE MB 62 -26.48 -18.73 8.63
C ILE MB 62 -27.96 -18.99 8.37
N PRO MB 63 -28.48 -20.19 8.68
CA PRO MB 63 -29.93 -20.41 8.57
C PRO MB 63 -30.69 -19.52 9.54
N ASP MB 64 -31.96 -19.27 9.20
CA ASP MB 64 -32.68 -18.14 9.76
C ASP MB 64 -33.09 -18.33 11.23
N ILE MB 65 -33.12 -19.56 11.73
CA ILE MB 65 -33.34 -19.73 13.17
C ILE MB 65 -32.07 -19.33 13.93
N ASP MB 66 -30.90 -19.59 13.35
CA ASP MB 66 -29.66 -19.09 13.94
C ASP MB 66 -29.55 -17.58 13.76
N ALA MB 67 -30.21 -17.05 12.71
CA ALA MB 67 -30.31 -15.61 12.57
C ALA MB 67 -31.17 -15.02 13.68
N GLU MB 68 -32.22 -15.73 14.08
CA GLU MB 68 -33.04 -15.27 15.19
C GLU MB 68 -32.29 -15.39 16.51
N LYS MB 69 -31.40 -16.36 16.63
CA LYS MB 69 -30.64 -16.47 17.87
C LYS MB 69 -29.55 -15.39 18.06
N LEU MB 70 -29.40 -14.35 17.24
CA LEU MB 70 -28.30 -13.40 17.43
C LEU MB 70 -28.75 -12.11 18.11
N MET MB 71 -29.64 -11.34 17.46
CA MET MB 71 -30.34 -10.17 18.00
C MET MB 71 -29.47 -9.01 18.50
N CYS MB 72 -28.14 -9.13 18.35
CA CYS MB 72 -27.19 -8.26 19.02
C CYS MB 72 -25.81 -8.45 18.40
N PRO MB 73 -25.08 -7.37 18.10
CA PRO MB 73 -23.87 -7.50 17.26
C PRO MB 73 -22.72 -8.23 17.93
N GLN MB 74 -22.53 -8.08 19.23
CA GLN MB 74 -21.46 -8.80 19.90
C GLN MB 74 -21.72 -10.30 19.93
N GLU MB 75 -22.98 -10.70 20.03
CA GLU MB 75 -23.30 -12.12 19.95
C GLU MB 75 -23.16 -12.64 18.52
N ILE MB 76 -23.31 -11.78 17.51
CA ILE MB 76 -22.97 -12.16 16.15
C ILE MB 76 -21.48 -12.43 16.04
N VAL MB 77 -20.65 -11.54 16.62
CA VAL MB 77 -19.21 -11.73 16.61
C VAL MB 77 -18.84 -13.01 17.37
N ASP MB 78 -19.53 -13.29 18.47
CA ASP MB 78 -19.28 -14.50 19.24
C ASP MB 78 -19.67 -15.76 18.46
N TYR MB 79 -20.82 -15.74 17.78
CA TYR MB 79 -21.26 -16.90 17.01
C TYR MB 79 -20.37 -17.16 15.81
N ILE MB 80 -19.93 -16.10 15.13
CA ILE MB 80 -19.08 -16.31 13.96
C ILE MB 80 -17.66 -16.71 14.37
N ALA MB 81 -17.13 -16.11 15.45
CA ALA MB 81 -15.83 -16.53 15.97
C ALA MB 81 -15.86 -17.96 16.49
N ASP MB 82 -17.01 -18.40 17.01
CA ASP MB 82 -17.18 -19.81 17.33
C ASP MB 82 -17.28 -20.64 16.05
N LYS MB 83 -17.84 -20.07 14.99
CA LYS MB 83 -18.15 -20.80 13.77
C LYS MB 83 -17.03 -20.76 12.74
N LYS MB 84 -16.37 -19.61 12.57
CA LYS MB 84 -15.32 -19.49 11.56
C LYS MB 84 -14.01 -20.05 12.08
#